data_2N5T
#
_entry.id   2N5T
#
_entity_poly.entity_id   1
_entity_poly.type   'polypeptide(L)'
_entity_poly.pdbx_seq_one_letter_code
;MISGILASPGIAFGKALLLKEDEIVIDRKKISADQVDQEVERFLSGRAKASAQLETIKTKAGETFGEEKEAIFEGHIMLL
EDEELEQEIIALIKDKHMTADAAAHEVIEGQASALEELDDEYLKERAADVRDIGKRLLRNILGLKIIDLSAIQDEVILVA
ADLTPSETAQLNLKKVLGFITDAGGRTSHTSIMARSLELPAIVGTGSVTSQVKNDDYLILDAVNNQVYVNPTNEVIDKMR
AVQEQVASEKAELAKLKDLPAITLDGHQVEVCANIGTVRDVEGAERNGAEGVGLYRTEFLFMDRDALPTEEEQFAAYKAV
AEACGSQAVIVRTMDIGGDKELPYMNFPKEENPFLGWRAIRIAMDRREILRDQLRAILRASAFGKLRIMFPMIISVEEVR
ALRKEIEIYKQELRDEGKAFDESIEIGVMVETPAAATIARHLAKEVDFFSIGTNDLTQYTLAVDRGNDMISHLYQPMSPS
VLNLIKQVIDASHAEGKWTGMCGELAGDERATLLLLGMGLDEFSMSAISIPRIKKIIRNTNFEDAKVLAEQALAQPTTDE
LMTLVNKFIEEKTIC
;
_entity_poly.pdbx_strand_id   A,B
#
# COMPACT_ATOMS: atom_id res chain seq x y z
N MET A 1 15.00 26.85 21.57
CA MET A 1 15.61 25.68 20.87
C MET A 1 14.54 24.97 20.03
N ILE A 2 14.14 25.57 18.93
CA ILE A 2 13.10 24.95 18.05
C ILE A 2 13.77 24.45 16.77
N SER A 3 13.53 23.21 16.39
CA SER A 3 14.17 22.65 15.14
C SER A 3 13.11 22.01 14.24
N GLY A 4 13.25 22.17 12.95
CA GLY A 4 12.28 21.57 11.97
C GLY A 4 13.07 20.68 11.00
N ILE A 5 12.52 20.38 9.85
CA ILE A 5 13.25 19.49 8.89
C ILE A 5 14.03 20.32 7.87
N LEU A 6 13.80 21.60 7.79
CA LEU A 6 14.53 22.45 6.79
C LEU A 6 14.38 21.83 5.40
N ALA A 7 13.55 22.42 4.57
CA ALA A 7 13.35 21.89 3.19
C ALA A 7 14.25 22.64 2.21
N SER A 8 14.61 23.85 2.53
CA SER A 8 15.50 24.64 1.61
C SER A 8 16.50 25.46 2.46
N PRO A 9 17.78 25.34 2.21
CA PRO A 9 18.81 26.10 2.98
C PRO A 9 18.94 27.55 2.47
N GLY A 10 19.14 28.47 3.38
CA GLY A 10 19.28 29.91 2.96
C GLY A 10 19.10 30.79 4.19
N ILE A 11 18.79 32.05 4.01
CA ILE A 11 18.58 32.96 5.18
C ILE A 11 17.56 34.03 4.77
N ALA A 12 16.78 34.54 5.70
CA ALA A 12 15.79 35.59 5.31
C ALA A 12 15.41 36.46 6.52
N PHE A 13 14.98 37.67 6.26
CA PHE A 13 14.56 38.60 7.35
C PHE A 13 13.23 39.24 6.95
N GLY A 14 12.20 39.18 7.77
CA GLY A 14 10.92 39.82 7.35
C GLY A 14 9.85 39.65 8.44
N LYS A 15 8.69 40.19 8.21
CA LYS A 15 7.57 40.08 9.20
C LYS A 15 6.92 38.72 9.08
N ALA A 16 6.21 38.29 10.10
CA ALA A 16 5.57 36.93 10.07
C ALA A 16 4.06 37.04 9.83
N LEU A 17 3.55 36.31 8.87
CA LEU A 17 2.09 36.32 8.59
C LEU A 17 1.48 35.07 9.21
N LEU A 18 0.35 35.20 9.89
CA LEU A 18 -0.28 34.00 10.55
C LEU A 18 -1.66 33.73 9.94
N LEU A 19 -1.86 32.56 9.42
CA LEU A 19 -3.17 32.21 8.80
C LEU A 19 -4.13 31.65 9.87
N LYS A 20 -4.92 32.45 10.50
CA LYS A 20 -5.68 31.88 11.65
C LYS A 20 -6.71 30.87 11.18
N GLU A 21 -6.41 29.63 11.42
CA GLU A 21 -7.32 28.52 11.02
C GLU A 21 -8.72 28.79 11.57
N ASP A 22 -8.84 29.84 12.45
CA ASP A 22 -10.11 30.27 13.18
C ASP A 22 -11.46 30.13 12.41
N GLU A 23 -12.59 30.22 13.19
CA GLU A 23 -13.96 30.09 12.63
C GLU A 23 -14.99 31.10 13.30
N ILE A 24 -16.04 31.50 12.51
CA ILE A 24 -17.11 32.48 12.95
C ILE A 24 -18.13 31.85 13.93
N VAL A 25 -18.39 32.49 15.07
CA VAL A 25 -19.37 32.00 16.02
C VAL A 25 -20.46 33.05 16.05
N ILE A 26 -21.68 32.58 15.84
CA ILE A 26 -22.83 33.47 15.76
C ILE A 26 -23.38 33.66 17.15
N ASP A 27 -23.72 34.90 17.51
CA ASP A 27 -24.39 35.12 18.80
C ASP A 27 -25.91 35.11 18.64
N ARG A 28 -26.49 33.96 18.93
CA ARG A 28 -27.91 33.71 18.68
C ARG A 28 -28.81 34.30 19.76
N LYS A 29 -28.27 34.46 20.97
CA LYS A 29 -28.98 35.03 22.12
C LYS A 29 -29.51 36.41 21.78
N LYS A 30 -30.80 36.63 22.06
CA LYS A 30 -31.43 37.92 21.85
C LYS A 30 -30.62 38.99 22.56
N ILE A 31 -30.48 40.12 21.90
CA ILE A 31 -29.78 41.28 22.44
C ILE A 31 -30.73 42.09 23.30
N SER A 32 -30.17 42.97 24.11
CA SER A 32 -30.96 43.88 24.92
C SER A 32 -31.35 45.11 24.11
N ALA A 33 -32.35 45.82 24.56
CA ALA A 33 -32.83 47.02 23.79
C ALA A 33 -31.72 48.05 23.68
N ASP A 34 -31.07 48.35 24.77
CA ASP A 34 -29.97 49.34 24.70
C ASP A 34 -28.99 48.85 23.64
N GLN A 35 -28.79 47.57 23.56
CA GLN A 35 -27.86 47.00 22.57
C GLN A 35 -28.42 47.18 21.15
N VAL A 36 -29.73 47.02 20.97
CA VAL A 36 -30.20 47.12 19.55
C VAL A 36 -29.41 48.23 18.86
N ASP A 37 -29.40 49.40 19.42
CA ASP A 37 -28.65 50.53 18.79
C ASP A 37 -27.17 50.18 18.66
N GLN A 38 -26.61 49.54 19.65
CA GLN A 38 -25.16 49.21 19.58
C GLN A 38 -24.89 48.15 18.51
N GLU A 39 -25.74 47.17 18.40
CA GLU A 39 -25.49 46.12 17.38
C GLU A 39 -25.58 46.72 15.98
N VAL A 40 -26.52 47.59 15.74
CA VAL A 40 -26.61 48.21 14.39
C VAL A 40 -25.31 48.95 14.11
N GLU A 41 -24.83 49.72 15.04
CA GLU A 41 -23.56 50.46 14.82
C GLU A 41 -22.42 49.46 14.57
N ARG A 42 -22.38 48.38 15.29
CA ARG A 42 -21.31 47.37 15.05
C ARG A 42 -21.42 46.89 13.61
N PHE A 43 -22.62 46.60 13.18
CA PHE A 43 -22.82 46.16 11.77
C PHE A 43 -22.35 47.27 10.82
N LEU A 44 -22.79 48.48 11.05
CA LEU A 44 -22.34 49.60 10.18
C LEU A 44 -20.83 49.75 10.30
N SER A 45 -20.29 49.70 11.49
CA SER A 45 -18.81 49.83 11.64
C SER A 45 -18.12 48.65 10.96
N GLY A 46 -18.63 47.46 11.15
CA GLY A 46 -18.01 46.28 10.49
C GLY A 46 -18.25 46.37 8.98
N ARG A 47 -19.43 46.78 8.60
CA ARG A 47 -19.75 46.93 7.16
C ARG A 47 -18.87 48.03 6.59
N ALA A 48 -18.55 49.01 7.40
CA ALA A 48 -17.69 50.12 6.92
C ALA A 48 -16.36 49.54 6.46
N LYS A 49 -15.80 48.61 7.18
CA LYS A 49 -14.51 48.03 6.74
C LYS A 49 -14.73 47.33 5.41
N ALA A 50 -15.39 46.19 5.40
CA ALA A 50 -15.61 45.45 4.11
C ALA A 50 -15.90 46.42 2.96
N SER A 51 -16.55 47.51 3.21
CA SER A 51 -16.83 48.43 2.08
C SER A 51 -15.50 48.85 1.47
N ALA A 52 -14.62 49.39 2.27
CA ALA A 52 -13.30 49.85 1.76
C ALA A 52 -12.42 48.65 1.36
N GLN A 53 -12.42 47.59 2.12
CA GLN A 53 -11.55 46.44 1.75
C GLN A 53 -12.05 45.78 0.46
N LEU A 54 -13.34 45.66 0.28
CA LEU A 54 -13.87 45.05 -0.97
C LEU A 54 -13.45 45.93 -2.15
N GLU A 55 -13.51 47.22 -1.98
CA GLU A 55 -13.10 48.14 -3.08
C GLU A 55 -11.63 47.92 -3.43
N THR A 56 -10.80 47.67 -2.44
CA THR A 56 -9.36 47.45 -2.73
C THR A 56 -9.20 46.20 -3.60
N ILE A 57 -9.94 45.16 -3.31
CA ILE A 57 -9.84 43.91 -4.11
C ILE A 57 -10.26 44.20 -5.56
N LYS A 58 -11.26 45.01 -5.74
CA LYS A 58 -11.75 45.34 -7.11
C LYS A 58 -10.60 45.93 -7.93
N THR A 59 -9.93 46.91 -7.42
CA THR A 59 -8.82 47.56 -8.17
C THR A 59 -7.75 46.53 -8.54
N LYS A 60 -7.52 45.56 -7.71
CA LYS A 60 -6.48 44.53 -8.04
C LYS A 60 -6.97 43.67 -9.19
N ALA A 61 -8.22 43.38 -9.22
CA ALA A 61 -8.78 42.54 -10.31
C ALA A 61 -8.65 43.29 -11.64
N GLY A 62 -8.97 44.56 -11.65
CA GLY A 62 -8.89 45.34 -12.91
C GLY A 62 -7.46 45.36 -13.43
N GLU A 63 -6.51 45.69 -12.62
CA GLU A 63 -5.10 45.72 -13.10
C GLU A 63 -4.61 44.30 -13.35
N THR A 64 -4.88 43.40 -12.44
CA THR A 64 -4.40 42.00 -12.59
C THR A 64 -5.06 41.29 -13.77
N PHE A 65 -6.35 41.10 -13.74
CA PHE A 65 -7.03 40.37 -14.85
C PHE A 65 -7.62 41.33 -15.90
N GLY A 66 -8.35 42.34 -15.49
CA GLY A 66 -8.92 43.30 -16.49
C GLY A 66 -10.34 43.75 -16.10
N GLU A 67 -11.01 44.39 -17.02
CA GLU A 67 -12.40 44.90 -16.75
C GLU A 67 -13.36 43.71 -16.65
N GLU A 68 -13.03 42.61 -17.27
CA GLU A 68 -13.92 41.41 -17.22
C GLU A 68 -14.09 40.95 -15.77
N LYS A 69 -13.05 41.06 -14.98
CA LYS A 69 -13.12 40.62 -13.56
C LYS A 69 -13.39 41.81 -12.64
N GLU A 70 -13.11 43.00 -13.08
CA GLU A 70 -13.33 44.19 -12.21
C GLU A 70 -14.82 44.42 -11.98
N ALA A 71 -15.62 44.30 -12.99
CA ALA A 71 -17.08 44.56 -12.83
C ALA A 71 -17.73 43.49 -11.94
N ILE A 72 -17.22 42.28 -11.92
CA ILE A 72 -17.88 41.27 -11.06
C ILE A 72 -17.87 41.77 -9.61
N PHE A 73 -16.80 42.38 -9.19
CA PHE A 73 -16.74 42.89 -7.79
C PHE A 73 -17.77 44.01 -7.62
N GLU A 74 -17.94 44.85 -8.60
CA GLU A 74 -18.92 45.95 -8.45
C GLU A 74 -20.31 45.34 -8.22
N GLY A 75 -20.64 44.28 -8.91
CA GLY A 75 -21.97 43.65 -8.69
C GLY A 75 -22.05 43.16 -7.24
N HIS A 76 -21.04 42.47 -6.79
CA HIS A 76 -21.05 41.96 -5.39
C HIS A 76 -21.13 43.15 -4.44
N ILE A 77 -20.34 44.16 -4.68
CA ILE A 77 -20.38 45.35 -3.77
C ILE A 77 -21.74 46.04 -3.92
N MET A 78 -22.18 46.25 -5.14
CA MET A 78 -23.49 46.94 -5.34
C MET A 78 -24.61 46.12 -4.68
N LEU A 79 -24.55 44.83 -4.79
CA LEU A 79 -25.60 43.98 -4.17
C LEU A 79 -25.53 44.13 -2.65
N LEU A 80 -24.35 44.16 -2.13
CA LEU A 80 -24.19 44.28 -0.66
C LEU A 80 -24.79 45.60 -0.17
N GLU A 81 -24.60 46.66 -0.91
CA GLU A 81 -25.14 47.98 -0.48
C GLU A 81 -26.61 48.10 -0.88
N ASP A 82 -27.20 47.05 -1.40
CA ASP A 82 -28.63 47.14 -1.82
C ASP A 82 -29.46 47.70 -0.66
N GLU A 83 -30.27 48.69 -0.93
CA GLU A 83 -31.11 49.31 0.15
C GLU A 83 -32.05 48.28 0.77
N GLU A 84 -32.29 47.19 0.09
CA GLU A 84 -33.20 46.15 0.68
C GLU A 84 -32.47 45.45 1.84
N LEU A 85 -31.19 45.26 1.70
CA LEU A 85 -30.41 44.59 2.78
C LEU A 85 -30.31 45.51 4.00
N GLU A 86 -30.12 46.77 3.77
CA GLU A 86 -29.99 47.71 4.92
C GLU A 86 -31.28 47.68 5.74
N GLN A 87 -32.41 47.79 5.11
CA GLN A 87 -33.69 47.77 5.86
C GLN A 87 -33.98 46.38 6.45
N GLU A 88 -33.71 45.33 5.70
CA GLU A 88 -33.98 43.96 6.21
C GLU A 88 -33.02 43.56 7.34
N ILE A 89 -31.76 43.90 7.23
CA ILE A 89 -30.81 43.54 8.31
C ILE A 89 -31.16 44.32 9.58
N ILE A 90 -31.40 45.59 9.44
CA ILE A 90 -31.75 46.45 10.60
C ILE A 90 -33.11 46.06 11.17
N ALA A 91 -34.06 45.76 10.33
CA ALA A 91 -35.42 45.40 10.83
C ALA A 91 -35.37 44.17 11.75
N LEU A 92 -34.70 43.13 11.35
CA LEU A 92 -34.64 41.91 12.20
C LEU A 92 -33.98 42.25 13.55
N ILE A 93 -32.89 42.95 13.52
CA ILE A 93 -32.21 43.32 14.79
C ILE A 93 -33.17 44.18 15.62
N LYS A 94 -33.75 45.16 15.01
CA LYS A 94 -34.70 46.05 15.75
C LYS A 94 -36.00 45.29 16.08
N ASP A 95 -36.50 44.51 15.16
CA ASP A 95 -37.78 43.78 15.42
C ASP A 95 -37.55 42.50 16.23
N LYS A 96 -36.65 41.65 15.80
CA LYS A 96 -36.43 40.36 16.53
C LYS A 96 -35.35 40.48 17.61
N HIS A 97 -34.73 41.61 17.76
CA HIS A 97 -33.67 41.77 18.80
C HIS A 97 -32.59 40.69 18.63
N MET A 98 -32.27 40.40 17.40
CA MET A 98 -31.25 39.35 17.09
C MET A 98 -29.87 40.00 16.94
N THR A 99 -28.82 39.22 16.88
CA THR A 99 -27.46 39.81 16.73
C THR A 99 -27.20 40.18 15.27
N ALA A 100 -26.25 41.04 15.02
CA ALA A 100 -25.95 41.45 13.62
C ALA A 100 -25.35 40.28 12.83
N ASP A 101 -24.48 39.51 13.43
CA ASP A 101 -23.88 38.38 12.69
C ASP A 101 -24.95 37.29 12.47
N ALA A 102 -25.84 37.11 13.40
CA ALA A 102 -26.90 36.07 13.22
C ALA A 102 -28.01 36.63 12.32
N ALA A 103 -28.37 37.87 12.50
CA ALA A 103 -29.44 38.48 11.67
C ALA A 103 -28.95 38.68 10.23
N ALA A 104 -27.77 39.21 10.07
CA ALA A 104 -27.23 39.43 8.70
C ALA A 104 -27.10 38.09 7.97
N HIS A 105 -26.68 37.06 8.67
CA HIS A 105 -26.51 35.73 8.01
C HIS A 105 -27.84 35.27 7.43
N GLU A 106 -28.91 35.48 8.14
CA GLU A 106 -30.24 35.02 7.64
C GLU A 106 -30.61 35.77 6.35
N VAL A 107 -30.31 37.04 6.28
CA VAL A 107 -30.67 37.81 5.06
C VAL A 107 -29.93 37.31 3.82
N ILE A 108 -28.63 37.22 3.88
CA ILE A 108 -27.86 36.72 2.69
C ILE A 108 -28.15 35.23 2.50
N GLU A 109 -28.21 34.49 3.57
CA GLU A 109 -28.51 33.04 3.46
C GLU A 109 -29.93 32.87 2.92
N GLY A 110 -30.83 33.71 3.36
CA GLY A 110 -32.25 33.61 2.91
C GLY A 110 -32.31 33.74 1.38
N GLN A 111 -31.66 34.74 0.81
CA GLN A 111 -31.72 34.88 -0.67
C GLN A 111 -30.97 33.71 -1.31
N ALA A 112 -29.75 33.47 -0.92
CA ALA A 112 -28.99 32.34 -1.52
C ALA A 112 -29.81 31.06 -1.35
N SER A 113 -30.43 30.89 -0.21
CA SER A 113 -31.22 29.65 0.01
C SER A 113 -32.32 29.57 -1.05
N ALA A 114 -32.93 30.68 -1.36
CA ALA A 114 -34.00 30.67 -2.41
C ALA A 114 -33.38 30.26 -3.75
N LEU A 115 -32.20 30.74 -4.04
CA LEU A 115 -31.57 30.40 -5.34
C LEU A 115 -31.29 28.88 -5.40
N GLU A 116 -30.86 28.28 -4.32
CA GLU A 116 -30.59 26.82 -4.34
C GLU A 116 -31.87 26.06 -4.72
N GLU A 117 -32.99 26.53 -4.27
CA GLU A 117 -34.26 25.82 -4.60
C GLU A 117 -34.36 25.69 -6.12
N LEU A 118 -33.64 26.51 -6.85
CA LEU A 118 -33.71 26.45 -8.34
C LEU A 118 -33.19 25.09 -8.81
N ASP A 119 -33.75 24.59 -9.89
CA ASP A 119 -33.30 23.26 -10.42
C ASP A 119 -32.30 23.46 -11.56
N ASP A 120 -31.39 24.42 -11.43
CA ASP A 120 -30.38 24.67 -12.52
C ASP A 120 -28.97 24.75 -11.92
N GLU A 121 -28.03 24.09 -12.54
CA GLU A 121 -26.61 24.11 -12.05
C GLU A 121 -25.99 25.50 -12.29
N TYR A 122 -26.42 26.18 -13.32
CA TYR A 122 -25.88 27.53 -13.64
C TYR A 122 -26.37 28.56 -12.61
N LEU A 123 -27.60 28.48 -12.22
CA LEU A 123 -28.13 29.45 -11.22
C LEU A 123 -27.55 29.11 -9.85
N LYS A 124 -27.36 27.84 -9.59
CA LYS A 124 -26.80 27.41 -8.28
C LYS A 124 -25.38 27.98 -8.08
N GLU A 125 -24.56 27.97 -9.10
CA GLU A 125 -23.17 28.52 -8.94
C GLU A 125 -23.24 29.99 -8.55
N ARG A 126 -24.08 30.76 -9.20
CA ARG A 126 -24.18 32.20 -8.84
C ARG A 126 -24.60 32.30 -7.37
N ALA A 127 -25.44 31.42 -6.93
CA ALA A 127 -25.85 31.44 -5.50
C ALA A 127 -24.60 31.24 -4.65
N ALA A 128 -23.61 30.59 -5.19
CA ALA A 128 -22.35 30.37 -4.42
C ALA A 128 -21.62 31.70 -4.28
N ASP A 129 -21.63 32.49 -5.32
CA ASP A 129 -20.94 33.82 -5.26
C ASP A 129 -21.67 34.72 -4.26
N VAL A 130 -22.97 34.68 -4.25
CA VAL A 130 -23.74 35.53 -3.30
C VAL A 130 -23.50 35.01 -1.87
N ARG A 131 -23.46 33.73 -1.70
CA ARG A 131 -23.20 33.14 -0.35
C ARG A 131 -21.84 33.61 0.16
N ASP A 132 -20.86 33.65 -0.72
CA ASP A 132 -19.49 34.08 -0.32
C ASP A 132 -19.51 35.50 0.23
N ILE A 133 -20.29 36.36 -0.35
CA ILE A 133 -20.32 37.76 0.14
C ILE A 133 -20.78 37.80 1.59
N GLY A 134 -21.80 37.06 1.93
CA GLY A 134 -22.28 37.07 3.35
C GLY A 134 -21.30 36.32 4.25
N LYS A 135 -20.67 35.30 3.74
CA LYS A 135 -19.69 34.51 4.56
C LYS A 135 -18.56 35.44 5.04
N ARG A 136 -18.01 36.21 4.16
CA ARG A 136 -16.90 37.14 4.54
C ARG A 136 -17.45 38.26 5.43
N LEU A 137 -18.67 38.65 5.21
CA LEU A 137 -19.25 39.75 6.03
C LEU A 137 -19.19 39.36 7.51
N LEU A 138 -19.49 38.13 7.81
CA LEU A 138 -19.42 37.69 9.23
C LEU A 138 -17.99 37.82 9.73
N ARG A 139 -17.02 37.51 8.92
CA ARG A 139 -15.61 37.65 9.38
C ARG A 139 -15.31 39.15 9.55
N ASN A 140 -15.79 39.95 8.64
CA ASN A 140 -15.54 41.42 8.71
C ASN A 140 -16.13 42.04 9.98
N ILE A 141 -17.29 41.60 10.42
CA ILE A 141 -17.86 42.17 11.67
C ILE A 141 -17.02 41.69 12.84
N LEU A 142 -16.68 40.44 12.85
CA LEU A 142 -15.86 39.89 13.96
C LEU A 142 -14.43 40.44 13.85
N GLY A 143 -13.97 40.67 12.65
CA GLY A 143 -12.61 41.14 12.47
C GLY A 143 -11.66 39.96 12.22
N LEU A 144 -12.23 38.77 11.96
CA LEU A 144 -11.40 37.60 11.69
C LEU A 144 -10.57 37.86 10.46
N LYS A 145 -9.42 37.24 10.41
CA LYS A 145 -8.50 37.51 9.34
C LYS A 145 -8.97 36.79 8.07
N ILE A 146 -8.97 37.50 6.93
CA ILE A 146 -9.39 36.92 5.64
C ILE A 146 -8.23 36.93 4.67
N ILE A 147 -7.20 36.15 4.97
CA ILE A 147 -6.01 36.32 4.24
C ILE A 147 -6.23 35.67 2.90
N ASP A 148 -6.95 36.26 1.98
CA ASP A 148 -6.91 35.62 0.65
C ASP A 148 -5.44 35.74 0.55
N LEU A 149 -4.66 34.82 0.14
CA LEU A 149 -3.22 35.16 0.27
C LEU A 149 -2.81 36.14 -0.85
N SER A 150 -3.71 36.50 -1.71
CA SER A 150 -3.34 37.44 -2.81
C SER A 150 -3.46 38.90 -2.32
N ALA A 151 -4.12 39.12 -1.21
CA ALA A 151 -4.31 40.52 -0.70
C ALA A 151 -3.07 41.00 0.07
N ILE A 152 -1.91 40.51 -0.24
CA ILE A 152 -0.69 40.97 0.50
C ILE A 152 -0.09 42.20 -0.18
N GLN A 153 -0.02 43.32 0.52
CA GLN A 153 0.57 44.56 -0.08
C GLN A 153 2.02 44.76 0.41
N ASP A 154 2.45 44.03 1.42
CA ASP A 154 3.85 44.22 1.95
C ASP A 154 4.58 42.88 2.00
N GLU A 155 5.88 42.92 1.87
CA GLU A 155 6.68 41.66 1.94
C GLU A 155 6.54 41.05 3.33
N VAL A 156 6.29 39.78 3.40
CA VAL A 156 6.14 39.12 4.73
C VAL A 156 6.56 37.65 4.64
N ILE A 157 6.78 37.00 5.76
CA ILE A 157 7.12 35.55 5.73
C ILE A 157 5.79 34.82 5.90
N LEU A 158 5.64 33.67 5.30
CA LEU A 158 4.35 32.94 5.40
C LEU A 158 4.43 31.84 6.47
N VAL A 159 3.63 31.94 7.50
CA VAL A 159 3.63 30.91 8.59
C VAL A 159 2.23 30.30 8.70
N ALA A 160 2.13 28.99 8.70
CA ALA A 160 0.78 28.35 8.80
C ALA A 160 0.94 26.93 9.34
N ALA A 161 -0.10 26.34 9.85
CA ALA A 161 0.04 24.94 10.34
C ALA A 161 0.28 24.04 9.13
N ASP A 162 -0.38 24.33 8.04
CA ASP A 162 -0.20 23.53 6.79
C ASP A 162 -0.90 24.25 5.63
N LEU A 163 -0.36 24.15 4.44
CA LEU A 163 -0.99 24.84 3.26
C LEU A 163 -1.54 23.81 2.28
N THR A 164 -2.72 24.05 1.73
CA THR A 164 -3.31 23.09 0.75
C THR A 164 -2.92 23.54 -0.68
N PRO A 165 -2.73 22.63 -1.60
CA PRO A 165 -2.36 22.99 -3.00
C PRO A 165 -3.12 24.21 -3.52
N SER A 166 -4.36 24.36 -3.14
CA SER A 166 -5.16 25.51 -3.63
C SER A 166 -4.51 26.83 -3.20
N GLU A 167 -4.00 26.90 -2.00
CA GLU A 167 -3.37 28.17 -1.55
C GLU A 167 -2.07 28.42 -2.33
N THR A 168 -1.30 27.40 -2.56
CA THR A 168 0.00 27.59 -3.28
C THR A 168 -0.20 28.28 -4.64
N ALA A 169 -1.32 28.07 -5.29
CA ALA A 169 -1.53 28.72 -6.62
C ALA A 169 -1.81 30.21 -6.43
N GLN A 170 -2.76 30.55 -5.61
CA GLN A 170 -3.11 31.97 -5.39
C GLN A 170 -2.17 32.55 -4.33
N LEU A 171 -0.93 32.15 -4.35
CA LEU A 171 0.06 32.65 -3.35
C LEU A 171 1.00 33.64 -4.04
N ASN A 172 1.33 34.72 -3.38
CA ASN A 172 2.27 35.73 -4.00
C ASN A 172 3.71 35.30 -3.73
N LEU A 173 4.38 34.74 -4.71
CA LEU A 173 5.79 34.30 -4.51
C LEU A 173 6.70 35.51 -4.25
N LYS A 174 6.51 36.59 -4.94
CA LYS A 174 7.41 37.78 -4.77
C LYS A 174 7.20 38.45 -3.42
N LYS A 175 6.02 38.39 -2.85
CA LYS A 175 5.80 39.08 -1.54
C LYS A 175 6.03 38.12 -0.38
N VAL A 176 6.23 36.86 -0.66
CA VAL A 176 6.52 35.88 0.43
C VAL A 176 8.02 35.60 0.40
N LEU A 177 8.73 35.99 1.42
CA LEU A 177 10.22 35.79 1.44
C LEU A 177 10.57 34.39 1.92
N GLY A 178 9.59 33.56 2.13
CA GLY A 178 9.91 32.18 2.59
C GLY A 178 8.63 31.49 3.02
N PHE A 179 8.71 30.23 3.36
CA PHE A 179 7.50 29.48 3.79
C PHE A 179 7.84 28.67 5.04
N ILE A 180 7.05 28.79 6.07
CA ILE A 180 7.31 28.02 7.32
C ILE A 180 6.02 27.34 7.77
N THR A 181 6.05 26.06 7.97
CA THR A 181 4.81 25.35 8.40
C THR A 181 5.15 24.14 9.27
N ASP A 182 4.18 23.65 9.99
CA ASP A 182 4.39 22.47 10.89
C ASP A 182 3.76 21.22 10.25
N ALA A 183 3.60 21.20 8.94
CA ALA A 183 2.97 20.01 8.28
C ALA A 183 3.71 18.71 8.64
N GLY A 184 3.47 17.67 7.88
CA GLY A 184 4.12 16.35 8.15
C GLY A 184 5.59 16.38 7.73
N GLY A 185 5.88 16.75 6.52
CA GLY A 185 7.31 16.78 6.09
C GLY A 185 7.42 17.03 4.58
N ARG A 186 8.38 16.42 3.94
CA ARG A 186 8.56 16.62 2.48
C ARG A 186 7.36 16.06 1.72
N THR A 187 6.69 15.10 2.31
CA THR A 187 5.53 14.50 1.61
C THR A 187 4.44 15.55 1.45
N SER A 188 4.70 16.76 1.86
CA SER A 188 3.69 17.85 1.74
C SER A 188 3.88 18.60 0.42
N HIS A 189 2.81 18.81 -0.31
CA HIS A 189 2.89 19.52 -1.63
C HIS A 189 3.72 20.82 -1.51
N THR A 190 3.35 21.67 -0.61
CA THR A 190 4.09 22.96 -0.46
C THR A 190 5.58 22.71 -0.21
N SER A 191 5.93 21.67 0.49
CA SER A 191 7.37 21.41 0.76
C SER A 191 8.15 21.20 -0.57
N ILE A 192 7.56 20.53 -1.51
CA ILE A 192 8.25 20.31 -2.81
C ILE A 192 8.49 21.66 -3.49
N MET A 193 7.55 22.56 -3.38
CA MET A 193 7.72 23.89 -4.03
C MET A 193 8.95 24.61 -3.49
N ALA A 194 9.19 24.55 -2.20
CA ALA A 194 10.39 25.24 -1.65
C ALA A 194 11.63 24.68 -2.34
N ARG A 195 11.68 23.40 -2.52
CA ARG A 195 12.86 22.79 -3.19
C ARG A 195 13.01 23.37 -4.60
N SER A 196 11.99 23.21 -5.41
CA SER A 196 12.04 23.71 -6.82
C SER A 196 12.17 25.24 -6.87
N LEU A 197 11.49 25.94 -6.00
CA LEU A 197 11.57 27.43 -6.04
C LEU A 197 12.95 27.87 -5.54
N GLU A 198 13.61 27.03 -4.78
CA GLU A 198 14.95 27.36 -4.22
C GLU A 198 14.84 28.55 -3.27
N LEU A 199 13.91 28.49 -2.35
CA LEU A 199 13.75 29.59 -1.34
C LEU A 199 13.81 28.96 0.07
N PRO A 200 14.38 29.63 1.05
CA PRO A 200 14.47 29.06 2.43
C PRO A 200 13.09 28.75 3.03
N ALA A 201 12.93 27.63 3.69
CA ALA A 201 11.59 27.30 4.28
C ALA A 201 11.67 26.05 5.19
N ILE A 202 10.80 26.01 6.18
CA ILE A 202 10.74 24.83 7.11
C ILE A 202 9.31 24.27 7.05
N VAL A 203 9.14 22.97 7.24
CA VAL A 203 7.77 22.37 7.18
C VAL A 203 7.52 21.51 8.42
N GLY A 204 8.54 21.25 9.21
CA GLY A 204 8.38 20.40 10.44
C GLY A 204 8.55 21.22 11.71
N THR A 205 8.34 22.51 11.65
CA THR A 205 8.51 23.37 12.86
C THR A 205 7.87 22.68 14.08
N GLY A 206 6.69 22.14 13.91
CA GLY A 206 6.01 21.45 15.04
C GLY A 206 5.05 22.39 15.77
N SER A 207 5.50 23.56 16.17
CA SER A 207 4.57 24.48 16.90
C SER A 207 5.08 25.92 16.87
N VAL A 208 5.59 26.37 15.75
CA VAL A 208 6.08 27.76 15.68
C VAL A 208 4.88 28.72 15.53
N THR A 209 3.90 28.37 14.75
CA THR A 209 2.73 29.27 14.55
C THR A 209 2.07 29.60 15.90
N SER A 210 2.12 28.70 16.84
CA SER A 210 1.48 28.97 18.16
C SER A 210 2.37 29.92 18.97
N GLN A 211 3.59 30.10 18.53
CA GLN A 211 4.53 30.99 19.26
C GLN A 211 4.64 32.33 18.51
N VAL A 212 4.15 32.39 17.30
CA VAL A 212 4.27 33.66 16.49
C VAL A 212 2.90 34.33 16.33
N LYS A 213 2.90 35.64 16.39
CA LYS A 213 1.64 36.41 16.17
C LYS A 213 1.83 37.15 14.84
N ASN A 214 0.80 37.52 14.16
CA ASN A 214 1.03 38.24 12.87
C ASN A 214 1.79 39.52 13.16
N ASP A 215 2.55 39.98 12.19
CA ASP A 215 3.34 41.25 12.33
C ASP A 215 4.58 41.03 13.21
N ASP A 216 4.89 39.81 13.55
CA ASP A 216 6.10 39.57 14.38
C ASP A 216 7.33 39.61 13.46
N TYR A 217 8.41 40.14 13.93
CA TYR A 217 9.65 40.18 13.09
C TYR A 217 10.46 38.91 13.37
N LEU A 218 10.73 38.13 12.35
CA LEU A 218 11.49 36.85 12.56
C LEU A 218 12.64 36.76 11.58
N ILE A 219 13.73 36.13 11.98
CA ILE A 219 14.88 35.93 11.06
C ILE A 219 15.04 34.43 10.89
N LEU A 220 15.04 33.95 9.67
CA LEU A 220 15.16 32.48 9.42
C LEU A 220 16.61 32.13 9.09
N ASP A 221 17.23 31.32 9.90
CA ASP A 221 18.64 30.92 9.63
C ASP A 221 18.64 29.90 8.49
N ALA A 222 17.76 28.93 8.55
CA ALA A 222 17.72 27.91 7.48
C ALA A 222 19.15 27.37 7.26
N VAL A 223 20.03 27.65 8.19
CA VAL A 223 21.44 27.16 8.10
C VAL A 223 21.77 26.51 9.44
N ASN A 224 21.45 27.18 10.51
CA ASN A 224 21.66 26.60 11.87
C ASN A 224 20.34 26.00 12.30
N ASN A 225 19.36 26.10 11.45
CA ASN A 225 18.00 25.56 11.75
C ASN A 225 17.45 26.23 13.01
N GLN A 226 17.55 27.54 13.08
CA GLN A 226 17.02 28.28 14.28
C GLN A 226 16.23 29.50 13.83
N VAL A 227 15.32 29.96 14.66
CA VAL A 227 14.51 31.17 14.32
C VAL A 227 14.68 32.19 15.44
N TYR A 228 14.98 33.42 15.11
CA TYR A 228 15.16 34.47 16.17
C TYR A 228 13.92 35.37 16.20
N VAL A 229 13.29 35.45 17.35
CA VAL A 229 12.05 36.29 17.49
C VAL A 229 12.38 37.63 18.14
N ASN A 230 12.23 38.72 17.43
CA ASN A 230 12.51 40.06 18.02
C ASN A 230 13.93 40.11 18.60
N PRO A 231 14.87 39.50 17.96
CA PRO A 231 16.29 39.38 18.46
C PRO A 231 17.07 40.67 18.70
N THR A 232 18.24 40.47 19.25
CA THR A 232 19.18 41.57 19.48
C THR A 232 19.79 41.92 18.12
N ASN A 233 20.01 43.17 17.85
CA ASN A 233 20.56 43.55 16.51
C ASN A 233 21.78 42.68 16.16
N GLU A 234 22.49 42.18 17.13
CA GLU A 234 23.70 41.36 16.83
C GLU A 234 23.30 40.06 16.09
N VAL A 235 22.23 39.44 16.48
CA VAL A 235 21.81 38.20 15.76
C VAL A 235 21.39 38.58 14.34
N ILE A 236 20.69 39.66 14.21
CA ILE A 236 20.29 40.15 12.89
C ILE A 236 21.57 40.33 12.09
N ASP A 237 22.67 40.45 12.80
CA ASP A 237 23.95 40.62 12.14
C ASP A 237 24.62 39.30 11.73
N LYS A 238 24.83 38.39 12.69
CA LYS A 238 25.34 37.02 12.43
C LYS A 238 24.65 36.39 11.23
N MET A 239 23.32 36.41 11.27
CA MET A 239 22.48 35.92 10.19
C MET A 239 22.80 36.59 8.88
N ARG A 240 22.89 37.91 8.90
CA ARG A 240 23.17 38.65 7.69
C ARG A 240 24.49 38.15 7.08
N ALA A 241 25.43 37.77 7.93
CA ALA A 241 26.72 37.24 7.47
C ALA A 241 26.56 35.80 7.00
N VAL A 242 25.61 35.09 7.59
CA VAL A 242 25.34 33.70 7.24
C VAL A 242 24.78 33.67 5.83
N GLN A 243 23.93 34.67 5.57
CA GLN A 243 23.34 34.95 4.28
C GLN A 243 24.38 35.32 3.22
N GLU A 244 25.42 36.04 3.64
CA GLU A 244 26.56 36.28 2.75
C GLU A 244 27.22 34.98 2.29
N GLN A 245 27.44 34.05 3.22
CA GLN A 245 28.11 32.80 2.89
C GLN A 245 27.27 32.05 1.88
N VAL A 246 25.98 31.98 2.18
CA VAL A 246 24.98 31.38 1.33
C VAL A 246 25.09 31.91 -0.10
N ALA A 247 25.16 33.23 -0.23
CA ALA A 247 25.30 33.89 -1.54
C ALA A 247 26.62 33.58 -2.25
N SER A 248 27.72 33.47 -1.50
CA SER A 248 29.00 33.08 -2.05
C SER A 248 28.97 31.64 -2.50
N GLU A 249 28.31 30.79 -1.72
CA GLU A 249 28.16 29.40 -2.12
C GLU A 249 27.55 29.33 -3.51
N LYS A 250 26.53 30.15 -3.77
CA LYS A 250 25.89 30.14 -5.07
C LYS A 250 26.92 30.51 -6.09
N ALA A 251 27.53 31.67 -5.86
CA ALA A 251 28.54 32.22 -6.76
C ALA A 251 29.59 31.19 -7.15
N GLU A 252 30.04 30.38 -6.19
CA GLU A 252 31.07 29.37 -6.49
C GLU A 252 30.49 28.19 -7.29
N LEU A 253 29.40 27.61 -6.78
CA LEU A 253 28.70 26.54 -7.48
C LEU A 253 28.31 26.94 -8.90
N ALA A 254 27.93 28.21 -9.07
CA ALA A 254 27.60 28.78 -10.36
C ALA A 254 28.56 28.42 -11.50
N LYS A 255 29.82 28.26 -11.15
CA LYS A 255 30.74 27.95 -12.31
C LYS A 255 31.88 26.95 -12.23
N LEU A 256 32.01 26.31 -13.43
CA LEU A 256 33.06 25.36 -13.81
C LEU A 256 32.56 24.50 -14.99
N LYS A 257 32.84 24.89 -16.26
CA LYS A 257 32.36 24.09 -17.41
C LYS A 257 33.39 23.10 -17.97
N ASP A 258 34.51 23.63 -18.48
CA ASP A 258 35.56 22.81 -19.10
C ASP A 258 34.88 21.74 -19.95
N LEU A 259 35.60 20.65 -20.24
CA LEU A 259 34.99 19.55 -20.97
C LEU A 259 34.05 18.82 -20.01
N PRO A 260 33.02 18.15 -20.47
CA PRO A 260 32.06 17.44 -19.53
C PRO A 260 32.73 16.45 -18.58
N ALA A 261 32.31 16.52 -17.31
CA ALA A 261 32.76 15.61 -16.24
C ALA A 261 33.93 14.66 -16.61
N ILE A 262 35.17 15.14 -16.49
CA ILE A 262 36.36 14.30 -16.73
C ILE A 262 37.21 14.25 -15.46
N THR A 263 37.48 13.04 -15.00
CA THR A 263 38.42 12.84 -13.93
C THR A 263 39.80 13.38 -14.33
N LEU A 264 40.62 13.67 -13.30
CA LEU A 264 42.02 14.03 -13.47
C LEU A 264 42.74 13.18 -14.51
N ASP A 265 42.52 11.87 -14.47
CA ASP A 265 43.19 10.95 -15.37
C ASP A 265 42.43 10.65 -16.66
N GLY A 266 41.51 11.51 -17.06
CA GLY A 266 40.93 11.41 -18.42
C GLY A 266 39.65 10.60 -18.68
N HIS A 267 38.93 10.23 -17.63
CA HIS A 267 37.76 9.39 -17.79
C HIS A 267 36.56 10.31 -17.82
N GLN A 268 35.77 10.22 -18.90
CA GLN A 268 34.60 11.05 -19.06
C GLN A 268 33.28 10.34 -18.82
N VAL A 269 32.36 11.06 -18.19
CA VAL A 269 30.96 10.57 -18.05
C VAL A 269 30.00 11.67 -18.46
N GLU A 270 28.77 11.33 -18.80
CA GLU A 270 27.80 12.36 -18.99
C GLU A 270 27.18 12.70 -17.64
N VAL A 271 26.70 13.92 -17.54
CA VAL A 271 26.11 14.41 -16.33
C VAL A 271 24.96 15.30 -16.80
N CYS A 272 23.74 14.90 -16.47
CA CYS A 272 22.58 15.50 -17.09
C CYS A 272 21.57 15.78 -16.05
N ALA A 273 20.52 16.49 -16.48
CA ALA A 273 19.44 16.81 -15.59
C ALA A 273 18.28 15.85 -15.79
N ASN A 274 17.66 15.47 -14.68
CA ASN A 274 16.35 14.90 -14.75
C ASN A 274 15.43 16.06 -14.83
N ILE A 275 14.41 16.01 -15.69
CA ILE A 275 13.42 17.11 -15.75
C ILE A 275 11.99 16.62 -15.72
N GLY A 276 11.09 17.58 -15.51
CA GLY A 276 9.67 17.31 -15.49
C GLY A 276 8.88 18.06 -16.54
N THR A 277 9.47 19.12 -17.12
CA THR A 277 8.71 20.20 -17.79
C THR A 277 9.73 21.08 -18.49
N VAL A 278 9.51 21.50 -19.76
CA VAL A 278 10.39 22.54 -20.38
C VAL A 278 10.99 23.52 -19.38
N ARG A 279 10.17 23.91 -18.39
CA ARG A 279 10.59 24.90 -17.40
C ARG A 279 11.83 24.46 -16.62
N ASP A 280 12.15 23.17 -16.65
CA ASP A 280 13.25 22.64 -15.90
C ASP A 280 14.52 22.74 -16.74
N VAL A 281 14.38 22.99 -18.04
CA VAL A 281 15.50 23.08 -18.95
C VAL A 281 16.36 24.28 -18.54
N GLU A 282 15.68 25.27 -18.00
CA GLU A 282 16.35 26.47 -17.60
C GLU A 282 17.36 26.12 -16.51
N GLY A 283 16.89 25.56 -15.38
CA GLY A 283 17.79 25.04 -14.33
C GLY A 283 18.88 24.13 -14.86
N ALA A 284 18.56 23.31 -15.85
CA ALA A 284 19.56 22.38 -16.38
C ALA A 284 20.70 23.11 -17.08
N GLU A 285 20.34 24.14 -17.86
CA GLU A 285 21.33 24.89 -18.60
C GLU A 285 22.11 25.70 -17.59
N ARG A 286 21.39 26.20 -16.60
CA ARG A 286 21.98 27.02 -15.55
C ARG A 286 23.10 26.28 -14.78
N ASN A 287 22.90 24.98 -14.60
CA ASN A 287 23.74 24.16 -13.76
C ASN A 287 24.69 23.27 -14.54
N GLY A 288 24.75 23.52 -15.84
CA GLY A 288 25.82 22.95 -16.64
C GLY A 288 25.57 21.56 -17.14
N ALA A 289 24.29 21.17 -17.15
CA ALA A 289 23.81 19.88 -17.66
C ALA A 289 24.30 19.68 -19.08
N GLU A 290 24.76 18.49 -19.42
CA GLU A 290 25.17 18.21 -20.81
C GLU A 290 24.04 17.60 -21.65
N GLY A 291 22.86 17.46 -21.07
CA GLY A 291 21.68 16.93 -21.77
C GLY A 291 20.70 16.54 -20.68
N VAL A 292 19.60 15.90 -21.07
CA VAL A 292 18.59 15.46 -20.14
C VAL A 292 18.60 13.94 -20.07
N GLY A 293 18.72 13.41 -18.85
CA GLY A 293 18.93 12.00 -18.67
C GLY A 293 17.62 11.32 -18.35
N LEU A 294 16.60 12.09 -18.00
CA LEU A 294 15.31 11.51 -17.70
C LEU A 294 14.28 12.61 -17.73
N TYR A 295 13.31 12.44 -18.61
CA TYR A 295 12.24 13.36 -18.77
C TYR A 295 11.07 12.55 -18.28
N ARG A 296 10.77 12.76 -17.00
CA ARG A 296 9.64 12.13 -16.32
C ARG A 296 8.40 12.68 -16.96
N THR A 297 7.81 11.97 -17.90
CA THR A 297 6.66 12.52 -18.62
C THR A 297 5.39 12.62 -17.75
N GLU A 298 5.31 11.85 -16.66
CA GLU A 298 4.19 11.96 -15.70
C GLU A 298 3.99 13.38 -15.32
N PHE A 299 5.09 14.07 -15.11
CA PHE A 299 5.10 15.38 -14.50
C PHE A 299 4.39 16.33 -15.46
N LEU A 300 4.57 16.09 -16.76
CA LEU A 300 3.86 16.86 -17.73
C LEU A 300 2.38 16.56 -17.61
N PHE A 301 2.04 15.35 -17.22
CA PHE A 301 0.65 14.91 -17.11
C PHE A 301 0.00 15.51 -15.88
N MET A 302 0.82 15.82 -14.88
CA MET A 302 0.30 16.45 -13.66
C MET A 302 0.43 17.97 -13.78
N ASP A 303 0.86 18.42 -14.95
CA ASP A 303 0.92 19.83 -15.23
C ASP A 303 -0.37 20.33 -15.87
N ARG A 304 -1.38 19.43 -15.97
CA ARG A 304 -2.65 19.60 -16.71
C ARG A 304 -3.83 19.02 -15.93
N ASP A 305 -5.08 19.42 -16.22
CA ASP A 305 -6.23 18.74 -15.58
C ASP A 305 -6.99 17.77 -16.50
N ALA A 306 -6.31 17.31 -17.54
CA ALA A 306 -6.86 16.30 -18.45
C ALA A 306 -5.71 15.51 -18.98
N LEU A 307 -5.98 14.28 -19.47
CA LEU A 307 -4.95 13.47 -20.10
C LEU A 307 -4.52 14.12 -21.40
N PRO A 308 -3.19 14.36 -21.58
CA PRO A 308 -2.74 15.05 -22.79
C PRO A 308 -2.74 14.14 -24.00
N THR A 309 -3.37 14.60 -25.06
CA THR A 309 -3.58 13.82 -26.26
C THR A 309 -2.28 13.62 -26.98
N GLU A 310 -2.32 12.87 -28.05
CA GLU A 310 -1.13 12.74 -28.84
C GLU A 310 -0.58 14.13 -29.17
N GLU A 311 -1.45 15.01 -29.64
CA GLU A 311 -1.04 16.32 -30.13
C GLU A 311 -0.45 17.19 -28.99
N GLU A 312 -1.08 17.16 -27.82
CA GLU A 312 -0.59 17.98 -26.72
C GLU A 312 0.76 17.47 -26.27
N GLN A 313 0.93 16.14 -26.35
CA GLN A 313 2.17 15.54 -25.91
C GLN A 313 3.27 15.89 -26.87
N PHE A 314 2.93 15.72 -28.13
CA PHE A 314 3.84 16.03 -29.19
C PHE A 314 4.40 17.44 -28.98
N ALA A 315 3.50 18.39 -28.69
CA ALA A 315 3.87 19.80 -28.64
C ALA A 315 4.81 20.01 -27.49
N ALA A 316 4.45 19.39 -26.37
CA ALA A 316 5.18 19.47 -25.13
C ALA A 316 6.55 18.89 -25.34
N TYR A 317 6.62 17.72 -25.99
CA TYR A 317 7.90 17.07 -26.30
C TYR A 317 8.75 17.88 -27.23
N LYS A 318 8.10 18.46 -28.25
CA LYS A 318 8.75 19.30 -29.29
C LYS A 318 9.39 20.45 -28.59
N ALA A 319 8.60 21.13 -27.76
CA ALA A 319 9.17 22.27 -27.02
C ALA A 319 10.43 21.85 -26.29
N VAL A 320 10.38 20.72 -25.57
CA VAL A 320 11.50 20.33 -24.74
C VAL A 320 12.67 20.09 -25.69
N ALA A 321 12.43 19.29 -26.71
CA ALA A 321 13.48 18.93 -27.65
C ALA A 321 14.17 20.16 -28.18
N GLU A 322 13.39 21.22 -28.30
CA GLU A 322 13.89 22.43 -28.87
C GLU A 322 14.51 23.31 -27.81
N ALA A 323 13.94 23.32 -26.62
CA ALA A 323 14.54 24.08 -25.54
C ALA A 323 15.83 23.44 -25.12
N CYS A 324 16.09 22.25 -25.62
CA CYS A 324 17.36 21.63 -25.31
C CYS A 324 18.42 21.79 -26.37
N GLY A 325 18.08 22.46 -27.48
CA GLY A 325 19.06 22.76 -28.51
C GLY A 325 19.67 21.49 -29.08
N SER A 326 20.98 21.43 -29.01
CA SER A 326 21.71 20.32 -29.61
C SER A 326 21.56 19.10 -28.74
N GLN A 327 21.18 19.30 -27.47
CA GLN A 327 21.26 18.25 -26.46
C GLN A 327 20.20 17.15 -26.57
N ALA A 328 20.57 15.96 -26.12
CA ALA A 328 19.72 14.77 -26.16
C ALA A 328 18.79 14.73 -24.95
N VAL A 329 17.53 14.42 -25.17
CA VAL A 329 16.63 14.21 -24.05
C VAL A 329 16.20 12.74 -23.97
N ILE A 330 16.28 12.14 -22.79
CA ILE A 330 15.81 10.77 -22.62
C ILE A 330 14.38 10.87 -22.07
N VAL A 331 13.43 10.69 -22.98
CA VAL A 331 12.03 10.85 -22.68
C VAL A 331 11.57 9.52 -22.14
N ARG A 332 11.17 9.49 -20.87
CA ARG A 332 10.66 8.22 -20.33
C ARG A 332 9.18 8.22 -20.55
N THR A 333 8.69 7.10 -21.03
CA THR A 333 7.25 6.95 -21.11
C THR A 333 6.74 6.92 -19.69
N MET A 334 5.44 7.15 -19.60
CA MET A 334 4.76 7.60 -18.41
C MET A 334 4.79 6.63 -17.24
N ASP A 335 5.02 7.17 -16.05
CA ASP A 335 5.10 6.36 -14.85
C ASP A 335 4.15 6.91 -13.78
N ILE A 336 2.90 6.54 -13.92
CA ILE A 336 1.90 6.83 -12.95
C ILE A 336 1.67 5.58 -12.08
N GLY A 337 1.40 5.79 -10.80
CA GLY A 337 0.81 4.74 -10.01
C GLY A 337 1.50 4.18 -8.77
N GLY A 338 2.54 4.84 -8.30
CA GLY A 338 3.03 4.43 -7.00
C GLY A 338 2.58 5.59 -6.15
N ASP A 339 3.53 6.35 -5.65
CA ASP A 339 3.16 7.59 -5.02
C ASP A 339 2.80 8.67 -6.05
N LYS A 340 2.81 8.36 -7.35
CA LYS A 340 2.36 9.37 -8.32
C LYS A 340 1.09 9.03 -9.11
N GLU A 341 -0.02 9.31 -8.45
CA GLU A 341 -1.24 9.18 -9.11
C GLU A 341 -1.49 10.48 -9.87
N LEU A 342 -2.23 10.40 -10.97
CA LEU A 342 -2.93 11.58 -11.42
C LEU A 342 -4.43 11.44 -11.19
N PRO A 343 -4.92 12.20 -10.20
CA PRO A 343 -6.31 12.25 -9.75
C PRO A 343 -7.29 12.25 -10.93
N TYR A 344 -7.02 13.05 -11.95
CA TYR A 344 -7.95 13.05 -13.10
C TYR A 344 -8.21 11.68 -13.76
N MET A 345 -7.37 10.68 -13.45
CA MET A 345 -7.55 9.36 -14.04
C MET A 345 -8.54 8.54 -13.24
N ASN A 346 -8.78 8.95 -11.99
CA ASN A 346 -9.70 8.25 -11.12
C ASN A 346 -9.45 6.75 -11.02
N PHE A 347 -8.21 6.34 -11.19
CA PHE A 347 -7.90 4.94 -11.05
C PHE A 347 -8.37 4.47 -9.68
N PRO A 348 -8.67 3.17 -9.56
CA PRO A 348 -9.06 2.66 -8.24
C PRO A 348 -7.88 2.53 -7.29
N LYS A 349 -8.17 2.51 -5.98
CA LYS A 349 -7.14 2.35 -4.97
C LYS A 349 -6.53 0.97 -4.99
N GLU A 350 -5.28 0.92 -4.54
CA GLU A 350 -4.54 -0.34 -4.37
C GLU A 350 -3.95 -0.47 -2.98
N GLU A 351 -3.85 -1.71 -2.55
CA GLU A 351 -3.30 -1.99 -1.27
C GLU A 351 -1.81 -1.61 -1.20
N ASN A 352 -1.08 -1.80 -2.29
CA ASN A 352 0.33 -1.36 -2.33
C ASN A 352 0.60 -0.69 -3.66
N PRO A 353 0.35 0.62 -3.74
CA PRO A 353 0.50 1.23 -5.04
C PRO A 353 1.87 0.94 -5.61
N PHE A 354 2.89 0.97 -4.78
CA PHE A 354 4.26 0.80 -5.29
C PHE A 354 4.60 -0.58 -5.81
N LEU A 355 3.79 -1.57 -5.44
CA LEU A 355 3.82 -2.89 -6.03
C LEU A 355 2.59 -3.15 -6.88
N GLY A 356 2.02 -2.10 -7.45
CA GLY A 356 0.74 -2.24 -8.13
C GLY A 356 0.81 -1.94 -9.61
N TRP A 357 -0.28 -1.34 -10.09
CA TRP A 357 -0.58 -1.21 -11.49
C TRP A 357 0.00 0.11 -11.95
N ARG A 358 1.29 0.05 -12.17
CA ARG A 358 2.12 1.22 -12.28
C ARG A 358 2.80 1.33 -13.67
N ALA A 359 2.82 2.55 -14.20
CA ALA A 359 3.67 2.90 -15.35
C ALA A 359 3.27 2.05 -16.52
N ILE A 360 4.16 1.19 -16.93
CA ILE A 360 4.02 0.40 -18.15
C ILE A 360 2.87 -0.64 -18.08
N ARG A 361 2.52 -0.95 -16.85
CA ARG A 361 1.49 -1.89 -16.63
C ARG A 361 0.17 -1.31 -17.02
N ILE A 362 0.09 0.02 -16.99
CA ILE A 362 -1.12 0.74 -17.42
C ILE A 362 -1.11 0.91 -18.94
N ALA A 363 -0.02 1.42 -19.45
CA ALA A 363 0.01 1.73 -20.84
C ALA A 363 -0.20 0.44 -21.67
N MET A 364 0.18 -0.70 -21.10
CA MET A 364 -0.09 -2.00 -21.75
C MET A 364 -1.50 -2.51 -21.52
N ASP A 365 -2.18 -1.99 -20.53
CA ASP A 365 -3.57 -2.41 -20.38
C ASP A 365 -4.49 -1.42 -21.02
N ARG A 366 -3.93 -0.32 -21.52
CA ARG A 366 -4.74 0.67 -22.18
C ARG A 366 -3.93 1.25 -23.26
N ARG A 367 -3.87 0.54 -24.40
CA ARG A 367 -3.02 0.94 -25.50
C ARG A 367 -3.16 2.38 -25.97
N GLU A 368 -4.38 2.92 -26.01
CA GLU A 368 -4.52 4.32 -26.41
C GLU A 368 -3.43 5.21 -25.71
N ILE A 369 -3.05 4.86 -24.47
CA ILE A 369 -2.14 5.69 -23.66
C ILE A 369 -0.70 5.52 -24.15
N LEU A 370 -0.27 4.27 -24.18
CA LEU A 370 0.97 3.91 -24.75
C LEU A 370 1.08 4.45 -26.20
N ARG A 371 0.03 4.29 -27.00
CA ARG A 371 0.11 4.65 -28.41
C ARG A 371 0.24 6.16 -28.67
N ASP A 372 -0.67 6.94 -28.05
CA ASP A 372 -0.65 8.37 -28.16
C ASP A 372 0.72 8.79 -27.81
N GLN A 373 1.21 8.31 -26.66
CA GLN A 373 2.49 8.80 -26.16
C GLN A 373 3.63 8.43 -27.08
N LEU A 374 3.80 7.16 -27.40
CA LEU A 374 4.92 6.78 -28.24
C LEU A 374 4.87 7.46 -29.59
N ARG A 375 3.70 7.45 -30.21
CA ARG A 375 3.41 8.31 -31.37
C ARG A 375 3.97 9.75 -31.19
N ALA A 376 3.51 10.44 -30.15
CA ALA A 376 3.98 11.77 -29.85
C ALA A 376 5.50 11.86 -29.71
N ILE A 377 6.13 10.95 -28.98
CA ILE A 377 7.57 11.01 -28.80
C ILE A 377 8.22 10.90 -30.18
N LEU A 378 7.90 9.83 -30.89
CA LEU A 378 8.50 9.62 -32.19
C LEU A 378 8.38 10.88 -33.02
N ARG A 379 7.17 11.43 -33.09
CA ARG A 379 6.98 12.54 -33.96
C ARG A 379 7.83 13.70 -33.49
N ALA A 380 7.93 13.88 -32.16
CA ALA A 380 8.77 14.96 -31.62
C ALA A 380 10.25 14.77 -31.95
N SER A 381 10.67 13.53 -32.19
CA SER A 381 12.06 13.24 -32.49
C SER A 381 12.45 13.78 -33.85
N ALA A 382 11.49 14.28 -34.59
CA ALA A 382 11.81 14.91 -35.86
C ALA A 382 12.37 16.28 -35.60
N PHE A 383 12.48 16.66 -34.32
CA PHE A 383 12.78 18.05 -33.99
C PHE A 383 13.93 18.25 -33.03
N GLY A 384 14.60 17.17 -32.63
CA GLY A 384 15.71 17.28 -31.73
C GLY A 384 16.07 15.90 -31.31
N LYS A 385 17.30 15.69 -30.79
CA LYS A 385 17.69 14.34 -30.38
C LYS A 385 16.88 13.87 -29.16
N LEU A 386 16.03 12.89 -29.38
CA LEU A 386 15.27 12.27 -28.29
C LEU A 386 15.63 10.80 -28.22
N ARG A 387 15.60 10.26 -27.00
CA ARG A 387 15.59 8.82 -26.80
C ARG A 387 14.29 8.43 -26.09
N ILE A 388 13.88 7.18 -26.25
CA ILE A 388 12.72 6.61 -25.54
C ILE A 388 13.20 5.65 -24.48
N MET A 389 12.61 5.75 -23.31
CA MET A 389 12.99 4.84 -22.26
C MET A 389 11.73 4.47 -21.57
N PHE A 390 11.68 3.24 -21.09
CA PHE A 390 10.52 2.66 -20.41
C PHE A 390 10.77 2.44 -18.94
N PRO A 391 9.79 2.80 -18.10
CA PRO A 391 9.81 2.61 -16.65
C PRO A 391 9.30 1.25 -16.20
N MET A 392 9.67 0.81 -14.99
CA MET A 392 9.08 -0.39 -14.36
C MET A 392 9.18 -1.69 -15.13
N ILE A 393 10.16 -1.80 -16.00
CA ILE A 393 10.44 -3.03 -16.72
C ILE A 393 10.86 -4.17 -15.79
N ILE A 394 10.28 -5.33 -16.04
CA ILE A 394 10.45 -6.47 -15.16
C ILE A 394 10.87 -7.75 -15.85
N SER A 395 10.68 -7.80 -17.18
CA SER A 395 10.92 -9.02 -17.93
C SER A 395 11.39 -8.71 -19.34
N VAL A 396 12.03 -9.67 -20.00
CA VAL A 396 12.29 -9.52 -21.41
C VAL A 396 10.96 -9.53 -22.15
N GLU A 397 10.01 -10.32 -21.69
CA GLU A 397 8.66 -10.29 -22.30
C GLU A 397 8.15 -8.85 -22.53
N GLU A 398 8.11 -8.07 -21.44
CA GLU A 398 7.63 -6.68 -21.52
C GLU A 398 8.36 -5.87 -22.61
N VAL A 399 9.67 -5.87 -22.59
CA VAL A 399 10.45 -5.12 -23.61
C VAL A 399 10.11 -5.49 -25.07
N ARG A 400 10.06 -6.78 -25.37
CA ARG A 400 9.73 -7.17 -26.71
C ARG A 400 8.32 -6.72 -27.09
N ALA A 401 7.39 -6.72 -26.14
CA ALA A 401 6.03 -6.41 -26.49
C ALA A 401 5.93 -4.91 -26.83
N LEU A 402 6.78 -4.12 -26.20
CA LEU A 402 6.77 -2.68 -26.33
C LEU A 402 7.54 -2.20 -27.59
N ARG A 403 8.65 -2.88 -27.89
CA ARG A 403 9.40 -2.64 -29.14
C ARG A 403 8.55 -2.94 -30.35
N LYS A 404 7.81 -4.03 -30.23
CA LYS A 404 6.88 -4.44 -31.25
C LYS A 404 5.85 -3.34 -31.41
N GLU A 405 5.37 -2.85 -30.30
CA GLU A 405 4.52 -1.70 -30.31
C GLU A 405 5.18 -0.49 -31.01
N ILE A 406 6.37 -0.09 -30.58
CA ILE A 406 7.05 0.99 -31.29
C ILE A 406 7.02 0.75 -32.82
N GLU A 407 7.50 -0.41 -33.27
CA GLU A 407 7.54 -0.71 -34.66
C GLU A 407 6.21 -0.51 -35.38
N ILE A 408 5.10 -0.82 -34.71
CA ILE A 408 3.78 -0.58 -35.28
C ILE A 408 3.49 0.92 -35.41
N TYR A 409 3.69 1.63 -34.32
CA TYR A 409 3.53 3.05 -34.31
C TYR A 409 4.48 3.73 -35.28
N LYS A 410 5.65 3.16 -35.53
CA LYS A 410 6.60 3.75 -36.45
C LYS A 410 6.02 3.72 -37.84
N GLN A 411 5.43 2.58 -38.22
CA GLN A 411 4.90 2.41 -39.57
C GLN A 411 3.75 3.34 -39.80
N GLU A 412 2.83 3.40 -38.85
CA GLU A 412 1.72 4.28 -38.97
C GLU A 412 2.21 5.68 -39.29
N LEU A 413 3.14 6.20 -38.50
CA LEU A 413 3.73 7.50 -38.82
C LEU A 413 4.24 7.58 -40.27
N ARG A 414 5.13 6.65 -40.66
CA ARG A 414 5.56 6.48 -42.08
C ARG A 414 4.39 6.58 -43.07
N ASP A 415 3.28 5.97 -42.74
CA ASP A 415 2.12 5.93 -43.62
C ASP A 415 1.30 7.19 -43.64
N GLU A 416 1.44 8.00 -42.60
CA GLU A 416 0.69 9.24 -42.50
C GLU A 416 1.55 10.44 -42.94
N GLY A 417 2.76 10.16 -43.46
CA GLY A 417 3.67 11.19 -43.98
C GLY A 417 4.17 12.10 -42.87
N LYS A 418 4.58 11.45 -41.78
CA LYS A 418 5.02 12.08 -40.56
C LYS A 418 6.45 11.62 -40.16
N ALA A 419 7.40 12.54 -40.26
CA ALA A 419 8.81 12.29 -39.96
C ALA A 419 8.96 11.88 -38.50
N PHE A 420 9.93 10.99 -38.28
CA PHE A 420 10.44 10.69 -36.99
C PHE A 420 11.86 10.24 -37.23
N ASP A 421 12.70 10.40 -36.21
CA ASP A 421 14.11 10.08 -36.29
C ASP A 421 14.13 8.58 -36.41
N GLU A 422 14.55 8.06 -37.56
CA GLU A 422 14.65 6.60 -37.73
C GLU A 422 15.76 6.00 -36.86
N SER A 423 16.66 6.84 -36.36
CA SER A 423 17.80 6.43 -35.54
C SER A 423 17.44 6.27 -34.08
N ILE A 424 16.16 6.43 -33.74
CA ILE A 424 15.81 6.75 -32.37
C ILE A 424 16.14 5.59 -31.48
N GLU A 425 16.84 5.90 -30.39
CA GLU A 425 17.29 4.84 -29.53
C GLU A 425 16.33 4.60 -28.42
N ILE A 426 16.26 3.33 -28.06
CA ILE A 426 15.31 2.83 -27.11
C ILE A 426 16.05 2.14 -25.97
N GLY A 427 15.67 2.44 -24.74
CA GLY A 427 16.30 1.80 -23.59
C GLY A 427 15.29 1.51 -22.49
N VAL A 428 15.76 1.12 -21.33
CA VAL A 428 14.83 0.75 -20.29
C VAL A 428 15.36 1.21 -18.97
N MET A 429 14.45 1.54 -18.07
CA MET A 429 14.80 1.84 -16.71
C MET A 429 15.19 0.50 -16.15
N VAL A 430 16.31 0.40 -15.47
CA VAL A 430 16.54 -0.79 -14.65
C VAL A 430 16.28 -0.33 -13.20
N GLU A 431 15.09 -0.56 -12.67
CA GLU A 431 14.76 -0.03 -11.37
C GLU A 431 13.98 -1.05 -10.57
N THR A 432 13.94 -2.21 -11.14
CA THR A 432 13.38 -3.41 -10.57
C THR A 432 14.57 -4.42 -10.37
N PRO A 433 14.54 -5.21 -9.27
CA PRO A 433 15.53 -6.24 -9.04
C PRO A 433 15.39 -7.32 -10.10
N ALA A 434 14.20 -7.53 -10.63
CA ALA A 434 14.03 -8.38 -11.80
C ALA A 434 14.91 -7.89 -12.91
N ALA A 435 14.68 -6.66 -13.34
CA ALA A 435 15.46 -6.12 -14.46
C ALA A 435 16.94 -6.27 -14.17
N ALA A 436 17.31 -5.97 -12.94
CA ALA A 436 18.73 -5.98 -12.60
C ALA A 436 19.25 -7.39 -12.80
N THR A 437 18.46 -8.38 -12.39
CA THR A 437 18.83 -9.79 -12.48
C THR A 437 19.00 -10.36 -13.89
N ILE A 438 18.18 -9.85 -14.81
CA ILE A 438 18.17 -10.31 -16.17
C ILE A 438 18.76 -9.21 -17.05
N ALA A 439 19.50 -8.32 -16.40
CA ALA A 439 20.19 -7.29 -17.14
C ALA A 439 20.88 -7.85 -18.38
N ARG A 440 21.50 -9.03 -18.32
CA ARG A 440 22.26 -9.49 -19.50
C ARG A 440 21.29 -9.64 -20.60
N HIS A 441 20.24 -10.45 -20.36
CA HIS A 441 19.17 -10.62 -21.34
C HIS A 441 18.58 -9.36 -21.88
N LEU A 442 18.36 -8.37 -21.02
CA LEU A 442 17.70 -7.13 -21.45
C LEU A 442 18.63 -6.30 -22.32
N ALA A 443 19.91 -6.32 -21.99
CA ALA A 443 20.95 -5.55 -22.72
C ALA A 443 21.05 -5.84 -24.24
N LYS A 444 20.71 -7.08 -24.64
CA LYS A 444 20.61 -7.44 -26.08
C LYS A 444 19.45 -6.75 -26.69
N GLU A 445 18.47 -6.37 -25.90
CA GLU A 445 17.18 -6.01 -26.44
C GLU A 445 16.96 -4.49 -26.46
N VAL A 446 17.85 -3.74 -25.82
CA VAL A 446 17.72 -2.30 -25.75
C VAL A 446 19.02 -1.64 -26.09
N ASP A 447 18.99 -0.32 -26.32
CA ASP A 447 20.21 0.45 -26.61
C ASP A 447 20.89 0.96 -25.39
N PHE A 448 20.18 0.98 -24.28
CA PHE A 448 20.77 1.55 -23.09
C PHE A 448 19.96 1.27 -21.85
N PHE A 449 20.49 1.66 -20.70
CA PHE A 449 19.84 1.44 -19.41
C PHE A 449 20.04 2.70 -18.67
N SER A 450 19.06 3.05 -17.85
CA SER A 450 19.25 3.99 -16.81
C SER A 450 18.76 3.35 -15.53
N ILE A 451 19.61 3.29 -14.51
CA ILE A 451 19.22 2.63 -13.26
C ILE A 451 18.42 3.56 -12.36
N GLY A 452 17.19 3.15 -12.03
CA GLY A 452 16.41 3.94 -11.11
C GLY A 452 16.65 3.40 -9.73
N THR A 453 17.54 4.01 -8.97
CA THR A 453 17.88 3.51 -7.66
C THR A 453 16.81 3.81 -6.60
N ASN A 454 15.95 4.78 -6.87
CA ASN A 454 14.89 5.06 -5.90
C ASN A 454 14.00 3.84 -5.82
N ASP A 455 13.55 3.39 -6.98
CA ASP A 455 12.79 2.19 -7.03
C ASP A 455 13.59 0.94 -6.70
N LEU A 456 14.71 0.70 -7.38
CA LEU A 456 15.57 -0.43 -7.10
C LEU A 456 15.86 -0.59 -5.60
N THR A 457 16.17 0.50 -4.95
CA THR A 457 16.42 0.41 -3.55
C THR A 457 15.14 -0.13 -2.91
N GLN A 458 14.03 0.53 -3.24
CA GLN A 458 12.74 0.24 -2.67
C GLN A 458 12.45 -1.23 -2.73
N TYR A 459 12.60 -1.85 -3.91
CA TYR A 459 12.21 -3.27 -4.04
C TYR A 459 13.25 -4.22 -3.58
N THR A 460 14.50 -3.80 -3.64
CA THR A 460 15.53 -4.71 -3.26
C THR A 460 15.46 -4.81 -1.72
N LEU A 461 15.26 -3.67 -1.07
CA LEU A 461 15.16 -3.65 0.38
C LEU A 461 13.72 -3.77 0.86
N ALA A 462 12.76 -3.82 -0.04
CA ALA A 462 11.35 -3.76 0.43
C ALA A 462 11.11 -2.68 1.44
N VAL A 463 11.62 -1.49 1.14
CA VAL A 463 11.28 -0.34 1.95
C VAL A 463 10.69 0.77 1.10
N ASP A 464 9.50 1.17 1.53
CA ASP A 464 8.68 2.13 0.83
C ASP A 464 9.42 3.46 0.91
N ARG A 465 9.64 4.04 -0.26
CA ARG A 465 10.28 5.33 -0.40
C ARG A 465 9.55 6.41 0.36
N GLY A 466 8.27 6.17 0.62
CA GLY A 466 7.40 7.14 1.30
C GLY A 466 7.39 6.99 2.80
N ASN A 467 7.86 5.86 3.33
CA ASN A 467 7.59 5.48 4.73
C ASN A 467 8.70 5.94 5.69
N ASP A 468 8.45 7.05 6.39
CA ASP A 468 9.46 7.62 7.30
C ASP A 468 9.77 6.72 8.48
N MET A 469 8.77 5.99 8.95
CA MET A 469 8.99 5.06 10.04
C MET A 469 10.14 4.08 9.81
N ILE A 470 10.31 3.59 8.57
CA ILE A 470 11.45 2.75 8.27
C ILE A 470 12.50 3.41 7.40
N SER A 471 12.48 4.73 7.30
CA SER A 471 13.42 5.34 6.37
C SER A 471 14.86 4.89 6.64
N HIS A 472 15.20 4.57 7.90
CA HIS A 472 16.57 4.25 8.25
C HIS A 472 17.07 3.02 7.51
N LEU A 473 16.13 2.22 7.01
CA LEU A 473 16.41 1.01 6.23
C LEU A 473 16.46 1.28 4.73
N TYR A 474 16.18 2.51 4.32
CA TYR A 474 16.18 2.77 2.92
C TYR A 474 17.59 3.13 2.58
N GLN A 475 18.36 2.18 2.05
CA GLN A 475 19.77 2.44 1.80
C GLN A 475 20.15 2.07 0.46
N PRO A 476 20.23 3.06 -0.44
CA PRO A 476 20.69 2.68 -1.78
C PRO A 476 22.18 2.38 -1.70
N MET A 477 22.79 2.69 -0.57
CA MET A 477 24.19 2.40 -0.41
C MET A 477 24.37 1.19 0.44
N SER A 478 23.73 0.13 -0.04
CA SER A 478 23.85 -1.16 0.55
C SER A 478 24.72 -1.97 -0.33
N PRO A 479 25.43 -2.92 0.27
CA PRO A 479 26.12 -3.91 -0.54
C PRO A 479 25.16 -4.60 -1.50
N SER A 480 23.87 -4.67 -1.13
CA SER A 480 22.89 -5.28 -2.03
C SER A 480 22.49 -4.42 -3.25
N VAL A 481 22.34 -3.13 -3.07
CA VAL A 481 21.94 -2.33 -4.20
C VAL A 481 23.16 -2.08 -5.09
N LEU A 482 24.32 -1.87 -4.47
CA LEU A 482 25.55 -1.60 -5.24
C LEU A 482 25.87 -2.76 -6.13
N ASN A 483 25.90 -3.95 -5.56
CA ASN A 483 26.10 -5.13 -6.38
C ASN A 483 25.19 -5.23 -7.60
N LEU A 484 23.89 -5.02 -7.40
CA LEU A 484 22.93 -4.99 -8.47
C LEU A 484 23.20 -3.89 -9.45
N ILE A 485 23.62 -2.70 -8.98
CA ILE A 485 24.11 -1.63 -9.89
C ILE A 485 25.28 -2.10 -10.79
N LYS A 486 26.28 -2.70 -10.17
CA LYS A 486 27.45 -3.17 -10.88
C LYS A 486 27.04 -4.15 -11.95
N GLN A 487 26.05 -4.94 -11.60
CA GLN A 487 25.76 -6.10 -12.38
C GLN A 487 25.10 -5.56 -13.67
N VAL A 488 24.35 -4.46 -13.50
CA VAL A 488 23.63 -3.82 -14.60
C VAL A 488 24.60 -3.11 -15.53
N ILE A 489 25.50 -2.30 -14.93
CA ILE A 489 26.49 -1.57 -15.69
C ILE A 489 27.24 -2.58 -16.57
N ASP A 490 27.73 -3.64 -15.93
CA ASP A 490 28.48 -4.66 -16.62
C ASP A 490 27.66 -5.26 -17.75
N ALA A 491 26.42 -5.62 -17.48
CA ALA A 491 25.55 -6.07 -18.57
C ALA A 491 25.65 -5.14 -19.75
N SER A 492 25.36 -3.84 -19.56
CA SER A 492 25.52 -2.80 -20.60
C SER A 492 26.77 -3.00 -21.39
N HIS A 493 27.89 -3.02 -20.66
CA HIS A 493 29.16 -2.91 -21.29
C HIS A 493 29.44 -4.18 -22.04
N ALA A 494 28.92 -5.28 -21.51
CA ALA A 494 29.18 -6.54 -22.18
C ALA A 494 28.54 -6.52 -23.56
N GLU A 495 27.40 -5.84 -23.73
CA GLU A 495 26.79 -5.72 -25.07
C GLU A 495 27.29 -4.54 -25.85
N GLY A 496 28.21 -3.77 -25.27
CA GLY A 496 28.68 -2.55 -25.91
C GLY A 496 27.69 -1.41 -25.85
N LYS A 497 26.73 -1.48 -24.92
CA LYS A 497 25.85 -0.36 -24.60
C LYS A 497 26.33 0.28 -23.32
N TRP A 498 25.54 1.20 -22.82
CA TRP A 498 25.93 2.01 -21.70
C TRP A 498 24.79 2.11 -20.68
N THR A 499 25.16 2.39 -19.44
CA THR A 499 24.17 2.54 -18.44
C THR A 499 24.33 3.92 -17.92
N GLY A 500 23.20 4.59 -17.79
CA GLY A 500 23.13 5.82 -17.02
C GLY A 500 22.39 5.57 -15.74
N MET A 501 22.24 6.62 -14.95
CA MET A 501 21.54 6.56 -13.67
C MET A 501 20.76 7.84 -13.41
N CYS A 502 19.44 7.73 -13.27
CA CYS A 502 18.64 8.89 -12.93
C CYS A 502 18.08 8.85 -11.54
N GLY A 503 18.22 7.71 -10.88
CA GLY A 503 17.93 7.65 -9.44
C GLY A 503 18.77 8.68 -8.71
N GLU A 504 18.33 8.99 -7.48
CA GLU A 504 18.97 10.04 -6.69
C GLU A 504 20.41 9.74 -6.26
N LEU A 505 20.80 8.47 -6.32
CA LEU A 505 22.19 8.13 -6.08
C LEU A 505 23.18 8.85 -6.99
N ALA A 506 22.80 9.01 -8.27
CA ALA A 506 23.63 9.72 -9.24
C ALA A 506 24.00 11.06 -8.68
N GLY A 507 23.02 11.73 -8.06
CA GLY A 507 23.24 13.07 -7.51
C GLY A 507 23.77 13.09 -6.09
N ASP A 508 24.02 11.92 -5.50
CA ASP A 508 24.42 11.81 -4.10
C ASP A 508 25.98 11.85 -3.97
N GLU A 509 26.50 12.92 -3.35
CA GLU A 509 27.96 13.12 -3.17
C GLU A 509 28.71 11.89 -2.69
N ARG A 510 28.00 10.96 -2.08
CA ARG A 510 28.64 9.87 -1.38
C ARG A 510 28.79 8.64 -2.24
N ALA A 511 28.08 8.65 -3.37
CA ALA A 511 28.17 7.54 -4.26
C ALA A 511 29.04 7.86 -5.46
N THR A 512 29.28 9.15 -5.68
CA THR A 512 29.91 9.59 -6.90
C THR A 512 31.17 8.81 -7.25
N LEU A 513 32.12 8.67 -6.31
CA LEU A 513 33.32 7.83 -6.56
C LEU A 513 33.03 6.37 -6.88
N LEU A 514 32.02 5.80 -6.23
CA LEU A 514 31.64 4.41 -6.49
C LEU A 514 30.96 4.27 -7.83
N LEU A 515 29.95 5.09 -8.07
CA LEU A 515 29.28 5.08 -9.34
C LEU A 515 30.33 5.21 -10.42
N LEU A 516 31.22 6.17 -10.26
CA LEU A 516 32.31 6.34 -11.24
C LEU A 516 33.19 5.10 -11.38
N GLY A 517 33.66 4.56 -10.25
CA GLY A 517 34.59 3.44 -10.25
C GLY A 517 33.96 2.21 -10.85
N MET A 518 32.64 2.11 -10.68
CA MET A 518 31.90 0.98 -11.16
C MET A 518 31.61 1.09 -12.62
N GLY A 519 32.02 2.22 -13.22
CA GLY A 519 31.94 2.42 -14.67
C GLY A 519 30.66 3.00 -15.23
N LEU A 520 29.80 3.54 -14.36
CA LEU A 520 28.58 4.18 -14.79
C LEU A 520 28.93 5.22 -15.84
N ASP A 521 28.15 5.24 -16.94
CA ASP A 521 28.47 6.04 -18.13
C ASP A 521 27.86 7.38 -18.02
N GLU A 522 26.73 7.44 -17.35
CA GLU A 522 25.92 8.61 -17.37
C GLU A 522 25.24 8.87 -16.05
N PHE A 523 25.27 10.11 -15.60
CA PHE A 523 24.60 10.47 -14.37
C PHE A 523 23.50 11.45 -14.65
N SER A 524 22.34 11.25 -14.07
CA SER A 524 21.31 12.26 -14.32
C SER A 524 20.62 12.61 -13.05
N MET A 525 20.45 13.89 -12.78
CA MET A 525 20.00 14.29 -11.48
C MET A 525 19.20 15.55 -11.53
N SER A 526 18.68 15.94 -10.37
CA SER A 526 18.25 17.29 -10.22
C SER A 526 19.38 18.15 -10.74
N ALA A 527 19.03 19.14 -11.53
CA ALA A 527 20.02 20.09 -12.06
C ALA A 527 20.91 20.64 -10.93
N ILE A 528 20.30 21.03 -9.81
CA ILE A 528 21.08 21.60 -8.70
C ILE A 528 22.22 20.74 -8.23
N SER A 529 22.23 19.45 -8.53
CA SER A 529 23.30 18.61 -8.06
C SER A 529 24.40 18.47 -9.04
N ILE A 530 24.18 19.00 -10.24
CA ILE A 530 25.15 18.81 -11.29
C ILE A 530 26.54 19.33 -10.92
N PRO A 531 26.65 20.59 -10.45
CA PRO A 531 27.98 21.06 -10.07
C PRO A 531 28.69 20.27 -8.94
N ARG A 532 27.98 19.84 -7.89
CA ARG A 532 28.67 19.14 -6.78
C ARG A 532 29.30 17.89 -7.32
N ILE A 533 28.55 17.19 -8.14
CA ILE A 533 28.99 15.94 -8.64
C ILE A 533 30.08 16.14 -9.71
N LYS A 534 29.86 17.10 -10.59
CA LYS A 534 30.86 17.44 -11.57
C LYS A 534 32.19 17.67 -10.79
N LYS A 535 32.12 18.49 -9.72
CA LYS A 535 33.31 18.84 -8.96
C LYS A 535 34.04 17.62 -8.46
N ILE A 536 33.28 16.67 -7.90
CA ILE A 536 33.84 15.44 -7.39
C ILE A 536 34.51 14.67 -8.51
N ILE A 537 33.89 14.73 -9.68
CA ILE A 537 34.34 13.92 -10.80
C ILE A 537 35.61 14.50 -11.32
N ARG A 538 35.61 15.82 -11.45
CA ARG A 538 36.76 16.49 -12.00
C ARG A 538 38.04 16.38 -11.15
N ASN A 539 37.86 15.98 -9.87
CA ASN A 539 38.94 15.97 -8.88
C ASN A 539 39.31 14.56 -8.40
N THR A 540 38.75 13.56 -9.07
CA THR A 540 39.06 12.17 -8.76
C THR A 540 40.03 11.72 -9.76
N ASN A 541 40.74 10.68 -9.38
CA ASN A 541 41.42 9.88 -10.34
C ASN A 541 40.54 8.62 -10.60
N PHE A 542 40.27 8.35 -11.87
CA PHE A 542 39.37 7.26 -12.21
C PHE A 542 39.90 5.89 -11.78
N GLU A 543 41.19 5.67 -11.97
CA GLU A 543 41.75 4.38 -11.60
C GLU A 543 41.58 4.08 -10.12
N ASP A 544 41.74 5.13 -9.32
CA ASP A 544 41.64 5.00 -7.88
C ASP A 544 40.23 4.62 -7.46
N ALA A 545 39.24 5.30 -8.02
CA ALA A 545 37.84 4.99 -7.91
C ALA A 545 37.50 3.55 -8.25
N LYS A 546 38.02 3.03 -9.37
CA LYS A 546 37.79 1.61 -9.68
C LYS A 546 38.19 0.79 -8.45
N VAL A 547 39.42 0.92 -8.03
CA VAL A 547 39.91 0.21 -6.84
C VAL A 547 38.94 0.43 -5.66
N LEU A 548 38.46 1.67 -5.50
CA LEU A 548 37.57 1.96 -4.42
C LEU A 548 36.33 1.12 -4.61
N ALA A 549 35.77 1.16 -5.83
CA ALA A 549 34.50 0.52 -6.13
C ALA A 549 34.61 -0.95 -5.85
N GLU A 550 35.67 -1.51 -6.39
CA GLU A 550 35.83 -2.89 -6.19
C GLU A 550 35.79 -3.22 -4.67
N GLN A 551 36.63 -2.55 -3.88
CA GLN A 551 36.63 -2.82 -2.48
C GLN A 551 35.18 -2.77 -1.94
N ALA A 552 34.48 -1.67 -2.25
CA ALA A 552 33.19 -1.42 -1.65
C ALA A 552 32.25 -2.56 -1.93
N LEU A 553 32.35 -3.10 -3.15
CA LEU A 553 31.47 -4.19 -3.59
C LEU A 553 31.68 -5.50 -2.85
N ALA A 554 32.77 -5.60 -2.08
CA ALA A 554 33.02 -6.82 -1.33
C ALA A 554 32.58 -6.71 0.13
N GLN A 555 32.30 -5.50 0.61
CA GLN A 555 31.89 -5.27 1.98
C GLN A 555 30.51 -5.88 2.27
N PRO A 556 30.36 -6.62 3.37
CA PRO A 556 29.02 -7.12 3.69
C PRO A 556 28.18 -6.10 4.48
N THR A 557 28.70 -4.90 4.65
CA THR A 557 28.07 -3.96 5.55
C THR A 557 28.24 -2.54 4.97
N THR A 558 27.19 -1.75 5.08
CA THR A 558 27.19 -0.36 4.63
C THR A 558 28.29 0.41 5.36
N ASP A 559 28.29 0.33 6.68
CA ASP A 559 29.29 1.03 7.42
C ASP A 559 30.66 0.81 6.87
N GLU A 560 30.99 -0.44 6.60
CA GLU A 560 32.30 -0.84 6.12
C GLU A 560 32.61 -0.23 4.76
N LEU A 561 31.58 -0.11 3.95
CA LEU A 561 31.68 0.50 2.64
C LEU A 561 31.77 2.06 2.75
N MET A 562 31.07 2.64 3.74
CA MET A 562 31.24 4.06 4.00
C MET A 562 32.65 4.36 4.41
N THR A 563 33.28 3.46 5.17
CA THR A 563 34.65 3.69 5.61
C THR A 563 35.60 3.86 4.46
N LEU A 564 35.54 2.96 3.47
CA LEU A 564 36.36 3.03 2.28
C LEU A 564 36.26 4.35 1.61
N VAL A 565 35.02 4.71 1.26
CA VAL A 565 34.71 6.04 0.71
C VAL A 565 35.37 7.18 1.50
N ASN A 566 35.19 7.19 2.83
CA ASN A 566 35.82 8.21 3.65
C ASN A 566 37.35 8.23 3.62
N LYS A 567 38.00 7.09 3.80
CA LYS A 567 39.46 7.08 3.79
C LYS A 567 39.96 7.56 2.44
N PHE A 568 39.16 7.32 1.41
CA PHE A 568 39.48 7.80 0.09
C PHE A 568 39.50 9.33 0.11
N ILE A 569 38.38 9.92 0.46
CA ILE A 569 38.23 11.37 0.48
C ILE A 569 39.32 12.05 1.29
N GLU A 570 39.71 11.42 2.39
CA GLU A 570 40.83 11.86 3.22
C GLU A 570 42.14 11.89 2.45
N GLU A 571 42.48 10.74 1.88
CA GLU A 571 43.78 10.54 1.32
C GLU A 571 43.92 11.10 -0.09
N LYS A 572 42.80 11.29 -0.79
CA LYS A 572 42.81 11.50 -2.24
C LYS A 572 42.42 12.90 -2.78
N THR A 573 41.84 13.78 -1.95
CA THR A 573 41.76 15.23 -2.29
C THR A 573 41.38 16.10 -1.08
N MET B 1 -24.18 -21.79 -17.86
CA MET B 1 -22.69 -21.73 -17.97
C MET B 1 -22.14 -20.76 -16.92
N ILE B 2 -22.14 -21.16 -15.68
CA ILE B 2 -21.61 -20.29 -14.58
C ILE B 2 -20.27 -20.85 -14.09
N SER B 3 -19.24 -20.03 -14.00
CA SER B 3 -17.91 -20.52 -13.55
C SER B 3 -17.35 -19.63 -12.43
N GLY B 4 -16.71 -20.21 -11.45
CA GLY B 4 -16.12 -19.42 -10.32
C GLY B 4 -14.62 -19.75 -10.25
N ILE B 5 -13.99 -19.50 -9.13
CA ILE B 5 -12.51 -19.78 -9.03
C ILE B 5 -12.26 -21.16 -8.42
N LEU B 6 -13.25 -21.80 -7.87
CA LEU B 6 -13.04 -23.15 -7.27
C LEU B 6 -11.89 -23.09 -6.27
N ALA B 7 -12.20 -23.08 -4.99
CA ALA B 7 -11.13 -23.02 -3.94
C ALA B 7 -10.79 -24.43 -3.47
N SER B 8 -11.72 -25.36 -3.58
CA SER B 8 -11.45 -26.75 -3.13
C SER B 8 -12.11 -27.73 -4.12
N PRO B 9 -11.39 -28.68 -4.67
CA PRO B 9 -11.97 -29.66 -5.63
C PRO B 9 -12.71 -30.79 -4.90
N GLY B 10 -13.80 -31.25 -5.46
CA GLY B 10 -14.58 -32.34 -4.80
C GLY B 10 -15.96 -32.38 -5.42
N ILE B 11 -16.92 -32.99 -4.76
CA ILE B 11 -18.32 -33.04 -5.30
C ILE B 11 -19.28 -33.08 -4.11
N ALA B 12 -20.48 -32.54 -4.26
CA ALA B 12 -21.44 -32.58 -3.11
C ALA B 12 -22.88 -32.48 -3.60
N PHE B 13 -23.81 -32.98 -2.82
CA PHE B 13 -25.26 -32.91 -3.18
C PHE B 13 -26.04 -32.45 -1.94
N GLY B 14 -26.85 -31.43 -2.03
CA GLY B 14 -27.60 -31.00 -0.82
C GLY B 14 -28.50 -29.79 -1.12
N LYS B 15 -29.23 -29.34 -0.14
CA LYS B 15 -30.14 -28.17 -0.33
C LYS B 15 -29.32 -26.88 -0.25
N ALA B 16 -29.83 -25.80 -0.79
CA ALA B 16 -29.07 -24.50 -0.78
C ALA B 16 -29.62 -23.54 0.28
N LEU B 17 -28.75 -23.01 1.10
CA LEU B 17 -29.19 -22.03 2.14
C LEU B 17 -28.85 -20.62 1.64
N LEU B 18 -29.76 -19.69 1.76
CA LEU B 18 -29.48 -18.29 1.27
C LEU B 18 -29.51 -17.29 2.44
N LEU B 19 -28.42 -16.58 2.62
CA LEU B 19 -28.36 -15.59 3.74
C LEU B 19 -28.91 -14.24 3.27
N LYS B 20 -30.14 -14.09 3.36
CA LYS B 20 -30.77 -12.91 2.75
C LYS B 20 -31.58 -12.46 3.84
N GLU B 21 -30.95 -12.45 4.99
CA GLU B 21 -31.63 -12.06 6.21
C GLU B 21 -32.60 -10.97 5.76
N ASP B 22 -33.81 -11.29 5.39
CA ASP B 22 -34.68 -10.20 4.96
C ASP B 22 -34.86 -9.11 6.04
N GLU B 23 -34.91 -7.88 5.54
CA GLU B 23 -35.05 -6.65 6.36
C GLU B 23 -36.38 -6.57 7.11
N ILE B 24 -36.46 -5.60 8.04
CA ILE B 24 -37.69 -5.37 8.80
C ILE B 24 -38.40 -4.11 8.29
N VAL B 25 -39.45 -4.34 7.50
CA VAL B 25 -40.17 -3.23 6.91
C VAL B 25 -41.45 -3.08 7.73
N ILE B 26 -41.52 -1.99 8.48
CA ILE B 26 -42.68 -1.69 9.31
C ILE B 26 -43.82 -1.06 8.49
N ASP B 27 -44.96 -1.74 8.42
CA ASP B 27 -46.20 -1.16 7.86
C ASP B 27 -46.68 0.03 8.70
N ARG B 28 -46.70 1.21 8.08
CA ARG B 28 -47.04 2.43 8.81
C ARG B 28 -48.43 3.04 8.57
N LYS B 29 -49.24 2.42 7.71
CA LYS B 29 -50.65 2.80 7.57
C LYS B 29 -51.36 2.47 8.89
N LYS B 30 -52.01 3.47 9.48
CA LYS B 30 -52.90 3.28 10.65
C LYS B 30 -53.98 2.25 10.33
N ILE B 31 -54.50 1.55 11.34
CA ILE B 31 -55.54 0.55 11.09
C ILE B 31 -56.97 0.97 11.51
N SER B 32 -57.93 0.12 11.16
CA SER B 32 -59.36 0.39 11.38
C SER B 32 -59.84 -0.39 12.60
N ALA B 33 -60.91 0.04 13.21
CA ALA B 33 -61.45 -0.73 14.37
C ALA B 33 -61.67 -2.17 13.94
N ASP B 34 -62.18 -2.39 12.76
CA ASP B 34 -62.40 -3.79 12.29
C ASP B 34 -61.04 -4.49 12.15
N GLN B 35 -60.07 -3.82 11.56
CA GLN B 35 -58.72 -4.45 11.42
C GLN B 35 -58.15 -4.61 12.83
N VAL B 36 -58.02 -3.50 13.52
CA VAL B 36 -57.47 -3.61 14.90
C VAL B 36 -57.53 -5.06 15.33
N ASP B 37 -58.67 -5.69 15.23
CA ASP B 37 -58.79 -7.11 15.64
C ASP B 37 -57.85 -7.98 14.80
N GLN B 38 -57.73 -7.71 13.53
CA GLN B 38 -56.84 -8.56 12.68
C GLN B 38 -55.37 -8.35 13.05
N GLU B 39 -54.97 -7.14 13.33
CA GLU B 39 -53.55 -6.92 13.67
C GLU B 39 -53.21 -7.61 14.99
N VAL B 40 -54.08 -7.58 15.95
CA VAL B 40 -53.79 -8.28 17.23
C VAL B 40 -53.60 -9.77 16.94
N GLU B 41 -54.48 -10.34 16.18
CA GLU B 41 -54.35 -11.79 15.84
C GLU B 41 -53.02 -12.03 15.12
N ARG B 42 -52.64 -11.15 14.21
CA ARG B 42 -51.34 -11.36 13.51
C ARG B 42 -50.23 -11.35 14.55
N PHE B 43 -50.29 -10.43 15.47
CA PHE B 43 -49.26 -10.37 16.55
C PHE B 43 -49.30 -11.69 17.34
N LEU B 44 -50.47 -12.09 17.77
CA LEU B 44 -50.59 -13.36 18.52
C LEU B 44 -50.13 -14.51 17.63
N SER B 45 -50.54 -14.54 16.39
CA SER B 45 -50.11 -15.64 15.48
C SER B 45 -48.59 -15.56 15.28
N GLY B 46 -48.07 -14.38 15.07
CA GLY B 46 -46.59 -14.24 14.88
C GLY B 46 -45.90 -14.53 16.22
N ARG B 47 -46.48 -14.06 17.29
CA ARG B 47 -45.90 -14.31 18.63
C ARG B 47 -45.98 -15.81 18.91
N ALA B 48 -47.00 -16.45 18.39
CA ALA B 48 -47.15 -17.91 18.61
C ALA B 48 -45.92 -18.63 18.04
N LYS B 49 -45.43 -18.22 16.90
CA LYS B 49 -44.23 -18.90 16.36
C LYS B 49 -43.07 -18.65 17.31
N ALA B 50 -42.54 -17.45 17.35
CA ALA B 50 -41.37 -17.16 18.25
C ALA B 50 -41.52 -17.88 19.60
N SER B 51 -42.70 -18.05 20.09
CA SER B 51 -42.84 -18.75 21.38
C SER B 51 -42.23 -20.14 21.23
N ALA B 52 -42.70 -20.90 20.28
CA ALA B 52 -42.18 -22.27 20.07
C ALA B 52 -40.73 -22.25 19.54
N GLN B 53 -40.41 -21.36 18.64
CA GLN B 53 -39.01 -21.34 18.11
C GLN B 53 -38.03 -20.92 19.21
N LEU B 54 -38.39 -19.95 20.02
CA LEU B 54 -37.46 -19.53 21.11
C LEU B 54 -37.24 -20.72 22.05
N GLU B 55 -38.28 -21.46 22.32
CA GLU B 55 -38.13 -22.64 23.22
C GLU B 55 -37.15 -23.64 22.60
N THR B 56 -37.19 -23.81 21.31
CA THR B 56 -36.27 -24.77 20.65
C THR B 56 -34.82 -24.32 20.88
N ILE B 57 -34.56 -23.05 20.76
CA ILE B 57 -33.17 -22.53 20.97
C ILE B 57 -32.73 -22.81 22.41
N LYS B 58 -33.63 -22.67 23.34
CA LYS B 58 -33.29 -22.91 24.77
C LYS B 58 -32.74 -24.33 24.94
N THR B 59 -33.45 -25.30 24.45
CA THR B 59 -33.02 -26.71 24.62
C THR B 59 -31.63 -26.92 24.00
N LYS B 60 -31.32 -26.22 22.94
CA LYS B 60 -29.97 -26.40 22.31
C LYS B 60 -28.91 -25.82 23.22
N ALA B 61 -29.22 -24.73 23.87
CA ALA B 61 -28.23 -24.10 24.78
C ALA B 61 -27.96 -25.03 25.95
N GLY B 62 -28.98 -25.61 26.52
CA GLY B 62 -28.78 -26.53 27.68
C GLY B 62 -27.88 -27.69 27.29
N GLU B 63 -28.20 -28.37 26.22
CA GLU B 63 -27.35 -29.52 25.82
C GLU B 63 -26.00 -29.03 25.33
N THR B 64 -26.00 -28.01 24.50
CA THR B 64 -24.72 -27.50 23.94
C THR B 64 -23.82 -26.88 25.01
N PHE B 65 -24.25 -25.83 25.66
CA PHE B 65 -23.38 -25.17 26.70
C PHE B 65 -23.71 -25.66 28.11
N GLY B 66 -24.97 -25.68 28.50
CA GLY B 66 -25.31 -26.16 29.88
C GLY B 66 -26.44 -25.33 30.50
N GLU B 67 -26.67 -25.51 31.78
CA GLU B 67 -27.75 -24.76 32.48
C GLU B 67 -27.38 -23.29 32.60
N GLU B 68 -26.12 -22.98 32.57
CA GLU B 68 -25.66 -21.57 32.68
C GLU B 68 -26.23 -20.75 31.51
N LYS B 69 -26.32 -21.35 30.35
CA LYS B 69 -26.86 -20.63 29.16
C LYS B 69 -28.33 -20.96 28.94
N GLU B 70 -28.80 -22.05 29.48
CA GLU B 70 -30.22 -22.43 29.28
C GLU B 70 -31.16 -21.43 29.99
N ALA B 71 -30.83 -21.06 31.19
CA ALA B 71 -31.72 -20.14 31.96
C ALA B 71 -31.73 -18.74 31.33
N ILE B 72 -30.68 -18.32 30.67
CA ILE B 72 -30.74 -16.96 30.07
C ILE B 72 -31.91 -16.90 29.09
N PHE B 73 -32.13 -17.95 28.34
CA PHE B 73 -33.27 -17.94 27.37
C PHE B 73 -34.58 -17.88 28.13
N GLU B 74 -34.69 -18.57 29.23
CA GLU B 74 -35.96 -18.53 30.00
C GLU B 74 -36.25 -17.08 30.41
N GLY B 75 -35.25 -16.35 30.81
CA GLY B 75 -35.48 -14.93 31.21
C GLY B 75 -36.00 -14.16 29.99
N HIS B 76 -35.34 -14.32 28.87
CA HIS B 76 -35.78 -13.61 27.65
C HIS B 76 -37.19 -14.06 27.29
N ILE B 77 -37.45 -15.33 27.33
CA ILE B 77 -38.81 -15.82 27.00
C ILE B 77 -39.79 -15.34 28.08
N MET B 78 -39.43 -15.49 29.33
CA MET B 78 -40.35 -15.05 30.42
C MET B 78 -40.62 -13.55 30.30
N LEU B 79 -39.61 -12.79 29.97
CA LEU B 79 -39.83 -11.32 29.83
C LEU B 79 -40.75 -11.05 28.66
N LEU B 80 -40.59 -11.78 27.59
CA LEU B 80 -41.44 -11.56 26.40
C LEU B 80 -42.89 -11.85 26.74
N GLU B 81 -43.14 -12.87 27.52
CA GLU B 81 -44.55 -13.22 27.88
C GLU B 81 -45.02 -12.35 29.05
N ASP B 82 -44.23 -11.41 29.48
CA ASP B 82 -44.66 -10.54 30.61
C ASP B 82 -46.07 -9.99 30.35
N GLU B 83 -46.94 -10.12 31.31
CA GLU B 83 -48.35 -9.63 31.11
C GLU B 83 -48.37 -8.13 30.85
N GLU B 84 -47.32 -7.43 31.20
CA GLU B 84 -47.29 -5.96 30.94
C GLU B 84 -47.15 -5.71 29.43
N LEU B 85 -46.41 -6.55 28.77
CA LEU B 85 -46.22 -6.38 27.29
C LEU B 85 -47.52 -6.71 26.56
N GLU B 86 -48.21 -7.72 27.00
CA GLU B 86 -49.47 -8.11 26.31
C GLU B 86 -50.46 -6.94 26.38
N GLN B 87 -50.64 -6.38 27.54
CA GLN B 87 -51.60 -5.24 27.67
C GLN B 87 -51.06 -3.98 26.97
N GLU B 88 -49.79 -3.71 27.08
CA GLU B 88 -49.22 -2.48 26.44
C GLU B 88 -49.18 -2.62 24.91
N ILE B 89 -48.84 -3.76 24.40
CA ILE B 89 -48.80 -3.92 22.92
C ILE B 89 -50.22 -3.83 22.36
N ILE B 90 -51.13 -4.51 22.98
CA ILE B 90 -52.54 -4.49 22.52
C ILE B 90 -53.18 -3.11 22.73
N ALA B 91 -52.88 -2.47 23.82
CA ALA B 91 -53.49 -1.13 24.09
C ALA B 91 -53.11 -0.13 22.98
N LEU B 92 -51.86 -0.04 22.62
CA LEU B 92 -51.47 0.94 21.56
C LEU B 92 -52.19 0.61 20.26
N ILE B 93 -52.21 -0.64 19.87
CA ILE B 93 -52.92 -1.01 18.61
C ILE B 93 -54.40 -0.65 18.76
N LYS B 94 -54.99 -1.04 19.85
CA LYS B 94 -56.44 -0.73 20.06
C LYS B 94 -56.62 0.77 20.31
N ASP B 95 -55.77 1.39 21.07
CA ASP B 95 -55.95 2.85 21.36
C ASP B 95 -55.39 3.73 20.23
N LYS B 96 -54.18 3.51 19.82
CA LYS B 96 -53.59 4.39 18.75
C LYS B 96 -53.83 3.84 17.34
N HIS B 97 -54.45 2.69 17.21
CA HIS B 97 -54.71 2.12 15.85
C HIS B 97 -53.40 2.01 15.08
N MET B 98 -52.36 1.62 15.77
CA MET B 98 -51.01 1.48 15.13
C MET B 98 -50.81 0.03 14.66
N THR B 99 -49.78 -0.23 13.90
CA THR B 99 -49.54 -1.62 13.42
C THR B 99 -48.85 -2.45 14.52
N ALA B 100 -48.92 -3.75 14.44
CA ALA B 100 -48.30 -4.60 15.48
C ALA B 100 -46.77 -4.50 15.41
N ASP B 101 -46.21 -4.46 14.23
CA ASP B 101 -44.72 -4.35 14.14
C ASP B 101 -44.28 -2.95 14.58
N ALA B 102 -45.07 -1.94 14.31
CA ALA B 102 -44.67 -0.58 14.75
C ALA B 102 -45.02 -0.39 16.23
N ALA B 103 -46.16 -0.88 16.64
CA ALA B 103 -46.56 -0.72 18.07
C ALA B 103 -45.67 -1.59 18.96
N ALA B 104 -45.46 -2.83 18.59
CA ALA B 104 -44.60 -3.72 19.42
C ALA B 104 -43.18 -3.15 19.51
N HIS B 105 -42.68 -2.60 18.44
CA HIS B 105 -41.31 -2.05 18.47
C HIS B 105 -41.19 -0.95 19.52
N GLU B 106 -42.20 -0.14 19.64
CA GLU B 106 -42.15 0.97 20.63
C GLU B 106 -42.09 0.40 22.05
N VAL B 107 -42.83 -0.64 22.32
CA VAL B 107 -42.84 -1.21 23.69
C VAL B 107 -41.46 -1.75 24.08
N ILE B 108 -40.89 -2.62 23.29
CA ILE B 108 -39.54 -3.17 23.63
C ILE B 108 -38.49 -2.05 23.51
N GLU B 109 -38.61 -1.24 22.49
CA GLU B 109 -37.64 -0.12 22.32
C GLU B 109 -37.81 0.85 23.48
N GLY B 110 -39.04 1.08 23.89
CA GLY B 110 -39.30 2.03 25.01
C GLY B 110 -38.56 1.58 26.27
N GLN B 111 -38.66 0.32 26.64
CA GLN B 111 -37.94 -0.13 27.86
C GLN B 111 -36.44 -0.08 27.60
N ALA B 112 -35.97 -0.69 26.55
CA ALA B 112 -34.52 -0.67 26.25
C ALA B 112 -34.05 0.78 26.19
N SER B 113 -34.83 1.64 25.61
CA SER B 113 -34.42 3.07 25.52
C SER B 113 -34.23 3.61 26.93
N ALA B 114 -35.09 3.25 27.85
CA ALA B 114 -34.93 3.74 29.24
C ALA B 114 -33.62 3.20 29.82
N LEU B 115 -33.30 1.97 29.53
CA LEU B 115 -32.05 1.38 30.08
C LEU B 115 -30.84 2.14 29.53
N GLU B 116 -30.85 2.52 28.27
CA GLU B 116 -29.67 3.25 27.72
C GLU B 116 -29.46 4.55 28.49
N GLU B 117 -30.53 5.18 28.91
CA GLU B 117 -30.36 6.45 29.67
C GLU B 117 -29.45 6.19 30.87
N LEU B 118 -29.32 4.95 31.28
CA LEU B 118 -28.46 4.64 32.45
C LEU B 118 -27.01 5.03 32.14
N ASP B 119 -26.27 5.43 33.12
CA ASP B 119 -24.85 5.83 32.90
C ASP B 119 -23.91 4.67 33.29
N ASP B 120 -24.28 3.45 32.95
CA ASP B 120 -23.42 2.27 33.31
C ASP B 120 -23.23 1.36 32.08
N GLU B 121 -22.00 0.96 31.84
CA GLU B 121 -21.71 0.05 30.68
C GLU B 121 -22.28 -1.35 30.93
N TYR B 122 -22.36 -1.75 32.17
CA TYR B 122 -22.91 -3.09 32.51
C TYR B 122 -24.43 -3.13 32.29
N LEU B 123 -25.12 -2.08 32.64
CA LEU B 123 -26.59 -2.07 32.45
C LEU B 123 -26.89 -1.89 30.96
N LYS B 124 -26.06 -1.14 30.28
CA LYS B 124 -26.27 -0.91 28.82
C LYS B 124 -26.18 -2.24 28.05
N GLU B 125 -25.25 -3.10 28.38
CA GLU B 125 -25.15 -4.40 27.64
C GLU B 125 -26.44 -5.19 27.82
N ARG B 126 -26.96 -5.26 29.01
CA ARG B 126 -28.23 -6.02 29.20
C ARG B 126 -29.31 -5.39 28.33
N ALA B 127 -29.29 -4.09 28.20
CA ALA B 127 -30.30 -3.43 27.33
C ALA B 127 -30.12 -3.95 25.91
N ALA B 128 -28.93 -4.39 25.58
CA ALA B 128 -28.68 -4.95 24.22
C ALA B 128 -29.39 -6.29 24.09
N ASP B 129 -29.37 -7.08 25.13
CA ASP B 129 -30.06 -8.40 25.09
C ASP B 129 -31.56 -8.19 24.98
N VAL B 130 -32.08 -7.23 25.70
CA VAL B 130 -33.55 -6.96 25.63
C VAL B 130 -33.89 -6.43 24.24
N ARG B 131 -33.07 -5.57 23.71
CA ARG B 131 -33.32 -5.02 22.34
C ARG B 131 -33.36 -6.16 21.32
N ASP B 132 -32.49 -7.12 21.47
CA ASP B 132 -32.43 -8.26 20.52
C ASP B 132 -33.76 -9.02 20.52
N ILE B 133 -34.37 -9.18 21.66
CA ILE B 133 -35.65 -9.93 21.72
C ILE B 133 -36.70 -9.23 20.85
N GLY B 134 -36.80 -7.92 20.95
CA GLY B 134 -37.81 -7.20 20.12
C GLY B 134 -37.38 -7.18 18.64
N LYS B 135 -36.11 -7.11 18.39
CA LYS B 135 -35.62 -7.08 16.98
C LYS B 135 -36.07 -8.35 16.25
N ARG B 136 -35.87 -9.49 16.84
CA ARG B 136 -36.29 -10.77 16.20
C ARG B 136 -37.81 -10.86 16.15
N LEU B 137 -38.47 -10.29 17.11
CA LEU B 137 -39.95 -10.36 17.13
C LEU B 137 -40.49 -9.75 15.83
N LEU B 138 -39.93 -8.67 15.40
CA LEU B 138 -40.39 -8.05 14.13
C LEU B 138 -40.18 -9.03 12.98
N ARG B 139 -39.08 -9.73 12.98
CA ARG B 139 -38.86 -10.71 11.89
C ARG B 139 -39.88 -11.84 12.02
N ASN B 140 -40.14 -12.27 13.23
CA ASN B 140 -41.11 -13.37 13.47
C ASN B 140 -42.52 -12.99 12.99
N ILE B 141 -42.94 -11.76 13.17
CA ILE B 141 -44.30 -11.39 12.69
C ILE B 141 -44.28 -11.36 11.17
N LEU B 142 -43.25 -10.79 10.60
CA LEU B 142 -43.15 -10.73 9.12
C LEU B 142 -42.88 -12.13 8.57
N GLY B 143 -42.16 -12.94 9.32
CA GLY B 143 -41.95 -14.33 8.89
C GLY B 143 -40.69 -14.58 8.13
N LEU B 144 -39.82 -13.62 8.14
CA LEU B 144 -38.59 -13.79 7.44
C LEU B 144 -37.79 -14.87 8.16
N LYS B 145 -37.10 -15.70 7.40
CA LYS B 145 -36.34 -16.79 7.98
C LYS B 145 -35.37 -16.28 9.03
N ILE B 146 -35.04 -17.16 9.96
CA ILE B 146 -34.12 -16.81 11.02
C ILE B 146 -32.84 -17.55 10.73
N ILE B 147 -31.74 -16.82 10.50
CA ILE B 147 -30.50 -17.51 10.12
C ILE B 147 -29.29 -17.21 11.01
N ASP B 148 -29.35 -17.36 12.31
CA ASP B 148 -28.04 -17.29 13.03
C ASP B 148 -27.42 -18.51 12.36
N LEU B 149 -26.14 -18.70 12.08
CA LEU B 149 -25.89 -19.92 11.28
C LEU B 149 -25.85 -21.14 12.19
N SER B 150 -25.99 -20.97 13.47
CA SER B 150 -25.94 -22.14 14.39
C SER B 150 -27.34 -22.80 14.48
N ALA B 151 -28.36 -22.13 14.03
CA ALA B 151 -29.75 -22.70 14.14
C ALA B 151 -30.04 -23.67 12.98
N ILE B 152 -29.05 -24.31 12.45
CA ILE B 152 -29.31 -25.26 11.33
C ILE B 152 -29.61 -26.66 11.87
N GLN B 153 -30.78 -27.19 11.59
CA GLN B 153 -31.14 -28.56 12.07
C GLN B 153 -30.98 -29.59 10.95
N ASP B 154 -30.83 -29.16 9.72
CA ASP B 154 -30.70 -30.14 8.58
C ASP B 154 -29.44 -29.84 7.75
N GLU B 155 -28.89 -30.85 7.14
CA GLU B 155 -27.68 -30.65 6.30
C GLU B 155 -28.05 -29.75 5.12
N VAL B 156 -27.24 -28.77 4.83
CA VAL B 156 -27.54 -27.86 3.69
C VAL B 156 -26.24 -27.29 3.12
N ILE B 157 -26.29 -26.71 1.94
CA ILE B 157 -25.07 -26.09 1.37
C ILE B 157 -25.16 -24.62 1.76
N LEU B 158 -24.03 -23.98 1.99
CA LEU B 158 -24.06 -22.56 2.43
C LEU B 158 -23.79 -21.63 1.24
N VAL B 159 -24.76 -20.80 0.90
CA VAL B 159 -24.59 -19.84 -0.25
C VAL B 159 -24.75 -18.40 0.27
N ALA B 160 -23.83 -17.52 -0.04
CA ALA B 160 -23.94 -16.12 0.46
C ALA B 160 -23.12 -15.20 -0.46
N ALA B 161 -23.37 -13.93 -0.44
CA ALA B 161 -22.56 -13.03 -1.30
C ALA B 161 -21.13 -13.01 -0.74
N ASP B 162 -21.02 -13.04 0.57
CA ASP B 162 -19.67 -13.05 1.22
C ASP B 162 -19.85 -13.32 2.71
N LEU B 163 -18.92 -14.01 3.32
CA LEU B 163 -19.03 -14.33 4.78
C LEU B 163 -17.94 -13.58 5.58
N THR B 164 -18.29 -13.04 6.72
CA THR B 164 -17.29 -12.32 7.55
C THR B 164 -16.68 -13.29 8.57
N PRO B 165 -15.43 -13.15 8.93
CA PRO B 165 -14.78 -14.06 9.93
C PRO B 165 -15.70 -14.40 11.10
N SER B 166 -16.51 -13.47 11.54
CA SER B 166 -17.42 -13.74 12.68
C SER B 166 -18.36 -14.90 12.36
N GLU B 167 -18.86 -14.96 11.15
CA GLU B 167 -19.80 -16.06 10.81
C GLU B 167 -19.05 -17.39 10.78
N THR B 168 -17.86 -17.41 10.24
CA THR B 168 -17.10 -18.69 10.13
C THR B 168 -16.93 -19.37 11.50
N ALA B 169 -16.88 -18.62 12.56
CA ALA B 169 -16.71 -19.26 13.91
C ALA B 169 -18.02 -19.91 14.34
N GLN B 170 -19.09 -19.18 14.32
CA GLN B 170 -20.41 -19.74 14.74
C GLN B 170 -21.04 -20.45 13.57
N LEU B 171 -20.24 -21.12 12.77
CA LEU B 171 -20.77 -21.85 11.58
C LEU B 171 -20.74 -23.36 11.87
N ASN B 172 -21.78 -24.07 11.48
CA ASN B 172 -21.81 -25.55 11.72
C ASN B 172 -21.06 -26.27 10.59
N LEU B 173 -19.86 -26.70 10.84
CA LEU B 173 -19.08 -27.40 9.76
C LEU B 173 -19.75 -28.72 9.39
N LYS B 174 -20.25 -29.47 10.35
CA LYS B 174 -20.86 -30.79 10.05
C LYS B 174 -22.19 -30.65 9.29
N LYS B 175 -22.92 -29.58 9.49
CA LYS B 175 -24.23 -29.46 8.78
C LYS B 175 -24.06 -28.70 7.48
N VAL B 176 -22.90 -28.15 7.24
CA VAL B 176 -22.65 -27.44 5.93
C VAL B 176 -21.84 -28.37 5.04
N LEU B 177 -22.41 -28.82 3.96
CA LEU B 177 -21.68 -29.78 3.08
C LEU B 177 -20.77 -29.04 2.10
N GLY B 178 -20.65 -27.76 2.25
CA GLY B 178 -19.76 -27.00 1.32
C GLY B 178 -19.99 -25.51 1.50
N PHE B 179 -19.22 -24.69 0.84
CA PHE B 179 -19.38 -23.22 0.97
C PHE B 179 -19.34 -22.61 -0.43
N ILE B 180 -20.29 -21.79 -0.76
CA ILE B 180 -20.30 -21.14 -2.10
C ILE B 180 -20.56 -19.64 -1.93
N THR B 181 -19.71 -18.81 -2.47
CA THR B 181 -19.91 -17.34 -2.32
C THR B 181 -19.36 -16.59 -3.53
N ASP B 182 -19.78 -15.36 -3.69
CA ASP B 182 -19.30 -14.53 -4.84
C ASP B 182 -18.29 -13.50 -4.33
N ALA B 183 -17.62 -13.77 -3.24
CA ALA B 183 -16.64 -12.77 -2.70
C ALA B 183 -15.59 -12.40 -3.76
N GLY B 184 -14.50 -11.81 -3.33
CA GLY B 184 -13.42 -11.39 -4.26
C GLY B 184 -12.61 -12.61 -4.74
N GLY B 185 -12.11 -13.42 -3.84
CA GLY B 185 -11.34 -14.61 -4.30
C GLY B 185 -10.66 -15.30 -3.11
N ARG B 186 -9.47 -15.81 -3.32
CA ARG B 186 -8.75 -16.50 -2.22
C ARG B 186 -8.40 -15.50 -1.12
N THR B 187 -8.27 -14.25 -1.48
CA THR B 187 -7.91 -13.24 -0.45
C THR B 187 -9.03 -13.14 0.58
N SER B 188 -10.05 -13.95 0.45
CA SER B 188 -11.19 -13.91 1.41
C SER B 188 -10.95 -14.91 2.56
N HIS B 189 -11.12 -14.48 3.78
CA HIS B 189 -10.89 -15.36 4.97
C HIS B 189 -11.59 -16.72 4.78
N THR B 190 -12.86 -16.71 4.51
CA THR B 190 -13.60 -17.99 4.35
C THR B 190 -12.95 -18.87 3.26
N SER B 191 -12.43 -18.27 2.23
CA SER B 191 -11.81 -19.08 1.14
C SER B 191 -10.64 -19.91 1.69
N ILE B 192 -9.85 -19.36 2.56
CA ILE B 192 -8.71 -20.12 3.13
C ILE B 192 -9.24 -21.32 3.91
N MET B 193 -10.33 -21.15 4.60
CA MET B 193 -10.89 -22.29 5.39
C MET B 193 -11.23 -23.47 4.48
N ALA B 194 -11.79 -23.22 3.32
CA ALA B 194 -12.14 -24.36 2.42
C ALA B 194 -10.86 -25.13 2.12
N ARG B 195 -9.78 -24.43 1.87
CA ARG B 195 -8.50 -25.13 1.57
C ARG B 195 -8.10 -26.00 2.76
N SER B 196 -7.94 -25.40 3.91
CA SER B 196 -7.53 -26.16 5.12
C SER B 196 -8.58 -27.21 5.52
N LEU B 197 -9.83 -26.89 5.42
CA LEU B 197 -10.89 -27.87 5.82
C LEU B 197 -10.93 -29.00 4.78
N GLU B 198 -10.48 -28.74 3.59
CA GLU B 198 -10.50 -29.76 2.51
C GLU B 198 -11.93 -30.14 2.15
N LEU B 199 -12.76 -29.14 1.93
CA LEU B 199 -14.18 -29.39 1.54
C LEU B 199 -14.46 -28.63 0.23
N PRO B 200 -15.26 -29.16 -0.67
CA PRO B 200 -15.57 -28.47 -1.96
C PRO B 200 -16.22 -27.09 -1.75
N ALA B 201 -15.81 -26.09 -2.49
CA ALA B 201 -16.41 -24.73 -2.30
C ALA B 201 -15.96 -23.76 -3.40
N ILE B 202 -16.82 -22.79 -3.72
CA ILE B 202 -16.48 -21.74 -4.74
C ILE B 202 -16.59 -20.37 -4.07
N VAL B 203 -15.80 -19.41 -4.48
CA VAL B 203 -15.88 -18.05 -3.84
C VAL B 203 -16.02 -16.96 -4.92
N GLY B 204 -15.86 -17.31 -6.17
CA GLY B 204 -15.96 -16.31 -7.28
C GLY B 204 -17.20 -16.57 -8.14
N THR B 205 -18.20 -17.21 -7.61
CA THR B 205 -19.42 -17.51 -8.42
C THR B 205 -19.84 -16.25 -9.20
N GLY B 206 -19.81 -15.12 -8.57
CA GLY B 206 -20.18 -13.85 -9.27
C GLY B 206 -21.66 -13.51 -9.04
N SER B 207 -22.56 -14.43 -9.28
CA SER B 207 -24.01 -14.10 -9.08
C SER B 207 -24.85 -15.37 -8.92
N VAL B 208 -24.37 -16.34 -8.22
CA VAL B 208 -25.17 -17.58 -8.03
C VAL B 208 -26.28 -17.34 -6.99
N THR B 209 -25.96 -16.63 -5.93
CA THR B 209 -26.99 -16.40 -4.87
C THR B 209 -28.23 -15.71 -5.46
N SER B 210 -28.06 -14.91 -6.49
CA SER B 210 -29.24 -14.22 -7.08
C SER B 210 -30.02 -15.21 -7.95
N GLN B 211 -29.43 -16.34 -8.23
CA GLN B 211 -30.13 -17.36 -9.07
C GLN B 211 -30.66 -18.49 -8.17
N VAL B 212 -30.23 -18.52 -6.93
CA VAL B 212 -30.68 -19.63 -6.01
C VAL B 212 -31.63 -19.09 -4.93
N LYS B 213 -32.63 -19.87 -4.60
CA LYS B 213 -33.58 -19.50 -3.52
C LYS B 213 -33.32 -20.48 -2.38
N ASN B 214 -33.63 -20.16 -1.16
CA ASN B 214 -33.37 -21.14 -0.09
C ASN B 214 -34.17 -22.41 -0.38
N ASP B 215 -33.68 -23.54 0.10
CA ASP B 215 -34.38 -24.85 -0.11
C ASP B 215 -34.21 -25.36 -1.54
N ASP B 216 -33.37 -24.73 -2.31
CA ASP B 216 -33.17 -25.22 -3.72
C ASP B 216 -32.21 -26.42 -3.66
N TYR B 217 -32.42 -27.40 -4.49
CA TYR B 217 -31.50 -28.58 -4.50
C TYR B 217 -30.41 -28.31 -5.52
N LEU B 218 -29.16 -28.33 -5.10
CA LEU B 218 -28.04 -28.04 -6.04
C LEU B 218 -26.96 -29.12 -5.95
N ILE B 219 -26.30 -29.41 -7.04
CA ILE B 219 -25.20 -30.41 -7.01
C ILE B 219 -23.92 -29.65 -7.38
N LEU B 220 -22.90 -29.74 -6.56
CA LEU B 220 -21.64 -28.98 -6.85
C LEU B 220 -20.63 -29.92 -7.49
N ASP B 221 -20.22 -29.64 -8.71
CA ASP B 221 -19.22 -30.51 -9.38
C ASP B 221 -17.85 -30.23 -8.79
N ALA B 222 -17.51 -28.97 -8.61
CA ALA B 222 -16.18 -28.62 -8.04
C ALA B 222 -15.10 -29.41 -8.81
N VAL B 223 -15.47 -29.95 -9.95
CA VAL B 223 -14.50 -30.71 -10.80
C VAL B 223 -14.63 -30.15 -12.22
N ASN B 224 -15.84 -30.01 -12.69
CA ASN B 224 -16.06 -29.40 -14.04
C ASN B 224 -16.38 -27.93 -13.81
N ASN B 225 -16.37 -27.53 -12.56
CA ASN B 225 -16.67 -26.12 -12.21
C ASN B 225 -18.07 -25.76 -12.69
N GLN B 226 -19.04 -26.60 -12.43
CA GLN B 226 -20.45 -26.31 -12.88
C GLN B 226 -21.43 -26.62 -11.74
N VAL B 227 -22.58 -25.99 -11.75
CA VAL B 227 -23.61 -26.24 -10.69
C VAL B 227 -24.90 -26.66 -11.38
N TYR B 228 -25.51 -27.73 -10.94
CA TYR B 228 -26.79 -28.20 -11.57
C TYR B 228 -27.96 -27.82 -10.66
N VAL B 229 -28.90 -27.08 -11.19
CA VAL B 229 -30.08 -26.64 -10.37
C VAL B 229 -31.30 -27.51 -10.68
N ASN B 230 -31.77 -28.28 -9.73
CA ASN B 230 -32.98 -29.13 -9.98
C ASN B 230 -32.77 -30.02 -11.22
N PRO B 231 -31.62 -30.57 -11.38
CA PRO B 231 -31.29 -31.43 -12.57
C PRO B 231 -32.01 -32.78 -12.63
N THR B 232 -31.80 -33.45 -13.73
CA THR B 232 -32.36 -34.80 -13.93
C THR B 232 -31.51 -35.76 -13.09
N ASN B 233 -31.97 -36.95 -12.85
CA ASN B 233 -31.15 -37.90 -12.05
C ASN B 233 -29.89 -38.25 -12.84
N GLU B 234 -29.92 -38.09 -14.12
CA GLU B 234 -28.74 -38.40 -14.99
C GLU B 234 -27.54 -37.55 -14.53
N VAL B 235 -27.73 -36.27 -14.39
CA VAL B 235 -26.62 -35.37 -13.97
C VAL B 235 -26.16 -35.76 -12.57
N ILE B 236 -27.08 -35.96 -11.68
CA ILE B 236 -26.70 -36.36 -10.34
C ILE B 236 -25.78 -37.58 -10.36
N ASP B 237 -26.16 -38.58 -11.15
CA ASP B 237 -25.43 -39.83 -11.26
C ASP B 237 -24.03 -39.61 -11.81
N LYS B 238 -23.93 -38.84 -12.90
CA LYS B 238 -22.63 -38.45 -13.40
C LYS B 238 -21.85 -37.81 -12.30
N MET B 239 -22.50 -36.92 -11.55
CA MET B 239 -21.84 -36.20 -10.46
C MET B 239 -21.53 -37.09 -9.26
N ARG B 240 -22.27 -38.19 -9.16
CA ARG B 240 -21.93 -39.16 -8.15
C ARG B 240 -20.71 -39.98 -8.60
N ALA B 241 -20.57 -40.19 -9.90
CA ALA B 241 -19.37 -40.88 -10.37
C ALA B 241 -18.16 -39.95 -10.16
N VAL B 242 -18.39 -38.66 -10.29
CA VAL B 242 -17.30 -37.74 -10.11
C VAL B 242 -16.92 -37.73 -8.64
N GLN B 243 -17.93 -37.76 -7.78
CA GLN B 243 -17.67 -37.76 -6.36
C GLN B 243 -16.83 -38.96 -5.90
N GLU B 244 -17.11 -40.08 -6.52
CA GLU B 244 -16.46 -41.35 -6.24
C GLU B 244 -15.04 -41.38 -6.75
N GLN B 245 -14.82 -40.70 -7.88
CA GLN B 245 -13.53 -40.67 -8.52
C GLN B 245 -12.61 -39.84 -7.65
N VAL B 246 -13.18 -38.84 -7.01
CA VAL B 246 -12.45 -38.03 -6.08
C VAL B 246 -11.96 -38.90 -4.94
N ALA B 247 -12.84 -39.73 -4.39
CA ALA B 247 -12.46 -40.67 -3.32
C ALA B 247 -11.35 -41.65 -3.72
N SER B 248 -11.42 -42.20 -4.93
CA SER B 248 -10.34 -43.08 -5.40
C SER B 248 -8.95 -42.43 -5.34
N GLU B 249 -8.90 -41.17 -5.75
CA GLU B 249 -7.66 -40.41 -5.70
C GLU B 249 -7.15 -40.29 -4.27
N LYS B 250 -8.03 -39.89 -3.36
CA LYS B 250 -7.66 -39.80 -1.97
C LYS B 250 -6.99 -41.09 -1.58
N ALA B 251 -7.59 -42.20 -1.99
CA ALA B 251 -7.07 -43.52 -1.63
C ALA B 251 -5.68 -43.73 -2.21
N GLU B 252 -5.51 -43.56 -3.51
CA GLU B 252 -4.18 -43.69 -4.11
C GLU B 252 -3.15 -42.75 -3.49
N LEU B 253 -3.56 -41.51 -3.16
CA LEU B 253 -2.68 -40.45 -2.64
C LEU B 253 -2.36 -40.67 -1.17
N ALA B 254 -3.23 -41.37 -0.47
CA ALA B 254 -3.01 -41.71 0.96
C ALA B 254 -1.88 -42.66 1.12
N LYS B 255 -1.41 -43.25 0.01
CA LYS B 255 -0.24 -44.18 0.15
C LYS B 255 1.03 -43.41 0.70
N LEU B 256 1.75 -44.00 1.69
CA LEU B 256 2.96 -43.36 2.29
C LEU B 256 4.15 -44.34 2.48
N LYS B 257 5.40 -43.90 2.13
CA LYS B 257 6.61 -44.75 2.29
C LYS B 257 7.82 -44.00 2.89
N ASP B 258 8.58 -44.69 3.75
CA ASP B 258 9.78 -44.13 4.41
C ASP B 258 10.85 -43.72 3.36
N LEU B 259 11.64 -42.69 3.71
CA LEU B 259 12.63 -42.10 2.80
C LEU B 259 11.90 -41.73 1.52
N PRO B 260 10.82 -41.01 1.68
CA PRO B 260 9.94 -40.52 0.56
C PRO B 260 10.55 -39.50 -0.42
N ALA B 261 11.60 -38.77 -0.06
CA ALA B 261 12.12 -37.73 -0.96
C ALA B 261 13.42 -38.09 -1.69
N ILE B 262 13.47 -39.22 -2.41
CA ILE B 262 14.71 -39.58 -3.13
C ILE B 262 14.40 -39.81 -4.60
N THR B 263 15.11 -39.09 -5.46
CA THR B 263 15.07 -39.34 -6.87
C THR B 263 15.50 -40.79 -7.18
N LEU B 264 15.06 -41.27 -8.34
CA LEU B 264 15.50 -42.55 -8.90
C LEU B 264 16.99 -42.80 -8.72
N ASP B 265 17.80 -41.80 -9.00
CA ASP B 265 19.25 -41.92 -8.93
C ASP B 265 19.86 -41.54 -7.58
N GLY B 266 19.08 -41.55 -6.51
CA GLY B 266 19.66 -41.44 -5.15
C GLY B 266 19.83 -40.09 -4.46
N HIS B 267 19.21 -39.05 -4.99
CA HIS B 267 19.39 -37.70 -4.44
C HIS B 267 18.24 -37.46 -3.50
N GLN B 268 18.57 -37.14 -2.25
CA GLN B 268 17.56 -36.89 -1.24
C GLN B 268 17.37 -35.42 -0.89
N VAL B 269 16.11 -35.04 -0.67
CA VAL B 269 15.80 -33.70 -0.14
C VAL B 269 14.82 -33.83 1.03
N GLU B 270 14.73 -32.83 1.88
CA GLU B 270 13.70 -32.86 2.86
C GLU B 270 12.43 -32.26 2.24
N VAL B 271 11.30 -32.68 2.78
CA VAL B 271 10.03 -32.23 2.29
C VAL B 271 9.17 -32.12 3.54
N CYS B 272 8.74 -30.90 3.85
CA CYS B 272 8.16 -30.64 5.15
C CYS B 272 6.96 -29.80 4.99
N ALA B 273 6.24 -29.64 6.10
CA ALA B 273 5.05 -28.83 6.09
C ALA B 273 5.36 -27.44 6.62
N ASN B 274 4.74 -26.44 6.00
CA ASN B 274 4.63 -25.15 6.61
C ASN B 274 3.46 -25.27 7.52
N ILE B 275 3.54 -24.75 8.74
CA ILE B 275 2.36 -24.77 9.65
C ILE B 275 2.09 -23.41 10.28
N GLY B 276 0.90 -23.33 10.89
CA GLY B 276 0.47 -22.15 11.58
C GLY B 276 0.19 -22.36 13.05
N THR B 277 0.01 -23.61 13.48
CA THR B 277 -0.70 -23.96 14.72
C THR B 277 -0.50 -25.44 14.95
N VAL B 278 -0.20 -25.91 16.18
CA VAL B 278 -0.22 -27.38 16.47
C VAL B 278 -1.22 -28.16 15.63
N ARG B 279 -2.40 -27.56 15.42
CA ARG B 279 -3.46 -28.22 14.69
C ARG B 279 -3.06 -28.60 13.26
N ASP B 280 -1.99 -28.01 12.76
CA ASP B 280 -1.56 -28.25 11.41
C ASP B 280 -0.62 -29.46 11.38
N VAL B 281 -0.14 -29.86 12.56
CA VAL B 281 0.78 -30.97 12.67
C VAL B 281 0.07 -32.25 12.21
N GLU B 282 -1.22 -32.26 12.44
CA GLU B 282 -2.01 -33.39 12.09
C GLU B 282 -1.94 -33.59 10.57
N GLY B 283 -2.38 -32.59 9.80
CA GLY B 283 -2.21 -32.60 8.33
C GLY B 283 -0.80 -32.93 7.88
N ALA B 284 0.20 -32.46 8.60
CA ALA B 284 1.58 -32.71 8.21
C ALA B 284 1.94 -34.19 8.32
N GLU B 285 1.49 -34.81 9.42
CA GLU B 285 1.80 -36.20 9.66
C GLU B 285 0.99 -37.00 8.66
N ARG B 286 -0.23 -36.53 8.42
CA ARG B 286 -1.15 -37.19 7.50
C ARG B 286 -0.57 -37.30 6.08
N ASN B 287 0.17 -36.28 5.67
CA ASN B 287 0.65 -36.12 4.33
C ASN B 287 2.11 -36.44 4.17
N GLY B 288 2.69 -37.00 5.22
CA GLY B 288 4.00 -37.62 5.08
C GLY B 288 5.16 -36.67 5.23
N ALA B 289 4.90 -35.52 5.84
CA ALA B 289 5.90 -34.50 6.13
C ALA B 289 7.03 -35.10 6.92
N GLU B 290 8.27 -34.75 6.61
CA GLU B 290 9.42 -35.25 7.38
C GLU B 290 9.84 -34.28 8.49
N GLY B 291 9.11 -33.19 8.66
CA GLY B 291 9.37 -32.20 9.71
C GLY B 291 8.63 -30.95 9.30
N VAL B 292 8.83 -29.86 10.03
CA VAL B 292 8.19 -28.60 9.73
C VAL B 292 9.24 -27.61 9.25
N GLY B 293 8.99 -27.02 8.09
CA GLY B 293 9.99 -26.20 7.43
C GLY B 293 9.73 -24.74 7.73
N LEU B 294 8.55 -24.43 8.23
CA LEU B 294 8.24 -23.05 8.55
C LEU B 294 7.04 -23.02 9.45
N TYR B 295 7.23 -22.46 10.64
CA TYR B 295 6.21 -22.34 11.62
C TYR B 295 6.02 -20.86 11.65
N ARG B 296 5.03 -20.42 10.88
CA ARG B 296 4.62 -19.02 10.80
C ARG B 296 4.04 -18.66 12.15
N THR B 297 4.83 -18.05 13.01
CA THR B 297 4.34 -17.78 14.36
C THR B 297 3.25 -16.70 14.41
N GLU B 298 3.15 -15.84 13.38
CA GLU B 298 2.07 -14.85 13.29
C GLU B 298 0.75 -15.52 13.51
N PHE B 299 0.61 -16.69 12.91
CA PHE B 299 -0.66 -17.37 12.82
C PHE B 299 -1.10 -17.74 14.22
N LEU B 300 -0.13 -18.08 15.06
CA LEU B 300 -0.44 -18.33 16.43
C LEU B 300 -0.92 -17.04 17.08
N PHE B 301 -0.42 -15.91 16.63
CA PHE B 301 -0.77 -14.62 17.20
C PHE B 301 -2.16 -14.21 16.75
N MET B 302 -2.58 -14.71 15.60
CA MET B 302 -3.94 -14.41 15.12
C MET B 302 -4.89 -15.51 15.56
N ASP B 303 -4.38 -16.42 16.36
CA ASP B 303 -5.20 -17.46 16.94
C ASP B 303 -5.75 -17.03 18.31
N ARG B 304 -5.48 -15.77 18.68
CA ARG B 304 -5.74 -15.18 20.02
C ARG B 304 -6.25 -13.74 19.90
N ASP B 305 -6.92 -13.18 20.95
CA ASP B 305 -7.28 -11.75 20.89
C ASP B 305 -6.41 -10.84 21.76
N ALA B 306 -5.21 -11.31 22.07
CA ALA B 306 -4.21 -10.52 22.80
C ALA B 306 -2.86 -10.98 22.35
N LEU B 307 -1.85 -10.13 22.55
CA LEU B 307 -0.46 -10.51 22.24
C LEU B 307 -0.01 -11.61 23.20
N PRO B 308 0.47 -12.75 22.66
CA PRO B 308 0.85 -13.85 23.56
C PRO B 308 2.17 -13.61 24.26
N THR B 309 2.17 -13.74 25.57
CA THR B 309 3.31 -13.42 26.39
C THR B 309 4.41 -14.42 26.18
N GLU B 310 5.53 -14.20 26.84
CA GLU B 310 6.56 -15.19 26.76
C GLU B 310 5.99 -16.57 27.09
N GLU B 311 5.26 -16.63 28.19
CA GLU B 311 4.77 -17.91 28.72
C GLU B 311 3.77 -18.58 27.74
N GLU B 312 2.87 -17.78 27.16
CA GLU B 312 1.88 -18.36 26.26
C GLU B 312 2.58 -18.87 25.02
N GLN B 313 3.62 -18.16 24.61
CA GLN B 313 4.33 -18.52 23.40
C GLN B 313 5.10 -19.80 23.65
N PHE B 314 5.79 -19.81 24.78
CA PHE B 314 6.54 -20.95 25.17
C PHE B 314 5.66 -22.19 25.11
N ALA B 315 4.43 -22.09 25.65
CA ALA B 315 3.56 -23.24 25.79
C ALA B 315 3.17 -23.73 24.42
N ALA B 316 2.83 -22.77 23.58
CA ALA B 316 2.40 -22.99 22.23
C ALA B 316 3.52 -23.66 21.46
N TYR B 317 4.74 -23.14 21.61
CA TYR B 317 5.92 -23.71 20.95
C TYR B 317 6.22 -25.10 21.44
N LYS B 318 6.10 -25.29 22.76
CA LYS B 318 6.37 -26.57 23.45
C LYS B 318 5.42 -27.58 22.87
N ALA B 319 4.13 -27.24 22.84
CA ALA B 319 3.16 -28.16 22.28
C ALA B 319 3.59 -28.59 20.88
N VAL B 320 3.97 -27.63 20.03
CA VAL B 320 4.27 -27.94 18.65
C VAL B 320 5.46 -28.89 18.67
N ALA B 321 6.51 -28.49 19.38
CA ALA B 321 7.74 -29.26 19.44
C ALA B 321 7.45 -30.69 19.82
N GLU B 322 6.43 -30.85 20.63
CA GLU B 322 6.10 -32.15 21.14
C GLU B 322 5.14 -32.86 20.21
N ALA B 323 4.22 -32.14 19.61
CA ALA B 323 3.34 -32.75 18.63
C ALA B 323 4.11 -33.15 17.41
N CYS B 324 5.36 -32.71 17.32
CA CYS B 324 6.17 -33.13 16.21
C CYS B 324 7.09 -34.28 16.50
N GLY B 325 7.09 -34.77 17.73
CA GLY B 325 7.87 -35.94 18.08
C GLY B 325 9.34 -35.73 17.83
N SER B 326 9.92 -36.60 17.03
CA SER B 326 11.34 -36.57 16.78
C SER B 326 11.67 -35.44 15.84
N GLN B 327 10.65 -34.95 15.12
CA GLN B 327 10.88 -34.04 13.99
C GLN B 327 11.26 -32.60 14.36
N ALA B 328 12.01 -31.99 13.47
CA ALA B 328 12.53 -30.63 13.63
C ALA B 328 11.49 -29.61 13.19
N VAL B 329 11.28 -28.56 13.97
CA VAL B 329 10.42 -27.47 13.54
C VAL B 329 11.25 -26.20 13.30
N ILE B 330 11.05 -25.55 12.17
CA ILE B 330 11.72 -24.28 11.92
C ILE B 330 10.74 -23.18 12.31
N VAL B 331 10.96 -22.63 13.50
CA VAL B 331 10.09 -21.66 14.09
C VAL B 331 10.54 -20.32 13.55
N ARG B 332 9.69 -19.66 12.77
CA ARG B 332 10.07 -18.34 12.27
C ARG B 332 9.56 -17.34 13.26
N THR B 333 10.41 -16.40 13.60
CA THR B 333 9.95 -15.29 14.43
C THR B 333 8.95 -14.52 13.59
N MET B 334 8.20 -13.71 14.30
CA MET B 334 6.91 -13.20 13.87
C MET B 334 6.97 -12.27 12.67
N ASP B 335 6.01 -12.45 11.75
CA ASP B 335 5.95 -11.66 10.56
C ASP B 335 4.57 -11.05 10.40
N ILE B 336 4.38 -9.94 11.09
CA ILE B 336 3.21 -9.15 10.97
C ILE B 336 3.50 -7.95 10.08
N GLY B 337 2.52 -7.53 9.27
CA GLY B 337 2.58 -6.21 8.69
C GLY B 337 2.58 -6.00 7.18
N GLY B 338 2.28 -7.04 6.42
CA GLY B 338 2.06 -6.77 5.02
C GLY B 338 0.58 -6.96 4.92
N ASP B 339 0.16 -7.99 4.22
CA ASP B 339 -1.24 -8.35 4.29
C ASP B 339 -1.57 -9.07 5.59
N LYS B 340 -0.63 -9.24 6.51
CA LYS B 340 -1.00 -9.83 7.80
C LYS B 340 -0.86 -8.92 9.03
N GLU B 341 -1.90 -8.14 9.21
CA GLU B 341 -1.97 -7.37 10.38
C GLU B 341 -2.57 -8.23 11.47
N LEU B 342 -2.22 -7.96 12.72
CA LEU B 342 -3.10 -8.34 13.80
C LEU B 342 -3.77 -7.12 14.41
N PRO B 343 -5.07 -6.99 14.13
CA PRO B 343 -5.95 -5.91 14.55
C PRO B 343 -5.71 -5.54 16.01
N TYR B 344 -5.59 -6.52 16.90
CA TYR B 344 -5.34 -6.17 18.31
C TYR B 344 -4.11 -5.30 18.59
N MET B 345 -3.24 -5.16 17.59
CA MET B 345 -2.04 -4.33 17.79
C MET B 345 -2.32 -2.89 17.49
N ASN B 346 -3.40 -2.65 16.76
CA ASN B 346 -3.79 -1.28 16.39
C ASN B 346 -2.67 -0.47 15.76
N PHE B 347 -1.75 -1.14 15.08
CA PHE B 347 -0.70 -0.41 14.40
C PHE B 347 -1.33 0.59 13.47
N PRO B 348 -0.61 1.68 13.17
CA PRO B 348 -1.14 2.65 12.21
C PRO B 348 -1.08 2.15 10.77
N LYS B 349 -1.91 2.74 9.91
CA LYS B 349 -1.93 2.38 8.50
C LYS B 349 -0.68 2.83 7.80
N GLU B 350 -0.36 2.11 6.72
CA GLU B 350 0.76 2.42 5.84
C GLU B 350 0.34 2.48 4.38
N GLU B 351 1.02 3.32 3.64
CA GLU B 351 0.74 3.47 2.25
C GLU B 351 1.06 2.18 1.47
N ASN B 352 2.11 1.47 1.87
CA ASN B 352 2.43 0.17 1.24
C ASN B 352 2.81 -0.82 2.32
N PRO B 353 1.81 -1.50 2.89
CA PRO B 353 2.17 -2.36 3.99
C PRO B 353 3.28 -3.31 3.59
N PHE B 354 3.24 -3.83 2.38
CA PHE B 354 4.22 -4.83 1.98
C PHE B 354 5.64 -4.33 1.81
N LEU B 355 5.78 -3.02 1.69
CA LEU B 355 7.07 -2.35 1.77
C LEU B 355 7.20 -1.53 3.05
N GLY B 356 6.53 -1.97 4.10
CA GLY B 356 6.46 -1.15 5.31
C GLY B 356 7.11 -1.79 6.51
N TRP B 357 6.49 -1.54 7.65
CA TRP B 357 7.04 -1.80 8.95
C TRP B 357 6.61 -3.19 9.36
N ARG B 358 7.33 -4.13 8.80
CA ARG B 358 6.91 -5.52 8.75
C ARG B 358 7.90 -6.44 9.50
N ALA B 359 7.33 -7.41 10.25
CA ALA B 359 8.10 -8.54 10.77
C ALA B 359 9.16 -8.04 11.68
N ILE B 360 10.39 -8.24 11.25
CA ILE B 360 11.58 -7.95 12.07
C ILE B 360 11.79 -6.45 12.35
N ARG B 361 11.17 -5.66 11.51
CA ARG B 361 11.28 -4.26 11.63
C ARG B 361 10.53 -3.79 12.85
N ILE B 362 9.53 -4.58 13.24
CA ILE B 362 8.73 -4.30 14.45
C ILE B 362 9.46 -4.84 15.69
N ALA B 363 9.86 -6.10 15.62
CA ALA B 363 10.43 -6.70 16.78
C ALA B 363 11.71 -5.94 17.18
N MET B 364 12.37 -5.33 16.20
CA MET B 364 13.53 -4.48 16.50
C MET B 364 13.17 -3.08 16.96
N ASP B 365 11.95 -2.65 16.71
CA ASP B 365 11.58 -1.35 17.24
C ASP B 365 10.83 -1.51 18.53
N ARG B 366 10.58 -2.74 18.92
CA ARG B 366 9.90 -2.98 20.16
C ARG B 366 10.44 -4.24 20.72
N ARG B 367 11.58 -4.15 21.39
CA ARG B 367 12.29 -5.31 21.88
C ARG B 367 11.46 -6.27 22.73
N GLU B 368 10.58 -5.76 23.59
CA GLU B 368 9.75 -6.67 24.38
C GLU B 368 9.18 -7.82 23.47
N ILE B 369 8.91 -7.53 22.20
CA ILE B 369 8.25 -8.49 21.28
C ILE B 369 9.27 -9.54 20.82
N LEU B 370 10.36 -9.05 20.25
CA LEU B 370 11.45 -9.86 19.91
C LEU B 370 11.93 -10.69 21.13
N ARG B 371 12.05 -10.06 22.30
CA ARG B 371 12.61 -10.73 23.46
C ARG B 371 11.73 -11.87 24.01
N ASP B 372 10.45 -11.56 24.25
CA ASP B 372 9.50 -12.52 24.73
C ASP B 372 9.59 -13.67 23.80
N GLN B 373 9.50 -13.39 22.51
CA GLN B 373 9.42 -14.48 21.54
C GLN B 373 10.68 -15.32 21.52
N LEU B 374 11.83 -14.71 21.32
CA LEU B 374 13.05 -15.50 21.25
C LEU B 374 13.30 -16.27 22.53
N ARG B 375 13.15 -15.60 23.67
CA ARG B 375 13.06 -16.26 24.96
C ARG B 375 12.18 -17.54 24.92
N ALA B 376 10.90 -17.37 24.56
CA ALA B 376 9.99 -18.49 24.43
C ALA B 376 10.50 -19.58 23.50
N ILE B 377 11.01 -19.24 22.32
CA ILE B 377 11.49 -20.27 21.40
C ILE B 377 12.61 -21.03 22.08
N LEU B 378 13.63 -20.31 22.53
CA LEU B 378 14.76 -20.97 23.15
C LEU B 378 14.27 -21.93 24.22
N ARG B 379 13.41 -21.44 25.09
CA ARG B 379 13.02 -22.25 26.20
C ARG B 379 12.30 -23.47 25.68
N ALA B 380 11.47 -23.30 24.63
CA ALA B 380 10.75 -24.44 24.05
C ALA B 380 11.71 -25.46 23.43
N SER B 381 12.91 -25.03 23.03
CA SER B 381 13.87 -25.92 22.42
C SER B 381 14.41 -26.92 23.41
N ALA B 382 14.06 -26.76 24.68
CA ALA B 382 14.46 -27.75 25.66
C ALA B 382 13.58 -28.96 25.53
N PHE B 383 12.64 -28.93 24.58
CA PHE B 383 11.59 -29.95 24.53
C PHE B 383 11.40 -30.64 23.21
N GLY B 384 12.24 -30.30 22.22
CA GLY B 384 12.14 -30.92 20.92
C GLY B 384 13.03 -30.17 20.01
N LYS B 385 13.42 -30.76 18.87
CA LYS B 385 14.32 -30.06 17.94
C LYS B 385 13.64 -28.84 17.31
N LEU B 386 14.08 -27.66 17.68
CA LEU B 386 13.60 -26.43 17.07
C LEU B 386 14.75 -25.71 16.41
N ARG B 387 14.45 -25.01 15.32
CA ARG B 387 15.35 -24.02 14.75
C ARG B 387 14.68 -22.65 14.82
N ILE B 388 15.49 -21.58 14.82
CA ILE B 388 15.00 -20.20 14.77
C ILE B 388 15.30 -19.64 13.40
N MET B 389 14.32 -18.95 12.83
CA MET B 389 14.55 -18.35 11.55
C MET B 389 13.89 -17.02 11.60
N PHE B 390 14.47 -16.06 10.91
CA PHE B 390 14.01 -14.67 10.85
C PHE B 390 13.45 -14.30 9.50
N PRO B 391 12.31 -13.61 9.49
CA PRO B 391 11.64 -13.10 8.29
C PRO B 391 12.14 -11.74 7.84
N MET B 392 11.94 -11.38 6.56
CA MET B 392 12.20 -10.02 6.06
C MET B 392 13.59 -9.46 6.24
N ILE B 393 14.57 -10.33 6.36
CA ILE B 393 15.96 -9.93 6.42
C ILE B 393 16.43 -9.24 5.14
N ILE B 394 17.16 -8.14 5.33
CA ILE B 394 17.55 -7.29 4.23
C ILE B 394 19.03 -6.96 4.17
N SER B 395 19.72 -7.16 5.30
CA SER B 395 21.10 -6.75 5.42
C SER B 395 21.88 -7.67 6.35
N VAL B 396 23.20 -7.69 6.24
CA VAL B 396 23.99 -8.35 7.24
C VAL B 396 23.84 -7.61 8.56
N GLU B 397 23.74 -6.28 8.51
CA GLU B 397 23.48 -5.52 9.74
C GLU B 397 22.37 -6.15 10.61
N GLU B 398 21.19 -6.33 9.99
CA GLU B 398 20.04 -6.91 10.71
C GLU B 398 20.38 -8.24 11.39
N VAL B 399 20.94 -9.17 10.64
CA VAL B 399 21.29 -10.49 11.23
C VAL B 399 22.23 -10.42 12.45
N ARG B 400 23.29 -9.63 12.35
CA ARG B 400 24.18 -9.51 13.47
C ARG B 400 23.47 -8.90 14.67
N ALA B 401 22.54 -7.98 14.45
CA ALA B 401 21.93 -7.31 15.58
C ALA B 401 21.02 -8.29 16.31
N LEU B 402 20.46 -9.23 15.56
CA LEU B 402 19.51 -10.19 16.08
C LEU B 402 20.20 -11.39 16.76
N ARG B 403 21.32 -11.84 16.20
CA ARG B 403 22.16 -12.87 16.83
C ARG B 403 22.69 -12.40 18.16
N LYS B 404 23.10 -11.14 18.18
CA LYS B 404 23.55 -10.50 19.38
C LYS B 404 22.43 -10.52 20.39
N GLU B 405 21.24 -10.17 19.91
CA GLU B 405 20.06 -10.31 20.72
C GLU B 405 19.89 -11.75 21.24
N ILE B 406 19.87 -12.74 20.36
CA ILE B 406 19.79 -14.12 20.82
C ILE B 406 20.79 -14.36 21.97
N GLU B 407 22.07 -14.08 21.73
CA GLU B 407 23.08 -14.30 22.72
C GLU B 407 22.77 -13.68 24.08
N ILE B 408 22.14 -12.51 24.09
CA ILE B 408 21.74 -11.88 25.34
C ILE B 408 20.61 -12.67 26.01
N TYR B 409 19.58 -12.98 25.25
CA TYR B 409 18.50 -13.78 25.73
C TYR B 409 18.97 -15.15 26.15
N LYS B 410 20.01 -15.69 25.53
CA LYS B 410 20.50 -17.01 25.90
C LYS B 410 21.06 -16.94 27.30
N GLN B 411 21.83 -15.91 27.60
CA GLN B 411 22.47 -15.78 28.90
C GLN B 411 21.46 -15.63 29.99
N GLU B 412 20.49 -14.75 29.76
CA GLU B 412 19.45 -14.55 30.73
C GLU B 412 18.84 -15.90 31.09
N LEU B 413 18.43 -16.68 30.10
CA LEU B 413 17.94 -18.02 30.40
C LEU B 413 18.91 -18.84 31.26
N ARG B 414 20.17 -18.98 30.81
CA ARG B 414 21.25 -19.57 31.64
C ARG B 414 21.24 -19.08 33.09
N ASP B 415 21.02 -17.79 33.29
CA ASP B 415 21.04 -17.18 34.60
C ASP B 415 19.80 -17.42 35.43
N GLU B 416 18.71 -17.75 34.76
CA GLU B 416 17.45 -18.00 35.45
C GLU B 416 17.22 -19.50 35.65
N GLY B 417 18.22 -20.33 35.31
CA GLY B 417 18.17 -21.79 35.50
C GLY B 417 17.10 -22.43 34.61
N LYS B 418 17.14 -21.99 33.35
CA LYS B 418 16.19 -22.37 32.31
C LYS B 418 16.92 -22.98 31.08
N ALA B 419 16.73 -24.29 30.90
CA ALA B 419 17.32 -25.05 29.81
C ALA B 419 16.87 -24.49 28.47
N PHE B 420 17.79 -24.56 27.51
CA PHE B 420 17.51 -24.36 26.13
C PHE B 420 18.58 -25.15 25.40
N ASP B 421 18.24 -25.57 24.18
CA ASP B 421 19.11 -26.39 23.37
C ASP B 421 20.26 -25.47 23.03
N GLU B 422 21.45 -25.75 23.55
CA GLU B 422 22.63 -24.93 23.22
C GLU B 422 23.05 -25.11 21.77
N SER B 423 22.55 -26.14 21.09
CA SER B 423 22.87 -26.46 19.71
C SER B 423 22.02 -25.71 18.72
N ILE B 424 21.17 -24.81 19.21
CA ILE B 424 20.02 -24.38 18.42
C ILE B 424 20.50 -23.62 17.22
N GLU B 425 19.97 -24.02 16.06
CA GLU B 425 20.44 -23.43 14.84
C GLU B 425 19.57 -22.27 14.45
N ILE B 426 20.24 -21.30 13.84
CA ILE B 426 19.67 -20.05 13.49
C ILE B 426 19.84 -19.82 11.99
N GLY B 427 18.78 -19.40 11.32
CA GLY B 427 18.86 -19.12 9.89
C GLY B 427 18.02 -17.91 9.51
N VAL B 428 17.85 -17.67 8.23
CA VAL B 428 17.14 -16.49 7.83
C VAL B 428 16.30 -16.80 6.64
N MET B 429 15.18 -16.10 6.53
CA MET B 429 14.35 -16.17 5.35
C MET B 429 15.16 -15.43 4.32
N VAL B 430 15.34 -15.98 3.13
CA VAL B 430 15.81 -15.15 2.03
C VAL B 430 14.57 -14.87 1.18
N GLU B 431 13.93 -13.72 1.36
CA GLU B 431 12.69 -13.47 0.67
C GLU B 431 12.64 -12.04 0.20
N THR B 432 13.77 -11.41 0.33
CA THR B 432 14.05 -10.09 -0.14
C THR B 432 15.17 -10.23 -1.24
N PRO B 433 15.11 -9.39 -2.31
CA PRO B 433 16.14 -9.36 -3.32
C PRO B 433 17.43 -8.87 -2.71
N ALA B 434 17.37 -8.03 -1.70
CA ALA B 434 18.55 -7.69 -0.93
C ALA B 434 19.21 -8.93 -0.41
N ALA B 435 18.47 -9.68 0.40
CA ALA B 435 19.04 -10.90 0.99
C ALA B 435 19.62 -11.77 -0.10
N ALA B 436 18.87 -11.90 -1.19
CA ALA B 436 19.30 -12.80 -2.24
C ALA B 436 20.64 -12.33 -2.76
N THR B 437 20.77 -11.01 -2.92
CA THR B 437 21.99 -10.38 -3.46
C THR B 437 23.26 -10.53 -2.60
N ILE B 438 23.05 -10.55 -1.29
CA ILE B 438 24.14 -10.61 -0.35
C ILE B 438 24.10 -11.98 0.31
N ALA B 439 23.42 -12.89 -0.35
CA ALA B 439 23.39 -14.26 0.14
C ALA B 439 24.78 -14.73 0.57
N ARG B 440 25.85 -14.40 -0.16
CA ARG B 440 27.16 -14.97 0.21
C ARG B 440 27.47 -14.47 1.57
N HIS B 441 27.46 -13.15 1.74
CA HIS B 441 27.68 -12.54 3.05
C HIS B 441 26.82 -13.08 4.16
N LEU B 442 25.54 -13.33 3.88
CA LEU B 442 24.61 -13.77 4.94
C LEU B 442 24.90 -15.21 5.34
N ALA B 443 25.29 -16.03 4.36
CA ALA B 443 25.59 -17.45 4.57
C ALA B 443 26.69 -17.75 5.62
N LYS B 444 27.64 -16.83 5.78
CA LYS B 444 28.66 -16.92 6.85
C LYS B 444 28.03 -16.70 8.17
N GLU B 445 26.89 -16.04 8.19
CA GLU B 445 26.37 -15.50 9.45
C GLU B 445 25.22 -16.33 10.00
N VAL B 446 24.71 -17.28 9.22
CA VAL B 446 23.59 -18.09 9.65
C VAL B 446 23.87 -19.53 9.37
N ASP B 447 23.05 -20.42 9.94
CA ASP B 447 23.18 -21.87 9.70
C ASP B 447 22.43 -22.35 8.51
N PHE B 448 21.48 -21.55 8.04
CA PHE B 448 20.67 -22.01 6.94
C PHE B 448 19.83 -20.91 6.35
N PHE B 449 19.14 -21.22 5.26
CA PHE B 449 18.29 -20.27 4.55
C PHE B 449 17.08 -21.01 4.21
N SER B 450 15.95 -20.31 4.22
CA SER B 450 14.77 -20.76 3.56
C SER B 450 14.31 -19.64 2.65
N ILE B 451 14.14 -19.93 1.36
CA ILE B 451 13.76 -18.88 0.41
C ILE B 451 12.25 -18.67 0.41
N GLY B 452 11.84 -17.44 0.73
CA GLY B 452 10.43 -17.13 0.66
C GLY B 452 10.14 -16.56 -0.71
N THR B 453 9.67 -17.40 -1.62
CA THR B 453 9.43 -16.95 -2.97
C THR B 453 8.17 -16.09 -3.12
N ASN B 454 7.26 -16.18 -2.17
CA ASN B 454 6.07 -15.33 -2.25
C ASN B 454 6.51 -13.89 -2.17
N ASP B 455 7.28 -13.60 -1.13
CA ASP B 455 7.84 -12.30 -1.01
C ASP B 455 8.89 -11.97 -2.07
N LEU B 456 9.92 -12.80 -2.22
CA LEU B 456 10.94 -12.60 -3.22
C LEU B 456 10.33 -12.30 -4.62
N THR B 457 9.33 -13.04 -5.00
CA THR B 457 8.71 -12.78 -6.25
C THR B 457 8.20 -11.35 -6.19
N GLN B 458 7.45 -11.07 -5.14
CA GLN B 458 6.78 -9.80 -4.94
C GLN B 458 7.74 -8.67 -5.14
N TYR B 459 8.90 -8.69 -4.47
CA TYR B 459 9.82 -7.54 -4.55
C TYR B 459 10.68 -7.54 -5.77
N THR B 460 10.95 -8.71 -6.29
CA THR B 460 11.82 -8.76 -7.42
C THR B 460 11.01 -8.23 -8.60
N LEU B 461 9.75 -8.64 -8.69
CA LEU B 461 8.89 -8.18 -9.77
C LEU B 461 8.09 -6.95 -9.38
N ALA B 462 8.21 -6.47 -8.15
CA ALA B 462 7.31 -5.38 -7.71
C ALA B 462 5.87 -5.63 -8.07
N VAL B 463 5.40 -6.83 -7.79
CA VAL B 463 4.00 -7.11 -7.91
C VAL B 463 3.43 -7.64 -6.61
N ASP B 464 2.38 -6.93 -6.17
CA ASP B 464 1.75 -7.16 -4.91
C ASP B 464 1.07 -8.52 -5.00
N ARG B 465 1.41 -9.37 -4.04
CA ARG B 465 0.84 -10.70 -3.92
C ARG B 465 -0.66 -10.67 -3.81
N GLY B 466 -1.19 -9.53 -3.37
CA GLY B 466 -2.62 -9.34 -3.14
C GLY B 466 -3.36 -8.82 -4.35
N ASN B 467 -2.65 -8.29 -5.35
CA ASN B 467 -3.27 -7.47 -6.40
C ASN B 467 -3.67 -8.29 -7.64
N ASP B 468 -4.95 -8.63 -7.75
CA ASP B 468 -5.43 -9.47 -8.85
C ASP B 468 -5.31 -8.79 -10.21
N MET B 469 -5.49 -7.47 -10.22
CA MET B 469 -5.34 -6.73 -11.45
C MET B 469 -4.02 -6.97 -12.18
N ILE B 470 -2.92 -7.13 -11.45
CA ILE B 470 -1.66 -7.49 -12.09
C ILE B 470 -1.20 -8.90 -11.80
N SER B 471 -2.09 -9.76 -11.34
CA SER B 471 -1.61 -11.08 -10.97
C SER B 471 -0.81 -11.74 -12.10
N HIS B 472 -1.15 -11.43 -13.35
CA HIS B 472 -0.54 -12.11 -14.49
C HIS B 472 0.97 -11.87 -14.55
N LEU B 473 1.42 -10.82 -13.85
CA LEU B 473 2.84 -10.47 -13.73
C LEU B 473 3.49 -11.09 -12.52
N TYR B 474 2.73 -11.79 -11.69
CA TYR B 474 3.34 -12.34 -10.52
C TYR B 474 3.86 -13.68 -10.93
N GLN B 475 5.16 -13.75 -11.21
CA GLN B 475 5.72 -15.00 -11.74
C GLN B 475 6.89 -15.41 -10.99
N PRO B 476 6.73 -16.35 -10.06
CA PRO B 476 7.94 -16.80 -9.37
C PRO B 476 8.74 -17.65 -10.35
N MET B 477 8.16 -17.97 -11.50
CA MET B 477 8.87 -18.73 -12.47
C MET B 477 9.34 -17.85 -13.57
N SER B 478 10.08 -16.84 -13.15
CA SER B 478 10.72 -15.93 -14.04
C SER B 478 12.16 -16.27 -14.05
N PRO B 479 12.81 -16.01 -15.18
CA PRO B 479 14.26 -16.09 -15.21
C PRO B 479 14.87 -15.21 -14.11
N SER B 480 14.16 -14.16 -13.71
CA SER B 480 14.68 -13.31 -12.63
C SER B 480 14.58 -13.92 -11.21
N VAL B 481 13.50 -14.59 -10.91
CA VAL B 481 13.39 -15.13 -9.58
C VAL B 481 14.24 -16.41 -9.49
N LEU B 482 14.24 -17.19 -10.56
CA LEU B 482 14.99 -18.46 -10.56
C LEU B 482 16.46 -18.19 -10.37
N ASN B 483 16.99 -17.28 -11.16
CA ASN B 483 18.37 -16.90 -10.97
C ASN B 483 18.74 -16.51 -9.53
N LEU B 484 17.93 -15.67 -8.92
CA LEU B 484 18.09 -15.30 -7.53
C LEU B 484 17.96 -16.47 -6.60
N ILE B 485 17.05 -17.40 -6.87
CA ILE B 485 17.00 -18.69 -6.13
C ILE B 485 18.33 -19.48 -6.21
N LYS B 486 18.84 -19.64 -7.42
CA LYS B 486 20.07 -20.36 -7.63
C LYS B 486 21.19 -19.73 -6.85
N GLN B 487 21.14 -18.42 -6.80
CA GLN B 487 22.27 -17.68 -6.35
C GLN B 487 22.32 -17.92 -4.83
N VAL B 488 21.12 -18.04 -4.23
CA VAL B 488 20.98 -18.25 -2.80
C VAL B 488 21.40 -19.66 -2.40
N ILE B 489 20.88 -20.64 -3.14
CA ILE B 489 21.20 -22.03 -2.90
C ILE B 489 22.73 -22.16 -2.91
N ASP B 490 23.34 -21.66 -3.98
CA ASP B 490 24.77 -21.71 -4.15
C ASP B 490 25.48 -21.07 -2.98
N ALA B 491 25.05 -19.87 -2.59
CA ALA B 491 25.61 -19.25 -1.38
C ALA B 491 25.65 -20.26 -0.25
N SER B 492 24.49 -20.84 0.12
CA SER B 492 24.41 -21.90 1.14
C SER B 492 25.52 -22.88 1.01
N HIS B 493 25.60 -23.46 -0.19
CA HIS B 493 26.42 -24.62 -0.38
C HIS B 493 27.86 -24.21 -0.30
N ALA B 494 28.14 -22.98 -0.74
CA ALA B 494 29.51 -22.55 -0.71
C ALA B 494 30.00 -22.48 0.74
N GLU B 495 29.11 -22.15 1.70
CA GLU B 495 29.52 -22.16 3.12
C GLU B 495 29.33 -23.49 3.77
N GLY B 496 28.85 -24.48 3.02
CA GLY B 496 28.54 -25.79 3.60
C GLY B 496 27.27 -25.79 4.43
N LYS B 497 26.40 -24.82 4.22
CA LYS B 497 25.04 -24.81 4.76
C LYS B 497 24.08 -25.22 3.69
N TRP B 498 22.81 -25.12 3.99
CA TRP B 498 21.77 -25.59 3.12
C TRP B 498 20.64 -24.57 2.98
N THR B 499 19.91 -24.67 1.90
CA THR B 499 18.83 -23.79 1.69
C THR B 499 17.62 -24.65 1.59
N GLY B 500 16.58 -24.23 2.30
CA GLY B 500 15.25 -24.77 2.09
C GLY B 500 14.40 -23.74 1.42
N MET B 501 13.15 -24.07 1.18
CA MET B 501 12.18 -23.19 0.55
C MET B 501 10.79 -23.38 1.14
N CYS B 502 10.23 -22.33 1.73
CA CYS B 502 8.87 -22.41 2.24
C CYS B 502 7.88 -21.60 1.44
N GLY B 503 8.37 -20.79 0.53
CA GLY B 503 7.49 -20.16 -0.45
C GLY B 503 6.72 -21.21 -1.21
N GLU B 504 5.62 -20.75 -1.83
CA GLU B 504 4.71 -21.66 -2.51
C GLU B 504 5.30 -22.38 -3.73
N LEU B 505 6.40 -21.85 -4.26
CA LEU B 505 7.10 -22.57 -5.31
C LEU B 505 7.51 -23.98 -4.94
N ALA B 506 7.96 -24.17 -3.71
CA ALA B 506 8.34 -25.49 -3.19
C ALA B 506 7.24 -26.46 -3.46
N GLY B 507 6.00 -26.03 -3.21
CA GLY B 507 4.84 -26.89 -3.40
C GLY B 507 4.26 -26.89 -4.79
N ASP B 508 4.87 -26.15 -5.72
CA ASP B 508 4.33 -25.98 -7.08
C ASP B 508 4.89 -27.09 -8.01
N GLU B 509 4.01 -27.98 -8.51
CA GLU B 509 4.39 -29.10 -9.40
C GLU B 509 5.31 -28.71 -10.55
N ARG B 510 5.34 -27.43 -10.88
CA ARG B 510 6.00 -26.99 -12.10
C ARG B 510 7.42 -26.55 -11.85
N ALA B 511 7.73 -26.35 -10.57
CA ALA B 511 9.05 -25.94 -10.23
C ALA B 511 9.87 -27.11 -9.67
N THR B 512 9.18 -28.17 -9.28
CA THR B 512 9.82 -29.24 -8.55
C THR B 512 11.11 -29.73 -9.20
N LEU B 513 11.09 -30.06 -10.51
CA LEU B 513 12.34 -30.45 -11.20
C LEU B 513 13.43 -29.38 -11.21
N LEU B 514 13.04 -28.12 -11.32
CA LEU B 514 14.01 -27.02 -11.28
C LEU B 514 14.57 -26.81 -9.90
N LEU B 515 13.69 -26.69 -8.93
CA LEU B 515 14.12 -26.57 -7.56
C LEU B 515 15.08 -27.69 -7.25
N LEU B 516 14.69 -28.91 -7.61
CA LEU B 516 15.57 -30.06 -7.40
C LEU B 516 16.92 -29.92 -8.13
N GLY B 517 16.87 -29.60 -9.43
CA GLY B 517 18.06 -29.54 -10.26
C GLY B 517 19.00 -28.46 -9.78
N MET B 518 18.41 -27.41 -9.21
CA MET B 518 19.17 -26.28 -8.74
C MET B 518 19.78 -26.56 -7.40
N GLY B 519 19.49 -27.74 -6.83
CA GLY B 519 20.12 -28.21 -5.61
C GLY B 519 19.47 -27.83 -4.29
N LEU B 520 18.24 -27.32 -4.35
CA LEU B 520 17.51 -26.99 -3.15
C LEU B 520 17.50 -28.19 -2.23
N ASP B 521 17.77 -27.95 -0.94
CA ASP B 521 17.99 -29.03 0.04
C ASP B 521 16.72 -29.43 0.68
N GLU B 522 15.82 -28.46 0.78
CA GLU B 522 14.65 -28.64 1.59
C GLU B 522 13.44 -27.97 1.00
N PHE B 523 12.31 -28.68 0.98
CA PHE B 523 11.08 -28.08 0.48
C PHE B 523 10.09 -28.01 1.59
N SER B 524 9.40 -26.89 1.73
CA SER B 524 8.39 -26.88 2.78
C SER B 524 7.13 -26.25 2.27
N MET B 525 5.99 -26.89 2.52
CA MET B 525 4.80 -26.46 1.85
C MET B 525 3.60 -26.72 2.69
N SER B 526 2.44 -26.28 2.18
CA SER B 526 1.21 -26.80 2.68
C SER B 526 1.38 -28.30 2.69
N ALA B 527 0.95 -28.91 3.79
CA ALA B 527 1.00 -30.36 3.92
C ALA B 527 0.35 -31.05 2.70
N ILE B 528 -0.81 -30.56 2.27
CA ILE B 528 -1.50 -31.17 1.13
C ILE B 528 -0.65 -31.31 -0.12
N SER B 529 0.43 -30.57 -0.24
CA SER B 529 1.23 -30.65 -1.45
C SER B 529 2.34 -31.63 -1.33
N ILE B 530 2.53 -32.14 -0.13
CA ILE B 530 3.67 -32.99 0.11
C ILE B 530 3.69 -34.22 -0.81
N PRO B 531 2.57 -34.97 -0.88
CA PRO B 531 2.61 -36.14 -1.79
C PRO B 531 2.83 -35.82 -3.28
N ARG B 532 2.24 -34.74 -3.84
CA ARG B 532 2.43 -34.47 -5.28
C ARG B 532 3.89 -34.27 -5.57
N ILE B 533 4.52 -33.50 -4.71
CA ILE B 533 5.88 -33.15 -4.90
C ILE B 533 6.79 -34.35 -4.61
N LYS B 534 6.51 -35.06 -3.54
CA LYS B 534 7.24 -36.27 -3.23
C LYS B 534 7.21 -37.14 -4.51
N LYS B 535 6.01 -37.34 -5.08
CA LYS B 535 5.84 -38.19 -6.25
C LYS B 535 6.73 -37.79 -7.39
N ILE B 536 6.78 -36.48 -7.66
CA ILE B 536 7.60 -35.95 -8.72
C ILE B 536 9.06 -36.23 -8.42
N ILE B 537 9.41 -36.16 -7.14
CA ILE B 537 10.81 -36.27 -6.75
C ILE B 537 11.23 -37.69 -6.89
N ARG B 538 10.36 -38.58 -6.42
CA ARG B 538 10.67 -39.98 -6.43
C ARG B 538 10.82 -40.58 -7.84
N ASN B 539 10.33 -39.85 -8.86
CA ASN B 539 10.24 -40.34 -10.24
C ASN B 539 11.13 -39.55 -11.21
N THR B 540 11.98 -38.70 -10.65
CA THR B 540 12.92 -37.95 -11.46
C THR B 540 14.22 -38.63 -11.35
N ASN B 541 15.06 -38.35 -12.33
CA ASN B 541 16.44 -38.58 -12.17
C ASN B 541 17.11 -37.22 -11.84
N PHE B 542 17.89 -37.21 -10.77
CA PHE B 542 18.48 -35.95 -10.32
C PHE B 542 19.44 -35.33 -11.32
N GLU B 543 20.25 -36.16 -11.95
CA GLU B 543 21.20 -35.62 -12.91
C GLU B 543 20.52 -34.90 -14.06
N ASP B 544 19.40 -35.47 -14.49
CA ASP B 544 18.64 -34.92 -15.59
C ASP B 544 18.08 -33.55 -15.25
N ALA B 545 17.48 -33.44 -14.06
CA ALA B 545 17.04 -32.21 -13.46
C ALA B 545 18.10 -31.14 -13.41
N LYS B 546 19.33 -31.48 -12.97
CA LYS B 546 20.42 -30.49 -13.00
C LYS B 546 20.47 -29.90 -14.40
N VAL B 547 20.69 -30.75 -15.39
CA VAL B 547 20.73 -30.31 -16.78
C VAL B 547 19.51 -29.43 -17.11
N LEU B 548 18.33 -29.85 -16.62
CA LEU B 548 17.14 -29.10 -16.89
C LEU B 548 17.32 -27.72 -16.29
N ALA B 549 17.72 -27.69 -15.01
CA ALA B 549 17.81 -26.46 -14.25
C ALA B 549 18.74 -25.52 -14.94
N GLU B 550 19.89 -26.06 -15.26
CA GLU B 550 20.83 -25.23 -15.89
C GLU B 550 20.21 -24.56 -17.15
N GLN B 551 19.65 -25.38 -18.05
CA GLN B 551 19.05 -24.81 -19.23
C GLN B 551 18.10 -23.67 -18.83
N ALA B 552 17.20 -23.97 -17.89
CA ALA B 552 16.13 -23.04 -17.57
C ALA B 552 16.69 -21.70 -17.14
N LEU B 553 17.80 -21.77 -16.40
CA LEU B 553 18.44 -20.56 -15.88
C LEU B 553 19.05 -19.66 -16.94
N ALA B 554 19.16 -20.15 -18.17
CA ALA B 554 19.71 -19.35 -19.24
C ALA B 554 18.64 -18.70 -20.11
N GLN B 555 17.39 -19.16 -19.99
CA GLN B 555 16.28 -18.63 -20.76
C GLN B 555 15.97 -17.17 -20.40
N PRO B 556 15.81 -16.28 -21.38
CA PRO B 556 15.43 -14.91 -21.03
C PRO B 556 13.90 -14.76 -20.89
N THR B 557 13.18 -15.85 -20.98
CA THR B 557 11.73 -15.77 -21.08
C THR B 557 11.11 -16.95 -20.31
N THR B 558 10.04 -16.69 -19.59
CA THR B 558 9.31 -17.72 -18.85
C THR B 558 8.83 -18.79 -19.83
N ASP B 559 8.15 -18.37 -20.87
CA ASP B 559 7.65 -19.34 -21.81
C ASP B 559 8.70 -20.33 -22.21
N GLU B 560 9.89 -19.81 -22.52
CA GLU B 560 11.00 -20.63 -23.00
C GLU B 560 11.46 -21.62 -21.94
N LEU B 561 11.38 -21.20 -20.69
CA LEU B 561 11.73 -22.01 -19.55
C LEU B 561 10.58 -23.05 -19.25
N MET B 562 9.33 -22.65 -19.47
CA MET B 562 8.23 -23.62 -19.38
C MET B 562 8.40 -24.71 -20.40
N THR B 563 8.88 -24.37 -21.59
CA THR B 563 9.05 -25.35 -22.64
C THR B 563 10.00 -26.47 -22.21
N LEU B 564 11.15 -26.12 -21.66
CA LEU B 564 12.13 -27.08 -21.16
C LEU B 564 11.51 -28.04 -20.21
N VAL B 565 10.92 -27.50 -19.14
CA VAL B 565 10.14 -28.28 -18.17
C VAL B 565 9.17 -29.26 -18.84
N ASN B 566 8.36 -28.77 -19.77
CA ASN B 566 7.43 -29.65 -20.48
C ASN B 566 8.09 -30.76 -21.31
N LYS B 567 9.09 -30.44 -22.13
CA LYS B 567 9.72 -31.48 -22.93
C LYS B 567 10.34 -32.53 -22.02
N PHE B 568 10.75 -32.09 -20.84
CA PHE B 568 11.29 -32.99 -19.85
C PHE B 568 10.20 -33.99 -19.44
N ILE B 569 9.09 -33.47 -18.93
CA ILE B 569 7.99 -34.29 -18.46
C ILE B 569 7.51 -35.28 -19.50
N GLU B 570 7.52 -34.85 -20.76
CA GLU B 570 7.22 -35.70 -21.90
C GLU B 570 8.20 -36.87 -22.02
N GLU B 571 9.47 -36.53 -22.10
CA GLU B 571 10.48 -37.48 -22.43
C GLU B 571 10.92 -38.33 -21.25
N LYS B 572 10.69 -37.84 -20.02
CA LYS B 572 11.37 -38.39 -18.84
C LYS B 572 10.51 -39.16 -17.81
N THR B 573 9.17 -39.09 -17.89
CA THR B 573 8.30 -40.06 -17.17
C THR B 573 6.84 -40.01 -17.65
N MET A 1 15.00 26.51 21.26
CA MET A 1 15.60 25.33 20.56
C MET A 1 14.52 24.63 19.72
N ILE A 2 14.14 25.24 18.62
CA ILE A 2 13.10 24.63 17.72
C ILE A 2 13.77 24.13 16.45
N SER A 3 13.51 22.90 16.06
CA SER A 3 14.15 22.33 14.82
C SER A 3 13.09 21.70 13.91
N GLY A 4 13.24 21.87 12.61
CA GLY A 4 12.27 21.27 11.64
C GLY A 4 13.05 20.38 10.67
N ILE A 5 12.50 20.09 9.51
CA ILE A 5 13.22 19.20 8.56
C ILE A 5 14.01 20.02 7.53
N LEU A 6 13.80 21.30 7.46
CA LEU A 6 14.54 22.14 6.47
C LEU A 6 14.39 21.53 5.07
N ALA A 7 13.57 22.13 4.24
CA ALA A 7 13.37 21.61 2.86
C ALA A 7 14.28 22.35 1.89
N SER A 8 14.66 23.56 2.20
CA SER A 8 15.56 24.34 1.29
C SER A 8 16.56 25.14 2.15
N PRO A 9 17.85 25.01 1.91
CA PRO A 9 18.88 25.76 2.68
C PRO A 9 19.02 27.21 2.19
N GLY A 10 19.23 28.13 3.08
CA GLY A 10 19.38 29.56 2.67
C GLY A 10 19.20 30.44 3.90
N ILE A 11 18.92 31.71 3.73
CA ILE A 11 18.71 32.62 4.89
C ILE A 11 17.71 33.70 4.49
N ALA A 12 16.93 34.21 5.42
CA ALA A 12 15.95 35.27 5.03
C ALA A 12 15.57 36.15 6.23
N PHE A 13 15.16 37.36 5.97
CA PHE A 13 14.74 38.29 7.07
C PHE A 13 13.41 38.95 6.66
N GLY A 14 12.39 38.90 7.48
CA GLY A 14 11.11 39.55 7.05
C GLY A 14 10.04 39.39 8.14
N LYS A 15 8.87 39.95 7.90
CA LYS A 15 7.75 39.85 8.89
C LYS A 15 7.09 38.49 8.76
N ALA A 16 6.38 38.06 9.78
CA ALA A 16 5.73 36.71 9.73
C ALA A 16 4.21 36.83 9.49
N LEU A 17 3.70 36.11 8.53
CA LEU A 17 2.24 36.14 8.23
C LEU A 17 1.61 34.89 8.86
N LEU A 18 0.49 35.03 9.53
CA LEU A 18 -0.16 33.85 10.19
C LEU A 18 -1.55 33.59 9.57
N LEU A 19 -1.75 32.41 9.05
CA LEU A 19 -3.07 32.08 8.43
C LEU A 19 -4.04 31.53 9.49
N LYS A 20 -4.82 32.34 10.12
CA LYS A 20 -5.59 31.78 11.27
C LYS A 20 -6.63 30.78 10.78
N GLU A 21 -6.35 29.53 11.03
CA GLU A 21 -7.27 28.44 10.61
C GLU A 21 -8.67 28.72 11.16
N ASP A 22 -8.77 29.76 12.05
CA ASP A 22 -10.03 30.20 12.77
C ASP A 22 -11.36 30.00 12.01
N GLU A 23 -12.50 30.08 12.78
CA GLU A 23 -13.86 29.91 12.21
C GLU A 23 -14.90 30.91 12.82
N ILE A 24 -15.93 31.27 12.02
CA ILE A 24 -17.01 32.25 12.39
C ILE A 24 -18.01 31.64 13.41
N VAL A 25 -18.27 32.31 14.53
CA VAL A 25 -19.25 31.84 15.50
C VAL A 25 -20.35 32.88 15.51
N ILE A 26 -21.57 32.41 15.31
CA ILE A 26 -22.70 33.30 15.21
C ILE A 26 -23.25 33.52 16.61
N ASP A 27 -23.59 34.76 16.96
CA ASP A 27 -24.27 35.00 18.23
C ASP A 27 -25.78 35.00 18.08
N ARG A 28 -26.36 33.84 18.39
CA ARG A 28 -27.78 33.61 18.15
C ARG A 28 -28.68 34.21 19.22
N LYS A 29 -28.13 34.38 20.43
CA LYS A 29 -28.84 34.98 21.56
C LYS A 29 -29.37 36.36 21.21
N LYS A 30 -30.67 36.57 21.48
CA LYS A 30 -31.29 37.86 21.25
C LYS A 30 -30.49 38.95 21.94
N ILE A 31 -30.35 40.07 21.26
CA ILE A 31 -29.64 41.23 21.78
C ILE A 31 -30.58 42.05 22.62
N SER A 32 -30.03 42.95 23.42
CA SER A 32 -30.82 43.88 24.22
C SER A 32 -31.20 45.09 23.38
N ALA A 33 -32.20 45.82 23.82
CA ALA A 33 -32.69 46.99 23.04
C ALA A 33 -31.58 48.02 22.91
N ASP A 34 -30.92 48.33 23.99
CA ASP A 34 -29.82 49.33 23.90
C ASP A 34 -28.84 48.83 22.84
N GLN A 35 -28.64 47.53 22.80
CA GLN A 35 -27.71 46.95 21.80
C GLN A 35 -28.28 47.10 20.38
N VAL A 36 -29.59 46.95 20.21
CA VAL A 36 -30.06 47.02 18.79
C VAL A 36 -29.27 48.12 18.08
N ASP A 37 -29.25 49.30 18.62
CA ASP A 37 -28.52 50.41 17.97
C ASP A 37 -27.03 50.05 17.85
N GLN A 38 -26.47 49.44 18.85
CA GLN A 38 -25.01 49.10 18.78
C GLN A 38 -24.75 48.03 17.72
N GLU A 39 -25.60 47.05 17.63
CA GLU A 39 -25.36 45.97 16.62
C GLU A 39 -25.46 46.55 15.21
N VAL A 40 -26.39 47.42 14.96
CA VAL A 40 -26.49 48.02 13.60
C VAL A 40 -25.17 48.76 13.30
N GLU A 41 -24.70 49.54 14.22
CA GLU A 41 -23.43 50.27 14.00
C GLU A 41 -22.29 49.27 13.76
N ARG A 42 -22.26 48.19 14.50
CA ARG A 42 -21.18 47.19 14.27
C ARG A 42 -21.29 46.67 12.83
N PHE A 43 -22.50 46.39 12.41
CA PHE A 43 -22.70 45.92 11.01
C PHE A 43 -22.23 47.01 10.05
N LEU A 44 -22.67 48.22 10.25
CA LEU A 44 -22.23 49.33 9.37
C LEU A 44 -20.70 49.48 9.48
N SER A 45 -20.17 49.44 10.66
CA SER A 45 -18.69 49.59 10.82
C SER A 45 -18.00 48.40 10.15
N GLY A 46 -18.50 47.20 10.36
CA GLY A 46 -17.89 46.01 9.72
C GLY A 46 -18.14 46.07 8.21
N ARG A 47 -19.32 46.49 7.84
CA ARG A 47 -19.65 46.61 6.39
C ARG A 47 -18.76 47.70 5.80
N ALA A 48 -18.43 48.69 6.59
CA ALA A 48 -17.58 49.79 6.08
C ALA A 48 -16.24 49.21 5.64
N LYS A 49 -15.69 48.29 6.37
CA LYS A 49 -14.39 47.70 5.93
C LYS A 49 -14.62 46.98 4.61
N ALA A 50 -15.27 45.84 4.63
CA ALA A 50 -15.51 45.07 3.36
C ALA A 50 -15.80 46.01 2.19
N SER A 51 -16.45 47.11 2.41
CA SER A 51 -16.72 48.03 1.28
C SER A 51 -15.40 48.43 0.66
N ALA A 52 -14.52 48.98 1.46
CA ALA A 52 -13.20 49.42 0.92
C ALA A 52 -12.32 48.23 0.54
N GLN A 53 -12.31 47.17 1.32
CA GLN A 53 -11.45 46.01 0.96
C GLN A 53 -11.95 45.34 -0.31
N LEU A 54 -13.24 45.21 -0.47
CA LEU A 54 -13.77 44.59 -1.72
C LEU A 54 -13.35 45.44 -2.92
N GLU A 55 -13.42 46.74 -2.77
CA GLU A 55 -13.01 47.63 -3.88
C GLU A 55 -11.54 47.41 -4.23
N THR A 56 -10.71 47.18 -3.25
CA THR A 56 -9.27 46.95 -3.53
C THR A 56 -9.11 45.69 -4.39
N ILE A 57 -9.85 44.66 -4.07
CA ILE A 57 -9.75 43.39 -4.86
C ILE A 57 -10.17 43.65 -6.30
N LYS A 58 -11.18 44.47 -6.50
CA LYS A 58 -11.66 44.77 -7.87
C LYS A 58 -10.51 45.34 -8.71
N THR A 59 -9.84 46.33 -8.20
CA THR A 59 -8.74 46.97 -8.97
C THR A 59 -7.67 45.93 -9.33
N LYS A 60 -7.43 44.97 -8.48
CA LYS A 60 -6.39 43.94 -8.79
C LYS A 60 -6.88 43.06 -9.93
N ALA A 61 -8.15 42.77 -9.94
CA ALA A 61 -8.70 41.90 -11.03
C ALA A 61 -8.57 42.64 -12.37
N GLY A 62 -8.90 43.90 -12.40
CA GLY A 62 -8.81 44.67 -13.68
C GLY A 62 -7.38 44.66 -14.20
N GLU A 63 -6.44 45.03 -13.39
CA GLU A 63 -5.03 45.04 -13.88
C GLU A 63 -4.54 43.61 -14.10
N THR A 64 -4.80 42.74 -13.18
CA THR A 64 -4.32 41.33 -13.29
C THR A 64 -4.98 40.59 -14.47
N PHE A 65 -6.28 40.42 -14.43
CA PHE A 65 -6.97 39.66 -15.53
C PHE A 65 -7.55 40.60 -16.60
N GLY A 66 -8.28 41.63 -16.20
CA GLY A 66 -8.85 42.56 -17.22
C GLY A 66 -10.27 43.02 -16.83
N GLU A 67 -10.94 43.65 -17.76
CA GLU A 67 -12.33 44.16 -17.49
C GLU A 67 -13.30 42.98 -17.38
N GLU A 68 -12.97 41.87 -17.97
CA GLU A 68 -13.85 40.66 -17.91
C GLU A 68 -14.02 40.23 -16.45
N LYS A 69 -12.98 40.35 -15.66
CA LYS A 69 -13.06 39.93 -14.23
C LYS A 69 -13.32 41.15 -13.34
N GLU A 70 -13.03 42.33 -13.80
CA GLU A 70 -13.25 43.54 -12.95
C GLU A 70 -14.74 43.77 -12.71
N ALA A 71 -15.55 43.62 -13.73
CA ALA A 71 -17.01 43.89 -13.56
C ALA A 71 -17.66 42.84 -12.67
N ILE A 72 -17.15 41.64 -12.62
CA ILE A 72 -17.81 40.63 -11.73
C ILE A 72 -17.79 41.16 -10.29
N PHE A 73 -16.72 41.77 -9.89
CA PHE A 73 -16.66 42.32 -8.50
C PHE A 73 -17.69 43.43 -8.34
N GLU A 74 -17.85 44.25 -9.34
CA GLU A 74 -18.84 45.36 -9.22
C GLU A 74 -20.23 44.76 -8.97
N GLY A 75 -20.55 43.68 -9.63
CA GLY A 75 -21.88 43.06 -9.40
C GLY A 75 -21.97 42.60 -7.94
N HIS A 76 -20.95 41.91 -7.48
CA HIS A 76 -20.96 41.43 -6.08
C HIS A 76 -21.04 42.63 -5.14
N ILE A 77 -20.25 43.64 -5.40
CA ILE A 77 -20.29 44.84 -4.52
C ILE A 77 -21.65 45.53 -4.67
N MET A 78 -22.09 45.72 -5.89
CA MET A 78 -23.40 46.40 -6.10
C MET A 78 -24.51 45.61 -5.43
N LEU A 79 -24.46 44.31 -5.52
CA LEU A 79 -25.51 43.47 -4.88
C LEU A 79 -25.43 43.64 -3.36
N LEU A 80 -24.25 43.69 -2.84
CA LEU A 80 -24.10 43.83 -1.37
C LEU A 80 -24.69 45.16 -0.90
N GLU A 81 -24.49 46.21 -1.67
CA GLU A 81 -25.04 47.54 -1.26
C GLU A 81 -26.51 47.65 -1.67
N ASP A 82 -27.09 46.59 -2.16
CA ASP A 82 -28.53 46.67 -2.58
C ASP A 82 -29.36 47.25 -1.43
N GLU A 83 -30.18 48.24 -1.71
CA GLU A 83 -31.01 48.88 -0.64
C GLU A 83 -31.94 47.85 0.00
N GLU A 84 -32.19 46.76 -0.66
CA GLU A 84 -33.09 45.73 -0.06
C GLU A 84 -32.36 45.04 1.11
N LEU A 85 -31.08 44.86 0.98
CA LEU A 85 -30.30 44.20 2.07
C LEU A 85 -30.21 45.13 3.27
N GLU A 86 -30.01 46.40 3.03
CA GLU A 86 -29.88 47.35 4.15
C GLU A 86 -31.16 47.35 4.99
N GLN A 87 -32.30 47.44 4.35
CA GLN A 87 -33.58 47.44 5.09
C GLN A 87 -33.86 46.06 5.71
N GLU A 88 -33.60 45.00 4.98
CA GLU A 88 -33.87 43.63 5.51
C GLU A 88 -32.91 43.25 6.65
N ILE A 89 -31.65 43.60 6.52
CA ILE A 89 -30.69 43.25 7.62
C ILE A 89 -31.04 44.05 8.87
N ILE A 90 -31.28 45.32 8.71
CA ILE A 90 -31.63 46.20 9.86
C ILE A 90 -32.99 45.82 10.44
N ALA A 91 -33.94 45.51 9.60
CA ALA A 91 -35.30 45.16 10.11
C ALA A 91 -35.25 43.95 11.06
N LEU A 92 -34.58 42.89 10.67
CA LEU A 92 -34.52 41.69 11.54
C LEU A 92 -33.86 42.05 12.88
N ILE A 93 -32.76 42.76 12.83
CA ILE A 93 -32.08 43.14 14.11
C ILE A 93 -33.04 44.01 14.91
N LYS A 94 -33.62 45.00 14.29
CA LYS A 94 -34.57 45.89 15.01
C LYS A 94 -35.87 45.13 15.35
N ASP A 95 -36.37 44.34 14.46
CA ASP A 95 -37.65 43.62 14.74
C ASP A 95 -37.42 42.34 15.57
N LYS A 96 -36.53 41.49 15.15
CA LYS A 96 -36.31 40.21 15.90
C LYS A 96 -35.22 40.35 16.98
N HIS A 97 -34.59 41.49 17.10
CA HIS A 97 -33.54 41.66 18.14
C HIS A 97 -32.47 40.58 17.98
N MET A 98 -32.14 40.27 16.76
CA MET A 98 -31.12 39.21 16.46
C MET A 98 -29.75 39.86 16.31
N THR A 99 -28.70 39.08 16.25
CA THR A 99 -27.33 39.66 16.09
C THR A 99 -27.07 40.00 14.62
N ALA A 100 -26.13 40.86 14.36
CA ALA A 100 -25.82 41.24 12.95
C ALA A 100 -25.23 40.06 12.18
N ASP A 101 -24.36 39.31 12.79
CA ASP A 101 -23.76 38.16 12.06
C ASP A 101 -24.82 37.07 11.87
N ALA A 102 -25.72 36.90 12.81
CA ALA A 102 -26.78 35.87 12.64
C ALA A 102 -27.89 36.40 11.74
N ALA A 103 -28.25 37.65 11.90
CA ALA A 103 -29.33 38.24 11.06
C ALA A 103 -28.83 38.41 9.62
N ALA A 104 -27.65 38.94 9.43
CA ALA A 104 -27.12 39.14 8.07
C ALA A 104 -26.99 37.79 7.36
N HIS A 105 -26.57 36.78 8.08
CA HIS A 105 -26.40 35.44 7.45
C HIS A 105 -27.74 34.96 6.87
N GLU A 106 -28.80 35.18 7.57
CA GLU A 106 -30.13 34.73 7.09
C GLU A 106 -30.49 35.45 5.78
N VAL A 107 -30.20 36.71 5.70
CA VAL A 107 -30.57 37.47 4.46
C VAL A 107 -29.82 36.93 3.24
N ILE A 108 -28.52 36.86 3.29
CA ILE A 108 -27.75 36.34 2.11
C ILE A 108 -28.05 34.84 1.94
N GLU A 109 -28.11 34.11 3.03
CA GLU A 109 -28.41 32.65 2.94
C GLU A 109 -29.83 32.49 2.41
N GLY A 110 -30.73 33.33 2.85
CA GLY A 110 -32.14 33.23 2.39
C GLY A 110 -32.21 33.34 0.86
N GLN A 111 -31.57 34.32 0.28
CA GLN A 111 -31.63 34.43 -1.22
C GLN A 111 -30.89 33.25 -1.84
N ALA A 112 -29.66 33.02 -1.44
CA ALA A 112 -28.91 31.88 -2.02
C ALA A 112 -29.72 30.60 -1.83
N SER A 113 -30.34 30.45 -0.69
CA SER A 113 -31.13 29.22 -0.44
C SER A 113 -32.24 29.13 -1.50
N ALA A 114 -32.85 30.23 -1.83
CA ALA A 114 -33.91 30.20 -2.87
C ALA A 114 -33.30 29.77 -4.21
N LEU A 115 -32.12 30.24 -4.51
CA LEU A 115 -31.49 29.87 -5.80
C LEU A 115 -31.22 28.36 -5.83
N GLU A 116 -30.79 27.78 -4.74
CA GLU A 116 -30.50 26.31 -4.76
C GLU A 116 -31.78 25.55 -5.11
N GLU A 117 -32.91 26.02 -4.66
CA GLU A 117 -34.18 25.32 -4.99
C GLU A 117 -34.28 25.16 -6.50
N LEU A 118 -33.58 25.96 -7.25
CA LEU A 118 -33.63 25.87 -8.73
C LEU A 118 -33.13 24.51 -9.18
N ASP A 119 -33.67 23.99 -10.25
CA ASP A 119 -33.23 22.65 -10.76
C ASP A 119 -32.23 22.84 -11.91
N ASP A 120 -31.33 23.79 -11.80
CA ASP A 120 -30.32 24.01 -12.89
C ASP A 120 -28.90 24.11 -12.29
N GLU A 121 -27.97 23.44 -12.90
CA GLU A 121 -26.55 23.47 -12.42
C GLU A 121 -25.92 24.85 -12.69
N TYR A 122 -26.36 25.51 -13.72
CA TYR A 122 -25.82 26.86 -14.07
C TYR A 122 -26.30 27.91 -13.05
N LEU A 123 -27.54 27.83 -12.65
CA LEU A 123 -28.06 28.82 -11.67
C LEU A 123 -27.48 28.50 -10.29
N LYS A 124 -27.29 27.24 -10.02
CA LYS A 124 -26.73 26.84 -8.70
C LYS A 124 -25.31 27.41 -8.52
N GLU A 125 -24.48 27.37 -9.53
CA GLU A 125 -23.11 27.92 -9.39
C GLU A 125 -23.18 29.41 -9.03
N ARG A 126 -24.01 30.17 -9.69
CA ARG A 126 -24.10 31.61 -9.35
C ARG A 126 -24.53 31.74 -7.89
N ALA A 127 -25.36 30.86 -7.43
CA ALA A 127 -25.78 30.91 -6.00
C ALA A 127 -24.52 30.72 -5.14
N ALA A 128 -23.54 30.05 -5.67
CA ALA A 128 -22.27 29.85 -4.90
C ALA A 128 -21.54 31.18 -4.79
N ASP A 129 -21.55 31.96 -5.84
CA ASP A 129 -20.86 33.28 -5.80
C ASP A 129 -21.58 34.20 -4.82
N VAL A 130 -22.88 34.16 -4.81
CA VAL A 130 -23.65 35.03 -3.87
C VAL A 130 -23.41 34.54 -2.43
N ARG A 131 -23.37 33.26 -2.23
CA ARG A 131 -23.11 32.69 -0.88
C ARG A 131 -21.74 33.17 -0.38
N ASP A 132 -20.78 33.20 -1.26
CA ASP A 132 -19.40 33.62 -0.88
C ASP A 132 -19.42 35.05 -0.35
N ILE A 133 -20.19 35.91 -0.94
CA ILE A 133 -20.23 37.33 -0.48
C ILE A 133 -20.68 37.38 0.98
N GLY A 134 -21.70 36.66 1.34
CA GLY A 134 -22.18 36.68 2.75
C GLY A 134 -21.19 35.95 3.66
N LYS A 135 -20.56 34.92 3.17
CA LYS A 135 -19.60 34.15 4.01
C LYS A 135 -18.47 35.09 4.47
N ARG A 136 -17.90 35.84 3.56
CA ARG A 136 -16.80 36.76 3.94
C ARG A 136 -17.34 37.91 4.79
N LEU A 137 -18.56 38.29 4.58
CA LEU A 137 -19.14 39.40 5.38
C LEU A 137 -19.07 39.04 6.85
N LEU A 138 -19.38 37.82 7.18
CA LEU A 138 -19.31 37.40 8.61
C LEU A 138 -17.88 37.55 9.11
N ARG A 139 -16.91 37.22 8.30
CA ARG A 139 -15.50 37.37 8.76
C ARG A 139 -15.19 38.86 8.90
N ASN A 140 -15.68 39.66 7.99
CA ASN A 140 -15.43 41.13 8.02
C ASN A 140 -16.02 41.76 9.28
N ILE A 141 -17.17 41.33 9.73
CA ILE A 141 -17.74 41.93 10.97
C ILE A 141 -16.90 41.46 12.15
N LEU A 142 -16.56 40.21 12.18
CA LEU A 142 -15.73 39.69 13.30
C LEU A 142 -14.31 40.23 13.17
N GLY A 143 -13.85 40.43 11.97
CA GLY A 143 -12.48 40.92 11.78
C GLY A 143 -11.52 39.76 11.56
N LEU A 144 -12.05 38.56 11.31
CA LEU A 144 -11.19 37.40 11.06
C LEU A 144 -10.33 37.69 9.87
N LYS A 145 -9.15 37.09 9.86
CA LYS A 145 -8.19 37.39 8.83
C LYS A 145 -8.57 36.64 7.54
N ILE A 146 -8.87 37.41 6.50
CA ILE A 146 -9.27 36.86 5.19
C ILE A 146 -8.07 36.84 4.25
N ILE A 147 -7.04 36.07 4.59
CA ILE A 147 -5.84 36.24 3.85
C ILE A 147 -6.05 35.60 2.52
N ASP A 148 -6.77 36.19 1.60
CA ASP A 148 -6.75 35.56 0.27
C ASP A 148 -5.26 35.66 0.17
N LEU A 149 -4.49 34.73 -0.24
CA LEU A 149 -3.05 35.06 -0.11
C LEU A 149 -2.62 36.03 -1.21
N SER A 150 -3.52 36.41 -2.08
CA SER A 150 -3.13 37.34 -3.18
C SER A 150 -3.24 38.81 -2.68
N ALA A 151 -3.90 39.03 -1.57
CA ALA A 151 -4.07 40.42 -1.06
C ALA A 151 -2.84 40.90 -0.28
N ILE A 152 -1.68 40.40 -0.59
CA ILE A 152 -0.46 40.83 0.16
C ILE A 152 0.15 42.07 -0.52
N GLN A 153 0.24 43.17 0.19
CA GLN A 153 0.85 44.42 -0.41
C GLN A 153 2.29 44.60 0.09
N ASP A 154 2.71 43.86 1.10
CA ASP A 154 4.11 44.04 1.63
C ASP A 154 4.83 42.69 1.69
N GLU A 155 6.13 42.71 1.56
CA GLU A 155 6.91 41.45 1.63
C GLU A 155 6.75 40.84 3.02
N VAL A 156 6.51 39.57 3.09
CA VAL A 156 6.34 38.91 4.41
C VAL A 156 6.75 37.43 4.32
N ILE A 157 6.94 36.78 5.43
CA ILE A 157 7.28 35.33 5.41
C ILE A 157 5.94 34.61 5.57
N LEU A 158 5.78 33.46 4.97
CA LEU A 158 4.47 32.75 5.06
C LEU A 158 4.54 31.64 6.12
N VAL A 159 3.73 31.75 7.16
CA VAL A 159 3.72 30.72 8.24
C VAL A 159 2.32 30.12 8.34
N ALA A 160 2.20 28.81 8.34
CA ALA A 160 0.85 28.18 8.43
C ALA A 160 0.99 26.76 8.97
N ALA A 161 -0.06 26.17 9.47
CA ALA A 161 0.07 24.78 9.96
C ALA A 161 0.30 23.87 8.75
N ASP A 162 -0.35 24.18 7.66
CA ASP A 162 -0.18 23.38 6.41
C ASP A 162 -0.86 24.11 5.24
N LEU A 163 -0.33 24.00 4.06
CA LEU A 163 -0.94 24.71 2.87
C LEU A 163 -1.49 23.68 1.89
N THR A 164 -2.66 23.94 1.34
CA THR A 164 -3.26 22.98 0.35
C THR A 164 -2.87 23.44 -1.07
N PRO A 165 -2.67 22.52 -1.99
CA PRO A 165 -2.30 22.88 -3.40
C PRO A 165 -3.05 24.12 -3.92
N SER A 166 -4.29 24.27 -3.54
CA SER A 166 -5.08 25.43 -4.03
C SER A 166 -4.41 26.74 -3.60
N GLU A 167 -3.90 26.80 -2.40
CA GLU A 167 -3.26 28.07 -1.94
C GLU A 167 -1.96 28.32 -2.71
N THR A 168 -1.19 27.28 -2.94
CA THR A 168 0.11 27.47 -3.66
C THR A 168 -0.08 28.15 -5.02
N ALA A 169 -1.19 27.96 -5.66
CA ALA A 169 -1.39 28.62 -6.99
C ALA A 169 -1.65 30.11 -6.81
N GLN A 170 -2.61 30.45 -5.99
CA GLN A 170 -2.94 31.88 -5.77
C GLN A 170 -2.01 32.45 -4.71
N LEU A 171 -0.77 32.03 -4.72
CA LEU A 171 0.21 32.52 -3.72
C LEU A 171 1.18 33.50 -4.40
N ASN A 172 1.52 34.58 -3.73
CA ASN A 172 2.46 35.57 -4.34
C ASN A 172 3.91 35.14 -4.07
N LEU A 173 4.57 34.57 -5.05
CA LEU A 173 5.97 34.11 -4.84
C LEU A 173 6.89 35.31 -4.58
N LYS A 174 6.72 36.40 -5.27
CA LYS A 174 7.62 37.57 -5.09
C LYS A 174 7.42 38.24 -3.73
N LYS A 175 6.24 38.19 -3.17
CA LYS A 175 6.02 38.90 -1.86
C LYS A 175 6.24 37.93 -0.70
N VAL A 176 6.42 36.65 -0.99
CA VAL A 176 6.70 35.68 0.10
C VAL A 176 8.20 35.38 0.09
N LEU A 177 8.90 35.76 1.11
CA LEU A 177 10.39 35.54 1.13
C LEU A 177 10.72 34.14 1.61
N GLY A 178 9.74 33.31 1.81
CA GLY A 178 10.04 31.94 2.27
C GLY A 178 8.75 31.26 2.69
N PHE A 179 8.81 29.99 3.02
CA PHE A 179 7.60 29.26 3.45
C PHE A 179 7.93 28.45 4.71
N ILE A 180 7.13 28.57 5.73
CA ILE A 180 7.38 27.78 6.98
C ILE A 180 6.08 27.12 7.42
N THR A 181 6.09 25.84 7.62
CA THR A 181 4.85 25.14 8.05
C THR A 181 5.17 23.93 8.91
N ASP A 182 4.19 23.45 9.64
CA ASP A 182 4.39 22.26 10.52
C ASP A 182 3.75 21.02 9.86
N ALA A 183 3.59 21.00 8.57
CA ALA A 183 2.96 19.83 7.90
C ALA A 183 3.67 18.52 8.26
N GLY A 184 3.43 17.48 7.50
CA GLY A 184 4.06 16.16 7.77
C GLY A 184 5.53 16.16 7.36
N GLY A 185 5.84 16.54 6.14
CA GLY A 185 7.26 16.55 5.72
C GLY A 185 7.38 16.81 4.21
N ARG A 186 8.35 16.19 3.58
CA ARG A 186 8.54 16.39 2.12
C ARG A 186 7.33 15.84 1.36
N THR A 187 6.65 14.88 1.94
CA THR A 187 5.48 14.30 1.23
C THR A 187 4.40 15.36 1.07
N SER A 188 4.67 16.57 1.49
CA SER A 188 3.67 17.67 1.36
C SER A 188 3.87 18.43 0.04
N HIS A 189 2.81 18.65 -0.70
CA HIS A 189 2.91 19.36 -2.02
C HIS A 189 3.74 20.64 -1.89
N THR A 190 3.39 21.50 -0.98
CA THR A 190 4.14 22.78 -0.82
C THR A 190 5.62 22.52 -0.58
N SER A 191 5.96 21.47 0.12
CA SER A 191 7.41 21.19 0.40
C SER A 191 8.18 20.99 -0.91
N ILE A 192 7.59 20.31 -1.87
CA ILE A 192 8.29 20.09 -3.16
C ILE A 192 8.54 21.44 -3.83
N MET A 193 7.61 22.35 -3.73
CA MET A 193 7.79 23.69 -4.38
C MET A 193 9.03 24.39 -3.83
N ALA A 194 9.26 24.32 -2.54
CA ALA A 194 10.47 25.00 -1.98
C ALA A 194 11.70 24.43 -2.67
N ARG A 195 11.74 23.14 -2.86
CA ARG A 195 12.93 22.53 -3.53
C ARG A 195 13.07 23.10 -4.94
N SER A 196 12.06 22.95 -5.75
CA SER A 196 12.11 23.46 -7.15
C SER A 196 12.27 24.98 -7.19
N LEU A 197 11.59 25.69 -6.33
CA LEU A 197 11.70 27.18 -6.36
C LEU A 197 13.08 27.61 -5.86
N GLU A 198 13.71 26.77 -5.10
CA GLU A 198 15.06 27.09 -4.54
C GLU A 198 14.97 28.27 -3.58
N LEU A 199 14.03 28.22 -2.67
CA LEU A 199 13.87 29.32 -1.65
C LEU A 199 13.91 28.68 -0.25
N PRO A 200 14.49 29.33 0.74
CA PRO A 200 14.57 28.77 2.13
C PRO A 200 13.18 28.48 2.71
N ALA A 201 13.01 27.35 3.37
CA ALA A 201 11.67 27.04 3.95
C ALA A 201 11.72 25.78 4.86
N ILE A 202 10.86 25.75 5.85
CA ILE A 202 10.78 24.57 6.78
C ILE A 202 9.34 24.01 6.70
N VAL A 203 9.16 22.72 6.89
CA VAL A 203 7.79 22.13 6.83
C VAL A 203 7.52 21.27 8.07
N GLY A 204 8.53 21.00 8.86
CA GLY A 204 8.36 20.15 10.08
C GLY A 204 8.53 20.97 11.36
N THR A 205 8.33 22.27 11.30
CA THR A 205 8.51 23.11 12.52
C THR A 205 7.85 22.43 13.72
N GLY A 206 6.67 21.90 13.54
CA GLY A 206 5.97 21.21 14.68
C GLY A 206 5.01 22.16 15.41
N SER A 207 5.48 23.33 15.80
CA SER A 207 4.56 24.26 16.54
C SER A 207 5.09 25.69 16.50
N VAL A 208 5.61 26.13 15.40
CA VAL A 208 6.11 27.53 15.33
C VAL A 208 4.93 28.50 15.19
N THR A 209 3.95 28.15 14.39
CA THR A 209 2.79 29.07 14.20
C THR A 209 2.12 29.40 15.54
N SER A 210 2.16 28.50 16.48
CA SER A 210 1.51 28.78 17.79
C SER A 210 2.41 29.71 18.60
N GLN A 211 3.63 29.88 18.19
CA GLN A 211 4.58 30.76 18.91
C GLN A 211 4.71 32.10 18.17
N VAL A 212 4.23 32.17 16.95
CA VAL A 212 4.35 33.44 16.15
C VAL A 212 3.00 34.12 15.99
N LYS A 213 3.00 35.43 16.04
CA LYS A 213 1.76 36.23 15.82
C LYS A 213 1.97 36.96 14.50
N ASN A 214 0.94 37.34 13.81
CA ASN A 214 1.18 38.05 12.53
C ASN A 214 1.96 39.33 12.82
N ASP A 215 2.72 39.80 11.86
CA ASP A 215 3.53 41.05 12.01
C ASP A 215 4.76 40.81 12.90
N ASP A 216 5.05 39.60 13.23
CA ASP A 216 6.25 39.33 14.06
C ASP A 216 7.49 39.36 13.15
N TYR A 217 8.58 39.88 13.63
CA TYR A 217 9.82 39.91 12.78
C TYR A 217 10.61 38.64 13.07
N LEU A 218 10.88 37.85 12.05
CA LEU A 218 11.62 36.57 12.26
C LEU A 218 12.79 36.46 11.28
N ILE A 219 13.86 35.82 11.69
CA ILE A 219 15.02 35.62 10.77
C ILE A 219 15.16 34.10 10.59
N LEU A 220 15.16 33.64 9.37
CA LEU A 220 15.26 32.17 9.12
C LEU A 220 16.71 31.81 8.80
N ASP A 221 17.32 30.98 9.61
CA ASP A 221 18.72 30.57 9.34
C ASP A 221 18.72 29.55 8.21
N ALA A 222 17.84 28.59 8.26
CA ALA A 222 17.79 27.57 7.19
C ALA A 222 19.21 27.01 6.97
N VAL A 223 20.09 27.28 7.89
CA VAL A 223 21.49 26.78 7.82
C VAL A 223 21.82 26.13 9.16
N ASN A 224 21.49 26.80 10.23
CA ASN A 224 21.70 26.21 11.59
C ASN A 224 20.36 25.62 12.01
N ASN A 225 19.39 25.74 11.15
CA ASN A 225 18.04 25.20 11.45
C ASN A 225 17.47 25.88 12.71
N GLN A 226 17.59 27.19 12.78
CA GLN A 226 17.06 27.93 13.98
C GLN A 226 16.28 29.16 13.53
N VAL A 227 15.38 29.63 14.35
CA VAL A 227 14.58 30.85 14.02
C VAL A 227 14.76 31.87 15.15
N TYR A 228 15.08 33.09 14.82
CA TYR A 228 15.25 34.13 15.87
C TYR A 228 14.03 35.04 15.90
N VAL A 229 13.40 35.14 17.05
CA VAL A 229 12.16 35.98 17.19
C VAL A 229 12.50 37.33 17.85
N ASN A 230 12.37 38.41 17.13
CA ASN A 230 12.66 39.76 17.73
C ASN A 230 14.07 39.79 18.32
N PRO A 231 15.01 39.16 17.67
CA PRO A 231 16.43 39.02 18.18
C PRO A 231 17.22 40.31 18.43
N THR A 232 18.38 40.10 18.98
CA THR A 232 19.34 41.18 19.23
C THR A 232 19.95 41.54 17.87
N ASN A 233 20.20 42.78 17.59
CA ASN A 233 20.75 43.16 16.27
C ASN A 233 21.96 42.28 15.91
N GLU A 234 22.66 41.76 16.89
CA GLU A 234 23.87 40.93 16.59
C GLU A 234 23.47 39.64 15.85
N VAL A 235 22.37 39.04 16.23
CA VAL A 235 21.94 37.80 15.51
C VAL A 235 21.53 38.18 14.08
N ILE A 236 20.85 39.28 13.96
CA ILE A 236 20.47 39.77 12.64
C ILE A 236 21.74 39.94 11.84
N ASP A 237 22.85 40.05 12.55
CA ASP A 237 24.13 40.19 11.90
C ASP A 237 24.78 38.88 11.49
N LYS A 238 24.98 37.96 12.44
CA LYS A 238 25.48 36.59 12.19
C LYS A 238 24.80 35.98 10.98
N MET A 239 23.46 36.00 11.02
CA MET A 239 22.62 35.52 9.95
C MET A 239 22.95 36.19 8.62
N ARG A 240 23.06 37.51 8.65
CA ARG A 240 23.35 38.25 7.45
C ARG A 240 24.66 37.74 6.83
N ALA A 241 25.59 37.36 7.69
CA ALA A 241 26.87 36.81 7.23
C ALA A 241 26.72 35.38 6.76
N VAL A 242 25.75 34.67 7.35
CA VAL A 242 25.47 33.28 7.00
C VAL A 242 24.92 33.26 5.57
N GLN A 243 24.08 34.26 5.32
CA GLN A 243 23.50 34.55 4.02
C GLN A 243 24.55 34.91 2.97
N GLU A 244 25.58 35.63 3.39
CA GLU A 244 26.73 35.86 2.51
C GLU A 244 27.38 34.56 2.06
N GLN A 245 27.58 33.63 2.97
CA GLN A 245 28.25 32.36 2.65
C GLN A 245 27.41 31.62 1.63
N VAL A 246 26.11 31.57 1.93
CA VAL A 246 25.11 30.98 1.07
C VAL A 246 25.22 31.51 -0.36
N ALA A 247 25.31 32.83 -0.49
CA ALA A 247 25.46 33.48 -1.79
C ALA A 247 26.80 33.16 -2.50
N SER A 248 27.88 33.05 -1.74
CA SER A 248 29.16 32.65 -2.29
C SER A 248 29.12 31.21 -2.74
N GLU A 249 28.44 30.37 -1.97
CA GLU A 249 28.28 28.97 -2.37
C GLU A 249 27.67 28.91 -3.77
N LYS A 250 26.67 29.75 -4.02
CA LYS A 250 26.03 29.73 -5.32
C LYS A 250 27.07 30.10 -6.34
N ALA A 251 27.69 31.26 -6.11
CA ALA A 251 28.71 31.80 -7.01
C ALA A 251 29.76 30.76 -7.39
N GLU A 252 30.19 29.95 -6.43
CA GLU A 252 31.20 28.92 -6.73
C GLU A 252 30.63 27.75 -7.54
N LEU A 253 29.53 27.18 -7.04
CA LEU A 253 28.81 26.12 -7.74
C LEU A 253 28.44 26.54 -9.15
N ALA A 254 28.08 27.80 -9.32
CA ALA A 254 27.75 28.38 -10.62
C ALA A 254 28.72 28.01 -11.74
N LYS A 255 29.98 27.84 -11.40
CA LYS A 255 30.91 27.52 -12.53
C LYS A 255 30.30 26.46 -13.49
N LEU A 256 30.31 26.80 -14.80
CA LEU A 256 29.76 25.94 -15.88
C LEU A 256 30.79 25.71 -17.00
N LYS A 257 30.98 24.45 -17.40
CA LYS A 257 31.94 24.09 -18.47
C LYS A 257 31.46 22.96 -19.41
N ASP A 258 31.70 23.17 -20.71
CA ASP A 258 31.39 22.18 -21.76
C ASP A 258 32.35 20.97 -21.67
N LEU A 259 31.78 19.76 -21.73
CA LEU A 259 32.57 18.54 -21.60
C LEU A 259 33.36 18.59 -20.28
N PRO A 260 32.67 18.90 -19.19
CA PRO A 260 33.28 19.09 -17.83
C PRO A 260 33.46 17.84 -16.96
N ALA A 261 32.75 16.77 -17.26
CA ALA A 261 32.80 15.60 -16.38
C ALA A 261 33.95 14.66 -16.68
N ILE A 262 35.17 15.14 -16.49
CA ILE A 262 36.36 14.30 -16.73
C ILE A 262 37.21 14.25 -15.46
N THR A 263 37.48 13.04 -15.00
CA THR A 263 38.42 12.84 -13.93
C THR A 263 39.80 13.38 -14.33
N LEU A 264 40.62 13.67 -13.30
CA LEU A 264 42.02 14.03 -13.47
C LEU A 264 42.74 13.18 -14.51
N ASP A 265 42.52 11.87 -14.47
CA ASP A 265 43.19 10.95 -15.37
C ASP A 265 42.43 10.65 -16.66
N GLY A 266 41.51 11.51 -17.06
CA GLY A 266 40.93 11.41 -18.42
C GLY A 266 39.65 10.60 -18.68
N HIS A 267 38.93 10.23 -17.63
CA HIS A 267 37.76 9.39 -17.79
C HIS A 267 36.56 10.31 -17.82
N GLN A 268 35.77 10.22 -18.90
CA GLN A 268 34.60 11.05 -19.06
C GLN A 268 33.28 10.34 -18.82
N VAL A 269 32.36 11.06 -18.19
CA VAL A 269 30.96 10.57 -18.05
C VAL A 269 30.00 11.67 -18.46
N GLU A 270 28.77 11.33 -18.80
CA GLU A 270 27.80 12.36 -18.99
C GLU A 270 27.18 12.70 -17.64
N VAL A 271 26.70 13.92 -17.54
CA VAL A 271 26.11 14.41 -16.33
C VAL A 271 24.96 15.30 -16.80
N CYS A 272 23.74 14.90 -16.47
CA CYS A 272 22.58 15.50 -17.09
C CYS A 272 21.57 15.78 -16.05
N ALA A 273 20.52 16.49 -16.48
CA ALA A 273 19.44 16.81 -15.59
C ALA A 273 18.28 15.85 -15.79
N ASN A 274 17.66 15.47 -14.68
CA ASN A 274 16.35 14.90 -14.75
C ASN A 274 15.43 16.06 -14.83
N ILE A 275 14.41 16.01 -15.69
CA ILE A 275 13.42 17.11 -15.75
C ILE A 275 11.99 16.62 -15.72
N GLY A 276 11.09 17.58 -15.51
CA GLY A 276 9.67 17.31 -15.49
C GLY A 276 8.88 18.06 -16.54
N THR A 277 9.47 19.12 -17.12
CA THR A 277 8.71 20.20 -17.79
C THR A 277 9.73 21.08 -18.49
N VAL A 278 9.51 21.50 -19.76
CA VAL A 278 10.39 22.54 -20.38
C VAL A 278 10.99 23.52 -19.38
N ARG A 279 10.17 23.91 -18.39
CA ARG A 279 10.59 24.90 -17.40
C ARG A 279 11.83 24.46 -16.62
N ASP A 280 12.15 23.17 -16.65
CA ASP A 280 13.25 22.64 -15.90
C ASP A 280 14.52 22.74 -16.74
N VAL A 281 14.38 22.99 -18.04
CA VAL A 281 15.50 23.08 -18.95
C VAL A 281 16.36 24.28 -18.54
N GLU A 282 15.68 25.27 -18.00
CA GLU A 282 16.35 26.47 -17.60
C GLU A 282 17.36 26.12 -16.51
N GLY A 283 16.89 25.56 -15.38
CA GLY A 283 17.79 25.04 -14.33
C GLY A 283 18.88 24.13 -14.86
N ALA A 284 18.56 23.31 -15.85
CA ALA A 284 19.56 22.38 -16.38
C ALA A 284 20.70 23.11 -17.08
N GLU A 285 20.34 24.14 -17.86
CA GLU A 285 21.33 24.89 -18.60
C GLU A 285 22.11 25.70 -17.59
N ARG A 286 21.39 26.20 -16.60
CA ARG A 286 21.98 27.02 -15.55
C ARG A 286 23.10 26.28 -14.78
N ASN A 287 22.90 24.98 -14.60
CA ASN A 287 23.74 24.16 -13.76
C ASN A 287 24.69 23.27 -14.54
N GLY A 288 24.75 23.52 -15.84
CA GLY A 288 25.82 22.95 -16.64
C GLY A 288 25.57 21.56 -17.14
N ALA A 289 24.29 21.17 -17.15
CA ALA A 289 23.81 19.88 -17.66
C ALA A 289 24.30 19.68 -19.08
N GLU A 290 24.76 18.49 -19.42
CA GLU A 290 25.17 18.21 -20.81
C GLU A 290 24.04 17.60 -21.65
N GLY A 291 22.86 17.46 -21.07
CA GLY A 291 21.68 16.93 -21.77
C GLY A 291 20.70 16.54 -20.68
N VAL A 292 19.60 15.90 -21.07
CA VAL A 292 18.59 15.46 -20.14
C VAL A 292 18.60 13.94 -20.07
N GLY A 293 18.72 13.41 -18.85
CA GLY A 293 18.93 12.00 -18.67
C GLY A 293 17.62 11.32 -18.35
N LEU A 294 16.60 12.09 -18.00
CA LEU A 294 15.31 11.51 -17.70
C LEU A 294 14.28 12.61 -17.73
N TYR A 295 13.31 12.44 -18.61
CA TYR A 295 12.24 13.36 -18.77
C TYR A 295 11.07 12.55 -18.28
N ARG A 296 10.77 12.76 -17.00
CA ARG A 296 9.64 12.13 -16.32
C ARG A 296 8.40 12.68 -16.96
N THR A 297 7.81 11.97 -17.90
CA THR A 297 6.66 12.52 -18.62
C THR A 297 5.39 12.62 -17.75
N GLU A 298 5.31 11.85 -16.66
CA GLU A 298 4.19 11.96 -15.70
C GLU A 298 3.99 13.38 -15.32
N PHE A 299 5.09 14.07 -15.11
CA PHE A 299 5.10 15.38 -14.50
C PHE A 299 4.39 16.33 -15.46
N LEU A 300 4.57 16.09 -16.76
CA LEU A 300 3.86 16.86 -17.73
C LEU A 300 2.38 16.56 -17.61
N PHE A 301 2.04 15.35 -17.22
CA PHE A 301 0.65 14.91 -17.11
C PHE A 301 0.00 15.51 -15.88
N MET A 302 0.82 15.82 -14.88
CA MET A 302 0.30 16.45 -13.66
C MET A 302 0.43 17.97 -13.78
N ASP A 303 0.86 18.42 -14.95
CA ASP A 303 0.92 19.83 -15.23
C ASP A 303 -0.37 20.33 -15.87
N ARG A 304 -1.38 19.43 -15.97
CA ARG A 304 -2.65 19.60 -16.71
C ARG A 304 -3.83 19.02 -15.93
N ASP A 305 -5.08 19.42 -16.22
CA ASP A 305 -6.23 18.74 -15.58
C ASP A 305 -6.99 17.77 -16.50
N ALA A 306 -6.31 17.31 -17.54
CA ALA A 306 -6.86 16.30 -18.45
C ALA A 306 -5.71 15.51 -18.98
N LEU A 307 -5.98 14.28 -19.47
CA LEU A 307 -4.95 13.47 -20.10
C LEU A 307 -4.52 14.12 -21.40
N PRO A 308 -3.19 14.36 -21.58
CA PRO A 308 -2.74 15.05 -22.79
C PRO A 308 -2.74 14.14 -24.00
N THR A 309 -3.37 14.60 -25.06
CA THR A 309 -3.58 13.82 -26.26
C THR A 309 -2.28 13.62 -26.98
N GLU A 310 -2.32 12.87 -28.05
CA GLU A 310 -1.13 12.74 -28.84
C GLU A 310 -0.58 14.13 -29.17
N GLU A 311 -1.45 15.01 -29.64
CA GLU A 311 -1.04 16.32 -30.13
C GLU A 311 -0.45 17.19 -28.99
N GLU A 312 -1.08 17.16 -27.82
CA GLU A 312 -0.59 17.98 -26.72
C GLU A 312 0.76 17.47 -26.27
N GLN A 313 0.93 16.14 -26.35
CA GLN A 313 2.17 15.54 -25.91
C GLN A 313 3.27 15.89 -26.87
N PHE A 314 2.93 15.72 -28.13
CA PHE A 314 3.84 16.03 -29.19
C PHE A 314 4.40 17.44 -28.98
N ALA A 315 3.50 18.39 -28.69
CA ALA A 315 3.87 19.80 -28.64
C ALA A 315 4.81 20.01 -27.49
N ALA A 316 4.45 19.39 -26.37
CA ALA A 316 5.18 19.47 -25.13
C ALA A 316 6.55 18.89 -25.34
N TYR A 317 6.62 17.72 -25.99
CA TYR A 317 7.90 17.07 -26.30
C TYR A 317 8.75 17.88 -27.23
N LYS A 318 8.10 18.46 -28.25
CA LYS A 318 8.75 19.30 -29.29
C LYS A 318 9.39 20.45 -28.59
N ALA A 319 8.60 21.13 -27.76
CA ALA A 319 9.17 22.27 -27.02
C ALA A 319 10.43 21.85 -26.29
N VAL A 320 10.38 20.72 -25.57
CA VAL A 320 11.50 20.33 -24.74
C VAL A 320 12.67 20.09 -25.69
N ALA A 321 12.43 19.29 -26.71
CA ALA A 321 13.48 18.93 -27.65
C ALA A 321 14.17 20.16 -28.18
N GLU A 322 13.39 21.22 -28.30
CA GLU A 322 13.89 22.43 -28.87
C GLU A 322 14.51 23.31 -27.81
N ALA A 323 13.94 23.32 -26.62
CA ALA A 323 14.54 24.08 -25.54
C ALA A 323 15.83 23.44 -25.12
N CYS A 324 16.09 22.25 -25.62
CA CYS A 324 17.36 21.63 -25.31
C CYS A 324 18.42 21.79 -26.37
N GLY A 325 18.08 22.46 -27.48
CA GLY A 325 19.06 22.76 -28.51
C GLY A 325 19.67 21.49 -29.08
N SER A 326 20.98 21.43 -29.01
CA SER A 326 21.71 20.32 -29.61
C SER A 326 21.56 19.10 -28.74
N GLN A 327 21.18 19.30 -27.47
CA GLN A 327 21.26 18.25 -26.46
C GLN A 327 20.20 17.15 -26.57
N ALA A 328 20.57 15.96 -26.12
CA ALA A 328 19.72 14.77 -26.16
C ALA A 328 18.79 14.73 -24.95
N VAL A 329 17.53 14.42 -25.17
CA VAL A 329 16.63 14.21 -24.05
C VAL A 329 16.20 12.74 -23.97
N ILE A 330 16.28 12.14 -22.79
CA ILE A 330 15.81 10.77 -22.62
C ILE A 330 14.38 10.87 -22.07
N VAL A 331 13.43 10.69 -22.98
CA VAL A 331 12.03 10.85 -22.68
C VAL A 331 11.57 9.52 -22.14
N ARG A 332 11.17 9.49 -20.87
CA ARG A 332 10.66 8.22 -20.33
C ARG A 332 9.18 8.22 -20.55
N THR A 333 8.69 7.10 -21.03
CA THR A 333 7.25 6.95 -21.11
C THR A 333 6.74 6.92 -19.69
N MET A 334 5.44 7.15 -19.60
CA MET A 334 4.76 7.60 -18.41
C MET A 334 4.79 6.63 -17.24
N ASP A 335 5.02 7.17 -16.05
CA ASP A 335 5.10 6.36 -14.85
C ASP A 335 4.15 6.91 -13.78
N ILE A 336 2.90 6.54 -13.92
CA ILE A 336 1.90 6.83 -12.95
C ILE A 336 1.67 5.58 -12.08
N GLY A 337 1.40 5.79 -10.80
CA GLY A 337 0.81 4.74 -10.01
C GLY A 337 1.50 4.18 -8.77
N GLY A 338 2.54 4.84 -8.30
CA GLY A 338 3.03 4.43 -7.00
C GLY A 338 2.58 5.59 -6.15
N ASP A 339 3.53 6.35 -5.65
CA ASP A 339 3.16 7.59 -5.02
C ASP A 339 2.80 8.67 -6.05
N LYS A 340 2.81 8.36 -7.35
CA LYS A 340 2.36 9.37 -8.32
C LYS A 340 1.09 9.03 -9.11
N GLU A 341 -0.02 9.31 -8.45
CA GLU A 341 -1.24 9.18 -9.11
C GLU A 341 -1.49 10.48 -9.87
N LEU A 342 -2.23 10.40 -10.97
CA LEU A 342 -2.93 11.58 -11.42
C LEU A 342 -4.43 11.44 -11.19
N PRO A 343 -4.92 12.20 -10.20
CA PRO A 343 -6.31 12.25 -9.75
C PRO A 343 -7.29 12.25 -10.93
N TYR A 344 -7.02 13.05 -11.95
CA TYR A 344 -7.95 13.05 -13.10
C TYR A 344 -8.21 11.68 -13.76
N MET A 345 -7.37 10.68 -13.45
CA MET A 345 -7.55 9.36 -14.04
C MET A 345 -8.54 8.54 -13.24
N ASN A 346 -8.78 8.95 -11.99
CA ASN A 346 -9.70 8.25 -11.12
C ASN A 346 -9.45 6.75 -11.02
N PHE A 347 -8.21 6.34 -11.19
CA PHE A 347 -7.90 4.94 -11.05
C PHE A 347 -8.37 4.47 -9.68
N PRO A 348 -8.67 3.17 -9.56
CA PRO A 348 -9.06 2.66 -8.24
C PRO A 348 -7.88 2.53 -7.29
N LYS A 349 -8.17 2.51 -5.98
CA LYS A 349 -7.14 2.35 -4.97
C LYS A 349 -6.53 0.97 -4.99
N GLU A 350 -5.28 0.92 -4.54
CA GLU A 350 -4.54 -0.34 -4.37
C GLU A 350 -3.95 -0.47 -2.98
N GLU A 351 -3.85 -1.71 -2.55
CA GLU A 351 -3.30 -1.99 -1.27
C GLU A 351 -1.81 -1.61 -1.20
N ASN A 352 -1.08 -1.80 -2.29
CA ASN A 352 0.33 -1.36 -2.33
C ASN A 352 0.60 -0.69 -3.66
N PRO A 353 0.35 0.62 -3.74
CA PRO A 353 0.50 1.23 -5.04
C PRO A 353 1.87 0.94 -5.61
N PHE A 354 2.89 0.97 -4.78
CA PHE A 354 4.26 0.80 -5.29
C PHE A 354 4.60 -0.58 -5.81
N LEU A 355 3.79 -1.57 -5.44
CA LEU A 355 3.82 -2.89 -6.03
C LEU A 355 2.59 -3.15 -6.88
N GLY A 356 2.02 -2.10 -7.45
CA GLY A 356 0.74 -2.24 -8.13
C GLY A 356 0.81 -1.94 -9.61
N TRP A 357 -0.28 -1.34 -10.09
CA TRP A 357 -0.58 -1.21 -11.49
C TRP A 357 0.00 0.11 -11.95
N ARG A 358 1.29 0.05 -12.17
CA ARG A 358 2.12 1.22 -12.28
C ARG A 358 2.80 1.33 -13.67
N ALA A 359 2.82 2.55 -14.20
CA ALA A 359 3.67 2.90 -15.35
C ALA A 359 3.27 2.05 -16.52
N ILE A 360 4.16 1.19 -16.93
CA ILE A 360 4.02 0.40 -18.15
C ILE A 360 2.87 -0.64 -18.08
N ARG A 361 2.52 -0.95 -16.85
CA ARG A 361 1.49 -1.89 -16.63
C ARG A 361 0.17 -1.31 -17.02
N ILE A 362 0.09 0.02 -16.99
CA ILE A 362 -1.12 0.74 -17.42
C ILE A 362 -1.11 0.91 -18.94
N ALA A 363 -0.02 1.42 -19.45
CA ALA A 363 0.01 1.73 -20.84
C ALA A 363 -0.20 0.44 -21.67
N MET A 364 0.18 -0.70 -21.10
CA MET A 364 -0.09 -2.00 -21.75
C MET A 364 -1.50 -2.51 -21.52
N ASP A 365 -2.18 -1.99 -20.53
CA ASP A 365 -3.57 -2.41 -20.38
C ASP A 365 -4.49 -1.42 -21.02
N ARG A 366 -3.93 -0.32 -21.52
CA ARG A 366 -4.74 0.67 -22.18
C ARG A 366 -3.93 1.25 -23.26
N ARG A 367 -3.87 0.54 -24.40
CA ARG A 367 -3.02 0.94 -25.50
C ARG A 367 -3.16 2.38 -25.97
N GLU A 368 -4.38 2.92 -26.01
CA GLU A 368 -4.52 4.32 -26.41
C GLU A 368 -3.43 5.21 -25.71
N ILE A 369 -3.05 4.86 -24.47
CA ILE A 369 -2.14 5.69 -23.66
C ILE A 369 -0.70 5.52 -24.15
N LEU A 370 -0.27 4.27 -24.18
CA LEU A 370 0.97 3.91 -24.75
C LEU A 370 1.08 4.45 -26.20
N ARG A 371 0.03 4.29 -27.00
CA ARG A 371 0.11 4.65 -28.41
C ARG A 371 0.24 6.16 -28.67
N ASP A 372 -0.67 6.94 -28.05
CA ASP A 372 -0.65 8.37 -28.16
C ASP A 372 0.72 8.79 -27.81
N GLN A 373 1.21 8.31 -26.66
CA GLN A 373 2.49 8.80 -26.16
C GLN A 373 3.63 8.43 -27.08
N LEU A 374 3.80 7.16 -27.40
CA LEU A 374 4.92 6.78 -28.24
C LEU A 374 4.87 7.46 -29.59
N ARG A 375 3.70 7.45 -30.21
CA ARG A 375 3.41 8.31 -31.37
C ARG A 375 3.97 9.75 -31.19
N ALA A 376 3.51 10.44 -30.15
CA ALA A 376 3.98 11.77 -29.85
C ALA A 376 5.50 11.86 -29.71
N ILE A 377 6.13 10.95 -28.98
CA ILE A 377 7.57 11.01 -28.80
C ILE A 377 8.22 10.90 -30.18
N LEU A 378 7.90 9.83 -30.89
CA LEU A 378 8.50 9.62 -32.19
C LEU A 378 8.38 10.88 -33.02
N ARG A 379 7.17 11.43 -33.09
CA ARG A 379 6.98 12.54 -33.96
C ARG A 379 7.83 13.70 -33.49
N ALA A 380 7.93 13.88 -32.16
CA ALA A 380 8.77 14.96 -31.62
C ALA A 380 10.25 14.77 -31.95
N SER A 381 10.67 13.53 -32.19
CA SER A 381 12.06 13.24 -32.49
C SER A 381 12.45 13.78 -33.85
N ALA A 382 11.49 14.28 -34.59
CA ALA A 382 11.81 14.91 -35.86
C ALA A 382 12.37 16.28 -35.60
N PHE A 383 12.48 16.66 -34.32
CA PHE A 383 12.78 18.05 -33.99
C PHE A 383 13.93 18.25 -33.03
N GLY A 384 14.60 17.17 -32.63
CA GLY A 384 15.71 17.28 -31.73
C GLY A 384 16.07 15.90 -31.31
N LYS A 385 17.30 15.69 -30.79
CA LYS A 385 17.69 14.34 -30.38
C LYS A 385 16.88 13.87 -29.16
N LEU A 386 16.03 12.89 -29.38
CA LEU A 386 15.27 12.27 -28.29
C LEU A 386 15.63 10.80 -28.22
N ARG A 387 15.60 10.26 -27.00
CA ARG A 387 15.59 8.82 -26.80
C ARG A 387 14.29 8.43 -26.09
N ILE A 388 13.88 7.18 -26.25
CA ILE A 388 12.72 6.61 -25.54
C ILE A 388 13.20 5.65 -24.48
N MET A 389 12.61 5.75 -23.31
CA MET A 389 12.99 4.84 -22.26
C MET A 389 11.73 4.47 -21.57
N PHE A 390 11.68 3.24 -21.09
CA PHE A 390 10.52 2.66 -20.41
C PHE A 390 10.77 2.44 -18.94
N PRO A 391 9.79 2.80 -18.10
CA PRO A 391 9.81 2.61 -16.65
C PRO A 391 9.30 1.25 -16.20
N MET A 392 9.67 0.81 -14.99
CA MET A 392 9.08 -0.39 -14.36
C MET A 392 9.18 -1.69 -15.13
N ILE A 393 10.16 -1.80 -16.00
CA ILE A 393 10.44 -3.03 -16.72
C ILE A 393 10.86 -4.17 -15.79
N ILE A 394 10.28 -5.33 -16.04
CA ILE A 394 10.45 -6.47 -15.16
C ILE A 394 10.87 -7.75 -15.85
N SER A 395 10.68 -7.80 -17.18
CA SER A 395 10.92 -9.02 -17.93
C SER A 395 11.39 -8.71 -19.34
N VAL A 396 12.03 -9.67 -20.00
CA VAL A 396 12.29 -9.52 -21.41
C VAL A 396 10.96 -9.53 -22.15
N GLU A 397 10.01 -10.32 -21.69
CA GLU A 397 8.66 -10.29 -22.30
C GLU A 397 8.15 -8.85 -22.53
N GLU A 398 8.11 -8.07 -21.44
CA GLU A 398 7.63 -6.68 -21.52
C GLU A 398 8.36 -5.87 -22.61
N VAL A 399 9.67 -5.87 -22.59
CA VAL A 399 10.45 -5.12 -23.61
C VAL A 399 10.11 -5.49 -25.07
N ARG A 400 10.06 -6.78 -25.37
CA ARG A 400 9.73 -7.17 -26.71
C ARG A 400 8.32 -6.72 -27.09
N ALA A 401 7.39 -6.72 -26.14
CA ALA A 401 6.03 -6.41 -26.49
C ALA A 401 5.93 -4.91 -26.83
N LEU A 402 6.78 -4.12 -26.20
CA LEU A 402 6.77 -2.68 -26.33
C LEU A 402 7.54 -2.20 -27.59
N ARG A 403 8.65 -2.88 -27.89
CA ARG A 403 9.40 -2.64 -29.14
C ARG A 403 8.55 -2.94 -30.35
N LYS A 404 7.81 -4.03 -30.23
CA LYS A 404 6.88 -4.44 -31.25
C LYS A 404 5.85 -3.34 -31.41
N GLU A 405 5.37 -2.85 -30.30
CA GLU A 405 4.52 -1.70 -30.31
C GLU A 405 5.18 -0.49 -31.01
N ILE A 406 6.37 -0.09 -30.58
CA ILE A 406 7.05 0.99 -31.29
C ILE A 406 7.02 0.75 -32.82
N GLU A 407 7.50 -0.41 -33.27
CA GLU A 407 7.54 -0.71 -34.66
C GLU A 407 6.21 -0.51 -35.38
N ILE A 408 5.10 -0.82 -34.71
CA ILE A 408 3.78 -0.58 -35.28
C ILE A 408 3.49 0.92 -35.41
N TYR A 409 3.69 1.63 -34.32
CA TYR A 409 3.53 3.05 -34.31
C TYR A 409 4.48 3.73 -35.28
N LYS A 410 5.65 3.16 -35.53
CA LYS A 410 6.60 3.75 -36.45
C LYS A 410 6.02 3.72 -37.84
N GLN A 411 5.43 2.58 -38.22
CA GLN A 411 4.90 2.41 -39.57
C GLN A 411 3.75 3.34 -39.80
N GLU A 412 2.83 3.40 -38.85
CA GLU A 412 1.72 4.28 -38.97
C GLU A 412 2.21 5.68 -39.29
N LEU A 413 3.14 6.20 -38.50
CA LEU A 413 3.73 7.50 -38.82
C LEU A 413 4.24 7.58 -40.27
N ARG A 414 5.13 6.65 -40.66
CA ARG A 414 5.56 6.48 -42.08
C ARG A 414 4.39 6.58 -43.07
N ASP A 415 3.28 5.97 -42.74
CA ASP A 415 2.12 5.93 -43.62
C ASP A 415 1.30 7.19 -43.64
N GLU A 416 1.44 8.00 -42.60
CA GLU A 416 0.69 9.24 -42.50
C GLU A 416 1.55 10.44 -42.94
N GLY A 417 2.76 10.16 -43.46
CA GLY A 417 3.67 11.19 -43.98
C GLY A 417 4.17 12.10 -42.87
N LYS A 418 4.58 11.45 -41.78
CA LYS A 418 5.02 12.08 -40.56
C LYS A 418 6.45 11.62 -40.16
N ALA A 419 7.40 12.54 -40.26
CA ALA A 419 8.81 12.29 -39.96
C ALA A 419 8.96 11.88 -38.50
N PHE A 420 9.93 10.99 -38.28
CA PHE A 420 10.44 10.69 -36.99
C PHE A 420 11.86 10.24 -37.23
N ASP A 421 12.70 10.40 -36.21
CA ASP A 421 14.11 10.08 -36.29
C ASP A 421 14.13 8.58 -36.41
N GLU A 422 14.55 8.06 -37.56
CA GLU A 422 14.65 6.60 -37.73
C GLU A 422 15.76 6.00 -36.86
N SER A 423 16.66 6.84 -36.36
CA SER A 423 17.80 6.43 -35.54
C SER A 423 17.44 6.27 -34.08
N ILE A 424 16.16 6.43 -33.74
CA ILE A 424 15.81 6.75 -32.37
C ILE A 424 16.14 5.59 -31.48
N GLU A 425 16.84 5.90 -30.39
CA GLU A 425 17.29 4.84 -29.53
C GLU A 425 16.33 4.60 -28.42
N ILE A 426 16.26 3.33 -28.06
CA ILE A 426 15.31 2.83 -27.11
C ILE A 426 16.05 2.14 -25.97
N GLY A 427 15.67 2.44 -24.74
CA GLY A 427 16.30 1.80 -23.59
C GLY A 427 15.29 1.51 -22.49
N VAL A 428 15.76 1.12 -21.33
CA VAL A 428 14.83 0.75 -20.29
C VAL A 428 15.36 1.21 -18.97
N MET A 429 14.45 1.54 -18.07
CA MET A 429 14.80 1.84 -16.71
C MET A 429 15.19 0.50 -16.15
N VAL A 430 16.31 0.40 -15.47
CA VAL A 430 16.54 -0.79 -14.65
C VAL A 430 16.28 -0.33 -13.20
N GLU A 431 15.09 -0.56 -12.67
CA GLU A 431 14.76 -0.03 -11.37
C GLU A 431 13.98 -1.05 -10.57
N THR A 432 13.94 -2.21 -11.14
CA THR A 432 13.38 -3.41 -10.57
C THR A 432 14.57 -4.42 -10.37
N PRO A 433 14.54 -5.21 -9.27
CA PRO A 433 15.53 -6.24 -9.04
C PRO A 433 15.39 -7.32 -10.10
N ALA A 434 14.20 -7.53 -10.63
CA ALA A 434 14.03 -8.38 -11.80
C ALA A 434 14.91 -7.89 -12.91
N ALA A 435 14.68 -6.66 -13.34
CA ALA A 435 15.46 -6.12 -14.46
C ALA A 435 16.94 -6.27 -14.17
N ALA A 436 17.31 -5.97 -12.94
CA ALA A 436 18.73 -5.98 -12.60
C ALA A 436 19.25 -7.39 -12.80
N THR A 437 18.46 -8.38 -12.39
CA THR A 437 18.83 -9.79 -12.48
C THR A 437 19.00 -10.36 -13.89
N ILE A 438 18.18 -9.85 -14.81
CA ILE A 438 18.17 -10.31 -16.17
C ILE A 438 18.76 -9.21 -17.05
N ALA A 439 19.50 -8.32 -16.40
CA ALA A 439 20.19 -7.29 -17.14
C ALA A 439 20.88 -7.85 -18.38
N ARG A 440 21.50 -9.03 -18.32
CA ARG A 440 22.26 -9.49 -19.50
C ARG A 440 21.29 -9.64 -20.60
N HIS A 441 20.24 -10.45 -20.36
CA HIS A 441 19.17 -10.62 -21.34
C HIS A 441 18.58 -9.36 -21.88
N LEU A 442 18.36 -8.37 -21.02
CA LEU A 442 17.70 -7.13 -21.45
C LEU A 442 18.63 -6.30 -22.32
N ALA A 443 19.91 -6.32 -21.99
CA ALA A 443 20.95 -5.55 -22.72
C ALA A 443 21.05 -5.84 -24.24
N LYS A 444 20.71 -7.08 -24.64
CA LYS A 444 20.61 -7.44 -26.08
C LYS A 444 19.45 -6.75 -26.69
N GLU A 445 18.47 -6.37 -25.90
CA GLU A 445 17.18 -6.01 -26.44
C GLU A 445 16.96 -4.49 -26.46
N VAL A 446 17.85 -3.74 -25.82
CA VAL A 446 17.72 -2.30 -25.75
C VAL A 446 19.02 -1.64 -26.09
N ASP A 447 18.99 -0.32 -26.32
CA ASP A 447 20.21 0.45 -26.61
C ASP A 447 20.89 0.96 -25.39
N PHE A 448 20.18 0.98 -24.28
CA PHE A 448 20.77 1.55 -23.09
C PHE A 448 19.96 1.27 -21.85
N PHE A 449 20.49 1.66 -20.70
CA PHE A 449 19.84 1.44 -19.41
C PHE A 449 20.04 2.70 -18.67
N SER A 450 19.06 3.05 -17.85
CA SER A 450 19.25 3.99 -16.81
C SER A 450 18.76 3.35 -15.53
N ILE A 451 19.61 3.29 -14.51
CA ILE A 451 19.22 2.63 -13.26
C ILE A 451 18.42 3.56 -12.36
N GLY A 452 17.19 3.15 -12.03
CA GLY A 452 16.41 3.94 -11.11
C GLY A 452 16.65 3.40 -9.73
N THR A 453 17.54 4.01 -8.97
CA THR A 453 17.88 3.51 -7.66
C THR A 453 16.81 3.81 -6.60
N ASN A 454 15.95 4.78 -6.87
CA ASN A 454 14.89 5.06 -5.90
C ASN A 454 14.00 3.84 -5.82
N ASP A 455 13.55 3.39 -6.98
CA ASP A 455 12.79 2.19 -7.03
C ASP A 455 13.59 0.94 -6.70
N LEU A 456 14.71 0.70 -7.38
CA LEU A 456 15.57 -0.43 -7.10
C LEU A 456 15.86 -0.59 -5.60
N THR A 457 16.17 0.50 -4.95
CA THR A 457 16.42 0.41 -3.55
C THR A 457 15.14 -0.13 -2.91
N GLN A 458 14.03 0.53 -3.24
CA GLN A 458 12.74 0.24 -2.67
C GLN A 458 12.45 -1.23 -2.73
N TYR A 459 12.60 -1.85 -3.91
CA TYR A 459 12.21 -3.27 -4.04
C TYR A 459 13.25 -4.22 -3.58
N THR A 460 14.50 -3.80 -3.64
CA THR A 460 15.53 -4.71 -3.26
C THR A 460 15.46 -4.81 -1.72
N LEU A 461 15.26 -3.67 -1.07
CA LEU A 461 15.16 -3.65 0.38
C LEU A 461 13.72 -3.77 0.86
N ALA A 462 12.76 -3.82 -0.04
CA ALA A 462 11.35 -3.76 0.43
C ALA A 462 11.11 -2.68 1.44
N VAL A 463 11.62 -1.49 1.14
CA VAL A 463 11.28 -0.34 1.95
C VAL A 463 10.69 0.77 1.10
N ASP A 464 9.50 1.17 1.53
CA ASP A 464 8.68 2.13 0.83
C ASP A 464 9.42 3.46 0.91
N ARG A 465 9.64 4.04 -0.26
CA ARG A 465 10.28 5.33 -0.40
C ARG A 465 9.55 6.41 0.36
N GLY A 466 8.27 6.17 0.62
CA GLY A 466 7.40 7.14 1.30
C GLY A 466 7.39 6.99 2.80
N ASN A 467 7.86 5.86 3.33
CA ASN A 467 7.59 5.48 4.73
C ASN A 467 8.70 5.94 5.69
N ASP A 468 8.45 7.05 6.39
CA ASP A 468 9.46 7.62 7.30
C ASP A 468 9.77 6.72 8.48
N MET A 469 8.77 5.99 8.95
CA MET A 469 8.99 5.06 10.04
C MET A 469 10.14 4.08 9.81
N ILE A 470 10.31 3.59 8.57
CA ILE A 470 11.45 2.75 8.27
C ILE A 470 12.50 3.41 7.40
N SER A 471 12.48 4.73 7.30
CA SER A 471 13.42 5.34 6.37
C SER A 471 14.86 4.89 6.64
N HIS A 472 15.20 4.57 7.90
CA HIS A 472 16.57 4.25 8.25
C HIS A 472 17.07 3.02 7.51
N LEU A 473 16.13 2.22 7.01
CA LEU A 473 16.41 1.01 6.23
C LEU A 473 16.46 1.28 4.73
N TYR A 474 16.18 2.51 4.32
CA TYR A 474 16.18 2.77 2.92
C TYR A 474 17.59 3.13 2.58
N GLN A 475 18.36 2.18 2.05
CA GLN A 475 19.77 2.44 1.80
C GLN A 475 20.15 2.07 0.46
N PRO A 476 20.23 3.06 -0.44
CA PRO A 476 20.69 2.68 -1.78
C PRO A 476 22.18 2.38 -1.70
N MET A 477 22.79 2.69 -0.57
CA MET A 477 24.19 2.40 -0.41
C MET A 477 24.37 1.19 0.44
N SER A 478 23.73 0.13 -0.04
CA SER A 478 23.85 -1.16 0.55
C SER A 478 24.72 -1.97 -0.33
N PRO A 479 25.43 -2.92 0.27
CA PRO A 479 26.12 -3.91 -0.54
C PRO A 479 25.16 -4.60 -1.50
N SER A 480 23.87 -4.67 -1.13
CA SER A 480 22.89 -5.28 -2.03
C SER A 480 22.49 -4.42 -3.25
N VAL A 481 22.34 -3.13 -3.07
CA VAL A 481 21.94 -2.33 -4.20
C VAL A 481 23.16 -2.08 -5.09
N LEU A 482 24.32 -1.87 -4.47
CA LEU A 482 25.55 -1.60 -5.24
C LEU A 482 25.87 -2.76 -6.13
N ASN A 483 25.90 -3.95 -5.56
CA ASN A 483 26.10 -5.13 -6.38
C ASN A 483 25.19 -5.23 -7.60
N LEU A 484 23.89 -5.02 -7.40
CA LEU A 484 22.93 -4.99 -8.47
C LEU A 484 23.20 -3.89 -9.45
N ILE A 485 23.62 -2.70 -8.98
CA ILE A 485 24.11 -1.63 -9.89
C ILE A 485 25.28 -2.10 -10.79
N LYS A 486 26.28 -2.70 -10.17
CA LYS A 486 27.45 -3.17 -10.88
C LYS A 486 27.04 -4.15 -11.95
N GLN A 487 26.05 -4.94 -11.60
CA GLN A 487 25.76 -6.10 -12.38
C GLN A 487 25.10 -5.56 -13.67
N VAL A 488 24.35 -4.46 -13.50
CA VAL A 488 23.63 -3.82 -14.60
C VAL A 488 24.60 -3.11 -15.53
N ILE A 489 25.50 -2.30 -14.93
CA ILE A 489 26.49 -1.57 -15.69
C ILE A 489 27.24 -2.58 -16.57
N ASP A 490 27.73 -3.64 -15.93
CA ASP A 490 28.48 -4.66 -16.62
C ASP A 490 27.66 -5.26 -17.75
N ALA A 491 26.42 -5.62 -17.48
CA ALA A 491 25.55 -6.07 -18.57
C ALA A 491 25.65 -5.14 -19.75
N SER A 492 25.36 -3.84 -19.56
CA SER A 492 25.52 -2.80 -20.60
C SER A 492 26.77 -3.00 -21.39
N HIS A 493 27.89 -3.02 -20.66
CA HIS A 493 29.16 -2.91 -21.29
C HIS A 493 29.44 -4.18 -22.04
N ALA A 494 28.92 -5.28 -21.51
CA ALA A 494 29.18 -6.54 -22.18
C ALA A 494 28.54 -6.52 -23.56
N GLU A 495 27.40 -5.84 -23.73
CA GLU A 495 26.79 -5.72 -25.07
C GLU A 495 27.29 -4.54 -25.85
N GLY A 496 28.21 -3.77 -25.27
CA GLY A 496 28.68 -2.55 -25.91
C GLY A 496 27.69 -1.41 -25.85
N LYS A 497 26.73 -1.48 -24.92
CA LYS A 497 25.85 -0.36 -24.60
C LYS A 497 26.33 0.28 -23.32
N TRP A 498 25.54 1.20 -22.82
CA TRP A 498 25.93 2.01 -21.70
C TRP A 498 24.79 2.11 -20.68
N THR A 499 25.16 2.39 -19.44
CA THR A 499 24.17 2.54 -18.44
C THR A 499 24.33 3.92 -17.92
N GLY A 500 23.20 4.59 -17.79
CA GLY A 500 23.13 5.82 -17.02
C GLY A 500 22.39 5.57 -15.74
N MET A 501 22.24 6.62 -14.95
CA MET A 501 21.54 6.56 -13.67
C MET A 501 20.76 7.84 -13.41
N CYS A 502 19.44 7.73 -13.27
CA CYS A 502 18.64 8.89 -12.93
C CYS A 502 18.08 8.85 -11.54
N GLY A 503 18.22 7.71 -10.88
CA GLY A 503 17.93 7.65 -9.44
C GLY A 503 18.77 8.68 -8.71
N GLU A 504 18.33 8.99 -7.48
CA GLU A 504 18.97 10.04 -6.69
C GLU A 504 20.41 9.74 -6.26
N LEU A 505 20.80 8.47 -6.32
CA LEU A 505 22.19 8.13 -6.08
C LEU A 505 23.18 8.85 -6.99
N ALA A 506 22.80 9.01 -8.27
CA ALA A 506 23.63 9.72 -9.24
C ALA A 506 24.00 11.06 -8.68
N GLY A 507 23.02 11.73 -8.06
CA GLY A 507 23.24 13.07 -7.51
C GLY A 507 23.77 13.09 -6.09
N ASP A 508 24.02 11.92 -5.50
CA ASP A 508 24.42 11.81 -4.10
C ASP A 508 25.98 11.85 -3.97
N GLU A 509 26.50 12.92 -3.35
CA GLU A 509 27.96 13.12 -3.17
C GLU A 509 28.71 11.89 -2.69
N ARG A 510 28.00 10.96 -2.08
CA ARG A 510 28.64 9.87 -1.38
C ARG A 510 28.79 8.64 -2.24
N ALA A 511 28.08 8.65 -3.37
CA ALA A 511 28.17 7.54 -4.26
C ALA A 511 29.04 7.86 -5.46
N THR A 512 29.28 9.15 -5.68
CA THR A 512 29.91 9.59 -6.90
C THR A 512 31.17 8.81 -7.25
N LEU A 513 32.12 8.67 -6.31
CA LEU A 513 33.32 7.83 -6.56
C LEU A 513 33.03 6.37 -6.88
N LEU A 514 32.02 5.80 -6.23
CA LEU A 514 31.64 4.41 -6.49
C LEU A 514 30.96 4.27 -7.83
N LEU A 515 29.95 5.09 -8.07
CA LEU A 515 29.28 5.08 -9.34
C LEU A 515 30.33 5.21 -10.42
N LEU A 516 31.22 6.17 -10.26
CA LEU A 516 32.31 6.34 -11.24
C LEU A 516 33.19 5.10 -11.38
N GLY A 517 33.66 4.56 -10.25
CA GLY A 517 34.59 3.44 -10.25
C GLY A 517 33.96 2.21 -10.85
N MET A 518 32.64 2.11 -10.68
CA MET A 518 31.90 0.98 -11.16
C MET A 518 31.61 1.09 -12.62
N GLY A 519 32.02 2.22 -13.22
CA GLY A 519 31.94 2.42 -14.67
C GLY A 519 30.66 3.00 -15.23
N LEU A 520 29.80 3.54 -14.36
CA LEU A 520 28.58 4.18 -14.79
C LEU A 520 28.93 5.22 -15.84
N ASP A 521 28.15 5.24 -16.94
CA ASP A 521 28.47 6.04 -18.13
C ASP A 521 27.86 7.38 -18.02
N GLU A 522 26.73 7.44 -17.35
CA GLU A 522 25.92 8.61 -17.37
C GLU A 522 25.24 8.87 -16.05
N PHE A 523 25.27 10.11 -15.60
CA PHE A 523 24.60 10.47 -14.37
C PHE A 523 23.50 11.45 -14.65
N SER A 524 22.34 11.25 -14.07
CA SER A 524 21.31 12.26 -14.32
C SER A 524 20.62 12.61 -13.05
N MET A 525 20.45 13.89 -12.78
CA MET A 525 20.00 14.29 -11.48
C MET A 525 19.20 15.55 -11.53
N SER A 526 18.68 15.94 -10.37
CA SER A 526 18.25 17.29 -10.22
C SER A 526 19.38 18.15 -10.74
N ALA A 527 19.03 19.14 -11.53
CA ALA A 527 20.02 20.09 -12.06
C ALA A 527 20.91 20.64 -10.93
N ILE A 528 20.30 21.03 -9.81
CA ILE A 528 21.08 21.60 -8.70
C ILE A 528 22.22 20.74 -8.23
N SER A 529 22.23 19.45 -8.53
CA SER A 529 23.30 18.61 -8.06
C SER A 529 24.40 18.47 -9.04
N ILE A 530 24.18 19.00 -10.24
CA ILE A 530 25.15 18.81 -11.29
C ILE A 530 26.54 19.33 -10.92
N PRO A 531 26.65 20.59 -10.45
CA PRO A 531 27.98 21.06 -10.07
C PRO A 531 28.69 20.27 -8.94
N ARG A 532 27.98 19.84 -7.89
CA ARG A 532 28.67 19.14 -6.78
C ARG A 532 29.30 17.89 -7.32
N ILE A 533 28.55 17.19 -8.14
CA ILE A 533 28.99 15.94 -8.64
C ILE A 533 30.08 16.14 -9.71
N LYS A 534 29.86 17.10 -10.59
CA LYS A 534 30.86 17.44 -11.57
C LYS A 534 32.19 17.67 -10.79
N LYS A 535 32.12 18.49 -9.72
CA LYS A 535 33.31 18.84 -8.96
C LYS A 535 34.04 17.62 -8.46
N ILE A 536 33.28 16.67 -7.90
CA ILE A 536 33.84 15.44 -7.39
C ILE A 536 34.51 14.67 -8.51
N ILE A 537 33.89 14.73 -9.68
CA ILE A 537 34.34 13.92 -10.80
C ILE A 537 35.61 14.50 -11.32
N ARG A 538 35.61 15.82 -11.45
CA ARG A 538 36.76 16.49 -12.00
C ARG A 538 38.04 16.38 -11.15
N ASN A 539 37.86 15.98 -9.87
CA ASN A 539 38.94 15.97 -8.88
C ASN A 539 39.31 14.56 -8.40
N THR A 540 38.75 13.56 -9.07
CA THR A 540 39.06 12.17 -8.76
C THR A 540 40.03 11.72 -9.76
N ASN A 541 40.74 10.68 -9.38
CA ASN A 541 41.42 9.88 -10.34
C ASN A 541 40.54 8.62 -10.60
N PHE A 542 40.27 8.35 -11.87
CA PHE A 542 39.37 7.26 -12.21
C PHE A 542 39.90 5.89 -11.78
N GLU A 543 41.19 5.67 -11.97
CA GLU A 543 41.75 4.38 -11.60
C GLU A 543 41.58 4.08 -10.12
N ASP A 544 41.74 5.13 -9.32
CA ASP A 544 41.64 5.00 -7.88
C ASP A 544 40.23 4.62 -7.46
N ALA A 545 39.24 5.30 -8.02
CA ALA A 545 37.84 4.99 -7.91
C ALA A 545 37.50 3.55 -8.25
N LYS A 546 38.02 3.03 -9.37
CA LYS A 546 37.79 1.61 -9.68
C LYS A 546 38.19 0.79 -8.45
N VAL A 547 39.42 0.92 -8.03
CA VAL A 547 39.91 0.21 -6.84
C VAL A 547 38.94 0.43 -5.66
N LEU A 548 38.46 1.67 -5.50
CA LEU A 548 37.57 1.96 -4.42
C LEU A 548 36.33 1.12 -4.61
N ALA A 549 35.77 1.16 -5.83
CA ALA A 549 34.50 0.52 -6.13
C ALA A 549 34.61 -0.95 -5.85
N GLU A 550 35.67 -1.51 -6.39
CA GLU A 550 35.83 -2.89 -6.19
C GLU A 550 35.79 -3.22 -4.67
N GLN A 551 36.63 -2.55 -3.88
CA GLN A 551 36.63 -2.82 -2.48
C GLN A 551 35.18 -2.77 -1.94
N ALA A 552 34.48 -1.67 -2.25
CA ALA A 552 33.19 -1.42 -1.65
C ALA A 552 32.25 -2.56 -1.93
N LEU A 553 32.35 -3.10 -3.15
CA LEU A 553 31.47 -4.19 -3.59
C LEU A 553 31.68 -5.50 -2.85
N ALA A 554 32.77 -5.60 -2.08
CA ALA A 554 33.02 -6.82 -1.33
C ALA A 554 32.58 -6.71 0.13
N GLN A 555 32.30 -5.50 0.61
CA GLN A 555 31.89 -5.27 1.98
C GLN A 555 30.51 -5.88 2.27
N PRO A 556 30.36 -6.62 3.37
CA PRO A 556 29.02 -7.12 3.69
C PRO A 556 28.18 -6.10 4.48
N THR A 557 28.70 -4.90 4.65
CA THR A 557 28.07 -3.96 5.55
C THR A 557 28.24 -2.54 4.97
N THR A 558 27.19 -1.75 5.08
CA THR A 558 27.19 -0.36 4.63
C THR A 558 28.29 0.41 5.36
N ASP A 559 28.29 0.33 6.68
CA ASP A 559 29.29 1.03 7.42
C ASP A 559 30.66 0.81 6.87
N GLU A 560 30.99 -0.44 6.60
CA GLU A 560 32.30 -0.84 6.12
C GLU A 560 32.61 -0.23 4.76
N LEU A 561 31.58 -0.11 3.95
CA LEU A 561 31.68 0.50 2.64
C LEU A 561 31.77 2.06 2.75
N MET A 562 31.07 2.64 3.74
CA MET A 562 31.24 4.06 4.00
C MET A 562 32.65 4.36 4.41
N THR A 563 33.28 3.46 5.17
CA THR A 563 34.65 3.69 5.61
C THR A 563 35.60 3.86 4.46
N LEU A 564 35.54 2.96 3.47
CA LEU A 564 36.36 3.03 2.28
C LEU A 564 36.26 4.35 1.61
N VAL A 565 35.02 4.71 1.26
CA VAL A 565 34.71 6.04 0.71
C VAL A 565 35.37 7.18 1.50
N ASN A 566 35.19 7.19 2.83
CA ASN A 566 35.82 8.21 3.65
C ASN A 566 37.35 8.23 3.62
N LYS A 567 38.00 7.09 3.80
CA LYS A 567 39.46 7.08 3.79
C LYS A 567 39.96 7.56 2.44
N PHE A 568 39.16 7.32 1.41
CA PHE A 568 39.48 7.80 0.09
C PHE A 568 39.50 9.33 0.11
N ILE A 569 38.38 9.92 0.46
CA ILE A 569 38.23 11.37 0.48
C ILE A 569 39.32 12.05 1.29
N GLU A 570 39.71 11.42 2.39
CA GLU A 570 40.83 11.86 3.22
C GLU A 570 42.14 11.89 2.45
N GLU A 571 42.48 10.74 1.88
CA GLU A 571 43.78 10.54 1.32
C GLU A 571 43.92 11.10 -0.09
N LYS A 572 42.80 11.29 -0.79
CA LYS A 572 42.81 11.50 -2.24
C LYS A 572 42.42 12.90 -2.78
N THR A 573 41.84 13.78 -1.95
CA THR A 573 41.76 15.23 -2.29
C THR A 573 41.38 16.10 -1.08
N MET B 1 -23.57 -21.72 -17.75
CA MET B 1 -22.09 -21.65 -17.85
C MET B 1 -21.55 -20.68 -16.78
N ILE B 2 -21.55 -21.11 -15.54
CA ILE B 2 -21.03 -20.24 -14.43
C ILE B 2 -19.70 -20.81 -13.94
N SER B 3 -18.69 -19.99 -13.83
CA SER B 3 -17.35 -20.48 -13.37
C SER B 3 -16.80 -19.59 -12.24
N GLY B 4 -16.17 -20.19 -11.26
CA GLY B 4 -15.58 -19.41 -10.12
C GLY B 4 -14.08 -19.72 -10.03
N ILE B 5 -13.46 -19.49 -8.90
CA ILE B 5 -11.99 -19.76 -8.79
C ILE B 5 -11.74 -21.16 -8.21
N LEU B 6 -12.73 -21.80 -7.67
CA LEU B 6 -12.52 -23.16 -7.09
C LEU B 6 -11.37 -23.10 -6.07
N ALA B 7 -11.70 -23.11 -4.80
CA ALA B 7 -10.64 -23.06 -3.74
C ALA B 7 -10.30 -24.48 -3.28
N SER B 8 -11.22 -25.40 -3.41
CA SER B 8 -10.95 -26.80 -2.97
C SER B 8 -11.61 -27.77 -3.97
N PRO B 9 -10.86 -28.71 -4.53
CA PRO B 9 -11.43 -29.69 -5.51
C PRO B 9 -12.18 -30.83 -4.81
N GLY B 10 -13.26 -31.28 -5.38
CA GLY B 10 -14.03 -32.39 -4.74
C GLY B 10 -15.42 -32.43 -5.37
N ILE B 11 -16.38 -33.05 -4.72
CA ILE B 11 -17.77 -33.10 -5.27
C ILE B 11 -18.75 -33.15 -4.10
N ALA B 12 -19.95 -32.62 -4.25
CA ALA B 12 -20.90 -32.67 -3.11
C ALA B 12 -22.35 -32.57 -3.61
N PHE B 13 -23.28 -33.08 -2.84
CA PHE B 13 -24.72 -33.02 -3.22
C PHE B 13 -25.53 -32.58 -1.98
N GLY B 14 -26.34 -31.55 -2.07
CA GLY B 14 -27.10 -31.14 -0.84
C GLY B 14 -28.00 -29.94 -1.14
N LYS B 15 -28.74 -29.50 -0.16
CA LYS B 15 -29.65 -28.33 -0.34
C LYS B 15 -28.83 -27.04 -0.25
N ALA B 16 -29.36 -25.96 -0.76
CA ALA B 16 -28.60 -24.66 -0.74
C ALA B 16 -29.16 -23.71 0.31
N LEU B 17 -28.30 -23.18 1.15
CA LEU B 17 -28.75 -22.23 2.20
C LEU B 17 -28.42 -20.80 1.72
N LEU B 18 -29.33 -19.87 1.85
CA LEU B 18 -29.06 -18.47 1.38
C LEU B 18 -29.10 -17.49 2.55
N LEU B 19 -28.02 -16.77 2.75
CA LEU B 19 -27.97 -15.79 3.89
C LEU B 19 -28.51 -14.43 3.43
N LYS B 20 -29.75 -14.29 3.51
CA LYS B 20 -30.38 -13.11 2.91
C LYS B 20 -31.19 -12.68 3.99
N GLU B 21 -30.57 -12.67 5.14
CA GLU B 21 -31.27 -12.30 6.37
C GLU B 21 -32.25 -11.22 5.92
N ASP B 22 -33.44 -11.54 5.54
CA ASP B 22 -34.32 -10.45 5.10
C ASP B 22 -34.49 -9.35 6.17
N GLU B 23 -34.56 -8.12 5.65
CA GLU B 23 -34.68 -6.88 6.43
C GLU B 23 -35.98 -6.80 7.24
N ILE B 24 -36.01 -5.83 8.18
CA ILE B 24 -37.20 -5.59 8.99
C ILE B 24 -37.93 -4.33 8.50
N VAL B 25 -38.98 -4.58 7.72
CA VAL B 25 -39.73 -3.50 7.14
C VAL B 25 -41.00 -3.34 7.96
N ILE B 26 -41.07 -2.26 8.71
CA ILE B 26 -42.23 -1.95 9.54
C ILE B 26 -43.39 -1.35 8.73
N ASP B 27 -44.52 -2.05 8.67
CA ASP B 27 -45.77 -1.49 8.12
C ASP B 27 -46.26 -0.30 8.96
N ARG B 28 -46.29 0.87 8.32
CA ARG B 28 -46.65 2.10 9.05
C ARG B 28 -48.06 2.69 8.82
N LYS B 29 -48.86 2.06 7.97
CA LYS B 29 -50.27 2.42 7.83
C LYS B 29 -50.97 2.09 9.16
N LYS B 30 -51.62 3.09 9.75
CA LYS B 30 -52.50 2.90 10.93
C LYS B 30 -53.58 1.85 10.63
N ILE B 31 -54.08 1.16 11.65
CA ILE B 31 -55.11 0.14 11.43
C ILE B 31 -56.54 0.55 11.84
N SER B 32 -57.50 -0.31 11.51
CA SER B 32 -58.91 -0.06 11.75
C SER B 32 -59.38 -0.84 12.98
N ALA B 33 -60.45 -0.42 13.59
CA ALA B 33 -60.96 -1.18 14.76
C ALA B 33 -61.18 -2.64 14.35
N ASP B 34 -61.69 -2.87 13.17
CA ASP B 34 -61.89 -4.27 12.72
C ASP B 34 -60.53 -4.96 12.57
N GLN B 35 -59.57 -4.29 11.95
CA GLN B 35 -58.22 -4.90 11.82
C GLN B 35 -57.64 -5.03 13.22
N VAL B 36 -57.50 -3.91 13.91
CA VAL B 36 -56.95 -4.01 15.28
C VAL B 36 -56.98 -5.47 15.73
N ASP B 37 -58.12 -6.10 15.64
CA ASP B 37 -58.22 -7.52 16.06
C ASP B 37 -57.28 -8.39 15.22
N GLN B 38 -57.18 -8.12 13.95
CA GLN B 38 -56.28 -8.97 13.09
C GLN B 38 -54.81 -8.74 13.46
N GLU B 39 -54.43 -7.52 13.71
CA GLU B 39 -53.00 -7.28 14.04
C GLU B 39 -52.64 -7.97 15.36
N VAL B 40 -53.51 -7.93 16.34
CA VAL B 40 -53.20 -8.62 17.61
C VAL B 40 -52.98 -10.10 17.33
N GLU B 41 -53.87 -10.70 16.58
CA GLU B 41 -53.72 -12.15 16.27
C GLU B 41 -52.39 -12.37 15.53
N ARG B 42 -52.04 -11.51 14.61
CA ARG B 42 -50.75 -11.70 13.90
C ARG B 42 -49.62 -11.66 14.94
N PHE B 43 -49.68 -10.74 15.85
CA PHE B 43 -48.64 -10.67 16.91
C PHE B 43 -48.66 -11.97 17.71
N LEU B 44 -49.82 -12.38 18.15
CA LEU B 44 -49.92 -13.64 18.92
C LEU B 44 -49.45 -14.81 18.03
N SER B 45 -49.87 -14.84 16.80
CA SER B 45 -49.43 -15.95 15.89
C SER B 45 -47.92 -15.85 15.68
N GLY B 46 -47.41 -14.67 15.45
CA GLY B 46 -45.94 -14.51 15.25
C GLY B 46 -45.24 -14.78 16.58
N ARG B 47 -45.81 -14.31 17.66
CA ARG B 47 -45.21 -14.55 19.00
C ARG B 47 -45.28 -16.05 19.29
N ALA B 48 -46.29 -16.69 18.78
CA ALA B 48 -46.42 -18.16 19.01
C ALA B 48 -45.19 -18.86 18.45
N LYS B 49 -44.72 -18.46 17.30
CA LYS B 49 -43.51 -19.12 16.74
C LYS B 49 -42.34 -18.86 17.68
N ALA B 50 -41.82 -17.66 17.71
CA ALA B 50 -40.66 -17.34 18.60
C ALA B 50 -40.78 -18.05 19.95
N SER B 51 -41.97 -18.23 20.45
CA SER B 51 -42.08 -18.93 21.75
C SER B 51 -41.46 -20.31 21.61
N ALA B 52 -41.92 -21.08 20.67
CA ALA B 52 -41.38 -22.45 20.48
C ALA B 52 -39.94 -22.41 19.93
N GLN B 53 -39.64 -21.52 19.01
CA GLN B 53 -38.25 -21.49 18.47
C GLN B 53 -37.27 -21.04 19.55
N LEU B 54 -37.63 -20.09 20.36
CA LEU B 54 -36.70 -19.64 21.44
C LEU B 54 -36.45 -20.81 22.39
N GLU B 55 -37.48 -21.57 22.68
CA GLU B 55 -37.31 -22.73 23.58
C GLU B 55 -36.33 -23.73 22.97
N THR B 56 -36.37 -23.91 21.68
CA THR B 56 -35.44 -24.87 21.02
C THR B 56 -34.00 -24.39 21.23
N ILE B 57 -33.76 -23.12 21.10
CA ILE B 57 -32.38 -22.59 21.29
C ILE B 57 -31.92 -22.85 22.72
N LYS B 58 -32.80 -22.70 23.67
CA LYS B 58 -32.45 -22.93 25.10
C LYS B 58 -31.88 -24.35 25.28
N THR B 59 -32.60 -25.32 24.79
CA THR B 59 -32.13 -26.73 24.97
C THR B 59 -30.75 -26.93 24.34
N LYS B 60 -30.45 -26.25 23.27
CA LYS B 60 -29.12 -26.40 22.63
C LYS B 60 -28.05 -25.80 23.54
N ALA B 61 -28.37 -24.71 24.17
CA ALA B 61 -27.38 -24.06 25.06
C ALA B 61 -27.08 -24.98 26.25
N GLY B 62 -28.09 -25.57 26.83
CA GLY B 62 -27.87 -26.47 27.99
C GLY B 62 -26.96 -27.63 27.60
N GLU B 63 -27.28 -28.32 26.55
CA GLU B 63 -26.43 -29.47 26.16
C GLU B 63 -25.09 -28.96 25.64
N THR B 64 -25.10 -27.95 24.80
CA THR B 64 -23.84 -27.43 24.22
C THR B 64 -22.92 -26.79 25.28
N PHE B 65 -23.37 -25.74 25.93
CA PHE B 65 -22.50 -25.06 26.94
C PHE B 65 -22.82 -25.54 28.37
N GLY B 66 -24.06 -25.57 28.77
CA GLY B 66 -24.38 -26.04 30.15
C GLY B 66 -25.53 -25.23 30.78
N GLU B 67 -25.74 -25.40 32.06
CA GLU B 67 -26.82 -24.66 32.78
C GLU B 67 -26.47 -23.17 32.88
N GLU B 68 -25.20 -22.86 32.83
CA GLU B 68 -24.77 -21.44 32.92
C GLU B 68 -25.36 -20.63 31.76
N LYS B 69 -25.45 -21.25 30.60
CA LYS B 69 -26.01 -20.54 29.41
C LYS B 69 -27.48 -20.89 29.21
N GLU B 70 -27.93 -21.98 29.75
CA GLU B 70 -29.36 -22.37 29.57
C GLU B 70 -30.29 -21.39 30.28
N ALA B 71 -29.96 -21.00 31.48
CA ALA B 71 -30.85 -20.08 32.24
C ALA B 71 -30.89 -18.69 31.61
N ILE B 72 -29.85 -18.26 30.93
CA ILE B 72 -29.92 -16.90 30.32
C ILE B 72 -31.10 -16.88 29.34
N PHE B 73 -31.32 -17.93 28.62
CA PHE B 73 -32.47 -17.94 27.65
C PHE B 73 -33.78 -17.89 28.43
N GLU B 74 -33.87 -18.57 29.54
CA GLU B 74 -35.13 -18.54 30.32
C GLU B 74 -35.43 -17.09 30.72
N GLY B 75 -34.44 -16.35 31.11
CA GLY B 75 -34.69 -14.93 31.49
C GLY B 75 -35.22 -14.18 30.26
N HIS B 76 -34.57 -14.33 29.14
CA HIS B 76 -35.02 -13.64 27.91
C HIS B 76 -36.44 -14.11 27.58
N ILE B 77 -36.68 -15.38 27.63
CA ILE B 77 -38.04 -15.90 27.32
C ILE B 77 -39.01 -15.42 28.41
N MET B 78 -38.65 -15.55 29.65
CA MET B 78 -39.56 -15.11 30.74
C MET B 78 -39.84 -13.62 30.61
N LEU B 79 -38.85 -12.84 30.27
CA LEU B 79 -39.09 -11.38 30.11
C LEU B 79 -40.02 -11.13 28.94
N LEU B 80 -39.86 -11.87 27.89
CA LEU B 80 -40.73 -11.68 26.70
C LEU B 80 -42.18 -11.98 27.06
N GLU B 81 -42.40 -13.00 27.85
CA GLU B 81 -43.80 -13.36 28.22
C GLU B 81 -44.27 -12.49 29.40
N ASP B 82 -43.49 -11.52 29.79
CA ASP B 82 -43.92 -10.65 30.94
C ASP B 82 -45.34 -10.13 30.68
N GLU B 83 -46.21 -10.25 31.65
CA GLU B 83 -47.61 -9.79 31.46
C GLU B 83 -47.66 -8.29 31.19
N GLU B 84 -46.61 -7.58 31.52
CA GLU B 84 -46.60 -6.11 31.25
C GLU B 84 -46.48 -5.87 29.74
N LEU B 85 -45.73 -6.70 29.07
CA LEU B 85 -45.56 -6.54 27.59
C LEU B 85 -46.86 -6.90 26.88
N GLU B 86 -47.53 -7.91 27.33
CA GLU B 86 -48.79 -8.32 26.66
C GLU B 86 -49.80 -7.16 26.73
N GLN B 87 -49.97 -6.59 27.88
CA GLN B 87 -50.95 -5.46 28.01
C GLN B 87 -50.44 -4.22 27.29
N GLU B 88 -49.16 -3.92 27.40
CA GLU B 88 -48.61 -2.70 26.74
C GLU B 88 -48.58 -2.84 25.21
N ILE B 89 -48.23 -3.99 24.71
CA ILE B 89 -48.19 -4.15 23.23
C ILE B 89 -49.63 -4.07 22.67
N ILE B 90 -50.53 -4.76 23.31
CA ILE B 90 -51.95 -4.78 22.86
C ILE B 90 -52.60 -3.40 23.06
N ALA B 91 -52.30 -2.74 24.15
CA ALA B 91 -52.92 -1.41 24.41
C ALA B 91 -52.57 -0.41 23.30
N LEU B 92 -51.33 -0.31 22.93
CA LEU B 92 -50.94 0.66 21.85
C LEU B 92 -51.68 0.32 20.54
N ILE B 93 -51.69 -0.94 20.18
CA ILE B 93 -52.40 -1.33 18.92
C ILE B 93 -53.88 -0.98 19.08
N LYS B 94 -54.46 -1.37 20.18
CA LYS B 94 -55.90 -1.08 20.41
C LYS B 94 -56.11 0.43 20.64
N ASP B 95 -55.25 1.06 21.39
CA ASP B 95 -55.45 2.52 21.68
C ASP B 95 -54.91 3.40 20.53
N LYS B 96 -53.70 3.18 20.11
CA LYS B 96 -53.13 4.06 19.03
C LYS B 96 -53.38 3.49 17.62
N HIS B 97 -53.99 2.34 17.51
CA HIS B 97 -54.26 1.76 16.17
C HIS B 97 -52.95 1.66 15.37
N MET B 98 -51.90 1.29 16.05
CA MET B 98 -50.55 1.16 15.41
C MET B 98 -50.34 -0.29 14.95
N THR B 99 -49.31 -0.55 14.19
CA THR B 99 -49.06 -1.94 13.71
C THR B 99 -48.36 -2.74 14.81
N ALA B 100 -48.41 -4.06 14.74
CA ALA B 100 -47.76 -4.90 15.78
C ALA B 100 -46.24 -4.77 15.70
N ASP B 101 -45.68 -4.74 14.52
CA ASP B 101 -44.20 -4.61 14.41
C ASP B 101 -43.77 -3.20 14.84
N ALA B 102 -44.57 -2.20 14.56
CA ALA B 102 -44.19 -0.83 14.99
C ALA B 102 -44.52 -0.63 16.47
N ALA B 103 -45.65 -1.12 16.90
CA ALA B 103 -46.04 -0.96 18.33
C ALA B 103 -45.14 -1.81 19.22
N ALA B 104 -44.92 -3.05 18.86
CA ALA B 104 -44.04 -3.93 19.69
C ALA B 104 -42.63 -3.34 19.76
N HIS B 105 -42.15 -2.80 18.68
CA HIS B 105 -40.77 -2.23 18.68
C HIS B 105 -40.67 -1.11 19.73
N GLU B 106 -41.69 -0.31 19.85
CA GLU B 106 -41.65 0.80 20.84
C GLU B 106 -41.56 0.24 22.26
N VAL B 107 -42.28 -0.80 22.54
CA VAL B 107 -42.27 -1.37 23.93
C VAL B 107 -40.88 -1.88 24.30
N ILE B 108 -40.30 -2.75 23.51
CA ILE B 108 -38.96 -3.28 23.85
C ILE B 108 -37.92 -2.16 23.70
N GLU B 109 -38.06 -1.35 22.69
CA GLU B 109 -37.11 -0.22 22.50
C GLU B 109 -37.27 0.76 23.66
N GLY B 110 -38.49 0.98 24.06
CA GLY B 110 -38.76 1.93 25.18
C GLY B 110 -38.00 1.49 26.43
N GLN B 111 -38.09 0.25 26.82
CA GLN B 111 -37.36 -0.19 28.04
C GLN B 111 -35.85 -0.12 27.76
N ALA B 112 -35.40 -0.74 26.71
CA ALA B 112 -33.94 -0.71 26.40
C ALA B 112 -33.48 0.76 26.34
N SER B 113 -34.29 1.60 25.75
CA SER B 113 -33.90 3.03 25.65
C SER B 113 -33.69 3.59 27.05
N ALA B 114 -34.54 3.23 27.98
CA ALA B 114 -34.38 3.73 29.36
C ALA B 114 -33.06 3.21 29.94
N LEU B 115 -32.73 1.98 29.65
CA LEU B 115 -31.46 1.41 30.19
C LEU B 115 -30.26 2.18 29.63
N GLU B 116 -30.29 2.55 28.37
CA GLU B 116 -29.12 3.29 27.79
C GLU B 116 -28.93 4.60 28.55
N GLU B 117 -29.99 5.22 28.98
CA GLU B 117 -29.84 6.50 29.73
C GLU B 117 -28.91 6.26 30.93
N LEU B 118 -28.77 5.03 31.34
CA LEU B 118 -27.88 4.73 32.50
C LEU B 118 -26.44 5.13 32.17
N ASP B 119 -25.71 5.56 33.16
CA ASP B 119 -24.29 5.97 32.92
C ASP B 119 -23.33 4.83 33.30
N ASP B 120 -23.69 3.60 32.98
CA ASP B 120 -22.81 2.43 33.34
C ASP B 120 -22.62 1.52 32.12
N GLU B 121 -21.41 1.12 31.87
CA GLU B 121 -21.10 0.22 30.72
C GLU B 121 -21.66 -1.19 30.97
N TYR B 122 -21.72 -1.59 32.22
CA TYR B 122 -22.25 -2.94 32.58
C TYR B 122 -23.78 -2.99 32.37
N LEU B 123 -24.47 -1.95 32.72
CA LEU B 123 -25.94 -1.95 32.55
C LEU B 123 -26.25 -1.78 31.05
N LYS B 124 -25.44 -1.04 30.36
CA LYS B 124 -25.67 -0.82 28.90
C LYS B 124 -25.57 -2.15 28.14
N GLU B 125 -24.62 -3.00 28.47
CA GLU B 125 -24.52 -4.30 27.74
C GLU B 125 -25.79 -5.10 27.93
N ARG B 126 -26.31 -5.17 29.14
CA ARG B 126 -27.56 -5.95 29.34
C ARG B 126 -28.66 -5.33 28.48
N ALA B 127 -28.65 -4.04 28.33
CA ALA B 127 -29.68 -3.40 27.46
C ALA B 127 -29.50 -3.93 26.05
N ALA B 128 -28.31 -4.36 25.72
CA ALA B 128 -28.06 -4.92 24.36
C ALA B 128 -28.77 -6.27 24.24
N ASP B 129 -28.72 -7.05 25.29
CA ASP B 129 -29.38 -8.39 25.27
C ASP B 129 -30.90 -8.20 25.17
N VAL B 130 -31.43 -7.23 25.88
CA VAL B 130 -32.90 -6.99 25.82
C VAL B 130 -33.26 -6.47 24.43
N ARG B 131 -32.45 -5.61 23.88
CA ARG B 131 -32.72 -5.06 22.52
C ARG B 131 -32.76 -6.22 21.51
N ASP B 132 -31.87 -7.17 21.66
CA ASP B 132 -31.80 -8.31 20.72
C ASP B 132 -33.13 -9.08 20.74
N ILE B 133 -33.72 -9.25 21.88
CA ILE B 133 -35.00 -10.01 21.96
C ILE B 133 -36.06 -9.32 21.09
N GLY B 134 -36.18 -8.03 21.18
CA GLY B 134 -37.20 -7.32 20.35
C GLY B 134 -36.79 -7.31 18.88
N LYS B 135 -35.51 -7.23 18.61
CA LYS B 135 -35.03 -7.19 17.20
C LYS B 135 -35.48 -8.48 16.47
N ARG B 136 -35.27 -9.62 17.08
CA ARG B 136 -35.67 -10.89 16.44
C ARG B 136 -37.19 -11.01 16.42
N LEU B 137 -37.86 -10.44 17.37
CA LEU B 137 -39.33 -10.53 17.41
C LEU B 137 -39.89 -9.95 16.11
N LEU B 138 -39.34 -8.85 15.66
CA LEU B 138 -39.82 -8.25 14.40
C LEU B 138 -39.61 -9.24 13.25
N ARG B 139 -38.50 -9.93 13.25
CA ARG B 139 -38.28 -10.91 12.16
C ARG B 139 -39.29 -12.05 12.31
N ASN B 140 -39.53 -12.47 13.53
CA ASN B 140 -40.49 -13.59 13.78
C ASN B 140 -41.90 -13.23 13.31
N ILE B 141 -42.33 -12.01 13.48
CA ILE B 141 -43.71 -11.65 13.02
C ILE B 141 -43.69 -11.63 11.49
N LEU B 142 -42.68 -11.06 10.92
CA LEU B 142 -42.60 -11.01 9.43
C LEU B 142 -42.31 -12.42 8.90
N GLY B 143 -41.57 -13.20 9.63
CA GLY B 143 -41.38 -14.60 9.21
C GLY B 143 -40.15 -14.88 8.40
N LEU B 144 -39.28 -13.94 8.37
CA LEU B 144 -38.10 -14.13 7.62
C LEU B 144 -37.32 -15.25 8.29
N LYS B 145 -36.68 -16.10 7.50
CA LYS B 145 -35.95 -17.21 8.07
C LYS B 145 -34.99 -16.70 9.11
N ILE B 146 -34.69 -17.54 10.08
CA ILE B 146 -33.77 -17.16 11.13
C ILE B 146 -32.48 -17.88 10.84
N ILE B 147 -31.40 -17.12 10.61
CA ILE B 147 -30.15 -17.79 10.22
C ILE B 147 -28.94 -17.51 11.12
N ASP B 148 -29.02 -17.67 12.42
CA ASP B 148 -27.72 -17.61 13.16
C ASP B 148 -27.08 -18.81 12.48
N LEU B 149 -25.80 -18.98 12.21
CA LEU B 149 -25.54 -20.21 11.40
C LEU B 149 -25.50 -21.44 12.29
N SER B 150 -25.66 -21.28 13.57
CA SER B 150 -25.61 -22.47 14.48
C SER B 150 -27.00 -23.13 14.55
N ALA B 151 -28.03 -22.45 14.10
CA ALA B 151 -29.41 -23.03 14.18
C ALA B 151 -29.69 -23.99 13.01
N ILE B 152 -28.68 -24.62 12.48
CA ILE B 152 -28.94 -25.56 11.34
C ILE B 152 -29.24 -26.97 11.88
N GLN B 153 -30.41 -27.49 11.57
CA GLN B 153 -30.77 -28.87 12.04
C GLN B 153 -30.59 -29.89 10.90
N ASP B 154 -30.43 -29.44 9.68
CA ASP B 154 -30.28 -30.41 8.53
C ASP B 154 -29.02 -30.10 7.72
N GLU B 155 -28.46 -31.10 7.10
CA GLU B 155 -27.25 -30.88 6.27
C GLU B 155 -27.61 -29.97 5.10
N VAL B 156 -26.80 -28.98 4.83
CA VAL B 156 -27.10 -28.06 3.69
C VAL B 156 -25.79 -27.48 3.14
N ILE B 157 -25.84 -26.89 1.98
CA ILE B 157 -24.61 -26.25 1.41
C ILE B 157 -24.70 -24.79 1.83
N LEU B 158 -23.59 -24.15 2.07
CA LEU B 158 -23.62 -22.72 2.53
C LEU B 158 -23.36 -21.78 1.35
N VAL B 159 -24.31 -20.95 1.02
CA VAL B 159 -24.14 -19.98 -0.11
C VAL B 159 -24.31 -18.55 0.42
N ALA B 160 -23.39 -17.66 0.12
CA ALA B 160 -23.51 -16.27 0.64
C ALA B 160 -22.69 -15.34 -0.26
N ALA B 161 -22.95 -14.07 -0.23
CA ALA B 161 -22.13 -13.16 -1.07
C ALA B 161 -20.71 -13.13 -0.50
N ASP B 162 -20.61 -13.17 0.80
CA ASP B 162 -19.27 -13.18 1.46
C ASP B 162 -19.46 -13.48 2.96
N LEU B 163 -18.52 -14.17 3.57
CA LEU B 163 -18.64 -14.51 5.02
C LEU B 163 -17.58 -13.77 5.83
N THR B 164 -17.93 -13.24 6.98
CA THR B 164 -16.94 -12.52 7.83
C THR B 164 -16.34 -13.51 8.85
N PRO B 165 -15.09 -13.37 9.22
CA PRO B 165 -14.45 -14.28 10.21
C PRO B 165 -15.38 -14.65 11.37
N SER B 166 -16.19 -13.72 11.81
CA SER B 166 -17.11 -14.00 12.94
C SER B 166 -18.04 -15.17 12.59
N GLU B 167 -18.54 -15.21 11.39
CA GLU B 167 -19.46 -16.31 11.02
C GLU B 167 -18.71 -17.65 10.98
N THR B 168 -17.51 -17.65 10.45
CA THR B 168 -16.73 -18.92 10.34
C THR B 168 -16.59 -19.62 11.70
N ALA B 169 -16.54 -18.88 12.77
CA ALA B 169 -16.39 -19.54 14.11
C ALA B 169 -17.69 -20.20 14.52
N GLN B 170 -18.77 -19.46 14.50
CA GLN B 170 -20.09 -20.04 14.91
C GLN B 170 -20.71 -20.75 13.71
N LEU B 171 -19.90 -21.39 12.91
CA LEU B 171 -20.41 -22.12 11.72
C LEU B 171 -20.39 -23.63 11.98
N ASN B 172 -21.41 -24.34 11.58
CA ASN B 172 -21.43 -25.82 11.80
C ASN B 172 -20.69 -26.53 10.67
N LEU B 173 -19.47 -26.95 10.91
CA LEU B 173 -18.69 -27.64 9.84
C LEU B 173 -19.35 -28.96 9.46
N LYS B 174 -19.85 -29.72 10.40
CA LYS B 174 -20.46 -31.04 10.08
C LYS B 174 -21.77 -30.89 9.31
N LYS B 175 -22.51 -29.84 9.52
CA LYS B 175 -23.82 -29.71 8.80
C LYS B 175 -23.64 -28.92 7.50
N VAL B 176 -22.48 -28.37 7.27
CA VAL B 176 -22.22 -27.64 5.99
C VAL B 176 -21.40 -28.56 5.10
N LEU B 177 -21.96 -29.00 4.00
CA LEU B 177 -21.22 -29.95 3.11
C LEU B 177 -20.31 -29.18 2.16
N GLY B 178 -20.19 -27.91 2.31
CA GLY B 178 -19.30 -27.13 1.41
C GLY B 178 -19.54 -25.65 1.61
N PHE B 179 -18.76 -24.83 0.96
CA PHE B 179 -18.93 -23.35 1.10
C PHE B 179 -18.87 -22.72 -0.29
N ILE B 180 -19.84 -21.90 -0.62
CA ILE B 180 -19.84 -21.24 -1.95
C ILE B 180 -20.10 -19.75 -1.76
N THR B 181 -19.25 -18.91 -2.29
CA THR B 181 -19.46 -17.44 -2.12
C THR B 181 -18.90 -16.67 -3.31
N ASP B 182 -19.32 -15.44 -3.47
CA ASP B 182 -18.84 -14.59 -4.60
C ASP B 182 -17.83 -13.57 -4.08
N ALA B 183 -17.18 -13.84 -2.97
CA ALA B 183 -16.20 -12.85 -2.41
C ALA B 183 -15.13 -12.46 -3.47
N GLY B 184 -14.05 -11.87 -3.01
CA GLY B 184 -12.97 -11.44 -3.94
C GLY B 184 -12.17 -12.65 -4.43
N GLY B 185 -11.66 -13.46 -3.54
CA GLY B 185 -10.87 -14.65 -4.00
C GLY B 185 -10.21 -15.34 -2.81
N ARG B 186 -9.02 -15.85 -3.01
CA ARG B 186 -8.31 -16.56 -1.91
C ARG B 186 -7.96 -15.57 -0.81
N THR B 187 -7.85 -14.31 -1.14
CA THR B 187 -7.49 -13.31 -0.10
C THR B 187 -8.63 -13.22 0.92
N SER B 188 -9.64 -14.04 0.77
CA SER B 188 -10.78 -14.02 1.73
C SER B 188 -10.55 -15.03 2.85
N HIS B 189 -10.73 -14.61 4.09
CA HIS B 189 -10.50 -15.50 5.26
C HIS B 189 -11.20 -16.87 5.05
N THR B 190 -12.46 -16.85 4.78
CA THR B 190 -13.19 -18.14 4.59
C THR B 190 -12.54 -19.00 3.50
N SER B 191 -12.01 -18.39 2.46
CA SER B 191 -11.38 -19.19 1.38
C SER B 191 -10.21 -20.02 1.93
N ILE B 192 -9.43 -19.47 2.81
CA ILE B 192 -8.28 -20.23 3.39
C ILE B 192 -8.82 -21.44 4.15
N MET B 193 -9.93 -21.29 4.84
CA MET B 193 -10.48 -22.44 5.61
C MET B 193 -10.82 -23.61 4.68
N ALA B 194 -11.36 -23.35 3.53
CA ALA B 194 -11.69 -24.48 2.60
C ALA B 194 -10.41 -25.24 2.30
N ARG B 195 -9.33 -24.54 2.07
CA ARG B 195 -8.05 -25.23 1.76
C ARG B 195 -7.65 -26.11 2.96
N SER B 196 -7.50 -25.52 4.12
CA SER B 196 -7.10 -26.29 5.33
C SER B 196 -8.15 -27.35 5.69
N LEU B 197 -9.41 -27.03 5.59
CA LEU B 197 -10.46 -28.04 5.96
C LEU B 197 -10.49 -29.15 4.93
N GLU B 198 -10.02 -28.86 3.73
CA GLU B 198 -10.02 -29.88 2.64
C GLU B 198 -11.46 -30.25 2.26
N LEU B 199 -12.29 -29.26 2.05
CA LEU B 199 -13.71 -29.51 1.65
C LEU B 199 -13.99 -28.73 0.35
N PRO B 200 -14.77 -29.26 -0.58
CA PRO B 200 -15.07 -28.55 -1.87
C PRO B 200 -15.72 -27.18 -1.63
N ALA B 201 -15.31 -26.16 -2.37
CA ALA B 201 -15.92 -24.81 -2.17
C ALA B 201 -15.48 -23.82 -3.25
N ILE B 202 -16.32 -22.86 -3.55
CA ILE B 202 -15.99 -21.79 -4.56
C ILE B 202 -16.11 -20.43 -3.88
N VAL B 203 -15.32 -19.46 -4.26
CA VAL B 203 -15.40 -18.11 -3.62
C VAL B 203 -15.55 -17.01 -4.68
N GLY B 204 -15.37 -17.35 -5.95
CA GLY B 204 -15.46 -16.33 -7.04
C GLY B 204 -16.70 -16.58 -7.91
N THR B 205 -17.70 -17.25 -7.40
CA THR B 205 -18.91 -17.53 -8.22
C THR B 205 -19.32 -16.26 -8.99
N GLY B 206 -19.31 -15.13 -8.34
CA GLY B 206 -19.69 -13.85 -9.03
C GLY B 206 -21.16 -13.53 -8.82
N SER B 207 -22.06 -14.45 -9.06
CA SER B 207 -23.52 -14.13 -8.88
C SER B 207 -24.35 -15.41 -8.74
N VAL B 208 -23.86 -16.40 -8.04
CA VAL B 208 -24.66 -17.64 -7.88
C VAL B 208 -25.78 -17.40 -6.85
N THR B 209 -25.48 -16.72 -5.78
CA THR B 209 -26.52 -16.49 -4.73
C THR B 209 -27.75 -15.80 -5.32
N SER B 210 -27.58 -15.00 -6.33
CA SER B 210 -28.75 -14.30 -6.93
C SER B 210 -29.53 -15.28 -7.80
N GLN B 211 -28.93 -16.40 -8.10
CA GLN B 211 -29.61 -17.42 -8.96
C GLN B 211 -30.14 -18.56 -8.08
N VAL B 212 -29.73 -18.61 -6.84
CA VAL B 212 -30.19 -19.73 -5.93
C VAL B 212 -31.14 -19.20 -4.86
N LYS B 213 -32.15 -19.99 -4.54
CA LYS B 213 -33.12 -19.64 -3.46
C LYS B 213 -32.85 -20.63 -2.33
N ASN B 214 -33.18 -20.32 -1.13
CA ASN B 214 -32.92 -21.32 -0.06
C ASN B 214 -33.71 -22.59 -0.36
N ASP B 215 -33.22 -23.72 0.10
CA ASP B 215 -33.91 -25.04 -0.12
C ASP B 215 -33.73 -25.53 -1.57
N ASP B 216 -32.89 -24.89 -2.32
CA ASP B 216 -32.66 -25.35 -3.72
C ASP B 216 -31.70 -26.55 -3.67
N TYR B 217 -31.90 -27.53 -4.52
CA TYR B 217 -30.98 -28.70 -4.53
C TYR B 217 -29.87 -28.41 -5.54
N LEU B 218 -28.64 -28.43 -5.11
CA LEU B 218 -27.50 -28.12 -6.04
C LEU B 218 -26.43 -29.21 -5.95
N ILE B 219 -25.75 -29.47 -7.04
CA ILE B 219 -24.64 -30.47 -7.02
C ILE B 219 -23.36 -29.70 -7.37
N LEU B 220 -22.36 -29.79 -6.54
CA LEU B 220 -21.10 -29.03 -6.81
C LEU B 220 -20.07 -29.97 -7.45
N ASP B 221 -19.66 -29.65 -8.66
CA ASP B 221 -18.65 -30.52 -9.34
C ASP B 221 -17.28 -30.24 -8.72
N ALA B 222 -16.96 -28.99 -8.53
CA ALA B 222 -15.63 -28.64 -7.95
C ALA B 222 -14.54 -29.41 -8.72
N VAL B 223 -14.90 -29.94 -9.87
CA VAL B 223 -13.92 -30.67 -10.71
C VAL B 223 -14.03 -30.12 -12.13
N ASN B 224 -15.23 -29.96 -12.61
CA ASN B 224 -15.45 -29.35 -13.95
C ASN B 224 -15.78 -27.87 -13.70
N ASN B 225 -15.79 -27.49 -12.45
CA ASN B 225 -16.09 -26.09 -12.08
C ASN B 225 -17.50 -25.73 -12.57
N GLN B 226 -18.47 -26.58 -12.33
CA GLN B 226 -19.87 -26.29 -12.78
C GLN B 226 -20.85 -26.61 -11.66
N VAL B 227 -22.00 -25.99 -11.68
CA VAL B 227 -23.04 -26.25 -10.63
C VAL B 227 -24.33 -26.67 -11.34
N TYR B 228 -24.93 -27.75 -10.92
CA TYR B 228 -26.20 -28.21 -11.56
C TYR B 228 -27.39 -27.85 -10.66
N VAL B 229 -28.33 -27.10 -11.18
CA VAL B 229 -29.51 -26.67 -10.37
C VAL B 229 -30.74 -27.54 -10.71
N ASN B 230 -31.21 -28.33 -9.77
CA ASN B 230 -32.41 -29.19 -10.03
C ASN B 230 -32.19 -30.06 -11.27
N PRO B 231 -31.03 -30.62 -11.44
CA PRO B 231 -30.69 -31.45 -12.64
C PRO B 231 -31.40 -32.80 -12.72
N THR B 232 -31.18 -33.46 -13.83
CA THR B 232 -31.73 -34.81 -14.05
C THR B 232 -30.88 -35.78 -13.22
N ASN B 233 -31.34 -36.97 -12.99
CA ASN B 233 -30.53 -37.92 -12.19
C ASN B 233 -29.25 -38.26 -12.97
N GLU B 234 -29.28 -38.08 -14.26
CA GLU B 234 -28.09 -38.38 -15.11
C GLU B 234 -26.89 -37.53 -14.64
N VAL B 235 -27.09 -36.26 -14.49
CA VAL B 235 -25.98 -35.35 -14.05
C VAL B 235 -25.54 -35.76 -12.64
N ILE B 236 -26.46 -35.98 -11.76
CA ILE B 236 -26.09 -36.39 -10.43
C ILE B 236 -25.17 -37.60 -10.45
N ASP B 237 -25.54 -38.60 -11.25
CA ASP B 237 -24.81 -39.84 -11.37
C ASP B 237 -23.41 -39.60 -11.91
N LYS B 238 -23.30 -38.83 -12.98
CA LYS B 238 -21.99 -38.42 -13.48
C LYS B 238 -21.22 -37.80 -12.36
N MET B 239 -21.88 -36.91 -11.60
CA MET B 239 -21.23 -36.20 -10.50
C MET B 239 -20.92 -37.11 -9.32
N ARG B 240 -21.67 -38.21 -9.23
CA ARG B 240 -21.34 -39.19 -8.23
C ARG B 240 -20.11 -40.00 -8.68
N ALA B 241 -19.95 -40.20 -9.97
CA ALA B 241 -18.75 -40.87 -10.44
C ALA B 241 -17.55 -39.94 -10.21
N VAL B 242 -17.76 -38.66 -10.33
CA VAL B 242 -16.69 -37.73 -10.13
C VAL B 242 -16.32 -37.73 -8.66
N GLN B 243 -17.34 -37.78 -7.82
CA GLN B 243 -17.10 -37.80 -6.38
C GLN B 243 -16.25 -39.00 -5.93
N GLU B 244 -16.52 -40.11 -6.57
CA GLU B 244 -15.88 -41.38 -6.30
C GLU B 244 -14.45 -41.40 -6.81
N GLN B 245 -14.22 -40.70 -7.91
CA GLN B 245 -12.92 -40.66 -8.54
C GLN B 245 -12.01 -39.84 -7.65
N VAL B 246 -12.60 -38.85 -7.01
CA VAL B 246 -11.88 -38.04 -6.06
C VAL B 246 -11.39 -38.93 -4.92
N ALA B 247 -12.28 -39.78 -4.40
CA ALA B 247 -11.89 -40.72 -3.34
C ALA B 247 -10.78 -41.69 -3.73
N SER B 248 -10.83 -42.23 -4.95
CA SER B 248 -9.75 -43.09 -5.43
C SER B 248 -8.36 -42.44 -5.36
N GLU B 249 -8.31 -41.18 -5.75
CA GLU B 249 -7.08 -40.42 -5.67
C GLU B 249 -6.58 -40.31 -4.23
N LYS B 250 -7.47 -39.92 -3.32
CA LYS B 250 -7.12 -39.85 -1.94
C LYS B 250 -6.44 -41.14 -1.55
N ALA B 251 -7.03 -42.25 -1.99
CA ALA B 251 -6.52 -43.57 -1.63
C ALA B 251 -5.10 -43.77 -2.20
N GLU B 252 -4.93 -43.58 -3.50
CA GLU B 252 -3.60 -43.70 -4.10
C GLU B 252 -2.58 -42.76 -3.45
N LEU B 253 -3.00 -41.52 -3.11
CA LEU B 253 -2.13 -40.47 -2.57
C LEU B 253 -1.82 -40.70 -1.10
N ALA B 254 -2.69 -41.42 -0.41
CA ALA B 254 -2.48 -41.77 1.00
C ALA B 254 -1.34 -42.72 1.16
N LYS B 255 -0.87 -43.30 0.06
CA LYS B 255 0.32 -44.22 0.20
C LYS B 255 1.56 -43.46 0.83
N LEU B 256 2.29 -44.06 1.83
CA LEU B 256 3.45 -43.39 2.51
C LEU B 256 4.75 -44.27 2.70
N LYS B 257 5.94 -43.62 2.51
CA LYS B 257 7.30 -44.26 2.66
C LYS B 257 8.31 -43.39 3.46
N ASP B 258 9.12 -44.02 4.35
CA ASP B 258 10.16 -43.30 5.15
C ASP B 258 11.31 -42.79 4.22
N LEU B 259 11.81 -41.56 4.48
CA LEU B 259 12.83 -40.95 3.59
C LEU B 259 12.35 -41.10 2.16
N PRO B 260 11.14 -40.68 1.92
CA PRO B 260 10.50 -40.80 0.58
C PRO B 260 11.02 -39.84 -0.50
N ALA B 261 11.63 -38.75 -0.09
CA ALA B 261 12.06 -37.76 -1.07
C ALA B 261 13.39 -38.08 -1.73
N ILE B 262 13.47 -39.22 -2.41
CA ILE B 262 14.71 -39.58 -3.13
C ILE B 262 14.40 -39.81 -4.60
N THR B 263 15.11 -39.09 -5.46
CA THR B 263 15.07 -39.34 -6.87
C THR B 263 15.50 -40.79 -7.18
N LEU B 264 15.06 -41.27 -8.34
CA LEU B 264 15.50 -42.55 -8.90
C LEU B 264 16.99 -42.80 -8.72
N ASP B 265 17.80 -41.80 -9.00
CA ASP B 265 19.25 -41.92 -8.93
C ASP B 265 19.86 -41.54 -7.58
N GLY B 266 19.08 -41.55 -6.51
CA GLY B 266 19.66 -41.44 -5.15
C GLY B 266 19.83 -40.09 -4.46
N HIS B 267 19.21 -39.05 -4.99
CA HIS B 267 19.39 -37.70 -4.44
C HIS B 267 18.24 -37.46 -3.50
N GLN B 268 18.57 -37.14 -2.25
CA GLN B 268 17.56 -36.89 -1.24
C GLN B 268 17.37 -35.42 -0.89
N VAL B 269 16.11 -35.04 -0.67
CA VAL B 269 15.80 -33.70 -0.14
C VAL B 269 14.82 -33.83 1.03
N GLU B 270 14.73 -32.83 1.88
CA GLU B 270 13.70 -32.86 2.86
C GLU B 270 12.43 -32.26 2.24
N VAL B 271 11.30 -32.68 2.78
CA VAL B 271 10.03 -32.23 2.29
C VAL B 271 9.17 -32.12 3.54
N CYS B 272 8.74 -30.90 3.85
CA CYS B 272 8.16 -30.64 5.15
C CYS B 272 6.96 -29.80 4.99
N ALA B 273 6.24 -29.64 6.10
CA ALA B 273 5.05 -28.83 6.09
C ALA B 273 5.36 -27.44 6.62
N ASN B 274 4.74 -26.44 6.00
CA ASN B 274 4.63 -25.15 6.61
C ASN B 274 3.46 -25.27 7.52
N ILE B 275 3.54 -24.75 8.74
CA ILE B 275 2.36 -24.77 9.65
C ILE B 275 2.09 -23.41 10.28
N GLY B 276 0.90 -23.33 10.89
CA GLY B 276 0.47 -22.15 11.58
C GLY B 276 0.19 -22.36 13.05
N THR B 277 0.01 -23.61 13.48
CA THR B 277 -0.70 -23.96 14.72
C THR B 277 -0.50 -25.44 14.95
N VAL B 278 -0.20 -25.91 16.18
CA VAL B 278 -0.22 -27.38 16.47
C VAL B 278 -1.22 -28.16 15.63
N ARG B 279 -2.40 -27.56 15.42
CA ARG B 279 -3.46 -28.22 14.69
C ARG B 279 -3.06 -28.60 13.26
N ASP B 280 -1.99 -28.01 12.76
CA ASP B 280 -1.56 -28.25 11.41
C ASP B 280 -0.62 -29.46 11.38
N VAL B 281 -0.14 -29.86 12.56
CA VAL B 281 0.78 -30.97 12.67
C VAL B 281 0.07 -32.25 12.21
N GLU B 282 -1.22 -32.26 12.44
CA GLU B 282 -2.01 -33.39 12.09
C GLU B 282 -1.94 -33.59 10.57
N GLY B 283 -2.38 -32.59 9.80
CA GLY B 283 -2.21 -32.60 8.33
C GLY B 283 -0.80 -32.93 7.88
N ALA B 284 0.20 -32.46 8.60
CA ALA B 284 1.58 -32.71 8.21
C ALA B 284 1.94 -34.19 8.32
N GLU B 285 1.49 -34.81 9.42
CA GLU B 285 1.80 -36.20 9.66
C GLU B 285 0.99 -37.00 8.66
N ARG B 286 -0.23 -36.53 8.42
CA ARG B 286 -1.15 -37.19 7.50
C ARG B 286 -0.57 -37.30 6.08
N ASN B 287 0.17 -36.28 5.67
CA ASN B 287 0.65 -36.12 4.33
C ASN B 287 2.11 -36.44 4.17
N GLY B 288 2.69 -37.00 5.22
CA GLY B 288 4.00 -37.62 5.08
C GLY B 288 5.16 -36.67 5.23
N ALA B 289 4.90 -35.52 5.84
CA ALA B 289 5.90 -34.50 6.13
C ALA B 289 7.03 -35.10 6.92
N GLU B 290 8.27 -34.75 6.61
CA GLU B 290 9.42 -35.25 7.38
C GLU B 290 9.84 -34.28 8.49
N GLY B 291 9.11 -33.19 8.66
CA GLY B 291 9.37 -32.20 9.71
C GLY B 291 8.63 -30.95 9.30
N VAL B 292 8.83 -29.86 10.03
CA VAL B 292 8.19 -28.60 9.73
C VAL B 292 9.24 -27.61 9.25
N GLY B 293 8.99 -27.02 8.09
CA GLY B 293 9.99 -26.20 7.43
C GLY B 293 9.73 -24.74 7.73
N LEU B 294 8.55 -24.43 8.23
CA LEU B 294 8.24 -23.05 8.55
C LEU B 294 7.04 -23.02 9.45
N TYR B 295 7.23 -22.46 10.64
CA TYR B 295 6.21 -22.34 11.62
C TYR B 295 6.02 -20.86 11.65
N ARG B 296 5.03 -20.42 10.88
CA ARG B 296 4.62 -19.02 10.80
C ARG B 296 4.04 -18.66 12.15
N THR B 297 4.83 -18.05 13.01
CA THR B 297 4.34 -17.78 14.36
C THR B 297 3.25 -16.70 14.41
N GLU B 298 3.15 -15.84 13.38
CA GLU B 298 2.07 -14.85 13.29
C GLU B 298 0.75 -15.52 13.51
N PHE B 299 0.61 -16.69 12.91
CA PHE B 299 -0.66 -17.37 12.82
C PHE B 299 -1.10 -17.74 14.22
N LEU B 300 -0.13 -18.08 15.06
CA LEU B 300 -0.44 -18.33 16.43
C LEU B 300 -0.92 -17.04 17.08
N PHE B 301 -0.42 -15.91 16.63
CA PHE B 301 -0.77 -14.62 17.20
C PHE B 301 -2.16 -14.21 16.75
N MET B 302 -2.58 -14.71 15.60
CA MET B 302 -3.94 -14.41 15.12
C MET B 302 -4.89 -15.51 15.56
N ASP B 303 -4.38 -16.42 16.36
CA ASP B 303 -5.20 -17.46 16.94
C ASP B 303 -5.75 -17.03 18.31
N ARG B 304 -5.48 -15.77 18.68
CA ARG B 304 -5.74 -15.18 20.02
C ARG B 304 -6.25 -13.74 19.90
N ASP B 305 -6.92 -13.18 20.95
CA ASP B 305 -7.28 -11.75 20.89
C ASP B 305 -6.41 -10.84 21.76
N ALA B 306 -5.21 -11.31 22.07
CA ALA B 306 -4.21 -10.52 22.80
C ALA B 306 -2.86 -10.98 22.35
N LEU B 307 -1.85 -10.13 22.55
CA LEU B 307 -0.46 -10.51 22.24
C LEU B 307 -0.01 -11.61 23.20
N PRO B 308 0.47 -12.75 22.66
CA PRO B 308 0.85 -13.85 23.56
C PRO B 308 2.17 -13.61 24.26
N THR B 309 2.17 -13.74 25.57
CA THR B 309 3.31 -13.42 26.39
C THR B 309 4.41 -14.42 26.18
N GLU B 310 5.53 -14.20 26.84
CA GLU B 310 6.56 -15.19 26.76
C GLU B 310 5.99 -16.57 27.09
N GLU B 311 5.26 -16.63 28.19
CA GLU B 311 4.77 -17.91 28.72
C GLU B 311 3.77 -18.58 27.74
N GLU B 312 2.87 -17.78 27.16
CA GLU B 312 1.88 -18.36 26.26
C GLU B 312 2.58 -18.87 25.02
N GLN B 313 3.62 -18.16 24.61
CA GLN B 313 4.33 -18.52 23.40
C GLN B 313 5.10 -19.80 23.65
N PHE B 314 5.79 -19.81 24.78
CA PHE B 314 6.54 -20.95 25.17
C PHE B 314 5.66 -22.19 25.11
N ALA B 315 4.43 -22.09 25.65
CA ALA B 315 3.56 -23.24 25.79
C ALA B 315 3.17 -23.73 24.42
N ALA B 316 2.83 -22.77 23.58
CA ALA B 316 2.40 -22.99 22.23
C ALA B 316 3.52 -23.66 21.46
N TYR B 317 4.74 -23.14 21.61
CA TYR B 317 5.92 -23.71 20.95
C TYR B 317 6.22 -25.10 21.44
N LYS B 318 6.10 -25.29 22.76
CA LYS B 318 6.37 -26.57 23.45
C LYS B 318 5.42 -27.58 22.87
N ALA B 319 4.13 -27.24 22.84
CA ALA B 319 3.16 -28.16 22.28
C ALA B 319 3.59 -28.59 20.88
N VAL B 320 3.97 -27.63 20.03
CA VAL B 320 4.27 -27.94 18.65
C VAL B 320 5.46 -28.89 18.67
N ALA B 321 6.51 -28.49 19.38
CA ALA B 321 7.74 -29.26 19.44
C ALA B 321 7.45 -30.69 19.82
N GLU B 322 6.43 -30.85 20.63
CA GLU B 322 6.10 -32.15 21.14
C GLU B 322 5.14 -32.86 20.21
N ALA B 323 4.22 -32.14 19.61
CA ALA B 323 3.34 -32.75 18.63
C ALA B 323 4.11 -33.15 17.41
N CYS B 324 5.36 -32.71 17.32
CA CYS B 324 6.17 -33.13 16.21
C CYS B 324 7.09 -34.28 16.50
N GLY B 325 7.09 -34.77 17.73
CA GLY B 325 7.87 -35.94 18.08
C GLY B 325 9.34 -35.73 17.83
N SER B 326 9.92 -36.60 17.03
CA SER B 326 11.34 -36.57 16.78
C SER B 326 11.67 -35.44 15.84
N GLN B 327 10.65 -34.95 15.12
CA GLN B 327 10.88 -34.04 13.99
C GLN B 327 11.26 -32.60 14.36
N ALA B 328 12.01 -31.99 13.47
CA ALA B 328 12.53 -30.63 13.63
C ALA B 328 11.49 -29.61 13.19
N VAL B 329 11.28 -28.56 13.97
CA VAL B 329 10.42 -27.47 13.54
C VAL B 329 11.25 -26.20 13.30
N ILE B 330 11.05 -25.55 12.17
CA ILE B 330 11.72 -24.28 11.92
C ILE B 330 10.74 -23.18 12.31
N VAL B 331 10.96 -22.63 13.50
CA VAL B 331 10.09 -21.66 14.09
C VAL B 331 10.54 -20.32 13.55
N ARG B 332 9.69 -19.66 12.77
CA ARG B 332 10.07 -18.34 12.27
C ARG B 332 9.56 -17.34 13.26
N THR B 333 10.41 -16.40 13.60
CA THR B 333 9.95 -15.29 14.43
C THR B 333 8.95 -14.52 13.59
N MET B 334 8.20 -13.71 14.30
CA MET B 334 6.91 -13.20 13.87
C MET B 334 6.97 -12.27 12.67
N ASP B 335 6.01 -12.45 11.75
CA ASP B 335 5.95 -11.66 10.56
C ASP B 335 4.57 -11.05 10.40
N ILE B 336 4.38 -9.94 11.09
CA ILE B 336 3.21 -9.15 10.97
C ILE B 336 3.50 -7.95 10.08
N GLY B 337 2.52 -7.53 9.27
CA GLY B 337 2.58 -6.21 8.69
C GLY B 337 2.58 -6.00 7.18
N GLY B 338 2.28 -7.04 6.42
CA GLY B 338 2.06 -6.77 5.02
C GLY B 338 0.58 -6.96 4.92
N ASP B 339 0.16 -7.99 4.22
CA ASP B 339 -1.24 -8.35 4.29
C ASP B 339 -1.57 -9.07 5.59
N LYS B 340 -0.63 -9.24 6.51
CA LYS B 340 -1.00 -9.83 7.80
C LYS B 340 -0.86 -8.92 9.03
N GLU B 341 -1.90 -8.14 9.21
CA GLU B 341 -1.97 -7.37 10.38
C GLU B 341 -2.57 -8.23 11.47
N LEU B 342 -2.22 -7.96 12.72
CA LEU B 342 -3.10 -8.34 13.80
C LEU B 342 -3.77 -7.12 14.41
N PRO B 343 -5.07 -6.99 14.13
CA PRO B 343 -5.95 -5.91 14.55
C PRO B 343 -5.71 -5.54 16.01
N TYR B 344 -5.59 -6.52 16.90
CA TYR B 344 -5.34 -6.17 18.31
C TYR B 344 -4.11 -5.30 18.59
N MET B 345 -3.24 -5.16 17.59
CA MET B 345 -2.04 -4.33 17.79
C MET B 345 -2.32 -2.89 17.49
N ASN B 346 -3.40 -2.65 16.76
CA ASN B 346 -3.79 -1.28 16.39
C ASN B 346 -2.67 -0.47 15.76
N PHE B 347 -1.75 -1.14 15.08
CA PHE B 347 -0.70 -0.41 14.40
C PHE B 347 -1.33 0.59 13.47
N PRO B 348 -0.61 1.68 13.17
CA PRO B 348 -1.14 2.65 12.21
C PRO B 348 -1.08 2.15 10.77
N LYS B 349 -1.91 2.74 9.91
CA LYS B 349 -1.93 2.38 8.50
C LYS B 349 -0.68 2.83 7.80
N GLU B 350 -0.36 2.11 6.72
CA GLU B 350 0.76 2.42 5.84
C GLU B 350 0.34 2.48 4.38
N GLU B 351 1.02 3.32 3.64
CA GLU B 351 0.74 3.47 2.25
C GLU B 351 1.06 2.18 1.47
N ASN B 352 2.11 1.47 1.87
CA ASN B 352 2.43 0.17 1.24
C ASN B 352 2.81 -0.82 2.32
N PRO B 353 1.81 -1.50 2.89
CA PRO B 353 2.17 -2.36 3.99
C PRO B 353 3.28 -3.31 3.59
N PHE B 354 3.24 -3.83 2.38
CA PHE B 354 4.22 -4.83 1.98
C PHE B 354 5.64 -4.33 1.81
N LEU B 355 5.78 -3.02 1.69
CA LEU B 355 7.07 -2.35 1.77
C LEU B 355 7.20 -1.53 3.05
N GLY B 356 6.53 -1.97 4.10
CA GLY B 356 6.46 -1.15 5.31
C GLY B 356 7.11 -1.79 6.51
N TRP B 357 6.49 -1.54 7.65
CA TRP B 357 7.04 -1.80 8.95
C TRP B 357 6.61 -3.19 9.36
N ARG B 358 7.33 -4.13 8.80
CA ARG B 358 6.91 -5.52 8.75
C ARG B 358 7.90 -6.44 9.50
N ALA B 359 7.33 -7.41 10.25
CA ALA B 359 8.10 -8.54 10.77
C ALA B 359 9.16 -8.04 11.68
N ILE B 360 10.39 -8.24 11.25
CA ILE B 360 11.58 -7.95 12.07
C ILE B 360 11.79 -6.45 12.35
N ARG B 361 11.17 -5.66 11.51
CA ARG B 361 11.28 -4.26 11.63
C ARG B 361 10.53 -3.79 12.85
N ILE B 362 9.53 -4.58 13.24
CA ILE B 362 8.73 -4.30 14.45
C ILE B 362 9.46 -4.84 15.69
N ALA B 363 9.86 -6.10 15.62
CA ALA B 363 10.43 -6.70 16.78
C ALA B 363 11.71 -5.94 17.18
N MET B 364 12.37 -5.33 16.20
CA MET B 364 13.53 -4.48 16.50
C MET B 364 13.17 -3.08 16.96
N ASP B 365 11.95 -2.65 16.71
CA ASP B 365 11.58 -1.35 17.24
C ASP B 365 10.83 -1.51 18.53
N ARG B 366 10.58 -2.74 18.92
CA ARG B 366 9.90 -2.98 20.16
C ARG B 366 10.44 -4.24 20.72
N ARG B 367 11.58 -4.15 21.39
CA ARG B 367 12.29 -5.31 21.88
C ARG B 367 11.46 -6.27 22.73
N GLU B 368 10.58 -5.76 23.59
CA GLU B 368 9.75 -6.67 24.38
C GLU B 368 9.18 -7.82 23.47
N ILE B 369 8.91 -7.53 22.20
CA ILE B 369 8.25 -8.49 21.28
C ILE B 369 9.27 -9.54 20.82
N LEU B 370 10.36 -9.05 20.25
CA LEU B 370 11.45 -9.86 19.91
C LEU B 370 11.93 -10.69 21.13
N ARG B 371 12.05 -10.06 22.30
CA ARG B 371 12.61 -10.73 23.46
C ARG B 371 11.73 -11.87 24.01
N ASP B 372 10.45 -11.56 24.25
CA ASP B 372 9.50 -12.52 24.73
C ASP B 372 9.59 -13.67 23.80
N GLN B 373 9.50 -13.39 22.51
CA GLN B 373 9.42 -14.48 21.54
C GLN B 373 10.68 -15.32 21.52
N LEU B 374 11.83 -14.71 21.32
CA LEU B 374 13.05 -15.50 21.25
C LEU B 374 13.30 -16.27 22.53
N ARG B 375 13.15 -15.60 23.67
CA ARG B 375 13.06 -16.26 24.96
C ARG B 375 12.18 -17.54 24.92
N ALA B 376 10.90 -17.37 24.56
CA ALA B 376 9.99 -18.49 24.43
C ALA B 376 10.50 -19.58 23.50
N ILE B 377 11.01 -19.24 22.32
CA ILE B 377 11.49 -20.27 21.40
C ILE B 377 12.61 -21.03 22.08
N LEU B 378 13.63 -20.31 22.53
CA LEU B 378 14.76 -20.97 23.15
C LEU B 378 14.27 -21.93 24.22
N ARG B 379 13.41 -21.44 25.09
CA ARG B 379 13.02 -22.25 26.20
C ARG B 379 12.30 -23.47 25.68
N ALA B 380 11.47 -23.30 24.63
CA ALA B 380 10.75 -24.44 24.05
C ALA B 380 11.71 -25.46 23.43
N SER B 381 12.91 -25.03 23.03
CA SER B 381 13.87 -25.92 22.42
C SER B 381 14.41 -26.92 23.41
N ALA B 382 14.06 -26.76 24.68
CA ALA B 382 14.46 -27.75 25.66
C ALA B 382 13.58 -28.96 25.53
N PHE B 383 12.64 -28.93 24.58
CA PHE B 383 11.59 -29.95 24.53
C PHE B 383 11.40 -30.64 23.21
N GLY B 384 12.24 -30.30 22.22
CA GLY B 384 12.14 -30.92 20.92
C GLY B 384 13.03 -30.17 20.01
N LYS B 385 13.42 -30.76 18.87
CA LYS B 385 14.32 -30.06 17.94
C LYS B 385 13.64 -28.84 17.31
N LEU B 386 14.08 -27.66 17.68
CA LEU B 386 13.60 -26.43 17.07
C LEU B 386 14.75 -25.71 16.41
N ARG B 387 14.45 -25.01 15.32
CA ARG B 387 15.35 -24.02 14.75
C ARG B 387 14.68 -22.65 14.82
N ILE B 388 15.49 -21.58 14.82
CA ILE B 388 15.00 -20.20 14.77
C ILE B 388 15.30 -19.64 13.40
N MET B 389 14.32 -18.95 12.83
CA MET B 389 14.55 -18.35 11.55
C MET B 389 13.89 -17.02 11.60
N PHE B 390 14.47 -16.06 10.91
CA PHE B 390 14.01 -14.67 10.85
C PHE B 390 13.45 -14.30 9.50
N PRO B 391 12.31 -13.61 9.49
CA PRO B 391 11.64 -13.10 8.29
C PRO B 391 12.14 -11.74 7.84
N MET B 392 11.94 -11.38 6.56
CA MET B 392 12.20 -10.02 6.06
C MET B 392 13.59 -9.46 6.24
N ILE B 393 14.57 -10.33 6.36
CA ILE B 393 15.96 -9.93 6.42
C ILE B 393 16.43 -9.24 5.14
N ILE B 394 17.16 -8.14 5.33
CA ILE B 394 17.55 -7.29 4.23
C ILE B 394 19.03 -6.96 4.17
N SER B 395 19.72 -7.16 5.30
CA SER B 395 21.10 -6.75 5.42
C SER B 395 21.88 -7.67 6.35
N VAL B 396 23.20 -7.69 6.24
CA VAL B 396 23.99 -8.35 7.24
C VAL B 396 23.84 -7.61 8.56
N GLU B 397 23.74 -6.28 8.51
CA GLU B 397 23.48 -5.52 9.74
C GLU B 397 22.37 -6.15 10.61
N GLU B 398 21.19 -6.33 9.99
CA GLU B 398 20.04 -6.91 10.71
C GLU B 398 20.38 -8.24 11.39
N VAL B 399 20.94 -9.17 10.64
CA VAL B 399 21.29 -10.49 11.23
C VAL B 399 22.23 -10.42 12.45
N ARG B 400 23.29 -9.63 12.35
CA ARG B 400 24.18 -9.51 13.47
C ARG B 400 23.47 -8.90 14.67
N ALA B 401 22.54 -7.98 14.45
CA ALA B 401 21.93 -7.31 15.58
C ALA B 401 21.02 -8.29 16.31
N LEU B 402 20.46 -9.23 15.56
CA LEU B 402 19.51 -10.19 16.08
C LEU B 402 20.20 -11.39 16.76
N ARG B 403 21.32 -11.84 16.20
CA ARG B 403 22.16 -12.87 16.83
C ARG B 403 22.69 -12.40 18.16
N LYS B 404 23.10 -11.14 18.18
CA LYS B 404 23.55 -10.50 19.38
C LYS B 404 22.43 -10.52 20.39
N GLU B 405 21.24 -10.17 19.91
CA GLU B 405 20.06 -10.31 20.72
C GLU B 405 19.89 -11.75 21.24
N ILE B 406 19.87 -12.74 20.36
CA ILE B 406 19.79 -14.12 20.82
C ILE B 406 20.79 -14.36 21.97
N GLU B 407 22.07 -14.08 21.73
CA GLU B 407 23.08 -14.30 22.72
C GLU B 407 22.77 -13.68 24.08
N ILE B 408 22.14 -12.51 24.09
CA ILE B 408 21.74 -11.88 25.34
C ILE B 408 20.61 -12.67 26.01
N TYR B 409 19.58 -12.98 25.25
CA TYR B 409 18.50 -13.78 25.73
C TYR B 409 18.97 -15.15 26.15
N LYS B 410 20.01 -15.69 25.53
CA LYS B 410 20.50 -17.01 25.90
C LYS B 410 21.06 -16.94 27.30
N GLN B 411 21.83 -15.91 27.60
CA GLN B 411 22.47 -15.78 28.90
C GLN B 411 21.46 -15.63 29.99
N GLU B 412 20.49 -14.75 29.76
CA GLU B 412 19.45 -14.55 30.73
C GLU B 412 18.84 -15.90 31.09
N LEU B 413 18.43 -16.68 30.10
CA LEU B 413 17.94 -18.02 30.40
C LEU B 413 18.91 -18.84 31.26
N ARG B 414 20.17 -18.98 30.81
CA ARG B 414 21.25 -19.57 31.64
C ARG B 414 21.24 -19.08 33.09
N ASP B 415 21.02 -17.79 33.29
CA ASP B 415 21.04 -17.18 34.60
C ASP B 415 19.80 -17.42 35.43
N GLU B 416 18.71 -17.75 34.76
CA GLU B 416 17.45 -18.00 35.45
C GLU B 416 17.22 -19.50 35.65
N GLY B 417 18.22 -20.33 35.31
CA GLY B 417 18.17 -21.79 35.50
C GLY B 417 17.10 -22.43 34.61
N LYS B 418 17.14 -21.99 33.35
CA LYS B 418 16.19 -22.37 32.31
C LYS B 418 16.92 -22.98 31.08
N ALA B 419 16.73 -24.29 30.90
CA ALA B 419 17.32 -25.05 29.81
C ALA B 419 16.87 -24.49 28.47
N PHE B 420 17.79 -24.56 27.51
CA PHE B 420 17.51 -24.36 26.13
C PHE B 420 18.58 -25.15 25.40
N ASP B 421 18.24 -25.57 24.18
CA ASP B 421 19.11 -26.39 23.37
C ASP B 421 20.26 -25.47 23.03
N GLU B 422 21.45 -25.75 23.55
CA GLU B 422 22.63 -24.93 23.22
C GLU B 422 23.05 -25.11 21.77
N SER B 423 22.55 -26.14 21.09
CA SER B 423 22.87 -26.46 19.71
C SER B 423 22.02 -25.71 18.72
N ILE B 424 21.17 -24.81 19.21
CA ILE B 424 20.02 -24.38 18.42
C ILE B 424 20.50 -23.62 17.22
N GLU B 425 19.97 -24.02 16.06
CA GLU B 425 20.44 -23.43 14.84
C GLU B 425 19.57 -22.27 14.45
N ILE B 426 20.24 -21.30 13.84
CA ILE B 426 19.67 -20.05 13.49
C ILE B 426 19.84 -19.82 11.99
N GLY B 427 18.78 -19.40 11.32
CA GLY B 427 18.86 -19.12 9.89
C GLY B 427 18.02 -17.91 9.51
N VAL B 428 17.85 -17.67 8.23
CA VAL B 428 17.14 -16.49 7.83
C VAL B 428 16.30 -16.80 6.64
N MET B 429 15.18 -16.10 6.53
CA MET B 429 14.35 -16.17 5.35
C MET B 429 15.16 -15.43 4.32
N VAL B 430 15.34 -15.98 3.13
CA VAL B 430 15.81 -15.15 2.03
C VAL B 430 14.57 -14.87 1.18
N GLU B 431 13.93 -13.72 1.36
CA GLU B 431 12.69 -13.47 0.67
C GLU B 431 12.64 -12.04 0.20
N THR B 432 13.77 -11.41 0.33
CA THR B 432 14.05 -10.09 -0.14
C THR B 432 15.17 -10.23 -1.24
N PRO B 433 15.11 -9.39 -2.31
CA PRO B 433 16.14 -9.36 -3.32
C PRO B 433 17.43 -8.87 -2.71
N ALA B 434 17.37 -8.03 -1.70
CA ALA B 434 18.55 -7.69 -0.93
C ALA B 434 19.21 -8.93 -0.41
N ALA B 435 18.47 -9.68 0.40
CA ALA B 435 19.04 -10.90 0.99
C ALA B 435 19.62 -11.77 -0.10
N ALA B 436 18.87 -11.90 -1.19
CA ALA B 436 19.30 -12.80 -2.24
C ALA B 436 20.64 -12.33 -2.76
N THR B 437 20.77 -11.01 -2.92
CA THR B 437 21.99 -10.38 -3.46
C THR B 437 23.26 -10.53 -2.60
N ILE B 438 23.05 -10.55 -1.29
CA ILE B 438 24.14 -10.61 -0.35
C ILE B 438 24.10 -11.98 0.31
N ALA B 439 23.42 -12.89 -0.35
CA ALA B 439 23.39 -14.26 0.14
C ALA B 439 24.78 -14.73 0.57
N ARG B 440 25.85 -14.40 -0.16
CA ARG B 440 27.16 -14.97 0.21
C ARG B 440 27.47 -14.47 1.57
N HIS B 441 27.46 -13.15 1.74
CA HIS B 441 27.68 -12.54 3.05
C HIS B 441 26.82 -13.08 4.16
N LEU B 442 25.54 -13.33 3.88
CA LEU B 442 24.61 -13.77 4.94
C LEU B 442 24.90 -15.21 5.34
N ALA B 443 25.29 -16.03 4.36
CA ALA B 443 25.59 -17.45 4.57
C ALA B 443 26.69 -17.75 5.62
N LYS B 444 27.64 -16.83 5.78
CA LYS B 444 28.66 -16.92 6.85
C LYS B 444 28.03 -16.70 8.17
N GLU B 445 26.89 -16.04 8.19
CA GLU B 445 26.37 -15.50 9.45
C GLU B 445 25.22 -16.33 10.00
N VAL B 446 24.71 -17.28 9.22
CA VAL B 446 23.59 -18.09 9.65
C VAL B 446 23.87 -19.53 9.37
N ASP B 447 23.05 -20.42 9.94
CA ASP B 447 23.18 -21.87 9.70
C ASP B 447 22.43 -22.35 8.51
N PHE B 448 21.48 -21.55 8.04
CA PHE B 448 20.67 -22.01 6.94
C PHE B 448 19.83 -20.91 6.35
N PHE B 449 19.14 -21.22 5.26
CA PHE B 449 18.29 -20.27 4.55
C PHE B 449 17.08 -21.01 4.21
N SER B 450 15.95 -20.31 4.22
CA SER B 450 14.77 -20.76 3.56
C SER B 450 14.31 -19.64 2.65
N ILE B 451 14.14 -19.93 1.36
CA ILE B 451 13.76 -18.88 0.41
C ILE B 451 12.25 -18.67 0.41
N GLY B 452 11.84 -17.44 0.73
CA GLY B 452 10.43 -17.13 0.66
C GLY B 452 10.14 -16.56 -0.71
N THR B 453 9.67 -17.40 -1.62
CA THR B 453 9.43 -16.95 -2.97
C THR B 453 8.17 -16.09 -3.12
N ASN B 454 7.26 -16.18 -2.17
CA ASN B 454 6.07 -15.33 -2.25
C ASN B 454 6.51 -13.89 -2.17
N ASP B 455 7.28 -13.60 -1.13
CA ASP B 455 7.84 -12.30 -1.01
C ASP B 455 8.89 -11.97 -2.07
N LEU B 456 9.92 -12.80 -2.22
CA LEU B 456 10.94 -12.60 -3.22
C LEU B 456 10.33 -12.30 -4.62
N THR B 457 9.33 -13.04 -5.00
CA THR B 457 8.71 -12.78 -6.25
C THR B 457 8.20 -11.35 -6.19
N GLN B 458 7.45 -11.07 -5.14
CA GLN B 458 6.78 -9.80 -4.94
C GLN B 458 7.74 -8.67 -5.14
N TYR B 459 8.90 -8.69 -4.47
CA TYR B 459 9.82 -7.54 -4.55
C TYR B 459 10.68 -7.54 -5.77
N THR B 460 10.95 -8.71 -6.29
CA THR B 460 11.82 -8.76 -7.42
C THR B 460 11.01 -8.23 -8.60
N LEU B 461 9.75 -8.64 -8.69
CA LEU B 461 8.89 -8.18 -9.77
C LEU B 461 8.09 -6.95 -9.38
N ALA B 462 8.21 -6.47 -8.15
CA ALA B 462 7.31 -5.38 -7.71
C ALA B 462 5.87 -5.63 -8.07
N VAL B 463 5.40 -6.83 -7.79
CA VAL B 463 4.00 -7.11 -7.91
C VAL B 463 3.43 -7.64 -6.61
N ASP B 464 2.38 -6.93 -6.17
CA ASP B 464 1.75 -7.16 -4.91
C ASP B 464 1.07 -8.52 -5.00
N ARG B 465 1.41 -9.37 -4.04
CA ARG B 465 0.84 -10.70 -3.92
C ARG B 465 -0.66 -10.67 -3.81
N GLY B 466 -1.19 -9.53 -3.37
CA GLY B 466 -2.62 -9.34 -3.14
C GLY B 466 -3.36 -8.82 -4.35
N ASN B 467 -2.65 -8.29 -5.35
CA ASN B 467 -3.27 -7.47 -6.40
C ASN B 467 -3.67 -8.29 -7.64
N ASP B 468 -4.95 -8.63 -7.75
CA ASP B 468 -5.43 -9.47 -8.85
C ASP B 468 -5.31 -8.79 -10.21
N MET B 469 -5.49 -7.47 -10.22
CA MET B 469 -5.34 -6.73 -11.45
C MET B 469 -4.02 -6.97 -12.18
N ILE B 470 -2.92 -7.13 -11.45
CA ILE B 470 -1.66 -7.49 -12.09
C ILE B 470 -1.20 -8.90 -11.80
N SER B 471 -2.09 -9.76 -11.34
CA SER B 471 -1.61 -11.08 -10.97
C SER B 471 -0.81 -11.74 -12.10
N HIS B 472 -1.15 -11.43 -13.35
CA HIS B 472 -0.54 -12.11 -14.49
C HIS B 472 0.97 -11.87 -14.55
N LEU B 473 1.42 -10.82 -13.85
CA LEU B 473 2.84 -10.47 -13.73
C LEU B 473 3.49 -11.09 -12.52
N TYR B 474 2.73 -11.79 -11.69
CA TYR B 474 3.34 -12.34 -10.52
C TYR B 474 3.86 -13.68 -10.93
N GLN B 475 5.16 -13.75 -11.21
CA GLN B 475 5.72 -15.00 -11.74
C GLN B 475 6.89 -15.41 -10.99
N PRO B 476 6.73 -16.35 -10.06
CA PRO B 476 7.94 -16.80 -9.37
C PRO B 476 8.74 -17.65 -10.35
N MET B 477 8.16 -17.97 -11.50
CA MET B 477 8.87 -18.73 -12.47
C MET B 477 9.34 -17.85 -13.57
N SER B 478 10.08 -16.84 -13.15
CA SER B 478 10.72 -15.93 -14.04
C SER B 478 12.16 -16.27 -14.05
N PRO B 479 12.81 -16.01 -15.18
CA PRO B 479 14.26 -16.09 -15.21
C PRO B 479 14.87 -15.21 -14.11
N SER B 480 14.16 -14.16 -13.71
CA SER B 480 14.68 -13.31 -12.63
C SER B 480 14.58 -13.92 -11.21
N VAL B 481 13.50 -14.59 -10.91
CA VAL B 481 13.39 -15.13 -9.58
C VAL B 481 14.24 -16.41 -9.49
N LEU B 482 14.24 -17.19 -10.56
CA LEU B 482 14.99 -18.46 -10.56
C LEU B 482 16.46 -18.19 -10.37
N ASN B 483 16.99 -17.28 -11.16
CA ASN B 483 18.37 -16.90 -10.97
C ASN B 483 18.74 -16.51 -9.53
N LEU B 484 17.93 -15.67 -8.92
CA LEU B 484 18.09 -15.30 -7.53
C LEU B 484 17.96 -16.47 -6.60
N ILE B 485 17.05 -17.40 -6.87
CA ILE B 485 17.00 -18.69 -6.13
C ILE B 485 18.33 -19.48 -6.21
N LYS B 486 18.84 -19.64 -7.42
CA LYS B 486 20.07 -20.36 -7.63
C LYS B 486 21.19 -19.73 -6.85
N GLN B 487 21.14 -18.42 -6.80
CA GLN B 487 22.27 -17.68 -6.35
C GLN B 487 22.32 -17.92 -4.83
N VAL B 488 21.12 -18.04 -4.23
CA VAL B 488 20.98 -18.25 -2.80
C VAL B 488 21.40 -19.66 -2.40
N ILE B 489 20.88 -20.64 -3.14
CA ILE B 489 21.20 -22.03 -2.90
C ILE B 489 22.73 -22.16 -2.91
N ASP B 490 23.34 -21.66 -3.98
CA ASP B 490 24.77 -21.71 -4.15
C ASP B 490 25.48 -21.07 -2.98
N ALA B 491 25.05 -19.87 -2.59
CA ALA B 491 25.61 -19.25 -1.38
C ALA B 491 25.65 -20.26 -0.25
N SER B 492 24.49 -20.84 0.12
CA SER B 492 24.41 -21.90 1.14
C SER B 492 25.52 -22.88 1.01
N HIS B 493 25.60 -23.46 -0.19
CA HIS B 493 26.42 -24.62 -0.38
C HIS B 493 27.86 -24.21 -0.30
N ALA B 494 28.14 -22.98 -0.74
CA ALA B 494 29.51 -22.55 -0.71
C ALA B 494 30.00 -22.48 0.74
N GLU B 495 29.11 -22.15 1.70
CA GLU B 495 29.52 -22.16 3.12
C GLU B 495 29.33 -23.49 3.77
N GLY B 496 28.85 -24.48 3.02
CA GLY B 496 28.54 -25.79 3.60
C GLY B 496 27.27 -25.79 4.43
N LYS B 497 26.40 -24.82 4.22
CA LYS B 497 25.04 -24.81 4.76
C LYS B 497 24.08 -25.22 3.69
N TRP B 498 22.81 -25.12 3.99
CA TRP B 498 21.77 -25.59 3.12
C TRP B 498 20.64 -24.57 2.98
N THR B 499 19.91 -24.67 1.90
CA THR B 499 18.83 -23.79 1.69
C THR B 499 17.62 -24.65 1.59
N GLY B 500 16.58 -24.23 2.30
CA GLY B 500 15.25 -24.77 2.09
C GLY B 500 14.40 -23.74 1.42
N MET B 501 13.15 -24.07 1.18
CA MET B 501 12.18 -23.19 0.55
C MET B 501 10.79 -23.38 1.14
N CYS B 502 10.23 -22.33 1.73
CA CYS B 502 8.87 -22.41 2.24
C CYS B 502 7.88 -21.60 1.44
N GLY B 503 8.37 -20.79 0.53
CA GLY B 503 7.49 -20.16 -0.45
C GLY B 503 6.72 -21.21 -1.21
N GLU B 504 5.62 -20.75 -1.83
CA GLU B 504 4.71 -21.66 -2.51
C GLU B 504 5.30 -22.38 -3.73
N LEU B 505 6.40 -21.85 -4.26
CA LEU B 505 7.10 -22.57 -5.31
C LEU B 505 7.51 -23.98 -4.94
N ALA B 506 7.96 -24.17 -3.71
CA ALA B 506 8.34 -25.49 -3.19
C ALA B 506 7.24 -26.46 -3.46
N GLY B 507 6.00 -26.03 -3.21
CA GLY B 507 4.84 -26.89 -3.40
C GLY B 507 4.26 -26.89 -4.79
N ASP B 508 4.87 -26.15 -5.72
CA ASP B 508 4.33 -25.98 -7.08
C ASP B 508 4.89 -27.09 -8.01
N GLU B 509 4.01 -27.98 -8.51
CA GLU B 509 4.39 -29.10 -9.40
C GLU B 509 5.31 -28.71 -10.55
N ARG B 510 5.34 -27.43 -10.88
CA ARG B 510 6.00 -26.99 -12.10
C ARG B 510 7.42 -26.55 -11.85
N ALA B 511 7.73 -26.35 -10.57
CA ALA B 511 9.05 -25.94 -10.23
C ALA B 511 9.87 -27.11 -9.67
N THR B 512 9.18 -28.17 -9.28
CA THR B 512 9.82 -29.24 -8.55
C THR B 512 11.11 -29.73 -9.20
N LEU B 513 11.09 -30.06 -10.51
CA LEU B 513 12.34 -30.45 -11.20
C LEU B 513 13.43 -29.38 -11.21
N LEU B 514 13.04 -28.12 -11.32
CA LEU B 514 14.01 -27.02 -11.28
C LEU B 514 14.57 -26.81 -9.90
N LEU B 515 13.69 -26.69 -8.93
CA LEU B 515 14.12 -26.57 -7.56
C LEU B 515 15.08 -27.69 -7.25
N LEU B 516 14.69 -28.91 -7.61
CA LEU B 516 15.57 -30.06 -7.40
C LEU B 516 16.92 -29.92 -8.13
N GLY B 517 16.87 -29.60 -9.43
CA GLY B 517 18.06 -29.54 -10.26
C GLY B 517 19.00 -28.46 -9.78
N MET B 518 18.41 -27.41 -9.21
CA MET B 518 19.17 -26.28 -8.74
C MET B 518 19.78 -26.56 -7.40
N GLY B 519 19.49 -27.74 -6.83
CA GLY B 519 20.12 -28.21 -5.61
C GLY B 519 19.47 -27.83 -4.29
N LEU B 520 18.24 -27.32 -4.35
CA LEU B 520 17.51 -26.99 -3.15
C LEU B 520 17.50 -28.19 -2.23
N ASP B 521 17.77 -27.95 -0.94
CA ASP B 521 17.99 -29.03 0.04
C ASP B 521 16.72 -29.43 0.68
N GLU B 522 15.82 -28.46 0.78
CA GLU B 522 14.65 -28.64 1.59
C GLU B 522 13.44 -27.97 1.00
N PHE B 523 12.31 -28.68 0.98
CA PHE B 523 11.08 -28.08 0.48
C PHE B 523 10.09 -28.01 1.59
N SER B 524 9.40 -26.89 1.73
CA SER B 524 8.39 -26.88 2.78
C SER B 524 7.13 -26.25 2.27
N MET B 525 5.99 -26.89 2.52
CA MET B 525 4.80 -26.46 1.85
C MET B 525 3.60 -26.72 2.69
N SER B 526 2.44 -26.28 2.18
CA SER B 526 1.21 -26.80 2.68
C SER B 526 1.38 -28.30 2.69
N ALA B 527 0.95 -28.91 3.79
CA ALA B 527 1.00 -30.36 3.92
C ALA B 527 0.35 -31.05 2.70
N ILE B 528 -0.81 -30.56 2.27
CA ILE B 528 -1.50 -31.17 1.13
C ILE B 528 -0.65 -31.31 -0.12
N SER B 529 0.43 -30.57 -0.24
CA SER B 529 1.23 -30.65 -1.45
C SER B 529 2.34 -31.63 -1.33
N ILE B 530 2.53 -32.14 -0.13
CA ILE B 530 3.67 -32.99 0.11
C ILE B 530 3.69 -34.22 -0.81
N PRO B 531 2.57 -34.97 -0.88
CA PRO B 531 2.61 -36.14 -1.79
C PRO B 531 2.83 -35.82 -3.28
N ARG B 532 2.24 -34.74 -3.84
CA ARG B 532 2.43 -34.47 -5.28
C ARG B 532 3.89 -34.27 -5.57
N ILE B 533 4.52 -33.50 -4.71
CA ILE B 533 5.88 -33.15 -4.90
C ILE B 533 6.79 -34.35 -4.61
N LYS B 534 6.51 -35.06 -3.54
CA LYS B 534 7.24 -36.27 -3.23
C LYS B 534 7.21 -37.14 -4.51
N LYS B 535 6.01 -37.34 -5.08
CA LYS B 535 5.84 -38.19 -6.25
C LYS B 535 6.73 -37.79 -7.39
N ILE B 536 6.78 -36.48 -7.66
CA ILE B 536 7.60 -35.95 -8.72
C ILE B 536 9.06 -36.23 -8.42
N ILE B 537 9.41 -36.16 -7.14
CA ILE B 537 10.81 -36.27 -6.75
C ILE B 537 11.23 -37.69 -6.89
N ARG B 538 10.36 -38.58 -6.42
CA ARG B 538 10.67 -39.98 -6.43
C ARG B 538 10.82 -40.58 -7.84
N ASN B 539 10.33 -39.85 -8.86
CA ASN B 539 10.24 -40.34 -10.24
C ASN B 539 11.13 -39.55 -11.21
N THR B 540 11.98 -38.70 -10.65
CA THR B 540 12.92 -37.95 -11.46
C THR B 540 14.22 -38.63 -11.35
N ASN B 541 15.06 -38.35 -12.33
CA ASN B 541 16.44 -38.58 -12.17
C ASN B 541 17.11 -37.22 -11.84
N PHE B 542 17.89 -37.21 -10.77
CA PHE B 542 18.48 -35.95 -10.32
C PHE B 542 19.44 -35.33 -11.32
N GLU B 543 20.25 -36.16 -11.95
CA GLU B 543 21.20 -35.62 -12.91
C GLU B 543 20.52 -34.90 -14.06
N ASP B 544 19.40 -35.47 -14.49
CA ASP B 544 18.64 -34.92 -15.59
C ASP B 544 18.08 -33.55 -15.25
N ALA B 545 17.48 -33.44 -14.06
CA ALA B 545 17.04 -32.21 -13.46
C ALA B 545 18.10 -31.14 -13.41
N LYS B 546 19.33 -31.48 -12.97
CA LYS B 546 20.42 -30.49 -13.00
C LYS B 546 20.47 -29.90 -14.40
N VAL B 547 20.69 -30.75 -15.39
CA VAL B 547 20.73 -30.31 -16.78
C VAL B 547 19.51 -29.43 -17.11
N LEU B 548 18.33 -29.85 -16.62
CA LEU B 548 17.14 -29.10 -16.89
C LEU B 548 17.32 -27.72 -16.29
N ALA B 549 17.72 -27.69 -15.01
CA ALA B 549 17.81 -26.46 -14.25
C ALA B 549 18.74 -25.52 -14.94
N GLU B 550 19.89 -26.06 -15.26
CA GLU B 550 20.83 -25.23 -15.89
C GLU B 550 20.21 -24.56 -17.15
N GLN B 551 19.65 -25.38 -18.05
CA GLN B 551 19.05 -24.81 -19.23
C GLN B 551 18.10 -23.67 -18.83
N ALA B 552 17.20 -23.97 -17.89
CA ALA B 552 16.13 -23.04 -17.57
C ALA B 552 16.69 -21.70 -17.14
N LEU B 553 17.80 -21.77 -16.40
CA LEU B 553 18.44 -20.56 -15.88
C LEU B 553 19.05 -19.66 -16.94
N ALA B 554 19.16 -20.15 -18.17
CA ALA B 554 19.71 -19.35 -19.24
C ALA B 554 18.64 -18.70 -20.11
N GLN B 555 17.39 -19.16 -19.99
CA GLN B 555 16.28 -18.63 -20.76
C GLN B 555 15.97 -17.17 -20.40
N PRO B 556 15.81 -16.28 -21.38
CA PRO B 556 15.43 -14.91 -21.03
C PRO B 556 13.90 -14.76 -20.89
N THR B 557 13.18 -15.85 -20.98
CA THR B 557 11.73 -15.77 -21.08
C THR B 557 11.11 -16.95 -20.31
N THR B 558 10.04 -16.69 -19.59
CA THR B 558 9.31 -17.72 -18.85
C THR B 558 8.83 -18.79 -19.83
N ASP B 559 8.15 -18.37 -20.87
CA ASP B 559 7.65 -19.34 -21.81
C ASP B 559 8.70 -20.33 -22.21
N GLU B 560 9.89 -19.81 -22.52
CA GLU B 560 11.00 -20.63 -23.00
C GLU B 560 11.46 -21.62 -21.94
N LEU B 561 11.38 -21.20 -20.69
CA LEU B 561 11.73 -22.01 -19.55
C LEU B 561 10.58 -23.05 -19.25
N MET B 562 9.33 -22.65 -19.47
CA MET B 562 8.23 -23.62 -19.38
C MET B 562 8.40 -24.71 -20.40
N THR B 563 8.88 -24.37 -21.59
CA THR B 563 9.05 -25.35 -22.64
C THR B 563 10.00 -26.47 -22.21
N LEU B 564 11.15 -26.12 -21.66
CA LEU B 564 12.13 -27.08 -21.16
C LEU B 564 11.51 -28.04 -20.21
N VAL B 565 10.92 -27.50 -19.14
CA VAL B 565 10.14 -28.28 -18.17
C VAL B 565 9.17 -29.26 -18.84
N ASN B 566 8.36 -28.77 -19.77
CA ASN B 566 7.43 -29.65 -20.48
C ASN B 566 8.09 -30.76 -21.31
N LYS B 567 9.09 -30.44 -22.13
CA LYS B 567 9.72 -31.48 -22.93
C LYS B 567 10.34 -32.53 -22.02
N PHE B 568 10.75 -32.09 -20.84
CA PHE B 568 11.29 -32.99 -19.85
C PHE B 568 10.20 -33.99 -19.44
N ILE B 569 9.09 -33.47 -18.93
CA ILE B 569 7.99 -34.29 -18.46
C ILE B 569 7.51 -35.28 -19.50
N GLU B 570 7.52 -34.85 -20.76
CA GLU B 570 7.22 -35.70 -21.90
C GLU B 570 8.20 -36.87 -22.02
N GLU B 571 9.47 -36.53 -22.10
CA GLU B 571 10.48 -37.48 -22.43
C GLU B 571 10.92 -38.33 -21.25
N LYS B 572 10.69 -37.84 -20.02
CA LYS B 572 11.37 -38.39 -18.84
C LYS B 572 10.51 -39.16 -17.81
N THR B 573 9.17 -39.09 -17.89
CA THR B 573 8.30 -40.06 -17.17
C THR B 573 6.84 -40.01 -17.65
N MET A 1 14.81 25.86 22.12
CA MET A 1 15.43 24.70 21.40
C MET A 1 14.36 24.03 20.53
N ILE A 2 14.01 24.65 19.44
CA ILE A 2 12.98 24.08 18.50
C ILE A 2 13.67 23.60 17.24
N SER A 3 13.42 22.37 16.82
CA SER A 3 14.08 21.83 15.58
C SER A 3 13.04 21.23 14.63
N GLY A 4 13.22 21.42 13.34
CA GLY A 4 12.26 20.85 12.33
C GLY A 4 13.06 19.98 11.36
N ILE A 5 12.53 19.71 10.19
CA ILE A 5 13.27 18.83 9.22
C ILE A 5 14.08 19.67 8.23
N LEU A 6 13.88 20.96 8.19
CA LEU A 6 14.65 21.81 7.24
C LEU A 6 14.53 21.24 5.82
N ALA A 7 13.73 21.85 4.98
CA ALA A 7 13.55 21.35 3.59
C ALA A 7 14.49 22.12 2.65
N SER A 8 14.86 23.32 3.01
CA SER A 8 15.78 24.12 2.13
C SER A 8 16.78 24.89 3.02
N PRO A 9 18.07 24.76 2.80
CA PRO A 9 19.09 25.48 3.61
C PRO A 9 19.25 26.94 3.15
N GLY A 10 19.45 27.84 4.08
CA GLY A 10 19.61 29.28 3.69
C GLY A 10 19.41 30.13 4.95
N ILE A 11 19.13 31.40 4.79
CA ILE A 11 18.91 32.28 5.97
C ILE A 11 17.92 33.38 5.57
N ALA A 12 17.13 33.89 6.48
CA ALA A 12 16.16 34.96 6.10
C ALA A 12 15.76 35.81 7.32
N PHE A 13 15.36 37.03 7.07
CA PHE A 13 14.93 37.94 8.18
C PHE A 13 13.62 38.62 7.76
N GLY A 14 12.57 38.56 8.54
CA GLY A 14 11.30 39.23 8.12
C GLY A 14 10.21 39.05 9.18
N LYS A 15 9.06 39.62 8.92
CA LYS A 15 7.92 39.51 9.89
C LYS A 15 7.24 38.15 9.71
N ALA A 16 6.51 37.70 10.71
CA ALA A 16 5.84 36.36 10.63
C ALA A 16 4.34 36.50 10.35
N LEU A 17 3.85 35.80 9.36
CA LEU A 17 2.40 35.85 9.04
C LEU A 17 1.74 34.59 9.62
N LEU A 18 0.61 34.72 10.28
CA LEU A 18 -0.06 33.52 10.89
C LEU A 18 -1.43 33.29 10.25
N LEU A 19 -1.63 32.12 9.68
CA LEU A 19 -2.94 31.82 9.03
C LEU A 19 -3.93 31.25 10.06
N LYS A 20 -4.72 32.05 10.69
CA LYS A 20 -5.52 31.47 11.81
C LYS A 20 -6.55 30.49 11.28
N GLU A 21 -6.28 29.23 11.51
CA GLU A 21 -7.20 28.16 11.05
C GLU A 21 -8.61 28.43 11.58
N ASP A 22 -8.73 29.45 12.49
CA ASP A 22 -9.99 29.89 13.21
C ASP A 22 -11.33 29.76 12.43
N GLU A 23 -12.46 29.88 13.20
CA GLU A 23 -13.82 29.77 12.62
C GLU A 23 -14.83 30.80 13.27
N ILE A 24 -15.85 31.22 12.47
CA ILE A 24 -16.90 32.22 12.89
C ILE A 24 -17.92 31.62 13.90
N VAL A 25 -18.19 32.26 15.02
CA VAL A 25 -19.18 31.79 15.97
C VAL A 25 -20.26 32.84 15.99
N ILE A 26 -21.49 32.39 15.77
CA ILE A 26 -22.62 33.29 15.67
C ILE A 26 -23.18 33.50 17.07
N ASP A 27 -23.52 34.73 17.43
CA ASP A 27 -24.18 34.97 18.71
C ASP A 27 -25.70 34.98 18.54
N ARG A 28 -26.30 33.82 18.82
CA ARG A 28 -27.72 33.60 18.56
C ARG A 28 -28.62 34.19 19.63
N LYS A 29 -28.09 34.35 20.85
CA LYS A 29 -28.79 34.94 21.99
C LYS A 29 -29.32 36.32 21.65
N LYS A 30 -30.60 36.55 21.92
CA LYS A 30 -31.21 37.85 21.70
C LYS A 30 -30.41 38.91 22.41
N ILE A 31 -30.26 40.04 21.75
CA ILE A 31 -29.54 41.18 22.28
C ILE A 31 -30.50 42.01 23.14
N SER A 32 -29.92 42.89 23.95
CA SER A 32 -30.72 43.81 24.75
C SER A 32 -31.09 45.03 23.94
N ALA A 33 -32.09 45.77 24.37
CA ALA A 33 -32.55 46.96 23.60
C ALA A 33 -31.43 47.98 23.50
N ASP A 34 -30.78 48.28 24.59
CA ASP A 34 -29.67 49.25 24.52
C ASP A 34 -28.68 48.76 23.47
N GLN A 35 -28.51 47.47 23.40
CA GLN A 35 -27.57 46.89 22.41
C GLN A 35 -28.12 47.06 20.99
N VAL A 36 -29.43 46.93 20.80
CA VAL A 36 -29.89 47.02 19.39
C VAL A 36 -29.09 48.13 18.69
N ASP A 37 -29.06 49.30 19.24
CA ASP A 37 -28.31 50.41 18.62
C ASP A 37 -26.83 50.05 18.50
N GLN A 38 -26.27 49.41 19.50
CA GLN A 38 -24.82 49.07 19.44
C GLN A 38 -24.56 48.00 18.37
N GLU A 39 -25.42 47.03 18.26
CA GLU A 39 -25.17 45.97 17.24
C GLU A 39 -25.25 46.57 15.83
N VAL A 40 -26.18 47.45 15.59
CA VAL A 40 -26.26 48.06 14.23
C VAL A 40 -24.94 48.78 13.95
N GLU A 41 -24.46 49.56 14.90
CA GLU A 41 -23.18 50.28 14.68
C GLU A 41 -22.05 49.27 14.44
N ARG A 42 -22.03 48.19 15.17
CA ARG A 42 -20.96 47.18 14.93
C ARG A 42 -21.08 46.69 13.49
N PHE A 43 -22.27 46.42 13.05
CA PHE A 43 -22.47 45.96 11.65
C PHE A 43 -21.97 47.06 10.71
N LEU A 44 -22.40 48.27 10.92
CA LEU A 44 -21.95 49.39 10.05
C LEU A 44 -20.43 49.53 10.18
N SER A 45 -19.90 49.48 11.38
CA SER A 45 -18.42 49.61 11.54
C SER A 45 -17.74 48.41 10.86
N GLY A 46 -18.25 47.22 11.05
CA GLY A 46 -17.64 46.03 10.40
C GLY A 46 -17.89 46.12 8.90
N ARG A 47 -19.05 46.55 8.51
CA ARG A 47 -19.36 46.70 7.07
C ARG A 47 -18.47 47.79 6.49
N ALA A 48 -18.14 48.76 7.29
CA ALA A 48 -17.27 49.86 6.82
C ALA A 48 -15.93 49.28 6.38
N LYS A 49 -15.40 48.33 7.11
CA LYS A 49 -14.11 47.74 6.67
C LYS A 49 -14.32 47.04 5.34
N ALA A 50 -14.99 45.91 5.33
CA ALA A 50 -15.20 45.17 4.05
C ALA A 50 -15.49 46.12 2.89
N SER A 51 -16.14 47.22 3.13
CA SER A 51 -16.40 48.15 2.01
C SER A 51 -15.05 48.56 1.40
N ALA A 52 -14.18 49.09 2.20
CA ALA A 52 -12.85 49.53 1.69
C ALA A 52 -11.98 48.32 1.30
N GLN A 53 -11.99 47.26 2.07
CA GLN A 53 -11.13 46.10 1.71
C GLN A 53 -11.63 45.45 0.41
N LEU A 54 -12.91 45.34 0.24
CA LEU A 54 -13.44 44.74 -1.03
C LEU A 54 -13.00 45.60 -2.21
N GLU A 55 -13.05 46.89 -2.03
CA GLU A 55 -12.63 47.81 -3.13
C GLU A 55 -11.15 47.56 -3.47
N THR A 56 -10.34 47.31 -2.48
CA THR A 56 -8.89 47.08 -2.77
C THR A 56 -8.74 45.82 -3.62
N ILE A 57 -9.50 44.80 -3.34
CA ILE A 57 -9.40 43.55 -4.14
C ILE A 57 -9.80 43.83 -5.59
N LYS A 58 -10.81 44.65 -5.77
CA LYS A 58 -11.27 44.98 -7.15
C LYS A 58 -10.11 45.55 -7.97
N THR A 59 -9.43 46.53 -7.45
CA THR A 59 -8.32 47.17 -8.20
C THR A 59 -7.25 46.13 -8.55
N LYS A 60 -7.04 45.15 -7.72
CA LYS A 60 -6.01 44.12 -8.04
C LYS A 60 -6.49 43.26 -9.19
N ALA A 61 -7.75 42.98 -9.22
CA ALA A 61 -8.31 42.14 -10.32
C ALA A 61 -8.16 42.88 -11.66
N GLY A 62 -8.48 44.15 -11.67
CA GLY A 62 -8.37 44.93 -12.94
C GLY A 62 -6.94 44.93 -13.45
N GLU A 63 -5.99 45.26 -12.62
CA GLU A 63 -4.58 45.28 -13.09
C GLU A 63 -4.11 43.85 -13.34
N THR A 64 -4.39 42.96 -12.42
CA THR A 64 -3.91 41.56 -12.56
C THR A 64 -4.57 40.84 -13.75
N PHE A 65 -5.87 40.67 -13.73
CA PHE A 65 -6.55 39.93 -14.85
C PHE A 65 -7.12 40.90 -15.89
N GLY A 66 -7.84 41.91 -15.50
CA GLY A 66 -8.40 42.88 -16.52
C GLY A 66 -9.81 43.34 -16.13
N GLU A 67 -10.47 44.00 -17.05
CA GLU A 67 -11.86 44.51 -16.79
C GLU A 67 -12.84 43.33 -16.70
N GLU A 68 -12.51 42.23 -17.31
CA GLU A 68 -13.41 41.04 -17.27
C GLU A 68 -13.59 40.58 -15.82
N LYS A 69 -12.57 40.68 -15.02
CA LYS A 69 -12.65 40.25 -13.59
C LYS A 69 -12.91 41.46 -12.68
N GLU A 70 -12.61 42.64 -13.13
CA GLU A 70 -12.82 43.83 -12.27
C GLU A 70 -14.31 44.07 -12.03
N ALA A 71 -15.11 43.95 -13.06
CA ALA A 71 -16.57 44.22 -12.90
C ALA A 71 -17.24 43.17 -12.03
N ILE A 72 -16.74 41.96 -11.99
CA ILE A 72 -17.43 40.95 -11.12
C ILE A 72 -17.41 41.45 -9.69
N PHE A 73 -16.33 42.06 -9.25
CA PHE A 73 -16.29 42.58 -7.86
C PHE A 73 -17.30 43.71 -7.70
N GLU A 74 -17.45 44.54 -8.68
CA GLU A 74 -18.43 45.65 -8.55
C GLU A 74 -19.83 45.06 -8.32
N GLY A 75 -20.16 44.00 -9.00
CA GLY A 75 -21.50 43.39 -8.79
C GLY A 75 -21.59 42.89 -7.35
N HIS A 76 -20.59 42.20 -6.89
CA HIS A 76 -20.62 41.70 -5.49
C HIS A 76 -20.69 42.88 -4.53
N ILE A 77 -19.89 43.89 -4.77
CA ILE A 77 -19.93 45.08 -3.87
C ILE A 77 -21.28 45.78 -4.03
N MET A 78 -21.72 46.00 -5.25
CA MET A 78 -23.01 46.69 -5.46
C MET A 78 -24.14 45.89 -4.82
N LEU A 79 -24.09 44.60 -4.92
CA LEU A 79 -25.16 43.76 -4.29
C LEU A 79 -25.09 43.91 -2.78
N LEU A 80 -23.91 43.94 -2.25
CA LEU A 80 -23.77 44.06 -0.77
C LEU A 80 -24.36 45.39 -0.30
N GLU A 81 -24.16 46.44 -1.04
CA GLU A 81 -24.68 47.77 -0.62
C GLU A 81 -26.15 47.90 -1.04
N ASP A 82 -26.74 46.87 -1.56
CA ASP A 82 -28.17 46.95 -1.98
C ASP A 82 -29.01 47.53 -0.83
N GLU A 83 -29.81 48.52 -1.10
CA GLU A 83 -30.64 49.15 -0.04
C GLU A 83 -31.60 48.14 0.58
N GLU A 84 -31.85 47.05 -0.09
CA GLU A 84 -32.76 46.01 0.49
C GLU A 84 -32.05 45.31 1.66
N LEU A 85 -30.78 45.11 1.54
CA LEU A 85 -30.01 44.43 2.62
C LEU A 85 -29.90 45.36 3.83
N GLU A 86 -29.70 46.62 3.61
CA GLU A 86 -29.58 47.56 4.74
C GLU A 86 -30.87 47.55 5.56
N GLN A 87 -31.99 47.66 4.92
CA GLN A 87 -33.28 47.66 5.66
C GLN A 87 -33.58 46.27 6.25
N GLU A 88 -33.32 45.23 5.51
CA GLU A 88 -33.60 43.84 6.02
C GLU A 88 -32.65 43.45 7.16
N ILE A 89 -31.40 43.78 7.06
CA ILE A 89 -30.46 43.41 8.14
C ILE A 89 -30.80 44.20 9.40
N ILE A 90 -31.03 45.48 9.26
CA ILE A 90 -31.38 46.33 10.42
C ILE A 90 -32.76 45.97 10.98
N ALA A 91 -33.70 45.67 10.14
CA ALA A 91 -35.06 45.33 10.64
C ALA A 91 -35.03 44.10 11.56
N LEU A 92 -34.37 43.05 11.15
CA LEU A 92 -34.33 41.83 12.02
C LEU A 92 -33.67 42.17 13.36
N ILE A 93 -32.57 42.86 13.34
CA ILE A 93 -31.90 43.23 14.62
C ILE A 93 -32.86 44.10 15.43
N LYS A 94 -33.42 45.09 14.81
CA LYS A 94 -34.37 45.98 15.55
C LYS A 94 -35.67 45.23 15.87
N ASP A 95 -36.19 44.45 14.95
CA ASP A 95 -37.47 43.74 15.22
C ASP A 95 -37.26 42.45 16.02
N LYS A 96 -36.36 41.61 15.60
CA LYS A 96 -36.17 40.31 16.34
C LYS A 96 -35.08 40.42 17.43
N HIS A 97 -34.45 41.55 17.57
CA HIS A 97 -33.40 41.70 18.63
C HIS A 97 -32.34 40.60 18.46
N MET A 98 -32.01 40.31 17.23
CA MET A 98 -30.99 39.26 16.93
C MET A 98 -29.61 39.90 16.79
N THR A 99 -28.57 39.10 16.73
CA THR A 99 -27.20 39.68 16.60
C THR A 99 -26.92 40.03 15.13
N ALA A 100 -25.96 40.89 14.90
CA ALA A 100 -25.65 41.29 13.49
C ALA A 100 -25.06 40.11 12.71
N ASP A 101 -24.20 39.35 13.32
CA ASP A 101 -23.61 38.19 12.59
C ASP A 101 -24.68 37.12 12.36
N ALA A 102 -25.59 36.96 13.30
CA ALA A 102 -26.65 35.92 13.10
C ALA A 102 -27.75 36.50 12.19
N ALA A 103 -28.10 37.74 12.38
CA ALA A 103 -29.16 38.35 11.53
C ALA A 103 -28.65 38.53 10.10
N ALA A 104 -27.46 39.06 9.94
CA ALA A 104 -26.92 39.27 8.57
C ALA A 104 -26.79 37.92 7.85
N HIS A 105 -26.39 36.90 8.56
CA HIS A 105 -26.23 35.57 7.90
C HIS A 105 -27.56 35.10 7.31
N GLU A 106 -28.63 35.33 8.01
CA GLU A 106 -29.96 34.90 7.50
C GLU A 106 -30.30 35.63 6.21
N VAL A 107 -30.01 36.90 6.14
CA VAL A 107 -30.35 37.67 4.91
C VAL A 107 -29.60 37.15 3.69
N ILE A 108 -28.30 37.06 3.75
CA ILE A 108 -27.54 36.55 2.57
C ILE A 108 -27.83 35.06 2.39
N GLU A 109 -27.91 34.32 3.46
CA GLU A 109 -28.22 32.88 3.35
C GLU A 109 -29.64 32.72 2.80
N GLY A 110 -30.53 33.56 3.23
CA GLY A 110 -31.94 33.48 2.76
C GLY A 110 -31.99 33.60 1.24
N GLN A 111 -31.34 34.60 0.67
CA GLN A 111 -31.38 34.72 -0.81
C GLN A 111 -30.65 33.55 -1.45
N ALA A 112 -29.43 33.31 -1.05
CA ALA A 112 -28.68 32.16 -1.63
C ALA A 112 -29.50 30.89 -1.46
N SER A 113 -30.12 30.72 -0.34
CA SER A 113 -30.94 29.50 -0.11
C SER A 113 -32.03 29.43 -1.18
N ALA A 114 -32.63 30.54 -1.50
CA ALA A 114 -33.69 30.53 -2.55
C ALA A 114 -33.07 30.12 -3.89
N LEU A 115 -31.89 30.58 -4.17
CA LEU A 115 -31.25 30.22 -5.46
C LEU A 115 -30.99 28.72 -5.52
N GLU A 116 -30.56 28.11 -4.43
CA GLU A 116 -30.30 26.64 -4.45
C GLU A 116 -31.59 25.89 -4.83
N GLU A 117 -32.71 26.37 -4.39
CA GLU A 117 -33.98 25.68 -4.73
C GLU A 117 -34.07 25.55 -6.26
N LEU A 118 -33.35 26.36 -6.98
CA LEU A 118 -33.40 26.29 -8.46
C LEU A 118 -32.90 24.93 -8.93
N ASP A 119 -33.44 24.43 -10.01
CA ASP A 119 -33.01 23.09 -10.53
C ASP A 119 -32.00 23.28 -11.67
N ASP A 120 -31.08 24.22 -11.53
CA ASP A 120 -30.06 24.46 -12.61
C ASP A 120 -28.65 24.54 -12.01
N GLU A 121 -27.72 23.87 -12.62
CA GLU A 121 -26.30 23.88 -12.12
C GLU A 121 -25.66 25.26 -12.36
N TYR A 122 -26.09 25.93 -13.40
CA TYR A 122 -25.53 27.28 -13.72
C TYR A 122 -26.01 28.32 -12.70
N LEU A 123 -27.26 28.25 -12.31
CA LEU A 123 -27.77 29.23 -11.31
C LEU A 123 -27.21 28.89 -9.94
N LYS A 124 -27.03 27.62 -9.67
CA LYS A 124 -26.48 27.19 -8.35
C LYS A 124 -25.06 27.75 -8.16
N GLU A 125 -24.23 27.71 -9.18
CA GLU A 125 -22.84 28.26 -9.00
C GLU A 125 -22.91 29.74 -8.62
N ARG A 126 -23.73 30.51 -9.28
CA ARG A 126 -23.82 31.96 -8.92
C ARG A 126 -24.24 32.06 -7.46
N ALA A 127 -25.10 31.19 -7.01
CA ALA A 127 -25.52 31.22 -5.59
C ALA A 127 -24.28 31.01 -4.72
N ALA A 128 -23.28 30.34 -5.26
CA ALA A 128 -22.03 30.10 -4.49
C ALA A 128 -21.30 31.44 -4.34
N ASP A 129 -21.29 32.24 -5.39
CA ASP A 129 -20.59 33.55 -5.32
C ASP A 129 -21.31 34.46 -4.34
N VAL A 130 -22.61 34.43 -4.33
CA VAL A 130 -23.38 35.29 -3.38
C VAL A 130 -23.15 34.78 -1.95
N ARG A 131 -23.13 33.49 -1.78
CA ARG A 131 -22.89 32.91 -0.42
C ARG A 131 -21.52 33.37 0.09
N ASP A 132 -20.54 33.39 -0.78
CA ASP A 132 -19.17 33.81 -0.38
C ASP A 132 -19.18 35.23 0.17
N ILE A 133 -19.94 36.10 -0.43
CA ILE A 133 -19.97 37.52 0.06
C ILE A 133 -20.43 37.56 1.51
N GLY A 134 -21.46 36.83 1.85
CA GLY A 134 -21.95 36.84 3.27
C GLY A 134 -20.97 36.09 4.17
N LYS A 135 -20.36 35.06 3.66
CA LYS A 135 -19.40 34.27 4.50
C LYS A 135 -18.27 35.18 4.98
N ARG A 136 -17.69 35.95 4.11
CA ARG A 136 -16.58 36.87 4.50
C ARG A 136 -17.12 37.99 5.37
N LEU A 137 -18.34 38.40 5.15
CA LEU A 137 -18.92 39.50 5.95
C LEU A 137 -18.86 39.11 7.43
N LEU A 138 -19.19 37.89 7.74
CA LEU A 138 -19.12 37.45 9.16
C LEU A 138 -17.70 37.58 9.67
N ARG A 139 -16.73 37.25 8.86
CA ARG A 139 -15.32 37.38 9.33
C ARG A 139 -15.00 38.88 9.50
N ASN A 140 -15.47 39.69 8.59
CA ASN A 140 -15.22 41.15 8.65
C ASN A 140 -15.81 41.77 9.93
N ILE A 141 -16.96 41.35 10.35
CA ILE A 141 -17.55 41.93 11.59
C ILE A 141 -16.72 41.45 12.77
N LEU A 142 -16.39 40.18 12.79
CA LEU A 142 -15.58 39.64 13.91
C LEU A 142 -14.15 40.18 13.80
N GLY A 143 -13.67 40.39 12.60
CA GLY A 143 -12.31 40.86 12.44
C GLY A 143 -11.35 39.69 12.22
N LEU A 144 -11.90 38.50 11.94
CA LEU A 144 -11.07 37.32 11.71
C LEU A 144 -10.18 37.60 10.51
N LYS A 145 -9.02 36.97 10.51
CA LYS A 145 -8.04 37.22 9.49
C LYS A 145 -8.44 36.49 8.20
N ILE A 146 -8.63 37.26 7.12
CA ILE A 146 -9.02 36.72 5.81
C ILE A 146 -7.81 36.71 4.88
N ILE A 147 -6.81 35.92 5.20
CA ILE A 147 -5.58 36.08 4.49
C ILE A 147 -5.78 35.47 3.15
N ASP A 148 -6.47 36.10 2.22
CA ASP A 148 -6.43 35.48 0.88
C ASP A 148 -4.94 35.58 0.82
N LEU A 149 -4.16 34.66 0.40
CA LEU A 149 -2.72 34.98 0.56
C LEU A 149 -2.27 35.96 -0.51
N SER A 150 -3.14 36.37 -1.39
CA SER A 150 -2.72 37.33 -2.45
C SER A 150 -2.84 38.77 -1.93
N ALA A 151 -3.51 38.98 -0.83
CA ALA A 151 -3.70 40.37 -0.30
C ALA A 151 -2.47 40.82 0.52
N ILE A 152 -1.30 40.31 0.22
CA ILE A 152 -0.11 40.73 1.00
C ILE A 152 0.53 41.97 0.37
N GLN A 153 0.61 43.06 1.10
CA GLN A 153 1.23 44.31 0.55
C GLN A 153 2.67 44.48 1.07
N ASP A 154 3.06 43.72 2.07
CA ASP A 154 4.44 43.87 2.64
C ASP A 154 5.16 42.52 2.69
N GLU A 155 6.46 42.54 2.59
CA GLU A 155 7.24 41.26 2.64
C GLU A 155 7.05 40.63 4.02
N VAL A 156 6.78 39.35 4.06
CA VAL A 156 6.59 38.66 5.36
C VAL A 156 6.99 37.19 5.24
N ILE A 157 7.17 36.52 6.36
CA ILE A 157 7.49 35.06 6.31
C ILE A 157 6.14 34.35 6.42
N LEU A 158 5.99 33.22 5.79
CA LEU A 158 4.68 32.51 5.84
C LEU A 158 4.72 31.38 6.88
N VAL A 159 3.89 31.47 7.90
CA VAL A 159 3.85 30.41 8.96
C VAL A 159 2.44 29.82 9.03
N ALA A 160 2.31 28.52 8.99
CA ALA A 160 0.96 27.89 9.03
C ALA A 160 1.07 26.46 9.55
N ALA A 161 0.02 25.87 10.01
CA ALA A 161 0.12 24.47 10.47
C ALA A 161 0.38 23.59 9.25
N ASP A 162 -0.26 23.92 8.15
CA ASP A 162 -0.05 23.14 6.89
C ASP A 162 -0.71 23.89 5.73
N LEU A 163 -0.15 23.82 4.55
CA LEU A 163 -0.73 24.55 3.37
C LEU A 163 -1.28 23.54 2.35
N THR A 164 -2.43 23.82 1.78
CA THR A 164 -3.01 22.90 0.77
C THR A 164 -2.59 23.38 -0.64
N PRO A 165 -2.38 22.48 -1.58
CA PRO A 165 -1.98 22.87 -2.97
C PRO A 165 -2.70 24.12 -3.47
N SER A 166 -3.95 24.27 -3.12
CA SER A 166 -4.72 25.46 -3.60
C SER A 166 -4.06 26.75 -3.13
N GLU A 167 -3.57 26.78 -1.91
CA GLU A 167 -2.94 28.03 -1.42
C GLU A 167 -1.62 28.28 -2.16
N THR A 168 -0.85 27.24 -2.39
CA THR A 168 0.46 27.43 -3.08
C THR A 168 0.31 28.16 -4.42
N ALA A 169 -0.78 27.98 -5.10
CA ALA A 169 -0.96 28.67 -6.42
C ALA A 169 -1.22 30.15 -6.21
N GLN A 170 -2.18 30.49 -5.40
CA GLN A 170 -2.51 31.92 -5.16
C GLN A 170 -1.60 32.45 -4.07
N LEU A 171 -0.37 32.02 -4.06
CA LEU A 171 0.60 32.50 -3.03
C LEU A 171 1.59 33.48 -3.66
N ASN A 172 1.92 34.54 -2.98
CA ASN A 172 2.89 35.55 -3.54
C ASN A 172 4.32 35.09 -3.25
N LEU A 173 4.99 34.54 -4.23
CA LEU A 173 6.39 34.08 -3.99
C LEU A 173 7.32 35.26 -3.68
N LYS A 174 7.16 36.35 -4.36
CA LYS A 174 8.07 37.52 -4.13
C LYS A 174 7.84 38.17 -2.77
N LYS A 175 6.65 38.12 -2.24
CA LYS A 175 6.41 38.79 -0.92
C LYS A 175 6.59 37.79 0.23
N VAL A 176 6.78 36.53 -0.09
CA VAL A 176 7.02 35.52 1.00
C VAL A 176 8.53 35.22 1.00
N LEU A 177 9.21 35.58 2.05
CA LEU A 177 10.69 35.35 2.08
C LEU A 177 11.00 33.93 2.56
N GLY A 178 10.02 33.11 2.72
CA GLY A 178 10.30 31.72 3.15
C GLY A 178 8.99 31.03 3.53
N PHE A 179 9.04 29.77 3.84
CA PHE A 179 7.80 29.03 4.22
C PHE A 179 8.11 28.19 5.46
N ILE A 180 7.29 28.30 6.47
CA ILE A 180 7.51 27.50 7.71
C ILE A 180 6.20 26.83 8.12
N THR A 181 6.20 25.53 8.29
CA THR A 181 4.94 24.84 8.67
C THR A 181 5.24 23.60 9.52
N ASP A 182 4.24 23.11 10.20
CA ASP A 182 4.41 21.91 11.07
C ASP A 182 3.78 20.69 10.38
N ALA A 183 3.66 20.69 9.07
CA ALA A 183 3.02 19.54 8.36
C ALA A 183 3.73 18.22 8.72
N GLY A 184 3.49 17.20 7.93
CA GLY A 184 4.10 15.86 8.19
C GLY A 184 5.59 15.87 7.81
N GLY A 185 5.92 16.27 6.60
CA GLY A 185 7.36 16.28 6.21
C GLY A 185 7.51 16.57 4.72
N ARG A 186 8.48 15.96 4.09
CA ARG A 186 8.70 16.20 2.63
C ARG A 186 7.51 15.66 1.84
N THR A 187 6.81 14.71 2.37
CA THR A 187 5.66 14.14 1.64
C THR A 187 4.58 15.21 1.47
N SER A 188 4.86 16.41 1.93
CA SER A 188 3.86 17.52 1.81
C SER A 188 4.10 18.30 0.51
N HIS A 189 3.06 18.54 -0.25
CA HIS A 189 3.19 19.27 -1.55
C HIS A 189 4.02 20.55 -1.37
N THR A 190 3.65 21.40 -0.46
CA THR A 190 4.41 22.67 -0.27
C THR A 190 5.89 22.39 0.00
N SER A 191 6.20 21.33 0.70
CA SER A 191 7.64 21.02 0.99
C SER A 191 8.43 20.85 -0.31
N ILE A 192 7.86 20.20 -1.28
CA ILE A 192 8.59 20.01 -2.57
C ILE A 192 8.86 21.36 -3.21
N MET A 193 7.94 22.28 -3.10
CA MET A 193 8.14 23.62 -3.72
C MET A 193 9.37 24.31 -3.12
N ALA A 194 9.58 24.21 -1.84
CA ALA A 194 10.77 24.87 -1.24
C ALA A 194 12.02 24.31 -1.91
N ARG A 195 12.06 23.03 -2.13
CA ARG A 195 13.25 22.43 -2.78
C ARG A 195 13.42 23.03 -4.17
N SER A 196 12.43 22.90 -5.01
CA SER A 196 12.52 23.43 -6.40
C SER A 196 12.68 24.95 -6.41
N LEU A 197 11.98 25.66 -5.55
CA LEU A 197 12.10 27.14 -5.54
C LEU A 197 13.48 27.54 -5.01
N GLU A 198 14.09 26.68 -4.25
CA GLU A 198 15.43 26.98 -3.65
C GLU A 198 15.32 28.15 -2.67
N LEU A 199 14.37 28.09 -1.77
CA LEU A 199 14.20 29.17 -0.74
C LEU A 199 14.20 28.50 0.64
N PRO A 200 14.76 29.12 1.66
CA PRO A 200 14.81 28.53 3.03
C PRO A 200 13.41 28.23 3.58
N ALA A 201 13.22 27.09 4.21
CA ALA A 201 11.86 26.77 4.76
C ALA A 201 11.89 25.50 5.64
N ILE A 202 10.99 25.44 6.61
CA ILE A 202 10.89 24.25 7.51
C ILE A 202 9.46 23.71 7.40
N VAL A 203 9.26 22.42 7.56
CA VAL A 203 7.88 21.84 7.45
C VAL A 203 7.58 20.96 8.67
N GLY A 204 8.58 20.66 9.48
CA GLY A 204 8.38 19.78 10.67
C GLY A 204 8.53 20.58 11.96
N THR A 205 8.34 21.87 11.93
CA THR A 205 8.50 22.68 13.17
C THR A 205 7.81 21.99 14.35
N GLY A 206 6.63 21.48 14.13
CA GLY A 206 5.90 20.76 15.23
C GLY A 206 4.95 21.70 15.97
N SER A 207 5.40 22.85 16.39
CA SER A 207 4.48 23.78 17.14
C SER A 207 5.01 25.21 17.15
N VAL A 208 5.55 25.66 16.06
CA VAL A 208 6.06 27.05 16.02
C VAL A 208 4.89 28.05 15.88
N THR A 209 3.92 27.71 15.06
CA THR A 209 2.77 28.65 14.86
C THR A 209 2.08 28.96 16.19
N SER A 210 2.10 28.03 17.12
CA SER A 210 1.43 28.29 18.43
C SER A 210 2.30 29.20 19.27
N GLN A 211 3.54 29.36 18.87
CA GLN A 211 4.48 30.23 19.64
C GLN A 211 4.63 31.58 18.94
N VAL A 212 4.18 31.67 17.71
CA VAL A 212 4.32 32.96 16.94
C VAL A 212 2.98 33.66 16.75
N LYS A 213 2.99 34.97 16.85
CA LYS A 213 1.75 35.78 16.61
C LYS A 213 1.99 36.53 15.31
N ASN A 214 0.98 36.93 14.61
CA ASN A 214 1.26 37.68 13.34
C ASN A 214 2.03 38.94 13.68
N ASP A 215 2.82 39.42 12.75
CA ASP A 215 3.63 40.67 12.93
C ASP A 215 4.85 40.40 13.85
N ASP A 216 5.12 39.17 14.16
CA ASP A 216 6.30 38.88 15.02
C ASP A 216 7.55 38.93 14.12
N TYR A 217 8.65 39.43 14.64
CA TYR A 217 9.89 39.47 13.83
C TYR A 217 10.67 38.19 14.09
N LEU A 218 10.97 37.42 13.07
CA LEU A 218 11.70 36.13 13.26
C LEU A 218 12.88 36.04 12.32
N ILE A 219 13.94 35.39 12.73
CA ILE A 219 15.11 35.19 11.82
C ILE A 219 15.25 33.68 11.62
N LEU A 220 15.28 33.24 10.40
CA LEU A 220 15.37 31.78 10.12
C LEU A 220 16.83 31.40 9.81
N ASP A 221 17.40 30.56 10.62
CA ASP A 221 18.82 30.15 10.37
C ASP A 221 18.83 29.16 9.21
N ALA A 222 17.94 28.20 9.22
CA ALA A 222 17.91 27.19 8.13
C ALA A 222 19.33 26.65 7.93
N VAL A 223 20.20 26.89 8.89
CA VAL A 223 21.60 26.38 8.83
C VAL A 223 21.89 25.70 10.16
N ASN A 224 21.55 26.34 11.24
CA ASN A 224 21.73 25.73 12.59
C ASN A 224 20.37 25.14 12.97
N ASN A 225 19.41 25.28 12.09
CA ASN A 225 18.06 24.74 12.35
C ASN A 225 17.48 25.41 13.61
N GLN A 226 17.59 26.70 13.72
CA GLN A 226 17.05 27.42 14.91
C GLN A 226 16.28 28.67 14.48
N VAL A 227 15.36 29.12 15.29
CA VAL A 227 14.58 30.36 14.96
C VAL A 227 14.73 31.35 16.12
N TYR A 228 15.08 32.57 15.82
CA TYR A 228 15.25 33.60 16.90
C TYR A 228 14.01 34.52 16.93
N VAL A 229 13.36 34.59 18.06
CA VAL A 229 12.13 35.44 18.19
C VAL A 229 12.46 36.76 18.89
N ASN A 230 12.35 37.86 18.19
CA ASN A 230 12.64 39.19 18.82
C ASN A 230 14.03 39.20 19.45
N PRO A 231 14.99 38.58 18.81
CA PRO A 231 16.38 38.43 19.35
C PRO A 231 17.18 39.70 19.63
N THR A 232 18.33 39.47 20.21
CA THR A 232 19.29 40.55 20.49
C THR A 232 19.94 40.93 19.15
N ASN A 233 20.18 42.18 18.91
CA ASN A 233 20.77 42.58 17.61
C ASN A 233 21.99 41.70 17.26
N GLU A 234 22.67 41.16 18.24
CA GLU A 234 23.87 40.32 17.95
C GLU A 234 23.47 39.05 17.17
N VAL A 235 22.38 38.44 17.51
CA VAL A 235 21.95 37.22 16.76
C VAL A 235 21.58 37.64 15.34
N ILE A 236 20.89 38.74 15.21
CA ILE A 236 20.55 39.26 13.89
C ILE A 236 21.84 39.45 13.13
N ASP A 237 22.93 39.53 13.87
CA ASP A 237 24.22 39.69 13.24
C ASP A 237 24.88 38.37 12.82
N LYS A 238 25.05 37.43 13.75
CA LYS A 238 25.55 36.07 13.48
C LYS A 238 24.88 35.48 12.26
N MET A 239 23.55 35.51 12.26
CA MET A 239 22.74 35.06 11.15
C MET A 239 23.09 35.77 9.86
N ARG A 240 23.20 37.08 9.92
CA ARG A 240 23.52 37.85 8.74
C ARG A 240 24.86 37.34 8.14
N ALA A 241 25.77 36.92 9.01
CA ALA A 241 27.05 36.39 8.56
C ALA A 241 26.89 34.95 8.06
N VAL A 242 25.91 34.25 8.61
CA VAL A 242 25.63 32.87 8.22
C VAL A 242 25.11 32.88 6.79
N GLN A 243 24.28 33.89 6.54
CA GLN A 243 23.73 34.21 5.23
C GLN A 243 24.79 34.59 4.22
N GLU A 244 25.83 35.29 4.67
CA GLU A 244 27.00 35.53 3.83
C GLU A 244 27.65 34.24 3.36
N GLN A 245 27.82 33.28 4.26
CA GLN A 245 28.49 32.03 3.92
C GLN A 245 27.67 31.30 2.87
N VAL A 246 26.37 31.27 3.14
CA VAL A 246 25.38 30.70 2.25
C VAL A 246 25.53 31.26 0.83
N ALA A 247 25.63 32.58 0.74
CA ALA A 247 25.81 33.26 -0.54
C ALA A 247 27.15 32.95 -1.24
N SER A 248 28.23 32.81 -0.46
CA SER A 248 29.52 32.41 -0.99
C SER A 248 29.47 30.98 -1.48
N GLU A 249 28.78 30.13 -0.73
CA GLU A 249 28.62 28.75 -1.17
C GLU A 249 28.03 28.71 -2.58
N LYS A 250 27.04 29.55 -2.83
CA LYS A 250 26.43 29.58 -4.15
C LYS A 250 27.50 29.96 -5.14
N ALA A 251 28.12 31.11 -4.87
CA ALA A 251 29.16 31.66 -5.73
C ALA A 251 30.21 30.63 -6.11
N GLU A 252 30.62 29.79 -5.17
CA GLU A 252 31.62 28.76 -5.47
C GLU A 252 31.06 27.61 -6.31
N LEU A 253 29.95 27.03 -5.84
CA LEU A 253 29.23 26.00 -6.58
C LEU A 253 28.90 26.45 -7.99
N ALA A 254 28.55 27.71 -8.15
CA ALA A 254 28.25 28.32 -9.44
C ALA A 254 29.24 27.97 -10.54
N LYS A 255 30.49 27.80 -10.18
CA LYS A 255 31.45 27.55 -11.28
C LYS A 255 31.00 26.46 -12.25
N LEU A 256 31.08 26.86 -13.54
CA LEU A 256 30.75 26.01 -14.70
C LEU A 256 31.90 25.95 -15.70
N LYS A 257 32.27 24.74 -16.09
CA LYS A 257 33.33 24.55 -17.07
C LYS A 257 32.78 23.77 -18.28
N ASP A 258 33.09 24.25 -19.49
CA ASP A 258 32.57 23.64 -20.72
C ASP A 258 32.93 22.17 -20.91
N LEU A 259 34.14 21.81 -20.60
CA LEU A 259 34.59 20.43 -20.80
C LEU A 259 33.68 19.47 -19.98
N PRO A 260 33.16 18.38 -20.55
CA PRO A 260 32.29 17.40 -19.80
C PRO A 260 33.00 16.83 -18.59
N ALA A 261 32.27 16.41 -17.56
CA ALA A 261 32.94 15.92 -16.36
C ALA A 261 33.92 14.79 -16.70
N ILE A 262 35.17 15.14 -16.49
CA ILE A 262 36.36 14.30 -16.73
C ILE A 262 37.21 14.25 -15.46
N THR A 263 37.48 13.04 -15.00
CA THR A 263 38.42 12.84 -13.93
C THR A 263 39.80 13.38 -14.33
N LEU A 264 40.62 13.67 -13.30
CA LEU A 264 42.02 14.03 -13.47
C LEU A 264 42.74 13.18 -14.51
N ASP A 265 42.52 11.87 -14.47
CA ASP A 265 43.19 10.95 -15.37
C ASP A 265 42.43 10.65 -16.66
N GLY A 266 41.51 11.51 -17.06
CA GLY A 266 40.93 11.41 -18.42
C GLY A 266 39.65 10.60 -18.68
N HIS A 267 38.93 10.23 -17.63
CA HIS A 267 37.76 9.39 -17.79
C HIS A 267 36.56 10.31 -17.82
N GLN A 268 35.77 10.22 -18.90
CA GLN A 268 34.60 11.05 -19.06
C GLN A 268 33.28 10.34 -18.82
N VAL A 269 32.36 11.06 -18.19
CA VAL A 269 30.96 10.57 -18.05
C VAL A 269 30.00 11.67 -18.46
N GLU A 270 28.77 11.33 -18.80
CA GLU A 270 27.80 12.36 -18.99
C GLU A 270 27.18 12.70 -17.64
N VAL A 271 26.70 13.92 -17.54
CA VAL A 271 26.11 14.41 -16.33
C VAL A 271 24.96 15.30 -16.80
N CYS A 272 23.74 14.90 -16.47
CA CYS A 272 22.58 15.50 -17.09
C CYS A 272 21.57 15.78 -16.05
N ALA A 273 20.52 16.49 -16.48
CA ALA A 273 19.44 16.81 -15.59
C ALA A 273 18.28 15.85 -15.79
N ASN A 274 17.66 15.47 -14.68
CA ASN A 274 16.35 14.90 -14.75
C ASN A 274 15.43 16.06 -14.83
N ILE A 275 14.41 16.01 -15.69
CA ILE A 275 13.42 17.11 -15.75
C ILE A 275 11.99 16.62 -15.72
N GLY A 276 11.09 17.58 -15.51
CA GLY A 276 9.67 17.31 -15.49
C GLY A 276 8.88 18.06 -16.54
N THR A 277 9.47 19.12 -17.12
CA THR A 277 8.71 20.20 -17.79
C THR A 277 9.73 21.08 -18.49
N VAL A 278 9.51 21.50 -19.76
CA VAL A 278 10.39 22.54 -20.38
C VAL A 278 10.99 23.52 -19.38
N ARG A 279 10.17 23.91 -18.39
CA ARG A 279 10.59 24.90 -17.40
C ARG A 279 11.83 24.46 -16.62
N ASP A 280 12.15 23.17 -16.65
CA ASP A 280 13.25 22.64 -15.90
C ASP A 280 14.52 22.74 -16.74
N VAL A 281 14.38 22.99 -18.04
CA VAL A 281 15.50 23.08 -18.95
C VAL A 281 16.36 24.28 -18.54
N GLU A 282 15.68 25.27 -18.00
CA GLU A 282 16.35 26.47 -17.60
C GLU A 282 17.36 26.12 -16.51
N GLY A 283 16.89 25.56 -15.38
CA GLY A 283 17.79 25.04 -14.33
C GLY A 283 18.88 24.13 -14.86
N ALA A 284 18.56 23.31 -15.85
CA ALA A 284 19.56 22.38 -16.38
C ALA A 284 20.70 23.11 -17.08
N GLU A 285 20.34 24.14 -17.86
CA GLU A 285 21.33 24.89 -18.60
C GLU A 285 22.11 25.70 -17.59
N ARG A 286 21.39 26.20 -16.60
CA ARG A 286 21.98 27.02 -15.55
C ARG A 286 23.10 26.28 -14.78
N ASN A 287 22.90 24.98 -14.60
CA ASN A 287 23.74 24.16 -13.76
C ASN A 287 24.69 23.27 -14.54
N GLY A 288 24.75 23.52 -15.84
CA GLY A 288 25.82 22.95 -16.64
C GLY A 288 25.57 21.56 -17.14
N ALA A 289 24.29 21.17 -17.15
CA ALA A 289 23.81 19.88 -17.66
C ALA A 289 24.30 19.68 -19.08
N GLU A 290 24.76 18.49 -19.42
CA GLU A 290 25.17 18.21 -20.81
C GLU A 290 24.04 17.60 -21.65
N GLY A 291 22.86 17.46 -21.07
CA GLY A 291 21.68 16.93 -21.77
C GLY A 291 20.70 16.54 -20.68
N VAL A 292 19.60 15.90 -21.07
CA VAL A 292 18.59 15.46 -20.14
C VAL A 292 18.60 13.94 -20.07
N GLY A 293 18.72 13.41 -18.85
CA GLY A 293 18.93 12.00 -18.67
C GLY A 293 17.62 11.32 -18.35
N LEU A 294 16.60 12.09 -18.00
CA LEU A 294 15.31 11.51 -17.70
C LEU A 294 14.28 12.61 -17.73
N TYR A 295 13.31 12.44 -18.61
CA TYR A 295 12.24 13.36 -18.77
C TYR A 295 11.07 12.55 -18.28
N ARG A 296 10.77 12.76 -17.00
CA ARG A 296 9.64 12.13 -16.32
C ARG A 296 8.40 12.68 -16.96
N THR A 297 7.81 11.97 -17.90
CA THR A 297 6.66 12.52 -18.62
C THR A 297 5.39 12.62 -17.75
N GLU A 298 5.31 11.85 -16.66
CA GLU A 298 4.19 11.96 -15.70
C GLU A 298 3.99 13.38 -15.32
N PHE A 299 5.09 14.07 -15.11
CA PHE A 299 5.10 15.38 -14.50
C PHE A 299 4.39 16.33 -15.46
N LEU A 300 4.57 16.09 -16.76
CA LEU A 300 3.86 16.86 -17.73
C LEU A 300 2.38 16.56 -17.61
N PHE A 301 2.04 15.35 -17.22
CA PHE A 301 0.65 14.91 -17.11
C PHE A 301 0.00 15.51 -15.88
N MET A 302 0.82 15.82 -14.88
CA MET A 302 0.30 16.45 -13.66
C MET A 302 0.43 17.97 -13.78
N ASP A 303 0.86 18.42 -14.95
CA ASP A 303 0.92 19.83 -15.23
C ASP A 303 -0.37 20.33 -15.87
N ARG A 304 -1.38 19.43 -15.97
CA ARG A 304 -2.65 19.60 -16.71
C ARG A 304 -3.83 19.02 -15.93
N ASP A 305 -5.08 19.42 -16.22
CA ASP A 305 -6.23 18.74 -15.58
C ASP A 305 -6.99 17.77 -16.50
N ALA A 306 -6.31 17.31 -17.54
CA ALA A 306 -6.86 16.30 -18.45
C ALA A 306 -5.71 15.51 -18.98
N LEU A 307 -5.98 14.28 -19.47
CA LEU A 307 -4.95 13.47 -20.10
C LEU A 307 -4.52 14.12 -21.40
N PRO A 308 -3.19 14.36 -21.58
CA PRO A 308 -2.74 15.05 -22.79
C PRO A 308 -2.74 14.14 -24.00
N THR A 309 -3.37 14.60 -25.06
CA THR A 309 -3.58 13.82 -26.26
C THR A 309 -2.28 13.62 -26.98
N GLU A 310 -2.32 12.87 -28.05
CA GLU A 310 -1.13 12.74 -28.84
C GLU A 310 -0.58 14.13 -29.17
N GLU A 311 -1.45 15.01 -29.64
CA GLU A 311 -1.04 16.32 -30.13
C GLU A 311 -0.45 17.19 -28.99
N GLU A 312 -1.08 17.16 -27.82
CA GLU A 312 -0.59 17.98 -26.72
C GLU A 312 0.76 17.47 -26.27
N GLN A 313 0.93 16.14 -26.35
CA GLN A 313 2.17 15.54 -25.91
C GLN A 313 3.27 15.89 -26.87
N PHE A 314 2.93 15.72 -28.13
CA PHE A 314 3.84 16.03 -29.19
C PHE A 314 4.40 17.44 -28.98
N ALA A 315 3.50 18.39 -28.69
CA ALA A 315 3.87 19.80 -28.64
C ALA A 315 4.81 20.01 -27.49
N ALA A 316 4.45 19.39 -26.37
CA ALA A 316 5.18 19.47 -25.13
C ALA A 316 6.55 18.89 -25.34
N TYR A 317 6.62 17.72 -25.99
CA TYR A 317 7.90 17.07 -26.30
C TYR A 317 8.75 17.88 -27.23
N LYS A 318 8.10 18.46 -28.25
CA LYS A 318 8.75 19.30 -29.29
C LYS A 318 9.39 20.45 -28.59
N ALA A 319 8.60 21.13 -27.76
CA ALA A 319 9.17 22.27 -27.02
C ALA A 319 10.43 21.85 -26.29
N VAL A 320 10.38 20.72 -25.57
CA VAL A 320 11.50 20.33 -24.74
C VAL A 320 12.67 20.09 -25.69
N ALA A 321 12.43 19.29 -26.71
CA ALA A 321 13.48 18.93 -27.65
C ALA A 321 14.17 20.16 -28.18
N GLU A 322 13.39 21.22 -28.30
CA GLU A 322 13.89 22.43 -28.87
C GLU A 322 14.51 23.31 -27.81
N ALA A 323 13.94 23.32 -26.62
CA ALA A 323 14.54 24.08 -25.54
C ALA A 323 15.83 23.44 -25.12
N CYS A 324 16.09 22.25 -25.62
CA CYS A 324 17.36 21.63 -25.31
C CYS A 324 18.42 21.79 -26.37
N GLY A 325 18.08 22.46 -27.48
CA GLY A 325 19.06 22.76 -28.51
C GLY A 325 19.67 21.49 -29.08
N SER A 326 20.98 21.43 -29.01
CA SER A 326 21.71 20.32 -29.61
C SER A 326 21.56 19.10 -28.74
N GLN A 327 21.18 19.30 -27.47
CA GLN A 327 21.26 18.25 -26.46
C GLN A 327 20.20 17.15 -26.57
N ALA A 328 20.57 15.96 -26.12
CA ALA A 328 19.72 14.77 -26.16
C ALA A 328 18.79 14.73 -24.95
N VAL A 329 17.53 14.42 -25.17
CA VAL A 329 16.63 14.21 -24.05
C VAL A 329 16.20 12.74 -23.97
N ILE A 330 16.28 12.14 -22.79
CA ILE A 330 15.81 10.77 -22.62
C ILE A 330 14.38 10.87 -22.07
N VAL A 331 13.43 10.69 -22.98
CA VAL A 331 12.03 10.85 -22.68
C VAL A 331 11.57 9.52 -22.14
N ARG A 332 11.17 9.49 -20.87
CA ARG A 332 10.66 8.22 -20.33
C ARG A 332 9.18 8.22 -20.55
N THR A 333 8.69 7.10 -21.03
CA THR A 333 7.25 6.95 -21.11
C THR A 333 6.74 6.92 -19.69
N MET A 334 5.44 7.15 -19.60
CA MET A 334 4.76 7.60 -18.41
C MET A 334 4.79 6.63 -17.24
N ASP A 335 5.02 7.17 -16.05
CA ASP A 335 5.10 6.36 -14.85
C ASP A 335 4.15 6.91 -13.78
N ILE A 336 2.90 6.54 -13.92
CA ILE A 336 1.90 6.83 -12.95
C ILE A 336 1.67 5.58 -12.08
N GLY A 337 1.40 5.79 -10.80
CA GLY A 337 0.81 4.74 -10.01
C GLY A 337 1.50 4.18 -8.77
N GLY A 338 2.54 4.84 -8.30
CA GLY A 338 3.03 4.43 -7.00
C GLY A 338 2.58 5.59 -6.15
N ASP A 339 3.53 6.35 -5.65
CA ASP A 339 3.16 7.59 -5.02
C ASP A 339 2.80 8.67 -6.05
N LYS A 340 2.81 8.36 -7.35
CA LYS A 340 2.36 9.37 -8.32
C LYS A 340 1.09 9.03 -9.11
N GLU A 341 -0.02 9.31 -8.45
CA GLU A 341 -1.24 9.18 -9.11
C GLU A 341 -1.49 10.48 -9.87
N LEU A 342 -2.23 10.40 -10.97
CA LEU A 342 -2.93 11.58 -11.42
C LEU A 342 -4.43 11.44 -11.19
N PRO A 343 -4.92 12.20 -10.20
CA PRO A 343 -6.31 12.25 -9.75
C PRO A 343 -7.29 12.25 -10.93
N TYR A 344 -7.02 13.05 -11.95
CA TYR A 344 -7.95 13.05 -13.10
C TYR A 344 -8.21 11.68 -13.76
N MET A 345 -7.37 10.68 -13.45
CA MET A 345 -7.55 9.36 -14.04
C MET A 345 -8.54 8.54 -13.24
N ASN A 346 -8.78 8.95 -11.99
CA ASN A 346 -9.70 8.25 -11.12
C ASN A 346 -9.45 6.75 -11.02
N PHE A 347 -8.21 6.34 -11.19
CA PHE A 347 -7.90 4.94 -11.05
C PHE A 347 -8.37 4.47 -9.68
N PRO A 348 -8.67 3.17 -9.56
CA PRO A 348 -9.06 2.66 -8.24
C PRO A 348 -7.88 2.53 -7.29
N LYS A 349 -8.17 2.51 -5.98
CA LYS A 349 -7.14 2.35 -4.97
C LYS A 349 -6.53 0.97 -4.99
N GLU A 350 -5.28 0.92 -4.54
CA GLU A 350 -4.54 -0.34 -4.37
C GLU A 350 -3.95 -0.47 -2.98
N GLU A 351 -3.85 -1.71 -2.55
CA GLU A 351 -3.30 -1.99 -1.27
C GLU A 351 -1.81 -1.61 -1.20
N ASN A 352 -1.08 -1.80 -2.29
CA ASN A 352 0.33 -1.36 -2.33
C ASN A 352 0.60 -0.69 -3.66
N PRO A 353 0.35 0.62 -3.74
CA PRO A 353 0.50 1.23 -5.04
C PRO A 353 1.87 0.94 -5.61
N PHE A 354 2.89 0.97 -4.78
CA PHE A 354 4.26 0.80 -5.29
C PHE A 354 4.60 -0.58 -5.81
N LEU A 355 3.79 -1.57 -5.44
CA LEU A 355 3.82 -2.89 -6.03
C LEU A 355 2.59 -3.15 -6.88
N GLY A 356 2.02 -2.10 -7.45
CA GLY A 356 0.74 -2.24 -8.13
C GLY A 356 0.81 -1.94 -9.61
N TRP A 357 -0.28 -1.34 -10.09
CA TRP A 357 -0.58 -1.21 -11.49
C TRP A 357 0.00 0.11 -11.95
N ARG A 358 1.29 0.05 -12.17
CA ARG A 358 2.12 1.22 -12.28
C ARG A 358 2.80 1.33 -13.67
N ALA A 359 2.82 2.55 -14.20
CA ALA A 359 3.67 2.90 -15.35
C ALA A 359 3.27 2.05 -16.52
N ILE A 360 4.16 1.19 -16.93
CA ILE A 360 4.02 0.40 -18.15
C ILE A 360 2.87 -0.64 -18.08
N ARG A 361 2.52 -0.95 -16.85
CA ARG A 361 1.49 -1.89 -16.63
C ARG A 361 0.17 -1.31 -17.02
N ILE A 362 0.09 0.02 -16.99
CA ILE A 362 -1.12 0.74 -17.42
C ILE A 362 -1.11 0.91 -18.94
N ALA A 363 -0.02 1.42 -19.45
CA ALA A 363 0.01 1.73 -20.84
C ALA A 363 -0.20 0.44 -21.67
N MET A 364 0.18 -0.70 -21.10
CA MET A 364 -0.09 -2.00 -21.75
C MET A 364 -1.50 -2.51 -21.52
N ASP A 365 -2.18 -1.99 -20.53
CA ASP A 365 -3.57 -2.41 -20.38
C ASP A 365 -4.49 -1.42 -21.02
N ARG A 366 -3.93 -0.32 -21.52
CA ARG A 366 -4.74 0.67 -22.18
C ARG A 366 -3.93 1.25 -23.26
N ARG A 367 -3.87 0.54 -24.40
CA ARG A 367 -3.02 0.94 -25.50
C ARG A 367 -3.16 2.38 -25.97
N GLU A 368 -4.38 2.92 -26.01
CA GLU A 368 -4.52 4.32 -26.41
C GLU A 368 -3.43 5.21 -25.71
N ILE A 369 -3.05 4.86 -24.47
CA ILE A 369 -2.14 5.69 -23.66
C ILE A 369 -0.70 5.52 -24.15
N LEU A 370 -0.27 4.27 -24.18
CA LEU A 370 0.97 3.91 -24.75
C LEU A 370 1.08 4.45 -26.20
N ARG A 371 0.03 4.29 -27.00
CA ARG A 371 0.11 4.65 -28.41
C ARG A 371 0.24 6.16 -28.67
N ASP A 372 -0.67 6.94 -28.05
CA ASP A 372 -0.65 8.37 -28.16
C ASP A 372 0.72 8.79 -27.81
N GLN A 373 1.21 8.31 -26.66
CA GLN A 373 2.49 8.80 -26.16
C GLN A 373 3.63 8.43 -27.08
N LEU A 374 3.80 7.16 -27.40
CA LEU A 374 4.92 6.78 -28.24
C LEU A 374 4.87 7.46 -29.59
N ARG A 375 3.70 7.45 -30.21
CA ARG A 375 3.41 8.31 -31.37
C ARG A 375 3.97 9.75 -31.19
N ALA A 376 3.51 10.44 -30.15
CA ALA A 376 3.98 11.77 -29.85
C ALA A 376 5.50 11.86 -29.71
N ILE A 377 6.13 10.95 -28.98
CA ILE A 377 7.57 11.01 -28.80
C ILE A 377 8.22 10.90 -30.18
N LEU A 378 7.90 9.83 -30.89
CA LEU A 378 8.50 9.62 -32.19
C LEU A 378 8.38 10.88 -33.02
N ARG A 379 7.17 11.43 -33.09
CA ARG A 379 6.98 12.54 -33.96
C ARG A 379 7.83 13.70 -33.49
N ALA A 380 7.93 13.88 -32.16
CA ALA A 380 8.77 14.96 -31.62
C ALA A 380 10.25 14.77 -31.95
N SER A 381 10.67 13.53 -32.19
CA SER A 381 12.06 13.24 -32.49
C SER A 381 12.45 13.78 -33.85
N ALA A 382 11.49 14.28 -34.59
CA ALA A 382 11.81 14.91 -35.86
C ALA A 382 12.37 16.28 -35.60
N PHE A 383 12.48 16.66 -34.32
CA PHE A 383 12.78 18.05 -33.99
C PHE A 383 13.93 18.25 -33.03
N GLY A 384 14.60 17.17 -32.63
CA GLY A 384 15.71 17.28 -31.73
C GLY A 384 16.07 15.90 -31.31
N LYS A 385 17.30 15.69 -30.79
CA LYS A 385 17.69 14.34 -30.38
C LYS A 385 16.88 13.87 -29.16
N LEU A 386 16.03 12.89 -29.38
CA LEU A 386 15.27 12.27 -28.29
C LEU A 386 15.63 10.80 -28.22
N ARG A 387 15.60 10.26 -27.00
CA ARG A 387 15.59 8.82 -26.80
C ARG A 387 14.29 8.43 -26.09
N ILE A 388 13.88 7.18 -26.25
CA ILE A 388 12.72 6.61 -25.54
C ILE A 388 13.20 5.65 -24.48
N MET A 389 12.61 5.75 -23.31
CA MET A 389 12.99 4.84 -22.26
C MET A 389 11.73 4.47 -21.57
N PHE A 390 11.68 3.24 -21.09
CA PHE A 390 10.52 2.66 -20.41
C PHE A 390 10.77 2.44 -18.94
N PRO A 391 9.79 2.80 -18.10
CA PRO A 391 9.81 2.61 -16.65
C PRO A 391 9.30 1.25 -16.20
N MET A 392 9.67 0.81 -14.99
CA MET A 392 9.08 -0.39 -14.36
C MET A 392 9.18 -1.69 -15.13
N ILE A 393 10.16 -1.80 -16.00
CA ILE A 393 10.44 -3.03 -16.72
C ILE A 393 10.86 -4.17 -15.79
N ILE A 394 10.28 -5.33 -16.04
CA ILE A 394 10.45 -6.47 -15.16
C ILE A 394 10.87 -7.75 -15.85
N SER A 395 10.68 -7.80 -17.18
CA SER A 395 10.92 -9.02 -17.93
C SER A 395 11.39 -8.71 -19.34
N VAL A 396 12.03 -9.67 -20.00
CA VAL A 396 12.29 -9.52 -21.41
C VAL A 396 10.96 -9.53 -22.15
N GLU A 397 10.01 -10.32 -21.69
CA GLU A 397 8.66 -10.29 -22.30
C GLU A 397 8.15 -8.85 -22.53
N GLU A 398 8.11 -8.07 -21.44
CA GLU A 398 7.63 -6.68 -21.52
C GLU A 398 8.36 -5.87 -22.61
N VAL A 399 9.67 -5.87 -22.59
CA VAL A 399 10.45 -5.12 -23.61
C VAL A 399 10.11 -5.49 -25.07
N ARG A 400 10.06 -6.78 -25.37
CA ARG A 400 9.73 -7.17 -26.71
C ARG A 400 8.32 -6.72 -27.09
N ALA A 401 7.39 -6.72 -26.14
CA ALA A 401 6.03 -6.41 -26.49
C ALA A 401 5.93 -4.91 -26.83
N LEU A 402 6.78 -4.12 -26.20
CA LEU A 402 6.77 -2.68 -26.33
C LEU A 402 7.54 -2.20 -27.59
N ARG A 403 8.65 -2.88 -27.89
CA ARG A 403 9.40 -2.64 -29.14
C ARG A 403 8.55 -2.94 -30.35
N LYS A 404 7.81 -4.03 -30.23
CA LYS A 404 6.88 -4.44 -31.25
C LYS A 404 5.85 -3.34 -31.41
N GLU A 405 5.37 -2.85 -30.30
CA GLU A 405 4.52 -1.70 -30.31
C GLU A 405 5.18 -0.49 -31.01
N ILE A 406 6.37 -0.09 -30.58
CA ILE A 406 7.05 0.99 -31.29
C ILE A 406 7.02 0.75 -32.82
N GLU A 407 7.50 -0.41 -33.27
CA GLU A 407 7.54 -0.71 -34.66
C GLU A 407 6.21 -0.51 -35.38
N ILE A 408 5.10 -0.82 -34.71
CA ILE A 408 3.78 -0.58 -35.28
C ILE A 408 3.49 0.92 -35.41
N TYR A 409 3.69 1.63 -34.32
CA TYR A 409 3.53 3.05 -34.31
C TYR A 409 4.48 3.73 -35.28
N LYS A 410 5.65 3.16 -35.53
CA LYS A 410 6.60 3.75 -36.45
C LYS A 410 6.02 3.72 -37.84
N GLN A 411 5.43 2.58 -38.22
CA GLN A 411 4.90 2.41 -39.57
C GLN A 411 3.75 3.34 -39.80
N GLU A 412 2.83 3.40 -38.85
CA GLU A 412 1.72 4.28 -38.97
C GLU A 412 2.21 5.68 -39.29
N LEU A 413 3.14 6.20 -38.50
CA LEU A 413 3.73 7.50 -38.82
C LEU A 413 4.24 7.58 -40.27
N ARG A 414 5.13 6.65 -40.66
CA ARG A 414 5.56 6.48 -42.08
C ARG A 414 4.39 6.58 -43.07
N ASP A 415 3.28 5.97 -42.74
CA ASP A 415 2.12 5.93 -43.62
C ASP A 415 1.30 7.19 -43.64
N GLU A 416 1.44 8.00 -42.60
CA GLU A 416 0.69 9.24 -42.50
C GLU A 416 1.55 10.44 -42.94
N GLY A 417 2.76 10.16 -43.46
CA GLY A 417 3.67 11.19 -43.98
C GLY A 417 4.17 12.10 -42.87
N LYS A 418 4.58 11.45 -41.78
CA LYS A 418 5.02 12.08 -40.56
C LYS A 418 6.45 11.62 -40.16
N ALA A 419 7.40 12.54 -40.26
CA ALA A 419 8.81 12.29 -39.96
C ALA A 419 8.96 11.88 -38.50
N PHE A 420 9.93 10.99 -38.28
CA PHE A 420 10.44 10.69 -36.99
C PHE A 420 11.86 10.24 -37.23
N ASP A 421 12.70 10.40 -36.21
CA ASP A 421 14.11 10.08 -36.29
C ASP A 421 14.13 8.58 -36.41
N GLU A 422 14.55 8.06 -37.56
CA GLU A 422 14.65 6.60 -37.73
C GLU A 422 15.76 6.00 -36.86
N SER A 423 16.66 6.84 -36.36
CA SER A 423 17.80 6.43 -35.54
C SER A 423 17.44 6.27 -34.08
N ILE A 424 16.16 6.43 -33.74
CA ILE A 424 15.81 6.75 -32.37
C ILE A 424 16.14 5.59 -31.48
N GLU A 425 16.84 5.90 -30.39
CA GLU A 425 17.29 4.84 -29.53
C GLU A 425 16.33 4.60 -28.42
N ILE A 426 16.26 3.33 -28.06
CA ILE A 426 15.31 2.83 -27.11
C ILE A 426 16.05 2.14 -25.97
N GLY A 427 15.67 2.44 -24.74
CA GLY A 427 16.30 1.80 -23.59
C GLY A 427 15.29 1.51 -22.49
N VAL A 428 15.76 1.12 -21.33
CA VAL A 428 14.83 0.75 -20.29
C VAL A 428 15.36 1.21 -18.97
N MET A 429 14.45 1.54 -18.07
CA MET A 429 14.80 1.84 -16.71
C MET A 429 15.19 0.50 -16.15
N VAL A 430 16.31 0.40 -15.47
CA VAL A 430 16.54 -0.79 -14.65
C VAL A 430 16.28 -0.33 -13.20
N GLU A 431 15.09 -0.56 -12.67
CA GLU A 431 14.76 -0.03 -11.37
C GLU A 431 13.98 -1.05 -10.57
N THR A 432 13.94 -2.21 -11.14
CA THR A 432 13.38 -3.41 -10.57
C THR A 432 14.57 -4.42 -10.37
N PRO A 433 14.54 -5.21 -9.27
CA PRO A 433 15.53 -6.24 -9.04
C PRO A 433 15.39 -7.32 -10.10
N ALA A 434 14.20 -7.53 -10.63
CA ALA A 434 14.03 -8.38 -11.80
C ALA A 434 14.91 -7.89 -12.91
N ALA A 435 14.68 -6.66 -13.34
CA ALA A 435 15.46 -6.12 -14.46
C ALA A 435 16.94 -6.27 -14.17
N ALA A 436 17.31 -5.97 -12.94
CA ALA A 436 18.73 -5.98 -12.60
C ALA A 436 19.25 -7.39 -12.80
N THR A 437 18.46 -8.38 -12.39
CA THR A 437 18.83 -9.79 -12.48
C THR A 437 19.00 -10.36 -13.89
N ILE A 438 18.18 -9.85 -14.81
CA ILE A 438 18.17 -10.31 -16.17
C ILE A 438 18.76 -9.21 -17.05
N ALA A 439 19.50 -8.32 -16.40
CA ALA A 439 20.19 -7.29 -17.14
C ALA A 439 20.88 -7.85 -18.38
N ARG A 440 21.50 -9.03 -18.32
CA ARG A 440 22.26 -9.49 -19.50
C ARG A 440 21.29 -9.64 -20.60
N HIS A 441 20.24 -10.45 -20.36
CA HIS A 441 19.17 -10.62 -21.34
C HIS A 441 18.58 -9.36 -21.88
N LEU A 442 18.36 -8.37 -21.02
CA LEU A 442 17.70 -7.13 -21.45
C LEU A 442 18.63 -6.30 -22.32
N ALA A 443 19.91 -6.32 -21.99
CA ALA A 443 20.95 -5.55 -22.72
C ALA A 443 21.05 -5.84 -24.24
N LYS A 444 20.71 -7.08 -24.64
CA LYS A 444 20.61 -7.44 -26.08
C LYS A 444 19.45 -6.75 -26.69
N GLU A 445 18.47 -6.37 -25.90
CA GLU A 445 17.18 -6.01 -26.44
C GLU A 445 16.96 -4.49 -26.46
N VAL A 446 17.85 -3.74 -25.82
CA VAL A 446 17.72 -2.30 -25.75
C VAL A 446 19.02 -1.64 -26.09
N ASP A 447 18.99 -0.32 -26.32
CA ASP A 447 20.21 0.45 -26.61
C ASP A 447 20.89 0.96 -25.39
N PHE A 448 20.18 0.98 -24.28
CA PHE A 448 20.77 1.55 -23.09
C PHE A 448 19.96 1.27 -21.85
N PHE A 449 20.49 1.66 -20.70
CA PHE A 449 19.84 1.44 -19.41
C PHE A 449 20.04 2.70 -18.67
N SER A 450 19.06 3.05 -17.85
CA SER A 450 19.25 3.99 -16.81
C SER A 450 18.76 3.35 -15.53
N ILE A 451 19.61 3.29 -14.51
CA ILE A 451 19.22 2.63 -13.26
C ILE A 451 18.42 3.56 -12.36
N GLY A 452 17.19 3.15 -12.03
CA GLY A 452 16.41 3.94 -11.11
C GLY A 452 16.65 3.40 -9.73
N THR A 453 17.54 4.01 -8.97
CA THR A 453 17.88 3.51 -7.66
C THR A 453 16.81 3.81 -6.60
N ASN A 454 15.95 4.78 -6.87
CA ASN A 454 14.89 5.06 -5.90
C ASN A 454 14.00 3.84 -5.82
N ASP A 455 13.55 3.39 -6.98
CA ASP A 455 12.79 2.19 -7.03
C ASP A 455 13.59 0.94 -6.70
N LEU A 456 14.71 0.70 -7.38
CA LEU A 456 15.57 -0.43 -7.10
C LEU A 456 15.86 -0.59 -5.60
N THR A 457 16.17 0.50 -4.95
CA THR A 457 16.42 0.41 -3.55
C THR A 457 15.14 -0.13 -2.91
N GLN A 458 14.03 0.53 -3.24
CA GLN A 458 12.74 0.24 -2.67
C GLN A 458 12.45 -1.23 -2.73
N TYR A 459 12.60 -1.85 -3.91
CA TYR A 459 12.21 -3.27 -4.04
C TYR A 459 13.25 -4.22 -3.58
N THR A 460 14.50 -3.80 -3.64
CA THR A 460 15.53 -4.71 -3.26
C THR A 460 15.46 -4.81 -1.72
N LEU A 461 15.26 -3.67 -1.07
CA LEU A 461 15.16 -3.65 0.38
C LEU A 461 13.72 -3.77 0.86
N ALA A 462 12.76 -3.82 -0.04
CA ALA A 462 11.35 -3.76 0.43
C ALA A 462 11.11 -2.68 1.44
N VAL A 463 11.62 -1.49 1.14
CA VAL A 463 11.28 -0.34 1.95
C VAL A 463 10.69 0.77 1.10
N ASP A 464 9.50 1.17 1.53
CA ASP A 464 8.68 2.13 0.83
C ASP A 464 9.42 3.46 0.91
N ARG A 465 9.64 4.04 -0.26
CA ARG A 465 10.28 5.33 -0.40
C ARG A 465 9.55 6.41 0.36
N GLY A 466 8.27 6.17 0.62
CA GLY A 466 7.40 7.14 1.30
C GLY A 466 7.39 6.99 2.80
N ASN A 467 7.86 5.86 3.33
CA ASN A 467 7.59 5.48 4.73
C ASN A 467 8.70 5.94 5.69
N ASP A 468 8.45 7.05 6.39
CA ASP A 468 9.46 7.62 7.30
C ASP A 468 9.77 6.72 8.48
N MET A 469 8.77 5.99 8.95
CA MET A 469 8.99 5.06 10.04
C MET A 469 10.14 4.08 9.81
N ILE A 470 10.31 3.59 8.57
CA ILE A 470 11.45 2.75 8.27
C ILE A 470 12.50 3.41 7.40
N SER A 471 12.48 4.73 7.30
CA SER A 471 13.42 5.34 6.37
C SER A 471 14.86 4.89 6.64
N HIS A 472 15.20 4.57 7.90
CA HIS A 472 16.57 4.25 8.25
C HIS A 472 17.07 3.02 7.51
N LEU A 473 16.13 2.22 7.01
CA LEU A 473 16.41 1.01 6.23
C LEU A 473 16.46 1.28 4.73
N TYR A 474 16.18 2.51 4.32
CA TYR A 474 16.18 2.77 2.92
C TYR A 474 17.59 3.13 2.58
N GLN A 475 18.36 2.18 2.05
CA GLN A 475 19.77 2.44 1.80
C GLN A 475 20.15 2.07 0.46
N PRO A 476 20.23 3.06 -0.44
CA PRO A 476 20.69 2.68 -1.78
C PRO A 476 22.18 2.38 -1.70
N MET A 477 22.79 2.69 -0.57
CA MET A 477 24.19 2.40 -0.41
C MET A 477 24.37 1.19 0.44
N SER A 478 23.73 0.13 -0.04
CA SER A 478 23.85 -1.16 0.55
C SER A 478 24.72 -1.97 -0.33
N PRO A 479 25.43 -2.92 0.27
CA PRO A 479 26.12 -3.91 -0.54
C PRO A 479 25.16 -4.60 -1.50
N SER A 480 23.87 -4.67 -1.13
CA SER A 480 22.89 -5.28 -2.03
C SER A 480 22.49 -4.42 -3.25
N VAL A 481 22.34 -3.13 -3.07
CA VAL A 481 21.94 -2.33 -4.20
C VAL A 481 23.16 -2.08 -5.09
N LEU A 482 24.32 -1.87 -4.47
CA LEU A 482 25.55 -1.60 -5.24
C LEU A 482 25.87 -2.76 -6.13
N ASN A 483 25.90 -3.95 -5.56
CA ASN A 483 26.10 -5.13 -6.38
C ASN A 483 25.19 -5.23 -7.60
N LEU A 484 23.89 -5.02 -7.40
CA LEU A 484 22.93 -4.99 -8.47
C LEU A 484 23.20 -3.89 -9.45
N ILE A 485 23.62 -2.70 -8.98
CA ILE A 485 24.11 -1.63 -9.89
C ILE A 485 25.28 -2.10 -10.79
N LYS A 486 26.28 -2.70 -10.17
CA LYS A 486 27.45 -3.17 -10.88
C LYS A 486 27.04 -4.15 -11.95
N GLN A 487 26.05 -4.94 -11.60
CA GLN A 487 25.76 -6.10 -12.38
C GLN A 487 25.10 -5.56 -13.67
N VAL A 488 24.35 -4.46 -13.50
CA VAL A 488 23.63 -3.82 -14.60
C VAL A 488 24.60 -3.11 -15.53
N ILE A 489 25.50 -2.30 -14.93
CA ILE A 489 26.49 -1.57 -15.69
C ILE A 489 27.24 -2.58 -16.57
N ASP A 490 27.73 -3.64 -15.93
CA ASP A 490 28.48 -4.66 -16.62
C ASP A 490 27.66 -5.26 -17.75
N ALA A 491 26.42 -5.62 -17.48
CA ALA A 491 25.55 -6.07 -18.57
C ALA A 491 25.65 -5.14 -19.75
N SER A 492 25.36 -3.84 -19.56
CA SER A 492 25.52 -2.80 -20.60
C SER A 492 26.77 -3.00 -21.39
N HIS A 493 27.89 -3.02 -20.66
CA HIS A 493 29.16 -2.91 -21.29
C HIS A 493 29.44 -4.18 -22.04
N ALA A 494 28.92 -5.28 -21.51
CA ALA A 494 29.18 -6.54 -22.18
C ALA A 494 28.54 -6.52 -23.56
N GLU A 495 27.40 -5.84 -23.73
CA GLU A 495 26.79 -5.72 -25.07
C GLU A 495 27.29 -4.54 -25.85
N GLY A 496 28.21 -3.77 -25.27
CA GLY A 496 28.68 -2.55 -25.91
C GLY A 496 27.69 -1.41 -25.85
N LYS A 497 26.73 -1.48 -24.92
CA LYS A 497 25.85 -0.36 -24.60
C LYS A 497 26.33 0.28 -23.32
N TRP A 498 25.54 1.20 -22.82
CA TRP A 498 25.93 2.01 -21.70
C TRP A 498 24.79 2.11 -20.68
N THR A 499 25.16 2.39 -19.44
CA THR A 499 24.17 2.54 -18.44
C THR A 499 24.33 3.92 -17.92
N GLY A 500 23.20 4.59 -17.79
CA GLY A 500 23.13 5.82 -17.02
C GLY A 500 22.39 5.57 -15.74
N MET A 501 22.24 6.62 -14.95
CA MET A 501 21.54 6.56 -13.67
C MET A 501 20.76 7.84 -13.41
N CYS A 502 19.44 7.73 -13.27
CA CYS A 502 18.64 8.89 -12.93
C CYS A 502 18.08 8.85 -11.54
N GLY A 503 18.22 7.71 -10.88
CA GLY A 503 17.93 7.65 -9.44
C GLY A 503 18.77 8.68 -8.71
N GLU A 504 18.33 8.99 -7.48
CA GLU A 504 18.97 10.04 -6.69
C GLU A 504 20.41 9.74 -6.26
N LEU A 505 20.80 8.47 -6.32
CA LEU A 505 22.19 8.13 -6.08
C LEU A 505 23.18 8.85 -6.99
N ALA A 506 22.80 9.01 -8.27
CA ALA A 506 23.63 9.72 -9.24
C ALA A 506 24.00 11.06 -8.68
N GLY A 507 23.02 11.73 -8.06
CA GLY A 507 23.24 13.07 -7.51
C GLY A 507 23.77 13.09 -6.09
N ASP A 508 24.02 11.92 -5.50
CA ASP A 508 24.42 11.81 -4.10
C ASP A 508 25.98 11.85 -3.97
N GLU A 509 26.50 12.92 -3.35
CA GLU A 509 27.96 13.12 -3.17
C GLU A 509 28.71 11.89 -2.69
N ARG A 510 28.00 10.96 -2.08
CA ARG A 510 28.64 9.87 -1.38
C ARG A 510 28.79 8.64 -2.24
N ALA A 511 28.08 8.65 -3.37
CA ALA A 511 28.17 7.54 -4.26
C ALA A 511 29.04 7.86 -5.46
N THR A 512 29.28 9.15 -5.68
CA THR A 512 29.91 9.59 -6.90
C THR A 512 31.17 8.81 -7.25
N LEU A 513 32.12 8.67 -6.31
CA LEU A 513 33.32 7.83 -6.56
C LEU A 513 33.03 6.37 -6.88
N LEU A 514 32.02 5.80 -6.23
CA LEU A 514 31.64 4.41 -6.49
C LEU A 514 30.96 4.27 -7.83
N LEU A 515 29.95 5.09 -8.07
CA LEU A 515 29.28 5.08 -9.34
C LEU A 515 30.33 5.21 -10.42
N LEU A 516 31.22 6.17 -10.26
CA LEU A 516 32.31 6.34 -11.24
C LEU A 516 33.19 5.10 -11.38
N GLY A 517 33.66 4.56 -10.25
CA GLY A 517 34.59 3.44 -10.25
C GLY A 517 33.96 2.21 -10.85
N MET A 518 32.64 2.11 -10.68
CA MET A 518 31.90 0.98 -11.16
C MET A 518 31.61 1.09 -12.62
N GLY A 519 32.02 2.22 -13.22
CA GLY A 519 31.94 2.42 -14.67
C GLY A 519 30.66 3.00 -15.23
N LEU A 520 29.80 3.54 -14.36
CA LEU A 520 28.58 4.18 -14.79
C LEU A 520 28.93 5.22 -15.84
N ASP A 521 28.15 5.24 -16.94
CA ASP A 521 28.47 6.04 -18.13
C ASP A 521 27.86 7.38 -18.02
N GLU A 522 26.73 7.44 -17.35
CA GLU A 522 25.92 8.61 -17.37
C GLU A 522 25.24 8.87 -16.05
N PHE A 523 25.27 10.11 -15.60
CA PHE A 523 24.60 10.47 -14.37
C PHE A 523 23.50 11.45 -14.65
N SER A 524 22.34 11.25 -14.07
CA SER A 524 21.31 12.26 -14.32
C SER A 524 20.62 12.61 -13.05
N MET A 525 20.45 13.89 -12.78
CA MET A 525 20.00 14.29 -11.48
C MET A 525 19.20 15.55 -11.53
N SER A 526 18.68 15.94 -10.37
CA SER A 526 18.25 17.29 -10.22
C SER A 526 19.38 18.15 -10.74
N ALA A 527 19.03 19.14 -11.53
CA ALA A 527 20.02 20.09 -12.06
C ALA A 527 20.91 20.64 -10.93
N ILE A 528 20.30 21.03 -9.81
CA ILE A 528 21.08 21.60 -8.70
C ILE A 528 22.22 20.74 -8.23
N SER A 529 22.23 19.45 -8.53
CA SER A 529 23.30 18.61 -8.06
C SER A 529 24.40 18.47 -9.04
N ILE A 530 24.18 19.00 -10.24
CA ILE A 530 25.15 18.81 -11.29
C ILE A 530 26.54 19.33 -10.92
N PRO A 531 26.65 20.59 -10.45
CA PRO A 531 27.98 21.06 -10.07
C PRO A 531 28.69 20.27 -8.94
N ARG A 532 27.98 19.84 -7.89
CA ARG A 532 28.67 19.14 -6.78
C ARG A 532 29.30 17.89 -7.32
N ILE A 533 28.55 17.19 -8.14
CA ILE A 533 28.99 15.94 -8.64
C ILE A 533 30.08 16.14 -9.71
N LYS A 534 29.86 17.10 -10.59
CA LYS A 534 30.86 17.44 -11.57
C LYS A 534 32.19 17.67 -10.79
N LYS A 535 32.12 18.49 -9.72
CA LYS A 535 33.31 18.84 -8.96
C LYS A 535 34.04 17.62 -8.46
N ILE A 536 33.28 16.67 -7.90
CA ILE A 536 33.84 15.44 -7.39
C ILE A 536 34.51 14.67 -8.51
N ILE A 537 33.89 14.73 -9.68
CA ILE A 537 34.34 13.92 -10.80
C ILE A 537 35.61 14.50 -11.32
N ARG A 538 35.61 15.82 -11.45
CA ARG A 538 36.76 16.49 -12.00
C ARG A 538 38.04 16.38 -11.15
N ASN A 539 37.86 15.98 -9.87
CA ASN A 539 38.94 15.97 -8.88
C ASN A 539 39.31 14.56 -8.40
N THR A 540 38.75 13.56 -9.07
CA THR A 540 39.06 12.17 -8.76
C THR A 540 40.03 11.72 -9.76
N ASN A 541 40.74 10.68 -9.38
CA ASN A 541 41.42 9.88 -10.34
C ASN A 541 40.54 8.62 -10.60
N PHE A 542 40.27 8.35 -11.87
CA PHE A 542 39.37 7.26 -12.21
C PHE A 542 39.90 5.89 -11.78
N GLU A 543 41.19 5.67 -11.97
CA GLU A 543 41.75 4.38 -11.60
C GLU A 543 41.58 4.08 -10.12
N ASP A 544 41.74 5.13 -9.32
CA ASP A 544 41.64 5.00 -7.88
C ASP A 544 40.23 4.62 -7.46
N ALA A 545 39.24 5.30 -8.02
CA ALA A 545 37.84 4.99 -7.91
C ALA A 545 37.50 3.55 -8.25
N LYS A 546 38.02 3.03 -9.37
CA LYS A 546 37.79 1.61 -9.68
C LYS A 546 38.19 0.79 -8.45
N VAL A 547 39.42 0.92 -8.03
CA VAL A 547 39.91 0.21 -6.84
C VAL A 547 38.94 0.43 -5.66
N LEU A 548 38.46 1.67 -5.50
CA LEU A 548 37.57 1.96 -4.42
C LEU A 548 36.33 1.12 -4.61
N ALA A 549 35.77 1.16 -5.83
CA ALA A 549 34.50 0.52 -6.13
C ALA A 549 34.61 -0.95 -5.85
N GLU A 550 35.67 -1.51 -6.39
CA GLU A 550 35.83 -2.89 -6.19
C GLU A 550 35.79 -3.22 -4.67
N GLN A 551 36.63 -2.55 -3.88
CA GLN A 551 36.63 -2.82 -2.48
C GLN A 551 35.18 -2.77 -1.94
N ALA A 552 34.48 -1.67 -2.25
CA ALA A 552 33.19 -1.42 -1.65
C ALA A 552 32.25 -2.56 -1.93
N LEU A 553 32.35 -3.10 -3.15
CA LEU A 553 31.47 -4.19 -3.59
C LEU A 553 31.68 -5.50 -2.85
N ALA A 554 32.77 -5.60 -2.08
CA ALA A 554 33.02 -6.82 -1.33
C ALA A 554 32.58 -6.71 0.13
N GLN A 555 32.30 -5.50 0.61
CA GLN A 555 31.89 -5.27 1.98
C GLN A 555 30.51 -5.88 2.27
N PRO A 556 30.36 -6.62 3.37
CA PRO A 556 29.02 -7.12 3.69
C PRO A 556 28.18 -6.10 4.48
N THR A 557 28.70 -4.90 4.65
CA THR A 557 28.07 -3.96 5.55
C THR A 557 28.24 -2.54 4.97
N THR A 558 27.19 -1.75 5.08
CA THR A 558 27.19 -0.36 4.63
C THR A 558 28.29 0.41 5.36
N ASP A 559 28.29 0.33 6.68
CA ASP A 559 29.29 1.03 7.42
C ASP A 559 30.66 0.81 6.87
N GLU A 560 30.99 -0.44 6.60
CA GLU A 560 32.30 -0.84 6.12
C GLU A 560 32.61 -0.23 4.76
N LEU A 561 31.58 -0.11 3.95
CA LEU A 561 31.68 0.50 2.64
C LEU A 561 31.77 2.06 2.75
N MET A 562 31.07 2.64 3.74
CA MET A 562 31.24 4.06 4.00
C MET A 562 32.65 4.36 4.41
N THR A 563 33.28 3.46 5.17
CA THR A 563 34.65 3.69 5.61
C THR A 563 35.60 3.86 4.46
N LEU A 564 35.54 2.96 3.47
CA LEU A 564 36.36 3.03 2.28
C LEU A 564 36.26 4.35 1.61
N VAL A 565 35.02 4.71 1.26
CA VAL A 565 34.71 6.04 0.71
C VAL A 565 35.37 7.18 1.50
N ASN A 566 35.19 7.19 2.83
CA ASN A 566 35.82 8.21 3.65
C ASN A 566 37.35 8.23 3.62
N LYS A 567 38.00 7.09 3.80
CA LYS A 567 39.46 7.08 3.79
C LYS A 567 39.96 7.56 2.44
N PHE A 568 39.16 7.32 1.41
CA PHE A 568 39.48 7.80 0.09
C PHE A 568 39.50 9.33 0.11
N ILE A 569 38.38 9.92 0.46
CA ILE A 569 38.23 11.37 0.48
C ILE A 569 39.32 12.05 1.29
N GLU A 570 39.71 11.42 2.39
CA GLU A 570 40.83 11.86 3.22
C GLU A 570 42.14 11.89 2.45
N GLU A 571 42.48 10.74 1.88
CA GLU A 571 43.78 10.54 1.32
C GLU A 571 43.92 11.10 -0.09
N LYS A 572 42.80 11.29 -0.79
CA LYS A 572 42.81 11.50 -2.24
C LYS A 572 42.42 12.90 -2.78
N THR A 573 41.84 13.78 -1.95
CA THR A 573 41.76 15.23 -2.29
C THR A 573 41.38 16.10 -1.08
N MET B 1 -23.70 -20.99 -18.52
CA MET B 1 -22.21 -20.92 -18.62
C MET B 1 -21.67 -19.99 -17.54
N ILE B 2 -21.68 -20.45 -16.30
CA ILE B 2 -21.16 -19.61 -15.16
C ILE B 2 -19.83 -20.20 -14.68
N SER B 3 -18.81 -19.38 -14.55
CA SER B 3 -17.47 -19.89 -14.10
C SER B 3 -16.94 -19.03 -12.95
N GLY B 4 -16.30 -19.65 -11.98
CA GLY B 4 -15.72 -18.91 -10.82
C GLY B 4 -14.23 -19.24 -10.74
N ILE B 5 -13.61 -19.03 -9.59
CA ILE B 5 -12.14 -19.31 -9.49
C ILE B 5 -11.89 -20.73 -8.93
N LEU B 6 -12.89 -21.38 -8.42
CA LEU B 6 -12.69 -22.75 -7.87
C LEU B 6 -11.54 -22.73 -6.84
N ALA B 7 -11.88 -22.77 -5.57
CA ALA B 7 -10.82 -22.75 -4.51
C ALA B 7 -10.48 -24.17 -4.08
N SER B 8 -11.41 -25.09 -4.24
CA SER B 8 -11.15 -26.51 -3.84
C SER B 8 -11.81 -27.45 -4.87
N PRO B 9 -11.07 -28.37 -5.45
CA PRO B 9 -11.63 -29.32 -6.45
C PRO B 9 -12.39 -30.47 -5.78
N GLY B 10 -13.47 -30.91 -6.36
CA GLY B 10 -14.26 -32.02 -5.76
C GLY B 10 -15.64 -32.04 -6.39
N ILE B 11 -16.60 -32.67 -5.76
CA ILE B 11 -18.00 -32.71 -6.32
C ILE B 11 -18.98 -32.78 -5.15
N ALA B 12 -20.17 -32.24 -5.29
CA ALA B 12 -21.14 -32.31 -4.16
C ALA B 12 -22.58 -32.19 -4.66
N PHE B 13 -23.51 -32.72 -3.90
CA PHE B 13 -24.96 -32.64 -4.28
C PHE B 13 -25.76 -32.23 -3.04
N GLY B 14 -26.56 -31.20 -3.10
CA GLY B 14 -27.33 -30.82 -1.88
C GLY B 14 -28.22 -29.59 -2.15
N LYS B 15 -28.97 -29.18 -1.15
CA LYS B 15 -29.87 -28.00 -1.31
C LYS B 15 -29.04 -26.72 -1.18
N ALA B 16 -29.57 -25.62 -1.68
CA ALA B 16 -28.79 -24.33 -1.62
C ALA B 16 -29.36 -23.40 -0.53
N LEU B 17 -28.50 -22.90 0.32
CA LEU B 17 -28.95 -21.97 1.39
C LEU B 17 -28.60 -20.54 0.95
N LEU B 18 -29.51 -19.60 1.09
CA LEU B 18 -29.24 -18.19 0.65
C LEU B 18 -29.27 -17.24 1.85
N LEU B 19 -28.18 -16.53 2.07
CA LEU B 19 -28.14 -15.59 3.23
C LEU B 19 -28.68 -14.20 2.81
N LYS B 20 -29.92 -14.06 2.89
CA LYS B 20 -30.53 -12.87 2.31
C LYS B 20 -31.36 -12.46 3.41
N GLU B 21 -30.74 -12.48 4.57
CA GLU B 21 -31.43 -12.14 5.80
C GLU B 21 -32.40 -11.04 5.37
N ASP B 22 -33.60 -11.36 4.97
CA ASP B 22 -34.48 -10.26 4.56
C ASP B 22 -34.66 -9.20 5.66
N GLU B 23 -34.72 -7.96 5.17
CA GLU B 23 -34.84 -6.74 5.99
C GLU B 23 -36.16 -6.68 6.78
N ILE B 24 -36.20 -5.75 7.75
CA ILE B 24 -37.42 -5.55 8.54
C ILE B 24 -38.14 -4.28 8.07
N VAL B 25 -39.18 -4.51 7.27
CA VAL B 25 -39.93 -3.41 6.70
C VAL B 25 -41.21 -3.27 7.51
N ILE B 26 -41.28 -2.20 8.28
CA ILE B 26 -42.46 -1.91 9.11
C ILE B 26 -43.60 -1.28 8.30
N ASP B 27 -44.73 -1.98 8.23
CA ASP B 27 -45.97 -1.41 7.67
C ASP B 27 -46.47 -0.23 8.53
N ARG B 28 -46.49 0.94 7.91
CA ARG B 28 -46.85 2.17 8.65
C ARG B 28 -48.25 2.76 8.43
N LYS B 29 -49.05 2.14 7.56
CA LYS B 29 -50.47 2.51 7.42
C LYS B 29 -51.18 2.16 8.74
N LYS B 30 -51.83 3.14 9.34
CA LYS B 30 -52.72 2.93 10.51
C LYS B 30 -53.80 1.89 10.18
N ILE B 31 -54.30 1.19 11.19
CA ILE B 31 -55.33 0.17 10.93
C ILE B 31 -56.77 0.58 11.34
N SER B 32 -57.73 -0.28 10.99
CA SER B 32 -59.14 -0.03 11.21
C SER B 32 -59.62 -0.83 12.42
N ALA B 33 -60.70 -0.41 13.04
CA ALA B 33 -61.22 -1.20 14.20
C ALA B 33 -61.43 -2.65 13.75
N ASP B 34 -61.94 -2.86 12.57
CA ASP B 34 -62.14 -4.25 12.08
C ASP B 34 -60.77 -4.93 11.94
N GLN B 35 -59.82 -4.25 11.34
CA GLN B 35 -58.46 -4.86 11.20
C GLN B 35 -57.89 -5.02 12.61
N VAL B 36 -57.76 -3.93 13.31
CA VAL B 36 -57.21 -4.04 14.70
C VAL B 36 -57.26 -5.51 15.11
N ASP B 37 -58.39 -6.13 15.00
CA ASP B 37 -58.50 -7.56 15.39
C ASP B 37 -57.55 -8.41 14.55
N GLN B 38 -57.44 -8.13 13.28
CA GLN B 38 -56.53 -8.96 12.42
C GLN B 38 -55.07 -8.74 12.79
N GLU B 39 -54.68 -7.53 13.08
CA GLU B 39 -53.25 -7.30 13.43
C GLU B 39 -52.91 -8.00 14.73
N VAL B 40 -53.78 -7.99 15.70
CA VAL B 40 -53.49 -8.69 16.97
C VAL B 40 -53.28 -10.18 16.67
N GLU B 41 -54.16 -10.76 15.89
CA GLU B 41 -54.01 -12.20 15.55
C GLU B 41 -52.68 -12.42 14.82
N ARG B 42 -52.31 -11.53 13.93
CA ARG B 42 -51.01 -11.71 13.22
C ARG B 42 -49.90 -11.70 14.26
N PHE B 43 -49.97 -10.79 15.19
CA PHE B 43 -48.93 -10.75 16.27
C PHE B 43 -48.96 -12.06 17.04
N LEU B 44 -50.13 -12.48 17.46
CA LEU B 44 -50.23 -13.76 18.21
C LEU B 44 -49.76 -14.90 17.30
N SER B 45 -50.17 -14.91 16.06
CA SER B 45 -49.73 -16.01 15.15
C SER B 45 -48.21 -15.92 14.95
N GLY B 46 -47.69 -14.72 14.74
CA GLY B 46 -46.23 -14.56 14.57
C GLY B 46 -45.53 -14.86 15.89
N ARG B 47 -46.12 -14.40 16.97
CA ARG B 47 -45.53 -14.67 18.31
C ARG B 47 -45.59 -16.17 18.57
N ALA B 48 -46.60 -16.81 18.04
CA ALA B 48 -46.74 -18.28 18.25
C ALA B 48 -45.51 -18.97 17.67
N LYS B 49 -45.02 -18.55 16.54
CA LYS B 49 -43.81 -19.20 15.98
C LYS B 49 -42.66 -18.95 16.94
N ALA B 50 -42.14 -17.76 16.99
CA ALA B 50 -40.98 -17.46 17.89
C ALA B 50 -41.11 -18.20 19.23
N SER B 51 -42.30 -18.38 19.72
CA SER B 51 -42.43 -19.10 21.02
C SER B 51 -41.80 -20.49 20.85
N ALA B 52 -42.27 -21.23 19.89
CA ALA B 52 -41.72 -22.60 19.68
C ALA B 52 -40.28 -22.55 19.14
N GLN B 53 -39.97 -21.65 18.24
CA GLN B 53 -38.57 -21.61 17.71
C GLN B 53 -37.59 -21.18 18.81
N LEU B 54 -37.96 -20.25 19.63
CA LEU B 54 -37.04 -19.82 20.73
C LEU B 54 -36.80 -21.01 21.65
N GLU B 55 -37.83 -21.77 21.92
CA GLU B 55 -37.68 -22.96 22.80
C GLU B 55 -36.69 -23.94 22.18
N THR B 56 -36.72 -24.09 20.89
CA THR B 56 -35.78 -25.05 20.22
C THR B 56 -34.34 -24.58 20.45
N ILE B 57 -34.11 -23.30 20.34
CA ILE B 57 -32.73 -22.77 20.56
C ILE B 57 -32.27 -23.06 21.99
N LYS B 58 -33.17 -22.93 22.92
CA LYS B 58 -32.83 -23.19 24.36
C LYS B 58 -32.27 -24.61 24.51
N THR B 59 -32.97 -25.57 24.01
CA THR B 59 -32.52 -26.99 24.16
C THR B 59 -31.14 -27.17 23.54
N LYS B 60 -30.83 -26.47 22.49
CA LYS B 60 -29.49 -26.62 21.86
C LYS B 60 -28.42 -26.04 22.78
N ALA B 61 -28.74 -24.96 23.43
CA ALA B 61 -27.77 -24.32 24.35
C ALA B 61 -27.47 -25.26 25.52
N GLY B 62 -28.50 -25.86 26.07
CA GLY B 62 -28.28 -26.78 27.22
C GLY B 62 -27.38 -27.94 26.83
N GLU B 63 -27.68 -28.62 25.75
CA GLU B 63 -26.83 -29.76 25.34
C GLU B 63 -25.48 -29.24 24.85
N THR B 64 -25.48 -28.22 24.03
CA THR B 64 -24.22 -27.68 23.46
C THR B 64 -23.32 -27.08 24.55
N PHE B 65 -23.76 -26.02 25.21
CA PHE B 65 -22.90 -25.37 26.25
C PHE B 65 -23.22 -25.87 27.66
N GLY B 66 -24.47 -25.91 28.05
CA GLY B 66 -24.82 -26.41 29.43
C GLY B 66 -25.96 -25.60 30.05
N GLU B 67 -26.17 -25.80 31.33
CA GLU B 67 -27.26 -25.07 32.05
C GLU B 67 -26.92 -23.59 32.19
N GLU B 68 -25.65 -23.27 32.15
CA GLU B 68 -25.21 -21.86 32.28
C GLU B 68 -25.80 -21.03 31.11
N LYS B 69 -25.88 -21.62 29.96
CA LYS B 69 -26.42 -20.89 28.76
C LYS B 69 -27.90 -21.23 28.55
N GLU B 70 -28.35 -22.34 29.07
CA GLU B 70 -29.77 -22.72 28.87
C GLU B 70 -30.71 -21.75 29.59
N ALA B 71 -30.39 -21.38 30.79
CA ALA B 71 -31.29 -20.48 31.56
C ALA B 71 -31.32 -19.08 30.96
N ILE B 72 -30.27 -18.63 30.30
CA ILE B 72 -30.34 -17.27 29.72
C ILE B 72 -31.51 -17.22 28.72
N PHE B 73 -31.72 -18.25 27.97
CA PHE B 73 -32.86 -18.25 27.01
C PHE B 73 -34.18 -18.21 27.78
N GLU B 74 -34.27 -18.91 28.87
CA GLU B 74 -35.54 -18.89 29.63
C GLU B 74 -35.85 -17.45 30.07
N GLY B 75 -34.85 -16.72 30.47
CA GLY B 75 -35.11 -15.31 30.88
C GLY B 75 -35.63 -14.53 29.66
N HIS B 76 -34.97 -14.67 28.54
CA HIS B 76 -35.41 -13.95 27.33
C HIS B 76 -36.82 -14.41 26.97
N ILE B 77 -37.06 -15.68 26.99
CA ILE B 77 -38.44 -16.19 26.67
C ILE B 77 -39.41 -15.72 27.75
N MET B 78 -39.06 -15.88 29.00
CA MET B 78 -39.97 -15.46 30.09
C MET B 78 -40.25 -13.96 29.99
N LEU B 79 -39.26 -13.19 29.66
CA LEU B 79 -39.48 -11.72 29.53
C LEU B 79 -40.42 -11.45 28.36
N LEU B 80 -40.24 -12.17 27.29
CA LEU B 80 -41.10 -11.95 26.11
C LEU B 80 -42.55 -12.26 26.44
N GLU B 81 -42.78 -13.29 27.21
CA GLU B 81 -44.19 -13.65 27.57
C GLU B 81 -44.67 -12.80 28.75
N ASP B 82 -43.90 -11.85 29.18
CA ASP B 82 -44.32 -11.00 30.33
C ASP B 82 -45.74 -10.47 30.07
N GLU B 83 -46.62 -10.61 31.03
CA GLU B 83 -48.03 -10.14 30.84
C GLU B 83 -48.06 -8.63 30.59
N GLU B 84 -47.02 -7.93 30.94
CA GLU B 84 -47.01 -6.45 30.71
C GLU B 84 -46.87 -6.18 29.20
N LEU B 85 -46.12 -7.01 28.52
CA LEU B 85 -45.94 -6.83 27.05
C LEU B 85 -47.23 -7.15 26.32
N GLU B 86 -47.90 -8.18 26.74
CA GLU B 86 -49.17 -8.58 26.06
C GLU B 86 -50.16 -7.42 26.14
N GLN B 87 -50.35 -6.87 27.30
CA GLN B 87 -51.32 -5.74 27.44
C GLN B 87 -50.81 -4.48 26.75
N GLU B 88 -49.53 -4.19 26.88
CA GLU B 88 -48.97 -2.96 26.24
C GLU B 88 -48.94 -3.07 24.71
N ILE B 89 -48.58 -4.20 24.19
CA ILE B 89 -48.53 -4.34 22.71
C ILE B 89 -49.96 -4.26 22.15
N ILE B 90 -50.86 -4.97 22.76
CA ILE B 90 -52.28 -4.96 22.30
C ILE B 90 -52.92 -3.58 22.52
N ALA B 91 -52.63 -2.95 23.62
CA ALA B 91 -53.25 -1.62 23.90
C ALA B 91 -52.89 -0.60 22.80
N LEU B 92 -51.65 -0.49 22.44
CA LEU B 92 -51.26 0.50 21.40
C LEU B 92 -51.97 0.18 20.08
N ILE B 93 -51.99 -1.07 19.68
CA ILE B 93 -52.69 -1.44 18.43
C ILE B 93 -54.17 -1.09 18.58
N LYS B 94 -54.76 -1.51 19.66
CA LYS B 94 -56.21 -1.21 19.88
C LYS B 94 -56.42 0.29 20.14
N ASP B 95 -55.57 0.91 20.91
CA ASP B 95 -55.75 2.36 21.22
C ASP B 95 -55.21 3.26 20.10
N LYS B 96 -53.99 3.05 19.68
CA LYS B 96 -53.41 3.95 18.62
C LYS B 96 -53.65 3.42 17.21
N HIS B 97 -54.26 2.27 17.07
CA HIS B 97 -54.52 1.71 15.70
C HIS B 97 -53.20 1.61 14.92
N MET B 98 -52.17 1.23 15.61
CA MET B 98 -50.81 1.10 14.97
C MET B 98 -50.60 -0.33 14.48
N THR B 99 -49.57 -0.58 13.73
CA THR B 99 -49.31 -1.96 13.23
C THR B 99 -48.61 -2.79 14.32
N ALA B 100 -48.67 -4.09 14.22
CA ALA B 100 -48.03 -4.95 15.25
C ALA B 100 -46.51 -4.82 15.19
N ASP B 101 -45.94 -4.78 14.02
CA ASP B 101 -44.46 -4.65 13.92
C ASP B 101 -44.03 -3.25 14.37
N ALA B 102 -44.82 -2.24 14.12
CA ALA B 102 -44.45 -0.87 14.56
C ALA B 102 -44.80 -0.71 16.04
N ALA B 103 -45.93 -1.21 16.46
CA ALA B 103 -46.33 -1.08 17.89
C ALA B 103 -45.43 -1.94 18.77
N ALA B 104 -45.21 -3.18 18.38
CA ALA B 104 -44.34 -4.07 19.21
C ALA B 104 -42.93 -3.49 19.31
N HIS B 105 -42.45 -2.92 18.24
CA HIS B 105 -41.06 -2.35 18.26
C HIS B 105 -40.96 -1.26 19.33
N GLU B 106 -41.98 -0.46 19.45
CA GLU B 106 -41.96 0.64 20.46
C GLU B 106 -41.88 0.05 21.88
N VAL B 107 -42.60 -1.00 22.13
CA VAL B 107 -42.61 -1.59 23.50
C VAL B 107 -41.22 -2.11 23.89
N ILE B 108 -40.64 -2.96 23.09
CA ILE B 108 -39.28 -3.50 23.42
C ILE B 108 -38.26 -2.37 23.30
N GLU B 109 -38.38 -1.56 22.30
CA GLU B 109 -37.42 -0.42 22.14
C GLU B 109 -37.61 0.54 23.31
N GLY B 110 -38.83 0.75 23.72
CA GLY B 110 -39.10 1.68 24.85
C GLY B 110 -38.35 1.22 26.10
N GLN B 111 -38.45 -0.03 26.46
CA GLN B 111 -37.72 -0.49 27.67
C GLN B 111 -36.22 -0.43 27.42
N ALA B 112 -35.75 -1.03 26.36
CA ALA B 112 -34.29 -0.98 26.07
C ALA B 112 -33.84 0.47 26.02
N SER B 113 -34.63 1.33 25.45
CA SER B 113 -34.24 2.77 25.38
C SER B 113 -34.05 3.30 26.79
N ALA B 114 -34.90 2.92 27.70
CA ALA B 114 -34.75 3.39 29.10
C ALA B 114 -33.43 2.86 29.68
N LEU B 115 -33.10 1.64 29.37
CA LEU B 115 -31.84 1.05 29.92
C LEU B 115 -30.64 1.84 29.37
N GLU B 116 -30.65 2.22 28.13
CA GLU B 116 -29.48 2.97 27.57
C GLU B 116 -29.29 4.27 28.35
N GLU B 117 -30.36 4.88 28.79
CA GLU B 117 -30.21 6.14 29.56
C GLU B 117 -29.30 5.88 30.76
N LEU B 118 -29.15 4.64 31.15
CA LEU B 118 -28.28 4.32 32.31
C LEU B 118 -26.83 4.72 32.00
N ASP B 119 -26.10 5.14 33.00
CA ASP B 119 -24.68 5.55 32.78
C ASP B 119 -23.73 4.40 33.15
N ASP B 120 -24.09 3.18 32.80
CA ASP B 120 -23.22 2.00 33.15
C ASP B 120 -23.02 1.11 31.92
N GLU B 121 -21.80 0.72 31.67
CA GLU B 121 -21.49 -0.17 30.50
C GLU B 121 -22.05 -1.58 30.73
N TYR B 122 -22.12 -1.99 31.96
CA TYR B 122 -22.66 -3.35 32.29
C TYR B 122 -24.18 -3.40 32.07
N LEU B 123 -24.88 -2.36 32.44
CA LEU B 123 -26.34 -2.36 32.25
C LEU B 123 -26.64 -2.17 30.76
N LYS B 124 -25.83 -1.41 30.08
CA LYS B 124 -26.04 -1.16 28.63
C LYS B 124 -25.94 -2.48 27.84
N GLU B 125 -24.99 -3.33 28.16
CA GLU B 125 -24.89 -4.62 27.41
C GLU B 125 -26.17 -5.43 27.58
N ARG B 126 -26.69 -5.52 28.77
CA ARG B 126 -27.94 -6.29 28.95
C ARG B 126 -29.04 -5.67 28.10
N ALA B 127 -29.03 -4.37 27.97
CA ALA B 127 -30.04 -3.71 27.12
C ALA B 127 -29.86 -4.22 25.69
N ALA B 128 -28.66 -4.64 25.36
CA ALA B 128 -28.40 -5.17 23.98
C ALA B 128 -29.12 -6.52 23.84
N ASP B 129 -29.08 -7.32 24.88
CA ASP B 129 -29.75 -8.65 24.82
C ASP B 129 -31.25 -8.46 24.72
N VAL B 130 -31.79 -7.51 25.44
CA VAL B 130 -33.25 -7.26 25.38
C VAL B 130 -33.61 -6.71 23.99
N ARG B 131 -32.79 -5.85 23.47
CA ARG B 131 -33.05 -5.28 22.11
C ARG B 131 -33.08 -6.41 21.08
N ASP B 132 -32.19 -7.36 21.22
CA ASP B 132 -32.12 -8.49 20.26
C ASP B 132 -33.45 -9.26 20.25
N ILE B 133 -34.06 -9.44 21.39
CA ILE B 133 -35.34 -10.20 21.44
C ILE B 133 -36.38 -9.50 20.58
N GLY B 134 -36.50 -8.21 20.68
CA GLY B 134 -37.51 -7.48 19.86
C GLY B 134 -37.09 -7.45 18.39
N LYS B 135 -35.81 -7.36 18.14
CA LYS B 135 -35.33 -7.30 16.73
C LYS B 135 -35.77 -8.57 15.98
N ARG B 136 -35.56 -9.71 16.58
CA ARG B 136 -35.96 -10.99 15.91
C ARG B 136 -37.47 -11.10 15.86
N LEU B 137 -38.15 -10.56 16.82
CA LEU B 137 -39.63 -10.64 16.84
C LEU B 137 -40.18 -10.03 15.55
N LEU B 138 -39.62 -8.93 15.14
CA LEU B 138 -40.10 -8.30 13.87
C LEU B 138 -39.87 -9.26 12.72
N ARG B 139 -38.76 -9.96 12.71
CA ARG B 139 -38.53 -10.92 11.59
C ARG B 139 -39.54 -12.06 11.72
N ASN B 140 -39.80 -12.50 12.92
CA ASN B 140 -40.76 -13.62 13.16
C ASN B 140 -42.18 -13.25 12.68
N ILE B 141 -42.60 -12.03 12.86
CA ILE B 141 -43.97 -11.66 12.40
C ILE B 141 -43.94 -11.61 10.87
N LEU B 142 -42.92 -11.04 10.31
CA LEU B 142 -42.83 -10.96 8.84
C LEU B 142 -42.54 -12.35 8.28
N GLY B 143 -41.81 -13.16 9.00
CA GLY B 143 -41.60 -14.55 8.56
C GLY B 143 -40.37 -14.79 7.74
N LEU B 144 -39.50 -13.84 7.72
CA LEU B 144 -38.31 -14.01 6.96
C LEU B 144 -37.52 -15.13 7.61
N LYS B 145 -36.89 -15.97 6.81
CA LYS B 145 -36.16 -17.10 7.37
C LYS B 145 -35.18 -16.60 8.41
N ILE B 146 -34.90 -17.46 9.37
CA ILE B 146 -33.98 -17.12 10.43
C ILE B 146 -32.68 -17.81 10.11
N ILE B 147 -31.60 -17.06 9.90
CA ILE B 147 -30.35 -17.73 9.51
C ILE B 147 -29.15 -17.48 10.43
N ASP B 148 -29.23 -17.67 11.72
CA ASP B 148 -27.92 -17.63 12.46
C ASP B 148 -27.30 -18.82 11.75
N LEU B 149 -26.02 -19.00 11.48
CA LEU B 149 -25.76 -20.19 10.63
C LEU B 149 -25.72 -21.45 11.51
N SER B 150 -25.89 -21.32 12.79
CA SER B 150 -25.85 -22.52 13.66
C SER B 150 -27.24 -23.20 13.72
N ALA B 151 -28.27 -22.49 13.28
CA ALA B 151 -29.65 -23.07 13.34
C ALA B 151 -29.93 -23.99 12.15
N ILE B 152 -28.93 -24.62 11.60
CA ILE B 152 -29.18 -25.52 10.44
C ILE B 152 -29.49 -26.94 10.94
N GLN B 153 -30.66 -27.46 10.62
CA GLN B 153 -31.03 -28.85 11.05
C GLN B 153 -30.85 -29.83 9.89
N ASP B 154 -30.68 -29.36 8.68
CA ASP B 154 -30.54 -30.30 7.51
C ASP B 154 -29.28 -29.97 6.70
N GLU B 155 -28.71 -30.96 6.06
CA GLU B 155 -27.49 -30.72 5.24
C GLU B 155 -27.85 -29.78 4.09
N VAL B 156 -27.04 -28.80 3.84
CA VAL B 156 -27.32 -27.84 2.74
C VAL B 156 -26.01 -27.26 2.21
N ILE B 157 -26.05 -26.65 1.05
CA ILE B 157 -24.82 -25.99 0.51
C ILE B 157 -24.91 -24.54 0.96
N LEU B 158 -23.79 -23.91 1.23
CA LEU B 158 -23.83 -22.50 1.72
C LEU B 158 -23.54 -21.53 0.57
N VAL B 159 -24.50 -20.68 0.25
CA VAL B 159 -24.32 -19.69 -0.86
C VAL B 159 -24.49 -18.27 -0.28
N ALA B 160 -23.57 -17.39 -0.56
CA ALA B 160 -23.68 -15.99 -0.02
C ALA B 160 -22.85 -15.05 -0.88
N ALA B 161 -23.09 -13.78 -0.82
CA ALA B 161 -22.27 -12.85 -1.64
C ALA B 161 -20.85 -12.84 -1.06
N ASP B 162 -20.75 -12.92 0.25
CA ASP B 162 -19.42 -12.96 0.91
C ASP B 162 -19.61 -13.29 2.39
N LEU B 163 -18.68 -13.99 2.99
CA LEU B 163 -18.81 -14.37 4.44
C LEU B 163 -17.74 -13.66 5.26
N THR B 164 -18.11 -13.16 6.42
CA THR B 164 -17.11 -12.46 7.29
C THR B 164 -16.53 -13.47 8.29
N PRO B 165 -15.27 -13.35 8.67
CA PRO B 165 -14.63 -14.29 9.63
C PRO B 165 -15.57 -14.68 10.79
N SER B 166 -16.38 -13.77 11.25
CA SER B 166 -17.30 -14.07 12.37
C SER B 166 -18.24 -15.22 11.99
N GLU B 167 -18.73 -15.24 10.78
CA GLU B 167 -19.66 -16.32 10.38
C GLU B 167 -18.91 -17.65 10.31
N THR B 168 -17.71 -17.65 9.78
CA THR B 168 -16.95 -18.93 9.64
C THR B 168 -16.81 -19.66 10.99
N ALA B 169 -16.76 -18.94 12.08
CA ALA B 169 -16.61 -19.64 13.40
C ALA B 169 -17.93 -20.31 13.79
N GLN B 170 -19.00 -19.57 13.78
CA GLN B 170 -20.31 -20.14 14.17
C GLN B 170 -20.93 -20.82 12.95
N LEU B 171 -20.12 -21.44 12.15
CA LEU B 171 -20.64 -22.14 10.93
C LEU B 171 -20.63 -23.65 11.16
N ASN B 172 -21.65 -24.35 10.73
CA ASN B 172 -21.68 -25.83 10.92
C ASN B 172 -20.93 -26.52 9.77
N LEU B 173 -19.72 -26.96 10.02
CA LEU B 173 -18.94 -27.62 8.93
C LEU B 173 -19.60 -28.93 8.50
N LYS B 174 -20.11 -29.70 9.43
CA LYS B 174 -20.72 -31.01 9.06
C LYS B 174 -22.04 -30.85 8.30
N LYS B 175 -22.77 -29.79 8.53
CA LYS B 175 -24.08 -29.64 7.81
C LYS B 175 -23.89 -28.82 6.53
N VAL B 176 -22.72 -28.26 6.32
CA VAL B 176 -22.46 -27.51 5.06
C VAL B 176 -21.64 -28.40 4.14
N LEU B 177 -22.19 -28.82 3.04
CA LEU B 177 -21.46 -29.74 2.13
C LEU B 177 -20.54 -28.97 1.19
N GLY B 178 -20.42 -27.69 1.39
CA GLY B 178 -19.52 -26.91 0.50
C GLY B 178 -19.75 -25.41 0.74
N PHE B 179 -18.96 -24.58 0.11
CA PHE B 179 -19.13 -23.11 0.29
C PHE B 179 -19.06 -22.45 -1.08
N ILE B 180 -20.01 -21.62 -1.39
CA ILE B 180 -20.01 -20.92 -2.70
C ILE B 180 -20.27 -19.43 -2.49
N THR B 181 -19.41 -18.58 -2.99
CA THR B 181 -19.62 -17.12 -2.78
C THR B 181 -19.05 -16.32 -3.95
N ASP B 182 -19.48 -15.10 -4.08
CA ASP B 182 -18.98 -14.22 -5.19
C ASP B 182 -17.97 -13.21 -4.63
N ALA B 183 -17.31 -13.51 -3.54
CA ALA B 183 -16.34 -12.54 -2.96
C ALA B 183 -15.27 -12.13 -3.98
N GLY B 184 -14.18 -11.56 -3.52
CA GLY B 184 -13.09 -11.11 -4.43
C GLY B 184 -12.30 -12.31 -4.95
N GLY B 185 -11.80 -13.14 -4.07
CA GLY B 185 -11.01 -14.32 -4.56
C GLY B 185 -10.35 -15.05 -3.38
N ARG B 186 -9.17 -15.56 -3.60
CA ARG B 186 -8.45 -16.30 -2.52
C ARG B 186 -8.11 -15.34 -1.38
N THR B 187 -7.99 -14.08 -1.68
CA THR B 187 -7.63 -13.10 -0.63
C THR B 187 -8.77 -13.03 0.40
N SER B 188 -9.78 -13.84 0.22
CA SER B 188 -10.94 -13.83 1.17
C SER B 188 -10.71 -14.88 2.29
N HIS B 189 -10.90 -14.49 3.52
CA HIS B 189 -10.68 -15.42 4.68
C HIS B 189 -11.38 -16.77 4.43
N THR B 190 -12.64 -16.75 4.15
CA THR B 190 -13.38 -18.02 3.94
C THR B 190 -12.73 -18.85 2.82
N SER B 191 -12.19 -18.22 1.81
CA SER B 191 -11.55 -19.00 0.70
C SER B 191 -10.39 -19.85 1.23
N ILE B 192 -9.62 -19.32 2.14
CA ILE B 192 -8.48 -20.11 2.68
C ILE B 192 -9.02 -21.33 3.42
N MET B 193 -10.13 -21.19 4.10
CA MET B 193 -10.70 -22.35 4.84
C MET B 193 -11.03 -23.50 3.89
N ALA B 194 -11.57 -23.21 2.74
CA ALA B 194 -11.90 -24.32 1.78
C ALA B 194 -10.61 -25.07 1.47
N ARG B 195 -9.54 -24.37 1.26
CA ARG B 195 -8.26 -25.06 0.95
C ARG B 195 -7.88 -25.97 2.11
N SER B 196 -7.72 -25.42 3.29
CA SER B 196 -7.33 -26.22 4.48
C SER B 196 -8.38 -27.28 4.82
N LEU B 197 -9.64 -26.95 4.72
CA LEU B 197 -10.70 -27.96 5.06
C LEU B 197 -10.72 -29.04 4.00
N GLU B 198 -10.25 -28.74 2.81
CA GLU B 198 -10.26 -29.72 1.69
C GLU B 198 -11.70 -30.07 1.31
N LEU B 199 -12.52 -29.07 1.11
CA LEU B 199 -13.95 -29.31 0.70
C LEU B 199 -14.21 -28.50 -0.58
N PRO B 200 -14.99 -29.00 -1.52
CA PRO B 200 -15.28 -28.25 -2.79
C PRO B 200 -15.93 -26.89 -2.53
N ALA B 201 -15.51 -25.86 -3.24
CA ALA B 201 -16.12 -24.51 -3.00
C ALA B 201 -15.66 -23.49 -4.06
N ILE B 202 -16.50 -22.52 -4.34
CA ILE B 202 -16.15 -21.43 -5.32
C ILE B 202 -16.28 -20.09 -4.59
N VAL B 203 -15.48 -19.10 -4.97
CA VAL B 203 -15.56 -17.77 -4.28
C VAL B 203 -15.69 -16.65 -5.32
N GLY B 204 -15.52 -16.96 -6.59
CA GLY B 204 -15.60 -15.91 -7.66
C GLY B 204 -16.83 -16.14 -8.54
N THR B 205 -17.84 -16.80 -8.05
CA THR B 205 -19.05 -17.06 -8.88
C THR B 205 -19.45 -15.78 -9.62
N GLY B 206 -19.44 -14.66 -8.95
CA GLY B 206 -19.80 -13.37 -9.60
C GLY B 206 -21.28 -13.04 -9.38
N SER B 207 -22.18 -13.95 -9.66
CA SER B 207 -23.62 -13.63 -9.47
C SER B 207 -24.48 -14.90 -9.37
N VAL B 208 -24.00 -15.90 -8.69
CA VAL B 208 -24.81 -17.15 -8.56
C VAL B 208 -25.92 -16.94 -7.53
N THR B 209 -25.62 -16.28 -6.45
CA THR B 209 -26.66 -16.08 -5.39
C THR B 209 -27.88 -15.36 -5.97
N SER B 210 -27.72 -14.54 -6.96
CA SER B 210 -28.88 -13.82 -7.54
C SER B 210 -29.66 -14.77 -8.44
N GLN B 211 -29.06 -15.89 -8.77
CA GLN B 211 -29.74 -16.88 -9.65
C GLN B 211 -30.29 -18.03 -8.81
N VAL B 212 -29.88 -18.12 -7.56
CA VAL B 212 -30.35 -19.26 -6.68
C VAL B 212 -31.30 -18.76 -5.59
N LYS B 213 -32.30 -19.55 -5.31
CA LYS B 213 -33.27 -19.22 -4.23
C LYS B 213 -33.03 -20.24 -3.12
N ASN B 214 -33.35 -19.97 -1.90
CA ASN B 214 -33.10 -21.00 -0.86
C ASN B 214 -33.89 -22.25 -1.19
N ASP B 215 -33.42 -23.39 -0.77
CA ASP B 215 -34.11 -24.70 -1.02
C ASP B 215 -33.92 -25.15 -2.48
N ASP B 216 -33.08 -24.50 -3.21
CA ASP B 216 -32.85 -24.93 -4.62
C ASP B 216 -31.90 -26.13 -4.60
N TYR B 217 -32.10 -27.08 -5.47
CA TYR B 217 -31.19 -28.26 -5.51
C TYR B 217 -30.07 -27.95 -6.51
N LEU B 218 -28.83 -27.99 -6.07
CA LEU B 218 -27.70 -27.67 -6.99
C LEU B 218 -26.63 -28.75 -6.93
N ILE B 219 -25.95 -29.00 -8.02
CA ILE B 219 -24.85 -30.01 -8.02
C ILE B 219 -23.57 -29.23 -8.35
N LEU B 220 -22.56 -29.34 -7.52
CA LEU B 220 -21.30 -28.59 -7.76
C LEU B 220 -20.28 -29.50 -8.43
N ASP B 221 -19.86 -29.17 -9.62
CA ASP B 221 -18.85 -30.01 -10.31
C ASP B 221 -17.48 -29.76 -9.69
N ALA B 222 -17.15 -28.52 -9.48
CA ALA B 222 -15.82 -28.20 -8.88
C ALA B 222 -14.73 -28.95 -9.66
N VAL B 223 -15.09 -29.45 -10.82
CA VAL B 223 -14.12 -30.17 -11.69
C VAL B 223 -14.22 -29.56 -13.09
N ASN B 224 -15.42 -29.40 -13.57
CA ASN B 224 -15.62 -28.75 -14.89
C ASN B 224 -15.95 -27.28 -14.61
N ASN B 225 -15.97 -26.94 -13.35
CA ASN B 225 -16.26 -25.54 -12.95
C ASN B 225 -17.66 -25.16 -13.44
N GLN B 226 -18.63 -26.01 -13.22
CA GLN B 226 -20.03 -25.70 -13.67
C GLN B 226 -21.02 -26.05 -12.55
N VAL B 227 -22.17 -25.42 -12.55
CA VAL B 227 -23.22 -25.70 -11.53
C VAL B 227 -24.51 -26.09 -12.24
N TYR B 228 -25.11 -27.18 -11.85
CA TYR B 228 -26.38 -27.62 -12.51
C TYR B 228 -27.57 -27.28 -11.60
N VAL B 229 -28.50 -26.51 -12.11
CA VAL B 229 -29.69 -26.10 -11.29
C VAL B 229 -30.91 -26.96 -11.65
N ASN B 230 -31.39 -27.76 -10.74
CA ASN B 230 -32.60 -28.61 -11.03
C ASN B 230 -32.38 -29.45 -12.30
N PRO B 231 -31.21 -30.00 -12.47
CA PRO B 231 -30.88 -30.81 -13.68
C PRO B 231 -31.60 -32.15 -13.80
N THR B 232 -31.37 -32.79 -14.92
CA THR B 232 -31.94 -34.13 -15.17
C THR B 232 -31.09 -35.12 -14.37
N ASN B 233 -31.56 -36.32 -14.17
CA ASN B 233 -30.74 -37.29 -13.40
C ASN B 233 -29.48 -37.62 -14.18
N GLU B 234 -29.50 -37.41 -15.46
CA GLU B 234 -28.30 -37.69 -16.32
C GLU B 234 -27.11 -36.86 -15.82
N VAL B 235 -27.29 -35.58 -15.65
CA VAL B 235 -26.18 -34.70 -15.18
C VAL B 235 -25.75 -35.13 -13.78
N ILE B 236 -26.67 -35.38 -12.90
CA ILE B 236 -26.31 -35.83 -11.58
C ILE B 236 -25.40 -37.04 -11.64
N ASP B 237 -25.76 -38.02 -12.45
CA ASP B 237 -25.04 -39.26 -12.60
C ASP B 237 -23.64 -39.01 -13.14
N LYS B 238 -23.52 -38.21 -14.19
CA LYS B 238 -22.22 -37.80 -14.67
C LYS B 238 -21.45 -37.21 -13.54
N MET B 239 -22.10 -36.34 -12.76
CA MET B 239 -21.45 -35.66 -11.63
C MET B 239 -21.16 -36.60 -10.48
N ARG B 240 -21.90 -37.70 -10.42
CA ARG B 240 -21.58 -38.71 -9.45
C ARG B 240 -20.35 -39.51 -9.91
N ALA B 241 -20.20 -39.67 -11.21
CA ALA B 241 -18.99 -40.34 -11.69
C ALA B 241 -17.79 -39.43 -11.43
N VAL B 242 -18.00 -38.13 -11.52
CA VAL B 242 -16.92 -37.22 -11.29
C VAL B 242 -16.56 -37.26 -9.82
N GLN B 243 -17.58 -37.32 -8.97
CA GLN B 243 -17.35 -37.38 -7.55
C GLN B 243 -16.51 -38.59 -7.12
N GLU B 244 -16.77 -39.69 -7.78
CA GLU B 244 -16.14 -40.96 -7.54
C GLU B 244 -14.71 -40.98 -8.05
N GLN B 245 -14.48 -40.26 -9.13
CA GLN B 245 -13.17 -40.21 -9.76
C GLN B 245 -12.26 -39.42 -8.84
N VAL B 246 -12.84 -38.43 -8.17
CA VAL B 246 -12.12 -37.66 -7.21
C VAL B 246 -11.65 -38.57 -6.09
N ALA B 247 -12.53 -39.43 -5.59
CA ALA B 247 -12.16 -40.41 -4.56
C ALA B 247 -11.05 -41.37 -4.97
N SER B 248 -11.10 -41.87 -6.20
CA SER B 248 -10.01 -42.74 -6.69
C SER B 248 -8.63 -42.09 -6.60
N GLU B 249 -8.57 -40.81 -6.96
CA GLU B 249 -7.34 -40.06 -6.87
C GLU B 249 -6.85 -40.00 -5.42
N LYS B 250 -7.74 -39.62 -4.51
CA LYS B 250 -7.38 -39.59 -3.12
C LYS B 250 -6.71 -40.90 -2.77
N ALA B 251 -7.31 -41.99 -3.23
CA ALA B 251 -6.80 -43.32 -2.90
C ALA B 251 -5.39 -43.51 -3.48
N GLU B 252 -5.21 -43.29 -4.77
CA GLU B 252 -3.87 -43.40 -5.36
C GLU B 252 -2.85 -42.48 -4.68
N LEU B 253 -3.27 -41.25 -4.32
CA LEU B 253 -2.40 -40.22 -3.74
C LEU B 253 -2.09 -40.49 -2.28
N ALA B 254 -2.97 -41.22 -1.62
CA ALA B 254 -2.77 -41.61 -0.21
C ALA B 254 -1.63 -42.56 -0.07
N LYS B 255 -1.16 -43.11 -1.18
CA LYS B 255 0.05 -44.01 -0.93
C LYS B 255 1.02 -44.30 -2.09
N LEU B 256 2.34 -44.42 -1.72
CA LEU B 256 3.42 -44.74 -2.68
C LEU B 256 4.59 -45.57 -2.05
N LYS B 257 5.75 -44.92 -1.72
CA LYS B 257 6.94 -45.67 -1.22
C LYS B 257 7.91 -44.90 -0.27
N ASP B 258 8.40 -45.64 0.75
CA ASP B 258 9.43 -45.19 1.73
C ASP B 258 9.33 -43.73 2.20
N LEU B 259 9.84 -43.50 3.41
CA LEU B 259 9.80 -42.19 4.09
C LEU B 259 10.50 -41.00 3.38
N PRO B 260 11.75 -41.09 2.97
CA PRO B 260 12.47 -39.93 2.34
C PRO B 260 12.09 -39.62 0.89
N ALA B 261 12.30 -38.36 0.47
CA ALA B 261 12.06 -37.98 -0.92
C ALA B 261 13.38 -38.15 -1.64
N ILE B 262 13.47 -39.22 -2.41
CA ILE B 262 14.71 -39.58 -3.13
C ILE B 262 14.40 -39.81 -4.60
N THR B 263 15.11 -39.09 -5.46
CA THR B 263 15.07 -39.34 -6.87
C THR B 263 15.50 -40.79 -7.18
N LEU B 264 15.06 -41.27 -8.34
CA LEU B 264 15.50 -42.55 -8.90
C LEU B 264 16.99 -42.80 -8.72
N ASP B 265 17.80 -41.80 -9.00
CA ASP B 265 19.25 -41.92 -8.93
C ASP B 265 19.86 -41.54 -7.58
N GLY B 266 19.08 -41.55 -6.51
CA GLY B 266 19.66 -41.44 -5.15
C GLY B 266 19.83 -40.09 -4.46
N HIS B 267 19.21 -39.05 -4.99
CA HIS B 267 19.39 -37.70 -4.44
C HIS B 267 18.24 -37.46 -3.50
N GLN B 268 18.57 -37.14 -2.25
CA GLN B 268 17.56 -36.89 -1.24
C GLN B 268 17.37 -35.42 -0.89
N VAL B 269 16.11 -35.04 -0.67
CA VAL B 269 15.80 -33.70 -0.14
C VAL B 269 14.82 -33.83 1.03
N GLU B 270 14.73 -32.83 1.88
CA GLU B 270 13.70 -32.86 2.86
C GLU B 270 12.43 -32.26 2.24
N VAL B 271 11.30 -32.68 2.78
CA VAL B 271 10.03 -32.23 2.29
C VAL B 271 9.17 -32.12 3.54
N CYS B 272 8.74 -30.90 3.85
CA CYS B 272 8.16 -30.64 5.15
C CYS B 272 6.96 -29.80 4.99
N ALA B 273 6.24 -29.64 6.10
CA ALA B 273 5.05 -28.83 6.09
C ALA B 273 5.36 -27.44 6.62
N ASN B 274 4.74 -26.44 6.00
CA ASN B 274 4.63 -25.15 6.61
C ASN B 274 3.46 -25.27 7.52
N ILE B 275 3.54 -24.75 8.74
CA ILE B 275 2.36 -24.77 9.65
C ILE B 275 2.09 -23.41 10.28
N GLY B 276 0.90 -23.33 10.89
CA GLY B 276 0.47 -22.15 11.58
C GLY B 276 0.19 -22.36 13.05
N THR B 277 0.01 -23.61 13.48
CA THR B 277 -0.70 -23.96 14.72
C THR B 277 -0.50 -25.44 14.95
N VAL B 278 -0.20 -25.91 16.18
CA VAL B 278 -0.22 -27.38 16.47
C VAL B 278 -1.22 -28.16 15.63
N ARG B 279 -2.40 -27.56 15.42
CA ARG B 279 -3.46 -28.22 14.69
C ARG B 279 -3.06 -28.60 13.26
N ASP B 280 -1.99 -28.01 12.76
CA ASP B 280 -1.56 -28.25 11.41
C ASP B 280 -0.62 -29.46 11.38
N VAL B 281 -0.14 -29.86 12.56
CA VAL B 281 0.78 -30.97 12.67
C VAL B 281 0.07 -32.25 12.21
N GLU B 282 -1.22 -32.26 12.44
CA GLU B 282 -2.01 -33.39 12.09
C GLU B 282 -1.94 -33.59 10.57
N GLY B 283 -2.38 -32.59 9.80
CA GLY B 283 -2.21 -32.60 8.33
C GLY B 283 -0.80 -32.93 7.88
N ALA B 284 0.20 -32.46 8.60
CA ALA B 284 1.58 -32.71 8.21
C ALA B 284 1.94 -34.19 8.32
N GLU B 285 1.49 -34.81 9.42
CA GLU B 285 1.80 -36.20 9.66
C GLU B 285 0.99 -37.00 8.66
N ARG B 286 -0.23 -36.53 8.42
CA ARG B 286 -1.15 -37.19 7.50
C ARG B 286 -0.57 -37.30 6.08
N ASN B 287 0.17 -36.28 5.67
CA ASN B 287 0.65 -36.12 4.33
C ASN B 287 2.11 -36.44 4.17
N GLY B 288 2.69 -37.00 5.22
CA GLY B 288 4.00 -37.62 5.08
C GLY B 288 5.16 -36.67 5.23
N ALA B 289 4.90 -35.52 5.84
CA ALA B 289 5.90 -34.50 6.13
C ALA B 289 7.03 -35.10 6.92
N GLU B 290 8.27 -34.75 6.61
CA GLU B 290 9.42 -35.25 7.38
C GLU B 290 9.84 -34.28 8.49
N GLY B 291 9.11 -33.19 8.66
CA GLY B 291 9.37 -32.20 9.71
C GLY B 291 8.63 -30.95 9.30
N VAL B 292 8.83 -29.86 10.03
CA VAL B 292 8.19 -28.60 9.73
C VAL B 292 9.24 -27.61 9.25
N GLY B 293 8.99 -27.02 8.09
CA GLY B 293 9.99 -26.20 7.43
C GLY B 293 9.73 -24.74 7.73
N LEU B 294 8.55 -24.43 8.23
CA LEU B 294 8.24 -23.05 8.55
C LEU B 294 7.04 -23.02 9.45
N TYR B 295 7.23 -22.46 10.64
CA TYR B 295 6.21 -22.34 11.62
C TYR B 295 6.02 -20.86 11.65
N ARG B 296 5.03 -20.42 10.88
CA ARG B 296 4.62 -19.02 10.80
C ARG B 296 4.04 -18.66 12.15
N THR B 297 4.83 -18.05 13.01
CA THR B 297 4.34 -17.78 14.36
C THR B 297 3.25 -16.70 14.41
N GLU B 298 3.15 -15.84 13.38
CA GLU B 298 2.07 -14.85 13.29
C GLU B 298 0.75 -15.52 13.51
N PHE B 299 0.61 -16.69 12.91
CA PHE B 299 -0.66 -17.37 12.82
C PHE B 299 -1.10 -17.74 14.22
N LEU B 300 -0.13 -18.08 15.06
CA LEU B 300 -0.44 -18.33 16.43
C LEU B 300 -0.92 -17.04 17.08
N PHE B 301 -0.42 -15.91 16.63
CA PHE B 301 -0.77 -14.62 17.20
C PHE B 301 -2.16 -14.21 16.75
N MET B 302 -2.58 -14.71 15.60
CA MET B 302 -3.94 -14.41 15.12
C MET B 302 -4.89 -15.51 15.56
N ASP B 303 -4.38 -16.42 16.36
CA ASP B 303 -5.20 -17.46 16.94
C ASP B 303 -5.75 -17.03 18.31
N ARG B 304 -5.48 -15.77 18.68
CA ARG B 304 -5.74 -15.18 20.02
C ARG B 304 -6.25 -13.74 19.90
N ASP B 305 -6.92 -13.18 20.95
CA ASP B 305 -7.28 -11.75 20.89
C ASP B 305 -6.41 -10.84 21.76
N ALA B 306 -5.21 -11.31 22.07
CA ALA B 306 -4.21 -10.52 22.80
C ALA B 306 -2.86 -10.98 22.35
N LEU B 307 -1.85 -10.13 22.55
CA LEU B 307 -0.46 -10.51 22.24
C LEU B 307 -0.01 -11.61 23.20
N PRO B 308 0.47 -12.75 22.66
CA PRO B 308 0.85 -13.85 23.56
C PRO B 308 2.17 -13.61 24.26
N THR B 309 2.17 -13.74 25.57
CA THR B 309 3.31 -13.42 26.39
C THR B 309 4.41 -14.42 26.18
N GLU B 310 5.53 -14.20 26.84
CA GLU B 310 6.56 -15.19 26.76
C GLU B 310 5.99 -16.57 27.09
N GLU B 311 5.26 -16.63 28.19
CA GLU B 311 4.77 -17.91 28.72
C GLU B 311 3.77 -18.58 27.74
N GLU B 312 2.87 -17.78 27.16
CA GLU B 312 1.88 -18.36 26.26
C GLU B 312 2.58 -18.87 25.02
N GLN B 313 3.62 -18.16 24.61
CA GLN B 313 4.33 -18.52 23.40
C GLN B 313 5.10 -19.80 23.65
N PHE B 314 5.79 -19.81 24.78
CA PHE B 314 6.54 -20.95 25.17
C PHE B 314 5.66 -22.19 25.11
N ALA B 315 4.43 -22.09 25.65
CA ALA B 315 3.56 -23.24 25.79
C ALA B 315 3.17 -23.73 24.42
N ALA B 316 2.83 -22.77 23.58
CA ALA B 316 2.40 -22.99 22.23
C ALA B 316 3.52 -23.66 21.46
N TYR B 317 4.74 -23.14 21.61
CA TYR B 317 5.92 -23.71 20.95
C TYR B 317 6.22 -25.10 21.44
N LYS B 318 6.10 -25.29 22.76
CA LYS B 318 6.37 -26.57 23.45
C LYS B 318 5.42 -27.58 22.87
N ALA B 319 4.13 -27.24 22.84
CA ALA B 319 3.16 -28.16 22.28
C ALA B 319 3.59 -28.59 20.88
N VAL B 320 3.97 -27.63 20.03
CA VAL B 320 4.27 -27.94 18.65
C VAL B 320 5.46 -28.89 18.67
N ALA B 321 6.51 -28.49 19.38
CA ALA B 321 7.74 -29.26 19.44
C ALA B 321 7.45 -30.69 19.82
N GLU B 322 6.43 -30.85 20.63
CA GLU B 322 6.10 -32.15 21.14
C GLU B 322 5.14 -32.86 20.21
N ALA B 323 4.22 -32.14 19.61
CA ALA B 323 3.34 -32.75 18.63
C ALA B 323 4.11 -33.15 17.41
N CYS B 324 5.36 -32.71 17.32
CA CYS B 324 6.17 -33.13 16.21
C CYS B 324 7.09 -34.28 16.50
N GLY B 325 7.09 -34.77 17.73
CA GLY B 325 7.87 -35.94 18.08
C GLY B 325 9.34 -35.73 17.83
N SER B 326 9.92 -36.60 17.03
CA SER B 326 11.34 -36.57 16.78
C SER B 326 11.67 -35.44 15.84
N GLN B 327 10.65 -34.95 15.12
CA GLN B 327 10.88 -34.04 13.99
C GLN B 327 11.26 -32.60 14.36
N ALA B 328 12.01 -31.99 13.47
CA ALA B 328 12.53 -30.63 13.63
C ALA B 328 11.49 -29.61 13.19
N VAL B 329 11.28 -28.56 13.97
CA VAL B 329 10.42 -27.47 13.54
C VAL B 329 11.25 -26.20 13.30
N ILE B 330 11.05 -25.55 12.17
CA ILE B 330 11.72 -24.28 11.92
C ILE B 330 10.74 -23.18 12.31
N VAL B 331 10.96 -22.63 13.50
CA VAL B 331 10.09 -21.66 14.09
C VAL B 331 10.54 -20.32 13.55
N ARG B 332 9.69 -19.66 12.77
CA ARG B 332 10.07 -18.34 12.27
C ARG B 332 9.56 -17.34 13.26
N THR B 333 10.41 -16.40 13.60
CA THR B 333 9.95 -15.29 14.43
C THR B 333 8.95 -14.52 13.59
N MET B 334 8.20 -13.71 14.30
CA MET B 334 6.91 -13.20 13.87
C MET B 334 6.97 -12.27 12.67
N ASP B 335 6.01 -12.45 11.75
CA ASP B 335 5.95 -11.66 10.56
C ASP B 335 4.57 -11.05 10.40
N ILE B 336 4.38 -9.94 11.09
CA ILE B 336 3.21 -9.15 10.97
C ILE B 336 3.50 -7.95 10.08
N GLY B 337 2.52 -7.53 9.27
CA GLY B 337 2.58 -6.21 8.69
C GLY B 337 2.58 -6.00 7.18
N GLY B 338 2.28 -7.04 6.42
CA GLY B 338 2.06 -6.77 5.02
C GLY B 338 0.58 -6.96 4.92
N ASP B 339 0.16 -7.99 4.22
CA ASP B 339 -1.24 -8.35 4.29
C ASP B 339 -1.57 -9.07 5.59
N LYS B 340 -0.63 -9.24 6.51
CA LYS B 340 -1.00 -9.83 7.80
C LYS B 340 -0.86 -8.92 9.03
N GLU B 341 -1.90 -8.14 9.21
CA GLU B 341 -1.97 -7.37 10.38
C GLU B 341 -2.57 -8.23 11.47
N LEU B 342 -2.22 -7.96 12.72
CA LEU B 342 -3.10 -8.34 13.80
C LEU B 342 -3.77 -7.12 14.41
N PRO B 343 -5.07 -6.99 14.13
CA PRO B 343 -5.95 -5.91 14.55
C PRO B 343 -5.71 -5.54 16.01
N TYR B 344 -5.59 -6.52 16.90
CA TYR B 344 -5.34 -6.17 18.31
C TYR B 344 -4.11 -5.30 18.59
N MET B 345 -3.24 -5.16 17.59
CA MET B 345 -2.04 -4.33 17.79
C MET B 345 -2.32 -2.89 17.49
N ASN B 346 -3.40 -2.65 16.76
CA ASN B 346 -3.79 -1.28 16.39
C ASN B 346 -2.67 -0.47 15.76
N PHE B 347 -1.75 -1.14 15.08
CA PHE B 347 -0.70 -0.41 14.40
C PHE B 347 -1.33 0.59 13.47
N PRO B 348 -0.61 1.68 13.17
CA PRO B 348 -1.14 2.65 12.21
C PRO B 348 -1.08 2.15 10.77
N LYS B 349 -1.91 2.74 9.91
CA LYS B 349 -1.93 2.38 8.50
C LYS B 349 -0.68 2.83 7.80
N GLU B 350 -0.36 2.11 6.72
CA GLU B 350 0.76 2.42 5.84
C GLU B 350 0.34 2.48 4.38
N GLU B 351 1.02 3.32 3.64
CA GLU B 351 0.74 3.47 2.25
C GLU B 351 1.06 2.18 1.47
N ASN B 352 2.11 1.47 1.87
CA ASN B 352 2.43 0.17 1.24
C ASN B 352 2.81 -0.82 2.32
N PRO B 353 1.81 -1.50 2.89
CA PRO B 353 2.17 -2.36 3.99
C PRO B 353 3.28 -3.31 3.59
N PHE B 354 3.24 -3.83 2.38
CA PHE B 354 4.22 -4.83 1.98
C PHE B 354 5.64 -4.33 1.81
N LEU B 355 5.78 -3.02 1.69
CA LEU B 355 7.07 -2.35 1.77
C LEU B 355 7.20 -1.53 3.05
N GLY B 356 6.53 -1.97 4.10
CA GLY B 356 6.46 -1.15 5.31
C GLY B 356 7.11 -1.79 6.51
N TRP B 357 6.49 -1.54 7.65
CA TRP B 357 7.04 -1.80 8.95
C TRP B 357 6.61 -3.19 9.36
N ARG B 358 7.33 -4.13 8.80
CA ARG B 358 6.91 -5.52 8.75
C ARG B 358 7.90 -6.44 9.50
N ALA B 359 7.33 -7.41 10.25
CA ALA B 359 8.10 -8.54 10.77
C ALA B 359 9.16 -8.04 11.68
N ILE B 360 10.39 -8.24 11.25
CA ILE B 360 11.58 -7.95 12.07
C ILE B 360 11.79 -6.45 12.35
N ARG B 361 11.17 -5.66 11.51
CA ARG B 361 11.28 -4.26 11.63
C ARG B 361 10.53 -3.79 12.85
N ILE B 362 9.53 -4.58 13.24
CA ILE B 362 8.73 -4.30 14.45
C ILE B 362 9.46 -4.84 15.69
N ALA B 363 9.86 -6.10 15.62
CA ALA B 363 10.43 -6.70 16.78
C ALA B 363 11.71 -5.94 17.18
N MET B 364 12.37 -5.33 16.20
CA MET B 364 13.53 -4.48 16.50
C MET B 364 13.17 -3.08 16.96
N ASP B 365 11.95 -2.65 16.71
CA ASP B 365 11.58 -1.35 17.24
C ASP B 365 10.83 -1.51 18.53
N ARG B 366 10.58 -2.74 18.92
CA ARG B 366 9.90 -2.98 20.16
C ARG B 366 10.44 -4.24 20.72
N ARG B 367 11.58 -4.15 21.39
CA ARG B 367 12.29 -5.31 21.88
C ARG B 367 11.46 -6.27 22.73
N GLU B 368 10.58 -5.76 23.59
CA GLU B 368 9.75 -6.67 24.38
C GLU B 368 9.18 -7.82 23.47
N ILE B 369 8.91 -7.53 22.20
CA ILE B 369 8.25 -8.49 21.28
C ILE B 369 9.27 -9.54 20.82
N LEU B 370 10.36 -9.05 20.25
CA LEU B 370 11.45 -9.86 19.91
C LEU B 370 11.93 -10.69 21.13
N ARG B 371 12.05 -10.06 22.30
CA ARG B 371 12.61 -10.73 23.46
C ARG B 371 11.73 -11.87 24.01
N ASP B 372 10.45 -11.56 24.25
CA ASP B 372 9.50 -12.52 24.73
C ASP B 372 9.59 -13.67 23.80
N GLN B 373 9.50 -13.39 22.51
CA GLN B 373 9.42 -14.48 21.54
C GLN B 373 10.68 -15.32 21.52
N LEU B 374 11.83 -14.71 21.32
CA LEU B 374 13.05 -15.50 21.25
C LEU B 374 13.30 -16.27 22.53
N ARG B 375 13.15 -15.60 23.67
CA ARG B 375 13.06 -16.26 24.96
C ARG B 375 12.18 -17.54 24.92
N ALA B 376 10.90 -17.37 24.56
CA ALA B 376 9.99 -18.49 24.43
C ALA B 376 10.50 -19.58 23.50
N ILE B 377 11.01 -19.24 22.32
CA ILE B 377 11.49 -20.27 21.40
C ILE B 377 12.61 -21.03 22.08
N LEU B 378 13.63 -20.31 22.53
CA LEU B 378 14.76 -20.97 23.15
C LEU B 378 14.27 -21.93 24.22
N ARG B 379 13.41 -21.44 25.09
CA ARG B 379 13.02 -22.25 26.20
C ARG B 379 12.30 -23.47 25.68
N ALA B 380 11.47 -23.30 24.63
CA ALA B 380 10.75 -24.44 24.05
C ALA B 380 11.71 -25.46 23.43
N SER B 381 12.91 -25.03 23.03
CA SER B 381 13.87 -25.92 22.42
C SER B 381 14.41 -26.92 23.41
N ALA B 382 14.06 -26.76 24.68
CA ALA B 382 14.46 -27.75 25.66
C ALA B 382 13.58 -28.96 25.53
N PHE B 383 12.64 -28.93 24.58
CA PHE B 383 11.59 -29.95 24.53
C PHE B 383 11.40 -30.64 23.21
N GLY B 384 12.24 -30.30 22.22
CA GLY B 384 12.14 -30.92 20.92
C GLY B 384 13.03 -30.17 20.01
N LYS B 385 13.42 -30.76 18.87
CA LYS B 385 14.32 -30.06 17.94
C LYS B 385 13.64 -28.84 17.31
N LEU B 386 14.08 -27.66 17.68
CA LEU B 386 13.60 -26.43 17.07
C LEU B 386 14.75 -25.71 16.41
N ARG B 387 14.45 -25.01 15.32
CA ARG B 387 15.35 -24.02 14.75
C ARG B 387 14.68 -22.65 14.82
N ILE B 388 15.49 -21.58 14.82
CA ILE B 388 15.00 -20.20 14.77
C ILE B 388 15.30 -19.64 13.40
N MET B 389 14.32 -18.95 12.83
CA MET B 389 14.55 -18.35 11.55
C MET B 389 13.89 -17.02 11.60
N PHE B 390 14.47 -16.06 10.91
CA PHE B 390 14.01 -14.67 10.85
C PHE B 390 13.45 -14.30 9.50
N PRO B 391 12.31 -13.61 9.49
CA PRO B 391 11.64 -13.10 8.29
C PRO B 391 12.14 -11.74 7.84
N MET B 392 11.94 -11.38 6.56
CA MET B 392 12.20 -10.02 6.06
C MET B 392 13.59 -9.46 6.24
N ILE B 393 14.57 -10.33 6.36
CA ILE B 393 15.96 -9.93 6.42
C ILE B 393 16.43 -9.24 5.14
N ILE B 394 17.16 -8.14 5.33
CA ILE B 394 17.55 -7.29 4.23
C ILE B 394 19.03 -6.96 4.17
N SER B 395 19.72 -7.16 5.30
CA SER B 395 21.10 -6.75 5.42
C SER B 395 21.88 -7.67 6.35
N VAL B 396 23.20 -7.69 6.24
CA VAL B 396 23.99 -8.35 7.24
C VAL B 396 23.84 -7.61 8.56
N GLU B 397 23.74 -6.28 8.51
CA GLU B 397 23.48 -5.52 9.74
C GLU B 397 22.37 -6.15 10.61
N GLU B 398 21.19 -6.33 9.99
CA GLU B 398 20.04 -6.91 10.71
C GLU B 398 20.38 -8.24 11.39
N VAL B 399 20.94 -9.17 10.64
CA VAL B 399 21.29 -10.49 11.23
C VAL B 399 22.23 -10.42 12.45
N ARG B 400 23.29 -9.63 12.35
CA ARG B 400 24.18 -9.51 13.47
C ARG B 400 23.47 -8.90 14.67
N ALA B 401 22.54 -7.98 14.45
CA ALA B 401 21.93 -7.31 15.58
C ALA B 401 21.02 -8.29 16.31
N LEU B 402 20.46 -9.23 15.56
CA LEU B 402 19.51 -10.19 16.08
C LEU B 402 20.20 -11.39 16.76
N ARG B 403 21.32 -11.84 16.20
CA ARG B 403 22.16 -12.87 16.83
C ARG B 403 22.69 -12.40 18.16
N LYS B 404 23.10 -11.14 18.18
CA LYS B 404 23.55 -10.50 19.38
C LYS B 404 22.43 -10.52 20.39
N GLU B 405 21.24 -10.17 19.91
CA GLU B 405 20.06 -10.31 20.72
C GLU B 405 19.89 -11.75 21.24
N ILE B 406 19.87 -12.74 20.36
CA ILE B 406 19.79 -14.12 20.82
C ILE B 406 20.79 -14.36 21.97
N GLU B 407 22.07 -14.08 21.73
CA GLU B 407 23.08 -14.30 22.72
C GLU B 407 22.77 -13.68 24.08
N ILE B 408 22.14 -12.51 24.09
CA ILE B 408 21.74 -11.88 25.34
C ILE B 408 20.61 -12.67 26.01
N TYR B 409 19.58 -12.98 25.25
CA TYR B 409 18.50 -13.78 25.73
C TYR B 409 18.97 -15.15 26.15
N LYS B 410 20.01 -15.69 25.53
CA LYS B 410 20.50 -17.01 25.90
C LYS B 410 21.06 -16.94 27.30
N GLN B 411 21.83 -15.91 27.60
CA GLN B 411 22.47 -15.78 28.90
C GLN B 411 21.46 -15.63 29.99
N GLU B 412 20.49 -14.75 29.76
CA GLU B 412 19.45 -14.55 30.73
C GLU B 412 18.84 -15.90 31.09
N LEU B 413 18.43 -16.68 30.10
CA LEU B 413 17.94 -18.02 30.40
C LEU B 413 18.91 -18.84 31.26
N ARG B 414 20.17 -18.98 30.81
CA ARG B 414 21.25 -19.57 31.64
C ARG B 414 21.24 -19.08 33.09
N ASP B 415 21.02 -17.79 33.29
CA ASP B 415 21.04 -17.18 34.60
C ASP B 415 19.80 -17.42 35.43
N GLU B 416 18.71 -17.75 34.76
CA GLU B 416 17.45 -18.00 35.45
C GLU B 416 17.22 -19.50 35.65
N GLY B 417 18.22 -20.33 35.31
CA GLY B 417 18.17 -21.79 35.50
C GLY B 417 17.10 -22.43 34.61
N LYS B 418 17.14 -21.99 33.35
CA LYS B 418 16.19 -22.37 32.31
C LYS B 418 16.92 -22.98 31.08
N ALA B 419 16.73 -24.29 30.90
CA ALA B 419 17.32 -25.05 29.81
C ALA B 419 16.87 -24.49 28.47
N PHE B 420 17.79 -24.56 27.51
CA PHE B 420 17.51 -24.36 26.13
C PHE B 420 18.58 -25.15 25.40
N ASP B 421 18.24 -25.57 24.18
CA ASP B 421 19.11 -26.39 23.37
C ASP B 421 20.26 -25.47 23.03
N GLU B 422 21.45 -25.75 23.55
CA GLU B 422 22.63 -24.93 23.22
C GLU B 422 23.05 -25.11 21.77
N SER B 423 22.55 -26.14 21.09
CA SER B 423 22.87 -26.46 19.71
C SER B 423 22.02 -25.71 18.72
N ILE B 424 21.17 -24.81 19.21
CA ILE B 424 20.02 -24.38 18.42
C ILE B 424 20.50 -23.62 17.22
N GLU B 425 19.97 -24.02 16.06
CA GLU B 425 20.44 -23.43 14.84
C GLU B 425 19.57 -22.27 14.45
N ILE B 426 20.24 -21.30 13.84
CA ILE B 426 19.67 -20.05 13.49
C ILE B 426 19.84 -19.82 11.99
N GLY B 427 18.78 -19.40 11.32
CA GLY B 427 18.86 -19.12 9.89
C GLY B 427 18.02 -17.91 9.51
N VAL B 428 17.85 -17.67 8.23
CA VAL B 428 17.14 -16.49 7.83
C VAL B 428 16.30 -16.80 6.64
N MET B 429 15.18 -16.10 6.53
CA MET B 429 14.35 -16.17 5.35
C MET B 429 15.16 -15.43 4.32
N VAL B 430 15.34 -15.98 3.13
CA VAL B 430 15.81 -15.15 2.03
C VAL B 430 14.57 -14.87 1.18
N GLU B 431 13.93 -13.72 1.36
CA GLU B 431 12.69 -13.47 0.67
C GLU B 431 12.64 -12.04 0.20
N THR B 432 13.77 -11.41 0.33
CA THR B 432 14.05 -10.09 -0.14
C THR B 432 15.17 -10.23 -1.24
N PRO B 433 15.11 -9.39 -2.31
CA PRO B 433 16.14 -9.36 -3.32
C PRO B 433 17.43 -8.87 -2.71
N ALA B 434 17.37 -8.03 -1.70
CA ALA B 434 18.55 -7.69 -0.93
C ALA B 434 19.21 -8.93 -0.41
N ALA B 435 18.47 -9.68 0.40
CA ALA B 435 19.04 -10.90 0.99
C ALA B 435 19.62 -11.77 -0.10
N ALA B 436 18.87 -11.90 -1.19
CA ALA B 436 19.30 -12.80 -2.24
C ALA B 436 20.64 -12.33 -2.76
N THR B 437 20.77 -11.01 -2.92
CA THR B 437 21.99 -10.38 -3.46
C THR B 437 23.26 -10.53 -2.60
N ILE B 438 23.05 -10.55 -1.29
CA ILE B 438 24.14 -10.61 -0.35
C ILE B 438 24.10 -11.98 0.31
N ALA B 439 23.42 -12.89 -0.35
CA ALA B 439 23.39 -14.26 0.14
C ALA B 439 24.78 -14.73 0.57
N ARG B 440 25.85 -14.40 -0.16
CA ARG B 440 27.16 -14.97 0.21
C ARG B 440 27.47 -14.47 1.57
N HIS B 441 27.46 -13.15 1.74
CA HIS B 441 27.68 -12.54 3.05
C HIS B 441 26.82 -13.08 4.16
N LEU B 442 25.54 -13.33 3.88
CA LEU B 442 24.61 -13.77 4.94
C LEU B 442 24.90 -15.21 5.34
N ALA B 443 25.29 -16.03 4.36
CA ALA B 443 25.59 -17.45 4.57
C ALA B 443 26.69 -17.75 5.62
N LYS B 444 27.64 -16.83 5.78
CA LYS B 444 28.66 -16.92 6.85
C LYS B 444 28.03 -16.70 8.17
N GLU B 445 26.89 -16.04 8.19
CA GLU B 445 26.37 -15.50 9.45
C GLU B 445 25.22 -16.33 10.00
N VAL B 446 24.71 -17.28 9.22
CA VAL B 446 23.59 -18.09 9.65
C VAL B 446 23.87 -19.53 9.37
N ASP B 447 23.05 -20.42 9.94
CA ASP B 447 23.18 -21.87 9.70
C ASP B 447 22.43 -22.35 8.51
N PHE B 448 21.48 -21.55 8.04
CA PHE B 448 20.67 -22.01 6.94
C PHE B 448 19.83 -20.91 6.35
N PHE B 449 19.14 -21.22 5.26
CA PHE B 449 18.29 -20.27 4.55
C PHE B 449 17.08 -21.01 4.21
N SER B 450 15.95 -20.31 4.22
CA SER B 450 14.77 -20.76 3.56
C SER B 450 14.31 -19.64 2.65
N ILE B 451 14.14 -19.93 1.36
CA ILE B 451 13.76 -18.88 0.41
C ILE B 451 12.25 -18.67 0.41
N GLY B 452 11.84 -17.44 0.73
CA GLY B 452 10.43 -17.13 0.66
C GLY B 452 10.14 -16.56 -0.71
N THR B 453 9.67 -17.40 -1.62
CA THR B 453 9.43 -16.95 -2.97
C THR B 453 8.17 -16.09 -3.12
N ASN B 454 7.26 -16.18 -2.17
CA ASN B 454 6.07 -15.33 -2.25
C ASN B 454 6.51 -13.89 -2.17
N ASP B 455 7.28 -13.60 -1.13
CA ASP B 455 7.84 -12.30 -1.01
C ASP B 455 8.89 -11.97 -2.07
N LEU B 456 9.92 -12.80 -2.22
CA LEU B 456 10.94 -12.60 -3.22
C LEU B 456 10.33 -12.30 -4.62
N THR B 457 9.33 -13.04 -5.00
CA THR B 457 8.71 -12.78 -6.25
C THR B 457 8.20 -11.35 -6.19
N GLN B 458 7.45 -11.07 -5.14
CA GLN B 458 6.78 -9.80 -4.94
C GLN B 458 7.74 -8.67 -5.14
N TYR B 459 8.90 -8.69 -4.47
CA TYR B 459 9.82 -7.54 -4.55
C TYR B 459 10.68 -7.54 -5.77
N THR B 460 10.95 -8.71 -6.29
CA THR B 460 11.82 -8.76 -7.42
C THR B 460 11.01 -8.23 -8.60
N LEU B 461 9.75 -8.64 -8.69
CA LEU B 461 8.89 -8.18 -9.77
C LEU B 461 8.09 -6.95 -9.38
N ALA B 462 8.21 -6.47 -8.15
CA ALA B 462 7.31 -5.38 -7.71
C ALA B 462 5.87 -5.63 -8.07
N VAL B 463 5.40 -6.83 -7.79
CA VAL B 463 4.00 -7.11 -7.91
C VAL B 463 3.43 -7.64 -6.61
N ASP B 464 2.38 -6.93 -6.17
CA ASP B 464 1.75 -7.16 -4.91
C ASP B 464 1.07 -8.52 -5.00
N ARG B 465 1.41 -9.37 -4.04
CA ARG B 465 0.84 -10.70 -3.92
C ARG B 465 -0.66 -10.67 -3.81
N GLY B 466 -1.19 -9.53 -3.37
CA GLY B 466 -2.62 -9.34 -3.14
C GLY B 466 -3.36 -8.82 -4.35
N ASN B 467 -2.65 -8.29 -5.35
CA ASN B 467 -3.27 -7.47 -6.40
C ASN B 467 -3.67 -8.29 -7.64
N ASP B 468 -4.95 -8.63 -7.75
CA ASP B 468 -5.43 -9.47 -8.85
C ASP B 468 -5.31 -8.79 -10.21
N MET B 469 -5.49 -7.47 -10.22
CA MET B 469 -5.34 -6.73 -11.45
C MET B 469 -4.02 -6.97 -12.18
N ILE B 470 -2.92 -7.13 -11.45
CA ILE B 470 -1.66 -7.49 -12.09
C ILE B 470 -1.20 -8.90 -11.80
N SER B 471 -2.09 -9.76 -11.34
CA SER B 471 -1.61 -11.08 -10.97
C SER B 471 -0.81 -11.74 -12.10
N HIS B 472 -1.15 -11.43 -13.35
CA HIS B 472 -0.54 -12.11 -14.49
C HIS B 472 0.97 -11.87 -14.55
N LEU B 473 1.42 -10.82 -13.85
CA LEU B 473 2.84 -10.47 -13.73
C LEU B 473 3.49 -11.09 -12.52
N TYR B 474 2.73 -11.79 -11.69
CA TYR B 474 3.34 -12.34 -10.52
C TYR B 474 3.86 -13.68 -10.93
N GLN B 475 5.16 -13.75 -11.21
CA GLN B 475 5.72 -15.00 -11.74
C GLN B 475 6.89 -15.41 -10.99
N PRO B 476 6.73 -16.35 -10.06
CA PRO B 476 7.94 -16.80 -9.37
C PRO B 476 8.74 -17.65 -10.35
N MET B 477 8.16 -17.97 -11.50
CA MET B 477 8.87 -18.73 -12.47
C MET B 477 9.34 -17.85 -13.57
N SER B 478 10.08 -16.84 -13.15
CA SER B 478 10.72 -15.93 -14.04
C SER B 478 12.16 -16.27 -14.05
N PRO B 479 12.81 -16.01 -15.18
CA PRO B 479 14.26 -16.09 -15.21
C PRO B 479 14.87 -15.21 -14.11
N SER B 480 14.16 -14.16 -13.71
CA SER B 480 14.68 -13.31 -12.63
C SER B 480 14.58 -13.92 -11.21
N VAL B 481 13.50 -14.59 -10.91
CA VAL B 481 13.39 -15.13 -9.58
C VAL B 481 14.24 -16.41 -9.49
N LEU B 482 14.24 -17.19 -10.56
CA LEU B 482 14.99 -18.46 -10.56
C LEU B 482 16.46 -18.19 -10.37
N ASN B 483 16.99 -17.28 -11.16
CA ASN B 483 18.37 -16.90 -10.97
C ASN B 483 18.74 -16.51 -9.53
N LEU B 484 17.93 -15.67 -8.92
CA LEU B 484 18.09 -15.30 -7.53
C LEU B 484 17.96 -16.47 -6.60
N ILE B 485 17.05 -17.40 -6.87
CA ILE B 485 17.00 -18.69 -6.13
C ILE B 485 18.33 -19.48 -6.21
N LYS B 486 18.84 -19.64 -7.42
CA LYS B 486 20.07 -20.36 -7.63
C LYS B 486 21.19 -19.73 -6.85
N GLN B 487 21.14 -18.42 -6.80
CA GLN B 487 22.27 -17.68 -6.35
C GLN B 487 22.32 -17.92 -4.83
N VAL B 488 21.12 -18.04 -4.23
CA VAL B 488 20.98 -18.25 -2.80
C VAL B 488 21.40 -19.66 -2.40
N ILE B 489 20.88 -20.64 -3.14
CA ILE B 489 21.20 -22.03 -2.90
C ILE B 489 22.73 -22.16 -2.91
N ASP B 490 23.34 -21.66 -3.98
CA ASP B 490 24.77 -21.71 -4.15
C ASP B 490 25.48 -21.07 -2.98
N ALA B 491 25.05 -19.87 -2.59
CA ALA B 491 25.61 -19.25 -1.38
C ALA B 491 25.65 -20.26 -0.25
N SER B 492 24.49 -20.84 0.12
CA SER B 492 24.41 -21.90 1.14
C SER B 492 25.52 -22.88 1.01
N HIS B 493 25.60 -23.46 -0.19
CA HIS B 493 26.42 -24.62 -0.38
C HIS B 493 27.86 -24.21 -0.30
N ALA B 494 28.14 -22.98 -0.74
CA ALA B 494 29.51 -22.55 -0.71
C ALA B 494 30.00 -22.48 0.74
N GLU B 495 29.11 -22.15 1.70
CA GLU B 495 29.52 -22.16 3.12
C GLU B 495 29.33 -23.49 3.77
N GLY B 496 28.85 -24.48 3.02
CA GLY B 496 28.54 -25.79 3.60
C GLY B 496 27.27 -25.79 4.43
N LYS B 497 26.40 -24.82 4.22
CA LYS B 497 25.04 -24.81 4.76
C LYS B 497 24.08 -25.22 3.69
N TRP B 498 22.81 -25.12 3.99
CA TRP B 498 21.77 -25.59 3.12
C TRP B 498 20.64 -24.57 2.98
N THR B 499 19.91 -24.67 1.90
CA THR B 499 18.83 -23.79 1.69
C THR B 499 17.62 -24.65 1.59
N GLY B 500 16.58 -24.23 2.30
CA GLY B 500 15.25 -24.77 2.09
C GLY B 500 14.40 -23.74 1.42
N MET B 501 13.15 -24.07 1.18
CA MET B 501 12.18 -23.19 0.55
C MET B 501 10.79 -23.38 1.14
N CYS B 502 10.23 -22.33 1.73
CA CYS B 502 8.87 -22.41 2.24
C CYS B 502 7.88 -21.60 1.44
N GLY B 503 8.37 -20.79 0.53
CA GLY B 503 7.49 -20.16 -0.45
C GLY B 503 6.72 -21.21 -1.21
N GLU B 504 5.62 -20.75 -1.83
CA GLU B 504 4.71 -21.66 -2.51
C GLU B 504 5.30 -22.38 -3.73
N LEU B 505 6.40 -21.85 -4.26
CA LEU B 505 7.10 -22.57 -5.31
C LEU B 505 7.51 -23.98 -4.94
N ALA B 506 7.96 -24.17 -3.71
CA ALA B 506 8.34 -25.49 -3.19
C ALA B 506 7.24 -26.46 -3.46
N GLY B 507 6.00 -26.03 -3.21
CA GLY B 507 4.84 -26.89 -3.40
C GLY B 507 4.26 -26.89 -4.79
N ASP B 508 4.87 -26.15 -5.72
CA ASP B 508 4.33 -25.98 -7.08
C ASP B 508 4.89 -27.09 -8.01
N GLU B 509 4.01 -27.98 -8.51
CA GLU B 509 4.39 -29.10 -9.40
C GLU B 509 5.31 -28.71 -10.55
N ARG B 510 5.34 -27.43 -10.88
CA ARG B 510 6.00 -26.99 -12.10
C ARG B 510 7.42 -26.55 -11.85
N ALA B 511 7.73 -26.35 -10.57
CA ALA B 511 9.05 -25.94 -10.23
C ALA B 511 9.87 -27.11 -9.67
N THR B 512 9.18 -28.17 -9.28
CA THR B 512 9.82 -29.24 -8.55
C THR B 512 11.11 -29.73 -9.20
N LEU B 513 11.09 -30.06 -10.51
CA LEU B 513 12.34 -30.45 -11.20
C LEU B 513 13.43 -29.38 -11.21
N LEU B 514 13.04 -28.12 -11.32
CA LEU B 514 14.01 -27.02 -11.28
C LEU B 514 14.57 -26.81 -9.90
N LEU B 515 13.69 -26.69 -8.93
CA LEU B 515 14.12 -26.57 -7.56
C LEU B 515 15.08 -27.69 -7.25
N LEU B 516 14.69 -28.91 -7.61
CA LEU B 516 15.57 -30.06 -7.40
C LEU B 516 16.92 -29.92 -8.13
N GLY B 517 16.87 -29.60 -9.43
CA GLY B 517 18.06 -29.54 -10.26
C GLY B 517 19.00 -28.46 -9.78
N MET B 518 18.41 -27.41 -9.21
CA MET B 518 19.17 -26.28 -8.74
C MET B 518 19.78 -26.56 -7.40
N GLY B 519 19.49 -27.74 -6.83
CA GLY B 519 20.12 -28.21 -5.61
C GLY B 519 19.47 -27.83 -4.29
N LEU B 520 18.24 -27.32 -4.35
CA LEU B 520 17.51 -26.99 -3.15
C LEU B 520 17.50 -28.19 -2.23
N ASP B 521 17.77 -27.95 -0.94
CA ASP B 521 17.99 -29.03 0.04
C ASP B 521 16.72 -29.43 0.68
N GLU B 522 15.82 -28.46 0.78
CA GLU B 522 14.65 -28.64 1.59
C GLU B 522 13.44 -27.97 1.00
N PHE B 523 12.31 -28.68 0.98
CA PHE B 523 11.08 -28.08 0.48
C PHE B 523 10.09 -28.01 1.59
N SER B 524 9.40 -26.89 1.73
CA SER B 524 8.39 -26.88 2.78
C SER B 524 7.13 -26.25 2.27
N MET B 525 5.99 -26.89 2.52
CA MET B 525 4.80 -26.46 1.85
C MET B 525 3.60 -26.72 2.69
N SER B 526 2.44 -26.28 2.18
CA SER B 526 1.21 -26.80 2.68
C SER B 526 1.38 -28.30 2.69
N ALA B 527 0.95 -28.91 3.79
CA ALA B 527 1.00 -30.36 3.92
C ALA B 527 0.35 -31.05 2.70
N ILE B 528 -0.81 -30.56 2.27
CA ILE B 528 -1.50 -31.17 1.13
C ILE B 528 -0.65 -31.31 -0.12
N SER B 529 0.43 -30.57 -0.24
CA SER B 529 1.23 -30.65 -1.45
C SER B 529 2.34 -31.63 -1.33
N ILE B 530 2.53 -32.14 -0.13
CA ILE B 530 3.67 -32.99 0.11
C ILE B 530 3.69 -34.22 -0.81
N PRO B 531 2.57 -34.97 -0.88
CA PRO B 531 2.61 -36.14 -1.79
C PRO B 531 2.83 -35.82 -3.28
N ARG B 532 2.24 -34.74 -3.84
CA ARG B 532 2.43 -34.47 -5.28
C ARG B 532 3.89 -34.27 -5.57
N ILE B 533 4.52 -33.50 -4.71
CA ILE B 533 5.88 -33.15 -4.90
C ILE B 533 6.79 -34.35 -4.61
N LYS B 534 6.51 -35.06 -3.54
CA LYS B 534 7.24 -36.27 -3.23
C LYS B 534 7.21 -37.14 -4.51
N LYS B 535 6.01 -37.34 -5.08
CA LYS B 535 5.84 -38.19 -6.25
C LYS B 535 6.73 -37.79 -7.39
N ILE B 536 6.78 -36.48 -7.66
CA ILE B 536 7.60 -35.95 -8.72
C ILE B 536 9.06 -36.23 -8.42
N ILE B 537 9.41 -36.16 -7.14
CA ILE B 537 10.81 -36.27 -6.75
C ILE B 537 11.23 -37.69 -6.89
N ARG B 538 10.36 -38.58 -6.42
CA ARG B 538 10.67 -39.98 -6.43
C ARG B 538 10.82 -40.58 -7.84
N ASN B 539 10.33 -39.85 -8.86
CA ASN B 539 10.24 -40.34 -10.24
C ASN B 539 11.13 -39.55 -11.21
N THR B 540 11.98 -38.70 -10.65
CA THR B 540 12.92 -37.95 -11.46
C THR B 540 14.22 -38.63 -11.35
N ASN B 541 15.06 -38.35 -12.33
CA ASN B 541 16.44 -38.58 -12.17
C ASN B 541 17.11 -37.22 -11.84
N PHE B 542 17.89 -37.21 -10.77
CA PHE B 542 18.48 -35.95 -10.32
C PHE B 542 19.44 -35.33 -11.32
N GLU B 543 20.25 -36.16 -11.95
CA GLU B 543 21.20 -35.62 -12.91
C GLU B 543 20.52 -34.90 -14.06
N ASP B 544 19.40 -35.47 -14.49
CA ASP B 544 18.64 -34.92 -15.59
C ASP B 544 18.08 -33.55 -15.25
N ALA B 545 17.48 -33.44 -14.06
CA ALA B 545 17.04 -32.21 -13.46
C ALA B 545 18.10 -31.14 -13.41
N LYS B 546 19.33 -31.48 -12.97
CA LYS B 546 20.42 -30.49 -13.00
C LYS B 546 20.47 -29.90 -14.40
N VAL B 547 20.69 -30.75 -15.39
CA VAL B 547 20.73 -30.31 -16.78
C VAL B 547 19.51 -29.43 -17.11
N LEU B 548 18.33 -29.85 -16.62
CA LEU B 548 17.14 -29.10 -16.89
C LEU B 548 17.32 -27.72 -16.29
N ALA B 549 17.72 -27.69 -15.01
CA ALA B 549 17.81 -26.46 -14.25
C ALA B 549 18.74 -25.52 -14.94
N GLU B 550 19.89 -26.06 -15.26
CA GLU B 550 20.83 -25.23 -15.89
C GLU B 550 20.21 -24.56 -17.15
N GLN B 551 19.65 -25.38 -18.05
CA GLN B 551 19.05 -24.81 -19.23
C GLN B 551 18.10 -23.67 -18.83
N ALA B 552 17.20 -23.97 -17.89
CA ALA B 552 16.13 -23.04 -17.57
C ALA B 552 16.69 -21.70 -17.14
N LEU B 553 17.80 -21.77 -16.40
CA LEU B 553 18.44 -20.56 -15.88
C LEU B 553 19.05 -19.66 -16.94
N ALA B 554 19.16 -20.15 -18.17
CA ALA B 554 19.71 -19.35 -19.24
C ALA B 554 18.64 -18.70 -20.11
N GLN B 555 17.39 -19.16 -19.99
CA GLN B 555 16.28 -18.63 -20.76
C GLN B 555 15.97 -17.17 -20.40
N PRO B 556 15.81 -16.28 -21.38
CA PRO B 556 15.43 -14.91 -21.03
C PRO B 556 13.90 -14.76 -20.89
N THR B 557 13.18 -15.85 -20.98
CA THR B 557 11.73 -15.77 -21.08
C THR B 557 11.11 -16.95 -20.31
N THR B 558 10.04 -16.69 -19.59
CA THR B 558 9.31 -17.72 -18.85
C THR B 558 8.83 -18.79 -19.83
N ASP B 559 8.15 -18.37 -20.87
CA ASP B 559 7.65 -19.34 -21.81
C ASP B 559 8.70 -20.33 -22.21
N GLU B 560 9.89 -19.81 -22.52
CA GLU B 560 11.00 -20.63 -23.00
C GLU B 560 11.46 -21.62 -21.94
N LEU B 561 11.38 -21.20 -20.69
CA LEU B 561 11.73 -22.01 -19.55
C LEU B 561 10.58 -23.05 -19.25
N MET B 562 9.33 -22.65 -19.47
CA MET B 562 8.23 -23.62 -19.38
C MET B 562 8.40 -24.71 -20.40
N THR B 563 8.88 -24.37 -21.59
CA THR B 563 9.05 -25.35 -22.64
C THR B 563 10.00 -26.47 -22.21
N LEU B 564 11.15 -26.12 -21.66
CA LEU B 564 12.13 -27.08 -21.16
C LEU B 564 11.51 -28.04 -20.21
N VAL B 565 10.92 -27.50 -19.14
CA VAL B 565 10.14 -28.28 -18.17
C VAL B 565 9.17 -29.26 -18.84
N ASN B 566 8.36 -28.77 -19.77
CA ASN B 566 7.43 -29.65 -20.48
C ASN B 566 8.09 -30.76 -21.31
N LYS B 567 9.09 -30.44 -22.13
CA LYS B 567 9.72 -31.48 -22.93
C LYS B 567 10.34 -32.53 -22.02
N PHE B 568 10.75 -32.09 -20.84
CA PHE B 568 11.29 -32.99 -19.85
C PHE B 568 10.20 -33.99 -19.44
N ILE B 569 9.09 -33.47 -18.93
CA ILE B 569 7.99 -34.29 -18.46
C ILE B 569 7.51 -35.28 -19.50
N GLU B 570 7.52 -34.85 -20.76
CA GLU B 570 7.22 -35.70 -21.90
C GLU B 570 8.20 -36.87 -22.02
N GLU B 571 9.47 -36.53 -22.10
CA GLU B 571 10.48 -37.48 -22.43
C GLU B 571 10.92 -38.33 -21.25
N LYS B 572 10.69 -37.84 -20.02
CA LYS B 572 11.37 -38.39 -18.84
C LYS B 572 10.51 -39.16 -17.81
N THR B 573 9.17 -39.09 -17.89
CA THR B 573 8.30 -40.06 -17.17
C THR B 573 6.84 -40.01 -17.65
N MET A 1 15.16 26.27 21.73
CA MET A 1 15.76 25.10 21.02
C MET A 1 14.67 24.42 20.16
N ILE A 2 14.30 25.03 19.07
CA ILE A 2 13.26 24.44 18.16
C ILE A 2 13.94 23.94 16.88
N SER A 3 13.67 22.71 16.48
CA SER A 3 14.32 22.16 15.25
C SER A 3 13.25 21.54 14.32
N GLY A 4 13.41 21.72 13.03
CA GLY A 4 12.45 21.13 12.05
C GLY A 4 13.22 20.24 11.07
N ILE A 5 12.68 19.97 9.91
CA ILE A 5 13.40 19.08 8.95
C ILE A 5 14.21 19.90 7.94
N LEU A 6 14.00 21.19 7.88
CA LEU A 6 14.77 22.03 6.90
C LEU A 6 14.62 21.43 5.49
N ALA A 7 13.80 22.04 4.66
CA ALA A 7 13.60 21.53 3.28
C ALA A 7 14.53 22.28 2.31
N SER A 8 14.92 23.48 2.65
CA SER A 8 15.82 24.26 1.75
C SER A 8 16.83 25.05 2.61
N PRO A 9 18.12 24.91 2.37
CA PRO A 9 19.15 25.65 3.16
C PRO A 9 19.30 27.09 2.69
N GLY A 10 19.52 28.00 3.59
CA GLY A 10 19.68 29.43 3.19
C GLY A 10 19.51 30.31 4.43
N ILE A 11 19.22 31.57 4.26
CA ILE A 11 19.02 32.48 5.43
C ILE A 11 18.03 33.58 5.02
N ALA A 12 17.26 34.09 5.95
CA ALA A 12 16.28 35.16 5.57
C ALA A 12 15.90 36.02 6.78
N PHE A 13 15.50 37.25 6.52
CA PHE A 13 15.08 38.17 7.62
C PHE A 13 13.77 38.85 7.22
N GLY A 14 12.74 38.80 8.02
CA GLY A 14 11.46 39.46 7.60
C GLY A 14 10.38 39.30 8.67
N LYS A 15 9.23 39.87 8.43
CA LYS A 15 8.10 39.77 9.41
C LYS A 15 7.42 38.41 9.27
N ALA A 16 6.70 37.99 10.28
CA ALA A 16 6.04 36.64 10.22
C ALA A 16 4.53 36.79 9.98
N LEU A 17 4.02 36.07 9.00
CA LEU A 17 2.56 36.12 8.70
C LEU A 17 1.92 34.87 9.31
N LEU A 18 0.80 35.01 9.98
CA LEU A 18 0.12 33.82 10.62
C LEU A 18 -1.26 33.58 9.99
N LEU A 19 -1.47 32.41 9.45
CA LEU A 19 -2.78 32.09 8.82
C LEU A 19 -3.76 31.54 9.87
N LYS A 20 -4.54 32.35 10.51
CA LYS A 20 -5.33 31.79 11.64
C LYS A 20 -6.36 30.80 11.14
N GLU A 21 -6.10 29.54 11.38
CA GLU A 21 -7.02 28.46 10.95
C GLU A 21 -8.42 28.75 11.50
N ASP A 22 -8.51 29.78 12.39
CA ASP A 22 -9.77 30.23 13.12
C ASP A 22 -11.11 30.06 12.37
N GLU A 23 -12.23 30.15 13.14
CA GLU A 23 -13.59 30.00 12.59
C GLU A 23 -14.62 31.02 13.21
N ILE A 24 -15.65 31.42 12.41
CA ILE A 24 -16.71 32.41 12.81
C ILE A 24 -17.71 31.80 13.82
N VAL A 25 -17.97 32.45 14.94
CA VAL A 25 -18.94 31.99 15.90
C VAL A 25 -20.04 33.03 15.93
N ILE A 26 -21.26 32.56 15.72
CA ILE A 26 -22.40 33.45 15.63
C ILE A 26 -22.96 33.66 17.02
N ASP A 27 -23.29 34.90 17.37
CA ASP A 27 -23.96 35.14 18.66
C ASP A 27 -25.48 35.14 18.50
N ARG A 28 -26.06 33.98 18.80
CA ARG A 28 -27.47 33.74 18.56
C ARG A 28 -28.37 34.35 19.63
N LYS A 29 -27.83 34.50 20.84
CA LYS A 29 -28.54 35.10 21.98
C LYS A 29 -29.07 36.48 21.64
N LYS A 30 -30.35 36.70 21.91
CA LYS A 30 -30.98 37.99 21.69
C LYS A 30 -30.17 39.07 22.39
N ILE A 31 -30.02 40.20 21.72
CA ILE A 31 -29.32 41.35 22.25
C ILE A 31 -30.26 42.17 23.10
N SER A 32 -29.70 43.06 23.90
CA SER A 32 -30.49 43.98 24.71
C SER A 32 -30.87 45.20 23.88
N ALA A 33 -31.88 45.93 24.32
CA ALA A 33 -32.35 47.11 23.55
C ALA A 33 -31.23 48.14 23.43
N ASP A 34 -30.58 48.45 24.51
CA ASP A 34 -29.47 49.43 24.43
C ASP A 34 -28.50 48.93 23.37
N GLN A 35 -28.31 47.64 23.32
CA GLN A 35 -27.38 47.07 22.32
C GLN A 35 -27.94 47.23 20.90
N VAL A 36 -29.25 47.09 20.72
CA VAL A 36 -29.72 47.17 19.30
C VAL A 36 -28.93 48.27 18.60
N ASP A 37 -28.91 49.44 19.15
CA ASP A 37 -28.17 50.56 18.51
C ASP A 37 -26.68 50.20 18.39
N GLN A 38 -26.12 49.58 19.38
CA GLN A 38 -24.67 49.24 19.31
C GLN A 38 -24.41 48.17 18.25
N GLU A 39 -25.26 47.19 18.14
CA GLU A 39 -25.02 46.13 17.13
C GLU A 39 -25.11 46.71 15.72
N VAL A 40 -26.04 47.58 15.48
CA VAL A 40 -26.13 48.20 14.13
C VAL A 40 -24.82 48.92 13.83
N GLU A 41 -24.35 49.70 14.76
CA GLU A 41 -23.07 50.44 14.53
C GLU A 41 -21.94 49.43 14.29
N ARG A 42 -21.91 48.34 15.02
CA ARG A 42 -20.83 47.34 14.78
C ARG A 42 -20.96 46.85 13.35
N PHE A 43 -22.15 46.56 12.92
CA PHE A 43 -22.36 46.11 11.52
C PHE A 43 -21.88 47.20 10.57
N LEU A 44 -22.31 48.41 10.77
CA LEU A 44 -21.87 49.53 9.90
C LEU A 44 -20.35 49.67 10.01
N SER A 45 -19.82 49.63 11.21
CA SER A 45 -18.34 49.76 11.36
C SER A 45 -17.65 48.58 10.68
N GLY A 46 -18.16 47.38 10.88
CA GLY A 46 -17.54 46.19 10.23
C GLY A 46 -17.79 46.26 8.73
N ARG A 47 -18.97 46.68 8.35
CA ARG A 47 -19.29 46.82 6.90
C ARG A 47 -18.41 47.91 6.32
N ALA A 48 -18.09 48.89 7.12
CA ALA A 48 -17.22 50.00 6.63
C ALA A 48 -15.88 49.42 6.17
N LYS A 49 -15.33 48.48 6.90
CA LYS A 49 -14.04 47.90 6.46
C LYS A 49 -14.26 47.19 5.14
N ALA A 50 -14.93 46.05 5.13
CA ALA A 50 -15.15 45.30 3.86
C ALA A 50 -15.44 46.24 2.70
N SER A 51 -16.10 47.35 2.94
CA SER A 51 -16.37 48.27 1.81
C SER A 51 -15.04 48.67 1.19
N ALA A 52 -14.16 49.21 1.99
CA ALA A 52 -12.84 49.66 1.47
C ALA A 52 -11.95 48.46 1.08
N GLN A 53 -11.96 47.40 1.85
CA GLN A 53 -11.09 46.24 1.48
C GLN A 53 -11.59 45.58 0.20
N LEU A 54 -12.89 45.47 0.04
CA LEU A 54 -13.41 44.85 -1.22
C LEU A 54 -12.99 45.71 -2.41
N GLU A 55 -13.06 47.00 -2.24
CA GLU A 55 -12.65 47.91 -3.35
C GLU A 55 -11.18 47.68 -3.71
N THR A 56 -10.34 47.44 -2.72
CA THR A 56 -8.91 47.21 -3.01
C THR A 56 -8.75 45.95 -3.86
N ILE A 57 -9.50 44.91 -3.56
CA ILE A 57 -9.40 43.66 -4.36
C ILE A 57 -9.82 43.93 -5.81
N LYS A 58 -10.83 44.75 -5.98
CA LYS A 58 -11.30 45.07 -7.36
C LYS A 58 -10.15 45.64 -8.20
N THR A 59 -9.48 46.63 -7.68
CA THR A 59 -8.37 47.27 -8.45
C THR A 59 -7.30 46.23 -8.81
N LYS A 60 -7.08 45.27 -7.97
CA LYS A 60 -6.04 44.23 -8.28
C LYS A 60 -6.53 43.36 -9.43
N ALA A 61 -7.79 43.07 -9.45
CA ALA A 61 -8.35 42.22 -10.54
C ALA A 61 -8.22 42.96 -11.88
N GLY A 62 -8.54 44.23 -11.90
CA GLY A 62 -8.46 45.00 -13.17
C GLY A 62 -7.02 45.00 -13.69
N GLU A 63 -6.08 45.35 -12.87
CA GLU A 63 -4.67 45.37 -13.36
C GLU A 63 -4.18 43.93 -13.60
N THR A 64 -4.45 43.06 -12.68
CA THR A 64 -3.97 41.65 -12.81
C THR A 64 -4.63 40.92 -13.99
N PHE A 65 -5.93 40.74 -13.95
CA PHE A 65 -6.61 40.00 -15.06
C PHE A 65 -7.20 40.95 -16.11
N GLY A 66 -7.92 41.97 -15.71
CA GLY A 66 -8.49 42.92 -16.74
C GLY A 66 -9.90 43.38 -16.34
N GLU A 67 -10.58 44.02 -17.26
CA GLU A 67 -11.97 44.53 -17.00
C GLU A 67 -12.94 43.35 -16.89
N GLU A 68 -12.61 42.24 -17.49
CA GLU A 68 -13.50 41.05 -17.44
C GLU A 68 -13.67 40.60 -15.98
N LYS A 69 -12.63 40.71 -15.19
CA LYS A 69 -12.71 40.29 -13.76
C LYS A 69 -12.96 41.49 -12.86
N GLU A 70 -12.68 42.67 -13.32
CA GLU A 70 -12.89 43.88 -12.46
C GLU A 70 -14.38 44.11 -12.21
N ALA A 71 -15.19 43.99 -13.23
CA ALA A 71 -16.65 44.25 -13.06
C ALA A 71 -17.30 43.19 -12.17
N ILE A 72 -16.79 41.98 -12.14
CA ILE A 72 -17.46 40.98 -11.26
C ILE A 72 -17.43 41.50 -9.82
N PHE A 73 -16.37 42.10 -9.41
CA PHE A 73 -16.30 42.63 -8.02
C PHE A 73 -17.33 43.75 -7.85
N GLU A 74 -17.49 44.58 -8.84
CA GLU A 74 -18.48 45.69 -8.71
C GLU A 74 -19.87 45.09 -8.46
N GLY A 75 -20.20 44.02 -9.13
CA GLY A 75 -21.53 43.40 -8.91
C GLY A 75 -21.61 42.92 -7.46
N HIS A 76 -20.61 42.23 -7.01
CA HIS A 76 -20.62 41.74 -5.61
C HIS A 76 -20.69 42.93 -4.66
N ILE A 77 -19.90 43.94 -4.90
CA ILE A 77 -19.94 45.14 -4.01
C ILE A 77 -21.29 45.83 -4.17
N MET A 78 -21.73 46.04 -5.38
CA MET A 78 -23.04 46.72 -5.59
C MET A 78 -24.16 45.92 -4.93
N LEU A 79 -24.10 44.62 -5.02
CA LEU A 79 -25.16 43.79 -4.39
C LEU A 79 -25.08 43.94 -2.88
N LEU A 80 -23.90 43.98 -2.35
CA LEU A 80 -23.75 44.11 -0.88
C LEU A 80 -24.34 45.44 -0.41
N GLU A 81 -24.14 46.49 -1.16
CA GLU A 81 -24.67 47.82 -0.75
C GLU A 81 -26.16 47.94 -1.14
N ASP A 82 -26.73 46.89 -1.66
CA ASP A 82 -28.18 46.97 -2.07
C ASP A 82 -29.00 47.55 -0.91
N GLU A 83 -29.82 48.53 -1.19
CA GLU A 83 -30.65 49.17 -0.13
C GLU A 83 -31.58 48.15 0.51
N GLU A 84 -31.84 47.06 -0.15
CA GLU A 84 -32.74 46.02 0.44
C GLU A 84 -32.02 45.33 1.60
N LEU A 85 -30.74 45.14 1.47
CA LEU A 85 -29.96 44.48 2.56
C LEU A 85 -29.85 45.41 3.77
N GLU A 86 -29.66 46.66 3.53
CA GLU A 86 -29.53 47.62 4.66
C GLU A 86 -30.81 47.60 5.49
N GLN A 87 -31.95 47.70 4.85
CA GLN A 87 -33.22 47.70 5.61
C GLN A 87 -33.52 46.31 6.21
N GLU A 88 -33.25 45.26 5.47
CA GLU A 88 -33.53 43.89 6.00
C GLU A 88 -32.56 43.50 7.12
N ILE A 89 -31.32 43.84 7.02
CA ILE A 89 -30.36 43.48 8.10
C ILE A 89 -30.70 44.28 9.36
N ILE A 90 -30.94 45.54 9.20
CA ILE A 90 -31.28 46.41 10.36
C ILE A 90 -32.65 46.04 10.94
N ALA A 91 -33.60 45.73 10.09
CA ALA A 91 -34.96 45.38 10.61
C ALA A 91 -34.91 44.16 11.54
N LEU A 92 -34.25 43.11 11.14
CA LEU A 92 -34.19 41.90 12.01
C LEU A 92 -33.53 42.25 13.35
N ILE A 93 -32.43 42.95 13.31
CA ILE A 93 -31.75 43.33 14.59
C ILE A 93 -32.71 44.19 15.40
N LYS A 94 -33.28 45.18 14.78
CA LYS A 94 -34.24 46.07 15.51
C LYS A 94 -35.52 45.32 15.85
N ASP A 95 -36.04 44.54 14.94
CA ASP A 95 -37.32 43.81 15.22
C ASP A 95 -37.09 42.54 16.03
N LYS A 96 -36.20 41.69 15.61
CA LYS A 96 -35.98 40.40 16.35
C LYS A 96 -34.90 40.52 17.43
N HIS A 97 -34.27 41.66 17.57
CA HIS A 97 -33.21 41.82 18.61
C HIS A 97 -32.14 40.73 18.44
N MET A 98 -31.82 40.43 17.22
CA MET A 98 -30.80 39.38 16.92
C MET A 98 -29.41 40.03 16.76
N THR A 99 -28.38 39.24 16.70
CA THR A 99 -27.00 39.81 16.55
C THR A 99 -26.74 40.16 15.08
N ALA A 100 -25.79 41.03 14.82
CA ALA A 100 -25.49 41.42 13.42
C ALA A 100 -24.91 40.25 12.64
N ASP A 101 -24.03 39.49 13.24
CA ASP A 101 -23.44 38.33 12.52
C ASP A 101 -24.51 37.25 12.31
N ALA A 102 -25.41 37.09 13.25
CA ALA A 102 -26.47 36.05 13.07
C ALA A 102 -27.58 36.60 12.17
N ALA A 103 -27.93 37.85 12.35
CA ALA A 103 -29.01 38.44 11.50
C ALA A 103 -28.51 38.62 10.07
N ALA A 104 -27.33 39.15 9.90
CA ALA A 104 -26.79 39.36 8.52
C ALA A 104 -26.66 38.01 7.80
N HIS A 105 -26.25 36.99 8.51
CA HIS A 105 -26.08 35.65 7.87
C HIS A 105 -27.42 35.19 7.29
N GLU A 106 -28.48 35.42 7.99
CA GLU A 106 -29.82 34.96 7.50
C GLU A 106 -30.18 35.69 6.20
N VAL A 107 -29.89 36.96 6.12
CA VAL A 107 -30.24 37.72 4.90
C VAL A 107 -29.50 37.19 3.67
N ILE A 108 -28.20 37.11 3.72
CA ILE A 108 -27.43 36.60 2.54
C ILE A 108 -27.72 35.11 2.37
N GLU A 109 -27.79 34.38 3.44
CA GLU A 109 -28.10 32.93 3.35
C GLU A 109 -29.52 32.76 2.81
N GLY A 110 -30.41 33.61 3.25
CA GLY A 110 -31.83 33.51 2.79
C GLY A 110 -31.89 33.62 1.26
N GLN A 111 -31.25 34.61 0.68
CA GLN A 111 -31.31 34.73 -0.80
C GLN A 111 -30.57 33.55 -1.43
N ALA A 112 -29.35 33.32 -1.04
CA ALA A 112 -28.59 32.18 -1.63
C ALA A 112 -29.40 30.90 -1.44
N SER A 113 -30.03 30.74 -0.31
CA SER A 113 -30.83 29.51 -0.07
C SER A 113 -31.93 29.43 -1.13
N ALA A 114 -32.53 30.54 -1.46
CA ALA A 114 -33.60 30.52 -2.49
C ALA A 114 -32.99 30.10 -3.83
N LEU A 115 -31.81 30.56 -4.13
CA LEU A 115 -31.17 30.20 -5.43
C LEU A 115 -30.91 28.69 -5.47
N GLU A 116 -30.47 28.11 -4.38
CA GLU A 116 -30.20 26.64 -4.40
C GLU A 116 -31.48 25.87 -4.76
N GLU A 117 -32.61 26.36 -4.32
CA GLU A 117 -33.88 25.65 -4.65
C GLU A 117 -33.98 25.51 -6.16
N LEU A 118 -33.26 26.31 -6.90
CA LEU A 118 -33.33 26.24 -8.38
C LEU A 118 -32.82 24.87 -8.84
N ASP A 119 -33.37 24.37 -9.92
CA ASP A 119 -32.94 23.03 -10.44
C ASP A 119 -31.93 23.23 -11.58
N ASP A 120 -31.02 24.17 -11.46
CA ASP A 120 -30.01 24.40 -12.55
C ASP A 120 -28.60 24.50 -11.95
N GLU A 121 -27.66 23.82 -12.56
CA GLU A 121 -26.24 23.84 -12.08
C GLU A 121 -25.62 25.22 -12.34
N TYR A 122 -26.06 25.90 -13.37
CA TYR A 122 -25.50 27.24 -13.70
C TYR A 122 -26.00 28.28 -12.69
N LEU A 123 -27.23 28.21 -12.28
CA LEU A 123 -27.74 29.19 -11.30
C LEU A 123 -27.16 28.86 -9.92
N LYS A 124 -26.99 27.60 -9.66
CA LYS A 124 -26.42 27.18 -8.33
C LYS A 124 -25.01 27.74 -8.15
N GLU A 125 -24.18 27.72 -9.17
CA GLU A 125 -22.79 28.27 -9.01
C GLU A 125 -22.86 29.75 -8.64
N ARG A 126 -23.69 30.51 -9.30
CA ARG A 126 -23.78 31.96 -8.95
C ARG A 126 -24.20 32.08 -7.49
N ALA A 127 -25.04 31.19 -7.03
CA ALA A 127 -25.45 31.24 -5.61
C ALA A 127 -24.21 31.04 -4.75
N ALA A 128 -23.21 30.37 -5.28
CA ALA A 128 -21.95 30.15 -4.52
C ALA A 128 -21.22 31.49 -4.39
N ASP A 129 -21.23 32.28 -5.44
CA ASP A 129 -20.53 33.59 -5.38
C ASP A 129 -21.26 34.51 -4.40
N VAL A 130 -22.56 34.47 -4.39
CA VAL A 130 -23.32 35.33 -3.44
C VAL A 130 -23.08 34.82 -2.01
N ARG A 131 -23.05 33.54 -1.83
CA ARG A 131 -22.79 32.97 -0.46
C ARG A 131 -21.42 33.44 0.03
N ASP A 132 -20.46 33.47 -0.84
CA ASP A 132 -19.08 33.89 -0.46
C ASP A 132 -19.09 35.32 0.08
N ILE A 133 -19.86 36.18 -0.52
CA ILE A 133 -19.90 37.59 -0.04
C ILE A 133 -20.34 37.64 1.43
N GLY A 134 -21.37 36.91 1.76
CA GLY A 134 -21.86 36.93 3.19
C GLY A 134 -20.86 36.19 4.09
N LYS A 135 -20.24 35.15 3.59
CA LYS A 135 -19.28 34.38 4.42
C LYS A 135 -18.14 35.31 4.90
N ARG A 136 -17.58 36.07 4.00
CA ARG A 136 -16.48 37.00 4.38
C ARG A 136 -17.01 38.12 5.25
N LEU A 137 -18.23 38.52 5.03
CA LEU A 137 -18.81 39.62 5.83
C LEU A 137 -18.75 39.24 7.31
N LEU A 138 -19.05 38.03 7.63
CA LEU A 138 -18.98 37.59 9.05
C LEU A 138 -17.55 37.74 9.56
N ARG A 139 -16.59 37.41 8.74
CA ARG A 139 -15.18 37.55 9.21
C ARG A 139 -14.87 39.05 9.36
N ASN A 140 -15.35 39.85 8.45
CA ASN A 140 -15.10 41.31 8.50
C ASN A 140 -15.69 41.94 9.77
N ILE A 141 -16.84 41.50 10.21
CA ILE A 141 -17.41 42.10 11.45
C ILE A 141 -16.58 41.63 12.63
N LEU A 142 -16.23 40.37 12.65
CA LEU A 142 -15.41 39.83 13.77
C LEU A 142 -13.98 40.38 13.65
N GLY A 143 -13.52 40.59 12.43
CA GLY A 143 -12.17 41.07 12.26
C GLY A 143 -11.18 39.92 12.03
N LEU A 144 -11.71 38.72 11.75
CA LEU A 144 -10.85 37.56 11.51
C LEU A 144 -9.99 37.85 10.30
N LYS A 145 -8.82 37.27 10.30
CA LYS A 145 -7.86 37.56 9.25
C LYS A 145 -8.25 36.79 7.97
N ILE A 146 -8.50 37.55 6.90
CA ILE A 146 -8.91 36.99 5.60
C ILE A 146 -7.70 36.96 4.67
N ILE A 147 -6.70 36.14 4.99
CA ILE A 147 -5.49 36.31 4.27
C ILE A 147 -5.70 35.67 2.93
N ASP A 148 -6.40 36.29 2.01
CA ASP A 148 -6.38 35.66 0.67
C ASP A 148 -4.89 35.76 0.58
N LEU A 149 -4.13 34.83 0.17
CA LEU A 149 -2.69 35.14 0.31
C LEU A 149 -2.24 36.12 -0.78
N SER A 150 -3.12 36.51 -1.66
CA SER A 150 -2.73 37.45 -2.74
C SER A 150 -2.83 38.90 -2.23
N ALA A 151 -3.49 39.13 -1.13
CA ALA A 151 -3.66 40.52 -0.60
C ALA A 151 -2.42 40.98 0.18
N ILE A 152 -1.27 40.47 -0.12
CA ILE A 152 -0.05 40.90 0.64
C ILE A 152 0.58 42.12 -0.03
N GLN A 153 0.67 43.23 0.70
CA GLN A 153 1.29 44.47 0.11
C GLN A 153 2.73 44.64 0.62
N ASP A 154 3.13 43.89 1.62
CA ASP A 154 4.53 44.04 2.16
C ASP A 154 5.25 42.69 2.22
N GLU A 155 6.55 42.70 2.10
CA GLU A 155 7.32 41.43 2.15
C GLU A 155 7.15 40.81 3.54
N VAL A 156 6.88 39.54 3.61
CA VAL A 156 6.70 38.87 4.92
C VAL A 156 7.10 37.40 4.82
N ILE A 157 7.29 36.73 5.93
CA ILE A 157 7.60 35.28 5.90
C ILE A 157 6.26 34.57 6.05
N LEU A 158 6.09 33.43 5.43
CA LEU A 158 4.78 32.73 5.51
C LEU A 158 4.83 31.61 6.56
N VAL A 159 4.02 31.72 7.58
CA VAL A 159 4.01 30.68 8.67
C VAL A 159 2.58 30.08 8.76
N ALA A 160 2.46 28.78 8.75
CA ALA A 160 1.10 28.16 8.81
C ALA A 160 1.23 26.74 9.35
N ALA A 161 0.18 26.15 9.83
CA ALA A 161 0.29 24.75 10.32
C ALA A 161 0.52 23.86 9.10
N ASP A 162 -0.13 24.18 8.01
CA ASP A 162 0.06 23.38 6.76
C ASP A 162 -0.62 24.13 5.59
N LEU A 163 -0.08 24.03 4.40
CA LEU A 163 -0.67 24.75 3.22
C LEU A 163 -1.24 23.74 2.23
N THR A 164 -2.39 24.00 1.67
CA THR A 164 -3.00 23.07 0.67
C THR A 164 -2.59 23.53 -0.74
N PRO A 165 -2.40 22.62 -1.67
CA PRO A 165 -2.01 22.99 -3.07
C PRO A 165 -2.75 24.23 -3.58
N SER A 166 -3.98 24.39 -3.22
CA SER A 166 -4.76 25.57 -3.70
C SER A 166 -4.08 26.86 -3.25
N GLU A 167 -3.58 26.91 -2.05
CA GLU A 167 -2.95 28.16 -1.58
C GLU A 167 -1.63 28.40 -2.34
N THR A 168 -0.87 27.37 -2.57
CA THR A 168 0.43 27.55 -3.28
C THR A 168 0.26 28.25 -4.63
N ALA A 169 -0.84 28.07 -5.28
CA ALA A 169 -1.03 28.74 -6.61
C ALA A 169 -1.29 30.23 -6.43
N GLN A 170 -2.24 30.57 -5.61
CA GLN A 170 -2.56 32.01 -5.37
C GLN A 170 -1.64 32.56 -4.30
N LEU A 171 -0.40 32.12 -4.31
CA LEU A 171 0.58 32.60 -3.30
C LEU A 171 1.56 33.58 -3.96
N ASN A 172 1.90 34.66 -3.29
CA ASN A 172 2.86 35.64 -3.88
C ASN A 172 4.30 35.19 -3.60
N LEU A 173 4.96 34.62 -4.58
CA LEU A 173 6.36 34.15 -4.36
C LEU A 173 7.29 35.35 -4.09
N LYS A 174 7.13 36.44 -4.78
CA LYS A 174 8.04 37.60 -4.58
C LYS A 174 7.84 38.27 -3.22
N LYS A 175 6.65 38.22 -2.67
CA LYS A 175 6.43 38.91 -1.36
C LYS A 175 6.63 37.93 -0.21
N VAL A 176 6.81 36.67 -0.50
CA VAL A 176 7.07 35.67 0.59
C VAL A 176 8.56 35.37 0.58
N LEU A 177 9.26 35.73 1.61
CA LEU A 177 10.75 35.51 1.64
C LEU A 177 11.07 34.10 2.12
N GLY A 178 10.09 33.28 2.30
CA GLY A 178 10.37 31.89 2.75
C GLY A 178 9.06 31.22 3.15
N PHE A 179 9.12 29.95 3.48
CA PHE A 179 7.89 29.23 3.89
C PHE A 179 8.21 28.40 5.14
N ILE A 180 7.40 28.52 6.15
CA ILE A 180 7.64 27.73 7.40
C ILE A 180 6.33 27.07 7.83
N THR A 181 6.34 25.78 8.03
CA THR A 181 5.09 25.09 8.44
C THR A 181 5.39 23.87 9.29
N ASP A 182 4.39 23.40 10.00
CA ASP A 182 4.59 22.19 10.88
C ASP A 182 3.94 20.97 10.22
N ALA A 183 3.79 20.96 8.91
CA ALA A 183 3.14 19.80 8.23
C ALA A 183 3.85 18.48 8.59
N GLY A 184 3.60 17.45 7.81
CA GLY A 184 4.22 16.11 8.08
C GLY A 184 5.70 16.12 7.67
N GLY A 185 6.00 16.50 6.46
CA GLY A 185 7.45 16.49 6.05
C GLY A 185 7.57 16.78 4.55
N ARG A 186 8.53 16.15 3.92
CA ARG A 186 8.74 16.36 2.45
C ARG A 186 7.54 15.82 1.69
N THR A 187 6.84 14.88 2.25
CA THR A 187 5.67 14.30 1.53
C THR A 187 4.60 15.38 1.38
N SER A 188 4.88 16.58 1.81
CA SER A 188 3.89 17.69 1.68
C SER A 188 4.10 18.46 0.37
N HIS A 189 3.05 18.68 -0.37
CA HIS A 189 3.17 19.41 -1.68
C HIS A 189 4.01 20.68 -1.54
N THR A 190 3.65 21.54 -0.62
CA THR A 190 4.40 22.81 -0.46
C THR A 190 5.89 22.53 -0.21
N SER A 191 6.22 21.47 0.49
CA SER A 191 7.66 21.18 0.78
C SER A 191 8.43 20.98 -0.54
N ILE A 192 7.85 20.32 -1.50
CA ILE A 192 8.55 20.11 -2.79
C ILE A 192 8.81 21.46 -3.46
N MET A 193 7.89 22.37 -3.35
CA MET A 193 8.09 23.71 -3.99
C MET A 193 9.33 24.40 -3.41
N ALA A 194 9.55 24.32 -2.13
CA ALA A 194 10.76 24.98 -1.56
C ALA A 194 12.00 24.41 -2.24
N ARG A 195 12.03 23.12 -2.44
CA ARG A 195 13.21 22.51 -3.10
C ARG A 195 13.37 23.10 -4.52
N SER A 196 12.37 22.95 -5.33
CA SER A 196 12.44 23.48 -6.73
C SER A 196 12.59 25.00 -6.77
N LEU A 197 11.91 25.71 -5.89
CA LEU A 197 12.04 27.20 -5.91
C LEU A 197 13.41 27.60 -5.40
N GLU A 198 14.05 26.75 -4.63
CA GLU A 198 15.39 27.05 -4.06
C GLU A 198 15.30 28.23 -3.10
N LEU A 199 14.35 28.18 -2.18
CA LEU A 199 14.20 29.27 -1.17
C LEU A 199 14.23 28.62 0.22
N PRO A 200 14.81 29.27 1.23
CA PRO A 200 14.87 28.68 2.60
C PRO A 200 13.48 28.40 3.19
N ALA A 201 13.29 27.27 3.83
CA ALA A 201 11.95 26.96 4.40
C ALA A 201 11.98 25.70 5.29
N ILE A 202 11.10 25.66 6.28
CA ILE A 202 11.01 24.48 7.20
C ILE A 202 9.57 23.93 7.12
N VAL A 203 9.39 22.65 7.29
CA VAL A 203 8.00 22.08 7.21
C VAL A 203 7.72 21.21 8.45
N GLY A 204 8.72 20.92 9.24
CA GLY A 204 8.54 20.06 10.45
C GLY A 204 8.71 20.87 11.73
N THR A 205 8.52 22.16 11.68
CA THR A 205 8.69 23.00 12.91
C THR A 205 8.03 22.31 14.11
N GLY A 206 6.84 21.79 13.92
CA GLY A 206 6.13 21.11 15.04
C GLY A 206 5.18 22.06 15.77
N SER A 207 5.64 23.21 16.18
CA SER A 207 4.74 24.14 16.92
C SER A 207 5.27 25.58 16.90
N VAL A 208 5.80 26.01 15.80
CA VAL A 208 6.32 27.41 15.75
C VAL A 208 5.14 28.39 15.61
N THR A 209 4.16 28.06 14.80
CA THR A 209 3.00 28.99 14.60
C THR A 209 2.34 29.31 15.95
N SER A 210 2.37 28.40 16.88
CA SER A 210 1.72 28.67 18.19
C SER A 210 2.61 29.60 19.02
N GLN A 211 3.84 29.76 18.60
CA GLN A 211 4.79 30.63 19.35
C GLN A 211 4.94 31.97 18.61
N VAL A 212 4.46 32.05 17.39
CA VAL A 212 4.60 33.33 16.61
C VAL A 212 3.25 34.03 16.43
N LYS A 213 3.26 35.34 16.50
CA LYS A 213 2.03 36.14 16.28
C LYS A 213 2.25 36.88 14.96
N ASN A 214 1.23 37.27 14.28
CA ASN A 214 1.49 38.00 12.99
C ASN A 214 2.27 39.27 13.30
N ASP A 215 3.05 39.73 12.35
CA ASP A 215 3.87 40.98 12.52
C ASP A 215 5.08 40.73 13.41
N ASP A 216 5.37 39.49 13.73
CA ASP A 216 6.56 39.22 14.57
C ASP A 216 7.79 39.25 13.66
N TYR A 217 8.90 39.75 14.16
CA TYR A 217 10.14 39.79 13.32
C TYR A 217 10.92 38.50 13.59
N LEU A 218 11.19 37.72 12.57
CA LEU A 218 11.92 36.43 12.78
C LEU A 218 13.09 36.32 11.81
N ILE A 219 14.16 35.67 12.23
CA ILE A 219 15.32 35.47 11.30
C ILE A 219 15.44 33.95 11.12
N LEU A 220 15.46 33.49 9.89
CA LEU A 220 15.54 32.03 9.63
C LEU A 220 16.99 31.65 9.31
N ASP A 221 17.58 30.82 10.12
CA ASP A 221 18.99 30.40 9.86
C ASP A 221 18.99 29.39 8.71
N ALA A 222 18.10 28.45 8.76
CA ALA A 222 18.04 27.42 7.67
C ALA A 222 19.47 26.86 7.46
N VAL A 223 20.34 27.12 8.40
CA VAL A 223 21.73 26.60 8.33
C VAL A 223 22.05 25.93 9.66
N ASN A 224 21.72 26.59 10.74
CA ASN A 224 21.92 26.00 12.09
C ASN A 224 20.57 25.41 12.50
N ASN A 225 19.60 25.54 11.63
CA ASN A 225 18.23 25.02 11.92
C ASN A 225 17.68 25.70 13.18
N GLN A 226 17.81 27.00 13.27
CA GLN A 226 17.28 27.73 14.47
C GLN A 226 16.51 28.98 14.02
N VAL A 227 15.60 29.45 14.84
CA VAL A 227 14.81 30.68 14.52
C VAL A 227 14.99 31.68 15.65
N TYR A 228 15.33 32.91 15.33
CA TYR A 228 15.52 33.94 16.40
C TYR A 228 14.29 34.85 16.43
N VAL A 229 13.66 34.95 17.57
CA VAL A 229 12.42 35.79 17.71
C VAL A 229 12.77 37.14 18.39
N ASN A 230 12.65 38.22 17.67
CA ASN A 230 12.95 39.57 18.28
C ASN A 230 14.35 39.58 18.89
N PRO A 231 15.30 38.95 18.25
CA PRO A 231 16.71 38.80 18.75
C PRO A 231 17.50 40.08 19.02
N THR A 232 18.66 39.85 19.58
CA THR A 232 19.63 40.93 19.83
C THR A 232 20.26 41.29 18.48
N ASN A 233 20.50 42.54 18.22
CA ASN A 233 21.07 42.91 16.90
C ASN A 233 22.29 42.04 16.55
N GLU A 234 22.98 41.51 17.53
CA GLU A 234 24.18 40.65 17.23
C GLU A 234 23.75 39.38 16.47
N VAL A 235 22.67 38.78 16.84
CA VAL A 235 22.23 37.55 16.10
C VAL A 235 21.83 37.95 14.68
N ILE A 236 21.16 39.05 14.56
CA ILE A 236 20.79 39.56 13.24
C ILE A 236 22.07 39.73 12.45
N ASP A 237 23.17 39.82 13.18
CA ASP A 237 24.46 39.96 12.53
C ASP A 237 25.10 38.64 12.11
N LYS A 238 25.29 37.71 13.06
CA LYS A 238 25.78 36.34 12.80
C LYS A 238 25.10 35.74 11.58
N MET A 239 23.77 35.78 11.61
CA MET A 239 22.92 35.31 10.52
C MET A 239 23.27 35.99 9.21
N ARG A 240 23.38 37.31 9.25
CA ARG A 240 23.69 38.06 8.06
C ARG A 240 25.00 37.55 7.45
N ALA A 241 25.93 37.14 8.31
CA ALA A 241 27.21 36.59 7.85
C ALA A 241 27.04 35.16 7.37
N VAL A 242 26.07 34.45 7.94
CA VAL A 242 25.77 33.07 7.58
C VAL A 242 25.23 33.07 6.15
N GLN A 243 24.40 34.08 5.90
CA GLN A 243 23.83 34.39 4.61
C GLN A 243 24.88 34.75 3.56
N GLU A 244 25.93 35.45 4.00
CA GLU A 244 27.08 35.68 3.13
C GLU A 244 27.72 34.38 2.67
N GLN A 245 27.91 33.43 3.57
CA GLN A 245 28.57 32.17 3.24
C GLN A 245 27.73 31.44 2.21
N VAL A 246 26.43 31.40 2.50
CA VAL A 246 25.44 30.83 1.63
C VAL A 246 25.56 31.36 0.21
N ALA A 247 25.66 32.69 0.09
CA ALA A 247 25.82 33.35 -1.20
C ALA A 247 27.15 33.02 -1.90
N SER A 248 28.24 32.89 -1.14
CA SER A 248 29.52 32.48 -1.69
C SER A 248 29.47 31.06 -2.15
N GLU A 249 28.78 30.21 -1.38
CA GLU A 249 28.62 28.82 -1.80
C GLU A 249 28.02 28.77 -3.19
N LYS A 250 27.01 29.62 -3.46
CA LYS A 250 26.39 29.62 -4.77
C LYS A 250 27.44 29.99 -5.77
N ALA A 251 28.07 31.15 -5.52
CA ALA A 251 29.09 31.68 -6.41
C ALA A 251 30.14 30.63 -6.80
N GLU A 252 30.56 29.81 -5.84
CA GLU A 252 31.56 28.78 -6.14
C GLU A 252 30.98 27.62 -6.96
N LEU A 253 29.87 27.05 -6.47
CA LEU A 253 29.14 26.01 -7.19
C LEU A 253 28.79 26.43 -8.60
N ALA A 254 28.44 27.70 -8.76
CA ALA A 254 28.13 28.30 -10.06
C ALA A 254 29.09 27.93 -11.18
N LYS A 255 30.35 27.74 -10.82
CA LYS A 255 31.31 27.44 -11.93
C LYS A 255 30.72 26.44 -12.94
N LEU A 256 30.84 26.81 -14.24
CA LEU A 256 30.30 26.02 -15.37
C LEU A 256 31.18 24.81 -15.74
N LYS A 257 31.04 24.37 -16.99
CA LYS A 257 31.71 23.18 -17.50
C LYS A 257 32.62 23.47 -18.71
N ASP A 258 33.81 22.91 -18.63
CA ASP A 258 34.80 22.97 -19.70
C ASP A 258 34.51 21.74 -20.56
N LEU A 259 35.42 20.80 -20.62
CA LEU A 259 35.11 19.56 -21.31
C LEU A 259 34.12 18.81 -20.39
N PRO A 260 33.32 17.90 -20.87
CA PRO A 260 32.30 17.18 -20.01
C PRO A 260 32.97 16.53 -18.80
N ALA A 261 32.25 16.36 -17.68
CA ALA A 261 32.89 15.86 -16.45
C ALA A 261 33.92 14.76 -16.74
N ILE A 262 35.17 15.14 -16.49
CA ILE A 262 36.36 14.30 -16.73
C ILE A 262 37.21 14.25 -15.46
N THR A 263 37.48 13.04 -15.00
CA THR A 263 38.42 12.84 -13.93
C THR A 263 39.80 13.38 -14.33
N LEU A 264 40.62 13.67 -13.30
CA LEU A 264 42.02 14.03 -13.47
C LEU A 264 42.74 13.18 -14.51
N ASP A 265 42.52 11.87 -14.47
CA ASP A 265 43.19 10.95 -15.37
C ASP A 265 42.43 10.65 -16.66
N GLY A 266 41.51 11.51 -17.06
CA GLY A 266 40.93 11.41 -18.42
C GLY A 266 39.65 10.60 -18.68
N HIS A 267 38.93 10.23 -17.63
CA HIS A 267 37.76 9.39 -17.79
C HIS A 267 36.56 10.31 -17.82
N GLN A 268 35.77 10.22 -18.90
CA GLN A 268 34.60 11.05 -19.06
C GLN A 268 33.28 10.34 -18.82
N VAL A 269 32.36 11.06 -18.19
CA VAL A 269 30.96 10.57 -18.05
C VAL A 269 30.00 11.67 -18.46
N GLU A 270 28.77 11.33 -18.80
CA GLU A 270 27.80 12.36 -18.99
C GLU A 270 27.18 12.70 -17.64
N VAL A 271 26.70 13.92 -17.54
CA VAL A 271 26.11 14.41 -16.33
C VAL A 271 24.96 15.30 -16.80
N CYS A 272 23.74 14.90 -16.47
CA CYS A 272 22.58 15.50 -17.09
C CYS A 272 21.57 15.78 -16.05
N ALA A 273 20.52 16.49 -16.48
CA ALA A 273 19.44 16.81 -15.59
C ALA A 273 18.28 15.85 -15.79
N ASN A 274 17.66 15.47 -14.68
CA ASN A 274 16.35 14.90 -14.75
C ASN A 274 15.43 16.06 -14.83
N ILE A 275 14.41 16.01 -15.69
CA ILE A 275 13.42 17.11 -15.75
C ILE A 275 11.99 16.62 -15.72
N GLY A 276 11.09 17.58 -15.51
CA GLY A 276 9.67 17.31 -15.49
C GLY A 276 8.88 18.06 -16.54
N THR A 277 9.47 19.12 -17.12
CA THR A 277 8.71 20.20 -17.79
C THR A 277 9.73 21.08 -18.49
N VAL A 278 9.51 21.50 -19.76
CA VAL A 278 10.39 22.54 -20.38
C VAL A 278 10.99 23.52 -19.38
N ARG A 279 10.17 23.91 -18.39
CA ARG A 279 10.59 24.90 -17.40
C ARG A 279 11.83 24.46 -16.62
N ASP A 280 12.15 23.17 -16.65
CA ASP A 280 13.25 22.64 -15.90
C ASP A 280 14.52 22.74 -16.74
N VAL A 281 14.38 22.99 -18.04
CA VAL A 281 15.50 23.08 -18.95
C VAL A 281 16.36 24.28 -18.54
N GLU A 282 15.68 25.27 -18.00
CA GLU A 282 16.35 26.47 -17.60
C GLU A 282 17.36 26.12 -16.51
N GLY A 283 16.89 25.56 -15.38
CA GLY A 283 17.79 25.04 -14.33
C GLY A 283 18.88 24.13 -14.86
N ALA A 284 18.56 23.31 -15.85
CA ALA A 284 19.56 22.38 -16.38
C ALA A 284 20.70 23.11 -17.08
N GLU A 285 20.34 24.14 -17.86
CA GLU A 285 21.33 24.89 -18.60
C GLU A 285 22.11 25.70 -17.59
N ARG A 286 21.39 26.20 -16.60
CA ARG A 286 21.98 27.02 -15.55
C ARG A 286 23.10 26.28 -14.78
N ASN A 287 22.90 24.98 -14.60
CA ASN A 287 23.74 24.16 -13.76
C ASN A 287 24.69 23.27 -14.54
N GLY A 288 24.75 23.52 -15.84
CA GLY A 288 25.82 22.95 -16.64
C GLY A 288 25.57 21.56 -17.14
N ALA A 289 24.29 21.17 -17.15
CA ALA A 289 23.81 19.88 -17.66
C ALA A 289 24.30 19.68 -19.08
N GLU A 290 24.76 18.49 -19.42
CA GLU A 290 25.17 18.21 -20.81
C GLU A 290 24.04 17.60 -21.65
N GLY A 291 22.86 17.46 -21.07
CA GLY A 291 21.68 16.93 -21.77
C GLY A 291 20.70 16.54 -20.68
N VAL A 292 19.60 15.90 -21.07
CA VAL A 292 18.59 15.46 -20.14
C VAL A 292 18.60 13.94 -20.07
N GLY A 293 18.72 13.41 -18.85
CA GLY A 293 18.93 12.00 -18.67
C GLY A 293 17.62 11.32 -18.35
N LEU A 294 16.60 12.09 -18.00
CA LEU A 294 15.31 11.51 -17.70
C LEU A 294 14.28 12.61 -17.73
N TYR A 295 13.31 12.44 -18.61
CA TYR A 295 12.24 13.36 -18.77
C TYR A 295 11.07 12.55 -18.28
N ARG A 296 10.77 12.76 -17.00
CA ARG A 296 9.64 12.13 -16.32
C ARG A 296 8.40 12.68 -16.96
N THR A 297 7.81 11.97 -17.90
CA THR A 297 6.66 12.52 -18.62
C THR A 297 5.39 12.62 -17.75
N GLU A 298 5.31 11.85 -16.66
CA GLU A 298 4.19 11.96 -15.70
C GLU A 298 3.99 13.38 -15.32
N PHE A 299 5.09 14.07 -15.11
CA PHE A 299 5.10 15.38 -14.50
C PHE A 299 4.39 16.33 -15.46
N LEU A 300 4.57 16.09 -16.76
CA LEU A 300 3.86 16.86 -17.73
C LEU A 300 2.38 16.56 -17.61
N PHE A 301 2.04 15.35 -17.22
CA PHE A 301 0.65 14.91 -17.11
C PHE A 301 0.00 15.51 -15.88
N MET A 302 0.82 15.82 -14.88
CA MET A 302 0.30 16.45 -13.66
C MET A 302 0.43 17.97 -13.78
N ASP A 303 0.86 18.42 -14.95
CA ASP A 303 0.92 19.83 -15.23
C ASP A 303 -0.37 20.33 -15.87
N ARG A 304 -1.38 19.43 -15.97
CA ARG A 304 -2.65 19.60 -16.71
C ARG A 304 -3.83 19.02 -15.93
N ASP A 305 -5.08 19.42 -16.22
CA ASP A 305 -6.23 18.74 -15.58
C ASP A 305 -6.99 17.77 -16.50
N ALA A 306 -6.31 17.31 -17.54
CA ALA A 306 -6.86 16.30 -18.45
C ALA A 306 -5.71 15.51 -18.98
N LEU A 307 -5.98 14.28 -19.47
CA LEU A 307 -4.95 13.47 -20.10
C LEU A 307 -4.52 14.12 -21.40
N PRO A 308 -3.19 14.36 -21.58
CA PRO A 308 -2.74 15.05 -22.79
C PRO A 308 -2.74 14.14 -24.00
N THR A 309 -3.37 14.60 -25.06
CA THR A 309 -3.58 13.82 -26.26
C THR A 309 -2.28 13.62 -26.98
N GLU A 310 -2.32 12.87 -28.05
CA GLU A 310 -1.13 12.74 -28.84
C GLU A 310 -0.58 14.13 -29.17
N GLU A 311 -1.45 15.01 -29.64
CA GLU A 311 -1.04 16.32 -30.13
C GLU A 311 -0.45 17.19 -28.99
N GLU A 312 -1.08 17.16 -27.82
CA GLU A 312 -0.59 17.98 -26.72
C GLU A 312 0.76 17.47 -26.27
N GLN A 313 0.93 16.14 -26.35
CA GLN A 313 2.17 15.54 -25.91
C GLN A 313 3.27 15.89 -26.87
N PHE A 314 2.93 15.72 -28.13
CA PHE A 314 3.84 16.03 -29.19
C PHE A 314 4.40 17.44 -28.98
N ALA A 315 3.50 18.39 -28.69
CA ALA A 315 3.87 19.80 -28.64
C ALA A 315 4.81 20.01 -27.49
N ALA A 316 4.45 19.39 -26.37
CA ALA A 316 5.18 19.47 -25.13
C ALA A 316 6.55 18.89 -25.34
N TYR A 317 6.62 17.72 -25.99
CA TYR A 317 7.90 17.07 -26.30
C TYR A 317 8.75 17.88 -27.23
N LYS A 318 8.10 18.46 -28.25
CA LYS A 318 8.75 19.30 -29.29
C LYS A 318 9.39 20.45 -28.59
N ALA A 319 8.60 21.13 -27.76
CA ALA A 319 9.17 22.27 -27.02
C ALA A 319 10.43 21.85 -26.29
N VAL A 320 10.38 20.72 -25.57
CA VAL A 320 11.50 20.33 -24.74
C VAL A 320 12.67 20.09 -25.69
N ALA A 321 12.43 19.29 -26.71
CA ALA A 321 13.48 18.93 -27.65
C ALA A 321 14.17 20.16 -28.18
N GLU A 322 13.39 21.22 -28.30
CA GLU A 322 13.89 22.43 -28.87
C GLU A 322 14.51 23.31 -27.81
N ALA A 323 13.94 23.32 -26.62
CA ALA A 323 14.54 24.08 -25.54
C ALA A 323 15.83 23.44 -25.12
N CYS A 324 16.09 22.25 -25.62
CA CYS A 324 17.36 21.63 -25.31
C CYS A 324 18.42 21.79 -26.37
N GLY A 325 18.08 22.46 -27.48
CA GLY A 325 19.06 22.76 -28.51
C GLY A 325 19.67 21.49 -29.08
N SER A 326 20.98 21.43 -29.01
CA SER A 326 21.71 20.32 -29.61
C SER A 326 21.56 19.10 -28.74
N GLN A 327 21.18 19.30 -27.47
CA GLN A 327 21.26 18.25 -26.46
C GLN A 327 20.20 17.15 -26.57
N ALA A 328 20.57 15.96 -26.12
CA ALA A 328 19.72 14.77 -26.16
C ALA A 328 18.79 14.73 -24.95
N VAL A 329 17.53 14.42 -25.17
CA VAL A 329 16.63 14.21 -24.05
C VAL A 329 16.20 12.74 -23.97
N ILE A 330 16.28 12.14 -22.79
CA ILE A 330 15.81 10.77 -22.62
C ILE A 330 14.38 10.87 -22.07
N VAL A 331 13.43 10.69 -22.98
CA VAL A 331 12.03 10.85 -22.68
C VAL A 331 11.57 9.52 -22.14
N ARG A 332 11.17 9.49 -20.87
CA ARG A 332 10.66 8.22 -20.33
C ARG A 332 9.18 8.22 -20.55
N THR A 333 8.69 7.10 -21.03
CA THR A 333 7.25 6.95 -21.11
C THR A 333 6.74 6.92 -19.69
N MET A 334 5.44 7.15 -19.60
CA MET A 334 4.76 7.60 -18.41
C MET A 334 4.79 6.63 -17.24
N ASP A 335 5.02 7.17 -16.05
CA ASP A 335 5.10 6.36 -14.85
C ASP A 335 4.15 6.91 -13.78
N ILE A 336 2.90 6.54 -13.92
CA ILE A 336 1.90 6.83 -12.95
C ILE A 336 1.67 5.58 -12.08
N GLY A 337 1.40 5.79 -10.80
CA GLY A 337 0.81 4.74 -10.01
C GLY A 337 1.50 4.18 -8.77
N GLY A 338 2.54 4.84 -8.30
CA GLY A 338 3.03 4.43 -7.00
C GLY A 338 2.58 5.59 -6.15
N ASP A 339 3.53 6.35 -5.65
CA ASP A 339 3.16 7.59 -5.02
C ASP A 339 2.80 8.67 -6.05
N LYS A 340 2.81 8.36 -7.35
CA LYS A 340 2.36 9.37 -8.32
C LYS A 340 1.09 9.03 -9.11
N GLU A 341 -0.02 9.31 -8.45
CA GLU A 341 -1.24 9.18 -9.11
C GLU A 341 -1.49 10.48 -9.87
N LEU A 342 -2.23 10.40 -10.97
CA LEU A 342 -2.93 11.58 -11.42
C LEU A 342 -4.43 11.44 -11.19
N PRO A 343 -4.92 12.20 -10.20
CA PRO A 343 -6.31 12.25 -9.75
C PRO A 343 -7.29 12.25 -10.93
N TYR A 344 -7.02 13.05 -11.95
CA TYR A 344 -7.95 13.05 -13.10
C TYR A 344 -8.21 11.68 -13.76
N MET A 345 -7.37 10.68 -13.45
CA MET A 345 -7.55 9.36 -14.04
C MET A 345 -8.54 8.54 -13.24
N ASN A 346 -8.78 8.95 -11.99
CA ASN A 346 -9.70 8.25 -11.12
C ASN A 346 -9.45 6.75 -11.02
N PHE A 347 -8.21 6.34 -11.19
CA PHE A 347 -7.90 4.94 -11.05
C PHE A 347 -8.37 4.47 -9.68
N PRO A 348 -8.67 3.17 -9.56
CA PRO A 348 -9.06 2.66 -8.24
C PRO A 348 -7.88 2.53 -7.29
N LYS A 349 -8.17 2.51 -5.98
CA LYS A 349 -7.14 2.35 -4.97
C LYS A 349 -6.53 0.97 -4.99
N GLU A 350 -5.28 0.92 -4.54
CA GLU A 350 -4.54 -0.34 -4.37
C GLU A 350 -3.95 -0.47 -2.98
N GLU A 351 -3.85 -1.71 -2.55
CA GLU A 351 -3.30 -1.99 -1.27
C GLU A 351 -1.81 -1.61 -1.20
N ASN A 352 -1.08 -1.80 -2.29
CA ASN A 352 0.33 -1.36 -2.33
C ASN A 352 0.60 -0.69 -3.66
N PRO A 353 0.35 0.62 -3.74
CA PRO A 353 0.50 1.23 -5.04
C PRO A 353 1.87 0.94 -5.61
N PHE A 354 2.89 0.97 -4.78
CA PHE A 354 4.26 0.80 -5.29
C PHE A 354 4.60 -0.58 -5.81
N LEU A 355 3.79 -1.57 -5.44
CA LEU A 355 3.82 -2.89 -6.03
C LEU A 355 2.59 -3.15 -6.88
N GLY A 356 2.02 -2.10 -7.45
CA GLY A 356 0.74 -2.24 -8.13
C GLY A 356 0.81 -1.94 -9.61
N TRP A 357 -0.28 -1.34 -10.09
CA TRP A 357 -0.58 -1.21 -11.49
C TRP A 357 0.00 0.11 -11.95
N ARG A 358 1.29 0.05 -12.17
CA ARG A 358 2.12 1.22 -12.28
C ARG A 358 2.80 1.33 -13.67
N ALA A 359 2.82 2.55 -14.20
CA ALA A 359 3.67 2.90 -15.35
C ALA A 359 3.27 2.05 -16.52
N ILE A 360 4.16 1.19 -16.93
CA ILE A 360 4.02 0.40 -18.15
C ILE A 360 2.87 -0.64 -18.08
N ARG A 361 2.52 -0.95 -16.85
CA ARG A 361 1.49 -1.89 -16.63
C ARG A 361 0.17 -1.31 -17.02
N ILE A 362 0.09 0.02 -16.99
CA ILE A 362 -1.12 0.74 -17.42
C ILE A 362 -1.11 0.91 -18.94
N ALA A 363 -0.02 1.42 -19.45
CA ALA A 363 0.01 1.73 -20.84
C ALA A 363 -0.20 0.44 -21.67
N MET A 364 0.18 -0.70 -21.10
CA MET A 364 -0.09 -2.00 -21.75
C MET A 364 -1.50 -2.51 -21.52
N ASP A 365 -2.18 -1.99 -20.53
CA ASP A 365 -3.57 -2.41 -20.38
C ASP A 365 -4.49 -1.42 -21.02
N ARG A 366 -3.93 -0.32 -21.52
CA ARG A 366 -4.74 0.67 -22.18
C ARG A 366 -3.93 1.25 -23.26
N ARG A 367 -3.87 0.54 -24.40
CA ARG A 367 -3.02 0.94 -25.50
C ARG A 367 -3.16 2.38 -25.97
N GLU A 368 -4.38 2.92 -26.01
CA GLU A 368 -4.52 4.32 -26.41
C GLU A 368 -3.43 5.21 -25.71
N ILE A 369 -3.05 4.86 -24.47
CA ILE A 369 -2.14 5.69 -23.66
C ILE A 369 -0.70 5.52 -24.15
N LEU A 370 -0.27 4.27 -24.18
CA LEU A 370 0.97 3.91 -24.75
C LEU A 370 1.08 4.45 -26.20
N ARG A 371 0.03 4.29 -27.00
CA ARG A 371 0.11 4.65 -28.41
C ARG A 371 0.24 6.16 -28.67
N ASP A 372 -0.67 6.94 -28.05
CA ASP A 372 -0.65 8.37 -28.16
C ASP A 372 0.72 8.79 -27.81
N GLN A 373 1.21 8.31 -26.66
CA GLN A 373 2.49 8.80 -26.16
C GLN A 373 3.63 8.43 -27.08
N LEU A 374 3.80 7.16 -27.40
CA LEU A 374 4.92 6.78 -28.24
C LEU A 374 4.87 7.46 -29.59
N ARG A 375 3.70 7.45 -30.21
CA ARG A 375 3.41 8.31 -31.37
C ARG A 375 3.97 9.75 -31.19
N ALA A 376 3.51 10.44 -30.15
CA ALA A 376 3.98 11.77 -29.85
C ALA A 376 5.50 11.86 -29.71
N ILE A 377 6.13 10.95 -28.98
CA ILE A 377 7.57 11.01 -28.80
C ILE A 377 8.22 10.90 -30.18
N LEU A 378 7.90 9.83 -30.89
CA LEU A 378 8.50 9.62 -32.19
C LEU A 378 8.38 10.88 -33.02
N ARG A 379 7.17 11.43 -33.09
CA ARG A 379 6.98 12.54 -33.96
C ARG A 379 7.83 13.70 -33.49
N ALA A 380 7.93 13.88 -32.16
CA ALA A 380 8.77 14.96 -31.62
C ALA A 380 10.25 14.77 -31.95
N SER A 381 10.67 13.53 -32.19
CA SER A 381 12.06 13.24 -32.49
C SER A 381 12.45 13.78 -33.85
N ALA A 382 11.49 14.28 -34.59
CA ALA A 382 11.81 14.91 -35.86
C ALA A 382 12.37 16.28 -35.60
N PHE A 383 12.48 16.66 -34.32
CA PHE A 383 12.78 18.05 -33.99
C PHE A 383 13.93 18.25 -33.03
N GLY A 384 14.60 17.17 -32.63
CA GLY A 384 15.71 17.28 -31.73
C GLY A 384 16.07 15.90 -31.31
N LYS A 385 17.30 15.69 -30.79
CA LYS A 385 17.69 14.34 -30.38
C LYS A 385 16.88 13.87 -29.16
N LEU A 386 16.03 12.89 -29.38
CA LEU A 386 15.27 12.27 -28.29
C LEU A 386 15.63 10.80 -28.22
N ARG A 387 15.60 10.26 -27.00
CA ARG A 387 15.59 8.82 -26.80
C ARG A 387 14.29 8.43 -26.09
N ILE A 388 13.88 7.18 -26.25
CA ILE A 388 12.72 6.61 -25.54
C ILE A 388 13.20 5.65 -24.48
N MET A 389 12.61 5.75 -23.31
CA MET A 389 12.99 4.84 -22.26
C MET A 389 11.73 4.47 -21.57
N PHE A 390 11.68 3.24 -21.09
CA PHE A 390 10.52 2.66 -20.41
C PHE A 390 10.77 2.44 -18.94
N PRO A 391 9.79 2.80 -18.10
CA PRO A 391 9.81 2.61 -16.65
C PRO A 391 9.30 1.25 -16.20
N MET A 392 9.67 0.81 -14.99
CA MET A 392 9.08 -0.39 -14.36
C MET A 392 9.18 -1.69 -15.13
N ILE A 393 10.16 -1.80 -16.00
CA ILE A 393 10.44 -3.03 -16.72
C ILE A 393 10.86 -4.17 -15.79
N ILE A 394 10.28 -5.33 -16.04
CA ILE A 394 10.45 -6.47 -15.16
C ILE A 394 10.87 -7.75 -15.85
N SER A 395 10.68 -7.80 -17.18
CA SER A 395 10.92 -9.02 -17.93
C SER A 395 11.39 -8.71 -19.34
N VAL A 396 12.03 -9.67 -20.00
CA VAL A 396 12.29 -9.52 -21.41
C VAL A 396 10.96 -9.53 -22.15
N GLU A 397 10.01 -10.32 -21.69
CA GLU A 397 8.66 -10.29 -22.30
C GLU A 397 8.15 -8.85 -22.53
N GLU A 398 8.11 -8.07 -21.44
CA GLU A 398 7.63 -6.68 -21.52
C GLU A 398 8.36 -5.87 -22.61
N VAL A 399 9.67 -5.87 -22.59
CA VAL A 399 10.45 -5.12 -23.61
C VAL A 399 10.11 -5.49 -25.07
N ARG A 400 10.06 -6.78 -25.37
CA ARG A 400 9.73 -7.17 -26.71
C ARG A 400 8.32 -6.72 -27.09
N ALA A 401 7.39 -6.72 -26.14
CA ALA A 401 6.03 -6.41 -26.49
C ALA A 401 5.93 -4.91 -26.83
N LEU A 402 6.78 -4.12 -26.20
CA LEU A 402 6.77 -2.68 -26.33
C LEU A 402 7.54 -2.20 -27.59
N ARG A 403 8.65 -2.88 -27.89
CA ARG A 403 9.40 -2.64 -29.14
C ARG A 403 8.55 -2.94 -30.35
N LYS A 404 7.81 -4.03 -30.23
CA LYS A 404 6.88 -4.44 -31.25
C LYS A 404 5.85 -3.34 -31.41
N GLU A 405 5.37 -2.85 -30.30
CA GLU A 405 4.52 -1.70 -30.31
C GLU A 405 5.18 -0.49 -31.01
N ILE A 406 6.37 -0.09 -30.58
CA ILE A 406 7.05 0.99 -31.29
C ILE A 406 7.02 0.75 -32.82
N GLU A 407 7.50 -0.41 -33.27
CA GLU A 407 7.54 -0.71 -34.66
C GLU A 407 6.21 -0.51 -35.38
N ILE A 408 5.10 -0.82 -34.71
CA ILE A 408 3.78 -0.58 -35.28
C ILE A 408 3.49 0.92 -35.41
N TYR A 409 3.69 1.63 -34.32
CA TYR A 409 3.53 3.05 -34.31
C TYR A 409 4.48 3.73 -35.28
N LYS A 410 5.65 3.16 -35.53
CA LYS A 410 6.60 3.75 -36.45
C LYS A 410 6.02 3.72 -37.84
N GLN A 411 5.43 2.58 -38.22
CA GLN A 411 4.90 2.41 -39.57
C GLN A 411 3.75 3.34 -39.80
N GLU A 412 2.83 3.40 -38.85
CA GLU A 412 1.72 4.28 -38.97
C GLU A 412 2.21 5.68 -39.29
N LEU A 413 3.14 6.20 -38.50
CA LEU A 413 3.73 7.50 -38.82
C LEU A 413 4.24 7.58 -40.27
N ARG A 414 5.13 6.65 -40.66
CA ARG A 414 5.56 6.48 -42.08
C ARG A 414 4.39 6.58 -43.07
N ASP A 415 3.28 5.97 -42.74
CA ASP A 415 2.12 5.93 -43.62
C ASP A 415 1.30 7.19 -43.64
N GLU A 416 1.44 8.00 -42.60
CA GLU A 416 0.69 9.24 -42.50
C GLU A 416 1.55 10.44 -42.94
N GLY A 417 2.76 10.16 -43.46
CA GLY A 417 3.67 11.19 -43.98
C GLY A 417 4.17 12.10 -42.87
N LYS A 418 4.58 11.45 -41.78
CA LYS A 418 5.02 12.08 -40.56
C LYS A 418 6.45 11.62 -40.16
N ALA A 419 7.40 12.54 -40.26
CA ALA A 419 8.81 12.29 -39.96
C ALA A 419 8.96 11.88 -38.50
N PHE A 420 9.93 10.99 -38.28
CA PHE A 420 10.44 10.69 -36.99
C PHE A 420 11.86 10.24 -37.23
N ASP A 421 12.70 10.40 -36.21
CA ASP A 421 14.11 10.08 -36.29
C ASP A 421 14.13 8.58 -36.41
N GLU A 422 14.55 8.06 -37.56
CA GLU A 422 14.65 6.60 -37.73
C GLU A 422 15.76 6.00 -36.86
N SER A 423 16.66 6.84 -36.36
CA SER A 423 17.80 6.43 -35.54
C SER A 423 17.44 6.27 -34.08
N ILE A 424 16.16 6.43 -33.74
CA ILE A 424 15.81 6.75 -32.37
C ILE A 424 16.14 5.59 -31.48
N GLU A 425 16.84 5.90 -30.39
CA GLU A 425 17.29 4.84 -29.53
C GLU A 425 16.33 4.60 -28.42
N ILE A 426 16.26 3.33 -28.06
CA ILE A 426 15.31 2.83 -27.11
C ILE A 426 16.05 2.14 -25.97
N GLY A 427 15.67 2.44 -24.74
CA GLY A 427 16.30 1.80 -23.59
C GLY A 427 15.29 1.51 -22.49
N VAL A 428 15.76 1.12 -21.33
CA VAL A 428 14.83 0.75 -20.29
C VAL A 428 15.36 1.21 -18.97
N MET A 429 14.45 1.54 -18.07
CA MET A 429 14.80 1.84 -16.71
C MET A 429 15.19 0.50 -16.15
N VAL A 430 16.31 0.40 -15.47
CA VAL A 430 16.54 -0.79 -14.65
C VAL A 430 16.28 -0.33 -13.20
N GLU A 431 15.09 -0.56 -12.67
CA GLU A 431 14.76 -0.03 -11.37
C GLU A 431 13.98 -1.05 -10.57
N THR A 432 13.94 -2.21 -11.14
CA THR A 432 13.38 -3.41 -10.57
C THR A 432 14.57 -4.42 -10.37
N PRO A 433 14.54 -5.21 -9.27
CA PRO A 433 15.53 -6.24 -9.04
C PRO A 433 15.39 -7.32 -10.10
N ALA A 434 14.20 -7.53 -10.63
CA ALA A 434 14.03 -8.38 -11.80
C ALA A 434 14.91 -7.89 -12.91
N ALA A 435 14.68 -6.66 -13.34
CA ALA A 435 15.46 -6.12 -14.46
C ALA A 435 16.94 -6.27 -14.17
N ALA A 436 17.31 -5.97 -12.94
CA ALA A 436 18.73 -5.98 -12.60
C ALA A 436 19.25 -7.39 -12.80
N THR A 437 18.46 -8.38 -12.39
CA THR A 437 18.83 -9.79 -12.48
C THR A 437 19.00 -10.36 -13.89
N ILE A 438 18.18 -9.85 -14.81
CA ILE A 438 18.17 -10.31 -16.17
C ILE A 438 18.76 -9.21 -17.05
N ALA A 439 19.50 -8.32 -16.40
CA ALA A 439 20.19 -7.29 -17.14
C ALA A 439 20.88 -7.85 -18.38
N ARG A 440 21.50 -9.03 -18.32
CA ARG A 440 22.26 -9.49 -19.50
C ARG A 440 21.29 -9.64 -20.60
N HIS A 441 20.24 -10.45 -20.36
CA HIS A 441 19.17 -10.62 -21.34
C HIS A 441 18.58 -9.36 -21.88
N LEU A 442 18.36 -8.37 -21.02
CA LEU A 442 17.70 -7.13 -21.45
C LEU A 442 18.63 -6.30 -22.32
N ALA A 443 19.91 -6.32 -21.99
CA ALA A 443 20.95 -5.55 -22.72
C ALA A 443 21.05 -5.84 -24.24
N LYS A 444 20.71 -7.08 -24.64
CA LYS A 444 20.61 -7.44 -26.08
C LYS A 444 19.45 -6.75 -26.69
N GLU A 445 18.47 -6.37 -25.90
CA GLU A 445 17.18 -6.01 -26.44
C GLU A 445 16.96 -4.49 -26.46
N VAL A 446 17.85 -3.74 -25.82
CA VAL A 446 17.72 -2.30 -25.75
C VAL A 446 19.02 -1.64 -26.09
N ASP A 447 18.99 -0.32 -26.32
CA ASP A 447 20.21 0.45 -26.61
C ASP A 447 20.89 0.96 -25.39
N PHE A 448 20.18 0.98 -24.28
CA PHE A 448 20.77 1.55 -23.09
C PHE A 448 19.96 1.27 -21.85
N PHE A 449 20.49 1.66 -20.70
CA PHE A 449 19.84 1.44 -19.41
C PHE A 449 20.04 2.70 -18.67
N SER A 450 19.06 3.05 -17.85
CA SER A 450 19.25 3.99 -16.81
C SER A 450 18.76 3.35 -15.53
N ILE A 451 19.61 3.29 -14.51
CA ILE A 451 19.22 2.63 -13.26
C ILE A 451 18.42 3.56 -12.36
N GLY A 452 17.19 3.15 -12.03
CA GLY A 452 16.41 3.94 -11.11
C GLY A 452 16.65 3.40 -9.73
N THR A 453 17.54 4.01 -8.97
CA THR A 453 17.88 3.51 -7.66
C THR A 453 16.81 3.81 -6.60
N ASN A 454 15.95 4.78 -6.87
CA ASN A 454 14.89 5.06 -5.90
C ASN A 454 14.00 3.84 -5.82
N ASP A 455 13.55 3.39 -6.98
CA ASP A 455 12.79 2.19 -7.03
C ASP A 455 13.59 0.94 -6.70
N LEU A 456 14.71 0.70 -7.38
CA LEU A 456 15.57 -0.43 -7.10
C LEU A 456 15.86 -0.59 -5.60
N THR A 457 16.17 0.50 -4.95
CA THR A 457 16.42 0.41 -3.55
C THR A 457 15.14 -0.13 -2.91
N GLN A 458 14.03 0.53 -3.24
CA GLN A 458 12.74 0.24 -2.67
C GLN A 458 12.45 -1.23 -2.73
N TYR A 459 12.60 -1.85 -3.91
CA TYR A 459 12.21 -3.27 -4.04
C TYR A 459 13.25 -4.22 -3.58
N THR A 460 14.50 -3.80 -3.64
CA THR A 460 15.53 -4.71 -3.26
C THR A 460 15.46 -4.81 -1.72
N LEU A 461 15.26 -3.67 -1.07
CA LEU A 461 15.16 -3.65 0.38
C LEU A 461 13.72 -3.77 0.86
N ALA A 462 12.76 -3.82 -0.04
CA ALA A 462 11.35 -3.76 0.43
C ALA A 462 11.11 -2.68 1.44
N VAL A 463 11.62 -1.49 1.14
CA VAL A 463 11.28 -0.34 1.95
C VAL A 463 10.69 0.77 1.10
N ASP A 464 9.50 1.17 1.53
CA ASP A 464 8.68 2.13 0.83
C ASP A 464 9.42 3.46 0.91
N ARG A 465 9.64 4.04 -0.26
CA ARG A 465 10.28 5.33 -0.40
C ARG A 465 9.55 6.41 0.36
N GLY A 466 8.27 6.17 0.62
CA GLY A 466 7.40 7.14 1.30
C GLY A 466 7.39 6.99 2.80
N ASN A 467 7.86 5.86 3.33
CA ASN A 467 7.59 5.48 4.73
C ASN A 467 8.70 5.94 5.69
N ASP A 468 8.45 7.05 6.39
CA ASP A 468 9.46 7.62 7.30
C ASP A 468 9.77 6.72 8.48
N MET A 469 8.77 5.99 8.95
CA MET A 469 8.99 5.06 10.04
C MET A 469 10.14 4.08 9.81
N ILE A 470 10.31 3.59 8.57
CA ILE A 470 11.45 2.75 8.27
C ILE A 470 12.50 3.41 7.40
N SER A 471 12.48 4.73 7.30
CA SER A 471 13.42 5.34 6.37
C SER A 471 14.86 4.89 6.64
N HIS A 472 15.20 4.57 7.90
CA HIS A 472 16.57 4.25 8.25
C HIS A 472 17.07 3.02 7.51
N LEU A 473 16.13 2.22 7.01
CA LEU A 473 16.41 1.01 6.23
C LEU A 473 16.46 1.28 4.73
N TYR A 474 16.18 2.51 4.32
CA TYR A 474 16.18 2.77 2.92
C TYR A 474 17.59 3.13 2.58
N GLN A 475 18.36 2.18 2.05
CA GLN A 475 19.77 2.44 1.80
C GLN A 475 20.15 2.07 0.46
N PRO A 476 20.23 3.06 -0.44
CA PRO A 476 20.69 2.68 -1.78
C PRO A 476 22.18 2.38 -1.70
N MET A 477 22.79 2.69 -0.57
CA MET A 477 24.19 2.40 -0.41
C MET A 477 24.37 1.19 0.44
N SER A 478 23.73 0.13 -0.04
CA SER A 478 23.85 -1.16 0.55
C SER A 478 24.72 -1.97 -0.33
N PRO A 479 25.43 -2.92 0.27
CA PRO A 479 26.12 -3.91 -0.54
C PRO A 479 25.16 -4.60 -1.50
N SER A 480 23.87 -4.67 -1.13
CA SER A 480 22.89 -5.28 -2.03
C SER A 480 22.49 -4.42 -3.25
N VAL A 481 22.34 -3.13 -3.07
CA VAL A 481 21.94 -2.33 -4.20
C VAL A 481 23.16 -2.08 -5.09
N LEU A 482 24.32 -1.87 -4.47
CA LEU A 482 25.55 -1.60 -5.24
C LEU A 482 25.87 -2.76 -6.13
N ASN A 483 25.90 -3.95 -5.56
CA ASN A 483 26.10 -5.13 -6.38
C ASN A 483 25.19 -5.23 -7.60
N LEU A 484 23.89 -5.02 -7.40
CA LEU A 484 22.93 -4.99 -8.47
C LEU A 484 23.20 -3.89 -9.45
N ILE A 485 23.62 -2.70 -8.98
CA ILE A 485 24.11 -1.63 -9.89
C ILE A 485 25.28 -2.10 -10.79
N LYS A 486 26.28 -2.70 -10.17
CA LYS A 486 27.45 -3.17 -10.88
C LYS A 486 27.04 -4.15 -11.95
N GLN A 487 26.05 -4.94 -11.60
CA GLN A 487 25.76 -6.10 -12.38
C GLN A 487 25.10 -5.56 -13.67
N VAL A 488 24.35 -4.46 -13.50
CA VAL A 488 23.63 -3.82 -14.60
C VAL A 488 24.60 -3.11 -15.53
N ILE A 489 25.50 -2.30 -14.93
CA ILE A 489 26.49 -1.57 -15.69
C ILE A 489 27.24 -2.58 -16.57
N ASP A 490 27.73 -3.64 -15.93
CA ASP A 490 28.48 -4.66 -16.62
C ASP A 490 27.66 -5.26 -17.75
N ALA A 491 26.42 -5.62 -17.48
CA ALA A 491 25.55 -6.07 -18.57
C ALA A 491 25.65 -5.14 -19.75
N SER A 492 25.36 -3.84 -19.56
CA SER A 492 25.52 -2.80 -20.60
C SER A 492 26.77 -3.00 -21.39
N HIS A 493 27.89 -3.02 -20.66
CA HIS A 493 29.16 -2.91 -21.29
C HIS A 493 29.44 -4.18 -22.04
N ALA A 494 28.92 -5.28 -21.51
CA ALA A 494 29.18 -6.54 -22.18
C ALA A 494 28.54 -6.52 -23.56
N GLU A 495 27.40 -5.84 -23.73
CA GLU A 495 26.79 -5.72 -25.07
C GLU A 495 27.29 -4.54 -25.85
N GLY A 496 28.21 -3.77 -25.27
CA GLY A 496 28.68 -2.55 -25.91
C GLY A 496 27.69 -1.41 -25.85
N LYS A 497 26.73 -1.48 -24.92
CA LYS A 497 25.85 -0.36 -24.60
C LYS A 497 26.33 0.28 -23.32
N TRP A 498 25.54 1.20 -22.82
CA TRP A 498 25.93 2.01 -21.70
C TRP A 498 24.79 2.11 -20.68
N THR A 499 25.16 2.39 -19.44
CA THR A 499 24.17 2.54 -18.44
C THR A 499 24.33 3.92 -17.92
N GLY A 500 23.20 4.59 -17.79
CA GLY A 500 23.13 5.82 -17.02
C GLY A 500 22.39 5.57 -15.74
N MET A 501 22.24 6.62 -14.95
CA MET A 501 21.54 6.56 -13.67
C MET A 501 20.76 7.84 -13.41
N CYS A 502 19.44 7.73 -13.27
CA CYS A 502 18.64 8.89 -12.93
C CYS A 502 18.08 8.85 -11.54
N GLY A 503 18.22 7.71 -10.88
CA GLY A 503 17.93 7.65 -9.44
C GLY A 503 18.77 8.68 -8.71
N GLU A 504 18.33 8.99 -7.48
CA GLU A 504 18.97 10.04 -6.69
C GLU A 504 20.41 9.74 -6.26
N LEU A 505 20.80 8.47 -6.32
CA LEU A 505 22.19 8.13 -6.08
C LEU A 505 23.18 8.85 -6.99
N ALA A 506 22.80 9.01 -8.27
CA ALA A 506 23.63 9.72 -9.24
C ALA A 506 24.00 11.06 -8.68
N GLY A 507 23.02 11.73 -8.06
CA GLY A 507 23.24 13.07 -7.51
C GLY A 507 23.77 13.09 -6.09
N ASP A 508 24.02 11.92 -5.50
CA ASP A 508 24.42 11.81 -4.10
C ASP A 508 25.98 11.85 -3.97
N GLU A 509 26.50 12.92 -3.35
CA GLU A 509 27.96 13.12 -3.17
C GLU A 509 28.71 11.89 -2.69
N ARG A 510 28.00 10.96 -2.08
CA ARG A 510 28.64 9.87 -1.38
C ARG A 510 28.79 8.64 -2.24
N ALA A 511 28.08 8.65 -3.37
CA ALA A 511 28.17 7.54 -4.26
C ALA A 511 29.04 7.86 -5.46
N THR A 512 29.28 9.15 -5.68
CA THR A 512 29.91 9.59 -6.90
C THR A 512 31.17 8.81 -7.25
N LEU A 513 32.12 8.67 -6.31
CA LEU A 513 33.32 7.83 -6.56
C LEU A 513 33.03 6.37 -6.88
N LEU A 514 32.02 5.80 -6.23
CA LEU A 514 31.64 4.41 -6.49
C LEU A 514 30.96 4.27 -7.83
N LEU A 515 29.95 5.09 -8.07
CA LEU A 515 29.28 5.08 -9.34
C LEU A 515 30.33 5.21 -10.42
N LEU A 516 31.22 6.17 -10.26
CA LEU A 516 32.31 6.34 -11.24
C LEU A 516 33.19 5.10 -11.38
N GLY A 517 33.66 4.56 -10.25
CA GLY A 517 34.59 3.44 -10.25
C GLY A 517 33.96 2.21 -10.85
N MET A 518 32.64 2.11 -10.68
CA MET A 518 31.90 0.98 -11.16
C MET A 518 31.61 1.09 -12.62
N GLY A 519 32.02 2.22 -13.22
CA GLY A 519 31.94 2.42 -14.67
C GLY A 519 30.66 3.00 -15.23
N LEU A 520 29.80 3.54 -14.36
CA LEU A 520 28.58 4.18 -14.79
C LEU A 520 28.93 5.22 -15.84
N ASP A 521 28.15 5.24 -16.94
CA ASP A 521 28.47 6.04 -18.13
C ASP A 521 27.86 7.38 -18.02
N GLU A 522 26.73 7.44 -17.35
CA GLU A 522 25.92 8.61 -17.37
C GLU A 522 25.24 8.87 -16.05
N PHE A 523 25.27 10.11 -15.60
CA PHE A 523 24.60 10.47 -14.37
C PHE A 523 23.50 11.45 -14.65
N SER A 524 22.34 11.25 -14.07
CA SER A 524 21.31 12.26 -14.32
C SER A 524 20.62 12.61 -13.05
N MET A 525 20.45 13.89 -12.78
CA MET A 525 20.00 14.29 -11.48
C MET A 525 19.20 15.55 -11.53
N SER A 526 18.68 15.94 -10.37
CA SER A 526 18.25 17.29 -10.22
C SER A 526 19.38 18.15 -10.74
N ALA A 527 19.03 19.14 -11.53
CA ALA A 527 20.02 20.09 -12.06
C ALA A 527 20.91 20.64 -10.93
N ILE A 528 20.30 21.03 -9.81
CA ILE A 528 21.08 21.60 -8.70
C ILE A 528 22.22 20.74 -8.23
N SER A 529 22.23 19.45 -8.53
CA SER A 529 23.30 18.61 -8.06
C SER A 529 24.40 18.47 -9.04
N ILE A 530 24.18 19.00 -10.24
CA ILE A 530 25.15 18.81 -11.29
C ILE A 530 26.54 19.33 -10.92
N PRO A 531 26.65 20.59 -10.45
CA PRO A 531 27.98 21.06 -10.07
C PRO A 531 28.69 20.27 -8.94
N ARG A 532 27.98 19.84 -7.89
CA ARG A 532 28.67 19.14 -6.78
C ARG A 532 29.30 17.89 -7.32
N ILE A 533 28.55 17.19 -8.14
CA ILE A 533 28.99 15.94 -8.64
C ILE A 533 30.08 16.14 -9.71
N LYS A 534 29.86 17.10 -10.59
CA LYS A 534 30.86 17.44 -11.57
C LYS A 534 32.19 17.67 -10.79
N LYS A 535 32.12 18.49 -9.72
CA LYS A 535 33.31 18.84 -8.96
C LYS A 535 34.04 17.62 -8.46
N ILE A 536 33.28 16.67 -7.90
CA ILE A 536 33.84 15.44 -7.39
C ILE A 536 34.51 14.67 -8.51
N ILE A 537 33.89 14.73 -9.68
CA ILE A 537 34.34 13.92 -10.80
C ILE A 537 35.61 14.50 -11.32
N ARG A 538 35.61 15.82 -11.45
CA ARG A 538 36.76 16.49 -12.00
C ARG A 538 38.04 16.38 -11.15
N ASN A 539 37.86 15.98 -9.87
CA ASN A 539 38.94 15.97 -8.88
C ASN A 539 39.31 14.56 -8.40
N THR A 540 38.75 13.56 -9.07
CA THR A 540 39.06 12.17 -8.76
C THR A 540 40.03 11.72 -9.76
N ASN A 541 40.74 10.68 -9.38
CA ASN A 541 41.42 9.88 -10.34
C ASN A 541 40.54 8.62 -10.60
N PHE A 542 40.27 8.35 -11.87
CA PHE A 542 39.37 7.26 -12.21
C PHE A 542 39.90 5.89 -11.78
N GLU A 543 41.19 5.67 -11.97
CA GLU A 543 41.75 4.38 -11.60
C GLU A 543 41.58 4.08 -10.12
N ASP A 544 41.74 5.13 -9.32
CA ASP A 544 41.64 5.00 -7.88
C ASP A 544 40.23 4.62 -7.46
N ALA A 545 39.24 5.30 -8.02
CA ALA A 545 37.84 4.99 -7.91
C ALA A 545 37.50 3.55 -8.25
N LYS A 546 38.02 3.03 -9.37
CA LYS A 546 37.79 1.61 -9.68
C LYS A 546 38.19 0.79 -8.45
N VAL A 547 39.42 0.92 -8.03
CA VAL A 547 39.91 0.21 -6.84
C VAL A 547 38.94 0.43 -5.66
N LEU A 548 38.46 1.67 -5.50
CA LEU A 548 37.57 1.96 -4.42
C LEU A 548 36.33 1.12 -4.61
N ALA A 549 35.77 1.16 -5.83
CA ALA A 549 34.50 0.52 -6.13
C ALA A 549 34.61 -0.95 -5.85
N GLU A 550 35.67 -1.51 -6.39
CA GLU A 550 35.83 -2.89 -6.19
C GLU A 550 35.79 -3.22 -4.67
N GLN A 551 36.63 -2.55 -3.88
CA GLN A 551 36.63 -2.82 -2.48
C GLN A 551 35.18 -2.77 -1.94
N ALA A 552 34.48 -1.67 -2.25
CA ALA A 552 33.19 -1.42 -1.65
C ALA A 552 32.25 -2.56 -1.93
N LEU A 553 32.35 -3.10 -3.15
CA LEU A 553 31.47 -4.19 -3.59
C LEU A 553 31.68 -5.50 -2.85
N ALA A 554 32.77 -5.60 -2.08
CA ALA A 554 33.02 -6.82 -1.33
C ALA A 554 32.58 -6.71 0.13
N GLN A 555 32.30 -5.50 0.61
CA GLN A 555 31.89 -5.27 1.98
C GLN A 555 30.51 -5.88 2.27
N PRO A 556 30.36 -6.62 3.37
CA PRO A 556 29.02 -7.12 3.69
C PRO A 556 28.18 -6.10 4.48
N THR A 557 28.70 -4.90 4.65
CA THR A 557 28.07 -3.96 5.55
C THR A 557 28.24 -2.54 4.97
N THR A 558 27.19 -1.75 5.08
CA THR A 558 27.19 -0.36 4.63
C THR A 558 28.29 0.41 5.36
N ASP A 559 28.29 0.33 6.68
CA ASP A 559 29.29 1.03 7.42
C ASP A 559 30.66 0.81 6.87
N GLU A 560 30.99 -0.44 6.60
CA GLU A 560 32.30 -0.84 6.12
C GLU A 560 32.61 -0.23 4.76
N LEU A 561 31.58 -0.11 3.95
CA LEU A 561 31.68 0.50 2.64
C LEU A 561 31.77 2.06 2.75
N MET A 562 31.07 2.64 3.74
CA MET A 562 31.24 4.06 4.00
C MET A 562 32.65 4.36 4.41
N THR A 563 33.28 3.46 5.17
CA THR A 563 34.65 3.69 5.61
C THR A 563 35.60 3.86 4.46
N LEU A 564 35.54 2.96 3.47
CA LEU A 564 36.36 3.03 2.28
C LEU A 564 36.26 4.35 1.61
N VAL A 565 35.02 4.71 1.26
CA VAL A 565 34.71 6.04 0.71
C VAL A 565 35.37 7.18 1.50
N ASN A 566 35.19 7.19 2.83
CA ASN A 566 35.82 8.21 3.65
C ASN A 566 37.35 8.23 3.62
N LYS A 567 38.00 7.09 3.80
CA LYS A 567 39.46 7.08 3.79
C LYS A 567 39.96 7.56 2.44
N PHE A 568 39.16 7.32 1.41
CA PHE A 568 39.48 7.80 0.09
C PHE A 568 39.50 9.33 0.11
N ILE A 569 38.38 9.92 0.46
CA ILE A 569 38.23 11.37 0.48
C ILE A 569 39.32 12.05 1.29
N GLU A 570 39.71 11.42 2.39
CA GLU A 570 40.83 11.86 3.22
C GLU A 570 42.14 11.89 2.45
N GLU A 571 42.48 10.74 1.88
CA GLU A 571 43.78 10.54 1.32
C GLU A 571 43.92 11.10 -0.09
N LYS A 572 42.80 11.29 -0.79
CA LYS A 572 42.81 11.50 -2.24
C LYS A 572 42.42 12.90 -2.78
N THR A 573 41.84 13.78 -1.95
CA THR A 573 41.76 15.23 -2.29
C THR A 573 41.38 16.10 -1.08
N MET B 1 -23.68 -21.50 -18.17
CA MET B 1 -22.19 -21.42 -18.27
C MET B 1 -21.65 -20.48 -17.20
N ILE B 2 -21.66 -20.90 -15.96
CA ILE B 2 -21.14 -20.05 -14.84
C ILE B 2 -19.81 -20.62 -14.35
N SER B 3 -18.80 -19.80 -14.23
CA SER B 3 -17.45 -20.30 -13.77
C SER B 3 -16.91 -19.42 -12.64
N GLY B 4 -16.29 -20.03 -11.66
CA GLY B 4 -15.70 -19.26 -10.50
C GLY B 4 -14.20 -19.58 -10.42
N ILE B 5 -13.58 -19.36 -9.30
CA ILE B 5 -12.11 -19.63 -9.18
C ILE B 5 -11.85 -21.02 -8.61
N LEU B 6 -12.86 -21.68 -8.08
CA LEU B 6 -12.64 -23.05 -7.51
C LEU B 6 -11.49 -22.99 -6.49
N ALA B 7 -11.82 -23.02 -5.22
CA ALA B 7 -10.77 -22.98 -4.16
C ALA B 7 -10.42 -24.40 -3.71
N SER B 8 -11.35 -25.32 -3.85
CA SER B 8 -11.07 -26.73 -3.43
C SER B 8 -11.73 -27.69 -4.45
N PRO B 9 -10.99 -28.62 -5.01
CA PRO B 9 -11.56 -29.59 -5.99
C PRO B 9 -12.31 -30.73 -5.30
N GLY B 10 -13.38 -31.18 -5.88
CA GLY B 10 -14.16 -32.30 -5.25
C GLY B 10 -15.56 -32.32 -5.89
N ILE B 11 -16.51 -32.95 -5.24
CA ILE B 11 -17.90 -33.00 -5.80
C ILE B 11 -18.88 -33.06 -4.63
N ALA B 12 -20.07 -32.53 -4.77
CA ALA B 12 -21.04 -32.58 -3.64
C ALA B 12 -22.49 -32.48 -4.13
N PHE B 13 -23.41 -33.01 -3.37
CA PHE B 13 -24.86 -32.94 -3.75
C PHE B 13 -25.66 -32.51 -2.51
N GLY B 14 -26.47 -31.48 -2.59
CA GLY B 14 -27.23 -31.09 -1.36
C GLY B 14 -28.13 -29.87 -1.66
N LYS B 15 -28.87 -29.45 -0.66
CA LYS B 15 -29.78 -28.28 -0.84
C LYS B 15 -28.97 -26.98 -0.73
N ALA B 16 -29.48 -25.89 -1.24
CA ALA B 16 -28.73 -24.60 -1.20
C ALA B 16 -29.29 -23.65 -0.13
N LEU B 17 -28.44 -23.14 0.71
CA LEU B 17 -28.89 -22.19 1.77
C LEU B 17 -28.55 -20.77 1.30
N LEU B 18 -29.46 -19.83 1.44
CA LEU B 18 -29.19 -18.43 0.98
C LEU B 18 -29.23 -17.46 2.16
N LEU B 19 -28.15 -16.75 2.37
CA LEU B 19 -28.10 -15.78 3.51
C LEU B 19 -28.65 -14.42 3.07
N LYS B 20 -29.88 -14.27 3.15
CA LYS B 20 -30.51 -13.10 2.55
C LYS B 20 -31.33 -12.66 3.65
N GLU B 21 -30.71 -12.67 4.80
CA GLU B 21 -31.40 -12.32 6.03
C GLU B 21 -32.38 -11.22 5.58
N ASP B 22 -33.58 -11.55 5.20
CA ASP B 22 -34.46 -10.46 4.77
C ASP B 22 -34.63 -9.36 5.84
N GLU B 23 -34.70 -8.14 5.32
CA GLU B 23 -34.83 -6.91 6.11
C GLU B 23 -36.13 -6.83 6.91
N ILE B 24 -36.17 -5.87 7.85
CA ILE B 24 -37.37 -5.65 8.65
C ILE B 24 -38.09 -4.40 8.17
N VAL B 25 -39.14 -4.64 7.39
CA VAL B 25 -39.89 -3.54 6.79
C VAL B 25 -41.15 -3.38 7.62
N ILE B 26 -41.22 -2.30 8.37
CA ILE B 26 -42.39 -2.00 9.21
C ILE B 26 -43.54 -1.38 8.39
N ASP B 27 -44.67 -2.07 8.34
CA ASP B 27 -45.92 -1.51 7.78
C ASP B 27 -46.41 -0.32 8.62
N ARG B 28 -46.43 0.86 7.99
CA ARG B 28 -46.78 2.08 8.71
C ARG B 28 -48.19 2.68 8.49
N LYS B 29 -48.98 2.05 7.63
CA LYS B 29 -50.40 2.42 7.50
C LYS B 29 -51.09 2.09 8.82
N LYS B 30 -51.76 3.09 9.42
CA LYS B 30 -52.63 2.89 10.59
C LYS B 30 -53.71 1.87 10.27
N ILE B 31 -54.21 1.16 11.29
CA ILE B 31 -55.26 0.16 11.06
C ILE B 31 -56.68 0.56 11.47
N SER B 32 -57.65 -0.29 11.14
CA SER B 32 -59.06 -0.03 11.37
C SER B 32 -59.55 -0.81 12.59
N ALA B 33 -60.61 -0.39 13.21
CA ALA B 33 -61.13 -1.16 14.38
C ALA B 33 -61.35 -2.61 13.95
N ASP B 34 -61.86 -2.83 12.76
CA ASP B 34 -62.08 -4.23 12.30
C ASP B 34 -60.71 -4.91 12.15
N GLN B 35 -59.75 -4.26 11.55
CA GLN B 35 -58.39 -4.87 11.42
C GLN B 35 -57.82 -5.02 12.82
N VAL B 36 -57.68 -3.91 13.51
CA VAL B 36 -57.13 -4.01 14.89
C VAL B 36 -57.17 -5.47 15.33
N ASP B 37 -58.31 -6.09 15.23
CA ASP B 37 -58.43 -7.51 15.64
C ASP B 37 -57.48 -8.38 14.80
N GLN B 38 -57.37 -8.12 13.54
CA GLN B 38 -56.48 -8.96 12.68
C GLN B 38 -55.01 -8.74 13.05
N GLU B 39 -54.62 -7.52 13.32
CA GLU B 39 -53.19 -7.29 13.65
C GLU B 39 -52.84 -7.98 14.96
N VAL B 40 -53.71 -7.94 15.94
CA VAL B 40 -53.40 -8.64 17.21
C VAL B 40 -53.20 -10.13 16.93
N GLU B 41 -54.09 -10.71 16.17
CA GLU B 41 -53.95 -12.17 15.84
C GLU B 41 -52.62 -12.39 15.11
N ARG B 42 -52.26 -11.52 14.20
CA ARG B 42 -50.96 -11.72 13.48
C ARG B 42 -49.84 -11.69 14.52
N PHE B 43 -49.90 -10.77 15.45
CA PHE B 43 -48.86 -10.71 16.51
C PHE B 43 -48.90 -12.02 17.30
N LEU B 44 -50.06 -12.42 17.74
CA LEU B 44 -50.16 -13.70 18.50
C LEU B 44 -49.69 -14.86 17.61
N SER B 45 -50.11 -14.88 16.37
CA SER B 45 -49.68 -15.99 15.46
C SER B 45 -48.16 -15.90 15.26
N GLY B 46 -47.65 -14.71 15.04
CA GLY B 46 -46.18 -14.56 14.84
C GLY B 46 -45.48 -14.85 16.18
N ARG B 47 -46.06 -14.38 17.25
CA ARG B 47 -45.46 -14.62 18.59
C ARG B 47 -45.53 -16.12 18.87
N ALA B 48 -46.55 -16.76 18.36
CA ALA B 48 -46.69 -18.22 18.58
C ALA B 48 -45.46 -18.94 18.01
N LYS B 49 -44.98 -18.53 16.87
CA LYS B 49 -43.78 -19.20 16.31
C LYS B 49 -42.61 -18.94 17.27
N ALA B 50 -42.09 -17.74 17.31
CA ALA B 50 -40.92 -17.44 18.19
C ALA B 50 -41.05 -18.16 19.54
N SER B 51 -42.24 -18.33 20.03
CA SER B 51 -42.37 -19.04 21.34
C SER B 51 -41.74 -20.42 21.19
N ALA B 52 -42.21 -21.18 20.24
CA ALA B 52 -41.68 -22.56 20.04
C ALA B 52 -40.24 -22.52 19.49
N GLN B 53 -39.92 -21.63 18.60
CA GLN B 53 -38.53 -21.60 18.05
C GLN B 53 -37.55 -21.16 19.14
N LEU B 54 -37.91 -20.20 19.94
CA LEU B 54 -36.98 -19.77 21.04
C LEU B 54 -36.74 -20.95 21.98
N GLU B 55 -37.78 -21.70 22.26
CA GLU B 55 -37.62 -22.87 23.16
C GLU B 55 -36.64 -23.87 22.54
N THR B 56 -36.67 -24.05 21.24
CA THR B 56 -35.75 -25.01 20.59
C THR B 56 -34.30 -24.54 20.80
N ILE B 57 -34.06 -23.26 20.68
CA ILE B 57 -32.68 -22.74 20.88
C ILE B 57 -32.23 -23.01 22.31
N LYS B 58 -33.12 -22.87 23.26
CA LYS B 58 -32.76 -23.10 24.69
C LYS B 58 -32.21 -24.52 24.86
N THR B 59 -32.92 -25.50 24.38
CA THR B 59 -32.47 -26.91 24.54
C THR B 59 -31.08 -27.11 23.92
N LYS B 60 -30.79 -26.42 22.85
CA LYS B 60 -29.44 -26.59 22.22
C LYS B 60 -28.37 -26.00 23.13
N ALA B 61 -28.69 -24.91 23.76
CA ALA B 61 -27.70 -24.26 24.66
C ALA B 61 -27.40 -25.19 25.85
N GLY B 62 -28.42 -25.77 26.42
CA GLY B 62 -28.21 -26.68 27.58
C GLY B 62 -27.32 -27.85 27.19
N GLU B 63 -27.62 -28.53 26.13
CA GLU B 63 -26.78 -29.68 25.72
C GLU B 63 -25.43 -29.18 25.22
N THR B 64 -25.44 -28.17 24.39
CA THR B 64 -24.17 -27.63 23.81
C THR B 64 -23.27 -27.02 24.89
N PHE B 65 -23.70 -25.97 25.54
CA PHE B 65 -22.83 -25.30 26.56
C PHE B 65 -23.15 -25.78 27.98
N GLY B 66 -24.40 -25.81 28.37
CA GLY B 66 -24.73 -26.29 29.76
C GLY B 66 -25.88 -25.46 30.39
N GLU B 67 -26.09 -25.64 31.66
CA GLU B 67 -27.17 -24.91 32.37
C GLU B 67 -26.81 -23.42 32.49
N GLU B 68 -25.55 -23.11 32.44
CA GLU B 68 -25.10 -21.69 32.54
C GLU B 68 -25.68 -20.88 31.38
N LYS B 69 -25.78 -21.49 30.22
CA LYS B 69 -26.32 -20.77 29.03
C LYS B 69 -27.80 -21.11 28.83
N GLU B 70 -28.25 -22.20 29.36
CA GLU B 70 -29.68 -22.59 29.18
C GLU B 70 -30.62 -21.60 29.89
N ALA B 71 -30.27 -21.22 31.09
CA ALA B 71 -31.17 -20.30 31.85
C ALA B 71 -31.20 -18.91 31.22
N ILE B 72 -30.15 -18.49 30.55
CA ILE B 72 -30.22 -17.12 29.95
C ILE B 72 -31.40 -17.08 28.97
N PHE B 73 -31.62 -18.13 28.23
CA PHE B 73 -32.76 -18.13 27.27
C PHE B 73 -34.08 -18.08 28.04
N GLU B 74 -34.17 -18.76 29.14
CA GLU B 74 -35.44 -18.73 29.92
C GLU B 74 -35.73 -17.28 30.33
N GLY B 75 -34.74 -16.54 30.72
CA GLY B 75 -34.98 -15.12 31.11
C GLY B 75 -35.50 -14.36 29.89
N HIS B 76 -34.85 -14.52 28.77
CA HIS B 76 -35.30 -13.82 27.55
C HIS B 76 -36.71 -14.27 27.20
N ILE B 77 -36.96 -15.55 27.24
CA ILE B 77 -38.33 -16.05 26.93
C ILE B 77 -39.30 -15.57 28.02
N MET B 78 -38.94 -15.71 29.26
CA MET B 78 -39.85 -15.28 30.35
C MET B 78 -40.13 -13.79 30.23
N LEU B 79 -39.14 -13.01 29.89
CA LEU B 79 -39.35 -11.55 29.74
C LEU B 79 -40.29 -11.29 28.56
N LEU B 80 -40.12 -12.02 27.51
CA LEU B 80 -40.98 -11.81 26.32
C LEU B 80 -42.44 -12.12 26.67
N GLU B 81 -42.67 -13.13 27.46
CA GLU B 81 -44.07 -13.49 27.82
C GLU B 81 -44.55 -12.62 29.00
N ASP B 82 -43.76 -11.67 29.41
CA ASP B 82 -44.19 -10.80 30.55
C ASP B 82 -45.60 -10.26 30.30
N GLU B 83 -46.48 -10.39 31.26
CA GLU B 83 -47.88 -9.92 31.07
C GLU B 83 -47.91 -8.42 30.80
N GLU B 84 -46.87 -7.71 31.15
CA GLU B 84 -46.86 -6.24 30.88
C GLU B 84 -46.72 -5.99 29.36
N LEU B 85 -45.97 -6.82 28.70
CA LEU B 85 -45.80 -6.66 27.23
C LEU B 85 -47.10 -7.00 26.51
N GLU B 86 -47.78 -8.02 26.95
CA GLU B 86 -49.04 -8.41 26.27
C GLU B 86 -50.04 -7.25 26.35
N GLN B 87 -50.21 -6.69 27.51
CA GLN B 87 -51.18 -5.56 27.63
C GLN B 87 -50.66 -4.31 26.92
N GLU B 88 -49.38 -4.02 27.04
CA GLU B 88 -48.83 -2.79 26.38
C GLU B 88 -48.80 -2.93 24.85
N ILE B 89 -48.45 -4.07 24.34
CA ILE B 89 -48.40 -4.23 22.86
C ILE B 89 -49.84 -4.15 22.31
N ILE B 90 -50.75 -4.84 22.94
CA ILE B 90 -52.16 -4.84 22.48
C ILE B 90 -52.80 -3.46 22.69
N ALA B 91 -52.50 -2.81 23.78
CA ALA B 91 -53.12 -1.48 24.04
C ALA B 91 -52.76 -0.47 22.93
N LEU B 92 -51.51 -0.37 22.57
CA LEU B 92 -51.12 0.60 21.50
C LEU B 92 -51.85 0.27 20.20
N ILE B 93 -51.87 -0.99 19.81
CA ILE B 93 -52.58 -1.37 18.56
C ILE B 93 -54.06 -1.01 18.72
N LYS B 94 -54.64 -1.41 19.81
CA LYS B 94 -56.09 -1.10 20.04
C LYS B 94 -56.28 0.40 20.28
N ASP B 95 -55.43 1.02 21.03
CA ASP B 95 -55.62 2.48 21.32
C ASP B 95 -55.08 3.36 20.19
N LYS B 96 -53.86 3.15 19.76
CA LYS B 96 -53.28 4.03 18.69
C LYS B 96 -53.53 3.47 17.28
N HIS B 97 -54.15 2.32 17.17
CA HIS B 97 -54.41 1.74 15.81
C HIS B 97 -53.10 1.63 15.03
N MET B 98 -52.06 1.26 15.71
CA MET B 98 -50.71 1.13 15.06
C MET B 98 -50.50 -0.32 14.60
N THR B 99 -49.48 -0.58 13.83
CA THR B 99 -49.23 -1.97 13.35
C THR B 99 -48.53 -2.78 14.46
N ALA B 100 -48.59 -4.09 14.38
CA ALA B 100 -47.95 -4.94 15.42
C ALA B 100 -46.43 -4.82 15.35
N ASP B 101 -45.87 -4.79 14.16
CA ASP B 101 -44.39 -4.68 14.06
C ASP B 101 -43.95 -3.26 14.50
N ALA B 102 -44.74 -2.26 14.22
CA ALA B 102 -44.36 -0.88 14.66
C ALA B 102 -44.70 -0.70 16.13
N ALA B 103 -45.83 -1.19 16.56
CA ALA B 103 -46.22 -1.04 17.98
C ALA B 103 -45.32 -1.90 18.88
N ALA B 104 -45.11 -3.13 18.51
CA ALA B 104 -44.24 -4.02 19.34
C ALA B 104 -42.82 -3.43 19.42
N HIS B 105 -42.34 -2.89 18.35
CA HIS B 105 -40.96 -2.33 18.36
C HIS B 105 -40.85 -1.22 19.41
N GLU B 106 -41.86 -0.41 19.53
CA GLU B 106 -41.82 0.70 20.52
C GLU B 106 -41.75 0.13 21.94
N VAL B 107 -42.48 -0.91 22.21
CA VAL B 107 -42.47 -1.48 23.59
C VAL B 107 -41.08 -2.01 23.97
N ILE B 108 -40.51 -2.87 23.18
CA ILE B 108 -39.15 -3.41 23.52
C ILE B 108 -38.13 -2.29 23.38
N GLU B 109 -38.25 -1.48 22.37
CA GLU B 109 -37.29 -0.36 22.19
C GLU B 109 -37.46 0.62 23.34
N GLY B 110 -38.69 0.85 23.75
CA GLY B 110 -38.95 1.79 24.88
C GLY B 110 -38.19 1.35 26.13
N GLN B 111 -38.29 0.09 26.51
CA GLN B 111 -37.55 -0.35 27.73
C GLN B 111 -36.05 -0.30 27.46
N ALA B 112 -35.60 -0.91 26.41
CA ALA B 112 -34.14 -0.88 26.10
C ALA B 112 -33.68 0.58 26.04
N SER B 113 -34.48 1.43 25.46
CA SER B 113 -34.07 2.86 25.36
C SER B 113 -33.88 3.41 26.77
N ALA B 114 -34.73 3.05 27.69
CA ALA B 114 -34.57 3.54 29.09
C ALA B 114 -33.26 3.02 29.66
N LEU B 115 -32.92 1.78 29.37
CA LEU B 115 -31.67 1.21 29.91
C LEU B 115 -30.46 1.97 29.35
N GLU B 116 -30.48 2.35 28.10
CA GLU B 116 -29.31 3.08 27.53
C GLU B 116 -29.11 4.39 28.30
N GLU B 117 -30.17 5.01 28.72
CA GLU B 117 -30.02 6.28 29.48
C GLU B 117 -29.10 6.03 30.68
N LEU B 118 -28.95 4.80 31.09
CA LEU B 118 -28.08 4.50 32.25
C LEU B 118 -26.64 4.89 31.93
N ASP B 119 -25.89 5.31 32.91
CA ASP B 119 -24.48 5.72 32.68
C ASP B 119 -23.53 4.56 33.06
N ASP B 120 -23.90 3.33 32.74
CA ASP B 120 -23.02 2.16 33.09
C ASP B 120 -22.83 1.26 31.87
N GLU B 121 -21.62 0.85 31.62
CA GLU B 121 -21.31 -0.05 30.47
C GLU B 121 -21.88 -1.45 30.72
N TYR B 122 -21.95 -1.85 31.95
CA TYR B 122 -22.49 -3.20 32.31
C TYR B 122 -24.00 -3.25 32.09
N LEU B 123 -24.69 -2.21 32.45
CA LEU B 123 -26.17 -2.20 32.26
C LEU B 123 -26.48 -2.03 30.77
N LYS B 124 -25.66 -1.27 30.09
CA LYS B 124 -25.88 -1.05 28.63
C LYS B 124 -25.78 -2.38 27.86
N GLU B 125 -24.84 -3.23 28.18
CA GLU B 125 -24.73 -4.53 27.45
C GLU B 125 -26.02 -5.33 27.64
N ARG B 126 -26.54 -5.40 28.83
CA ARG B 126 -27.80 -6.17 29.04
C ARG B 126 -28.89 -5.54 28.17
N ALA B 127 -28.88 -4.26 28.03
CA ALA B 127 -29.90 -3.60 27.17
C ALA B 127 -29.72 -4.13 25.74
N ALA B 128 -28.53 -4.56 25.41
CA ALA B 128 -28.29 -5.12 24.05
C ALA B 128 -28.99 -6.46 23.93
N ASP B 129 -28.95 -7.25 24.98
CA ASP B 129 -29.63 -8.59 24.94
C ASP B 129 -31.14 -8.38 24.84
N VAL B 130 -31.66 -7.42 25.55
CA VAL B 130 -33.14 -7.17 25.50
C VAL B 130 -33.49 -6.63 24.11
N ARG B 131 -32.67 -5.78 23.56
CA ARG B 131 -32.93 -5.23 22.21
C ARG B 131 -32.97 -6.38 21.18
N ASP B 132 -32.09 -7.32 21.33
CA ASP B 132 -32.03 -8.48 20.39
C ASP B 132 -33.35 -9.23 20.39
N ILE B 133 -33.95 -9.39 21.54
CA ILE B 133 -35.24 -10.15 21.61
C ILE B 133 -36.29 -9.46 20.74
N GLY B 134 -36.40 -8.17 20.83
CA GLY B 134 -37.41 -7.45 20.00
C GLY B 134 -37.00 -7.44 18.53
N LYS B 135 -35.72 -7.36 18.27
CA LYS B 135 -35.24 -7.32 16.86
C LYS B 135 -35.69 -8.59 16.13
N ARG B 136 -35.48 -9.73 16.73
CA ARG B 136 -35.89 -11.02 16.09
C ARG B 136 -37.41 -11.12 16.05
N LEU B 137 -38.08 -10.55 17.02
CA LEU B 137 -39.56 -10.63 17.04
C LEU B 137 -40.11 -10.04 15.74
N LEU B 138 -39.55 -8.95 15.31
CA LEU B 138 -40.03 -8.33 14.04
C LEU B 138 -39.82 -9.31 12.89
N ARG B 139 -38.71 -10.01 12.89
CA ARG B 139 -38.49 -10.99 11.79
C ARG B 139 -39.50 -12.13 11.93
N ASN B 140 -39.76 -12.55 13.15
CA ASN B 140 -40.72 -13.66 13.40
C ASN B 140 -42.13 -13.29 12.92
N ILE B 141 -42.56 -12.07 13.09
CA ILE B 141 -43.92 -11.70 12.63
C ILE B 141 -43.91 -11.68 11.10
N LEU B 142 -42.88 -11.10 10.53
CA LEU B 142 -42.80 -11.05 9.06
C LEU B 142 -42.52 -12.45 8.51
N GLY B 143 -41.78 -13.25 9.25
CA GLY B 143 -41.58 -14.64 8.81
C GLY B 143 -40.35 -14.90 8.02
N LEU B 144 -39.48 -13.96 7.99
CA LEU B 144 -38.28 -14.14 7.26
C LEU B 144 -37.50 -15.26 7.93
N LYS B 145 -36.85 -16.09 7.13
CA LYS B 145 -36.12 -17.22 7.69
C LYS B 145 -35.14 -16.71 8.72
N ILE B 146 -34.84 -17.57 9.69
CA ILE B 146 -33.92 -17.20 10.73
C ILE B 146 -32.62 -17.92 10.43
N ILE B 147 -31.55 -17.17 10.21
CA ILE B 147 -30.28 -17.84 9.83
C ILE B 147 -29.09 -17.56 10.73
N ASP B 148 -29.16 -17.74 12.03
CA ASP B 148 -27.86 -17.69 12.77
C ASP B 148 -27.23 -18.89 12.08
N LEU B 149 -25.95 -19.05 11.80
CA LEU B 149 -25.69 -20.27 10.98
C LEU B 149 -25.65 -21.51 11.87
N SER B 150 -25.81 -21.36 13.14
CA SER B 150 -25.76 -22.56 14.04
C SER B 150 -27.16 -23.22 14.11
N ALA B 151 -28.18 -22.54 13.67
CA ALA B 151 -29.56 -23.11 13.74
C ALA B 151 -29.84 -24.06 12.56
N ILE B 152 -28.83 -24.69 12.02
CA ILE B 152 -29.09 -25.61 10.87
C ILE B 152 -29.39 -27.03 11.39
N GLN B 153 -30.56 -27.55 11.09
CA GLN B 153 -30.92 -28.94 11.54
C GLN B 153 -30.74 -29.95 10.39
N ASP B 154 -30.58 -29.48 9.17
CA ASP B 154 -30.43 -30.44 8.02
C ASP B 154 -29.17 -30.11 7.21
N GLU B 155 -28.60 -31.11 6.58
CA GLU B 155 -27.39 -30.89 5.75
C GLU B 155 -27.75 -29.96 4.58
N VAL B 156 -26.94 -28.98 4.33
CA VAL B 156 -27.24 -28.04 3.21
C VAL B 156 -25.93 -27.46 2.66
N ILE B 157 -25.97 -26.86 1.49
CA ILE B 157 -24.75 -26.21 0.94
C ILE B 157 -24.84 -24.75 1.37
N LEU B 158 -23.72 -24.11 1.62
CA LEU B 158 -23.77 -22.70 2.09
C LEU B 158 -23.49 -21.75 0.93
N VAL B 159 -24.45 -20.90 0.60
CA VAL B 159 -24.27 -19.93 -0.52
C VAL B 159 -24.44 -18.50 0.03
N ALA B 160 -23.52 -17.62 -0.26
CA ALA B 160 -23.65 -16.22 0.26
C ALA B 160 -22.82 -15.28 -0.62
N ALA B 161 -23.08 -14.01 -0.58
CA ALA B 161 -22.26 -13.10 -1.41
C ALA B 161 -20.84 -13.08 -0.84
N ASP B 162 -20.74 -13.13 0.46
CA ASP B 162 -19.40 -13.15 1.12
C ASP B 162 -19.59 -13.46 2.62
N LEU B 163 -18.66 -14.15 3.22
CA LEU B 163 -18.78 -14.51 4.68
C LEU B 163 -17.71 -13.77 5.49
N THR B 164 -18.07 -13.26 6.64
CA THR B 164 -17.07 -12.54 7.50
C THR B 164 -16.48 -13.54 8.52
N PRO B 165 -15.23 -13.41 8.89
CA PRO B 165 -14.58 -14.33 9.87
C PRO B 165 -15.53 -14.71 11.03
N SER B 166 -16.33 -13.79 11.47
CA SER B 166 -17.25 -14.08 12.60
C SER B 166 -18.19 -15.24 12.24
N GLU B 167 -18.67 -15.27 11.03
CA GLU B 167 -19.61 -16.37 10.66
C GLU B 167 -18.85 -17.70 10.60
N THR B 168 -17.66 -17.70 10.07
CA THR B 168 -16.89 -18.98 9.95
C THR B 168 -16.74 -19.68 11.30
N ALA B 169 -16.68 -18.96 12.38
CA ALA B 169 -16.54 -19.62 13.72
C ALA B 169 -17.85 -20.30 14.12
N GLN B 170 -18.92 -19.56 14.11
CA GLN B 170 -20.23 -20.13 14.51
C GLN B 170 -20.86 -20.83 13.30
N LEU B 171 -20.04 -21.46 12.50
CA LEU B 171 -20.56 -22.18 11.29
C LEU B 171 -20.54 -23.69 11.55
N ASN B 172 -21.56 -24.40 11.13
CA ASN B 172 -21.58 -25.89 11.34
C ASN B 172 -20.83 -26.58 10.20
N LEU B 173 -19.62 -27.01 10.44
CA LEU B 173 -18.83 -27.68 9.37
C LEU B 173 -19.49 -29.00 8.97
N LYS B 174 -20.00 -29.76 9.90
CA LYS B 174 -20.61 -31.09 9.56
C LYS B 174 -21.92 -30.93 8.80
N LYS B 175 -22.65 -29.87 9.01
CA LYS B 175 -23.96 -29.73 8.30
C LYS B 175 -23.79 -28.94 7.00
N VAL B 176 -22.62 -28.39 6.79
CA VAL B 176 -22.37 -27.65 5.51
C VAL B 176 -21.54 -28.56 4.61
N LEU B 177 -22.10 -28.99 3.51
CA LEU B 177 -21.35 -29.93 2.62
C LEU B 177 -20.45 -29.16 1.66
N GLY B 178 -20.33 -27.88 1.83
CA GLY B 178 -19.43 -27.10 0.93
C GLY B 178 -19.67 -25.62 1.15
N PHE B 179 -18.89 -24.79 0.51
CA PHE B 179 -19.07 -23.31 0.66
C PHE B 179 -19.01 -22.67 -0.72
N ILE B 180 -19.97 -21.84 -1.03
CA ILE B 180 -19.96 -21.16 -2.37
C ILE B 180 -20.23 -19.68 -2.17
N THR B 181 -19.38 -18.84 -2.68
CA THR B 181 -19.59 -17.37 -2.50
C THR B 181 -19.02 -16.59 -3.68
N ASP B 182 -19.45 -15.37 -3.83
CA ASP B 182 -18.97 -14.50 -4.95
C ASP B 182 -17.95 -13.48 -4.41
N ALA B 183 -17.29 -13.76 -3.31
CA ALA B 183 -16.33 -12.78 -2.75
C ALA B 183 -15.26 -12.38 -3.78
N GLY B 184 -14.18 -11.80 -3.33
CA GLY B 184 -13.09 -11.35 -4.25
C GLY B 184 -12.28 -12.56 -4.75
N GLY B 185 -11.79 -13.39 -3.86
CA GLY B 185 -10.99 -14.56 -4.34
C GLY B 185 -10.33 -15.27 -3.16
N ARG B 186 -9.15 -15.78 -3.36
CA ARG B 186 -8.43 -16.49 -2.27
C ARG B 186 -8.09 -15.51 -1.14
N THR B 187 -7.97 -14.25 -1.47
CA THR B 187 -7.62 -13.26 -0.43
C THR B 187 -8.75 -13.18 0.60
N SER B 188 -9.76 -14.00 0.43
CA SER B 188 -10.91 -13.99 1.39
C SER B 188 -10.69 -15.01 2.52
N HIS B 189 -10.87 -14.60 3.75
CA HIS B 189 -10.64 -15.51 4.91
C HIS B 189 -11.33 -16.87 4.69
N THR B 190 -12.61 -16.85 4.41
CA THR B 190 -13.34 -18.14 4.21
C THR B 190 -12.67 -18.98 3.12
N SER B 191 -12.15 -18.37 2.10
CA SER B 191 -11.50 -19.16 0.99
C SER B 191 -10.34 -19.99 1.55
N ILE B 192 -9.56 -19.45 2.43
CA ILE B 192 -8.42 -20.22 3.00
C ILE B 192 -8.96 -21.44 3.75
N MET B 193 -10.06 -21.29 4.44
CA MET B 193 -10.62 -22.44 5.19
C MET B 193 -10.96 -23.60 4.25
N ALA B 194 -11.50 -23.34 3.10
CA ALA B 194 -11.83 -24.45 2.17
C ALA B 194 -10.54 -25.22 1.86
N ARG B 195 -9.47 -24.51 1.64
CA ARG B 195 -8.18 -25.20 1.33
C ARG B 195 -7.80 -26.09 2.51
N SER B 196 -7.64 -25.52 3.67
CA SER B 196 -7.24 -26.30 4.88
C SER B 196 -8.28 -27.36 5.24
N LEU B 197 -9.55 -27.04 5.13
CA LEU B 197 -10.60 -28.04 5.49
C LEU B 197 -10.62 -29.14 4.45
N GLU B 198 -10.15 -28.86 3.26
CA GLU B 198 -10.16 -29.86 2.15
C GLU B 198 -11.60 -30.23 1.77
N LEU B 199 -12.43 -29.23 1.57
CA LEU B 199 -13.85 -29.48 1.15
C LEU B 199 -14.11 -28.69 -0.13
N PRO B 200 -14.90 -29.21 -1.06
CA PRO B 200 -15.20 -28.48 -2.35
C PRO B 200 -15.86 -27.12 -2.10
N ALA B 201 -15.44 -26.09 -2.82
CA ALA B 201 -16.06 -24.74 -2.61
C ALA B 201 -15.60 -23.74 -3.68
N ILE B 202 -16.45 -22.77 -3.98
CA ILE B 202 -16.11 -21.71 -4.98
C ILE B 202 -16.24 -20.35 -4.28
N VAL B 203 -15.45 -19.37 -4.66
CA VAL B 203 -15.54 -18.03 -4.00
C VAL B 203 -15.67 -16.91 -5.05
N GLY B 204 -15.50 -17.24 -6.31
CA GLY B 204 -15.58 -16.22 -7.40
C GLY B 204 -16.82 -16.46 -8.27
N THR B 205 -17.82 -17.12 -7.77
CA THR B 205 -19.03 -17.39 -8.59
C THR B 205 -19.44 -16.13 -9.36
N GLY B 206 -19.43 -15.00 -8.69
CA GLY B 206 -19.81 -13.72 -9.38
C GLY B 206 -21.28 -13.39 -9.15
N SER B 207 -22.18 -14.32 -9.42
CA SER B 207 -23.63 -14.00 -9.23
C SER B 207 -24.47 -15.27 -9.11
N VAL B 208 -23.99 -16.26 -8.42
CA VAL B 208 -24.78 -17.51 -8.27
C VAL B 208 -25.90 -17.29 -7.23
N THR B 209 -25.60 -16.61 -6.16
CA THR B 209 -26.64 -16.39 -5.10
C THR B 209 -27.87 -15.70 -5.69
N SER B 210 -27.70 -14.89 -6.69
CA SER B 210 -28.87 -14.18 -7.29
C SER B 210 -29.65 -15.15 -8.17
N GLN B 211 -29.04 -16.27 -8.48
CA GLN B 211 -29.73 -17.28 -9.35
C GLN B 211 -30.26 -18.42 -8.49
N VAL B 212 -29.85 -18.49 -7.24
CA VAL B 212 -30.31 -19.62 -6.35
C VAL B 212 -31.27 -19.11 -5.26
N LYS B 213 -32.27 -19.90 -4.97
CA LYS B 213 -33.24 -19.55 -3.88
C LYS B 213 -32.97 -20.56 -2.76
N ASN B 214 -33.31 -20.26 -1.54
CA ASN B 214 -33.04 -21.27 -0.49
C ASN B 214 -33.84 -22.54 -0.80
N ASP B 215 -33.35 -23.66 -0.36
CA ASP B 215 -34.05 -24.98 -0.59
C ASP B 215 -33.86 -25.45 -2.04
N ASP B 216 -33.01 -24.80 -2.79
CA ASP B 216 -32.79 -25.26 -4.19
C ASP B 216 -31.83 -26.46 -4.16
N TYR B 217 -32.03 -27.42 -5.00
CA TYR B 217 -31.11 -28.60 -5.03
C TYR B 217 -30.00 -28.30 -6.03
N LEU B 218 -28.76 -28.33 -5.60
CA LEU B 218 -27.63 -28.01 -6.53
C LEU B 218 -26.56 -29.10 -6.45
N ILE B 219 -25.88 -29.35 -7.54
CA ILE B 219 -24.77 -30.36 -7.52
C ILE B 219 -23.49 -29.57 -7.87
N LEU B 220 -22.48 -29.67 -7.04
CA LEU B 220 -21.22 -28.92 -7.30
C LEU B 220 -20.20 -29.83 -7.95
N ASP B 221 -19.78 -29.52 -9.15
CA ASP B 221 -18.77 -30.37 -9.83
C ASP B 221 -17.41 -30.10 -9.22
N ALA B 222 -17.08 -28.85 -9.02
CA ALA B 222 -15.75 -28.51 -8.43
C ALA B 222 -14.66 -29.27 -9.20
N VAL B 223 -15.02 -29.79 -10.36
CA VAL B 223 -14.04 -30.53 -11.22
C VAL B 223 -14.15 -29.94 -12.62
N ASN B 224 -15.35 -29.80 -13.11
CA ASN B 224 -15.57 -29.16 -14.44
C ASN B 224 -15.90 -27.69 -14.17
N ASN B 225 -15.91 -27.33 -12.93
CA ASN B 225 -16.21 -25.91 -12.54
C ASN B 225 -17.61 -25.55 -13.03
N GLN B 226 -18.58 -26.41 -12.80
CA GLN B 226 -19.98 -26.12 -13.25
C GLN B 226 -20.96 -26.45 -12.13
N VAL B 227 -22.12 -25.83 -12.14
CA VAL B 227 -23.16 -26.09 -11.10
C VAL B 227 -24.45 -26.51 -11.81
N TYR B 228 -25.05 -27.60 -11.40
CA TYR B 228 -26.32 -28.04 -12.05
C TYR B 228 -27.51 -27.70 -11.15
N VAL B 229 -28.44 -26.95 -11.65
CA VAL B 229 -29.63 -26.52 -10.85
C VAL B 229 -30.86 -27.39 -11.20
N ASN B 230 -31.32 -28.18 -10.27
CA ASN B 230 -32.52 -29.04 -10.54
C ASN B 230 -32.31 -29.90 -11.80
N PRO B 231 -31.15 -30.45 -11.96
CA PRO B 231 -30.81 -31.27 -13.16
C PRO B 231 -31.52 -32.63 -13.26
N THR B 232 -31.29 -33.27 -14.37
CA THR B 232 -31.84 -34.61 -14.60
C THR B 232 -31.01 -35.60 -13.79
N ASN B 233 -31.46 -36.79 -13.57
CA ASN B 233 -30.64 -37.75 -12.78
C ASN B 233 -29.37 -38.09 -13.56
N GLU B 234 -29.39 -37.89 -14.85
CA GLU B 234 -28.20 -38.18 -15.70
C GLU B 234 -27.00 -37.34 -15.22
N VAL B 235 -27.21 -36.06 -15.06
CA VAL B 235 -26.10 -35.16 -14.60
C VAL B 235 -25.66 -35.58 -13.21
N ILE B 236 -26.58 -35.81 -12.33
CA ILE B 236 -26.21 -36.24 -10.99
C ILE B 236 -25.29 -37.45 -11.03
N ASP B 237 -25.65 -38.44 -11.84
CA ASP B 237 -24.92 -39.68 -11.97
C ASP B 237 -23.52 -39.43 -12.50
N LYS B 238 -23.42 -38.65 -13.57
CA LYS B 238 -22.11 -38.23 -14.06
C LYS B 238 -21.34 -37.62 -12.94
N MET B 239 -22.00 -36.75 -12.17
CA MET B 239 -21.36 -36.05 -11.06
C MET B 239 -21.05 -36.97 -9.89
N ARG B 240 -21.79 -38.07 -9.81
CA ARG B 240 -21.46 -39.06 -8.82
C ARG B 240 -20.23 -39.87 -9.27
N ALA B 241 -20.08 -40.05 -10.57
CA ALA B 241 -18.87 -40.72 -11.05
C ALA B 241 -17.67 -39.80 -10.81
N VAL B 242 -17.89 -38.50 -10.91
CA VAL B 242 -16.81 -37.58 -10.71
C VAL B 242 -16.45 -37.60 -9.22
N GLN B 243 -17.47 -37.65 -8.39
CA GLN B 243 -17.23 -37.69 -6.95
C GLN B 243 -16.39 -38.89 -6.51
N GLU B 244 -16.64 -40.00 -7.17
CA GLU B 244 -16.00 -41.27 -6.90
C GLU B 244 -14.57 -41.28 -7.41
N GLN B 245 -14.35 -40.58 -8.51
CA GLN B 245 -13.05 -40.53 -9.13
C GLN B 245 -12.14 -39.72 -8.23
N VAL B 246 -12.72 -38.73 -7.58
CA VAL B 246 -12.01 -37.94 -6.63
C VAL B 246 -11.53 -38.83 -5.49
N ALA B 247 -12.41 -39.68 -4.98
CA ALA B 247 -12.03 -40.65 -3.93
C ALA B 247 -10.92 -41.60 -4.33
N SER B 248 -10.96 -42.13 -5.56
CA SER B 248 -9.88 -42.99 -6.03
C SER B 248 -8.50 -42.35 -5.96
N GLU B 249 -8.43 -41.07 -6.33
CA GLU B 249 -7.21 -40.32 -6.25
C GLU B 249 -6.71 -40.22 -4.81
N LYS B 250 -7.61 -39.84 -3.90
CA LYS B 250 -7.25 -39.79 -2.51
C LYS B 250 -6.57 -41.08 -2.15
N ALA B 251 -7.17 -42.18 -2.57
CA ALA B 251 -6.65 -43.50 -2.24
C ALA B 251 -5.24 -43.70 -2.82
N GLU B 252 -5.06 -43.50 -4.11
CA GLU B 252 -3.73 -43.62 -4.71
C GLU B 252 -2.70 -42.68 -4.05
N LEU B 253 -3.13 -41.45 -3.70
CA LEU B 253 -2.27 -40.40 -3.14
C LEU B 253 -1.96 -40.64 -1.67
N ALA B 254 -2.83 -41.37 -1.00
CA ALA B 254 -2.62 -41.73 0.42
C ALA B 254 -1.48 -42.68 0.57
N LYS B 255 -1.01 -43.25 -0.54
CA LYS B 255 0.18 -44.17 -0.40
C LYS B 255 1.41 -43.45 0.28
N LEU B 256 2.09 -44.12 1.27
CA LEU B 256 3.28 -43.53 1.98
C LEU B 256 4.49 -44.51 2.05
N LYS B 257 5.73 -44.01 1.83
CA LYS B 257 6.95 -44.87 1.87
C LYS B 257 8.16 -44.22 2.59
N ASP B 258 8.91 -45.05 3.36
CA ASP B 258 10.13 -44.62 4.07
C ASP B 258 11.23 -44.19 3.08
N LEU B 259 12.42 -43.80 3.55
CA LEU B 259 13.44 -43.31 2.62
C LEU B 259 12.76 -42.25 1.77
N PRO B 260 12.38 -41.17 2.41
CA PRO B 260 11.60 -40.05 1.80
C PRO B 260 12.07 -39.60 0.43
N ALA B 261 11.66 -38.39 0.09
CA ALA B 261 11.91 -37.82 -1.24
C ALA B 261 13.32 -38.06 -1.77
N ILE B 262 13.47 -39.22 -2.41
CA ILE B 262 14.71 -39.58 -3.13
C ILE B 262 14.40 -39.81 -4.60
N THR B 263 15.11 -39.09 -5.46
CA THR B 263 15.07 -39.34 -6.87
C THR B 263 15.50 -40.79 -7.18
N LEU B 264 15.06 -41.27 -8.34
CA LEU B 264 15.50 -42.55 -8.90
C LEU B 264 16.99 -42.80 -8.72
N ASP B 265 17.80 -41.80 -9.00
CA ASP B 265 19.25 -41.92 -8.93
C ASP B 265 19.86 -41.54 -7.58
N GLY B 266 19.08 -41.55 -6.51
CA GLY B 266 19.66 -41.44 -5.15
C GLY B 266 19.83 -40.09 -4.46
N HIS B 267 19.21 -39.05 -4.99
CA HIS B 267 19.39 -37.70 -4.44
C HIS B 267 18.24 -37.46 -3.50
N GLN B 268 18.57 -37.14 -2.25
CA GLN B 268 17.56 -36.89 -1.24
C GLN B 268 17.37 -35.42 -0.89
N VAL B 269 16.11 -35.04 -0.67
CA VAL B 269 15.80 -33.70 -0.14
C VAL B 269 14.82 -33.83 1.03
N GLU B 270 14.73 -32.83 1.88
CA GLU B 270 13.70 -32.86 2.86
C GLU B 270 12.43 -32.26 2.24
N VAL B 271 11.30 -32.68 2.78
CA VAL B 271 10.03 -32.23 2.29
C VAL B 271 9.17 -32.12 3.54
N CYS B 272 8.74 -30.90 3.85
CA CYS B 272 8.16 -30.64 5.15
C CYS B 272 6.96 -29.80 4.99
N ALA B 273 6.24 -29.64 6.10
CA ALA B 273 5.05 -28.83 6.09
C ALA B 273 5.36 -27.44 6.62
N ASN B 274 4.74 -26.44 6.00
CA ASN B 274 4.63 -25.15 6.61
C ASN B 274 3.46 -25.27 7.52
N ILE B 275 3.54 -24.75 8.74
CA ILE B 275 2.36 -24.77 9.65
C ILE B 275 2.09 -23.41 10.28
N GLY B 276 0.90 -23.33 10.89
CA GLY B 276 0.47 -22.15 11.58
C GLY B 276 0.19 -22.36 13.05
N THR B 277 0.01 -23.61 13.48
CA THR B 277 -0.70 -23.96 14.72
C THR B 277 -0.50 -25.44 14.95
N VAL B 278 -0.20 -25.91 16.18
CA VAL B 278 -0.22 -27.38 16.47
C VAL B 278 -1.22 -28.16 15.63
N ARG B 279 -2.40 -27.56 15.42
CA ARG B 279 -3.46 -28.22 14.69
C ARG B 279 -3.06 -28.60 13.26
N ASP B 280 -1.99 -28.01 12.76
CA ASP B 280 -1.56 -28.25 11.41
C ASP B 280 -0.62 -29.46 11.38
N VAL B 281 -0.14 -29.86 12.56
CA VAL B 281 0.78 -30.97 12.67
C VAL B 281 0.07 -32.25 12.21
N GLU B 282 -1.22 -32.26 12.44
CA GLU B 282 -2.01 -33.39 12.09
C GLU B 282 -1.94 -33.59 10.57
N GLY B 283 -2.38 -32.59 9.80
CA GLY B 283 -2.21 -32.60 8.33
C GLY B 283 -0.80 -32.93 7.88
N ALA B 284 0.20 -32.46 8.60
CA ALA B 284 1.58 -32.71 8.21
C ALA B 284 1.94 -34.19 8.32
N GLU B 285 1.49 -34.81 9.42
CA GLU B 285 1.80 -36.20 9.66
C GLU B 285 0.99 -37.00 8.66
N ARG B 286 -0.23 -36.53 8.42
CA ARG B 286 -1.15 -37.19 7.50
C ARG B 286 -0.57 -37.30 6.08
N ASN B 287 0.17 -36.28 5.67
CA ASN B 287 0.65 -36.12 4.33
C ASN B 287 2.11 -36.44 4.17
N GLY B 288 2.69 -37.00 5.22
CA GLY B 288 4.00 -37.62 5.08
C GLY B 288 5.16 -36.67 5.23
N ALA B 289 4.90 -35.52 5.84
CA ALA B 289 5.90 -34.50 6.13
C ALA B 289 7.03 -35.10 6.92
N GLU B 290 8.27 -34.75 6.61
CA GLU B 290 9.42 -35.25 7.38
C GLU B 290 9.84 -34.28 8.49
N GLY B 291 9.11 -33.19 8.66
CA GLY B 291 9.37 -32.20 9.71
C GLY B 291 8.63 -30.95 9.30
N VAL B 292 8.83 -29.86 10.03
CA VAL B 292 8.19 -28.60 9.73
C VAL B 292 9.24 -27.61 9.25
N GLY B 293 8.99 -27.02 8.09
CA GLY B 293 9.99 -26.20 7.43
C GLY B 293 9.73 -24.74 7.73
N LEU B 294 8.55 -24.43 8.23
CA LEU B 294 8.24 -23.05 8.55
C LEU B 294 7.04 -23.02 9.45
N TYR B 295 7.23 -22.46 10.64
CA TYR B 295 6.21 -22.34 11.62
C TYR B 295 6.02 -20.86 11.65
N ARG B 296 5.03 -20.42 10.88
CA ARG B 296 4.62 -19.02 10.80
C ARG B 296 4.04 -18.66 12.15
N THR B 297 4.83 -18.05 13.01
CA THR B 297 4.34 -17.78 14.36
C THR B 297 3.25 -16.70 14.41
N GLU B 298 3.15 -15.84 13.38
CA GLU B 298 2.07 -14.85 13.29
C GLU B 298 0.75 -15.52 13.51
N PHE B 299 0.61 -16.69 12.91
CA PHE B 299 -0.66 -17.37 12.82
C PHE B 299 -1.10 -17.74 14.22
N LEU B 300 -0.13 -18.08 15.06
CA LEU B 300 -0.44 -18.33 16.43
C LEU B 300 -0.92 -17.04 17.08
N PHE B 301 -0.42 -15.91 16.63
CA PHE B 301 -0.77 -14.62 17.20
C PHE B 301 -2.16 -14.21 16.75
N MET B 302 -2.58 -14.71 15.60
CA MET B 302 -3.94 -14.41 15.12
C MET B 302 -4.89 -15.51 15.56
N ASP B 303 -4.38 -16.42 16.36
CA ASP B 303 -5.20 -17.46 16.94
C ASP B 303 -5.75 -17.03 18.31
N ARG B 304 -5.48 -15.77 18.68
CA ARG B 304 -5.74 -15.18 20.02
C ARG B 304 -6.25 -13.74 19.90
N ASP B 305 -6.92 -13.18 20.95
CA ASP B 305 -7.28 -11.75 20.89
C ASP B 305 -6.41 -10.84 21.76
N ALA B 306 -5.21 -11.31 22.07
CA ALA B 306 -4.21 -10.52 22.80
C ALA B 306 -2.86 -10.98 22.35
N LEU B 307 -1.85 -10.13 22.55
CA LEU B 307 -0.46 -10.51 22.24
C LEU B 307 -0.01 -11.61 23.20
N PRO B 308 0.47 -12.75 22.66
CA PRO B 308 0.85 -13.85 23.56
C PRO B 308 2.17 -13.61 24.26
N THR B 309 2.17 -13.74 25.57
CA THR B 309 3.31 -13.42 26.39
C THR B 309 4.41 -14.42 26.18
N GLU B 310 5.53 -14.20 26.84
CA GLU B 310 6.56 -15.19 26.76
C GLU B 310 5.99 -16.57 27.09
N GLU B 311 5.26 -16.63 28.19
CA GLU B 311 4.77 -17.91 28.72
C GLU B 311 3.77 -18.58 27.74
N GLU B 312 2.87 -17.78 27.16
CA GLU B 312 1.88 -18.36 26.26
C GLU B 312 2.58 -18.87 25.02
N GLN B 313 3.62 -18.16 24.61
CA GLN B 313 4.33 -18.52 23.40
C GLN B 313 5.10 -19.80 23.65
N PHE B 314 5.79 -19.81 24.78
CA PHE B 314 6.54 -20.95 25.17
C PHE B 314 5.66 -22.19 25.11
N ALA B 315 4.43 -22.09 25.65
CA ALA B 315 3.56 -23.24 25.79
C ALA B 315 3.17 -23.73 24.42
N ALA B 316 2.83 -22.77 23.58
CA ALA B 316 2.40 -22.99 22.23
C ALA B 316 3.52 -23.66 21.46
N TYR B 317 4.74 -23.14 21.61
CA TYR B 317 5.92 -23.71 20.95
C TYR B 317 6.22 -25.10 21.44
N LYS B 318 6.10 -25.29 22.76
CA LYS B 318 6.37 -26.57 23.45
C LYS B 318 5.42 -27.58 22.87
N ALA B 319 4.13 -27.24 22.84
CA ALA B 319 3.16 -28.16 22.28
C ALA B 319 3.59 -28.59 20.88
N VAL B 320 3.97 -27.63 20.03
CA VAL B 320 4.27 -27.94 18.65
C VAL B 320 5.46 -28.89 18.67
N ALA B 321 6.51 -28.49 19.38
CA ALA B 321 7.74 -29.26 19.44
C ALA B 321 7.45 -30.69 19.82
N GLU B 322 6.43 -30.85 20.63
CA GLU B 322 6.10 -32.15 21.14
C GLU B 322 5.14 -32.86 20.21
N ALA B 323 4.22 -32.14 19.61
CA ALA B 323 3.34 -32.75 18.63
C ALA B 323 4.11 -33.15 17.41
N CYS B 324 5.36 -32.71 17.32
CA CYS B 324 6.17 -33.13 16.21
C CYS B 324 7.09 -34.28 16.50
N GLY B 325 7.09 -34.77 17.73
CA GLY B 325 7.87 -35.94 18.08
C GLY B 325 9.34 -35.73 17.83
N SER B 326 9.92 -36.60 17.03
CA SER B 326 11.34 -36.57 16.78
C SER B 326 11.67 -35.44 15.84
N GLN B 327 10.65 -34.95 15.12
CA GLN B 327 10.88 -34.04 13.99
C GLN B 327 11.26 -32.60 14.36
N ALA B 328 12.01 -31.99 13.47
CA ALA B 328 12.53 -30.63 13.63
C ALA B 328 11.49 -29.61 13.19
N VAL B 329 11.28 -28.56 13.97
CA VAL B 329 10.42 -27.47 13.54
C VAL B 329 11.25 -26.20 13.30
N ILE B 330 11.05 -25.55 12.17
CA ILE B 330 11.72 -24.28 11.92
C ILE B 330 10.74 -23.18 12.31
N VAL B 331 10.96 -22.63 13.50
CA VAL B 331 10.09 -21.66 14.09
C VAL B 331 10.54 -20.32 13.55
N ARG B 332 9.69 -19.66 12.77
CA ARG B 332 10.07 -18.34 12.27
C ARG B 332 9.56 -17.34 13.26
N THR B 333 10.41 -16.40 13.60
CA THR B 333 9.95 -15.29 14.43
C THR B 333 8.95 -14.52 13.59
N MET B 334 8.20 -13.71 14.30
CA MET B 334 6.91 -13.20 13.87
C MET B 334 6.97 -12.27 12.67
N ASP B 335 6.01 -12.45 11.75
CA ASP B 335 5.95 -11.66 10.56
C ASP B 335 4.57 -11.05 10.40
N ILE B 336 4.38 -9.94 11.09
CA ILE B 336 3.21 -9.15 10.97
C ILE B 336 3.50 -7.95 10.08
N GLY B 337 2.52 -7.53 9.27
CA GLY B 337 2.58 -6.21 8.69
C GLY B 337 2.58 -6.00 7.18
N GLY B 338 2.28 -7.04 6.42
CA GLY B 338 2.06 -6.77 5.02
C GLY B 338 0.58 -6.96 4.92
N ASP B 339 0.16 -7.99 4.22
CA ASP B 339 -1.24 -8.35 4.29
C ASP B 339 -1.57 -9.07 5.59
N LYS B 340 -0.63 -9.24 6.51
CA LYS B 340 -1.00 -9.83 7.80
C LYS B 340 -0.86 -8.92 9.03
N GLU B 341 -1.90 -8.14 9.21
CA GLU B 341 -1.97 -7.37 10.38
C GLU B 341 -2.57 -8.23 11.47
N LEU B 342 -2.22 -7.96 12.72
CA LEU B 342 -3.10 -8.34 13.80
C LEU B 342 -3.77 -7.12 14.41
N PRO B 343 -5.07 -6.99 14.13
CA PRO B 343 -5.95 -5.91 14.55
C PRO B 343 -5.71 -5.54 16.01
N TYR B 344 -5.59 -6.52 16.90
CA TYR B 344 -5.34 -6.17 18.31
C TYR B 344 -4.11 -5.30 18.59
N MET B 345 -3.24 -5.16 17.59
CA MET B 345 -2.04 -4.33 17.79
C MET B 345 -2.32 -2.89 17.49
N ASN B 346 -3.40 -2.65 16.76
CA ASN B 346 -3.79 -1.28 16.39
C ASN B 346 -2.67 -0.47 15.76
N PHE B 347 -1.75 -1.14 15.08
CA PHE B 347 -0.70 -0.41 14.40
C PHE B 347 -1.33 0.59 13.47
N PRO B 348 -0.61 1.68 13.17
CA PRO B 348 -1.14 2.65 12.21
C PRO B 348 -1.08 2.15 10.77
N LYS B 349 -1.91 2.74 9.91
CA LYS B 349 -1.93 2.38 8.50
C LYS B 349 -0.68 2.83 7.80
N GLU B 350 -0.36 2.11 6.72
CA GLU B 350 0.76 2.42 5.84
C GLU B 350 0.34 2.48 4.38
N GLU B 351 1.02 3.32 3.64
CA GLU B 351 0.74 3.47 2.25
C GLU B 351 1.06 2.18 1.47
N ASN B 352 2.11 1.47 1.87
CA ASN B 352 2.43 0.17 1.24
C ASN B 352 2.81 -0.82 2.32
N PRO B 353 1.81 -1.50 2.89
CA PRO B 353 2.17 -2.36 3.99
C PRO B 353 3.28 -3.31 3.59
N PHE B 354 3.24 -3.83 2.38
CA PHE B 354 4.22 -4.83 1.98
C PHE B 354 5.64 -4.33 1.81
N LEU B 355 5.78 -3.02 1.69
CA LEU B 355 7.07 -2.35 1.77
C LEU B 355 7.20 -1.53 3.05
N GLY B 356 6.53 -1.97 4.10
CA GLY B 356 6.46 -1.15 5.31
C GLY B 356 7.11 -1.79 6.51
N TRP B 357 6.49 -1.54 7.65
CA TRP B 357 7.04 -1.80 8.95
C TRP B 357 6.61 -3.19 9.36
N ARG B 358 7.33 -4.13 8.80
CA ARG B 358 6.91 -5.52 8.75
C ARG B 358 7.90 -6.44 9.50
N ALA B 359 7.33 -7.41 10.25
CA ALA B 359 8.10 -8.54 10.77
C ALA B 359 9.16 -8.04 11.68
N ILE B 360 10.39 -8.24 11.25
CA ILE B 360 11.58 -7.95 12.07
C ILE B 360 11.79 -6.45 12.35
N ARG B 361 11.17 -5.66 11.51
CA ARG B 361 11.28 -4.26 11.63
C ARG B 361 10.53 -3.79 12.85
N ILE B 362 9.53 -4.58 13.24
CA ILE B 362 8.73 -4.30 14.45
C ILE B 362 9.46 -4.84 15.69
N ALA B 363 9.86 -6.10 15.62
CA ALA B 363 10.43 -6.70 16.78
C ALA B 363 11.71 -5.94 17.18
N MET B 364 12.37 -5.33 16.20
CA MET B 364 13.53 -4.48 16.50
C MET B 364 13.17 -3.08 16.96
N ASP B 365 11.95 -2.65 16.71
CA ASP B 365 11.58 -1.35 17.24
C ASP B 365 10.83 -1.51 18.53
N ARG B 366 10.58 -2.74 18.92
CA ARG B 366 9.90 -2.98 20.16
C ARG B 366 10.44 -4.24 20.72
N ARG B 367 11.58 -4.15 21.39
CA ARG B 367 12.29 -5.31 21.88
C ARG B 367 11.46 -6.27 22.73
N GLU B 368 10.58 -5.76 23.59
CA GLU B 368 9.75 -6.67 24.38
C GLU B 368 9.18 -7.82 23.47
N ILE B 369 8.91 -7.53 22.20
CA ILE B 369 8.25 -8.49 21.28
C ILE B 369 9.27 -9.54 20.82
N LEU B 370 10.36 -9.05 20.25
CA LEU B 370 11.45 -9.86 19.91
C LEU B 370 11.93 -10.69 21.13
N ARG B 371 12.05 -10.06 22.30
CA ARG B 371 12.61 -10.73 23.46
C ARG B 371 11.73 -11.87 24.01
N ASP B 372 10.45 -11.56 24.25
CA ASP B 372 9.50 -12.52 24.73
C ASP B 372 9.59 -13.67 23.80
N GLN B 373 9.50 -13.39 22.51
CA GLN B 373 9.42 -14.48 21.54
C GLN B 373 10.68 -15.32 21.52
N LEU B 374 11.83 -14.71 21.32
CA LEU B 374 13.05 -15.50 21.25
C LEU B 374 13.30 -16.27 22.53
N ARG B 375 13.15 -15.60 23.67
CA ARG B 375 13.06 -16.26 24.96
C ARG B 375 12.18 -17.54 24.92
N ALA B 376 10.90 -17.37 24.56
CA ALA B 376 9.99 -18.49 24.43
C ALA B 376 10.50 -19.58 23.50
N ILE B 377 11.01 -19.24 22.32
CA ILE B 377 11.49 -20.27 21.40
C ILE B 377 12.61 -21.03 22.08
N LEU B 378 13.63 -20.31 22.53
CA LEU B 378 14.76 -20.97 23.15
C LEU B 378 14.27 -21.93 24.22
N ARG B 379 13.41 -21.44 25.09
CA ARG B 379 13.02 -22.25 26.20
C ARG B 379 12.30 -23.47 25.68
N ALA B 380 11.47 -23.30 24.63
CA ALA B 380 10.75 -24.44 24.05
C ALA B 380 11.71 -25.46 23.43
N SER B 381 12.91 -25.03 23.03
CA SER B 381 13.87 -25.92 22.42
C SER B 381 14.41 -26.92 23.41
N ALA B 382 14.06 -26.76 24.68
CA ALA B 382 14.46 -27.75 25.66
C ALA B 382 13.58 -28.96 25.53
N PHE B 383 12.64 -28.93 24.58
CA PHE B 383 11.59 -29.95 24.53
C PHE B 383 11.40 -30.64 23.21
N GLY B 384 12.24 -30.30 22.22
CA GLY B 384 12.14 -30.92 20.92
C GLY B 384 13.03 -30.17 20.01
N LYS B 385 13.42 -30.76 18.87
CA LYS B 385 14.32 -30.06 17.94
C LYS B 385 13.64 -28.84 17.31
N LEU B 386 14.08 -27.66 17.68
CA LEU B 386 13.60 -26.43 17.07
C LEU B 386 14.75 -25.71 16.41
N ARG B 387 14.45 -25.01 15.32
CA ARG B 387 15.35 -24.02 14.75
C ARG B 387 14.68 -22.65 14.82
N ILE B 388 15.49 -21.58 14.82
CA ILE B 388 15.00 -20.20 14.77
C ILE B 388 15.30 -19.64 13.40
N MET B 389 14.32 -18.95 12.83
CA MET B 389 14.55 -18.35 11.55
C MET B 389 13.89 -17.02 11.60
N PHE B 390 14.47 -16.06 10.91
CA PHE B 390 14.01 -14.67 10.85
C PHE B 390 13.45 -14.30 9.50
N PRO B 391 12.31 -13.61 9.49
CA PRO B 391 11.64 -13.10 8.29
C PRO B 391 12.14 -11.74 7.84
N MET B 392 11.94 -11.38 6.56
CA MET B 392 12.20 -10.02 6.06
C MET B 392 13.59 -9.46 6.24
N ILE B 393 14.57 -10.33 6.36
CA ILE B 393 15.96 -9.93 6.42
C ILE B 393 16.43 -9.24 5.14
N ILE B 394 17.16 -8.14 5.33
CA ILE B 394 17.55 -7.29 4.23
C ILE B 394 19.03 -6.96 4.17
N SER B 395 19.72 -7.16 5.30
CA SER B 395 21.10 -6.75 5.42
C SER B 395 21.88 -7.67 6.35
N VAL B 396 23.20 -7.69 6.24
CA VAL B 396 23.99 -8.35 7.24
C VAL B 396 23.84 -7.61 8.56
N GLU B 397 23.74 -6.28 8.51
CA GLU B 397 23.48 -5.52 9.74
C GLU B 397 22.37 -6.15 10.61
N GLU B 398 21.19 -6.33 9.99
CA GLU B 398 20.04 -6.91 10.71
C GLU B 398 20.38 -8.24 11.39
N VAL B 399 20.94 -9.17 10.64
CA VAL B 399 21.29 -10.49 11.23
C VAL B 399 22.23 -10.42 12.45
N ARG B 400 23.29 -9.63 12.35
CA ARG B 400 24.18 -9.51 13.47
C ARG B 400 23.47 -8.90 14.67
N ALA B 401 22.54 -7.98 14.45
CA ALA B 401 21.93 -7.31 15.58
C ALA B 401 21.02 -8.29 16.31
N LEU B 402 20.46 -9.23 15.56
CA LEU B 402 19.51 -10.19 16.08
C LEU B 402 20.20 -11.39 16.76
N ARG B 403 21.32 -11.84 16.20
CA ARG B 403 22.16 -12.87 16.83
C ARG B 403 22.69 -12.40 18.16
N LYS B 404 23.10 -11.14 18.18
CA LYS B 404 23.55 -10.50 19.38
C LYS B 404 22.43 -10.52 20.39
N GLU B 405 21.24 -10.17 19.91
CA GLU B 405 20.06 -10.31 20.72
C GLU B 405 19.89 -11.75 21.24
N ILE B 406 19.87 -12.74 20.36
CA ILE B 406 19.79 -14.12 20.82
C ILE B 406 20.79 -14.36 21.97
N GLU B 407 22.07 -14.08 21.73
CA GLU B 407 23.08 -14.30 22.72
C GLU B 407 22.77 -13.68 24.08
N ILE B 408 22.14 -12.51 24.09
CA ILE B 408 21.74 -11.88 25.34
C ILE B 408 20.61 -12.67 26.01
N TYR B 409 19.58 -12.98 25.25
CA TYR B 409 18.50 -13.78 25.73
C TYR B 409 18.97 -15.15 26.15
N LYS B 410 20.01 -15.69 25.53
CA LYS B 410 20.50 -17.01 25.90
C LYS B 410 21.06 -16.94 27.30
N GLN B 411 21.83 -15.91 27.60
CA GLN B 411 22.47 -15.78 28.90
C GLN B 411 21.46 -15.63 29.99
N GLU B 412 20.49 -14.75 29.76
CA GLU B 412 19.45 -14.55 30.73
C GLU B 412 18.84 -15.90 31.09
N LEU B 413 18.43 -16.68 30.10
CA LEU B 413 17.94 -18.02 30.40
C LEU B 413 18.91 -18.84 31.26
N ARG B 414 20.17 -18.98 30.81
CA ARG B 414 21.25 -19.57 31.64
C ARG B 414 21.24 -19.08 33.09
N ASP B 415 21.02 -17.79 33.29
CA ASP B 415 21.04 -17.18 34.60
C ASP B 415 19.80 -17.42 35.43
N GLU B 416 18.71 -17.75 34.76
CA GLU B 416 17.45 -18.00 35.45
C GLU B 416 17.22 -19.50 35.65
N GLY B 417 18.22 -20.33 35.31
CA GLY B 417 18.17 -21.79 35.50
C GLY B 417 17.10 -22.43 34.61
N LYS B 418 17.14 -21.99 33.35
CA LYS B 418 16.19 -22.37 32.31
C LYS B 418 16.92 -22.98 31.08
N ALA B 419 16.73 -24.29 30.90
CA ALA B 419 17.32 -25.05 29.81
C ALA B 419 16.87 -24.49 28.47
N PHE B 420 17.79 -24.56 27.51
CA PHE B 420 17.51 -24.36 26.13
C PHE B 420 18.58 -25.15 25.40
N ASP B 421 18.24 -25.57 24.18
CA ASP B 421 19.11 -26.39 23.37
C ASP B 421 20.26 -25.47 23.03
N GLU B 422 21.45 -25.75 23.55
CA GLU B 422 22.63 -24.93 23.22
C GLU B 422 23.05 -25.11 21.77
N SER B 423 22.55 -26.14 21.09
CA SER B 423 22.87 -26.46 19.71
C SER B 423 22.02 -25.71 18.72
N ILE B 424 21.17 -24.81 19.21
CA ILE B 424 20.02 -24.38 18.42
C ILE B 424 20.50 -23.62 17.22
N GLU B 425 19.97 -24.02 16.06
CA GLU B 425 20.44 -23.43 14.84
C GLU B 425 19.57 -22.27 14.45
N ILE B 426 20.24 -21.30 13.84
CA ILE B 426 19.67 -20.05 13.49
C ILE B 426 19.84 -19.82 11.99
N GLY B 427 18.78 -19.40 11.32
CA GLY B 427 18.86 -19.12 9.89
C GLY B 427 18.02 -17.91 9.51
N VAL B 428 17.85 -17.67 8.23
CA VAL B 428 17.14 -16.49 7.83
C VAL B 428 16.30 -16.80 6.64
N MET B 429 15.18 -16.10 6.53
CA MET B 429 14.35 -16.17 5.35
C MET B 429 15.16 -15.43 4.32
N VAL B 430 15.34 -15.98 3.13
CA VAL B 430 15.81 -15.15 2.03
C VAL B 430 14.57 -14.87 1.18
N GLU B 431 13.93 -13.72 1.36
CA GLU B 431 12.69 -13.47 0.67
C GLU B 431 12.64 -12.04 0.20
N THR B 432 13.77 -11.41 0.33
CA THR B 432 14.05 -10.09 -0.14
C THR B 432 15.17 -10.23 -1.24
N PRO B 433 15.11 -9.39 -2.31
CA PRO B 433 16.14 -9.36 -3.32
C PRO B 433 17.43 -8.87 -2.71
N ALA B 434 17.37 -8.03 -1.70
CA ALA B 434 18.55 -7.69 -0.93
C ALA B 434 19.21 -8.93 -0.41
N ALA B 435 18.47 -9.68 0.40
CA ALA B 435 19.04 -10.90 0.99
C ALA B 435 19.62 -11.77 -0.10
N ALA B 436 18.87 -11.90 -1.19
CA ALA B 436 19.30 -12.80 -2.24
C ALA B 436 20.64 -12.33 -2.76
N THR B 437 20.77 -11.01 -2.92
CA THR B 437 21.99 -10.38 -3.46
C THR B 437 23.26 -10.53 -2.60
N ILE B 438 23.05 -10.55 -1.29
CA ILE B 438 24.14 -10.61 -0.35
C ILE B 438 24.10 -11.98 0.31
N ALA B 439 23.42 -12.89 -0.35
CA ALA B 439 23.39 -14.26 0.14
C ALA B 439 24.78 -14.73 0.57
N ARG B 440 25.85 -14.40 -0.16
CA ARG B 440 27.16 -14.97 0.21
C ARG B 440 27.47 -14.47 1.57
N HIS B 441 27.46 -13.15 1.74
CA HIS B 441 27.68 -12.54 3.05
C HIS B 441 26.82 -13.08 4.16
N LEU B 442 25.54 -13.33 3.88
CA LEU B 442 24.61 -13.77 4.94
C LEU B 442 24.90 -15.21 5.34
N ALA B 443 25.29 -16.03 4.36
CA ALA B 443 25.59 -17.45 4.57
C ALA B 443 26.69 -17.75 5.62
N LYS B 444 27.64 -16.83 5.78
CA LYS B 444 28.66 -16.92 6.85
C LYS B 444 28.03 -16.70 8.17
N GLU B 445 26.89 -16.04 8.19
CA GLU B 445 26.37 -15.50 9.45
C GLU B 445 25.22 -16.33 10.00
N VAL B 446 24.71 -17.28 9.22
CA VAL B 446 23.59 -18.09 9.65
C VAL B 446 23.87 -19.53 9.37
N ASP B 447 23.05 -20.42 9.94
CA ASP B 447 23.18 -21.87 9.70
C ASP B 447 22.43 -22.35 8.51
N PHE B 448 21.48 -21.55 8.04
CA PHE B 448 20.67 -22.01 6.94
C PHE B 448 19.83 -20.91 6.35
N PHE B 449 19.14 -21.22 5.26
CA PHE B 449 18.29 -20.27 4.55
C PHE B 449 17.08 -21.01 4.21
N SER B 450 15.95 -20.31 4.22
CA SER B 450 14.77 -20.76 3.56
C SER B 450 14.31 -19.64 2.65
N ILE B 451 14.14 -19.93 1.36
CA ILE B 451 13.76 -18.88 0.41
C ILE B 451 12.25 -18.67 0.41
N GLY B 452 11.84 -17.44 0.73
CA GLY B 452 10.43 -17.13 0.66
C GLY B 452 10.14 -16.56 -0.71
N THR B 453 9.67 -17.40 -1.62
CA THR B 453 9.43 -16.95 -2.97
C THR B 453 8.17 -16.09 -3.12
N ASN B 454 7.26 -16.18 -2.17
CA ASN B 454 6.07 -15.33 -2.25
C ASN B 454 6.51 -13.89 -2.17
N ASP B 455 7.28 -13.60 -1.13
CA ASP B 455 7.84 -12.30 -1.01
C ASP B 455 8.89 -11.97 -2.07
N LEU B 456 9.92 -12.80 -2.22
CA LEU B 456 10.94 -12.60 -3.22
C LEU B 456 10.33 -12.30 -4.62
N THR B 457 9.33 -13.04 -5.00
CA THR B 457 8.71 -12.78 -6.25
C THR B 457 8.20 -11.35 -6.19
N GLN B 458 7.45 -11.07 -5.14
CA GLN B 458 6.78 -9.80 -4.94
C GLN B 458 7.74 -8.67 -5.14
N TYR B 459 8.90 -8.69 -4.47
CA TYR B 459 9.82 -7.54 -4.55
C TYR B 459 10.68 -7.54 -5.77
N THR B 460 10.95 -8.71 -6.29
CA THR B 460 11.82 -8.76 -7.42
C THR B 460 11.01 -8.23 -8.60
N LEU B 461 9.75 -8.64 -8.69
CA LEU B 461 8.89 -8.18 -9.77
C LEU B 461 8.09 -6.95 -9.38
N ALA B 462 8.21 -6.47 -8.15
CA ALA B 462 7.31 -5.38 -7.71
C ALA B 462 5.87 -5.63 -8.07
N VAL B 463 5.40 -6.83 -7.79
CA VAL B 463 4.00 -7.11 -7.91
C VAL B 463 3.43 -7.64 -6.61
N ASP B 464 2.38 -6.93 -6.17
CA ASP B 464 1.75 -7.16 -4.91
C ASP B 464 1.07 -8.52 -5.00
N ARG B 465 1.41 -9.37 -4.04
CA ARG B 465 0.84 -10.70 -3.92
C ARG B 465 -0.66 -10.67 -3.81
N GLY B 466 -1.19 -9.53 -3.37
CA GLY B 466 -2.62 -9.34 -3.14
C GLY B 466 -3.36 -8.82 -4.35
N ASN B 467 -2.65 -8.29 -5.35
CA ASN B 467 -3.27 -7.47 -6.40
C ASN B 467 -3.67 -8.29 -7.64
N ASP B 468 -4.95 -8.63 -7.75
CA ASP B 468 -5.43 -9.47 -8.85
C ASP B 468 -5.31 -8.79 -10.21
N MET B 469 -5.49 -7.47 -10.22
CA MET B 469 -5.34 -6.73 -11.45
C MET B 469 -4.02 -6.97 -12.18
N ILE B 470 -2.92 -7.13 -11.45
CA ILE B 470 -1.66 -7.49 -12.09
C ILE B 470 -1.20 -8.90 -11.80
N SER B 471 -2.09 -9.76 -11.34
CA SER B 471 -1.61 -11.08 -10.97
C SER B 471 -0.81 -11.74 -12.10
N HIS B 472 -1.15 -11.43 -13.35
CA HIS B 472 -0.54 -12.11 -14.49
C HIS B 472 0.97 -11.87 -14.55
N LEU B 473 1.42 -10.82 -13.85
CA LEU B 473 2.84 -10.47 -13.73
C LEU B 473 3.49 -11.09 -12.52
N TYR B 474 2.73 -11.79 -11.69
CA TYR B 474 3.34 -12.34 -10.52
C TYR B 474 3.86 -13.68 -10.93
N GLN B 475 5.16 -13.75 -11.21
CA GLN B 475 5.72 -15.00 -11.74
C GLN B 475 6.89 -15.41 -10.99
N PRO B 476 6.73 -16.35 -10.06
CA PRO B 476 7.94 -16.80 -9.37
C PRO B 476 8.74 -17.65 -10.35
N MET B 477 8.16 -17.97 -11.50
CA MET B 477 8.87 -18.73 -12.47
C MET B 477 9.34 -17.85 -13.57
N SER B 478 10.08 -16.84 -13.15
CA SER B 478 10.72 -15.93 -14.04
C SER B 478 12.16 -16.27 -14.05
N PRO B 479 12.81 -16.01 -15.18
CA PRO B 479 14.26 -16.09 -15.21
C PRO B 479 14.87 -15.21 -14.11
N SER B 480 14.16 -14.16 -13.71
CA SER B 480 14.68 -13.31 -12.63
C SER B 480 14.58 -13.92 -11.21
N VAL B 481 13.50 -14.59 -10.91
CA VAL B 481 13.39 -15.13 -9.58
C VAL B 481 14.24 -16.41 -9.49
N LEU B 482 14.24 -17.19 -10.56
CA LEU B 482 14.99 -18.46 -10.56
C LEU B 482 16.46 -18.19 -10.37
N ASN B 483 16.99 -17.28 -11.16
CA ASN B 483 18.37 -16.90 -10.97
C ASN B 483 18.74 -16.51 -9.53
N LEU B 484 17.93 -15.67 -8.92
CA LEU B 484 18.09 -15.30 -7.53
C LEU B 484 17.96 -16.47 -6.60
N ILE B 485 17.05 -17.40 -6.87
CA ILE B 485 17.00 -18.69 -6.13
C ILE B 485 18.33 -19.48 -6.21
N LYS B 486 18.84 -19.64 -7.42
CA LYS B 486 20.07 -20.36 -7.63
C LYS B 486 21.19 -19.73 -6.85
N GLN B 487 21.14 -18.42 -6.80
CA GLN B 487 22.27 -17.68 -6.35
C GLN B 487 22.32 -17.92 -4.83
N VAL B 488 21.12 -18.04 -4.23
CA VAL B 488 20.98 -18.25 -2.80
C VAL B 488 21.40 -19.66 -2.40
N ILE B 489 20.88 -20.64 -3.14
CA ILE B 489 21.20 -22.03 -2.90
C ILE B 489 22.73 -22.16 -2.91
N ASP B 490 23.34 -21.66 -3.98
CA ASP B 490 24.77 -21.71 -4.15
C ASP B 490 25.48 -21.07 -2.98
N ALA B 491 25.05 -19.87 -2.59
CA ALA B 491 25.61 -19.25 -1.38
C ALA B 491 25.65 -20.26 -0.25
N SER B 492 24.49 -20.84 0.12
CA SER B 492 24.41 -21.90 1.14
C SER B 492 25.52 -22.88 1.01
N HIS B 493 25.60 -23.46 -0.19
CA HIS B 493 26.42 -24.62 -0.38
C HIS B 493 27.86 -24.21 -0.30
N ALA B 494 28.14 -22.98 -0.74
CA ALA B 494 29.51 -22.55 -0.71
C ALA B 494 30.00 -22.48 0.74
N GLU B 495 29.11 -22.15 1.70
CA GLU B 495 29.52 -22.16 3.12
C GLU B 495 29.33 -23.49 3.77
N GLY B 496 28.85 -24.48 3.02
CA GLY B 496 28.54 -25.79 3.60
C GLY B 496 27.27 -25.79 4.43
N LYS B 497 26.40 -24.82 4.22
CA LYS B 497 25.04 -24.81 4.76
C LYS B 497 24.08 -25.22 3.69
N TRP B 498 22.81 -25.12 3.99
CA TRP B 498 21.77 -25.59 3.12
C TRP B 498 20.64 -24.57 2.98
N THR B 499 19.91 -24.67 1.90
CA THR B 499 18.83 -23.79 1.69
C THR B 499 17.62 -24.65 1.59
N GLY B 500 16.58 -24.23 2.30
CA GLY B 500 15.25 -24.77 2.09
C GLY B 500 14.40 -23.74 1.42
N MET B 501 13.15 -24.07 1.18
CA MET B 501 12.18 -23.19 0.55
C MET B 501 10.79 -23.38 1.14
N CYS B 502 10.23 -22.33 1.73
CA CYS B 502 8.87 -22.41 2.24
C CYS B 502 7.88 -21.60 1.44
N GLY B 503 8.37 -20.79 0.53
CA GLY B 503 7.49 -20.16 -0.45
C GLY B 503 6.72 -21.21 -1.21
N GLU B 504 5.62 -20.75 -1.83
CA GLU B 504 4.71 -21.66 -2.51
C GLU B 504 5.30 -22.38 -3.73
N LEU B 505 6.40 -21.85 -4.26
CA LEU B 505 7.10 -22.57 -5.31
C LEU B 505 7.51 -23.98 -4.94
N ALA B 506 7.96 -24.17 -3.71
CA ALA B 506 8.34 -25.49 -3.19
C ALA B 506 7.24 -26.46 -3.46
N GLY B 507 6.00 -26.03 -3.21
CA GLY B 507 4.84 -26.89 -3.40
C GLY B 507 4.26 -26.89 -4.79
N ASP B 508 4.87 -26.15 -5.72
CA ASP B 508 4.33 -25.98 -7.08
C ASP B 508 4.89 -27.09 -8.01
N GLU B 509 4.01 -27.98 -8.51
CA GLU B 509 4.39 -29.10 -9.40
C GLU B 509 5.31 -28.71 -10.55
N ARG B 510 5.34 -27.43 -10.88
CA ARG B 510 6.00 -26.99 -12.10
C ARG B 510 7.42 -26.55 -11.85
N ALA B 511 7.73 -26.35 -10.57
CA ALA B 511 9.05 -25.94 -10.23
C ALA B 511 9.87 -27.11 -9.67
N THR B 512 9.18 -28.17 -9.28
CA THR B 512 9.82 -29.24 -8.55
C THR B 512 11.11 -29.73 -9.20
N LEU B 513 11.09 -30.06 -10.51
CA LEU B 513 12.34 -30.45 -11.20
C LEU B 513 13.43 -29.38 -11.21
N LEU B 514 13.04 -28.12 -11.32
CA LEU B 514 14.01 -27.02 -11.28
C LEU B 514 14.57 -26.81 -9.90
N LEU B 515 13.69 -26.69 -8.93
CA LEU B 515 14.12 -26.57 -7.56
C LEU B 515 15.08 -27.69 -7.25
N LEU B 516 14.69 -28.91 -7.61
CA LEU B 516 15.57 -30.06 -7.40
C LEU B 516 16.92 -29.92 -8.13
N GLY B 517 16.87 -29.60 -9.43
CA GLY B 517 18.06 -29.54 -10.26
C GLY B 517 19.00 -28.46 -9.78
N MET B 518 18.41 -27.41 -9.21
CA MET B 518 19.17 -26.28 -8.74
C MET B 518 19.78 -26.56 -7.40
N GLY B 519 19.49 -27.74 -6.83
CA GLY B 519 20.12 -28.21 -5.61
C GLY B 519 19.47 -27.83 -4.29
N LEU B 520 18.24 -27.32 -4.35
CA LEU B 520 17.51 -26.99 -3.15
C LEU B 520 17.50 -28.19 -2.23
N ASP B 521 17.77 -27.95 -0.94
CA ASP B 521 17.99 -29.03 0.04
C ASP B 521 16.72 -29.43 0.68
N GLU B 522 15.82 -28.46 0.78
CA GLU B 522 14.65 -28.64 1.59
C GLU B 522 13.44 -27.97 1.00
N PHE B 523 12.31 -28.68 0.98
CA PHE B 523 11.08 -28.08 0.48
C PHE B 523 10.09 -28.01 1.59
N SER B 524 9.40 -26.89 1.73
CA SER B 524 8.39 -26.88 2.78
C SER B 524 7.13 -26.25 2.27
N MET B 525 5.99 -26.89 2.52
CA MET B 525 4.80 -26.46 1.85
C MET B 525 3.60 -26.72 2.69
N SER B 526 2.44 -26.28 2.18
CA SER B 526 1.21 -26.80 2.68
C SER B 526 1.38 -28.30 2.69
N ALA B 527 0.95 -28.91 3.79
CA ALA B 527 1.00 -30.36 3.92
C ALA B 527 0.35 -31.05 2.70
N ILE B 528 -0.81 -30.56 2.27
CA ILE B 528 -1.50 -31.17 1.13
C ILE B 528 -0.65 -31.31 -0.12
N SER B 529 0.43 -30.57 -0.24
CA SER B 529 1.23 -30.65 -1.45
C SER B 529 2.34 -31.63 -1.33
N ILE B 530 2.53 -32.14 -0.13
CA ILE B 530 3.67 -32.99 0.11
C ILE B 530 3.69 -34.22 -0.81
N PRO B 531 2.57 -34.97 -0.88
CA PRO B 531 2.61 -36.14 -1.79
C PRO B 531 2.83 -35.82 -3.28
N ARG B 532 2.24 -34.74 -3.84
CA ARG B 532 2.43 -34.47 -5.28
C ARG B 532 3.89 -34.27 -5.57
N ILE B 533 4.52 -33.50 -4.71
CA ILE B 533 5.88 -33.15 -4.90
C ILE B 533 6.79 -34.35 -4.61
N LYS B 534 6.51 -35.06 -3.54
CA LYS B 534 7.24 -36.27 -3.23
C LYS B 534 7.21 -37.14 -4.51
N LYS B 535 6.01 -37.34 -5.08
CA LYS B 535 5.84 -38.19 -6.25
C LYS B 535 6.73 -37.79 -7.39
N ILE B 536 6.78 -36.48 -7.66
CA ILE B 536 7.60 -35.95 -8.72
C ILE B 536 9.06 -36.23 -8.42
N ILE B 537 9.41 -36.16 -7.14
CA ILE B 537 10.81 -36.27 -6.75
C ILE B 537 11.23 -37.69 -6.89
N ARG B 538 10.36 -38.58 -6.42
CA ARG B 538 10.67 -39.98 -6.43
C ARG B 538 10.82 -40.58 -7.84
N ASN B 539 10.33 -39.85 -8.86
CA ASN B 539 10.24 -40.34 -10.24
C ASN B 539 11.13 -39.55 -11.21
N THR B 540 11.98 -38.70 -10.65
CA THR B 540 12.92 -37.95 -11.46
C THR B 540 14.22 -38.63 -11.35
N ASN B 541 15.06 -38.35 -12.33
CA ASN B 541 16.44 -38.58 -12.17
C ASN B 541 17.11 -37.22 -11.84
N PHE B 542 17.89 -37.21 -10.77
CA PHE B 542 18.48 -35.95 -10.32
C PHE B 542 19.44 -35.33 -11.32
N GLU B 543 20.25 -36.16 -11.95
CA GLU B 543 21.20 -35.62 -12.91
C GLU B 543 20.52 -34.90 -14.06
N ASP B 544 19.40 -35.47 -14.49
CA ASP B 544 18.64 -34.92 -15.59
C ASP B 544 18.08 -33.55 -15.25
N ALA B 545 17.48 -33.44 -14.06
CA ALA B 545 17.04 -32.21 -13.46
C ALA B 545 18.10 -31.14 -13.41
N LYS B 546 19.33 -31.48 -12.97
CA LYS B 546 20.42 -30.49 -13.00
C LYS B 546 20.47 -29.90 -14.40
N VAL B 547 20.69 -30.75 -15.39
CA VAL B 547 20.73 -30.31 -16.78
C VAL B 547 19.51 -29.43 -17.11
N LEU B 548 18.33 -29.85 -16.62
CA LEU B 548 17.14 -29.10 -16.89
C LEU B 548 17.32 -27.72 -16.29
N ALA B 549 17.72 -27.69 -15.01
CA ALA B 549 17.81 -26.46 -14.25
C ALA B 549 18.74 -25.52 -14.94
N GLU B 550 19.89 -26.06 -15.26
CA GLU B 550 20.83 -25.23 -15.89
C GLU B 550 20.21 -24.56 -17.15
N GLN B 551 19.65 -25.38 -18.05
CA GLN B 551 19.05 -24.81 -19.23
C GLN B 551 18.10 -23.67 -18.83
N ALA B 552 17.20 -23.97 -17.89
CA ALA B 552 16.13 -23.04 -17.57
C ALA B 552 16.69 -21.70 -17.14
N LEU B 553 17.80 -21.77 -16.40
CA LEU B 553 18.44 -20.56 -15.88
C LEU B 553 19.05 -19.66 -16.94
N ALA B 554 19.16 -20.15 -18.17
CA ALA B 554 19.71 -19.35 -19.24
C ALA B 554 18.64 -18.70 -20.11
N GLN B 555 17.39 -19.16 -19.99
CA GLN B 555 16.28 -18.63 -20.76
C GLN B 555 15.97 -17.17 -20.40
N PRO B 556 15.81 -16.28 -21.38
CA PRO B 556 15.43 -14.91 -21.03
C PRO B 556 13.90 -14.76 -20.89
N THR B 557 13.18 -15.85 -20.98
CA THR B 557 11.73 -15.77 -21.08
C THR B 557 11.11 -16.95 -20.31
N THR B 558 10.04 -16.69 -19.59
CA THR B 558 9.31 -17.72 -18.85
C THR B 558 8.83 -18.79 -19.83
N ASP B 559 8.15 -18.37 -20.87
CA ASP B 559 7.65 -19.34 -21.81
C ASP B 559 8.70 -20.33 -22.21
N GLU B 560 9.89 -19.81 -22.52
CA GLU B 560 11.00 -20.63 -23.00
C GLU B 560 11.46 -21.62 -21.94
N LEU B 561 11.38 -21.20 -20.69
CA LEU B 561 11.73 -22.01 -19.55
C LEU B 561 10.58 -23.05 -19.25
N MET B 562 9.33 -22.65 -19.47
CA MET B 562 8.23 -23.62 -19.38
C MET B 562 8.40 -24.71 -20.40
N THR B 563 8.88 -24.37 -21.59
CA THR B 563 9.05 -25.35 -22.64
C THR B 563 10.00 -26.47 -22.21
N LEU B 564 11.15 -26.12 -21.66
CA LEU B 564 12.13 -27.08 -21.16
C LEU B 564 11.51 -28.04 -20.21
N VAL B 565 10.92 -27.50 -19.14
CA VAL B 565 10.14 -28.28 -18.17
C VAL B 565 9.17 -29.26 -18.84
N ASN B 566 8.36 -28.77 -19.77
CA ASN B 566 7.43 -29.65 -20.48
C ASN B 566 8.09 -30.76 -21.31
N LYS B 567 9.09 -30.44 -22.13
CA LYS B 567 9.72 -31.48 -22.93
C LYS B 567 10.34 -32.53 -22.02
N PHE B 568 10.75 -32.09 -20.84
CA PHE B 568 11.29 -32.99 -19.85
C PHE B 568 10.20 -33.99 -19.44
N ILE B 569 9.09 -33.47 -18.93
CA ILE B 569 7.99 -34.29 -18.46
C ILE B 569 7.51 -35.28 -19.50
N GLU B 570 7.52 -34.85 -20.76
CA GLU B 570 7.22 -35.70 -21.90
C GLU B 570 8.20 -36.87 -22.02
N GLU B 571 9.47 -36.53 -22.10
CA GLU B 571 10.48 -37.48 -22.43
C GLU B 571 10.92 -38.33 -21.25
N LYS B 572 10.69 -37.84 -20.02
CA LYS B 572 11.37 -38.39 -18.84
C LYS B 572 10.51 -39.16 -17.81
N THR B 573 9.17 -39.09 -17.89
CA THR B 573 8.30 -40.06 -17.17
C THR B 573 6.84 -40.01 -17.65
N MET A 1 15.04 26.53 21.71
CA MET A 1 15.64 25.35 21.00
C MET A 1 14.56 24.66 20.15
N ILE A 2 14.18 25.28 19.05
CA ILE A 2 13.15 24.68 18.15
C ILE A 2 13.82 24.16 16.87
N SER A 3 13.56 22.94 16.49
CA SER A 3 14.19 22.37 15.25
C SER A 3 13.13 21.74 14.34
N GLY A 4 13.29 21.91 13.04
CA GLY A 4 12.31 21.33 12.06
C GLY A 4 13.09 20.43 11.09
N ILE A 5 12.55 20.15 9.94
CA ILE A 5 13.26 19.24 8.98
C ILE A 5 14.08 20.06 7.96
N LEU A 6 13.86 21.35 7.89
CA LEU A 6 14.62 22.18 6.90
C LEU A 6 14.48 21.58 5.50
N ALA A 7 13.66 22.19 4.67
CA ALA A 7 13.47 21.65 3.29
C ALA A 7 14.38 22.40 2.32
N SER A 8 14.77 23.61 2.64
CA SER A 8 15.68 24.38 1.73
C SER A 8 16.68 25.17 2.60
N PRO A 9 17.97 25.03 2.35
CA PRO A 9 19.00 25.77 3.13
C PRO A 9 19.15 27.22 2.64
N GLY A 10 19.38 28.13 3.54
CA GLY A 10 19.54 29.56 3.13
C GLY A 10 19.36 30.44 4.37
N ILE A 11 19.09 31.71 4.19
CA ILE A 11 18.88 32.63 5.36
C ILE A 11 17.89 33.71 4.95
N ALA A 12 17.11 34.23 5.86
CA ALA A 12 16.13 35.30 5.48
C ALA A 12 15.77 36.17 6.68
N PHE A 13 15.36 37.40 6.43
CA PHE A 13 14.95 38.33 7.51
C PHE A 13 13.63 39.00 7.10
N GLY A 14 12.60 38.96 7.91
CA GLY A 14 11.32 39.62 7.49
C GLY A 14 10.24 39.46 8.57
N LYS A 15 9.10 40.03 8.33
CA LYS A 15 7.97 39.95 9.31
C LYS A 15 7.29 38.58 9.17
N ALA A 16 6.57 38.16 10.19
CA ALA A 16 5.90 36.82 10.14
C ALA A 16 4.40 36.96 9.90
N LEU A 17 3.88 36.23 8.93
CA LEU A 17 2.42 36.28 8.63
C LEU A 17 1.78 35.04 9.25
N LEU A 18 0.66 35.18 9.92
CA LEU A 18 -0.01 34.00 10.57
C LEU A 18 -1.39 33.75 9.95
N LEU A 19 -1.60 32.58 9.41
CA LEU A 19 -2.92 32.26 8.79
C LEU A 19 -3.89 31.72 9.85
N LYS A 20 -4.68 32.53 10.48
CA LYS A 20 -5.45 31.97 11.61
C LYS A 20 -6.50 30.98 11.13
N GLU A 21 -6.23 29.73 11.37
CA GLU A 21 -7.15 28.64 10.95
C GLU A 21 -8.55 28.94 11.50
N ASP A 22 -8.65 29.98 12.39
CA ASP A 22 -9.91 30.43 13.11
C ASP A 22 -11.24 30.25 12.35
N GLU A 23 -12.37 30.32 13.12
CA GLU A 23 -13.72 30.17 12.55
C GLU A 23 -14.75 31.18 13.15
N ILE A 24 -15.78 31.56 12.34
CA ILE A 24 -16.85 32.54 12.73
C ILE A 24 -17.84 31.92 13.74
N VAL A 25 -18.11 32.56 14.86
CA VAL A 25 -19.08 32.08 15.82
C VAL A 25 -20.18 33.11 15.85
N ILE A 26 -21.41 32.64 15.64
CA ILE A 26 -22.55 33.54 15.56
C ILE A 26 -23.10 33.73 16.96
N ASP A 27 -23.44 34.96 17.32
CA ASP A 27 -24.11 35.20 18.60
C ASP A 27 -25.63 35.18 18.44
N ARG A 28 -26.20 34.01 18.74
CA ARG A 28 -27.62 33.78 18.51
C ARG A 28 -28.52 34.36 19.58
N LYS A 29 -27.98 34.52 20.80
CA LYS A 29 -28.69 35.10 21.94
C LYS A 29 -29.23 36.49 21.60
N LYS A 30 -30.52 36.69 21.87
CA LYS A 30 -31.14 37.98 21.65
C LYS A 30 -30.36 39.06 22.36
N ILE A 31 -30.22 40.19 21.70
CA ILE A 31 -29.51 41.34 22.22
C ILE A 31 -30.47 42.16 23.08
N SER A 32 -29.90 43.05 23.89
CA SER A 32 -30.71 43.95 24.69
C SER A 32 -31.10 45.17 23.88
N ALA A 33 -32.10 45.90 24.32
CA ALA A 33 -32.59 47.08 23.55
C ALA A 33 -31.48 48.11 23.43
N ASP A 34 -30.83 48.42 24.51
CA ASP A 34 -29.73 49.42 24.44
C ASP A 34 -28.75 48.93 23.37
N GLN A 35 -28.55 47.65 23.31
CA GLN A 35 -27.62 47.08 22.31
C GLN A 35 -28.19 47.24 20.89
N VAL A 36 -29.50 47.09 20.72
CA VAL A 36 -29.96 47.17 19.31
C VAL A 36 -29.19 48.28 18.59
N ASP A 37 -29.18 49.45 19.15
CA ASP A 37 -28.45 50.58 18.51
C ASP A 37 -26.96 50.23 18.38
N GLN A 38 -26.39 49.62 19.38
CA GLN A 38 -24.93 49.29 19.30
C GLN A 38 -24.67 48.22 18.24
N GLU A 39 -25.52 47.24 18.13
CA GLU A 39 -25.27 46.17 17.12
C GLU A 39 -25.37 46.76 15.71
N VAL A 40 -26.30 47.64 15.47
CA VAL A 40 -26.40 48.24 14.12
C VAL A 40 -25.09 48.99 13.82
N GLU A 41 -24.63 49.76 14.76
CA GLU A 41 -23.35 50.51 14.54
C GLU A 41 -22.22 49.51 14.28
N ARG A 42 -22.17 48.43 15.01
CA ARG A 42 -21.08 47.44 14.77
C ARG A 42 -21.21 46.94 13.33
N PHE A 43 -22.41 46.65 12.90
CA PHE A 43 -22.61 46.19 11.50
C PHE A 43 -22.14 47.29 10.55
N LEU A 44 -22.58 48.50 10.76
CA LEU A 44 -22.16 49.62 9.89
C LEU A 44 -20.63 49.79 10.00
N SER A 45 -20.10 49.73 11.19
CA SER A 45 -18.62 49.88 11.34
C SER A 45 -17.92 48.71 10.66
N GLY A 46 -18.42 47.51 10.86
CA GLY A 46 -17.81 46.32 10.21
C GLY A 46 -18.05 46.40 8.70
N ARG A 47 -19.23 46.81 8.32
CA ARG A 47 -19.57 46.95 6.88
C ARG A 47 -18.69 48.05 6.30
N ALA A 48 -18.37 49.04 7.10
CA ALA A 48 -17.51 50.14 6.61
C ALA A 48 -16.17 49.58 6.15
N LYS A 49 -15.62 48.65 6.87
CA LYS A 49 -14.32 48.07 6.44
C LYS A 49 -14.54 47.37 5.10
N ALA A 50 -15.20 46.22 5.10
CA ALA A 50 -15.42 45.47 3.83
C ALA A 50 -15.72 46.42 2.67
N SER A 51 -16.38 47.51 2.91
CA SER A 51 -16.66 48.44 1.78
C SER A 51 -15.34 48.86 1.17
N ALA A 52 -14.45 49.40 1.96
CA ALA A 52 -13.14 49.86 1.44
C ALA A 52 -12.25 48.67 1.04
N GLN A 53 -12.24 47.61 1.81
CA GLN A 53 -11.37 46.45 1.44
C GLN A 53 -11.87 45.80 0.16
N LEU A 54 -13.16 45.67 -0.01
CA LEU A 54 -13.69 45.05 -1.26
C LEU A 54 -13.28 45.92 -2.44
N GLU A 55 -13.34 47.21 -2.28
CA GLU A 55 -12.95 48.13 -3.39
C GLU A 55 -11.47 47.91 -3.74
N THR A 56 -10.64 47.67 -2.76
CA THR A 56 -9.20 47.45 -3.05
C THR A 56 -9.04 46.19 -3.91
N ILE A 57 -9.77 45.16 -3.61
CA ILE A 57 -9.67 43.91 -4.41
C ILE A 57 -10.09 44.18 -5.86
N LYS A 58 -11.10 44.99 -6.03
CA LYS A 58 -11.59 45.31 -7.41
C LYS A 58 -10.44 45.90 -8.24
N THR A 59 -9.78 46.88 -7.72
CA THR A 59 -8.67 47.53 -8.49
C THR A 59 -7.60 46.51 -8.86
N LYS A 60 -7.37 45.54 -8.03
CA LYS A 60 -6.32 44.52 -8.35
C LYS A 60 -6.81 43.65 -9.50
N ALA A 61 -8.07 43.34 -9.51
CA ALA A 61 -8.61 42.50 -10.60
C ALA A 61 -8.50 43.24 -11.93
N GLY A 62 -8.82 44.51 -11.95
CA GLY A 62 -8.75 45.29 -13.21
C GLY A 62 -7.32 45.30 -13.75
N GLU A 63 -6.37 45.65 -12.93
CA GLU A 63 -4.96 45.69 -13.42
C GLU A 63 -4.47 44.26 -13.66
N THR A 64 -4.73 43.37 -12.74
CA THR A 64 -4.24 41.97 -12.88
C THR A 64 -4.90 41.24 -14.06
N PHE A 65 -6.19 41.05 -14.02
CA PHE A 65 -6.87 40.31 -15.13
C PHE A 65 -7.47 41.26 -16.18
N GLY A 66 -8.19 42.27 -15.78
CA GLY A 66 -8.78 43.21 -16.79
C GLY A 66 -10.20 43.67 -16.40
N GLU A 67 -10.88 44.30 -17.31
CA GLU A 67 -12.27 44.80 -17.04
C GLU A 67 -13.23 43.61 -16.93
N GLU A 68 -12.90 42.51 -17.54
CA GLU A 68 -13.77 41.31 -17.49
C GLU A 68 -13.93 40.86 -16.03
N LYS A 69 -12.89 40.97 -15.25
CA LYS A 69 -12.97 40.54 -13.82
C LYS A 69 -13.23 41.74 -12.90
N GLU A 70 -12.95 42.92 -13.36
CA GLU A 70 -13.18 44.12 -12.51
C GLU A 70 -14.67 44.35 -12.25
N ALA A 71 -15.47 44.22 -13.28
CA ALA A 71 -16.93 44.46 -13.10
C ALA A 71 -17.58 43.41 -12.21
N ILE A 72 -17.06 42.20 -12.18
CA ILE A 72 -17.73 41.18 -11.31
C ILE A 72 -17.70 41.69 -9.87
N PHE A 73 -16.63 42.31 -9.45
CA PHE A 73 -16.58 42.84 -8.05
C PHE A 73 -17.61 43.95 -7.89
N GLU A 74 -17.78 44.78 -8.88
CA GLU A 74 -18.77 45.88 -8.74
C GLU A 74 -20.15 45.26 -8.49
N GLY A 75 -20.47 44.20 -9.17
CA GLY A 75 -21.81 43.57 -8.94
C GLY A 75 -21.89 43.08 -7.49
N HIS A 76 -20.87 42.40 -7.05
CA HIS A 76 -20.87 41.91 -5.65
C HIS A 76 -20.94 43.09 -4.69
N ILE A 77 -20.17 44.11 -4.93
CA ILE A 77 -20.21 45.30 -4.04
C ILE A 77 -21.58 45.99 -4.19
N MET A 78 -22.03 46.19 -5.40
CA MET A 78 -23.33 46.87 -5.61
C MET A 78 -24.45 46.05 -4.95
N LEU A 79 -24.38 44.76 -5.05
CA LEU A 79 -25.43 43.91 -4.41
C LEU A 79 -25.35 44.06 -2.90
N LEU A 80 -24.17 44.11 -2.37
CA LEU A 80 -24.01 44.23 -0.90
C LEU A 80 -24.61 45.56 -0.43
N GLU A 81 -24.43 46.61 -1.18
CA GLU A 81 -24.97 47.94 -0.75
C GLU A 81 -26.45 48.04 -1.15
N ASP A 82 -27.03 47.00 -1.67
CA ASP A 82 -28.46 47.07 -2.07
C ASP A 82 -29.29 47.63 -0.91
N GLU A 83 -30.11 48.61 -1.19
CA GLU A 83 -30.94 49.24 -0.11
C GLU A 83 -31.87 48.21 0.51
N GLU A 84 -32.13 47.11 -0.15
CA GLU A 84 -33.02 46.07 0.44
C GLU A 84 -32.29 45.38 1.60
N LEU A 85 -31.00 45.19 1.47
CA LEU A 85 -30.21 44.54 2.55
C LEU A 85 -30.12 45.46 3.76
N GLU A 86 -29.94 46.72 3.53
CA GLU A 86 -29.81 47.67 4.67
C GLU A 86 -31.09 47.64 5.50
N GLN A 87 -32.22 47.73 4.86
CA GLN A 87 -33.51 47.72 5.61
C GLN A 87 -33.78 46.33 6.21
N GLU A 88 -33.51 45.29 5.47
CA GLU A 88 -33.77 43.90 5.99
C GLU A 88 -32.80 43.52 7.12
N ILE A 89 -31.56 43.87 7.01
CA ILE A 89 -30.59 43.52 8.08
C ILE A 89 -30.94 44.31 9.35
N ILE A 90 -31.20 45.58 9.20
CA ILE A 90 -31.54 46.44 10.35
C ILE A 90 -32.91 46.05 10.94
N ALA A 91 -33.85 45.74 10.10
CA ALA A 91 -35.21 45.38 10.61
C ALA A 91 -35.14 44.15 11.54
N LEU A 92 -34.48 43.11 11.13
CA LEU A 92 -34.41 41.89 12.00
C LEU A 92 -33.74 42.24 13.33
N ILE A 93 -32.65 42.95 13.30
CA ILE A 93 -31.98 43.34 14.57
C ILE A 93 -32.94 44.19 15.40
N LYS A 94 -33.52 45.17 14.78
CA LYS A 94 -34.48 46.05 15.51
C LYS A 94 -35.76 45.29 15.85
N ASP A 95 -36.28 44.51 14.94
CA ASP A 95 -37.55 43.77 15.22
C ASP A 95 -37.31 42.49 16.03
N LYS A 96 -36.41 41.65 15.60
CA LYS A 96 -36.19 40.37 16.33
C LYS A 96 -35.09 40.49 17.42
N HIS A 97 -34.47 41.63 17.56
CA HIS A 97 -33.41 41.80 18.60
C HIS A 97 -32.34 40.72 18.42
N MET A 98 -32.02 40.42 17.20
CA MET A 98 -30.99 39.38 16.89
C MET A 98 -29.61 40.04 16.73
N THR A 99 -28.57 39.27 16.67
CA THR A 99 -27.20 39.85 16.52
C THR A 99 -26.94 40.21 15.05
N ALA A 100 -26.00 41.08 14.79
CA ALA A 100 -25.71 41.48 13.38
C ALA A 100 -25.11 40.32 12.60
N ASP A 101 -24.23 39.56 13.21
CA ASP A 101 -23.63 38.41 12.47
C ASP A 101 -24.69 37.31 12.27
N ALA A 102 -25.59 37.14 13.20
CA ALA A 102 -26.63 36.10 13.02
C ALA A 102 -27.76 36.65 12.12
N ALA A 103 -28.12 37.89 12.30
CA ALA A 103 -29.21 38.48 11.47
C ALA A 103 -28.71 38.67 10.03
N ALA A 104 -27.53 39.21 9.86
CA ALA A 104 -27.00 39.43 8.49
C ALA A 104 -26.87 38.08 7.77
N HIS A 105 -26.44 37.06 8.47
CA HIS A 105 -26.26 35.73 7.82
C HIS A 105 -27.59 35.25 7.25
N GLU A 106 -28.66 35.47 7.95
CA GLU A 106 -29.99 35.01 7.46
C GLU A 106 -30.36 35.74 6.16
N VAL A 107 -30.08 37.01 6.08
CA VAL A 107 -30.45 37.78 4.86
C VAL A 107 -29.70 37.26 3.63
N ILE A 108 -28.39 37.18 3.69
CA ILE A 108 -27.64 36.68 2.50
C ILE A 108 -27.91 35.19 2.32
N GLU A 109 -27.97 34.46 3.39
CA GLU A 109 -28.27 33.00 3.29
C GLU A 109 -29.68 32.82 2.75
N GLY A 110 -30.59 33.66 3.20
CA GLY A 110 -32.00 33.55 2.74
C GLY A 110 -32.07 33.67 1.21
N GLN A 111 -31.44 34.67 0.64
CA GLN A 111 -31.50 34.80 -0.84
C GLN A 111 -30.74 33.63 -1.48
N ALA A 112 -29.52 33.40 -1.10
CA ALA A 112 -28.76 32.26 -1.69
C ALA A 112 -29.57 30.98 -1.50
N SER A 113 -30.18 30.81 -0.37
CA SER A 113 -30.98 29.58 -0.13
C SER A 113 -32.08 29.49 -1.19
N ALA A 114 -32.69 30.59 -1.51
CA ALA A 114 -33.76 30.56 -2.55
C ALA A 114 -33.15 30.15 -3.88
N LEU A 115 -31.98 30.64 -4.19
CA LEU A 115 -31.33 30.28 -5.48
C LEU A 115 -31.06 28.78 -5.53
N GLU A 116 -30.62 28.18 -4.45
CA GLU A 116 -30.33 26.72 -4.48
C GLU A 116 -31.61 25.96 -4.83
N GLU A 117 -32.74 26.42 -4.39
CA GLU A 117 -34.01 25.71 -4.71
C GLU A 117 -34.11 25.57 -6.24
N LEU A 118 -33.40 26.39 -6.97
CA LEU A 118 -33.47 26.31 -8.45
C LEU A 118 -32.95 24.96 -8.92
N ASP A 119 -33.49 24.45 -9.99
CA ASP A 119 -33.05 23.12 -10.52
C ASP A 119 -32.05 23.32 -11.67
N ASP A 120 -31.15 24.27 -11.54
CA ASP A 120 -30.15 24.51 -12.63
C ASP A 120 -28.73 24.62 -12.04
N GLU A 121 -27.79 23.95 -12.65
CA GLU A 121 -26.38 23.99 -12.18
C GLU A 121 -25.75 25.37 -12.43
N TYR A 122 -26.20 26.04 -13.45
CA TYR A 122 -25.66 27.39 -13.79
C TYR A 122 -26.16 28.44 -12.76
N LEU A 123 -27.39 28.35 -12.36
CA LEU A 123 -27.92 29.32 -11.36
C LEU A 123 -27.33 28.99 -9.99
N LYS A 124 -27.14 27.73 -9.72
CA LYS A 124 -26.57 27.31 -8.41
C LYS A 124 -25.15 27.89 -8.23
N GLU A 125 -24.33 27.86 -9.26
CA GLU A 125 -22.95 28.43 -9.09
C GLU A 125 -23.03 29.90 -8.73
N ARG A 126 -23.87 30.66 -9.38
CA ARG A 126 -23.97 32.10 -9.02
C ARG A 126 -24.38 32.21 -7.55
N ALA A 127 -25.22 31.33 -7.10
CA ALA A 127 -25.63 31.37 -5.67
C ALA A 127 -24.38 31.16 -4.82
N ALA A 128 -23.38 30.51 -5.36
CA ALA A 128 -22.12 30.30 -4.60
C ALA A 128 -21.39 31.64 -4.46
N ASP A 129 -21.41 32.43 -5.51
CA ASP A 129 -20.72 33.75 -5.45
C ASP A 129 -21.45 34.66 -4.46
N VAL A 130 -22.75 34.61 -4.45
CA VAL A 130 -23.52 35.46 -3.49
C VAL A 130 -23.28 34.95 -2.07
N ARG A 131 -23.23 33.67 -1.89
CA ARG A 131 -22.97 33.10 -0.53
C ARG A 131 -21.60 33.58 -0.04
N ASP A 132 -20.64 33.62 -0.92
CA ASP A 132 -19.26 34.05 -0.53
C ASP A 132 -19.29 35.47 0.02
N ILE A 133 -20.07 36.33 -0.57
CA ILE A 133 -20.11 37.74 -0.09
C ILE A 133 -20.55 37.78 1.37
N GLY A 134 -21.57 37.05 1.72
CA GLY A 134 -22.06 37.05 3.13
C GLY A 134 -21.06 36.32 4.03
N LYS A 135 -20.43 35.29 3.53
CA LYS A 135 -19.45 34.52 4.35
C LYS A 135 -18.33 35.45 4.83
N ARG A 136 -17.78 36.23 3.94
CA ARG A 136 -16.67 37.15 4.32
C ARG A 136 -17.21 38.28 5.19
N LEU A 137 -18.44 38.66 4.99
CA LEU A 137 -19.02 39.76 5.79
C LEU A 137 -18.95 39.38 7.26
N LEU A 138 -19.25 38.16 7.58
CA LEU A 138 -19.18 37.72 9.01
C LEU A 138 -17.75 37.88 9.50
N ARG A 139 -16.78 37.55 8.68
CA ARG A 139 -15.37 37.70 9.14
C ARG A 139 -15.07 39.20 9.30
N ASN A 140 -15.57 40.00 8.39
CA ASN A 140 -15.32 41.47 8.45
C ASN A 140 -15.91 42.08 9.73
N ILE A 141 -17.06 41.64 10.17
CA ILE A 141 -17.64 42.23 11.41
C ILE A 141 -16.79 41.76 12.58
N LEU A 142 -16.44 40.50 12.60
CA LEU A 142 -15.61 39.97 13.71
C LEU A 142 -14.19 40.53 13.59
N GLY A 143 -13.73 40.74 12.38
CA GLY A 143 -12.38 41.23 12.20
C GLY A 143 -11.39 40.08 11.98
N LEU A 144 -11.92 38.89 11.71
CA LEU A 144 -11.05 37.73 11.47
C LEU A 144 -10.19 38.01 10.27
N LYS A 145 -9.01 37.42 10.26
CA LYS A 145 -8.06 37.69 9.21
C LYS A 145 -8.46 36.94 7.93
N ILE A 146 -8.65 37.69 6.84
CA ILE A 146 -9.06 37.12 5.55
C ILE A 146 -7.85 37.08 4.61
N ILE A 147 -6.84 36.29 4.94
CA ILE A 147 -5.63 36.45 4.21
C ILE A 147 -5.85 35.80 2.88
N ASP A 148 -6.55 36.42 1.95
CA ASP A 148 -6.52 35.77 0.63
C ASP A 148 -5.04 35.86 0.53
N LEU A 149 -4.27 34.93 0.12
CA LEU A 149 -2.83 35.25 0.27
C LEU A 149 -2.40 36.22 -0.84
N SER A 150 -3.28 36.60 -1.72
CA SER A 150 -2.88 37.54 -2.81
C SER A 150 -2.99 38.99 -2.31
N ALA A 151 -3.65 39.22 -1.20
CA ALA A 151 -3.81 40.62 -0.70
C ALA A 151 -2.57 41.08 0.09
N ILE A 152 -1.41 40.57 -0.22
CA ILE A 152 -0.20 41.01 0.54
C ILE A 152 0.42 42.23 -0.13
N GLN A 153 0.52 43.33 0.58
CA GLN A 153 1.14 44.57 0.00
C GLN A 153 2.58 44.74 0.49
N ASP A 154 2.98 44.00 1.50
CA ASP A 154 4.39 44.16 2.03
C ASP A 154 5.09 42.81 2.10
N GLU A 155 6.39 42.82 1.98
CA GLU A 155 7.17 41.55 2.04
C GLU A 155 7.00 40.95 3.43
N VAL A 156 6.74 39.68 3.50
CA VAL A 156 6.56 39.01 4.83
C VAL A 156 6.96 37.54 4.73
N ILE A 157 7.15 36.89 5.85
CA ILE A 157 7.46 35.43 5.82
C ILE A 157 6.12 34.72 5.98
N LEU A 158 5.96 33.58 5.37
CA LEU A 158 4.64 32.87 5.46
C LEU A 158 4.70 31.76 6.52
N VAL A 159 3.89 31.87 7.55
CA VAL A 159 3.87 30.84 8.64
C VAL A 159 2.45 30.25 8.74
N ALA A 160 2.32 28.95 8.73
CA ALA A 160 0.97 28.32 8.80
C ALA A 160 1.10 26.90 9.35
N ALA A 161 0.05 26.33 9.84
CA ALA A 161 0.16 24.94 10.33
C ALA A 161 0.39 24.02 9.12
N ASP A 162 -0.26 24.34 8.03
CA ASP A 162 -0.08 23.54 6.78
C ASP A 162 -0.77 24.27 5.61
N LEU A 163 -0.22 24.16 4.43
CA LEU A 163 -0.82 24.88 3.24
C LEU A 163 -1.39 23.86 2.25
N THR A 164 -2.54 24.13 1.70
CA THR A 164 -3.15 23.18 0.71
C THR A 164 -2.74 23.62 -0.71
N PRO A 165 -2.55 22.71 -1.64
CA PRO A 165 -2.17 23.07 -3.04
C PRO A 165 -2.91 24.31 -3.56
N SER A 166 -4.14 24.47 -3.18
CA SER A 166 -4.92 25.65 -3.67
C SER A 166 -4.24 26.95 -3.24
N GLU A 167 -3.74 27.00 -2.04
CA GLU A 167 -3.10 28.26 -1.57
C GLU A 167 -1.79 28.49 -2.34
N THR A 168 -1.03 27.46 -2.57
CA THR A 168 0.28 27.63 -3.28
C THR A 168 0.10 28.32 -4.64
N ALA A 169 -1.01 28.14 -5.29
CA ALA A 169 -1.20 28.80 -6.62
C ALA A 169 -1.45 30.29 -6.44
N GLN A 170 -2.40 30.64 -5.62
CA GLN A 170 -2.73 32.07 -5.40
C GLN A 170 -1.79 32.63 -4.34
N LEU A 171 -0.56 32.20 -4.34
CA LEU A 171 0.42 32.68 -3.34
C LEU A 171 1.40 33.65 -4.01
N ASN A 172 1.74 34.74 -3.34
CA ASN A 172 2.70 35.72 -3.94
C ASN A 172 4.14 35.27 -3.67
N LEU A 173 4.80 34.69 -4.65
CA LEU A 173 6.20 34.23 -4.42
C LEU A 173 7.13 35.42 -4.16
N LYS A 174 6.97 36.51 -4.87
CA LYS A 174 7.88 37.68 -4.67
C LYS A 174 7.67 38.35 -3.32
N LYS A 175 6.49 38.31 -2.76
CA LYS A 175 6.27 39.00 -1.45
C LYS A 175 6.48 38.04 -0.30
N VAL A 176 6.65 36.77 -0.58
CA VAL A 176 6.92 35.78 0.51
C VAL A 176 8.41 35.48 0.50
N LEU A 177 9.12 35.85 1.53
CA LEU A 177 10.60 35.63 1.55
C LEU A 177 10.92 34.21 2.04
N GLY A 178 9.94 33.40 2.23
CA GLY A 178 10.22 32.01 2.70
C GLY A 178 8.91 31.34 3.11
N PHE A 179 8.97 30.08 3.44
CA PHE A 179 7.74 29.35 3.86
C PHE A 179 8.06 28.54 5.11
N ILE A 180 7.26 28.67 6.13
CA ILE A 180 7.50 27.89 7.38
C ILE A 180 6.20 27.23 7.82
N THR A 181 6.19 25.94 8.02
CA THR A 181 4.95 25.26 8.45
C THR A 181 5.25 24.04 9.30
N ASP A 182 4.26 23.57 10.02
CA ASP A 182 4.45 22.38 10.91
C ASP A 182 3.80 21.14 10.26
N ALA A 183 3.66 21.13 8.95
CA ALA A 183 3.01 19.96 8.28
C ALA A 183 3.71 18.64 8.64
N GLY A 184 3.47 17.61 7.88
CA GLY A 184 4.08 16.27 8.15
C GLY A 184 5.55 16.27 7.75
N GLY A 185 5.87 16.65 6.54
CA GLY A 185 7.30 16.65 6.11
C GLY A 185 7.43 16.91 4.61
N ARG A 186 8.38 16.29 3.98
CA ARG A 186 8.59 16.49 2.52
C ARG A 186 7.38 15.94 1.75
N THR A 187 6.69 15.00 2.33
CA THR A 187 5.52 14.41 1.62
C THR A 187 4.45 15.49 1.45
N SER A 188 4.73 16.69 1.87
CA SER A 188 3.74 17.80 1.74
C SER A 188 3.95 18.56 0.42
N HIS A 189 2.90 18.79 -0.32
CA HIS A 189 3.01 19.50 -1.63
C HIS A 189 3.85 20.78 -1.50
N THR A 190 3.50 21.64 -0.59
CA THR A 190 4.26 22.91 -0.43
C THR A 190 5.74 22.64 -0.19
N SER A 191 6.07 21.58 0.52
CA SER A 191 7.51 21.29 0.80
C SER A 191 8.28 21.09 -0.51
N ILE A 192 7.69 20.41 -1.46
CA ILE A 192 8.39 20.19 -2.75
C ILE A 192 8.65 21.54 -3.43
N MET A 193 7.73 22.46 -3.33
CA MET A 193 7.93 23.79 -3.97
C MET A 193 9.17 24.48 -3.41
N ALA A 194 9.40 24.40 -2.13
CA ALA A 194 10.60 25.08 -1.56
C ALA A 194 11.84 24.50 -2.25
N ARG A 195 11.88 23.22 -2.43
CA ARG A 195 13.05 22.59 -3.10
C ARG A 195 13.21 23.17 -4.51
N SER A 196 12.20 23.03 -5.32
CA SER A 196 12.27 23.53 -6.73
C SER A 196 12.43 25.06 -6.76
N LEU A 197 11.75 25.77 -5.91
CA LEU A 197 11.87 27.26 -5.93
C LEU A 197 13.25 27.67 -5.43
N GLU A 198 13.88 26.82 -4.66
CA GLU A 198 15.23 27.13 -4.10
C GLU A 198 15.14 28.31 -3.14
N LEU A 199 14.20 28.27 -2.22
CA LEU A 199 14.05 29.37 -1.21
C LEU A 199 14.07 28.73 0.19
N PRO A 200 14.65 29.38 1.18
CA PRO A 200 14.73 28.81 2.56
C PRO A 200 13.33 28.53 3.15
N ALA A 201 13.15 27.41 3.80
CA ALA A 201 11.80 27.10 4.38
C ALA A 201 11.84 25.85 5.28
N ILE A 202 10.96 25.82 6.26
CA ILE A 202 10.87 24.64 7.20
C ILE A 202 9.44 24.10 7.12
N VAL A 203 9.24 22.80 7.30
CA VAL A 203 7.86 22.23 7.24
C VAL A 203 7.57 21.36 8.47
N GLY A 204 8.59 21.09 9.27
CA GLY A 204 8.40 20.23 10.48
C GLY A 204 8.57 21.05 11.76
N THR A 205 8.40 22.35 11.71
CA THR A 205 8.57 23.19 12.93
C THR A 205 7.90 22.52 14.12
N GLY A 206 6.72 22.01 13.94
CA GLY A 206 6.01 21.31 15.07
C GLY A 206 5.06 22.27 15.79
N SER A 207 5.52 23.43 16.20
CA SER A 207 4.62 24.37 16.93
C SER A 207 5.15 25.80 16.90
N VAL A 208 5.68 26.24 15.80
CA VAL A 208 6.19 27.63 15.73
C VAL A 208 5.02 28.61 15.59
N THR A 209 4.04 28.27 14.78
CA THR A 209 2.89 29.20 14.58
C THR A 209 2.22 29.53 15.93
N SER A 210 2.25 28.62 16.86
CA SER A 210 1.60 28.91 18.18
C SER A 210 2.49 29.84 19.00
N GLN A 211 3.72 29.99 18.57
CA GLN A 211 4.68 30.87 19.31
C GLN A 211 4.82 32.21 18.57
N VAL A 212 4.34 32.28 17.35
CA VAL A 212 4.48 33.55 16.55
C VAL A 212 3.13 34.25 16.37
N LYS A 213 3.14 35.56 16.43
CA LYS A 213 1.91 36.36 16.21
C LYS A 213 2.13 37.09 14.88
N ASN A 214 1.10 37.48 14.20
CA ASN A 214 1.36 38.20 12.92
C ASN A 214 2.15 39.47 13.21
N ASP A 215 2.93 39.93 12.26
CA ASP A 215 3.73 41.18 12.40
C ASP A 215 4.96 40.92 13.30
N ASP A 216 5.24 39.70 13.63
CA ASP A 216 6.44 39.42 14.47
C ASP A 216 7.67 39.45 13.57
N TYR A 217 8.78 39.95 14.05
CA TYR A 217 10.01 39.98 13.21
C TYR A 217 10.79 38.71 13.50
N LEU A 218 11.06 37.92 12.48
CA LEU A 218 11.79 36.62 12.69
C LEU A 218 12.96 36.51 11.73
N ILE A 219 14.03 35.87 12.14
CA ILE A 219 15.19 35.65 11.22
C ILE A 219 15.31 34.14 11.04
N LEU A 220 15.33 33.67 9.82
CA LEU A 220 15.41 32.20 9.57
C LEU A 220 16.85 31.83 9.25
N ASP A 221 17.45 31.00 10.06
CA ASP A 221 18.86 30.57 9.80
C ASP A 221 18.86 29.56 8.66
N ALA A 222 17.96 28.61 8.71
CA ALA A 222 17.91 27.58 7.64
C ALA A 222 19.33 27.01 7.43
N VAL A 223 20.20 27.28 8.36
CA VAL A 223 21.61 26.76 8.29
C VAL A 223 21.92 26.11 9.63
N ASN A 224 21.60 26.78 10.71
CA ASN A 224 21.79 26.18 12.05
C ASN A 224 20.44 25.61 12.48
N ASN A 225 19.47 25.74 11.61
CA ASN A 225 18.12 25.21 11.90
C ASN A 225 17.56 25.89 13.16
N GLN A 226 17.68 27.20 13.24
CA GLN A 226 17.15 27.94 14.44
C GLN A 226 16.38 29.19 13.98
N VAL A 227 15.48 29.66 14.79
CA VAL A 227 14.69 30.88 14.45
C VAL A 227 14.87 31.90 15.59
N TYR A 228 15.21 33.12 15.26
CA TYR A 228 15.39 34.16 16.32
C TYR A 228 14.17 35.08 16.35
N VAL A 229 13.53 35.18 17.49
CA VAL A 229 12.31 36.03 17.62
C VAL A 229 12.65 37.38 18.28
N ASN A 230 12.53 38.46 17.57
CA ASN A 230 12.83 39.80 18.16
C ASN A 230 14.23 39.82 18.77
N PRO A 231 15.19 39.19 18.13
CA PRO A 231 16.59 39.05 18.65
C PRO A 231 17.39 40.32 18.88
N THR A 232 18.55 40.09 19.45
CA THR A 232 19.52 41.18 19.70
C THR A 232 20.14 41.52 18.34
N ASN A 233 20.39 42.77 18.07
CA ASN A 233 20.95 43.14 16.75
C ASN A 233 22.17 42.25 16.40
N GLU A 234 22.86 41.74 17.38
CA GLU A 234 24.06 40.88 17.08
C GLU A 234 23.64 39.60 16.34
N VAL A 235 22.55 39.00 16.70
CA VAL A 235 22.11 37.76 15.98
C VAL A 235 21.71 38.16 14.56
N ILE A 236 21.03 39.26 14.43
CA ILE A 236 20.66 39.76 13.12
C ILE A 236 21.94 39.93 12.32
N ASP A 237 23.04 40.02 13.03
CA ASP A 237 24.33 40.15 12.39
C ASP A 237 24.97 38.83 11.97
N LYS A 238 25.16 37.91 12.94
CA LYS A 238 25.65 36.54 12.69
C LYS A 238 24.97 35.92 11.47
N MET A 239 23.64 35.97 11.50
CA MET A 239 22.79 35.49 10.42
C MET A 239 23.13 36.16 9.10
N ARG A 240 23.26 37.49 9.14
CA ARG A 240 23.55 38.22 7.93
C ARG A 240 24.87 37.70 7.32
N ALA A 241 25.79 37.30 8.19
CA ALA A 241 27.07 36.75 7.73
C ALA A 241 26.90 35.32 7.26
N VAL A 242 25.93 34.62 7.84
CA VAL A 242 25.64 33.23 7.49
C VAL A 242 25.09 33.22 6.07
N GLN A 243 24.27 34.23 5.80
CA GLN A 243 23.69 34.53 4.50
C GLN A 243 24.74 34.88 3.46
N GLU A 244 25.79 35.58 3.88
CA GLU A 244 26.94 35.81 3.02
C GLU A 244 27.58 34.50 2.56
N GLN A 245 27.77 33.56 3.47
CA GLN A 245 28.43 32.30 3.15
C GLN A 245 27.59 31.57 2.13
N VAL A 246 26.29 31.52 2.43
CA VAL A 246 25.29 30.94 1.56
C VAL A 246 25.41 31.48 0.14
N ALA A 247 25.50 32.80 0.00
CA ALA A 247 25.67 33.45 -1.29
C ALA A 247 26.99 33.12 -2.00
N SER A 248 28.08 32.99 -1.24
CA SER A 248 29.36 32.57 -1.78
C SER A 248 29.30 31.14 -2.24
N GLU A 249 28.63 30.30 -1.47
CA GLU A 249 28.46 28.91 -1.87
C GLU A 249 27.85 28.85 -3.27
N LYS A 250 26.86 29.70 -3.52
CA LYS A 250 26.22 29.70 -4.84
C LYS A 250 27.27 30.06 -5.85
N ALA A 251 27.90 31.21 -5.61
CA ALA A 251 28.92 31.74 -6.50
C ALA A 251 29.97 30.69 -6.88
N GLU A 252 30.40 29.87 -5.92
CA GLU A 252 31.40 28.84 -6.21
C GLU A 252 30.81 27.67 -7.03
N LEU A 253 29.70 27.11 -6.53
CA LEU A 253 28.98 26.06 -7.24
C LEU A 253 28.62 26.48 -8.65
N ALA A 254 28.27 27.75 -8.83
CA ALA A 254 27.95 28.34 -10.13
C ALA A 254 28.92 27.96 -11.24
N LYS A 255 30.18 27.78 -10.89
CA LYS A 255 31.13 27.42 -11.97
C LYS A 255 30.65 26.18 -12.78
N LEU A 256 30.71 26.28 -14.13
CA LEU A 256 30.30 25.17 -15.02
C LEU A 256 31.20 25.05 -16.26
N LYS A 257 31.14 23.90 -16.95
CA LYS A 257 31.94 23.66 -18.16
C LYS A 257 31.17 22.82 -19.19
N ASP A 258 31.22 23.24 -20.46
CA ASP A 258 30.52 22.56 -21.56
C ASP A 258 30.91 21.09 -21.79
N LEU A 259 32.20 20.80 -21.86
CA LEU A 259 32.64 19.42 -22.11
C LEU A 259 32.21 18.54 -20.89
N PRO A 260 31.70 17.32 -21.06
CA PRO A 260 31.23 16.47 -19.88
C PRO A 260 32.34 16.23 -18.85
N ALA A 261 31.94 16.05 -17.57
CA ALA A 261 32.91 15.90 -16.48
C ALA A 261 33.92 14.77 -16.75
N ILE A 262 35.17 15.14 -16.49
CA ILE A 262 36.36 14.30 -16.73
C ILE A 262 37.21 14.25 -15.46
N THR A 263 37.48 13.04 -15.00
CA THR A 263 38.42 12.84 -13.93
C THR A 263 39.80 13.38 -14.33
N LEU A 264 40.62 13.67 -13.30
CA LEU A 264 42.02 14.03 -13.47
C LEU A 264 42.74 13.18 -14.51
N ASP A 265 42.52 11.87 -14.47
CA ASP A 265 43.19 10.95 -15.37
C ASP A 265 42.43 10.65 -16.66
N GLY A 266 41.51 11.51 -17.06
CA GLY A 266 40.93 11.41 -18.42
C GLY A 266 39.65 10.60 -18.68
N HIS A 267 38.93 10.23 -17.63
CA HIS A 267 37.76 9.39 -17.79
C HIS A 267 36.56 10.31 -17.82
N GLN A 268 35.77 10.22 -18.90
CA GLN A 268 34.60 11.05 -19.06
C GLN A 268 33.28 10.34 -18.82
N VAL A 269 32.36 11.06 -18.19
CA VAL A 269 30.96 10.57 -18.05
C VAL A 269 30.00 11.67 -18.46
N GLU A 270 28.77 11.33 -18.80
CA GLU A 270 27.80 12.36 -18.99
C GLU A 270 27.18 12.70 -17.64
N VAL A 271 26.70 13.92 -17.54
CA VAL A 271 26.11 14.41 -16.33
C VAL A 271 24.96 15.30 -16.80
N CYS A 272 23.74 14.90 -16.47
CA CYS A 272 22.58 15.50 -17.09
C CYS A 272 21.57 15.78 -16.05
N ALA A 273 20.52 16.49 -16.48
CA ALA A 273 19.44 16.81 -15.59
C ALA A 273 18.28 15.85 -15.79
N ASN A 274 17.66 15.47 -14.68
CA ASN A 274 16.35 14.90 -14.75
C ASN A 274 15.43 16.06 -14.83
N ILE A 275 14.41 16.01 -15.69
CA ILE A 275 13.42 17.11 -15.75
C ILE A 275 11.99 16.62 -15.72
N GLY A 276 11.09 17.58 -15.51
CA GLY A 276 9.67 17.31 -15.49
C GLY A 276 8.88 18.06 -16.54
N THR A 277 9.47 19.12 -17.12
CA THR A 277 8.71 20.20 -17.79
C THR A 277 9.73 21.08 -18.49
N VAL A 278 9.51 21.50 -19.76
CA VAL A 278 10.39 22.54 -20.38
C VAL A 278 10.99 23.52 -19.38
N ARG A 279 10.17 23.91 -18.39
CA ARG A 279 10.59 24.90 -17.40
C ARG A 279 11.83 24.46 -16.62
N ASP A 280 12.15 23.17 -16.65
CA ASP A 280 13.25 22.64 -15.90
C ASP A 280 14.52 22.74 -16.74
N VAL A 281 14.38 22.99 -18.04
CA VAL A 281 15.50 23.08 -18.95
C VAL A 281 16.36 24.28 -18.54
N GLU A 282 15.68 25.27 -18.00
CA GLU A 282 16.35 26.47 -17.60
C GLU A 282 17.36 26.12 -16.51
N GLY A 283 16.89 25.56 -15.38
CA GLY A 283 17.79 25.04 -14.33
C GLY A 283 18.88 24.13 -14.86
N ALA A 284 18.56 23.31 -15.85
CA ALA A 284 19.56 22.38 -16.38
C ALA A 284 20.70 23.11 -17.08
N GLU A 285 20.34 24.14 -17.86
CA GLU A 285 21.33 24.89 -18.60
C GLU A 285 22.11 25.70 -17.59
N ARG A 286 21.39 26.20 -16.60
CA ARG A 286 21.98 27.02 -15.55
C ARG A 286 23.10 26.28 -14.78
N ASN A 287 22.90 24.98 -14.60
CA ASN A 287 23.74 24.16 -13.76
C ASN A 287 24.69 23.27 -14.54
N GLY A 288 24.75 23.52 -15.84
CA GLY A 288 25.82 22.95 -16.64
C GLY A 288 25.57 21.56 -17.14
N ALA A 289 24.29 21.17 -17.15
CA ALA A 289 23.81 19.88 -17.66
C ALA A 289 24.30 19.68 -19.08
N GLU A 290 24.76 18.49 -19.42
CA GLU A 290 25.17 18.21 -20.81
C GLU A 290 24.04 17.60 -21.65
N GLY A 291 22.86 17.46 -21.07
CA GLY A 291 21.68 16.93 -21.77
C GLY A 291 20.70 16.54 -20.68
N VAL A 292 19.60 15.90 -21.07
CA VAL A 292 18.59 15.46 -20.14
C VAL A 292 18.60 13.94 -20.07
N GLY A 293 18.72 13.41 -18.85
CA GLY A 293 18.93 12.00 -18.67
C GLY A 293 17.62 11.32 -18.35
N LEU A 294 16.60 12.09 -18.00
CA LEU A 294 15.31 11.51 -17.70
C LEU A 294 14.28 12.61 -17.73
N TYR A 295 13.31 12.44 -18.61
CA TYR A 295 12.24 13.36 -18.77
C TYR A 295 11.07 12.55 -18.28
N ARG A 296 10.77 12.76 -17.00
CA ARG A 296 9.64 12.13 -16.32
C ARG A 296 8.40 12.68 -16.96
N THR A 297 7.81 11.97 -17.90
CA THR A 297 6.66 12.52 -18.62
C THR A 297 5.39 12.62 -17.75
N GLU A 298 5.31 11.85 -16.66
CA GLU A 298 4.19 11.96 -15.70
C GLU A 298 3.99 13.38 -15.32
N PHE A 299 5.09 14.07 -15.11
CA PHE A 299 5.10 15.38 -14.50
C PHE A 299 4.39 16.33 -15.46
N LEU A 300 4.57 16.09 -16.76
CA LEU A 300 3.86 16.86 -17.73
C LEU A 300 2.38 16.56 -17.61
N PHE A 301 2.04 15.35 -17.22
CA PHE A 301 0.65 14.91 -17.11
C PHE A 301 0.00 15.51 -15.88
N MET A 302 0.82 15.82 -14.88
CA MET A 302 0.30 16.45 -13.66
C MET A 302 0.43 17.97 -13.78
N ASP A 303 0.86 18.42 -14.95
CA ASP A 303 0.92 19.83 -15.23
C ASP A 303 -0.37 20.33 -15.87
N ARG A 304 -1.38 19.43 -15.97
CA ARG A 304 -2.65 19.60 -16.71
C ARG A 304 -3.83 19.02 -15.93
N ASP A 305 -5.08 19.42 -16.22
CA ASP A 305 -6.23 18.74 -15.58
C ASP A 305 -6.99 17.77 -16.50
N ALA A 306 -6.31 17.31 -17.54
CA ALA A 306 -6.86 16.30 -18.45
C ALA A 306 -5.71 15.51 -18.98
N LEU A 307 -5.98 14.28 -19.47
CA LEU A 307 -4.95 13.47 -20.10
C LEU A 307 -4.52 14.12 -21.40
N PRO A 308 -3.19 14.36 -21.58
CA PRO A 308 -2.74 15.05 -22.79
C PRO A 308 -2.74 14.14 -24.00
N THR A 309 -3.37 14.60 -25.06
CA THR A 309 -3.58 13.82 -26.26
C THR A 309 -2.28 13.62 -26.98
N GLU A 310 -2.32 12.87 -28.05
CA GLU A 310 -1.13 12.74 -28.84
C GLU A 310 -0.58 14.13 -29.17
N GLU A 311 -1.45 15.01 -29.64
CA GLU A 311 -1.04 16.32 -30.13
C GLU A 311 -0.45 17.19 -28.99
N GLU A 312 -1.08 17.16 -27.82
CA GLU A 312 -0.59 17.98 -26.72
C GLU A 312 0.76 17.47 -26.27
N GLN A 313 0.93 16.14 -26.35
CA GLN A 313 2.17 15.54 -25.91
C GLN A 313 3.27 15.89 -26.87
N PHE A 314 2.93 15.72 -28.13
CA PHE A 314 3.84 16.03 -29.19
C PHE A 314 4.40 17.44 -28.98
N ALA A 315 3.50 18.39 -28.69
CA ALA A 315 3.87 19.80 -28.64
C ALA A 315 4.81 20.01 -27.49
N ALA A 316 4.45 19.39 -26.37
CA ALA A 316 5.18 19.47 -25.13
C ALA A 316 6.55 18.89 -25.34
N TYR A 317 6.62 17.72 -25.99
CA TYR A 317 7.90 17.07 -26.30
C TYR A 317 8.75 17.88 -27.23
N LYS A 318 8.10 18.46 -28.25
CA LYS A 318 8.75 19.30 -29.29
C LYS A 318 9.39 20.45 -28.59
N ALA A 319 8.60 21.13 -27.76
CA ALA A 319 9.17 22.27 -27.02
C ALA A 319 10.43 21.85 -26.29
N VAL A 320 10.38 20.72 -25.57
CA VAL A 320 11.50 20.33 -24.74
C VAL A 320 12.67 20.09 -25.69
N ALA A 321 12.43 19.29 -26.71
CA ALA A 321 13.48 18.93 -27.65
C ALA A 321 14.17 20.16 -28.18
N GLU A 322 13.39 21.22 -28.30
CA GLU A 322 13.89 22.43 -28.87
C GLU A 322 14.51 23.31 -27.81
N ALA A 323 13.94 23.32 -26.62
CA ALA A 323 14.54 24.08 -25.54
C ALA A 323 15.83 23.44 -25.12
N CYS A 324 16.09 22.25 -25.62
CA CYS A 324 17.36 21.63 -25.31
C CYS A 324 18.42 21.79 -26.37
N GLY A 325 18.08 22.46 -27.48
CA GLY A 325 19.06 22.76 -28.51
C GLY A 325 19.67 21.49 -29.08
N SER A 326 20.98 21.43 -29.01
CA SER A 326 21.71 20.32 -29.61
C SER A 326 21.56 19.10 -28.74
N GLN A 327 21.18 19.30 -27.47
CA GLN A 327 21.26 18.25 -26.46
C GLN A 327 20.20 17.15 -26.57
N ALA A 328 20.57 15.96 -26.12
CA ALA A 328 19.72 14.77 -26.16
C ALA A 328 18.79 14.73 -24.95
N VAL A 329 17.53 14.42 -25.17
CA VAL A 329 16.63 14.21 -24.05
C VAL A 329 16.20 12.74 -23.97
N ILE A 330 16.28 12.14 -22.79
CA ILE A 330 15.81 10.77 -22.62
C ILE A 330 14.38 10.87 -22.07
N VAL A 331 13.43 10.69 -22.98
CA VAL A 331 12.03 10.85 -22.68
C VAL A 331 11.57 9.52 -22.14
N ARG A 332 11.17 9.49 -20.87
CA ARG A 332 10.66 8.22 -20.33
C ARG A 332 9.18 8.22 -20.55
N THR A 333 8.69 7.10 -21.03
CA THR A 333 7.25 6.95 -21.11
C THR A 333 6.74 6.92 -19.69
N MET A 334 5.44 7.15 -19.60
CA MET A 334 4.76 7.60 -18.41
C MET A 334 4.79 6.63 -17.24
N ASP A 335 5.02 7.17 -16.05
CA ASP A 335 5.10 6.36 -14.85
C ASP A 335 4.15 6.91 -13.78
N ILE A 336 2.90 6.54 -13.92
CA ILE A 336 1.90 6.83 -12.95
C ILE A 336 1.67 5.58 -12.08
N GLY A 337 1.40 5.79 -10.80
CA GLY A 337 0.81 4.74 -10.01
C GLY A 337 1.50 4.18 -8.77
N GLY A 338 2.54 4.84 -8.30
CA GLY A 338 3.03 4.43 -7.00
C GLY A 338 2.58 5.59 -6.15
N ASP A 339 3.53 6.35 -5.65
CA ASP A 339 3.16 7.59 -5.02
C ASP A 339 2.80 8.67 -6.05
N LYS A 340 2.81 8.36 -7.35
CA LYS A 340 2.36 9.37 -8.32
C LYS A 340 1.09 9.03 -9.11
N GLU A 341 -0.02 9.31 -8.45
CA GLU A 341 -1.24 9.18 -9.11
C GLU A 341 -1.49 10.48 -9.87
N LEU A 342 -2.23 10.40 -10.97
CA LEU A 342 -2.93 11.58 -11.42
C LEU A 342 -4.43 11.44 -11.19
N PRO A 343 -4.92 12.20 -10.20
CA PRO A 343 -6.31 12.25 -9.75
C PRO A 343 -7.29 12.25 -10.93
N TYR A 344 -7.02 13.05 -11.95
CA TYR A 344 -7.95 13.05 -13.10
C TYR A 344 -8.21 11.68 -13.76
N MET A 345 -7.37 10.68 -13.45
CA MET A 345 -7.55 9.36 -14.04
C MET A 345 -8.54 8.54 -13.24
N ASN A 346 -8.78 8.95 -11.99
CA ASN A 346 -9.70 8.25 -11.12
C ASN A 346 -9.45 6.75 -11.02
N PHE A 347 -8.21 6.34 -11.19
CA PHE A 347 -7.90 4.94 -11.05
C PHE A 347 -8.37 4.47 -9.68
N PRO A 348 -8.67 3.17 -9.56
CA PRO A 348 -9.06 2.66 -8.24
C PRO A 348 -7.88 2.53 -7.29
N LYS A 349 -8.17 2.51 -5.98
CA LYS A 349 -7.14 2.35 -4.97
C LYS A 349 -6.53 0.97 -4.99
N GLU A 350 -5.28 0.92 -4.54
CA GLU A 350 -4.54 -0.34 -4.37
C GLU A 350 -3.95 -0.47 -2.98
N GLU A 351 -3.85 -1.71 -2.55
CA GLU A 351 -3.30 -1.99 -1.27
C GLU A 351 -1.81 -1.61 -1.20
N ASN A 352 -1.08 -1.80 -2.29
CA ASN A 352 0.33 -1.36 -2.33
C ASN A 352 0.60 -0.69 -3.66
N PRO A 353 0.35 0.62 -3.74
CA PRO A 353 0.50 1.23 -5.04
C PRO A 353 1.87 0.94 -5.61
N PHE A 354 2.89 0.97 -4.78
CA PHE A 354 4.26 0.80 -5.29
C PHE A 354 4.60 -0.58 -5.81
N LEU A 355 3.79 -1.57 -5.44
CA LEU A 355 3.82 -2.89 -6.03
C LEU A 355 2.59 -3.15 -6.88
N GLY A 356 2.02 -2.10 -7.45
CA GLY A 356 0.74 -2.24 -8.13
C GLY A 356 0.81 -1.94 -9.61
N TRP A 357 -0.28 -1.34 -10.09
CA TRP A 357 -0.58 -1.21 -11.49
C TRP A 357 0.00 0.11 -11.95
N ARG A 358 1.29 0.05 -12.17
CA ARG A 358 2.12 1.22 -12.28
C ARG A 358 2.80 1.33 -13.67
N ALA A 359 2.82 2.55 -14.20
CA ALA A 359 3.67 2.90 -15.35
C ALA A 359 3.27 2.05 -16.52
N ILE A 360 4.16 1.19 -16.93
CA ILE A 360 4.02 0.40 -18.15
C ILE A 360 2.87 -0.64 -18.08
N ARG A 361 2.52 -0.95 -16.85
CA ARG A 361 1.49 -1.89 -16.63
C ARG A 361 0.17 -1.31 -17.02
N ILE A 362 0.09 0.02 -16.99
CA ILE A 362 -1.12 0.74 -17.42
C ILE A 362 -1.11 0.91 -18.94
N ALA A 363 -0.02 1.42 -19.45
CA ALA A 363 0.01 1.73 -20.84
C ALA A 363 -0.20 0.44 -21.67
N MET A 364 0.18 -0.70 -21.10
CA MET A 364 -0.09 -2.00 -21.75
C MET A 364 -1.50 -2.51 -21.52
N ASP A 365 -2.18 -1.99 -20.53
CA ASP A 365 -3.57 -2.41 -20.38
C ASP A 365 -4.49 -1.42 -21.02
N ARG A 366 -3.93 -0.32 -21.52
CA ARG A 366 -4.74 0.67 -22.18
C ARG A 366 -3.93 1.25 -23.26
N ARG A 367 -3.87 0.54 -24.40
CA ARG A 367 -3.02 0.94 -25.50
C ARG A 367 -3.16 2.38 -25.97
N GLU A 368 -4.38 2.92 -26.01
CA GLU A 368 -4.52 4.32 -26.41
C GLU A 368 -3.43 5.21 -25.71
N ILE A 369 -3.05 4.86 -24.47
CA ILE A 369 -2.14 5.69 -23.66
C ILE A 369 -0.70 5.52 -24.15
N LEU A 370 -0.27 4.27 -24.18
CA LEU A 370 0.97 3.91 -24.75
C LEU A 370 1.08 4.45 -26.20
N ARG A 371 0.03 4.29 -27.00
CA ARG A 371 0.11 4.65 -28.41
C ARG A 371 0.24 6.16 -28.67
N ASP A 372 -0.67 6.94 -28.05
CA ASP A 372 -0.65 8.37 -28.16
C ASP A 372 0.72 8.79 -27.81
N GLN A 373 1.21 8.31 -26.66
CA GLN A 373 2.49 8.80 -26.16
C GLN A 373 3.63 8.43 -27.08
N LEU A 374 3.80 7.16 -27.40
CA LEU A 374 4.92 6.78 -28.24
C LEU A 374 4.87 7.46 -29.59
N ARG A 375 3.70 7.45 -30.21
CA ARG A 375 3.41 8.31 -31.37
C ARG A 375 3.97 9.75 -31.19
N ALA A 376 3.51 10.44 -30.15
CA ALA A 376 3.98 11.77 -29.85
C ALA A 376 5.50 11.86 -29.71
N ILE A 377 6.13 10.95 -28.98
CA ILE A 377 7.57 11.01 -28.80
C ILE A 377 8.22 10.90 -30.18
N LEU A 378 7.90 9.83 -30.89
CA LEU A 378 8.50 9.62 -32.19
C LEU A 378 8.38 10.88 -33.02
N ARG A 379 7.17 11.43 -33.09
CA ARG A 379 6.98 12.54 -33.96
C ARG A 379 7.83 13.70 -33.49
N ALA A 380 7.93 13.88 -32.16
CA ALA A 380 8.77 14.96 -31.62
C ALA A 380 10.25 14.77 -31.95
N SER A 381 10.67 13.53 -32.19
CA SER A 381 12.06 13.24 -32.49
C SER A 381 12.45 13.78 -33.85
N ALA A 382 11.49 14.28 -34.59
CA ALA A 382 11.81 14.91 -35.86
C ALA A 382 12.37 16.28 -35.60
N PHE A 383 12.48 16.66 -34.32
CA PHE A 383 12.78 18.05 -33.99
C PHE A 383 13.93 18.25 -33.03
N GLY A 384 14.60 17.17 -32.63
CA GLY A 384 15.71 17.28 -31.73
C GLY A 384 16.07 15.90 -31.31
N LYS A 385 17.30 15.69 -30.79
CA LYS A 385 17.69 14.34 -30.38
C LYS A 385 16.88 13.87 -29.16
N LEU A 386 16.03 12.89 -29.38
CA LEU A 386 15.27 12.27 -28.29
C LEU A 386 15.63 10.80 -28.22
N ARG A 387 15.60 10.26 -27.00
CA ARG A 387 15.59 8.82 -26.80
C ARG A 387 14.29 8.43 -26.09
N ILE A 388 13.88 7.18 -26.25
CA ILE A 388 12.72 6.61 -25.54
C ILE A 388 13.20 5.65 -24.48
N MET A 389 12.61 5.75 -23.31
CA MET A 389 12.99 4.84 -22.26
C MET A 389 11.73 4.47 -21.57
N PHE A 390 11.68 3.24 -21.09
CA PHE A 390 10.52 2.66 -20.41
C PHE A 390 10.77 2.44 -18.94
N PRO A 391 9.79 2.80 -18.10
CA PRO A 391 9.81 2.61 -16.65
C PRO A 391 9.30 1.25 -16.20
N MET A 392 9.67 0.81 -14.99
CA MET A 392 9.08 -0.39 -14.36
C MET A 392 9.18 -1.69 -15.13
N ILE A 393 10.16 -1.80 -16.00
CA ILE A 393 10.44 -3.03 -16.72
C ILE A 393 10.86 -4.17 -15.79
N ILE A 394 10.28 -5.33 -16.04
CA ILE A 394 10.45 -6.47 -15.16
C ILE A 394 10.87 -7.75 -15.85
N SER A 395 10.68 -7.80 -17.18
CA SER A 395 10.92 -9.02 -17.93
C SER A 395 11.39 -8.71 -19.34
N VAL A 396 12.03 -9.67 -20.00
CA VAL A 396 12.29 -9.52 -21.41
C VAL A 396 10.96 -9.53 -22.15
N GLU A 397 10.01 -10.32 -21.69
CA GLU A 397 8.66 -10.29 -22.30
C GLU A 397 8.15 -8.85 -22.53
N GLU A 398 8.11 -8.07 -21.44
CA GLU A 398 7.63 -6.68 -21.52
C GLU A 398 8.36 -5.87 -22.61
N VAL A 399 9.67 -5.87 -22.59
CA VAL A 399 10.45 -5.12 -23.61
C VAL A 399 10.11 -5.49 -25.07
N ARG A 400 10.06 -6.78 -25.37
CA ARG A 400 9.73 -7.17 -26.71
C ARG A 400 8.32 -6.72 -27.09
N ALA A 401 7.39 -6.72 -26.14
CA ALA A 401 6.03 -6.41 -26.49
C ALA A 401 5.93 -4.91 -26.83
N LEU A 402 6.78 -4.12 -26.20
CA LEU A 402 6.77 -2.68 -26.33
C LEU A 402 7.54 -2.20 -27.59
N ARG A 403 8.65 -2.88 -27.89
CA ARG A 403 9.40 -2.64 -29.14
C ARG A 403 8.55 -2.94 -30.35
N LYS A 404 7.81 -4.03 -30.23
CA LYS A 404 6.88 -4.44 -31.25
C LYS A 404 5.85 -3.34 -31.41
N GLU A 405 5.37 -2.85 -30.30
CA GLU A 405 4.52 -1.70 -30.31
C GLU A 405 5.18 -0.49 -31.01
N ILE A 406 6.37 -0.09 -30.58
CA ILE A 406 7.05 0.99 -31.29
C ILE A 406 7.02 0.75 -32.82
N GLU A 407 7.50 -0.41 -33.27
CA GLU A 407 7.54 -0.71 -34.66
C GLU A 407 6.21 -0.51 -35.38
N ILE A 408 5.10 -0.82 -34.71
CA ILE A 408 3.78 -0.58 -35.28
C ILE A 408 3.49 0.92 -35.41
N TYR A 409 3.69 1.63 -34.32
CA TYR A 409 3.53 3.05 -34.31
C TYR A 409 4.48 3.73 -35.28
N LYS A 410 5.65 3.16 -35.53
CA LYS A 410 6.60 3.75 -36.45
C LYS A 410 6.02 3.72 -37.84
N GLN A 411 5.43 2.58 -38.22
CA GLN A 411 4.90 2.41 -39.57
C GLN A 411 3.75 3.34 -39.80
N GLU A 412 2.83 3.40 -38.85
CA GLU A 412 1.72 4.28 -38.97
C GLU A 412 2.21 5.68 -39.29
N LEU A 413 3.14 6.20 -38.50
CA LEU A 413 3.73 7.50 -38.82
C LEU A 413 4.24 7.58 -40.27
N ARG A 414 5.13 6.65 -40.66
CA ARG A 414 5.56 6.48 -42.08
C ARG A 414 4.39 6.58 -43.07
N ASP A 415 3.28 5.97 -42.74
CA ASP A 415 2.12 5.93 -43.62
C ASP A 415 1.30 7.19 -43.64
N GLU A 416 1.44 8.00 -42.60
CA GLU A 416 0.69 9.24 -42.50
C GLU A 416 1.55 10.44 -42.94
N GLY A 417 2.76 10.16 -43.46
CA GLY A 417 3.67 11.19 -43.98
C GLY A 417 4.17 12.10 -42.87
N LYS A 418 4.58 11.45 -41.78
CA LYS A 418 5.02 12.08 -40.56
C LYS A 418 6.45 11.62 -40.16
N ALA A 419 7.40 12.54 -40.26
CA ALA A 419 8.81 12.29 -39.96
C ALA A 419 8.96 11.88 -38.50
N PHE A 420 9.93 10.99 -38.28
CA PHE A 420 10.44 10.69 -36.99
C PHE A 420 11.86 10.24 -37.23
N ASP A 421 12.70 10.40 -36.21
CA ASP A 421 14.11 10.08 -36.29
C ASP A 421 14.13 8.58 -36.41
N GLU A 422 14.55 8.06 -37.56
CA GLU A 422 14.65 6.60 -37.73
C GLU A 422 15.76 6.00 -36.86
N SER A 423 16.66 6.84 -36.36
CA SER A 423 17.80 6.43 -35.54
C SER A 423 17.44 6.27 -34.08
N ILE A 424 16.16 6.43 -33.74
CA ILE A 424 15.81 6.75 -32.37
C ILE A 424 16.14 5.59 -31.48
N GLU A 425 16.84 5.90 -30.39
CA GLU A 425 17.29 4.84 -29.53
C GLU A 425 16.33 4.60 -28.42
N ILE A 426 16.26 3.33 -28.06
CA ILE A 426 15.31 2.83 -27.11
C ILE A 426 16.05 2.14 -25.97
N GLY A 427 15.67 2.44 -24.74
CA GLY A 427 16.30 1.80 -23.59
C GLY A 427 15.29 1.51 -22.49
N VAL A 428 15.76 1.12 -21.33
CA VAL A 428 14.83 0.75 -20.29
C VAL A 428 15.36 1.21 -18.97
N MET A 429 14.45 1.54 -18.07
CA MET A 429 14.80 1.84 -16.71
C MET A 429 15.19 0.50 -16.15
N VAL A 430 16.31 0.40 -15.47
CA VAL A 430 16.54 -0.79 -14.65
C VAL A 430 16.28 -0.33 -13.20
N GLU A 431 15.09 -0.56 -12.67
CA GLU A 431 14.76 -0.03 -11.37
C GLU A 431 13.98 -1.05 -10.57
N THR A 432 13.94 -2.21 -11.14
CA THR A 432 13.38 -3.41 -10.57
C THR A 432 14.57 -4.42 -10.37
N PRO A 433 14.54 -5.21 -9.27
CA PRO A 433 15.53 -6.24 -9.04
C PRO A 433 15.39 -7.32 -10.10
N ALA A 434 14.20 -7.53 -10.63
CA ALA A 434 14.03 -8.38 -11.80
C ALA A 434 14.91 -7.89 -12.91
N ALA A 435 14.68 -6.66 -13.34
CA ALA A 435 15.46 -6.12 -14.46
C ALA A 435 16.94 -6.27 -14.17
N ALA A 436 17.31 -5.97 -12.94
CA ALA A 436 18.73 -5.98 -12.60
C ALA A 436 19.25 -7.39 -12.80
N THR A 437 18.46 -8.38 -12.39
CA THR A 437 18.83 -9.79 -12.48
C THR A 437 19.00 -10.36 -13.89
N ILE A 438 18.18 -9.85 -14.81
CA ILE A 438 18.17 -10.31 -16.17
C ILE A 438 18.76 -9.21 -17.05
N ALA A 439 19.50 -8.32 -16.40
CA ALA A 439 20.19 -7.29 -17.14
C ALA A 439 20.88 -7.85 -18.38
N ARG A 440 21.50 -9.03 -18.32
CA ARG A 440 22.26 -9.49 -19.50
C ARG A 440 21.29 -9.64 -20.60
N HIS A 441 20.24 -10.45 -20.36
CA HIS A 441 19.17 -10.62 -21.34
C HIS A 441 18.58 -9.36 -21.88
N LEU A 442 18.36 -8.37 -21.02
CA LEU A 442 17.70 -7.13 -21.45
C LEU A 442 18.63 -6.30 -22.32
N ALA A 443 19.91 -6.32 -21.99
CA ALA A 443 20.95 -5.55 -22.72
C ALA A 443 21.05 -5.84 -24.24
N LYS A 444 20.71 -7.08 -24.64
CA LYS A 444 20.61 -7.44 -26.08
C LYS A 444 19.45 -6.75 -26.69
N GLU A 445 18.47 -6.37 -25.90
CA GLU A 445 17.18 -6.01 -26.44
C GLU A 445 16.96 -4.49 -26.46
N VAL A 446 17.85 -3.74 -25.82
CA VAL A 446 17.72 -2.30 -25.75
C VAL A 446 19.02 -1.64 -26.09
N ASP A 447 18.99 -0.32 -26.32
CA ASP A 447 20.21 0.45 -26.61
C ASP A 447 20.89 0.96 -25.39
N PHE A 448 20.18 0.98 -24.28
CA PHE A 448 20.77 1.55 -23.09
C PHE A 448 19.96 1.27 -21.85
N PHE A 449 20.49 1.66 -20.70
CA PHE A 449 19.84 1.44 -19.41
C PHE A 449 20.04 2.70 -18.67
N SER A 450 19.06 3.05 -17.85
CA SER A 450 19.25 3.99 -16.81
C SER A 450 18.76 3.35 -15.53
N ILE A 451 19.61 3.29 -14.51
CA ILE A 451 19.22 2.63 -13.26
C ILE A 451 18.42 3.56 -12.36
N GLY A 452 17.19 3.15 -12.03
CA GLY A 452 16.41 3.94 -11.11
C GLY A 452 16.65 3.40 -9.73
N THR A 453 17.54 4.01 -8.97
CA THR A 453 17.88 3.51 -7.66
C THR A 453 16.81 3.81 -6.60
N ASN A 454 15.95 4.78 -6.87
CA ASN A 454 14.89 5.06 -5.90
C ASN A 454 14.00 3.84 -5.82
N ASP A 455 13.55 3.39 -6.98
CA ASP A 455 12.79 2.19 -7.03
C ASP A 455 13.59 0.94 -6.70
N LEU A 456 14.71 0.70 -7.38
CA LEU A 456 15.57 -0.43 -7.10
C LEU A 456 15.86 -0.59 -5.60
N THR A 457 16.17 0.50 -4.95
CA THR A 457 16.42 0.41 -3.55
C THR A 457 15.14 -0.13 -2.91
N GLN A 458 14.03 0.53 -3.24
CA GLN A 458 12.74 0.24 -2.67
C GLN A 458 12.45 -1.23 -2.73
N TYR A 459 12.60 -1.85 -3.91
CA TYR A 459 12.21 -3.27 -4.04
C TYR A 459 13.25 -4.22 -3.58
N THR A 460 14.50 -3.80 -3.64
CA THR A 460 15.53 -4.71 -3.26
C THR A 460 15.46 -4.81 -1.72
N LEU A 461 15.26 -3.67 -1.07
CA LEU A 461 15.16 -3.65 0.38
C LEU A 461 13.72 -3.77 0.86
N ALA A 462 12.76 -3.82 -0.04
CA ALA A 462 11.35 -3.76 0.43
C ALA A 462 11.11 -2.68 1.44
N VAL A 463 11.62 -1.49 1.14
CA VAL A 463 11.28 -0.34 1.95
C VAL A 463 10.69 0.77 1.10
N ASP A 464 9.50 1.17 1.53
CA ASP A 464 8.68 2.13 0.83
C ASP A 464 9.42 3.46 0.91
N ARG A 465 9.64 4.04 -0.26
CA ARG A 465 10.28 5.33 -0.40
C ARG A 465 9.55 6.41 0.36
N GLY A 466 8.27 6.17 0.62
CA GLY A 466 7.40 7.14 1.30
C GLY A 466 7.39 6.99 2.80
N ASN A 467 7.86 5.86 3.33
CA ASN A 467 7.59 5.48 4.73
C ASN A 467 8.70 5.94 5.69
N ASP A 468 8.45 7.05 6.39
CA ASP A 468 9.46 7.62 7.30
C ASP A 468 9.77 6.72 8.48
N MET A 469 8.77 5.99 8.95
CA MET A 469 8.99 5.06 10.04
C MET A 469 10.14 4.08 9.81
N ILE A 470 10.31 3.59 8.57
CA ILE A 470 11.45 2.75 8.27
C ILE A 470 12.50 3.41 7.40
N SER A 471 12.48 4.73 7.30
CA SER A 471 13.42 5.34 6.37
C SER A 471 14.86 4.89 6.64
N HIS A 472 15.20 4.57 7.90
CA HIS A 472 16.57 4.25 8.25
C HIS A 472 17.07 3.02 7.51
N LEU A 473 16.13 2.22 7.01
CA LEU A 473 16.41 1.01 6.23
C LEU A 473 16.46 1.28 4.73
N TYR A 474 16.18 2.51 4.32
CA TYR A 474 16.18 2.77 2.92
C TYR A 474 17.59 3.13 2.58
N GLN A 475 18.36 2.18 2.05
CA GLN A 475 19.77 2.44 1.80
C GLN A 475 20.15 2.07 0.46
N PRO A 476 20.23 3.06 -0.44
CA PRO A 476 20.69 2.68 -1.78
C PRO A 476 22.18 2.38 -1.70
N MET A 477 22.79 2.69 -0.57
CA MET A 477 24.19 2.40 -0.41
C MET A 477 24.37 1.19 0.44
N SER A 478 23.73 0.13 -0.04
CA SER A 478 23.85 -1.16 0.55
C SER A 478 24.72 -1.97 -0.33
N PRO A 479 25.43 -2.92 0.27
CA PRO A 479 26.12 -3.91 -0.54
C PRO A 479 25.16 -4.60 -1.50
N SER A 480 23.87 -4.67 -1.13
CA SER A 480 22.89 -5.28 -2.03
C SER A 480 22.49 -4.42 -3.25
N VAL A 481 22.34 -3.13 -3.07
CA VAL A 481 21.94 -2.33 -4.20
C VAL A 481 23.16 -2.08 -5.09
N LEU A 482 24.32 -1.87 -4.47
CA LEU A 482 25.55 -1.60 -5.24
C LEU A 482 25.87 -2.76 -6.13
N ASN A 483 25.90 -3.95 -5.56
CA ASN A 483 26.10 -5.13 -6.38
C ASN A 483 25.19 -5.23 -7.60
N LEU A 484 23.89 -5.02 -7.40
CA LEU A 484 22.93 -4.99 -8.47
C LEU A 484 23.20 -3.89 -9.45
N ILE A 485 23.62 -2.70 -8.98
CA ILE A 485 24.11 -1.63 -9.89
C ILE A 485 25.28 -2.10 -10.79
N LYS A 486 26.28 -2.70 -10.17
CA LYS A 486 27.45 -3.17 -10.88
C LYS A 486 27.04 -4.15 -11.95
N GLN A 487 26.05 -4.94 -11.60
CA GLN A 487 25.76 -6.10 -12.38
C GLN A 487 25.10 -5.56 -13.67
N VAL A 488 24.35 -4.46 -13.50
CA VAL A 488 23.63 -3.82 -14.60
C VAL A 488 24.60 -3.11 -15.53
N ILE A 489 25.50 -2.30 -14.93
CA ILE A 489 26.49 -1.57 -15.69
C ILE A 489 27.24 -2.58 -16.57
N ASP A 490 27.73 -3.64 -15.93
CA ASP A 490 28.48 -4.66 -16.62
C ASP A 490 27.66 -5.26 -17.75
N ALA A 491 26.42 -5.62 -17.48
CA ALA A 491 25.55 -6.07 -18.57
C ALA A 491 25.65 -5.14 -19.75
N SER A 492 25.36 -3.84 -19.56
CA SER A 492 25.52 -2.80 -20.60
C SER A 492 26.77 -3.00 -21.39
N HIS A 493 27.89 -3.02 -20.66
CA HIS A 493 29.16 -2.91 -21.29
C HIS A 493 29.44 -4.18 -22.04
N ALA A 494 28.92 -5.28 -21.51
CA ALA A 494 29.18 -6.54 -22.18
C ALA A 494 28.54 -6.52 -23.56
N GLU A 495 27.40 -5.84 -23.73
CA GLU A 495 26.79 -5.72 -25.07
C GLU A 495 27.29 -4.54 -25.85
N GLY A 496 28.21 -3.77 -25.27
CA GLY A 496 28.68 -2.55 -25.91
C GLY A 496 27.69 -1.41 -25.85
N LYS A 497 26.73 -1.48 -24.92
CA LYS A 497 25.85 -0.36 -24.60
C LYS A 497 26.33 0.28 -23.32
N TRP A 498 25.54 1.20 -22.82
CA TRP A 498 25.93 2.01 -21.70
C TRP A 498 24.79 2.11 -20.68
N THR A 499 25.16 2.39 -19.44
CA THR A 499 24.17 2.54 -18.44
C THR A 499 24.33 3.92 -17.92
N GLY A 500 23.20 4.59 -17.79
CA GLY A 500 23.13 5.82 -17.02
C GLY A 500 22.39 5.57 -15.74
N MET A 501 22.24 6.62 -14.95
CA MET A 501 21.54 6.56 -13.67
C MET A 501 20.76 7.84 -13.41
N CYS A 502 19.44 7.73 -13.27
CA CYS A 502 18.64 8.89 -12.93
C CYS A 502 18.08 8.85 -11.54
N GLY A 503 18.22 7.71 -10.88
CA GLY A 503 17.93 7.65 -9.44
C GLY A 503 18.77 8.68 -8.71
N GLU A 504 18.33 8.99 -7.48
CA GLU A 504 18.97 10.04 -6.69
C GLU A 504 20.41 9.74 -6.26
N LEU A 505 20.80 8.47 -6.32
CA LEU A 505 22.19 8.13 -6.08
C LEU A 505 23.18 8.85 -6.99
N ALA A 506 22.80 9.01 -8.27
CA ALA A 506 23.63 9.72 -9.24
C ALA A 506 24.00 11.06 -8.68
N GLY A 507 23.02 11.73 -8.06
CA GLY A 507 23.24 13.07 -7.51
C GLY A 507 23.77 13.09 -6.09
N ASP A 508 24.02 11.92 -5.50
CA ASP A 508 24.42 11.81 -4.10
C ASP A 508 25.98 11.85 -3.97
N GLU A 509 26.50 12.92 -3.35
CA GLU A 509 27.96 13.12 -3.17
C GLU A 509 28.71 11.89 -2.69
N ARG A 510 28.00 10.96 -2.08
CA ARG A 510 28.64 9.87 -1.38
C ARG A 510 28.79 8.64 -2.24
N ALA A 511 28.08 8.65 -3.37
CA ALA A 511 28.17 7.54 -4.26
C ALA A 511 29.04 7.86 -5.46
N THR A 512 29.28 9.15 -5.68
CA THR A 512 29.91 9.59 -6.90
C THR A 512 31.17 8.81 -7.25
N LEU A 513 32.12 8.67 -6.31
CA LEU A 513 33.32 7.83 -6.56
C LEU A 513 33.03 6.37 -6.88
N LEU A 514 32.02 5.80 -6.23
CA LEU A 514 31.64 4.41 -6.49
C LEU A 514 30.96 4.27 -7.83
N LEU A 515 29.95 5.09 -8.07
CA LEU A 515 29.28 5.08 -9.34
C LEU A 515 30.33 5.21 -10.42
N LEU A 516 31.22 6.17 -10.26
CA LEU A 516 32.31 6.34 -11.24
C LEU A 516 33.19 5.10 -11.38
N GLY A 517 33.66 4.56 -10.25
CA GLY A 517 34.59 3.44 -10.25
C GLY A 517 33.96 2.21 -10.85
N MET A 518 32.64 2.11 -10.68
CA MET A 518 31.90 0.98 -11.16
C MET A 518 31.61 1.09 -12.62
N GLY A 519 32.02 2.22 -13.22
CA GLY A 519 31.94 2.42 -14.67
C GLY A 519 30.66 3.00 -15.23
N LEU A 520 29.80 3.54 -14.36
CA LEU A 520 28.58 4.18 -14.79
C LEU A 520 28.93 5.22 -15.84
N ASP A 521 28.15 5.24 -16.94
CA ASP A 521 28.47 6.04 -18.13
C ASP A 521 27.86 7.38 -18.02
N GLU A 522 26.73 7.44 -17.35
CA GLU A 522 25.92 8.61 -17.37
C GLU A 522 25.24 8.87 -16.05
N PHE A 523 25.27 10.11 -15.60
CA PHE A 523 24.60 10.47 -14.37
C PHE A 523 23.50 11.45 -14.65
N SER A 524 22.34 11.25 -14.07
CA SER A 524 21.31 12.26 -14.32
C SER A 524 20.62 12.61 -13.05
N MET A 525 20.45 13.89 -12.78
CA MET A 525 20.00 14.29 -11.48
C MET A 525 19.20 15.55 -11.53
N SER A 526 18.68 15.94 -10.37
CA SER A 526 18.25 17.29 -10.22
C SER A 526 19.38 18.15 -10.74
N ALA A 527 19.03 19.14 -11.53
CA ALA A 527 20.02 20.09 -12.06
C ALA A 527 20.91 20.64 -10.93
N ILE A 528 20.30 21.03 -9.81
CA ILE A 528 21.08 21.60 -8.70
C ILE A 528 22.22 20.74 -8.23
N SER A 529 22.23 19.45 -8.53
CA SER A 529 23.30 18.61 -8.06
C SER A 529 24.40 18.47 -9.04
N ILE A 530 24.18 19.00 -10.24
CA ILE A 530 25.15 18.81 -11.29
C ILE A 530 26.54 19.33 -10.92
N PRO A 531 26.65 20.59 -10.45
CA PRO A 531 27.98 21.06 -10.07
C PRO A 531 28.69 20.27 -8.94
N ARG A 532 27.98 19.84 -7.89
CA ARG A 532 28.67 19.14 -6.78
C ARG A 532 29.30 17.89 -7.32
N ILE A 533 28.55 17.19 -8.14
CA ILE A 533 28.99 15.94 -8.64
C ILE A 533 30.08 16.14 -9.71
N LYS A 534 29.86 17.10 -10.59
CA LYS A 534 30.86 17.44 -11.57
C LYS A 534 32.19 17.67 -10.79
N LYS A 535 32.12 18.49 -9.72
CA LYS A 535 33.31 18.84 -8.96
C LYS A 535 34.04 17.62 -8.46
N ILE A 536 33.28 16.67 -7.90
CA ILE A 536 33.84 15.44 -7.39
C ILE A 536 34.51 14.67 -8.51
N ILE A 537 33.89 14.73 -9.68
CA ILE A 537 34.34 13.92 -10.80
C ILE A 537 35.61 14.50 -11.32
N ARG A 538 35.61 15.82 -11.45
CA ARG A 538 36.76 16.49 -12.00
C ARG A 538 38.04 16.38 -11.15
N ASN A 539 37.86 15.98 -9.87
CA ASN A 539 38.94 15.97 -8.88
C ASN A 539 39.31 14.56 -8.40
N THR A 540 38.75 13.56 -9.07
CA THR A 540 39.06 12.17 -8.76
C THR A 540 40.03 11.72 -9.76
N ASN A 541 40.74 10.68 -9.38
CA ASN A 541 41.42 9.88 -10.34
C ASN A 541 40.54 8.62 -10.60
N PHE A 542 40.27 8.35 -11.87
CA PHE A 542 39.37 7.26 -12.21
C PHE A 542 39.90 5.89 -11.78
N GLU A 543 41.19 5.67 -11.97
CA GLU A 543 41.75 4.38 -11.60
C GLU A 543 41.58 4.08 -10.12
N ASP A 544 41.74 5.13 -9.32
CA ASP A 544 41.64 5.00 -7.88
C ASP A 544 40.23 4.62 -7.46
N ALA A 545 39.24 5.30 -8.02
CA ALA A 545 37.84 4.99 -7.91
C ALA A 545 37.50 3.55 -8.25
N LYS A 546 38.02 3.03 -9.37
CA LYS A 546 37.79 1.61 -9.68
C LYS A 546 38.19 0.79 -8.45
N VAL A 547 39.42 0.92 -8.03
CA VAL A 547 39.91 0.21 -6.84
C VAL A 547 38.94 0.43 -5.66
N LEU A 548 38.46 1.67 -5.50
CA LEU A 548 37.57 1.96 -4.42
C LEU A 548 36.33 1.12 -4.61
N ALA A 549 35.77 1.16 -5.83
CA ALA A 549 34.50 0.52 -6.13
C ALA A 549 34.61 -0.95 -5.85
N GLU A 550 35.67 -1.51 -6.39
CA GLU A 550 35.83 -2.89 -6.19
C GLU A 550 35.79 -3.22 -4.67
N GLN A 551 36.63 -2.55 -3.88
CA GLN A 551 36.63 -2.82 -2.48
C GLN A 551 35.18 -2.77 -1.94
N ALA A 552 34.48 -1.67 -2.25
CA ALA A 552 33.19 -1.42 -1.65
C ALA A 552 32.25 -2.56 -1.93
N LEU A 553 32.35 -3.10 -3.15
CA LEU A 553 31.47 -4.19 -3.59
C LEU A 553 31.68 -5.50 -2.85
N ALA A 554 32.77 -5.60 -2.08
CA ALA A 554 33.02 -6.82 -1.33
C ALA A 554 32.58 -6.71 0.13
N GLN A 555 32.30 -5.50 0.61
CA GLN A 555 31.89 -5.27 1.98
C GLN A 555 30.51 -5.88 2.27
N PRO A 556 30.36 -6.62 3.37
CA PRO A 556 29.02 -7.12 3.69
C PRO A 556 28.18 -6.10 4.48
N THR A 557 28.70 -4.90 4.65
CA THR A 557 28.07 -3.96 5.55
C THR A 557 28.24 -2.54 4.97
N THR A 558 27.19 -1.75 5.08
CA THR A 558 27.19 -0.36 4.63
C THR A 558 28.29 0.41 5.36
N ASP A 559 28.29 0.33 6.68
CA ASP A 559 29.29 1.03 7.42
C ASP A 559 30.66 0.81 6.87
N GLU A 560 30.99 -0.44 6.60
CA GLU A 560 32.30 -0.84 6.12
C GLU A 560 32.61 -0.23 4.76
N LEU A 561 31.58 -0.11 3.95
CA LEU A 561 31.68 0.50 2.64
C LEU A 561 31.77 2.06 2.75
N MET A 562 31.07 2.64 3.74
CA MET A 562 31.24 4.06 4.00
C MET A 562 32.65 4.36 4.41
N THR A 563 33.28 3.46 5.17
CA THR A 563 34.65 3.69 5.61
C THR A 563 35.60 3.86 4.46
N LEU A 564 35.54 2.96 3.47
CA LEU A 564 36.36 3.03 2.28
C LEU A 564 36.26 4.35 1.61
N VAL A 565 35.02 4.71 1.26
CA VAL A 565 34.71 6.04 0.71
C VAL A 565 35.37 7.18 1.50
N ASN A 566 35.19 7.19 2.83
CA ASN A 566 35.82 8.21 3.65
C ASN A 566 37.35 8.23 3.62
N LYS A 567 38.00 7.09 3.80
CA LYS A 567 39.46 7.08 3.79
C LYS A 567 39.96 7.56 2.44
N PHE A 568 39.16 7.32 1.41
CA PHE A 568 39.48 7.80 0.09
C PHE A 568 39.50 9.33 0.11
N ILE A 569 38.38 9.92 0.46
CA ILE A 569 38.23 11.37 0.48
C ILE A 569 39.32 12.05 1.29
N GLU A 570 39.71 11.42 2.39
CA GLU A 570 40.83 11.86 3.22
C GLU A 570 42.14 11.89 2.45
N GLU A 571 42.48 10.74 1.88
CA GLU A 571 43.78 10.54 1.32
C GLU A 571 43.92 11.10 -0.09
N LYS A 572 42.80 11.29 -0.79
CA LYS A 572 42.81 11.50 -2.24
C LYS A 572 42.42 12.90 -2.78
N THR A 573 41.84 13.78 -1.95
CA THR A 573 41.76 15.23 -2.29
C THR A 573 41.38 16.10 -1.08
N MET B 1 -23.98 -21.50 -17.99
CA MET B 1 -22.50 -21.43 -18.09
C MET B 1 -21.95 -20.49 -17.02
N ILE B 2 -21.95 -20.91 -15.78
CA ILE B 2 -21.43 -20.07 -14.66
C ILE B 2 -20.09 -20.64 -14.19
N SER B 3 -19.07 -19.82 -14.08
CA SER B 3 -17.73 -20.32 -13.62
C SER B 3 -17.18 -19.45 -12.49
N GLY B 4 -16.54 -20.06 -11.52
CA GLY B 4 -15.95 -19.28 -10.38
C GLY B 4 -14.46 -19.61 -10.30
N ILE B 5 -13.83 -19.39 -9.17
CA ILE B 5 -12.36 -19.67 -9.07
C ILE B 5 -12.10 -21.06 -8.50
N LEU B 6 -13.11 -21.71 -7.96
CA LEU B 6 -12.89 -23.07 -7.39
C LEU B 6 -11.74 -23.03 -6.37
N ALA B 7 -12.06 -23.05 -5.10
CA ALA B 7 -11.00 -23.01 -4.05
C ALA B 7 -10.66 -24.43 -3.60
N SER B 8 -11.59 -25.35 -3.73
CA SER B 8 -11.32 -26.75 -3.31
C SER B 8 -11.99 -27.71 -4.31
N PRO B 9 -11.25 -28.65 -4.88
CA PRO B 9 -11.82 -29.62 -5.86
C PRO B 9 -12.58 -30.76 -5.16
N GLY B 10 -13.66 -31.20 -5.73
CA GLY B 10 -14.44 -32.31 -5.10
C GLY B 10 -15.83 -32.33 -5.72
N ILE B 11 -16.79 -32.96 -5.07
CA ILE B 11 -18.18 -33.00 -5.62
C ILE B 11 -19.16 -33.06 -4.44
N ALA B 12 -20.34 -32.53 -4.59
CA ALA B 12 -21.31 -32.57 -3.44
C ALA B 12 -22.76 -32.45 -3.93
N PHE B 13 -23.68 -32.98 -3.16
CA PHE B 13 -25.13 -32.91 -3.53
C PHE B 13 -25.92 -32.47 -2.28
N GLY B 14 -26.73 -31.44 -2.36
CA GLY B 14 -27.49 -31.04 -1.13
C GLY B 14 -28.38 -29.81 -1.42
N LYS B 15 -29.11 -29.39 -0.43
CA LYS B 15 -30.01 -28.21 -0.60
C LYS B 15 -29.19 -26.93 -0.50
N ALA B 16 -29.71 -25.84 -1.01
CA ALA B 16 -28.94 -24.55 -0.98
C ALA B 16 -29.50 -23.59 0.10
N LEU B 17 -28.63 -23.09 0.93
CA LEU B 17 -29.08 -22.13 1.99
C LEU B 17 -28.73 -20.71 1.52
N LEU B 18 -29.64 -19.77 1.66
CA LEU B 18 -29.37 -18.37 1.19
C LEU B 18 -29.39 -17.39 2.38
N LEU B 19 -28.30 -16.69 2.58
CA LEU B 19 -28.25 -15.71 3.71
C LEU B 19 -28.79 -14.35 3.28
N LYS B 20 -30.03 -14.20 3.36
CA LYS B 20 -30.66 -13.02 2.77
C LYS B 20 -31.47 -12.58 3.86
N GLU B 21 -30.84 -12.59 5.01
CA GLU B 21 -31.52 -12.23 6.24
C GLU B 21 -32.50 -11.14 5.81
N ASP B 22 -33.70 -11.46 5.43
CA ASP B 22 -34.58 -10.36 5.02
C ASP B 22 -34.73 -9.27 6.10
N GLU B 23 -34.80 -8.04 5.59
CA GLU B 23 -34.91 -6.82 6.40
C GLU B 23 -36.21 -6.74 7.21
N ILE B 24 -36.23 -5.79 8.16
CA ILE B 24 -37.43 -5.56 8.98
C ILE B 24 -38.14 -4.29 8.49
N VAL B 25 -39.17 -4.52 7.70
CA VAL B 25 -39.91 -3.42 7.12
C VAL B 25 -41.19 -3.26 7.92
N ILE B 26 -41.25 -2.18 8.68
CA ILE B 26 -42.42 -1.87 9.51
C ILE B 26 -43.56 -1.24 8.68
N ASP B 27 -44.70 -1.93 8.62
CA ASP B 27 -45.93 -1.35 8.06
C ASP B 27 -46.43 -0.16 8.90
N ARG B 28 -46.43 1.02 8.28
CA ARG B 28 -46.79 2.24 9.00
C ARG B 28 -48.18 2.84 8.77
N LYS B 29 -48.99 2.22 7.91
CA LYS B 29 -50.40 2.60 7.76
C LYS B 29 -51.11 2.27 9.08
N LYS B 30 -51.75 3.28 9.68
CA LYS B 30 -52.64 3.08 10.84
C LYS B 30 -53.73 2.05 10.52
N ILE B 31 -54.24 1.36 11.53
CA ILE B 31 -55.29 0.35 11.29
C ILE B 31 -56.72 0.78 11.70
N SER B 32 -57.68 -0.07 11.35
CA SER B 32 -59.09 0.20 11.57
C SER B 32 -59.59 -0.58 12.79
N ALA B 33 -60.65 -0.16 13.40
CA ALA B 33 -61.20 -0.92 14.56
C ALA B 33 -61.41 -2.38 14.13
N ASP B 34 -61.92 -2.59 12.95
CA ASP B 34 -62.14 -3.99 12.48
C ASP B 34 -60.78 -4.68 12.34
N GLN B 35 -59.81 -4.02 11.74
CA GLN B 35 -58.45 -4.65 11.61
C GLN B 35 -57.89 -4.80 13.02
N VAL B 36 -57.75 -3.69 13.71
CA VAL B 36 -57.21 -3.80 15.10
C VAL B 36 -57.27 -5.27 15.53
N ASP B 37 -58.41 -5.88 15.42
CA ASP B 37 -58.54 -7.30 15.83
C ASP B 37 -57.60 -8.17 15.00
N GLN B 38 -57.47 -7.91 13.73
CA GLN B 38 -56.58 -8.74 12.87
C GLN B 38 -55.12 -8.54 13.25
N GLU B 39 -54.71 -7.33 13.52
CA GLU B 39 -53.28 -7.11 13.87
C GLU B 39 -52.94 -7.81 15.19
N VAL B 40 -53.83 -7.77 16.15
CA VAL B 40 -53.53 -8.47 17.42
C VAL B 40 -53.34 -9.95 17.14
N GLU B 41 -54.22 -10.54 16.37
CA GLU B 41 -54.08 -11.99 16.05
C GLU B 41 -52.75 -12.22 15.32
N ARG B 42 -52.39 -11.35 14.41
CA ARG B 42 -51.09 -11.55 13.72
C ARG B 42 -49.97 -11.54 14.75
N PHE B 43 -50.03 -10.62 15.68
CA PHE B 43 -49.00 -10.56 16.74
C PHE B 43 -49.04 -11.87 17.54
N LEU B 44 -50.21 -12.28 17.96
CA LEU B 44 -50.33 -13.55 18.72
C LEU B 44 -49.86 -14.70 17.83
N SER B 45 -50.27 -14.72 16.59
CA SER B 45 -49.84 -15.83 15.68
C SER B 45 -48.32 -15.76 15.48
N GLY B 46 -47.80 -14.57 15.27
CA GLY B 46 -46.33 -14.43 15.09
C GLY B 46 -45.64 -14.72 16.42
N ARG B 47 -46.22 -14.25 17.50
CA ARG B 47 -45.63 -14.50 18.84
C ARG B 47 -45.72 -16.00 19.11
N ALA B 48 -46.73 -16.64 18.59
CA ALA B 48 -46.88 -18.09 18.81
C ALA B 48 -45.65 -18.81 18.25
N LYS B 49 -45.16 -18.40 17.11
CA LYS B 49 -43.97 -19.08 16.56
C LYS B 49 -42.80 -18.83 17.52
N ALA B 50 -42.27 -17.63 17.56
CA ALA B 50 -41.10 -17.34 18.46
C ALA B 50 -41.25 -18.06 19.81
N SER B 51 -42.44 -18.23 20.30
CA SER B 51 -42.57 -18.94 21.60
C SER B 51 -41.97 -20.33 21.45
N ALA B 52 -42.43 -21.08 20.49
CA ALA B 52 -41.91 -22.45 20.30
C ALA B 52 -40.46 -22.43 19.76
N GLN B 53 -40.14 -21.55 18.86
CA GLN B 53 -38.75 -21.52 18.32
C GLN B 53 -37.76 -21.09 19.42
N LEU B 54 -38.12 -20.13 20.23
CA LEU B 54 -37.20 -19.71 21.32
C LEU B 54 -36.97 -20.90 22.26
N GLU B 55 -38.01 -21.64 22.53
CA GLU B 55 -37.87 -22.81 23.44
C GLU B 55 -36.89 -23.81 22.82
N THR B 56 -36.92 -23.98 21.53
CA THR B 56 -36.00 -24.96 20.88
C THR B 56 -34.55 -24.50 21.10
N ILE B 57 -34.30 -23.22 20.98
CA ILE B 57 -32.91 -22.70 21.19
C ILE B 57 -32.46 -22.98 22.62
N LYS B 58 -33.36 -22.83 23.56
CA LYS B 58 -33.02 -23.08 24.99
C LYS B 58 -32.48 -24.50 25.16
N THR B 59 -33.19 -25.47 24.67
CA THR B 59 -32.75 -26.89 24.83
C THR B 59 -31.36 -27.08 24.22
N LYS B 60 -31.05 -26.40 23.16
CA LYS B 60 -29.71 -26.57 22.53
C LYS B 60 -28.64 -25.98 23.45
N ALA B 61 -28.95 -24.90 24.09
CA ALA B 61 -27.97 -24.26 25.01
C ALA B 61 -27.69 -25.19 26.18
N GLY B 62 -28.72 -25.78 26.74
CA GLY B 62 -28.52 -26.69 27.91
C GLY B 62 -27.62 -27.86 27.52
N GLU B 63 -27.93 -28.54 26.45
CA GLU B 63 -27.08 -29.69 26.05
C GLU B 63 -25.74 -29.19 25.56
N THR B 64 -25.73 -28.18 24.73
CA THR B 64 -24.46 -27.66 24.17
C THR B 64 -23.55 -27.05 25.24
N PHE B 65 -23.98 -25.99 25.89
CA PHE B 65 -23.11 -25.34 26.93
C PHE B 65 -23.45 -25.82 28.34
N GLY B 66 -24.70 -25.84 28.72
CA GLY B 66 -25.04 -26.32 30.11
C GLY B 66 -26.19 -25.49 30.73
N GLU B 67 -26.41 -25.68 32.00
CA GLU B 67 -27.49 -24.93 32.71
C GLU B 67 -27.12 -23.45 32.83
N GLU B 68 -25.85 -23.15 32.80
CA GLU B 68 -25.40 -21.73 32.91
C GLU B 68 -25.98 -20.92 31.73
N LYS B 69 -26.06 -21.52 30.57
CA LYS B 69 -26.59 -20.79 29.39
C LYS B 69 -28.07 -21.12 29.17
N GLU B 70 -28.54 -22.21 29.71
CA GLU B 70 -29.97 -22.59 29.50
C GLU B 70 -30.89 -21.60 30.21
N ALA B 71 -30.56 -21.22 31.42
CA ALA B 71 -31.46 -20.30 32.17
C ALA B 71 -31.48 -18.91 31.54
N ILE B 72 -30.43 -18.49 30.89
CA ILE B 72 -30.48 -17.12 30.29
C ILE B 72 -31.65 -17.08 29.30
N PHE B 73 -31.87 -18.12 28.55
CA PHE B 73 -33.01 -18.11 27.59
C PHE B 73 -34.32 -18.04 28.36
N GLU B 74 -34.43 -18.74 29.46
CA GLU B 74 -35.70 -18.70 30.22
C GLU B 74 -35.99 -17.25 30.63
N GLY B 75 -34.99 -16.51 31.03
CA GLY B 75 -35.23 -15.10 31.43
C GLY B 75 -35.74 -14.33 30.20
N HIS B 76 -35.09 -14.49 29.09
CA HIS B 76 -35.52 -13.78 27.86
C HIS B 76 -36.94 -14.23 27.50
N ILE B 77 -37.19 -15.51 27.54
CA ILE B 77 -38.56 -16.00 27.22
C ILE B 77 -39.53 -15.51 28.29
N MET B 78 -39.18 -15.66 29.55
CA MET B 78 -40.10 -15.22 30.63
C MET B 78 -40.37 -13.73 30.51
N LEU B 79 -39.36 -12.95 30.19
CA LEU B 79 -39.57 -11.49 30.04
C LEU B 79 -40.49 -11.22 28.85
N LEU B 80 -40.33 -11.95 27.80
CA LEU B 80 -41.18 -11.73 26.61
C LEU B 80 -42.64 -12.03 26.95
N GLU B 81 -42.89 -13.05 27.72
CA GLU B 81 -44.29 -13.40 28.09
C GLU B 81 -44.77 -12.53 29.25
N ASP B 82 -43.98 -11.58 29.68
CA ASP B 82 -44.41 -10.72 30.82
C ASP B 82 -45.81 -10.17 30.55
N GLU B 83 -46.69 -10.30 31.50
CA GLU B 83 -48.10 -9.81 31.32
C GLU B 83 -48.11 -8.31 31.05
N GLU B 84 -47.07 -7.61 31.40
CA GLU B 84 -47.05 -6.14 31.14
C GLU B 84 -46.91 -5.88 29.64
N LEU B 85 -46.16 -6.73 28.97
CA LEU B 85 -45.97 -6.56 27.49
C LEU B 85 -47.27 -6.89 26.76
N GLU B 86 -47.96 -7.90 27.20
CA GLU B 86 -49.21 -8.29 26.52
C GLU B 86 -50.21 -7.12 26.59
N GLN B 87 -50.39 -6.56 27.75
CA GLN B 87 -51.35 -5.43 27.87
C GLN B 87 -50.82 -4.16 27.17
N GLU B 88 -49.54 -3.89 27.29
CA GLU B 88 -48.98 -2.67 26.65
C GLU B 88 -48.93 -2.80 25.11
N ILE B 89 -48.59 -3.94 24.60
CA ILE B 89 -48.54 -4.10 23.11
C ILE B 89 -49.97 -4.01 22.56
N ILE B 90 -50.89 -4.70 23.18
CA ILE B 90 -52.29 -4.68 22.72
C ILE B 90 -52.93 -3.29 22.92
N ALA B 91 -52.63 -2.66 24.02
CA ALA B 91 -53.24 -1.32 24.28
C ALA B 91 -52.86 -0.31 23.17
N LEU B 92 -51.61 -0.22 22.81
CA LEU B 92 -51.22 0.75 21.76
C LEU B 92 -51.94 0.42 20.44
N ILE B 93 -51.96 -0.83 20.06
CA ILE B 93 -52.66 -1.21 18.80
C ILE B 93 -54.14 -0.84 18.95
N LYS B 94 -54.73 -1.23 20.03
CA LYS B 94 -56.18 -0.92 20.26
C LYS B 94 -56.37 0.58 20.49
N ASP B 95 -55.52 1.20 21.26
CA ASP B 95 -55.69 2.66 21.55
C ASP B 95 -55.15 3.54 20.43
N LYS B 96 -53.93 3.32 20.00
CA LYS B 96 -53.34 4.20 18.94
C LYS B 96 -53.58 3.64 17.53
N HIS B 97 -54.20 2.50 17.40
CA HIS B 97 -54.47 1.93 16.04
C HIS B 97 -53.15 1.82 15.26
N MET B 98 -52.11 1.43 15.96
CA MET B 98 -50.77 1.29 15.32
C MET B 98 -50.56 -0.16 14.85
N THR B 99 -49.52 -0.42 14.10
CA THR B 99 -49.28 -1.81 13.62
C THR B 99 -48.60 -2.63 14.72
N ALA B 100 -48.67 -3.94 14.64
CA ALA B 100 -48.04 -4.79 15.68
C ALA B 100 -46.51 -4.68 15.61
N ASP B 101 -45.95 -4.65 14.43
CA ASP B 101 -44.47 -4.54 14.34
C ASP B 101 -44.02 -3.15 14.79
N ALA B 102 -44.81 -2.13 14.51
CA ALA B 102 -44.42 -0.76 14.94
C ALA B 102 -44.77 -0.57 16.42
N ALA B 103 -45.90 -1.06 16.84
CA ALA B 103 -46.30 -0.90 18.26
C ALA B 103 -45.42 -1.77 19.17
N ALA B 104 -45.20 -3.01 18.79
CA ALA B 104 -44.35 -3.91 19.62
C ALA B 104 -42.93 -3.33 19.72
N HIS B 105 -42.43 -2.79 18.64
CA HIS B 105 -41.05 -2.24 18.66
C HIS B 105 -40.94 -1.13 19.72
N GLU B 106 -41.95 -0.31 19.84
CA GLU B 106 -41.91 0.80 20.83
C GLU B 106 -41.84 0.22 22.26
N VAL B 107 -42.58 -0.82 22.52
CA VAL B 107 -42.59 -1.39 23.89
C VAL B 107 -41.21 -1.93 24.28
N ILE B 108 -40.64 -2.80 23.49
CA ILE B 108 -39.29 -3.35 23.84
C ILE B 108 -38.25 -2.22 23.71
N GLU B 109 -38.36 -1.41 22.70
CA GLU B 109 -37.39 -0.30 22.52
C GLU B 109 -37.57 0.68 23.69
N GLY B 110 -38.78 0.91 24.09
CA GLY B 110 -39.05 1.86 25.21
C GLY B 110 -38.31 1.40 26.47
N GLN B 111 -38.42 0.15 26.83
CA GLN B 111 -37.69 -0.30 28.07
C GLN B 111 -36.19 -0.25 27.80
N ALA B 112 -35.73 -0.87 26.75
CA ALA B 112 -34.27 -0.85 26.46
C ALA B 112 -33.80 0.61 26.40
N SER B 113 -34.58 1.47 25.82
CA SER B 113 -34.18 2.90 25.73
C SER B 113 -33.99 3.45 27.14
N ALA B 114 -34.84 3.09 28.05
CA ALA B 114 -34.69 3.57 29.45
C ALA B 114 -33.38 3.03 30.03
N LEU B 115 -33.06 1.80 29.74
CA LEU B 115 -31.81 1.22 30.28
C LEU B 115 -30.59 1.98 29.73
N GLU B 116 -30.60 2.35 28.49
CA GLU B 116 -29.43 3.08 27.93
C GLU B 116 -29.22 4.38 28.70
N GLU B 117 -30.28 5.01 29.12
CA GLU B 117 -30.13 6.28 29.88
C GLU B 117 -29.21 6.02 31.08
N LEU B 118 -29.07 4.79 31.49
CA LEU B 118 -28.22 4.47 32.66
C LEU B 118 -26.77 4.86 32.34
N ASP B 119 -26.03 5.28 33.33
CA ASP B 119 -24.61 5.67 33.11
C ASP B 119 -23.67 4.51 33.50
N ASP B 120 -24.04 3.29 33.16
CA ASP B 120 -23.18 2.12 33.52
C ASP B 120 -22.99 1.21 32.29
N GLU B 121 -21.76 0.79 32.06
CA GLU B 121 -21.47 -0.11 30.90
C GLU B 121 -22.04 -1.51 31.14
N TYR B 122 -22.12 -1.92 32.38
CA TYR B 122 -22.67 -3.26 32.73
C TYR B 122 -24.19 -3.29 32.51
N LEU B 123 -24.88 -2.25 32.86
CA LEU B 123 -26.35 -2.23 32.66
C LEU B 123 -26.65 -2.06 31.17
N LYS B 124 -25.82 -1.30 30.49
CA LYS B 124 -26.02 -1.08 29.04
C LYS B 124 -25.94 -2.40 28.27
N GLU B 125 -24.99 -3.25 28.59
CA GLU B 125 -24.91 -4.56 27.86
C GLU B 125 -26.19 -5.35 28.03
N ARG B 126 -26.71 -5.43 29.23
CA ARG B 126 -27.98 -6.19 29.42
C ARG B 126 -29.06 -5.55 28.54
N ALA B 127 -29.04 -4.26 28.41
CA ALA B 127 -30.05 -3.59 27.54
C ALA B 127 -29.86 -4.12 26.12
N ALA B 128 -28.67 -4.56 25.79
CA ALA B 128 -28.42 -5.11 24.43
C ALA B 128 -29.15 -6.46 24.31
N ASP B 129 -29.12 -7.25 25.35
CA ASP B 129 -29.81 -8.57 25.30
C ASP B 129 -31.30 -8.36 25.20
N VAL B 130 -31.83 -7.40 25.91
CA VAL B 130 -33.29 -7.14 25.84
C VAL B 130 -33.64 -6.60 24.45
N ARG B 131 -32.81 -5.75 23.91
CA ARG B 131 -33.07 -5.19 22.55
C ARG B 131 -33.11 -6.33 21.54
N ASP B 132 -32.24 -7.28 21.69
CA ASP B 132 -32.17 -8.44 20.74
C ASP B 132 -33.51 -9.19 20.73
N ILE B 133 -34.11 -9.35 21.87
CA ILE B 133 -35.40 -10.10 21.93
C ILE B 133 -36.44 -9.40 21.06
N GLY B 134 -36.55 -8.10 21.15
CA GLY B 134 -37.56 -7.37 20.32
C GLY B 134 -37.12 -7.36 18.85
N LYS B 135 -35.85 -7.29 18.60
CA LYS B 135 -35.36 -7.25 17.19
C LYS B 135 -35.81 -8.52 16.46
N ARG B 136 -35.61 -9.66 17.06
CA ARG B 136 -36.02 -10.94 16.41
C ARG B 136 -37.55 -11.04 16.36
N LEU B 137 -38.21 -10.48 17.32
CA LEU B 137 -39.69 -10.54 17.33
C LEU B 137 -40.23 -9.94 16.04
N LEU B 138 -39.67 -8.85 15.61
CA LEU B 138 -40.13 -8.23 14.33
C LEU B 138 -39.91 -9.21 13.19
N ARG B 139 -38.82 -9.91 13.20
CA ARG B 139 -38.60 -10.89 12.09
C ARG B 139 -39.62 -12.03 12.23
N ASN B 140 -39.88 -12.44 13.44
CA ASN B 140 -40.85 -13.55 13.68
C ASN B 140 -42.25 -13.17 13.20
N ILE B 141 -42.67 -11.95 13.37
CA ILE B 141 -44.03 -11.58 12.89
C ILE B 141 -44.02 -11.54 11.37
N LEU B 142 -42.98 -10.98 10.80
CA LEU B 142 -42.88 -10.92 9.33
C LEU B 142 -42.62 -12.32 8.78
N GLY B 143 -41.89 -13.12 9.53
CA GLY B 143 -41.69 -14.52 9.09
C GLY B 143 -40.47 -14.79 8.29
N LEU B 144 -39.59 -13.84 8.27
CA LEU B 144 -38.40 -14.03 7.53
C LEU B 144 -37.62 -15.15 8.20
N LYS B 145 -36.98 -15.99 7.41
CA LYS B 145 -36.26 -17.12 7.96
C LYS B 145 -35.26 -16.61 8.99
N ILE B 146 -34.96 -17.46 9.95
CA ILE B 146 -34.03 -17.11 10.99
C ILE B 146 -32.73 -17.82 10.67
N ILE B 147 -31.66 -17.07 10.43
CA ILE B 147 -30.40 -17.75 10.05
C ILE B 147 -29.20 -17.48 10.95
N ASP B 148 -29.27 -17.65 12.25
CA ASP B 148 -27.96 -17.60 12.97
C ASP B 148 -27.34 -18.81 12.28
N LEU B 149 -26.06 -18.98 12.00
CA LEU B 149 -25.81 -20.19 11.17
C LEU B 149 -25.77 -21.44 12.07
N SER B 150 -25.92 -21.28 13.34
CA SER B 150 -25.88 -22.48 14.24
C SER B 150 -27.27 -23.14 14.32
N ALA B 151 -28.29 -22.45 13.89
CA ALA B 151 -29.68 -23.02 13.97
C ALA B 151 -29.97 -23.97 12.79
N ILE B 152 -28.97 -24.60 12.26
CA ILE B 152 -29.23 -25.53 11.10
C ILE B 152 -29.54 -26.93 11.63
N GLN B 153 -30.70 -27.46 11.32
CA GLN B 153 -31.07 -28.83 11.79
C GLN B 153 -30.90 -29.85 10.64
N ASP B 154 -30.75 -29.40 9.42
CA ASP B 154 -30.61 -30.35 8.27
C ASP B 154 -29.36 -30.04 7.45
N GLU B 155 -28.80 -31.04 6.82
CA GLU B 155 -27.59 -30.82 5.98
C GLU B 155 -27.95 -29.90 4.81
N VAL B 156 -27.14 -28.91 4.55
CA VAL B 156 -27.44 -27.98 3.43
C VAL B 156 -26.13 -27.40 2.87
N ILE B 157 -26.18 -26.81 1.71
CA ILE B 157 -24.96 -26.17 1.14
C ILE B 157 -25.03 -24.70 1.57
N LEU B 158 -23.92 -24.08 1.83
CA LEU B 158 -23.95 -22.66 2.29
C LEU B 158 -23.68 -21.71 1.11
N VAL B 159 -24.64 -20.86 0.79
CA VAL B 159 -24.46 -19.89 -0.33
C VAL B 159 -24.63 -18.46 0.21
N ALA B 160 -23.71 -17.58 -0.08
CA ALA B 160 -23.82 -16.19 0.44
C ALA B 160 -22.99 -15.25 -0.45
N ALA B 161 -23.25 -13.98 -0.42
CA ALA B 161 -22.43 -13.06 -1.26
C ALA B 161 -21.01 -13.05 -0.68
N ASP B 162 -20.89 -13.11 0.62
CA ASP B 162 -19.55 -13.13 1.28
C ASP B 162 -19.74 -13.43 2.76
N LEU B 163 -18.80 -14.13 3.37
CA LEU B 163 -18.92 -14.48 4.82
C LEU B 163 -17.84 -13.75 5.63
N THR B 164 -18.19 -13.23 6.77
CA THR B 164 -17.19 -12.52 7.63
C THR B 164 -16.59 -13.52 8.64
N PRO B 165 -15.33 -13.38 9.00
CA PRO B 165 -14.69 -14.31 9.98
C PRO B 165 -15.62 -14.68 11.15
N SER B 166 -16.43 -13.75 11.59
CA SER B 166 -17.34 -14.05 12.73
C SER B 166 -18.28 -15.20 12.38
N GLU B 167 -18.78 -15.24 11.18
CA GLU B 167 -19.71 -16.33 10.81
C GLU B 167 -18.96 -17.66 10.75
N THR B 168 -17.77 -17.66 10.22
CA THR B 168 -17.00 -18.94 10.09
C THR B 168 -16.86 -19.65 11.45
N ALA B 169 -16.80 -18.92 12.52
CA ALA B 169 -16.64 -19.59 13.85
C ALA B 169 -17.95 -20.26 14.27
N GLN B 170 -19.02 -19.51 14.26
CA GLN B 170 -20.33 -20.08 14.66
C GLN B 170 -20.97 -20.78 13.47
N LEU B 171 -20.16 -21.42 12.66
CA LEU B 171 -20.69 -22.13 11.47
C LEU B 171 -20.67 -23.64 11.72
N ASN B 172 -21.70 -24.35 11.32
CA ASN B 172 -21.74 -25.83 11.53
C ASN B 172 -20.99 -26.53 10.39
N LEU B 173 -19.78 -26.97 10.62
CA LEU B 173 -19.00 -27.65 9.55
C LEU B 173 -19.67 -28.97 9.15
N LYS B 174 -20.17 -29.72 10.09
CA LYS B 174 -20.78 -31.04 9.76
C LYS B 174 -22.11 -30.89 9.00
N LYS B 175 -22.83 -29.82 9.21
CA LYS B 175 -24.14 -29.68 8.51
C LYS B 175 -23.97 -28.89 7.21
N VAL B 176 -22.81 -28.34 6.99
CA VAL B 176 -22.56 -27.60 5.70
C VAL B 176 -21.74 -28.52 4.80
N LEU B 177 -22.30 -28.95 3.70
CA LEU B 177 -21.57 -29.90 2.80
C LEU B 177 -20.66 -29.13 1.85
N GLY B 178 -20.54 -27.85 2.02
CA GLY B 178 -19.65 -27.08 1.11
C GLY B 178 -19.88 -25.60 1.32
N PHE B 179 -19.10 -24.77 0.68
CA PHE B 179 -19.26 -23.30 0.84
C PHE B 179 -19.21 -22.66 -0.55
N ILE B 180 -20.17 -21.83 -0.87
CA ILE B 180 -20.17 -21.15 -2.20
C ILE B 180 -20.43 -19.66 -2.00
N THR B 181 -19.58 -18.83 -2.52
CA THR B 181 -19.78 -17.36 -2.34
C THR B 181 -19.22 -16.58 -3.53
N ASP B 182 -19.65 -15.35 -3.67
CA ASP B 182 -19.16 -14.49 -4.81
C ASP B 182 -18.15 -13.48 -4.28
N ALA B 183 -17.48 -13.76 -3.18
CA ALA B 183 -16.50 -12.78 -2.62
C ALA B 183 -15.44 -12.39 -3.67
N GLY B 184 -14.34 -11.81 -3.22
CA GLY B 184 -13.27 -11.37 -4.15
C GLY B 184 -12.48 -12.58 -4.66
N GLY B 185 -11.97 -13.41 -3.77
CA GLY B 185 -11.18 -14.59 -4.24
C GLY B 185 -10.52 -15.30 -3.06
N ARG B 186 -9.34 -15.81 -3.27
CA ARG B 186 -8.61 -16.53 -2.18
C ARG B 186 -8.26 -15.55 -1.08
N THR B 187 -8.14 -14.30 -1.39
CA THR B 187 -7.77 -13.30 -0.35
C THR B 187 -8.90 -13.22 0.68
N SER B 188 -9.92 -14.02 0.52
CA SER B 188 -11.06 -14.00 1.48
C SER B 188 -10.83 -15.02 2.61
N HIS B 189 -11.01 -14.61 3.84
CA HIS B 189 -10.78 -15.52 5.01
C HIS B 189 -11.47 -16.88 4.79
N THR B 190 -12.75 -16.86 4.53
CA THR B 190 -13.49 -18.14 4.34
C THR B 190 -12.84 -18.99 3.23
N SER B 191 -12.31 -18.38 2.20
CA SER B 191 -11.69 -19.17 1.10
C SER B 191 -10.52 -20.02 1.65
N ILE B 192 -9.73 -19.47 2.52
CA ILE B 192 -8.59 -20.25 3.09
C ILE B 192 -9.13 -21.46 3.84
N MET B 193 -10.23 -21.31 4.54
CA MET B 193 -10.79 -22.46 5.31
C MET B 193 -11.13 -23.62 4.37
N ALA B 194 -11.69 -23.35 3.22
CA ALA B 194 -12.02 -24.47 2.29
C ALA B 194 -10.75 -25.23 1.98
N ARG B 195 -9.67 -24.53 1.74
CA ARG B 195 -8.39 -25.23 1.43
C ARG B 195 -7.99 -26.12 2.61
N SER B 196 -7.84 -25.55 3.77
CA SER B 196 -7.43 -26.33 4.98
C SER B 196 -8.47 -27.38 5.35
N LEU B 197 -9.74 -27.06 5.25
CA LEU B 197 -10.79 -28.05 5.62
C LEU B 197 -10.83 -29.16 4.57
N GLU B 198 -10.37 -28.87 3.38
CA GLU B 198 -10.38 -29.88 2.28
C GLU B 198 -11.82 -30.23 1.91
N LEU B 199 -12.65 -29.24 1.70
CA LEU B 199 -14.07 -29.49 1.30
C LEU B 199 -14.35 -28.69 0.01
N PRO B 200 -15.14 -29.21 -0.90
CA PRO B 200 -15.44 -28.49 -2.19
C PRO B 200 -16.08 -27.12 -1.95
N ALA B 201 -15.68 -26.10 -2.68
CA ALA B 201 -16.28 -24.75 -2.46
C ALA B 201 -15.83 -23.74 -3.54
N ILE B 202 -16.67 -22.78 -3.83
CA ILE B 202 -16.34 -21.71 -4.83
C ILE B 202 -16.46 -20.36 -4.13
N VAL B 203 -15.67 -19.38 -4.52
CA VAL B 203 -15.74 -18.04 -3.87
C VAL B 203 -15.88 -16.93 -4.92
N GLY B 204 -15.71 -17.26 -6.18
CA GLY B 204 -15.80 -16.23 -7.27
C GLY B 204 -17.04 -16.47 -8.14
N THR B 205 -18.04 -17.13 -7.63
CA THR B 205 -19.26 -17.40 -8.45
C THR B 205 -19.67 -16.13 -9.21
N GLY B 206 -19.65 -15.01 -8.54
CA GLY B 206 -20.03 -13.73 -9.23
C GLY B 206 -21.50 -13.38 -9.00
N SER B 207 -22.40 -14.31 -9.25
CA SER B 207 -23.85 -13.98 -9.06
C SER B 207 -24.69 -15.25 -8.93
N VAL B 208 -24.21 -16.24 -8.24
CA VAL B 208 -25.01 -17.48 -8.09
C VAL B 208 -26.12 -17.25 -7.04
N THR B 209 -25.81 -16.58 -5.97
CA THR B 209 -26.84 -16.36 -4.91
C THR B 209 -28.07 -15.66 -5.49
N SER B 210 -27.90 -14.84 -6.50
CA SER B 210 -29.08 -14.13 -7.08
C SER B 210 -29.86 -15.11 -7.97
N GLN B 211 -29.27 -16.22 -8.27
CA GLN B 211 -29.96 -17.24 -9.13
C GLN B 211 -30.50 -18.38 -8.26
N VAL B 212 -30.08 -18.44 -7.02
CA VAL B 212 -30.54 -19.56 -6.11
C VAL B 212 -31.48 -19.04 -5.03
N LYS B 213 -32.49 -19.82 -4.72
CA LYS B 213 -33.44 -19.48 -3.63
C LYS B 213 -33.19 -20.48 -2.52
N ASN B 214 -33.50 -20.18 -1.30
CA ASN B 214 -33.24 -21.19 -0.24
C ASN B 214 -34.05 -22.45 -0.55
N ASP B 215 -33.56 -23.59 -0.11
CA ASP B 215 -34.26 -24.90 -0.33
C ASP B 215 -34.08 -25.38 -1.78
N ASP B 216 -33.24 -24.74 -2.53
CA ASP B 216 -33.03 -25.19 -3.94
C ASP B 216 -32.08 -26.40 -3.90
N TYR B 217 -32.28 -27.36 -4.75
CA TYR B 217 -31.37 -28.54 -4.78
C TYR B 217 -30.26 -28.25 -5.79
N LEU B 218 -29.02 -28.28 -5.36
CA LEU B 218 -27.89 -27.98 -6.30
C LEU B 218 -26.82 -29.06 -6.22
N ILE B 219 -26.16 -29.32 -7.32
CA ILE B 219 -25.05 -30.33 -7.31
C ILE B 219 -23.77 -29.56 -7.66
N LEU B 220 -22.76 -29.66 -6.84
CA LEU B 220 -21.50 -28.91 -7.10
C LEU B 220 -20.48 -29.84 -7.76
N ASP B 221 -20.07 -29.53 -8.97
CA ASP B 221 -19.07 -30.38 -9.66
C ASP B 221 -17.69 -30.11 -9.05
N ALA B 222 -17.36 -28.87 -8.85
CA ALA B 222 -16.03 -28.53 -8.28
C ALA B 222 -14.95 -29.30 -9.06
N VAL B 223 -15.31 -29.81 -10.20
CA VAL B 223 -14.34 -30.56 -11.06
C VAL B 223 -14.46 -29.98 -12.47
N ASN B 224 -15.67 -29.82 -12.95
CA ASN B 224 -15.88 -29.19 -14.28
C ASN B 224 -16.20 -27.73 -14.02
N ASN B 225 -16.20 -27.35 -12.77
CA ASN B 225 -16.50 -25.95 -12.39
C ASN B 225 -17.91 -25.58 -12.87
N GLN B 226 -18.88 -26.42 -12.63
CA GLN B 226 -20.29 -26.12 -13.07
C GLN B 226 -21.26 -26.45 -11.94
N VAL B 227 -22.40 -25.82 -11.95
CA VAL B 227 -23.44 -26.09 -10.90
C VAL B 227 -24.74 -26.49 -11.60
N TYR B 228 -25.34 -27.58 -11.19
CA TYR B 228 -26.62 -28.03 -11.83
C TYR B 228 -27.81 -27.67 -10.92
N VAL B 229 -28.74 -26.91 -11.43
CA VAL B 229 -29.92 -26.49 -10.61
C VAL B 229 -31.15 -27.35 -10.94
N ASN B 230 -31.62 -28.13 -10.02
CA ASN B 230 -32.81 -28.99 -10.27
C ASN B 230 -32.61 -29.85 -11.53
N PRO B 231 -31.46 -30.41 -11.71
CA PRO B 231 -31.14 -31.24 -12.91
C PRO B 231 -31.85 -32.58 -13.00
N THR B 232 -31.63 -33.23 -14.11
CA THR B 232 -32.19 -34.58 -14.34
C THR B 232 -31.34 -35.56 -13.52
N ASN B 233 -31.80 -36.75 -13.30
CA ASN B 233 -30.99 -37.71 -12.51
C ASN B 233 -29.72 -38.06 -13.30
N GLU B 234 -29.76 -37.86 -14.59
CA GLU B 234 -28.57 -38.16 -15.44
C GLU B 234 -27.37 -37.32 -14.98
N VAL B 235 -27.56 -36.05 -14.82
CA VAL B 235 -26.44 -35.15 -14.38
C VAL B 235 -26.00 -35.56 -12.98
N ILE B 236 -26.92 -35.79 -12.08
CA ILE B 236 -26.54 -36.21 -10.76
C ILE B 236 -25.63 -37.44 -10.79
N ASP B 237 -26.00 -38.42 -11.60
CA ASP B 237 -25.27 -39.66 -11.73
C ASP B 237 -23.88 -39.43 -12.27
N LYS B 238 -23.78 -38.65 -13.35
CA LYS B 238 -22.47 -38.24 -13.84
C LYS B 238 -21.69 -37.63 -12.72
N MET B 239 -22.34 -36.75 -11.95
CA MET B 239 -21.68 -36.05 -10.85
C MET B 239 -21.38 -36.97 -9.68
N ARG B 240 -22.12 -38.06 -9.59
CA ARG B 240 -21.79 -39.05 -8.61
C ARG B 240 -20.57 -39.87 -9.06
N ALA B 241 -20.42 -40.06 -10.36
CA ALA B 241 -19.22 -40.73 -10.84
C ALA B 241 -18.01 -39.81 -10.61
N VAL B 242 -18.23 -38.52 -10.72
CA VAL B 242 -17.15 -37.60 -10.52
C VAL B 242 -16.77 -37.61 -9.04
N GLN B 243 -17.79 -37.66 -8.19
CA GLN B 243 -17.54 -37.69 -6.76
C GLN B 243 -16.69 -38.90 -6.33
N GLU B 244 -16.97 -40.01 -6.97
CA GLU B 244 -16.34 -41.29 -6.71
C GLU B 244 -14.91 -41.30 -7.23
N GLN B 245 -14.68 -40.61 -8.33
CA GLN B 245 -13.38 -40.56 -8.97
C GLN B 245 -12.47 -39.75 -8.07
N VAL B 246 -13.04 -38.76 -7.42
CA VAL B 246 -12.31 -37.97 -6.48
C VAL B 246 -11.83 -38.86 -5.34
N ALA B 247 -12.71 -39.71 -4.81
CA ALA B 247 -12.33 -40.67 -3.77
C ALA B 247 -11.23 -41.63 -4.17
N SER B 248 -11.29 -42.16 -5.40
CA SER B 248 -10.21 -43.04 -5.88
C SER B 248 -8.82 -42.39 -5.81
N GLU B 249 -8.76 -41.12 -6.20
CA GLU B 249 -7.53 -40.36 -6.12
C GLU B 249 -7.02 -40.27 -4.68
N LYS B 250 -7.91 -39.88 -3.77
CA LYS B 250 -7.55 -39.83 -2.38
C LYS B 250 -6.87 -41.12 -2.02
N ALA B 251 -7.47 -42.23 -2.44
CA ALA B 251 -6.96 -43.55 -2.11
C ALA B 251 -5.56 -43.75 -2.69
N GLU B 252 -5.39 -43.56 -3.98
CA GLU B 252 -4.05 -43.67 -4.59
C GLU B 252 -3.02 -42.75 -3.93
N LEU B 253 -3.43 -41.51 -3.59
CA LEU B 253 -2.56 -40.47 -3.03
C LEU B 253 -2.24 -40.71 -1.58
N ALA B 254 -3.12 -41.43 -0.89
CA ALA B 254 -2.90 -41.79 0.51
C ALA B 254 -1.77 -42.74 0.67
N LYS B 255 -1.30 -43.32 -0.44
CA LYS B 255 -0.16 -44.28 -0.30
C LYS B 255 1.25 -43.64 -0.46
N LEU B 256 2.17 -43.82 0.56
CA LEU B 256 3.59 -43.35 0.47
C LEU B 256 4.37 -43.25 1.80
N LYS B 257 5.67 -43.63 1.76
CA LYS B 257 6.59 -43.52 2.93
C LYS B 257 8.07 -43.68 2.51
N ASP B 258 8.56 -44.93 2.50
CA ASP B 258 9.96 -45.22 2.16
C ASP B 258 10.89 -44.18 2.82
N LEU B 259 12.12 -44.07 2.30
CA LEU B 259 13.06 -43.08 2.80
C LEU B 259 12.61 -41.70 2.30
N PRO B 260 12.94 -40.61 2.97
CA PRO B 260 12.48 -39.23 2.54
C PRO B 260 12.83 -38.88 1.08
N ALA B 261 11.87 -38.27 0.39
CA ALA B 261 11.99 -37.82 -1.03
C ALA B 261 13.37 -38.10 -1.68
N ILE B 262 13.47 -39.22 -2.41
CA ILE B 262 14.71 -39.58 -3.13
C ILE B 262 14.40 -39.81 -4.60
N THR B 263 15.11 -39.09 -5.46
CA THR B 263 15.07 -39.34 -6.87
C THR B 263 15.50 -40.79 -7.18
N LEU B 264 15.06 -41.27 -8.34
CA LEU B 264 15.50 -42.55 -8.90
C LEU B 264 16.99 -42.80 -8.72
N ASP B 265 17.80 -41.80 -9.00
CA ASP B 265 19.25 -41.92 -8.93
C ASP B 265 19.86 -41.54 -7.58
N GLY B 266 19.08 -41.55 -6.51
CA GLY B 266 19.66 -41.44 -5.15
C GLY B 266 19.83 -40.09 -4.46
N HIS B 267 19.21 -39.05 -4.99
CA HIS B 267 19.39 -37.70 -4.44
C HIS B 267 18.24 -37.46 -3.50
N GLN B 268 18.57 -37.14 -2.25
CA GLN B 268 17.56 -36.89 -1.24
C GLN B 268 17.37 -35.42 -0.89
N VAL B 269 16.11 -35.04 -0.67
CA VAL B 269 15.80 -33.70 -0.14
C VAL B 269 14.82 -33.83 1.03
N GLU B 270 14.73 -32.83 1.88
CA GLU B 270 13.70 -32.86 2.86
C GLU B 270 12.43 -32.26 2.24
N VAL B 271 11.30 -32.68 2.78
CA VAL B 271 10.03 -32.23 2.29
C VAL B 271 9.17 -32.12 3.54
N CYS B 272 8.74 -30.90 3.85
CA CYS B 272 8.16 -30.64 5.15
C CYS B 272 6.96 -29.80 4.99
N ALA B 273 6.24 -29.64 6.10
CA ALA B 273 5.05 -28.83 6.09
C ALA B 273 5.36 -27.44 6.62
N ASN B 274 4.74 -26.44 6.00
CA ASN B 274 4.63 -25.15 6.61
C ASN B 274 3.46 -25.27 7.52
N ILE B 275 3.54 -24.75 8.74
CA ILE B 275 2.36 -24.77 9.65
C ILE B 275 2.09 -23.41 10.28
N GLY B 276 0.90 -23.33 10.89
CA GLY B 276 0.47 -22.15 11.58
C GLY B 276 0.19 -22.36 13.05
N THR B 277 0.01 -23.61 13.48
CA THR B 277 -0.70 -23.96 14.72
C THR B 277 -0.50 -25.44 14.95
N VAL B 278 -0.20 -25.91 16.18
CA VAL B 278 -0.22 -27.38 16.47
C VAL B 278 -1.22 -28.16 15.63
N ARG B 279 -2.40 -27.56 15.42
CA ARG B 279 -3.46 -28.22 14.69
C ARG B 279 -3.06 -28.60 13.26
N ASP B 280 -1.99 -28.01 12.76
CA ASP B 280 -1.56 -28.25 11.41
C ASP B 280 -0.62 -29.46 11.38
N VAL B 281 -0.14 -29.86 12.56
CA VAL B 281 0.78 -30.97 12.67
C VAL B 281 0.07 -32.25 12.21
N GLU B 282 -1.22 -32.26 12.44
CA GLU B 282 -2.01 -33.39 12.09
C GLU B 282 -1.94 -33.59 10.57
N GLY B 283 -2.38 -32.59 9.80
CA GLY B 283 -2.21 -32.60 8.33
C GLY B 283 -0.80 -32.93 7.88
N ALA B 284 0.20 -32.46 8.60
CA ALA B 284 1.58 -32.71 8.21
C ALA B 284 1.94 -34.19 8.32
N GLU B 285 1.49 -34.81 9.42
CA GLU B 285 1.80 -36.20 9.66
C GLU B 285 0.99 -37.00 8.66
N ARG B 286 -0.23 -36.53 8.42
CA ARG B 286 -1.15 -37.19 7.50
C ARG B 286 -0.57 -37.30 6.08
N ASN B 287 0.17 -36.28 5.67
CA ASN B 287 0.65 -36.12 4.33
C ASN B 287 2.11 -36.44 4.17
N GLY B 288 2.69 -37.00 5.22
CA GLY B 288 4.00 -37.62 5.08
C GLY B 288 5.16 -36.67 5.23
N ALA B 289 4.90 -35.52 5.84
CA ALA B 289 5.90 -34.50 6.13
C ALA B 289 7.03 -35.10 6.92
N GLU B 290 8.27 -34.75 6.61
CA GLU B 290 9.42 -35.25 7.38
C GLU B 290 9.84 -34.28 8.49
N GLY B 291 9.11 -33.19 8.66
CA GLY B 291 9.37 -32.20 9.71
C GLY B 291 8.63 -30.95 9.30
N VAL B 292 8.83 -29.86 10.03
CA VAL B 292 8.19 -28.60 9.73
C VAL B 292 9.24 -27.61 9.25
N GLY B 293 8.99 -27.02 8.09
CA GLY B 293 9.99 -26.20 7.43
C GLY B 293 9.73 -24.74 7.73
N LEU B 294 8.55 -24.43 8.23
CA LEU B 294 8.24 -23.05 8.55
C LEU B 294 7.04 -23.02 9.45
N TYR B 295 7.23 -22.46 10.64
CA TYR B 295 6.21 -22.34 11.62
C TYR B 295 6.02 -20.86 11.65
N ARG B 296 5.03 -20.42 10.88
CA ARG B 296 4.62 -19.02 10.80
C ARG B 296 4.04 -18.66 12.15
N THR B 297 4.83 -18.05 13.01
CA THR B 297 4.34 -17.78 14.36
C THR B 297 3.25 -16.70 14.41
N GLU B 298 3.15 -15.84 13.38
CA GLU B 298 2.07 -14.85 13.29
C GLU B 298 0.75 -15.52 13.51
N PHE B 299 0.61 -16.69 12.91
CA PHE B 299 -0.66 -17.37 12.82
C PHE B 299 -1.10 -17.74 14.22
N LEU B 300 -0.13 -18.08 15.06
CA LEU B 300 -0.44 -18.33 16.43
C LEU B 300 -0.92 -17.04 17.08
N PHE B 301 -0.42 -15.91 16.63
CA PHE B 301 -0.77 -14.62 17.20
C PHE B 301 -2.16 -14.21 16.75
N MET B 302 -2.58 -14.71 15.60
CA MET B 302 -3.94 -14.41 15.12
C MET B 302 -4.89 -15.51 15.56
N ASP B 303 -4.38 -16.42 16.36
CA ASP B 303 -5.20 -17.46 16.94
C ASP B 303 -5.75 -17.03 18.31
N ARG B 304 -5.48 -15.77 18.68
CA ARG B 304 -5.74 -15.18 20.02
C ARG B 304 -6.25 -13.74 19.90
N ASP B 305 -6.92 -13.18 20.95
CA ASP B 305 -7.28 -11.75 20.89
C ASP B 305 -6.41 -10.84 21.76
N ALA B 306 -5.21 -11.31 22.07
CA ALA B 306 -4.21 -10.52 22.80
C ALA B 306 -2.86 -10.98 22.35
N LEU B 307 -1.85 -10.13 22.55
CA LEU B 307 -0.46 -10.51 22.24
C LEU B 307 -0.01 -11.61 23.20
N PRO B 308 0.47 -12.75 22.66
CA PRO B 308 0.85 -13.85 23.56
C PRO B 308 2.17 -13.61 24.26
N THR B 309 2.17 -13.74 25.57
CA THR B 309 3.31 -13.42 26.39
C THR B 309 4.41 -14.42 26.18
N GLU B 310 5.53 -14.20 26.84
CA GLU B 310 6.56 -15.19 26.76
C GLU B 310 5.99 -16.57 27.09
N GLU B 311 5.26 -16.63 28.19
CA GLU B 311 4.77 -17.91 28.72
C GLU B 311 3.77 -18.58 27.74
N GLU B 312 2.87 -17.78 27.16
CA GLU B 312 1.88 -18.36 26.26
C GLU B 312 2.58 -18.87 25.02
N GLN B 313 3.62 -18.16 24.61
CA GLN B 313 4.33 -18.52 23.40
C GLN B 313 5.10 -19.80 23.65
N PHE B 314 5.79 -19.81 24.78
CA PHE B 314 6.54 -20.95 25.17
C PHE B 314 5.66 -22.19 25.11
N ALA B 315 4.43 -22.09 25.65
CA ALA B 315 3.56 -23.24 25.79
C ALA B 315 3.17 -23.73 24.42
N ALA B 316 2.83 -22.77 23.58
CA ALA B 316 2.40 -22.99 22.23
C ALA B 316 3.52 -23.66 21.46
N TYR B 317 4.74 -23.14 21.61
CA TYR B 317 5.92 -23.71 20.95
C TYR B 317 6.22 -25.10 21.44
N LYS B 318 6.10 -25.29 22.76
CA LYS B 318 6.37 -26.57 23.45
C LYS B 318 5.42 -27.58 22.87
N ALA B 319 4.13 -27.24 22.84
CA ALA B 319 3.16 -28.16 22.28
C ALA B 319 3.59 -28.59 20.88
N VAL B 320 3.97 -27.63 20.03
CA VAL B 320 4.27 -27.94 18.65
C VAL B 320 5.46 -28.89 18.67
N ALA B 321 6.51 -28.49 19.38
CA ALA B 321 7.74 -29.26 19.44
C ALA B 321 7.45 -30.69 19.82
N GLU B 322 6.43 -30.85 20.63
CA GLU B 322 6.10 -32.15 21.14
C GLU B 322 5.14 -32.86 20.21
N ALA B 323 4.22 -32.14 19.61
CA ALA B 323 3.34 -32.75 18.63
C ALA B 323 4.11 -33.15 17.41
N CYS B 324 5.36 -32.71 17.32
CA CYS B 324 6.17 -33.13 16.21
C CYS B 324 7.09 -34.28 16.50
N GLY B 325 7.09 -34.77 17.73
CA GLY B 325 7.87 -35.94 18.08
C GLY B 325 9.34 -35.73 17.83
N SER B 326 9.92 -36.60 17.03
CA SER B 326 11.34 -36.57 16.78
C SER B 326 11.67 -35.44 15.84
N GLN B 327 10.65 -34.95 15.12
CA GLN B 327 10.88 -34.04 13.99
C GLN B 327 11.26 -32.60 14.36
N ALA B 328 12.01 -31.99 13.47
CA ALA B 328 12.53 -30.63 13.63
C ALA B 328 11.49 -29.61 13.19
N VAL B 329 11.28 -28.56 13.97
CA VAL B 329 10.42 -27.47 13.54
C VAL B 329 11.25 -26.20 13.30
N ILE B 330 11.05 -25.55 12.17
CA ILE B 330 11.72 -24.28 11.92
C ILE B 330 10.74 -23.18 12.31
N VAL B 331 10.96 -22.63 13.50
CA VAL B 331 10.09 -21.66 14.09
C VAL B 331 10.54 -20.32 13.55
N ARG B 332 9.69 -19.66 12.77
CA ARG B 332 10.07 -18.34 12.27
C ARG B 332 9.56 -17.34 13.26
N THR B 333 10.41 -16.40 13.60
CA THR B 333 9.95 -15.29 14.43
C THR B 333 8.95 -14.52 13.59
N MET B 334 8.20 -13.71 14.30
CA MET B 334 6.91 -13.20 13.87
C MET B 334 6.97 -12.27 12.67
N ASP B 335 6.01 -12.45 11.75
CA ASP B 335 5.95 -11.66 10.56
C ASP B 335 4.57 -11.05 10.40
N ILE B 336 4.38 -9.94 11.09
CA ILE B 336 3.21 -9.15 10.97
C ILE B 336 3.50 -7.95 10.08
N GLY B 337 2.52 -7.53 9.27
CA GLY B 337 2.58 -6.21 8.69
C GLY B 337 2.58 -6.00 7.18
N GLY B 338 2.28 -7.04 6.42
CA GLY B 338 2.06 -6.77 5.02
C GLY B 338 0.58 -6.96 4.92
N ASP B 339 0.16 -7.99 4.22
CA ASP B 339 -1.24 -8.35 4.29
C ASP B 339 -1.57 -9.07 5.59
N LYS B 340 -0.63 -9.24 6.51
CA LYS B 340 -1.00 -9.83 7.80
C LYS B 340 -0.86 -8.92 9.03
N GLU B 341 -1.90 -8.14 9.21
CA GLU B 341 -1.97 -7.37 10.38
C GLU B 341 -2.57 -8.23 11.47
N LEU B 342 -2.22 -7.96 12.72
CA LEU B 342 -3.10 -8.34 13.80
C LEU B 342 -3.77 -7.12 14.41
N PRO B 343 -5.07 -6.99 14.13
CA PRO B 343 -5.95 -5.91 14.55
C PRO B 343 -5.71 -5.54 16.01
N TYR B 344 -5.59 -6.52 16.90
CA TYR B 344 -5.34 -6.17 18.31
C TYR B 344 -4.11 -5.30 18.59
N MET B 345 -3.24 -5.16 17.59
CA MET B 345 -2.04 -4.33 17.79
C MET B 345 -2.32 -2.89 17.49
N ASN B 346 -3.40 -2.65 16.76
CA ASN B 346 -3.79 -1.28 16.39
C ASN B 346 -2.67 -0.47 15.76
N PHE B 347 -1.75 -1.14 15.08
CA PHE B 347 -0.70 -0.41 14.40
C PHE B 347 -1.33 0.59 13.47
N PRO B 348 -0.61 1.68 13.17
CA PRO B 348 -1.14 2.65 12.21
C PRO B 348 -1.08 2.15 10.77
N LYS B 349 -1.91 2.74 9.91
CA LYS B 349 -1.93 2.38 8.50
C LYS B 349 -0.68 2.83 7.80
N GLU B 350 -0.36 2.11 6.72
CA GLU B 350 0.76 2.42 5.84
C GLU B 350 0.34 2.48 4.38
N GLU B 351 1.02 3.32 3.64
CA GLU B 351 0.74 3.47 2.25
C GLU B 351 1.06 2.18 1.47
N ASN B 352 2.11 1.47 1.87
CA ASN B 352 2.43 0.17 1.24
C ASN B 352 2.81 -0.82 2.32
N PRO B 353 1.81 -1.50 2.89
CA PRO B 353 2.17 -2.36 3.99
C PRO B 353 3.28 -3.31 3.59
N PHE B 354 3.24 -3.83 2.38
CA PHE B 354 4.22 -4.83 1.98
C PHE B 354 5.64 -4.33 1.81
N LEU B 355 5.78 -3.02 1.69
CA LEU B 355 7.07 -2.35 1.77
C LEU B 355 7.20 -1.53 3.05
N GLY B 356 6.53 -1.97 4.10
CA GLY B 356 6.46 -1.15 5.31
C GLY B 356 7.11 -1.79 6.51
N TRP B 357 6.49 -1.54 7.65
CA TRP B 357 7.04 -1.80 8.95
C TRP B 357 6.61 -3.19 9.36
N ARG B 358 7.33 -4.13 8.80
CA ARG B 358 6.91 -5.52 8.75
C ARG B 358 7.90 -6.44 9.50
N ALA B 359 7.33 -7.41 10.25
CA ALA B 359 8.10 -8.54 10.77
C ALA B 359 9.16 -8.04 11.68
N ILE B 360 10.39 -8.24 11.25
CA ILE B 360 11.58 -7.95 12.07
C ILE B 360 11.79 -6.45 12.35
N ARG B 361 11.17 -5.66 11.51
CA ARG B 361 11.28 -4.26 11.63
C ARG B 361 10.53 -3.79 12.85
N ILE B 362 9.53 -4.58 13.24
CA ILE B 362 8.73 -4.30 14.45
C ILE B 362 9.46 -4.84 15.69
N ALA B 363 9.86 -6.10 15.62
CA ALA B 363 10.43 -6.70 16.78
C ALA B 363 11.71 -5.94 17.18
N MET B 364 12.37 -5.33 16.20
CA MET B 364 13.53 -4.48 16.50
C MET B 364 13.17 -3.08 16.96
N ASP B 365 11.95 -2.65 16.71
CA ASP B 365 11.58 -1.35 17.24
C ASP B 365 10.83 -1.51 18.53
N ARG B 366 10.58 -2.74 18.92
CA ARG B 366 9.90 -2.98 20.16
C ARG B 366 10.44 -4.24 20.72
N ARG B 367 11.58 -4.15 21.39
CA ARG B 367 12.29 -5.31 21.88
C ARG B 367 11.46 -6.27 22.73
N GLU B 368 10.58 -5.76 23.59
CA GLU B 368 9.75 -6.67 24.38
C GLU B 368 9.18 -7.82 23.47
N ILE B 369 8.91 -7.53 22.20
CA ILE B 369 8.25 -8.49 21.28
C ILE B 369 9.27 -9.54 20.82
N LEU B 370 10.36 -9.05 20.25
CA LEU B 370 11.45 -9.86 19.91
C LEU B 370 11.93 -10.69 21.13
N ARG B 371 12.05 -10.06 22.30
CA ARG B 371 12.61 -10.73 23.46
C ARG B 371 11.73 -11.87 24.01
N ASP B 372 10.45 -11.56 24.25
CA ASP B 372 9.50 -12.52 24.73
C ASP B 372 9.59 -13.67 23.80
N GLN B 373 9.50 -13.39 22.51
CA GLN B 373 9.42 -14.48 21.54
C GLN B 373 10.68 -15.32 21.52
N LEU B 374 11.83 -14.71 21.32
CA LEU B 374 13.05 -15.50 21.25
C LEU B 374 13.30 -16.27 22.53
N ARG B 375 13.15 -15.60 23.67
CA ARG B 375 13.06 -16.26 24.96
C ARG B 375 12.18 -17.54 24.92
N ALA B 376 10.90 -17.37 24.56
CA ALA B 376 9.99 -18.49 24.43
C ALA B 376 10.50 -19.58 23.50
N ILE B 377 11.01 -19.24 22.32
CA ILE B 377 11.49 -20.27 21.40
C ILE B 377 12.61 -21.03 22.08
N LEU B 378 13.63 -20.31 22.53
CA LEU B 378 14.76 -20.97 23.15
C LEU B 378 14.27 -21.93 24.22
N ARG B 379 13.41 -21.44 25.09
CA ARG B 379 13.02 -22.25 26.20
C ARG B 379 12.30 -23.47 25.68
N ALA B 380 11.47 -23.30 24.63
CA ALA B 380 10.75 -24.44 24.05
C ALA B 380 11.71 -25.46 23.43
N SER B 381 12.91 -25.03 23.03
CA SER B 381 13.87 -25.92 22.42
C SER B 381 14.41 -26.92 23.41
N ALA B 382 14.06 -26.76 24.68
CA ALA B 382 14.46 -27.75 25.66
C ALA B 382 13.58 -28.96 25.53
N PHE B 383 12.64 -28.93 24.58
CA PHE B 383 11.59 -29.95 24.53
C PHE B 383 11.40 -30.64 23.21
N GLY B 384 12.24 -30.30 22.22
CA GLY B 384 12.14 -30.92 20.92
C GLY B 384 13.03 -30.17 20.01
N LYS B 385 13.42 -30.76 18.87
CA LYS B 385 14.32 -30.06 17.94
C LYS B 385 13.64 -28.84 17.31
N LEU B 386 14.08 -27.66 17.68
CA LEU B 386 13.60 -26.43 17.07
C LEU B 386 14.75 -25.71 16.41
N ARG B 387 14.45 -25.01 15.32
CA ARG B 387 15.35 -24.02 14.75
C ARG B 387 14.68 -22.65 14.82
N ILE B 388 15.49 -21.58 14.82
CA ILE B 388 15.00 -20.20 14.77
C ILE B 388 15.30 -19.64 13.40
N MET B 389 14.32 -18.95 12.83
CA MET B 389 14.55 -18.35 11.55
C MET B 389 13.89 -17.02 11.60
N PHE B 390 14.47 -16.06 10.91
CA PHE B 390 14.01 -14.67 10.85
C PHE B 390 13.45 -14.30 9.50
N PRO B 391 12.31 -13.61 9.49
CA PRO B 391 11.64 -13.10 8.29
C PRO B 391 12.14 -11.74 7.84
N MET B 392 11.94 -11.38 6.56
CA MET B 392 12.20 -10.02 6.06
C MET B 392 13.59 -9.46 6.24
N ILE B 393 14.57 -10.33 6.36
CA ILE B 393 15.96 -9.93 6.42
C ILE B 393 16.43 -9.24 5.14
N ILE B 394 17.16 -8.14 5.33
CA ILE B 394 17.55 -7.29 4.23
C ILE B 394 19.03 -6.96 4.17
N SER B 395 19.72 -7.16 5.30
CA SER B 395 21.10 -6.75 5.42
C SER B 395 21.88 -7.67 6.35
N VAL B 396 23.20 -7.69 6.24
CA VAL B 396 23.99 -8.35 7.24
C VAL B 396 23.84 -7.61 8.56
N GLU B 397 23.74 -6.28 8.51
CA GLU B 397 23.48 -5.52 9.74
C GLU B 397 22.37 -6.15 10.61
N GLU B 398 21.19 -6.33 9.99
CA GLU B 398 20.04 -6.91 10.71
C GLU B 398 20.38 -8.24 11.39
N VAL B 399 20.94 -9.17 10.64
CA VAL B 399 21.29 -10.49 11.23
C VAL B 399 22.23 -10.42 12.45
N ARG B 400 23.29 -9.63 12.35
CA ARG B 400 24.18 -9.51 13.47
C ARG B 400 23.47 -8.90 14.67
N ALA B 401 22.54 -7.98 14.45
CA ALA B 401 21.93 -7.31 15.58
C ALA B 401 21.02 -8.29 16.31
N LEU B 402 20.46 -9.23 15.56
CA LEU B 402 19.51 -10.19 16.08
C LEU B 402 20.20 -11.39 16.76
N ARG B 403 21.32 -11.84 16.20
CA ARG B 403 22.16 -12.87 16.83
C ARG B 403 22.69 -12.40 18.16
N LYS B 404 23.10 -11.14 18.18
CA LYS B 404 23.55 -10.50 19.38
C LYS B 404 22.43 -10.52 20.39
N GLU B 405 21.24 -10.17 19.91
CA GLU B 405 20.06 -10.31 20.72
C GLU B 405 19.89 -11.75 21.24
N ILE B 406 19.87 -12.74 20.36
CA ILE B 406 19.79 -14.12 20.82
C ILE B 406 20.79 -14.36 21.97
N GLU B 407 22.07 -14.08 21.73
CA GLU B 407 23.08 -14.30 22.72
C GLU B 407 22.77 -13.68 24.08
N ILE B 408 22.14 -12.51 24.09
CA ILE B 408 21.74 -11.88 25.34
C ILE B 408 20.61 -12.67 26.01
N TYR B 409 19.58 -12.98 25.25
CA TYR B 409 18.50 -13.78 25.73
C TYR B 409 18.97 -15.15 26.15
N LYS B 410 20.01 -15.69 25.53
CA LYS B 410 20.50 -17.01 25.90
C LYS B 410 21.06 -16.94 27.30
N GLN B 411 21.83 -15.91 27.60
CA GLN B 411 22.47 -15.78 28.90
C GLN B 411 21.46 -15.63 29.99
N GLU B 412 20.49 -14.75 29.76
CA GLU B 412 19.45 -14.55 30.73
C GLU B 412 18.84 -15.90 31.09
N LEU B 413 18.43 -16.68 30.10
CA LEU B 413 17.94 -18.02 30.40
C LEU B 413 18.91 -18.84 31.26
N ARG B 414 20.17 -18.98 30.81
CA ARG B 414 21.25 -19.57 31.64
C ARG B 414 21.24 -19.08 33.09
N ASP B 415 21.02 -17.79 33.29
CA ASP B 415 21.04 -17.18 34.60
C ASP B 415 19.80 -17.42 35.43
N GLU B 416 18.71 -17.75 34.76
CA GLU B 416 17.45 -18.00 35.45
C GLU B 416 17.22 -19.50 35.65
N GLY B 417 18.22 -20.33 35.31
CA GLY B 417 18.17 -21.79 35.50
C GLY B 417 17.10 -22.43 34.61
N LYS B 418 17.14 -21.99 33.35
CA LYS B 418 16.19 -22.37 32.31
C LYS B 418 16.92 -22.98 31.08
N ALA B 419 16.73 -24.29 30.90
CA ALA B 419 17.32 -25.05 29.81
C ALA B 419 16.87 -24.49 28.47
N PHE B 420 17.79 -24.56 27.51
CA PHE B 420 17.51 -24.36 26.13
C PHE B 420 18.58 -25.15 25.40
N ASP B 421 18.24 -25.57 24.18
CA ASP B 421 19.11 -26.39 23.37
C ASP B 421 20.26 -25.47 23.03
N GLU B 422 21.45 -25.75 23.55
CA GLU B 422 22.63 -24.93 23.22
C GLU B 422 23.05 -25.11 21.77
N SER B 423 22.55 -26.14 21.09
CA SER B 423 22.87 -26.46 19.71
C SER B 423 22.02 -25.71 18.72
N ILE B 424 21.17 -24.81 19.21
CA ILE B 424 20.02 -24.38 18.42
C ILE B 424 20.50 -23.62 17.22
N GLU B 425 19.97 -24.02 16.06
CA GLU B 425 20.44 -23.43 14.84
C GLU B 425 19.57 -22.27 14.45
N ILE B 426 20.24 -21.30 13.84
CA ILE B 426 19.67 -20.05 13.49
C ILE B 426 19.84 -19.82 11.99
N GLY B 427 18.78 -19.40 11.32
CA GLY B 427 18.86 -19.12 9.89
C GLY B 427 18.02 -17.91 9.51
N VAL B 428 17.85 -17.67 8.23
CA VAL B 428 17.14 -16.49 7.83
C VAL B 428 16.30 -16.80 6.64
N MET B 429 15.18 -16.10 6.53
CA MET B 429 14.35 -16.17 5.35
C MET B 429 15.16 -15.43 4.32
N VAL B 430 15.34 -15.98 3.13
CA VAL B 430 15.81 -15.15 2.03
C VAL B 430 14.57 -14.87 1.18
N GLU B 431 13.93 -13.72 1.36
CA GLU B 431 12.69 -13.47 0.67
C GLU B 431 12.64 -12.04 0.20
N THR B 432 13.77 -11.41 0.33
CA THR B 432 14.05 -10.09 -0.14
C THR B 432 15.17 -10.23 -1.24
N PRO B 433 15.11 -9.39 -2.31
CA PRO B 433 16.14 -9.36 -3.32
C PRO B 433 17.43 -8.87 -2.71
N ALA B 434 17.37 -8.03 -1.70
CA ALA B 434 18.55 -7.69 -0.93
C ALA B 434 19.21 -8.93 -0.41
N ALA B 435 18.47 -9.68 0.40
CA ALA B 435 19.04 -10.90 0.99
C ALA B 435 19.62 -11.77 -0.10
N ALA B 436 18.87 -11.90 -1.19
CA ALA B 436 19.30 -12.80 -2.24
C ALA B 436 20.64 -12.33 -2.76
N THR B 437 20.77 -11.01 -2.92
CA THR B 437 21.99 -10.38 -3.46
C THR B 437 23.26 -10.53 -2.60
N ILE B 438 23.05 -10.55 -1.29
CA ILE B 438 24.14 -10.61 -0.35
C ILE B 438 24.10 -11.98 0.31
N ALA B 439 23.42 -12.89 -0.35
CA ALA B 439 23.39 -14.26 0.14
C ALA B 439 24.78 -14.73 0.57
N ARG B 440 25.85 -14.40 -0.16
CA ARG B 440 27.16 -14.97 0.21
C ARG B 440 27.47 -14.47 1.57
N HIS B 441 27.46 -13.15 1.74
CA HIS B 441 27.68 -12.54 3.05
C HIS B 441 26.82 -13.08 4.16
N LEU B 442 25.54 -13.33 3.88
CA LEU B 442 24.61 -13.77 4.94
C LEU B 442 24.90 -15.21 5.34
N ALA B 443 25.29 -16.03 4.36
CA ALA B 443 25.59 -17.45 4.57
C ALA B 443 26.69 -17.75 5.62
N LYS B 444 27.64 -16.83 5.78
CA LYS B 444 28.66 -16.92 6.85
C LYS B 444 28.03 -16.70 8.17
N GLU B 445 26.89 -16.04 8.19
CA GLU B 445 26.37 -15.50 9.45
C GLU B 445 25.22 -16.33 10.00
N VAL B 446 24.71 -17.28 9.22
CA VAL B 446 23.59 -18.09 9.65
C VAL B 446 23.87 -19.53 9.37
N ASP B 447 23.05 -20.42 9.94
CA ASP B 447 23.18 -21.87 9.70
C ASP B 447 22.43 -22.35 8.51
N PHE B 448 21.48 -21.55 8.04
CA PHE B 448 20.67 -22.01 6.94
C PHE B 448 19.83 -20.91 6.35
N PHE B 449 19.14 -21.22 5.26
CA PHE B 449 18.29 -20.27 4.55
C PHE B 449 17.08 -21.01 4.21
N SER B 450 15.95 -20.31 4.22
CA SER B 450 14.77 -20.76 3.56
C SER B 450 14.31 -19.64 2.65
N ILE B 451 14.14 -19.93 1.36
CA ILE B 451 13.76 -18.88 0.41
C ILE B 451 12.25 -18.67 0.41
N GLY B 452 11.84 -17.44 0.73
CA GLY B 452 10.43 -17.13 0.66
C GLY B 452 10.14 -16.56 -0.71
N THR B 453 9.67 -17.40 -1.62
CA THR B 453 9.43 -16.95 -2.97
C THR B 453 8.17 -16.09 -3.12
N ASN B 454 7.26 -16.18 -2.17
CA ASN B 454 6.07 -15.33 -2.25
C ASN B 454 6.51 -13.89 -2.17
N ASP B 455 7.28 -13.60 -1.13
CA ASP B 455 7.84 -12.30 -1.01
C ASP B 455 8.89 -11.97 -2.07
N LEU B 456 9.92 -12.80 -2.22
CA LEU B 456 10.94 -12.60 -3.22
C LEU B 456 10.33 -12.30 -4.62
N THR B 457 9.33 -13.04 -5.00
CA THR B 457 8.71 -12.78 -6.25
C THR B 457 8.20 -11.35 -6.19
N GLN B 458 7.45 -11.07 -5.14
CA GLN B 458 6.78 -9.80 -4.94
C GLN B 458 7.74 -8.67 -5.14
N TYR B 459 8.90 -8.69 -4.47
CA TYR B 459 9.82 -7.54 -4.55
C TYR B 459 10.68 -7.54 -5.77
N THR B 460 10.95 -8.71 -6.29
CA THR B 460 11.82 -8.76 -7.42
C THR B 460 11.01 -8.23 -8.60
N LEU B 461 9.75 -8.64 -8.69
CA LEU B 461 8.89 -8.18 -9.77
C LEU B 461 8.09 -6.95 -9.38
N ALA B 462 8.21 -6.47 -8.15
CA ALA B 462 7.31 -5.38 -7.71
C ALA B 462 5.87 -5.63 -8.07
N VAL B 463 5.40 -6.83 -7.79
CA VAL B 463 4.00 -7.11 -7.91
C VAL B 463 3.43 -7.64 -6.61
N ASP B 464 2.38 -6.93 -6.17
CA ASP B 464 1.75 -7.16 -4.91
C ASP B 464 1.07 -8.52 -5.00
N ARG B 465 1.41 -9.37 -4.04
CA ARG B 465 0.84 -10.70 -3.92
C ARG B 465 -0.66 -10.67 -3.81
N GLY B 466 -1.19 -9.53 -3.37
CA GLY B 466 -2.62 -9.34 -3.14
C GLY B 466 -3.36 -8.82 -4.35
N ASN B 467 -2.65 -8.29 -5.35
CA ASN B 467 -3.27 -7.47 -6.40
C ASN B 467 -3.67 -8.29 -7.64
N ASP B 468 -4.95 -8.63 -7.75
CA ASP B 468 -5.43 -9.47 -8.85
C ASP B 468 -5.31 -8.79 -10.21
N MET B 469 -5.49 -7.47 -10.22
CA MET B 469 -5.34 -6.73 -11.45
C MET B 469 -4.02 -6.97 -12.18
N ILE B 470 -2.92 -7.13 -11.45
CA ILE B 470 -1.66 -7.49 -12.09
C ILE B 470 -1.20 -8.90 -11.80
N SER B 471 -2.09 -9.76 -11.34
CA SER B 471 -1.61 -11.08 -10.97
C SER B 471 -0.81 -11.74 -12.10
N HIS B 472 -1.15 -11.43 -13.35
CA HIS B 472 -0.54 -12.11 -14.49
C HIS B 472 0.97 -11.87 -14.55
N LEU B 473 1.42 -10.82 -13.85
CA LEU B 473 2.84 -10.47 -13.73
C LEU B 473 3.49 -11.09 -12.52
N TYR B 474 2.73 -11.79 -11.69
CA TYR B 474 3.34 -12.34 -10.52
C TYR B 474 3.86 -13.68 -10.93
N GLN B 475 5.16 -13.75 -11.21
CA GLN B 475 5.72 -15.00 -11.74
C GLN B 475 6.89 -15.41 -10.99
N PRO B 476 6.73 -16.35 -10.06
CA PRO B 476 7.94 -16.80 -9.37
C PRO B 476 8.74 -17.65 -10.35
N MET B 477 8.16 -17.97 -11.50
CA MET B 477 8.87 -18.73 -12.47
C MET B 477 9.34 -17.85 -13.57
N SER B 478 10.08 -16.84 -13.15
CA SER B 478 10.72 -15.93 -14.04
C SER B 478 12.16 -16.27 -14.05
N PRO B 479 12.81 -16.01 -15.18
CA PRO B 479 14.26 -16.09 -15.21
C PRO B 479 14.87 -15.21 -14.11
N SER B 480 14.16 -14.16 -13.71
CA SER B 480 14.68 -13.31 -12.63
C SER B 480 14.58 -13.92 -11.21
N VAL B 481 13.50 -14.59 -10.91
CA VAL B 481 13.39 -15.13 -9.58
C VAL B 481 14.24 -16.41 -9.49
N LEU B 482 14.24 -17.19 -10.56
CA LEU B 482 14.99 -18.46 -10.56
C LEU B 482 16.46 -18.19 -10.37
N ASN B 483 16.99 -17.28 -11.16
CA ASN B 483 18.37 -16.90 -10.97
C ASN B 483 18.74 -16.51 -9.53
N LEU B 484 17.93 -15.67 -8.92
CA LEU B 484 18.09 -15.30 -7.53
C LEU B 484 17.96 -16.47 -6.60
N ILE B 485 17.05 -17.40 -6.87
CA ILE B 485 17.00 -18.69 -6.13
C ILE B 485 18.33 -19.48 -6.21
N LYS B 486 18.84 -19.64 -7.42
CA LYS B 486 20.07 -20.36 -7.63
C LYS B 486 21.19 -19.73 -6.85
N GLN B 487 21.14 -18.42 -6.80
CA GLN B 487 22.27 -17.68 -6.35
C GLN B 487 22.32 -17.92 -4.83
N VAL B 488 21.12 -18.04 -4.23
CA VAL B 488 20.98 -18.25 -2.80
C VAL B 488 21.40 -19.66 -2.40
N ILE B 489 20.88 -20.64 -3.14
CA ILE B 489 21.20 -22.03 -2.90
C ILE B 489 22.73 -22.16 -2.91
N ASP B 490 23.34 -21.66 -3.98
CA ASP B 490 24.77 -21.71 -4.15
C ASP B 490 25.48 -21.07 -2.98
N ALA B 491 25.05 -19.87 -2.59
CA ALA B 491 25.61 -19.25 -1.38
C ALA B 491 25.65 -20.26 -0.25
N SER B 492 24.49 -20.84 0.12
CA SER B 492 24.41 -21.90 1.14
C SER B 492 25.52 -22.88 1.01
N HIS B 493 25.60 -23.46 -0.19
CA HIS B 493 26.42 -24.62 -0.38
C HIS B 493 27.86 -24.21 -0.30
N ALA B 494 28.14 -22.98 -0.74
CA ALA B 494 29.51 -22.55 -0.71
C ALA B 494 30.00 -22.48 0.74
N GLU B 495 29.11 -22.15 1.70
CA GLU B 495 29.52 -22.16 3.12
C GLU B 495 29.33 -23.49 3.77
N GLY B 496 28.85 -24.48 3.02
CA GLY B 496 28.54 -25.79 3.60
C GLY B 496 27.27 -25.79 4.43
N LYS B 497 26.40 -24.82 4.22
CA LYS B 497 25.04 -24.81 4.76
C LYS B 497 24.08 -25.22 3.69
N TRP B 498 22.81 -25.12 3.99
CA TRP B 498 21.77 -25.59 3.12
C TRP B 498 20.64 -24.57 2.98
N THR B 499 19.91 -24.67 1.90
CA THR B 499 18.83 -23.79 1.69
C THR B 499 17.62 -24.65 1.59
N GLY B 500 16.58 -24.23 2.30
CA GLY B 500 15.25 -24.77 2.09
C GLY B 500 14.40 -23.74 1.42
N MET B 501 13.15 -24.07 1.18
CA MET B 501 12.18 -23.19 0.55
C MET B 501 10.79 -23.38 1.14
N CYS B 502 10.23 -22.33 1.73
CA CYS B 502 8.87 -22.41 2.24
C CYS B 502 7.88 -21.60 1.44
N GLY B 503 8.37 -20.79 0.53
CA GLY B 503 7.49 -20.16 -0.45
C GLY B 503 6.72 -21.21 -1.21
N GLU B 504 5.62 -20.75 -1.83
CA GLU B 504 4.71 -21.66 -2.51
C GLU B 504 5.30 -22.38 -3.73
N LEU B 505 6.40 -21.85 -4.26
CA LEU B 505 7.10 -22.57 -5.31
C LEU B 505 7.51 -23.98 -4.94
N ALA B 506 7.96 -24.17 -3.71
CA ALA B 506 8.34 -25.49 -3.19
C ALA B 506 7.24 -26.46 -3.46
N GLY B 507 6.00 -26.03 -3.21
CA GLY B 507 4.84 -26.89 -3.40
C GLY B 507 4.26 -26.89 -4.79
N ASP B 508 4.87 -26.15 -5.72
CA ASP B 508 4.33 -25.98 -7.08
C ASP B 508 4.89 -27.09 -8.01
N GLU B 509 4.01 -27.98 -8.51
CA GLU B 509 4.39 -29.10 -9.40
C GLU B 509 5.31 -28.71 -10.55
N ARG B 510 5.34 -27.43 -10.88
CA ARG B 510 6.00 -26.99 -12.10
C ARG B 510 7.42 -26.55 -11.85
N ALA B 511 7.73 -26.35 -10.57
CA ALA B 511 9.05 -25.94 -10.23
C ALA B 511 9.87 -27.11 -9.67
N THR B 512 9.18 -28.17 -9.28
CA THR B 512 9.82 -29.24 -8.55
C THR B 512 11.11 -29.73 -9.20
N LEU B 513 11.09 -30.06 -10.51
CA LEU B 513 12.34 -30.45 -11.20
C LEU B 513 13.43 -29.38 -11.21
N LEU B 514 13.04 -28.12 -11.32
CA LEU B 514 14.01 -27.02 -11.28
C LEU B 514 14.57 -26.81 -9.90
N LEU B 515 13.69 -26.69 -8.93
CA LEU B 515 14.12 -26.57 -7.56
C LEU B 515 15.08 -27.69 -7.25
N LEU B 516 14.69 -28.91 -7.61
CA LEU B 516 15.57 -30.06 -7.40
C LEU B 516 16.92 -29.92 -8.13
N GLY B 517 16.87 -29.60 -9.43
CA GLY B 517 18.06 -29.54 -10.26
C GLY B 517 19.00 -28.46 -9.78
N MET B 518 18.41 -27.41 -9.21
CA MET B 518 19.17 -26.28 -8.74
C MET B 518 19.78 -26.56 -7.40
N GLY B 519 19.49 -27.74 -6.83
CA GLY B 519 20.12 -28.21 -5.61
C GLY B 519 19.47 -27.83 -4.29
N LEU B 520 18.24 -27.32 -4.35
CA LEU B 520 17.51 -26.99 -3.15
C LEU B 520 17.50 -28.19 -2.23
N ASP B 521 17.77 -27.95 -0.94
CA ASP B 521 17.99 -29.03 0.04
C ASP B 521 16.72 -29.43 0.68
N GLU B 522 15.82 -28.46 0.78
CA GLU B 522 14.65 -28.64 1.59
C GLU B 522 13.44 -27.97 1.00
N PHE B 523 12.31 -28.68 0.98
CA PHE B 523 11.08 -28.08 0.48
C PHE B 523 10.09 -28.01 1.59
N SER B 524 9.40 -26.89 1.73
CA SER B 524 8.39 -26.88 2.78
C SER B 524 7.13 -26.25 2.27
N MET B 525 5.99 -26.89 2.52
CA MET B 525 4.80 -26.46 1.85
C MET B 525 3.60 -26.72 2.69
N SER B 526 2.44 -26.28 2.18
CA SER B 526 1.21 -26.80 2.68
C SER B 526 1.38 -28.30 2.69
N ALA B 527 0.95 -28.91 3.79
CA ALA B 527 1.00 -30.36 3.92
C ALA B 527 0.35 -31.05 2.70
N ILE B 528 -0.81 -30.56 2.27
CA ILE B 528 -1.50 -31.17 1.13
C ILE B 528 -0.65 -31.31 -0.12
N SER B 529 0.43 -30.57 -0.24
CA SER B 529 1.23 -30.65 -1.45
C SER B 529 2.34 -31.63 -1.33
N ILE B 530 2.53 -32.14 -0.13
CA ILE B 530 3.67 -32.99 0.11
C ILE B 530 3.69 -34.22 -0.81
N PRO B 531 2.57 -34.97 -0.88
CA PRO B 531 2.61 -36.14 -1.79
C PRO B 531 2.83 -35.82 -3.28
N ARG B 532 2.24 -34.74 -3.84
CA ARG B 532 2.43 -34.47 -5.28
C ARG B 532 3.89 -34.27 -5.57
N ILE B 533 4.52 -33.50 -4.71
CA ILE B 533 5.88 -33.15 -4.90
C ILE B 533 6.79 -34.35 -4.61
N LYS B 534 6.51 -35.06 -3.54
CA LYS B 534 7.24 -36.27 -3.23
C LYS B 534 7.21 -37.14 -4.51
N LYS B 535 6.01 -37.34 -5.08
CA LYS B 535 5.84 -38.19 -6.25
C LYS B 535 6.73 -37.79 -7.39
N ILE B 536 6.78 -36.48 -7.66
CA ILE B 536 7.60 -35.95 -8.72
C ILE B 536 9.06 -36.23 -8.42
N ILE B 537 9.41 -36.16 -7.14
CA ILE B 537 10.81 -36.27 -6.75
C ILE B 537 11.23 -37.69 -6.89
N ARG B 538 10.36 -38.58 -6.42
CA ARG B 538 10.67 -39.98 -6.43
C ARG B 538 10.82 -40.58 -7.84
N ASN B 539 10.33 -39.85 -8.86
CA ASN B 539 10.24 -40.34 -10.24
C ASN B 539 11.13 -39.55 -11.21
N THR B 540 11.98 -38.70 -10.65
CA THR B 540 12.92 -37.95 -11.46
C THR B 540 14.22 -38.63 -11.35
N ASN B 541 15.06 -38.35 -12.33
CA ASN B 541 16.44 -38.58 -12.17
C ASN B 541 17.11 -37.22 -11.84
N PHE B 542 17.89 -37.21 -10.77
CA PHE B 542 18.48 -35.95 -10.32
C PHE B 542 19.44 -35.33 -11.32
N GLU B 543 20.25 -36.16 -11.95
CA GLU B 543 21.20 -35.62 -12.91
C GLU B 543 20.52 -34.90 -14.06
N ASP B 544 19.40 -35.47 -14.49
CA ASP B 544 18.64 -34.92 -15.59
C ASP B 544 18.08 -33.55 -15.25
N ALA B 545 17.48 -33.44 -14.06
CA ALA B 545 17.04 -32.21 -13.46
C ALA B 545 18.10 -31.14 -13.41
N LYS B 546 19.33 -31.48 -12.97
CA LYS B 546 20.42 -30.49 -13.00
C LYS B 546 20.47 -29.90 -14.40
N VAL B 547 20.69 -30.75 -15.39
CA VAL B 547 20.73 -30.31 -16.78
C VAL B 547 19.51 -29.43 -17.11
N LEU B 548 18.33 -29.85 -16.62
CA LEU B 548 17.14 -29.10 -16.89
C LEU B 548 17.32 -27.72 -16.29
N ALA B 549 17.72 -27.69 -15.01
CA ALA B 549 17.81 -26.46 -14.25
C ALA B 549 18.74 -25.52 -14.94
N GLU B 550 19.89 -26.06 -15.26
CA GLU B 550 20.83 -25.23 -15.89
C GLU B 550 20.21 -24.56 -17.15
N GLN B 551 19.65 -25.38 -18.05
CA GLN B 551 19.05 -24.81 -19.23
C GLN B 551 18.10 -23.67 -18.83
N ALA B 552 17.20 -23.97 -17.89
CA ALA B 552 16.13 -23.04 -17.57
C ALA B 552 16.69 -21.70 -17.14
N LEU B 553 17.80 -21.77 -16.40
CA LEU B 553 18.44 -20.56 -15.88
C LEU B 553 19.05 -19.66 -16.94
N ALA B 554 19.16 -20.15 -18.17
CA ALA B 554 19.71 -19.35 -19.24
C ALA B 554 18.64 -18.70 -20.11
N GLN B 555 17.39 -19.16 -19.99
CA GLN B 555 16.28 -18.63 -20.76
C GLN B 555 15.97 -17.17 -20.40
N PRO B 556 15.81 -16.28 -21.38
CA PRO B 556 15.43 -14.91 -21.03
C PRO B 556 13.90 -14.76 -20.89
N THR B 557 13.18 -15.85 -20.98
CA THR B 557 11.73 -15.77 -21.08
C THR B 557 11.11 -16.95 -20.31
N THR B 558 10.04 -16.69 -19.59
CA THR B 558 9.31 -17.72 -18.85
C THR B 558 8.83 -18.79 -19.83
N ASP B 559 8.15 -18.37 -20.87
CA ASP B 559 7.65 -19.34 -21.81
C ASP B 559 8.70 -20.33 -22.21
N GLU B 560 9.89 -19.81 -22.52
CA GLU B 560 11.00 -20.63 -23.00
C GLU B 560 11.46 -21.62 -21.94
N LEU B 561 11.38 -21.20 -20.69
CA LEU B 561 11.73 -22.01 -19.55
C LEU B 561 10.58 -23.05 -19.25
N MET B 562 9.33 -22.65 -19.47
CA MET B 562 8.23 -23.62 -19.38
C MET B 562 8.40 -24.71 -20.40
N THR B 563 8.88 -24.37 -21.59
CA THR B 563 9.05 -25.35 -22.64
C THR B 563 10.00 -26.47 -22.21
N LEU B 564 11.15 -26.12 -21.66
CA LEU B 564 12.13 -27.08 -21.16
C LEU B 564 11.51 -28.04 -20.21
N VAL B 565 10.92 -27.50 -19.14
CA VAL B 565 10.14 -28.28 -18.17
C VAL B 565 9.17 -29.26 -18.84
N ASN B 566 8.36 -28.77 -19.77
CA ASN B 566 7.43 -29.65 -20.48
C ASN B 566 8.09 -30.76 -21.31
N LYS B 567 9.09 -30.44 -22.13
CA LYS B 567 9.72 -31.48 -22.93
C LYS B 567 10.34 -32.53 -22.02
N PHE B 568 10.75 -32.09 -20.84
CA PHE B 568 11.29 -32.99 -19.85
C PHE B 568 10.20 -33.99 -19.44
N ILE B 569 9.09 -33.47 -18.93
CA ILE B 569 7.99 -34.29 -18.46
C ILE B 569 7.51 -35.28 -19.50
N GLU B 570 7.52 -34.85 -20.76
CA GLU B 570 7.22 -35.70 -21.90
C GLU B 570 8.20 -36.87 -22.02
N GLU B 571 9.47 -36.53 -22.10
CA GLU B 571 10.48 -37.48 -22.43
C GLU B 571 10.92 -38.33 -21.25
N LYS B 572 10.69 -37.84 -20.02
CA LYS B 572 11.37 -38.39 -18.84
C LYS B 572 10.51 -39.16 -17.81
N THR B 573 9.17 -39.09 -17.89
CA THR B 573 8.30 -40.06 -17.17
C THR B 573 6.84 -40.01 -17.65
N MET A 1 14.98 26.00 21.90
CA MET A 1 15.57 24.84 21.18
C MET A 1 14.48 24.16 20.32
N ILE A 2 14.12 24.79 19.22
CA ILE A 2 13.07 24.22 18.32
C ILE A 2 13.75 23.72 17.03
N SER A 3 13.48 22.49 16.63
CA SER A 3 14.12 21.95 15.39
C SER A 3 13.05 21.34 14.46
N GLY A 4 13.21 21.53 13.17
CA GLY A 4 12.24 20.96 12.17
C GLY A 4 13.02 20.07 11.19
N ILE A 5 12.47 19.81 10.03
CA ILE A 5 13.19 18.92 9.05
C ILE A 5 14.00 19.76 8.05
N LEU A 6 13.79 21.04 8.01
CA LEU A 6 14.56 21.88 7.03
C LEU A 6 14.41 21.30 5.62
N ALA A 7 13.60 21.93 4.80
CA ALA A 7 13.40 21.42 3.41
C ALA A 7 14.33 22.17 2.44
N SER A 8 14.71 23.38 2.79
CA SER A 8 15.62 24.16 1.90
C SER A 8 16.63 24.94 2.77
N PRO A 9 17.92 24.80 2.53
CA PRO A 9 18.95 25.52 3.33
C PRO A 9 19.11 26.98 2.86
N GLY A 10 19.33 27.89 3.77
CA GLY A 10 19.50 29.31 3.38
C GLY A 10 19.32 30.18 4.63
N ILE A 11 19.05 31.45 4.47
CA ILE A 11 18.84 32.34 5.66
C ILE A 11 17.85 33.45 5.26
N ALA A 12 17.07 33.95 6.19
CA ALA A 12 16.10 35.02 5.81
C ALA A 12 15.74 35.88 7.02
N PHE A 13 15.34 37.11 6.79
CA PHE A 13 14.92 38.02 7.89
C PHE A 13 13.61 38.69 7.49
N GLY A 14 12.57 38.65 8.29
CA GLY A 14 11.30 39.33 7.88
C GLY A 14 10.22 39.15 8.97
N LYS A 15 9.07 39.73 8.72
CA LYS A 15 7.95 39.63 9.70
C LYS A 15 7.26 38.27 9.55
N ALA A 16 6.54 37.83 10.56
CA ALA A 16 5.87 36.50 10.48
C ALA A 16 4.37 36.64 10.25
N LEU A 17 3.85 35.94 9.26
CA LEU A 17 2.39 35.99 8.96
C LEU A 17 1.75 34.73 9.56
N LEU A 18 0.62 34.88 10.23
CA LEU A 18 -0.05 33.68 10.86
C LEU A 18 -1.43 33.45 10.23
N LEU A 19 -1.64 32.29 9.69
CA LEU A 19 -2.96 31.98 9.06
C LEU A 19 -3.94 31.42 10.11
N LYS A 20 -4.72 32.23 10.74
CA LYS A 20 -5.50 31.65 11.87
C LYS A 20 -6.54 30.68 11.37
N GLU A 21 -6.28 29.42 11.59
CA GLU A 21 -7.20 28.34 11.15
C GLU A 21 -8.60 28.63 11.70
N ASP A 22 -8.69 29.66 12.61
CA ASP A 22 -9.95 30.09 13.34
C ASP A 22 -11.27 29.89 12.56
N GLU A 23 -12.40 29.94 13.33
CA GLU A 23 -13.75 29.76 12.74
C GLU A 23 -14.79 30.77 13.32
N ILE A 24 -15.79 31.13 12.49
CA ILE A 24 -16.86 32.11 12.84
C ILE A 24 -17.86 31.53 13.86
N VAL A 25 -18.14 32.18 14.98
CA VAL A 25 -19.12 31.72 15.94
C VAL A 25 -20.21 32.76 15.93
N ILE A 26 -21.43 32.30 15.72
CA ILE A 26 -22.57 33.19 15.62
C ILE A 26 -23.14 33.40 17.00
N ASP A 27 -23.47 34.65 17.35
CA ASP A 27 -24.16 34.90 18.62
C ASP A 27 -25.67 34.90 18.44
N ARG A 28 -26.26 33.74 18.75
CA ARG A 28 -27.67 33.50 18.49
C ARG A 28 -28.59 34.11 19.55
N LYS A 29 -28.05 34.28 20.76
CA LYS A 29 -28.77 34.88 21.90
C LYS A 29 -29.30 36.26 21.54
N LYS A 30 -30.59 36.48 21.80
CA LYS A 30 -31.21 37.77 21.55
C LYS A 30 -30.41 38.85 22.26
N ILE A 31 -30.25 39.98 21.58
CA ILE A 31 -29.56 41.14 22.11
C ILE A 31 -30.52 41.96 22.94
N SER A 32 -29.95 42.85 23.74
CA SER A 32 -30.75 43.78 24.54
C SER A 32 -31.13 44.99 23.70
N ALA A 33 -32.14 45.72 24.12
CA ALA A 33 -32.60 46.90 23.33
C ALA A 33 -31.49 47.93 23.21
N ASP A 34 -30.84 48.24 24.30
CA ASP A 34 -29.74 49.23 24.22
C ASP A 34 -28.75 48.72 23.18
N GLN A 35 -28.57 47.44 23.14
CA GLN A 35 -27.62 46.86 22.15
C GLN A 35 -28.17 47.00 20.73
N VAL A 36 -29.48 46.86 20.53
CA VAL A 36 -29.94 46.92 19.12
C VAL A 36 -29.14 48.02 18.40
N ASP A 37 -29.13 49.20 18.95
CA ASP A 37 -28.38 50.32 18.31
C ASP A 37 -26.89 49.95 18.20
N GLN A 38 -26.33 49.34 19.21
CA GLN A 38 -24.88 49.00 19.15
C GLN A 38 -24.62 47.93 18.10
N GLU A 39 -25.47 46.94 17.99
CA GLU A 39 -25.21 45.87 16.99
C GLU A 39 -25.29 46.45 15.58
N VAL A 40 -26.22 47.32 15.32
CA VAL A 40 -26.30 47.92 13.96
C VAL A 40 -24.99 48.65 13.67
N GLU A 41 -24.52 49.43 14.60
CA GLU A 41 -23.24 50.16 14.38
C GLU A 41 -22.11 49.15 14.16
N ARG A 42 -22.08 48.08 14.91
CA ARG A 42 -21.00 47.07 14.67
C ARG A 42 -21.11 46.56 13.25
N PHE A 43 -22.31 46.28 12.81
CA PHE A 43 -22.50 45.81 11.41
C PHE A 43 -22.01 46.90 10.46
N LEU A 44 -22.45 48.10 10.65
CA LEU A 44 -22.00 49.22 9.77
C LEU A 44 -20.47 49.36 9.89
N SER A 45 -19.96 49.33 11.09
CA SER A 45 -18.47 49.47 11.26
C SER A 45 -17.78 48.27 10.60
N GLY A 46 -18.30 47.09 10.81
CA GLY A 46 -17.68 45.89 10.18
C GLY A 46 -17.91 45.95 8.66
N ARG A 47 -19.08 46.37 8.27
CA ARG A 47 -19.39 46.49 6.82
C ARG A 47 -18.50 47.58 6.23
N ALA A 48 -18.18 48.57 7.03
CA ALA A 48 -17.32 49.67 6.54
C ALA A 48 -15.97 49.09 6.10
N LYS A 49 -15.43 48.16 6.84
CA LYS A 49 -14.13 47.57 6.43
C LYS A 49 -14.34 46.85 5.10
N ALA A 50 -15.00 45.72 5.10
CA ALA A 50 -15.22 44.95 3.83
C ALA A 50 -15.50 45.89 2.66
N SER A 51 -16.15 46.99 2.88
CA SER A 51 -16.42 47.90 1.74
C SER A 51 -15.08 48.31 1.14
N ALA A 52 -14.21 48.85 1.94
CA ALA A 52 -12.89 49.29 1.42
C ALA A 52 -12.00 48.10 1.05
N GLN A 53 -12.01 47.04 1.83
CA GLN A 53 -11.14 45.87 1.48
C GLN A 53 -11.63 45.20 0.20
N LEU A 54 -12.92 45.08 0.02
CA LEU A 54 -13.44 44.46 -1.23
C LEU A 54 -13.01 45.31 -2.42
N GLU A 55 -13.07 46.61 -2.27
CA GLU A 55 -12.65 47.51 -3.39
C GLU A 55 -11.17 47.27 -3.72
N THR A 56 -10.36 47.04 -2.72
CA THR A 56 -8.91 46.81 -2.99
C THR A 56 -8.75 45.54 -3.84
N ILE A 57 -9.50 44.51 -3.53
CA ILE A 57 -9.39 43.25 -4.32
C ILE A 57 -9.80 43.51 -5.78
N LYS A 58 -10.80 44.32 -5.98
CA LYS A 58 -11.26 44.64 -7.36
C LYS A 58 -10.11 45.20 -8.18
N THR A 59 -9.44 46.19 -7.67
CA THR A 59 -8.33 46.83 -8.43
C THR A 59 -7.25 45.79 -8.77
N LYS A 60 -7.03 44.83 -7.93
CA LYS A 60 -5.99 43.79 -8.22
C LYS A 60 -6.46 42.92 -9.37
N ALA A 61 -7.73 42.62 -9.40
CA ALA A 61 -8.27 41.76 -10.48
C ALA A 61 -8.13 42.50 -11.82
N GLY A 62 -8.46 43.75 -11.86
CA GLY A 62 -8.36 44.52 -13.14
C GLY A 62 -6.92 44.52 -13.64
N GLU A 63 -5.98 44.87 -12.83
CA GLU A 63 -4.58 44.89 -13.30
C GLU A 63 -4.09 43.46 -13.52
N THR A 64 -4.35 42.58 -12.60
CA THR A 64 -3.88 41.17 -12.70
C THR A 64 -4.53 40.44 -13.89
N PHE A 65 -5.82 40.27 -13.86
CA PHE A 65 -6.50 39.50 -14.98
C PHE A 65 -7.07 40.45 -16.04
N GLY A 66 -7.81 41.48 -15.66
CA GLY A 66 -8.37 42.42 -16.68
C GLY A 66 -9.78 42.88 -16.30
N GLU A 67 -10.45 43.51 -17.24
CA GLU A 67 -11.84 44.02 -17.00
C GLU A 67 -12.81 42.85 -16.88
N GLU A 68 -12.47 41.73 -17.48
CA GLU A 68 -13.36 40.54 -17.42
C GLU A 68 -13.54 40.10 -15.97
N LYS A 69 -12.51 40.22 -15.17
CA LYS A 69 -12.60 39.80 -13.73
C LYS A 69 -12.88 41.01 -12.84
N GLU A 70 -12.58 42.19 -13.31
CA GLU A 70 -12.80 43.40 -12.46
C GLU A 70 -14.30 43.63 -12.23
N ALA A 71 -15.10 43.50 -13.25
CA ALA A 71 -16.55 43.76 -13.10
C ALA A 71 -17.21 42.72 -12.21
N ILE A 72 -16.71 41.50 -12.16
CA ILE A 72 -17.38 40.51 -11.28
C ILE A 72 -17.38 41.03 -9.85
N PHE A 73 -16.31 41.65 -9.43
CA PHE A 73 -16.26 42.19 -8.04
C PHE A 73 -17.28 43.31 -7.89
N GLU A 74 -17.44 44.13 -8.89
CA GLU A 74 -18.43 45.24 -8.77
C GLU A 74 -19.81 44.64 -8.54
N GLY A 75 -20.14 43.56 -9.20
CA GLY A 75 -21.48 42.94 -8.99
C GLY A 75 -21.57 42.48 -7.54
N HIS A 76 -20.57 41.79 -7.07
CA HIS A 76 -20.59 41.31 -5.67
C HIS A 76 -20.67 42.51 -4.73
N ILE A 77 -19.88 43.52 -4.97
CA ILE A 77 -19.93 44.73 -4.09
C ILE A 77 -21.29 45.41 -4.27
N MET A 78 -21.71 45.61 -5.49
CA MET A 78 -23.01 46.29 -5.71
C MET A 78 -24.14 45.49 -5.06
N LEU A 79 -24.09 44.20 -5.14
CA LEU A 79 -25.15 43.37 -4.51
C LEU A 79 -25.09 43.53 -2.99
N LEU A 80 -23.91 43.58 -2.45
CA LEU A 80 -23.77 43.72 -0.99
C LEU A 80 -24.36 45.05 -0.53
N GLU A 81 -24.17 46.09 -1.29
CA GLU A 81 -24.70 47.42 -0.89
C GLU A 81 -26.17 47.54 -1.30
N ASP A 82 -26.76 46.49 -1.81
CA ASP A 82 -28.19 46.57 -2.23
C ASP A 82 -29.03 47.16 -1.10
N GLU A 83 -29.84 48.13 -1.39
CA GLU A 83 -30.68 48.78 -0.33
C GLU A 83 -31.62 47.76 0.30
N GLU A 84 -31.87 46.67 -0.36
CA GLU A 84 -32.77 45.63 0.23
C GLU A 84 -32.07 44.95 1.41
N LEU A 85 -30.78 44.76 1.29
CA LEU A 85 -30.01 44.10 2.39
C LEU A 85 -29.92 45.04 3.59
N GLU A 86 -29.72 46.30 3.35
CA GLU A 86 -29.60 47.26 4.47
C GLU A 86 -30.89 47.25 5.29
N GLN A 87 -32.01 47.34 4.64
CA GLN A 87 -33.31 47.35 5.38
C GLN A 87 -33.60 45.96 5.99
N GLU A 88 -33.33 44.91 5.27
CA GLU A 88 -33.61 43.53 5.79
C GLU A 88 -32.66 43.16 6.94
N ILE A 89 -31.40 43.50 6.84
CA ILE A 89 -30.46 43.15 7.93
C ILE A 89 -30.82 43.95 9.18
N ILE A 90 -31.05 45.23 9.02
CA ILE A 90 -31.41 46.10 10.16
C ILE A 90 -32.79 45.73 10.73
N ALA A 91 -33.73 45.42 9.88
CA ALA A 91 -35.09 45.08 10.39
C ALA A 91 -35.05 43.86 11.32
N LEU A 92 -34.38 42.80 10.94
CA LEU A 92 -34.33 41.59 11.82
C LEU A 92 -33.68 41.96 13.16
N ILE A 93 -32.58 42.66 13.13
CA ILE A 93 -31.91 43.05 14.41
C ILE A 93 -32.89 43.92 15.20
N LYS A 94 -33.46 44.90 14.57
CA LYS A 94 -34.41 45.80 15.29
C LYS A 94 -35.70 45.04 15.62
N ASP A 95 -36.21 44.25 14.70
CA ASP A 95 -37.49 43.53 14.98
C ASP A 95 -37.27 42.26 15.81
N LYS A 96 -36.37 41.41 15.40
CA LYS A 96 -36.17 40.13 16.15
C LYS A 96 -35.09 40.26 17.25
N HIS A 97 -34.46 41.40 17.38
CA HIS A 97 -33.42 41.57 18.43
C HIS A 97 -32.34 40.48 18.28
N MET A 98 -32.01 40.17 17.06
CA MET A 98 -30.98 39.11 16.78
C MET A 98 -29.61 39.77 16.63
N THR A 99 -28.56 38.98 16.58
CA THR A 99 -27.19 39.55 16.45
C THR A 99 -26.92 39.89 14.97
N ALA A 100 -25.96 40.76 14.72
CA ALA A 100 -25.65 41.14 13.31
C ALA A 100 -25.05 39.96 12.55
N ASP A 101 -24.19 39.20 13.18
CA ASP A 101 -23.59 38.05 12.46
C ASP A 101 -24.65 36.96 12.25
N ALA A 102 -25.56 36.80 13.18
CA ALA A 102 -26.62 35.76 13.00
C ALA A 102 -27.72 36.31 12.07
N ALA A 103 -28.08 37.55 12.24
CA ALA A 103 -29.14 38.14 11.39
C ALA A 103 -28.63 38.31 9.96
N ALA A 104 -27.45 38.84 9.79
CA ALA A 104 -26.90 39.03 8.42
C ALA A 104 -26.76 37.68 7.72
N HIS A 105 -26.35 36.67 8.43
CA HIS A 105 -26.18 35.33 7.80
C HIS A 105 -27.51 34.85 7.22
N GLU A 106 -28.58 35.08 7.91
CA GLU A 106 -29.91 34.63 7.41
C GLU A 106 -30.26 35.35 6.10
N VAL A 107 -29.96 36.61 6.01
CA VAL A 107 -30.31 37.37 4.78
C VAL A 107 -29.56 36.83 3.57
N ILE A 108 -28.26 36.75 3.63
CA ILE A 108 -27.48 36.23 2.46
C ILE A 108 -27.77 34.73 2.30
N GLU A 109 -27.85 34.01 3.37
CA GLU A 109 -28.15 32.56 3.28
C GLU A 109 -29.56 32.39 2.73
N GLY A 110 -30.47 33.23 3.16
CA GLY A 110 -31.88 33.13 2.68
C GLY A 110 -31.93 33.25 1.16
N GLN A 111 -31.28 34.22 0.58
CA GLN A 111 -31.32 34.34 -0.91
C GLN A 111 -30.58 33.16 -1.52
N ALA A 112 -29.35 32.92 -1.12
CA ALA A 112 -28.60 31.77 -1.69
C ALA A 112 -29.41 30.49 -1.50
N SER A 113 -30.04 30.34 -0.37
CA SER A 113 -30.85 29.12 -0.13
C SER A 113 -31.93 29.03 -1.20
N ALA A 114 -32.54 30.14 -1.54
CA ALA A 114 -33.60 30.10 -2.59
C ALA A 114 -32.97 29.68 -3.91
N LEU A 115 -31.79 30.15 -4.20
CA LEU A 115 -31.14 29.78 -5.49
C LEU A 115 -30.87 28.26 -5.52
N GLU A 116 -30.45 27.68 -4.43
CA GLU A 116 -30.18 26.21 -4.43
C GLU A 116 -31.45 25.45 -4.80
N GLU A 117 -32.58 25.93 -4.37
CA GLU A 117 -33.85 25.22 -4.70
C GLU A 117 -33.94 25.06 -6.23
N LEU A 118 -33.22 25.87 -6.95
CA LEU A 118 -33.27 25.78 -8.44
C LEU A 118 -32.76 24.42 -8.89
N ASP A 119 -33.29 23.89 -9.97
CA ASP A 119 -32.85 22.56 -10.47
C ASP A 119 -31.84 22.74 -11.60
N ASP A 120 -30.93 23.68 -11.48
CA ASP A 120 -29.92 23.91 -12.56
C ASP A 120 -28.51 24.01 -11.95
N GLU A 121 -27.56 23.34 -12.55
CA GLU A 121 -26.15 23.36 -12.05
C GLU A 121 -25.52 24.73 -12.32
N TYR A 122 -25.95 25.40 -13.36
CA TYR A 122 -25.40 26.74 -13.70
C TYR A 122 -25.89 27.80 -12.69
N LEU A 123 -27.13 27.73 -12.30
CA LEU A 123 -27.66 28.71 -11.33
C LEU A 123 -27.09 28.40 -9.94
N LYS A 124 -26.91 27.14 -9.66
CA LYS A 124 -26.35 26.73 -8.33
C LYS A 124 -24.94 27.29 -8.14
N GLU A 125 -24.11 27.27 -9.16
CA GLU A 125 -22.73 27.81 -8.98
C GLU A 125 -22.80 29.30 -8.63
N ARG A 126 -23.63 30.05 -9.30
CA ARG A 126 -23.72 31.50 -8.96
C ARG A 126 -24.16 31.63 -7.50
N ALA A 127 -25.00 30.75 -7.05
CA ALA A 127 -25.42 30.80 -5.63
C ALA A 127 -24.19 30.61 -4.76
N ALA A 128 -23.18 29.95 -5.28
CA ALA A 128 -21.93 29.73 -4.50
C ALA A 128 -21.20 31.07 -4.38
N ASP A 129 -21.20 31.85 -5.42
CA ASP A 129 -20.50 33.16 -5.38
C ASP A 129 -21.24 34.09 -4.41
N VAL A 130 -22.54 34.04 -4.41
CA VAL A 130 -23.31 34.92 -3.47
C VAL A 130 -23.08 34.42 -2.04
N ARG A 131 -23.06 33.14 -1.84
CA ARG A 131 -22.81 32.58 -0.48
C ARG A 131 -21.45 33.06 0.03
N ASP A 132 -20.47 33.08 -0.84
CA ASP A 132 -19.10 33.51 -0.45
C ASP A 132 -19.12 34.94 0.09
N ILE A 133 -19.89 35.79 -0.52
CA ILE A 133 -19.93 37.21 -0.06
C ILE A 133 -20.38 37.27 1.40
N GLY A 134 -21.42 36.54 1.74
CA GLY A 134 -21.91 36.57 3.16
C GLY A 134 -20.93 35.84 4.07
N LYS A 135 -20.30 34.80 3.58
CA LYS A 135 -19.35 34.04 4.44
C LYS A 135 -18.22 34.96 4.91
N ARG A 136 -17.65 35.72 4.01
CA ARG A 136 -16.54 36.64 4.41
C ARG A 136 -17.09 37.79 5.25
N LEU A 137 -18.31 38.17 5.02
CA LEU A 137 -18.89 39.28 5.82
C LEU A 137 -18.84 38.92 7.29
N LEU A 138 -19.15 37.70 7.62
CA LEU A 138 -19.09 37.28 9.05
C LEU A 138 -17.67 37.43 9.56
N ARG A 139 -16.69 37.09 8.75
CA ARG A 139 -15.29 37.24 9.23
C ARG A 139 -14.98 38.74 9.37
N ASN A 140 -15.46 39.53 8.45
CA ASN A 140 -15.20 41.00 8.49
C ASN A 140 -15.81 41.64 9.75
N ILE A 141 -16.96 41.20 10.19
CA ILE A 141 -17.55 41.80 11.41
C ILE A 141 -16.72 41.34 12.61
N LEU A 142 -16.38 40.08 12.65
CA LEU A 142 -15.57 39.56 13.77
C LEU A 142 -14.14 40.11 13.66
N GLY A 143 -13.66 40.31 12.45
CA GLY A 143 -12.31 40.79 12.29
C GLY A 143 -11.34 39.62 12.09
N LEU A 144 -11.89 38.44 11.81
CA LEU A 144 -11.04 37.27 11.59
C LEU A 144 -10.13 37.60 10.42
N LYS A 145 -8.95 37.02 10.42
CA LYS A 145 -7.97 37.39 9.43
C LYS A 145 -8.26 36.66 8.12
N ILE A 146 -8.75 37.43 7.13
CA ILE A 146 -9.13 36.90 5.82
C ILE A 146 -7.89 36.87 4.92
N ILE A 147 -6.87 36.08 5.27
CA ILE A 147 -5.66 36.24 4.54
C ILE A 147 -5.87 35.62 3.20
N ASP A 148 -6.57 36.25 2.27
CA ASP A 148 -6.55 35.63 0.94
C ASP A 148 -5.07 35.72 0.86
N LEU A 149 -4.31 34.79 0.42
CA LEU A 149 -2.86 35.10 0.58
C LEU A 149 -2.42 36.09 -0.51
N SER A 150 -3.30 36.48 -1.38
CA SER A 150 -2.90 37.44 -2.45
C SER A 150 -3.00 38.89 -1.94
N ALA A 151 -3.66 39.09 -0.83
CA ALA A 151 -3.82 40.49 -0.30
C ALA A 151 -2.58 40.94 0.50
N ILE A 152 -1.43 40.43 0.18
CA ILE A 152 -0.21 40.84 0.95
C ILE A 152 0.42 42.08 0.30
N GLN A 153 0.51 43.17 1.01
CA GLN A 153 1.13 44.42 0.45
C GLN A 153 2.58 44.57 0.95
N ASP A 154 2.98 43.82 1.96
CA ASP A 154 4.38 43.97 2.50
C ASP A 154 5.09 42.61 2.54
N GLU A 155 6.39 42.62 2.42
CA GLU A 155 7.16 41.35 2.46
C GLU A 155 6.99 40.72 3.84
N VAL A 156 6.72 39.45 3.89
CA VAL A 156 6.54 38.76 5.21
C VAL A 156 6.94 37.29 5.09
N ILE A 157 7.12 36.62 6.20
CA ILE A 157 7.43 35.16 6.15
C ILE A 157 6.08 34.46 6.29
N LEU A 158 5.92 33.33 5.67
CA LEU A 158 4.60 32.62 5.74
C LEU A 158 4.66 31.49 6.79
N VAL A 159 3.85 31.60 7.81
CA VAL A 159 3.82 30.55 8.88
C VAL A 159 2.40 29.96 8.97
N ALA A 160 2.28 28.65 8.94
CA ALA A 160 0.92 28.03 9.02
C ALA A 160 1.04 26.61 9.54
N ALA A 161 -0.02 26.03 10.02
CA ALA A 161 0.09 24.62 10.48
C ALA A 161 0.32 23.73 9.26
N ASP A 162 -0.32 24.06 8.17
CA ASP A 162 -0.14 23.28 6.91
C ASP A 162 -0.82 24.03 5.76
N LEU A 163 -0.28 23.95 4.57
CA LEU A 163 -0.87 24.67 3.39
C LEU A 163 -1.44 23.67 2.38
N THR A 164 -2.59 23.95 1.83
CA THR A 164 -3.20 23.03 0.83
C THR A 164 -2.80 23.50 -0.58
N PRO A 165 -2.60 22.60 -1.52
CA PRO A 165 -2.22 22.97 -2.91
C PRO A 165 -2.95 24.22 -3.41
N SER A 166 -4.20 24.38 -3.05
CA SER A 166 -4.97 25.57 -3.51
C SER A 166 -4.29 26.85 -3.06
N GLU A 167 -3.79 26.89 -1.86
CA GLU A 167 -3.14 28.14 -1.37
C GLU A 167 -1.82 28.38 -2.14
N THR A 168 -1.07 27.35 -2.38
CA THR A 168 0.24 27.53 -3.09
C THR A 168 0.06 28.24 -4.43
N ALA A 169 -1.05 28.07 -5.09
CA ALA A 169 -1.23 28.75 -6.41
C ALA A 169 -1.48 30.24 -6.20
N GLN A 170 -2.44 30.58 -5.38
CA GLN A 170 -2.76 32.01 -5.14
C GLN A 170 -1.82 32.55 -4.06
N LEU A 171 -0.58 32.12 -4.07
CA LEU A 171 0.40 32.58 -3.06
C LEU A 171 1.38 33.57 -3.71
N ASN A 172 1.72 34.63 -3.04
CA ASN A 172 2.68 35.62 -3.62
C ASN A 172 4.12 35.17 -3.35
N LEU A 173 4.78 34.61 -4.33
CA LEU A 173 6.18 34.13 -4.12
C LEU A 173 7.11 35.31 -3.83
N LYS A 174 6.95 36.42 -4.52
CA LYS A 174 7.86 37.57 -4.31
C LYS A 174 7.66 38.24 -2.94
N LYS A 175 6.48 38.18 -2.39
CA LYS A 175 6.26 38.86 -1.07
C LYS A 175 6.46 37.87 0.07
N VAL A 176 6.63 36.62 -0.23
CA VAL A 176 6.90 35.60 0.85
C VAL A 176 8.39 35.30 0.83
N LEU A 177 9.09 35.65 1.87
CA LEU A 177 10.57 35.42 1.88
C LEU A 177 10.89 34.01 2.35
N GLY A 178 9.91 33.19 2.53
CA GLY A 178 10.18 31.80 2.97
C GLY A 178 8.88 31.12 3.38
N PHE A 179 8.94 29.86 3.69
CA PHE A 179 7.70 29.12 4.09
C PHE A 179 8.02 28.29 5.33
N ILE A 180 7.21 28.41 6.35
CA ILE A 180 7.45 27.60 7.59
C ILE A 180 6.14 26.95 8.02
N THR A 181 6.15 25.65 8.20
CA THR A 181 4.89 24.96 8.61
C THR A 181 5.19 23.73 9.45
N ASP A 182 4.20 23.25 10.16
CA ASP A 182 4.38 22.05 11.03
C ASP A 182 3.73 20.82 10.35
N ALA A 183 3.59 20.83 9.04
CA ALA A 183 2.94 19.68 8.36
C ALA A 183 3.64 18.35 8.71
N GLY A 184 3.39 17.33 7.92
CA GLY A 184 4.00 15.98 8.17
C GLY A 184 5.48 15.99 7.77
N GLY A 185 5.79 16.38 6.56
CA GLY A 185 7.23 16.38 6.14
C GLY A 185 7.35 16.66 4.65
N ARG A 186 8.31 16.05 4.01
CA ARG A 186 8.51 16.28 2.55
C ARG A 186 7.31 15.74 1.78
N THR A 187 6.61 14.80 2.32
CA THR A 187 5.44 14.23 1.61
C THR A 187 4.37 15.31 1.46
N SER A 188 4.66 16.50 1.91
CA SER A 188 3.67 17.62 1.79
C SER A 188 3.89 18.39 0.48
N HIS A 189 2.83 18.64 -0.26
CA HIS A 189 2.95 19.37 -1.57
C HIS A 189 3.79 20.64 -1.40
N THR A 190 3.43 21.49 -0.49
CA THR A 190 4.19 22.76 -0.31
C THR A 190 5.69 22.48 -0.07
N SER A 191 6.00 21.41 0.63
CA SER A 191 7.44 21.11 0.91
C SER A 191 8.22 20.93 -0.40
N ILE A 192 7.64 20.27 -1.37
CA ILE A 192 8.33 20.07 -2.67
C ILE A 192 8.60 21.42 -3.32
N MET A 193 7.68 22.34 -3.20
CA MET A 193 7.88 23.68 -3.83
C MET A 193 9.13 24.36 -3.25
N ALA A 194 9.35 24.26 -1.98
CA ALA A 194 10.56 24.92 -1.39
C ALA A 194 11.79 24.35 -2.08
N ARG A 195 11.82 23.07 -2.29
CA ARG A 195 13.00 22.46 -2.96
C ARG A 195 13.16 23.06 -4.37
N SER A 196 12.16 22.93 -5.19
CA SER A 196 12.22 23.46 -6.58
C SER A 196 12.38 24.98 -6.59
N LEU A 197 11.71 25.68 -5.73
CA LEU A 197 11.83 27.17 -5.73
C LEU A 197 13.22 27.57 -5.22
N GLU A 198 13.84 26.71 -4.46
CA GLU A 198 15.19 27.00 -3.89
C GLU A 198 15.10 28.18 -2.91
N LEU A 199 14.16 28.13 -2.00
CA LEU A 199 14.01 29.20 -0.98
C LEU A 199 14.03 28.54 0.41
N PRO A 200 14.62 29.17 1.42
CA PRO A 200 14.68 28.58 2.79
C PRO A 200 13.29 28.29 3.37
N ALA A 201 13.10 27.16 4.01
CA ALA A 201 11.75 26.85 4.57
C ALA A 201 11.78 25.59 5.46
N ILE A 202 10.91 25.54 6.45
CA ILE A 202 10.81 24.34 7.36
C ILE A 202 9.37 23.81 7.28
N VAL A 203 9.18 22.52 7.43
CA VAL A 203 7.79 21.94 7.36
C VAL A 203 7.51 21.06 8.58
N GLY A 204 8.51 20.78 9.37
CA GLY A 204 8.33 19.90 10.57
C GLY A 204 8.50 20.71 11.87
N THR A 205 8.32 21.99 11.82
CA THR A 205 8.50 22.82 13.06
C THR A 205 7.83 22.12 14.26
N GLY A 206 6.64 21.62 14.05
CA GLY A 206 5.93 20.91 15.18
C GLY A 206 4.99 21.86 15.91
N SER A 207 5.45 23.01 16.33
CA SER A 207 4.55 23.94 17.08
C SER A 207 5.08 25.37 17.07
N VAL A 208 5.62 25.82 15.97
CA VAL A 208 6.14 27.21 15.93
C VAL A 208 4.95 28.20 15.80
N THR A 209 3.98 27.88 15.00
CA THR A 209 2.83 28.81 14.81
C THR A 209 2.16 29.13 16.15
N SER A 210 2.18 28.21 17.08
CA SER A 210 1.54 28.48 18.39
C SER A 210 2.43 29.39 19.22
N GLN A 211 3.66 29.54 18.81
CA GLN A 211 4.61 30.41 19.57
C GLN A 211 4.77 31.75 18.85
N VAL A 212 4.29 31.85 17.62
CA VAL A 212 4.43 33.13 16.84
C VAL A 212 3.09 33.83 16.68
N LYS A 213 3.10 35.14 16.76
CA LYS A 213 1.87 35.95 16.54
C LYS A 213 2.09 36.70 15.23
N ASN A 214 1.08 37.11 14.55
CA ASN A 214 1.32 37.84 13.28
C ASN A 214 2.12 39.10 13.59
N ASP A 215 2.90 39.57 12.65
CA ASP A 215 3.72 40.82 12.81
C ASP A 215 4.94 40.55 13.71
N ASP A 216 5.21 39.32 14.02
CA ASP A 216 6.41 39.03 14.86
C ASP A 216 7.64 39.07 13.96
N TYR A 217 8.75 39.56 14.45
CA TYR A 217 9.99 39.61 13.61
C TYR A 217 10.76 38.31 13.87
N LEU A 218 11.03 37.54 12.85
CA LEU A 218 11.76 36.24 13.04
C LEU A 218 12.93 36.14 12.08
N ILE A 219 13.99 35.49 12.47
CA ILE A 219 15.15 35.28 11.56
C ILE A 219 15.27 33.78 11.35
N LEU A 220 15.28 33.33 10.13
CA LEU A 220 15.37 31.86 9.85
C LEU A 220 16.81 31.48 9.53
N ASP A 221 17.40 30.64 10.33
CA ASP A 221 18.81 30.22 10.06
C ASP A 221 18.81 29.22 8.91
N ALA A 222 17.91 28.28 8.94
CA ALA A 222 17.86 27.26 7.85
C ALA A 222 19.27 26.70 7.63
N VAL A 223 20.15 26.95 8.57
CA VAL A 223 21.55 26.43 8.49
C VAL A 223 21.86 25.75 9.83
N ASN A 224 21.53 26.41 10.91
CA ASN A 224 21.73 25.80 12.26
C ASN A 224 20.38 25.21 12.67
N ASN A 225 19.41 25.35 11.80
CA ASN A 225 18.05 24.83 12.08
C ASN A 225 17.50 25.49 13.35
N GLN A 226 17.62 26.80 13.44
CA GLN A 226 17.10 27.52 14.65
C GLN A 226 16.33 28.77 14.22
N VAL A 227 15.43 29.23 15.04
CA VAL A 227 14.64 30.47 14.72
C VAL A 227 14.82 31.47 15.87
N TYR A 228 15.16 32.69 15.56
CA TYR A 228 15.35 33.71 16.63
C TYR A 228 14.12 34.63 16.68
N VAL A 229 13.49 34.72 17.81
CA VAL A 229 12.27 35.57 17.97
C VAL A 229 12.61 36.90 18.65
N ASN A 230 12.49 37.99 17.95
CA ASN A 230 12.80 39.33 18.56
C ASN A 230 14.20 39.33 19.17
N PRO A 231 15.15 38.71 18.53
CA PRO A 231 16.56 38.56 19.03
C PRO A 231 17.36 39.83 19.30
N THR A 232 18.52 39.59 19.85
CA THR A 232 19.48 40.67 20.12
C THR A 232 20.11 41.03 18.78
N ASN A 233 20.36 42.27 18.53
CA ASN A 233 20.93 42.67 17.20
C ASN A 233 22.14 41.79 16.84
N GLU A 234 22.83 41.25 17.82
CA GLU A 234 24.03 40.40 17.51
C GLU A 234 23.61 39.13 16.74
N VAL A 235 22.51 38.53 17.11
CA VAL A 235 22.08 37.31 16.37
C VAL A 235 21.68 37.73 14.94
N ILE A 236 21.00 38.83 14.83
CA ILE A 236 20.64 39.34 13.52
C ILE A 236 21.91 39.52 12.73
N ASP A 237 23.02 39.61 13.45
CA ASP A 237 24.31 39.74 12.81
C ASP A 237 24.94 38.42 12.38
N LYS A 238 25.13 37.49 13.33
CA LYS A 238 25.62 36.12 13.05
C LYS A 238 24.93 35.53 11.82
N MET A 239 23.60 35.57 11.85
CA MET A 239 22.76 35.12 10.76
C MET A 239 23.10 35.81 9.46
N ARG A 240 23.23 37.14 9.51
CA ARG A 240 23.52 37.89 8.32
C ARG A 240 24.84 37.38 7.71
N ALA A 241 25.76 36.96 8.56
CA ALA A 241 27.05 36.41 8.10
C ALA A 241 26.87 34.98 7.61
N VAL A 242 25.89 34.27 8.17
CA VAL A 242 25.60 32.89 7.79
C VAL A 242 25.05 32.91 6.37
N GLN A 243 24.23 33.92 6.13
CA GLN A 243 23.65 34.24 4.84
C GLN A 243 24.71 34.61 3.79
N GLU A 244 25.76 35.30 4.23
CA GLU A 244 26.91 35.54 3.37
C GLU A 244 27.55 34.23 2.89
N GLN A 245 27.73 33.28 3.80
CA GLN A 245 28.39 32.03 3.45
C GLN A 245 27.55 31.31 2.42
N VAL A 246 26.25 31.26 2.72
CA VAL A 246 25.25 30.71 1.84
C VAL A 246 25.38 31.25 0.42
N ALA A 247 25.47 32.58 0.31
CA ALA A 247 25.64 33.25 -0.97
C ALA A 247 26.97 32.92 -1.69
N SER A 248 28.06 32.79 -0.92
CA SER A 248 29.34 32.38 -1.47
C SER A 248 29.28 30.96 -1.95
N GLU A 249 28.59 30.10 -1.20
CA GLU A 249 28.42 28.72 -1.62
C GLU A 249 27.81 28.68 -3.02
N LYS A 250 26.81 29.53 -3.27
CA LYS A 250 26.19 29.55 -4.57
C LYS A 250 27.24 29.93 -5.58
N ALA A 251 27.87 31.07 -5.33
CA ALA A 251 28.90 31.62 -6.21
C ALA A 251 29.94 30.57 -6.60
N GLU A 252 30.36 29.74 -5.66
CA GLU A 252 31.37 28.71 -5.97
C GLU A 252 30.78 27.56 -6.79
N LEU A 253 29.67 26.99 -6.31
CA LEU A 253 28.94 25.95 -7.03
C LEU A 253 28.59 26.39 -8.44
N ALA A 254 28.23 27.66 -8.59
CA ALA A 254 27.92 28.26 -9.89
C ALA A 254 28.89 27.91 -11.01
N LYS A 255 30.15 27.72 -10.65
CA LYS A 255 31.13 27.42 -11.73
C LYS A 255 30.63 26.44 -12.84
N LEU A 256 31.01 26.77 -14.10
CA LEU A 256 30.71 25.95 -15.30
C LEU A 256 31.95 25.87 -16.19
N LYS A 257 32.31 24.66 -16.62
CA LYS A 257 33.50 24.49 -17.46
C LYS A 257 33.16 23.70 -18.73
N ASP A 258 33.79 24.08 -19.84
CA ASP A 258 33.53 23.46 -21.15
C ASP A 258 33.80 21.96 -21.18
N LEU A 259 34.90 21.49 -20.60
CA LEU A 259 35.16 20.06 -20.68
C LEU A 259 34.06 19.28 -19.91
N PRO A 260 33.50 18.22 -20.50
CA PRO A 260 32.49 17.36 -19.80
C PRO A 260 33.09 16.76 -18.55
N ALA A 261 32.29 16.39 -17.56
CA ALA A 261 32.91 15.88 -16.33
C ALA A 261 33.91 14.77 -16.67
N ILE A 262 35.17 15.14 -16.49
CA ILE A 262 36.36 14.30 -16.73
C ILE A 262 37.21 14.25 -15.46
N THR A 263 37.48 13.04 -15.00
CA THR A 263 38.42 12.84 -13.93
C THR A 263 39.80 13.38 -14.33
N LEU A 264 40.62 13.67 -13.30
CA LEU A 264 42.02 14.03 -13.47
C LEU A 264 42.74 13.18 -14.51
N ASP A 265 42.52 11.87 -14.47
CA ASP A 265 43.19 10.95 -15.37
C ASP A 265 42.43 10.65 -16.66
N GLY A 266 41.51 11.51 -17.06
CA GLY A 266 40.93 11.41 -18.42
C GLY A 266 39.65 10.60 -18.68
N HIS A 267 38.93 10.23 -17.63
CA HIS A 267 37.76 9.39 -17.79
C HIS A 267 36.56 10.31 -17.82
N GLN A 268 35.77 10.22 -18.90
CA GLN A 268 34.60 11.05 -19.06
C GLN A 268 33.28 10.34 -18.82
N VAL A 269 32.36 11.06 -18.19
CA VAL A 269 30.96 10.57 -18.05
C VAL A 269 30.00 11.67 -18.46
N GLU A 270 28.77 11.33 -18.80
CA GLU A 270 27.80 12.36 -18.99
C GLU A 270 27.18 12.70 -17.64
N VAL A 271 26.70 13.92 -17.54
CA VAL A 271 26.11 14.41 -16.33
C VAL A 271 24.96 15.30 -16.80
N CYS A 272 23.74 14.90 -16.47
CA CYS A 272 22.58 15.50 -17.09
C CYS A 272 21.57 15.78 -16.05
N ALA A 273 20.52 16.49 -16.48
CA ALA A 273 19.44 16.81 -15.59
C ALA A 273 18.28 15.85 -15.79
N ASN A 274 17.66 15.47 -14.68
CA ASN A 274 16.35 14.90 -14.75
C ASN A 274 15.43 16.06 -14.83
N ILE A 275 14.41 16.01 -15.69
CA ILE A 275 13.42 17.11 -15.75
C ILE A 275 11.99 16.62 -15.72
N GLY A 276 11.09 17.58 -15.51
CA GLY A 276 9.67 17.31 -15.49
C GLY A 276 8.88 18.06 -16.54
N THR A 277 9.47 19.12 -17.12
CA THR A 277 8.71 20.20 -17.79
C THR A 277 9.73 21.08 -18.49
N VAL A 278 9.51 21.50 -19.76
CA VAL A 278 10.39 22.54 -20.38
C VAL A 278 10.99 23.52 -19.38
N ARG A 279 10.17 23.91 -18.39
CA ARG A 279 10.59 24.90 -17.40
C ARG A 279 11.83 24.46 -16.62
N ASP A 280 12.15 23.17 -16.65
CA ASP A 280 13.25 22.64 -15.90
C ASP A 280 14.52 22.74 -16.74
N VAL A 281 14.38 22.99 -18.04
CA VAL A 281 15.50 23.08 -18.95
C VAL A 281 16.36 24.28 -18.54
N GLU A 282 15.68 25.27 -18.00
CA GLU A 282 16.35 26.47 -17.60
C GLU A 282 17.36 26.12 -16.51
N GLY A 283 16.89 25.56 -15.38
CA GLY A 283 17.79 25.04 -14.33
C GLY A 283 18.88 24.13 -14.86
N ALA A 284 18.56 23.31 -15.85
CA ALA A 284 19.56 22.38 -16.38
C ALA A 284 20.70 23.11 -17.08
N GLU A 285 20.34 24.14 -17.86
CA GLU A 285 21.33 24.89 -18.60
C GLU A 285 22.11 25.70 -17.59
N ARG A 286 21.39 26.20 -16.60
CA ARG A 286 21.98 27.02 -15.55
C ARG A 286 23.10 26.28 -14.78
N ASN A 287 22.90 24.98 -14.60
CA ASN A 287 23.74 24.16 -13.76
C ASN A 287 24.69 23.27 -14.54
N GLY A 288 24.75 23.52 -15.84
CA GLY A 288 25.82 22.95 -16.64
C GLY A 288 25.57 21.56 -17.14
N ALA A 289 24.29 21.17 -17.15
CA ALA A 289 23.81 19.88 -17.66
C ALA A 289 24.30 19.68 -19.08
N GLU A 290 24.76 18.49 -19.42
CA GLU A 290 25.17 18.21 -20.81
C GLU A 290 24.04 17.60 -21.65
N GLY A 291 22.86 17.46 -21.07
CA GLY A 291 21.68 16.93 -21.77
C GLY A 291 20.70 16.54 -20.68
N VAL A 292 19.60 15.90 -21.07
CA VAL A 292 18.59 15.46 -20.14
C VAL A 292 18.60 13.94 -20.07
N GLY A 293 18.72 13.41 -18.85
CA GLY A 293 18.93 12.00 -18.67
C GLY A 293 17.62 11.32 -18.35
N LEU A 294 16.60 12.09 -18.00
CA LEU A 294 15.31 11.51 -17.70
C LEU A 294 14.28 12.61 -17.73
N TYR A 295 13.31 12.44 -18.61
CA TYR A 295 12.24 13.36 -18.77
C TYR A 295 11.07 12.55 -18.28
N ARG A 296 10.77 12.76 -17.00
CA ARG A 296 9.64 12.13 -16.32
C ARG A 296 8.40 12.68 -16.96
N THR A 297 7.81 11.97 -17.90
CA THR A 297 6.66 12.52 -18.62
C THR A 297 5.39 12.62 -17.75
N GLU A 298 5.31 11.85 -16.66
CA GLU A 298 4.19 11.96 -15.70
C GLU A 298 3.99 13.38 -15.32
N PHE A 299 5.09 14.07 -15.11
CA PHE A 299 5.10 15.38 -14.50
C PHE A 299 4.39 16.33 -15.46
N LEU A 300 4.57 16.09 -16.76
CA LEU A 300 3.86 16.86 -17.73
C LEU A 300 2.38 16.56 -17.61
N PHE A 301 2.04 15.35 -17.22
CA PHE A 301 0.65 14.91 -17.11
C PHE A 301 0.00 15.51 -15.88
N MET A 302 0.82 15.82 -14.88
CA MET A 302 0.30 16.45 -13.66
C MET A 302 0.43 17.97 -13.78
N ASP A 303 0.86 18.42 -14.95
CA ASP A 303 0.92 19.83 -15.23
C ASP A 303 -0.37 20.33 -15.87
N ARG A 304 -1.38 19.43 -15.97
CA ARG A 304 -2.65 19.60 -16.71
C ARG A 304 -3.83 19.02 -15.93
N ASP A 305 -5.08 19.42 -16.22
CA ASP A 305 -6.23 18.74 -15.58
C ASP A 305 -6.99 17.77 -16.50
N ALA A 306 -6.31 17.31 -17.54
CA ALA A 306 -6.86 16.30 -18.45
C ALA A 306 -5.71 15.51 -18.98
N LEU A 307 -5.98 14.28 -19.47
CA LEU A 307 -4.95 13.47 -20.10
C LEU A 307 -4.52 14.12 -21.40
N PRO A 308 -3.19 14.36 -21.58
CA PRO A 308 -2.74 15.05 -22.79
C PRO A 308 -2.74 14.14 -24.00
N THR A 309 -3.37 14.60 -25.06
CA THR A 309 -3.58 13.82 -26.26
C THR A 309 -2.28 13.62 -26.98
N GLU A 310 -2.32 12.87 -28.05
CA GLU A 310 -1.13 12.74 -28.84
C GLU A 310 -0.58 14.13 -29.17
N GLU A 311 -1.45 15.01 -29.64
CA GLU A 311 -1.04 16.32 -30.13
C GLU A 311 -0.45 17.19 -28.99
N GLU A 312 -1.08 17.16 -27.82
CA GLU A 312 -0.59 17.98 -26.72
C GLU A 312 0.76 17.47 -26.27
N GLN A 313 0.93 16.14 -26.35
CA GLN A 313 2.17 15.54 -25.91
C GLN A 313 3.27 15.89 -26.87
N PHE A 314 2.93 15.72 -28.13
CA PHE A 314 3.84 16.03 -29.19
C PHE A 314 4.40 17.44 -28.98
N ALA A 315 3.50 18.39 -28.69
CA ALA A 315 3.87 19.80 -28.64
C ALA A 315 4.81 20.01 -27.49
N ALA A 316 4.45 19.39 -26.37
CA ALA A 316 5.18 19.47 -25.13
C ALA A 316 6.55 18.89 -25.34
N TYR A 317 6.62 17.72 -25.99
CA TYR A 317 7.90 17.07 -26.30
C TYR A 317 8.75 17.88 -27.23
N LYS A 318 8.10 18.46 -28.25
CA LYS A 318 8.75 19.30 -29.29
C LYS A 318 9.39 20.45 -28.59
N ALA A 319 8.60 21.13 -27.76
CA ALA A 319 9.17 22.27 -27.02
C ALA A 319 10.43 21.85 -26.29
N VAL A 320 10.38 20.72 -25.57
CA VAL A 320 11.50 20.33 -24.74
C VAL A 320 12.67 20.09 -25.69
N ALA A 321 12.43 19.29 -26.71
CA ALA A 321 13.48 18.93 -27.65
C ALA A 321 14.17 20.16 -28.18
N GLU A 322 13.39 21.22 -28.30
CA GLU A 322 13.89 22.43 -28.87
C GLU A 322 14.51 23.31 -27.81
N ALA A 323 13.94 23.32 -26.62
CA ALA A 323 14.54 24.08 -25.54
C ALA A 323 15.83 23.44 -25.12
N CYS A 324 16.09 22.25 -25.62
CA CYS A 324 17.36 21.63 -25.31
C CYS A 324 18.42 21.79 -26.37
N GLY A 325 18.08 22.46 -27.48
CA GLY A 325 19.06 22.76 -28.51
C GLY A 325 19.67 21.49 -29.08
N SER A 326 20.98 21.43 -29.01
CA SER A 326 21.71 20.32 -29.61
C SER A 326 21.56 19.10 -28.74
N GLN A 327 21.18 19.30 -27.47
CA GLN A 327 21.26 18.25 -26.46
C GLN A 327 20.20 17.15 -26.57
N ALA A 328 20.57 15.96 -26.12
CA ALA A 328 19.72 14.77 -26.16
C ALA A 328 18.79 14.73 -24.95
N VAL A 329 17.53 14.42 -25.17
CA VAL A 329 16.63 14.21 -24.05
C VAL A 329 16.20 12.74 -23.97
N ILE A 330 16.28 12.14 -22.79
CA ILE A 330 15.81 10.77 -22.62
C ILE A 330 14.38 10.87 -22.07
N VAL A 331 13.43 10.69 -22.98
CA VAL A 331 12.03 10.85 -22.68
C VAL A 331 11.57 9.52 -22.14
N ARG A 332 11.17 9.49 -20.87
CA ARG A 332 10.66 8.22 -20.33
C ARG A 332 9.18 8.22 -20.55
N THR A 333 8.69 7.10 -21.03
CA THR A 333 7.25 6.95 -21.11
C THR A 333 6.74 6.92 -19.69
N MET A 334 5.44 7.15 -19.60
CA MET A 334 4.76 7.60 -18.41
C MET A 334 4.79 6.63 -17.24
N ASP A 335 5.02 7.17 -16.05
CA ASP A 335 5.10 6.36 -14.85
C ASP A 335 4.15 6.91 -13.78
N ILE A 336 2.90 6.54 -13.92
CA ILE A 336 1.90 6.83 -12.95
C ILE A 336 1.67 5.58 -12.08
N GLY A 337 1.40 5.79 -10.80
CA GLY A 337 0.81 4.74 -10.01
C GLY A 337 1.50 4.18 -8.77
N GLY A 338 2.54 4.84 -8.30
CA GLY A 338 3.03 4.43 -7.00
C GLY A 338 2.58 5.59 -6.15
N ASP A 339 3.53 6.35 -5.65
CA ASP A 339 3.16 7.59 -5.02
C ASP A 339 2.80 8.67 -6.05
N LYS A 340 2.81 8.36 -7.35
CA LYS A 340 2.36 9.37 -8.32
C LYS A 340 1.09 9.03 -9.11
N GLU A 341 -0.02 9.31 -8.45
CA GLU A 341 -1.24 9.18 -9.11
C GLU A 341 -1.49 10.48 -9.87
N LEU A 342 -2.23 10.40 -10.97
CA LEU A 342 -2.93 11.58 -11.42
C LEU A 342 -4.43 11.44 -11.19
N PRO A 343 -4.92 12.20 -10.20
CA PRO A 343 -6.31 12.25 -9.75
C PRO A 343 -7.29 12.25 -10.93
N TYR A 344 -7.02 13.05 -11.95
CA TYR A 344 -7.95 13.05 -13.10
C TYR A 344 -8.21 11.68 -13.76
N MET A 345 -7.37 10.68 -13.45
CA MET A 345 -7.55 9.36 -14.04
C MET A 345 -8.54 8.54 -13.24
N ASN A 346 -8.78 8.95 -11.99
CA ASN A 346 -9.70 8.25 -11.12
C ASN A 346 -9.45 6.75 -11.02
N PHE A 347 -8.21 6.34 -11.19
CA PHE A 347 -7.90 4.94 -11.05
C PHE A 347 -8.37 4.47 -9.68
N PRO A 348 -8.67 3.17 -9.56
CA PRO A 348 -9.06 2.66 -8.24
C PRO A 348 -7.88 2.53 -7.29
N LYS A 349 -8.17 2.51 -5.98
CA LYS A 349 -7.14 2.35 -4.97
C LYS A 349 -6.53 0.97 -4.99
N GLU A 350 -5.28 0.92 -4.54
CA GLU A 350 -4.54 -0.34 -4.37
C GLU A 350 -3.95 -0.47 -2.98
N GLU A 351 -3.85 -1.71 -2.55
CA GLU A 351 -3.30 -1.99 -1.27
C GLU A 351 -1.81 -1.61 -1.20
N ASN A 352 -1.08 -1.80 -2.29
CA ASN A 352 0.33 -1.36 -2.33
C ASN A 352 0.60 -0.69 -3.66
N PRO A 353 0.35 0.62 -3.74
CA PRO A 353 0.50 1.23 -5.04
C PRO A 353 1.87 0.94 -5.61
N PHE A 354 2.89 0.97 -4.78
CA PHE A 354 4.26 0.80 -5.29
C PHE A 354 4.60 -0.58 -5.81
N LEU A 355 3.79 -1.57 -5.44
CA LEU A 355 3.82 -2.89 -6.03
C LEU A 355 2.59 -3.15 -6.88
N GLY A 356 2.02 -2.10 -7.45
CA GLY A 356 0.74 -2.24 -8.13
C GLY A 356 0.81 -1.94 -9.61
N TRP A 357 -0.28 -1.34 -10.09
CA TRP A 357 -0.58 -1.21 -11.49
C TRP A 357 0.00 0.11 -11.95
N ARG A 358 1.29 0.05 -12.17
CA ARG A 358 2.12 1.22 -12.28
C ARG A 358 2.80 1.33 -13.67
N ALA A 359 2.82 2.55 -14.20
CA ALA A 359 3.67 2.90 -15.35
C ALA A 359 3.27 2.05 -16.52
N ILE A 360 4.16 1.19 -16.93
CA ILE A 360 4.02 0.40 -18.15
C ILE A 360 2.87 -0.64 -18.08
N ARG A 361 2.52 -0.95 -16.85
CA ARG A 361 1.49 -1.89 -16.63
C ARG A 361 0.17 -1.31 -17.02
N ILE A 362 0.09 0.02 -16.99
CA ILE A 362 -1.12 0.74 -17.42
C ILE A 362 -1.11 0.91 -18.94
N ALA A 363 -0.02 1.42 -19.45
CA ALA A 363 0.01 1.73 -20.84
C ALA A 363 -0.20 0.44 -21.67
N MET A 364 0.18 -0.70 -21.10
CA MET A 364 -0.09 -2.00 -21.75
C MET A 364 -1.50 -2.51 -21.52
N ASP A 365 -2.18 -1.99 -20.53
CA ASP A 365 -3.57 -2.41 -20.38
C ASP A 365 -4.49 -1.42 -21.02
N ARG A 366 -3.93 -0.32 -21.52
CA ARG A 366 -4.74 0.67 -22.18
C ARG A 366 -3.93 1.25 -23.26
N ARG A 367 -3.87 0.54 -24.40
CA ARG A 367 -3.02 0.94 -25.50
C ARG A 367 -3.16 2.38 -25.97
N GLU A 368 -4.38 2.92 -26.01
CA GLU A 368 -4.52 4.32 -26.41
C GLU A 368 -3.43 5.21 -25.71
N ILE A 369 -3.05 4.86 -24.47
CA ILE A 369 -2.14 5.69 -23.66
C ILE A 369 -0.70 5.52 -24.15
N LEU A 370 -0.27 4.27 -24.18
CA LEU A 370 0.97 3.91 -24.75
C LEU A 370 1.08 4.45 -26.20
N ARG A 371 0.03 4.29 -27.00
CA ARG A 371 0.11 4.65 -28.41
C ARG A 371 0.24 6.16 -28.67
N ASP A 372 -0.67 6.94 -28.05
CA ASP A 372 -0.65 8.37 -28.16
C ASP A 372 0.72 8.79 -27.81
N GLN A 373 1.21 8.31 -26.66
CA GLN A 373 2.49 8.80 -26.16
C GLN A 373 3.63 8.43 -27.08
N LEU A 374 3.80 7.16 -27.40
CA LEU A 374 4.92 6.78 -28.24
C LEU A 374 4.87 7.46 -29.59
N ARG A 375 3.70 7.45 -30.21
CA ARG A 375 3.41 8.31 -31.37
C ARG A 375 3.97 9.75 -31.19
N ALA A 376 3.51 10.44 -30.15
CA ALA A 376 3.98 11.77 -29.85
C ALA A 376 5.50 11.86 -29.71
N ILE A 377 6.13 10.95 -28.98
CA ILE A 377 7.57 11.01 -28.80
C ILE A 377 8.22 10.90 -30.18
N LEU A 378 7.90 9.83 -30.89
CA LEU A 378 8.50 9.62 -32.19
C LEU A 378 8.38 10.88 -33.02
N ARG A 379 7.17 11.43 -33.09
CA ARG A 379 6.98 12.54 -33.96
C ARG A 379 7.83 13.70 -33.49
N ALA A 380 7.93 13.88 -32.16
CA ALA A 380 8.77 14.96 -31.62
C ALA A 380 10.25 14.77 -31.95
N SER A 381 10.67 13.53 -32.19
CA SER A 381 12.06 13.24 -32.49
C SER A 381 12.45 13.78 -33.85
N ALA A 382 11.49 14.28 -34.59
CA ALA A 382 11.81 14.91 -35.86
C ALA A 382 12.37 16.28 -35.60
N PHE A 383 12.48 16.66 -34.32
CA PHE A 383 12.78 18.05 -33.99
C PHE A 383 13.93 18.25 -33.03
N GLY A 384 14.60 17.17 -32.63
CA GLY A 384 15.71 17.28 -31.73
C GLY A 384 16.07 15.90 -31.31
N LYS A 385 17.30 15.69 -30.79
CA LYS A 385 17.69 14.34 -30.38
C LYS A 385 16.88 13.87 -29.16
N LEU A 386 16.03 12.89 -29.38
CA LEU A 386 15.27 12.27 -28.29
C LEU A 386 15.63 10.80 -28.22
N ARG A 387 15.60 10.26 -27.00
CA ARG A 387 15.59 8.82 -26.80
C ARG A 387 14.29 8.43 -26.09
N ILE A 388 13.88 7.18 -26.25
CA ILE A 388 12.72 6.61 -25.54
C ILE A 388 13.20 5.65 -24.48
N MET A 389 12.61 5.75 -23.31
CA MET A 389 12.99 4.84 -22.26
C MET A 389 11.73 4.47 -21.57
N PHE A 390 11.68 3.24 -21.09
CA PHE A 390 10.52 2.66 -20.41
C PHE A 390 10.77 2.44 -18.94
N PRO A 391 9.79 2.80 -18.10
CA PRO A 391 9.81 2.61 -16.65
C PRO A 391 9.30 1.25 -16.20
N MET A 392 9.67 0.81 -14.99
CA MET A 392 9.08 -0.39 -14.36
C MET A 392 9.18 -1.69 -15.13
N ILE A 393 10.16 -1.80 -16.00
CA ILE A 393 10.44 -3.03 -16.72
C ILE A 393 10.86 -4.17 -15.79
N ILE A 394 10.28 -5.33 -16.04
CA ILE A 394 10.45 -6.47 -15.16
C ILE A 394 10.87 -7.75 -15.85
N SER A 395 10.68 -7.80 -17.18
CA SER A 395 10.92 -9.02 -17.93
C SER A 395 11.39 -8.71 -19.34
N VAL A 396 12.03 -9.67 -20.00
CA VAL A 396 12.29 -9.52 -21.41
C VAL A 396 10.96 -9.53 -22.15
N GLU A 397 10.01 -10.32 -21.69
CA GLU A 397 8.66 -10.29 -22.30
C GLU A 397 8.15 -8.85 -22.53
N GLU A 398 8.11 -8.07 -21.44
CA GLU A 398 7.63 -6.68 -21.52
C GLU A 398 8.36 -5.87 -22.61
N VAL A 399 9.67 -5.87 -22.59
CA VAL A 399 10.45 -5.12 -23.61
C VAL A 399 10.11 -5.49 -25.07
N ARG A 400 10.06 -6.78 -25.37
CA ARG A 400 9.73 -7.17 -26.71
C ARG A 400 8.32 -6.72 -27.09
N ALA A 401 7.39 -6.72 -26.14
CA ALA A 401 6.03 -6.41 -26.49
C ALA A 401 5.93 -4.91 -26.83
N LEU A 402 6.78 -4.12 -26.20
CA LEU A 402 6.77 -2.68 -26.33
C LEU A 402 7.54 -2.20 -27.59
N ARG A 403 8.65 -2.88 -27.89
CA ARG A 403 9.40 -2.64 -29.14
C ARG A 403 8.55 -2.94 -30.35
N LYS A 404 7.81 -4.03 -30.23
CA LYS A 404 6.88 -4.44 -31.25
C LYS A 404 5.85 -3.34 -31.41
N GLU A 405 5.37 -2.85 -30.30
CA GLU A 405 4.52 -1.70 -30.31
C GLU A 405 5.18 -0.49 -31.01
N ILE A 406 6.37 -0.09 -30.58
CA ILE A 406 7.05 0.99 -31.29
C ILE A 406 7.02 0.75 -32.82
N GLU A 407 7.50 -0.41 -33.27
CA GLU A 407 7.54 -0.71 -34.66
C GLU A 407 6.21 -0.51 -35.38
N ILE A 408 5.10 -0.82 -34.71
CA ILE A 408 3.78 -0.58 -35.28
C ILE A 408 3.49 0.92 -35.41
N TYR A 409 3.69 1.63 -34.32
CA TYR A 409 3.53 3.05 -34.31
C TYR A 409 4.48 3.73 -35.28
N LYS A 410 5.65 3.16 -35.53
CA LYS A 410 6.60 3.75 -36.45
C LYS A 410 6.02 3.72 -37.84
N GLN A 411 5.43 2.58 -38.22
CA GLN A 411 4.90 2.41 -39.57
C GLN A 411 3.75 3.34 -39.80
N GLU A 412 2.83 3.40 -38.85
CA GLU A 412 1.72 4.28 -38.97
C GLU A 412 2.21 5.68 -39.29
N LEU A 413 3.14 6.20 -38.50
CA LEU A 413 3.73 7.50 -38.82
C LEU A 413 4.24 7.58 -40.27
N ARG A 414 5.13 6.65 -40.66
CA ARG A 414 5.56 6.48 -42.08
C ARG A 414 4.39 6.58 -43.07
N ASP A 415 3.28 5.97 -42.74
CA ASP A 415 2.12 5.93 -43.62
C ASP A 415 1.30 7.19 -43.64
N GLU A 416 1.44 8.00 -42.60
CA GLU A 416 0.69 9.24 -42.50
C GLU A 416 1.55 10.44 -42.94
N GLY A 417 2.76 10.16 -43.46
CA GLY A 417 3.67 11.19 -43.98
C GLY A 417 4.17 12.10 -42.87
N LYS A 418 4.58 11.45 -41.78
CA LYS A 418 5.02 12.08 -40.56
C LYS A 418 6.45 11.62 -40.16
N ALA A 419 7.40 12.54 -40.26
CA ALA A 419 8.81 12.29 -39.96
C ALA A 419 8.96 11.88 -38.50
N PHE A 420 9.93 10.99 -38.28
CA PHE A 420 10.44 10.69 -36.99
C PHE A 420 11.86 10.24 -37.23
N ASP A 421 12.70 10.40 -36.21
CA ASP A 421 14.11 10.08 -36.29
C ASP A 421 14.13 8.58 -36.41
N GLU A 422 14.55 8.06 -37.56
CA GLU A 422 14.65 6.60 -37.73
C GLU A 422 15.76 6.00 -36.86
N SER A 423 16.66 6.84 -36.36
CA SER A 423 17.80 6.43 -35.54
C SER A 423 17.44 6.27 -34.08
N ILE A 424 16.16 6.43 -33.74
CA ILE A 424 15.81 6.75 -32.37
C ILE A 424 16.14 5.59 -31.48
N GLU A 425 16.84 5.90 -30.39
CA GLU A 425 17.29 4.84 -29.53
C GLU A 425 16.33 4.60 -28.42
N ILE A 426 16.26 3.33 -28.06
CA ILE A 426 15.31 2.83 -27.11
C ILE A 426 16.05 2.14 -25.97
N GLY A 427 15.67 2.44 -24.74
CA GLY A 427 16.30 1.80 -23.59
C GLY A 427 15.29 1.51 -22.49
N VAL A 428 15.76 1.12 -21.33
CA VAL A 428 14.83 0.75 -20.29
C VAL A 428 15.36 1.21 -18.97
N MET A 429 14.45 1.54 -18.07
CA MET A 429 14.80 1.84 -16.71
C MET A 429 15.19 0.50 -16.15
N VAL A 430 16.31 0.40 -15.47
CA VAL A 430 16.54 -0.79 -14.65
C VAL A 430 16.28 -0.33 -13.20
N GLU A 431 15.09 -0.56 -12.67
CA GLU A 431 14.76 -0.03 -11.37
C GLU A 431 13.98 -1.05 -10.57
N THR A 432 13.94 -2.21 -11.14
CA THR A 432 13.38 -3.41 -10.57
C THR A 432 14.57 -4.42 -10.37
N PRO A 433 14.54 -5.21 -9.27
CA PRO A 433 15.53 -6.24 -9.04
C PRO A 433 15.39 -7.32 -10.10
N ALA A 434 14.20 -7.53 -10.63
CA ALA A 434 14.03 -8.38 -11.80
C ALA A 434 14.91 -7.89 -12.91
N ALA A 435 14.68 -6.66 -13.34
CA ALA A 435 15.46 -6.12 -14.46
C ALA A 435 16.94 -6.27 -14.17
N ALA A 436 17.31 -5.97 -12.94
CA ALA A 436 18.73 -5.98 -12.60
C ALA A 436 19.25 -7.39 -12.80
N THR A 437 18.46 -8.38 -12.39
CA THR A 437 18.83 -9.79 -12.48
C THR A 437 19.00 -10.36 -13.89
N ILE A 438 18.18 -9.85 -14.81
CA ILE A 438 18.17 -10.31 -16.17
C ILE A 438 18.76 -9.21 -17.05
N ALA A 439 19.50 -8.32 -16.40
CA ALA A 439 20.19 -7.29 -17.14
C ALA A 439 20.88 -7.85 -18.38
N ARG A 440 21.50 -9.03 -18.32
CA ARG A 440 22.26 -9.49 -19.50
C ARG A 440 21.29 -9.64 -20.60
N HIS A 441 20.24 -10.45 -20.36
CA HIS A 441 19.17 -10.62 -21.34
C HIS A 441 18.58 -9.36 -21.88
N LEU A 442 18.36 -8.37 -21.02
CA LEU A 442 17.70 -7.13 -21.45
C LEU A 442 18.63 -6.30 -22.32
N ALA A 443 19.91 -6.32 -21.99
CA ALA A 443 20.95 -5.55 -22.72
C ALA A 443 21.05 -5.84 -24.24
N LYS A 444 20.71 -7.08 -24.64
CA LYS A 444 20.61 -7.44 -26.08
C LYS A 444 19.45 -6.75 -26.69
N GLU A 445 18.47 -6.37 -25.90
CA GLU A 445 17.18 -6.01 -26.44
C GLU A 445 16.96 -4.49 -26.46
N VAL A 446 17.85 -3.74 -25.82
CA VAL A 446 17.72 -2.30 -25.75
C VAL A 446 19.02 -1.64 -26.09
N ASP A 447 18.99 -0.32 -26.32
CA ASP A 447 20.21 0.45 -26.61
C ASP A 447 20.89 0.96 -25.39
N PHE A 448 20.18 0.98 -24.28
CA PHE A 448 20.77 1.55 -23.09
C PHE A 448 19.96 1.27 -21.85
N PHE A 449 20.49 1.66 -20.70
CA PHE A 449 19.84 1.44 -19.41
C PHE A 449 20.04 2.70 -18.67
N SER A 450 19.06 3.05 -17.85
CA SER A 450 19.25 3.99 -16.81
C SER A 450 18.76 3.35 -15.53
N ILE A 451 19.61 3.29 -14.51
CA ILE A 451 19.22 2.63 -13.26
C ILE A 451 18.42 3.56 -12.36
N GLY A 452 17.19 3.15 -12.03
CA GLY A 452 16.41 3.94 -11.11
C GLY A 452 16.65 3.40 -9.73
N THR A 453 17.54 4.01 -8.97
CA THR A 453 17.88 3.51 -7.66
C THR A 453 16.81 3.81 -6.60
N ASN A 454 15.95 4.78 -6.87
CA ASN A 454 14.89 5.06 -5.90
C ASN A 454 14.00 3.84 -5.82
N ASP A 455 13.55 3.39 -6.98
CA ASP A 455 12.79 2.19 -7.03
C ASP A 455 13.59 0.94 -6.70
N LEU A 456 14.71 0.70 -7.38
CA LEU A 456 15.57 -0.43 -7.10
C LEU A 456 15.86 -0.59 -5.60
N THR A 457 16.17 0.50 -4.95
CA THR A 457 16.42 0.41 -3.55
C THR A 457 15.14 -0.13 -2.91
N GLN A 458 14.03 0.53 -3.24
CA GLN A 458 12.74 0.24 -2.67
C GLN A 458 12.45 -1.23 -2.73
N TYR A 459 12.60 -1.85 -3.91
CA TYR A 459 12.21 -3.27 -4.04
C TYR A 459 13.25 -4.22 -3.58
N THR A 460 14.50 -3.80 -3.64
CA THR A 460 15.53 -4.71 -3.26
C THR A 460 15.46 -4.81 -1.72
N LEU A 461 15.26 -3.67 -1.07
CA LEU A 461 15.16 -3.65 0.38
C LEU A 461 13.72 -3.77 0.86
N ALA A 462 12.76 -3.82 -0.04
CA ALA A 462 11.35 -3.76 0.43
C ALA A 462 11.11 -2.68 1.44
N VAL A 463 11.62 -1.49 1.14
CA VAL A 463 11.28 -0.34 1.95
C VAL A 463 10.69 0.77 1.10
N ASP A 464 9.50 1.17 1.53
CA ASP A 464 8.68 2.13 0.83
C ASP A 464 9.42 3.46 0.91
N ARG A 465 9.64 4.04 -0.26
CA ARG A 465 10.28 5.33 -0.40
C ARG A 465 9.55 6.41 0.36
N GLY A 466 8.27 6.17 0.62
CA GLY A 466 7.40 7.14 1.30
C GLY A 466 7.39 6.99 2.80
N ASN A 467 7.86 5.86 3.33
CA ASN A 467 7.59 5.48 4.73
C ASN A 467 8.70 5.94 5.69
N ASP A 468 8.45 7.05 6.39
CA ASP A 468 9.46 7.62 7.30
C ASP A 468 9.77 6.72 8.48
N MET A 469 8.77 5.99 8.95
CA MET A 469 8.99 5.06 10.04
C MET A 469 10.14 4.08 9.81
N ILE A 470 10.31 3.59 8.57
CA ILE A 470 11.45 2.75 8.27
C ILE A 470 12.50 3.41 7.40
N SER A 471 12.48 4.73 7.30
CA SER A 471 13.42 5.34 6.37
C SER A 471 14.86 4.89 6.64
N HIS A 472 15.20 4.57 7.90
CA HIS A 472 16.57 4.25 8.25
C HIS A 472 17.07 3.02 7.51
N LEU A 473 16.13 2.22 7.01
CA LEU A 473 16.41 1.01 6.23
C LEU A 473 16.46 1.28 4.73
N TYR A 474 16.18 2.51 4.32
CA TYR A 474 16.18 2.77 2.92
C TYR A 474 17.59 3.13 2.58
N GLN A 475 18.36 2.18 2.05
CA GLN A 475 19.77 2.44 1.80
C GLN A 475 20.15 2.07 0.46
N PRO A 476 20.23 3.06 -0.44
CA PRO A 476 20.69 2.68 -1.78
C PRO A 476 22.18 2.38 -1.70
N MET A 477 22.79 2.69 -0.57
CA MET A 477 24.19 2.40 -0.41
C MET A 477 24.37 1.19 0.44
N SER A 478 23.73 0.13 -0.04
CA SER A 478 23.85 -1.16 0.55
C SER A 478 24.72 -1.97 -0.33
N PRO A 479 25.43 -2.92 0.27
CA PRO A 479 26.12 -3.91 -0.54
C PRO A 479 25.16 -4.60 -1.50
N SER A 480 23.87 -4.67 -1.13
CA SER A 480 22.89 -5.28 -2.03
C SER A 480 22.49 -4.42 -3.25
N VAL A 481 22.34 -3.13 -3.07
CA VAL A 481 21.94 -2.33 -4.20
C VAL A 481 23.16 -2.08 -5.09
N LEU A 482 24.32 -1.87 -4.47
CA LEU A 482 25.55 -1.60 -5.24
C LEU A 482 25.87 -2.76 -6.13
N ASN A 483 25.90 -3.95 -5.56
CA ASN A 483 26.10 -5.13 -6.38
C ASN A 483 25.19 -5.23 -7.60
N LEU A 484 23.89 -5.02 -7.40
CA LEU A 484 22.93 -4.99 -8.47
C LEU A 484 23.20 -3.89 -9.45
N ILE A 485 23.62 -2.70 -8.98
CA ILE A 485 24.11 -1.63 -9.89
C ILE A 485 25.28 -2.10 -10.79
N LYS A 486 26.28 -2.70 -10.17
CA LYS A 486 27.45 -3.17 -10.88
C LYS A 486 27.04 -4.15 -11.95
N GLN A 487 26.05 -4.94 -11.60
CA GLN A 487 25.76 -6.10 -12.38
C GLN A 487 25.10 -5.56 -13.67
N VAL A 488 24.35 -4.46 -13.50
CA VAL A 488 23.63 -3.82 -14.60
C VAL A 488 24.60 -3.11 -15.53
N ILE A 489 25.50 -2.30 -14.93
CA ILE A 489 26.49 -1.57 -15.69
C ILE A 489 27.24 -2.58 -16.57
N ASP A 490 27.73 -3.64 -15.93
CA ASP A 490 28.48 -4.66 -16.62
C ASP A 490 27.66 -5.26 -17.75
N ALA A 491 26.42 -5.62 -17.48
CA ALA A 491 25.55 -6.07 -18.57
C ALA A 491 25.65 -5.14 -19.75
N SER A 492 25.36 -3.84 -19.56
CA SER A 492 25.52 -2.80 -20.60
C SER A 492 26.77 -3.00 -21.39
N HIS A 493 27.89 -3.02 -20.66
CA HIS A 493 29.16 -2.91 -21.29
C HIS A 493 29.44 -4.18 -22.04
N ALA A 494 28.92 -5.28 -21.51
CA ALA A 494 29.18 -6.54 -22.18
C ALA A 494 28.54 -6.52 -23.56
N GLU A 495 27.40 -5.84 -23.73
CA GLU A 495 26.79 -5.72 -25.07
C GLU A 495 27.29 -4.54 -25.85
N GLY A 496 28.21 -3.77 -25.27
CA GLY A 496 28.68 -2.55 -25.91
C GLY A 496 27.69 -1.41 -25.85
N LYS A 497 26.73 -1.48 -24.92
CA LYS A 497 25.85 -0.36 -24.60
C LYS A 497 26.33 0.28 -23.32
N TRP A 498 25.54 1.20 -22.82
CA TRP A 498 25.93 2.01 -21.70
C TRP A 498 24.79 2.11 -20.68
N THR A 499 25.16 2.39 -19.44
CA THR A 499 24.17 2.54 -18.44
C THR A 499 24.33 3.92 -17.92
N GLY A 500 23.20 4.59 -17.79
CA GLY A 500 23.13 5.82 -17.02
C GLY A 500 22.39 5.57 -15.74
N MET A 501 22.24 6.62 -14.95
CA MET A 501 21.54 6.56 -13.67
C MET A 501 20.76 7.84 -13.41
N CYS A 502 19.44 7.73 -13.27
CA CYS A 502 18.64 8.89 -12.93
C CYS A 502 18.08 8.85 -11.54
N GLY A 503 18.22 7.71 -10.88
CA GLY A 503 17.93 7.65 -9.44
C GLY A 503 18.77 8.68 -8.71
N GLU A 504 18.33 8.99 -7.48
CA GLU A 504 18.97 10.04 -6.69
C GLU A 504 20.41 9.74 -6.26
N LEU A 505 20.80 8.47 -6.32
CA LEU A 505 22.19 8.13 -6.08
C LEU A 505 23.18 8.85 -6.99
N ALA A 506 22.80 9.01 -8.27
CA ALA A 506 23.63 9.72 -9.24
C ALA A 506 24.00 11.06 -8.68
N GLY A 507 23.02 11.73 -8.06
CA GLY A 507 23.24 13.07 -7.51
C GLY A 507 23.77 13.09 -6.09
N ASP A 508 24.02 11.92 -5.50
CA ASP A 508 24.42 11.81 -4.10
C ASP A 508 25.98 11.85 -3.97
N GLU A 509 26.50 12.92 -3.35
CA GLU A 509 27.96 13.12 -3.17
C GLU A 509 28.71 11.89 -2.69
N ARG A 510 28.00 10.96 -2.08
CA ARG A 510 28.64 9.87 -1.38
C ARG A 510 28.79 8.64 -2.24
N ALA A 511 28.08 8.65 -3.37
CA ALA A 511 28.17 7.54 -4.26
C ALA A 511 29.04 7.86 -5.46
N THR A 512 29.28 9.15 -5.68
CA THR A 512 29.91 9.59 -6.90
C THR A 512 31.17 8.81 -7.25
N LEU A 513 32.12 8.67 -6.31
CA LEU A 513 33.32 7.83 -6.56
C LEU A 513 33.03 6.37 -6.88
N LEU A 514 32.02 5.80 -6.23
CA LEU A 514 31.64 4.41 -6.49
C LEU A 514 30.96 4.27 -7.83
N LEU A 515 29.95 5.09 -8.07
CA LEU A 515 29.28 5.08 -9.34
C LEU A 515 30.33 5.21 -10.42
N LEU A 516 31.22 6.17 -10.26
CA LEU A 516 32.31 6.34 -11.24
C LEU A 516 33.19 5.10 -11.38
N GLY A 517 33.66 4.56 -10.25
CA GLY A 517 34.59 3.44 -10.25
C GLY A 517 33.96 2.21 -10.85
N MET A 518 32.64 2.11 -10.68
CA MET A 518 31.90 0.98 -11.16
C MET A 518 31.61 1.09 -12.62
N GLY A 519 32.02 2.22 -13.22
CA GLY A 519 31.94 2.42 -14.67
C GLY A 519 30.66 3.00 -15.23
N LEU A 520 29.80 3.54 -14.36
CA LEU A 520 28.58 4.18 -14.79
C LEU A 520 28.93 5.22 -15.84
N ASP A 521 28.15 5.24 -16.94
CA ASP A 521 28.47 6.04 -18.13
C ASP A 521 27.86 7.38 -18.02
N GLU A 522 26.73 7.44 -17.35
CA GLU A 522 25.92 8.61 -17.37
C GLU A 522 25.24 8.87 -16.05
N PHE A 523 25.27 10.11 -15.60
CA PHE A 523 24.60 10.47 -14.37
C PHE A 523 23.50 11.45 -14.65
N SER A 524 22.34 11.25 -14.07
CA SER A 524 21.31 12.26 -14.32
C SER A 524 20.62 12.61 -13.05
N MET A 525 20.45 13.89 -12.78
CA MET A 525 20.00 14.29 -11.48
C MET A 525 19.20 15.55 -11.53
N SER A 526 18.68 15.94 -10.37
CA SER A 526 18.25 17.29 -10.22
C SER A 526 19.38 18.15 -10.74
N ALA A 527 19.03 19.14 -11.53
CA ALA A 527 20.02 20.09 -12.06
C ALA A 527 20.91 20.64 -10.93
N ILE A 528 20.30 21.03 -9.81
CA ILE A 528 21.08 21.60 -8.70
C ILE A 528 22.22 20.74 -8.23
N SER A 529 22.23 19.45 -8.53
CA SER A 529 23.30 18.61 -8.06
C SER A 529 24.40 18.47 -9.04
N ILE A 530 24.18 19.00 -10.24
CA ILE A 530 25.15 18.81 -11.29
C ILE A 530 26.54 19.33 -10.92
N PRO A 531 26.65 20.59 -10.45
CA PRO A 531 27.98 21.06 -10.07
C PRO A 531 28.69 20.27 -8.94
N ARG A 532 27.98 19.84 -7.89
CA ARG A 532 28.67 19.14 -6.78
C ARG A 532 29.30 17.89 -7.32
N ILE A 533 28.55 17.19 -8.14
CA ILE A 533 28.99 15.94 -8.64
C ILE A 533 30.08 16.14 -9.71
N LYS A 534 29.86 17.10 -10.59
CA LYS A 534 30.86 17.44 -11.57
C LYS A 534 32.19 17.67 -10.79
N LYS A 535 32.12 18.49 -9.72
CA LYS A 535 33.31 18.84 -8.96
C LYS A 535 34.04 17.62 -8.46
N ILE A 536 33.28 16.67 -7.90
CA ILE A 536 33.84 15.44 -7.39
C ILE A 536 34.51 14.67 -8.51
N ILE A 537 33.89 14.73 -9.68
CA ILE A 537 34.34 13.92 -10.80
C ILE A 537 35.61 14.50 -11.32
N ARG A 538 35.61 15.82 -11.45
CA ARG A 538 36.76 16.49 -12.00
C ARG A 538 38.04 16.38 -11.15
N ASN A 539 37.86 15.98 -9.87
CA ASN A 539 38.94 15.97 -8.88
C ASN A 539 39.31 14.56 -8.40
N THR A 540 38.75 13.56 -9.07
CA THR A 540 39.06 12.17 -8.76
C THR A 540 40.03 11.72 -9.76
N ASN A 541 40.74 10.68 -9.38
CA ASN A 541 41.42 9.88 -10.34
C ASN A 541 40.54 8.62 -10.60
N PHE A 542 40.27 8.35 -11.87
CA PHE A 542 39.37 7.26 -12.21
C PHE A 542 39.90 5.89 -11.78
N GLU A 543 41.19 5.67 -11.97
CA GLU A 543 41.75 4.38 -11.60
C GLU A 543 41.58 4.08 -10.12
N ASP A 544 41.74 5.13 -9.32
CA ASP A 544 41.64 5.00 -7.88
C ASP A 544 40.23 4.62 -7.46
N ALA A 545 39.24 5.30 -8.02
CA ALA A 545 37.84 4.99 -7.91
C ALA A 545 37.50 3.55 -8.25
N LYS A 546 38.02 3.03 -9.37
CA LYS A 546 37.79 1.61 -9.68
C LYS A 546 38.19 0.79 -8.45
N VAL A 547 39.42 0.92 -8.03
CA VAL A 547 39.91 0.21 -6.84
C VAL A 547 38.94 0.43 -5.66
N LEU A 548 38.46 1.67 -5.50
CA LEU A 548 37.57 1.96 -4.42
C LEU A 548 36.33 1.12 -4.61
N ALA A 549 35.77 1.16 -5.83
CA ALA A 549 34.50 0.52 -6.13
C ALA A 549 34.61 -0.95 -5.85
N GLU A 550 35.67 -1.51 -6.39
CA GLU A 550 35.83 -2.89 -6.19
C GLU A 550 35.79 -3.22 -4.67
N GLN A 551 36.63 -2.55 -3.88
CA GLN A 551 36.63 -2.82 -2.48
C GLN A 551 35.18 -2.77 -1.94
N ALA A 552 34.48 -1.67 -2.25
CA ALA A 552 33.19 -1.42 -1.65
C ALA A 552 32.25 -2.56 -1.93
N LEU A 553 32.35 -3.10 -3.15
CA LEU A 553 31.47 -4.19 -3.59
C LEU A 553 31.68 -5.50 -2.85
N ALA A 554 32.77 -5.60 -2.08
CA ALA A 554 33.02 -6.82 -1.33
C ALA A 554 32.58 -6.71 0.13
N GLN A 555 32.30 -5.50 0.61
CA GLN A 555 31.89 -5.27 1.98
C GLN A 555 30.51 -5.88 2.27
N PRO A 556 30.36 -6.62 3.37
CA PRO A 556 29.02 -7.12 3.69
C PRO A 556 28.18 -6.10 4.48
N THR A 557 28.70 -4.90 4.65
CA THR A 557 28.07 -3.96 5.55
C THR A 557 28.24 -2.54 4.97
N THR A 558 27.19 -1.75 5.08
CA THR A 558 27.19 -0.36 4.63
C THR A 558 28.29 0.41 5.36
N ASP A 559 28.29 0.33 6.68
CA ASP A 559 29.29 1.03 7.42
C ASP A 559 30.66 0.81 6.87
N GLU A 560 30.99 -0.44 6.60
CA GLU A 560 32.30 -0.84 6.12
C GLU A 560 32.61 -0.23 4.76
N LEU A 561 31.58 -0.11 3.95
CA LEU A 561 31.68 0.50 2.64
C LEU A 561 31.77 2.06 2.75
N MET A 562 31.07 2.64 3.74
CA MET A 562 31.24 4.06 4.00
C MET A 562 32.65 4.36 4.41
N THR A 563 33.28 3.46 5.17
CA THR A 563 34.65 3.69 5.61
C THR A 563 35.60 3.86 4.46
N LEU A 564 35.54 2.96 3.47
CA LEU A 564 36.36 3.03 2.28
C LEU A 564 36.26 4.35 1.61
N VAL A 565 35.02 4.71 1.26
CA VAL A 565 34.71 6.04 0.71
C VAL A 565 35.37 7.18 1.50
N ASN A 566 35.19 7.19 2.83
CA ASN A 566 35.82 8.21 3.65
C ASN A 566 37.35 8.23 3.62
N LYS A 567 38.00 7.09 3.80
CA LYS A 567 39.46 7.08 3.79
C LYS A 567 39.96 7.56 2.44
N PHE A 568 39.16 7.32 1.41
CA PHE A 568 39.48 7.80 0.09
C PHE A 568 39.50 9.33 0.11
N ILE A 569 38.38 9.92 0.46
CA ILE A 569 38.23 11.37 0.48
C ILE A 569 39.32 12.05 1.29
N GLU A 570 39.71 11.42 2.39
CA GLU A 570 40.83 11.86 3.22
C GLU A 570 42.14 11.89 2.45
N GLU A 571 42.48 10.74 1.88
CA GLU A 571 43.78 10.54 1.32
C GLU A 571 43.92 11.10 -0.09
N LYS A 572 42.80 11.29 -0.79
CA LYS A 572 42.81 11.50 -2.24
C LYS A 572 42.42 12.90 -2.78
N THR A 573 41.84 13.78 -1.95
CA THR A 573 41.76 15.23 -2.29
C THR A 573 41.38 16.10 -1.08
N MET B 1 -23.39 -21.38 -18.64
CA MET B 1 -21.90 -21.31 -18.71
C MET B 1 -21.39 -20.36 -17.61
N ILE B 2 -21.41 -20.81 -16.38
CA ILE B 2 -20.92 -19.97 -15.23
C ILE B 2 -19.60 -20.53 -14.73
N SER B 3 -18.58 -19.71 -14.59
CA SER B 3 -17.25 -20.21 -14.12
C SER B 3 -16.73 -19.34 -12.95
N GLY B 4 -16.11 -19.95 -11.97
CA GLY B 4 -15.56 -19.19 -10.81
C GLY B 4 -14.06 -19.51 -10.70
N ILE B 5 -13.46 -19.30 -9.55
CA ILE B 5 -11.99 -19.57 -9.42
C ILE B 5 -11.74 -20.97 -8.86
N LEU B 6 -12.75 -21.63 -8.35
CA LEU B 6 -12.55 -23.00 -7.78
C LEU B 6 -11.43 -22.96 -6.74
N ALA B 7 -11.77 -22.99 -5.47
CA ALA B 7 -10.73 -22.95 -4.40
C ALA B 7 -10.40 -24.38 -3.96
N SER B 8 -11.32 -25.29 -4.12
CA SER B 8 -11.05 -26.71 -3.71
C SER B 8 -11.68 -27.66 -4.74
N PRO B 9 -10.93 -28.59 -5.30
CA PRO B 9 -11.48 -29.55 -6.30
C PRO B 9 -12.23 -30.71 -5.63
N GLY B 10 -13.30 -31.15 -6.24
CA GLY B 10 -14.09 -32.27 -5.64
C GLY B 10 -15.47 -32.29 -6.29
N ILE B 11 -16.43 -32.93 -5.68
CA ILE B 11 -17.81 -32.97 -6.25
C ILE B 11 -18.82 -33.05 -5.10
N ALA B 12 -20.01 -32.52 -5.26
CA ALA B 12 -20.99 -32.59 -4.15
C ALA B 12 -22.43 -32.48 -4.68
N PHE B 13 -23.37 -33.01 -3.93
CA PHE B 13 -24.81 -32.95 -4.34
C PHE B 13 -25.63 -32.53 -3.11
N GLY B 14 -26.44 -31.51 -3.19
CA GLY B 14 -27.23 -31.12 -1.98
C GLY B 14 -28.13 -29.90 -2.27
N LYS B 15 -28.89 -29.49 -1.30
CA LYS B 15 -29.79 -28.32 -1.48
C LYS B 15 -29.00 -27.04 -1.34
N ALA B 16 -29.50 -25.93 -1.86
CA ALA B 16 -28.74 -24.64 -1.79
C ALA B 16 -29.33 -23.71 -0.73
N LEU B 17 -28.49 -23.20 0.14
CA LEU B 17 -28.97 -22.26 1.20
C LEU B 17 -28.62 -20.83 0.75
N LEU B 18 -29.54 -19.90 0.87
CA LEU B 18 -29.26 -18.49 0.43
C LEU B 18 -29.32 -17.53 1.62
N LEU B 19 -28.25 -16.82 1.86
CA LEU B 19 -28.22 -15.86 3.01
C LEU B 19 -28.77 -14.49 2.56
N LYS B 20 -30.01 -14.35 2.62
CA LYS B 20 -30.63 -13.17 2.03
C LYS B 20 -31.47 -12.76 3.11
N GLU B 21 -30.87 -12.77 4.28
CA GLU B 21 -31.59 -12.43 5.49
C GLU B 21 -32.56 -11.34 5.04
N ASP B 22 -33.74 -11.67 4.60
CA ASP B 22 -34.61 -10.58 4.14
C ASP B 22 -34.79 -9.47 5.17
N GLU B 23 -34.88 -8.25 4.63
CA GLU B 23 -35.00 -7.02 5.40
C GLU B 23 -36.25 -6.96 6.27
N ILE B 24 -36.23 -6.04 7.24
CA ILE B 24 -37.37 -5.82 8.12
C ILE B 24 -38.10 -4.56 7.68
N VAL B 25 -39.15 -4.80 6.89
CA VAL B 25 -39.91 -3.72 6.32
C VAL B 25 -41.18 -3.56 7.13
N ILE B 26 -41.25 -2.49 7.89
CA ILE B 26 -42.41 -2.19 8.73
C ILE B 26 -43.57 -1.58 7.92
N ASP B 27 -44.70 -2.29 7.86
CA ASP B 27 -45.95 -1.73 7.31
C ASP B 27 -46.44 -0.54 8.16
N ARG B 28 -46.49 0.63 7.53
CA ARG B 28 -46.84 1.86 8.26
C ARG B 28 -48.24 2.44 8.04
N LYS B 29 -49.05 1.81 7.18
CA LYS B 29 -50.46 2.17 7.06
C LYS B 29 -51.16 1.83 8.38
N LYS B 30 -51.82 2.82 8.97
CA LYS B 30 -52.70 2.62 10.15
C LYS B 30 -53.77 1.58 9.85
N ILE B 31 -54.26 0.88 10.86
CA ILE B 31 -55.30 -0.14 10.63
C ILE B 31 -56.72 0.27 11.06
N SER B 32 -57.68 -0.60 10.72
CA SER B 32 -59.09 -0.35 10.95
C SER B 32 -59.57 -1.14 12.17
N ALA B 33 -60.63 -0.72 12.80
CA ALA B 33 -61.15 -1.50 13.96
C ALA B 33 -61.35 -2.95 13.54
N ASP B 34 -61.87 -3.18 12.36
CA ASP B 34 -62.07 -4.58 11.91
C ASP B 34 -60.70 -5.25 11.75
N GLN B 35 -59.75 -4.58 11.14
CA GLN B 35 -58.38 -5.18 11.00
C GLN B 35 -57.81 -5.33 12.40
N VAL B 36 -57.68 -4.22 13.09
CA VAL B 36 -57.12 -4.32 14.46
C VAL B 36 -57.15 -5.78 14.90
N ASP B 37 -58.28 -6.41 14.81
CA ASP B 37 -58.39 -7.83 15.22
C ASP B 37 -57.44 -8.70 14.38
N GLN B 38 -57.33 -8.42 13.11
CA GLN B 38 -56.45 -9.26 12.25
C GLN B 38 -54.98 -9.02 12.61
N GLU B 39 -54.59 -7.82 12.88
CA GLU B 39 -53.15 -7.57 13.21
C GLU B 39 -52.80 -8.26 14.52
N VAL B 40 -53.67 -8.23 15.50
CA VAL B 40 -53.35 -8.92 16.77
C VAL B 40 -53.14 -10.40 16.48
N GLU B 41 -54.02 -11.00 15.73
CA GLU B 41 -53.87 -12.45 15.40
C GLU B 41 -52.55 -12.67 14.67
N ARG B 42 -52.20 -11.80 13.76
CA ARG B 42 -50.90 -11.97 13.03
C ARG B 42 -49.78 -11.95 14.07
N PHE B 43 -49.84 -11.03 14.99
CA PHE B 43 -48.80 -10.96 16.05
C PHE B 43 -48.81 -12.27 16.85
N LEU B 44 -49.97 -12.69 17.28
CA LEU B 44 -50.07 -13.96 18.05
C LEU B 44 -49.59 -15.11 17.15
N SER B 45 -50.02 -15.13 15.92
CA SER B 45 -49.57 -16.24 15.01
C SER B 45 -48.06 -16.14 14.80
N GLY B 46 -47.55 -14.95 14.58
CA GLY B 46 -46.09 -14.78 14.38
C GLY B 46 -45.38 -15.06 15.70
N ARG B 47 -45.95 -14.60 16.78
CA ARG B 47 -45.36 -14.84 18.12
C ARG B 47 -45.42 -16.34 18.40
N ALA B 48 -46.42 -17.00 17.89
CA ALA B 48 -46.55 -18.46 18.11
C ALA B 48 -45.32 -19.16 17.55
N LYS B 49 -44.86 -18.74 16.40
CA LYS B 49 -43.65 -19.40 15.83
C LYS B 49 -42.48 -19.14 16.77
N ALA B 50 -41.97 -17.93 16.82
CA ALA B 50 -40.79 -17.62 17.70
C ALA B 50 -40.92 -18.34 19.05
N SER B 51 -42.10 -18.53 19.55
CA SER B 51 -42.21 -19.23 20.84
C SER B 51 -41.58 -20.61 20.70
N ALA B 52 -42.05 -21.38 19.76
CA ALA B 52 -41.51 -22.74 19.55
C ALA B 52 -40.07 -22.70 19.00
N GLN B 53 -39.77 -21.81 18.09
CA GLN B 53 -38.37 -21.77 17.54
C GLN B 53 -37.39 -21.32 18.63
N LEU B 54 -37.75 -20.37 19.44
CA LEU B 54 -36.83 -19.93 20.52
C LEU B 54 -36.58 -21.11 21.46
N GLU B 55 -37.60 -21.86 21.76
CA GLU B 55 -37.43 -23.04 22.65
C GLU B 55 -36.44 -24.03 22.04
N THR B 56 -36.49 -24.20 20.74
CA THR B 56 -35.56 -25.15 20.08
C THR B 56 -34.12 -24.67 20.29
N ILE B 57 -33.88 -23.40 20.16
CA ILE B 57 -32.50 -22.86 20.35
C ILE B 57 -32.04 -23.13 21.79
N LYS B 58 -32.93 -22.99 22.74
CA LYS B 58 -32.56 -23.23 24.17
C LYS B 58 -32.00 -24.64 24.33
N THR B 59 -32.71 -25.63 23.85
CA THR B 59 -32.25 -27.04 24.01
C THR B 59 -30.86 -27.21 23.39
N LYS B 60 -30.57 -26.53 22.32
CA LYS B 60 -29.23 -26.68 21.68
C LYS B 60 -28.17 -26.08 22.58
N ALA B 61 -28.49 -24.99 23.23
CA ALA B 61 -27.49 -24.34 24.12
C ALA B 61 -27.19 -25.27 25.31
N GLY B 62 -28.21 -25.86 25.88
CA GLY B 62 -27.98 -26.77 27.04
C GLY B 62 -27.07 -27.93 26.64
N GLU B 63 -27.39 -28.61 25.58
CA GLU B 63 -26.53 -29.76 25.17
C GLU B 63 -25.19 -29.24 24.67
N THR B 64 -25.21 -28.23 23.84
CA THR B 64 -23.94 -27.70 23.25
C THR B 64 -23.03 -27.08 24.33
N PHE B 65 -23.48 -26.03 24.98
CA PHE B 65 -22.61 -25.35 26.00
C PHE B 65 -22.92 -25.83 27.42
N GLY B 66 -24.17 -25.87 27.82
CA GLY B 66 -24.50 -26.35 29.21
C GLY B 66 -25.64 -25.54 29.83
N GLU B 67 -25.84 -25.72 31.11
CA GLU B 67 -26.94 -24.99 31.83
C GLU B 67 -26.59 -23.50 31.94
N GLU B 68 -25.33 -23.19 31.89
CA GLU B 68 -24.89 -21.77 32.00
C GLU B 68 -25.49 -20.96 30.83
N LYS B 69 -25.57 -21.56 29.68
CA LYS B 69 -26.13 -20.84 28.48
C LYS B 69 -27.60 -21.20 28.29
N GLU B 70 -28.05 -22.29 28.83
CA GLU B 70 -29.47 -22.69 28.65
C GLU B 70 -30.41 -21.71 29.35
N ALA B 71 -30.08 -21.33 30.55
CA ALA B 71 -30.98 -20.42 31.32
C ALA B 71 -31.01 -19.03 30.69
N ILE B 72 -29.98 -18.59 30.02
CA ILE B 72 -30.06 -17.22 29.42
C ILE B 72 -31.23 -17.20 28.44
N PHE B 73 -31.45 -18.25 27.71
CA PHE B 73 -32.60 -18.25 26.75
C PHE B 73 -33.91 -18.21 27.53
N GLU B 74 -33.99 -18.90 28.63
CA GLU B 74 -35.26 -18.87 29.41
C GLU B 74 -35.57 -17.43 29.82
N GLY B 75 -34.57 -16.68 30.21
CA GLY B 75 -34.83 -15.27 30.60
C GLY B 75 -35.36 -14.51 29.38
N HIS B 76 -34.71 -14.67 28.26
CA HIS B 76 -35.18 -13.96 27.03
C HIS B 76 -36.58 -14.43 26.69
N ILE B 77 -36.81 -15.71 26.74
CA ILE B 77 -38.18 -16.22 26.43
C ILE B 77 -39.15 -15.75 27.51
N MET B 78 -38.79 -15.89 28.76
CA MET B 78 -39.70 -15.46 29.86
C MET B 78 -39.99 -13.96 29.73
N LEU B 79 -38.99 -13.18 29.39
CA LEU B 79 -39.22 -11.72 29.25
C LEU B 79 -40.17 -11.47 28.08
N LEU B 80 -40.01 -12.20 27.02
CA LEU B 80 -40.87 -12.00 25.83
C LEU B 80 -42.33 -12.32 26.19
N GLU B 81 -42.54 -13.34 26.98
CA GLU B 81 -43.94 -13.71 27.35
C GLU B 81 -44.42 -12.84 28.53
N ASP B 82 -43.64 -11.88 28.93
CA ASP B 82 -44.07 -11.02 30.08
C ASP B 82 -45.49 -10.49 29.82
N GLU B 83 -46.36 -10.63 30.78
CA GLU B 83 -47.77 -10.16 30.61
C GLU B 83 -47.81 -8.66 30.35
N GLU B 84 -46.77 -7.95 30.68
CA GLU B 84 -46.76 -6.48 30.42
C GLU B 84 -46.65 -6.23 28.91
N LEU B 85 -45.89 -7.05 28.24
CA LEU B 85 -45.73 -6.89 26.76
C LEU B 85 -47.02 -7.24 26.04
N GLU B 86 -47.69 -8.25 26.49
CA GLU B 86 -48.94 -8.67 25.82
C GLU B 86 -49.96 -7.52 25.89
N GLN B 87 -50.14 -6.95 27.05
CA GLN B 87 -51.11 -5.83 27.18
C GLN B 87 -50.61 -4.57 26.47
N GLU B 88 -49.33 -4.27 26.59
CA GLU B 88 -48.78 -3.05 25.92
C GLU B 88 -48.76 -3.18 24.40
N ILE B 89 -48.40 -4.31 23.89
CA ILE B 89 -48.37 -4.48 22.40
C ILE B 89 -49.79 -4.41 21.86
N ILE B 90 -50.70 -5.10 22.49
CA ILE B 90 -52.12 -5.10 22.04
C ILE B 90 -52.76 -3.74 22.25
N ALA B 91 -52.46 -3.09 23.34
CA ALA B 91 -53.09 -1.76 23.61
C ALA B 91 -52.74 -0.75 22.49
N LEU B 92 -51.50 -0.65 22.13
CA LEU B 92 -51.12 0.34 21.06
C LEU B 92 -51.85 -0.01 19.75
N ILE B 93 -51.86 -1.26 19.37
CA ILE B 93 -52.58 -1.65 18.13
C ILE B 93 -54.05 -1.30 18.29
N LYS B 94 -54.64 -1.70 19.38
CA LYS B 94 -56.08 -1.41 19.60
C LYS B 94 -56.29 0.10 19.85
N ASP B 95 -55.44 0.73 20.61
CA ASP B 95 -55.63 2.19 20.89
C ASP B 95 -55.11 3.07 19.76
N LYS B 96 -53.89 2.86 19.34
CA LYS B 96 -53.32 3.74 18.26
C LYS B 96 -53.57 3.19 16.85
N HIS B 97 -54.17 2.03 16.73
CA HIS B 97 -54.44 1.46 15.38
C HIS B 97 -53.13 1.36 14.58
N MET B 98 -52.09 0.99 15.27
CA MET B 98 -50.74 0.86 14.62
C MET B 98 -50.52 -0.58 14.16
N THR B 99 -49.50 -0.83 13.39
CA THR B 99 -49.23 -2.22 12.91
C THR B 99 -48.53 -3.03 14.01
N ALA B 100 -48.59 -4.34 13.93
CA ALA B 100 -47.93 -5.17 14.96
C ALA B 100 -46.41 -5.05 14.87
N ASP B 101 -45.85 -5.01 13.70
CA ASP B 101 -44.37 -4.88 13.59
C ASP B 101 -43.95 -3.47 14.02
N ALA B 102 -44.75 -2.47 13.76
CA ALA B 102 -44.37 -1.10 14.18
C ALA B 102 -44.71 -0.90 15.67
N ALA B 103 -45.83 -1.42 16.09
CA ALA B 103 -46.22 -1.26 17.52
C ALA B 103 -45.31 -2.12 18.41
N ALA B 104 -45.09 -3.35 18.04
CA ALA B 104 -44.22 -4.23 18.87
C ALA B 104 -42.80 -3.64 18.94
N HIS B 105 -42.32 -3.09 17.87
CA HIS B 105 -40.95 -2.51 17.87
C HIS B 105 -40.85 -1.41 18.93
N GLU B 106 -41.86 -0.61 19.05
CA GLU B 106 -41.82 0.50 20.04
C GLU B 106 -41.74 -0.06 21.47
N VAL B 107 -42.46 -1.11 21.74
CA VAL B 107 -42.45 -1.68 23.12
C VAL B 107 -41.06 -2.20 23.49
N ILE B 108 -40.47 -3.06 22.70
CA ILE B 108 -39.12 -3.58 23.03
C ILE B 108 -38.10 -2.46 22.89
N GLU B 109 -38.23 -1.64 21.88
CA GLU B 109 -37.28 -0.51 21.69
C GLU B 109 -37.46 0.46 22.86
N GLY B 110 -38.68 0.67 23.27
CA GLY B 110 -38.94 1.62 24.38
C GLY B 110 -38.18 1.18 25.64
N GLN B 111 -38.27 -0.08 26.02
CA GLN B 111 -37.53 -0.51 27.23
C GLN B 111 -36.02 -0.45 26.96
N ALA B 112 -35.57 -1.06 25.91
CA ALA B 112 -34.11 -1.01 25.60
C ALA B 112 -33.67 0.45 25.53
N SER B 113 -34.47 1.29 24.95
CA SER B 113 -34.08 2.73 24.86
C SER B 113 -33.88 3.28 26.27
N ALA B 114 -34.73 2.91 27.19
CA ALA B 114 -34.56 3.40 28.59
C ALA B 114 -33.24 2.88 29.15
N LEU B 115 -32.91 1.65 28.86
CA LEU B 115 -31.65 1.09 29.39
C LEU B 115 -30.44 1.87 28.83
N GLU B 116 -30.47 2.24 27.58
CA GLU B 116 -29.31 2.98 27.01
C GLU B 116 -29.12 4.29 27.77
N GLU B 117 -30.18 4.90 28.20
CA GLU B 117 -30.04 6.18 28.96
C GLU B 117 -29.11 5.93 30.15
N LEU B 118 -28.95 4.70 30.56
CA LEU B 118 -28.07 4.40 31.72
C LEU B 118 -26.64 4.80 31.39
N ASP B 119 -25.89 5.23 32.38
CA ASP B 119 -24.48 5.65 32.15
C ASP B 119 -23.53 4.50 32.52
N ASP B 120 -23.87 3.28 32.20
CA ASP B 120 -22.99 2.12 32.54
C ASP B 120 -22.80 1.21 31.32
N GLU B 121 -21.58 0.81 31.07
CA GLU B 121 -21.28 -0.08 29.91
C GLU B 121 -21.83 -1.50 30.16
N TYR B 122 -21.89 -1.90 31.41
CA TYR B 122 -22.41 -3.25 31.75
C TYR B 122 -23.94 -3.31 31.55
N LEU B 123 -24.64 -2.27 31.90
CA LEU B 123 -26.11 -2.28 31.73
C LEU B 123 -26.43 -2.11 30.23
N LYS B 124 -25.62 -1.34 29.55
CA LYS B 124 -25.84 -1.13 28.10
C LYS B 124 -25.74 -2.45 27.32
N GLU B 125 -24.79 -3.29 27.65
CA GLU B 125 -24.68 -4.60 26.90
C GLU B 125 -25.96 -5.40 27.10
N ARG B 126 -26.47 -5.48 28.30
CA ARG B 126 -27.72 -6.26 28.50
C ARG B 126 -28.82 -5.65 27.64
N ALA B 127 -28.82 -4.34 27.51
CA ALA B 127 -29.84 -3.70 26.64
C ALA B 127 -29.67 -4.23 25.22
N ALA B 128 -28.47 -4.66 24.89
CA ALA B 128 -28.23 -5.21 23.52
C ALA B 128 -28.93 -6.56 23.41
N ASP B 129 -28.88 -7.34 24.45
CA ASP B 129 -29.54 -8.68 24.41
C ASP B 129 -31.06 -8.50 24.32
N VAL B 130 -31.59 -7.53 25.03
CA VAL B 130 -33.06 -7.30 24.98
C VAL B 130 -33.43 -6.77 23.59
N ARG B 131 -32.61 -5.90 23.05
CA ARG B 131 -32.89 -5.35 21.69
C ARG B 131 -32.92 -6.50 20.67
N ASP B 132 -32.04 -7.44 20.82
CA ASP B 132 -31.97 -8.58 19.87
C ASP B 132 -33.29 -9.36 19.88
N ILE B 133 -33.87 -9.53 21.03
CA ILE B 133 -35.15 -10.29 21.10
C ILE B 133 -36.22 -9.61 20.23
N GLY B 134 -36.34 -8.31 20.33
CA GLY B 134 -37.37 -7.60 19.51
C GLY B 134 -36.94 -7.58 18.03
N LYS B 135 -35.68 -7.50 17.76
CA LYS B 135 -35.19 -7.46 16.35
C LYS B 135 -35.64 -8.74 15.63
N ARG B 136 -35.42 -9.87 16.23
CA ARG B 136 -35.82 -11.15 15.58
C ARG B 136 -37.34 -11.28 15.55
N LEU B 137 -38.01 -10.71 16.51
CA LEU B 137 -39.49 -10.81 16.54
C LEU B 137 -40.05 -10.21 15.25
N LEU B 138 -39.50 -9.12 14.82
CA LEU B 138 -39.99 -8.50 13.56
C LEU B 138 -39.77 -9.49 12.40
N ARG B 139 -38.67 -10.18 12.40
CA ARG B 139 -38.43 -11.16 11.30
C ARG B 139 -39.44 -12.31 11.44
N ASN B 140 -39.68 -12.73 12.65
CA ASN B 140 -40.64 -13.84 12.91
C ASN B 140 -42.05 -13.48 12.43
N ILE B 141 -42.48 -12.26 12.61
CA ILE B 141 -43.86 -11.91 12.15
C ILE B 141 -43.85 -11.88 10.63
N LEU B 142 -42.83 -11.31 10.05
CA LEU B 142 -42.76 -11.24 8.57
C LEU B 142 -42.47 -12.64 8.03
N GLY B 143 -41.72 -13.44 8.76
CA GLY B 143 -41.50 -14.84 8.35
C GLY B 143 -40.37 -15.09 7.43
N LEU B 144 -39.47 -14.18 7.39
CA LEU B 144 -38.32 -14.35 6.55
C LEU B 144 -37.53 -15.50 7.15
N LYS B 145 -36.92 -16.33 6.31
CA LYS B 145 -36.20 -17.47 6.87
C LYS B 145 -35.25 -16.97 7.94
N ILE B 146 -35.07 -17.76 8.98
CA ILE B 146 -34.18 -17.38 10.06
C ILE B 146 -32.87 -18.08 9.80
N ILE B 147 -31.80 -17.31 9.63
CA ILE B 147 -30.52 -17.99 9.26
C ILE B 147 -29.35 -17.71 10.19
N ASP B 148 -29.45 -17.89 11.49
CA ASP B 148 -28.16 -17.85 12.25
C ASP B 148 -27.51 -19.04 11.56
N LEU B 149 -26.22 -19.20 11.31
CA LEU B 149 -25.95 -20.40 10.48
C LEU B 149 -25.91 -21.65 11.36
N SER B 150 -26.10 -21.52 12.63
CA SER B 150 -26.07 -22.72 13.52
C SER B 150 -27.45 -23.39 13.55
N ALA B 151 -28.47 -22.70 13.10
CA ALA B 151 -29.86 -23.28 13.14
C ALA B 151 -30.11 -24.22 11.95
N ILE B 152 -29.09 -24.85 11.43
CA ILE B 152 -29.32 -25.76 10.27
C ILE B 152 -29.63 -27.18 10.77
N GLN B 153 -30.79 -27.70 10.43
CA GLN B 153 -31.15 -29.09 10.87
C GLN B 153 -30.95 -30.09 9.72
N ASP B 154 -30.77 -29.62 8.51
CA ASP B 154 -30.60 -30.57 7.35
C ASP B 154 -29.33 -30.23 6.55
N GLU B 155 -28.75 -31.22 5.93
CA GLU B 155 -27.51 -30.98 5.13
C GLU B 155 -27.85 -30.06 3.97
N VAL B 156 -27.05 -29.06 3.73
CA VAL B 156 -27.33 -28.12 2.61
C VAL B 156 -26.01 -27.53 2.09
N ILE B 157 -26.03 -26.92 0.94
CA ILE B 157 -24.80 -26.27 0.41
C ILE B 157 -24.90 -24.80 0.86
N LEU B 158 -23.79 -24.17 1.13
CA LEU B 158 -23.85 -22.76 1.61
C LEU B 158 -23.56 -21.79 0.46
N VAL B 159 -24.51 -20.95 0.12
CA VAL B 159 -24.31 -19.97 -0.99
C VAL B 159 -24.50 -18.54 -0.43
N ALA B 160 -23.58 -17.65 -0.69
CA ALA B 160 -23.70 -16.26 -0.16
C ALA B 160 -22.87 -15.32 -1.02
N ALA B 161 -23.14 -14.04 -0.98
CA ALA B 161 -22.30 -13.12 -1.79
C ALA B 161 -20.90 -13.10 -1.18
N ASP B 162 -20.82 -13.16 0.13
CA ASP B 162 -19.49 -13.19 0.81
C ASP B 162 -19.71 -13.51 2.29
N LEU B 163 -18.78 -14.21 2.92
CA LEU B 163 -18.93 -14.58 4.36
C LEU B 163 -17.88 -13.85 5.20
N THR B 164 -18.26 -13.34 6.35
CA THR B 164 -17.28 -12.63 7.23
C THR B 164 -16.71 -13.64 8.25
N PRO B 165 -15.46 -13.51 8.64
CA PRO B 165 -14.84 -14.43 9.63
C PRO B 165 -15.80 -14.82 10.77
N SER B 166 -16.62 -13.91 11.20
CA SER B 166 -17.56 -14.21 12.31
C SER B 166 -18.48 -15.37 11.93
N GLU B 167 -18.94 -15.39 10.71
CA GLU B 167 -19.86 -16.49 10.30
C GLU B 167 -19.10 -17.82 10.25
N THR B 168 -17.90 -17.81 9.74
CA THR B 168 -17.13 -19.09 9.63
C THR B 168 -17.00 -19.80 10.97
N ALA B 169 -16.97 -19.09 12.06
CA ALA B 169 -16.85 -19.77 13.39
C ALA B 169 -18.16 -20.44 13.77
N GLN B 170 -19.24 -19.70 13.74
CA GLN B 170 -20.56 -20.29 14.11
C GLN B 170 -21.15 -20.98 12.89
N LEU B 171 -20.33 -21.60 12.10
CA LEU B 171 -20.81 -22.31 10.87
C LEU B 171 -20.79 -23.83 11.12
N ASN B 172 -21.81 -24.53 10.68
CA ASN B 172 -21.84 -26.01 10.87
C ASN B 172 -21.06 -26.70 9.73
N LEU B 173 -19.85 -27.13 10.00
CA LEU B 173 -19.04 -27.80 8.94
C LEU B 173 -19.69 -29.12 8.51
N LYS B 174 -20.21 -29.88 9.43
CA LYS B 174 -20.81 -31.20 9.07
C LYS B 174 -22.10 -31.04 8.28
N LYS B 175 -22.85 -29.99 8.49
CA LYS B 175 -24.14 -29.85 7.75
C LYS B 175 -23.95 -29.05 6.47
N VAL B 176 -22.78 -28.48 6.28
CA VAL B 176 -22.50 -27.73 5.01
C VAL B 176 -21.66 -28.64 4.12
N LEU B 177 -22.19 -29.05 3.01
CA LEU B 177 -21.43 -29.98 2.11
C LEU B 177 -20.51 -29.20 1.19
N GLY B 178 -20.39 -27.92 1.37
CA GLY B 178 -19.49 -27.13 0.50
C GLY B 178 -19.73 -25.66 0.72
N PHE B 179 -18.94 -24.82 0.11
CA PHE B 179 -19.12 -23.35 0.27
C PHE B 179 -19.04 -22.70 -1.11
N ILE B 180 -19.99 -21.87 -1.44
CA ILE B 180 -19.97 -21.18 -2.76
C ILE B 180 -20.25 -19.69 -2.55
N THR B 181 -19.39 -18.84 -3.04
CA THR B 181 -19.61 -17.38 -2.86
C THR B 181 -19.01 -16.59 -4.02
N ASP B 182 -19.44 -15.36 -4.17
CA ASP B 182 -18.95 -14.49 -5.27
C ASP B 182 -17.94 -13.46 -4.71
N ALA B 183 -17.31 -13.75 -3.59
CA ALA B 183 -16.34 -12.78 -3.01
C ALA B 183 -15.26 -12.37 -4.02
N GLY B 184 -14.19 -11.78 -3.54
CA GLY B 184 -13.09 -11.33 -4.44
C GLY B 184 -12.27 -12.53 -4.93
N GLY B 185 -11.79 -13.36 -4.05
CA GLY B 185 -10.99 -14.53 -4.51
C GLY B 185 -10.34 -15.25 -3.32
N ARG B 186 -9.15 -15.75 -3.51
CA ARG B 186 -8.45 -16.48 -2.41
C ARG B 186 -8.14 -15.50 -1.28
N THR B 187 -8.01 -14.24 -1.59
CA THR B 187 -7.68 -13.26 -0.52
C THR B 187 -8.84 -13.20 0.48
N SER B 188 -9.84 -14.00 0.29
CA SER B 188 -11.01 -14.00 1.23
C SER B 188 -10.80 -15.04 2.34
N HIS B 189 -11.00 -14.64 3.58
CA HIS B 189 -10.80 -15.57 4.74
C HIS B 189 -11.48 -16.92 4.48
N THR B 190 -12.75 -16.91 4.19
CA THR B 190 -13.47 -18.20 3.97
C THR B 190 -12.79 -19.03 2.87
N SER B 191 -12.24 -18.39 1.87
CA SER B 191 -11.58 -19.18 0.77
C SER B 191 -10.42 -20.02 1.33
N ILE B 192 -9.66 -19.48 2.24
CA ILE B 192 -8.53 -20.25 2.82
C ILE B 192 -9.08 -21.48 3.56
N MET B 193 -10.19 -21.34 4.21
CA MET B 193 -10.77 -22.50 4.96
C MET B 193 -11.08 -23.65 4.00
N ALA B 194 -11.60 -23.38 2.85
CA ALA B 194 -11.91 -24.48 1.89
C ALA B 194 -10.61 -25.24 1.60
N ARG B 195 -9.54 -24.53 1.41
CA ARG B 195 -8.25 -25.21 1.12
C ARG B 195 -7.87 -26.11 2.30
N SER B 196 -7.75 -25.55 3.46
CA SER B 196 -7.37 -26.34 4.67
C SER B 196 -8.42 -27.41 5.00
N LEU B 197 -9.68 -27.09 4.88
CA LEU B 197 -10.73 -28.10 5.21
C LEU B 197 -10.74 -29.20 4.15
N GLU B 198 -10.25 -28.89 2.98
CA GLU B 198 -10.23 -29.88 1.87
C GLU B 198 -11.66 -30.25 1.46
N LEU B 199 -12.48 -29.26 1.24
CA LEU B 199 -13.90 -29.51 0.81
C LEU B 199 -14.15 -28.70 -0.49
N PRO B 200 -14.92 -29.21 -1.43
CA PRO B 200 -15.19 -28.48 -2.71
C PRO B 200 -15.85 -27.12 -2.47
N ALA B 201 -15.43 -26.09 -3.17
CA ALA B 201 -16.05 -24.74 -2.96
C ALA B 201 -15.58 -23.73 -4.02
N ILE B 202 -16.42 -22.76 -4.32
CA ILE B 202 -16.07 -21.68 -5.31
C ILE B 202 -16.21 -20.34 -4.59
N VAL B 203 -15.42 -19.35 -4.95
CA VAL B 203 -15.52 -18.02 -4.29
C VAL B 203 -15.63 -16.90 -5.33
N GLY B 204 -15.44 -17.21 -6.59
CA GLY B 204 -15.51 -16.17 -7.67
C GLY B 204 -16.72 -16.42 -8.57
N THR B 205 -17.73 -17.09 -8.09
CA THR B 205 -18.93 -17.35 -8.94
C THR B 205 -19.33 -16.09 -9.70
N GLY B 206 -19.33 -14.96 -9.02
CA GLY B 206 -19.69 -13.68 -9.70
C GLY B 206 -21.19 -13.35 -9.51
N SER B 207 -22.07 -14.27 -9.79
CA SER B 207 -23.53 -13.96 -9.63
C SER B 207 -24.36 -15.24 -9.54
N VAL B 208 -23.89 -16.23 -8.85
CA VAL B 208 -24.69 -17.48 -8.72
C VAL B 208 -25.83 -17.27 -7.71
N THR B 209 -25.55 -16.61 -6.62
CA THR B 209 -26.61 -16.40 -5.58
C THR B 209 -27.83 -15.70 -6.18
N SER B 210 -27.64 -14.88 -7.18
CA SER B 210 -28.80 -14.17 -7.79
C SER B 210 -29.55 -15.14 -8.70
N GLN B 211 -28.95 -16.26 -9.00
CA GLN B 211 -29.61 -17.26 -9.89
C GLN B 211 -30.16 -18.41 -9.05
N VAL B 212 -29.77 -18.49 -7.80
CA VAL B 212 -30.24 -19.61 -6.92
C VAL B 212 -31.22 -19.12 -5.85
N LYS B 213 -32.22 -19.91 -5.58
CA LYS B 213 -33.22 -19.58 -4.51
C LYS B 213 -32.98 -20.59 -3.39
N ASN B 214 -33.33 -20.31 -2.18
CA ASN B 214 -33.09 -21.33 -1.13
C ASN B 214 -33.87 -22.59 -1.47
N ASP B 215 -33.39 -23.73 -1.02
CA ASP B 215 -34.07 -25.05 -1.28
C ASP B 215 -33.86 -25.50 -2.73
N ASP B 216 -32.99 -24.85 -3.46
CA ASP B 216 -32.75 -25.29 -4.86
C ASP B 216 -31.79 -26.49 -4.82
N TYR B 217 -31.96 -27.44 -5.68
CA TYR B 217 -31.04 -28.61 -5.70
C TYR B 217 -29.92 -28.31 -6.67
N LEU B 218 -28.68 -28.34 -6.22
CA LEU B 218 -27.54 -28.01 -7.13
C LEU B 218 -26.47 -29.09 -7.04
N ILE B 219 -25.77 -29.34 -8.12
CA ILE B 219 -24.65 -30.34 -8.09
C ILE B 219 -23.37 -29.55 -8.39
N LEU B 220 -22.38 -29.65 -7.56
CA LEU B 220 -21.11 -28.89 -7.78
C LEU B 220 -20.07 -29.80 -8.42
N ASP B 221 -19.64 -29.48 -9.61
CA ASP B 221 -18.62 -30.32 -10.29
C ASP B 221 -17.26 -30.05 -9.64
N ALA B 222 -16.95 -28.80 -9.42
CA ALA B 222 -15.62 -28.47 -8.81
C ALA B 222 -14.53 -29.22 -9.57
N VAL B 223 -14.86 -29.73 -10.73
CA VAL B 223 -13.86 -30.45 -11.58
C VAL B 223 -13.94 -29.85 -12.98
N ASN B 224 -15.14 -29.70 -13.48
CA ASN B 224 -15.33 -29.06 -14.82
C ASN B 224 -15.66 -27.59 -14.55
N ASN B 225 -15.70 -27.24 -13.30
CA ASN B 225 -16.02 -25.84 -12.91
C ASN B 225 -17.41 -25.47 -13.42
N GLN B 226 -18.38 -26.33 -13.21
CA GLN B 226 -19.77 -26.04 -13.68
C GLN B 226 -20.78 -26.38 -12.58
N VAL B 227 -21.93 -25.76 -12.61
CA VAL B 227 -22.99 -26.04 -11.59
C VAL B 227 -24.27 -26.44 -12.33
N TYR B 228 -24.87 -27.54 -11.94
CA TYR B 228 -26.13 -27.99 -12.62
C TYR B 228 -27.33 -27.66 -11.73
N VAL B 229 -28.26 -26.90 -12.26
CA VAL B 229 -29.46 -26.49 -11.47
C VAL B 229 -30.68 -27.36 -11.85
N ASN B 230 -31.17 -28.16 -10.93
CA ASN B 230 -32.35 -29.01 -11.23
C ASN B 230 -32.12 -29.86 -12.49
N PRO B 231 -30.95 -30.41 -12.64
CA PRO B 231 -30.58 -31.22 -13.85
C PRO B 231 -31.29 -32.57 -13.96
N THR B 232 -31.04 -33.21 -15.08
CA THR B 232 -31.59 -34.55 -15.33
C THR B 232 -30.75 -35.54 -14.51
N ASN B 233 -31.22 -36.73 -14.31
CA ASN B 233 -30.42 -37.70 -13.51
C ASN B 233 -29.12 -38.03 -14.28
N GLU B 234 -29.13 -37.82 -15.56
CA GLU B 234 -27.92 -38.10 -16.39
C GLU B 234 -26.74 -37.26 -15.88
N VAL B 235 -26.94 -35.98 -15.72
CA VAL B 235 -25.84 -35.09 -15.23
C VAL B 235 -25.42 -35.51 -13.82
N ILE B 236 -26.36 -35.75 -12.96
CA ILE B 236 -26.02 -36.19 -11.63
C ILE B 236 -25.09 -37.40 -11.66
N ASP B 237 -25.45 -38.39 -12.49
CA ASP B 237 -24.70 -39.62 -12.61
C ASP B 237 -23.29 -39.37 -13.12
N LYS B 238 -23.17 -38.58 -14.18
CA LYS B 238 -21.86 -38.16 -14.64
C LYS B 238 -21.11 -37.56 -13.49
N MET B 239 -21.78 -36.68 -12.73
CA MET B 239 -21.16 -35.99 -11.61
C MET B 239 -20.88 -36.93 -10.44
N ARG B 240 -21.61 -38.02 -10.39
CA ARG B 240 -21.31 -39.02 -9.40
C ARG B 240 -20.07 -39.82 -9.83
N ALA B 241 -19.88 -40.00 -11.13
CA ALA B 241 -18.66 -40.66 -11.59
C ALA B 241 -17.47 -39.73 -11.31
N VAL B 242 -17.70 -38.43 -11.41
CA VAL B 242 -16.62 -37.52 -11.18
C VAL B 242 -16.29 -37.54 -9.69
N GLN B 243 -17.32 -37.60 -8.87
CA GLN B 243 -17.10 -37.65 -7.43
C GLN B 243 -16.27 -38.84 -6.99
N GLU B 244 -16.51 -39.96 -7.66
CA GLU B 244 -15.88 -41.24 -7.39
C GLU B 244 -14.43 -41.24 -7.87
N GLN B 245 -14.19 -40.52 -8.96
CA GLN B 245 -12.88 -40.47 -9.57
C GLN B 245 -11.99 -39.67 -8.64
N VAL B 246 -12.59 -38.69 -7.99
CA VAL B 246 -11.89 -37.90 -7.02
C VAL B 246 -11.42 -38.80 -5.88
N ALA B 247 -12.32 -39.66 -5.39
CA ALA B 247 -11.96 -40.63 -4.35
C ALA B 247 -10.83 -41.58 -4.73
N SER B 248 -10.86 -42.09 -5.97
CA SER B 248 -9.75 -42.95 -6.43
C SER B 248 -8.38 -42.29 -6.32
N GLU B 249 -8.32 -41.03 -6.69
CA GLU B 249 -7.09 -40.27 -6.58
C GLU B 249 -6.63 -40.18 -5.12
N LYS B 250 -7.53 -39.81 -4.23
CA LYS B 250 -7.21 -39.77 -2.83
C LYS B 250 -6.54 -41.06 -2.46
N ALA B 251 -7.12 -42.17 -2.92
CA ALA B 251 -6.60 -43.49 -2.58
C ALA B 251 -5.18 -43.68 -3.13
N GLU B 252 -4.99 -43.46 -4.41
CA GLU B 252 -3.64 -43.56 -4.99
C GLU B 252 -2.63 -42.64 -4.30
N LEU B 253 -3.06 -41.40 -3.96
CA LEU B 253 -2.21 -40.36 -3.36
C LEU B 253 -1.93 -40.62 -1.91
N ALA B 254 -2.81 -41.35 -1.25
CA ALA B 254 -2.63 -41.73 0.16
C ALA B 254 -1.49 -42.68 0.34
N LYS B 255 -0.99 -43.23 -0.77
CA LYS B 255 0.20 -44.17 -0.63
C LYS B 255 1.44 -43.51 0.10
N LEU B 256 2.09 -44.27 1.06
CA LEU B 256 3.30 -43.77 1.81
C LEU B 256 4.51 -44.76 1.76
N LYS B 257 5.75 -44.23 1.58
CA LYS B 257 6.99 -45.07 1.50
C LYS B 257 8.21 -44.47 2.26
N ASP B 258 9.09 -45.37 2.75
CA ASP B 258 10.32 -45.01 3.50
C ASP B 258 11.40 -44.53 2.52
N LEU B 259 12.64 -44.25 2.97
CA LEU B 259 13.61 -43.70 2.02
C LEU B 259 12.92 -42.54 1.34
N PRO B 260 12.62 -41.52 2.12
CA PRO B 260 11.82 -40.32 1.69
C PRO B 260 12.16 -39.76 0.32
N ALA B 261 11.77 -38.51 0.12
CA ALA B 261 11.94 -37.85 -1.17
C ALA B 261 13.33 -38.08 -1.75
N ILE B 262 13.47 -39.22 -2.41
CA ILE B 262 14.71 -39.58 -3.13
C ILE B 262 14.40 -39.81 -4.60
N THR B 263 15.11 -39.09 -5.46
CA THR B 263 15.07 -39.34 -6.87
C THR B 263 15.50 -40.79 -7.18
N LEU B 264 15.06 -41.27 -8.34
CA LEU B 264 15.50 -42.55 -8.90
C LEU B 264 16.99 -42.80 -8.72
N ASP B 265 17.80 -41.80 -9.00
CA ASP B 265 19.25 -41.92 -8.93
C ASP B 265 19.86 -41.54 -7.58
N GLY B 266 19.08 -41.55 -6.51
CA GLY B 266 19.66 -41.44 -5.15
C GLY B 266 19.83 -40.09 -4.46
N HIS B 267 19.21 -39.05 -4.99
CA HIS B 267 19.39 -37.70 -4.44
C HIS B 267 18.24 -37.46 -3.50
N GLN B 268 18.57 -37.14 -2.25
CA GLN B 268 17.56 -36.89 -1.24
C GLN B 268 17.37 -35.42 -0.89
N VAL B 269 16.11 -35.04 -0.67
CA VAL B 269 15.80 -33.70 -0.14
C VAL B 269 14.82 -33.83 1.03
N GLU B 270 14.73 -32.83 1.88
CA GLU B 270 13.70 -32.86 2.86
C GLU B 270 12.43 -32.26 2.24
N VAL B 271 11.30 -32.68 2.78
CA VAL B 271 10.03 -32.23 2.29
C VAL B 271 9.17 -32.12 3.54
N CYS B 272 8.74 -30.90 3.85
CA CYS B 272 8.16 -30.64 5.15
C CYS B 272 6.96 -29.80 4.99
N ALA B 273 6.24 -29.64 6.10
CA ALA B 273 5.05 -28.83 6.09
C ALA B 273 5.36 -27.44 6.62
N ASN B 274 4.74 -26.44 6.00
CA ASN B 274 4.63 -25.15 6.61
C ASN B 274 3.46 -25.27 7.52
N ILE B 275 3.54 -24.75 8.74
CA ILE B 275 2.36 -24.77 9.65
C ILE B 275 2.09 -23.41 10.28
N GLY B 276 0.90 -23.33 10.89
CA GLY B 276 0.47 -22.15 11.58
C GLY B 276 0.19 -22.36 13.05
N THR B 277 0.01 -23.61 13.48
CA THR B 277 -0.70 -23.96 14.72
C THR B 277 -0.50 -25.44 14.95
N VAL B 278 -0.20 -25.91 16.18
CA VAL B 278 -0.22 -27.38 16.47
C VAL B 278 -1.22 -28.16 15.63
N ARG B 279 -2.40 -27.56 15.42
CA ARG B 279 -3.46 -28.22 14.69
C ARG B 279 -3.06 -28.60 13.26
N ASP B 280 -1.99 -28.01 12.76
CA ASP B 280 -1.56 -28.25 11.41
C ASP B 280 -0.62 -29.46 11.38
N VAL B 281 -0.14 -29.86 12.56
CA VAL B 281 0.78 -30.97 12.67
C VAL B 281 0.07 -32.25 12.21
N GLU B 282 -1.22 -32.26 12.44
CA GLU B 282 -2.01 -33.39 12.09
C GLU B 282 -1.94 -33.59 10.57
N GLY B 283 -2.38 -32.59 9.80
CA GLY B 283 -2.21 -32.60 8.33
C GLY B 283 -0.80 -32.93 7.88
N ALA B 284 0.20 -32.46 8.60
CA ALA B 284 1.58 -32.71 8.21
C ALA B 284 1.94 -34.19 8.32
N GLU B 285 1.49 -34.81 9.42
CA GLU B 285 1.80 -36.20 9.66
C GLU B 285 0.99 -37.00 8.66
N ARG B 286 -0.23 -36.53 8.42
CA ARG B 286 -1.15 -37.19 7.50
C ARG B 286 -0.57 -37.30 6.08
N ASN B 287 0.17 -36.28 5.67
CA ASN B 287 0.65 -36.12 4.33
C ASN B 287 2.11 -36.44 4.17
N GLY B 288 2.69 -37.00 5.22
CA GLY B 288 4.00 -37.62 5.08
C GLY B 288 5.16 -36.67 5.23
N ALA B 289 4.90 -35.52 5.84
CA ALA B 289 5.90 -34.50 6.13
C ALA B 289 7.03 -35.10 6.92
N GLU B 290 8.27 -34.75 6.61
CA GLU B 290 9.42 -35.25 7.38
C GLU B 290 9.84 -34.28 8.49
N GLY B 291 9.11 -33.19 8.66
CA GLY B 291 9.37 -32.20 9.71
C GLY B 291 8.63 -30.95 9.30
N VAL B 292 8.83 -29.86 10.03
CA VAL B 292 8.19 -28.60 9.73
C VAL B 292 9.24 -27.61 9.25
N GLY B 293 8.99 -27.02 8.09
CA GLY B 293 9.99 -26.20 7.43
C GLY B 293 9.73 -24.74 7.73
N LEU B 294 8.55 -24.43 8.23
CA LEU B 294 8.24 -23.05 8.55
C LEU B 294 7.04 -23.02 9.45
N TYR B 295 7.23 -22.46 10.64
CA TYR B 295 6.21 -22.34 11.62
C TYR B 295 6.02 -20.86 11.65
N ARG B 296 5.03 -20.42 10.88
CA ARG B 296 4.62 -19.02 10.80
C ARG B 296 4.04 -18.66 12.15
N THR B 297 4.83 -18.05 13.01
CA THR B 297 4.34 -17.78 14.36
C THR B 297 3.25 -16.70 14.41
N GLU B 298 3.15 -15.84 13.38
CA GLU B 298 2.07 -14.85 13.29
C GLU B 298 0.75 -15.52 13.51
N PHE B 299 0.61 -16.69 12.91
CA PHE B 299 -0.66 -17.37 12.82
C PHE B 299 -1.10 -17.74 14.22
N LEU B 300 -0.13 -18.08 15.06
CA LEU B 300 -0.44 -18.33 16.43
C LEU B 300 -0.92 -17.04 17.08
N PHE B 301 -0.42 -15.91 16.63
CA PHE B 301 -0.77 -14.62 17.20
C PHE B 301 -2.16 -14.21 16.75
N MET B 302 -2.58 -14.71 15.60
CA MET B 302 -3.94 -14.41 15.12
C MET B 302 -4.89 -15.51 15.56
N ASP B 303 -4.38 -16.42 16.36
CA ASP B 303 -5.20 -17.46 16.94
C ASP B 303 -5.75 -17.03 18.31
N ARG B 304 -5.48 -15.77 18.68
CA ARG B 304 -5.74 -15.18 20.02
C ARG B 304 -6.25 -13.74 19.90
N ASP B 305 -6.92 -13.18 20.95
CA ASP B 305 -7.28 -11.75 20.89
C ASP B 305 -6.41 -10.84 21.76
N ALA B 306 -5.21 -11.31 22.07
CA ALA B 306 -4.21 -10.52 22.80
C ALA B 306 -2.86 -10.98 22.35
N LEU B 307 -1.85 -10.13 22.55
CA LEU B 307 -0.46 -10.51 22.24
C LEU B 307 -0.01 -11.61 23.20
N PRO B 308 0.47 -12.75 22.66
CA PRO B 308 0.85 -13.85 23.56
C PRO B 308 2.17 -13.61 24.26
N THR B 309 2.17 -13.74 25.57
CA THR B 309 3.31 -13.42 26.39
C THR B 309 4.41 -14.42 26.18
N GLU B 310 5.53 -14.20 26.84
CA GLU B 310 6.56 -15.19 26.76
C GLU B 310 5.99 -16.57 27.09
N GLU B 311 5.26 -16.63 28.19
CA GLU B 311 4.77 -17.91 28.72
C GLU B 311 3.77 -18.58 27.74
N GLU B 312 2.87 -17.78 27.16
CA GLU B 312 1.88 -18.36 26.26
C GLU B 312 2.58 -18.87 25.02
N GLN B 313 3.62 -18.16 24.61
CA GLN B 313 4.33 -18.52 23.40
C GLN B 313 5.10 -19.80 23.65
N PHE B 314 5.79 -19.81 24.78
CA PHE B 314 6.54 -20.95 25.17
C PHE B 314 5.66 -22.19 25.11
N ALA B 315 4.43 -22.09 25.65
CA ALA B 315 3.56 -23.24 25.79
C ALA B 315 3.17 -23.73 24.42
N ALA B 316 2.83 -22.77 23.58
CA ALA B 316 2.40 -22.99 22.23
C ALA B 316 3.52 -23.66 21.46
N TYR B 317 4.74 -23.14 21.61
CA TYR B 317 5.92 -23.71 20.95
C TYR B 317 6.22 -25.10 21.44
N LYS B 318 6.10 -25.29 22.76
CA LYS B 318 6.37 -26.57 23.45
C LYS B 318 5.42 -27.58 22.87
N ALA B 319 4.13 -27.24 22.84
CA ALA B 319 3.16 -28.16 22.28
C ALA B 319 3.59 -28.59 20.88
N VAL B 320 3.97 -27.63 20.03
CA VAL B 320 4.27 -27.94 18.65
C VAL B 320 5.46 -28.89 18.67
N ALA B 321 6.51 -28.49 19.38
CA ALA B 321 7.74 -29.26 19.44
C ALA B 321 7.45 -30.69 19.82
N GLU B 322 6.43 -30.85 20.63
CA GLU B 322 6.10 -32.15 21.14
C GLU B 322 5.14 -32.86 20.21
N ALA B 323 4.22 -32.14 19.61
CA ALA B 323 3.34 -32.75 18.63
C ALA B 323 4.11 -33.15 17.41
N CYS B 324 5.36 -32.71 17.32
CA CYS B 324 6.17 -33.13 16.21
C CYS B 324 7.09 -34.28 16.50
N GLY B 325 7.09 -34.77 17.73
CA GLY B 325 7.87 -35.94 18.08
C GLY B 325 9.34 -35.73 17.83
N SER B 326 9.92 -36.60 17.03
CA SER B 326 11.34 -36.57 16.78
C SER B 326 11.67 -35.44 15.84
N GLN B 327 10.65 -34.95 15.12
CA GLN B 327 10.88 -34.04 13.99
C GLN B 327 11.26 -32.60 14.36
N ALA B 328 12.01 -31.99 13.47
CA ALA B 328 12.53 -30.63 13.63
C ALA B 328 11.49 -29.61 13.19
N VAL B 329 11.28 -28.56 13.97
CA VAL B 329 10.42 -27.47 13.54
C VAL B 329 11.25 -26.20 13.30
N ILE B 330 11.05 -25.55 12.17
CA ILE B 330 11.72 -24.28 11.92
C ILE B 330 10.74 -23.18 12.31
N VAL B 331 10.96 -22.63 13.50
CA VAL B 331 10.09 -21.66 14.09
C VAL B 331 10.54 -20.32 13.55
N ARG B 332 9.69 -19.66 12.77
CA ARG B 332 10.07 -18.34 12.27
C ARG B 332 9.56 -17.34 13.26
N THR B 333 10.41 -16.40 13.60
CA THR B 333 9.95 -15.29 14.43
C THR B 333 8.95 -14.52 13.59
N MET B 334 8.20 -13.71 14.30
CA MET B 334 6.91 -13.20 13.87
C MET B 334 6.97 -12.27 12.67
N ASP B 335 6.01 -12.45 11.75
CA ASP B 335 5.95 -11.66 10.56
C ASP B 335 4.57 -11.05 10.40
N ILE B 336 4.38 -9.94 11.09
CA ILE B 336 3.21 -9.15 10.97
C ILE B 336 3.50 -7.95 10.08
N GLY B 337 2.52 -7.53 9.27
CA GLY B 337 2.58 -6.21 8.69
C GLY B 337 2.58 -6.00 7.18
N GLY B 338 2.28 -7.04 6.42
CA GLY B 338 2.06 -6.77 5.02
C GLY B 338 0.58 -6.96 4.92
N ASP B 339 0.16 -7.99 4.22
CA ASP B 339 -1.24 -8.35 4.29
C ASP B 339 -1.57 -9.07 5.59
N LYS B 340 -0.63 -9.24 6.51
CA LYS B 340 -1.00 -9.83 7.80
C LYS B 340 -0.86 -8.92 9.03
N GLU B 341 -1.90 -8.14 9.21
CA GLU B 341 -1.97 -7.37 10.38
C GLU B 341 -2.57 -8.23 11.47
N LEU B 342 -2.22 -7.96 12.72
CA LEU B 342 -3.10 -8.34 13.80
C LEU B 342 -3.77 -7.12 14.41
N PRO B 343 -5.07 -6.99 14.13
CA PRO B 343 -5.95 -5.91 14.55
C PRO B 343 -5.71 -5.54 16.01
N TYR B 344 -5.59 -6.52 16.90
CA TYR B 344 -5.34 -6.17 18.31
C TYR B 344 -4.11 -5.30 18.59
N MET B 345 -3.24 -5.16 17.59
CA MET B 345 -2.04 -4.33 17.79
C MET B 345 -2.32 -2.89 17.49
N ASN B 346 -3.40 -2.65 16.76
CA ASN B 346 -3.79 -1.28 16.39
C ASN B 346 -2.67 -0.47 15.76
N PHE B 347 -1.75 -1.14 15.08
CA PHE B 347 -0.70 -0.41 14.40
C PHE B 347 -1.33 0.59 13.47
N PRO B 348 -0.61 1.68 13.17
CA PRO B 348 -1.14 2.65 12.21
C PRO B 348 -1.08 2.15 10.77
N LYS B 349 -1.91 2.74 9.91
CA LYS B 349 -1.93 2.38 8.50
C LYS B 349 -0.68 2.83 7.80
N GLU B 350 -0.36 2.11 6.72
CA GLU B 350 0.76 2.42 5.84
C GLU B 350 0.34 2.48 4.38
N GLU B 351 1.02 3.32 3.64
CA GLU B 351 0.74 3.47 2.25
C GLU B 351 1.06 2.18 1.47
N ASN B 352 2.11 1.47 1.87
CA ASN B 352 2.43 0.17 1.24
C ASN B 352 2.81 -0.82 2.32
N PRO B 353 1.81 -1.50 2.89
CA PRO B 353 2.17 -2.36 3.99
C PRO B 353 3.28 -3.31 3.59
N PHE B 354 3.24 -3.83 2.38
CA PHE B 354 4.22 -4.83 1.98
C PHE B 354 5.64 -4.33 1.81
N LEU B 355 5.78 -3.02 1.69
CA LEU B 355 7.07 -2.35 1.77
C LEU B 355 7.20 -1.53 3.05
N GLY B 356 6.53 -1.97 4.10
CA GLY B 356 6.46 -1.15 5.31
C GLY B 356 7.11 -1.79 6.51
N TRP B 357 6.49 -1.54 7.65
CA TRP B 357 7.04 -1.80 8.95
C TRP B 357 6.61 -3.19 9.36
N ARG B 358 7.33 -4.13 8.80
CA ARG B 358 6.91 -5.52 8.75
C ARG B 358 7.90 -6.44 9.50
N ALA B 359 7.33 -7.41 10.25
CA ALA B 359 8.10 -8.54 10.77
C ALA B 359 9.16 -8.04 11.68
N ILE B 360 10.39 -8.24 11.25
CA ILE B 360 11.58 -7.95 12.07
C ILE B 360 11.79 -6.45 12.35
N ARG B 361 11.17 -5.66 11.51
CA ARG B 361 11.28 -4.26 11.63
C ARG B 361 10.53 -3.79 12.85
N ILE B 362 9.53 -4.58 13.24
CA ILE B 362 8.73 -4.30 14.45
C ILE B 362 9.46 -4.84 15.69
N ALA B 363 9.86 -6.10 15.62
CA ALA B 363 10.43 -6.70 16.78
C ALA B 363 11.71 -5.94 17.18
N MET B 364 12.37 -5.33 16.20
CA MET B 364 13.53 -4.48 16.50
C MET B 364 13.17 -3.08 16.96
N ASP B 365 11.95 -2.65 16.71
CA ASP B 365 11.58 -1.35 17.24
C ASP B 365 10.83 -1.51 18.53
N ARG B 366 10.58 -2.74 18.92
CA ARG B 366 9.90 -2.98 20.16
C ARG B 366 10.44 -4.24 20.72
N ARG B 367 11.58 -4.15 21.39
CA ARG B 367 12.29 -5.31 21.88
C ARG B 367 11.46 -6.27 22.73
N GLU B 368 10.58 -5.76 23.59
CA GLU B 368 9.75 -6.67 24.38
C GLU B 368 9.18 -7.82 23.47
N ILE B 369 8.91 -7.53 22.20
CA ILE B 369 8.25 -8.49 21.28
C ILE B 369 9.27 -9.54 20.82
N LEU B 370 10.36 -9.05 20.25
CA LEU B 370 11.45 -9.86 19.91
C LEU B 370 11.93 -10.69 21.13
N ARG B 371 12.05 -10.06 22.30
CA ARG B 371 12.61 -10.73 23.46
C ARG B 371 11.73 -11.87 24.01
N ASP B 372 10.45 -11.56 24.25
CA ASP B 372 9.50 -12.52 24.73
C ASP B 372 9.59 -13.67 23.80
N GLN B 373 9.50 -13.39 22.51
CA GLN B 373 9.42 -14.48 21.54
C GLN B 373 10.68 -15.32 21.52
N LEU B 374 11.83 -14.71 21.32
CA LEU B 374 13.05 -15.50 21.25
C LEU B 374 13.30 -16.27 22.53
N ARG B 375 13.15 -15.60 23.67
CA ARG B 375 13.06 -16.26 24.96
C ARG B 375 12.18 -17.54 24.92
N ALA B 376 10.90 -17.37 24.56
CA ALA B 376 9.99 -18.49 24.43
C ALA B 376 10.50 -19.58 23.50
N ILE B 377 11.01 -19.24 22.32
CA ILE B 377 11.49 -20.27 21.40
C ILE B 377 12.61 -21.03 22.08
N LEU B 378 13.63 -20.31 22.53
CA LEU B 378 14.76 -20.97 23.15
C LEU B 378 14.27 -21.93 24.22
N ARG B 379 13.41 -21.44 25.09
CA ARG B 379 13.02 -22.25 26.20
C ARG B 379 12.30 -23.47 25.68
N ALA B 380 11.47 -23.30 24.63
CA ALA B 380 10.75 -24.44 24.05
C ALA B 380 11.71 -25.46 23.43
N SER B 381 12.91 -25.03 23.03
CA SER B 381 13.87 -25.92 22.42
C SER B 381 14.41 -26.92 23.41
N ALA B 382 14.06 -26.76 24.68
CA ALA B 382 14.46 -27.75 25.66
C ALA B 382 13.58 -28.96 25.53
N PHE B 383 12.64 -28.93 24.58
CA PHE B 383 11.59 -29.95 24.53
C PHE B 383 11.40 -30.64 23.21
N GLY B 384 12.24 -30.30 22.22
CA GLY B 384 12.14 -30.92 20.92
C GLY B 384 13.03 -30.17 20.01
N LYS B 385 13.42 -30.76 18.87
CA LYS B 385 14.32 -30.06 17.94
C LYS B 385 13.64 -28.84 17.31
N LEU B 386 14.08 -27.66 17.68
CA LEU B 386 13.60 -26.43 17.07
C LEU B 386 14.75 -25.71 16.41
N ARG B 387 14.45 -25.01 15.32
CA ARG B 387 15.35 -24.02 14.75
C ARG B 387 14.68 -22.65 14.82
N ILE B 388 15.49 -21.58 14.82
CA ILE B 388 15.00 -20.20 14.77
C ILE B 388 15.30 -19.64 13.40
N MET B 389 14.32 -18.95 12.83
CA MET B 389 14.55 -18.35 11.55
C MET B 389 13.89 -17.02 11.60
N PHE B 390 14.47 -16.06 10.91
CA PHE B 390 14.01 -14.67 10.85
C PHE B 390 13.45 -14.30 9.50
N PRO B 391 12.31 -13.61 9.49
CA PRO B 391 11.64 -13.10 8.29
C PRO B 391 12.14 -11.74 7.84
N MET B 392 11.94 -11.38 6.56
CA MET B 392 12.20 -10.02 6.06
C MET B 392 13.59 -9.46 6.24
N ILE B 393 14.57 -10.33 6.36
CA ILE B 393 15.96 -9.93 6.42
C ILE B 393 16.43 -9.24 5.14
N ILE B 394 17.16 -8.14 5.33
CA ILE B 394 17.55 -7.29 4.23
C ILE B 394 19.03 -6.96 4.17
N SER B 395 19.72 -7.16 5.30
CA SER B 395 21.10 -6.75 5.42
C SER B 395 21.88 -7.67 6.35
N VAL B 396 23.20 -7.69 6.24
CA VAL B 396 23.99 -8.35 7.24
C VAL B 396 23.84 -7.61 8.56
N GLU B 397 23.74 -6.28 8.51
CA GLU B 397 23.48 -5.52 9.74
C GLU B 397 22.37 -6.15 10.61
N GLU B 398 21.19 -6.33 9.99
CA GLU B 398 20.04 -6.91 10.71
C GLU B 398 20.38 -8.24 11.39
N VAL B 399 20.94 -9.17 10.64
CA VAL B 399 21.29 -10.49 11.23
C VAL B 399 22.23 -10.42 12.45
N ARG B 400 23.29 -9.63 12.35
CA ARG B 400 24.18 -9.51 13.47
C ARG B 400 23.47 -8.90 14.67
N ALA B 401 22.54 -7.98 14.45
CA ALA B 401 21.93 -7.31 15.58
C ALA B 401 21.02 -8.29 16.31
N LEU B 402 20.46 -9.23 15.56
CA LEU B 402 19.51 -10.19 16.08
C LEU B 402 20.20 -11.39 16.76
N ARG B 403 21.32 -11.84 16.20
CA ARG B 403 22.16 -12.87 16.83
C ARG B 403 22.69 -12.40 18.16
N LYS B 404 23.10 -11.14 18.18
CA LYS B 404 23.55 -10.50 19.38
C LYS B 404 22.43 -10.52 20.39
N GLU B 405 21.24 -10.17 19.91
CA GLU B 405 20.06 -10.31 20.72
C GLU B 405 19.89 -11.75 21.24
N ILE B 406 19.87 -12.74 20.36
CA ILE B 406 19.79 -14.12 20.82
C ILE B 406 20.79 -14.36 21.97
N GLU B 407 22.07 -14.08 21.73
CA GLU B 407 23.08 -14.30 22.72
C GLU B 407 22.77 -13.68 24.08
N ILE B 408 22.14 -12.51 24.09
CA ILE B 408 21.74 -11.88 25.34
C ILE B 408 20.61 -12.67 26.01
N TYR B 409 19.58 -12.98 25.25
CA TYR B 409 18.50 -13.78 25.73
C TYR B 409 18.97 -15.15 26.15
N LYS B 410 20.01 -15.69 25.53
CA LYS B 410 20.50 -17.01 25.90
C LYS B 410 21.06 -16.94 27.30
N GLN B 411 21.83 -15.91 27.60
CA GLN B 411 22.47 -15.78 28.90
C GLN B 411 21.46 -15.63 29.99
N GLU B 412 20.49 -14.75 29.76
CA GLU B 412 19.45 -14.55 30.73
C GLU B 412 18.84 -15.90 31.09
N LEU B 413 18.43 -16.68 30.10
CA LEU B 413 17.94 -18.02 30.40
C LEU B 413 18.91 -18.84 31.26
N ARG B 414 20.17 -18.98 30.81
CA ARG B 414 21.25 -19.57 31.64
C ARG B 414 21.24 -19.08 33.09
N ASP B 415 21.02 -17.79 33.29
CA ASP B 415 21.04 -17.18 34.60
C ASP B 415 19.80 -17.42 35.43
N GLU B 416 18.71 -17.75 34.76
CA GLU B 416 17.45 -18.00 35.45
C GLU B 416 17.22 -19.50 35.65
N GLY B 417 18.22 -20.33 35.31
CA GLY B 417 18.17 -21.79 35.50
C GLY B 417 17.10 -22.43 34.61
N LYS B 418 17.14 -21.99 33.35
CA LYS B 418 16.19 -22.37 32.31
C LYS B 418 16.92 -22.98 31.08
N ALA B 419 16.73 -24.29 30.90
CA ALA B 419 17.32 -25.05 29.81
C ALA B 419 16.87 -24.49 28.47
N PHE B 420 17.79 -24.56 27.51
CA PHE B 420 17.51 -24.36 26.13
C PHE B 420 18.58 -25.15 25.40
N ASP B 421 18.24 -25.57 24.18
CA ASP B 421 19.11 -26.39 23.37
C ASP B 421 20.26 -25.47 23.03
N GLU B 422 21.45 -25.75 23.55
CA GLU B 422 22.63 -24.93 23.22
C GLU B 422 23.05 -25.11 21.77
N SER B 423 22.55 -26.14 21.09
CA SER B 423 22.87 -26.46 19.71
C SER B 423 22.02 -25.71 18.72
N ILE B 424 21.17 -24.81 19.21
CA ILE B 424 20.02 -24.38 18.42
C ILE B 424 20.50 -23.62 17.22
N GLU B 425 19.97 -24.02 16.06
CA GLU B 425 20.44 -23.43 14.84
C GLU B 425 19.57 -22.27 14.45
N ILE B 426 20.24 -21.30 13.84
CA ILE B 426 19.67 -20.05 13.49
C ILE B 426 19.84 -19.82 11.99
N GLY B 427 18.78 -19.40 11.32
CA GLY B 427 18.86 -19.12 9.89
C GLY B 427 18.02 -17.91 9.51
N VAL B 428 17.85 -17.67 8.23
CA VAL B 428 17.14 -16.49 7.83
C VAL B 428 16.30 -16.80 6.64
N MET B 429 15.18 -16.10 6.53
CA MET B 429 14.35 -16.17 5.35
C MET B 429 15.16 -15.43 4.32
N VAL B 430 15.34 -15.98 3.13
CA VAL B 430 15.81 -15.15 2.03
C VAL B 430 14.57 -14.87 1.18
N GLU B 431 13.93 -13.72 1.36
CA GLU B 431 12.69 -13.47 0.67
C GLU B 431 12.64 -12.04 0.20
N THR B 432 13.77 -11.41 0.33
CA THR B 432 14.05 -10.09 -0.14
C THR B 432 15.17 -10.23 -1.24
N PRO B 433 15.11 -9.39 -2.31
CA PRO B 433 16.14 -9.36 -3.32
C PRO B 433 17.43 -8.87 -2.71
N ALA B 434 17.37 -8.03 -1.70
CA ALA B 434 18.55 -7.69 -0.93
C ALA B 434 19.21 -8.93 -0.41
N ALA B 435 18.47 -9.68 0.40
CA ALA B 435 19.04 -10.90 0.99
C ALA B 435 19.62 -11.77 -0.10
N ALA B 436 18.87 -11.90 -1.19
CA ALA B 436 19.30 -12.80 -2.24
C ALA B 436 20.64 -12.33 -2.76
N THR B 437 20.77 -11.01 -2.92
CA THR B 437 21.99 -10.38 -3.46
C THR B 437 23.26 -10.53 -2.60
N ILE B 438 23.05 -10.55 -1.29
CA ILE B 438 24.14 -10.61 -0.35
C ILE B 438 24.10 -11.98 0.31
N ALA B 439 23.42 -12.89 -0.35
CA ALA B 439 23.39 -14.26 0.14
C ALA B 439 24.78 -14.73 0.57
N ARG B 440 25.85 -14.40 -0.16
CA ARG B 440 27.16 -14.97 0.21
C ARG B 440 27.47 -14.47 1.57
N HIS B 441 27.46 -13.15 1.74
CA HIS B 441 27.68 -12.54 3.05
C HIS B 441 26.82 -13.08 4.16
N LEU B 442 25.54 -13.33 3.88
CA LEU B 442 24.61 -13.77 4.94
C LEU B 442 24.90 -15.21 5.34
N ALA B 443 25.29 -16.03 4.36
CA ALA B 443 25.59 -17.45 4.57
C ALA B 443 26.69 -17.75 5.62
N LYS B 444 27.64 -16.83 5.78
CA LYS B 444 28.66 -16.92 6.85
C LYS B 444 28.03 -16.70 8.17
N GLU B 445 26.89 -16.04 8.19
CA GLU B 445 26.37 -15.50 9.45
C GLU B 445 25.22 -16.33 10.00
N VAL B 446 24.71 -17.28 9.22
CA VAL B 446 23.59 -18.09 9.65
C VAL B 446 23.87 -19.53 9.37
N ASP B 447 23.05 -20.42 9.94
CA ASP B 447 23.18 -21.87 9.70
C ASP B 447 22.43 -22.35 8.51
N PHE B 448 21.48 -21.55 8.04
CA PHE B 448 20.67 -22.01 6.94
C PHE B 448 19.83 -20.91 6.35
N PHE B 449 19.14 -21.22 5.26
CA PHE B 449 18.29 -20.27 4.55
C PHE B 449 17.08 -21.01 4.21
N SER B 450 15.95 -20.31 4.22
CA SER B 450 14.77 -20.76 3.56
C SER B 450 14.31 -19.64 2.65
N ILE B 451 14.14 -19.93 1.36
CA ILE B 451 13.76 -18.88 0.41
C ILE B 451 12.25 -18.67 0.41
N GLY B 452 11.84 -17.44 0.73
CA GLY B 452 10.43 -17.13 0.66
C GLY B 452 10.14 -16.56 -0.71
N THR B 453 9.67 -17.40 -1.62
CA THR B 453 9.43 -16.95 -2.97
C THR B 453 8.17 -16.09 -3.12
N ASN B 454 7.26 -16.18 -2.17
CA ASN B 454 6.07 -15.33 -2.25
C ASN B 454 6.51 -13.89 -2.17
N ASP B 455 7.28 -13.60 -1.13
CA ASP B 455 7.84 -12.30 -1.01
C ASP B 455 8.89 -11.97 -2.07
N LEU B 456 9.92 -12.80 -2.22
CA LEU B 456 10.94 -12.60 -3.22
C LEU B 456 10.33 -12.30 -4.62
N THR B 457 9.33 -13.04 -5.00
CA THR B 457 8.71 -12.78 -6.25
C THR B 457 8.20 -11.35 -6.19
N GLN B 458 7.45 -11.07 -5.14
CA GLN B 458 6.78 -9.80 -4.94
C GLN B 458 7.74 -8.67 -5.14
N TYR B 459 8.90 -8.69 -4.47
CA TYR B 459 9.82 -7.54 -4.55
C TYR B 459 10.68 -7.54 -5.77
N THR B 460 10.95 -8.71 -6.29
CA THR B 460 11.82 -8.76 -7.42
C THR B 460 11.01 -8.23 -8.60
N LEU B 461 9.75 -8.64 -8.69
CA LEU B 461 8.89 -8.18 -9.77
C LEU B 461 8.09 -6.95 -9.38
N ALA B 462 8.21 -6.47 -8.15
CA ALA B 462 7.31 -5.38 -7.71
C ALA B 462 5.87 -5.63 -8.07
N VAL B 463 5.40 -6.83 -7.79
CA VAL B 463 4.00 -7.11 -7.91
C VAL B 463 3.43 -7.64 -6.61
N ASP B 464 2.38 -6.93 -6.17
CA ASP B 464 1.75 -7.16 -4.91
C ASP B 464 1.07 -8.52 -5.00
N ARG B 465 1.41 -9.37 -4.04
CA ARG B 465 0.84 -10.70 -3.92
C ARG B 465 -0.66 -10.67 -3.81
N GLY B 466 -1.19 -9.53 -3.37
CA GLY B 466 -2.62 -9.34 -3.14
C GLY B 466 -3.36 -8.82 -4.35
N ASN B 467 -2.65 -8.29 -5.35
CA ASN B 467 -3.27 -7.47 -6.40
C ASN B 467 -3.67 -8.29 -7.64
N ASP B 468 -4.95 -8.63 -7.75
CA ASP B 468 -5.43 -9.47 -8.85
C ASP B 468 -5.31 -8.79 -10.21
N MET B 469 -5.49 -7.47 -10.22
CA MET B 469 -5.34 -6.73 -11.45
C MET B 469 -4.02 -6.97 -12.18
N ILE B 470 -2.92 -7.13 -11.45
CA ILE B 470 -1.66 -7.49 -12.09
C ILE B 470 -1.20 -8.90 -11.80
N SER B 471 -2.09 -9.76 -11.34
CA SER B 471 -1.61 -11.08 -10.97
C SER B 471 -0.81 -11.74 -12.10
N HIS B 472 -1.15 -11.43 -13.35
CA HIS B 472 -0.54 -12.11 -14.49
C HIS B 472 0.97 -11.87 -14.55
N LEU B 473 1.42 -10.82 -13.85
CA LEU B 473 2.84 -10.47 -13.73
C LEU B 473 3.49 -11.09 -12.52
N TYR B 474 2.73 -11.79 -11.69
CA TYR B 474 3.34 -12.34 -10.52
C TYR B 474 3.86 -13.68 -10.93
N GLN B 475 5.16 -13.75 -11.21
CA GLN B 475 5.72 -15.00 -11.74
C GLN B 475 6.89 -15.41 -10.99
N PRO B 476 6.73 -16.35 -10.06
CA PRO B 476 7.94 -16.80 -9.37
C PRO B 476 8.74 -17.65 -10.35
N MET B 477 8.16 -17.97 -11.50
CA MET B 477 8.87 -18.73 -12.47
C MET B 477 9.34 -17.85 -13.57
N SER B 478 10.08 -16.84 -13.15
CA SER B 478 10.72 -15.93 -14.04
C SER B 478 12.16 -16.27 -14.05
N PRO B 479 12.81 -16.01 -15.18
CA PRO B 479 14.26 -16.09 -15.21
C PRO B 479 14.87 -15.21 -14.11
N SER B 480 14.16 -14.16 -13.71
CA SER B 480 14.68 -13.31 -12.63
C SER B 480 14.58 -13.92 -11.21
N VAL B 481 13.50 -14.59 -10.91
CA VAL B 481 13.39 -15.13 -9.58
C VAL B 481 14.24 -16.41 -9.49
N LEU B 482 14.24 -17.19 -10.56
CA LEU B 482 14.99 -18.46 -10.56
C LEU B 482 16.46 -18.19 -10.37
N ASN B 483 16.99 -17.28 -11.16
CA ASN B 483 18.37 -16.90 -10.97
C ASN B 483 18.74 -16.51 -9.53
N LEU B 484 17.93 -15.67 -8.92
CA LEU B 484 18.09 -15.30 -7.53
C LEU B 484 17.96 -16.47 -6.60
N ILE B 485 17.05 -17.40 -6.87
CA ILE B 485 17.00 -18.69 -6.13
C ILE B 485 18.33 -19.48 -6.21
N LYS B 486 18.84 -19.64 -7.42
CA LYS B 486 20.07 -20.36 -7.63
C LYS B 486 21.19 -19.73 -6.85
N GLN B 487 21.14 -18.42 -6.80
CA GLN B 487 22.27 -17.68 -6.35
C GLN B 487 22.32 -17.92 -4.83
N VAL B 488 21.12 -18.04 -4.23
CA VAL B 488 20.98 -18.25 -2.80
C VAL B 488 21.40 -19.66 -2.40
N ILE B 489 20.88 -20.64 -3.14
CA ILE B 489 21.20 -22.03 -2.90
C ILE B 489 22.73 -22.16 -2.91
N ASP B 490 23.34 -21.66 -3.98
CA ASP B 490 24.77 -21.71 -4.15
C ASP B 490 25.48 -21.07 -2.98
N ALA B 491 25.05 -19.87 -2.59
CA ALA B 491 25.61 -19.25 -1.38
C ALA B 491 25.65 -20.26 -0.25
N SER B 492 24.49 -20.84 0.12
CA SER B 492 24.41 -21.90 1.14
C SER B 492 25.52 -22.88 1.01
N HIS B 493 25.60 -23.46 -0.19
CA HIS B 493 26.42 -24.62 -0.38
C HIS B 493 27.86 -24.21 -0.30
N ALA B 494 28.14 -22.98 -0.74
CA ALA B 494 29.51 -22.55 -0.71
C ALA B 494 30.00 -22.48 0.74
N GLU B 495 29.11 -22.15 1.70
CA GLU B 495 29.52 -22.16 3.12
C GLU B 495 29.33 -23.49 3.77
N GLY B 496 28.85 -24.48 3.02
CA GLY B 496 28.54 -25.79 3.60
C GLY B 496 27.27 -25.79 4.43
N LYS B 497 26.40 -24.82 4.22
CA LYS B 497 25.04 -24.81 4.76
C LYS B 497 24.08 -25.22 3.69
N TRP B 498 22.81 -25.12 3.99
CA TRP B 498 21.77 -25.59 3.12
C TRP B 498 20.64 -24.57 2.98
N THR B 499 19.91 -24.67 1.90
CA THR B 499 18.83 -23.79 1.69
C THR B 499 17.62 -24.65 1.59
N GLY B 500 16.58 -24.23 2.30
CA GLY B 500 15.25 -24.77 2.09
C GLY B 500 14.40 -23.74 1.42
N MET B 501 13.15 -24.07 1.18
CA MET B 501 12.18 -23.19 0.55
C MET B 501 10.79 -23.38 1.14
N CYS B 502 10.23 -22.33 1.73
CA CYS B 502 8.87 -22.41 2.24
C CYS B 502 7.88 -21.60 1.44
N GLY B 503 8.37 -20.79 0.53
CA GLY B 503 7.49 -20.16 -0.45
C GLY B 503 6.72 -21.21 -1.21
N GLU B 504 5.62 -20.75 -1.83
CA GLU B 504 4.71 -21.66 -2.51
C GLU B 504 5.30 -22.38 -3.73
N LEU B 505 6.40 -21.85 -4.26
CA LEU B 505 7.10 -22.57 -5.31
C LEU B 505 7.51 -23.98 -4.94
N ALA B 506 7.96 -24.17 -3.71
CA ALA B 506 8.34 -25.49 -3.19
C ALA B 506 7.24 -26.46 -3.46
N GLY B 507 6.00 -26.03 -3.21
CA GLY B 507 4.84 -26.89 -3.40
C GLY B 507 4.26 -26.89 -4.79
N ASP B 508 4.87 -26.15 -5.72
CA ASP B 508 4.33 -25.98 -7.08
C ASP B 508 4.89 -27.09 -8.01
N GLU B 509 4.01 -27.98 -8.51
CA GLU B 509 4.39 -29.10 -9.40
C GLU B 509 5.31 -28.71 -10.55
N ARG B 510 5.34 -27.43 -10.88
CA ARG B 510 6.00 -26.99 -12.10
C ARG B 510 7.42 -26.55 -11.85
N ALA B 511 7.73 -26.35 -10.57
CA ALA B 511 9.05 -25.94 -10.23
C ALA B 511 9.87 -27.11 -9.67
N THR B 512 9.18 -28.17 -9.28
CA THR B 512 9.82 -29.24 -8.55
C THR B 512 11.11 -29.73 -9.20
N LEU B 513 11.09 -30.06 -10.51
CA LEU B 513 12.34 -30.45 -11.20
C LEU B 513 13.43 -29.38 -11.21
N LEU B 514 13.04 -28.12 -11.32
CA LEU B 514 14.01 -27.02 -11.28
C LEU B 514 14.57 -26.81 -9.90
N LEU B 515 13.69 -26.69 -8.93
CA LEU B 515 14.12 -26.57 -7.56
C LEU B 515 15.08 -27.69 -7.25
N LEU B 516 14.69 -28.91 -7.61
CA LEU B 516 15.57 -30.06 -7.40
C LEU B 516 16.92 -29.92 -8.13
N GLY B 517 16.87 -29.60 -9.43
CA GLY B 517 18.06 -29.54 -10.26
C GLY B 517 19.00 -28.46 -9.78
N MET B 518 18.41 -27.41 -9.21
CA MET B 518 19.17 -26.28 -8.74
C MET B 518 19.78 -26.56 -7.40
N GLY B 519 19.49 -27.74 -6.83
CA GLY B 519 20.12 -28.21 -5.61
C GLY B 519 19.47 -27.83 -4.29
N LEU B 520 18.24 -27.32 -4.35
CA LEU B 520 17.51 -26.99 -3.15
C LEU B 520 17.50 -28.19 -2.23
N ASP B 521 17.77 -27.95 -0.94
CA ASP B 521 17.99 -29.03 0.04
C ASP B 521 16.72 -29.43 0.68
N GLU B 522 15.82 -28.46 0.78
CA GLU B 522 14.65 -28.64 1.59
C GLU B 522 13.44 -27.97 1.00
N PHE B 523 12.31 -28.68 0.98
CA PHE B 523 11.08 -28.08 0.48
C PHE B 523 10.09 -28.01 1.59
N SER B 524 9.40 -26.89 1.73
CA SER B 524 8.39 -26.88 2.78
C SER B 524 7.13 -26.25 2.27
N MET B 525 5.99 -26.89 2.52
CA MET B 525 4.80 -26.46 1.85
C MET B 525 3.60 -26.72 2.69
N SER B 526 2.44 -26.28 2.18
CA SER B 526 1.21 -26.80 2.68
C SER B 526 1.38 -28.30 2.69
N ALA B 527 0.95 -28.91 3.79
CA ALA B 527 1.00 -30.36 3.92
C ALA B 527 0.35 -31.05 2.70
N ILE B 528 -0.81 -30.56 2.27
CA ILE B 528 -1.50 -31.17 1.13
C ILE B 528 -0.65 -31.31 -0.12
N SER B 529 0.43 -30.57 -0.24
CA SER B 529 1.23 -30.65 -1.45
C SER B 529 2.34 -31.63 -1.33
N ILE B 530 2.53 -32.14 -0.13
CA ILE B 530 3.67 -32.99 0.11
C ILE B 530 3.69 -34.22 -0.81
N PRO B 531 2.57 -34.97 -0.88
CA PRO B 531 2.61 -36.14 -1.79
C PRO B 531 2.83 -35.82 -3.28
N ARG B 532 2.24 -34.74 -3.84
CA ARG B 532 2.43 -34.47 -5.28
C ARG B 532 3.89 -34.27 -5.57
N ILE B 533 4.52 -33.50 -4.71
CA ILE B 533 5.88 -33.15 -4.90
C ILE B 533 6.79 -34.35 -4.61
N LYS B 534 6.51 -35.06 -3.54
CA LYS B 534 7.24 -36.27 -3.23
C LYS B 534 7.21 -37.14 -4.51
N LYS B 535 6.01 -37.34 -5.08
CA LYS B 535 5.84 -38.19 -6.25
C LYS B 535 6.73 -37.79 -7.39
N ILE B 536 6.78 -36.48 -7.66
CA ILE B 536 7.60 -35.95 -8.72
C ILE B 536 9.06 -36.23 -8.42
N ILE B 537 9.41 -36.16 -7.14
CA ILE B 537 10.81 -36.27 -6.75
C ILE B 537 11.23 -37.69 -6.89
N ARG B 538 10.36 -38.58 -6.42
CA ARG B 538 10.67 -39.98 -6.43
C ARG B 538 10.82 -40.58 -7.84
N ASN B 539 10.33 -39.85 -8.86
CA ASN B 539 10.24 -40.34 -10.24
C ASN B 539 11.13 -39.55 -11.21
N THR B 540 11.98 -38.70 -10.65
CA THR B 540 12.92 -37.95 -11.46
C THR B 540 14.22 -38.63 -11.35
N ASN B 541 15.06 -38.35 -12.33
CA ASN B 541 16.44 -38.58 -12.17
C ASN B 541 17.11 -37.22 -11.84
N PHE B 542 17.89 -37.21 -10.77
CA PHE B 542 18.48 -35.95 -10.32
C PHE B 542 19.44 -35.33 -11.32
N GLU B 543 20.25 -36.16 -11.95
CA GLU B 543 21.20 -35.62 -12.91
C GLU B 543 20.52 -34.90 -14.06
N ASP B 544 19.40 -35.47 -14.49
CA ASP B 544 18.64 -34.92 -15.59
C ASP B 544 18.08 -33.55 -15.25
N ALA B 545 17.48 -33.44 -14.06
CA ALA B 545 17.04 -32.21 -13.46
C ALA B 545 18.10 -31.14 -13.41
N LYS B 546 19.33 -31.48 -12.97
CA LYS B 546 20.42 -30.49 -13.00
C LYS B 546 20.47 -29.90 -14.40
N VAL B 547 20.69 -30.75 -15.39
CA VAL B 547 20.73 -30.31 -16.78
C VAL B 547 19.51 -29.43 -17.11
N LEU B 548 18.33 -29.85 -16.62
CA LEU B 548 17.14 -29.10 -16.89
C LEU B 548 17.32 -27.72 -16.29
N ALA B 549 17.72 -27.69 -15.01
CA ALA B 549 17.81 -26.46 -14.25
C ALA B 549 18.74 -25.52 -14.94
N GLU B 550 19.89 -26.06 -15.26
CA GLU B 550 20.83 -25.23 -15.89
C GLU B 550 20.21 -24.56 -17.15
N GLN B 551 19.65 -25.38 -18.05
CA GLN B 551 19.05 -24.81 -19.23
C GLN B 551 18.10 -23.67 -18.83
N ALA B 552 17.20 -23.97 -17.89
CA ALA B 552 16.13 -23.04 -17.57
C ALA B 552 16.69 -21.70 -17.14
N LEU B 553 17.80 -21.77 -16.40
CA LEU B 553 18.44 -20.56 -15.88
C LEU B 553 19.05 -19.66 -16.94
N ALA B 554 19.16 -20.15 -18.17
CA ALA B 554 19.71 -19.35 -19.24
C ALA B 554 18.64 -18.70 -20.11
N GLN B 555 17.39 -19.16 -19.99
CA GLN B 555 16.28 -18.63 -20.76
C GLN B 555 15.97 -17.17 -20.40
N PRO B 556 15.81 -16.28 -21.38
CA PRO B 556 15.43 -14.91 -21.03
C PRO B 556 13.90 -14.76 -20.89
N THR B 557 13.18 -15.85 -20.98
CA THR B 557 11.73 -15.77 -21.08
C THR B 557 11.11 -16.95 -20.31
N THR B 558 10.04 -16.69 -19.59
CA THR B 558 9.31 -17.72 -18.85
C THR B 558 8.83 -18.79 -19.83
N ASP B 559 8.15 -18.37 -20.87
CA ASP B 559 7.65 -19.34 -21.81
C ASP B 559 8.70 -20.33 -22.21
N GLU B 560 9.89 -19.81 -22.52
CA GLU B 560 11.00 -20.63 -23.00
C GLU B 560 11.46 -21.62 -21.94
N LEU B 561 11.38 -21.20 -20.69
CA LEU B 561 11.73 -22.01 -19.55
C LEU B 561 10.58 -23.05 -19.25
N MET B 562 9.33 -22.65 -19.47
CA MET B 562 8.23 -23.62 -19.38
C MET B 562 8.40 -24.71 -20.40
N THR B 563 8.88 -24.37 -21.59
CA THR B 563 9.05 -25.35 -22.64
C THR B 563 10.00 -26.47 -22.21
N LEU B 564 11.15 -26.12 -21.66
CA LEU B 564 12.13 -27.08 -21.16
C LEU B 564 11.51 -28.04 -20.21
N VAL B 565 10.92 -27.50 -19.14
CA VAL B 565 10.14 -28.28 -18.17
C VAL B 565 9.17 -29.26 -18.84
N ASN B 566 8.36 -28.77 -19.77
CA ASN B 566 7.43 -29.65 -20.48
C ASN B 566 8.09 -30.76 -21.31
N LYS B 567 9.09 -30.44 -22.13
CA LYS B 567 9.72 -31.48 -22.93
C LYS B 567 10.34 -32.53 -22.02
N PHE B 568 10.75 -32.09 -20.84
CA PHE B 568 11.29 -32.99 -19.85
C PHE B 568 10.20 -33.99 -19.44
N ILE B 569 9.09 -33.47 -18.93
CA ILE B 569 7.99 -34.29 -18.46
C ILE B 569 7.51 -35.28 -19.50
N GLU B 570 7.52 -34.85 -20.76
CA GLU B 570 7.22 -35.70 -21.90
C GLU B 570 8.20 -36.87 -22.02
N GLU B 571 9.47 -36.53 -22.10
CA GLU B 571 10.48 -37.48 -22.43
C GLU B 571 10.92 -38.33 -21.25
N LYS B 572 10.69 -37.84 -20.02
CA LYS B 572 11.37 -38.39 -18.84
C LYS B 572 10.51 -39.16 -17.81
N THR B 573 9.17 -39.09 -17.89
CA THR B 573 8.30 -40.06 -17.17
C THR B 573 6.84 -40.01 -17.65
N MET A 1 15.18 26.82 21.35
CA MET A 1 15.75 25.63 20.64
C MET A 1 14.64 24.96 19.82
N ILE A 2 14.24 25.56 18.72
CA ILE A 2 13.18 24.98 17.84
C ILE A 2 13.81 24.45 16.56
N SER A 3 13.53 23.22 16.18
CA SER A 3 14.12 22.64 14.94
C SER A 3 13.04 22.03 14.06
N GLY A 4 13.16 22.18 12.75
CA GLY A 4 12.16 21.61 11.80
C GLY A 4 12.91 20.70 10.81
N ILE A 5 12.33 20.41 9.67
CA ILE A 5 13.02 19.50 8.71
C ILE A 5 13.81 20.29 7.66
N LEU A 6 13.62 21.58 7.59
CA LEU A 6 14.37 22.40 6.59
C LEU A 6 14.18 21.79 5.19
N ALA A 7 13.35 22.40 4.38
CA ALA A 7 13.11 21.88 3.00
C ALA A 7 14.03 22.59 2.01
N SER A 8 14.43 23.81 2.31
CA SER A 8 15.33 24.55 1.38
C SER A 8 16.36 25.34 2.21
N PRO A 9 17.64 25.18 1.94
CA PRO A 9 18.70 25.91 2.70
C PRO A 9 18.87 27.36 2.19
N GLY A 10 19.13 28.28 3.08
CA GLY A 10 19.29 29.70 2.66
C GLY A 10 19.16 30.59 3.90
N ILE A 11 18.89 31.85 3.72
CA ILE A 11 18.72 32.78 4.89
C ILE A 11 17.74 33.88 4.49
N ALA A 12 16.99 34.42 5.43
CA ALA A 12 16.02 35.49 5.05
C ALA A 12 15.69 36.38 6.26
N PHE A 13 15.30 37.60 6.00
CA PHE A 13 14.93 38.55 7.10
C PHE A 13 13.60 39.22 6.71
N GLY A 14 12.59 39.20 7.55
CA GLY A 14 11.32 39.89 7.15
C GLY A 14 10.26 39.75 8.26
N LYS A 15 9.11 40.33 8.03
CA LYS A 15 8.01 40.27 9.04
C LYS A 15 7.30 38.92 8.93
N ALA A 16 6.61 38.51 9.97
CA ALA A 16 5.92 37.17 9.94
C ALA A 16 4.41 37.33 9.73
N LEU A 17 3.87 36.61 8.78
CA LEU A 17 2.40 36.68 8.51
C LEU A 17 1.75 35.44 9.15
N LEU A 18 0.66 35.60 9.85
CA LEU A 18 -0.02 34.43 10.51
C LEU A 18 -1.42 34.21 9.93
N LEU A 19 -1.65 33.03 9.41
CA LEU A 19 -2.99 32.73 8.82
C LEU A 19 -3.95 32.20 9.90
N LYS A 20 -4.70 33.03 10.54
CA LYS A 20 -5.47 32.49 11.70
C LYS A 20 -6.54 31.52 11.24
N GLU A 21 -6.28 30.26 11.49
CA GLU A 21 -7.23 29.19 11.10
C GLU A 21 -8.60 29.50 11.67
N ASP A 22 -8.66 30.54 12.54
CA ASP A 22 -9.90 31.01 13.28
C ASP A 22 -11.22 30.80 12.52
N GLU A 23 -12.33 30.78 13.29
CA GLU A 23 -13.67 30.56 12.72
C GLU A 23 -14.72 31.57 13.27
N ILE A 24 -15.71 31.92 12.41
CA ILE A 24 -16.80 32.89 12.75
C ILE A 24 -17.79 32.28 13.76
N VAL A 25 -18.05 32.93 14.88
CA VAL A 25 -19.01 32.46 15.85
C VAL A 25 -20.11 33.49 15.87
N ILE A 26 -21.33 33.01 15.67
CA ILE A 26 -22.48 33.89 15.58
C ILE A 26 -23.04 34.11 16.98
N ASP A 27 -23.38 35.34 17.33
CA ASP A 27 -24.05 35.59 18.61
C ASP A 27 -25.56 35.57 18.46
N ARG A 28 -26.13 34.41 18.77
CA ARG A 28 -27.55 34.16 18.54
C ARG A 28 -28.45 34.75 19.61
N LYS A 29 -27.90 34.92 20.81
CA LYS A 29 -28.61 35.52 21.96
C LYS A 29 -29.16 36.89 21.60
N LYS A 30 -30.45 37.10 21.88
CA LYS A 30 -31.08 38.39 21.64
C LYS A 30 -30.29 39.47 22.34
N ILE A 31 -30.16 40.60 21.66
CA ILE A 31 -29.46 41.76 22.17
C ILE A 31 -30.42 42.58 23.02
N SER A 32 -29.85 43.48 23.82
CA SER A 32 -30.65 44.40 24.62
C SER A 32 -31.05 45.61 23.79
N ALA A 33 -32.06 46.33 24.22
CA ALA A 33 -32.56 47.50 23.44
C ALA A 33 -31.45 48.53 23.30
N ASP A 34 -30.79 48.86 24.38
CA ASP A 34 -29.70 49.86 24.28
C ASP A 34 -28.73 49.37 23.23
N GLN A 35 -28.52 48.08 23.18
CA GLN A 35 -27.59 47.51 22.18
C GLN A 35 -28.16 47.65 20.76
N VAL A 36 -29.47 47.48 20.60
CA VAL A 36 -29.94 47.54 19.19
C VAL A 36 -29.17 48.65 18.46
N ASP A 37 -29.17 49.84 19.00
CA ASP A 37 -28.44 50.95 18.35
C ASP A 37 -26.96 50.61 18.22
N GLN A 38 -26.38 50.00 19.22
CA GLN A 38 -24.92 49.68 19.14
C GLN A 38 -24.66 48.60 18.09
N GLU A 39 -25.50 47.62 17.99
CA GLU A 39 -25.25 46.55 16.99
C GLU A 39 -25.35 47.12 15.58
N VAL A 40 -26.30 47.98 15.34
CA VAL A 40 -26.40 48.57 13.97
C VAL A 40 -25.10 49.31 13.67
N GLU A 41 -24.63 50.11 14.59
CA GLU A 41 -23.36 50.86 14.35
C GLU A 41 -22.23 49.86 14.10
N ARG A 42 -22.17 48.78 14.85
CA ARG A 42 -21.09 47.79 14.62
C ARG A 42 -21.21 47.28 13.18
N PHE A 43 -22.41 46.98 12.76
CA PHE A 43 -22.61 46.51 11.37
C PHE A 43 -22.15 47.60 10.40
N LEU A 44 -22.60 48.81 10.61
CA LEU A 44 -22.18 49.93 9.72
C LEU A 44 -20.66 50.09 9.82
N SER A 45 -20.12 50.06 11.01
CA SER A 45 -18.64 50.21 11.15
C SER A 45 -17.94 49.03 10.49
N GLY A 46 -18.44 47.83 10.69
CA GLY A 46 -17.81 46.63 10.06
C GLY A 46 -18.07 46.70 8.55
N ARG A 47 -19.25 47.11 8.18
CA ARG A 47 -19.58 47.22 6.73
C ARG A 47 -18.72 48.32 6.13
N ALA A 48 -18.40 49.31 6.92
CA ALA A 48 -17.55 50.42 6.41
C ALA A 48 -16.21 49.86 5.96
N LYS A 49 -15.64 48.93 6.70
CA LYS A 49 -14.35 48.35 6.26
C LYS A 49 -14.57 47.63 4.93
N ALA A 50 -15.22 46.49 4.95
CA ALA A 50 -15.44 45.72 3.68
C ALA A 50 -15.75 46.65 2.51
N SER A 51 -16.41 47.75 2.75
CA SER A 51 -16.70 48.65 1.61
C SER A 51 -15.37 49.08 0.98
N ALA A 52 -14.50 49.63 1.76
CA ALA A 52 -13.19 50.09 1.23
C ALA A 52 -12.30 48.90 0.85
N GLN A 53 -12.28 47.85 1.63
CA GLN A 53 -11.40 46.69 1.27
C GLN A 53 -11.92 46.01 -0.01
N LEU A 54 -13.20 45.87 -0.16
CA LEU A 54 -13.73 45.25 -1.41
C LEU A 54 -13.32 46.10 -2.60
N GLU A 55 -13.39 47.40 -2.45
CA GLU A 55 -13.01 48.30 -3.57
C GLU A 55 -11.53 48.08 -3.93
N THR A 56 -10.70 47.86 -2.94
CA THR A 56 -9.25 47.65 -3.23
C THR A 56 -9.09 46.38 -4.08
N ILE A 57 -9.82 45.34 -3.76
CA ILE A 57 -9.72 44.08 -4.55
C ILE A 57 -10.14 44.34 -6.00
N LYS A 58 -11.16 45.14 -6.18
CA LYS A 58 -11.65 45.44 -7.56
C LYS A 58 -10.51 46.02 -8.41
N THR A 59 -9.84 47.02 -7.91
CA THR A 59 -8.75 47.66 -8.68
C THR A 59 -7.67 46.64 -9.04
N LYS A 60 -7.43 45.68 -8.19
CA LYS A 60 -6.38 44.66 -8.50
C LYS A 60 -6.86 43.77 -9.65
N ALA A 61 -8.13 43.46 -9.65
CA ALA A 61 -8.67 42.60 -10.73
C ALA A 61 -8.56 43.33 -12.08
N GLY A 62 -8.90 44.60 -12.10
CA GLY A 62 -8.83 45.35 -13.38
C GLY A 62 -7.40 45.37 -13.91
N GLU A 63 -6.45 45.73 -13.10
CA GLU A 63 -5.05 45.77 -13.61
C GLU A 63 -4.54 44.34 -13.82
N THR A 64 -4.80 43.47 -12.90
CA THR A 64 -4.30 42.06 -13.02
C THR A 64 -4.97 41.32 -14.19
N PHE A 65 -6.25 41.13 -14.15
CA PHE A 65 -6.95 40.36 -15.25
C PHE A 65 -7.54 41.30 -16.30
N GLY A 66 -8.28 42.32 -15.91
CA GLY A 66 -8.87 43.25 -16.93
C GLY A 66 -10.28 43.69 -16.53
N GLU A 67 -10.97 44.32 -17.46
CA GLU A 67 -12.36 44.81 -17.18
C GLU A 67 -13.32 43.62 -17.06
N GLU A 68 -12.97 42.52 -17.66
CA GLU A 68 -13.85 41.31 -17.59
C GLU A 68 -14.00 40.87 -16.13
N LYS A 69 -12.96 41.00 -15.35
CA LYS A 69 -13.03 40.59 -13.91
C LYS A 69 -13.29 41.80 -13.02
N GLU A 70 -13.02 42.98 -13.48
CA GLU A 70 -13.25 44.19 -12.64
C GLU A 70 -14.75 44.40 -12.39
N ALA A 71 -15.55 44.25 -13.40
CA ALA A 71 -17.01 44.51 -13.23
C ALA A 71 -17.65 43.45 -12.32
N ILE A 72 -17.13 42.25 -12.29
CA ILE A 72 -17.78 41.24 -11.39
C ILE A 72 -17.75 41.77 -9.96
N PHE A 73 -16.69 42.40 -9.56
CA PHE A 73 -16.63 42.94 -8.17
C PHE A 73 -17.67 44.05 -8.00
N GLU A 74 -17.84 44.87 -9.01
CA GLU A 74 -18.84 45.97 -8.87
C GLU A 74 -20.22 45.35 -8.61
N GLY A 75 -20.54 44.27 -9.28
CA GLY A 75 -21.86 43.63 -9.04
C GLY A 75 -21.93 43.18 -7.59
N HIS A 76 -20.92 42.49 -7.13
CA HIS A 76 -20.92 42.01 -5.73
C HIS A 76 -21.00 43.22 -4.78
N ILE A 77 -20.22 44.23 -5.04
CA ILE A 77 -20.26 45.44 -4.17
C ILE A 77 -21.63 46.11 -4.32
N MET A 78 -22.08 46.30 -5.53
CA MET A 78 -23.40 46.97 -5.75
C MET A 78 -24.50 46.16 -5.07
N LEU A 79 -24.43 44.86 -5.15
CA LEU A 79 -25.47 44.02 -4.51
C LEU A 79 -25.39 44.18 -2.99
N LEU A 80 -24.20 44.25 -2.48
CA LEU A 80 -24.05 44.39 -1.01
C LEU A 80 -24.65 45.71 -0.54
N GLU A 81 -24.47 46.76 -1.30
CA GLU A 81 -25.02 48.09 -0.90
C GLU A 81 -26.50 48.19 -1.29
N ASP A 82 -27.08 47.13 -1.79
CA ASP A 82 -28.52 47.19 -2.20
C ASP A 82 -29.35 47.77 -1.04
N GLU A 83 -30.17 48.74 -1.33
CA GLU A 83 -31.00 49.37 -0.25
C GLU A 83 -31.92 48.35 0.39
N GLU A 84 -32.17 47.24 -0.26
CA GLU A 84 -33.05 46.21 0.34
C GLU A 84 -32.32 45.53 1.51
N LEU A 85 -31.03 45.35 1.37
CA LEU A 85 -30.24 44.71 2.46
C LEU A 85 -30.15 45.65 3.66
N GLU A 86 -29.97 46.91 3.41
CA GLU A 86 -29.83 47.88 4.54
C GLU A 86 -31.12 47.85 5.38
N GLN A 87 -32.26 47.93 4.75
CA GLN A 87 -33.54 47.92 5.50
C GLN A 87 -33.80 46.53 6.12
N GLU A 88 -33.53 45.48 5.38
CA GLU A 88 -33.79 44.11 5.92
C GLU A 88 -32.81 43.74 7.06
N ILE A 89 -31.56 44.09 6.93
CA ILE A 89 -30.60 43.75 8.01
C ILE A 89 -30.95 44.57 9.27
N ILE A 90 -31.20 45.83 9.10
CA ILE A 90 -31.55 46.70 10.26
C ILE A 90 -32.91 46.31 10.84
N ALA A 91 -33.86 45.99 10.01
CA ALA A 91 -35.21 45.63 10.54
C ALA A 91 -35.14 44.41 11.47
N LEU A 92 -34.47 43.37 11.08
CA LEU A 92 -34.39 42.16 11.95
C LEU A 92 -33.73 42.53 13.29
N ILE A 93 -32.64 43.24 13.24
CA ILE A 93 -31.95 43.65 14.51
C ILE A 93 -32.92 44.51 15.32
N LYS A 94 -33.51 45.49 14.69
CA LYS A 94 -34.47 46.37 15.43
C LYS A 94 -35.75 45.60 15.77
N ASP A 95 -36.26 44.80 14.87
CA ASP A 95 -37.52 44.07 15.17
C ASP A 95 -37.28 42.79 15.99
N LYS A 96 -36.38 41.96 15.57
CA LYS A 96 -36.15 40.68 16.32
C LYS A 96 -35.06 40.83 17.40
N HIS A 97 -34.44 41.97 17.52
CA HIS A 97 -33.38 42.15 18.56
C HIS A 97 -32.30 41.07 18.39
N MET A 98 -31.98 40.78 17.16
CA MET A 98 -30.95 39.73 16.87
C MET A 98 -29.58 40.40 16.70
N THR A 99 -28.53 39.62 16.63
CA THR A 99 -27.17 40.21 16.48
C THR A 99 -26.91 40.55 15.00
N ALA A 100 -25.97 41.42 14.73
CA ALA A 100 -25.69 41.80 13.32
C ALA A 100 -25.09 40.62 12.55
N ASP A 101 -24.21 39.88 13.17
CA ASP A 101 -23.60 38.73 12.43
C ASP A 101 -24.65 37.63 12.25
N ALA A 102 -25.54 37.46 13.19
CA ALA A 102 -26.60 36.42 13.02
C ALA A 102 -27.72 36.95 12.13
N ALA A 103 -28.09 38.20 12.29
CA ALA A 103 -29.17 38.77 11.46
C ALA A 103 -28.69 38.94 10.01
N ALA A 104 -27.51 39.48 9.83
CA ALA A 104 -26.98 39.68 8.45
C ALA A 104 -26.84 38.33 7.75
N HIS A 105 -26.41 37.32 8.46
CA HIS A 105 -26.23 35.99 7.83
C HIS A 105 -27.57 35.49 7.27
N GLU A 106 -28.63 35.71 7.97
CA GLU A 106 -29.96 35.24 7.48
C GLU A 106 -30.33 35.96 6.19
N VAL A 107 -30.06 37.23 6.09
CA VAL A 107 -30.43 37.98 4.86
C VAL A 107 -29.69 37.44 3.63
N ILE A 108 -28.39 37.38 3.67
CA ILE A 108 -27.63 36.87 2.49
C ILE A 108 -27.90 35.37 2.34
N GLU A 109 -27.95 34.64 3.42
CA GLU A 109 -28.24 33.19 3.34
C GLU A 109 -29.66 33.00 2.81
N GLY A 110 -30.56 33.84 3.25
CA GLY A 110 -31.98 33.72 2.80
C GLY A 110 -32.05 33.83 1.27
N GLN A 111 -31.43 34.81 0.69
CA GLN A 111 -31.49 34.93 -0.81
C GLN A 111 -30.74 33.75 -1.44
N ALA A 112 -29.52 33.53 -1.05
CA ALA A 112 -28.75 32.39 -1.63
C ALA A 112 -29.55 31.11 -1.42
N SER A 113 -30.16 30.95 -0.28
CA SER A 113 -30.95 29.72 -0.04
C SER A 113 -32.05 29.61 -1.08
N ALA A 114 -32.67 30.70 -1.42
CA ALA A 114 -33.74 30.67 -2.45
C ALA A 114 -33.13 30.25 -3.79
N LEU A 115 -31.97 30.73 -4.09
CA LEU A 115 -31.33 30.36 -5.39
C LEU A 115 -31.05 28.85 -5.42
N GLU A 116 -30.60 28.28 -4.34
CA GLU A 116 -30.31 26.81 -4.34
C GLU A 116 -31.58 26.04 -4.69
N GLU A 117 -32.71 26.50 -4.24
CA GLU A 117 -33.97 25.78 -4.57
C GLU A 117 -34.09 25.62 -6.08
N LEU A 118 -33.38 26.43 -6.82
CA LEU A 118 -33.46 26.34 -8.31
C LEU A 118 -32.93 24.98 -8.76
N ASP A 119 -33.48 24.46 -9.83
CA ASP A 119 -33.03 23.12 -10.33
C ASP A 119 -32.04 23.31 -11.49
N ASP A 120 -31.14 24.27 -11.37
CA ASP A 120 -30.14 24.51 -12.47
C ASP A 120 -28.72 24.62 -11.89
N GLU A 121 -27.78 23.96 -12.50
CA GLU A 121 -26.36 24.01 -12.02
C GLU A 121 -25.75 25.38 -12.30
N TYR A 122 -26.20 26.04 -13.33
CA TYR A 122 -25.67 27.39 -13.67
C TYR A 122 -26.16 28.44 -12.66
N LEU A 123 -27.39 28.35 -12.26
CA LEU A 123 -27.92 29.34 -11.27
C LEU A 123 -27.33 29.03 -9.90
N LYS A 124 -27.13 27.76 -9.62
CA LYS A 124 -26.55 27.37 -8.30
C LYS A 124 -25.14 27.95 -8.13
N GLU A 125 -24.32 27.92 -9.16
CA GLU A 125 -22.94 28.49 -9.00
C GLU A 125 -23.03 29.97 -8.65
N ARG A 126 -23.87 30.72 -9.31
CA ARG A 126 -23.98 32.16 -8.97
C ARG A 126 -24.39 32.29 -7.51
N ALA A 127 -25.23 31.41 -7.04
CA ALA A 127 -25.63 31.46 -5.61
C ALA A 127 -24.37 31.28 -4.76
N ALA A 128 -23.38 30.62 -5.30
CA ALA A 128 -22.11 30.43 -4.54
C ALA A 128 -21.38 31.77 -4.42
N ASP A 129 -21.41 32.55 -5.48
CA ASP A 129 -20.73 33.87 -5.44
C ASP A 129 -21.46 34.78 -4.46
N VAL A 130 -22.77 34.73 -4.44
CA VAL A 130 -23.53 35.59 -3.50
C VAL A 130 -23.27 35.10 -2.06
N ARG A 131 -23.22 33.82 -1.87
CA ARG A 131 -22.96 33.27 -0.51
C ARG A 131 -21.59 33.76 -0.02
N ASP A 132 -20.63 33.79 -0.90
CA ASP A 132 -19.25 34.23 -0.52
C ASP A 132 -19.29 35.67 0.00
N ILE A 133 -20.07 36.51 -0.59
CA ILE A 133 -20.12 37.93 -0.13
C ILE A 133 -20.56 37.98 1.34
N GLY A 134 -21.57 37.25 1.69
CA GLY A 134 -22.04 37.26 3.11
C GLY A 134 -21.04 36.54 4.02
N LYS A 135 -20.41 35.51 3.52
CA LYS A 135 -19.43 34.76 4.35
C LYS A 135 -18.31 35.71 4.81
N ARG A 136 -17.77 36.46 3.91
CA ARG A 136 -16.66 37.40 4.28
C ARG A 136 -17.21 38.54 5.13
N LEU A 137 -18.43 38.91 4.92
CA LEU A 137 -19.02 40.02 5.72
C LEU A 137 -18.95 39.66 7.20
N LEU A 138 -19.23 38.43 7.54
CA LEU A 138 -19.16 38.02 8.96
C LEU A 138 -17.72 38.18 9.45
N ARG A 139 -16.75 37.85 8.64
CA ARG A 139 -15.35 38.02 9.09
C ARG A 139 -15.05 39.51 9.23
N ASN A 140 -15.55 40.30 8.31
CA ASN A 140 -15.31 41.78 8.35
C ASN A 140 -15.91 42.40 9.61
N ILE A 141 -17.05 41.96 10.07
CA ILE A 141 -17.62 42.56 11.30
C ILE A 141 -16.77 42.11 12.49
N LEU A 142 -16.42 40.85 12.51
CA LEU A 142 -15.58 40.34 13.63
C LEU A 142 -14.16 40.91 13.49
N GLY A 143 -13.71 41.11 12.28
CA GLY A 143 -12.36 41.61 12.10
C GLY A 143 -11.36 40.48 11.90
N LEU A 144 -11.86 39.28 11.63
CA LEU A 144 -10.98 38.14 11.41
C LEU A 144 -10.08 38.47 10.23
N LYS A 145 -8.89 37.91 10.24
CA LYS A 145 -7.90 38.25 9.23
C LYS A 145 -8.23 37.49 7.94
N ILE A 146 -8.74 38.23 6.95
CA ILE A 146 -9.15 37.67 5.66
C ILE A 146 -7.95 37.59 4.71
N ILE A 147 -6.94 36.79 5.03
CA ILE A 147 -5.75 36.93 4.28
C ILE A 147 -6.01 36.28 2.95
N ASP A 148 -6.72 36.90 2.04
CA ASP A 148 -6.74 36.25 0.71
C ASP A 148 -5.26 36.32 0.58
N LEU A 149 -4.52 35.37 0.17
CA LEU A 149 -3.06 35.68 0.27
C LEU A 149 -2.63 36.63 -0.84
N SER A 150 -3.53 37.02 -1.70
CA SER A 150 -3.15 37.94 -2.81
C SER A 150 -3.22 39.41 -2.32
N ALA A 151 -3.85 39.65 -1.20
CA ALA A 151 -3.98 41.05 -0.69
C ALA A 151 -2.73 41.49 0.06
N ILE A 152 -1.58 40.98 -0.27
CA ILE A 152 -0.35 41.39 0.46
C ILE A 152 0.29 42.60 -0.24
N GLN A 153 0.41 43.71 0.46
CA GLN A 153 1.03 44.94 -0.14
C GLN A 153 2.48 45.09 0.32
N ASP A 154 2.90 44.36 1.33
CA ASP A 154 4.31 44.49 1.83
C ASP A 154 5.01 43.13 1.88
N GLU A 155 6.31 43.13 1.74
CA GLU A 155 7.06 41.85 1.79
C GLU A 155 6.92 41.25 3.19
N VAL A 156 6.65 39.98 3.27
CA VAL A 156 6.49 39.32 4.60
C VAL A 156 6.86 37.85 4.50
N ILE A 157 7.07 37.20 5.62
CA ILE A 157 7.36 35.74 5.60
C ILE A 157 6.02 35.05 5.79
N LEU A 158 5.82 33.91 5.19
CA LEU A 158 4.49 33.21 5.31
C LEU A 158 4.57 32.12 6.37
N VAL A 159 3.79 32.24 7.43
CA VAL A 159 3.77 31.22 8.51
C VAL A 159 2.36 30.65 8.65
N ALA A 160 2.20 29.35 8.65
CA ALA A 160 0.84 28.75 8.77
C ALA A 160 0.97 27.32 9.31
N ALA A 161 -0.08 26.77 9.83
CA ALA A 161 0.02 25.37 10.33
C ALA A 161 0.21 24.45 9.12
N ASP A 162 -0.46 24.77 8.03
CA ASP A 162 -0.32 23.96 6.79
C ASP A 162 -1.01 24.70 5.64
N LEU A 163 -0.50 24.57 4.43
CA LEU A 163 -1.12 25.29 3.26
C LEU A 163 -1.72 24.26 2.29
N THR A 164 -2.88 24.55 1.75
CA THR A 164 -3.52 23.61 0.79
C THR A 164 -3.15 24.05 -0.64
N PRO A 165 -2.99 23.12 -1.56
CA PRO A 165 -2.63 23.46 -2.98
C PRO A 165 -3.37 24.71 -3.48
N SER A 166 -4.59 24.90 -3.09
CA SER A 166 -5.37 26.08 -3.56
C SER A 166 -4.66 27.37 -3.15
N GLU A 167 -4.14 27.43 -1.97
CA GLU A 167 -3.46 28.67 -1.52
C GLU A 167 -2.17 28.89 -2.32
N THR A 168 -1.43 27.84 -2.56
CA THR A 168 -0.14 27.99 -3.30
C THR A 168 -0.34 28.69 -4.65
N ALA A 169 -1.46 28.50 -5.28
CA ALA A 169 -1.67 29.16 -6.62
C ALA A 169 -1.90 30.65 -6.44
N GLN A 170 -2.83 31.03 -5.59
CA GLN A 170 -3.13 32.47 -5.38
C GLN A 170 -2.17 33.02 -4.34
N LEU A 171 -0.94 32.56 -4.37
CA LEU A 171 0.08 33.04 -3.39
C LEU A 171 1.06 34.00 -4.09
N ASN A 172 1.42 35.08 -3.44
CA ASN A 172 2.38 36.05 -4.07
C ASN A 172 3.82 35.58 -3.82
N LEU A 173 4.45 34.99 -4.80
CA LEU A 173 5.85 34.51 -4.62
C LEU A 173 6.80 35.68 -4.38
N LYS A 174 6.63 36.78 -5.08
CA LYS A 174 7.57 37.93 -4.92
C LYS A 174 7.40 38.61 -3.56
N LYS A 175 6.23 38.59 -2.98
CA LYS A 175 6.05 39.30 -1.67
C LYS A 175 6.28 38.33 -0.51
N VAL A 176 6.42 37.06 -0.80
CA VAL A 176 6.70 36.07 0.30
C VAL A 176 8.19 35.74 0.25
N LEU A 177 8.92 36.12 1.26
CA LEU A 177 10.40 35.87 1.26
C LEU A 177 10.71 34.46 1.74
N GLY A 178 9.72 33.66 1.97
CA GLY A 178 10.00 32.27 2.42
C GLY A 178 8.70 31.62 2.87
N PHE A 179 8.74 30.36 3.21
CA PHE A 179 7.51 29.66 3.66
C PHE A 179 7.85 28.84 4.91
N ILE A 180 7.07 28.98 5.94
CA ILE A 180 7.33 28.20 7.20
C ILE A 180 6.03 27.57 7.67
N THR A 181 6.02 26.29 7.87
CA THR A 181 4.77 25.62 8.33
C THR A 181 5.08 24.40 9.19
N ASP A 182 4.10 23.94 9.93
CA ASP A 182 4.30 22.76 10.82
C ASP A 182 3.61 21.53 10.18
N ALA A 183 3.44 21.51 8.89
CA ALA A 183 2.76 20.35 8.24
C ALA A 183 3.45 19.02 8.59
N GLY A 184 3.17 17.99 7.84
CA GLY A 184 3.77 16.65 8.11
C GLY A 184 5.24 16.62 7.66
N GLY A 185 5.53 16.98 6.44
CA GLY A 185 6.95 16.96 5.99
C GLY A 185 7.05 17.22 4.48
N ARG A 186 7.98 16.57 3.84
CA ARG A 186 8.15 16.76 2.37
C ARG A 186 6.93 16.23 1.64
N THR A 187 6.23 15.30 2.23
CA THR A 187 5.04 14.74 1.55
C THR A 187 3.98 15.82 1.40
N SER A 188 4.29 17.02 1.81
CA SER A 188 3.31 18.14 1.70
C SER A 188 3.51 18.89 0.36
N HIS A 189 2.43 19.13 -0.35
CA HIS A 189 2.53 19.83 -1.67
C HIS A 189 3.39 21.10 -1.56
N THR A 190 3.07 21.97 -0.65
CA THR A 190 3.84 23.23 -0.52
C THR A 190 5.33 22.94 -0.30
N SER A 191 5.66 21.89 0.40
CA SER A 191 7.10 21.57 0.65
C SER A 191 7.84 21.36 -0.68
N ILE A 192 7.22 20.69 -1.61
CA ILE A 192 7.89 20.44 -2.93
C ILE A 192 8.15 21.79 -3.60
N MET A 193 7.25 22.72 -3.49
CA MET A 193 7.45 24.05 -4.15
C MET A 193 8.71 24.72 -3.61
N ALA A 194 8.97 24.65 -2.34
CA ALA A 194 10.20 25.31 -1.80
C ALA A 194 11.41 24.71 -2.51
N ARG A 195 11.42 23.42 -2.70
CA ARG A 195 12.58 22.79 -3.38
C ARG A 195 12.70 23.35 -4.80
N SER A 196 11.68 23.21 -5.58
CA SER A 196 11.72 23.71 -6.99
C SER A 196 11.89 25.24 -7.05
N LEU A 197 11.24 25.96 -6.18
CA LEU A 197 11.39 27.45 -6.22
C LEU A 197 12.78 27.84 -5.74
N GLU A 198 13.42 26.99 -4.98
CA GLU A 198 14.78 27.28 -4.45
C GLU A 198 14.73 28.48 -3.50
N LEU A 199 13.81 28.45 -2.57
CA LEU A 199 13.70 29.56 -1.56
C LEU A 199 13.75 28.92 -0.16
N PRO A 200 14.36 29.57 0.81
CA PRO A 200 14.45 29.00 2.21
C PRO A 200 13.08 28.75 2.83
N ALA A 201 12.89 27.62 3.48
CA ALA A 201 11.55 27.34 4.10
C ALA A 201 11.59 26.10 5.01
N ILE A 202 10.75 26.07 6.01
CA ILE A 202 10.65 24.91 6.95
C ILE A 202 9.21 24.39 6.91
N VAL A 203 9.01 23.10 7.09
CA VAL A 203 7.61 22.54 7.07
C VAL A 203 7.35 21.69 8.32
N GLY A 204 8.37 21.41 9.09
CA GLY A 204 8.20 20.56 10.32
C GLY A 204 8.42 21.38 11.59
N THR A 205 8.25 22.68 11.53
CA THR A 205 8.47 23.53 12.74
C THR A 205 7.81 22.87 13.96
N GLY A 206 6.62 22.36 13.80
CA GLY A 206 5.93 21.69 14.95
C GLY A 206 5.01 22.67 15.70
N SER A 207 5.50 23.82 16.07
CA SER A 207 4.62 24.77 16.83
C SER A 207 5.17 26.20 16.77
N VAL A 208 5.68 26.62 15.65
CA VAL A 208 6.21 28.01 15.57
C VAL A 208 5.05 29.00 15.45
N THR A 209 4.05 28.67 14.67
CA THR A 209 2.91 29.62 14.49
C THR A 209 2.27 29.96 15.84
N SER A 210 2.31 29.07 16.79
CA SER A 210 1.70 29.37 18.11
C SER A 210 2.62 30.28 18.91
N GLN A 211 3.84 30.42 18.46
CA GLN A 211 4.82 31.29 19.16
C GLN A 211 4.97 32.63 18.42
N VAL A 212 4.46 32.69 17.21
CA VAL A 212 4.60 33.95 16.40
C VAL A 212 3.26 34.67 16.26
N LYS A 213 3.29 35.98 16.31
CA LYS A 213 2.07 36.81 16.10
C LYS A 213 2.26 37.52 14.77
N ASN A 214 1.23 37.92 14.10
CA ASN A 214 1.46 38.63 12.81
C ASN A 214 2.27 39.89 13.08
N ASP A 215 3.03 40.33 12.10
CA ASP A 215 3.86 41.57 12.23
C ASP A 215 5.11 41.31 13.10
N ASP A 216 5.37 40.08 13.43
CA ASP A 216 6.59 39.79 14.25
C ASP A 216 7.80 39.81 13.30
N TYR A 217 8.92 40.29 13.76
CA TYR A 217 10.14 40.30 12.90
C TYR A 217 10.91 39.00 13.17
N LEU A 218 11.14 38.21 12.15
CA LEU A 218 11.87 36.91 12.35
C LEU A 218 13.01 36.78 11.37
N ILE A 219 14.07 36.11 11.75
CA ILE A 219 15.21 35.89 10.81
C ILE A 219 15.31 34.37 10.63
N LEU A 220 15.29 33.89 9.42
CA LEU A 220 15.35 32.42 9.18
C LEU A 220 16.77 32.02 8.82
N ASP A 221 17.38 31.19 9.63
CA ASP A 221 18.77 30.75 9.33
C ASP A 221 18.73 29.73 8.20
N ALA A 222 17.83 28.80 8.28
CA ALA A 222 17.74 27.76 7.21
C ALA A 222 19.14 27.17 6.98
N VAL A 223 20.05 27.43 7.89
CA VAL A 223 21.44 26.90 7.78
C VAL A 223 21.77 26.24 9.12
N ASN A 224 21.48 26.92 10.19
CA ASN A 224 21.71 26.33 11.55
C ASN A 224 20.35 25.78 12.00
N ASN A 225 19.37 25.91 11.16
CA ASN A 225 18.01 25.41 11.49
C ASN A 225 17.49 26.11 12.75
N GLN A 226 17.63 27.41 12.82
CA GLN A 226 17.14 28.17 14.02
C GLN A 226 16.39 29.42 13.58
N VAL A 227 15.51 29.90 14.41
CA VAL A 227 14.73 31.15 14.09
C VAL A 227 14.94 32.16 15.21
N TYR A 228 15.30 33.38 14.87
CA TYR A 228 15.52 34.42 15.91
C TYR A 228 14.30 35.36 15.97
N VAL A 229 13.70 35.46 17.12
CA VAL A 229 12.48 36.33 17.28
C VAL A 229 12.87 37.68 17.93
N ASN A 230 12.73 38.76 17.21
CA ASN A 230 13.07 40.10 17.78
C ASN A 230 14.49 40.10 18.36
N PRO A 231 15.42 39.45 17.70
CA PRO A 231 16.83 39.30 18.18
C PRO A 231 17.66 40.56 18.40
N THR A 232 18.83 40.32 18.94
CA THR A 232 19.81 41.39 19.15
C THR A 232 20.40 41.72 17.79
N ASN A 233 20.66 42.97 17.50
CA ASN A 233 21.20 43.32 16.16
C ASN A 233 22.39 42.42 15.80
N GLU A 234 23.09 41.89 16.76
CA GLU A 234 24.28 41.02 16.44
C GLU A 234 23.82 39.74 15.71
N VAL A 235 22.74 39.16 16.12
CA VAL A 235 22.27 37.93 15.41
C VAL A 235 21.84 38.32 13.99
N ILE A 236 21.17 39.43 13.87
CA ILE A 236 20.79 39.92 12.56
C ILE A 236 22.05 40.07 11.73
N ASP A 237 23.16 40.15 12.43
CA ASP A 237 24.44 40.27 11.75
C ASP A 237 25.05 38.94 11.33
N LYS A 238 25.25 38.01 12.29
CA LYS A 238 25.71 36.63 12.04
C LYS A 238 25.00 36.03 10.85
N MET A 239 23.66 36.09 10.90
CA MET A 239 22.79 35.62 9.84
C MET A 239 23.11 36.28 8.52
N ARG A 240 23.25 37.60 8.54
CA ARG A 240 23.53 38.33 7.32
C ARG A 240 24.83 37.79 6.69
N ALA A 241 25.76 37.38 7.54
CA ALA A 241 27.02 36.80 7.05
C ALA A 241 26.82 35.37 6.58
N VAL A 242 25.86 34.69 7.19
CA VAL A 242 25.54 33.30 6.85
C VAL A 242 24.96 33.29 5.45
N GLN A 243 24.14 34.31 5.20
CA GLN A 243 23.54 34.60 3.91
C GLN A 243 24.57 34.94 2.84
N GLU A 244 25.63 35.64 3.24
CA GLU A 244 26.77 35.84 2.34
C GLU A 244 27.39 34.52 1.88
N GLN A 245 27.58 33.58 2.79
CA GLN A 245 28.22 32.31 2.46
C GLN A 245 27.35 31.58 1.46
N VAL A 246 26.05 31.56 1.79
CA VAL A 246 25.02 30.98 0.95
C VAL A 246 25.12 31.51 -0.48
N ALA A 247 25.23 32.83 -0.62
CA ALA A 247 25.37 33.47 -1.92
C ALA A 247 26.68 33.11 -2.66
N SER A 248 27.78 32.98 -1.92
CA SER A 248 29.05 32.55 -2.49
C SER A 248 28.95 31.11 -2.94
N GLU A 249 28.28 30.29 -2.15
CA GLU A 249 28.08 28.90 -2.54
C GLU A 249 27.45 28.84 -3.92
N LYS A 250 26.45 29.69 -4.16
CA LYS A 250 25.79 29.69 -5.46
C LYS A 250 26.82 30.04 -6.50
N ALA A 251 27.47 31.18 -6.28
CA ALA A 251 28.48 31.69 -7.19
C ALA A 251 29.51 30.63 -7.60
N GLU A 252 29.94 29.82 -6.64
CA GLU A 252 30.93 28.76 -6.96
C GLU A 252 30.31 27.60 -7.75
N LEU A 253 29.20 27.05 -7.22
CA LEU A 253 28.44 26.01 -7.90
C LEU A 253 28.06 26.43 -9.31
N ALA A 254 27.72 27.69 -9.48
CA ALA A 254 27.39 28.28 -10.78
C ALA A 254 28.32 27.88 -11.92
N LYS A 255 29.59 27.69 -11.59
CA LYS A 255 30.56 27.36 -12.69
C LYS A 255 30.12 26.24 -13.71
N LEU A 256 30.28 26.58 -15.04
CA LEU A 256 29.96 25.71 -16.25
C LEU A 256 31.09 25.57 -17.30
N LYS A 257 31.33 24.31 -17.71
CA LYS A 257 32.33 23.97 -18.75
C LYS A 257 31.76 23.02 -19.83
N ASP A 258 32.04 23.34 -21.11
CA ASP A 258 31.61 22.51 -22.26
C ASP A 258 32.30 21.14 -22.26
N LEU A 259 31.53 20.08 -22.54
CA LEU A 259 32.05 18.70 -22.52
C LEU A 259 32.76 18.43 -21.18
N PRO A 260 32.04 18.71 -20.11
CA PRO A 260 32.49 18.54 -18.68
C PRO A 260 32.37 17.13 -18.13
N ALA A 261 32.94 16.92 -16.94
CA ALA A 261 32.84 15.65 -16.23
C ALA A 261 33.95 14.68 -16.60
N ILE A 262 35.17 15.14 -16.49
CA ILE A 262 36.36 14.30 -16.73
C ILE A 262 37.21 14.25 -15.46
N THR A 263 37.48 13.04 -15.00
CA THR A 263 38.42 12.84 -13.93
C THR A 263 39.80 13.38 -14.33
N LEU A 264 40.62 13.67 -13.30
CA LEU A 264 42.02 14.03 -13.47
C LEU A 264 42.74 13.18 -14.51
N ASP A 265 42.52 11.87 -14.47
CA ASP A 265 43.19 10.95 -15.37
C ASP A 265 42.43 10.65 -16.66
N GLY A 266 41.51 11.51 -17.06
CA GLY A 266 40.93 11.41 -18.42
C GLY A 266 39.65 10.60 -18.68
N HIS A 267 38.93 10.23 -17.63
CA HIS A 267 37.76 9.39 -17.79
C HIS A 267 36.56 10.31 -17.82
N GLN A 268 35.77 10.22 -18.90
CA GLN A 268 34.60 11.05 -19.06
C GLN A 268 33.28 10.34 -18.82
N VAL A 269 32.36 11.06 -18.19
CA VAL A 269 30.96 10.57 -18.05
C VAL A 269 30.00 11.67 -18.46
N GLU A 270 28.77 11.33 -18.80
CA GLU A 270 27.80 12.36 -18.99
C GLU A 270 27.18 12.70 -17.64
N VAL A 271 26.70 13.92 -17.54
CA VAL A 271 26.11 14.41 -16.33
C VAL A 271 24.96 15.30 -16.80
N CYS A 272 23.74 14.90 -16.47
CA CYS A 272 22.58 15.50 -17.09
C CYS A 272 21.57 15.78 -16.05
N ALA A 273 20.52 16.49 -16.48
CA ALA A 273 19.44 16.81 -15.59
C ALA A 273 18.28 15.85 -15.79
N ASN A 274 17.66 15.47 -14.68
CA ASN A 274 16.35 14.90 -14.75
C ASN A 274 15.43 16.06 -14.83
N ILE A 275 14.41 16.01 -15.69
CA ILE A 275 13.42 17.11 -15.75
C ILE A 275 11.99 16.62 -15.72
N GLY A 276 11.09 17.58 -15.51
CA GLY A 276 9.67 17.31 -15.49
C GLY A 276 8.88 18.06 -16.54
N THR A 277 9.47 19.12 -17.12
CA THR A 277 8.71 20.20 -17.79
C THR A 277 9.73 21.08 -18.49
N VAL A 278 9.51 21.50 -19.76
CA VAL A 278 10.39 22.54 -20.38
C VAL A 278 10.99 23.52 -19.38
N ARG A 279 10.17 23.91 -18.39
CA ARG A 279 10.59 24.90 -17.40
C ARG A 279 11.83 24.46 -16.62
N ASP A 280 12.15 23.17 -16.65
CA ASP A 280 13.25 22.64 -15.90
C ASP A 280 14.52 22.74 -16.74
N VAL A 281 14.38 22.99 -18.04
CA VAL A 281 15.50 23.08 -18.95
C VAL A 281 16.36 24.28 -18.54
N GLU A 282 15.68 25.27 -18.00
CA GLU A 282 16.35 26.47 -17.60
C GLU A 282 17.36 26.12 -16.51
N GLY A 283 16.89 25.56 -15.38
CA GLY A 283 17.79 25.04 -14.33
C GLY A 283 18.88 24.13 -14.86
N ALA A 284 18.56 23.31 -15.85
CA ALA A 284 19.56 22.38 -16.38
C ALA A 284 20.70 23.11 -17.08
N GLU A 285 20.34 24.14 -17.86
CA GLU A 285 21.33 24.89 -18.60
C GLU A 285 22.11 25.70 -17.59
N ARG A 286 21.39 26.20 -16.60
CA ARG A 286 21.98 27.02 -15.55
C ARG A 286 23.10 26.28 -14.78
N ASN A 287 22.90 24.98 -14.60
CA ASN A 287 23.74 24.16 -13.76
C ASN A 287 24.69 23.27 -14.54
N GLY A 288 24.75 23.52 -15.84
CA GLY A 288 25.82 22.95 -16.64
C GLY A 288 25.57 21.56 -17.14
N ALA A 289 24.29 21.17 -17.15
CA ALA A 289 23.81 19.88 -17.66
C ALA A 289 24.30 19.68 -19.08
N GLU A 290 24.76 18.49 -19.42
CA GLU A 290 25.17 18.21 -20.81
C GLU A 290 24.04 17.60 -21.65
N GLY A 291 22.86 17.46 -21.07
CA GLY A 291 21.68 16.93 -21.77
C GLY A 291 20.70 16.54 -20.68
N VAL A 292 19.60 15.90 -21.07
CA VAL A 292 18.59 15.46 -20.14
C VAL A 292 18.60 13.94 -20.07
N GLY A 293 18.72 13.41 -18.85
CA GLY A 293 18.93 12.00 -18.67
C GLY A 293 17.62 11.32 -18.35
N LEU A 294 16.60 12.09 -18.00
CA LEU A 294 15.31 11.51 -17.70
C LEU A 294 14.28 12.61 -17.73
N TYR A 295 13.31 12.44 -18.61
CA TYR A 295 12.24 13.36 -18.77
C TYR A 295 11.07 12.55 -18.28
N ARG A 296 10.77 12.76 -17.00
CA ARG A 296 9.64 12.13 -16.32
C ARG A 296 8.40 12.68 -16.96
N THR A 297 7.81 11.97 -17.90
CA THR A 297 6.66 12.52 -18.62
C THR A 297 5.39 12.62 -17.75
N GLU A 298 5.31 11.85 -16.66
CA GLU A 298 4.19 11.96 -15.70
C GLU A 298 3.99 13.38 -15.32
N PHE A 299 5.09 14.07 -15.11
CA PHE A 299 5.10 15.38 -14.50
C PHE A 299 4.39 16.33 -15.46
N LEU A 300 4.57 16.09 -16.76
CA LEU A 300 3.86 16.86 -17.73
C LEU A 300 2.38 16.56 -17.61
N PHE A 301 2.04 15.35 -17.22
CA PHE A 301 0.65 14.91 -17.11
C PHE A 301 0.00 15.51 -15.88
N MET A 302 0.82 15.82 -14.88
CA MET A 302 0.30 16.45 -13.66
C MET A 302 0.43 17.97 -13.78
N ASP A 303 0.86 18.42 -14.95
CA ASP A 303 0.92 19.83 -15.23
C ASP A 303 -0.37 20.33 -15.87
N ARG A 304 -1.38 19.43 -15.97
CA ARG A 304 -2.65 19.60 -16.71
C ARG A 304 -3.83 19.02 -15.93
N ASP A 305 -5.08 19.42 -16.22
CA ASP A 305 -6.23 18.74 -15.58
C ASP A 305 -6.99 17.77 -16.50
N ALA A 306 -6.31 17.31 -17.54
CA ALA A 306 -6.86 16.30 -18.45
C ALA A 306 -5.71 15.51 -18.98
N LEU A 307 -5.98 14.28 -19.47
CA LEU A 307 -4.95 13.47 -20.10
C LEU A 307 -4.52 14.12 -21.40
N PRO A 308 -3.19 14.36 -21.58
CA PRO A 308 -2.74 15.05 -22.79
C PRO A 308 -2.74 14.14 -24.00
N THR A 309 -3.37 14.60 -25.06
CA THR A 309 -3.58 13.82 -26.26
C THR A 309 -2.28 13.62 -26.98
N GLU A 310 -2.32 12.87 -28.05
CA GLU A 310 -1.13 12.74 -28.84
C GLU A 310 -0.58 14.13 -29.17
N GLU A 311 -1.45 15.01 -29.64
CA GLU A 311 -1.04 16.32 -30.13
C GLU A 311 -0.45 17.19 -28.99
N GLU A 312 -1.08 17.16 -27.82
CA GLU A 312 -0.59 17.98 -26.72
C GLU A 312 0.76 17.47 -26.27
N GLN A 313 0.93 16.14 -26.35
CA GLN A 313 2.17 15.54 -25.91
C GLN A 313 3.27 15.89 -26.87
N PHE A 314 2.93 15.72 -28.13
CA PHE A 314 3.84 16.03 -29.19
C PHE A 314 4.40 17.44 -28.98
N ALA A 315 3.50 18.39 -28.69
CA ALA A 315 3.87 19.80 -28.64
C ALA A 315 4.81 20.01 -27.49
N ALA A 316 4.45 19.39 -26.37
CA ALA A 316 5.18 19.47 -25.13
C ALA A 316 6.55 18.89 -25.34
N TYR A 317 6.62 17.72 -25.99
CA TYR A 317 7.90 17.07 -26.30
C TYR A 317 8.75 17.88 -27.23
N LYS A 318 8.10 18.46 -28.25
CA LYS A 318 8.75 19.30 -29.29
C LYS A 318 9.39 20.45 -28.59
N ALA A 319 8.60 21.13 -27.76
CA ALA A 319 9.17 22.27 -27.02
C ALA A 319 10.43 21.85 -26.29
N VAL A 320 10.38 20.72 -25.57
CA VAL A 320 11.50 20.33 -24.74
C VAL A 320 12.67 20.09 -25.69
N ALA A 321 12.43 19.29 -26.71
CA ALA A 321 13.48 18.93 -27.65
C ALA A 321 14.17 20.16 -28.18
N GLU A 322 13.39 21.22 -28.30
CA GLU A 322 13.89 22.43 -28.87
C GLU A 322 14.51 23.31 -27.81
N ALA A 323 13.94 23.32 -26.62
CA ALA A 323 14.54 24.08 -25.54
C ALA A 323 15.83 23.44 -25.12
N CYS A 324 16.09 22.25 -25.62
CA CYS A 324 17.36 21.63 -25.31
C CYS A 324 18.42 21.79 -26.37
N GLY A 325 18.08 22.46 -27.48
CA GLY A 325 19.06 22.76 -28.51
C GLY A 325 19.67 21.49 -29.08
N SER A 326 20.98 21.43 -29.01
CA SER A 326 21.71 20.32 -29.61
C SER A 326 21.56 19.10 -28.74
N GLN A 327 21.18 19.30 -27.47
CA GLN A 327 21.26 18.25 -26.46
C GLN A 327 20.20 17.15 -26.57
N ALA A 328 20.57 15.96 -26.12
CA ALA A 328 19.72 14.77 -26.16
C ALA A 328 18.79 14.73 -24.95
N VAL A 329 17.53 14.42 -25.17
CA VAL A 329 16.63 14.21 -24.05
C VAL A 329 16.20 12.74 -23.97
N ILE A 330 16.28 12.14 -22.79
CA ILE A 330 15.81 10.77 -22.62
C ILE A 330 14.38 10.87 -22.07
N VAL A 331 13.43 10.69 -22.98
CA VAL A 331 12.03 10.85 -22.68
C VAL A 331 11.57 9.52 -22.14
N ARG A 332 11.17 9.49 -20.87
CA ARG A 332 10.66 8.22 -20.33
C ARG A 332 9.18 8.22 -20.55
N THR A 333 8.69 7.10 -21.03
CA THR A 333 7.25 6.95 -21.11
C THR A 333 6.74 6.92 -19.69
N MET A 334 5.44 7.15 -19.60
CA MET A 334 4.76 7.60 -18.41
C MET A 334 4.79 6.63 -17.24
N ASP A 335 5.02 7.17 -16.05
CA ASP A 335 5.10 6.36 -14.85
C ASP A 335 4.15 6.91 -13.78
N ILE A 336 2.90 6.54 -13.92
CA ILE A 336 1.90 6.83 -12.95
C ILE A 336 1.67 5.58 -12.08
N GLY A 337 1.40 5.79 -10.80
CA GLY A 337 0.81 4.74 -10.01
C GLY A 337 1.50 4.18 -8.77
N GLY A 338 2.54 4.84 -8.30
CA GLY A 338 3.03 4.43 -7.00
C GLY A 338 2.58 5.59 -6.15
N ASP A 339 3.53 6.35 -5.65
CA ASP A 339 3.16 7.59 -5.02
C ASP A 339 2.80 8.67 -6.05
N LYS A 340 2.81 8.36 -7.35
CA LYS A 340 2.36 9.37 -8.32
C LYS A 340 1.09 9.03 -9.11
N GLU A 341 -0.02 9.31 -8.45
CA GLU A 341 -1.24 9.18 -9.11
C GLU A 341 -1.49 10.48 -9.87
N LEU A 342 -2.23 10.40 -10.97
CA LEU A 342 -2.93 11.58 -11.42
C LEU A 342 -4.43 11.44 -11.19
N PRO A 343 -4.92 12.20 -10.20
CA PRO A 343 -6.31 12.25 -9.75
C PRO A 343 -7.29 12.25 -10.93
N TYR A 344 -7.02 13.05 -11.95
CA TYR A 344 -7.95 13.05 -13.10
C TYR A 344 -8.21 11.68 -13.76
N MET A 345 -7.37 10.68 -13.45
CA MET A 345 -7.55 9.36 -14.04
C MET A 345 -8.54 8.54 -13.24
N ASN A 346 -8.78 8.95 -11.99
CA ASN A 346 -9.70 8.25 -11.12
C ASN A 346 -9.45 6.75 -11.02
N PHE A 347 -8.21 6.34 -11.19
CA PHE A 347 -7.90 4.94 -11.05
C PHE A 347 -8.37 4.47 -9.68
N PRO A 348 -8.67 3.17 -9.56
CA PRO A 348 -9.06 2.66 -8.24
C PRO A 348 -7.88 2.53 -7.29
N LYS A 349 -8.17 2.51 -5.98
CA LYS A 349 -7.14 2.35 -4.97
C LYS A 349 -6.53 0.97 -4.99
N GLU A 350 -5.28 0.92 -4.54
CA GLU A 350 -4.54 -0.34 -4.37
C GLU A 350 -3.95 -0.47 -2.98
N GLU A 351 -3.85 -1.71 -2.55
CA GLU A 351 -3.30 -1.99 -1.27
C GLU A 351 -1.81 -1.61 -1.20
N ASN A 352 -1.08 -1.80 -2.29
CA ASN A 352 0.33 -1.36 -2.33
C ASN A 352 0.60 -0.69 -3.66
N PRO A 353 0.35 0.62 -3.74
CA PRO A 353 0.50 1.23 -5.04
C PRO A 353 1.87 0.94 -5.61
N PHE A 354 2.89 0.97 -4.78
CA PHE A 354 4.26 0.80 -5.29
C PHE A 354 4.60 -0.58 -5.81
N LEU A 355 3.79 -1.57 -5.44
CA LEU A 355 3.82 -2.89 -6.03
C LEU A 355 2.59 -3.15 -6.88
N GLY A 356 2.02 -2.10 -7.45
CA GLY A 356 0.74 -2.24 -8.13
C GLY A 356 0.81 -1.94 -9.61
N TRP A 357 -0.28 -1.34 -10.09
CA TRP A 357 -0.58 -1.21 -11.49
C TRP A 357 0.00 0.11 -11.95
N ARG A 358 1.29 0.05 -12.17
CA ARG A 358 2.12 1.22 -12.28
C ARG A 358 2.80 1.33 -13.67
N ALA A 359 2.82 2.55 -14.20
CA ALA A 359 3.67 2.90 -15.35
C ALA A 359 3.27 2.05 -16.52
N ILE A 360 4.16 1.19 -16.93
CA ILE A 360 4.02 0.40 -18.15
C ILE A 360 2.87 -0.64 -18.08
N ARG A 361 2.52 -0.95 -16.85
CA ARG A 361 1.49 -1.89 -16.63
C ARG A 361 0.17 -1.31 -17.02
N ILE A 362 0.09 0.02 -16.99
CA ILE A 362 -1.12 0.74 -17.42
C ILE A 362 -1.11 0.91 -18.94
N ALA A 363 -0.02 1.42 -19.45
CA ALA A 363 0.01 1.73 -20.84
C ALA A 363 -0.20 0.44 -21.67
N MET A 364 0.18 -0.70 -21.10
CA MET A 364 -0.09 -2.00 -21.75
C MET A 364 -1.50 -2.51 -21.52
N ASP A 365 -2.18 -1.99 -20.53
CA ASP A 365 -3.57 -2.41 -20.38
C ASP A 365 -4.49 -1.42 -21.02
N ARG A 366 -3.93 -0.32 -21.52
CA ARG A 366 -4.74 0.67 -22.18
C ARG A 366 -3.93 1.25 -23.26
N ARG A 367 -3.87 0.54 -24.40
CA ARG A 367 -3.02 0.94 -25.50
C ARG A 367 -3.16 2.38 -25.97
N GLU A 368 -4.38 2.92 -26.01
CA GLU A 368 -4.52 4.32 -26.41
C GLU A 368 -3.43 5.21 -25.71
N ILE A 369 -3.05 4.86 -24.47
CA ILE A 369 -2.14 5.69 -23.66
C ILE A 369 -0.70 5.52 -24.15
N LEU A 370 -0.27 4.27 -24.18
CA LEU A 370 0.97 3.91 -24.75
C LEU A 370 1.08 4.45 -26.20
N ARG A 371 0.03 4.29 -27.00
CA ARG A 371 0.11 4.65 -28.41
C ARG A 371 0.24 6.16 -28.67
N ASP A 372 -0.67 6.94 -28.05
CA ASP A 372 -0.65 8.37 -28.16
C ASP A 372 0.72 8.79 -27.81
N GLN A 373 1.21 8.31 -26.66
CA GLN A 373 2.49 8.80 -26.16
C GLN A 373 3.63 8.43 -27.08
N LEU A 374 3.80 7.16 -27.40
CA LEU A 374 4.92 6.78 -28.24
C LEU A 374 4.87 7.46 -29.59
N ARG A 375 3.70 7.45 -30.21
CA ARG A 375 3.41 8.31 -31.37
C ARG A 375 3.97 9.75 -31.19
N ALA A 376 3.51 10.44 -30.15
CA ALA A 376 3.98 11.77 -29.85
C ALA A 376 5.50 11.86 -29.71
N ILE A 377 6.13 10.95 -28.98
CA ILE A 377 7.57 11.01 -28.80
C ILE A 377 8.22 10.90 -30.18
N LEU A 378 7.90 9.83 -30.89
CA LEU A 378 8.50 9.62 -32.19
C LEU A 378 8.38 10.88 -33.02
N ARG A 379 7.17 11.43 -33.09
CA ARG A 379 6.98 12.54 -33.96
C ARG A 379 7.83 13.70 -33.49
N ALA A 380 7.93 13.88 -32.16
CA ALA A 380 8.77 14.96 -31.62
C ALA A 380 10.25 14.77 -31.95
N SER A 381 10.67 13.53 -32.19
CA SER A 381 12.06 13.24 -32.49
C SER A 381 12.45 13.78 -33.85
N ALA A 382 11.49 14.28 -34.59
CA ALA A 382 11.81 14.91 -35.86
C ALA A 382 12.37 16.28 -35.60
N PHE A 383 12.48 16.66 -34.32
CA PHE A 383 12.78 18.05 -33.99
C PHE A 383 13.93 18.25 -33.03
N GLY A 384 14.60 17.17 -32.63
CA GLY A 384 15.71 17.28 -31.73
C GLY A 384 16.07 15.90 -31.31
N LYS A 385 17.30 15.69 -30.79
CA LYS A 385 17.69 14.34 -30.38
C LYS A 385 16.88 13.87 -29.16
N LEU A 386 16.03 12.89 -29.38
CA LEU A 386 15.27 12.27 -28.29
C LEU A 386 15.63 10.80 -28.22
N ARG A 387 15.60 10.26 -27.00
CA ARG A 387 15.59 8.82 -26.80
C ARG A 387 14.29 8.43 -26.09
N ILE A 388 13.88 7.18 -26.25
CA ILE A 388 12.72 6.61 -25.54
C ILE A 388 13.20 5.65 -24.48
N MET A 389 12.61 5.75 -23.31
CA MET A 389 12.99 4.84 -22.26
C MET A 389 11.73 4.47 -21.57
N PHE A 390 11.68 3.24 -21.09
CA PHE A 390 10.52 2.66 -20.41
C PHE A 390 10.77 2.44 -18.94
N PRO A 391 9.79 2.80 -18.10
CA PRO A 391 9.81 2.61 -16.65
C PRO A 391 9.30 1.25 -16.20
N MET A 392 9.67 0.81 -14.99
CA MET A 392 9.08 -0.39 -14.36
C MET A 392 9.18 -1.69 -15.13
N ILE A 393 10.16 -1.80 -16.00
CA ILE A 393 10.44 -3.03 -16.72
C ILE A 393 10.86 -4.17 -15.79
N ILE A 394 10.28 -5.33 -16.04
CA ILE A 394 10.45 -6.47 -15.16
C ILE A 394 10.87 -7.75 -15.85
N SER A 395 10.68 -7.80 -17.18
CA SER A 395 10.92 -9.02 -17.93
C SER A 395 11.39 -8.71 -19.34
N VAL A 396 12.03 -9.67 -20.00
CA VAL A 396 12.29 -9.52 -21.41
C VAL A 396 10.96 -9.53 -22.15
N GLU A 397 10.01 -10.32 -21.69
CA GLU A 397 8.66 -10.29 -22.30
C GLU A 397 8.15 -8.85 -22.53
N GLU A 398 8.11 -8.07 -21.44
CA GLU A 398 7.63 -6.68 -21.52
C GLU A 398 8.36 -5.87 -22.61
N VAL A 399 9.67 -5.87 -22.59
CA VAL A 399 10.45 -5.12 -23.61
C VAL A 399 10.11 -5.49 -25.07
N ARG A 400 10.06 -6.78 -25.37
CA ARG A 400 9.73 -7.17 -26.71
C ARG A 400 8.32 -6.72 -27.09
N ALA A 401 7.39 -6.72 -26.14
CA ALA A 401 6.03 -6.41 -26.49
C ALA A 401 5.93 -4.91 -26.83
N LEU A 402 6.78 -4.12 -26.20
CA LEU A 402 6.77 -2.68 -26.33
C LEU A 402 7.54 -2.20 -27.59
N ARG A 403 8.65 -2.88 -27.89
CA ARG A 403 9.40 -2.64 -29.14
C ARG A 403 8.55 -2.94 -30.35
N LYS A 404 7.81 -4.03 -30.23
CA LYS A 404 6.88 -4.44 -31.25
C LYS A 404 5.85 -3.34 -31.41
N GLU A 405 5.37 -2.85 -30.30
CA GLU A 405 4.52 -1.70 -30.31
C GLU A 405 5.18 -0.49 -31.01
N ILE A 406 6.37 -0.09 -30.58
CA ILE A 406 7.05 0.99 -31.29
C ILE A 406 7.02 0.75 -32.82
N GLU A 407 7.50 -0.41 -33.27
CA GLU A 407 7.54 -0.71 -34.66
C GLU A 407 6.21 -0.51 -35.38
N ILE A 408 5.10 -0.82 -34.71
CA ILE A 408 3.78 -0.58 -35.28
C ILE A 408 3.49 0.92 -35.41
N TYR A 409 3.69 1.63 -34.32
CA TYR A 409 3.53 3.05 -34.31
C TYR A 409 4.48 3.73 -35.28
N LYS A 410 5.65 3.16 -35.53
CA LYS A 410 6.60 3.75 -36.45
C LYS A 410 6.02 3.72 -37.84
N GLN A 411 5.43 2.58 -38.22
CA GLN A 411 4.90 2.41 -39.57
C GLN A 411 3.75 3.34 -39.80
N GLU A 412 2.83 3.40 -38.85
CA GLU A 412 1.72 4.28 -38.97
C GLU A 412 2.21 5.68 -39.29
N LEU A 413 3.14 6.20 -38.50
CA LEU A 413 3.73 7.50 -38.82
C LEU A 413 4.24 7.58 -40.27
N ARG A 414 5.13 6.65 -40.66
CA ARG A 414 5.56 6.48 -42.08
C ARG A 414 4.39 6.58 -43.07
N ASP A 415 3.28 5.97 -42.74
CA ASP A 415 2.12 5.93 -43.62
C ASP A 415 1.30 7.19 -43.64
N GLU A 416 1.44 8.00 -42.60
CA GLU A 416 0.69 9.24 -42.50
C GLU A 416 1.55 10.44 -42.94
N GLY A 417 2.76 10.16 -43.46
CA GLY A 417 3.67 11.19 -43.98
C GLY A 417 4.17 12.10 -42.87
N LYS A 418 4.58 11.45 -41.78
CA LYS A 418 5.02 12.08 -40.56
C LYS A 418 6.45 11.62 -40.16
N ALA A 419 7.40 12.54 -40.26
CA ALA A 419 8.81 12.29 -39.96
C ALA A 419 8.96 11.88 -38.50
N PHE A 420 9.93 10.99 -38.28
CA PHE A 420 10.44 10.69 -36.99
C PHE A 420 11.86 10.24 -37.23
N ASP A 421 12.70 10.40 -36.21
CA ASP A 421 14.11 10.08 -36.29
C ASP A 421 14.13 8.58 -36.41
N GLU A 422 14.55 8.06 -37.56
CA GLU A 422 14.65 6.60 -37.73
C GLU A 422 15.76 6.00 -36.86
N SER A 423 16.66 6.84 -36.36
CA SER A 423 17.80 6.43 -35.54
C SER A 423 17.44 6.27 -34.08
N ILE A 424 16.16 6.43 -33.74
CA ILE A 424 15.81 6.75 -32.37
C ILE A 424 16.14 5.59 -31.48
N GLU A 425 16.84 5.90 -30.39
CA GLU A 425 17.29 4.84 -29.53
C GLU A 425 16.33 4.60 -28.42
N ILE A 426 16.26 3.33 -28.06
CA ILE A 426 15.31 2.83 -27.11
C ILE A 426 16.05 2.14 -25.97
N GLY A 427 15.67 2.44 -24.74
CA GLY A 427 16.30 1.80 -23.59
C GLY A 427 15.29 1.51 -22.49
N VAL A 428 15.76 1.12 -21.33
CA VAL A 428 14.83 0.75 -20.29
C VAL A 428 15.36 1.21 -18.97
N MET A 429 14.45 1.54 -18.07
CA MET A 429 14.80 1.84 -16.71
C MET A 429 15.19 0.50 -16.15
N VAL A 430 16.31 0.40 -15.47
CA VAL A 430 16.54 -0.79 -14.65
C VAL A 430 16.28 -0.33 -13.20
N GLU A 431 15.09 -0.56 -12.67
CA GLU A 431 14.76 -0.03 -11.37
C GLU A 431 13.98 -1.05 -10.57
N THR A 432 13.94 -2.21 -11.14
CA THR A 432 13.38 -3.41 -10.57
C THR A 432 14.57 -4.42 -10.37
N PRO A 433 14.54 -5.21 -9.27
CA PRO A 433 15.53 -6.24 -9.04
C PRO A 433 15.39 -7.32 -10.10
N ALA A 434 14.20 -7.53 -10.63
CA ALA A 434 14.03 -8.38 -11.80
C ALA A 434 14.91 -7.89 -12.91
N ALA A 435 14.68 -6.66 -13.34
CA ALA A 435 15.46 -6.12 -14.46
C ALA A 435 16.94 -6.27 -14.17
N ALA A 436 17.31 -5.97 -12.94
CA ALA A 436 18.73 -5.98 -12.60
C ALA A 436 19.25 -7.39 -12.80
N THR A 437 18.46 -8.38 -12.39
CA THR A 437 18.83 -9.79 -12.48
C THR A 437 19.00 -10.36 -13.89
N ILE A 438 18.18 -9.85 -14.81
CA ILE A 438 18.17 -10.31 -16.17
C ILE A 438 18.76 -9.21 -17.05
N ALA A 439 19.50 -8.32 -16.40
CA ALA A 439 20.19 -7.29 -17.14
C ALA A 439 20.88 -7.85 -18.38
N ARG A 440 21.50 -9.03 -18.32
CA ARG A 440 22.26 -9.49 -19.50
C ARG A 440 21.29 -9.64 -20.60
N HIS A 441 20.24 -10.45 -20.36
CA HIS A 441 19.17 -10.62 -21.34
C HIS A 441 18.58 -9.36 -21.88
N LEU A 442 18.36 -8.37 -21.02
CA LEU A 442 17.70 -7.13 -21.45
C LEU A 442 18.63 -6.30 -22.32
N ALA A 443 19.91 -6.32 -21.99
CA ALA A 443 20.95 -5.55 -22.72
C ALA A 443 21.05 -5.84 -24.24
N LYS A 444 20.71 -7.08 -24.64
CA LYS A 444 20.61 -7.44 -26.08
C LYS A 444 19.45 -6.75 -26.69
N GLU A 445 18.47 -6.37 -25.90
CA GLU A 445 17.18 -6.01 -26.44
C GLU A 445 16.96 -4.49 -26.46
N VAL A 446 17.85 -3.74 -25.82
CA VAL A 446 17.72 -2.30 -25.75
C VAL A 446 19.02 -1.64 -26.09
N ASP A 447 18.99 -0.32 -26.32
CA ASP A 447 20.21 0.45 -26.61
C ASP A 447 20.89 0.96 -25.39
N PHE A 448 20.18 0.98 -24.28
CA PHE A 448 20.77 1.55 -23.09
C PHE A 448 19.96 1.27 -21.85
N PHE A 449 20.49 1.66 -20.70
CA PHE A 449 19.84 1.44 -19.41
C PHE A 449 20.04 2.70 -18.67
N SER A 450 19.06 3.05 -17.85
CA SER A 450 19.25 3.99 -16.81
C SER A 450 18.76 3.35 -15.53
N ILE A 451 19.61 3.29 -14.51
CA ILE A 451 19.22 2.63 -13.26
C ILE A 451 18.42 3.56 -12.36
N GLY A 452 17.19 3.15 -12.03
CA GLY A 452 16.41 3.94 -11.11
C GLY A 452 16.65 3.40 -9.73
N THR A 453 17.54 4.01 -8.97
CA THR A 453 17.88 3.51 -7.66
C THR A 453 16.81 3.81 -6.60
N ASN A 454 15.95 4.78 -6.87
CA ASN A 454 14.89 5.06 -5.90
C ASN A 454 14.00 3.84 -5.82
N ASP A 455 13.55 3.39 -6.98
CA ASP A 455 12.79 2.19 -7.03
C ASP A 455 13.59 0.94 -6.70
N LEU A 456 14.71 0.70 -7.38
CA LEU A 456 15.57 -0.43 -7.10
C LEU A 456 15.86 -0.59 -5.60
N THR A 457 16.17 0.50 -4.95
CA THR A 457 16.42 0.41 -3.55
C THR A 457 15.14 -0.13 -2.91
N GLN A 458 14.03 0.53 -3.24
CA GLN A 458 12.74 0.24 -2.67
C GLN A 458 12.45 -1.23 -2.73
N TYR A 459 12.60 -1.85 -3.91
CA TYR A 459 12.21 -3.27 -4.04
C TYR A 459 13.25 -4.22 -3.58
N THR A 460 14.50 -3.80 -3.64
CA THR A 460 15.53 -4.71 -3.26
C THR A 460 15.46 -4.81 -1.72
N LEU A 461 15.26 -3.67 -1.07
CA LEU A 461 15.16 -3.65 0.38
C LEU A 461 13.72 -3.77 0.86
N ALA A 462 12.76 -3.82 -0.04
CA ALA A 462 11.35 -3.76 0.43
C ALA A 462 11.11 -2.68 1.44
N VAL A 463 11.62 -1.49 1.14
CA VAL A 463 11.28 -0.34 1.95
C VAL A 463 10.69 0.77 1.10
N ASP A 464 9.50 1.17 1.53
CA ASP A 464 8.68 2.13 0.83
C ASP A 464 9.42 3.46 0.91
N ARG A 465 9.64 4.04 -0.26
CA ARG A 465 10.28 5.33 -0.40
C ARG A 465 9.55 6.41 0.36
N GLY A 466 8.27 6.17 0.62
CA GLY A 466 7.40 7.14 1.30
C GLY A 466 7.39 6.99 2.80
N ASN A 467 7.86 5.86 3.33
CA ASN A 467 7.59 5.48 4.73
C ASN A 467 8.70 5.94 5.69
N ASP A 468 8.45 7.05 6.39
CA ASP A 468 9.46 7.62 7.30
C ASP A 468 9.77 6.72 8.48
N MET A 469 8.77 5.99 8.95
CA MET A 469 8.99 5.06 10.04
C MET A 469 10.14 4.08 9.81
N ILE A 470 10.31 3.59 8.57
CA ILE A 470 11.45 2.75 8.27
C ILE A 470 12.50 3.41 7.40
N SER A 471 12.48 4.73 7.30
CA SER A 471 13.42 5.34 6.37
C SER A 471 14.86 4.89 6.64
N HIS A 472 15.20 4.57 7.90
CA HIS A 472 16.57 4.25 8.25
C HIS A 472 17.07 3.02 7.51
N LEU A 473 16.13 2.22 7.01
CA LEU A 473 16.41 1.01 6.23
C LEU A 473 16.46 1.28 4.73
N TYR A 474 16.18 2.51 4.32
CA TYR A 474 16.18 2.77 2.92
C TYR A 474 17.59 3.13 2.58
N GLN A 475 18.36 2.18 2.05
CA GLN A 475 19.77 2.44 1.80
C GLN A 475 20.15 2.07 0.46
N PRO A 476 20.23 3.06 -0.44
CA PRO A 476 20.69 2.68 -1.78
C PRO A 476 22.18 2.38 -1.70
N MET A 477 22.79 2.69 -0.57
CA MET A 477 24.19 2.40 -0.41
C MET A 477 24.37 1.19 0.44
N SER A 478 23.73 0.13 -0.04
CA SER A 478 23.85 -1.16 0.55
C SER A 478 24.72 -1.97 -0.33
N PRO A 479 25.43 -2.92 0.27
CA PRO A 479 26.12 -3.91 -0.54
C PRO A 479 25.16 -4.60 -1.50
N SER A 480 23.87 -4.67 -1.13
CA SER A 480 22.89 -5.28 -2.03
C SER A 480 22.49 -4.42 -3.25
N VAL A 481 22.34 -3.13 -3.07
CA VAL A 481 21.94 -2.33 -4.20
C VAL A 481 23.16 -2.08 -5.09
N LEU A 482 24.32 -1.87 -4.47
CA LEU A 482 25.55 -1.60 -5.24
C LEU A 482 25.87 -2.76 -6.13
N ASN A 483 25.90 -3.95 -5.56
CA ASN A 483 26.10 -5.13 -6.38
C ASN A 483 25.19 -5.23 -7.60
N LEU A 484 23.89 -5.02 -7.40
CA LEU A 484 22.93 -4.99 -8.47
C LEU A 484 23.20 -3.89 -9.45
N ILE A 485 23.62 -2.70 -8.98
CA ILE A 485 24.11 -1.63 -9.89
C ILE A 485 25.28 -2.10 -10.79
N LYS A 486 26.28 -2.70 -10.17
CA LYS A 486 27.45 -3.17 -10.88
C LYS A 486 27.04 -4.15 -11.95
N GLN A 487 26.05 -4.94 -11.60
CA GLN A 487 25.76 -6.10 -12.38
C GLN A 487 25.10 -5.56 -13.67
N VAL A 488 24.35 -4.46 -13.50
CA VAL A 488 23.63 -3.82 -14.60
C VAL A 488 24.60 -3.11 -15.53
N ILE A 489 25.50 -2.30 -14.93
CA ILE A 489 26.49 -1.57 -15.69
C ILE A 489 27.24 -2.58 -16.57
N ASP A 490 27.73 -3.64 -15.93
CA ASP A 490 28.48 -4.66 -16.62
C ASP A 490 27.66 -5.26 -17.75
N ALA A 491 26.42 -5.62 -17.48
CA ALA A 491 25.55 -6.07 -18.57
C ALA A 491 25.65 -5.14 -19.75
N SER A 492 25.36 -3.84 -19.56
CA SER A 492 25.52 -2.80 -20.60
C SER A 492 26.77 -3.00 -21.39
N HIS A 493 27.89 -3.02 -20.66
CA HIS A 493 29.16 -2.91 -21.29
C HIS A 493 29.44 -4.18 -22.04
N ALA A 494 28.92 -5.28 -21.51
CA ALA A 494 29.18 -6.54 -22.18
C ALA A 494 28.54 -6.52 -23.56
N GLU A 495 27.40 -5.84 -23.73
CA GLU A 495 26.79 -5.72 -25.07
C GLU A 495 27.29 -4.54 -25.85
N GLY A 496 28.21 -3.77 -25.27
CA GLY A 496 28.68 -2.55 -25.91
C GLY A 496 27.69 -1.41 -25.85
N LYS A 497 26.73 -1.48 -24.92
CA LYS A 497 25.85 -0.36 -24.60
C LYS A 497 26.33 0.28 -23.32
N TRP A 498 25.54 1.20 -22.82
CA TRP A 498 25.93 2.01 -21.70
C TRP A 498 24.79 2.11 -20.68
N THR A 499 25.16 2.39 -19.44
CA THR A 499 24.17 2.54 -18.44
C THR A 499 24.33 3.92 -17.92
N GLY A 500 23.20 4.59 -17.79
CA GLY A 500 23.13 5.82 -17.02
C GLY A 500 22.39 5.57 -15.74
N MET A 501 22.24 6.62 -14.95
CA MET A 501 21.54 6.56 -13.67
C MET A 501 20.76 7.84 -13.41
N CYS A 502 19.44 7.73 -13.27
CA CYS A 502 18.64 8.89 -12.93
C CYS A 502 18.08 8.85 -11.54
N GLY A 503 18.22 7.71 -10.88
CA GLY A 503 17.93 7.65 -9.44
C GLY A 503 18.77 8.68 -8.71
N GLU A 504 18.33 8.99 -7.48
CA GLU A 504 18.97 10.04 -6.69
C GLU A 504 20.41 9.74 -6.26
N LEU A 505 20.80 8.47 -6.32
CA LEU A 505 22.19 8.13 -6.08
C LEU A 505 23.18 8.85 -6.99
N ALA A 506 22.80 9.01 -8.27
CA ALA A 506 23.63 9.72 -9.24
C ALA A 506 24.00 11.06 -8.68
N GLY A 507 23.02 11.73 -8.06
CA GLY A 507 23.24 13.07 -7.51
C GLY A 507 23.77 13.09 -6.09
N ASP A 508 24.02 11.92 -5.50
CA ASP A 508 24.42 11.81 -4.10
C ASP A 508 25.98 11.85 -3.97
N GLU A 509 26.50 12.92 -3.35
CA GLU A 509 27.96 13.12 -3.17
C GLU A 509 28.71 11.89 -2.69
N ARG A 510 28.00 10.96 -2.08
CA ARG A 510 28.64 9.87 -1.38
C ARG A 510 28.79 8.64 -2.24
N ALA A 511 28.08 8.65 -3.37
CA ALA A 511 28.17 7.54 -4.26
C ALA A 511 29.04 7.86 -5.46
N THR A 512 29.28 9.15 -5.68
CA THR A 512 29.91 9.59 -6.90
C THR A 512 31.17 8.81 -7.25
N LEU A 513 32.12 8.67 -6.31
CA LEU A 513 33.32 7.83 -6.56
C LEU A 513 33.03 6.37 -6.88
N LEU A 514 32.02 5.80 -6.23
CA LEU A 514 31.64 4.41 -6.49
C LEU A 514 30.96 4.27 -7.83
N LEU A 515 29.95 5.09 -8.07
CA LEU A 515 29.28 5.08 -9.34
C LEU A 515 30.33 5.21 -10.42
N LEU A 516 31.22 6.17 -10.26
CA LEU A 516 32.31 6.34 -11.24
C LEU A 516 33.19 5.10 -11.38
N GLY A 517 33.66 4.56 -10.25
CA GLY A 517 34.59 3.44 -10.25
C GLY A 517 33.96 2.21 -10.85
N MET A 518 32.64 2.11 -10.68
CA MET A 518 31.90 0.98 -11.16
C MET A 518 31.61 1.09 -12.62
N GLY A 519 32.02 2.22 -13.22
CA GLY A 519 31.94 2.42 -14.67
C GLY A 519 30.66 3.00 -15.23
N LEU A 520 29.80 3.54 -14.36
CA LEU A 520 28.58 4.18 -14.79
C LEU A 520 28.93 5.22 -15.84
N ASP A 521 28.15 5.24 -16.94
CA ASP A 521 28.47 6.04 -18.13
C ASP A 521 27.86 7.38 -18.02
N GLU A 522 26.73 7.44 -17.35
CA GLU A 522 25.92 8.61 -17.37
C GLU A 522 25.24 8.87 -16.05
N PHE A 523 25.27 10.11 -15.60
CA PHE A 523 24.60 10.47 -14.37
C PHE A 523 23.50 11.45 -14.65
N SER A 524 22.34 11.25 -14.07
CA SER A 524 21.31 12.26 -14.32
C SER A 524 20.62 12.61 -13.05
N MET A 525 20.45 13.89 -12.78
CA MET A 525 20.00 14.29 -11.48
C MET A 525 19.20 15.55 -11.53
N SER A 526 18.68 15.94 -10.37
CA SER A 526 18.25 17.29 -10.22
C SER A 526 19.38 18.15 -10.74
N ALA A 527 19.03 19.14 -11.53
CA ALA A 527 20.02 20.09 -12.06
C ALA A 527 20.91 20.64 -10.93
N ILE A 528 20.30 21.03 -9.81
CA ILE A 528 21.08 21.60 -8.70
C ILE A 528 22.22 20.74 -8.23
N SER A 529 22.23 19.45 -8.53
CA SER A 529 23.30 18.61 -8.06
C SER A 529 24.40 18.47 -9.04
N ILE A 530 24.18 19.00 -10.24
CA ILE A 530 25.15 18.81 -11.29
C ILE A 530 26.54 19.33 -10.92
N PRO A 531 26.65 20.59 -10.45
CA PRO A 531 27.98 21.06 -10.07
C PRO A 531 28.69 20.27 -8.94
N ARG A 532 27.98 19.84 -7.89
CA ARG A 532 28.67 19.14 -6.78
C ARG A 532 29.30 17.89 -7.32
N ILE A 533 28.55 17.19 -8.14
CA ILE A 533 28.99 15.94 -8.64
C ILE A 533 30.08 16.14 -9.71
N LYS A 534 29.86 17.10 -10.59
CA LYS A 534 30.86 17.44 -11.57
C LYS A 534 32.19 17.67 -10.79
N LYS A 535 32.12 18.49 -9.72
CA LYS A 535 33.31 18.84 -8.96
C LYS A 535 34.04 17.62 -8.46
N ILE A 536 33.28 16.67 -7.90
CA ILE A 536 33.84 15.44 -7.39
C ILE A 536 34.51 14.67 -8.51
N ILE A 537 33.89 14.73 -9.68
CA ILE A 537 34.34 13.92 -10.80
C ILE A 537 35.61 14.50 -11.32
N ARG A 538 35.61 15.82 -11.45
CA ARG A 538 36.76 16.49 -12.00
C ARG A 538 38.04 16.38 -11.15
N ASN A 539 37.86 15.98 -9.87
CA ASN A 539 38.94 15.97 -8.88
C ASN A 539 39.31 14.56 -8.40
N THR A 540 38.75 13.56 -9.07
CA THR A 540 39.06 12.17 -8.76
C THR A 540 40.03 11.72 -9.76
N ASN A 541 40.74 10.68 -9.38
CA ASN A 541 41.42 9.88 -10.34
C ASN A 541 40.54 8.62 -10.60
N PHE A 542 40.27 8.35 -11.87
CA PHE A 542 39.37 7.26 -12.21
C PHE A 542 39.90 5.89 -11.78
N GLU A 543 41.19 5.67 -11.97
CA GLU A 543 41.75 4.38 -11.60
C GLU A 543 41.58 4.08 -10.12
N ASP A 544 41.74 5.13 -9.32
CA ASP A 544 41.64 5.00 -7.88
C ASP A 544 40.23 4.62 -7.46
N ALA A 545 39.24 5.30 -8.02
CA ALA A 545 37.84 4.99 -7.91
C ALA A 545 37.50 3.55 -8.25
N LYS A 546 38.02 3.03 -9.37
CA LYS A 546 37.79 1.61 -9.68
C LYS A 546 38.19 0.79 -8.45
N VAL A 547 39.42 0.92 -8.03
CA VAL A 547 39.91 0.21 -6.84
C VAL A 547 38.94 0.43 -5.66
N LEU A 548 38.46 1.67 -5.50
CA LEU A 548 37.57 1.96 -4.42
C LEU A 548 36.33 1.12 -4.61
N ALA A 549 35.77 1.16 -5.83
CA ALA A 549 34.50 0.52 -6.13
C ALA A 549 34.61 -0.95 -5.85
N GLU A 550 35.67 -1.51 -6.39
CA GLU A 550 35.83 -2.89 -6.19
C GLU A 550 35.79 -3.22 -4.67
N GLN A 551 36.63 -2.55 -3.88
CA GLN A 551 36.63 -2.82 -2.48
C GLN A 551 35.18 -2.77 -1.94
N ALA A 552 34.48 -1.67 -2.25
CA ALA A 552 33.19 -1.42 -1.65
C ALA A 552 32.25 -2.56 -1.93
N LEU A 553 32.35 -3.10 -3.15
CA LEU A 553 31.47 -4.19 -3.59
C LEU A 553 31.68 -5.50 -2.85
N ALA A 554 32.77 -5.60 -2.08
CA ALA A 554 33.02 -6.82 -1.33
C ALA A 554 32.58 -6.71 0.13
N GLN A 555 32.30 -5.50 0.61
CA GLN A 555 31.89 -5.27 1.98
C GLN A 555 30.51 -5.88 2.27
N PRO A 556 30.36 -6.62 3.37
CA PRO A 556 29.02 -7.12 3.69
C PRO A 556 28.18 -6.10 4.48
N THR A 557 28.70 -4.90 4.65
CA THR A 557 28.07 -3.96 5.55
C THR A 557 28.24 -2.54 4.97
N THR A 558 27.19 -1.75 5.08
CA THR A 558 27.19 -0.36 4.63
C THR A 558 28.29 0.41 5.36
N ASP A 559 28.29 0.33 6.68
CA ASP A 559 29.29 1.03 7.42
C ASP A 559 30.66 0.81 6.87
N GLU A 560 30.99 -0.44 6.60
CA GLU A 560 32.30 -0.84 6.12
C GLU A 560 32.61 -0.23 4.76
N LEU A 561 31.58 -0.11 3.95
CA LEU A 561 31.68 0.50 2.64
C LEU A 561 31.77 2.06 2.75
N MET A 562 31.07 2.64 3.74
CA MET A 562 31.24 4.06 4.00
C MET A 562 32.65 4.36 4.41
N THR A 563 33.28 3.46 5.17
CA THR A 563 34.65 3.69 5.61
C THR A 563 35.60 3.86 4.46
N LEU A 564 35.54 2.96 3.47
CA LEU A 564 36.36 3.03 2.28
C LEU A 564 36.26 4.35 1.61
N VAL A 565 35.02 4.71 1.26
CA VAL A 565 34.71 6.04 0.71
C VAL A 565 35.37 7.18 1.50
N ASN A 566 35.19 7.19 2.83
CA ASN A 566 35.82 8.21 3.65
C ASN A 566 37.35 8.23 3.62
N LYS A 567 38.00 7.09 3.80
CA LYS A 567 39.46 7.08 3.79
C LYS A 567 39.96 7.56 2.44
N PHE A 568 39.16 7.32 1.41
CA PHE A 568 39.48 7.80 0.09
C PHE A 568 39.50 9.33 0.11
N ILE A 569 38.38 9.92 0.46
CA ILE A 569 38.23 11.37 0.48
C ILE A 569 39.32 12.05 1.29
N GLU A 570 39.71 11.42 2.39
CA GLU A 570 40.83 11.86 3.22
C GLU A 570 42.14 11.89 2.45
N GLU A 571 42.48 10.74 1.88
CA GLU A 571 43.78 10.54 1.32
C GLU A 571 43.92 11.10 -0.09
N LYS A 572 42.80 11.29 -0.79
CA LYS A 572 42.81 11.50 -2.24
C LYS A 572 42.42 12.90 -2.78
N THR A 573 41.84 13.78 -1.95
CA THR A 573 41.76 15.23 -2.29
C THR A 573 41.38 16.10 -1.08
N MET B 1 -23.94 -21.65 -17.72
CA MET B 1 -22.46 -21.58 -17.80
C MET B 1 -21.93 -20.61 -16.73
N ILE B 2 -21.94 -21.03 -15.49
CA ILE B 2 -21.45 -20.16 -14.36
C ILE B 2 -20.11 -20.71 -13.87
N SER B 3 -19.10 -19.88 -13.75
CA SER B 3 -17.76 -20.37 -13.27
C SER B 3 -17.24 -19.47 -12.14
N GLY B 4 -16.61 -20.06 -11.15
CA GLY B 4 -16.04 -19.28 -10.00
C GLY B 4 -14.54 -19.58 -9.90
N ILE B 5 -13.93 -19.35 -8.77
CA ILE B 5 -12.47 -19.60 -8.64
C ILE B 5 -12.20 -21.00 -8.06
N LEU B 6 -13.20 -21.65 -7.54
CA LEU B 6 -12.97 -23.01 -6.94
C LEU B 6 -11.84 -22.94 -5.91
N ALA B 7 -12.17 -22.95 -4.64
CA ALA B 7 -11.13 -22.89 -3.58
C ALA B 7 -10.79 -24.30 -3.11
N SER B 8 -11.70 -25.23 -3.25
CA SER B 8 -11.42 -26.64 -2.81
C SER B 8 -12.06 -27.61 -3.82
N PRO B 9 -11.30 -28.54 -4.37
CA PRO B 9 -11.85 -29.52 -5.36
C PRO B 9 -12.59 -30.67 -4.66
N GLY B 10 -13.66 -31.13 -5.24
CA GLY B 10 -14.43 -32.24 -4.61
C GLY B 10 -15.82 -32.29 -5.25
N ILE B 11 -16.78 -32.92 -4.60
CA ILE B 11 -18.16 -32.99 -5.17
C ILE B 11 -19.15 -33.05 -4.01
N ALA B 12 -20.34 -32.52 -4.18
CA ALA B 12 -21.32 -32.59 -3.04
C ALA B 12 -22.77 -32.49 -3.56
N PHE B 13 -23.69 -33.03 -2.80
CA PHE B 13 -25.13 -32.97 -3.19
C PHE B 13 -25.94 -32.54 -1.96
N GLY B 14 -26.77 -31.52 -2.06
CA GLY B 14 -27.56 -31.12 -0.84
C GLY B 14 -28.46 -29.91 -1.15
N LYS B 15 -29.21 -29.49 -0.18
CA LYS B 15 -30.13 -28.32 -0.37
C LYS B 15 -29.33 -27.03 -0.27
N ALA B 16 -29.85 -25.94 -0.79
CA ALA B 16 -29.11 -24.64 -0.76
C ALA B 16 -29.68 -23.70 0.29
N LEU B 17 -28.84 -23.16 1.14
CA LEU B 17 -29.32 -22.21 2.19
C LEU B 17 -28.98 -20.79 1.71
N LEU B 18 -29.90 -19.86 1.83
CA LEU B 18 -29.65 -18.46 1.35
C LEU B 18 -29.70 -17.47 2.53
N LEU B 19 -28.62 -16.76 2.75
CA LEU B 19 -28.60 -15.77 3.88
C LEU B 19 -29.16 -14.42 3.42
N LYS B 20 -30.40 -14.28 3.48
CA LYS B 20 -31.02 -13.12 2.88
C LYS B 20 -31.86 -12.69 3.95
N GLU B 21 -31.25 -12.68 5.11
CA GLU B 21 -31.95 -12.31 6.32
C GLU B 21 -32.93 -11.24 5.87
N ASP B 22 -34.13 -11.58 5.47
CA ASP B 22 -35.02 -10.50 5.02
C ASP B 22 -35.16 -9.38 6.05
N GLU B 23 -35.23 -8.17 5.50
CA GLU B 23 -35.32 -6.92 6.26
C GLU B 23 -36.59 -6.83 7.12
N ILE B 24 -36.55 -5.91 8.08
CA ILE B 24 -37.71 -5.67 8.94
C ILE B 24 -38.43 -4.41 8.46
N VAL B 25 -39.47 -4.65 7.68
CA VAL B 25 -40.22 -3.56 7.09
C VAL B 25 -41.48 -3.39 7.91
N ILE B 26 -41.54 -2.29 8.66
CA ILE B 26 -42.70 -1.98 9.49
C ILE B 26 -43.85 -1.36 8.68
N ASP B 27 -44.99 -2.05 8.64
CA ASP B 27 -46.24 -1.48 8.08
C ASP B 27 -46.71 -0.28 8.91
N ARG B 28 -46.73 0.89 8.27
CA ARG B 28 -47.08 2.13 8.98
C ARG B 28 -48.47 2.72 8.77
N LYS B 29 -49.28 2.09 7.91
CA LYS B 29 -50.70 2.47 7.79
C LYS B 29 -51.39 2.16 9.12
N LYS B 30 -52.03 3.17 9.70
CA LYS B 30 -52.90 2.99 10.88
C LYS B 30 -54.00 1.96 10.59
N ILE B 31 -54.50 1.27 11.62
CA ILE B 31 -55.55 0.27 11.40
C ILE B 31 -56.97 0.69 11.82
N SER B 32 -57.94 -0.16 11.50
CA SER B 32 -59.35 0.11 11.72
C SER B 32 -59.83 -0.65 12.96
N ALA B 33 -60.88 -0.22 13.58
CA ALA B 33 -61.41 -0.97 14.76
C ALA B 33 -61.63 -2.43 14.35
N ASP B 34 -62.16 -2.65 13.17
CA ASP B 34 -62.38 -4.06 12.73
C ASP B 34 -61.02 -4.76 12.58
N GLN B 35 -60.06 -4.11 11.96
CA GLN B 35 -58.70 -4.73 11.82
C GLN B 35 -58.12 -4.87 13.22
N VAL B 36 -57.98 -3.75 13.91
CA VAL B 36 -57.41 -3.84 15.28
C VAL B 36 -57.48 -5.30 15.73
N ASP B 37 -58.61 -5.91 15.65
CA ASP B 37 -58.73 -7.33 16.08
C ASP B 37 -57.80 -8.21 15.24
N GLN B 38 -57.70 -7.96 13.97
CA GLN B 38 -56.82 -8.82 13.12
C GLN B 38 -55.34 -8.61 13.47
N GLU B 39 -54.94 -7.40 13.73
CA GLU B 39 -53.51 -7.16 14.06
C GLU B 39 -53.15 -7.85 15.37
N VAL B 40 -54.02 -7.78 16.35
CA VAL B 40 -53.72 -8.47 17.63
C VAL B 40 -53.52 -9.96 17.36
N GLU B 41 -54.41 -10.55 16.61
CA GLU B 41 -54.28 -12.00 16.30
C GLU B 41 -52.96 -12.26 15.56
N ARG B 42 -52.60 -11.39 14.64
CA ARG B 42 -51.31 -11.60 13.93
C ARG B 42 -50.18 -11.58 14.95
N PHE B 43 -50.23 -10.64 15.86
CA PHE B 43 -49.18 -10.57 16.93
C PHE B 43 -49.21 -11.88 17.74
N LEU B 44 -50.38 -12.28 18.18
CA LEU B 44 -50.49 -13.53 18.96
C LEU B 44 -50.03 -14.70 18.07
N SER B 45 -50.45 -14.74 16.84
CA SER B 45 -50.04 -15.86 15.94
C SER B 45 -48.52 -15.79 15.72
N GLY B 46 -48.00 -14.60 15.49
CA GLY B 46 -46.53 -14.46 15.29
C GLY B 46 -45.82 -14.73 16.62
N ARG B 47 -46.39 -14.25 17.68
CA ARG B 47 -45.80 -14.48 19.03
C ARG B 47 -45.87 -15.98 19.33
N ALA B 48 -46.89 -16.62 18.82
CA ALA B 48 -47.04 -18.08 19.07
C ALA B 48 -45.81 -18.81 18.50
N LYS B 49 -45.34 -18.41 17.36
CA LYS B 49 -44.15 -19.09 16.79
C LYS B 49 -42.97 -18.84 17.73
N ALA B 50 -42.44 -17.63 17.75
CA ALA B 50 -41.27 -17.33 18.64
C ALA B 50 -41.40 -18.04 19.99
N SER B 51 -42.58 -18.20 20.50
CA SER B 51 -42.70 -18.88 21.80
C SER B 51 -42.09 -20.28 21.66
N ALA B 52 -42.57 -21.04 20.74
CA ALA B 52 -42.04 -22.42 20.54
C ALA B 52 -40.61 -22.40 20.00
N GLN B 53 -40.29 -21.52 19.07
CA GLN B 53 -38.91 -21.50 18.52
C GLN B 53 -37.91 -21.07 19.60
N LEU B 54 -38.27 -20.10 20.41
CA LEU B 54 -37.32 -19.66 21.48
C LEU B 54 -37.09 -20.83 22.43
N GLU B 55 -38.12 -21.57 22.73
CA GLU B 55 -37.97 -22.74 23.64
C GLU B 55 -37.00 -23.75 23.02
N THR B 56 -37.05 -23.93 21.74
CA THR B 56 -36.13 -24.90 21.09
C THR B 56 -34.68 -24.45 21.29
N ILE B 57 -34.43 -23.17 21.15
CA ILE B 57 -33.04 -22.65 21.33
C ILE B 57 -32.58 -22.91 22.77
N LYS B 58 -33.46 -22.75 23.71
CA LYS B 58 -33.10 -22.97 25.15
C LYS B 58 -32.56 -24.39 25.33
N THR B 59 -33.28 -25.37 24.86
CA THR B 59 -32.84 -26.78 25.03
C THR B 59 -31.45 -27.00 24.40
N LYS B 60 -31.15 -26.32 23.33
CA LYS B 60 -29.82 -26.50 22.69
C LYS B 60 -28.74 -25.90 23.59
N ALA B 61 -29.04 -24.80 24.22
CA ALA B 61 -28.05 -24.16 25.10
C ALA B 61 -27.75 -25.08 26.30
N GLY B 62 -28.78 -25.65 26.88
CA GLY B 62 -28.56 -26.54 28.05
C GLY B 62 -27.68 -27.72 27.66
N GLU B 63 -27.99 -28.41 26.61
CA GLU B 63 -27.15 -29.58 26.22
C GLU B 63 -25.81 -29.08 25.70
N THR B 64 -25.81 -28.08 24.87
CA THR B 64 -24.55 -27.57 24.27
C THR B 64 -23.63 -26.95 25.33
N PHE B 65 -24.05 -25.88 25.97
CA PHE B 65 -23.18 -25.20 26.98
C PHE B 65 -23.49 -25.67 28.41
N GLY B 66 -24.74 -25.69 28.81
CA GLY B 66 -25.07 -26.15 30.20
C GLY B 66 -26.20 -25.31 30.82
N GLU B 67 -26.40 -25.48 32.10
CA GLU B 67 -27.48 -24.72 32.81
C GLU B 67 -27.11 -23.24 32.92
N GLU B 68 -25.85 -22.94 32.86
CA GLU B 68 -25.40 -21.52 32.94
C GLU B 68 -25.98 -20.73 31.77
N LYS B 69 -26.08 -21.34 30.62
CA LYS B 69 -26.63 -20.63 29.43
C LYS B 69 -28.10 -20.97 29.24
N GLU B 70 -28.56 -22.05 29.78
CA GLU B 70 -30.00 -22.43 29.61
C GLU B 70 -30.91 -21.43 30.32
N ALA B 71 -30.58 -21.04 31.51
CA ALA B 71 -31.46 -20.11 32.27
C ALA B 71 -31.49 -18.72 31.62
N ILE B 72 -30.44 -18.31 30.94
CA ILE B 72 -30.50 -16.96 30.32
C ILE B 72 -31.69 -16.91 29.36
N PHE B 73 -31.91 -17.97 28.63
CA PHE B 73 -33.07 -17.98 27.67
C PHE B 73 -34.37 -17.90 28.45
N GLU B 74 -34.46 -18.58 29.56
CA GLU B 74 -35.72 -18.53 30.35
C GLU B 74 -36.02 -17.08 30.74
N GLY B 75 -35.01 -16.34 31.12
CA GLY B 75 -35.24 -14.91 31.49
C GLY B 75 -35.77 -14.17 30.27
N HIS B 76 -35.12 -14.34 29.15
CA HIS B 76 -35.58 -13.64 27.91
C HIS B 76 -36.99 -14.09 27.58
N ILE B 77 -37.25 -15.37 27.65
CA ILE B 77 -38.62 -15.87 27.34
C ILE B 77 -39.58 -15.37 28.43
N MET B 78 -39.21 -15.50 29.67
CA MET B 78 -40.12 -15.05 30.76
C MET B 78 -40.38 -13.55 30.63
N LEU B 79 -39.39 -12.79 30.27
CA LEU B 79 -39.60 -11.32 30.11
C LEU B 79 -40.53 -11.07 28.94
N LEU B 80 -40.39 -11.82 27.90
CA LEU B 80 -41.25 -11.62 26.71
C LEU B 80 -42.71 -11.91 27.08
N GLU B 81 -42.95 -12.92 27.87
CA GLU B 81 -44.34 -13.27 28.25
C GLU B 81 -44.80 -12.38 29.41
N ASP B 82 -44.01 -11.42 29.81
CA ASP B 82 -44.42 -10.54 30.94
C ASP B 82 -45.84 -10.01 30.69
N GLU B 83 -46.71 -10.12 31.65
CA GLU B 83 -48.12 -9.64 31.47
C GLU B 83 -48.14 -8.13 31.20
N GLU B 84 -47.09 -7.43 31.52
CA GLU B 84 -47.06 -5.97 31.24
C GLU B 84 -46.94 -5.74 29.72
N LEU B 85 -46.20 -6.58 29.06
CA LEU B 85 -46.03 -6.43 27.58
C LEU B 85 -47.34 -6.77 26.87
N GLU B 86 -48.02 -7.78 27.33
CA GLU B 86 -49.29 -8.18 26.67
C GLU B 86 -50.28 -7.01 26.73
N GLN B 87 -50.45 -6.43 27.88
CA GLN B 87 -51.41 -5.30 28.01
C GLN B 87 -50.88 -4.05 27.28
N GLU B 88 -49.61 -3.77 27.39
CA GLU B 88 -49.05 -2.55 26.72
C GLU B 88 -49.02 -2.70 25.19
N ILE B 89 -48.69 -3.86 24.69
CA ILE B 89 -48.65 -4.03 23.20
C ILE B 89 -50.09 -3.95 22.66
N ILE B 90 -51.00 -4.63 23.30
CA ILE B 90 -52.41 -4.62 22.85
C ILE B 90 -53.04 -3.23 23.05
N ALA B 91 -52.73 -2.57 24.13
CA ALA B 91 -53.34 -1.24 24.38
C ALA B 91 -52.98 -0.25 23.27
N LEU B 92 -51.74 -0.16 22.89
CA LEU B 92 -51.35 0.80 21.81
C LEU B 92 -52.09 0.45 20.51
N ILE B 93 -52.12 -0.80 20.15
CA ILE B 93 -52.83 -1.19 18.90
C ILE B 93 -54.31 -0.83 19.06
N LYS B 94 -54.89 -1.20 20.16
CA LYS B 94 -56.33 -0.89 20.39
C LYS B 94 -56.52 0.62 20.61
N ASP B 95 -55.65 1.24 21.37
CA ASP B 95 -55.84 2.70 21.63
C ASP B 95 -55.30 3.58 20.49
N LYS B 96 -54.08 3.35 20.06
CA LYS B 96 -53.50 4.21 18.98
C LYS B 96 -53.76 3.63 17.58
N HIS B 97 -54.39 2.49 17.47
CA HIS B 97 -54.66 1.91 16.12
C HIS B 97 -53.36 1.77 15.33
N MET B 98 -52.31 1.41 16.02
CA MET B 98 -50.97 1.26 15.37
C MET B 98 -50.78 -0.20 14.92
N THR B 99 -49.75 -0.47 14.15
CA THR B 99 -49.51 -1.87 13.69
C THR B 99 -48.81 -2.67 14.78
N ALA B 100 -48.88 -3.98 14.73
CA ALA B 100 -48.24 -4.82 15.77
C ALA B 100 -46.72 -4.71 15.69
N ASP B 101 -46.16 -4.69 14.50
CA ASP B 101 -44.69 -4.58 14.39
C ASP B 101 -44.24 -3.18 14.81
N ALA B 102 -45.03 -2.18 14.53
CA ALA B 102 -44.62 -0.80 14.94
C ALA B 102 -44.96 -0.58 16.42
N ALA B 103 -46.08 -1.07 16.86
CA ALA B 103 -46.48 -0.90 18.29
C ALA B 103 -45.58 -1.76 19.19
N ALA B 104 -45.37 -3.00 18.82
CA ALA B 104 -44.51 -3.88 19.66
C ALA B 104 -43.09 -3.31 19.73
N HIS B 105 -42.60 -2.77 18.64
CA HIS B 105 -41.22 -2.22 18.64
C HIS B 105 -41.10 -1.11 19.68
N GLU B 106 -42.10 -0.29 19.79
CA GLU B 106 -42.05 0.83 20.78
C GLU B 106 -41.98 0.28 22.21
N VAL B 107 -42.71 -0.75 22.49
CA VAL B 107 -42.69 -1.31 23.88
C VAL B 107 -41.31 -1.84 24.26
N ILE B 108 -40.75 -2.71 23.47
CA ILE B 108 -39.39 -3.26 23.81
C ILE B 108 -38.35 -2.14 23.65
N GLU B 109 -38.48 -1.34 22.63
CA GLU B 109 -37.52 -0.23 22.43
C GLU B 109 -37.67 0.76 23.59
N GLY B 110 -38.90 0.99 23.99
CA GLY B 110 -39.15 1.95 25.11
C GLY B 110 -38.38 1.52 26.36
N GLN B 111 -38.48 0.28 26.75
CA GLN B 111 -37.75 -0.17 27.97
C GLN B 111 -36.25 -0.12 27.70
N ALA B 112 -35.80 -0.75 26.64
CA ALA B 112 -34.35 -0.73 26.33
C ALA B 112 -33.88 0.73 26.25
N SER B 113 -34.68 1.58 25.67
CA SER B 113 -34.27 3.00 25.55
C SER B 113 -34.06 3.57 26.96
N ALA B 114 -34.91 3.22 27.88
CA ALA B 114 -34.73 3.73 29.27
C ALA B 114 -33.42 3.20 29.84
N LEU B 115 -33.10 1.96 29.56
CA LEU B 115 -31.84 1.39 30.11
C LEU B 115 -30.63 2.14 29.53
N GLU B 116 -30.65 2.49 28.28
CA GLU B 116 -29.49 3.22 27.70
C GLU B 116 -29.28 4.53 28.44
N GLU B 117 -30.33 5.17 28.87
CA GLU B 117 -30.16 6.45 29.61
C GLU B 117 -29.25 6.20 30.81
N LEU B 118 -29.10 4.98 31.22
CA LEU B 118 -28.23 4.68 32.39
C LEU B 118 -26.78 5.05 32.06
N ASP B 119 -26.03 5.48 33.03
CA ASP B 119 -24.61 5.88 32.78
C ASP B 119 -23.67 4.72 33.18
N ASP B 120 -24.04 3.50 32.86
CA ASP B 120 -23.17 2.33 33.22
C ASP B 120 -23.00 1.41 32.01
N GLU B 121 -21.78 0.99 31.76
CA GLU B 121 -21.49 0.08 30.61
C GLU B 121 -22.06 -1.32 30.88
N TYR B 122 -22.13 -1.71 32.13
CA TYR B 122 -22.67 -3.05 32.49
C TYR B 122 -24.20 -3.09 32.29
N LEU B 123 -24.88 -2.04 32.64
CA LEU B 123 -26.35 -2.03 32.46
C LEU B 123 -26.66 -1.87 30.97
N LYS B 124 -25.84 -1.13 30.28
CA LYS B 124 -26.07 -0.92 28.82
C LYS B 124 -25.99 -2.26 28.06
N GLU B 125 -25.05 -3.11 28.38
CA GLU B 125 -24.97 -4.41 27.66
C GLU B 125 -26.25 -5.21 27.87
N ARG B 126 -26.76 -5.26 29.07
CA ARG B 126 -28.02 -6.03 29.29
C ARG B 126 -29.11 -5.40 28.43
N ALA B 127 -29.10 -4.11 28.26
CA ALA B 127 -30.11 -3.46 27.40
C ALA B 127 -29.95 -4.01 25.98
N ALA B 128 -28.76 -4.44 25.65
CA ALA B 128 -28.52 -5.02 24.29
C ALA B 128 -29.24 -6.37 24.19
N ASP B 129 -29.21 -7.14 25.24
CA ASP B 129 -29.89 -8.46 25.22
C ASP B 129 -31.40 -8.26 25.14
N VAL B 130 -31.91 -7.29 25.84
CA VAL B 130 -33.38 -7.03 25.79
C VAL B 130 -33.74 -6.50 24.39
N ARG B 131 -32.92 -5.67 23.83
CA ARG B 131 -33.19 -5.12 22.47
C ARG B 131 -33.25 -6.28 21.46
N ASP B 132 -32.36 -7.23 21.62
CA ASP B 132 -32.32 -8.40 20.69
C ASP B 132 -33.65 -9.15 20.71
N ILE B 133 -34.24 -9.29 21.87
CA ILE B 133 -35.52 -10.04 21.94
C ILE B 133 -36.58 -9.36 21.07
N GLY B 134 -36.69 -8.06 21.15
CA GLY B 134 -37.70 -7.34 20.32
C GLY B 134 -37.29 -7.34 18.85
N LYS B 135 -36.01 -7.28 18.58
CA LYS B 135 -35.54 -7.25 17.16
C LYS B 135 -36.00 -8.54 16.45
N ARG B 136 -35.80 -9.67 17.07
CA ARG B 136 -36.22 -10.96 16.44
C ARG B 136 -37.73 -11.05 16.41
N LEU B 137 -38.40 -10.47 17.37
CA LEU B 137 -39.88 -10.55 17.40
C LEU B 137 -40.43 -9.96 16.11
N LEU B 138 -39.87 -8.88 15.65
CA LEU B 138 -40.36 -8.27 14.38
C LEU B 138 -40.15 -9.27 13.24
N ARG B 139 -39.05 -9.97 13.24
CA ARG B 139 -38.84 -10.96 12.15
C ARG B 139 -39.86 -12.09 12.31
N ASN B 140 -40.10 -12.50 13.53
CA ASN B 140 -41.08 -13.60 13.80
C ASN B 140 -42.48 -13.23 13.33
N ILE B 141 -42.90 -12.00 13.49
CA ILE B 141 -44.27 -11.64 13.03
C ILE B 141 -44.26 -11.63 11.50
N LEU B 142 -43.24 -11.06 10.91
CA LEU B 142 -43.17 -11.03 9.44
C LEU B 142 -42.89 -12.44 8.91
N GLY B 143 -42.16 -13.23 9.65
CA GLY B 143 -41.97 -14.63 9.23
C GLY B 143 -40.77 -14.90 8.40
N LEU B 144 -39.88 -13.97 8.40
CA LEU B 144 -38.71 -14.12 7.62
C LEU B 144 -37.92 -15.27 8.23
N LYS B 145 -37.28 -16.10 7.41
CA LYS B 145 -36.57 -17.23 7.96
C LYS B 145 -35.59 -16.73 9.01
N ILE B 146 -35.37 -17.54 10.02
CA ILE B 146 -34.45 -17.16 11.07
C ILE B 146 -33.16 -17.88 10.79
N ILE B 147 -32.09 -17.13 10.55
CA ILE B 147 -30.82 -17.79 10.19
C ILE B 147 -29.63 -17.49 11.11
N ASP B 148 -29.72 -17.66 12.40
CA ASP B 148 -28.42 -17.59 13.15
C ASP B 148 -27.77 -18.78 12.48
N LEU B 149 -26.49 -18.95 12.22
CA LEU B 149 -26.21 -20.16 11.41
C LEU B 149 -26.17 -21.40 12.30
N SER B 150 -26.34 -21.24 13.59
CA SER B 150 -26.29 -22.42 14.49
C SER B 150 -27.67 -23.11 14.55
N ALA B 151 -28.71 -22.43 14.10
CA ALA B 151 -30.08 -23.03 14.16
C ALA B 151 -30.33 -23.98 12.99
N ILE B 152 -29.33 -24.60 12.47
CA ILE B 152 -29.55 -25.54 11.32
C ILE B 152 -29.84 -26.96 11.85
N GLN B 153 -31.01 -27.49 11.54
CA GLN B 153 -31.36 -28.88 12.01
C GLN B 153 -31.16 -29.89 10.88
N ASP B 154 -30.99 -29.44 9.65
CA ASP B 154 -30.83 -30.41 8.51
C ASP B 154 -29.57 -30.08 7.70
N GLU B 155 -28.99 -31.08 7.09
CA GLU B 155 -27.76 -30.85 6.27
C GLU B 155 -28.12 -29.94 5.09
N VAL B 156 -27.33 -28.95 4.84
CA VAL B 156 -27.62 -28.03 3.70
C VAL B 156 -26.31 -27.43 3.15
N ILE B 157 -26.35 -26.85 1.99
CA ILE B 157 -25.12 -26.20 1.44
C ILE B 157 -25.23 -24.73 1.85
N LEU B 158 -24.13 -24.09 2.11
CA LEU B 158 -24.18 -22.67 2.57
C LEU B 158 -23.91 -21.71 1.39
N VAL B 159 -24.87 -20.89 1.04
CA VAL B 159 -24.70 -19.93 -0.09
C VAL B 159 -24.89 -18.51 0.45
N ALA B 160 -23.97 -17.61 0.16
CA ALA B 160 -24.11 -16.21 0.67
C ALA B 160 -23.28 -15.27 -0.22
N ALA B 161 -23.55 -14.00 -0.19
CA ALA B 161 -22.74 -13.08 -1.02
C ALA B 161 -21.33 -13.05 -0.43
N ASP B 162 -21.23 -13.08 0.87
CA ASP B 162 -19.90 -13.09 1.54
C ASP B 162 -20.10 -13.38 3.04
N LEU B 163 -19.16 -14.06 3.65
CA LEU B 163 -19.29 -14.40 5.11
C LEU B 163 -18.24 -13.65 5.92
N THR B 164 -18.62 -13.13 7.07
CA THR B 164 -17.63 -12.40 7.92
C THR B 164 -17.04 -13.38 8.96
N PRO B 165 -15.79 -13.23 9.34
CA PRO B 165 -15.16 -14.14 10.33
C PRO B 165 -16.10 -14.51 11.48
N SER B 166 -16.92 -13.59 11.92
CA SER B 166 -17.84 -13.89 13.04
C SER B 166 -18.77 -15.06 12.68
N GLU B 167 -19.24 -15.11 11.47
CA GLU B 167 -20.16 -16.22 11.10
C GLU B 167 -19.39 -17.54 11.06
N THR B 168 -18.19 -17.53 10.54
CA THR B 168 -17.41 -18.81 10.44
C THR B 168 -17.27 -19.49 11.81
N ALA B 169 -17.23 -18.76 12.87
CA ALA B 169 -17.09 -19.41 14.21
C ALA B 169 -18.39 -20.09 14.61
N GLN B 170 -19.48 -19.37 14.58
CA GLN B 170 -20.79 -19.94 14.98
C GLN B 170 -21.39 -20.66 13.78
N LEU B 171 -20.57 -21.30 12.98
CA LEU B 171 -21.06 -22.03 11.78
C LEU B 171 -21.03 -23.54 12.05
N ASN B 172 -22.04 -24.26 11.64
CA ASN B 172 -22.06 -25.74 11.86
C ASN B 172 -21.29 -26.44 10.74
N LEU B 173 -20.08 -26.86 10.99
CA LEU B 173 -19.27 -27.54 9.93
C LEU B 173 -19.92 -28.86 9.53
N LYS B 174 -20.42 -29.62 10.47
CA LYS B 174 -21.02 -30.95 10.14
C LYS B 174 -22.32 -30.81 9.36
N LYS B 175 -23.07 -29.77 9.56
CA LYS B 175 -24.38 -29.65 8.83
C LYS B 175 -24.19 -28.87 7.53
N VAL B 176 -23.03 -28.30 7.32
CA VAL B 176 -22.77 -27.57 6.04
C VAL B 176 -21.93 -28.48 5.15
N LEU B 177 -22.47 -28.93 4.06
CA LEU B 177 -21.72 -29.87 3.17
C LEU B 177 -20.81 -29.10 2.22
N GLY B 178 -20.70 -27.81 2.39
CA GLY B 178 -19.80 -27.05 1.49
C GLY B 178 -20.06 -25.56 1.68
N PHE B 179 -19.28 -24.73 1.04
CA PHE B 179 -19.47 -23.25 1.18
C PHE B 179 -19.40 -22.62 -0.21
N ILE B 180 -20.37 -21.81 -0.55
CA ILE B 180 -20.36 -21.14 -1.88
C ILE B 180 -20.64 -19.66 -1.69
N THR B 181 -19.79 -18.80 -2.21
CA THR B 181 -20.02 -17.34 -2.05
C THR B 181 -19.45 -16.57 -3.24
N ASP B 182 -19.89 -15.34 -3.39
CA ASP B 182 -19.40 -14.49 -4.52
C ASP B 182 -18.40 -13.45 -3.98
N ALA B 183 -17.75 -13.72 -2.87
CA ALA B 183 -16.80 -12.73 -2.31
C ALA B 183 -15.72 -12.33 -3.34
N GLY B 184 -14.66 -11.73 -2.88
CA GLY B 184 -13.56 -11.28 -3.80
C GLY B 184 -12.74 -12.49 -4.28
N GLY B 185 -12.24 -13.30 -3.39
CA GLY B 185 -11.44 -14.47 -3.84
C GLY B 185 -10.77 -15.17 -2.64
N ARG B 186 -9.59 -15.66 -2.83
CA ARG B 186 -8.87 -16.36 -1.72
C ARG B 186 -8.55 -15.37 -0.62
N THR B 187 -8.44 -14.12 -0.95
CA THR B 187 -8.10 -13.11 0.09
C THR B 187 -9.25 -13.03 1.11
N SER B 188 -10.25 -13.85 0.94
CA SER B 188 -11.41 -13.84 1.89
C SER B 188 -11.17 -14.85 3.02
N HIS B 189 -11.38 -14.43 4.25
CA HIS B 189 -11.15 -15.33 5.43
C HIS B 189 -11.83 -16.70 5.21
N THR B 190 -13.10 -16.70 4.92
CA THR B 190 -13.81 -17.99 4.73
C THR B 190 -13.14 -18.84 3.65
N SER B 191 -12.61 -18.23 2.63
CA SER B 191 -11.95 -19.02 1.54
C SER B 191 -10.78 -19.85 2.10
N ILE B 192 -10.03 -19.28 2.99
CA ILE B 192 -8.87 -20.04 3.58
C ILE B 192 -9.41 -21.26 4.33
N MET B 193 -10.51 -21.11 5.01
CA MET B 193 -11.07 -22.26 5.77
C MET B 193 -11.39 -23.43 4.84
N ALA B 194 -11.93 -23.18 3.68
CA ALA B 194 -12.23 -24.31 2.75
C ALA B 194 -10.94 -25.07 2.47
N ARG B 195 -9.87 -24.35 2.25
CA ARG B 195 -8.57 -25.03 1.96
C ARG B 195 -8.19 -25.91 3.15
N SER B 196 -8.05 -25.32 4.31
CA SER B 196 -7.66 -26.09 5.52
C SER B 196 -8.70 -27.15 5.88
N LEU B 197 -9.96 -26.85 5.76
CA LEU B 197 -11.00 -27.85 6.13
C LEU B 197 -11.00 -28.97 5.09
N GLU B 198 -10.54 -28.69 3.90
CA GLU B 198 -10.52 -29.69 2.81
C GLU B 198 -11.95 -30.08 2.43
N LEU B 199 -12.79 -29.10 2.19
CA LEU B 199 -14.20 -29.37 1.77
C LEU B 199 -14.47 -28.59 0.48
N PRO B 200 -15.24 -29.12 -0.44
CA PRO B 200 -15.53 -28.41 -1.74
C PRO B 200 -16.19 -27.05 -1.52
N ALA B 201 -15.79 -26.03 -2.25
CA ALA B 201 -16.42 -24.69 -2.05
C ALA B 201 -15.96 -23.69 -3.13
N ILE B 202 -16.82 -22.74 -3.45
CA ILE B 202 -16.48 -21.68 -4.45
C ILE B 202 -16.63 -20.31 -3.76
N VAL B 203 -15.85 -19.33 -4.15
CA VAL B 203 -15.95 -17.98 -3.50
C VAL B 203 -16.08 -16.88 -4.56
N GLY B 204 -15.89 -17.22 -5.82
CA GLY B 204 -15.98 -16.20 -6.93
C GLY B 204 -17.20 -16.46 -7.80
N THR B 205 -18.21 -17.14 -7.30
CA THR B 205 -19.41 -17.42 -8.14
C THR B 205 -19.83 -16.17 -8.91
N GLY B 206 -19.82 -15.04 -8.26
CA GLY B 206 -20.20 -13.77 -8.96
C GLY B 206 -21.69 -13.45 -8.76
N SER B 207 -22.58 -14.38 -9.01
CA SER B 207 -24.03 -14.07 -8.84
C SER B 207 -24.86 -15.35 -8.72
N VAL B 208 -24.37 -16.33 -8.01
CA VAL B 208 -25.16 -17.58 -7.86
C VAL B 208 -26.29 -17.36 -6.84
N THR B 209 -26.01 -16.67 -5.76
CA THR B 209 -27.06 -16.45 -4.72
C THR B 209 -28.29 -15.78 -5.32
N SER B 210 -28.12 -14.97 -6.33
CA SER B 210 -29.29 -14.29 -6.94
C SER B 210 -30.04 -15.27 -7.83
N GLN B 211 -29.44 -16.39 -8.13
CA GLN B 211 -30.10 -17.41 -8.98
C GLN B 211 -30.63 -18.55 -8.11
N VAL B 212 -30.23 -18.60 -6.86
CA VAL B 212 -30.69 -19.72 -5.95
C VAL B 212 -31.66 -19.21 -4.89
N LYS B 213 -32.66 -20.01 -4.59
CA LYS B 213 -33.63 -19.66 -3.52
C LYS B 213 -33.38 -20.65 -2.40
N ASN B 214 -33.72 -20.35 -1.18
CA ASN B 214 -33.45 -21.35 -0.11
C ASN B 214 -34.23 -22.62 -0.42
N ASP B 215 -33.74 -23.74 0.04
CA ASP B 215 -34.41 -25.07 -0.18
C ASP B 215 -34.22 -25.55 -1.63
N ASP B 216 -33.38 -24.91 -2.38
CA ASP B 216 -33.14 -25.37 -3.77
C ASP B 216 -32.17 -26.56 -3.72
N TYR B 217 -32.34 -27.53 -4.57
CA TYR B 217 -31.42 -28.70 -4.56
C TYR B 217 -30.30 -28.41 -5.57
N LEU B 218 -29.06 -28.42 -5.12
CA LEU B 218 -27.92 -28.10 -6.04
C LEU B 218 -26.85 -29.17 -5.94
N ILE B 219 -26.15 -29.43 -7.02
CA ILE B 219 -25.04 -30.42 -6.98
C ILE B 219 -23.76 -29.64 -7.33
N LEU B 220 -22.76 -29.72 -6.49
CA LEU B 220 -21.51 -28.96 -6.74
C LEU B 220 -20.47 -29.87 -7.37
N ASP B 221 -20.04 -29.57 -8.58
CA ASP B 221 -19.02 -30.41 -9.25
C ASP B 221 -17.66 -30.13 -8.62
N ALA B 222 -17.35 -28.87 -8.43
CA ALA B 222 -16.03 -28.51 -7.83
C ALA B 222 -14.93 -29.27 -8.59
N VAL B 223 -15.27 -29.81 -9.74
CA VAL B 223 -14.27 -30.54 -10.59
C VAL B 223 -14.37 -29.96 -11.99
N ASN B 224 -15.58 -29.83 -12.50
CA ASN B 224 -15.78 -29.21 -13.84
C ASN B 224 -16.13 -27.75 -13.59
N ASN B 225 -16.15 -27.37 -12.34
CA ASN B 225 -16.48 -25.96 -11.97
C ASN B 225 -17.88 -25.61 -12.48
N GLN B 226 -18.84 -26.48 -12.25
CA GLN B 226 -20.24 -26.20 -12.71
C GLN B 226 -21.23 -26.53 -11.59
N VAL B 227 -22.39 -25.91 -11.63
CA VAL B 227 -23.44 -26.19 -10.59
C VAL B 227 -24.72 -26.62 -11.31
N TYR B 228 -25.31 -27.70 -10.90
CA TYR B 228 -26.57 -28.17 -11.55
C TYR B 228 -27.77 -27.83 -10.65
N VAL B 229 -28.71 -27.09 -11.19
CA VAL B 229 -29.91 -26.68 -10.40
C VAL B 229 -31.12 -27.55 -10.74
N ASN B 230 -31.59 -28.34 -9.81
CA ASN B 230 -32.78 -29.22 -10.08
C ASN B 230 -32.55 -30.07 -11.32
N PRO B 231 -31.37 -30.62 -11.48
CA PRO B 231 -31.03 -31.45 -12.67
C PRO B 231 -31.71 -32.81 -12.76
N THR B 232 -31.47 -33.47 -13.86
CA THR B 232 -32.02 -34.81 -14.09
C THR B 232 -31.17 -35.78 -13.25
N ASN B 233 -31.61 -36.98 -13.02
CA ASN B 233 -30.80 -37.92 -12.22
C ASN B 233 -29.51 -38.26 -12.99
N GLU B 234 -29.53 -38.06 -14.28
CA GLU B 234 -28.33 -38.36 -15.11
C GLU B 234 -27.14 -37.50 -14.63
N VAL B 235 -27.35 -36.22 -14.49
CA VAL B 235 -26.26 -35.32 -14.03
C VAL B 235 -25.83 -35.72 -12.62
N ILE B 236 -26.75 -35.94 -11.75
CA ILE B 236 -26.39 -36.36 -10.41
C ILE B 236 -25.46 -37.56 -10.42
N ASP B 237 -25.81 -38.56 -11.24
CA ASP B 237 -25.07 -39.79 -11.35
C ASP B 237 -23.67 -39.54 -11.86
N LYS B 238 -23.56 -38.77 -12.94
CA LYS B 238 -22.25 -38.34 -13.43
C LYS B 238 -21.50 -37.71 -12.30
N MET B 239 -22.17 -36.84 -11.55
CA MET B 239 -21.54 -36.12 -10.43
C MET B 239 -21.24 -37.03 -9.26
N ARG B 240 -21.97 -38.13 -9.18
CA ARG B 240 -21.64 -39.11 -8.17
C ARG B 240 -20.41 -39.91 -8.60
N ALA B 241 -20.23 -40.11 -9.90
CA ALA B 241 -19.01 -40.77 -10.35
C ALA B 241 -17.82 -39.83 -10.11
N VAL B 242 -18.05 -38.54 -10.24
CA VAL B 242 -16.99 -37.61 -10.02
C VAL B 242 -16.64 -37.61 -8.54
N GLN B 243 -17.67 -37.67 -7.72
CA GLN B 243 -17.43 -37.68 -6.28
C GLN B 243 -16.59 -38.87 -5.82
N GLU B 244 -16.82 -39.99 -6.46
CA GLU B 244 -16.18 -41.25 -6.18
C GLU B 244 -14.75 -41.26 -6.68
N GLN B 245 -14.51 -40.56 -7.78
CA GLN B 245 -13.22 -40.51 -8.39
C GLN B 245 -12.32 -39.68 -7.49
N VAL B 246 -12.92 -38.69 -6.86
CA VAL B 246 -12.21 -37.88 -5.91
C VAL B 246 -11.73 -38.76 -4.76
N ALA B 247 -12.61 -39.62 -4.24
CA ALA B 247 -12.23 -40.56 -3.19
C ALA B 247 -11.10 -41.51 -3.57
N SER B 248 -11.14 -42.05 -4.78
CA SER B 248 -10.04 -42.92 -5.25
C SER B 248 -8.67 -42.25 -5.17
N GLU B 249 -8.62 -40.98 -5.55
CA GLU B 249 -7.40 -40.21 -5.47
C GLU B 249 -6.91 -40.10 -4.02
N LYS B 250 -7.82 -39.72 -3.13
CA LYS B 250 -7.48 -39.64 -1.73
C LYS B 250 -6.79 -40.93 -1.35
N ALA B 251 -7.38 -42.04 -1.78
CA ALA B 251 -6.85 -43.36 -1.43
C ALA B 251 -5.44 -43.55 -1.98
N GLU B 252 -5.24 -43.36 -3.28
CA GLU B 252 -3.91 -43.46 -3.86
C GLU B 252 -2.90 -42.51 -3.20
N LEU B 253 -3.33 -41.28 -2.87
CA LEU B 253 -2.48 -40.22 -2.31
C LEU B 253 -2.18 -40.45 -0.85
N ALA B 254 -3.05 -41.17 -0.17
CA ALA B 254 -2.86 -41.53 1.25
C ALA B 254 -1.71 -42.46 1.43
N LYS B 255 -1.22 -43.03 0.33
CA LYS B 255 -0.02 -43.93 0.47
C LYS B 255 1.25 -43.10 0.94
N LEU B 256 2.06 -43.61 1.93
CA LEU B 256 3.29 -42.86 2.40
C LEU B 256 4.49 -43.79 2.76
N LYS B 257 5.71 -43.21 2.89
CA LYS B 257 6.95 -43.98 3.24
C LYS B 257 7.96 -43.17 4.09
N ASP B 258 8.58 -43.84 5.08
CA ASP B 258 9.62 -43.24 5.95
C ASP B 258 10.88 -42.83 5.17
N LEU B 259 11.46 -41.69 5.55
CA LEU B 259 12.65 -41.14 4.87
C LEU B 259 12.41 -41.04 3.36
N PRO B 260 11.31 -40.40 3.01
CA PRO B 260 10.87 -40.16 1.59
C PRO B 260 11.59 -39.00 0.91
N ALA B 261 11.39 -38.90 -0.41
CA ALA B 261 11.95 -37.80 -1.20
C ALA B 261 13.34 -38.07 -1.77
N ILE B 262 13.47 -39.22 -2.41
CA ILE B 262 14.71 -39.58 -3.13
C ILE B 262 14.40 -39.81 -4.60
N THR B 263 15.11 -39.09 -5.46
CA THR B 263 15.07 -39.34 -6.87
C THR B 263 15.50 -40.79 -7.18
N LEU B 264 15.06 -41.27 -8.34
CA LEU B 264 15.50 -42.55 -8.90
C LEU B 264 16.99 -42.80 -8.72
N ASP B 265 17.80 -41.80 -9.00
CA ASP B 265 19.25 -41.92 -8.93
C ASP B 265 19.86 -41.54 -7.58
N GLY B 266 19.08 -41.55 -6.51
CA GLY B 266 19.66 -41.44 -5.15
C GLY B 266 19.83 -40.09 -4.46
N HIS B 267 19.21 -39.05 -4.99
CA HIS B 267 19.39 -37.70 -4.44
C HIS B 267 18.24 -37.46 -3.50
N GLN B 268 18.57 -37.14 -2.25
CA GLN B 268 17.56 -36.89 -1.24
C GLN B 268 17.37 -35.42 -0.89
N VAL B 269 16.11 -35.04 -0.67
CA VAL B 269 15.80 -33.70 -0.14
C VAL B 269 14.82 -33.83 1.03
N GLU B 270 14.73 -32.83 1.88
CA GLU B 270 13.70 -32.86 2.86
C GLU B 270 12.43 -32.26 2.24
N VAL B 271 11.30 -32.68 2.78
CA VAL B 271 10.03 -32.23 2.29
C VAL B 271 9.17 -32.12 3.54
N CYS B 272 8.74 -30.90 3.85
CA CYS B 272 8.16 -30.64 5.15
C CYS B 272 6.96 -29.80 4.99
N ALA B 273 6.24 -29.64 6.10
CA ALA B 273 5.05 -28.83 6.09
C ALA B 273 5.36 -27.44 6.62
N ASN B 274 4.74 -26.44 6.00
CA ASN B 274 4.63 -25.15 6.61
C ASN B 274 3.46 -25.27 7.52
N ILE B 275 3.54 -24.75 8.74
CA ILE B 275 2.36 -24.77 9.65
C ILE B 275 2.09 -23.41 10.28
N GLY B 276 0.90 -23.33 10.89
CA GLY B 276 0.47 -22.15 11.58
C GLY B 276 0.19 -22.36 13.05
N THR B 277 0.01 -23.61 13.48
CA THR B 277 -0.70 -23.96 14.72
C THR B 277 -0.50 -25.44 14.95
N VAL B 278 -0.20 -25.91 16.18
CA VAL B 278 -0.22 -27.38 16.47
C VAL B 278 -1.22 -28.16 15.63
N ARG B 279 -2.40 -27.56 15.42
CA ARG B 279 -3.46 -28.22 14.69
C ARG B 279 -3.06 -28.60 13.26
N ASP B 280 -1.99 -28.01 12.76
CA ASP B 280 -1.56 -28.25 11.41
C ASP B 280 -0.62 -29.46 11.38
N VAL B 281 -0.14 -29.86 12.56
CA VAL B 281 0.78 -30.97 12.67
C VAL B 281 0.07 -32.25 12.21
N GLU B 282 -1.22 -32.26 12.44
CA GLU B 282 -2.01 -33.39 12.09
C GLU B 282 -1.94 -33.59 10.57
N GLY B 283 -2.38 -32.59 9.80
CA GLY B 283 -2.21 -32.60 8.33
C GLY B 283 -0.80 -32.93 7.88
N ALA B 284 0.20 -32.46 8.60
CA ALA B 284 1.58 -32.71 8.21
C ALA B 284 1.94 -34.19 8.32
N GLU B 285 1.49 -34.81 9.42
CA GLU B 285 1.80 -36.20 9.66
C GLU B 285 0.99 -37.00 8.66
N ARG B 286 -0.23 -36.53 8.42
CA ARG B 286 -1.15 -37.19 7.50
C ARG B 286 -0.57 -37.30 6.08
N ASN B 287 0.17 -36.28 5.67
CA ASN B 287 0.65 -36.12 4.33
C ASN B 287 2.11 -36.44 4.17
N GLY B 288 2.69 -37.00 5.22
CA GLY B 288 4.00 -37.62 5.08
C GLY B 288 5.16 -36.67 5.23
N ALA B 289 4.90 -35.52 5.84
CA ALA B 289 5.90 -34.50 6.13
C ALA B 289 7.03 -35.10 6.92
N GLU B 290 8.27 -34.75 6.61
CA GLU B 290 9.42 -35.25 7.38
C GLU B 290 9.84 -34.28 8.49
N GLY B 291 9.11 -33.19 8.66
CA GLY B 291 9.37 -32.20 9.71
C GLY B 291 8.63 -30.95 9.30
N VAL B 292 8.83 -29.86 10.03
CA VAL B 292 8.19 -28.60 9.73
C VAL B 292 9.24 -27.61 9.25
N GLY B 293 8.99 -27.02 8.09
CA GLY B 293 9.99 -26.20 7.43
C GLY B 293 9.73 -24.74 7.73
N LEU B 294 8.55 -24.43 8.23
CA LEU B 294 8.24 -23.05 8.55
C LEU B 294 7.04 -23.02 9.45
N TYR B 295 7.23 -22.46 10.64
CA TYR B 295 6.21 -22.34 11.62
C TYR B 295 6.02 -20.86 11.65
N ARG B 296 5.03 -20.42 10.88
CA ARG B 296 4.62 -19.02 10.80
C ARG B 296 4.04 -18.66 12.15
N THR B 297 4.83 -18.05 13.01
CA THR B 297 4.34 -17.78 14.36
C THR B 297 3.25 -16.70 14.41
N GLU B 298 3.15 -15.84 13.38
CA GLU B 298 2.07 -14.85 13.29
C GLU B 298 0.75 -15.52 13.51
N PHE B 299 0.61 -16.69 12.91
CA PHE B 299 -0.66 -17.37 12.82
C PHE B 299 -1.10 -17.74 14.22
N LEU B 300 -0.13 -18.08 15.06
CA LEU B 300 -0.44 -18.33 16.43
C LEU B 300 -0.92 -17.04 17.08
N PHE B 301 -0.42 -15.91 16.63
CA PHE B 301 -0.77 -14.62 17.20
C PHE B 301 -2.16 -14.21 16.75
N MET B 302 -2.58 -14.71 15.60
CA MET B 302 -3.94 -14.41 15.12
C MET B 302 -4.89 -15.51 15.56
N ASP B 303 -4.38 -16.42 16.36
CA ASP B 303 -5.20 -17.46 16.94
C ASP B 303 -5.75 -17.03 18.31
N ARG B 304 -5.48 -15.77 18.68
CA ARG B 304 -5.74 -15.18 20.02
C ARG B 304 -6.25 -13.74 19.90
N ASP B 305 -6.92 -13.18 20.95
CA ASP B 305 -7.28 -11.75 20.89
C ASP B 305 -6.41 -10.84 21.76
N ALA B 306 -5.21 -11.31 22.07
CA ALA B 306 -4.21 -10.52 22.80
C ALA B 306 -2.86 -10.98 22.35
N LEU B 307 -1.85 -10.13 22.55
CA LEU B 307 -0.46 -10.51 22.24
C LEU B 307 -0.01 -11.61 23.20
N PRO B 308 0.47 -12.75 22.66
CA PRO B 308 0.85 -13.85 23.56
C PRO B 308 2.17 -13.61 24.26
N THR B 309 2.17 -13.74 25.57
CA THR B 309 3.31 -13.42 26.39
C THR B 309 4.41 -14.42 26.18
N GLU B 310 5.53 -14.20 26.84
CA GLU B 310 6.56 -15.19 26.76
C GLU B 310 5.99 -16.57 27.09
N GLU B 311 5.26 -16.63 28.19
CA GLU B 311 4.77 -17.91 28.72
C GLU B 311 3.77 -18.58 27.74
N GLU B 312 2.87 -17.78 27.16
CA GLU B 312 1.88 -18.36 26.26
C GLU B 312 2.58 -18.87 25.02
N GLN B 313 3.62 -18.16 24.61
CA GLN B 313 4.33 -18.52 23.40
C GLN B 313 5.10 -19.80 23.65
N PHE B 314 5.79 -19.81 24.78
CA PHE B 314 6.54 -20.95 25.17
C PHE B 314 5.66 -22.19 25.11
N ALA B 315 4.43 -22.09 25.65
CA ALA B 315 3.56 -23.24 25.79
C ALA B 315 3.17 -23.73 24.42
N ALA B 316 2.83 -22.77 23.58
CA ALA B 316 2.40 -22.99 22.23
C ALA B 316 3.52 -23.66 21.46
N TYR B 317 4.74 -23.14 21.61
CA TYR B 317 5.92 -23.71 20.95
C TYR B 317 6.22 -25.10 21.44
N LYS B 318 6.10 -25.29 22.76
CA LYS B 318 6.37 -26.57 23.45
C LYS B 318 5.42 -27.58 22.87
N ALA B 319 4.13 -27.24 22.84
CA ALA B 319 3.16 -28.16 22.28
C ALA B 319 3.59 -28.59 20.88
N VAL B 320 3.97 -27.63 20.03
CA VAL B 320 4.27 -27.94 18.65
C VAL B 320 5.46 -28.89 18.67
N ALA B 321 6.51 -28.49 19.38
CA ALA B 321 7.74 -29.26 19.44
C ALA B 321 7.45 -30.69 19.82
N GLU B 322 6.43 -30.85 20.63
CA GLU B 322 6.10 -32.15 21.14
C GLU B 322 5.14 -32.86 20.21
N ALA B 323 4.22 -32.14 19.61
CA ALA B 323 3.34 -32.75 18.63
C ALA B 323 4.11 -33.15 17.41
N CYS B 324 5.36 -32.71 17.32
CA CYS B 324 6.17 -33.13 16.21
C CYS B 324 7.09 -34.28 16.50
N GLY B 325 7.09 -34.77 17.73
CA GLY B 325 7.87 -35.94 18.08
C GLY B 325 9.34 -35.73 17.83
N SER B 326 9.92 -36.60 17.03
CA SER B 326 11.34 -36.57 16.78
C SER B 326 11.67 -35.44 15.84
N GLN B 327 10.65 -34.95 15.12
CA GLN B 327 10.88 -34.04 13.99
C GLN B 327 11.26 -32.60 14.36
N ALA B 328 12.01 -31.99 13.47
CA ALA B 328 12.53 -30.63 13.63
C ALA B 328 11.49 -29.61 13.19
N VAL B 329 11.28 -28.56 13.97
CA VAL B 329 10.42 -27.47 13.54
C VAL B 329 11.25 -26.20 13.30
N ILE B 330 11.05 -25.55 12.17
CA ILE B 330 11.72 -24.28 11.92
C ILE B 330 10.74 -23.18 12.31
N VAL B 331 10.96 -22.63 13.50
CA VAL B 331 10.09 -21.66 14.09
C VAL B 331 10.54 -20.32 13.55
N ARG B 332 9.69 -19.66 12.77
CA ARG B 332 10.07 -18.34 12.27
C ARG B 332 9.56 -17.34 13.26
N THR B 333 10.41 -16.40 13.60
CA THR B 333 9.95 -15.29 14.43
C THR B 333 8.95 -14.52 13.59
N MET B 334 8.20 -13.71 14.30
CA MET B 334 6.91 -13.20 13.87
C MET B 334 6.97 -12.27 12.67
N ASP B 335 6.01 -12.45 11.75
CA ASP B 335 5.95 -11.66 10.56
C ASP B 335 4.57 -11.05 10.40
N ILE B 336 4.38 -9.94 11.09
CA ILE B 336 3.21 -9.15 10.97
C ILE B 336 3.50 -7.95 10.08
N GLY B 337 2.52 -7.53 9.27
CA GLY B 337 2.58 -6.21 8.69
C GLY B 337 2.58 -6.00 7.18
N GLY B 338 2.28 -7.04 6.42
CA GLY B 338 2.06 -6.77 5.02
C GLY B 338 0.58 -6.96 4.92
N ASP B 339 0.16 -7.99 4.22
CA ASP B 339 -1.24 -8.35 4.29
C ASP B 339 -1.57 -9.07 5.59
N LYS B 340 -0.63 -9.24 6.51
CA LYS B 340 -1.00 -9.83 7.80
C LYS B 340 -0.86 -8.92 9.03
N GLU B 341 -1.90 -8.14 9.21
CA GLU B 341 -1.97 -7.37 10.38
C GLU B 341 -2.57 -8.23 11.47
N LEU B 342 -2.22 -7.96 12.72
CA LEU B 342 -3.10 -8.34 13.80
C LEU B 342 -3.77 -7.12 14.41
N PRO B 343 -5.07 -6.99 14.13
CA PRO B 343 -5.95 -5.91 14.55
C PRO B 343 -5.71 -5.54 16.01
N TYR B 344 -5.59 -6.52 16.90
CA TYR B 344 -5.34 -6.17 18.31
C TYR B 344 -4.11 -5.30 18.59
N MET B 345 -3.24 -5.16 17.59
CA MET B 345 -2.04 -4.33 17.79
C MET B 345 -2.32 -2.89 17.49
N ASN B 346 -3.40 -2.65 16.76
CA ASN B 346 -3.79 -1.28 16.39
C ASN B 346 -2.67 -0.47 15.76
N PHE B 347 -1.75 -1.14 15.08
CA PHE B 347 -0.70 -0.41 14.40
C PHE B 347 -1.33 0.59 13.47
N PRO B 348 -0.61 1.68 13.17
CA PRO B 348 -1.14 2.65 12.21
C PRO B 348 -1.08 2.15 10.77
N LYS B 349 -1.91 2.74 9.91
CA LYS B 349 -1.93 2.38 8.50
C LYS B 349 -0.68 2.83 7.80
N GLU B 350 -0.36 2.11 6.72
CA GLU B 350 0.76 2.42 5.84
C GLU B 350 0.34 2.48 4.38
N GLU B 351 1.02 3.32 3.64
CA GLU B 351 0.74 3.47 2.25
C GLU B 351 1.06 2.18 1.47
N ASN B 352 2.11 1.47 1.87
CA ASN B 352 2.43 0.17 1.24
C ASN B 352 2.81 -0.82 2.32
N PRO B 353 1.81 -1.50 2.89
CA PRO B 353 2.17 -2.36 3.99
C PRO B 353 3.28 -3.31 3.59
N PHE B 354 3.24 -3.83 2.38
CA PHE B 354 4.22 -4.83 1.98
C PHE B 354 5.64 -4.33 1.81
N LEU B 355 5.78 -3.02 1.69
CA LEU B 355 7.07 -2.35 1.77
C LEU B 355 7.20 -1.53 3.05
N GLY B 356 6.53 -1.97 4.10
CA GLY B 356 6.46 -1.15 5.31
C GLY B 356 7.11 -1.79 6.51
N TRP B 357 6.49 -1.54 7.65
CA TRP B 357 7.04 -1.80 8.95
C TRP B 357 6.61 -3.19 9.36
N ARG B 358 7.33 -4.13 8.80
CA ARG B 358 6.91 -5.52 8.75
C ARG B 358 7.90 -6.44 9.50
N ALA B 359 7.33 -7.41 10.25
CA ALA B 359 8.10 -8.54 10.77
C ALA B 359 9.16 -8.04 11.68
N ILE B 360 10.39 -8.24 11.25
CA ILE B 360 11.58 -7.95 12.07
C ILE B 360 11.79 -6.45 12.35
N ARG B 361 11.17 -5.66 11.51
CA ARG B 361 11.28 -4.26 11.63
C ARG B 361 10.53 -3.79 12.85
N ILE B 362 9.53 -4.58 13.24
CA ILE B 362 8.73 -4.30 14.45
C ILE B 362 9.46 -4.84 15.69
N ALA B 363 9.86 -6.10 15.62
CA ALA B 363 10.43 -6.70 16.78
C ALA B 363 11.71 -5.94 17.18
N MET B 364 12.37 -5.33 16.20
CA MET B 364 13.53 -4.48 16.50
C MET B 364 13.17 -3.08 16.96
N ASP B 365 11.95 -2.65 16.71
CA ASP B 365 11.58 -1.35 17.24
C ASP B 365 10.83 -1.51 18.53
N ARG B 366 10.58 -2.74 18.92
CA ARG B 366 9.90 -2.98 20.16
C ARG B 366 10.44 -4.24 20.72
N ARG B 367 11.58 -4.15 21.39
CA ARG B 367 12.29 -5.31 21.88
C ARG B 367 11.46 -6.27 22.73
N GLU B 368 10.58 -5.76 23.59
CA GLU B 368 9.75 -6.67 24.38
C GLU B 368 9.18 -7.82 23.47
N ILE B 369 8.91 -7.53 22.20
CA ILE B 369 8.25 -8.49 21.28
C ILE B 369 9.27 -9.54 20.82
N LEU B 370 10.36 -9.05 20.25
CA LEU B 370 11.45 -9.86 19.91
C LEU B 370 11.93 -10.69 21.13
N ARG B 371 12.05 -10.06 22.30
CA ARG B 371 12.61 -10.73 23.46
C ARG B 371 11.73 -11.87 24.01
N ASP B 372 10.45 -11.56 24.25
CA ASP B 372 9.50 -12.52 24.73
C ASP B 372 9.59 -13.67 23.80
N GLN B 373 9.50 -13.39 22.51
CA GLN B 373 9.42 -14.48 21.54
C GLN B 373 10.68 -15.32 21.52
N LEU B 374 11.83 -14.71 21.32
CA LEU B 374 13.05 -15.50 21.25
C LEU B 374 13.30 -16.27 22.53
N ARG B 375 13.15 -15.60 23.67
CA ARG B 375 13.06 -16.26 24.96
C ARG B 375 12.18 -17.54 24.92
N ALA B 376 10.90 -17.37 24.56
CA ALA B 376 9.99 -18.49 24.43
C ALA B 376 10.50 -19.58 23.50
N ILE B 377 11.01 -19.24 22.32
CA ILE B 377 11.49 -20.27 21.40
C ILE B 377 12.61 -21.03 22.08
N LEU B 378 13.63 -20.31 22.53
CA LEU B 378 14.76 -20.97 23.15
C LEU B 378 14.27 -21.93 24.22
N ARG B 379 13.41 -21.44 25.09
CA ARG B 379 13.02 -22.25 26.20
C ARG B 379 12.30 -23.47 25.68
N ALA B 380 11.47 -23.30 24.63
CA ALA B 380 10.75 -24.44 24.05
C ALA B 380 11.71 -25.46 23.43
N SER B 381 12.91 -25.03 23.03
CA SER B 381 13.87 -25.92 22.42
C SER B 381 14.41 -26.92 23.41
N ALA B 382 14.06 -26.76 24.68
CA ALA B 382 14.46 -27.75 25.66
C ALA B 382 13.58 -28.96 25.53
N PHE B 383 12.64 -28.93 24.58
CA PHE B 383 11.59 -29.95 24.53
C PHE B 383 11.40 -30.64 23.21
N GLY B 384 12.24 -30.30 22.22
CA GLY B 384 12.14 -30.92 20.92
C GLY B 384 13.03 -30.17 20.01
N LYS B 385 13.42 -30.76 18.87
CA LYS B 385 14.32 -30.06 17.94
C LYS B 385 13.64 -28.84 17.31
N LEU B 386 14.08 -27.66 17.68
CA LEU B 386 13.60 -26.43 17.07
C LEU B 386 14.75 -25.71 16.41
N ARG B 387 14.45 -25.01 15.32
CA ARG B 387 15.35 -24.02 14.75
C ARG B 387 14.68 -22.65 14.82
N ILE B 388 15.49 -21.58 14.82
CA ILE B 388 15.00 -20.20 14.77
C ILE B 388 15.30 -19.64 13.40
N MET B 389 14.32 -18.95 12.83
CA MET B 389 14.55 -18.35 11.55
C MET B 389 13.89 -17.02 11.60
N PHE B 390 14.47 -16.06 10.91
CA PHE B 390 14.01 -14.67 10.85
C PHE B 390 13.45 -14.30 9.50
N PRO B 391 12.31 -13.61 9.49
CA PRO B 391 11.64 -13.10 8.29
C PRO B 391 12.14 -11.74 7.84
N MET B 392 11.94 -11.38 6.56
CA MET B 392 12.20 -10.02 6.06
C MET B 392 13.59 -9.46 6.24
N ILE B 393 14.57 -10.33 6.36
CA ILE B 393 15.96 -9.93 6.42
C ILE B 393 16.43 -9.24 5.14
N ILE B 394 17.16 -8.14 5.33
CA ILE B 394 17.55 -7.29 4.23
C ILE B 394 19.03 -6.96 4.17
N SER B 395 19.72 -7.16 5.30
CA SER B 395 21.10 -6.75 5.42
C SER B 395 21.88 -7.67 6.35
N VAL B 396 23.20 -7.69 6.24
CA VAL B 396 23.99 -8.35 7.24
C VAL B 396 23.84 -7.61 8.56
N GLU B 397 23.74 -6.28 8.51
CA GLU B 397 23.48 -5.52 9.74
C GLU B 397 22.37 -6.15 10.61
N GLU B 398 21.19 -6.33 9.99
CA GLU B 398 20.04 -6.91 10.71
C GLU B 398 20.38 -8.24 11.39
N VAL B 399 20.94 -9.17 10.64
CA VAL B 399 21.29 -10.49 11.23
C VAL B 399 22.23 -10.42 12.45
N ARG B 400 23.29 -9.63 12.35
CA ARG B 400 24.18 -9.51 13.47
C ARG B 400 23.47 -8.90 14.67
N ALA B 401 22.54 -7.98 14.45
CA ALA B 401 21.93 -7.31 15.58
C ALA B 401 21.02 -8.29 16.31
N LEU B 402 20.46 -9.23 15.56
CA LEU B 402 19.51 -10.19 16.08
C LEU B 402 20.20 -11.39 16.76
N ARG B 403 21.32 -11.84 16.20
CA ARG B 403 22.16 -12.87 16.83
C ARG B 403 22.69 -12.40 18.16
N LYS B 404 23.10 -11.14 18.18
CA LYS B 404 23.55 -10.50 19.38
C LYS B 404 22.43 -10.52 20.39
N GLU B 405 21.24 -10.17 19.91
CA GLU B 405 20.06 -10.31 20.72
C GLU B 405 19.89 -11.75 21.24
N ILE B 406 19.87 -12.74 20.36
CA ILE B 406 19.79 -14.12 20.82
C ILE B 406 20.79 -14.36 21.97
N GLU B 407 22.07 -14.08 21.73
CA GLU B 407 23.08 -14.30 22.72
C GLU B 407 22.77 -13.68 24.08
N ILE B 408 22.14 -12.51 24.09
CA ILE B 408 21.74 -11.88 25.34
C ILE B 408 20.61 -12.67 26.01
N TYR B 409 19.58 -12.98 25.25
CA TYR B 409 18.50 -13.78 25.73
C TYR B 409 18.97 -15.15 26.15
N LYS B 410 20.01 -15.69 25.53
CA LYS B 410 20.50 -17.01 25.90
C LYS B 410 21.06 -16.94 27.30
N GLN B 411 21.83 -15.91 27.60
CA GLN B 411 22.47 -15.78 28.90
C GLN B 411 21.46 -15.63 29.99
N GLU B 412 20.49 -14.75 29.76
CA GLU B 412 19.45 -14.55 30.73
C GLU B 412 18.84 -15.90 31.09
N LEU B 413 18.43 -16.68 30.10
CA LEU B 413 17.94 -18.02 30.40
C LEU B 413 18.91 -18.84 31.26
N ARG B 414 20.17 -18.98 30.81
CA ARG B 414 21.25 -19.57 31.64
C ARG B 414 21.24 -19.08 33.09
N ASP B 415 21.02 -17.79 33.29
CA ASP B 415 21.04 -17.18 34.60
C ASP B 415 19.80 -17.42 35.43
N GLU B 416 18.71 -17.75 34.76
CA GLU B 416 17.45 -18.00 35.45
C GLU B 416 17.22 -19.50 35.65
N GLY B 417 18.22 -20.33 35.31
CA GLY B 417 18.17 -21.79 35.50
C GLY B 417 17.10 -22.43 34.61
N LYS B 418 17.14 -21.99 33.35
CA LYS B 418 16.19 -22.37 32.31
C LYS B 418 16.92 -22.98 31.08
N ALA B 419 16.73 -24.29 30.90
CA ALA B 419 17.32 -25.05 29.81
C ALA B 419 16.87 -24.49 28.47
N PHE B 420 17.79 -24.56 27.51
CA PHE B 420 17.51 -24.36 26.13
C PHE B 420 18.58 -25.15 25.40
N ASP B 421 18.24 -25.57 24.18
CA ASP B 421 19.11 -26.39 23.37
C ASP B 421 20.26 -25.47 23.03
N GLU B 422 21.45 -25.75 23.55
CA GLU B 422 22.63 -24.93 23.22
C GLU B 422 23.05 -25.11 21.77
N SER B 423 22.55 -26.14 21.09
CA SER B 423 22.87 -26.46 19.71
C SER B 423 22.02 -25.71 18.72
N ILE B 424 21.17 -24.81 19.21
CA ILE B 424 20.02 -24.38 18.42
C ILE B 424 20.50 -23.62 17.22
N GLU B 425 19.97 -24.02 16.06
CA GLU B 425 20.44 -23.43 14.84
C GLU B 425 19.57 -22.27 14.45
N ILE B 426 20.24 -21.30 13.84
CA ILE B 426 19.67 -20.05 13.49
C ILE B 426 19.84 -19.82 11.99
N GLY B 427 18.78 -19.40 11.32
CA GLY B 427 18.86 -19.12 9.89
C GLY B 427 18.02 -17.91 9.51
N VAL B 428 17.85 -17.67 8.23
CA VAL B 428 17.14 -16.49 7.83
C VAL B 428 16.30 -16.80 6.64
N MET B 429 15.18 -16.10 6.53
CA MET B 429 14.35 -16.17 5.35
C MET B 429 15.16 -15.43 4.32
N VAL B 430 15.34 -15.98 3.13
CA VAL B 430 15.81 -15.15 2.03
C VAL B 430 14.57 -14.87 1.18
N GLU B 431 13.93 -13.72 1.36
CA GLU B 431 12.69 -13.47 0.67
C GLU B 431 12.64 -12.04 0.20
N THR B 432 13.77 -11.41 0.33
CA THR B 432 14.05 -10.09 -0.14
C THR B 432 15.17 -10.23 -1.24
N PRO B 433 15.11 -9.39 -2.31
CA PRO B 433 16.14 -9.36 -3.32
C PRO B 433 17.43 -8.87 -2.71
N ALA B 434 17.37 -8.03 -1.70
CA ALA B 434 18.55 -7.69 -0.93
C ALA B 434 19.21 -8.93 -0.41
N ALA B 435 18.47 -9.68 0.40
CA ALA B 435 19.04 -10.90 0.99
C ALA B 435 19.62 -11.77 -0.10
N ALA B 436 18.87 -11.90 -1.19
CA ALA B 436 19.30 -12.80 -2.24
C ALA B 436 20.64 -12.33 -2.76
N THR B 437 20.77 -11.01 -2.92
CA THR B 437 21.99 -10.38 -3.46
C THR B 437 23.26 -10.53 -2.60
N ILE B 438 23.05 -10.55 -1.29
CA ILE B 438 24.14 -10.61 -0.35
C ILE B 438 24.10 -11.98 0.31
N ALA B 439 23.42 -12.89 -0.35
CA ALA B 439 23.39 -14.26 0.14
C ALA B 439 24.78 -14.73 0.57
N ARG B 440 25.85 -14.40 -0.16
CA ARG B 440 27.16 -14.97 0.21
C ARG B 440 27.47 -14.47 1.57
N HIS B 441 27.46 -13.15 1.74
CA HIS B 441 27.68 -12.54 3.05
C HIS B 441 26.82 -13.08 4.16
N LEU B 442 25.54 -13.33 3.88
CA LEU B 442 24.61 -13.77 4.94
C LEU B 442 24.90 -15.21 5.34
N ALA B 443 25.29 -16.03 4.36
CA ALA B 443 25.59 -17.45 4.57
C ALA B 443 26.69 -17.75 5.62
N LYS B 444 27.64 -16.83 5.78
CA LYS B 444 28.66 -16.92 6.85
C LYS B 444 28.03 -16.70 8.17
N GLU B 445 26.89 -16.04 8.19
CA GLU B 445 26.37 -15.50 9.45
C GLU B 445 25.22 -16.33 10.00
N VAL B 446 24.71 -17.28 9.22
CA VAL B 446 23.59 -18.09 9.65
C VAL B 446 23.87 -19.53 9.37
N ASP B 447 23.05 -20.42 9.94
CA ASP B 447 23.18 -21.87 9.70
C ASP B 447 22.43 -22.35 8.51
N PHE B 448 21.48 -21.55 8.04
CA PHE B 448 20.67 -22.01 6.94
C PHE B 448 19.83 -20.91 6.35
N PHE B 449 19.14 -21.22 5.26
CA PHE B 449 18.29 -20.27 4.55
C PHE B 449 17.08 -21.01 4.21
N SER B 450 15.95 -20.31 4.22
CA SER B 450 14.77 -20.76 3.56
C SER B 450 14.31 -19.64 2.65
N ILE B 451 14.14 -19.93 1.36
CA ILE B 451 13.76 -18.88 0.41
C ILE B 451 12.25 -18.67 0.41
N GLY B 452 11.84 -17.44 0.73
CA GLY B 452 10.43 -17.13 0.66
C GLY B 452 10.14 -16.56 -0.71
N THR B 453 9.67 -17.40 -1.62
CA THR B 453 9.43 -16.95 -2.97
C THR B 453 8.17 -16.09 -3.12
N ASN B 454 7.26 -16.18 -2.17
CA ASN B 454 6.07 -15.33 -2.25
C ASN B 454 6.51 -13.89 -2.17
N ASP B 455 7.28 -13.60 -1.13
CA ASP B 455 7.84 -12.30 -1.01
C ASP B 455 8.89 -11.97 -2.07
N LEU B 456 9.92 -12.80 -2.22
CA LEU B 456 10.94 -12.60 -3.22
C LEU B 456 10.33 -12.30 -4.62
N THR B 457 9.33 -13.04 -5.00
CA THR B 457 8.71 -12.78 -6.25
C THR B 457 8.20 -11.35 -6.19
N GLN B 458 7.45 -11.07 -5.14
CA GLN B 458 6.78 -9.80 -4.94
C GLN B 458 7.74 -8.67 -5.14
N TYR B 459 8.90 -8.69 -4.47
CA TYR B 459 9.82 -7.54 -4.55
C TYR B 459 10.68 -7.54 -5.77
N THR B 460 10.95 -8.71 -6.29
CA THR B 460 11.82 -8.76 -7.42
C THR B 460 11.01 -8.23 -8.60
N LEU B 461 9.75 -8.64 -8.69
CA LEU B 461 8.89 -8.18 -9.77
C LEU B 461 8.09 -6.95 -9.38
N ALA B 462 8.21 -6.47 -8.15
CA ALA B 462 7.31 -5.38 -7.71
C ALA B 462 5.87 -5.63 -8.07
N VAL B 463 5.40 -6.83 -7.79
CA VAL B 463 4.00 -7.11 -7.91
C VAL B 463 3.43 -7.64 -6.61
N ASP B 464 2.38 -6.93 -6.17
CA ASP B 464 1.75 -7.16 -4.91
C ASP B 464 1.07 -8.52 -5.00
N ARG B 465 1.41 -9.37 -4.04
CA ARG B 465 0.84 -10.70 -3.92
C ARG B 465 -0.66 -10.67 -3.81
N GLY B 466 -1.19 -9.53 -3.37
CA GLY B 466 -2.62 -9.34 -3.14
C GLY B 466 -3.36 -8.82 -4.35
N ASN B 467 -2.65 -8.29 -5.35
CA ASN B 467 -3.27 -7.47 -6.40
C ASN B 467 -3.67 -8.29 -7.64
N ASP B 468 -4.95 -8.63 -7.75
CA ASP B 468 -5.43 -9.47 -8.85
C ASP B 468 -5.31 -8.79 -10.21
N MET B 469 -5.49 -7.47 -10.22
CA MET B 469 -5.34 -6.73 -11.45
C MET B 469 -4.02 -6.97 -12.18
N ILE B 470 -2.92 -7.13 -11.45
CA ILE B 470 -1.66 -7.49 -12.09
C ILE B 470 -1.20 -8.90 -11.80
N SER B 471 -2.09 -9.76 -11.34
CA SER B 471 -1.61 -11.08 -10.97
C SER B 471 -0.81 -11.74 -12.10
N HIS B 472 -1.15 -11.43 -13.35
CA HIS B 472 -0.54 -12.11 -14.49
C HIS B 472 0.97 -11.87 -14.55
N LEU B 473 1.42 -10.82 -13.85
CA LEU B 473 2.84 -10.47 -13.73
C LEU B 473 3.49 -11.09 -12.52
N TYR B 474 2.73 -11.79 -11.69
CA TYR B 474 3.34 -12.34 -10.52
C TYR B 474 3.86 -13.68 -10.93
N GLN B 475 5.16 -13.75 -11.21
CA GLN B 475 5.72 -15.00 -11.74
C GLN B 475 6.89 -15.41 -10.99
N PRO B 476 6.73 -16.35 -10.06
CA PRO B 476 7.94 -16.80 -9.37
C PRO B 476 8.74 -17.65 -10.35
N MET B 477 8.16 -17.97 -11.50
CA MET B 477 8.87 -18.73 -12.47
C MET B 477 9.34 -17.85 -13.57
N SER B 478 10.08 -16.84 -13.15
CA SER B 478 10.72 -15.93 -14.04
C SER B 478 12.16 -16.27 -14.05
N PRO B 479 12.81 -16.01 -15.18
CA PRO B 479 14.26 -16.09 -15.21
C PRO B 479 14.87 -15.21 -14.11
N SER B 480 14.16 -14.16 -13.71
CA SER B 480 14.68 -13.31 -12.63
C SER B 480 14.58 -13.92 -11.21
N VAL B 481 13.50 -14.59 -10.91
CA VAL B 481 13.39 -15.13 -9.58
C VAL B 481 14.24 -16.41 -9.49
N LEU B 482 14.24 -17.19 -10.56
CA LEU B 482 14.99 -18.46 -10.56
C LEU B 482 16.46 -18.19 -10.37
N ASN B 483 16.99 -17.28 -11.16
CA ASN B 483 18.37 -16.90 -10.97
C ASN B 483 18.74 -16.51 -9.53
N LEU B 484 17.93 -15.67 -8.92
CA LEU B 484 18.09 -15.30 -7.53
C LEU B 484 17.96 -16.47 -6.60
N ILE B 485 17.05 -17.40 -6.87
CA ILE B 485 17.00 -18.69 -6.13
C ILE B 485 18.33 -19.48 -6.21
N LYS B 486 18.84 -19.64 -7.42
CA LYS B 486 20.07 -20.36 -7.63
C LYS B 486 21.19 -19.73 -6.85
N GLN B 487 21.14 -18.42 -6.80
CA GLN B 487 22.27 -17.68 -6.35
C GLN B 487 22.32 -17.92 -4.83
N VAL B 488 21.12 -18.04 -4.23
CA VAL B 488 20.98 -18.25 -2.80
C VAL B 488 21.40 -19.66 -2.40
N ILE B 489 20.88 -20.64 -3.14
CA ILE B 489 21.20 -22.03 -2.90
C ILE B 489 22.73 -22.16 -2.91
N ASP B 490 23.34 -21.66 -3.98
CA ASP B 490 24.77 -21.71 -4.15
C ASP B 490 25.48 -21.07 -2.98
N ALA B 491 25.05 -19.87 -2.59
CA ALA B 491 25.61 -19.25 -1.38
C ALA B 491 25.65 -20.26 -0.25
N SER B 492 24.49 -20.84 0.12
CA SER B 492 24.41 -21.90 1.14
C SER B 492 25.52 -22.88 1.01
N HIS B 493 25.60 -23.46 -0.19
CA HIS B 493 26.42 -24.62 -0.38
C HIS B 493 27.86 -24.21 -0.30
N ALA B 494 28.14 -22.98 -0.74
CA ALA B 494 29.51 -22.55 -0.71
C ALA B 494 30.00 -22.48 0.74
N GLU B 495 29.11 -22.15 1.70
CA GLU B 495 29.52 -22.16 3.12
C GLU B 495 29.33 -23.49 3.77
N GLY B 496 28.85 -24.48 3.02
CA GLY B 496 28.54 -25.79 3.60
C GLY B 496 27.27 -25.79 4.43
N LYS B 497 26.40 -24.82 4.22
CA LYS B 497 25.04 -24.81 4.76
C LYS B 497 24.08 -25.22 3.69
N TRP B 498 22.81 -25.12 3.99
CA TRP B 498 21.77 -25.59 3.12
C TRP B 498 20.64 -24.57 2.98
N THR B 499 19.91 -24.67 1.90
CA THR B 499 18.83 -23.79 1.69
C THR B 499 17.62 -24.65 1.59
N GLY B 500 16.58 -24.23 2.30
CA GLY B 500 15.25 -24.77 2.09
C GLY B 500 14.40 -23.74 1.42
N MET B 501 13.15 -24.07 1.18
CA MET B 501 12.18 -23.19 0.55
C MET B 501 10.79 -23.38 1.14
N CYS B 502 10.23 -22.33 1.73
CA CYS B 502 8.87 -22.41 2.24
C CYS B 502 7.88 -21.60 1.44
N GLY B 503 8.37 -20.79 0.53
CA GLY B 503 7.49 -20.16 -0.45
C GLY B 503 6.72 -21.21 -1.21
N GLU B 504 5.62 -20.75 -1.83
CA GLU B 504 4.71 -21.66 -2.51
C GLU B 504 5.30 -22.38 -3.73
N LEU B 505 6.40 -21.85 -4.26
CA LEU B 505 7.10 -22.57 -5.31
C LEU B 505 7.51 -23.98 -4.94
N ALA B 506 7.96 -24.17 -3.71
CA ALA B 506 8.34 -25.49 -3.19
C ALA B 506 7.24 -26.46 -3.46
N GLY B 507 6.00 -26.03 -3.21
CA GLY B 507 4.84 -26.89 -3.40
C GLY B 507 4.26 -26.89 -4.79
N ASP B 508 4.87 -26.15 -5.72
CA ASP B 508 4.33 -25.98 -7.08
C ASP B 508 4.89 -27.09 -8.01
N GLU B 509 4.01 -27.98 -8.51
CA GLU B 509 4.39 -29.10 -9.40
C GLU B 509 5.31 -28.71 -10.55
N ARG B 510 5.34 -27.43 -10.88
CA ARG B 510 6.00 -26.99 -12.10
C ARG B 510 7.42 -26.55 -11.85
N ALA B 511 7.73 -26.35 -10.57
CA ALA B 511 9.05 -25.94 -10.23
C ALA B 511 9.87 -27.11 -9.67
N THR B 512 9.18 -28.17 -9.28
CA THR B 512 9.82 -29.24 -8.55
C THR B 512 11.11 -29.73 -9.20
N LEU B 513 11.09 -30.06 -10.51
CA LEU B 513 12.34 -30.45 -11.20
C LEU B 513 13.43 -29.38 -11.21
N LEU B 514 13.04 -28.12 -11.32
CA LEU B 514 14.01 -27.02 -11.28
C LEU B 514 14.57 -26.81 -9.90
N LEU B 515 13.69 -26.69 -8.93
CA LEU B 515 14.12 -26.57 -7.56
C LEU B 515 15.08 -27.69 -7.25
N LEU B 516 14.69 -28.91 -7.61
CA LEU B 516 15.57 -30.06 -7.40
C LEU B 516 16.92 -29.92 -8.13
N GLY B 517 16.87 -29.60 -9.43
CA GLY B 517 18.06 -29.54 -10.26
C GLY B 517 19.00 -28.46 -9.78
N MET B 518 18.41 -27.41 -9.21
CA MET B 518 19.17 -26.28 -8.74
C MET B 518 19.78 -26.56 -7.40
N GLY B 519 19.49 -27.74 -6.83
CA GLY B 519 20.12 -28.21 -5.61
C GLY B 519 19.47 -27.83 -4.29
N LEU B 520 18.24 -27.32 -4.35
CA LEU B 520 17.51 -26.99 -3.15
C LEU B 520 17.50 -28.19 -2.23
N ASP B 521 17.77 -27.95 -0.94
CA ASP B 521 17.99 -29.03 0.04
C ASP B 521 16.72 -29.43 0.68
N GLU B 522 15.82 -28.46 0.78
CA GLU B 522 14.65 -28.64 1.59
C GLU B 522 13.44 -27.97 1.00
N PHE B 523 12.31 -28.68 0.98
CA PHE B 523 11.08 -28.08 0.48
C PHE B 523 10.09 -28.01 1.59
N SER B 524 9.40 -26.89 1.73
CA SER B 524 8.39 -26.88 2.78
C SER B 524 7.13 -26.25 2.27
N MET B 525 5.99 -26.89 2.52
CA MET B 525 4.80 -26.46 1.85
C MET B 525 3.60 -26.72 2.69
N SER B 526 2.44 -26.28 2.18
CA SER B 526 1.21 -26.80 2.68
C SER B 526 1.38 -28.30 2.69
N ALA B 527 0.95 -28.91 3.79
CA ALA B 527 1.00 -30.36 3.92
C ALA B 527 0.35 -31.05 2.70
N ILE B 528 -0.81 -30.56 2.27
CA ILE B 528 -1.50 -31.17 1.13
C ILE B 528 -0.65 -31.31 -0.12
N SER B 529 0.43 -30.57 -0.24
CA SER B 529 1.23 -30.65 -1.45
C SER B 529 2.34 -31.63 -1.33
N ILE B 530 2.53 -32.14 -0.13
CA ILE B 530 3.67 -32.99 0.11
C ILE B 530 3.69 -34.22 -0.81
N PRO B 531 2.57 -34.97 -0.88
CA PRO B 531 2.61 -36.14 -1.79
C PRO B 531 2.83 -35.82 -3.28
N ARG B 532 2.24 -34.74 -3.84
CA ARG B 532 2.43 -34.47 -5.28
C ARG B 532 3.89 -34.27 -5.57
N ILE B 533 4.52 -33.50 -4.71
CA ILE B 533 5.88 -33.15 -4.90
C ILE B 533 6.79 -34.35 -4.61
N LYS B 534 6.51 -35.06 -3.54
CA LYS B 534 7.24 -36.27 -3.23
C LYS B 534 7.21 -37.14 -4.51
N LYS B 535 6.01 -37.34 -5.08
CA LYS B 535 5.84 -38.19 -6.25
C LYS B 535 6.73 -37.79 -7.39
N ILE B 536 6.78 -36.48 -7.66
CA ILE B 536 7.60 -35.95 -8.72
C ILE B 536 9.06 -36.23 -8.42
N ILE B 537 9.41 -36.16 -7.14
CA ILE B 537 10.81 -36.27 -6.75
C ILE B 537 11.23 -37.69 -6.89
N ARG B 538 10.36 -38.58 -6.42
CA ARG B 538 10.67 -39.98 -6.43
C ARG B 538 10.82 -40.58 -7.84
N ASN B 539 10.33 -39.85 -8.86
CA ASN B 539 10.24 -40.34 -10.24
C ASN B 539 11.13 -39.55 -11.21
N THR B 540 11.98 -38.70 -10.65
CA THR B 540 12.92 -37.95 -11.46
C THR B 540 14.22 -38.63 -11.35
N ASN B 541 15.06 -38.35 -12.33
CA ASN B 541 16.44 -38.58 -12.17
C ASN B 541 17.11 -37.22 -11.84
N PHE B 542 17.89 -37.21 -10.77
CA PHE B 542 18.48 -35.95 -10.32
C PHE B 542 19.44 -35.33 -11.32
N GLU B 543 20.25 -36.16 -11.95
CA GLU B 543 21.20 -35.62 -12.91
C GLU B 543 20.52 -34.90 -14.06
N ASP B 544 19.40 -35.47 -14.49
CA ASP B 544 18.64 -34.92 -15.59
C ASP B 544 18.08 -33.55 -15.25
N ALA B 545 17.48 -33.44 -14.06
CA ALA B 545 17.04 -32.21 -13.46
C ALA B 545 18.10 -31.14 -13.41
N LYS B 546 19.33 -31.48 -12.97
CA LYS B 546 20.42 -30.49 -13.00
C LYS B 546 20.47 -29.90 -14.40
N VAL B 547 20.69 -30.75 -15.39
CA VAL B 547 20.73 -30.31 -16.78
C VAL B 547 19.51 -29.43 -17.11
N LEU B 548 18.33 -29.85 -16.62
CA LEU B 548 17.14 -29.10 -16.89
C LEU B 548 17.32 -27.72 -16.29
N ALA B 549 17.72 -27.69 -15.01
CA ALA B 549 17.81 -26.46 -14.25
C ALA B 549 18.74 -25.52 -14.94
N GLU B 550 19.89 -26.06 -15.26
CA GLU B 550 20.83 -25.23 -15.89
C GLU B 550 20.21 -24.56 -17.15
N GLN B 551 19.65 -25.38 -18.05
CA GLN B 551 19.05 -24.81 -19.23
C GLN B 551 18.10 -23.67 -18.83
N ALA B 552 17.20 -23.97 -17.89
CA ALA B 552 16.13 -23.04 -17.57
C ALA B 552 16.69 -21.70 -17.14
N LEU B 553 17.80 -21.77 -16.40
CA LEU B 553 18.44 -20.56 -15.88
C LEU B 553 19.05 -19.66 -16.94
N ALA B 554 19.16 -20.15 -18.17
CA ALA B 554 19.71 -19.35 -19.24
C ALA B 554 18.64 -18.70 -20.11
N GLN B 555 17.39 -19.16 -19.99
CA GLN B 555 16.28 -18.63 -20.76
C GLN B 555 15.97 -17.17 -20.40
N PRO B 556 15.81 -16.28 -21.38
CA PRO B 556 15.43 -14.91 -21.03
C PRO B 556 13.90 -14.76 -20.89
N THR B 557 13.18 -15.85 -20.98
CA THR B 557 11.73 -15.77 -21.08
C THR B 557 11.11 -16.95 -20.31
N THR B 558 10.04 -16.69 -19.59
CA THR B 558 9.31 -17.72 -18.85
C THR B 558 8.83 -18.79 -19.83
N ASP B 559 8.15 -18.37 -20.87
CA ASP B 559 7.65 -19.34 -21.81
C ASP B 559 8.70 -20.33 -22.21
N GLU B 560 9.89 -19.81 -22.52
CA GLU B 560 11.00 -20.63 -23.00
C GLU B 560 11.46 -21.62 -21.94
N LEU B 561 11.38 -21.20 -20.69
CA LEU B 561 11.73 -22.01 -19.55
C LEU B 561 10.58 -23.05 -19.25
N MET B 562 9.33 -22.65 -19.47
CA MET B 562 8.23 -23.62 -19.38
C MET B 562 8.40 -24.71 -20.40
N THR B 563 8.88 -24.37 -21.59
CA THR B 563 9.05 -25.35 -22.64
C THR B 563 10.00 -26.47 -22.21
N LEU B 564 11.15 -26.12 -21.66
CA LEU B 564 12.13 -27.08 -21.16
C LEU B 564 11.51 -28.04 -20.21
N VAL B 565 10.92 -27.50 -19.14
CA VAL B 565 10.14 -28.28 -18.17
C VAL B 565 9.17 -29.26 -18.84
N ASN B 566 8.36 -28.77 -19.77
CA ASN B 566 7.43 -29.65 -20.48
C ASN B 566 8.09 -30.76 -21.31
N LYS B 567 9.09 -30.44 -22.13
CA LYS B 567 9.72 -31.48 -22.93
C LYS B 567 10.34 -32.53 -22.02
N PHE B 568 10.75 -32.09 -20.84
CA PHE B 568 11.29 -32.99 -19.85
C PHE B 568 10.20 -33.99 -19.44
N ILE B 569 9.09 -33.47 -18.93
CA ILE B 569 7.99 -34.29 -18.46
C ILE B 569 7.51 -35.28 -19.50
N GLU B 570 7.52 -34.85 -20.76
CA GLU B 570 7.22 -35.70 -21.90
C GLU B 570 8.20 -36.87 -22.02
N GLU B 571 9.47 -36.53 -22.10
CA GLU B 571 10.48 -37.48 -22.43
C GLU B 571 10.92 -38.33 -21.25
N LYS B 572 10.69 -37.84 -20.02
CA LYS B 572 11.37 -38.39 -18.84
C LYS B 572 10.51 -39.16 -17.81
N THR B 573 9.17 -39.09 -17.89
CA THR B 573 8.30 -40.06 -17.17
C THR B 573 6.84 -40.01 -17.65
N MET A 1 15.20 26.20 21.66
CA MET A 1 15.80 25.03 20.95
C MET A 1 14.72 24.35 20.09
N ILE A 2 14.35 24.97 18.99
CA ILE A 2 13.31 24.38 18.09
C ILE A 2 13.99 23.87 16.82
N SER A 3 13.73 22.65 16.41
CA SER A 3 14.37 22.10 15.17
C SER A 3 13.32 21.48 14.25
N GLY A 4 13.47 21.65 12.96
CA GLY A 4 12.51 21.08 11.97
C GLY A 4 13.29 20.19 10.99
N ILE A 5 12.76 19.91 9.83
CA ILE A 5 13.48 19.02 8.86
C ILE A 5 14.29 19.85 7.86
N LEU A 6 14.07 21.14 7.80
CA LEU A 6 14.84 21.97 6.83
C LEU A 6 14.70 21.38 5.42
N ALA A 7 13.88 21.99 4.59
CA ALA A 7 13.69 21.48 3.20
C ALA A 7 14.61 22.23 2.24
N SER A 8 14.99 23.44 2.57
CA SER A 8 15.90 24.22 1.68
C SER A 8 16.90 25.01 2.54
N PRO A 9 18.19 24.88 2.31
CA PRO A 9 19.22 25.61 3.10
C PRO A 9 19.37 27.07 2.63
N GLY A 10 19.59 27.97 3.54
CA GLY A 10 19.75 29.41 3.14
C GLY A 10 19.56 30.27 4.37
N ILE A 11 19.29 31.55 4.20
CA ILE A 11 19.07 32.45 5.38
C ILE A 11 18.07 33.54 4.98
N ALA A 12 17.29 34.05 5.90
CA ALA A 12 16.32 35.12 5.52
C ALA A 12 15.95 35.98 6.73
N PHE A 13 15.54 37.20 6.48
CA PHE A 13 15.12 38.12 7.58
C PHE A 13 13.80 38.80 7.17
N GLY A 14 12.77 38.73 7.97
CA GLY A 14 11.49 39.41 7.55
C GLY A 14 10.41 39.24 8.62
N LYS A 15 9.25 39.80 8.37
CA LYS A 15 8.13 39.70 9.36
C LYS A 15 7.45 38.34 9.21
N ALA A 16 6.73 37.91 10.22
CA ALA A 16 6.07 36.57 10.16
C ALA A 16 4.56 36.70 9.91
N LEU A 17 4.06 35.99 8.93
CA LEU A 17 2.59 36.04 8.62
C LEU A 17 1.95 34.77 9.23
N LEU A 18 0.83 34.92 9.91
CA LEU A 18 0.16 33.73 10.54
C LEU A 18 -1.22 33.48 9.92
N LEU A 19 -1.42 32.31 9.37
CA LEU A 19 -2.73 32.00 8.74
C LEU A 19 -3.72 31.44 9.79
N LYS A 20 -4.50 32.25 10.41
CA LYS A 20 -5.28 31.68 11.55
C LYS A 20 -6.32 30.69 11.05
N GLU A 21 -6.05 29.44 11.28
CA GLU A 21 -6.97 28.35 10.86
C GLU A 21 -8.36 28.64 11.39
N ASP A 22 -8.47 29.67 12.30
CA ASP A 22 -9.73 30.11 13.03
C ASP A 22 -11.07 29.95 12.28
N GLU A 23 -12.19 30.05 13.06
CA GLU A 23 -13.56 29.91 12.52
C GLU A 23 -14.57 30.93 13.17
N ILE A 24 -15.61 31.34 12.39
CA ILE A 24 -16.67 32.33 12.80
C ILE A 24 -17.67 31.72 13.81
N VAL A 25 -17.94 32.37 14.93
CA VAL A 25 -18.91 31.91 15.89
C VAL A 25 -20.00 32.96 15.91
N ILE A 26 -21.22 32.49 15.71
CA ILE A 26 -22.36 33.39 15.62
C ILE A 26 -22.91 33.61 17.01
N ASP A 27 -23.24 34.85 17.36
CA ASP A 27 -23.91 35.09 18.64
C ASP A 27 -25.43 35.09 18.49
N ARG A 28 -26.02 33.94 18.79
CA ARG A 28 -27.43 33.70 18.55
C ARG A 28 -28.33 34.30 19.61
N LYS A 29 -27.79 34.47 20.83
CA LYS A 29 -28.49 35.07 21.97
C LYS A 29 -29.02 36.45 21.63
N LYS A 30 -30.30 36.67 21.90
CA LYS A 30 -30.93 37.97 21.67
C LYS A 30 -30.12 39.04 22.37
N ILE A 31 -29.97 40.17 21.70
CA ILE A 31 -29.26 41.32 22.22
C ILE A 31 -30.20 42.15 23.07
N SER A 32 -29.64 43.03 23.88
CA SER A 32 -30.42 43.95 24.68
C SER A 32 -30.81 45.17 23.85
N ALA A 33 -31.80 45.91 24.29
CA ALA A 33 -32.27 47.09 23.51
C ALA A 33 -31.16 48.11 23.38
N ASP A 34 -30.50 48.42 24.46
CA ASP A 34 -29.40 49.40 24.38
C ASP A 34 -28.42 48.90 23.32
N GLN A 35 -28.24 47.62 23.27
CA GLN A 35 -27.31 47.03 22.28
C GLN A 35 -27.87 47.19 20.86
N VAL A 36 -29.18 47.05 20.68
CA VAL A 36 -29.65 47.13 19.27
C VAL A 36 -28.86 48.23 18.55
N ASP A 37 -28.83 49.40 19.10
CA ASP A 37 -28.09 50.52 18.46
C ASP A 37 -26.61 50.16 18.33
N GLN A 38 -26.05 49.53 19.33
CA GLN A 38 -24.60 49.20 19.26
C GLN A 38 -24.34 48.12 18.20
N GLU A 39 -25.20 47.14 18.10
CA GLU A 39 -24.95 46.07 17.09
C GLU A 39 -25.05 46.66 15.68
N VAL A 40 -25.98 47.53 15.43
CA VAL A 40 -26.07 48.13 14.08
C VAL A 40 -24.75 48.87 13.78
N GLU A 41 -24.28 49.65 14.71
CA GLU A 41 -23.01 50.38 14.48
C GLU A 41 -21.88 49.37 14.24
N ARG A 42 -21.84 48.29 14.97
CA ARG A 42 -20.77 47.28 14.73
C ARG A 42 -20.89 46.77 13.31
N PHE A 43 -22.09 46.50 12.87
CA PHE A 43 -22.30 46.04 11.48
C PHE A 43 -21.81 47.12 10.52
N LEU A 44 -22.25 48.34 10.73
CA LEU A 44 -21.81 49.46 9.84
C LEU A 44 -20.28 49.60 9.96
N SER A 45 -19.75 49.55 11.15
CA SER A 45 -18.27 49.69 11.30
C SER A 45 -17.58 48.50 10.63
N GLY A 46 -18.10 47.30 10.83
CA GLY A 46 -17.49 46.11 10.19
C GLY A 46 -17.74 46.18 8.68
N ARG A 47 -18.91 46.60 8.30
CA ARG A 47 -19.24 46.73 6.86
C ARG A 47 -18.35 47.83 6.27
N ALA A 48 -18.02 48.81 7.06
CA ALA A 48 -17.16 49.91 6.57
C ALA A 48 -15.82 49.33 6.12
N LYS A 49 -15.28 48.39 6.85
CA LYS A 49 -13.98 47.80 6.41
C LYS A 49 -14.21 47.08 5.08
N ALA A 50 -14.87 45.96 5.08
CA ALA A 50 -15.10 45.20 3.82
C ALA A 50 -15.39 46.15 2.65
N SER A 51 -16.04 47.24 2.89
CA SER A 51 -16.31 48.16 1.76
C SER A 51 -14.98 48.57 1.13
N ALA A 52 -14.10 49.11 1.93
CA ALA A 52 -12.78 49.55 1.40
C ALA A 52 -11.90 48.34 1.02
N GLN A 53 -11.91 47.29 1.79
CA GLN A 53 -11.04 46.12 1.43
C GLN A 53 -11.56 45.46 0.15
N LEU A 54 -12.84 45.34 -0.02
CA LEU A 54 -13.37 44.73 -1.26
C LEU A 54 -12.95 45.60 -2.45
N GLU A 55 -13.01 46.89 -2.30
CA GLU A 55 -12.60 47.79 -3.41
C GLU A 55 -11.13 47.55 -3.76
N THR A 56 -10.30 47.31 -2.78
CA THR A 56 -8.86 47.08 -3.07
C THR A 56 -8.71 45.81 -3.92
N ILE A 57 -9.45 44.79 -3.61
CA ILE A 57 -9.36 43.53 -4.41
C ILE A 57 -9.78 43.80 -5.86
N LYS A 58 -10.79 44.62 -6.04
CA LYS A 58 -11.27 44.94 -7.42
C LYS A 58 -10.11 45.50 -8.25
N THR A 59 -9.44 46.49 -7.74
CA THR A 59 -8.33 47.12 -8.52
C THR A 59 -7.26 46.08 -8.86
N LYS A 60 -7.04 45.11 -8.02
CA LYS A 60 -6.00 44.08 -8.33
C LYS A 60 -6.50 43.21 -9.49
N ALA A 61 -7.77 42.92 -9.50
CA ALA A 61 -8.32 42.07 -10.59
C ALA A 61 -8.18 42.81 -11.93
N GLY A 62 -8.51 44.08 -11.95
CA GLY A 62 -8.42 44.84 -13.22
C GLY A 62 -6.99 44.83 -13.75
N GLU A 63 -6.04 45.18 -12.93
CA GLU A 63 -4.63 45.20 -13.42
C GLU A 63 -4.15 43.78 -13.65
N THR A 64 -4.42 42.89 -12.73
CA THR A 64 -3.94 41.48 -12.86
C THR A 64 -4.60 40.76 -14.03
N PHE A 65 -5.91 40.58 -14.00
CA PHE A 65 -6.60 39.84 -15.11
C PHE A 65 -7.17 40.79 -16.16
N GLY A 66 -7.91 41.81 -15.76
CA GLY A 66 -8.46 42.76 -16.78
C GLY A 66 -9.88 43.23 -16.39
N GLU A 67 -10.55 43.86 -17.31
CA GLU A 67 -11.94 44.37 -17.05
C GLU A 67 -12.92 43.20 -16.93
N GLU A 68 -12.58 42.09 -17.53
CA GLU A 68 -13.48 40.90 -17.48
C GLU A 68 -13.65 40.45 -16.02
N LYS A 69 -12.60 40.56 -15.23
CA LYS A 69 -12.68 40.14 -13.79
C LYS A 69 -12.93 41.35 -12.89
N GLU A 70 -12.65 42.53 -13.35
CA GLU A 70 -12.85 43.73 -12.51
C GLU A 70 -14.35 43.96 -12.25
N ALA A 71 -15.15 43.84 -13.27
CA ALA A 71 -16.61 44.10 -13.10
C ALA A 71 -17.27 43.05 -12.22
N ILE A 72 -16.77 41.85 -12.18
CA ILE A 72 -17.44 40.84 -11.30
C ILE A 72 -17.41 41.36 -9.86
N PHE A 73 -16.33 41.98 -9.45
CA PHE A 73 -16.28 42.51 -8.05
C PHE A 73 -17.29 43.62 -7.90
N GLU A 74 -17.46 44.46 -8.89
CA GLU A 74 -18.44 45.56 -8.75
C GLU A 74 -19.83 44.96 -8.50
N GLY A 75 -20.17 43.90 -9.17
CA GLY A 75 -21.50 43.28 -8.95
C GLY A 75 -21.58 42.81 -7.49
N HIS A 76 -20.57 42.12 -7.04
CA HIS A 76 -20.58 41.62 -5.64
C HIS A 76 -20.65 42.82 -4.69
N ILE A 77 -19.86 43.83 -4.94
CA ILE A 77 -19.89 45.03 -4.06
C ILE A 77 -21.25 45.73 -4.22
N MET A 78 -21.69 45.92 -5.43
CA MET A 78 -22.99 46.62 -5.64
C MET A 78 -24.12 45.81 -4.97
N LEU A 79 -24.06 44.52 -5.06
CA LEU A 79 -25.12 43.68 -4.42
C LEU A 79 -25.04 43.84 -2.91
N LEU A 80 -23.86 43.88 -2.39
CA LEU A 80 -23.71 44.02 -0.92
C LEU A 80 -24.29 45.34 -0.45
N GLU A 81 -24.10 46.39 -1.20
CA GLU A 81 -24.63 47.73 -0.79
C GLU A 81 -26.11 47.84 -1.19
N ASP A 82 -26.69 46.80 -1.69
CA ASP A 82 -28.13 46.89 -2.10
C ASP A 82 -28.96 47.46 -0.95
N GLU A 83 -29.77 48.45 -1.24
CA GLU A 83 -30.58 49.09 -0.16
C GLU A 83 -31.53 48.07 0.47
N GLU A 84 -31.79 46.98 -0.19
CA GLU A 84 -32.69 45.95 0.40
C GLU A 84 -31.97 45.25 1.57
N LEU A 85 -30.68 45.06 1.44
CA LEU A 85 -29.91 44.39 2.53
C LEU A 85 -29.80 45.33 3.73
N GLU A 86 -29.60 46.58 3.50
CA GLU A 86 -29.47 47.55 4.62
C GLU A 86 -30.76 47.53 5.45
N GLN A 87 -31.89 47.63 4.82
CA GLN A 87 -33.17 47.63 5.57
C GLN A 87 -33.46 46.25 6.18
N GLU A 88 -33.19 45.20 5.44
CA GLU A 88 -33.48 43.82 5.97
C GLU A 88 -32.52 43.44 7.10
N ILE A 89 -31.26 43.78 6.99
CA ILE A 89 -30.30 43.42 8.06
C ILE A 89 -30.64 44.22 9.33
N ILE A 90 -30.88 45.49 9.16
CA ILE A 90 -31.22 46.36 10.33
C ILE A 90 -32.59 45.99 10.90
N ALA A 91 -33.54 45.68 10.07
CA ALA A 91 -34.91 45.34 10.58
C ALA A 91 -34.85 44.12 11.51
N LEU A 92 -34.20 43.06 11.12
CA LEU A 92 -34.14 41.85 11.99
C LEU A 92 -33.48 42.20 13.32
N ILE A 93 -32.37 42.90 13.28
CA ILE A 93 -31.69 43.29 14.56
C ILE A 93 -32.65 44.16 15.37
N LYS A 94 -33.22 45.14 14.74
CA LYS A 94 -34.17 46.03 15.48
C LYS A 94 -35.47 45.29 15.81
N ASP A 95 -35.98 44.50 14.91
CA ASP A 95 -37.26 43.78 15.19
C ASP A 95 -37.04 42.50 16.01
N LYS A 96 -36.14 41.65 15.59
CA LYS A 96 -35.93 40.36 16.33
C LYS A 96 -34.84 40.48 17.41
N HIS A 97 -34.21 41.62 17.54
CA HIS A 97 -33.15 41.79 18.59
C HIS A 97 -32.08 40.69 18.42
N MET A 98 -31.76 40.40 17.20
CA MET A 98 -30.74 39.34 16.90
C MET A 98 -29.36 39.98 16.74
N THR A 99 -28.33 39.19 16.67
CA THR A 99 -26.95 39.77 16.53
C THR A 99 -26.70 40.11 15.06
N ALA A 100 -25.75 40.97 14.79
CA ALA A 100 -25.45 41.37 13.39
C ALA A 100 -24.86 40.18 12.61
N ASP A 101 -23.99 39.42 13.22
CA ASP A 101 -23.40 38.27 12.49
C ASP A 101 -24.47 37.18 12.29
N ALA A 102 -25.37 37.02 13.23
CA ALA A 102 -26.43 35.99 13.05
C ALA A 102 -27.53 36.55 12.15
N ALA A 103 -27.89 37.79 12.33
CA ALA A 103 -28.96 38.39 11.48
C ALA A 103 -28.47 38.56 10.05
N ALA A 104 -27.28 39.09 9.87
CA ALA A 104 -26.75 39.29 8.50
C ALA A 104 -26.63 37.94 7.79
N HIS A 105 -26.21 36.92 8.49
CA HIS A 105 -26.04 35.58 7.85
C HIS A 105 -27.38 35.12 7.28
N GLU A 106 -28.44 35.34 7.99
CA GLU A 106 -29.78 34.90 7.49
C GLU A 106 -30.15 35.62 6.20
N VAL A 107 -29.85 36.89 6.10
CA VAL A 107 -30.21 37.66 4.88
C VAL A 107 -29.46 37.12 3.65
N ILE A 108 -28.17 37.04 3.71
CA ILE A 108 -27.40 36.52 2.52
C ILE A 108 -27.70 35.02 2.35
N GLU A 109 -27.76 34.30 3.44
CA GLU A 109 -28.07 32.85 3.34
C GLU A 109 -29.49 32.68 2.81
N GLY A 110 -30.39 33.53 3.24
CA GLY A 110 -31.80 33.43 2.78
C GLY A 110 -31.87 33.54 1.26
N GLN A 111 -31.22 34.54 0.68
CA GLN A 111 -31.28 34.65 -0.81
C GLN A 111 -30.54 33.47 -1.44
N ALA A 112 -29.32 33.24 -1.05
CA ALA A 112 -28.57 32.09 -1.64
C ALA A 112 -29.39 30.82 -1.44
N SER A 113 -30.01 30.65 -0.31
CA SER A 113 -30.81 29.43 -0.06
C SER A 113 -31.91 29.35 -1.12
N ALA A 114 -32.52 30.46 -1.45
CA ALA A 114 -33.59 30.44 -2.49
C ALA A 114 -32.97 30.01 -3.83
N LEU A 115 -31.80 30.48 -4.13
CA LEU A 115 -31.16 30.11 -5.42
C LEU A 115 -30.90 28.60 -5.46
N GLU A 116 -30.47 28.01 -4.37
CA GLU A 116 -30.19 26.54 -4.39
C GLU A 116 -31.48 25.79 -4.74
N GLU A 117 -32.60 26.26 -4.30
CA GLU A 117 -33.88 25.56 -4.62
C GLU A 117 -33.98 25.42 -6.15
N LEU A 118 -33.26 26.23 -6.89
CA LEU A 118 -33.33 26.15 -8.37
C LEU A 118 -32.83 24.78 -8.83
N ASP A 119 -33.37 24.26 -9.90
CA ASP A 119 -32.94 22.93 -10.41
C ASP A 119 -31.93 23.11 -11.57
N ASP A 120 -31.02 24.06 -11.44
CA ASP A 120 -30.02 24.29 -12.54
C ASP A 120 -28.60 24.38 -11.94
N GLU A 121 -27.67 23.70 -12.56
CA GLU A 121 -26.25 23.72 -12.07
C GLU A 121 -25.62 25.10 -12.32
N TYR A 122 -26.05 25.77 -13.36
CA TYR A 122 -25.51 27.12 -13.70
C TYR A 122 -25.99 28.17 -12.68
N LEU A 123 -27.22 28.09 -12.28
CA LEU A 123 -27.74 29.07 -11.30
C LEU A 123 -27.17 28.75 -9.92
N LYS A 124 -26.98 27.48 -9.65
CA LYS A 124 -26.42 27.07 -8.33
C LYS A 124 -25.00 27.64 -8.15
N GLU A 125 -24.18 27.60 -9.17
CA GLU A 125 -22.78 28.16 -9.01
C GLU A 125 -22.85 29.63 -8.64
N ARG A 126 -23.68 30.39 -9.31
CA ARG A 126 -23.77 31.84 -8.96
C ARG A 126 -24.19 31.96 -7.49
N ALA A 127 -25.04 31.08 -7.04
CA ALA A 127 -25.44 31.13 -5.62
C ALA A 127 -24.19 30.93 -4.75
N ALA A 128 -23.21 30.26 -5.29
CA ALA A 128 -21.95 30.04 -4.52
C ALA A 128 -21.20 31.38 -4.41
N ASP A 129 -21.21 32.16 -5.45
CA ASP A 129 -20.52 33.48 -5.40
C ASP A 129 -21.24 34.40 -4.41
N VAL A 130 -22.54 34.36 -4.41
CA VAL A 130 -23.30 35.23 -3.45
C VAL A 130 -23.06 34.73 -2.02
N ARG A 131 -23.02 33.44 -1.84
CA ARG A 131 -22.77 32.87 -0.48
C ARG A 131 -21.40 33.34 0.01
N ASP A 132 -20.43 33.37 -0.86
CA ASP A 132 -19.06 33.78 -0.48
C ASP A 132 -19.06 35.21 0.06
N ILE A 133 -19.84 36.08 -0.54
CA ILE A 133 -19.87 37.49 -0.06
C ILE A 133 -20.31 37.54 1.40
N GLY A 134 -21.35 36.82 1.75
CA GLY A 134 -21.82 36.84 3.16
C GLY A 134 -20.84 36.10 4.07
N LYS A 135 -20.21 35.06 3.58
CA LYS A 135 -19.25 34.29 4.40
C LYS A 135 -18.12 35.21 4.87
N ARG A 136 -17.55 35.97 3.98
CA ARG A 136 -16.44 36.89 4.36
C ARG A 136 -16.98 38.03 5.22
N LEU A 137 -18.20 38.42 5.01
CA LEU A 137 -18.77 39.54 5.81
C LEU A 137 -18.70 39.16 7.28
N LEU A 138 -19.01 37.94 7.61
CA LEU A 138 -18.94 37.51 9.03
C LEU A 138 -17.51 37.65 9.53
N ARG A 139 -16.55 37.32 8.71
CA ARG A 139 -15.14 37.46 9.17
C ARG A 139 -14.82 38.95 9.32
N ASN A 140 -15.30 39.75 8.42
CA ASN A 140 -15.05 41.23 8.46
C ASN A 140 -15.64 41.85 9.73
N ILE A 141 -16.78 41.42 10.18
CA ILE A 141 -17.36 42.02 11.41
C ILE A 141 -16.52 41.55 12.59
N LEU A 142 -16.18 40.29 12.61
CA LEU A 142 -15.36 39.76 13.73
C LEU A 142 -13.93 40.30 13.60
N GLY A 143 -13.47 40.50 12.40
CA GLY A 143 -12.10 40.98 12.23
C GLY A 143 -11.14 39.82 11.99
N LEU A 144 -11.67 38.63 11.75
CA LEU A 144 -10.82 37.47 11.50
C LEU A 144 -9.96 37.75 10.28
N LYS A 145 -8.79 37.15 10.27
CA LYS A 145 -7.84 37.42 9.21
C LYS A 145 -8.27 36.67 7.93
N ILE A 146 -8.43 37.43 6.84
CA ILE A 146 -8.86 36.87 5.54
C ILE A 146 -7.66 36.85 4.59
N ILE A 147 -6.66 36.04 4.91
CA ILE A 147 -5.45 36.21 4.19
C ILE A 147 -5.65 35.57 2.85
N ASP A 148 -6.36 36.19 1.91
CA ASP A 148 -6.33 35.57 0.59
C ASP A 148 -4.84 35.67 0.50
N LEU A 149 -4.08 34.74 0.09
CA LEU A 149 -2.63 35.06 0.23
C LEU A 149 -2.19 36.04 -0.86
N SER A 150 -3.08 36.42 -1.73
CA SER A 150 -2.67 37.37 -2.81
C SER A 150 -2.78 38.82 -2.31
N ALA A 151 -3.45 39.04 -1.21
CA ALA A 151 -3.62 40.44 -0.68
C ALA A 151 -2.38 40.89 0.12
N ILE A 152 -1.22 40.38 -0.19
CA ILE A 152 -0.01 40.82 0.57
C ILE A 152 0.61 42.05 -0.09
N GLN A 153 0.69 43.15 0.63
CA GLN A 153 1.32 44.39 0.05
C GLN A 153 2.76 44.56 0.56
N ASP A 154 3.16 43.82 1.56
CA ASP A 154 4.55 43.98 2.11
C ASP A 154 5.27 42.63 2.17
N GLU A 155 6.57 42.64 2.05
CA GLU A 155 7.36 41.38 2.10
C GLU A 155 7.18 40.75 3.48
N VAL A 156 6.92 39.48 3.54
CA VAL A 156 6.75 38.81 4.86
C VAL A 156 7.14 37.33 4.76
N ILE A 157 7.32 36.67 5.87
CA ILE A 157 7.65 35.22 5.83
C ILE A 157 6.30 34.50 5.98
N LEU A 158 6.14 33.37 5.37
CA LEU A 158 4.83 32.65 5.44
C LEU A 158 4.89 31.54 6.49
N VAL A 159 4.08 31.63 7.52
CA VAL A 159 4.05 30.60 8.59
C VAL A 159 2.64 30.00 8.68
N ALA A 160 2.52 28.70 8.67
CA ALA A 160 1.16 28.07 8.73
C ALA A 160 1.29 26.65 9.26
N ALA A 161 0.24 26.06 9.74
CA ALA A 161 0.34 24.66 10.22
C ALA A 161 0.58 23.76 9.00
N ASP A 162 -0.06 24.09 7.91
CA ASP A 162 0.13 23.29 6.66
C ASP A 162 -0.55 24.03 5.50
N LEU A 163 0.00 23.95 4.31
CA LEU A 163 -0.60 24.66 3.13
C LEU A 163 -1.15 23.65 2.12
N THR A 164 -2.31 23.91 1.57
CA THR A 164 -2.91 22.98 0.58
C THR A 164 -2.51 23.44 -0.84
N PRO A 165 -2.30 22.53 -1.77
CA PRO A 165 -1.93 22.90 -3.17
C PRO A 165 -2.66 24.15 -3.68
N SER A 166 -3.90 24.31 -3.32
CA SER A 166 -4.68 25.48 -3.79
C SER A 166 -4.01 26.79 -3.35
N GLU A 167 -3.51 26.83 -2.14
CA GLU A 167 -2.87 28.08 -1.67
C GLU A 167 -1.56 28.33 -2.42
N THR A 168 -0.79 27.30 -2.66
CA THR A 168 0.51 27.48 -3.36
C THR A 168 0.33 28.18 -4.71
N ALA A 169 -0.77 28.00 -5.37
CA ALA A 169 -0.95 28.67 -6.70
C ALA A 169 -1.21 30.16 -6.51
N GLN A 170 -2.17 30.50 -5.69
CA GLN A 170 -2.50 31.93 -5.46
C GLN A 170 -1.57 32.48 -4.39
N LEU A 171 -0.33 32.05 -4.39
CA LEU A 171 0.65 32.54 -3.37
C LEU A 171 1.62 33.51 -4.04
N ASN A 172 1.96 34.59 -3.36
CA ASN A 172 2.92 35.58 -3.95
C ASN A 172 4.36 35.13 -3.67
N LEU A 173 5.02 34.57 -4.65
CA LEU A 173 6.43 34.10 -4.43
C LEU A 173 7.35 35.29 -4.15
N LYS A 174 7.19 36.40 -4.84
CA LYS A 174 8.09 37.56 -4.64
C LYS A 174 7.89 38.22 -3.28
N LYS A 175 6.70 38.17 -2.73
CA LYS A 175 6.47 38.85 -1.42
C LYS A 175 6.67 37.88 -0.26
N VAL A 176 6.85 36.61 -0.56
CA VAL A 176 7.12 35.61 0.53
C VAL A 176 8.62 35.31 0.52
N LEU A 177 9.31 35.68 1.55
CA LEU A 177 10.80 35.46 1.58
C LEU A 177 11.12 34.05 2.06
N GLY A 178 10.13 33.23 2.23
CA GLY A 178 10.42 31.83 2.68
C GLY A 178 9.12 31.16 3.09
N PHE A 179 9.18 29.89 3.41
CA PHE A 179 7.95 29.16 3.82
C PHE A 179 8.28 28.34 5.06
N ILE A 180 7.47 28.45 6.08
CA ILE A 180 7.70 27.66 7.33
C ILE A 180 6.39 27.00 7.76
N THR A 181 6.40 25.71 7.95
CA THR A 181 5.14 25.02 8.36
C THR A 181 5.45 23.79 9.20
N ASP A 182 4.46 23.31 9.92
CA ASP A 182 4.65 22.11 10.79
C ASP A 182 4.01 20.89 10.13
N ALA A 183 3.87 20.88 8.82
CA ALA A 183 3.23 19.72 8.13
C ALA A 183 3.94 18.40 8.50
N GLY A 184 3.68 17.37 7.72
CA GLY A 184 4.31 16.04 7.98
C GLY A 184 5.79 16.04 7.58
N GLY A 185 6.10 16.43 6.37
CA GLY A 185 7.53 16.43 5.96
C GLY A 185 7.66 16.71 4.46
N ARG A 186 8.63 16.09 3.83
CA ARG A 186 8.83 16.31 2.37
C ARG A 186 7.64 15.76 1.60
N THR A 187 6.94 14.81 2.15
CA THR A 187 5.78 14.23 1.43
C THR A 187 4.70 15.31 1.28
N SER A 188 4.98 16.51 1.71
CA SER A 188 3.98 17.62 1.59
C SER A 188 4.21 18.39 0.28
N HIS A 189 3.15 18.62 -0.47
CA HIS A 189 3.26 19.34 -1.78
C HIS A 189 4.10 20.62 -1.63
N THR A 190 3.74 21.47 -0.72
CA THR A 190 4.49 22.74 -0.54
C THR A 190 5.98 22.47 -0.30
N SER A 191 6.31 21.41 0.41
CA SER A 191 7.75 21.12 0.69
C SER A 191 8.52 20.93 -0.62
N ILE A 192 7.94 20.27 -1.59
CA ILE A 192 8.65 20.06 -2.87
C ILE A 192 8.91 21.41 -3.54
N MET A 193 7.99 22.32 -3.43
CA MET A 193 8.18 23.66 -4.06
C MET A 193 9.42 24.36 -3.49
N ALA A 194 9.65 24.27 -2.21
CA ALA A 194 10.85 24.94 -1.63
C ALA A 194 12.09 24.37 -2.31
N ARG A 195 12.12 23.08 -2.52
CA ARG A 195 13.30 22.47 -3.17
C ARG A 195 13.47 23.06 -4.58
N SER A 196 12.46 22.92 -5.41
CA SER A 196 12.53 23.44 -6.80
C SER A 196 12.68 24.97 -6.83
N LEU A 197 12.00 25.67 -5.97
CA LEU A 197 12.12 27.16 -5.98
C LEU A 197 13.50 27.57 -5.47
N GLU A 198 14.12 26.72 -4.70
CA GLU A 198 15.46 27.02 -4.13
C GLU A 198 15.37 28.20 -3.16
N LEU A 199 14.42 28.15 -2.25
CA LEU A 199 14.27 29.24 -1.23
C LEU A 199 14.30 28.59 0.16
N PRO A 200 14.87 29.23 1.17
CA PRO A 200 14.93 28.64 2.55
C PRO A 200 13.54 28.35 3.12
N ALA A 201 13.36 27.22 3.76
CA ALA A 201 12.01 26.91 4.33
C ALA A 201 12.04 25.65 5.22
N ILE A 202 11.17 25.60 6.20
CA ILE A 202 11.08 24.42 7.12
C ILE A 202 9.64 23.87 7.04
N VAL A 203 9.46 22.59 7.21
CA VAL A 203 8.07 22.01 7.13
C VAL A 203 7.79 21.14 8.36
N GLY A 204 8.80 20.86 9.16
CA GLY A 204 8.61 19.98 10.37
C GLY A 204 8.78 20.79 11.65
N THR A 205 8.59 22.09 11.60
CA THR A 205 8.76 22.92 12.83
C THR A 205 8.08 22.24 14.02
N GLY A 206 6.90 21.71 13.83
CA GLY A 206 6.20 21.01 14.95
C GLY A 206 5.24 21.97 15.68
N SER A 207 5.70 23.12 16.10
CA SER A 207 4.79 24.05 16.83
C SER A 207 5.32 25.49 16.82
N VAL A 208 5.85 25.93 15.72
CA VAL A 208 6.37 27.33 15.67
C VAL A 208 5.19 28.31 15.53
N THR A 209 4.21 27.97 14.72
CA THR A 209 3.06 28.90 14.52
C THR A 209 2.38 29.22 15.86
N SER A 210 2.40 28.31 16.79
CA SER A 210 1.75 28.58 18.11
C SER A 210 2.65 29.49 18.94
N GLN A 211 3.87 29.66 18.53
CA GLN A 211 4.82 30.53 19.27
C GLN A 211 4.97 31.88 18.55
N VAL A 212 4.49 31.97 17.33
CA VAL A 212 4.63 33.23 16.53
C VAL A 212 3.28 33.93 16.36
N LYS A 213 3.28 35.24 16.43
CA LYS A 213 2.05 36.05 16.21
C LYS A 213 2.27 36.78 14.89
N ASN A 214 1.25 37.19 14.20
CA ASN A 214 1.51 37.91 12.93
C ASN A 214 2.29 39.18 13.24
N ASP A 215 3.07 39.64 12.29
CA ASP A 215 3.89 40.89 12.46
C ASP A 215 5.10 40.64 13.35
N ASP A 216 5.38 39.41 13.67
CA ASP A 216 6.58 39.14 14.52
C ASP A 216 7.82 39.17 13.61
N TYR A 217 8.92 39.68 14.10
CA TYR A 217 10.16 39.72 13.27
C TYR A 217 10.94 38.43 13.55
N LEU A 218 11.21 37.65 12.53
CA LEU A 218 11.95 36.37 12.73
C LEU A 218 13.12 36.26 11.76
N ILE A 219 14.19 35.61 12.17
CA ILE A 219 15.35 35.41 11.26
C ILE A 219 15.48 33.90 11.07
N LEU A 220 15.50 33.44 9.85
CA LEU A 220 15.59 31.98 9.58
C LEU A 220 17.03 31.61 9.26
N ASP A 221 17.64 30.77 10.07
CA ASP A 221 19.04 30.35 9.81
C ASP A 221 19.04 29.35 8.66
N ALA A 222 18.15 28.40 8.69
CA ALA A 222 18.11 27.37 7.62
C ALA A 222 19.53 26.82 7.41
N VAL A 223 20.40 27.08 8.34
CA VAL A 223 21.80 26.57 8.27
C VAL A 223 22.11 25.90 9.61
N ASN A 224 21.79 26.56 10.68
CA ASN A 224 21.98 25.96 12.03
C ASN A 224 20.63 25.37 12.44
N ASN A 225 19.66 25.50 11.58
CA ASN A 225 18.30 24.97 11.86
C ASN A 225 17.74 25.64 13.12
N GLN A 226 17.86 26.95 13.21
CA GLN A 226 17.33 27.68 14.41
C GLN A 226 16.55 28.92 13.96
N VAL A 227 15.65 29.38 14.78
CA VAL A 227 14.86 30.61 14.45
C VAL A 227 15.03 31.62 15.59
N TYR A 228 15.37 32.85 15.27
CA TYR A 228 15.54 33.88 16.34
C TYR A 228 14.31 34.79 16.38
N VAL A 229 13.67 34.88 17.51
CA VAL A 229 12.45 35.73 17.65
C VAL A 229 12.78 37.06 18.33
N ASN A 230 12.67 38.15 17.62
CA ASN A 230 12.96 39.49 18.23
C ASN A 230 14.37 39.51 18.84
N PRO A 231 15.31 38.89 18.20
CA PRO A 231 16.73 38.74 18.72
C PRO A 231 17.52 40.01 18.97
N THR A 232 18.67 39.79 19.53
CA THR A 232 19.63 40.88 19.80
C THR A 232 20.27 41.23 18.45
N ASN A 233 20.51 42.49 18.19
CA ASN A 233 21.08 42.87 16.86
C ASN A 233 22.30 41.98 16.52
N GLU A 234 22.98 41.46 17.50
CA GLU A 234 24.18 40.62 17.20
C GLU A 234 23.77 39.34 16.44
N VAL A 235 22.68 38.73 16.80
CA VAL A 235 22.25 37.51 16.07
C VAL A 235 21.86 37.90 14.65
N ILE A 236 21.17 39.01 14.52
CA ILE A 236 20.81 39.51 13.21
C ILE A 236 22.09 39.69 12.42
N ASP A 237 23.19 39.79 13.14
CA ASP A 237 24.48 39.93 12.51
C ASP A 237 25.12 38.61 12.08
N LYS A 238 25.31 37.69 13.03
CA LYS A 238 25.80 36.31 12.77
C LYS A 238 25.13 35.71 11.54
N MET A 239 23.79 35.74 11.57
CA MET A 239 22.96 35.28 10.49
C MET A 239 23.30 35.96 9.17
N ARG A 240 23.41 37.28 9.22
CA ARG A 240 23.72 38.03 8.02
C ARG A 240 25.04 37.53 7.42
N ALA A 241 25.96 37.12 8.28
CA ALA A 241 27.25 36.57 7.82
C ALA A 241 27.08 35.14 7.34
N VAL A 242 26.11 34.43 7.91
CA VAL A 242 25.82 33.05 7.54
C VAL A 242 25.28 33.05 6.11
N GLN A 243 24.45 34.06 5.86
CA GLN A 243 23.88 34.36 4.56
C GLN A 243 24.93 34.73 3.52
N GLU A 244 25.97 35.44 3.95
CA GLU A 244 27.13 35.67 3.10
C GLU A 244 27.77 34.37 2.63
N GLN A 245 27.96 33.42 3.54
CA GLN A 245 28.63 32.16 3.20
C GLN A 245 27.79 31.44 2.18
N VAL A 246 26.49 31.39 2.47
CA VAL A 246 25.50 30.82 1.60
C VAL A 246 25.62 31.36 0.17
N ALA A 247 25.72 32.68 0.06
CA ALA A 247 25.88 33.35 -1.24
C ALA A 247 27.22 33.02 -1.94
N SER A 248 28.30 32.89 -1.17
CA SER A 248 29.59 32.49 -1.71
C SER A 248 29.54 31.06 -2.19
N GLU A 249 28.85 30.20 -1.43
CA GLU A 249 28.68 28.82 -1.84
C GLU A 249 28.09 28.77 -3.24
N LYS A 250 27.09 29.62 -3.50
CA LYS A 250 26.46 29.63 -4.81
C LYS A 250 27.51 30.00 -5.81
N ALA A 251 28.13 31.16 -5.56
CA ALA A 251 29.16 31.68 -6.45
C ALA A 251 30.21 30.65 -6.83
N GLU A 252 30.64 29.83 -5.88
CA GLU A 252 31.64 28.79 -6.18
C GLU A 252 31.06 27.64 -7.00
N LEU A 253 29.95 27.06 -6.51
CA LEU A 253 29.23 26.01 -7.23
C LEU A 253 28.88 26.44 -8.65
N ALA A 254 28.52 27.71 -8.80
CA ALA A 254 28.21 28.31 -10.10
C ALA A 254 29.18 27.94 -11.22
N LYS A 255 30.44 27.77 -10.86
CA LYS A 255 31.40 27.46 -11.97
C LYS A 255 30.86 26.39 -12.95
N LEU A 256 30.95 26.73 -14.27
CA LEU A 256 30.48 25.85 -15.39
C LEU A 256 31.61 25.63 -16.44
N LYS A 257 31.81 24.37 -16.85
CA LYS A 257 32.87 24.03 -17.82
C LYS A 257 32.38 23.25 -19.05
N ASP A 258 32.83 23.69 -20.25
CA ASP A 258 32.49 22.99 -21.52
C ASP A 258 33.10 21.58 -21.54
N LEU A 259 32.34 20.61 -22.04
CA LEU A 259 32.78 19.22 -22.07
C LEU A 259 33.20 18.82 -20.65
N PRO A 260 32.31 19.01 -19.72
CA PRO A 260 32.50 18.72 -18.28
C PRO A 260 32.40 17.24 -17.91
N ALA A 261 32.89 16.93 -16.71
CA ALA A 261 32.80 15.58 -16.17
C ALA A 261 33.95 14.64 -16.57
N ILE A 262 35.17 15.14 -16.49
CA ILE A 262 36.36 14.30 -16.73
C ILE A 262 37.21 14.25 -15.46
N THR A 263 37.48 13.04 -15.00
CA THR A 263 38.42 12.84 -13.93
C THR A 263 39.80 13.38 -14.33
N LEU A 264 40.62 13.67 -13.30
CA LEU A 264 42.02 14.03 -13.47
C LEU A 264 42.74 13.18 -14.51
N ASP A 265 42.52 11.87 -14.47
CA ASP A 265 43.19 10.95 -15.37
C ASP A 265 42.43 10.65 -16.66
N GLY A 266 41.51 11.51 -17.06
CA GLY A 266 40.93 11.41 -18.42
C GLY A 266 39.65 10.60 -18.68
N HIS A 267 38.93 10.23 -17.63
CA HIS A 267 37.76 9.39 -17.79
C HIS A 267 36.56 10.31 -17.82
N GLN A 268 35.77 10.22 -18.90
CA GLN A 268 34.60 11.05 -19.06
C GLN A 268 33.28 10.34 -18.82
N VAL A 269 32.36 11.06 -18.19
CA VAL A 269 30.96 10.57 -18.05
C VAL A 269 30.00 11.67 -18.46
N GLU A 270 28.77 11.33 -18.80
CA GLU A 270 27.80 12.36 -18.99
C GLU A 270 27.18 12.70 -17.64
N VAL A 271 26.70 13.92 -17.54
CA VAL A 271 26.11 14.41 -16.33
C VAL A 271 24.96 15.30 -16.80
N CYS A 272 23.74 14.90 -16.47
CA CYS A 272 22.58 15.50 -17.09
C CYS A 272 21.57 15.78 -16.05
N ALA A 273 20.52 16.49 -16.48
CA ALA A 273 19.44 16.81 -15.59
C ALA A 273 18.28 15.85 -15.79
N ASN A 274 17.66 15.47 -14.68
CA ASN A 274 16.35 14.90 -14.75
C ASN A 274 15.43 16.06 -14.83
N ILE A 275 14.41 16.01 -15.69
CA ILE A 275 13.42 17.11 -15.75
C ILE A 275 11.99 16.62 -15.72
N GLY A 276 11.09 17.58 -15.51
CA GLY A 276 9.67 17.31 -15.49
C GLY A 276 8.88 18.06 -16.54
N THR A 277 9.47 19.12 -17.12
CA THR A 277 8.71 20.20 -17.79
C THR A 277 9.73 21.08 -18.49
N VAL A 278 9.51 21.50 -19.76
CA VAL A 278 10.39 22.54 -20.38
C VAL A 278 10.99 23.52 -19.38
N ARG A 279 10.17 23.91 -18.39
CA ARG A 279 10.59 24.90 -17.40
C ARG A 279 11.83 24.46 -16.62
N ASP A 280 12.15 23.17 -16.65
CA ASP A 280 13.25 22.64 -15.90
C ASP A 280 14.52 22.74 -16.74
N VAL A 281 14.38 22.99 -18.04
CA VAL A 281 15.50 23.08 -18.95
C VAL A 281 16.36 24.28 -18.54
N GLU A 282 15.68 25.27 -18.00
CA GLU A 282 16.35 26.47 -17.60
C GLU A 282 17.36 26.12 -16.51
N GLY A 283 16.89 25.56 -15.38
CA GLY A 283 17.79 25.04 -14.33
C GLY A 283 18.88 24.13 -14.86
N ALA A 284 18.56 23.31 -15.85
CA ALA A 284 19.56 22.38 -16.38
C ALA A 284 20.70 23.11 -17.08
N GLU A 285 20.34 24.14 -17.86
CA GLU A 285 21.33 24.89 -18.60
C GLU A 285 22.11 25.70 -17.59
N ARG A 286 21.39 26.20 -16.60
CA ARG A 286 21.98 27.02 -15.55
C ARG A 286 23.10 26.28 -14.78
N ASN A 287 22.90 24.98 -14.60
CA ASN A 287 23.74 24.16 -13.76
C ASN A 287 24.69 23.27 -14.54
N GLY A 288 24.75 23.52 -15.84
CA GLY A 288 25.82 22.95 -16.64
C GLY A 288 25.57 21.56 -17.14
N ALA A 289 24.29 21.17 -17.15
CA ALA A 289 23.81 19.88 -17.66
C ALA A 289 24.30 19.68 -19.08
N GLU A 290 24.76 18.49 -19.42
CA GLU A 290 25.17 18.21 -20.81
C GLU A 290 24.04 17.60 -21.65
N GLY A 291 22.86 17.46 -21.07
CA GLY A 291 21.68 16.93 -21.77
C GLY A 291 20.70 16.54 -20.68
N VAL A 292 19.60 15.90 -21.07
CA VAL A 292 18.59 15.46 -20.14
C VAL A 292 18.60 13.94 -20.07
N GLY A 293 18.72 13.41 -18.85
CA GLY A 293 18.93 12.00 -18.67
C GLY A 293 17.62 11.32 -18.35
N LEU A 294 16.60 12.09 -18.00
CA LEU A 294 15.31 11.51 -17.70
C LEU A 294 14.28 12.61 -17.73
N TYR A 295 13.31 12.44 -18.61
CA TYR A 295 12.24 13.36 -18.77
C TYR A 295 11.07 12.55 -18.28
N ARG A 296 10.77 12.76 -17.00
CA ARG A 296 9.64 12.13 -16.32
C ARG A 296 8.40 12.68 -16.96
N THR A 297 7.81 11.97 -17.90
CA THR A 297 6.66 12.52 -18.62
C THR A 297 5.39 12.62 -17.75
N GLU A 298 5.31 11.85 -16.66
CA GLU A 298 4.19 11.96 -15.70
C GLU A 298 3.99 13.38 -15.32
N PHE A 299 5.09 14.07 -15.11
CA PHE A 299 5.10 15.38 -14.50
C PHE A 299 4.39 16.33 -15.46
N LEU A 300 4.57 16.09 -16.76
CA LEU A 300 3.86 16.86 -17.73
C LEU A 300 2.38 16.56 -17.61
N PHE A 301 2.04 15.35 -17.22
CA PHE A 301 0.65 14.91 -17.11
C PHE A 301 0.00 15.51 -15.88
N MET A 302 0.82 15.82 -14.88
CA MET A 302 0.30 16.45 -13.66
C MET A 302 0.43 17.97 -13.78
N ASP A 303 0.86 18.42 -14.95
CA ASP A 303 0.92 19.83 -15.23
C ASP A 303 -0.37 20.33 -15.87
N ARG A 304 -1.38 19.43 -15.97
CA ARG A 304 -2.65 19.60 -16.71
C ARG A 304 -3.83 19.02 -15.93
N ASP A 305 -5.08 19.42 -16.22
CA ASP A 305 -6.23 18.74 -15.58
C ASP A 305 -6.99 17.77 -16.50
N ALA A 306 -6.31 17.31 -17.54
CA ALA A 306 -6.86 16.30 -18.45
C ALA A 306 -5.71 15.51 -18.98
N LEU A 307 -5.98 14.28 -19.47
CA LEU A 307 -4.95 13.47 -20.10
C LEU A 307 -4.52 14.12 -21.40
N PRO A 308 -3.19 14.36 -21.58
CA PRO A 308 -2.74 15.05 -22.79
C PRO A 308 -2.74 14.14 -24.00
N THR A 309 -3.37 14.60 -25.06
CA THR A 309 -3.58 13.82 -26.26
C THR A 309 -2.28 13.62 -26.98
N GLU A 310 -2.32 12.87 -28.05
CA GLU A 310 -1.13 12.74 -28.84
C GLU A 310 -0.58 14.13 -29.17
N GLU A 311 -1.45 15.01 -29.64
CA GLU A 311 -1.04 16.32 -30.13
C GLU A 311 -0.45 17.19 -28.99
N GLU A 312 -1.08 17.16 -27.82
CA GLU A 312 -0.59 17.98 -26.72
C GLU A 312 0.76 17.47 -26.27
N GLN A 313 0.93 16.14 -26.35
CA GLN A 313 2.17 15.54 -25.91
C GLN A 313 3.27 15.89 -26.87
N PHE A 314 2.93 15.72 -28.13
CA PHE A 314 3.84 16.03 -29.19
C PHE A 314 4.40 17.44 -28.98
N ALA A 315 3.50 18.39 -28.69
CA ALA A 315 3.87 19.80 -28.64
C ALA A 315 4.81 20.01 -27.49
N ALA A 316 4.45 19.39 -26.37
CA ALA A 316 5.18 19.47 -25.13
C ALA A 316 6.55 18.89 -25.34
N TYR A 317 6.62 17.72 -25.99
CA TYR A 317 7.90 17.07 -26.30
C TYR A 317 8.75 17.88 -27.23
N LYS A 318 8.10 18.46 -28.25
CA LYS A 318 8.75 19.30 -29.29
C LYS A 318 9.39 20.45 -28.59
N ALA A 319 8.60 21.13 -27.76
CA ALA A 319 9.17 22.27 -27.02
C ALA A 319 10.43 21.85 -26.29
N VAL A 320 10.38 20.72 -25.57
CA VAL A 320 11.50 20.33 -24.74
C VAL A 320 12.67 20.09 -25.69
N ALA A 321 12.43 19.29 -26.71
CA ALA A 321 13.48 18.93 -27.65
C ALA A 321 14.17 20.16 -28.18
N GLU A 322 13.39 21.22 -28.30
CA GLU A 322 13.89 22.43 -28.87
C GLU A 322 14.51 23.31 -27.81
N ALA A 323 13.94 23.32 -26.62
CA ALA A 323 14.54 24.08 -25.54
C ALA A 323 15.83 23.44 -25.12
N CYS A 324 16.09 22.25 -25.62
CA CYS A 324 17.36 21.63 -25.31
C CYS A 324 18.42 21.79 -26.37
N GLY A 325 18.08 22.46 -27.48
CA GLY A 325 19.06 22.76 -28.51
C GLY A 325 19.67 21.49 -29.08
N SER A 326 20.98 21.43 -29.01
CA SER A 326 21.71 20.32 -29.61
C SER A 326 21.56 19.10 -28.74
N GLN A 327 21.18 19.30 -27.47
CA GLN A 327 21.26 18.25 -26.46
C GLN A 327 20.20 17.15 -26.57
N ALA A 328 20.57 15.96 -26.12
CA ALA A 328 19.72 14.77 -26.16
C ALA A 328 18.79 14.73 -24.95
N VAL A 329 17.53 14.42 -25.17
CA VAL A 329 16.63 14.21 -24.05
C VAL A 329 16.20 12.74 -23.97
N ILE A 330 16.28 12.14 -22.79
CA ILE A 330 15.81 10.77 -22.62
C ILE A 330 14.38 10.87 -22.07
N VAL A 331 13.43 10.69 -22.98
CA VAL A 331 12.03 10.85 -22.68
C VAL A 331 11.57 9.52 -22.14
N ARG A 332 11.17 9.49 -20.87
CA ARG A 332 10.66 8.22 -20.33
C ARG A 332 9.18 8.22 -20.55
N THR A 333 8.69 7.10 -21.03
CA THR A 333 7.25 6.95 -21.11
C THR A 333 6.74 6.92 -19.69
N MET A 334 5.44 7.15 -19.60
CA MET A 334 4.76 7.60 -18.41
C MET A 334 4.79 6.63 -17.24
N ASP A 335 5.02 7.17 -16.05
CA ASP A 335 5.10 6.36 -14.85
C ASP A 335 4.15 6.91 -13.78
N ILE A 336 2.90 6.54 -13.92
CA ILE A 336 1.90 6.83 -12.95
C ILE A 336 1.67 5.58 -12.08
N GLY A 337 1.40 5.79 -10.80
CA GLY A 337 0.81 4.74 -10.01
C GLY A 337 1.50 4.18 -8.77
N GLY A 338 2.54 4.84 -8.30
CA GLY A 338 3.03 4.43 -7.00
C GLY A 338 2.58 5.59 -6.15
N ASP A 339 3.53 6.35 -5.65
CA ASP A 339 3.16 7.59 -5.02
C ASP A 339 2.80 8.67 -6.05
N LYS A 340 2.81 8.36 -7.35
CA LYS A 340 2.36 9.37 -8.32
C LYS A 340 1.09 9.03 -9.11
N GLU A 341 -0.02 9.31 -8.45
CA GLU A 341 -1.24 9.18 -9.11
C GLU A 341 -1.49 10.48 -9.87
N LEU A 342 -2.23 10.40 -10.97
CA LEU A 342 -2.93 11.58 -11.42
C LEU A 342 -4.43 11.44 -11.19
N PRO A 343 -4.92 12.20 -10.20
CA PRO A 343 -6.31 12.25 -9.75
C PRO A 343 -7.29 12.25 -10.93
N TYR A 344 -7.02 13.05 -11.95
CA TYR A 344 -7.95 13.05 -13.10
C TYR A 344 -8.21 11.68 -13.76
N MET A 345 -7.37 10.68 -13.45
CA MET A 345 -7.55 9.36 -14.04
C MET A 345 -8.54 8.54 -13.24
N ASN A 346 -8.78 8.95 -11.99
CA ASN A 346 -9.70 8.25 -11.12
C ASN A 346 -9.45 6.75 -11.02
N PHE A 347 -8.21 6.34 -11.19
CA PHE A 347 -7.90 4.94 -11.05
C PHE A 347 -8.37 4.47 -9.68
N PRO A 348 -8.67 3.17 -9.56
CA PRO A 348 -9.06 2.66 -8.24
C PRO A 348 -7.88 2.53 -7.29
N LYS A 349 -8.17 2.51 -5.98
CA LYS A 349 -7.14 2.35 -4.97
C LYS A 349 -6.53 0.97 -4.99
N GLU A 350 -5.28 0.92 -4.54
CA GLU A 350 -4.54 -0.34 -4.37
C GLU A 350 -3.95 -0.47 -2.98
N GLU A 351 -3.85 -1.71 -2.55
CA GLU A 351 -3.30 -1.99 -1.27
C GLU A 351 -1.81 -1.61 -1.20
N ASN A 352 -1.08 -1.80 -2.29
CA ASN A 352 0.33 -1.36 -2.33
C ASN A 352 0.60 -0.69 -3.66
N PRO A 353 0.35 0.62 -3.74
CA PRO A 353 0.50 1.23 -5.04
C PRO A 353 1.87 0.94 -5.61
N PHE A 354 2.89 0.97 -4.78
CA PHE A 354 4.26 0.80 -5.29
C PHE A 354 4.60 -0.58 -5.81
N LEU A 355 3.79 -1.57 -5.44
CA LEU A 355 3.82 -2.89 -6.03
C LEU A 355 2.59 -3.15 -6.88
N GLY A 356 2.02 -2.10 -7.45
CA GLY A 356 0.74 -2.24 -8.13
C GLY A 356 0.81 -1.94 -9.61
N TRP A 357 -0.28 -1.34 -10.09
CA TRP A 357 -0.58 -1.21 -11.49
C TRP A 357 0.00 0.11 -11.95
N ARG A 358 1.29 0.05 -12.17
CA ARG A 358 2.12 1.22 -12.28
C ARG A 358 2.80 1.33 -13.67
N ALA A 359 2.82 2.55 -14.20
CA ALA A 359 3.67 2.90 -15.35
C ALA A 359 3.27 2.05 -16.52
N ILE A 360 4.16 1.19 -16.93
CA ILE A 360 4.02 0.40 -18.15
C ILE A 360 2.87 -0.64 -18.08
N ARG A 361 2.52 -0.95 -16.85
CA ARG A 361 1.49 -1.89 -16.63
C ARG A 361 0.17 -1.31 -17.02
N ILE A 362 0.09 0.02 -16.99
CA ILE A 362 -1.12 0.74 -17.42
C ILE A 362 -1.11 0.91 -18.94
N ALA A 363 -0.02 1.42 -19.45
CA ALA A 363 0.01 1.73 -20.84
C ALA A 363 -0.20 0.44 -21.67
N MET A 364 0.18 -0.70 -21.10
CA MET A 364 -0.09 -2.00 -21.75
C MET A 364 -1.50 -2.51 -21.52
N ASP A 365 -2.18 -1.99 -20.53
CA ASP A 365 -3.57 -2.41 -20.38
C ASP A 365 -4.49 -1.42 -21.02
N ARG A 366 -3.93 -0.32 -21.52
CA ARG A 366 -4.74 0.67 -22.18
C ARG A 366 -3.93 1.25 -23.26
N ARG A 367 -3.87 0.54 -24.40
CA ARG A 367 -3.02 0.94 -25.50
C ARG A 367 -3.16 2.38 -25.97
N GLU A 368 -4.38 2.92 -26.01
CA GLU A 368 -4.52 4.32 -26.41
C GLU A 368 -3.43 5.21 -25.71
N ILE A 369 -3.05 4.86 -24.47
CA ILE A 369 -2.14 5.69 -23.66
C ILE A 369 -0.70 5.52 -24.15
N LEU A 370 -0.27 4.27 -24.18
CA LEU A 370 0.97 3.91 -24.75
C LEU A 370 1.08 4.45 -26.20
N ARG A 371 0.03 4.29 -27.00
CA ARG A 371 0.11 4.65 -28.41
C ARG A 371 0.24 6.16 -28.67
N ASP A 372 -0.67 6.94 -28.05
CA ASP A 372 -0.65 8.37 -28.16
C ASP A 372 0.72 8.79 -27.81
N GLN A 373 1.21 8.31 -26.66
CA GLN A 373 2.49 8.80 -26.16
C GLN A 373 3.63 8.43 -27.08
N LEU A 374 3.80 7.16 -27.40
CA LEU A 374 4.92 6.78 -28.24
C LEU A 374 4.87 7.46 -29.59
N ARG A 375 3.70 7.45 -30.21
CA ARG A 375 3.41 8.31 -31.37
C ARG A 375 3.97 9.75 -31.19
N ALA A 376 3.51 10.44 -30.15
CA ALA A 376 3.98 11.77 -29.85
C ALA A 376 5.50 11.86 -29.71
N ILE A 377 6.13 10.95 -28.98
CA ILE A 377 7.57 11.01 -28.80
C ILE A 377 8.22 10.90 -30.18
N LEU A 378 7.90 9.83 -30.89
CA LEU A 378 8.50 9.62 -32.19
C LEU A 378 8.38 10.88 -33.02
N ARG A 379 7.17 11.43 -33.09
CA ARG A 379 6.98 12.54 -33.96
C ARG A 379 7.83 13.70 -33.49
N ALA A 380 7.93 13.88 -32.16
CA ALA A 380 8.77 14.96 -31.62
C ALA A 380 10.25 14.77 -31.95
N SER A 381 10.67 13.53 -32.19
CA SER A 381 12.06 13.24 -32.49
C SER A 381 12.45 13.78 -33.85
N ALA A 382 11.49 14.28 -34.59
CA ALA A 382 11.81 14.91 -35.86
C ALA A 382 12.37 16.28 -35.60
N PHE A 383 12.48 16.66 -34.32
CA PHE A 383 12.78 18.05 -33.99
C PHE A 383 13.93 18.25 -33.03
N GLY A 384 14.60 17.17 -32.63
CA GLY A 384 15.71 17.28 -31.73
C GLY A 384 16.07 15.90 -31.31
N LYS A 385 17.30 15.69 -30.79
CA LYS A 385 17.69 14.34 -30.38
C LYS A 385 16.88 13.87 -29.16
N LEU A 386 16.03 12.89 -29.38
CA LEU A 386 15.27 12.27 -28.29
C LEU A 386 15.63 10.80 -28.22
N ARG A 387 15.60 10.26 -27.00
CA ARG A 387 15.59 8.82 -26.80
C ARG A 387 14.29 8.43 -26.09
N ILE A 388 13.88 7.18 -26.25
CA ILE A 388 12.72 6.61 -25.54
C ILE A 388 13.20 5.65 -24.48
N MET A 389 12.61 5.75 -23.31
CA MET A 389 12.99 4.84 -22.26
C MET A 389 11.73 4.47 -21.57
N PHE A 390 11.68 3.24 -21.09
CA PHE A 390 10.52 2.66 -20.41
C PHE A 390 10.77 2.44 -18.94
N PRO A 391 9.79 2.80 -18.10
CA PRO A 391 9.81 2.61 -16.65
C PRO A 391 9.30 1.25 -16.20
N MET A 392 9.67 0.81 -14.99
CA MET A 392 9.08 -0.39 -14.36
C MET A 392 9.18 -1.69 -15.13
N ILE A 393 10.16 -1.80 -16.00
CA ILE A 393 10.44 -3.03 -16.72
C ILE A 393 10.86 -4.17 -15.79
N ILE A 394 10.28 -5.33 -16.04
CA ILE A 394 10.45 -6.47 -15.16
C ILE A 394 10.87 -7.75 -15.85
N SER A 395 10.68 -7.80 -17.18
CA SER A 395 10.92 -9.02 -17.93
C SER A 395 11.39 -8.71 -19.34
N VAL A 396 12.03 -9.67 -20.00
CA VAL A 396 12.29 -9.52 -21.41
C VAL A 396 10.96 -9.53 -22.15
N GLU A 397 10.01 -10.32 -21.69
CA GLU A 397 8.66 -10.29 -22.30
C GLU A 397 8.15 -8.85 -22.53
N GLU A 398 8.11 -8.07 -21.44
CA GLU A 398 7.63 -6.68 -21.52
C GLU A 398 8.36 -5.87 -22.61
N VAL A 399 9.67 -5.87 -22.59
CA VAL A 399 10.45 -5.12 -23.61
C VAL A 399 10.11 -5.49 -25.07
N ARG A 400 10.06 -6.78 -25.37
CA ARG A 400 9.73 -7.17 -26.71
C ARG A 400 8.32 -6.72 -27.09
N ALA A 401 7.39 -6.72 -26.14
CA ALA A 401 6.03 -6.41 -26.49
C ALA A 401 5.93 -4.91 -26.83
N LEU A 402 6.78 -4.12 -26.20
CA LEU A 402 6.77 -2.68 -26.33
C LEU A 402 7.54 -2.20 -27.59
N ARG A 403 8.65 -2.88 -27.89
CA ARG A 403 9.40 -2.64 -29.14
C ARG A 403 8.55 -2.94 -30.35
N LYS A 404 7.81 -4.03 -30.23
CA LYS A 404 6.88 -4.44 -31.25
C LYS A 404 5.85 -3.34 -31.41
N GLU A 405 5.37 -2.85 -30.30
CA GLU A 405 4.52 -1.70 -30.31
C GLU A 405 5.18 -0.49 -31.01
N ILE A 406 6.37 -0.09 -30.58
CA ILE A 406 7.05 0.99 -31.29
C ILE A 406 7.02 0.75 -32.82
N GLU A 407 7.50 -0.41 -33.27
CA GLU A 407 7.54 -0.71 -34.66
C GLU A 407 6.21 -0.51 -35.38
N ILE A 408 5.10 -0.82 -34.71
CA ILE A 408 3.78 -0.58 -35.28
C ILE A 408 3.49 0.92 -35.41
N TYR A 409 3.69 1.63 -34.32
CA TYR A 409 3.53 3.05 -34.31
C TYR A 409 4.48 3.73 -35.28
N LYS A 410 5.65 3.16 -35.53
CA LYS A 410 6.60 3.75 -36.45
C LYS A 410 6.02 3.72 -37.84
N GLN A 411 5.43 2.58 -38.22
CA GLN A 411 4.90 2.41 -39.57
C GLN A 411 3.75 3.34 -39.80
N GLU A 412 2.83 3.40 -38.85
CA GLU A 412 1.72 4.28 -38.97
C GLU A 412 2.21 5.68 -39.29
N LEU A 413 3.14 6.20 -38.50
CA LEU A 413 3.73 7.50 -38.82
C LEU A 413 4.24 7.58 -40.27
N ARG A 414 5.13 6.65 -40.66
CA ARG A 414 5.56 6.48 -42.08
C ARG A 414 4.39 6.58 -43.07
N ASP A 415 3.28 5.97 -42.74
CA ASP A 415 2.12 5.93 -43.62
C ASP A 415 1.30 7.19 -43.64
N GLU A 416 1.44 8.00 -42.60
CA GLU A 416 0.69 9.24 -42.50
C GLU A 416 1.55 10.44 -42.94
N GLY A 417 2.76 10.16 -43.46
CA GLY A 417 3.67 11.19 -43.98
C GLY A 417 4.17 12.10 -42.87
N LYS A 418 4.58 11.45 -41.78
CA LYS A 418 5.02 12.08 -40.56
C LYS A 418 6.45 11.62 -40.16
N ALA A 419 7.40 12.54 -40.26
CA ALA A 419 8.81 12.29 -39.96
C ALA A 419 8.96 11.88 -38.50
N PHE A 420 9.93 10.99 -38.28
CA PHE A 420 10.44 10.69 -36.99
C PHE A 420 11.86 10.24 -37.23
N ASP A 421 12.70 10.40 -36.21
CA ASP A 421 14.11 10.08 -36.29
C ASP A 421 14.13 8.58 -36.41
N GLU A 422 14.55 8.06 -37.56
CA GLU A 422 14.65 6.60 -37.73
C GLU A 422 15.76 6.00 -36.86
N SER A 423 16.66 6.84 -36.36
CA SER A 423 17.80 6.43 -35.54
C SER A 423 17.44 6.27 -34.08
N ILE A 424 16.16 6.43 -33.74
CA ILE A 424 15.81 6.75 -32.37
C ILE A 424 16.14 5.59 -31.48
N GLU A 425 16.84 5.90 -30.39
CA GLU A 425 17.29 4.84 -29.53
C GLU A 425 16.33 4.60 -28.42
N ILE A 426 16.26 3.33 -28.06
CA ILE A 426 15.31 2.83 -27.11
C ILE A 426 16.05 2.14 -25.97
N GLY A 427 15.67 2.44 -24.74
CA GLY A 427 16.30 1.80 -23.59
C GLY A 427 15.29 1.51 -22.49
N VAL A 428 15.76 1.12 -21.33
CA VAL A 428 14.83 0.75 -20.29
C VAL A 428 15.36 1.21 -18.97
N MET A 429 14.45 1.54 -18.07
CA MET A 429 14.80 1.84 -16.71
C MET A 429 15.19 0.50 -16.15
N VAL A 430 16.31 0.40 -15.47
CA VAL A 430 16.54 -0.79 -14.65
C VAL A 430 16.28 -0.33 -13.20
N GLU A 431 15.09 -0.56 -12.67
CA GLU A 431 14.76 -0.03 -11.37
C GLU A 431 13.98 -1.05 -10.57
N THR A 432 13.94 -2.21 -11.14
CA THR A 432 13.38 -3.41 -10.57
C THR A 432 14.57 -4.42 -10.37
N PRO A 433 14.54 -5.21 -9.27
CA PRO A 433 15.53 -6.24 -9.04
C PRO A 433 15.39 -7.32 -10.10
N ALA A 434 14.20 -7.53 -10.63
CA ALA A 434 14.03 -8.38 -11.80
C ALA A 434 14.91 -7.89 -12.91
N ALA A 435 14.68 -6.66 -13.34
CA ALA A 435 15.46 -6.12 -14.46
C ALA A 435 16.94 -6.27 -14.17
N ALA A 436 17.31 -5.97 -12.94
CA ALA A 436 18.73 -5.98 -12.60
C ALA A 436 19.25 -7.39 -12.80
N THR A 437 18.46 -8.38 -12.39
CA THR A 437 18.83 -9.79 -12.48
C THR A 437 19.00 -10.36 -13.89
N ILE A 438 18.18 -9.85 -14.81
CA ILE A 438 18.17 -10.31 -16.17
C ILE A 438 18.76 -9.21 -17.05
N ALA A 439 19.50 -8.32 -16.40
CA ALA A 439 20.19 -7.29 -17.14
C ALA A 439 20.88 -7.85 -18.38
N ARG A 440 21.50 -9.03 -18.32
CA ARG A 440 22.26 -9.49 -19.50
C ARG A 440 21.29 -9.64 -20.60
N HIS A 441 20.24 -10.45 -20.36
CA HIS A 441 19.17 -10.62 -21.34
C HIS A 441 18.58 -9.36 -21.88
N LEU A 442 18.36 -8.37 -21.02
CA LEU A 442 17.70 -7.13 -21.45
C LEU A 442 18.63 -6.30 -22.32
N ALA A 443 19.91 -6.32 -21.99
CA ALA A 443 20.95 -5.55 -22.72
C ALA A 443 21.05 -5.84 -24.24
N LYS A 444 20.71 -7.08 -24.64
CA LYS A 444 20.61 -7.44 -26.08
C LYS A 444 19.45 -6.75 -26.69
N GLU A 445 18.47 -6.37 -25.90
CA GLU A 445 17.18 -6.01 -26.44
C GLU A 445 16.96 -4.49 -26.46
N VAL A 446 17.85 -3.74 -25.82
CA VAL A 446 17.72 -2.30 -25.75
C VAL A 446 19.02 -1.64 -26.09
N ASP A 447 18.99 -0.32 -26.32
CA ASP A 447 20.21 0.45 -26.61
C ASP A 447 20.89 0.96 -25.39
N PHE A 448 20.18 0.98 -24.28
CA PHE A 448 20.77 1.55 -23.09
C PHE A 448 19.96 1.27 -21.85
N PHE A 449 20.49 1.66 -20.70
CA PHE A 449 19.84 1.44 -19.41
C PHE A 449 20.04 2.70 -18.67
N SER A 450 19.06 3.05 -17.85
CA SER A 450 19.25 3.99 -16.81
C SER A 450 18.76 3.35 -15.53
N ILE A 451 19.61 3.29 -14.51
CA ILE A 451 19.22 2.63 -13.26
C ILE A 451 18.42 3.56 -12.36
N GLY A 452 17.19 3.15 -12.03
CA GLY A 452 16.41 3.94 -11.11
C GLY A 452 16.65 3.40 -9.73
N THR A 453 17.54 4.01 -8.97
CA THR A 453 17.88 3.51 -7.66
C THR A 453 16.81 3.81 -6.60
N ASN A 454 15.95 4.78 -6.87
CA ASN A 454 14.89 5.06 -5.90
C ASN A 454 14.00 3.84 -5.82
N ASP A 455 13.55 3.39 -6.98
CA ASP A 455 12.79 2.19 -7.03
C ASP A 455 13.59 0.94 -6.70
N LEU A 456 14.71 0.70 -7.38
CA LEU A 456 15.57 -0.43 -7.10
C LEU A 456 15.86 -0.59 -5.60
N THR A 457 16.17 0.50 -4.95
CA THR A 457 16.42 0.41 -3.55
C THR A 457 15.14 -0.13 -2.91
N GLN A 458 14.03 0.53 -3.24
CA GLN A 458 12.74 0.24 -2.67
C GLN A 458 12.45 -1.23 -2.73
N TYR A 459 12.60 -1.85 -3.91
CA TYR A 459 12.21 -3.27 -4.04
C TYR A 459 13.25 -4.22 -3.58
N THR A 460 14.50 -3.80 -3.64
CA THR A 460 15.53 -4.71 -3.26
C THR A 460 15.46 -4.81 -1.72
N LEU A 461 15.26 -3.67 -1.07
CA LEU A 461 15.16 -3.65 0.38
C LEU A 461 13.72 -3.77 0.86
N ALA A 462 12.76 -3.82 -0.04
CA ALA A 462 11.35 -3.76 0.43
C ALA A 462 11.11 -2.68 1.44
N VAL A 463 11.62 -1.49 1.14
CA VAL A 463 11.28 -0.34 1.95
C VAL A 463 10.69 0.77 1.10
N ASP A 464 9.50 1.17 1.53
CA ASP A 464 8.68 2.13 0.83
C ASP A 464 9.42 3.46 0.91
N ARG A 465 9.64 4.04 -0.26
CA ARG A 465 10.28 5.33 -0.40
C ARG A 465 9.55 6.41 0.36
N GLY A 466 8.27 6.17 0.62
CA GLY A 466 7.40 7.14 1.30
C GLY A 466 7.39 6.99 2.80
N ASN A 467 7.86 5.86 3.33
CA ASN A 467 7.59 5.48 4.73
C ASN A 467 8.70 5.94 5.69
N ASP A 468 8.45 7.05 6.39
CA ASP A 468 9.46 7.62 7.30
C ASP A 468 9.77 6.72 8.48
N MET A 469 8.77 5.99 8.95
CA MET A 469 8.99 5.06 10.04
C MET A 469 10.14 4.08 9.81
N ILE A 470 10.31 3.59 8.57
CA ILE A 470 11.45 2.75 8.27
C ILE A 470 12.50 3.41 7.40
N SER A 471 12.48 4.73 7.30
CA SER A 471 13.42 5.34 6.37
C SER A 471 14.86 4.89 6.64
N HIS A 472 15.20 4.57 7.90
CA HIS A 472 16.57 4.25 8.25
C HIS A 472 17.07 3.02 7.51
N LEU A 473 16.13 2.22 7.01
CA LEU A 473 16.41 1.01 6.23
C LEU A 473 16.46 1.28 4.73
N TYR A 474 16.18 2.51 4.32
CA TYR A 474 16.18 2.77 2.92
C TYR A 474 17.59 3.13 2.58
N GLN A 475 18.36 2.18 2.05
CA GLN A 475 19.77 2.44 1.80
C GLN A 475 20.15 2.07 0.46
N PRO A 476 20.23 3.06 -0.44
CA PRO A 476 20.69 2.68 -1.78
C PRO A 476 22.18 2.38 -1.70
N MET A 477 22.79 2.69 -0.57
CA MET A 477 24.19 2.40 -0.41
C MET A 477 24.37 1.19 0.44
N SER A 478 23.73 0.13 -0.04
CA SER A 478 23.85 -1.16 0.55
C SER A 478 24.72 -1.97 -0.33
N PRO A 479 25.43 -2.92 0.27
CA PRO A 479 26.12 -3.91 -0.54
C PRO A 479 25.16 -4.60 -1.50
N SER A 480 23.87 -4.67 -1.13
CA SER A 480 22.89 -5.28 -2.03
C SER A 480 22.49 -4.42 -3.25
N VAL A 481 22.34 -3.13 -3.07
CA VAL A 481 21.94 -2.33 -4.20
C VAL A 481 23.16 -2.08 -5.09
N LEU A 482 24.32 -1.87 -4.47
CA LEU A 482 25.55 -1.60 -5.24
C LEU A 482 25.87 -2.76 -6.13
N ASN A 483 25.90 -3.95 -5.56
CA ASN A 483 26.10 -5.13 -6.38
C ASN A 483 25.19 -5.23 -7.60
N LEU A 484 23.89 -5.02 -7.40
CA LEU A 484 22.93 -4.99 -8.47
C LEU A 484 23.20 -3.89 -9.45
N ILE A 485 23.62 -2.70 -8.98
CA ILE A 485 24.11 -1.63 -9.89
C ILE A 485 25.28 -2.10 -10.79
N LYS A 486 26.28 -2.70 -10.17
CA LYS A 486 27.45 -3.17 -10.88
C LYS A 486 27.04 -4.15 -11.95
N GLN A 487 26.05 -4.94 -11.60
CA GLN A 487 25.76 -6.10 -12.38
C GLN A 487 25.10 -5.56 -13.67
N VAL A 488 24.35 -4.46 -13.50
CA VAL A 488 23.63 -3.82 -14.60
C VAL A 488 24.60 -3.11 -15.53
N ILE A 489 25.50 -2.30 -14.93
CA ILE A 489 26.49 -1.57 -15.69
C ILE A 489 27.24 -2.58 -16.57
N ASP A 490 27.73 -3.64 -15.93
CA ASP A 490 28.48 -4.66 -16.62
C ASP A 490 27.66 -5.26 -17.75
N ALA A 491 26.42 -5.62 -17.48
CA ALA A 491 25.55 -6.07 -18.57
C ALA A 491 25.65 -5.14 -19.75
N SER A 492 25.36 -3.84 -19.56
CA SER A 492 25.52 -2.80 -20.60
C SER A 492 26.77 -3.00 -21.39
N HIS A 493 27.89 -3.02 -20.66
CA HIS A 493 29.16 -2.91 -21.29
C HIS A 493 29.44 -4.18 -22.04
N ALA A 494 28.92 -5.28 -21.51
CA ALA A 494 29.18 -6.54 -22.18
C ALA A 494 28.54 -6.52 -23.56
N GLU A 495 27.40 -5.84 -23.73
CA GLU A 495 26.79 -5.72 -25.07
C GLU A 495 27.29 -4.54 -25.85
N GLY A 496 28.21 -3.77 -25.27
CA GLY A 496 28.68 -2.55 -25.91
C GLY A 496 27.69 -1.41 -25.85
N LYS A 497 26.73 -1.48 -24.92
CA LYS A 497 25.85 -0.36 -24.60
C LYS A 497 26.33 0.28 -23.32
N TRP A 498 25.54 1.20 -22.82
CA TRP A 498 25.93 2.01 -21.70
C TRP A 498 24.79 2.11 -20.68
N THR A 499 25.16 2.39 -19.44
CA THR A 499 24.17 2.54 -18.44
C THR A 499 24.33 3.92 -17.92
N GLY A 500 23.20 4.59 -17.79
CA GLY A 500 23.13 5.82 -17.02
C GLY A 500 22.39 5.57 -15.74
N MET A 501 22.24 6.62 -14.95
CA MET A 501 21.54 6.56 -13.67
C MET A 501 20.76 7.84 -13.41
N CYS A 502 19.44 7.73 -13.27
CA CYS A 502 18.64 8.89 -12.93
C CYS A 502 18.08 8.85 -11.54
N GLY A 503 18.22 7.71 -10.88
CA GLY A 503 17.93 7.65 -9.44
C GLY A 503 18.77 8.68 -8.71
N GLU A 504 18.33 8.99 -7.48
CA GLU A 504 18.97 10.04 -6.69
C GLU A 504 20.41 9.74 -6.26
N LEU A 505 20.80 8.47 -6.32
CA LEU A 505 22.19 8.13 -6.08
C LEU A 505 23.18 8.85 -6.99
N ALA A 506 22.80 9.01 -8.27
CA ALA A 506 23.63 9.72 -9.24
C ALA A 506 24.00 11.06 -8.68
N GLY A 507 23.02 11.73 -8.06
CA GLY A 507 23.24 13.07 -7.51
C GLY A 507 23.77 13.09 -6.09
N ASP A 508 24.02 11.92 -5.50
CA ASP A 508 24.42 11.81 -4.10
C ASP A 508 25.98 11.85 -3.97
N GLU A 509 26.50 12.92 -3.35
CA GLU A 509 27.96 13.12 -3.17
C GLU A 509 28.71 11.89 -2.69
N ARG A 510 28.00 10.96 -2.08
CA ARG A 510 28.64 9.87 -1.38
C ARG A 510 28.79 8.64 -2.24
N ALA A 511 28.08 8.65 -3.37
CA ALA A 511 28.17 7.54 -4.26
C ALA A 511 29.04 7.86 -5.46
N THR A 512 29.28 9.15 -5.68
CA THR A 512 29.91 9.59 -6.90
C THR A 512 31.17 8.81 -7.25
N LEU A 513 32.12 8.67 -6.31
CA LEU A 513 33.32 7.83 -6.56
C LEU A 513 33.03 6.37 -6.88
N LEU A 514 32.02 5.80 -6.23
CA LEU A 514 31.64 4.41 -6.49
C LEU A 514 30.96 4.27 -7.83
N LEU A 515 29.95 5.09 -8.07
CA LEU A 515 29.28 5.08 -9.34
C LEU A 515 30.33 5.21 -10.42
N LEU A 516 31.22 6.17 -10.26
CA LEU A 516 32.31 6.34 -11.24
C LEU A 516 33.19 5.10 -11.38
N GLY A 517 33.66 4.56 -10.25
CA GLY A 517 34.59 3.44 -10.25
C GLY A 517 33.96 2.21 -10.85
N MET A 518 32.64 2.11 -10.68
CA MET A 518 31.90 0.98 -11.16
C MET A 518 31.61 1.09 -12.62
N GLY A 519 32.02 2.22 -13.22
CA GLY A 519 31.94 2.42 -14.67
C GLY A 519 30.66 3.00 -15.23
N LEU A 520 29.80 3.54 -14.36
CA LEU A 520 28.58 4.18 -14.79
C LEU A 520 28.93 5.22 -15.84
N ASP A 521 28.15 5.24 -16.94
CA ASP A 521 28.47 6.04 -18.13
C ASP A 521 27.86 7.38 -18.02
N GLU A 522 26.73 7.44 -17.35
CA GLU A 522 25.92 8.61 -17.37
C GLU A 522 25.24 8.87 -16.05
N PHE A 523 25.27 10.11 -15.60
CA PHE A 523 24.60 10.47 -14.37
C PHE A 523 23.50 11.45 -14.65
N SER A 524 22.34 11.25 -14.07
CA SER A 524 21.31 12.26 -14.32
C SER A 524 20.62 12.61 -13.05
N MET A 525 20.45 13.89 -12.78
CA MET A 525 20.00 14.29 -11.48
C MET A 525 19.20 15.55 -11.53
N SER A 526 18.68 15.94 -10.37
CA SER A 526 18.25 17.29 -10.22
C SER A 526 19.38 18.15 -10.74
N ALA A 527 19.03 19.14 -11.53
CA ALA A 527 20.02 20.09 -12.06
C ALA A 527 20.91 20.64 -10.93
N ILE A 528 20.30 21.03 -9.81
CA ILE A 528 21.08 21.60 -8.70
C ILE A 528 22.22 20.74 -8.23
N SER A 529 22.23 19.45 -8.53
CA SER A 529 23.30 18.61 -8.06
C SER A 529 24.40 18.47 -9.04
N ILE A 530 24.18 19.00 -10.24
CA ILE A 530 25.15 18.81 -11.29
C ILE A 530 26.54 19.33 -10.92
N PRO A 531 26.65 20.59 -10.45
CA PRO A 531 27.98 21.06 -10.07
C PRO A 531 28.69 20.27 -8.94
N ARG A 532 27.98 19.84 -7.89
CA ARG A 532 28.67 19.14 -6.78
C ARG A 532 29.30 17.89 -7.32
N ILE A 533 28.55 17.19 -8.14
CA ILE A 533 28.99 15.94 -8.64
C ILE A 533 30.08 16.14 -9.71
N LYS A 534 29.86 17.10 -10.59
CA LYS A 534 30.86 17.44 -11.57
C LYS A 534 32.19 17.67 -10.79
N LYS A 535 32.12 18.49 -9.72
CA LYS A 535 33.31 18.84 -8.96
C LYS A 535 34.04 17.62 -8.46
N ILE A 536 33.28 16.67 -7.90
CA ILE A 536 33.84 15.44 -7.39
C ILE A 536 34.51 14.67 -8.51
N ILE A 537 33.89 14.73 -9.68
CA ILE A 537 34.34 13.92 -10.80
C ILE A 537 35.61 14.50 -11.32
N ARG A 538 35.61 15.82 -11.45
CA ARG A 538 36.76 16.49 -12.00
C ARG A 538 38.04 16.38 -11.15
N ASN A 539 37.86 15.98 -9.87
CA ASN A 539 38.94 15.97 -8.88
C ASN A 539 39.31 14.56 -8.40
N THR A 540 38.75 13.56 -9.07
CA THR A 540 39.06 12.17 -8.76
C THR A 540 40.03 11.72 -9.76
N ASN A 541 40.74 10.68 -9.38
CA ASN A 541 41.42 9.88 -10.34
C ASN A 541 40.54 8.62 -10.60
N PHE A 542 40.27 8.35 -11.87
CA PHE A 542 39.37 7.26 -12.21
C PHE A 542 39.90 5.89 -11.78
N GLU A 543 41.19 5.67 -11.97
CA GLU A 543 41.75 4.38 -11.60
C GLU A 543 41.58 4.08 -10.12
N ASP A 544 41.74 5.13 -9.32
CA ASP A 544 41.64 5.00 -7.88
C ASP A 544 40.23 4.62 -7.46
N ALA A 545 39.24 5.30 -8.02
CA ALA A 545 37.84 4.99 -7.91
C ALA A 545 37.50 3.55 -8.25
N LYS A 546 38.02 3.03 -9.37
CA LYS A 546 37.79 1.61 -9.68
C LYS A 546 38.19 0.79 -8.45
N VAL A 547 39.42 0.92 -8.03
CA VAL A 547 39.91 0.21 -6.84
C VAL A 547 38.94 0.43 -5.66
N LEU A 548 38.46 1.67 -5.50
CA LEU A 548 37.57 1.96 -4.42
C LEU A 548 36.33 1.12 -4.61
N ALA A 549 35.77 1.16 -5.83
CA ALA A 549 34.50 0.52 -6.13
C ALA A 549 34.61 -0.95 -5.85
N GLU A 550 35.67 -1.51 -6.39
CA GLU A 550 35.83 -2.89 -6.19
C GLU A 550 35.79 -3.22 -4.67
N GLN A 551 36.63 -2.55 -3.88
CA GLN A 551 36.63 -2.82 -2.48
C GLN A 551 35.18 -2.77 -1.94
N ALA A 552 34.48 -1.67 -2.25
CA ALA A 552 33.19 -1.42 -1.65
C ALA A 552 32.25 -2.56 -1.93
N LEU A 553 32.35 -3.10 -3.15
CA LEU A 553 31.47 -4.19 -3.59
C LEU A 553 31.68 -5.50 -2.85
N ALA A 554 32.77 -5.60 -2.08
CA ALA A 554 33.02 -6.82 -1.33
C ALA A 554 32.58 -6.71 0.13
N GLN A 555 32.30 -5.50 0.61
CA GLN A 555 31.89 -5.27 1.98
C GLN A 555 30.51 -5.88 2.27
N PRO A 556 30.36 -6.62 3.37
CA PRO A 556 29.02 -7.12 3.69
C PRO A 556 28.18 -6.10 4.48
N THR A 557 28.70 -4.90 4.65
CA THR A 557 28.07 -3.96 5.55
C THR A 557 28.24 -2.54 4.97
N THR A 558 27.19 -1.75 5.08
CA THR A 558 27.19 -0.36 4.63
C THR A 558 28.29 0.41 5.36
N ASP A 559 28.29 0.33 6.68
CA ASP A 559 29.29 1.03 7.42
C ASP A 559 30.66 0.81 6.87
N GLU A 560 30.99 -0.44 6.60
CA GLU A 560 32.30 -0.84 6.12
C GLU A 560 32.61 -0.23 4.76
N LEU A 561 31.58 -0.11 3.95
CA LEU A 561 31.68 0.50 2.64
C LEU A 561 31.77 2.06 2.75
N MET A 562 31.07 2.64 3.74
CA MET A 562 31.24 4.06 4.00
C MET A 562 32.65 4.36 4.41
N THR A 563 33.28 3.46 5.17
CA THR A 563 34.65 3.69 5.61
C THR A 563 35.60 3.86 4.46
N LEU A 564 35.54 2.96 3.47
CA LEU A 564 36.36 3.03 2.28
C LEU A 564 36.26 4.35 1.61
N VAL A 565 35.02 4.71 1.26
CA VAL A 565 34.71 6.04 0.71
C VAL A 565 35.37 7.18 1.50
N ASN A 566 35.19 7.19 2.83
CA ASN A 566 35.82 8.21 3.65
C ASN A 566 37.35 8.23 3.62
N LYS A 567 38.00 7.09 3.80
CA LYS A 567 39.46 7.08 3.79
C LYS A 567 39.96 7.56 2.44
N PHE A 568 39.16 7.32 1.41
CA PHE A 568 39.48 7.80 0.09
C PHE A 568 39.50 9.33 0.11
N ILE A 569 38.38 9.92 0.46
CA ILE A 569 38.23 11.37 0.48
C ILE A 569 39.32 12.05 1.29
N GLU A 570 39.71 11.42 2.39
CA GLU A 570 40.83 11.86 3.22
C GLU A 570 42.14 11.89 2.45
N GLU A 571 42.48 10.74 1.88
CA GLU A 571 43.78 10.54 1.32
C GLU A 571 43.92 11.10 -0.09
N LYS A 572 42.80 11.29 -0.79
CA LYS A 572 42.81 11.50 -2.24
C LYS A 572 42.42 12.90 -2.78
N THR A 573 41.84 13.78 -1.95
CA THR A 573 41.76 15.23 -2.29
C THR A 573 41.38 16.10 -1.08
N MET B 1 -23.72 -21.23 -18.10
CA MET B 1 -22.22 -21.19 -18.21
C MET B 1 -21.67 -20.25 -17.12
N ILE B 2 -21.68 -20.69 -15.89
CA ILE B 2 -21.14 -19.85 -14.77
C ILE B 2 -19.81 -20.44 -14.30
N SER B 3 -18.78 -19.62 -14.18
CA SER B 3 -17.45 -20.14 -13.73
C SER B 3 -16.89 -19.28 -12.59
N GLY B 4 -16.26 -19.90 -11.61
CA GLY B 4 -15.66 -19.15 -10.47
C GLY B 4 -14.17 -19.48 -10.40
N ILE B 5 -13.54 -19.27 -9.26
CA ILE B 5 -12.07 -19.56 -9.17
C ILE B 5 -11.83 -20.96 -8.60
N LEU B 6 -12.84 -21.61 -8.07
CA LEU B 6 -12.64 -22.98 -7.50
C LEU B 6 -11.48 -22.95 -6.49
N ALA B 7 -11.80 -22.98 -5.21
CA ALA B 7 -10.75 -22.96 -4.17
C ALA B 7 -10.41 -24.38 -3.72
N SER B 8 -11.35 -25.29 -3.86
CA SER B 8 -11.10 -26.70 -3.45
C SER B 8 -11.77 -27.64 -4.46
N PRO B 9 -11.04 -28.59 -5.04
CA PRO B 9 -11.62 -29.53 -6.03
C PRO B 9 -12.38 -30.69 -5.33
N GLY B 10 -13.47 -31.11 -5.91
CA GLY B 10 -14.26 -32.21 -5.29
C GLY B 10 -15.65 -32.23 -5.91
N ILE B 11 -16.62 -32.85 -5.27
CA ILE B 11 -18.01 -32.88 -5.81
C ILE B 11 -18.99 -32.93 -4.63
N ALA B 12 -20.17 -32.38 -4.77
CA ALA B 12 -21.13 -32.43 -3.63
C ALA B 12 -22.57 -32.31 -4.12
N PHE B 13 -23.51 -32.83 -3.35
CA PHE B 13 -24.95 -32.74 -3.73
C PHE B 13 -25.74 -32.31 -2.48
N GLY B 14 -26.54 -31.27 -2.55
CA GLY B 14 -27.30 -30.87 -1.31
C GLY B 14 -28.18 -29.64 -1.59
N LYS B 15 -28.91 -29.21 -0.60
CA LYS B 15 -29.80 -28.03 -0.76
C LYS B 15 -28.98 -26.75 -0.66
N ALA B 16 -29.48 -25.65 -1.16
CA ALA B 16 -28.70 -24.37 -1.12
C ALA B 16 -29.25 -23.42 -0.04
N LEU B 17 -28.39 -22.92 0.81
CA LEU B 17 -28.82 -21.97 1.87
C LEU B 17 -28.46 -20.55 1.40
N LEU B 18 -29.37 -19.60 1.55
CA LEU B 18 -29.08 -18.19 1.09
C LEU B 18 -29.10 -17.24 2.29
N LEU B 19 -28.00 -16.54 2.50
CA LEU B 19 -27.94 -15.57 3.63
C LEU B 19 -28.47 -14.21 3.20
N LYS B 20 -29.72 -14.04 3.29
CA LYS B 20 -30.32 -12.85 2.70
C LYS B 20 -31.13 -12.42 3.80
N GLU B 21 -30.51 -12.45 4.95
CA GLU B 21 -31.19 -12.09 6.19
C GLU B 21 -32.15 -10.98 5.76
N ASP B 22 -33.36 -11.29 5.38
CA ASP B 22 -34.24 -10.19 4.98
C ASP B 22 -34.41 -9.11 6.05
N GLU B 23 -34.47 -7.88 5.54
CA GLU B 23 -34.61 -6.65 6.34
C GLU B 23 -35.93 -6.58 7.11
N ILE B 24 -36.01 -5.61 8.05
CA ILE B 24 -37.23 -5.40 8.81
C ILE B 24 -37.96 -4.14 8.31
N VAL B 25 -39.00 -4.37 7.53
CA VAL B 25 -39.75 -3.28 6.94
C VAL B 25 -41.02 -3.13 7.76
N ILE B 26 -41.09 -2.04 8.53
CA ILE B 26 -42.25 -1.75 9.36
C ILE B 26 -43.40 -1.13 8.54
N ASP B 27 -44.53 -1.82 8.48
CA ASP B 27 -45.77 -1.25 7.93
C ASP B 27 -46.27 -0.07 8.78
N ARG B 28 -46.29 1.11 8.16
CA ARG B 28 -46.64 2.33 8.88
C ARG B 28 -48.05 2.93 8.66
N LYS B 29 -48.85 2.31 7.80
CA LYS B 29 -50.27 2.68 7.67
C LYS B 29 -50.96 2.33 8.99
N LYS B 30 -51.62 3.33 9.59
CA LYS B 30 -52.50 3.13 10.76
C LYS B 30 -53.58 2.10 10.43
N ILE B 31 -54.09 1.40 11.45
CA ILE B 31 -55.13 0.38 11.21
C ILE B 31 -56.55 0.79 11.62
N SER B 32 -57.52 -0.06 11.28
CA SER B 32 -58.93 0.19 11.51
C SER B 32 -59.41 -0.60 12.72
N ALA B 33 -60.47 -0.18 13.34
CA ALA B 33 -61.01 -0.95 14.50
C ALA B 33 -61.22 -2.40 14.07
N ASP B 34 -61.73 -2.61 12.89
CA ASP B 34 -61.93 -4.01 12.43
C ASP B 34 -60.58 -4.70 12.27
N GLN B 35 -59.62 -4.03 11.68
CA GLN B 35 -58.25 -4.64 11.54
C GLN B 35 -57.69 -4.80 12.94
N VAL B 36 -57.55 -3.68 13.64
CA VAL B 36 -57.00 -3.80 15.02
C VAL B 36 -57.05 -5.27 15.44
N ASP B 37 -58.18 -5.89 15.34
CA ASP B 37 -58.29 -7.31 15.75
C ASP B 37 -57.36 -8.17 14.91
N GLN B 38 -57.24 -7.90 13.64
CA GLN B 38 -56.35 -8.74 12.78
C GLN B 38 -54.88 -8.52 13.15
N GLU B 39 -54.48 -7.31 13.42
CA GLU B 39 -53.05 -7.07 13.76
C GLU B 39 -52.70 -7.78 15.07
N VAL B 40 -53.58 -7.75 16.04
CA VAL B 40 -53.28 -8.45 17.31
C VAL B 40 -53.08 -9.93 17.02
N GLU B 41 -53.96 -10.52 16.26
CA GLU B 41 -53.81 -11.96 15.92
C GLU B 41 -52.49 -12.19 15.19
N ARG B 42 -52.12 -11.31 14.29
CA ARG B 42 -50.82 -11.49 13.58
C ARG B 42 -49.71 -11.48 14.62
N PHE B 43 -49.77 -10.56 15.54
CA PHE B 43 -48.73 -10.51 16.61
C PHE B 43 -48.76 -11.82 17.40
N LEU B 44 -49.92 -12.24 17.82
CA LEU B 44 -50.04 -13.51 18.58
C LEU B 44 -49.56 -14.66 17.69
N SER B 45 -49.98 -14.68 16.45
CA SER B 45 -49.54 -15.78 15.53
C SER B 45 -48.02 -15.69 15.32
N GLY B 46 -47.51 -14.50 15.12
CA GLY B 46 -46.04 -14.35 14.93
C GLY B 46 -45.35 -14.63 16.26
N ARG B 47 -45.92 -14.18 17.34
CA ARG B 47 -45.33 -14.43 18.68
C ARG B 47 -45.40 -15.92 18.94
N ALA B 48 -46.42 -16.57 18.43
CA ALA B 48 -46.55 -18.03 18.64
C ALA B 48 -45.32 -18.74 18.08
N LYS B 49 -44.84 -18.33 16.94
CA LYS B 49 -43.64 -18.99 16.37
C LYS B 49 -42.48 -18.74 17.33
N ALA B 50 -41.95 -17.54 17.37
CA ALA B 50 -40.79 -17.23 18.26
C ALA B 50 -40.92 -17.96 19.60
N SER B 51 -42.11 -18.14 20.10
CA SER B 51 -42.23 -18.85 21.40
C SER B 51 -41.61 -20.23 21.25
N ALA B 52 -42.07 -20.99 20.29
CA ALA B 52 -41.54 -22.36 20.08
C ALA B 52 -40.10 -22.33 19.55
N GLN B 53 -39.79 -21.43 18.64
CA GLN B 53 -38.40 -21.40 18.10
C GLN B 53 -37.41 -20.97 19.19
N LEU B 54 -37.77 -20.01 20.00
CA LEU B 54 -36.86 -19.59 21.10
C LEU B 54 -36.61 -20.77 22.03
N GLU B 55 -37.64 -21.52 22.31
CA GLU B 55 -37.48 -22.70 23.20
C GLU B 55 -36.49 -23.69 22.59
N THR B 56 -36.54 -23.86 21.29
CA THR B 56 -35.61 -24.82 20.63
C THR B 56 -34.17 -24.36 20.85
N ILE B 57 -33.92 -23.08 20.73
CA ILE B 57 -32.54 -22.55 20.93
C ILE B 57 -32.09 -22.83 22.37
N LYS B 58 -32.98 -22.69 23.31
CA LYS B 58 -32.62 -22.93 24.74
C LYS B 58 -32.07 -24.35 24.90
N THR B 59 -32.79 -25.33 24.42
CA THR B 59 -32.33 -26.74 24.58
C THR B 59 -30.95 -26.94 23.95
N LYS B 60 -30.64 -26.24 22.89
CA LYS B 60 -29.30 -26.40 22.25
C LYS B 60 -28.24 -25.81 23.17
N ALA B 61 -28.55 -24.72 23.81
CA ALA B 61 -27.57 -24.08 24.71
C ALA B 61 -27.28 -25.02 25.90
N GLY B 62 -28.29 -25.61 26.46
CA GLY B 62 -28.08 -26.52 27.62
C GLY B 62 -27.18 -27.68 27.22
N GLU B 63 -27.49 -28.37 26.16
CA GLU B 63 -26.64 -29.51 25.75
C GLU B 63 -25.29 -29.00 25.25
N THR B 64 -25.30 -27.99 24.43
CA THR B 64 -24.03 -27.46 23.85
C THR B 64 -23.12 -26.84 24.93
N PHE B 65 -23.57 -25.79 25.58
CA PHE B 65 -22.70 -25.13 26.61
C PHE B 65 -23.02 -25.61 28.03
N GLY B 66 -24.27 -25.65 28.42
CA GLY B 66 -24.60 -26.14 29.81
C GLY B 66 -25.75 -25.31 30.43
N GLU B 67 -25.96 -25.50 31.71
CA GLU B 67 -27.05 -24.77 32.42
C GLU B 67 -26.69 -23.29 32.54
N GLU B 68 -25.42 -22.97 32.50
CA GLU B 68 -24.98 -21.56 32.61
C GLU B 68 -25.56 -20.75 31.45
N LYS B 69 -25.66 -21.34 30.29
CA LYS B 69 -26.20 -20.62 29.10
C LYS B 69 -27.67 -20.95 28.89
N GLU B 70 -28.12 -22.05 29.43
CA GLU B 70 -29.55 -22.44 29.23
C GLU B 70 -30.49 -21.46 29.95
N ALA B 71 -30.15 -21.08 31.15
CA ALA B 71 -31.05 -20.17 31.91
C ALA B 71 -31.08 -18.77 31.29
N ILE B 72 -30.03 -18.34 30.63
CA ILE B 72 -30.10 -16.97 30.04
C ILE B 72 -31.28 -16.93 29.05
N PHE B 73 -31.49 -17.98 28.31
CA PHE B 73 -32.64 -17.97 27.35
C PHE B 73 -33.95 -17.93 28.12
N GLU B 74 -34.05 -18.61 29.21
CA GLU B 74 -35.31 -18.59 29.99
C GLU B 74 -35.62 -17.14 30.40
N GLY B 75 -34.61 -16.41 30.80
CA GLY B 75 -34.86 -14.99 31.20
C GLY B 75 -35.38 -14.23 29.98
N HIS B 76 -34.72 -14.37 28.87
CA HIS B 76 -35.18 -13.66 27.64
C HIS B 76 -36.60 -14.12 27.30
N ILE B 77 -36.84 -15.40 27.33
CA ILE B 77 -38.20 -15.90 27.01
C ILE B 77 -39.18 -15.42 28.10
N MET B 78 -38.81 -15.57 29.34
CA MET B 78 -39.73 -15.14 30.43
C MET B 78 -40.01 -13.65 30.32
N LEU B 79 -39.02 -12.87 29.98
CA LEU B 79 -39.23 -11.41 29.85
C LEU B 79 -40.17 -11.14 28.67
N LEU B 80 -40.01 -11.87 27.61
CA LEU B 80 -40.86 -11.66 26.43
C LEU B 80 -42.32 -11.96 26.77
N GLU B 81 -42.55 -12.99 27.56
CA GLU B 81 -43.95 -13.34 27.91
C GLU B 81 -44.43 -12.47 29.09
N ASP B 82 -43.64 -11.53 29.51
CA ASP B 82 -44.07 -10.66 30.66
C ASP B 82 -45.49 -10.13 30.40
N GLU B 83 -46.35 -10.27 31.35
CA GLU B 83 -47.77 -9.80 31.17
C GLU B 83 -47.79 -8.29 30.91
N GLU B 84 -46.76 -7.58 31.26
CA GLU B 84 -46.74 -6.11 31.00
C GLU B 84 -46.60 -5.85 29.49
N LEU B 85 -45.86 -6.68 28.83
CA LEU B 85 -45.68 -6.52 27.35
C LEU B 85 -46.97 -6.85 26.62
N GLU B 86 -47.65 -7.87 27.06
CA GLU B 86 -48.91 -8.26 26.38
C GLU B 86 -49.91 -7.11 26.46
N GLN B 87 -50.10 -6.54 27.62
CA GLN B 87 -51.07 -5.42 27.76
C GLN B 87 -50.54 -4.16 27.05
N GLU B 88 -49.27 -3.86 27.17
CA GLU B 88 -48.71 -2.64 26.52
C GLU B 88 -48.68 -2.77 24.99
N ILE B 89 -48.33 -3.91 24.47
CA ILE B 89 -48.28 -4.06 22.99
C ILE B 89 -49.71 -3.98 22.44
N ILE B 90 -50.63 -4.67 23.06
CA ILE B 90 -52.04 -4.66 22.61
C ILE B 90 -52.68 -3.29 22.82
N ALA B 91 -52.38 -2.64 23.91
CA ALA B 91 -53.00 -1.31 24.19
C ALA B 91 -52.63 -0.31 23.08
N LEU B 92 -51.39 -0.21 22.72
CA LEU B 92 -51.00 0.78 21.66
C LEU B 92 -51.73 0.44 20.35
N ILE B 93 -51.75 -0.81 19.96
CA ILE B 93 -52.46 -1.18 18.71
C ILE B 93 -53.93 -0.82 18.86
N LYS B 94 -54.52 -1.22 19.95
CA LYS B 94 -55.96 -0.92 20.18
C LYS B 94 -56.17 0.58 20.42
N ASP B 95 -55.31 1.20 21.18
CA ASP B 95 -55.50 2.66 21.48
C ASP B 95 -54.96 3.55 20.35
N LYS B 96 -53.74 3.33 19.93
CA LYS B 96 -53.16 4.21 18.86
C LYS B 96 -53.41 3.66 17.45
N HIS B 97 -54.02 2.52 17.32
CA HIS B 97 -54.29 1.95 15.97
C HIS B 97 -52.98 1.84 15.18
N MET B 98 -51.93 1.46 15.86
CA MET B 98 -50.59 1.34 15.22
C MET B 98 -50.38 -0.11 14.75
N THR B 99 -49.35 -0.36 13.99
CA THR B 99 -49.10 -1.75 13.49
C THR B 99 -48.39 -2.57 14.60
N ALA B 100 -48.46 -3.88 14.51
CA ALA B 100 -47.82 -4.73 15.55
C ALA B 100 -46.30 -4.61 15.48
N ASP B 101 -45.73 -4.57 14.30
CA ASP B 101 -44.25 -4.45 14.19
C ASP B 101 -43.82 -3.05 14.64
N ALA B 102 -44.61 -2.04 14.37
CA ALA B 102 -44.23 -0.67 14.81
C ALA B 102 -44.57 -0.48 16.29
N ALA B 103 -45.70 -0.99 16.71
CA ALA B 103 -46.10 -0.83 18.14
C ALA B 103 -45.20 -1.71 19.02
N ALA B 104 -44.98 -2.93 18.65
CA ALA B 104 -44.12 -3.83 19.47
C ALA B 104 -42.70 -3.25 19.56
N HIS B 105 -42.21 -2.69 18.49
CA HIS B 105 -40.83 -2.13 18.51
C HIS B 105 -40.73 -1.03 19.57
N GLU B 106 -41.74 -0.22 19.69
CA GLU B 106 -41.70 0.89 20.68
C GLU B 106 -41.62 0.31 22.10
N VAL B 107 -42.35 -0.74 22.37
CA VAL B 107 -42.35 -1.31 23.75
C VAL B 107 -40.96 -1.84 24.12
N ILE B 108 -40.39 -2.70 23.34
CA ILE B 108 -39.04 -3.24 23.67
C ILE B 108 -38.00 -2.11 23.53
N GLU B 109 -38.13 -1.31 22.53
CA GLU B 109 -37.17 -0.18 22.35
C GLU B 109 -37.34 0.79 23.52
N GLY B 110 -38.57 1.02 23.93
CA GLY B 110 -38.83 1.96 25.05
C GLY B 110 -38.08 1.51 26.30
N GLN B 111 -38.18 0.25 26.68
CA GLN B 111 -37.44 -0.19 27.90
C GLN B 111 -35.94 -0.14 27.63
N ALA B 112 -35.48 -0.75 26.57
CA ALA B 112 -34.03 -0.72 26.27
C ALA B 112 -33.57 0.74 26.21
N SER B 113 -34.35 1.60 25.64
CA SER B 113 -33.96 3.03 25.55
C SER B 113 -33.77 3.57 26.96
N ALA B 114 -34.61 3.20 27.88
CA ALA B 114 -34.46 3.68 29.27
C ALA B 114 -33.14 3.16 29.84
N LEU B 115 -32.82 1.93 29.55
CA LEU B 115 -31.55 1.35 30.09
C LEU B 115 -30.35 2.12 29.53
N GLU B 116 -30.37 2.50 28.29
CA GLU B 116 -29.20 3.24 27.73
C GLU B 116 -29.00 4.54 28.49
N GLU B 117 -30.07 5.17 28.92
CA GLU B 117 -29.91 6.43 29.69
C GLU B 117 -28.99 6.18 30.88
N LEU B 118 -28.84 4.94 31.28
CA LEU B 118 -27.98 4.63 32.45
C LEU B 118 -26.54 5.02 32.13
N ASP B 119 -25.79 5.44 33.12
CA ASP B 119 -24.37 5.85 32.89
C ASP B 119 -23.43 4.69 33.28
N ASP B 120 -23.78 3.47 32.94
CA ASP B 120 -22.91 2.30 33.28
C ASP B 120 -22.72 1.40 32.06
N GLU B 121 -21.50 0.99 31.81
CA GLU B 121 -21.20 0.10 30.64
C GLU B 121 -21.76 -1.31 30.89
N TYR B 122 -21.83 -1.71 32.13
CA TYR B 122 -22.37 -3.06 32.47
C TYR B 122 -23.89 -3.11 32.26
N LEU B 123 -24.58 -2.07 32.62
CA LEU B 123 -26.06 -2.07 32.43
C LEU B 123 -26.36 -1.89 30.94
N LYS B 124 -25.54 -1.13 30.27
CA LYS B 124 -25.77 -0.90 28.80
C LYS B 124 -25.67 -2.22 28.03
N GLU B 125 -24.73 -3.07 28.35
CA GLU B 125 -24.62 -4.37 27.61
C GLU B 125 -25.91 -5.17 27.79
N ARG B 126 -26.43 -5.25 28.99
CA ARG B 126 -27.69 -6.02 29.18
C ARG B 126 -28.78 -5.39 28.32
N ALA B 127 -28.76 -4.10 28.19
CA ALA B 127 -29.78 -3.44 27.33
C ALA B 127 -29.61 -3.96 25.89
N ALA B 128 -28.41 -4.39 25.57
CA ALA B 128 -28.16 -4.94 24.21
C ALA B 128 -28.87 -6.29 24.08
N ASP B 129 -28.84 -7.08 25.11
CA ASP B 129 -29.51 -8.41 25.07
C ASP B 129 -31.02 -8.21 24.98
N VAL B 130 -31.54 -7.25 25.69
CA VAL B 130 -33.01 -7.00 25.62
C VAL B 130 -33.37 -6.45 24.24
N ARG B 131 -32.55 -5.60 23.71
CA ARG B 131 -32.81 -5.04 22.35
C ARG B 131 -32.85 -6.18 21.32
N ASP B 132 -31.97 -7.13 21.47
CA ASP B 132 -31.90 -8.28 20.52
C ASP B 132 -33.23 -9.04 20.51
N ILE B 133 -33.83 -9.21 21.67
CA ILE B 133 -35.11 -9.96 21.73
C ILE B 133 -36.16 -9.27 20.85
N GLY B 134 -36.27 -7.98 20.95
CA GLY B 134 -37.29 -7.25 20.13
C GLY B 134 -36.87 -7.23 18.65
N LYS B 135 -35.59 -7.15 18.40
CA LYS B 135 -35.11 -7.10 16.99
C LYS B 135 -35.56 -8.38 16.26
N ARG B 136 -35.35 -9.52 16.85
CA ARG B 136 -35.76 -10.80 16.20
C ARG B 136 -37.28 -10.90 16.16
N LEU B 137 -37.94 -10.34 17.12
CA LEU B 137 -39.43 -10.42 17.15
C LEU B 137 -39.97 -9.83 15.86
N LEU B 138 -39.42 -8.73 15.43
CA LEU B 138 -39.89 -8.10 14.16
C LEU B 138 -39.68 -9.09 13.01
N ARG B 139 -38.57 -9.78 13.01
CA ARG B 139 -38.35 -10.75 11.89
C ARG B 139 -39.36 -11.90 12.04
N ASN B 140 -39.62 -12.32 13.24
CA ASN B 140 -40.58 -13.44 13.49
C ASN B 140 -41.99 -13.06 13.02
N ILE B 141 -42.42 -11.85 13.19
CA ILE B 141 -43.78 -11.47 12.73
C ILE B 141 -43.77 -11.44 11.20
N LEU B 142 -42.74 -10.86 10.63
CA LEU B 142 -42.65 -10.80 9.15
C LEU B 142 -42.38 -12.21 8.60
N GLY B 143 -41.65 -13.00 9.34
CA GLY B 143 -41.43 -14.39 8.90
C GLY B 143 -40.18 -14.63 8.13
N LEU B 144 -39.32 -13.68 8.13
CA LEU B 144 -38.11 -13.84 7.41
C LEU B 144 -37.33 -14.95 8.09
N LYS B 145 -36.67 -15.78 7.29
CA LYS B 145 -35.95 -16.91 7.85
C LYS B 145 -34.96 -16.43 8.89
N ILE B 146 -34.67 -17.29 9.84
CA ILE B 146 -33.73 -16.96 10.89
C ILE B 146 -32.46 -17.69 10.58
N ILE B 147 -31.38 -16.96 10.34
CA ILE B 147 -30.12 -17.64 9.95
C ILE B 147 -28.92 -17.39 10.86
N ASP B 148 -28.99 -17.57 12.15
CA ASP B 148 -27.68 -17.53 12.88
C ASP B 148 -27.06 -18.74 12.18
N LEU B 149 -25.79 -18.92 11.91
CA LEU B 149 -25.55 -20.13 11.07
C LEU B 149 -25.52 -21.38 11.95
N SER B 150 -25.67 -21.23 13.23
CA SER B 150 -25.63 -22.43 14.12
C SER B 150 -27.03 -23.08 14.19
N ALA B 151 -28.05 -22.38 13.76
CA ALA B 151 -29.44 -22.94 13.84
C ALA B 151 -29.73 -23.88 12.66
N ILE B 152 -28.74 -24.52 12.11
CA ILE B 152 -29.01 -25.44 10.95
C ILE B 152 -29.32 -26.85 11.46
N GLN B 153 -30.50 -27.36 11.17
CA GLN B 153 -30.88 -28.73 11.62
C GLN B 153 -30.71 -29.74 10.47
N ASP B 154 -30.56 -29.27 9.24
CA ASP B 154 -30.42 -30.22 8.08
C ASP B 154 -29.17 -29.91 7.26
N GLU B 155 -28.62 -30.92 6.63
CA GLU B 155 -27.40 -30.71 5.80
C GLU B 155 -27.76 -29.77 4.64
N VAL B 156 -26.94 -28.79 4.39
CA VAL B 156 -27.23 -27.85 3.26
C VAL B 156 -25.92 -27.28 2.72
N ILE B 157 -25.97 -26.67 1.55
CA ILE B 157 -24.73 -26.04 1.00
C ILE B 157 -24.80 -24.57 1.44
N LEU B 158 -23.68 -23.96 1.68
CA LEU B 158 -23.70 -22.54 2.16
C LEU B 158 -23.42 -21.58 0.99
N VAL B 159 -24.37 -20.73 0.68
CA VAL B 159 -24.19 -19.75 -0.45
C VAL B 159 -24.34 -18.33 0.12
N ALA B 160 -23.41 -17.45 -0.17
CA ALA B 160 -23.51 -16.06 0.37
C ALA B 160 -22.68 -15.12 -0.53
N ALA B 161 -22.92 -13.85 -0.47
CA ALA B 161 -22.10 -12.94 -1.30
C ALA B 161 -20.67 -12.94 -0.73
N ASP B 162 -20.56 -13.01 0.57
CA ASP B 162 -19.22 -13.04 1.21
C ASP B 162 -19.41 -13.35 2.71
N LEU B 163 -18.48 -14.06 3.31
CA LEU B 163 -18.60 -14.43 4.76
C LEU B 163 -17.52 -13.71 5.57
N THR B 164 -17.86 -13.19 6.73
CA THR B 164 -16.86 -12.50 7.58
C THR B 164 -16.28 -13.51 8.59
N PRO B 165 -15.02 -13.40 8.95
CA PRO B 165 -14.37 -14.33 9.92
C PRO B 165 -15.32 -14.70 11.08
N SER B 166 -16.11 -13.77 11.54
CA SER B 166 -17.03 -14.06 12.68
C SER B 166 -17.98 -15.21 12.31
N GLU B 167 -18.47 -15.22 11.10
CA GLU B 167 -19.42 -16.31 10.73
C GLU B 167 -18.68 -17.65 10.66
N THR B 168 -17.48 -17.66 10.13
CA THR B 168 -16.73 -18.94 10.00
C THR B 168 -16.59 -19.66 11.35
N ALA B 169 -16.52 -18.94 12.43
CA ALA B 169 -16.37 -19.62 13.76
C ALA B 169 -17.69 -20.28 14.16
N GLN B 170 -18.76 -19.53 14.16
CA GLN B 170 -20.07 -20.08 14.56
C GLN B 170 -20.71 -20.77 13.36
N LEU B 171 -19.91 -21.41 12.55
CA LEU B 171 -20.44 -22.11 11.35
C LEU B 171 -20.43 -23.62 11.60
N ASN B 172 -21.46 -24.32 11.18
CA ASN B 172 -21.51 -25.80 11.38
C ASN B 172 -20.77 -26.50 10.23
N LEU B 173 -19.57 -26.95 10.47
CA LEU B 173 -18.80 -27.62 9.38
C LEU B 173 -19.47 -28.93 8.98
N LYS B 174 -19.98 -29.69 9.92
CA LYS B 174 -20.60 -31.00 9.58
C LYS B 174 -21.93 -30.83 8.82
N LYS B 175 -22.65 -29.77 9.04
CA LYS B 175 -23.95 -29.61 8.33
C LYS B 175 -23.77 -28.81 7.05
N VAL B 176 -22.60 -28.27 6.82
CA VAL B 176 -22.35 -27.52 5.55
C VAL B 176 -21.54 -28.44 4.63
N LEU B 177 -22.11 -28.86 3.54
CA LEU B 177 -21.38 -29.80 2.63
C LEU B 177 -20.46 -29.04 1.68
N GLY B 178 -20.33 -27.76 1.85
CA GLY B 178 -19.43 -26.99 0.95
C GLY B 178 -19.66 -25.50 1.18
N PHE B 179 -18.86 -24.68 0.54
CA PHE B 179 -19.01 -23.21 0.71
C PHE B 179 -18.96 -22.56 -0.67
N ILE B 180 -19.91 -21.72 -0.99
CA ILE B 180 -19.91 -21.04 -2.31
C ILE B 180 -20.16 -19.55 -2.10
N THR B 181 -19.30 -18.71 -2.62
CA THR B 181 -19.48 -17.24 -2.43
C THR B 181 -18.91 -16.47 -3.61
N ASP B 182 -19.33 -15.23 -3.75
CA ASP B 182 -18.84 -14.37 -4.87
C ASP B 182 -17.81 -13.36 -4.34
N ALA B 183 -17.15 -13.66 -3.24
CA ALA B 183 -16.16 -12.69 -2.68
C ALA B 183 -15.10 -12.30 -3.71
N GLY B 184 -14.01 -11.73 -3.26
CA GLY B 184 -12.92 -11.30 -4.19
C GLY B 184 -12.13 -12.52 -4.70
N GLY B 185 -11.64 -13.35 -3.82
CA GLY B 185 -10.86 -14.53 -4.30
C GLY B 185 -10.21 -15.26 -3.12
N ARG B 186 -9.03 -15.78 -3.34
CA ARG B 186 -8.31 -16.51 -2.26
C ARG B 186 -7.95 -15.54 -1.13
N THR B 187 -7.82 -14.28 -1.45
CA THR B 187 -7.45 -13.29 -0.39
C THR B 187 -8.58 -13.21 0.63
N SER B 188 -9.60 -14.01 0.47
CA SER B 188 -10.75 -13.98 1.43
C SER B 188 -10.52 -15.01 2.55
N HIS B 189 -10.70 -14.62 3.78
CA HIS B 189 -10.48 -15.54 4.95
C HIS B 189 -11.19 -16.88 4.72
N THR B 190 -12.46 -16.85 4.45
CA THR B 190 -13.20 -18.13 4.25
C THR B 190 -12.55 -18.97 3.14
N SER B 191 -12.03 -18.36 2.12
CA SER B 191 -11.41 -19.14 1.01
C SER B 191 -10.25 -20.00 1.55
N ILE B 192 -9.46 -19.47 2.44
CA ILE B 192 -8.33 -20.26 2.99
C ILE B 192 -8.88 -21.47 3.73
N MET B 193 -9.97 -21.31 4.43
CA MET B 193 -10.54 -22.47 5.19
C MET B 193 -10.89 -23.62 4.24
N ALA B 194 -11.44 -23.34 3.09
CA ALA B 194 -11.78 -24.45 2.16
C ALA B 194 -10.51 -25.22 1.84
N ARG B 195 -9.43 -24.53 1.62
CA ARG B 195 -8.15 -25.23 1.30
C ARG B 195 -7.77 -26.14 2.48
N SER B 196 -7.61 -25.57 3.64
CA SER B 196 -7.21 -26.36 4.84
C SER B 196 -8.26 -27.41 5.20
N LEU B 197 -9.53 -27.07 5.10
CA LEU B 197 -10.59 -28.07 5.46
C LEU B 197 -10.63 -29.17 4.41
N GLU B 198 -10.17 -28.87 3.23
CA GLU B 198 -10.19 -29.87 2.11
C GLU B 198 -11.63 -30.22 1.73
N LEU B 199 -12.45 -29.22 1.54
CA LEU B 199 -13.88 -29.44 1.13
C LEU B 199 -14.14 -28.64 -0.14
N PRO B 200 -14.94 -29.15 -1.07
CA PRO B 200 -15.23 -28.41 -2.35
C PRO B 200 -15.87 -27.03 -2.10
N ALA B 201 -15.45 -26.02 -2.82
CA ALA B 201 -16.05 -24.66 -2.60
C ALA B 201 -15.58 -23.65 -3.67
N ILE B 202 -16.42 -22.69 -3.96
CA ILE B 202 -16.07 -21.61 -4.95
C ILE B 202 -16.19 -20.26 -4.23
N VAL B 203 -15.38 -19.29 -4.63
CA VAL B 203 -15.44 -17.94 -3.95
C VAL B 203 -15.58 -16.83 -5.00
N GLY B 204 -15.41 -17.15 -6.26
CA GLY B 204 -15.49 -16.12 -7.35
C GLY B 204 -16.73 -16.34 -8.22
N THR B 205 -17.74 -16.99 -7.71
CA THR B 205 -18.96 -17.24 -8.53
C THR B 205 -19.36 -15.97 -9.27
N GLY B 206 -19.33 -14.85 -8.61
CA GLY B 206 -19.69 -13.57 -9.28
C GLY B 206 -21.17 -13.21 -9.06
N SER B 207 -22.07 -14.13 -9.31
CA SER B 207 -23.52 -13.79 -9.12
C SER B 207 -24.38 -15.05 -9.00
N VAL B 208 -23.89 -16.05 -8.31
CA VAL B 208 -24.71 -17.29 -8.16
C VAL B 208 -25.82 -17.07 -7.13
N THR B 209 -25.51 -16.39 -6.05
CA THR B 209 -26.54 -16.16 -4.99
C THR B 209 -27.77 -15.46 -5.57
N SER B 210 -27.59 -14.63 -6.56
CA SER B 210 -28.75 -13.92 -7.15
C SER B 210 -29.55 -14.87 -8.04
N GLN B 211 -28.96 -16.00 -8.36
CA GLN B 211 -29.65 -16.99 -9.22
C GLN B 211 -30.21 -18.14 -8.36
N VAL B 212 -29.78 -18.21 -7.12
CA VAL B 212 -30.25 -19.33 -6.23
C VAL B 212 -31.20 -18.82 -5.14
N LYS B 213 -32.21 -19.60 -4.83
CA LYS B 213 -33.17 -19.24 -3.74
C LYS B 213 -32.91 -20.26 -2.63
N ASN B 214 -33.23 -19.97 -1.41
CA ASN B 214 -32.97 -20.99 -0.36
C ASN B 214 -33.79 -22.24 -0.68
N ASP B 215 -33.31 -23.38 -0.24
CA ASP B 215 -34.02 -24.69 -0.47
C ASP B 215 -33.85 -25.16 -1.93
N ASP B 216 -33.00 -24.51 -2.68
CA ASP B 216 -32.79 -24.96 -4.08
C ASP B 216 -31.85 -26.17 -4.06
N TYR B 217 -32.07 -27.13 -4.92
CA TYR B 217 -31.16 -28.32 -4.96
C TYR B 217 -30.05 -28.03 -5.96
N LEU B 218 -28.81 -28.08 -5.53
CA LEU B 218 -27.68 -27.77 -6.46
C LEU B 218 -26.61 -28.86 -6.39
N ILE B 219 -25.95 -29.12 -7.50
CA ILE B 219 -24.86 -30.14 -7.49
C ILE B 219 -23.57 -29.37 -7.84
N LEU B 220 -22.56 -29.49 -7.01
CA LEU B 220 -21.29 -28.74 -7.27
C LEU B 220 -20.28 -29.68 -7.94
N ASP B 221 -19.87 -29.36 -9.13
CA ASP B 221 -18.87 -30.22 -9.83
C ASP B 221 -17.50 -29.97 -9.22
N ALA B 222 -17.15 -28.73 -9.02
CA ALA B 222 -15.82 -28.41 -8.43
C ALA B 222 -14.75 -29.18 -9.22
N VAL B 223 -15.11 -29.68 -10.37
CA VAL B 223 -14.15 -30.43 -11.24
C VAL B 223 -14.26 -29.83 -12.64
N ASN B 224 -15.47 -29.66 -13.11
CA ASN B 224 -15.68 -29.02 -14.45
C ASN B 224 -15.98 -27.55 -14.18
N ASN B 225 -15.98 -27.19 -12.92
CA ASN B 225 -16.27 -25.79 -12.53
C ASN B 225 -17.67 -25.40 -13.01
N GLN B 226 -18.64 -26.24 -12.78
CA GLN B 226 -20.04 -25.94 -13.22
C GLN B 226 -21.03 -26.25 -12.09
N VAL B 227 -22.17 -25.61 -12.09
CA VAL B 227 -23.22 -25.88 -11.05
C VAL B 227 -24.51 -26.27 -11.76
N TYR B 228 -25.12 -27.36 -11.35
CA TYR B 228 -26.40 -27.78 -12.00
C TYR B 228 -27.58 -27.43 -11.08
N VAL B 229 -28.51 -26.66 -11.59
CA VAL B 229 -29.69 -26.23 -10.77
C VAL B 229 -30.92 -27.08 -11.11
N ASN B 230 -31.40 -27.87 -10.18
CA ASN B 230 -32.61 -28.71 -10.45
C ASN B 230 -32.41 -29.57 -11.71
N PRO B 231 -31.26 -30.13 -11.89
CA PRO B 231 -30.93 -30.96 -13.09
C PRO B 231 -31.66 -32.30 -13.20
N THR B 232 -31.45 -32.94 -14.32
CA THR B 232 -32.02 -34.27 -14.55
C THR B 232 -31.18 -35.27 -13.74
N ASN B 233 -31.66 -36.45 -13.53
CA ASN B 233 -30.85 -37.44 -12.75
C ASN B 233 -29.58 -37.78 -13.54
N GLU B 234 -29.61 -37.58 -14.83
CA GLU B 234 -28.43 -37.88 -15.68
C GLU B 234 -27.22 -37.05 -15.20
N VAL B 235 -27.40 -35.78 -15.04
CA VAL B 235 -26.28 -34.90 -14.58
C VAL B 235 -25.84 -35.33 -13.19
N ILE B 236 -26.76 -35.55 -12.30
CA ILE B 236 -26.38 -35.99 -10.98
C ILE B 236 -25.48 -37.21 -11.02
N ASP B 237 -25.86 -38.19 -11.84
CA ASP B 237 -25.15 -39.44 -11.98
C ASP B 237 -23.75 -39.21 -12.52
N LYS B 238 -23.64 -38.42 -13.58
CA LYS B 238 -22.33 -38.02 -14.07
C LYS B 238 -21.54 -37.42 -12.95
N MET B 239 -22.19 -36.54 -12.18
CA MET B 239 -21.53 -35.85 -11.06
C MET B 239 -21.23 -36.79 -9.91
N ARG B 240 -21.98 -37.88 -9.84
CA ARG B 240 -21.66 -38.88 -8.84
C ARG B 240 -20.45 -39.70 -9.30
N ALA B 241 -20.30 -39.88 -10.61
CA ALA B 241 -19.10 -40.56 -11.09
C ALA B 241 -17.89 -39.65 -10.85
N VAL B 242 -18.10 -38.36 -10.95
CA VAL B 242 -17.01 -37.45 -10.74
C VAL B 242 -16.64 -37.47 -9.27
N GLN B 243 -17.65 -37.52 -8.42
CA GLN B 243 -17.40 -37.57 -7.00
C GLN B 243 -16.57 -38.78 -6.56
N GLU B 244 -16.84 -39.89 -7.21
CA GLU B 244 -16.23 -41.17 -6.97
C GLU B 244 -14.80 -41.19 -7.48
N GLN B 245 -14.57 -40.48 -8.58
CA GLN B 245 -13.27 -40.45 -9.21
C GLN B 245 -12.35 -39.66 -8.31
N VAL B 246 -12.92 -38.67 -7.65
CA VAL B 246 -12.18 -37.89 -6.70
C VAL B 246 -11.71 -38.79 -5.58
N ALA B 247 -12.59 -39.64 -5.06
CA ALA B 247 -12.22 -40.61 -4.02
C ALA B 247 -11.12 -41.58 -4.43
N SER B 248 -11.18 -42.09 -5.66
CA SER B 248 -10.11 -42.97 -6.14
C SER B 248 -8.72 -42.34 -6.08
N GLU B 249 -8.65 -41.06 -6.44
CA GLU B 249 -7.41 -40.33 -6.36
C GLU B 249 -6.91 -40.24 -4.93
N LYS B 250 -7.79 -39.86 -4.01
CA LYS B 250 -7.43 -39.81 -2.62
C LYS B 250 -6.76 -41.11 -2.26
N ALA B 251 -7.37 -42.21 -2.69
CA ALA B 251 -6.87 -43.54 -2.37
C ALA B 251 -5.47 -43.75 -2.95
N GLU B 252 -5.29 -43.55 -4.26
CA GLU B 252 -3.96 -43.67 -4.85
C GLU B 252 -2.93 -42.76 -4.19
N LEU B 253 -3.33 -41.51 -3.84
CA LEU B 253 -2.45 -40.49 -3.28
C LEU B 253 -2.13 -40.74 -1.81
N ALA B 254 -3.01 -41.46 -1.14
CA ALA B 254 -2.81 -41.83 0.27
C ALA B 254 -1.68 -42.80 0.42
N LYS B 255 -1.22 -43.37 -0.69
CA LYS B 255 -0.04 -44.30 -0.61
C LYS B 255 1.22 -43.58 -0.03
N LEU B 256 1.99 -44.25 0.90
CA LEU B 256 3.23 -43.62 1.47
C LEU B 256 4.42 -44.62 1.53
N LYS B 257 5.66 -44.08 1.70
CA LYS B 257 6.90 -44.90 1.75
C LYS B 257 8.00 -44.24 2.63
N ASP B 258 8.87 -45.08 3.24
CA ASP B 258 9.97 -44.56 4.07
C ASP B 258 11.12 -44.07 3.16
N LEU B 259 12.23 -43.57 3.76
CA LEU B 259 13.32 -43.02 2.94
C LEU B 259 12.67 -42.12 1.89
N PRO B 260 11.89 -41.18 2.34
CA PRO B 260 11.12 -40.23 1.47
C PRO B 260 11.97 -39.20 0.75
N ALA B 261 11.41 -38.72 -0.36
CA ALA B 261 12.01 -37.68 -1.18
C ALA B 261 13.37 -38.04 -1.79
N ILE B 262 13.47 -39.22 -2.41
CA ILE B 262 14.71 -39.58 -3.13
C ILE B 262 14.40 -39.81 -4.60
N THR B 263 15.11 -39.09 -5.46
CA THR B 263 15.07 -39.34 -6.87
C THR B 263 15.50 -40.79 -7.18
N LEU B 264 15.06 -41.27 -8.34
CA LEU B 264 15.50 -42.55 -8.90
C LEU B 264 16.99 -42.80 -8.72
N ASP B 265 17.80 -41.80 -9.00
CA ASP B 265 19.25 -41.92 -8.93
C ASP B 265 19.86 -41.54 -7.58
N GLY B 266 19.08 -41.55 -6.51
CA GLY B 266 19.66 -41.44 -5.15
C GLY B 266 19.83 -40.09 -4.46
N HIS B 267 19.21 -39.05 -4.99
CA HIS B 267 19.39 -37.70 -4.44
C HIS B 267 18.24 -37.46 -3.50
N GLN B 268 18.57 -37.14 -2.25
CA GLN B 268 17.56 -36.89 -1.24
C GLN B 268 17.37 -35.42 -0.89
N VAL B 269 16.11 -35.04 -0.67
CA VAL B 269 15.80 -33.70 -0.14
C VAL B 269 14.82 -33.83 1.03
N GLU B 270 14.73 -32.83 1.88
CA GLU B 270 13.70 -32.86 2.86
C GLU B 270 12.43 -32.26 2.24
N VAL B 271 11.30 -32.68 2.78
CA VAL B 271 10.03 -32.23 2.29
C VAL B 271 9.17 -32.12 3.54
N CYS B 272 8.74 -30.90 3.85
CA CYS B 272 8.16 -30.64 5.15
C CYS B 272 6.96 -29.80 4.99
N ALA B 273 6.24 -29.64 6.10
CA ALA B 273 5.05 -28.83 6.09
C ALA B 273 5.36 -27.44 6.62
N ASN B 274 4.74 -26.44 6.00
CA ASN B 274 4.63 -25.15 6.61
C ASN B 274 3.46 -25.27 7.52
N ILE B 275 3.54 -24.75 8.74
CA ILE B 275 2.36 -24.77 9.65
C ILE B 275 2.09 -23.41 10.28
N GLY B 276 0.90 -23.33 10.89
CA GLY B 276 0.47 -22.15 11.58
C GLY B 276 0.19 -22.36 13.05
N THR B 277 0.01 -23.61 13.48
CA THR B 277 -0.70 -23.96 14.72
C THR B 277 -0.50 -25.44 14.95
N VAL B 278 -0.20 -25.91 16.18
CA VAL B 278 -0.22 -27.38 16.47
C VAL B 278 -1.22 -28.16 15.63
N ARG B 279 -2.40 -27.56 15.42
CA ARG B 279 -3.46 -28.22 14.69
C ARG B 279 -3.06 -28.60 13.26
N ASP B 280 -1.99 -28.01 12.76
CA ASP B 280 -1.56 -28.25 11.41
C ASP B 280 -0.62 -29.46 11.38
N VAL B 281 -0.14 -29.86 12.56
CA VAL B 281 0.78 -30.97 12.67
C VAL B 281 0.07 -32.25 12.21
N GLU B 282 -1.22 -32.26 12.44
CA GLU B 282 -2.01 -33.39 12.09
C GLU B 282 -1.94 -33.59 10.57
N GLY B 283 -2.38 -32.59 9.80
CA GLY B 283 -2.21 -32.60 8.33
C GLY B 283 -0.80 -32.93 7.88
N ALA B 284 0.20 -32.46 8.60
CA ALA B 284 1.58 -32.71 8.21
C ALA B 284 1.94 -34.19 8.32
N GLU B 285 1.49 -34.81 9.42
CA GLU B 285 1.80 -36.20 9.66
C GLU B 285 0.99 -37.00 8.66
N ARG B 286 -0.23 -36.53 8.42
CA ARG B 286 -1.15 -37.19 7.50
C ARG B 286 -0.57 -37.30 6.08
N ASN B 287 0.17 -36.28 5.67
CA ASN B 287 0.65 -36.12 4.33
C ASN B 287 2.11 -36.44 4.17
N GLY B 288 2.69 -37.00 5.22
CA GLY B 288 4.00 -37.62 5.08
C GLY B 288 5.16 -36.67 5.23
N ALA B 289 4.90 -35.52 5.84
CA ALA B 289 5.90 -34.50 6.13
C ALA B 289 7.03 -35.10 6.92
N GLU B 290 8.27 -34.75 6.61
CA GLU B 290 9.42 -35.25 7.38
C GLU B 290 9.84 -34.28 8.49
N GLY B 291 9.11 -33.19 8.66
CA GLY B 291 9.37 -32.20 9.71
C GLY B 291 8.63 -30.95 9.30
N VAL B 292 8.83 -29.86 10.03
CA VAL B 292 8.19 -28.60 9.73
C VAL B 292 9.24 -27.61 9.25
N GLY B 293 8.99 -27.02 8.09
CA GLY B 293 9.99 -26.20 7.43
C GLY B 293 9.73 -24.74 7.73
N LEU B 294 8.55 -24.43 8.23
CA LEU B 294 8.24 -23.05 8.55
C LEU B 294 7.04 -23.02 9.45
N TYR B 295 7.23 -22.46 10.64
CA TYR B 295 6.21 -22.34 11.62
C TYR B 295 6.02 -20.86 11.65
N ARG B 296 5.03 -20.42 10.88
CA ARG B 296 4.62 -19.02 10.80
C ARG B 296 4.04 -18.66 12.15
N THR B 297 4.83 -18.05 13.01
CA THR B 297 4.34 -17.78 14.36
C THR B 297 3.25 -16.70 14.41
N GLU B 298 3.15 -15.84 13.38
CA GLU B 298 2.07 -14.85 13.29
C GLU B 298 0.75 -15.52 13.51
N PHE B 299 0.61 -16.69 12.91
CA PHE B 299 -0.66 -17.37 12.82
C PHE B 299 -1.10 -17.74 14.22
N LEU B 300 -0.13 -18.08 15.06
CA LEU B 300 -0.44 -18.33 16.43
C LEU B 300 -0.92 -17.04 17.08
N PHE B 301 -0.42 -15.91 16.63
CA PHE B 301 -0.77 -14.62 17.20
C PHE B 301 -2.16 -14.21 16.75
N MET B 302 -2.58 -14.71 15.60
CA MET B 302 -3.94 -14.41 15.12
C MET B 302 -4.89 -15.51 15.56
N ASP B 303 -4.38 -16.42 16.36
CA ASP B 303 -5.20 -17.46 16.94
C ASP B 303 -5.75 -17.03 18.31
N ARG B 304 -5.48 -15.77 18.68
CA ARG B 304 -5.74 -15.18 20.02
C ARG B 304 -6.25 -13.74 19.90
N ASP B 305 -6.92 -13.18 20.95
CA ASP B 305 -7.28 -11.75 20.89
C ASP B 305 -6.41 -10.84 21.76
N ALA B 306 -5.21 -11.31 22.07
CA ALA B 306 -4.21 -10.52 22.80
C ALA B 306 -2.86 -10.98 22.35
N LEU B 307 -1.85 -10.13 22.55
CA LEU B 307 -0.46 -10.51 22.24
C LEU B 307 -0.01 -11.61 23.20
N PRO B 308 0.47 -12.75 22.66
CA PRO B 308 0.85 -13.85 23.56
C PRO B 308 2.17 -13.61 24.26
N THR B 309 2.17 -13.74 25.57
CA THR B 309 3.31 -13.42 26.39
C THR B 309 4.41 -14.42 26.18
N GLU B 310 5.53 -14.20 26.84
CA GLU B 310 6.56 -15.19 26.76
C GLU B 310 5.99 -16.57 27.09
N GLU B 311 5.26 -16.63 28.19
CA GLU B 311 4.77 -17.91 28.72
C GLU B 311 3.77 -18.58 27.74
N GLU B 312 2.87 -17.78 27.16
CA GLU B 312 1.88 -18.36 26.26
C GLU B 312 2.58 -18.87 25.02
N GLN B 313 3.62 -18.16 24.61
CA GLN B 313 4.33 -18.52 23.40
C GLN B 313 5.10 -19.80 23.65
N PHE B 314 5.79 -19.81 24.78
CA PHE B 314 6.54 -20.95 25.17
C PHE B 314 5.66 -22.19 25.11
N ALA B 315 4.43 -22.09 25.65
CA ALA B 315 3.56 -23.24 25.79
C ALA B 315 3.17 -23.73 24.42
N ALA B 316 2.83 -22.77 23.58
CA ALA B 316 2.40 -22.99 22.23
C ALA B 316 3.52 -23.66 21.46
N TYR B 317 4.74 -23.14 21.61
CA TYR B 317 5.92 -23.71 20.95
C TYR B 317 6.22 -25.10 21.44
N LYS B 318 6.10 -25.29 22.76
CA LYS B 318 6.37 -26.57 23.45
C LYS B 318 5.42 -27.58 22.87
N ALA B 319 4.13 -27.24 22.84
CA ALA B 319 3.16 -28.16 22.28
C ALA B 319 3.59 -28.59 20.88
N VAL B 320 3.97 -27.63 20.03
CA VAL B 320 4.27 -27.94 18.65
C VAL B 320 5.46 -28.89 18.67
N ALA B 321 6.51 -28.49 19.38
CA ALA B 321 7.74 -29.26 19.44
C ALA B 321 7.45 -30.69 19.82
N GLU B 322 6.43 -30.85 20.63
CA GLU B 322 6.10 -32.15 21.14
C GLU B 322 5.14 -32.86 20.21
N ALA B 323 4.22 -32.14 19.61
CA ALA B 323 3.34 -32.75 18.63
C ALA B 323 4.11 -33.15 17.41
N CYS B 324 5.36 -32.71 17.32
CA CYS B 324 6.17 -33.13 16.21
C CYS B 324 7.09 -34.28 16.50
N GLY B 325 7.09 -34.77 17.73
CA GLY B 325 7.87 -35.94 18.08
C GLY B 325 9.34 -35.73 17.83
N SER B 326 9.92 -36.60 17.03
CA SER B 326 11.34 -36.57 16.78
C SER B 326 11.67 -35.44 15.84
N GLN B 327 10.65 -34.95 15.12
CA GLN B 327 10.88 -34.04 13.99
C GLN B 327 11.26 -32.60 14.36
N ALA B 328 12.01 -31.99 13.47
CA ALA B 328 12.53 -30.63 13.63
C ALA B 328 11.49 -29.61 13.19
N VAL B 329 11.28 -28.56 13.97
CA VAL B 329 10.42 -27.47 13.54
C VAL B 329 11.25 -26.20 13.30
N ILE B 330 11.05 -25.55 12.17
CA ILE B 330 11.72 -24.28 11.92
C ILE B 330 10.74 -23.18 12.31
N VAL B 331 10.96 -22.63 13.50
CA VAL B 331 10.09 -21.66 14.09
C VAL B 331 10.54 -20.32 13.55
N ARG B 332 9.69 -19.66 12.77
CA ARG B 332 10.07 -18.34 12.27
C ARG B 332 9.56 -17.34 13.26
N THR B 333 10.41 -16.40 13.60
CA THR B 333 9.95 -15.29 14.43
C THR B 333 8.95 -14.52 13.59
N MET B 334 8.20 -13.71 14.30
CA MET B 334 6.91 -13.20 13.87
C MET B 334 6.97 -12.27 12.67
N ASP B 335 6.01 -12.45 11.75
CA ASP B 335 5.95 -11.66 10.56
C ASP B 335 4.57 -11.05 10.40
N ILE B 336 4.38 -9.94 11.09
CA ILE B 336 3.21 -9.15 10.97
C ILE B 336 3.50 -7.95 10.08
N GLY B 337 2.52 -7.53 9.27
CA GLY B 337 2.58 -6.21 8.69
C GLY B 337 2.58 -6.00 7.18
N GLY B 338 2.28 -7.04 6.42
CA GLY B 338 2.06 -6.77 5.02
C GLY B 338 0.58 -6.96 4.92
N ASP B 339 0.16 -7.99 4.22
CA ASP B 339 -1.24 -8.35 4.29
C ASP B 339 -1.57 -9.07 5.59
N LYS B 340 -0.63 -9.24 6.51
CA LYS B 340 -1.00 -9.83 7.80
C LYS B 340 -0.86 -8.92 9.03
N GLU B 341 -1.90 -8.14 9.21
CA GLU B 341 -1.97 -7.37 10.38
C GLU B 341 -2.57 -8.23 11.47
N LEU B 342 -2.22 -7.96 12.72
CA LEU B 342 -3.10 -8.34 13.80
C LEU B 342 -3.77 -7.12 14.41
N PRO B 343 -5.07 -6.99 14.13
CA PRO B 343 -5.95 -5.91 14.55
C PRO B 343 -5.71 -5.54 16.01
N TYR B 344 -5.59 -6.52 16.90
CA TYR B 344 -5.34 -6.17 18.31
C TYR B 344 -4.11 -5.30 18.59
N MET B 345 -3.24 -5.16 17.59
CA MET B 345 -2.04 -4.33 17.79
C MET B 345 -2.32 -2.89 17.49
N ASN B 346 -3.40 -2.65 16.76
CA ASN B 346 -3.79 -1.28 16.39
C ASN B 346 -2.67 -0.47 15.76
N PHE B 347 -1.75 -1.14 15.08
CA PHE B 347 -0.70 -0.41 14.40
C PHE B 347 -1.33 0.59 13.47
N PRO B 348 -0.61 1.68 13.17
CA PRO B 348 -1.14 2.65 12.21
C PRO B 348 -1.08 2.15 10.77
N LYS B 349 -1.91 2.74 9.91
CA LYS B 349 -1.93 2.38 8.50
C LYS B 349 -0.68 2.83 7.80
N GLU B 350 -0.36 2.11 6.72
CA GLU B 350 0.76 2.42 5.84
C GLU B 350 0.34 2.48 4.38
N GLU B 351 1.02 3.32 3.64
CA GLU B 351 0.74 3.47 2.25
C GLU B 351 1.06 2.18 1.47
N ASN B 352 2.11 1.47 1.87
CA ASN B 352 2.43 0.17 1.24
C ASN B 352 2.81 -0.82 2.32
N PRO B 353 1.81 -1.50 2.89
CA PRO B 353 2.17 -2.36 3.99
C PRO B 353 3.28 -3.31 3.59
N PHE B 354 3.24 -3.83 2.38
CA PHE B 354 4.22 -4.83 1.98
C PHE B 354 5.64 -4.33 1.81
N LEU B 355 5.78 -3.02 1.69
CA LEU B 355 7.07 -2.35 1.77
C LEU B 355 7.20 -1.53 3.05
N GLY B 356 6.53 -1.97 4.10
CA GLY B 356 6.46 -1.15 5.31
C GLY B 356 7.11 -1.79 6.51
N TRP B 357 6.49 -1.54 7.65
CA TRP B 357 7.04 -1.80 8.95
C TRP B 357 6.61 -3.19 9.36
N ARG B 358 7.33 -4.13 8.80
CA ARG B 358 6.91 -5.52 8.75
C ARG B 358 7.90 -6.44 9.50
N ALA B 359 7.33 -7.41 10.25
CA ALA B 359 8.10 -8.54 10.77
C ALA B 359 9.16 -8.04 11.68
N ILE B 360 10.39 -8.24 11.25
CA ILE B 360 11.58 -7.95 12.07
C ILE B 360 11.79 -6.45 12.35
N ARG B 361 11.17 -5.66 11.51
CA ARG B 361 11.28 -4.26 11.63
C ARG B 361 10.53 -3.79 12.85
N ILE B 362 9.53 -4.58 13.24
CA ILE B 362 8.73 -4.30 14.45
C ILE B 362 9.46 -4.84 15.69
N ALA B 363 9.86 -6.10 15.62
CA ALA B 363 10.43 -6.70 16.78
C ALA B 363 11.71 -5.94 17.18
N MET B 364 12.37 -5.33 16.20
CA MET B 364 13.53 -4.48 16.50
C MET B 364 13.17 -3.08 16.96
N ASP B 365 11.95 -2.65 16.71
CA ASP B 365 11.58 -1.35 17.24
C ASP B 365 10.83 -1.51 18.53
N ARG B 366 10.58 -2.74 18.92
CA ARG B 366 9.90 -2.98 20.16
C ARG B 366 10.44 -4.24 20.72
N ARG B 367 11.58 -4.15 21.39
CA ARG B 367 12.29 -5.31 21.88
C ARG B 367 11.46 -6.27 22.73
N GLU B 368 10.58 -5.76 23.59
CA GLU B 368 9.75 -6.67 24.38
C GLU B 368 9.18 -7.82 23.47
N ILE B 369 8.91 -7.53 22.20
CA ILE B 369 8.25 -8.49 21.28
C ILE B 369 9.27 -9.54 20.82
N LEU B 370 10.36 -9.05 20.25
CA LEU B 370 11.45 -9.86 19.91
C LEU B 370 11.93 -10.69 21.13
N ARG B 371 12.05 -10.06 22.30
CA ARG B 371 12.61 -10.73 23.46
C ARG B 371 11.73 -11.87 24.01
N ASP B 372 10.45 -11.56 24.25
CA ASP B 372 9.50 -12.52 24.73
C ASP B 372 9.59 -13.67 23.80
N GLN B 373 9.50 -13.39 22.51
CA GLN B 373 9.42 -14.48 21.54
C GLN B 373 10.68 -15.32 21.52
N LEU B 374 11.83 -14.71 21.32
CA LEU B 374 13.05 -15.50 21.25
C LEU B 374 13.30 -16.27 22.53
N ARG B 375 13.15 -15.60 23.67
CA ARG B 375 13.06 -16.26 24.96
C ARG B 375 12.18 -17.54 24.92
N ALA B 376 10.90 -17.37 24.56
CA ALA B 376 9.99 -18.49 24.43
C ALA B 376 10.50 -19.58 23.50
N ILE B 377 11.01 -19.24 22.32
CA ILE B 377 11.49 -20.27 21.40
C ILE B 377 12.61 -21.03 22.08
N LEU B 378 13.63 -20.31 22.53
CA LEU B 378 14.76 -20.97 23.15
C LEU B 378 14.27 -21.93 24.22
N ARG B 379 13.41 -21.44 25.09
CA ARG B 379 13.02 -22.25 26.20
C ARG B 379 12.30 -23.47 25.68
N ALA B 380 11.47 -23.30 24.63
CA ALA B 380 10.75 -24.44 24.05
C ALA B 380 11.71 -25.46 23.43
N SER B 381 12.91 -25.03 23.03
CA SER B 381 13.87 -25.92 22.42
C SER B 381 14.41 -26.92 23.41
N ALA B 382 14.06 -26.76 24.68
CA ALA B 382 14.46 -27.75 25.66
C ALA B 382 13.58 -28.96 25.53
N PHE B 383 12.64 -28.93 24.58
CA PHE B 383 11.59 -29.95 24.53
C PHE B 383 11.40 -30.64 23.21
N GLY B 384 12.24 -30.30 22.22
CA GLY B 384 12.14 -30.92 20.92
C GLY B 384 13.03 -30.17 20.01
N LYS B 385 13.42 -30.76 18.87
CA LYS B 385 14.32 -30.06 17.94
C LYS B 385 13.64 -28.84 17.31
N LEU B 386 14.08 -27.66 17.68
CA LEU B 386 13.60 -26.43 17.07
C LEU B 386 14.75 -25.71 16.41
N ARG B 387 14.45 -25.01 15.32
CA ARG B 387 15.35 -24.02 14.75
C ARG B 387 14.68 -22.65 14.82
N ILE B 388 15.49 -21.58 14.82
CA ILE B 388 15.00 -20.20 14.77
C ILE B 388 15.30 -19.64 13.40
N MET B 389 14.32 -18.95 12.83
CA MET B 389 14.55 -18.35 11.55
C MET B 389 13.89 -17.02 11.60
N PHE B 390 14.47 -16.06 10.91
CA PHE B 390 14.01 -14.67 10.85
C PHE B 390 13.45 -14.30 9.50
N PRO B 391 12.31 -13.61 9.49
CA PRO B 391 11.64 -13.10 8.29
C PRO B 391 12.14 -11.74 7.84
N MET B 392 11.94 -11.38 6.56
CA MET B 392 12.20 -10.02 6.06
C MET B 392 13.59 -9.46 6.24
N ILE B 393 14.57 -10.33 6.36
CA ILE B 393 15.96 -9.93 6.42
C ILE B 393 16.43 -9.24 5.14
N ILE B 394 17.16 -8.14 5.33
CA ILE B 394 17.55 -7.29 4.23
C ILE B 394 19.03 -6.96 4.17
N SER B 395 19.72 -7.16 5.30
CA SER B 395 21.10 -6.75 5.42
C SER B 395 21.88 -7.67 6.35
N VAL B 396 23.20 -7.69 6.24
CA VAL B 396 23.99 -8.35 7.24
C VAL B 396 23.84 -7.61 8.56
N GLU B 397 23.74 -6.28 8.51
CA GLU B 397 23.48 -5.52 9.74
C GLU B 397 22.37 -6.15 10.61
N GLU B 398 21.19 -6.33 9.99
CA GLU B 398 20.04 -6.91 10.71
C GLU B 398 20.38 -8.24 11.39
N VAL B 399 20.94 -9.17 10.64
CA VAL B 399 21.29 -10.49 11.23
C VAL B 399 22.23 -10.42 12.45
N ARG B 400 23.29 -9.63 12.35
CA ARG B 400 24.18 -9.51 13.47
C ARG B 400 23.47 -8.90 14.67
N ALA B 401 22.54 -7.98 14.45
CA ALA B 401 21.93 -7.31 15.58
C ALA B 401 21.02 -8.29 16.31
N LEU B 402 20.46 -9.23 15.56
CA LEU B 402 19.51 -10.19 16.08
C LEU B 402 20.20 -11.39 16.76
N ARG B 403 21.32 -11.84 16.20
CA ARG B 403 22.16 -12.87 16.83
C ARG B 403 22.69 -12.40 18.16
N LYS B 404 23.10 -11.14 18.18
CA LYS B 404 23.55 -10.50 19.38
C LYS B 404 22.43 -10.52 20.39
N GLU B 405 21.24 -10.17 19.91
CA GLU B 405 20.06 -10.31 20.72
C GLU B 405 19.89 -11.75 21.24
N ILE B 406 19.87 -12.74 20.36
CA ILE B 406 19.79 -14.12 20.82
C ILE B 406 20.79 -14.36 21.97
N GLU B 407 22.07 -14.08 21.73
CA GLU B 407 23.08 -14.30 22.72
C GLU B 407 22.77 -13.68 24.08
N ILE B 408 22.14 -12.51 24.09
CA ILE B 408 21.74 -11.88 25.34
C ILE B 408 20.61 -12.67 26.01
N TYR B 409 19.58 -12.98 25.25
CA TYR B 409 18.50 -13.78 25.73
C TYR B 409 18.97 -15.15 26.15
N LYS B 410 20.01 -15.69 25.53
CA LYS B 410 20.50 -17.01 25.90
C LYS B 410 21.06 -16.94 27.30
N GLN B 411 21.83 -15.91 27.60
CA GLN B 411 22.47 -15.78 28.90
C GLN B 411 21.46 -15.63 29.99
N GLU B 412 20.49 -14.75 29.76
CA GLU B 412 19.45 -14.55 30.73
C GLU B 412 18.84 -15.90 31.09
N LEU B 413 18.43 -16.68 30.10
CA LEU B 413 17.94 -18.02 30.40
C LEU B 413 18.91 -18.84 31.26
N ARG B 414 20.17 -18.98 30.81
CA ARG B 414 21.25 -19.57 31.64
C ARG B 414 21.24 -19.08 33.09
N ASP B 415 21.02 -17.79 33.29
CA ASP B 415 21.04 -17.18 34.60
C ASP B 415 19.80 -17.42 35.43
N GLU B 416 18.71 -17.75 34.76
CA GLU B 416 17.45 -18.00 35.45
C GLU B 416 17.22 -19.50 35.65
N GLY B 417 18.22 -20.33 35.31
CA GLY B 417 18.17 -21.79 35.50
C GLY B 417 17.10 -22.43 34.61
N LYS B 418 17.14 -21.99 33.35
CA LYS B 418 16.19 -22.37 32.31
C LYS B 418 16.92 -22.98 31.08
N ALA B 419 16.73 -24.29 30.90
CA ALA B 419 17.32 -25.05 29.81
C ALA B 419 16.87 -24.49 28.47
N PHE B 420 17.79 -24.56 27.51
CA PHE B 420 17.51 -24.36 26.13
C PHE B 420 18.58 -25.15 25.40
N ASP B 421 18.24 -25.57 24.18
CA ASP B 421 19.11 -26.39 23.37
C ASP B 421 20.26 -25.47 23.03
N GLU B 422 21.45 -25.75 23.55
CA GLU B 422 22.63 -24.93 23.22
C GLU B 422 23.05 -25.11 21.77
N SER B 423 22.55 -26.14 21.09
CA SER B 423 22.87 -26.46 19.71
C SER B 423 22.02 -25.71 18.72
N ILE B 424 21.17 -24.81 19.21
CA ILE B 424 20.02 -24.38 18.42
C ILE B 424 20.50 -23.62 17.22
N GLU B 425 19.97 -24.02 16.06
CA GLU B 425 20.44 -23.43 14.84
C GLU B 425 19.57 -22.27 14.45
N ILE B 426 20.24 -21.30 13.84
CA ILE B 426 19.67 -20.05 13.49
C ILE B 426 19.84 -19.82 11.99
N GLY B 427 18.78 -19.40 11.32
CA GLY B 427 18.86 -19.12 9.89
C GLY B 427 18.02 -17.91 9.51
N VAL B 428 17.85 -17.67 8.23
CA VAL B 428 17.14 -16.49 7.83
C VAL B 428 16.30 -16.80 6.64
N MET B 429 15.18 -16.10 6.53
CA MET B 429 14.35 -16.17 5.35
C MET B 429 15.16 -15.43 4.32
N VAL B 430 15.34 -15.98 3.13
CA VAL B 430 15.81 -15.15 2.03
C VAL B 430 14.57 -14.87 1.18
N GLU B 431 13.93 -13.72 1.36
CA GLU B 431 12.69 -13.47 0.67
C GLU B 431 12.64 -12.04 0.20
N THR B 432 13.77 -11.41 0.33
CA THR B 432 14.05 -10.09 -0.14
C THR B 432 15.17 -10.23 -1.24
N PRO B 433 15.11 -9.39 -2.31
CA PRO B 433 16.14 -9.36 -3.32
C PRO B 433 17.43 -8.87 -2.71
N ALA B 434 17.37 -8.03 -1.70
CA ALA B 434 18.55 -7.69 -0.93
C ALA B 434 19.21 -8.93 -0.41
N ALA B 435 18.47 -9.68 0.40
CA ALA B 435 19.04 -10.90 0.99
C ALA B 435 19.62 -11.77 -0.10
N ALA B 436 18.87 -11.90 -1.19
CA ALA B 436 19.30 -12.80 -2.24
C ALA B 436 20.64 -12.33 -2.76
N THR B 437 20.77 -11.01 -2.92
CA THR B 437 21.99 -10.38 -3.46
C THR B 437 23.26 -10.53 -2.60
N ILE B 438 23.05 -10.55 -1.29
CA ILE B 438 24.14 -10.61 -0.35
C ILE B 438 24.10 -11.98 0.31
N ALA B 439 23.42 -12.89 -0.35
CA ALA B 439 23.39 -14.26 0.14
C ALA B 439 24.78 -14.73 0.57
N ARG B 440 25.85 -14.40 -0.16
CA ARG B 440 27.16 -14.97 0.21
C ARG B 440 27.47 -14.47 1.57
N HIS B 441 27.46 -13.15 1.74
CA HIS B 441 27.68 -12.54 3.05
C HIS B 441 26.82 -13.08 4.16
N LEU B 442 25.54 -13.33 3.88
CA LEU B 442 24.61 -13.77 4.94
C LEU B 442 24.90 -15.21 5.34
N ALA B 443 25.29 -16.03 4.36
CA ALA B 443 25.59 -17.45 4.57
C ALA B 443 26.69 -17.75 5.62
N LYS B 444 27.64 -16.83 5.78
CA LYS B 444 28.66 -16.92 6.85
C LYS B 444 28.03 -16.70 8.17
N GLU B 445 26.89 -16.04 8.19
CA GLU B 445 26.37 -15.50 9.45
C GLU B 445 25.22 -16.33 10.00
N VAL B 446 24.71 -17.28 9.22
CA VAL B 446 23.59 -18.09 9.65
C VAL B 446 23.87 -19.53 9.37
N ASP B 447 23.05 -20.42 9.94
CA ASP B 447 23.18 -21.87 9.70
C ASP B 447 22.43 -22.35 8.51
N PHE B 448 21.48 -21.55 8.04
CA PHE B 448 20.67 -22.01 6.94
C PHE B 448 19.83 -20.91 6.35
N PHE B 449 19.14 -21.22 5.26
CA PHE B 449 18.29 -20.27 4.55
C PHE B 449 17.08 -21.01 4.21
N SER B 450 15.95 -20.31 4.22
CA SER B 450 14.77 -20.76 3.56
C SER B 450 14.31 -19.64 2.65
N ILE B 451 14.14 -19.93 1.36
CA ILE B 451 13.76 -18.88 0.41
C ILE B 451 12.25 -18.67 0.41
N GLY B 452 11.84 -17.44 0.73
CA GLY B 452 10.43 -17.13 0.66
C GLY B 452 10.14 -16.56 -0.71
N THR B 453 9.67 -17.40 -1.62
CA THR B 453 9.43 -16.95 -2.97
C THR B 453 8.17 -16.09 -3.12
N ASN B 454 7.26 -16.18 -2.17
CA ASN B 454 6.07 -15.33 -2.25
C ASN B 454 6.51 -13.89 -2.17
N ASP B 455 7.28 -13.60 -1.13
CA ASP B 455 7.84 -12.30 -1.01
C ASP B 455 8.89 -11.97 -2.07
N LEU B 456 9.92 -12.80 -2.22
CA LEU B 456 10.94 -12.60 -3.22
C LEU B 456 10.33 -12.30 -4.62
N THR B 457 9.33 -13.04 -5.00
CA THR B 457 8.71 -12.78 -6.25
C THR B 457 8.20 -11.35 -6.19
N GLN B 458 7.45 -11.07 -5.14
CA GLN B 458 6.78 -9.80 -4.94
C GLN B 458 7.74 -8.67 -5.14
N TYR B 459 8.90 -8.69 -4.47
CA TYR B 459 9.82 -7.54 -4.55
C TYR B 459 10.68 -7.54 -5.77
N THR B 460 10.95 -8.71 -6.29
CA THR B 460 11.82 -8.76 -7.42
C THR B 460 11.01 -8.23 -8.60
N LEU B 461 9.75 -8.64 -8.69
CA LEU B 461 8.89 -8.18 -9.77
C LEU B 461 8.09 -6.95 -9.38
N ALA B 462 8.21 -6.47 -8.15
CA ALA B 462 7.31 -5.38 -7.71
C ALA B 462 5.87 -5.63 -8.07
N VAL B 463 5.40 -6.83 -7.79
CA VAL B 463 4.00 -7.11 -7.91
C VAL B 463 3.43 -7.64 -6.61
N ASP B 464 2.38 -6.93 -6.17
CA ASP B 464 1.75 -7.16 -4.91
C ASP B 464 1.07 -8.52 -5.00
N ARG B 465 1.41 -9.37 -4.04
CA ARG B 465 0.84 -10.70 -3.92
C ARG B 465 -0.66 -10.67 -3.81
N GLY B 466 -1.19 -9.53 -3.37
CA GLY B 466 -2.62 -9.34 -3.14
C GLY B 466 -3.36 -8.82 -4.35
N ASN B 467 -2.65 -8.29 -5.35
CA ASN B 467 -3.27 -7.47 -6.40
C ASN B 467 -3.67 -8.29 -7.64
N ASP B 468 -4.95 -8.63 -7.75
CA ASP B 468 -5.43 -9.47 -8.85
C ASP B 468 -5.31 -8.79 -10.21
N MET B 469 -5.49 -7.47 -10.22
CA MET B 469 -5.34 -6.73 -11.45
C MET B 469 -4.02 -6.97 -12.18
N ILE B 470 -2.92 -7.13 -11.45
CA ILE B 470 -1.66 -7.49 -12.09
C ILE B 470 -1.20 -8.90 -11.80
N SER B 471 -2.09 -9.76 -11.34
CA SER B 471 -1.61 -11.08 -10.97
C SER B 471 -0.81 -11.74 -12.10
N HIS B 472 -1.15 -11.43 -13.35
CA HIS B 472 -0.54 -12.11 -14.49
C HIS B 472 0.97 -11.87 -14.55
N LEU B 473 1.42 -10.82 -13.85
CA LEU B 473 2.84 -10.47 -13.73
C LEU B 473 3.49 -11.09 -12.52
N TYR B 474 2.73 -11.79 -11.69
CA TYR B 474 3.34 -12.34 -10.52
C TYR B 474 3.86 -13.68 -10.93
N GLN B 475 5.16 -13.75 -11.21
CA GLN B 475 5.72 -15.00 -11.74
C GLN B 475 6.89 -15.41 -10.99
N PRO B 476 6.73 -16.35 -10.06
CA PRO B 476 7.94 -16.80 -9.37
C PRO B 476 8.74 -17.65 -10.35
N MET B 477 8.16 -17.97 -11.50
CA MET B 477 8.87 -18.73 -12.47
C MET B 477 9.34 -17.85 -13.57
N SER B 478 10.08 -16.84 -13.15
CA SER B 478 10.72 -15.93 -14.04
C SER B 478 12.16 -16.27 -14.05
N PRO B 479 12.81 -16.01 -15.18
CA PRO B 479 14.26 -16.09 -15.21
C PRO B 479 14.87 -15.21 -14.11
N SER B 480 14.16 -14.16 -13.71
CA SER B 480 14.68 -13.31 -12.63
C SER B 480 14.58 -13.92 -11.21
N VAL B 481 13.50 -14.59 -10.91
CA VAL B 481 13.39 -15.13 -9.58
C VAL B 481 14.24 -16.41 -9.49
N LEU B 482 14.24 -17.19 -10.56
CA LEU B 482 14.99 -18.46 -10.56
C LEU B 482 16.46 -18.19 -10.37
N ASN B 483 16.99 -17.28 -11.16
CA ASN B 483 18.37 -16.90 -10.97
C ASN B 483 18.74 -16.51 -9.53
N LEU B 484 17.93 -15.67 -8.92
CA LEU B 484 18.09 -15.30 -7.53
C LEU B 484 17.96 -16.47 -6.60
N ILE B 485 17.05 -17.40 -6.87
CA ILE B 485 17.00 -18.69 -6.13
C ILE B 485 18.33 -19.48 -6.21
N LYS B 486 18.84 -19.64 -7.42
CA LYS B 486 20.07 -20.36 -7.63
C LYS B 486 21.19 -19.73 -6.85
N GLN B 487 21.14 -18.42 -6.80
CA GLN B 487 22.27 -17.68 -6.35
C GLN B 487 22.32 -17.92 -4.83
N VAL B 488 21.12 -18.04 -4.23
CA VAL B 488 20.98 -18.25 -2.80
C VAL B 488 21.40 -19.66 -2.40
N ILE B 489 20.88 -20.64 -3.14
CA ILE B 489 21.20 -22.03 -2.90
C ILE B 489 22.73 -22.16 -2.91
N ASP B 490 23.34 -21.66 -3.98
CA ASP B 490 24.77 -21.71 -4.15
C ASP B 490 25.48 -21.07 -2.98
N ALA B 491 25.05 -19.87 -2.59
CA ALA B 491 25.61 -19.25 -1.38
C ALA B 491 25.65 -20.26 -0.25
N SER B 492 24.49 -20.84 0.12
CA SER B 492 24.41 -21.90 1.14
C SER B 492 25.52 -22.88 1.01
N HIS B 493 25.60 -23.46 -0.19
CA HIS B 493 26.42 -24.62 -0.38
C HIS B 493 27.86 -24.21 -0.30
N ALA B 494 28.14 -22.98 -0.74
CA ALA B 494 29.51 -22.55 -0.71
C ALA B 494 30.00 -22.48 0.74
N GLU B 495 29.11 -22.15 1.70
CA GLU B 495 29.52 -22.16 3.12
C GLU B 495 29.33 -23.49 3.77
N GLY B 496 28.85 -24.48 3.02
CA GLY B 496 28.54 -25.79 3.60
C GLY B 496 27.27 -25.79 4.43
N LYS B 497 26.40 -24.82 4.22
CA LYS B 497 25.04 -24.81 4.76
C LYS B 497 24.08 -25.22 3.69
N TRP B 498 22.81 -25.12 3.99
CA TRP B 498 21.77 -25.59 3.12
C TRP B 498 20.64 -24.57 2.98
N THR B 499 19.91 -24.67 1.90
CA THR B 499 18.83 -23.79 1.69
C THR B 499 17.62 -24.65 1.59
N GLY B 500 16.58 -24.23 2.30
CA GLY B 500 15.25 -24.77 2.09
C GLY B 500 14.40 -23.74 1.42
N MET B 501 13.15 -24.07 1.18
CA MET B 501 12.18 -23.19 0.55
C MET B 501 10.79 -23.38 1.14
N CYS B 502 10.23 -22.33 1.73
CA CYS B 502 8.87 -22.41 2.24
C CYS B 502 7.88 -21.60 1.44
N GLY B 503 8.37 -20.79 0.53
CA GLY B 503 7.49 -20.16 -0.45
C GLY B 503 6.72 -21.21 -1.21
N GLU B 504 5.62 -20.75 -1.83
CA GLU B 504 4.71 -21.66 -2.51
C GLU B 504 5.30 -22.38 -3.73
N LEU B 505 6.40 -21.85 -4.26
CA LEU B 505 7.10 -22.57 -5.31
C LEU B 505 7.51 -23.98 -4.94
N ALA B 506 7.96 -24.17 -3.71
CA ALA B 506 8.34 -25.49 -3.19
C ALA B 506 7.24 -26.46 -3.46
N GLY B 507 6.00 -26.03 -3.21
CA GLY B 507 4.84 -26.89 -3.40
C GLY B 507 4.26 -26.89 -4.79
N ASP B 508 4.87 -26.15 -5.72
CA ASP B 508 4.33 -25.98 -7.08
C ASP B 508 4.89 -27.09 -8.01
N GLU B 509 4.01 -27.98 -8.51
CA GLU B 509 4.39 -29.10 -9.40
C GLU B 509 5.31 -28.71 -10.55
N ARG B 510 5.34 -27.43 -10.88
CA ARG B 510 6.00 -26.99 -12.10
C ARG B 510 7.42 -26.55 -11.85
N ALA B 511 7.73 -26.35 -10.57
CA ALA B 511 9.05 -25.94 -10.23
C ALA B 511 9.87 -27.11 -9.67
N THR B 512 9.18 -28.17 -9.28
CA THR B 512 9.82 -29.24 -8.55
C THR B 512 11.11 -29.73 -9.20
N LEU B 513 11.09 -30.06 -10.51
CA LEU B 513 12.34 -30.45 -11.20
C LEU B 513 13.43 -29.38 -11.21
N LEU B 514 13.04 -28.12 -11.32
CA LEU B 514 14.01 -27.02 -11.28
C LEU B 514 14.57 -26.81 -9.90
N LEU B 515 13.69 -26.69 -8.93
CA LEU B 515 14.12 -26.57 -7.56
C LEU B 515 15.08 -27.69 -7.25
N LEU B 516 14.69 -28.91 -7.61
CA LEU B 516 15.57 -30.06 -7.40
C LEU B 516 16.92 -29.92 -8.13
N GLY B 517 16.87 -29.60 -9.43
CA GLY B 517 18.06 -29.54 -10.26
C GLY B 517 19.00 -28.46 -9.78
N MET B 518 18.41 -27.41 -9.21
CA MET B 518 19.17 -26.28 -8.74
C MET B 518 19.78 -26.56 -7.40
N GLY B 519 19.49 -27.74 -6.83
CA GLY B 519 20.12 -28.21 -5.61
C GLY B 519 19.47 -27.83 -4.29
N LEU B 520 18.24 -27.32 -4.35
CA LEU B 520 17.51 -26.99 -3.15
C LEU B 520 17.50 -28.19 -2.23
N ASP B 521 17.77 -27.95 -0.94
CA ASP B 521 17.99 -29.03 0.04
C ASP B 521 16.72 -29.43 0.68
N GLU B 522 15.82 -28.46 0.78
CA GLU B 522 14.65 -28.64 1.59
C GLU B 522 13.44 -27.97 1.00
N PHE B 523 12.31 -28.68 0.98
CA PHE B 523 11.08 -28.08 0.48
C PHE B 523 10.09 -28.01 1.59
N SER B 524 9.40 -26.89 1.73
CA SER B 524 8.39 -26.88 2.78
C SER B 524 7.13 -26.25 2.27
N MET B 525 5.99 -26.89 2.52
CA MET B 525 4.80 -26.46 1.85
C MET B 525 3.60 -26.72 2.69
N SER B 526 2.44 -26.28 2.18
CA SER B 526 1.21 -26.80 2.68
C SER B 526 1.38 -28.30 2.69
N ALA B 527 0.95 -28.91 3.79
CA ALA B 527 1.00 -30.36 3.92
C ALA B 527 0.35 -31.05 2.70
N ILE B 528 -0.81 -30.56 2.27
CA ILE B 528 -1.50 -31.17 1.13
C ILE B 528 -0.65 -31.31 -0.12
N SER B 529 0.43 -30.57 -0.24
CA SER B 529 1.23 -30.65 -1.45
C SER B 529 2.34 -31.63 -1.33
N ILE B 530 2.53 -32.14 -0.13
CA ILE B 530 3.67 -32.99 0.11
C ILE B 530 3.69 -34.22 -0.81
N PRO B 531 2.57 -34.97 -0.88
CA PRO B 531 2.61 -36.14 -1.79
C PRO B 531 2.83 -35.82 -3.28
N ARG B 532 2.24 -34.74 -3.84
CA ARG B 532 2.43 -34.47 -5.28
C ARG B 532 3.89 -34.27 -5.57
N ILE B 533 4.52 -33.50 -4.71
CA ILE B 533 5.88 -33.15 -4.90
C ILE B 533 6.79 -34.35 -4.61
N LYS B 534 6.51 -35.06 -3.54
CA LYS B 534 7.24 -36.27 -3.23
C LYS B 534 7.21 -37.14 -4.51
N LYS B 535 6.01 -37.34 -5.08
CA LYS B 535 5.84 -38.19 -6.25
C LYS B 535 6.73 -37.79 -7.39
N ILE B 536 6.78 -36.48 -7.66
CA ILE B 536 7.60 -35.95 -8.72
C ILE B 536 9.06 -36.23 -8.42
N ILE B 537 9.41 -36.16 -7.14
CA ILE B 537 10.81 -36.27 -6.75
C ILE B 537 11.23 -37.69 -6.89
N ARG B 538 10.36 -38.58 -6.42
CA ARG B 538 10.67 -39.98 -6.43
C ARG B 538 10.82 -40.58 -7.84
N ASN B 539 10.33 -39.85 -8.86
CA ASN B 539 10.24 -40.34 -10.24
C ASN B 539 11.13 -39.55 -11.21
N THR B 540 11.98 -38.70 -10.65
CA THR B 540 12.92 -37.95 -11.46
C THR B 540 14.22 -38.63 -11.35
N ASN B 541 15.06 -38.35 -12.33
CA ASN B 541 16.44 -38.58 -12.17
C ASN B 541 17.11 -37.22 -11.84
N PHE B 542 17.89 -37.21 -10.77
CA PHE B 542 18.48 -35.95 -10.32
C PHE B 542 19.44 -35.33 -11.32
N GLU B 543 20.25 -36.16 -11.95
CA GLU B 543 21.20 -35.62 -12.91
C GLU B 543 20.52 -34.90 -14.06
N ASP B 544 19.40 -35.47 -14.49
CA ASP B 544 18.64 -34.92 -15.59
C ASP B 544 18.08 -33.55 -15.25
N ALA B 545 17.48 -33.44 -14.06
CA ALA B 545 17.04 -32.21 -13.46
C ALA B 545 18.10 -31.14 -13.41
N LYS B 546 19.33 -31.48 -12.97
CA LYS B 546 20.42 -30.49 -13.00
C LYS B 546 20.47 -29.90 -14.40
N VAL B 547 20.69 -30.75 -15.39
CA VAL B 547 20.73 -30.31 -16.78
C VAL B 547 19.51 -29.43 -17.11
N LEU B 548 18.33 -29.85 -16.62
CA LEU B 548 17.14 -29.10 -16.89
C LEU B 548 17.32 -27.72 -16.29
N ALA B 549 17.72 -27.69 -15.01
CA ALA B 549 17.81 -26.46 -14.25
C ALA B 549 18.74 -25.52 -14.94
N GLU B 550 19.89 -26.06 -15.26
CA GLU B 550 20.83 -25.23 -15.89
C GLU B 550 20.21 -24.56 -17.15
N GLN B 551 19.65 -25.38 -18.05
CA GLN B 551 19.05 -24.81 -19.23
C GLN B 551 18.10 -23.67 -18.83
N ALA B 552 17.20 -23.97 -17.89
CA ALA B 552 16.13 -23.04 -17.57
C ALA B 552 16.69 -21.70 -17.14
N LEU B 553 17.80 -21.77 -16.40
CA LEU B 553 18.44 -20.56 -15.88
C LEU B 553 19.05 -19.66 -16.94
N ALA B 554 19.16 -20.15 -18.17
CA ALA B 554 19.71 -19.35 -19.24
C ALA B 554 18.64 -18.70 -20.11
N GLN B 555 17.39 -19.16 -19.99
CA GLN B 555 16.28 -18.63 -20.76
C GLN B 555 15.97 -17.17 -20.40
N PRO B 556 15.81 -16.28 -21.38
CA PRO B 556 15.43 -14.91 -21.03
C PRO B 556 13.90 -14.76 -20.89
N THR B 557 13.18 -15.85 -20.98
CA THR B 557 11.73 -15.77 -21.08
C THR B 557 11.11 -16.95 -20.31
N THR B 558 10.04 -16.69 -19.59
CA THR B 558 9.31 -17.72 -18.85
C THR B 558 8.83 -18.79 -19.83
N ASP B 559 8.15 -18.37 -20.87
CA ASP B 559 7.65 -19.34 -21.81
C ASP B 559 8.70 -20.33 -22.21
N GLU B 560 9.89 -19.81 -22.52
CA GLU B 560 11.00 -20.63 -23.00
C GLU B 560 11.46 -21.62 -21.94
N LEU B 561 11.38 -21.20 -20.69
CA LEU B 561 11.73 -22.01 -19.55
C LEU B 561 10.58 -23.05 -19.25
N MET B 562 9.33 -22.65 -19.47
CA MET B 562 8.23 -23.62 -19.38
C MET B 562 8.40 -24.71 -20.40
N THR B 563 8.88 -24.37 -21.59
CA THR B 563 9.05 -25.35 -22.64
C THR B 563 10.00 -26.47 -22.21
N LEU B 564 11.15 -26.12 -21.66
CA LEU B 564 12.13 -27.08 -21.16
C LEU B 564 11.51 -28.04 -20.21
N VAL B 565 10.92 -27.50 -19.14
CA VAL B 565 10.14 -28.28 -18.17
C VAL B 565 9.17 -29.26 -18.84
N ASN B 566 8.36 -28.77 -19.77
CA ASN B 566 7.43 -29.65 -20.48
C ASN B 566 8.09 -30.76 -21.31
N LYS B 567 9.09 -30.44 -22.13
CA LYS B 567 9.72 -31.48 -22.93
C LYS B 567 10.34 -32.53 -22.02
N PHE B 568 10.75 -32.09 -20.84
CA PHE B 568 11.29 -32.99 -19.85
C PHE B 568 10.20 -33.99 -19.44
N ILE B 569 9.09 -33.47 -18.93
CA ILE B 569 7.99 -34.29 -18.46
C ILE B 569 7.51 -35.28 -19.50
N GLU B 570 7.52 -34.85 -20.76
CA GLU B 570 7.22 -35.70 -21.90
C GLU B 570 8.20 -36.87 -22.02
N GLU B 571 9.47 -36.53 -22.10
CA GLU B 571 10.48 -37.48 -22.43
C GLU B 571 10.92 -38.33 -21.25
N LYS B 572 10.69 -37.84 -20.02
CA LYS B 572 11.37 -38.39 -18.84
C LYS B 572 10.51 -39.16 -17.81
N THR B 573 9.17 -39.09 -17.89
CA THR B 573 8.30 -40.06 -17.17
C THR B 573 6.84 -40.01 -17.65
N MET A 1 14.77 26.34 21.94
CA MET A 1 15.37 25.18 21.23
C MET A 1 14.29 24.50 20.37
N ILE A 2 13.91 25.11 19.28
CA ILE A 2 12.87 24.53 18.37
C ILE A 2 13.55 24.03 17.09
N SER A 3 13.30 22.80 16.70
CA SER A 3 13.93 22.25 15.45
C SER A 3 12.87 21.64 14.53
N GLY A 4 13.02 21.81 13.23
CA GLY A 4 12.06 21.22 12.25
C GLY A 4 12.84 20.34 11.27
N ILE A 5 12.30 20.07 10.12
CA ILE A 5 13.02 19.19 9.14
C ILE A 5 13.82 20.01 8.13
N LEU A 6 13.60 21.30 8.07
CA LEU A 6 14.36 22.14 7.10
C LEU A 6 14.21 21.56 5.69
N ALA A 7 13.40 22.17 4.87
CA ALA A 7 13.20 21.66 3.48
C ALA A 7 14.12 22.41 2.52
N SER A 8 14.50 23.61 2.85
CA SER A 8 15.40 24.40 1.96
C SER A 8 16.40 25.19 2.81
N PRO A 9 17.69 25.06 2.57
CA PRO A 9 18.72 25.80 3.37
C PRO A 9 18.87 27.25 2.89
N GLY A 10 19.08 28.16 3.80
CA GLY A 10 19.24 29.58 3.40
C GLY A 10 19.06 30.46 4.64
N ILE A 11 18.78 31.73 4.48
CA ILE A 11 18.57 32.62 5.65
C ILE A 11 17.57 33.72 5.25
N ALA A 12 16.79 34.22 6.18
CA ALA A 12 15.82 35.28 5.80
C ALA A 12 15.43 36.15 7.02
N PHE A 13 15.02 37.37 6.77
CA PHE A 13 14.62 38.29 7.87
C PHE A 13 13.29 38.95 7.47
N GLY A 14 12.26 38.90 8.28
CA GLY A 14 10.99 39.56 7.86
C GLY A 14 9.91 39.40 8.94
N LYS A 15 8.75 39.95 8.70
CA LYS A 15 7.63 39.85 9.69
C LYS A 15 6.95 38.49 9.54
N ALA A 16 6.24 38.06 10.55
CA ALA A 16 5.58 36.71 10.49
C ALA A 16 4.06 36.84 10.25
N LEU A 17 3.56 36.13 9.27
CA LEU A 17 2.10 36.18 8.98
C LEU A 17 1.46 34.92 9.58
N LEU A 18 0.35 35.06 10.25
CA LEU A 18 -0.32 33.87 10.89
C LEU A 18 -1.70 33.62 10.27
N LEU A 19 -1.91 32.45 9.72
CA LEU A 19 -3.23 32.13 9.10
C LEU A 19 -4.20 31.58 10.15
N LYS A 20 -4.98 32.37 10.78
CA LYS A 20 -5.76 31.80 11.92
C LYS A 20 -6.79 30.81 11.43
N GLU A 21 -6.52 29.56 11.66
CA GLU A 21 -7.44 28.48 11.22
C GLU A 21 -8.84 28.75 11.78
N ASP A 22 -8.95 29.79 12.66
CA ASP A 22 -10.21 30.22 13.39
C ASP A 22 -11.53 30.06 12.60
N GLU A 23 -12.67 30.13 13.36
CA GLU A 23 -14.03 29.98 12.76
C GLU A 23 -15.06 30.99 13.37
N ILE A 24 -16.07 31.38 12.55
CA ILE A 24 -17.15 32.36 12.94
C ILE A 24 -18.15 31.75 13.94
N VAL A 25 -18.43 32.39 15.07
CA VAL A 25 -19.40 31.92 16.03
C VAL A 25 -20.49 32.96 16.04
N ILE A 26 -21.72 32.51 15.83
CA ILE A 26 -22.85 33.40 15.74
C ILE A 26 -23.41 33.60 17.14
N ASP A 27 -23.75 34.83 17.50
CA ASP A 27 -24.42 35.07 18.78
C ASP A 27 -25.94 35.07 18.62
N ARG A 28 -26.52 33.91 18.90
CA ARG A 28 -27.94 33.68 18.65
C ARG A 28 -28.84 34.27 19.72
N LYS A 29 -28.31 34.42 20.94
CA LYS A 29 -29.01 35.01 22.09
C LYS A 29 -29.54 36.39 21.74
N LYS A 30 -30.84 36.61 22.01
CA LYS A 30 -31.45 37.91 21.79
C LYS A 30 -30.64 38.97 22.51
N ILE A 31 -30.49 40.11 21.84
CA ILE A 31 -29.79 41.25 22.38
C ILE A 31 -30.73 42.07 23.24
N SER A 32 -30.17 42.95 24.05
CA SER A 32 -30.97 43.87 24.86
C SER A 32 -31.34 45.09 24.04
N ALA A 33 -32.35 45.83 24.48
CA ALA A 33 -32.82 47.01 23.71
C ALA A 33 -31.70 48.04 23.60
N ASP A 34 -31.05 48.34 24.69
CA ASP A 34 -29.95 49.32 24.62
C ASP A 34 -28.96 48.84 23.57
N GLN A 35 -28.78 47.54 23.50
CA GLN A 35 -27.85 46.97 22.50
C GLN A 35 -28.40 47.14 21.09
N VAL A 36 -29.71 47.00 20.90
CA VAL A 36 -30.17 47.09 19.48
C VAL A 36 -29.38 48.20 18.78
N ASP A 37 -29.35 49.37 19.35
CA ASP A 37 -28.61 50.49 18.71
C ASP A 37 -27.12 50.13 18.59
N GLN A 38 -26.57 49.50 19.58
CA GLN A 38 -25.11 49.16 19.52
C GLN A 38 -24.85 48.09 18.46
N GLU A 39 -25.71 47.11 18.34
CA GLU A 39 -25.46 46.06 17.32
C GLU A 39 -25.55 46.66 15.92
N VAL A 40 -26.47 47.54 15.67
CA VAL A 40 -26.56 48.15 14.32
C VAL A 40 -25.25 48.89 14.04
N GLU A 41 -24.77 49.66 14.98
CA GLU A 41 -23.49 50.39 14.76
C GLU A 41 -22.36 49.38 14.51
N ARG A 42 -22.34 48.29 15.24
CA ARG A 42 -21.26 47.29 15.00
C ARG A 42 -21.37 46.80 13.56
N PHE A 43 -22.58 46.52 13.13
CA PHE A 43 -22.77 46.07 11.72
C PHE A 43 -22.28 47.18 10.77
N LEU A 44 -22.72 48.39 10.99
CA LEU A 44 -22.28 49.51 10.13
C LEU A 44 -20.75 49.65 10.25
N SER A 45 -20.23 49.59 11.44
CA SER A 45 -18.75 49.73 11.60
C SER A 45 -18.06 48.55 10.92
N GLY A 46 -18.57 47.35 11.11
CA GLY A 46 -17.95 46.16 10.46
C GLY A 46 -18.20 46.25 8.95
N ARG A 47 -19.37 46.67 8.57
CA ARG A 47 -19.69 46.81 7.13
C ARG A 47 -18.79 47.92 6.55
N ALA A 48 -18.47 48.89 7.36
CA ALA A 48 -17.61 50.00 6.88
C ALA A 48 -16.27 49.42 6.43
N LYS A 49 -15.73 48.48 7.15
CA LYS A 49 -14.44 47.89 6.72
C LYS A 49 -14.66 47.19 5.38
N ALA A 50 -15.32 46.06 5.37
CA ALA A 50 -15.53 45.32 4.09
C ALA A 50 -15.82 46.27 2.93
N SER A 51 -16.47 47.37 3.18
CA SER A 51 -16.74 48.29 2.05
C SER A 51 -15.40 48.71 1.44
N ALA A 52 -14.53 49.24 2.25
CA ALA A 52 -13.21 49.69 1.74
C ALA A 52 -12.32 48.49 1.34
N GLN A 53 -12.33 47.43 2.10
CA GLN A 53 -11.46 46.26 1.74
C GLN A 53 -11.96 45.62 0.45
N LEU A 54 -13.26 45.50 0.28
CA LEU A 54 -13.78 44.89 -0.99
C LEU A 54 -13.35 45.77 -2.16
N GLU A 55 -13.40 47.06 -1.99
CA GLU A 55 -12.99 47.97 -3.09
C GLU A 55 -11.52 47.73 -3.43
N THR A 56 -10.70 47.48 -2.46
CA THR A 56 -9.25 47.26 -2.73
C THR A 56 -9.10 46.00 -3.60
N ILE A 57 -9.85 44.97 -3.31
CA ILE A 57 -9.74 43.72 -4.11
C ILE A 57 -10.16 44.01 -5.56
N LYS A 58 -11.16 44.82 -5.74
CA LYS A 58 -11.63 45.16 -7.12
C LYS A 58 -10.48 45.73 -7.95
N THR A 59 -9.81 46.72 -7.42
CA THR A 59 -8.69 47.35 -8.18
C THR A 59 -7.62 46.32 -8.54
N LYS A 60 -7.40 45.35 -7.71
CA LYS A 60 -6.37 44.32 -8.01
C LYS A 60 -6.86 43.45 -9.18
N ALA A 61 -8.12 43.16 -9.20
CA ALA A 61 -8.67 42.32 -10.30
C ALA A 61 -8.54 43.07 -11.63
N GLY A 62 -8.85 44.34 -11.64
CA GLY A 62 -8.76 45.12 -12.91
C GLY A 62 -7.32 45.12 -13.42
N GLU A 63 -6.38 45.46 -12.61
CA GLU A 63 -4.97 45.48 -13.09
C GLU A 63 -4.49 44.06 -13.33
N THR A 64 -4.76 43.17 -12.41
CA THR A 64 -4.29 41.76 -12.55
C THR A 64 -4.94 41.05 -13.74
N PHE A 65 -6.24 40.86 -13.72
CA PHE A 65 -6.92 40.13 -14.83
C PHE A 65 -7.49 41.09 -15.88
N GLY A 66 -8.23 42.11 -15.48
CA GLY A 66 -8.78 43.06 -16.49
C GLY A 66 -10.20 43.52 -16.10
N GLU A 67 -10.87 44.17 -17.02
CA GLU A 67 -12.26 44.68 -16.76
C GLU A 67 -13.23 43.50 -16.66
N GLU A 68 -12.90 42.40 -17.27
CA GLU A 68 -13.78 41.21 -17.23
C GLU A 68 -13.97 40.75 -15.77
N LYS A 69 -12.93 40.85 -14.98
CA LYS A 69 -13.01 40.42 -13.55
C LYS A 69 -13.28 41.61 -12.64
N GLU A 70 -12.98 42.80 -13.09
CA GLU A 70 -13.20 44.00 -12.23
C GLU A 70 -14.69 44.23 -11.99
N ALA A 71 -15.50 44.11 -13.01
CA ALA A 71 -16.95 44.38 -12.85
C ALA A 71 -17.61 43.31 -11.97
N ILE A 72 -17.11 42.10 -11.94
CA ILE A 72 -17.78 41.09 -11.08
C ILE A 72 -17.77 41.61 -9.63
N PHE A 73 -16.69 42.21 -9.21
CA PHE A 73 -16.64 42.73 -7.81
C PHE A 73 -17.66 43.85 -7.64
N GLU A 74 -17.82 44.68 -8.62
CA GLU A 74 -18.81 45.79 -8.49
C GLU A 74 -20.20 45.19 -8.26
N GLY A 75 -20.52 44.13 -8.93
CA GLY A 75 -21.86 43.51 -8.73
C GLY A 75 -21.95 43.02 -7.27
N HIS A 76 -20.94 42.32 -6.82
CA HIS A 76 -20.96 41.82 -5.42
C HIS A 76 -21.03 43.00 -4.47
N ILE A 77 -20.25 44.02 -4.71
CA ILE A 77 -20.27 45.21 -3.81
C ILE A 77 -21.64 45.91 -3.96
N MET A 78 -22.08 46.12 -5.18
CA MET A 78 -23.37 46.80 -5.39
C MET A 78 -24.50 46.00 -4.73
N LEU A 79 -24.45 44.71 -4.84
CA LEU A 79 -25.51 43.87 -4.21
C LEU A 79 -25.44 44.01 -2.70
N LEU A 80 -24.26 44.05 -2.17
CA LEU A 80 -24.11 44.17 -0.70
C LEU A 80 -24.70 45.49 -0.21
N GLU A 81 -24.50 46.55 -0.96
CA GLU A 81 -25.03 47.87 -0.54
C GLU A 81 -26.51 48.00 -0.95
N ASP A 82 -27.09 46.96 -1.47
CA ASP A 82 -28.53 47.05 -1.88
C ASP A 82 -29.36 47.61 -0.73
N GLU A 83 -30.17 48.60 -1.00
CA GLU A 83 -31.00 49.23 0.07
C GLU A 83 -31.94 48.21 0.69
N GLU A 84 -32.20 47.12 0.01
CA GLU A 84 -33.10 46.08 0.60
C GLU A 84 -32.39 45.38 1.76
N LEU A 85 -31.11 45.19 1.63
CA LEU A 85 -30.34 44.51 2.71
C LEU A 85 -30.24 45.44 3.93
N GLU A 86 -30.04 46.69 3.70
CA GLU A 86 -29.91 47.64 4.84
C GLU A 86 -31.21 47.62 5.67
N GLN A 87 -32.32 47.73 5.02
CA GLN A 87 -33.61 47.72 5.77
C GLN A 87 -33.90 46.34 6.36
N GLU A 88 -33.64 45.28 5.62
CA GLU A 88 -33.92 43.90 6.13
C GLU A 88 -32.96 43.51 7.26
N ILE A 89 -31.71 43.85 7.16
CA ILE A 89 -30.76 43.48 8.24
C ILE A 89 -31.10 44.27 9.50
N ILE A 90 -31.35 45.54 9.36
CA ILE A 90 -31.69 46.40 10.52
C ILE A 90 -33.07 46.03 11.09
N ALA A 91 -34.01 45.73 10.25
CA ALA A 91 -35.37 45.38 10.75
C ALA A 91 -35.33 44.15 11.66
N LEU A 92 -34.66 43.10 11.26
CA LEU A 92 -34.61 41.88 12.13
C LEU A 92 -33.95 42.22 13.46
N ILE A 93 -32.85 42.92 13.45
CA ILE A 93 -32.18 43.30 14.72
C ILE A 93 -33.15 44.15 15.54
N LYS A 94 -33.72 45.14 14.93
CA LYS A 94 -34.67 46.03 15.65
C LYS A 94 -35.96 45.28 15.98
N ASP A 95 -36.48 44.50 15.06
CA ASP A 95 -37.75 43.78 15.34
C ASP A 95 -37.53 42.49 16.14
N LYS A 96 -36.63 41.65 15.72
CA LYS A 96 -36.42 40.36 16.45
C LYS A 96 -35.35 40.46 17.54
N HIS A 97 -34.72 41.60 17.68
CA HIS A 97 -33.66 41.75 18.73
C HIS A 97 -32.59 40.67 18.56
N MET A 98 -32.27 40.38 17.33
CA MET A 98 -31.25 39.32 17.03
C MET A 98 -29.86 39.97 16.89
N THR A 99 -28.82 39.18 16.82
CA THR A 99 -27.45 39.76 16.69
C THR A 99 -27.18 40.12 15.22
N ALA A 100 -26.23 40.98 14.98
CA ALA A 100 -25.93 41.38 13.56
C ALA A 100 -25.33 40.21 12.79
N ASP A 101 -24.47 39.44 13.40
CA ASP A 101 -23.87 38.30 12.66
C ASP A 101 -24.93 37.22 12.44
N ALA A 102 -25.84 37.04 13.37
CA ALA A 102 -26.91 36.02 13.19
C ALA A 102 -28.00 36.58 12.28
N ALA A 103 -28.36 37.82 12.46
CA ALA A 103 -29.43 38.42 11.62
C ALA A 103 -28.92 38.61 10.19
N ALA A 104 -27.75 39.14 10.02
CA ALA A 104 -27.20 39.35 8.65
C ALA A 104 -27.07 38.01 7.93
N HIS A 105 -26.66 36.99 8.63
CA HIS A 105 -26.50 35.66 7.98
C HIS A 105 -27.83 35.19 7.40
N GLU A 106 -28.89 35.42 8.10
CA GLU A 106 -30.23 34.98 7.60
C GLU A 106 -30.58 35.71 6.30
N VAL A 107 -30.29 36.97 6.23
CA VAL A 107 -30.64 37.75 5.01
C VAL A 107 -29.89 37.23 3.78
N ILE A 108 -28.58 37.14 3.83
CA ILE A 108 -27.82 36.63 2.65
C ILE A 108 -28.11 35.15 2.47
N GLU A 109 -28.19 34.41 3.54
CA GLU A 109 -28.50 32.96 3.43
C GLU A 109 -29.91 32.80 2.89
N GLY A 110 -30.81 33.64 3.33
CA GLY A 110 -32.22 33.55 2.86
C GLY A 110 -32.28 33.68 1.34
N GLN A 111 -31.62 34.66 0.76
CA GLN A 111 -31.68 34.80 -0.72
C GLN A 111 -30.94 33.62 -1.36
N ALA A 112 -29.72 33.39 -0.96
CA ALA A 112 -28.97 32.24 -1.55
C ALA A 112 -29.78 30.96 -1.38
N SER A 113 -30.40 30.80 -0.24
CA SER A 113 -31.21 29.58 -0.02
C SER A 113 -32.31 29.50 -1.08
N ALA A 114 -32.91 30.62 -1.40
CA ALA A 114 -33.97 30.59 -2.45
C ALA A 114 -33.35 30.18 -3.78
N LEU A 115 -32.18 30.66 -4.07
CA LEU A 115 -31.53 30.31 -5.37
C LEU A 115 -31.27 28.79 -5.42
N GLU A 116 -30.84 28.19 -4.34
CA GLU A 116 -30.56 26.72 -4.37
C GLU A 116 -31.85 25.97 -4.73
N GLU A 117 -32.98 26.44 -4.29
CA GLU A 117 -34.24 25.74 -4.63
C GLU A 117 -34.34 25.61 -6.15
N LEU A 118 -33.62 26.42 -6.88
CA LEU A 118 -33.69 26.36 -8.37
C LEU A 118 -33.17 25.00 -8.84
N ASP A 119 -33.72 24.50 -9.91
CA ASP A 119 -33.28 23.16 -10.44
C ASP A 119 -32.27 23.36 -11.57
N ASP A 120 -31.37 24.30 -11.45
CA ASP A 120 -30.35 24.54 -12.52
C ASP A 120 -28.93 24.63 -11.92
N GLU A 121 -28.00 23.96 -12.53
CA GLU A 121 -26.58 23.98 -12.05
C GLU A 121 -25.96 25.35 -12.29
N TYR A 122 -26.39 26.03 -13.32
CA TYR A 122 -25.83 27.39 -13.64
C TYR A 122 -26.32 28.43 -12.62
N LEU A 123 -27.56 28.35 -12.22
CA LEU A 123 -28.08 29.32 -11.24
C LEU A 123 -27.51 28.99 -9.86
N LYS A 124 -27.32 27.72 -9.59
CA LYS A 124 -26.76 27.29 -8.28
C LYS A 124 -25.35 27.86 -8.09
N GLU A 125 -24.52 27.83 -9.11
CA GLU A 125 -23.13 28.38 -8.93
C GLU A 125 -23.20 29.86 -8.55
N ARG A 126 -24.03 30.62 -9.22
CA ARG A 126 -24.13 32.06 -8.85
C ARG A 126 -24.55 32.18 -7.39
N ALA A 127 -25.40 31.29 -6.94
CA ALA A 127 -25.82 31.32 -5.52
C ALA A 127 -24.57 31.11 -4.65
N ALA A 128 -23.58 30.45 -5.20
CA ALA A 128 -22.32 30.23 -4.43
C ALA A 128 -21.59 31.57 -4.28
N ASP A 129 -21.58 32.36 -5.32
CA ASP A 129 -20.89 33.67 -5.26
C ASP A 129 -21.62 34.58 -4.27
N VAL A 130 -22.92 34.54 -4.27
CA VAL A 130 -23.69 35.40 -3.32
C VAL A 130 -23.45 34.88 -1.89
N ARG A 131 -23.42 33.60 -1.71
CA ARG A 131 -23.17 33.03 -0.35
C ARG A 131 -21.80 33.49 0.14
N ASP A 132 -20.83 33.52 -0.72
CA ASP A 132 -19.46 33.94 -0.33
C ASP A 132 -19.47 35.36 0.23
N ILE A 133 -20.24 36.23 -0.37
CA ILE A 133 -20.27 37.64 0.12
C ILE A 133 -20.73 37.68 1.58
N GLY A 134 -21.75 36.95 1.91
CA GLY A 134 -22.25 36.95 3.33
C GLY A 134 -21.25 36.21 4.23
N LYS A 135 -20.64 35.18 3.72
CA LYS A 135 -19.68 34.40 4.56
C LYS A 135 -18.54 35.31 5.04
N ARG A 136 -17.98 36.09 4.15
CA ARG A 136 -16.87 37.01 4.55
C ARG A 136 -17.41 38.13 5.43
N LEU A 137 -18.63 38.52 5.20
CA LEU A 137 -19.21 39.63 6.01
C LEU A 137 -19.15 39.24 7.49
N LEU A 138 -19.46 38.02 7.80
CA LEU A 138 -19.40 37.58 9.22
C LEU A 138 -17.97 37.72 9.73
N ARG A 139 -17.00 37.38 8.91
CA ARG A 139 -15.59 37.53 9.38
C ARG A 139 -15.28 39.01 9.54
N ASN A 140 -15.75 39.83 8.64
CA ASN A 140 -15.51 41.30 8.71
C ASN A 140 -16.10 41.91 9.97
N ILE A 141 -17.25 41.48 10.40
CA ILE A 141 -17.83 42.07 11.65
C ILE A 141 -17.00 41.58 12.83
N LEU A 142 -16.67 40.32 12.84
CA LEU A 142 -15.84 39.79 13.96
C LEU A 142 -14.42 40.33 13.84
N GLY A 143 -13.95 40.54 12.64
CA GLY A 143 -12.58 41.02 12.47
C GLY A 143 -11.62 39.85 12.25
N LEU A 144 -12.17 38.66 11.97
CA LEU A 144 -11.32 37.50 11.74
C LEU A 144 -10.43 37.79 10.55
N LYS A 145 -9.27 37.19 10.56
CA LYS A 145 -8.29 37.48 9.54
C LYS A 145 -8.66 36.73 8.24
N ILE A 146 -9.00 37.52 7.21
CA ILE A 146 -9.39 36.99 5.89
C ILE A 146 -8.18 36.97 4.96
N ILE A 147 -7.17 36.17 5.29
CA ILE A 147 -5.96 36.35 4.56
C ILE A 147 -6.17 35.72 3.22
N ASP A 148 -6.88 36.33 2.30
CA ASP A 148 -6.85 35.71 0.97
C ASP A 148 -5.37 35.81 0.87
N LEU A 149 -4.60 34.88 0.45
CA LEU A 149 -3.16 35.20 0.60
C LEU A 149 -2.73 36.18 -0.49
N SER A 150 -3.61 36.57 -1.37
CA SER A 150 -3.23 37.52 -2.44
C SER A 150 -3.32 38.97 -1.94
N ALA A 151 -3.99 39.18 -0.83
CA ALA A 151 -4.16 40.59 -0.31
C ALA A 151 -2.93 41.04 0.49
N ILE A 152 -1.77 40.54 0.17
CA ILE A 152 -0.55 40.97 0.93
C ILE A 152 0.07 42.21 0.28
N GLN A 153 0.16 43.30 0.99
CA GLN A 153 0.77 44.56 0.42
C GLN A 153 2.22 44.72 0.92
N ASP A 154 2.63 43.97 1.92
CA ASP A 154 4.02 44.13 2.45
C ASP A 154 4.74 42.78 2.51
N GLU A 155 6.04 42.80 2.39
CA GLU A 155 6.81 41.54 2.43
C GLU A 155 6.66 40.91 3.82
N VAL A 156 6.40 39.64 3.87
CA VAL A 156 6.23 38.97 5.19
C VAL A 156 6.63 37.49 5.09
N ILE A 157 6.82 36.82 6.20
CA ILE A 157 7.14 35.37 6.16
C ILE A 157 5.80 34.65 6.31
N LEU A 158 5.64 33.52 5.69
CA LEU A 158 4.33 32.81 5.77
C LEU A 158 4.39 31.69 6.81
N VAL A 159 3.59 31.79 7.85
CA VAL A 159 3.57 30.75 8.92
C VAL A 159 2.16 30.15 9.01
N ALA A 160 2.04 28.85 9.00
CA ALA A 160 0.68 28.21 9.07
C ALA A 160 0.82 26.79 9.60
N ALA A 161 -0.23 26.20 10.08
CA ALA A 161 -0.12 24.80 10.56
C ALA A 161 0.11 23.91 9.34
N ASP A 162 -0.53 24.23 8.25
CA ASP A 162 -0.35 23.44 7.00
C ASP A 162 -1.03 24.19 5.84
N LEU A 163 -0.50 24.09 4.65
CA LEU A 163 -1.09 24.81 3.47
C LEU A 163 -1.66 23.80 2.48
N THR A 164 -2.81 24.06 1.92
CA THR A 164 -3.42 23.13 0.92
C THR A 164 -3.02 23.60 -0.49
N PRO A 165 -2.82 22.69 -1.43
CA PRO A 165 -2.44 23.06 -2.83
C PRO A 165 -3.18 24.30 -3.33
N SER A 166 -4.42 24.45 -2.96
CA SER A 166 -5.21 25.64 -3.44
C SER A 166 -4.54 26.94 -2.98
N GLU A 167 -4.03 26.98 -1.78
CA GLU A 167 -3.39 28.24 -1.31
C GLU A 167 -2.09 28.47 -2.08
N THR A 168 -1.32 27.44 -2.32
CA THR A 168 -0.02 27.64 -3.02
C THR A 168 -0.20 28.34 -4.38
N ALA A 169 -1.30 28.15 -5.03
CA ALA A 169 -1.51 28.83 -6.35
C ALA A 169 -1.76 30.32 -6.15
N GLN A 170 -2.71 30.66 -5.33
CA GLN A 170 -3.04 32.09 -5.09
C GLN A 170 -2.11 32.63 -4.03
N LEU A 171 -0.87 32.21 -4.04
CA LEU A 171 0.11 32.69 -3.03
C LEU A 171 1.08 33.68 -3.69
N ASN A 172 1.42 34.75 -3.02
CA ASN A 172 2.37 35.74 -3.60
C ASN A 172 3.81 35.29 -3.34
N LEU A 173 4.47 34.74 -4.32
CA LEU A 173 5.88 34.28 -4.10
C LEU A 173 6.80 35.46 -3.83
N LYS A 174 6.63 36.56 -4.52
CA LYS A 174 7.54 37.73 -4.32
C LYS A 174 7.34 38.39 -2.95
N LYS A 175 6.15 38.34 -2.40
CA LYS A 175 5.94 39.02 -1.09
C LYS A 175 6.14 38.04 0.07
N VAL A 176 6.32 36.78 -0.23
CA VAL A 176 6.59 35.78 0.85
C VAL A 176 8.09 35.47 0.83
N LEU A 177 8.79 35.84 1.87
CA LEU A 177 10.27 35.63 1.88
C LEU A 177 10.60 34.22 2.36
N GLY A 178 9.62 33.39 2.55
CA GLY A 178 9.92 32.00 2.99
C GLY A 178 8.61 31.32 3.41
N PHE A 179 8.67 30.06 3.72
CA PHE A 179 7.45 29.32 4.13
C PHE A 179 7.77 28.49 5.38
N ILE A 180 6.96 28.61 6.40
CA ILE A 180 7.21 27.82 7.64
C ILE A 180 5.91 27.15 8.07
N THR A 181 5.92 25.87 8.26
CA THR A 181 4.67 25.16 8.67
C THR A 181 4.98 23.94 9.53
N ASP A 182 4.00 23.46 10.23
CA ASP A 182 4.19 22.26 11.11
C ASP A 182 3.54 21.03 10.44
N ALA A 183 3.40 21.02 9.14
CA ALA A 183 2.76 19.87 8.46
C ALA A 183 3.47 18.55 8.81
N GLY A 184 3.23 17.52 8.03
CA GLY A 184 3.85 16.18 8.29
C GLY A 184 5.33 16.20 7.89
N GLY A 185 5.63 16.58 6.68
CA GLY A 185 7.06 16.59 6.26
C GLY A 185 7.18 16.87 4.76
N ARG A 186 8.15 16.26 4.12
CA ARG A 186 8.35 16.47 2.66
C ARG A 186 7.14 15.92 1.89
N THR A 187 6.45 14.97 2.46
CA THR A 187 5.29 14.39 1.74
C THR A 187 4.21 15.47 1.58
N SER A 188 4.49 16.67 2.02
CA SER A 188 3.49 17.78 1.90
C SER A 188 3.70 18.54 0.59
N HIS A 189 2.64 18.78 -0.15
CA HIS A 189 2.75 19.50 -1.46
C HIS A 189 3.59 20.78 -1.31
N THR A 190 3.23 21.64 -0.39
CA THR A 190 3.98 22.90 -0.23
C THR A 190 5.47 22.63 0.02
N SER A 191 5.80 21.58 0.72
CA SER A 191 7.24 21.28 0.99
C SER A 191 8.02 21.10 -0.32
N ILE A 192 7.44 20.44 -1.28
CA ILE A 192 8.14 20.23 -2.58
C ILE A 192 8.39 21.58 -3.24
N MET A 193 7.47 22.49 -3.13
CA MET A 193 7.66 23.83 -3.77
C MET A 193 8.89 24.53 -3.19
N ALA A 194 9.12 24.45 -1.91
CA ALA A 194 10.32 25.10 -1.34
C ALA A 194 11.56 24.55 -2.02
N ARG A 195 11.61 23.26 -2.22
CA ARG A 195 12.78 22.65 -2.90
C ARG A 195 12.94 23.24 -4.30
N SER A 196 11.93 23.10 -5.12
CA SER A 196 11.99 23.63 -6.51
C SER A 196 12.14 25.15 -6.54
N LEU A 197 11.46 25.85 -5.67
CA LEU A 197 11.58 27.34 -5.69
C LEU A 197 12.96 27.76 -5.18
N GLU A 198 13.59 26.90 -4.42
CA GLU A 198 14.94 27.21 -3.85
C GLU A 198 14.84 28.38 -2.88
N LEU A 199 13.90 28.32 -1.96
CA LEU A 199 13.75 29.41 -0.95
C LEU A 199 13.78 28.76 0.45
N PRO A 200 14.36 29.40 1.45
CA PRO A 200 14.43 28.81 2.83
C PRO A 200 13.04 28.53 3.41
N ALA A 201 12.86 27.40 4.05
CA ALA A 201 11.52 27.07 4.63
C ALA A 201 11.55 25.82 5.52
N ILE A 202 10.69 25.77 6.50
CA ILE A 202 10.59 24.58 7.42
C ILE A 202 9.16 24.03 7.34
N VAL A 203 8.98 22.75 7.51
CA VAL A 203 7.60 22.17 7.44
C VAL A 203 7.31 21.29 8.67
N GLY A 204 8.34 21.01 9.46
CA GLY A 204 8.15 20.14 10.67
C GLY A 204 8.33 20.95 11.96
N THR A 205 8.13 22.24 11.91
CA THR A 205 8.30 23.08 13.13
C THR A 205 7.64 22.38 14.33
N GLY A 206 6.45 21.87 14.14
CA GLY A 206 5.75 21.16 15.26
C GLY A 206 4.80 22.11 16.00
N SER A 207 5.26 23.27 16.41
CA SER A 207 4.34 24.19 17.16
C SER A 207 4.88 25.62 17.14
N VAL A 208 5.41 26.07 16.04
CA VAL A 208 5.91 27.46 15.98
C VAL A 208 4.73 28.45 15.85
N THR A 209 3.76 28.11 15.04
CA THR A 209 2.60 29.03 14.85
C THR A 209 1.93 29.36 16.20
N SER A 210 1.96 28.44 17.13
CA SER A 210 1.31 28.71 18.45
C SER A 210 2.20 29.62 19.27
N GLN A 211 3.43 29.80 18.85
CA GLN A 211 4.38 30.67 19.60
C GLN A 211 4.52 32.01 18.87
N VAL A 212 4.03 32.10 17.65
CA VAL A 212 4.17 33.38 16.87
C VAL A 212 2.82 34.07 16.70
N LYS A 213 2.82 35.38 16.77
CA LYS A 213 1.59 36.18 16.56
C LYS A 213 1.80 36.92 15.24
N ASN A 214 0.77 37.32 14.55
CA ASN A 214 1.03 38.04 13.28
C ASN A 214 1.81 39.32 13.59
N ASP A 215 2.59 39.79 12.64
CA ASP A 215 3.39 41.04 12.80
C ASP A 215 4.62 40.78 13.68
N ASP A 216 4.90 39.56 14.01
CA ASP A 216 6.11 39.28 14.85
C ASP A 216 7.34 39.33 13.93
N TYR A 217 8.44 39.82 14.43
CA TYR A 217 9.67 39.87 13.59
C TYR A 217 10.46 38.59 13.86
N LEU A 218 10.73 37.81 12.83
CA LEU A 218 11.48 36.52 13.04
C LEU A 218 12.64 36.42 12.06
N ILE A 219 13.71 35.78 12.47
CA ILE A 219 14.87 35.58 11.55
C ILE A 219 15.00 34.06 11.36
N LEU A 220 15.01 33.61 10.13
CA LEU A 220 15.10 32.15 9.87
C LEU A 220 16.55 31.78 9.54
N ASP A 221 17.15 30.94 10.34
CA ASP A 221 18.56 30.53 10.07
C ASP A 221 18.56 29.52 8.93
N ALA A 222 17.67 28.57 8.96
CA ALA A 222 17.62 27.55 7.88
C ALA A 222 19.04 27.00 7.67
N VAL A 223 19.92 27.25 8.61
CA VAL A 223 21.32 26.75 8.52
C VAL A 223 21.64 26.08 9.86
N ASN A 224 21.32 26.74 10.94
CA ASN A 224 21.52 26.13 12.29
C ASN A 224 20.17 25.54 12.70
N ASN A 225 19.19 25.67 11.84
CA ASN A 225 17.84 25.14 12.13
C ASN A 225 17.28 25.81 13.38
N GLN A 226 17.40 27.11 13.47
CA GLN A 226 16.87 27.85 14.69
C GLN A 226 16.10 29.09 14.25
N VAL A 227 15.19 29.55 15.07
CA VAL A 227 14.40 30.77 14.74
C VAL A 227 14.57 31.78 15.88
N TYR A 228 14.91 33.01 15.57
CA TYR A 228 15.09 34.04 16.63
C TYR A 228 13.85 34.95 16.67
N VAL A 229 13.22 35.03 17.82
CA VAL A 229 11.99 35.87 17.96
C VAL A 229 12.33 37.21 18.64
N ASN A 230 12.20 38.31 17.93
CA ASN A 230 12.49 39.64 18.54
C ASN A 230 13.90 39.66 19.14
N PRO A 231 14.85 39.04 18.50
CA PRO A 231 16.27 38.90 19.01
C PRO A 231 17.06 40.17 19.26
N THR A 232 18.22 39.95 19.82
CA THR A 232 19.18 41.03 20.08
C THR A 232 19.80 41.40 18.73
N ASN A 233 20.04 42.64 18.47
CA ASN A 233 20.60 43.03 17.15
C ASN A 233 21.82 42.16 16.79
N GLU A 234 22.51 41.63 17.77
CA GLU A 234 23.71 40.79 17.46
C GLU A 234 23.30 39.51 16.71
N VAL A 235 22.22 38.90 17.07
CA VAL A 235 21.78 37.68 16.34
C VAL A 235 21.38 38.08 14.92
N ILE A 236 20.70 39.18 14.79
CA ILE A 236 20.33 39.68 13.48
C ILE A 236 21.61 39.87 12.69
N ASP A 237 22.70 39.95 13.41
CA ASP A 237 23.99 40.11 12.77
C ASP A 237 24.64 38.79 12.33
N LYS A 238 24.83 37.86 13.29
CA LYS A 238 25.33 36.50 13.02
C LYS A 238 24.64 35.89 11.80
N MET A 239 23.32 35.93 11.83
CA MET A 239 22.47 35.46 10.74
C MET A 239 22.80 36.15 9.43
N ARG A 240 22.93 37.46 9.48
CA ARG A 240 23.21 38.22 8.29
C ARG A 240 24.53 37.71 7.67
N ALA A 241 25.46 37.31 8.53
CA ALA A 241 26.74 36.76 8.06
C ALA A 241 26.58 35.33 7.58
N VAL A 242 25.61 34.62 8.16
CA VAL A 242 25.33 33.24 7.78
C VAL A 242 24.78 33.24 6.36
N GLN A 243 23.94 34.24 6.12
CA GLN A 243 23.38 34.55 4.82
C GLN A 243 24.42 34.92 3.78
N GLU A 244 25.46 35.63 4.21
CA GLU A 244 26.61 35.87 3.34
C GLU A 244 27.26 34.56 2.87
N GLN A 245 27.45 33.62 3.77
CA GLN A 245 28.12 32.35 3.44
C GLN A 245 27.28 31.63 2.42
N VAL A 246 25.98 31.58 2.71
CA VAL A 246 24.99 31.01 1.83
C VAL A 246 25.10 31.55 0.42
N ALA A 247 25.20 32.87 0.30
CA ALA A 247 25.35 33.55 -0.99
C ALA A 247 26.68 33.22 -1.70
N SER A 248 27.77 33.09 -0.94
CA SER A 248 29.06 32.70 -1.49
C SER A 248 29.00 31.27 -1.96
N GLU A 249 28.33 30.41 -1.19
CA GLU A 249 28.16 29.03 -1.61
C GLU A 249 27.56 28.98 -3.01
N LYS A 250 26.55 29.83 -3.26
CA LYS A 250 25.91 29.83 -4.57
C LYS A 250 26.97 30.20 -5.58
N ALA A 251 27.59 31.36 -5.33
CA ALA A 251 28.60 31.90 -6.22
C ALA A 251 29.66 30.87 -6.61
N GLU A 252 30.09 30.04 -5.66
CA GLU A 252 31.10 29.01 -5.96
C GLU A 252 30.51 27.85 -6.78
N LEU A 253 29.42 27.28 -6.29
CA LEU A 253 28.70 26.23 -7.01
C LEU A 253 28.33 26.66 -8.42
N ALA A 254 27.96 27.93 -8.58
CA ALA A 254 27.66 28.53 -9.87
C ALA A 254 28.62 28.16 -10.99
N LYS A 255 29.88 27.99 -10.64
CA LYS A 255 30.72 27.65 -11.82
C LYS A 255 31.93 26.77 -11.61
N LEU A 256 32.09 25.86 -12.58
CA LEU A 256 33.19 24.93 -12.59
C LEU A 256 33.74 24.68 -14.01
N LYS A 257 33.01 23.94 -14.84
CA LYS A 257 33.51 23.62 -16.18
C LYS A 257 32.35 23.40 -17.17
N ASP A 258 32.55 23.81 -18.43
CA ASP A 258 31.51 23.69 -19.46
C ASP A 258 31.13 22.22 -19.75
N LEU A 259 31.40 21.74 -20.97
CA LEU A 259 31.03 20.38 -21.38
C LEU A 259 31.63 19.26 -20.51
N PRO A 260 32.90 19.30 -20.21
CA PRO A 260 33.58 18.19 -19.47
C PRO A 260 33.09 17.83 -18.07
N ALA A 261 33.14 16.51 -17.87
CA ALA A 261 32.89 15.80 -16.63
C ALA A 261 33.94 14.72 -16.75
N ILE A 262 35.17 15.14 -16.49
CA ILE A 262 36.36 14.30 -16.73
C ILE A 262 37.21 14.25 -15.46
N THR A 263 37.48 13.04 -15.00
CA THR A 263 38.42 12.84 -13.93
C THR A 263 39.80 13.38 -14.33
N LEU A 264 40.62 13.67 -13.30
CA LEU A 264 42.02 14.03 -13.47
C LEU A 264 42.74 13.18 -14.51
N ASP A 265 42.52 11.87 -14.47
CA ASP A 265 43.19 10.95 -15.37
C ASP A 265 42.43 10.65 -16.66
N GLY A 266 41.51 11.51 -17.06
CA GLY A 266 40.93 11.41 -18.42
C GLY A 266 39.65 10.60 -18.68
N HIS A 267 38.93 10.23 -17.63
CA HIS A 267 37.76 9.39 -17.79
C HIS A 267 36.56 10.31 -17.82
N GLN A 268 35.77 10.22 -18.90
CA GLN A 268 34.60 11.05 -19.06
C GLN A 268 33.28 10.34 -18.82
N VAL A 269 32.36 11.06 -18.19
CA VAL A 269 30.96 10.57 -18.05
C VAL A 269 30.00 11.67 -18.46
N GLU A 270 28.77 11.33 -18.80
CA GLU A 270 27.80 12.36 -18.99
C GLU A 270 27.18 12.70 -17.64
N VAL A 271 26.70 13.92 -17.54
CA VAL A 271 26.11 14.41 -16.33
C VAL A 271 24.96 15.30 -16.80
N CYS A 272 23.74 14.90 -16.47
CA CYS A 272 22.58 15.50 -17.09
C CYS A 272 21.57 15.78 -16.05
N ALA A 273 20.52 16.49 -16.48
CA ALA A 273 19.44 16.81 -15.59
C ALA A 273 18.28 15.85 -15.79
N ASN A 274 17.66 15.47 -14.68
CA ASN A 274 16.35 14.90 -14.75
C ASN A 274 15.43 16.06 -14.83
N ILE A 275 14.41 16.01 -15.69
CA ILE A 275 13.42 17.11 -15.75
C ILE A 275 11.99 16.62 -15.72
N GLY A 276 11.09 17.58 -15.51
CA GLY A 276 9.67 17.31 -15.49
C GLY A 276 8.88 18.06 -16.54
N THR A 277 9.47 19.12 -17.12
CA THR A 277 8.71 20.20 -17.79
C THR A 277 9.73 21.08 -18.49
N VAL A 278 9.51 21.50 -19.76
CA VAL A 278 10.39 22.54 -20.38
C VAL A 278 10.99 23.52 -19.38
N ARG A 279 10.17 23.91 -18.39
CA ARG A 279 10.59 24.90 -17.40
C ARG A 279 11.83 24.46 -16.62
N ASP A 280 12.15 23.17 -16.65
CA ASP A 280 13.25 22.64 -15.90
C ASP A 280 14.52 22.74 -16.74
N VAL A 281 14.38 22.99 -18.04
CA VAL A 281 15.50 23.08 -18.95
C VAL A 281 16.36 24.28 -18.54
N GLU A 282 15.68 25.27 -18.00
CA GLU A 282 16.35 26.47 -17.60
C GLU A 282 17.36 26.12 -16.51
N GLY A 283 16.89 25.56 -15.38
CA GLY A 283 17.79 25.04 -14.33
C GLY A 283 18.88 24.13 -14.86
N ALA A 284 18.56 23.31 -15.85
CA ALA A 284 19.56 22.38 -16.38
C ALA A 284 20.70 23.11 -17.08
N GLU A 285 20.34 24.14 -17.86
CA GLU A 285 21.33 24.89 -18.60
C GLU A 285 22.11 25.70 -17.59
N ARG A 286 21.39 26.20 -16.60
CA ARG A 286 21.98 27.02 -15.55
C ARG A 286 23.10 26.28 -14.78
N ASN A 287 22.90 24.98 -14.60
CA ASN A 287 23.74 24.16 -13.76
C ASN A 287 24.69 23.27 -14.54
N GLY A 288 24.75 23.52 -15.84
CA GLY A 288 25.82 22.95 -16.64
C GLY A 288 25.57 21.56 -17.14
N ALA A 289 24.29 21.17 -17.15
CA ALA A 289 23.81 19.88 -17.66
C ALA A 289 24.30 19.68 -19.08
N GLU A 290 24.76 18.49 -19.42
CA GLU A 290 25.17 18.21 -20.81
C GLU A 290 24.04 17.60 -21.65
N GLY A 291 22.86 17.46 -21.07
CA GLY A 291 21.68 16.93 -21.77
C GLY A 291 20.70 16.54 -20.68
N VAL A 292 19.60 15.90 -21.07
CA VAL A 292 18.59 15.46 -20.14
C VAL A 292 18.60 13.94 -20.07
N GLY A 293 18.72 13.41 -18.85
CA GLY A 293 18.93 12.00 -18.67
C GLY A 293 17.62 11.32 -18.35
N LEU A 294 16.60 12.09 -18.00
CA LEU A 294 15.31 11.51 -17.70
C LEU A 294 14.28 12.61 -17.73
N TYR A 295 13.31 12.44 -18.61
CA TYR A 295 12.24 13.36 -18.77
C TYR A 295 11.07 12.55 -18.28
N ARG A 296 10.77 12.76 -17.00
CA ARG A 296 9.64 12.13 -16.32
C ARG A 296 8.40 12.68 -16.96
N THR A 297 7.81 11.97 -17.90
CA THR A 297 6.66 12.52 -18.62
C THR A 297 5.39 12.62 -17.75
N GLU A 298 5.31 11.85 -16.66
CA GLU A 298 4.19 11.96 -15.70
C GLU A 298 3.99 13.38 -15.32
N PHE A 299 5.09 14.07 -15.11
CA PHE A 299 5.10 15.38 -14.50
C PHE A 299 4.39 16.33 -15.46
N LEU A 300 4.57 16.09 -16.76
CA LEU A 300 3.86 16.86 -17.73
C LEU A 300 2.38 16.56 -17.61
N PHE A 301 2.04 15.35 -17.22
CA PHE A 301 0.65 14.91 -17.11
C PHE A 301 0.00 15.51 -15.88
N MET A 302 0.82 15.82 -14.88
CA MET A 302 0.30 16.45 -13.66
C MET A 302 0.43 17.97 -13.78
N ASP A 303 0.86 18.42 -14.95
CA ASP A 303 0.92 19.83 -15.23
C ASP A 303 -0.37 20.33 -15.87
N ARG A 304 -1.38 19.43 -15.97
CA ARG A 304 -2.65 19.60 -16.71
C ARG A 304 -3.83 19.02 -15.93
N ASP A 305 -5.08 19.42 -16.22
CA ASP A 305 -6.23 18.74 -15.58
C ASP A 305 -6.99 17.77 -16.50
N ALA A 306 -6.31 17.31 -17.54
CA ALA A 306 -6.86 16.30 -18.45
C ALA A 306 -5.71 15.51 -18.98
N LEU A 307 -5.98 14.28 -19.47
CA LEU A 307 -4.95 13.47 -20.10
C LEU A 307 -4.52 14.12 -21.40
N PRO A 308 -3.19 14.36 -21.58
CA PRO A 308 -2.74 15.05 -22.79
C PRO A 308 -2.74 14.14 -24.00
N THR A 309 -3.37 14.60 -25.06
CA THR A 309 -3.58 13.82 -26.26
C THR A 309 -2.28 13.62 -26.98
N GLU A 310 -2.32 12.87 -28.05
CA GLU A 310 -1.13 12.74 -28.84
C GLU A 310 -0.58 14.13 -29.17
N GLU A 311 -1.45 15.01 -29.64
CA GLU A 311 -1.04 16.32 -30.13
C GLU A 311 -0.45 17.19 -28.99
N GLU A 312 -1.08 17.16 -27.82
CA GLU A 312 -0.59 17.98 -26.72
C GLU A 312 0.76 17.47 -26.27
N GLN A 313 0.93 16.14 -26.35
CA GLN A 313 2.17 15.54 -25.91
C GLN A 313 3.27 15.89 -26.87
N PHE A 314 2.93 15.72 -28.13
CA PHE A 314 3.84 16.03 -29.19
C PHE A 314 4.40 17.44 -28.98
N ALA A 315 3.50 18.39 -28.69
CA ALA A 315 3.87 19.80 -28.64
C ALA A 315 4.81 20.01 -27.49
N ALA A 316 4.45 19.39 -26.37
CA ALA A 316 5.18 19.47 -25.13
C ALA A 316 6.55 18.89 -25.34
N TYR A 317 6.62 17.72 -25.99
CA TYR A 317 7.90 17.07 -26.30
C TYR A 317 8.75 17.88 -27.23
N LYS A 318 8.10 18.46 -28.25
CA LYS A 318 8.75 19.30 -29.29
C LYS A 318 9.39 20.45 -28.59
N ALA A 319 8.60 21.13 -27.76
CA ALA A 319 9.17 22.27 -27.02
C ALA A 319 10.43 21.85 -26.29
N VAL A 320 10.38 20.72 -25.57
CA VAL A 320 11.50 20.33 -24.74
C VAL A 320 12.67 20.09 -25.69
N ALA A 321 12.43 19.29 -26.71
CA ALA A 321 13.48 18.93 -27.65
C ALA A 321 14.17 20.16 -28.18
N GLU A 322 13.39 21.22 -28.30
CA GLU A 322 13.89 22.43 -28.87
C GLU A 322 14.51 23.31 -27.81
N ALA A 323 13.94 23.32 -26.62
CA ALA A 323 14.54 24.08 -25.54
C ALA A 323 15.83 23.44 -25.12
N CYS A 324 16.09 22.25 -25.62
CA CYS A 324 17.36 21.63 -25.31
C CYS A 324 18.42 21.79 -26.37
N GLY A 325 18.08 22.46 -27.48
CA GLY A 325 19.06 22.76 -28.51
C GLY A 325 19.67 21.49 -29.08
N SER A 326 20.98 21.43 -29.01
CA SER A 326 21.71 20.32 -29.61
C SER A 326 21.56 19.10 -28.74
N GLN A 327 21.18 19.30 -27.47
CA GLN A 327 21.26 18.25 -26.46
C GLN A 327 20.20 17.15 -26.57
N ALA A 328 20.57 15.96 -26.12
CA ALA A 328 19.72 14.77 -26.16
C ALA A 328 18.79 14.73 -24.95
N VAL A 329 17.53 14.42 -25.17
CA VAL A 329 16.63 14.21 -24.05
C VAL A 329 16.20 12.74 -23.97
N ILE A 330 16.28 12.14 -22.79
CA ILE A 330 15.81 10.77 -22.62
C ILE A 330 14.38 10.87 -22.07
N VAL A 331 13.43 10.69 -22.98
CA VAL A 331 12.03 10.85 -22.68
C VAL A 331 11.57 9.52 -22.14
N ARG A 332 11.17 9.49 -20.87
CA ARG A 332 10.66 8.22 -20.33
C ARG A 332 9.18 8.22 -20.55
N THR A 333 8.69 7.10 -21.03
CA THR A 333 7.25 6.95 -21.11
C THR A 333 6.74 6.92 -19.69
N MET A 334 5.44 7.15 -19.60
CA MET A 334 4.76 7.60 -18.41
C MET A 334 4.79 6.63 -17.24
N ASP A 335 5.02 7.17 -16.05
CA ASP A 335 5.10 6.36 -14.85
C ASP A 335 4.15 6.91 -13.78
N ILE A 336 2.90 6.54 -13.92
CA ILE A 336 1.90 6.83 -12.95
C ILE A 336 1.67 5.58 -12.08
N GLY A 337 1.40 5.79 -10.80
CA GLY A 337 0.81 4.74 -10.01
C GLY A 337 1.50 4.18 -8.77
N GLY A 338 2.54 4.84 -8.30
CA GLY A 338 3.03 4.43 -7.00
C GLY A 338 2.58 5.59 -6.15
N ASP A 339 3.53 6.35 -5.65
CA ASP A 339 3.16 7.59 -5.02
C ASP A 339 2.80 8.67 -6.05
N LYS A 340 2.81 8.36 -7.35
CA LYS A 340 2.36 9.37 -8.32
C LYS A 340 1.09 9.03 -9.11
N GLU A 341 -0.02 9.31 -8.45
CA GLU A 341 -1.24 9.18 -9.11
C GLU A 341 -1.49 10.48 -9.87
N LEU A 342 -2.23 10.40 -10.97
CA LEU A 342 -2.93 11.58 -11.42
C LEU A 342 -4.43 11.44 -11.19
N PRO A 343 -4.92 12.20 -10.20
CA PRO A 343 -6.31 12.25 -9.75
C PRO A 343 -7.29 12.25 -10.93
N TYR A 344 -7.02 13.05 -11.95
CA TYR A 344 -7.95 13.05 -13.10
C TYR A 344 -8.21 11.68 -13.76
N MET A 345 -7.37 10.68 -13.45
CA MET A 345 -7.55 9.36 -14.04
C MET A 345 -8.54 8.54 -13.24
N ASN A 346 -8.78 8.95 -11.99
CA ASN A 346 -9.70 8.25 -11.12
C ASN A 346 -9.45 6.75 -11.02
N PHE A 347 -8.21 6.34 -11.19
CA PHE A 347 -7.90 4.94 -11.05
C PHE A 347 -8.37 4.47 -9.68
N PRO A 348 -8.67 3.17 -9.56
CA PRO A 348 -9.06 2.66 -8.24
C PRO A 348 -7.88 2.53 -7.29
N LYS A 349 -8.17 2.51 -5.98
CA LYS A 349 -7.14 2.35 -4.97
C LYS A 349 -6.53 0.97 -4.99
N GLU A 350 -5.28 0.92 -4.54
CA GLU A 350 -4.54 -0.34 -4.37
C GLU A 350 -3.95 -0.47 -2.98
N GLU A 351 -3.85 -1.71 -2.55
CA GLU A 351 -3.30 -1.99 -1.27
C GLU A 351 -1.81 -1.61 -1.20
N ASN A 352 -1.08 -1.80 -2.29
CA ASN A 352 0.33 -1.36 -2.33
C ASN A 352 0.60 -0.69 -3.66
N PRO A 353 0.35 0.62 -3.74
CA PRO A 353 0.50 1.23 -5.04
C PRO A 353 1.87 0.94 -5.61
N PHE A 354 2.89 0.97 -4.78
CA PHE A 354 4.26 0.80 -5.29
C PHE A 354 4.60 -0.58 -5.81
N LEU A 355 3.79 -1.57 -5.44
CA LEU A 355 3.82 -2.89 -6.03
C LEU A 355 2.59 -3.15 -6.88
N GLY A 356 2.02 -2.10 -7.45
CA GLY A 356 0.74 -2.24 -8.13
C GLY A 356 0.81 -1.94 -9.61
N TRP A 357 -0.28 -1.34 -10.09
CA TRP A 357 -0.58 -1.21 -11.49
C TRP A 357 0.00 0.11 -11.95
N ARG A 358 1.29 0.05 -12.17
CA ARG A 358 2.12 1.22 -12.28
C ARG A 358 2.80 1.33 -13.67
N ALA A 359 2.82 2.55 -14.20
CA ALA A 359 3.67 2.90 -15.35
C ALA A 359 3.27 2.05 -16.52
N ILE A 360 4.16 1.19 -16.93
CA ILE A 360 4.02 0.40 -18.15
C ILE A 360 2.87 -0.64 -18.08
N ARG A 361 2.52 -0.95 -16.85
CA ARG A 361 1.49 -1.89 -16.63
C ARG A 361 0.17 -1.31 -17.02
N ILE A 362 0.09 0.02 -16.99
CA ILE A 362 -1.12 0.74 -17.42
C ILE A 362 -1.11 0.91 -18.94
N ALA A 363 -0.02 1.42 -19.45
CA ALA A 363 0.01 1.73 -20.84
C ALA A 363 -0.20 0.44 -21.67
N MET A 364 0.18 -0.70 -21.10
CA MET A 364 -0.09 -2.00 -21.75
C MET A 364 -1.50 -2.51 -21.52
N ASP A 365 -2.18 -1.99 -20.53
CA ASP A 365 -3.57 -2.41 -20.38
C ASP A 365 -4.49 -1.42 -21.02
N ARG A 366 -3.93 -0.32 -21.52
CA ARG A 366 -4.74 0.67 -22.18
C ARG A 366 -3.93 1.25 -23.26
N ARG A 367 -3.87 0.54 -24.40
CA ARG A 367 -3.02 0.94 -25.50
C ARG A 367 -3.16 2.38 -25.97
N GLU A 368 -4.38 2.92 -26.01
CA GLU A 368 -4.52 4.32 -26.41
C GLU A 368 -3.43 5.21 -25.71
N ILE A 369 -3.05 4.86 -24.47
CA ILE A 369 -2.14 5.69 -23.66
C ILE A 369 -0.70 5.52 -24.15
N LEU A 370 -0.27 4.27 -24.18
CA LEU A 370 0.97 3.91 -24.75
C LEU A 370 1.08 4.45 -26.20
N ARG A 371 0.03 4.29 -27.00
CA ARG A 371 0.11 4.65 -28.41
C ARG A 371 0.24 6.16 -28.67
N ASP A 372 -0.67 6.94 -28.05
CA ASP A 372 -0.65 8.37 -28.16
C ASP A 372 0.72 8.79 -27.81
N GLN A 373 1.21 8.31 -26.66
CA GLN A 373 2.49 8.80 -26.16
C GLN A 373 3.63 8.43 -27.08
N LEU A 374 3.80 7.16 -27.40
CA LEU A 374 4.92 6.78 -28.24
C LEU A 374 4.87 7.46 -29.59
N ARG A 375 3.70 7.45 -30.21
CA ARG A 375 3.41 8.31 -31.37
C ARG A 375 3.97 9.75 -31.19
N ALA A 376 3.51 10.44 -30.15
CA ALA A 376 3.98 11.77 -29.85
C ALA A 376 5.50 11.86 -29.71
N ILE A 377 6.13 10.95 -28.98
CA ILE A 377 7.57 11.01 -28.80
C ILE A 377 8.22 10.90 -30.18
N LEU A 378 7.90 9.83 -30.89
CA LEU A 378 8.50 9.62 -32.19
C LEU A 378 8.38 10.88 -33.02
N ARG A 379 7.17 11.43 -33.09
CA ARG A 379 6.98 12.54 -33.96
C ARG A 379 7.83 13.70 -33.49
N ALA A 380 7.93 13.88 -32.16
CA ALA A 380 8.77 14.96 -31.62
C ALA A 380 10.25 14.77 -31.95
N SER A 381 10.67 13.53 -32.19
CA SER A 381 12.06 13.24 -32.49
C SER A 381 12.45 13.78 -33.85
N ALA A 382 11.49 14.28 -34.59
CA ALA A 382 11.81 14.91 -35.86
C ALA A 382 12.37 16.28 -35.60
N PHE A 383 12.48 16.66 -34.32
CA PHE A 383 12.78 18.05 -33.99
C PHE A 383 13.93 18.25 -33.03
N GLY A 384 14.60 17.17 -32.63
CA GLY A 384 15.71 17.28 -31.73
C GLY A 384 16.07 15.90 -31.31
N LYS A 385 17.30 15.69 -30.79
CA LYS A 385 17.69 14.34 -30.38
C LYS A 385 16.88 13.87 -29.16
N LEU A 386 16.03 12.89 -29.38
CA LEU A 386 15.27 12.27 -28.29
C LEU A 386 15.63 10.80 -28.22
N ARG A 387 15.60 10.26 -27.00
CA ARG A 387 15.59 8.82 -26.80
C ARG A 387 14.29 8.43 -26.09
N ILE A 388 13.88 7.18 -26.25
CA ILE A 388 12.72 6.61 -25.54
C ILE A 388 13.20 5.65 -24.48
N MET A 389 12.61 5.75 -23.31
CA MET A 389 12.99 4.84 -22.26
C MET A 389 11.73 4.47 -21.57
N PHE A 390 11.68 3.24 -21.09
CA PHE A 390 10.52 2.66 -20.41
C PHE A 390 10.77 2.44 -18.94
N PRO A 391 9.79 2.80 -18.10
CA PRO A 391 9.81 2.61 -16.65
C PRO A 391 9.30 1.25 -16.20
N MET A 392 9.67 0.81 -14.99
CA MET A 392 9.08 -0.39 -14.36
C MET A 392 9.18 -1.69 -15.13
N ILE A 393 10.16 -1.80 -16.00
CA ILE A 393 10.44 -3.03 -16.72
C ILE A 393 10.86 -4.17 -15.79
N ILE A 394 10.28 -5.33 -16.04
CA ILE A 394 10.45 -6.47 -15.16
C ILE A 394 10.87 -7.75 -15.85
N SER A 395 10.68 -7.80 -17.18
CA SER A 395 10.92 -9.02 -17.93
C SER A 395 11.39 -8.71 -19.34
N VAL A 396 12.03 -9.67 -20.00
CA VAL A 396 12.29 -9.52 -21.41
C VAL A 396 10.96 -9.53 -22.15
N GLU A 397 10.01 -10.32 -21.69
CA GLU A 397 8.66 -10.29 -22.30
C GLU A 397 8.15 -8.85 -22.53
N GLU A 398 8.11 -8.07 -21.44
CA GLU A 398 7.63 -6.68 -21.52
C GLU A 398 8.36 -5.87 -22.61
N VAL A 399 9.67 -5.87 -22.59
CA VAL A 399 10.45 -5.12 -23.61
C VAL A 399 10.11 -5.49 -25.07
N ARG A 400 10.06 -6.78 -25.37
CA ARG A 400 9.73 -7.17 -26.71
C ARG A 400 8.32 -6.72 -27.09
N ALA A 401 7.39 -6.72 -26.14
CA ALA A 401 6.03 -6.41 -26.49
C ALA A 401 5.93 -4.91 -26.83
N LEU A 402 6.78 -4.12 -26.20
CA LEU A 402 6.77 -2.68 -26.33
C LEU A 402 7.54 -2.20 -27.59
N ARG A 403 8.65 -2.88 -27.89
CA ARG A 403 9.40 -2.64 -29.14
C ARG A 403 8.55 -2.94 -30.35
N LYS A 404 7.81 -4.03 -30.23
CA LYS A 404 6.88 -4.44 -31.25
C LYS A 404 5.85 -3.34 -31.41
N GLU A 405 5.37 -2.85 -30.30
CA GLU A 405 4.52 -1.70 -30.31
C GLU A 405 5.18 -0.49 -31.01
N ILE A 406 6.37 -0.09 -30.58
CA ILE A 406 7.05 0.99 -31.29
C ILE A 406 7.02 0.75 -32.82
N GLU A 407 7.50 -0.41 -33.27
CA GLU A 407 7.54 -0.71 -34.66
C GLU A 407 6.21 -0.51 -35.38
N ILE A 408 5.10 -0.82 -34.71
CA ILE A 408 3.78 -0.58 -35.28
C ILE A 408 3.49 0.92 -35.41
N TYR A 409 3.69 1.63 -34.32
CA TYR A 409 3.53 3.05 -34.31
C TYR A 409 4.48 3.73 -35.28
N LYS A 410 5.65 3.16 -35.53
CA LYS A 410 6.60 3.75 -36.45
C LYS A 410 6.02 3.72 -37.84
N GLN A 411 5.43 2.58 -38.22
CA GLN A 411 4.90 2.41 -39.57
C GLN A 411 3.75 3.34 -39.80
N GLU A 412 2.83 3.40 -38.85
CA GLU A 412 1.72 4.28 -38.97
C GLU A 412 2.21 5.68 -39.29
N LEU A 413 3.14 6.20 -38.50
CA LEU A 413 3.73 7.50 -38.82
C LEU A 413 4.24 7.58 -40.27
N ARG A 414 5.13 6.65 -40.66
CA ARG A 414 5.56 6.48 -42.08
C ARG A 414 4.39 6.58 -43.07
N ASP A 415 3.28 5.97 -42.74
CA ASP A 415 2.12 5.93 -43.62
C ASP A 415 1.30 7.19 -43.64
N GLU A 416 1.44 8.00 -42.60
CA GLU A 416 0.69 9.24 -42.50
C GLU A 416 1.55 10.44 -42.94
N GLY A 417 2.76 10.16 -43.46
CA GLY A 417 3.67 11.19 -43.98
C GLY A 417 4.17 12.10 -42.87
N LYS A 418 4.58 11.45 -41.78
CA LYS A 418 5.02 12.08 -40.56
C LYS A 418 6.45 11.62 -40.16
N ALA A 419 7.40 12.54 -40.26
CA ALA A 419 8.81 12.29 -39.96
C ALA A 419 8.96 11.88 -38.50
N PHE A 420 9.93 10.99 -38.28
CA PHE A 420 10.44 10.69 -36.99
C PHE A 420 11.86 10.24 -37.23
N ASP A 421 12.70 10.40 -36.21
CA ASP A 421 14.11 10.08 -36.29
C ASP A 421 14.13 8.58 -36.41
N GLU A 422 14.55 8.06 -37.56
CA GLU A 422 14.65 6.60 -37.73
C GLU A 422 15.76 6.00 -36.86
N SER A 423 16.66 6.84 -36.36
CA SER A 423 17.80 6.43 -35.54
C SER A 423 17.44 6.27 -34.08
N ILE A 424 16.16 6.43 -33.74
CA ILE A 424 15.81 6.75 -32.37
C ILE A 424 16.14 5.59 -31.48
N GLU A 425 16.84 5.90 -30.39
CA GLU A 425 17.29 4.84 -29.53
C GLU A 425 16.33 4.60 -28.42
N ILE A 426 16.26 3.33 -28.06
CA ILE A 426 15.31 2.83 -27.11
C ILE A 426 16.05 2.14 -25.97
N GLY A 427 15.67 2.44 -24.74
CA GLY A 427 16.30 1.80 -23.59
C GLY A 427 15.29 1.51 -22.49
N VAL A 428 15.76 1.12 -21.33
CA VAL A 428 14.83 0.75 -20.29
C VAL A 428 15.36 1.21 -18.97
N MET A 429 14.45 1.54 -18.07
CA MET A 429 14.80 1.84 -16.71
C MET A 429 15.19 0.50 -16.15
N VAL A 430 16.31 0.40 -15.47
CA VAL A 430 16.54 -0.79 -14.65
C VAL A 430 16.28 -0.33 -13.20
N GLU A 431 15.09 -0.56 -12.67
CA GLU A 431 14.76 -0.03 -11.37
C GLU A 431 13.98 -1.05 -10.57
N THR A 432 13.94 -2.21 -11.14
CA THR A 432 13.38 -3.41 -10.57
C THR A 432 14.57 -4.42 -10.37
N PRO A 433 14.54 -5.21 -9.27
CA PRO A 433 15.53 -6.24 -9.04
C PRO A 433 15.39 -7.32 -10.10
N ALA A 434 14.20 -7.53 -10.63
CA ALA A 434 14.03 -8.38 -11.80
C ALA A 434 14.91 -7.89 -12.91
N ALA A 435 14.68 -6.66 -13.34
CA ALA A 435 15.46 -6.12 -14.46
C ALA A 435 16.94 -6.27 -14.17
N ALA A 436 17.31 -5.97 -12.94
CA ALA A 436 18.73 -5.98 -12.60
C ALA A 436 19.25 -7.39 -12.80
N THR A 437 18.46 -8.38 -12.39
CA THR A 437 18.83 -9.79 -12.48
C THR A 437 19.00 -10.36 -13.89
N ILE A 438 18.18 -9.85 -14.81
CA ILE A 438 18.17 -10.31 -16.17
C ILE A 438 18.76 -9.21 -17.05
N ALA A 439 19.50 -8.32 -16.40
CA ALA A 439 20.19 -7.29 -17.14
C ALA A 439 20.88 -7.85 -18.38
N ARG A 440 21.50 -9.03 -18.32
CA ARG A 440 22.26 -9.49 -19.50
C ARG A 440 21.29 -9.64 -20.60
N HIS A 441 20.24 -10.45 -20.36
CA HIS A 441 19.17 -10.62 -21.34
C HIS A 441 18.58 -9.36 -21.88
N LEU A 442 18.36 -8.37 -21.02
CA LEU A 442 17.70 -7.13 -21.45
C LEU A 442 18.63 -6.30 -22.32
N ALA A 443 19.91 -6.32 -21.99
CA ALA A 443 20.95 -5.55 -22.72
C ALA A 443 21.05 -5.84 -24.24
N LYS A 444 20.71 -7.08 -24.64
CA LYS A 444 20.61 -7.44 -26.08
C LYS A 444 19.45 -6.75 -26.69
N GLU A 445 18.47 -6.37 -25.90
CA GLU A 445 17.18 -6.01 -26.44
C GLU A 445 16.96 -4.49 -26.46
N VAL A 446 17.85 -3.74 -25.82
CA VAL A 446 17.72 -2.30 -25.75
C VAL A 446 19.02 -1.64 -26.09
N ASP A 447 18.99 -0.32 -26.32
CA ASP A 447 20.21 0.45 -26.61
C ASP A 447 20.89 0.96 -25.39
N PHE A 448 20.18 0.98 -24.28
CA PHE A 448 20.77 1.55 -23.09
C PHE A 448 19.96 1.27 -21.85
N PHE A 449 20.49 1.66 -20.70
CA PHE A 449 19.84 1.44 -19.41
C PHE A 449 20.04 2.70 -18.67
N SER A 450 19.06 3.05 -17.85
CA SER A 450 19.25 3.99 -16.81
C SER A 450 18.76 3.35 -15.53
N ILE A 451 19.61 3.29 -14.51
CA ILE A 451 19.22 2.63 -13.26
C ILE A 451 18.42 3.56 -12.36
N GLY A 452 17.19 3.15 -12.03
CA GLY A 452 16.41 3.94 -11.11
C GLY A 452 16.65 3.40 -9.73
N THR A 453 17.54 4.01 -8.97
CA THR A 453 17.88 3.51 -7.66
C THR A 453 16.81 3.81 -6.60
N ASN A 454 15.95 4.78 -6.87
CA ASN A 454 14.89 5.06 -5.90
C ASN A 454 14.00 3.84 -5.82
N ASP A 455 13.55 3.39 -6.98
CA ASP A 455 12.79 2.19 -7.03
C ASP A 455 13.59 0.94 -6.70
N LEU A 456 14.71 0.70 -7.38
CA LEU A 456 15.57 -0.43 -7.10
C LEU A 456 15.86 -0.59 -5.60
N THR A 457 16.17 0.50 -4.95
CA THR A 457 16.42 0.41 -3.55
C THR A 457 15.14 -0.13 -2.91
N GLN A 458 14.03 0.53 -3.24
CA GLN A 458 12.74 0.24 -2.67
C GLN A 458 12.45 -1.23 -2.73
N TYR A 459 12.60 -1.85 -3.91
CA TYR A 459 12.21 -3.27 -4.04
C TYR A 459 13.25 -4.22 -3.58
N THR A 460 14.50 -3.80 -3.64
CA THR A 460 15.53 -4.71 -3.26
C THR A 460 15.46 -4.81 -1.72
N LEU A 461 15.26 -3.67 -1.07
CA LEU A 461 15.16 -3.65 0.38
C LEU A 461 13.72 -3.77 0.86
N ALA A 462 12.76 -3.82 -0.04
CA ALA A 462 11.35 -3.76 0.43
C ALA A 462 11.11 -2.68 1.44
N VAL A 463 11.62 -1.49 1.14
CA VAL A 463 11.28 -0.34 1.95
C VAL A 463 10.69 0.77 1.10
N ASP A 464 9.50 1.17 1.53
CA ASP A 464 8.68 2.13 0.83
C ASP A 464 9.42 3.46 0.91
N ARG A 465 9.64 4.04 -0.26
CA ARG A 465 10.28 5.33 -0.40
C ARG A 465 9.55 6.41 0.36
N GLY A 466 8.27 6.17 0.62
CA GLY A 466 7.40 7.14 1.30
C GLY A 466 7.39 6.99 2.80
N ASN A 467 7.86 5.86 3.33
CA ASN A 467 7.59 5.48 4.73
C ASN A 467 8.70 5.94 5.69
N ASP A 468 8.45 7.05 6.39
CA ASP A 468 9.46 7.62 7.30
C ASP A 468 9.77 6.72 8.48
N MET A 469 8.77 5.99 8.95
CA MET A 469 8.99 5.06 10.04
C MET A 469 10.14 4.08 9.81
N ILE A 470 10.31 3.59 8.57
CA ILE A 470 11.45 2.75 8.27
C ILE A 470 12.50 3.41 7.40
N SER A 471 12.48 4.73 7.30
CA SER A 471 13.42 5.34 6.37
C SER A 471 14.86 4.89 6.64
N HIS A 472 15.20 4.57 7.90
CA HIS A 472 16.57 4.25 8.25
C HIS A 472 17.07 3.02 7.51
N LEU A 473 16.13 2.22 7.01
CA LEU A 473 16.41 1.01 6.23
C LEU A 473 16.46 1.28 4.73
N TYR A 474 16.18 2.51 4.32
CA TYR A 474 16.18 2.77 2.92
C TYR A 474 17.59 3.13 2.58
N GLN A 475 18.36 2.18 2.05
CA GLN A 475 19.77 2.44 1.80
C GLN A 475 20.15 2.07 0.46
N PRO A 476 20.23 3.06 -0.44
CA PRO A 476 20.69 2.68 -1.78
C PRO A 476 22.18 2.38 -1.70
N MET A 477 22.79 2.69 -0.57
CA MET A 477 24.19 2.40 -0.41
C MET A 477 24.37 1.19 0.44
N SER A 478 23.73 0.13 -0.04
CA SER A 478 23.85 -1.16 0.55
C SER A 478 24.72 -1.97 -0.33
N PRO A 479 25.43 -2.92 0.27
CA PRO A 479 26.12 -3.91 -0.54
C PRO A 479 25.16 -4.60 -1.50
N SER A 480 23.87 -4.67 -1.13
CA SER A 480 22.89 -5.28 -2.03
C SER A 480 22.49 -4.42 -3.25
N VAL A 481 22.34 -3.13 -3.07
CA VAL A 481 21.94 -2.33 -4.20
C VAL A 481 23.16 -2.08 -5.09
N LEU A 482 24.32 -1.87 -4.47
CA LEU A 482 25.55 -1.60 -5.24
C LEU A 482 25.87 -2.76 -6.13
N ASN A 483 25.90 -3.95 -5.56
CA ASN A 483 26.10 -5.13 -6.38
C ASN A 483 25.19 -5.23 -7.60
N LEU A 484 23.89 -5.02 -7.40
CA LEU A 484 22.93 -4.99 -8.47
C LEU A 484 23.20 -3.89 -9.45
N ILE A 485 23.62 -2.70 -8.98
CA ILE A 485 24.11 -1.63 -9.89
C ILE A 485 25.28 -2.10 -10.79
N LYS A 486 26.28 -2.70 -10.17
CA LYS A 486 27.45 -3.17 -10.88
C LYS A 486 27.04 -4.15 -11.95
N GLN A 487 26.05 -4.94 -11.60
CA GLN A 487 25.76 -6.10 -12.38
C GLN A 487 25.10 -5.56 -13.67
N VAL A 488 24.35 -4.46 -13.50
CA VAL A 488 23.63 -3.82 -14.60
C VAL A 488 24.60 -3.11 -15.53
N ILE A 489 25.50 -2.30 -14.93
CA ILE A 489 26.49 -1.57 -15.69
C ILE A 489 27.24 -2.58 -16.57
N ASP A 490 27.73 -3.64 -15.93
CA ASP A 490 28.48 -4.66 -16.62
C ASP A 490 27.66 -5.26 -17.75
N ALA A 491 26.42 -5.62 -17.48
CA ALA A 491 25.55 -6.07 -18.57
C ALA A 491 25.65 -5.14 -19.75
N SER A 492 25.36 -3.84 -19.56
CA SER A 492 25.52 -2.80 -20.60
C SER A 492 26.77 -3.00 -21.39
N HIS A 493 27.89 -3.02 -20.66
CA HIS A 493 29.16 -2.91 -21.29
C HIS A 493 29.44 -4.18 -22.04
N ALA A 494 28.92 -5.28 -21.51
CA ALA A 494 29.18 -6.54 -22.18
C ALA A 494 28.54 -6.52 -23.56
N GLU A 495 27.40 -5.84 -23.73
CA GLU A 495 26.79 -5.72 -25.07
C GLU A 495 27.29 -4.54 -25.85
N GLY A 496 28.21 -3.77 -25.27
CA GLY A 496 28.68 -2.55 -25.91
C GLY A 496 27.69 -1.41 -25.85
N LYS A 497 26.73 -1.48 -24.92
CA LYS A 497 25.85 -0.36 -24.60
C LYS A 497 26.33 0.28 -23.32
N TRP A 498 25.54 1.20 -22.82
CA TRP A 498 25.93 2.01 -21.70
C TRP A 498 24.79 2.11 -20.68
N THR A 499 25.16 2.39 -19.44
CA THR A 499 24.17 2.54 -18.44
C THR A 499 24.33 3.92 -17.92
N GLY A 500 23.20 4.59 -17.79
CA GLY A 500 23.13 5.82 -17.02
C GLY A 500 22.39 5.57 -15.74
N MET A 501 22.24 6.62 -14.95
CA MET A 501 21.54 6.56 -13.67
C MET A 501 20.76 7.84 -13.41
N CYS A 502 19.44 7.73 -13.27
CA CYS A 502 18.64 8.89 -12.93
C CYS A 502 18.08 8.85 -11.54
N GLY A 503 18.22 7.71 -10.88
CA GLY A 503 17.93 7.65 -9.44
C GLY A 503 18.77 8.68 -8.71
N GLU A 504 18.33 8.99 -7.48
CA GLU A 504 18.97 10.04 -6.69
C GLU A 504 20.41 9.74 -6.26
N LEU A 505 20.80 8.47 -6.32
CA LEU A 505 22.19 8.13 -6.08
C LEU A 505 23.18 8.85 -6.99
N ALA A 506 22.80 9.01 -8.27
CA ALA A 506 23.63 9.72 -9.24
C ALA A 506 24.00 11.06 -8.68
N GLY A 507 23.02 11.73 -8.06
CA GLY A 507 23.24 13.07 -7.51
C GLY A 507 23.77 13.09 -6.09
N ASP A 508 24.02 11.92 -5.50
CA ASP A 508 24.42 11.81 -4.10
C ASP A 508 25.98 11.85 -3.97
N GLU A 509 26.50 12.92 -3.35
CA GLU A 509 27.96 13.12 -3.17
C GLU A 509 28.71 11.89 -2.69
N ARG A 510 28.00 10.96 -2.08
CA ARG A 510 28.64 9.87 -1.38
C ARG A 510 28.79 8.64 -2.24
N ALA A 511 28.08 8.65 -3.37
CA ALA A 511 28.17 7.54 -4.26
C ALA A 511 29.04 7.86 -5.46
N THR A 512 29.28 9.15 -5.68
CA THR A 512 29.91 9.59 -6.90
C THR A 512 31.17 8.81 -7.25
N LEU A 513 32.12 8.67 -6.31
CA LEU A 513 33.32 7.83 -6.56
C LEU A 513 33.03 6.37 -6.88
N LEU A 514 32.02 5.80 -6.23
CA LEU A 514 31.64 4.41 -6.49
C LEU A 514 30.96 4.27 -7.83
N LEU A 515 29.95 5.09 -8.07
CA LEU A 515 29.28 5.08 -9.34
C LEU A 515 30.33 5.21 -10.42
N LEU A 516 31.22 6.17 -10.26
CA LEU A 516 32.31 6.34 -11.24
C LEU A 516 33.19 5.10 -11.38
N GLY A 517 33.66 4.56 -10.25
CA GLY A 517 34.59 3.44 -10.25
C GLY A 517 33.96 2.21 -10.85
N MET A 518 32.64 2.11 -10.68
CA MET A 518 31.90 0.98 -11.16
C MET A 518 31.61 1.09 -12.62
N GLY A 519 32.02 2.22 -13.22
CA GLY A 519 31.94 2.42 -14.67
C GLY A 519 30.66 3.00 -15.23
N LEU A 520 29.80 3.54 -14.36
CA LEU A 520 28.58 4.18 -14.79
C LEU A 520 28.93 5.22 -15.84
N ASP A 521 28.15 5.24 -16.94
CA ASP A 521 28.47 6.04 -18.13
C ASP A 521 27.86 7.38 -18.02
N GLU A 522 26.73 7.44 -17.35
CA GLU A 522 25.92 8.61 -17.37
C GLU A 522 25.24 8.87 -16.05
N PHE A 523 25.27 10.11 -15.60
CA PHE A 523 24.60 10.47 -14.37
C PHE A 523 23.50 11.45 -14.65
N SER A 524 22.34 11.25 -14.07
CA SER A 524 21.31 12.26 -14.32
C SER A 524 20.62 12.61 -13.05
N MET A 525 20.45 13.89 -12.78
CA MET A 525 20.00 14.29 -11.48
C MET A 525 19.20 15.55 -11.53
N SER A 526 18.68 15.94 -10.37
CA SER A 526 18.25 17.29 -10.22
C SER A 526 19.38 18.15 -10.74
N ALA A 527 19.03 19.14 -11.53
CA ALA A 527 20.02 20.09 -12.06
C ALA A 527 20.91 20.64 -10.93
N ILE A 528 20.30 21.03 -9.81
CA ILE A 528 21.08 21.60 -8.70
C ILE A 528 22.22 20.74 -8.23
N SER A 529 22.23 19.45 -8.53
CA SER A 529 23.30 18.61 -8.06
C SER A 529 24.40 18.47 -9.04
N ILE A 530 24.18 19.00 -10.24
CA ILE A 530 25.15 18.81 -11.29
C ILE A 530 26.54 19.33 -10.92
N PRO A 531 26.65 20.59 -10.45
CA PRO A 531 27.98 21.06 -10.07
C PRO A 531 28.69 20.27 -8.94
N ARG A 532 27.98 19.84 -7.89
CA ARG A 532 28.67 19.14 -6.78
C ARG A 532 29.30 17.89 -7.32
N ILE A 533 28.55 17.19 -8.14
CA ILE A 533 28.99 15.94 -8.64
C ILE A 533 30.08 16.14 -9.71
N LYS A 534 29.86 17.10 -10.59
CA LYS A 534 30.86 17.44 -11.57
C LYS A 534 32.19 17.67 -10.79
N LYS A 535 32.12 18.49 -9.72
CA LYS A 535 33.31 18.84 -8.96
C LYS A 535 34.04 17.62 -8.46
N ILE A 536 33.28 16.67 -7.90
CA ILE A 536 33.84 15.44 -7.39
C ILE A 536 34.51 14.67 -8.51
N ILE A 537 33.89 14.73 -9.68
CA ILE A 537 34.34 13.92 -10.80
C ILE A 537 35.61 14.50 -11.32
N ARG A 538 35.61 15.82 -11.45
CA ARG A 538 36.76 16.49 -12.00
C ARG A 538 38.04 16.38 -11.15
N ASN A 539 37.86 15.98 -9.87
CA ASN A 539 38.94 15.97 -8.88
C ASN A 539 39.31 14.56 -8.40
N THR A 540 38.75 13.56 -9.07
CA THR A 540 39.06 12.17 -8.76
C THR A 540 40.03 11.72 -9.76
N ASN A 541 40.74 10.68 -9.38
CA ASN A 541 41.42 9.88 -10.34
C ASN A 541 40.54 8.62 -10.60
N PHE A 542 40.27 8.35 -11.87
CA PHE A 542 39.37 7.26 -12.21
C PHE A 542 39.90 5.89 -11.78
N GLU A 543 41.19 5.67 -11.97
CA GLU A 543 41.75 4.38 -11.60
C GLU A 543 41.58 4.08 -10.12
N ASP A 544 41.74 5.13 -9.32
CA ASP A 544 41.64 5.00 -7.88
C ASP A 544 40.23 4.62 -7.46
N ALA A 545 39.24 5.30 -8.02
CA ALA A 545 37.84 4.99 -7.91
C ALA A 545 37.50 3.55 -8.25
N LYS A 546 38.02 3.03 -9.37
CA LYS A 546 37.79 1.61 -9.68
C LYS A 546 38.19 0.79 -8.45
N VAL A 547 39.42 0.92 -8.03
CA VAL A 547 39.91 0.21 -6.84
C VAL A 547 38.94 0.43 -5.66
N LEU A 548 38.46 1.67 -5.50
CA LEU A 548 37.57 1.96 -4.42
C LEU A 548 36.33 1.12 -4.61
N ALA A 549 35.77 1.16 -5.83
CA ALA A 549 34.50 0.52 -6.13
C ALA A 549 34.61 -0.95 -5.85
N GLU A 550 35.67 -1.51 -6.39
CA GLU A 550 35.83 -2.89 -6.19
C GLU A 550 35.79 -3.22 -4.67
N GLN A 551 36.63 -2.55 -3.88
CA GLN A 551 36.63 -2.82 -2.48
C GLN A 551 35.18 -2.77 -1.94
N ALA A 552 34.48 -1.67 -2.25
CA ALA A 552 33.19 -1.42 -1.65
C ALA A 552 32.25 -2.56 -1.93
N LEU A 553 32.35 -3.10 -3.15
CA LEU A 553 31.47 -4.19 -3.59
C LEU A 553 31.68 -5.50 -2.85
N ALA A 554 32.77 -5.60 -2.08
CA ALA A 554 33.02 -6.82 -1.33
C ALA A 554 32.58 -6.71 0.13
N GLN A 555 32.30 -5.50 0.61
CA GLN A 555 31.89 -5.27 1.98
C GLN A 555 30.51 -5.88 2.27
N PRO A 556 30.36 -6.62 3.37
CA PRO A 556 29.02 -7.12 3.69
C PRO A 556 28.18 -6.10 4.48
N THR A 557 28.70 -4.90 4.65
CA THR A 557 28.07 -3.96 5.55
C THR A 557 28.24 -2.54 4.97
N THR A 558 27.19 -1.75 5.08
CA THR A 558 27.19 -0.36 4.63
C THR A 558 28.29 0.41 5.36
N ASP A 559 28.29 0.33 6.68
CA ASP A 559 29.29 1.03 7.42
C ASP A 559 30.66 0.81 6.87
N GLU A 560 30.99 -0.44 6.60
CA GLU A 560 32.30 -0.84 6.12
C GLU A 560 32.61 -0.23 4.76
N LEU A 561 31.58 -0.11 3.95
CA LEU A 561 31.68 0.50 2.64
C LEU A 561 31.77 2.06 2.75
N MET A 562 31.07 2.64 3.74
CA MET A 562 31.24 4.06 4.00
C MET A 562 32.65 4.36 4.41
N THR A 563 33.28 3.46 5.17
CA THR A 563 34.65 3.69 5.61
C THR A 563 35.60 3.86 4.46
N LEU A 564 35.54 2.96 3.47
CA LEU A 564 36.36 3.03 2.28
C LEU A 564 36.26 4.35 1.61
N VAL A 565 35.02 4.71 1.26
CA VAL A 565 34.71 6.04 0.71
C VAL A 565 35.37 7.18 1.50
N ASN A 566 35.19 7.19 2.83
CA ASN A 566 35.82 8.21 3.65
C ASN A 566 37.35 8.23 3.62
N LYS A 567 38.00 7.09 3.80
CA LYS A 567 39.46 7.08 3.79
C LYS A 567 39.96 7.56 2.44
N PHE A 568 39.16 7.32 1.41
CA PHE A 568 39.48 7.80 0.09
C PHE A 568 39.50 9.33 0.11
N ILE A 569 38.38 9.92 0.46
CA ILE A 569 38.23 11.37 0.48
C ILE A 569 39.32 12.05 1.29
N GLU A 570 39.71 11.42 2.39
CA GLU A 570 40.83 11.86 3.22
C GLU A 570 42.14 11.89 2.45
N GLU A 571 42.48 10.74 1.88
CA GLU A 571 43.78 10.54 1.32
C GLU A 571 43.92 11.10 -0.09
N LYS A 572 42.80 11.29 -0.79
CA LYS A 572 42.81 11.50 -2.24
C LYS A 572 42.42 12.90 -2.78
N THR A 573 41.84 13.78 -1.95
CA THR A 573 41.76 15.23 -2.29
C THR A 573 41.38 16.10 -1.08
N MET B 1 -23.97 -21.36 -18.31
CA MET B 1 -22.48 -21.28 -18.40
C MET B 1 -21.95 -20.34 -17.33
N ILE B 2 -21.95 -20.77 -16.09
CA ILE B 2 -21.44 -19.93 -14.96
C ILE B 2 -20.10 -20.50 -14.48
N SER B 3 -19.09 -19.67 -14.36
CA SER B 3 -17.75 -20.18 -13.90
C SER B 3 -17.20 -19.30 -12.76
N GLY B 4 -16.58 -19.90 -11.78
CA GLY B 4 -16.00 -19.15 -10.63
C GLY B 4 -14.50 -19.47 -10.54
N ILE B 5 -13.87 -19.25 -9.41
CA ILE B 5 -12.41 -19.52 -9.30
C ILE B 5 -12.14 -20.92 -8.73
N LEU B 6 -13.15 -21.58 -8.21
CA LEU B 6 -12.94 -22.94 -7.64
C LEU B 6 -11.79 -22.90 -6.61
N ALA B 7 -12.12 -22.92 -5.35
CA ALA B 7 -11.06 -22.88 -4.29
C ALA B 7 -10.72 -24.30 -3.85
N SER B 8 -11.65 -25.22 -3.98
CA SER B 8 -11.38 -26.63 -3.57
C SER B 8 -12.03 -27.59 -4.59
N PRO B 9 -11.29 -28.52 -5.15
CA PRO B 9 -11.85 -29.48 -6.15
C PRO B 9 -12.60 -30.63 -5.45
N GLY B 10 -13.69 -31.08 -6.04
CA GLY B 10 -14.46 -32.19 -5.41
C GLY B 10 -15.84 -32.22 -6.04
N ILE B 11 -16.80 -32.85 -5.41
CA ILE B 11 -18.19 -32.89 -5.96
C ILE B 11 -19.17 -32.96 -4.80
N ALA B 12 -20.36 -32.44 -4.94
CA ALA B 12 -21.34 -32.49 -3.81
C ALA B 12 -22.78 -32.38 -4.30
N PHE B 13 -23.70 -32.92 -3.55
CA PHE B 13 -25.15 -32.84 -3.92
C PHE B 13 -25.95 -32.43 -2.68
N GLY B 14 -26.77 -31.40 -2.75
CA GLY B 14 -27.53 -31.01 -1.53
C GLY B 14 -28.42 -29.78 -1.82
N LYS B 15 -29.17 -29.37 -0.83
CA LYS B 15 -30.08 -28.19 -1.00
C LYS B 15 -29.27 -26.91 -0.88
N ALA B 16 -29.78 -25.81 -1.40
CA ALA B 16 -29.02 -24.52 -1.35
C ALA B 16 -29.59 -23.58 -0.28
N LEU B 17 -28.74 -23.06 0.57
CA LEU B 17 -29.19 -22.12 1.63
C LEU B 17 -28.85 -20.70 1.16
N LEU B 18 -29.76 -19.76 1.30
CA LEU B 18 -29.49 -18.35 0.85
C LEU B 18 -29.53 -17.39 2.03
N LEU B 19 -28.46 -16.68 2.25
CA LEU B 19 -28.40 -15.71 3.39
C LEU B 19 -28.95 -14.35 2.96
N LYS B 20 -30.19 -14.20 3.04
CA LYS B 20 -30.82 -13.02 2.44
C LYS B 20 -31.64 -12.60 3.54
N GLU B 21 -31.02 -12.61 4.70
CA GLU B 21 -31.71 -12.25 5.92
C GLU B 21 -32.69 -11.17 5.48
N ASP B 22 -33.88 -11.49 5.07
CA ASP B 22 -34.76 -10.41 4.65
C ASP B 22 -34.94 -9.32 5.71
N GLU B 23 -35.01 -8.09 5.19
CA GLU B 23 -35.13 -6.87 5.98
C GLU B 23 -36.44 -6.79 6.77
N ILE B 24 -36.48 -5.85 7.72
CA ILE B 24 -37.68 -5.63 8.52
C ILE B 24 -38.40 -4.37 8.03
N VAL B 25 -39.44 -4.60 7.25
CA VAL B 25 -40.20 -3.51 6.67
C VAL B 25 -41.47 -3.35 7.49
N ILE B 26 -41.54 -2.27 8.24
CA ILE B 26 -42.70 -1.97 9.08
C ILE B 26 -43.84 -1.35 8.26
N ASP B 27 -44.98 -2.04 8.20
CA ASP B 27 -46.22 -1.48 7.64
C ASP B 27 -46.71 -0.28 8.49
N ARG B 28 -46.73 0.89 7.86
CA ARG B 28 -47.09 2.11 8.59
C ARG B 28 -48.49 2.71 8.37
N LYS B 29 -49.29 2.09 7.50
CA LYS B 29 -50.70 2.46 7.37
C LYS B 29 -51.41 2.12 8.69
N LYS B 30 -52.06 3.13 9.29
CA LYS B 30 -52.94 2.92 10.45
C LYS B 30 -54.03 1.89 10.15
N ILE B 31 -54.53 1.19 11.15
CA ILE B 31 -55.57 0.18 10.92
C ILE B 31 -57.00 0.59 11.33
N SER B 32 -57.97 -0.27 10.99
CA SER B 32 -59.37 -0.01 11.22
C SER B 32 -59.86 -0.80 12.43
N ALA B 33 -60.92 -0.37 13.05
CA ALA B 33 -61.45 -1.14 14.22
C ALA B 33 -61.67 -2.59 13.79
N ASP B 34 -62.18 -2.81 12.60
CA ASP B 34 -62.39 -4.21 12.14
C ASP B 34 -61.02 -4.89 11.99
N GLN B 35 -60.06 -4.23 11.39
CA GLN B 35 -58.71 -4.85 11.25
C GLN B 35 -58.13 -5.00 12.65
N VAL B 36 -58.00 -3.88 13.34
CA VAL B 36 -57.45 -4.00 14.73
C VAL B 36 -57.50 -5.46 15.16
N ASP B 37 -58.64 -6.07 15.06
CA ASP B 37 -58.75 -7.50 15.47
C ASP B 37 -57.81 -8.37 14.63
N GLN B 38 -57.70 -8.10 13.36
CA GLN B 38 -56.80 -8.94 12.50
C GLN B 38 -55.33 -8.72 12.87
N GLU B 39 -54.94 -7.51 13.15
CA GLU B 39 -53.50 -7.27 13.48
C GLU B 39 -53.16 -7.98 14.80
N VAL B 40 -54.03 -7.93 15.77
CA VAL B 40 -53.74 -8.63 17.05
C VAL B 40 -53.54 -10.12 16.75
N GLU B 41 -54.41 -10.71 15.99
CA GLU B 41 -54.27 -12.15 15.66
C GLU B 41 -52.94 -12.39 14.93
N ARG B 42 -52.58 -11.51 14.02
CA ARG B 42 -51.28 -11.70 13.31
C ARG B 42 -50.17 -11.69 14.35
N PHE B 43 -50.23 -10.77 15.27
CA PHE B 43 -49.20 -10.71 16.34
C PHE B 43 -49.22 -12.02 17.14
N LEU B 44 -50.38 -12.42 17.56
CA LEU B 44 -50.50 -13.70 18.33
C LEU B 44 -50.02 -14.85 17.43
N SER B 45 -50.44 -14.87 16.19
CA SER B 45 -50.00 -15.98 15.28
C SER B 45 -48.49 -15.89 15.07
N GLY B 46 -47.98 -14.71 14.87
CA GLY B 46 -46.50 -14.55 14.67
C GLY B 46 -45.81 -14.84 16.00
N ARG B 47 -46.38 -14.37 17.08
CA ARG B 47 -45.80 -14.62 18.42
C ARG B 47 -45.87 -16.12 18.69
N ALA B 48 -46.88 -16.76 18.18
CA ALA B 48 -47.02 -18.22 18.39
C ALA B 48 -45.78 -18.94 17.83
N LYS B 49 -45.30 -18.52 16.69
CA LYS B 49 -44.10 -19.19 16.13
C LYS B 49 -42.94 -18.94 17.08
N ALA B 50 -42.42 -17.74 17.12
CA ALA B 50 -41.25 -17.43 18.02
C ALA B 50 -41.38 -18.16 19.36
N SER B 51 -42.57 -18.33 19.86
CA SER B 51 -42.70 -19.04 21.16
C SER B 51 -42.08 -20.43 21.00
N ALA B 52 -42.54 -21.18 20.06
CA ALA B 52 -42.01 -22.56 19.85
C ALA B 52 -40.57 -22.53 19.32
N GLN B 53 -40.26 -21.63 18.41
CA GLN B 53 -38.86 -21.60 17.87
C GLN B 53 -37.88 -21.17 18.96
N LEU B 54 -38.24 -20.21 19.77
CA LEU B 54 -37.32 -19.79 20.86
C LEU B 54 -37.08 -20.97 21.80
N GLU B 55 -38.11 -21.71 22.08
CA GLU B 55 -37.96 -22.90 22.97
C GLU B 55 -36.97 -23.88 22.36
N THR B 56 -37.02 -24.05 21.06
CA THR B 56 -36.08 -25.02 20.41
C THR B 56 -34.64 -24.55 20.62
N ILE B 57 -34.39 -23.27 20.50
CA ILE B 57 -33.01 -22.75 20.69
C ILE B 57 -32.56 -23.02 22.14
N LYS B 58 -33.45 -22.89 23.08
CA LYS B 58 -33.10 -23.13 24.51
C LYS B 58 -32.55 -24.54 24.67
N THR B 59 -33.26 -25.52 24.19
CA THR B 59 -32.81 -26.93 24.35
C THR B 59 -31.42 -27.13 23.73
N LYS B 60 -31.12 -26.44 22.67
CA LYS B 60 -29.78 -26.60 22.03
C LYS B 60 -28.71 -26.02 22.94
N ALA B 61 -29.03 -24.92 23.58
CA ALA B 61 -28.04 -24.28 24.50
C ALA B 61 -27.76 -25.21 25.67
N GLY B 62 -28.77 -25.80 26.23
CA GLY B 62 -28.56 -26.71 27.39
C GLY B 62 -27.66 -27.88 27.00
N GLU B 63 -27.97 -28.56 25.94
CA GLU B 63 -27.13 -29.71 25.54
C GLU B 63 -25.77 -29.20 25.03
N THR B 64 -25.78 -28.19 24.21
CA THR B 64 -24.51 -27.66 23.64
C THR B 64 -23.61 -27.05 24.72
N PHE B 65 -24.04 -25.99 25.36
CA PHE B 65 -23.17 -25.33 26.39
C PHE B 65 -23.50 -25.81 27.81
N GLY B 66 -24.75 -25.84 28.20
CA GLY B 66 -25.08 -26.32 29.59
C GLY B 66 -26.22 -25.50 30.21
N GLU B 67 -26.44 -25.69 31.49
CA GLU B 67 -27.53 -24.95 32.20
C GLU B 67 -27.16 -23.47 32.32
N GLU B 68 -25.90 -23.16 32.28
CA GLU B 68 -25.45 -21.74 32.38
C GLU B 68 -26.03 -20.93 31.22
N LYS B 69 -26.13 -21.52 30.07
CA LYS B 69 -26.68 -20.80 28.86
C LYS B 69 -28.14 -21.15 28.66
N GLU B 70 -28.60 -22.24 29.20
CA GLU B 70 -30.03 -22.63 29.01
C GLU B 70 -30.96 -21.64 29.72
N ALA B 71 -30.63 -21.26 30.92
CA ALA B 71 -31.53 -20.34 31.68
C ALA B 71 -31.55 -18.95 31.06
N ILE B 72 -30.51 -18.52 30.39
CA ILE B 72 -30.57 -17.16 29.80
C ILE B 72 -31.74 -17.11 28.81
N PHE B 73 -31.96 -18.16 28.07
CA PHE B 73 -33.10 -18.16 27.11
C PHE B 73 -34.42 -18.11 27.88
N GLU B 74 -34.51 -18.80 28.97
CA GLU B 74 -35.79 -18.76 29.75
C GLU B 74 -36.08 -17.32 30.16
N GLY B 75 -35.08 -16.58 30.56
CA GLY B 75 -35.33 -15.17 30.96
C GLY B 75 -35.85 -14.40 29.73
N HIS B 76 -35.19 -14.56 28.62
CA HIS B 76 -35.65 -13.84 27.39
C HIS B 76 -37.06 -14.29 27.04
N ILE B 77 -37.30 -15.58 27.08
CA ILE B 77 -38.67 -16.08 26.76
C ILE B 77 -39.65 -15.60 27.84
N MET B 78 -39.29 -15.75 29.09
CA MET B 78 -40.19 -15.31 30.18
C MET B 78 -40.48 -13.81 30.07
N LEU B 79 -39.48 -13.04 29.73
CA LEU B 79 -39.69 -11.58 29.59
C LEU B 79 -40.62 -11.32 28.42
N LEU B 80 -40.46 -12.05 27.36
CA LEU B 80 -41.33 -11.83 26.17
C LEU B 80 -42.78 -12.14 26.52
N GLU B 81 -43.01 -13.16 27.29
CA GLU B 81 -44.41 -13.52 27.65
C GLU B 81 -44.89 -12.65 28.84
N ASP B 82 -44.11 -11.69 29.25
CA ASP B 82 -44.53 -10.83 30.40
C ASP B 82 -45.95 -10.30 30.13
N GLU B 83 -46.82 -10.43 31.09
CA GLU B 83 -48.23 -9.95 30.90
C GLU B 83 -48.26 -8.45 30.65
N GLU B 84 -47.22 -7.75 30.98
CA GLU B 84 -47.19 -6.28 30.73
C GLU B 84 -47.06 -6.02 29.22
N LEU B 85 -46.31 -6.86 28.55
CA LEU B 85 -46.13 -6.70 27.08
C LEU B 85 -47.44 -7.03 26.35
N GLU B 86 -48.12 -8.05 26.79
CA GLU B 86 -49.38 -8.44 26.11
C GLU B 86 -50.38 -7.28 26.19
N GLN B 87 -50.55 -6.72 27.35
CA GLN B 87 -51.52 -5.59 27.48
C GLN B 87 -50.99 -4.33 26.77
N GLU B 88 -49.73 -4.04 26.88
CA GLU B 88 -49.16 -2.82 26.24
C GLU B 88 -49.14 -2.95 24.71
N ILE B 89 -48.79 -4.09 24.20
CA ILE B 89 -48.74 -4.25 22.71
C ILE B 89 -50.17 -4.17 22.16
N ILE B 90 -51.08 -4.86 22.78
CA ILE B 90 -52.50 -4.85 22.33
C ILE B 90 -53.13 -3.47 22.54
N ALA B 91 -52.84 -2.82 23.63
CA ALA B 91 -53.46 -1.50 23.90
C ALA B 91 -53.09 -0.48 22.79
N LEU B 92 -51.84 -0.39 22.42
CA LEU B 92 -51.46 0.59 21.36
C LEU B 92 -52.18 0.26 20.05
N ILE B 93 -52.20 -0.99 19.68
CA ILE B 93 -52.90 -1.38 18.41
C ILE B 93 -54.38 -1.02 18.57
N LYS B 94 -54.97 -1.41 19.66
CA LYS B 94 -56.42 -1.11 19.88
C LYS B 94 -56.61 0.39 20.13
N ASP B 95 -55.75 1.02 20.90
CA ASP B 95 -55.95 2.48 21.18
C ASP B 95 -55.41 3.36 20.06
N LYS B 96 -54.18 3.15 19.63
CA LYS B 96 -53.61 4.03 18.57
C LYS B 96 -53.85 3.47 17.15
N HIS B 97 -54.47 2.33 17.03
CA HIS B 97 -54.73 1.76 15.67
C HIS B 97 -53.42 1.65 14.88
N MET B 98 -52.38 1.26 15.57
CA MET B 98 -51.03 1.14 14.93
C MET B 98 -50.82 -0.31 14.46
N THR B 99 -49.80 -0.56 13.70
CA THR B 99 -49.54 -1.95 13.22
C THR B 99 -48.85 -2.77 14.31
N ALA B 100 -48.91 -4.07 14.23
CA ALA B 100 -48.26 -4.93 15.27
C ALA B 100 -46.74 -4.81 15.20
N ASP B 101 -46.19 -4.78 14.02
CA ASP B 101 -44.70 -4.66 13.92
C ASP B 101 -44.27 -3.25 14.36
N ALA B 102 -45.06 -2.25 14.09
CA ALA B 102 -44.68 -0.87 14.53
C ALA B 102 -45.02 -0.68 16.00
N ALA B 103 -46.15 -1.18 16.42
CA ALA B 103 -46.54 -1.03 17.86
C ALA B 103 -45.65 -1.90 18.74
N ALA B 104 -45.43 -3.13 18.37
CA ALA B 104 -44.57 -4.02 19.20
C ALA B 104 -43.15 -3.44 19.28
N HIS B 105 -42.66 -2.89 18.21
CA HIS B 105 -41.28 -2.33 18.22
C HIS B 105 -41.19 -1.23 19.28
N GLU B 106 -42.19 -0.42 19.40
CA GLU B 106 -42.15 0.69 20.41
C GLU B 106 -42.08 0.12 21.82
N VAL B 107 -42.80 -0.93 22.09
CA VAL B 107 -42.80 -1.50 23.46
C VAL B 107 -41.42 -2.03 23.84
N ILE B 108 -40.85 -2.89 23.05
CA ILE B 108 -39.49 -3.43 23.39
C ILE B 108 -38.46 -2.31 23.26
N GLU B 109 -38.58 -1.50 22.24
CA GLU B 109 -37.62 -0.36 22.07
C GLU B 109 -37.80 0.60 23.23
N GLY B 110 -39.02 0.83 23.64
CA GLY B 110 -39.29 1.77 24.76
C GLY B 110 -38.52 1.32 26.02
N GLN B 111 -38.63 0.07 26.39
CA GLN B 111 -37.90 -0.38 27.62
C GLN B 111 -36.39 -0.32 27.35
N ALA B 112 -35.94 -0.94 26.29
CA ALA B 112 -34.48 -0.91 25.99
C ALA B 112 -34.02 0.55 25.93
N SER B 113 -34.81 1.41 25.35
CA SER B 113 -34.42 2.84 25.27
C SER B 113 -34.22 3.39 26.68
N ALA B 114 -35.07 3.02 27.58
CA ALA B 114 -34.91 3.51 28.98
C ALA B 114 -33.60 2.98 29.56
N LEU B 115 -33.27 1.74 29.26
CA LEU B 115 -32.01 1.17 29.81
C LEU B 115 -30.80 1.93 29.25
N GLU B 116 -30.82 2.31 28.00
CA GLU B 116 -29.65 3.05 27.44
C GLU B 116 -29.45 4.35 28.21
N GLU B 117 -30.51 4.98 28.63
CA GLU B 117 -30.36 6.24 29.40
C GLU B 117 -29.44 5.99 30.59
N LEU B 118 -29.30 4.76 31.00
CA LEU B 118 -28.42 4.45 32.16
C LEU B 118 -26.99 4.84 31.84
N ASP B 119 -26.24 5.26 32.83
CA ASP B 119 -24.82 5.67 32.60
C ASP B 119 -23.88 4.51 32.99
N ASP B 120 -24.24 3.29 32.66
CA ASP B 120 -23.37 2.11 33.00
C ASP B 120 -23.18 1.21 31.78
N GLU B 121 -21.96 0.81 31.53
CA GLU B 121 -21.66 -0.09 30.38
C GLU B 121 -22.22 -1.49 30.62
N TYR B 122 -22.30 -1.90 31.86
CA TYR B 122 -22.83 -3.25 32.20
C TYR B 122 -24.35 -3.30 31.98
N LEU B 123 -25.05 -2.26 32.34
CA LEU B 123 -26.52 -2.25 32.16
C LEU B 123 -26.82 -2.07 30.67
N LYS B 124 -26.00 -1.31 29.99
CA LYS B 124 -26.22 -1.08 28.52
C LYS B 124 -26.12 -2.41 27.76
N GLU B 125 -25.18 -3.26 28.08
CA GLU B 125 -25.08 -4.56 27.34
C GLU B 125 -26.37 -5.36 27.53
N ARG B 126 -26.89 -5.44 28.73
CA ARG B 126 -28.15 -6.21 28.92
C ARG B 126 -29.23 -5.58 28.05
N ALA B 127 -29.22 -4.29 27.92
CA ALA B 127 -30.23 -3.63 27.04
C ALA B 127 -30.06 -4.15 25.63
N ALA B 128 -28.86 -4.59 25.29
CA ALA B 128 -28.61 -5.14 23.93
C ALA B 128 -29.33 -6.49 23.81
N ASP B 129 -29.29 -7.28 24.85
CA ASP B 129 -29.96 -8.60 24.81
C ASP B 129 -31.48 -8.40 24.71
N VAL B 130 -32.00 -7.44 25.42
CA VAL B 130 -33.47 -7.20 25.36
C VAL B 130 -33.82 -6.65 23.98
N ARG B 131 -33.00 -5.80 23.44
CA ARG B 131 -33.26 -5.24 22.08
C ARG B 131 -33.31 -6.38 21.05
N ASP B 132 -32.43 -7.33 21.21
CA ASP B 132 -32.36 -8.48 20.26
C ASP B 132 -33.69 -9.24 20.26
N ILE B 133 -34.29 -9.40 21.41
CA ILE B 133 -35.57 -10.16 21.47
C ILE B 133 -36.63 -9.47 20.59
N GLY B 134 -36.74 -8.17 20.69
CA GLY B 134 -37.75 -7.45 19.86
C GLY B 134 -37.32 -7.43 18.39
N LYS B 135 -36.05 -7.36 18.13
CA LYS B 135 -35.57 -7.32 16.72
C LYS B 135 -36.01 -8.59 15.99
N ARG B 136 -35.81 -9.73 16.59
CA ARG B 136 -36.22 -11.01 15.95
C ARG B 136 -37.74 -11.11 15.90
N LEU B 137 -38.40 -10.55 16.87
CA LEU B 137 -39.88 -10.63 16.89
C LEU B 137 -40.43 -10.04 15.59
N LEU B 138 -39.88 -8.93 15.16
CA LEU B 138 -40.35 -8.32 13.90
C LEU B 138 -40.14 -9.30 12.74
N ARG B 139 -39.03 -9.99 12.74
CA ARG B 139 -38.81 -10.97 11.64
C ARG B 139 -39.82 -12.11 11.77
N ASN B 140 -40.07 -12.54 12.99
CA ASN B 140 -41.04 -13.65 13.23
C ASN B 140 -42.44 -13.27 12.76
N ILE B 141 -42.87 -12.06 12.93
CA ILE B 141 -44.24 -11.68 12.47
C ILE B 141 -44.22 -11.65 10.95
N LEU B 142 -43.20 -11.08 10.38
CA LEU B 142 -43.12 -11.02 8.89
C LEU B 142 -42.83 -12.43 8.35
N GLY B 143 -42.10 -13.23 9.08
CA GLY B 143 -41.89 -14.62 8.65
C GLY B 143 -40.66 -14.87 7.85
N LEU B 144 -39.79 -13.94 7.83
CA LEU B 144 -38.59 -14.12 7.09
C LEU B 144 -37.81 -15.23 7.75
N LYS B 145 -37.15 -16.06 6.96
CA LYS B 145 -36.42 -17.18 7.52
C LYS B 145 -35.45 -16.68 8.57
N ILE B 146 -35.15 -17.53 9.52
CA ILE B 146 -34.23 -17.17 10.58
C ILE B 146 -32.93 -17.89 10.30
N ILE B 147 -31.86 -17.13 10.08
CA ILE B 147 -30.60 -17.79 9.70
C ILE B 147 -29.40 -17.53 10.61
N ASP B 148 -29.48 -17.70 11.91
CA ASP B 148 -28.18 -17.65 12.64
C ASP B 148 -27.54 -18.85 11.96
N LEU B 149 -26.26 -19.01 11.68
CA LEU B 149 -26.00 -20.22 10.85
C LEU B 149 -25.96 -21.47 11.73
N SER B 150 -26.12 -21.33 13.02
CA SER B 150 -26.07 -22.52 13.91
C SER B 150 -27.46 -23.18 13.97
N ALA B 151 -28.48 -22.50 13.53
CA ALA B 151 -29.87 -23.09 13.60
C ALA B 151 -30.14 -24.03 12.42
N ILE B 152 -29.15 -24.65 11.88
CA ILE B 152 -29.39 -25.57 10.72
C ILE B 152 -29.69 -26.99 11.24
N GLN B 153 -30.86 -27.51 10.93
CA GLN B 153 -31.22 -28.89 11.38
C GLN B 153 -31.04 -29.90 10.23
N ASP B 154 -30.87 -29.44 9.01
CA ASP B 154 -30.72 -30.39 7.85
C ASP B 154 -29.47 -30.06 7.04
N GLU B 155 -28.90 -31.06 6.40
CA GLU B 155 -27.69 -30.83 5.58
C GLU B 155 -28.05 -29.90 4.42
N VAL B 156 -27.24 -28.92 4.17
CA VAL B 156 -27.53 -27.97 3.04
C VAL B 156 -26.23 -27.39 2.50
N ILE B 157 -26.27 -26.78 1.34
CA ILE B 157 -25.05 -26.14 0.80
C ILE B 157 -25.14 -24.67 1.22
N LEU B 158 -24.02 -24.05 1.49
CA LEU B 158 -24.06 -22.62 1.95
C LEU B 158 -23.79 -21.67 0.79
N VAL B 159 -24.75 -20.83 0.47
CA VAL B 159 -24.57 -19.84 -0.65
C VAL B 159 -24.75 -18.43 -0.10
N ALA B 160 -23.83 -17.54 -0.38
CA ALA B 160 -23.95 -16.14 0.14
C ALA B 160 -23.12 -15.20 -0.74
N ALA B 161 -23.38 -13.93 -0.69
CA ALA B 161 -22.56 -13.01 -1.52
C ALA B 161 -21.14 -12.99 -0.94
N ASP B 162 -21.05 -13.05 0.36
CA ASP B 162 -19.71 -13.07 1.02
C ASP B 162 -19.90 -13.38 2.52
N LEU B 163 -18.96 -14.08 3.12
CA LEU B 163 -19.08 -14.44 4.57
C LEU B 163 -18.02 -13.71 5.39
N THR B 164 -18.38 -13.20 6.54
CA THR B 164 -17.39 -12.49 7.40
C THR B 164 -16.79 -13.49 8.41
N PRO B 165 -15.54 -13.36 8.78
CA PRO B 165 -14.89 -14.28 9.76
C PRO B 165 -15.83 -14.66 10.92
N SER B 166 -16.64 -13.74 11.36
CA SER B 166 -17.57 -14.04 12.50
C SER B 166 -18.50 -15.20 12.13
N GLU B 167 -18.98 -15.23 10.93
CA GLU B 167 -19.91 -16.33 10.54
C GLU B 167 -19.16 -17.66 10.48
N THR B 168 -17.96 -17.65 9.96
CA THR B 168 -17.20 -18.93 9.83
C THR B 168 -17.05 -19.64 11.19
N ALA B 169 -17.00 -18.92 12.26
CA ALA B 169 -16.85 -19.59 13.60
C ALA B 169 -18.15 -20.26 13.99
N GLN B 170 -19.23 -19.52 13.98
CA GLN B 170 -20.55 -20.10 14.37
C GLN B 170 -21.17 -20.80 13.17
N LEU B 171 -20.35 -21.43 12.37
CA LEU B 171 -20.87 -22.14 11.16
C LEU B 171 -20.84 -23.65 11.42
N ASN B 172 -21.86 -24.36 10.98
CA ASN B 172 -21.89 -25.84 11.20
C ASN B 172 -21.14 -26.53 10.06
N LEU B 173 -19.93 -26.97 10.30
CA LEU B 173 -19.14 -27.63 9.22
C LEU B 173 -19.80 -28.95 8.81
N LYS B 174 -20.30 -29.71 9.74
CA LYS B 174 -20.91 -31.04 9.40
C LYS B 174 -22.22 -30.88 8.64
N LYS B 175 -22.96 -29.82 8.85
CA LYS B 175 -24.26 -29.69 8.14
C LYS B 175 -24.09 -28.89 6.85
N VAL B 176 -22.92 -28.33 6.63
CA VAL B 176 -22.67 -27.59 5.35
C VAL B 176 -21.84 -28.50 4.45
N LEU B 177 -22.40 -28.92 3.35
CA LEU B 177 -21.66 -29.86 2.45
C LEU B 177 -20.75 -29.08 1.50
N GLY B 178 -20.62 -27.80 1.68
CA GLY B 178 -19.73 -27.03 0.79
C GLY B 178 -19.97 -25.54 1.00
N PHE B 179 -19.19 -24.71 0.37
CA PHE B 179 -19.36 -23.23 0.53
C PHE B 179 -19.30 -22.59 -0.85
N ILE B 180 -20.26 -21.76 -1.17
CA ILE B 180 -20.26 -21.08 -2.50
C ILE B 180 -20.53 -19.59 -2.29
N THR B 181 -19.68 -18.74 -2.80
CA THR B 181 -19.89 -17.28 -2.62
C THR B 181 -19.32 -16.50 -3.79
N ASP B 182 -19.75 -15.26 -3.93
CA ASP B 182 -19.27 -14.41 -5.06
C ASP B 182 -18.25 -13.38 -4.51
N ALA B 183 -17.59 -13.66 -3.42
CA ALA B 183 -16.63 -12.68 -2.84
C ALA B 183 -15.56 -12.29 -3.88
N GLY B 184 -14.48 -11.70 -3.42
CA GLY B 184 -13.39 -11.25 -4.34
C GLY B 184 -12.59 -12.46 -4.85
N GLY B 185 -12.09 -13.28 -3.97
CA GLY B 185 -11.29 -14.46 -4.43
C GLY B 185 -10.63 -15.18 -3.25
N ARG B 186 -9.44 -15.68 -3.46
CA ARG B 186 -8.73 -16.41 -2.38
C ARG B 186 -8.39 -15.43 -1.25
N THR B 187 -8.27 -14.17 -1.57
CA THR B 187 -7.92 -13.18 -0.52
C THR B 187 -9.05 -13.10 0.51
N SER B 188 -10.07 -13.91 0.34
CA SER B 188 -11.22 -13.90 1.29
C SER B 188 -10.99 -14.93 2.41
N HIS B 189 -11.17 -14.53 3.65
CA HIS B 189 -10.95 -15.44 4.81
C HIS B 189 -11.63 -16.80 4.58
N THR B 190 -12.91 -16.79 4.31
CA THR B 190 -13.64 -18.07 4.10
C THR B 190 -12.98 -18.91 3.00
N SER B 191 -12.44 -18.29 1.98
CA SER B 191 -11.81 -19.08 0.88
C SER B 191 -10.65 -19.92 1.42
N ILE B 192 -9.87 -19.37 2.32
CA ILE B 192 -8.73 -20.15 2.88
C ILE B 192 -9.26 -21.37 3.62
N MET B 193 -10.36 -21.22 4.31
CA MET B 193 -10.93 -22.38 5.07
C MET B 193 -11.26 -23.54 4.12
N ALA B 194 -11.81 -23.26 2.97
CA ALA B 194 -12.13 -24.38 2.03
C ALA B 194 -10.85 -25.14 1.73
N ARG B 195 -9.77 -24.43 1.50
CA ARG B 195 -8.48 -25.12 1.20
C ARG B 195 -8.09 -26.01 2.38
N SER B 196 -7.94 -25.44 3.53
CA SER B 196 -7.54 -26.23 4.73
C SER B 196 -8.59 -27.29 5.10
N LEU B 197 -9.85 -26.97 5.00
CA LEU B 197 -10.90 -27.98 5.35
C LEU B 197 -10.93 -29.08 4.29
N GLU B 198 -10.46 -28.79 3.11
CA GLU B 198 -10.46 -29.78 2.00
C GLU B 198 -11.90 -30.14 1.61
N LEU B 199 -12.73 -29.15 1.41
CA LEU B 199 -14.15 -29.41 1.00
C LEU B 199 -14.41 -28.60 -0.29
N PRO B 200 -15.20 -29.12 -1.22
CA PRO B 200 -15.49 -28.39 -2.50
C PRO B 200 -16.15 -27.03 -2.25
N ALA B 201 -15.74 -26.01 -2.97
CA ALA B 201 -16.35 -24.65 -2.74
C ALA B 201 -15.90 -23.64 -3.82
N ILE B 202 -16.75 -22.68 -4.11
CA ILE B 202 -16.41 -21.60 -5.11
C ILE B 202 -16.53 -20.26 -4.39
N VAL B 203 -15.75 -19.27 -4.78
CA VAL B 203 -15.83 -17.93 -4.11
C VAL B 203 -15.96 -16.82 -5.16
N GLY B 204 -15.80 -17.14 -6.42
CA GLY B 204 -15.88 -16.11 -7.51
C GLY B 204 -17.12 -16.35 -8.39
N THR B 205 -18.12 -17.02 -7.89
CA THR B 205 -19.33 -17.29 -8.71
C THR B 205 -19.74 -16.02 -9.47
N GLY B 206 -19.73 -14.89 -8.80
CA GLY B 206 -20.10 -13.60 -9.48
C GLY B 206 -21.58 -13.29 -9.26
N SER B 207 -22.47 -14.20 -9.52
CA SER B 207 -23.93 -13.89 -9.34
C SER B 207 -24.76 -15.16 -9.22
N VAL B 208 -24.29 -16.15 -8.54
CA VAL B 208 -25.08 -17.40 -8.39
C VAL B 208 -26.20 -17.18 -7.35
N THR B 209 -25.90 -16.51 -6.27
CA THR B 209 -26.94 -16.30 -5.22
C THR B 209 -28.17 -15.60 -5.81
N SER B 210 -28.00 -14.78 -6.81
CA SER B 210 -29.17 -14.08 -7.40
C SER B 210 -29.95 -15.05 -8.29
N GLN B 211 -29.35 -16.16 -8.60
CA GLN B 211 -30.02 -17.17 -9.47
C GLN B 211 -30.57 -18.32 -8.61
N VAL B 212 -30.15 -18.39 -7.36
CA VAL B 212 -30.60 -19.51 -6.48
C VAL B 212 -31.57 -19.01 -5.39
N LYS B 213 -32.57 -19.80 -5.09
CA LYS B 213 -33.53 -19.46 -4.01
C LYS B 213 -33.28 -20.47 -2.90
N ASN B 214 -33.60 -20.18 -1.69
CA ASN B 214 -33.35 -21.19 -0.63
C ASN B 214 -34.14 -22.46 -0.95
N ASP B 215 -33.66 -23.59 -0.51
CA ASP B 215 -34.34 -24.91 -0.74
C ASP B 215 -34.16 -25.37 -2.19
N ASP B 216 -33.31 -24.73 -2.94
CA ASP B 216 -33.09 -25.17 -4.34
C ASP B 216 -32.13 -26.37 -4.31
N TYR B 217 -32.32 -27.33 -5.17
CA TYR B 217 -31.41 -28.51 -5.19
C TYR B 217 -30.29 -28.21 -6.20
N LEU B 218 -29.06 -28.23 -5.76
CA LEU B 218 -27.92 -27.92 -6.69
C LEU B 218 -26.85 -29.00 -6.61
N ILE B 219 -26.17 -29.25 -7.71
CA ILE B 219 -25.06 -30.25 -7.68
C ILE B 219 -23.78 -29.48 -8.02
N LEU B 220 -22.78 -29.56 -7.20
CA LEU B 220 -21.51 -28.81 -7.45
C LEU B 220 -20.49 -29.74 -8.10
N ASP B 221 -20.07 -29.41 -9.31
CA ASP B 221 -19.07 -30.26 -9.99
C ASP B 221 -17.70 -29.99 -9.37
N ALA B 222 -17.37 -28.74 -9.17
CA ALA B 222 -16.05 -28.41 -8.58
C ALA B 222 -14.96 -29.16 -9.36
N VAL B 223 -15.31 -29.68 -10.51
CA VAL B 223 -14.33 -30.41 -11.37
C VAL B 223 -14.44 -29.82 -12.78
N ASN B 224 -15.65 -29.66 -13.25
CA ASN B 224 -15.85 -29.03 -14.59
C ASN B 224 -16.18 -27.56 -14.32
N ASN B 225 -16.20 -27.20 -13.07
CA ASN B 225 -16.50 -25.80 -12.68
C ASN B 225 -17.90 -25.43 -13.18
N GLN B 226 -18.87 -26.28 -12.95
CA GLN B 226 -20.28 -25.99 -13.39
C GLN B 226 -21.26 -26.33 -12.27
N VAL B 227 -22.41 -25.70 -12.29
CA VAL B 227 -23.45 -25.99 -11.25
C VAL B 227 -24.75 -26.38 -11.95
N TYR B 228 -25.34 -27.48 -11.55
CA TYR B 228 -26.61 -27.93 -12.21
C TYR B 228 -27.80 -27.59 -11.30
N VAL B 229 -28.73 -26.83 -11.82
CA VAL B 229 -29.92 -26.41 -11.01
C VAL B 229 -31.15 -27.28 -11.35
N ASN B 230 -31.62 -28.07 -10.43
CA ASN B 230 -32.82 -28.93 -10.70
C ASN B 230 -32.60 -29.79 -11.96
N PRO B 231 -31.44 -30.33 -12.13
CA PRO B 231 -31.10 -31.16 -13.33
C PRO B 231 -31.81 -32.50 -13.43
N THR B 232 -31.58 -33.15 -14.55
CA THR B 232 -32.14 -34.49 -14.78
C THR B 232 -31.29 -35.47 -13.98
N ASN B 233 -31.74 -36.67 -13.76
CA ASN B 233 -30.94 -37.63 -12.97
C ASN B 233 -29.66 -37.97 -13.76
N GLU B 234 -29.69 -37.76 -15.04
CA GLU B 234 -28.49 -38.05 -15.89
C GLU B 234 -27.29 -37.21 -15.40
N VAL B 235 -27.49 -35.94 -15.25
CA VAL B 235 -26.39 -35.03 -14.79
C VAL B 235 -25.95 -35.45 -13.39
N ILE B 236 -26.86 -35.69 -12.51
CA ILE B 236 -26.50 -36.12 -11.18
C ILE B 236 -25.58 -37.34 -11.22
N ASP B 237 -25.94 -38.33 -12.03
CA ASP B 237 -25.21 -39.56 -12.16
C ASP B 237 -23.82 -39.31 -12.69
N LYS B 238 -23.70 -38.53 -13.76
CA LYS B 238 -22.40 -38.11 -14.25
C LYS B 238 -21.63 -37.50 -13.13
N MET B 239 -22.29 -36.63 -12.35
CA MET B 239 -21.64 -35.93 -11.24
C MET B 239 -21.35 -36.86 -10.08
N ARG B 240 -22.08 -37.96 -10.00
CA ARG B 240 -21.75 -38.96 -9.01
C ARG B 240 -20.52 -39.76 -9.47
N ALA B 241 -20.36 -39.93 -10.77
CA ALA B 241 -19.16 -40.61 -11.24
C ALA B 241 -17.96 -39.68 -10.99
N VAL B 242 -18.18 -38.38 -11.10
CA VAL B 242 -17.11 -37.46 -10.89
C VAL B 242 -16.74 -37.48 -9.41
N GLN B 243 -17.76 -37.54 -8.56
CA GLN B 243 -17.52 -37.58 -7.13
C GLN B 243 -16.68 -38.78 -6.70
N GLU B 244 -16.93 -39.90 -7.35
CA GLU B 244 -16.30 -41.17 -7.10
C GLU B 244 -14.86 -41.18 -7.60
N GLN B 245 -14.64 -40.47 -8.70
CA GLN B 245 -13.34 -40.42 -9.32
C GLN B 245 -12.43 -39.61 -8.42
N VAL B 246 -13.01 -38.63 -7.76
CA VAL B 246 -12.30 -37.83 -6.81
C VAL B 246 -11.81 -38.74 -5.68
N ALA B 247 -12.70 -39.58 -5.16
CA ALA B 247 -12.32 -40.55 -4.13
C ALA B 247 -11.20 -41.51 -4.52
N SER B 248 -11.25 -42.03 -5.74
CA SER B 248 -10.16 -42.90 -6.23
C SER B 248 -8.78 -42.23 -6.15
N GLU B 249 -8.73 -40.97 -6.53
CA GLU B 249 -7.50 -40.21 -6.44
C GLU B 249 -7.01 -40.12 -4.99
N LYS B 250 -7.90 -39.74 -4.09
CA LYS B 250 -7.54 -39.69 -2.69
C LYS B 250 -6.87 -40.99 -2.33
N ALA B 251 -7.46 -42.09 -2.78
CA ALA B 251 -6.94 -43.41 -2.44
C ALA B 251 -5.54 -43.60 -3.02
N GLU B 252 -5.35 -43.40 -4.31
CA GLU B 252 -4.02 -43.51 -4.90
C GLU B 252 -3.00 -42.58 -4.24
N LEU B 253 -3.42 -41.34 -3.89
CA LEU B 253 -2.55 -40.30 -3.32
C LEU B 253 -2.24 -40.55 -1.86
N ALA B 254 -3.12 -41.28 -1.19
CA ALA B 254 -2.91 -41.65 0.22
C ALA B 254 -1.78 -42.60 0.39
N LYS B 255 -1.30 -43.17 -0.73
CA LYS B 255 -0.13 -44.11 -0.64
C LYS B 255 1.21 -43.42 -0.18
N LEU B 256 1.98 -44.05 0.77
CA LEU B 256 3.29 -43.49 1.26
C LEU B 256 4.41 -44.57 1.43
N LYS B 257 5.65 -44.26 0.98
CA LYS B 257 6.83 -45.18 1.09
C LYS B 257 7.99 -44.54 1.90
N ASP B 258 8.63 -45.34 2.78
CA ASP B 258 9.78 -44.88 3.57
C ASP B 258 10.93 -44.45 2.65
N LEU B 259 12.12 -44.10 3.21
CA LEU B 259 13.19 -43.58 2.35
C LEU B 259 12.59 -42.46 1.52
N PRO B 260 12.18 -41.41 2.21
CA PRO B 260 11.46 -40.25 1.63
C PRO B 260 12.00 -39.72 0.30
N ALA B 261 11.61 -38.48 0.03
CA ALA B 261 11.92 -37.80 -1.22
C ALA B 261 13.33 -38.07 -1.77
N ILE B 262 13.47 -39.22 -2.41
CA ILE B 262 14.71 -39.58 -3.13
C ILE B 262 14.40 -39.81 -4.60
N THR B 263 15.11 -39.09 -5.46
CA THR B 263 15.07 -39.34 -6.87
C THR B 263 15.50 -40.79 -7.18
N LEU B 264 15.06 -41.27 -8.34
CA LEU B 264 15.50 -42.55 -8.90
C LEU B 264 16.99 -42.80 -8.72
N ASP B 265 17.80 -41.80 -9.00
CA ASP B 265 19.25 -41.92 -8.93
C ASP B 265 19.86 -41.54 -7.58
N GLY B 266 19.08 -41.55 -6.51
CA GLY B 266 19.66 -41.44 -5.15
C GLY B 266 19.83 -40.09 -4.46
N HIS B 267 19.21 -39.05 -4.99
CA HIS B 267 19.39 -37.70 -4.44
C HIS B 267 18.24 -37.46 -3.50
N GLN B 268 18.57 -37.14 -2.25
CA GLN B 268 17.56 -36.89 -1.24
C GLN B 268 17.37 -35.42 -0.89
N VAL B 269 16.11 -35.04 -0.67
CA VAL B 269 15.80 -33.70 -0.14
C VAL B 269 14.82 -33.83 1.03
N GLU B 270 14.73 -32.83 1.88
CA GLU B 270 13.70 -32.86 2.86
C GLU B 270 12.43 -32.26 2.24
N VAL B 271 11.30 -32.68 2.78
CA VAL B 271 10.03 -32.23 2.29
C VAL B 271 9.17 -32.12 3.54
N CYS B 272 8.74 -30.90 3.85
CA CYS B 272 8.16 -30.64 5.15
C CYS B 272 6.96 -29.80 4.99
N ALA B 273 6.24 -29.64 6.10
CA ALA B 273 5.05 -28.83 6.09
C ALA B 273 5.36 -27.44 6.62
N ASN B 274 4.74 -26.44 6.00
CA ASN B 274 4.63 -25.15 6.61
C ASN B 274 3.46 -25.27 7.52
N ILE B 275 3.54 -24.75 8.74
CA ILE B 275 2.36 -24.77 9.65
C ILE B 275 2.09 -23.41 10.28
N GLY B 276 0.90 -23.33 10.89
CA GLY B 276 0.47 -22.15 11.58
C GLY B 276 0.19 -22.36 13.05
N THR B 277 0.01 -23.61 13.48
CA THR B 277 -0.70 -23.96 14.72
C THR B 277 -0.50 -25.44 14.95
N VAL B 278 -0.20 -25.91 16.18
CA VAL B 278 -0.22 -27.38 16.47
C VAL B 278 -1.22 -28.16 15.63
N ARG B 279 -2.40 -27.56 15.42
CA ARG B 279 -3.46 -28.22 14.69
C ARG B 279 -3.06 -28.60 13.26
N ASP B 280 -1.99 -28.01 12.76
CA ASP B 280 -1.56 -28.25 11.41
C ASP B 280 -0.62 -29.46 11.38
N VAL B 281 -0.14 -29.86 12.56
CA VAL B 281 0.78 -30.97 12.67
C VAL B 281 0.07 -32.25 12.21
N GLU B 282 -1.22 -32.26 12.44
CA GLU B 282 -2.01 -33.39 12.09
C GLU B 282 -1.94 -33.59 10.57
N GLY B 283 -2.38 -32.59 9.80
CA GLY B 283 -2.21 -32.60 8.33
C GLY B 283 -0.80 -32.93 7.88
N ALA B 284 0.20 -32.46 8.60
CA ALA B 284 1.58 -32.71 8.21
C ALA B 284 1.94 -34.19 8.32
N GLU B 285 1.49 -34.81 9.42
CA GLU B 285 1.80 -36.20 9.66
C GLU B 285 0.99 -37.00 8.66
N ARG B 286 -0.23 -36.53 8.42
CA ARG B 286 -1.15 -37.19 7.50
C ARG B 286 -0.57 -37.30 6.08
N ASN B 287 0.17 -36.28 5.67
CA ASN B 287 0.65 -36.12 4.33
C ASN B 287 2.11 -36.44 4.17
N GLY B 288 2.69 -37.00 5.22
CA GLY B 288 4.00 -37.62 5.08
C GLY B 288 5.16 -36.67 5.23
N ALA B 289 4.90 -35.52 5.84
CA ALA B 289 5.90 -34.50 6.13
C ALA B 289 7.03 -35.10 6.92
N GLU B 290 8.27 -34.75 6.61
CA GLU B 290 9.42 -35.25 7.38
C GLU B 290 9.84 -34.28 8.49
N GLY B 291 9.11 -33.19 8.66
CA GLY B 291 9.37 -32.20 9.71
C GLY B 291 8.63 -30.95 9.30
N VAL B 292 8.83 -29.86 10.03
CA VAL B 292 8.19 -28.60 9.73
C VAL B 292 9.24 -27.61 9.25
N GLY B 293 8.99 -27.02 8.09
CA GLY B 293 9.99 -26.20 7.43
C GLY B 293 9.73 -24.74 7.73
N LEU B 294 8.55 -24.43 8.23
CA LEU B 294 8.24 -23.05 8.55
C LEU B 294 7.04 -23.02 9.45
N TYR B 295 7.23 -22.46 10.64
CA TYR B 295 6.21 -22.34 11.62
C TYR B 295 6.02 -20.86 11.65
N ARG B 296 5.03 -20.42 10.88
CA ARG B 296 4.62 -19.02 10.80
C ARG B 296 4.04 -18.66 12.15
N THR B 297 4.83 -18.05 13.01
CA THR B 297 4.34 -17.78 14.36
C THR B 297 3.25 -16.70 14.41
N GLU B 298 3.15 -15.84 13.38
CA GLU B 298 2.07 -14.85 13.29
C GLU B 298 0.75 -15.52 13.51
N PHE B 299 0.61 -16.69 12.91
CA PHE B 299 -0.66 -17.37 12.82
C PHE B 299 -1.10 -17.74 14.22
N LEU B 300 -0.13 -18.08 15.06
CA LEU B 300 -0.44 -18.33 16.43
C LEU B 300 -0.92 -17.04 17.08
N PHE B 301 -0.42 -15.91 16.63
CA PHE B 301 -0.77 -14.62 17.20
C PHE B 301 -2.16 -14.21 16.75
N MET B 302 -2.58 -14.71 15.60
CA MET B 302 -3.94 -14.41 15.12
C MET B 302 -4.89 -15.51 15.56
N ASP B 303 -4.38 -16.42 16.36
CA ASP B 303 -5.20 -17.46 16.94
C ASP B 303 -5.75 -17.03 18.31
N ARG B 304 -5.48 -15.77 18.68
CA ARG B 304 -5.74 -15.18 20.02
C ARG B 304 -6.25 -13.74 19.90
N ASP B 305 -6.92 -13.18 20.95
CA ASP B 305 -7.28 -11.75 20.89
C ASP B 305 -6.41 -10.84 21.76
N ALA B 306 -5.21 -11.31 22.07
CA ALA B 306 -4.21 -10.52 22.80
C ALA B 306 -2.86 -10.98 22.35
N LEU B 307 -1.85 -10.13 22.55
CA LEU B 307 -0.46 -10.51 22.24
C LEU B 307 -0.01 -11.61 23.20
N PRO B 308 0.47 -12.75 22.66
CA PRO B 308 0.85 -13.85 23.56
C PRO B 308 2.17 -13.61 24.26
N THR B 309 2.17 -13.74 25.57
CA THR B 309 3.31 -13.42 26.39
C THR B 309 4.41 -14.42 26.18
N GLU B 310 5.53 -14.20 26.84
CA GLU B 310 6.56 -15.19 26.76
C GLU B 310 5.99 -16.57 27.09
N GLU B 311 5.26 -16.63 28.19
CA GLU B 311 4.77 -17.91 28.72
C GLU B 311 3.77 -18.58 27.74
N GLU B 312 2.87 -17.78 27.16
CA GLU B 312 1.88 -18.36 26.26
C GLU B 312 2.58 -18.87 25.02
N GLN B 313 3.62 -18.16 24.61
CA GLN B 313 4.33 -18.52 23.40
C GLN B 313 5.10 -19.80 23.65
N PHE B 314 5.79 -19.81 24.78
CA PHE B 314 6.54 -20.95 25.17
C PHE B 314 5.66 -22.19 25.11
N ALA B 315 4.43 -22.09 25.65
CA ALA B 315 3.56 -23.24 25.79
C ALA B 315 3.17 -23.73 24.42
N ALA B 316 2.83 -22.77 23.58
CA ALA B 316 2.40 -22.99 22.23
C ALA B 316 3.52 -23.66 21.46
N TYR B 317 4.74 -23.14 21.61
CA TYR B 317 5.92 -23.71 20.95
C TYR B 317 6.22 -25.10 21.44
N LYS B 318 6.10 -25.29 22.76
CA LYS B 318 6.37 -26.57 23.45
C LYS B 318 5.42 -27.58 22.87
N ALA B 319 4.13 -27.24 22.84
CA ALA B 319 3.16 -28.16 22.28
C ALA B 319 3.59 -28.59 20.88
N VAL B 320 3.97 -27.63 20.03
CA VAL B 320 4.27 -27.94 18.65
C VAL B 320 5.46 -28.89 18.67
N ALA B 321 6.51 -28.49 19.38
CA ALA B 321 7.74 -29.26 19.44
C ALA B 321 7.45 -30.69 19.82
N GLU B 322 6.43 -30.85 20.63
CA GLU B 322 6.10 -32.15 21.14
C GLU B 322 5.14 -32.86 20.21
N ALA B 323 4.22 -32.14 19.61
CA ALA B 323 3.34 -32.75 18.63
C ALA B 323 4.11 -33.15 17.41
N CYS B 324 5.36 -32.71 17.32
CA CYS B 324 6.17 -33.13 16.21
C CYS B 324 7.09 -34.28 16.50
N GLY B 325 7.09 -34.77 17.73
CA GLY B 325 7.87 -35.94 18.08
C GLY B 325 9.34 -35.73 17.83
N SER B 326 9.92 -36.60 17.03
CA SER B 326 11.34 -36.57 16.78
C SER B 326 11.67 -35.44 15.84
N GLN B 327 10.65 -34.95 15.12
CA GLN B 327 10.88 -34.04 13.99
C GLN B 327 11.26 -32.60 14.36
N ALA B 328 12.01 -31.99 13.47
CA ALA B 328 12.53 -30.63 13.63
C ALA B 328 11.49 -29.61 13.19
N VAL B 329 11.28 -28.56 13.97
CA VAL B 329 10.42 -27.47 13.54
C VAL B 329 11.25 -26.20 13.30
N ILE B 330 11.05 -25.55 12.17
CA ILE B 330 11.72 -24.28 11.92
C ILE B 330 10.74 -23.18 12.31
N VAL B 331 10.96 -22.63 13.50
CA VAL B 331 10.09 -21.66 14.09
C VAL B 331 10.54 -20.32 13.55
N ARG B 332 9.69 -19.66 12.77
CA ARG B 332 10.07 -18.34 12.27
C ARG B 332 9.56 -17.34 13.26
N THR B 333 10.41 -16.40 13.60
CA THR B 333 9.95 -15.29 14.43
C THR B 333 8.95 -14.52 13.59
N MET B 334 8.20 -13.71 14.30
CA MET B 334 6.91 -13.20 13.87
C MET B 334 6.97 -12.27 12.67
N ASP B 335 6.01 -12.45 11.75
CA ASP B 335 5.95 -11.66 10.56
C ASP B 335 4.57 -11.05 10.40
N ILE B 336 4.38 -9.94 11.09
CA ILE B 336 3.21 -9.15 10.97
C ILE B 336 3.50 -7.95 10.08
N GLY B 337 2.52 -7.53 9.27
CA GLY B 337 2.58 -6.21 8.69
C GLY B 337 2.58 -6.00 7.18
N GLY B 338 2.28 -7.04 6.42
CA GLY B 338 2.06 -6.77 5.02
C GLY B 338 0.58 -6.96 4.92
N ASP B 339 0.16 -7.99 4.22
CA ASP B 339 -1.24 -8.35 4.29
C ASP B 339 -1.57 -9.07 5.59
N LYS B 340 -0.63 -9.24 6.51
CA LYS B 340 -1.00 -9.83 7.80
C LYS B 340 -0.86 -8.92 9.03
N GLU B 341 -1.90 -8.14 9.21
CA GLU B 341 -1.97 -7.37 10.38
C GLU B 341 -2.57 -8.23 11.47
N LEU B 342 -2.22 -7.96 12.72
CA LEU B 342 -3.10 -8.34 13.80
C LEU B 342 -3.77 -7.12 14.41
N PRO B 343 -5.07 -6.99 14.13
CA PRO B 343 -5.95 -5.91 14.55
C PRO B 343 -5.71 -5.54 16.01
N TYR B 344 -5.59 -6.52 16.90
CA TYR B 344 -5.34 -6.17 18.31
C TYR B 344 -4.11 -5.30 18.59
N MET B 345 -3.24 -5.16 17.59
CA MET B 345 -2.04 -4.33 17.79
C MET B 345 -2.32 -2.89 17.49
N ASN B 346 -3.40 -2.65 16.76
CA ASN B 346 -3.79 -1.28 16.39
C ASN B 346 -2.67 -0.47 15.76
N PHE B 347 -1.75 -1.14 15.08
CA PHE B 347 -0.70 -0.41 14.40
C PHE B 347 -1.33 0.59 13.47
N PRO B 348 -0.61 1.68 13.17
CA PRO B 348 -1.14 2.65 12.21
C PRO B 348 -1.08 2.15 10.77
N LYS B 349 -1.91 2.74 9.91
CA LYS B 349 -1.93 2.38 8.50
C LYS B 349 -0.68 2.83 7.80
N GLU B 350 -0.36 2.11 6.72
CA GLU B 350 0.76 2.42 5.84
C GLU B 350 0.34 2.48 4.38
N GLU B 351 1.02 3.32 3.64
CA GLU B 351 0.74 3.47 2.25
C GLU B 351 1.06 2.18 1.47
N ASN B 352 2.11 1.47 1.87
CA ASN B 352 2.43 0.17 1.24
C ASN B 352 2.81 -0.82 2.32
N PRO B 353 1.81 -1.50 2.89
CA PRO B 353 2.17 -2.36 3.99
C PRO B 353 3.28 -3.31 3.59
N PHE B 354 3.24 -3.83 2.38
CA PHE B 354 4.22 -4.83 1.98
C PHE B 354 5.64 -4.33 1.81
N LEU B 355 5.78 -3.02 1.69
CA LEU B 355 7.07 -2.35 1.77
C LEU B 355 7.20 -1.53 3.05
N GLY B 356 6.53 -1.97 4.10
CA GLY B 356 6.46 -1.15 5.31
C GLY B 356 7.11 -1.79 6.51
N TRP B 357 6.49 -1.54 7.65
CA TRP B 357 7.04 -1.80 8.95
C TRP B 357 6.61 -3.19 9.36
N ARG B 358 7.33 -4.13 8.80
CA ARG B 358 6.91 -5.52 8.75
C ARG B 358 7.90 -6.44 9.50
N ALA B 359 7.33 -7.41 10.25
CA ALA B 359 8.10 -8.54 10.77
C ALA B 359 9.16 -8.04 11.68
N ILE B 360 10.39 -8.24 11.25
CA ILE B 360 11.58 -7.95 12.07
C ILE B 360 11.79 -6.45 12.35
N ARG B 361 11.17 -5.66 11.51
CA ARG B 361 11.28 -4.26 11.63
C ARG B 361 10.53 -3.79 12.85
N ILE B 362 9.53 -4.58 13.24
CA ILE B 362 8.73 -4.30 14.45
C ILE B 362 9.46 -4.84 15.69
N ALA B 363 9.86 -6.10 15.62
CA ALA B 363 10.43 -6.70 16.78
C ALA B 363 11.71 -5.94 17.18
N MET B 364 12.37 -5.33 16.20
CA MET B 364 13.53 -4.48 16.50
C MET B 364 13.17 -3.08 16.96
N ASP B 365 11.95 -2.65 16.71
CA ASP B 365 11.58 -1.35 17.24
C ASP B 365 10.83 -1.51 18.53
N ARG B 366 10.58 -2.74 18.92
CA ARG B 366 9.90 -2.98 20.16
C ARG B 366 10.44 -4.24 20.72
N ARG B 367 11.58 -4.15 21.39
CA ARG B 367 12.29 -5.31 21.88
C ARG B 367 11.46 -6.27 22.73
N GLU B 368 10.58 -5.76 23.59
CA GLU B 368 9.75 -6.67 24.38
C GLU B 368 9.18 -7.82 23.47
N ILE B 369 8.91 -7.53 22.20
CA ILE B 369 8.25 -8.49 21.28
C ILE B 369 9.27 -9.54 20.82
N LEU B 370 10.36 -9.05 20.25
CA LEU B 370 11.45 -9.86 19.91
C LEU B 370 11.93 -10.69 21.13
N ARG B 371 12.05 -10.06 22.30
CA ARG B 371 12.61 -10.73 23.46
C ARG B 371 11.73 -11.87 24.01
N ASP B 372 10.45 -11.56 24.25
CA ASP B 372 9.50 -12.52 24.73
C ASP B 372 9.59 -13.67 23.80
N GLN B 373 9.50 -13.39 22.51
CA GLN B 373 9.42 -14.48 21.54
C GLN B 373 10.68 -15.32 21.52
N LEU B 374 11.83 -14.71 21.32
CA LEU B 374 13.05 -15.50 21.25
C LEU B 374 13.30 -16.27 22.53
N ARG B 375 13.15 -15.60 23.67
CA ARG B 375 13.06 -16.26 24.96
C ARG B 375 12.18 -17.54 24.92
N ALA B 376 10.90 -17.37 24.56
CA ALA B 376 9.99 -18.49 24.43
C ALA B 376 10.50 -19.58 23.50
N ILE B 377 11.01 -19.24 22.32
CA ILE B 377 11.49 -20.27 21.40
C ILE B 377 12.61 -21.03 22.08
N LEU B 378 13.63 -20.31 22.53
CA LEU B 378 14.76 -20.97 23.15
C LEU B 378 14.27 -21.93 24.22
N ARG B 379 13.41 -21.44 25.09
CA ARG B 379 13.02 -22.25 26.20
C ARG B 379 12.30 -23.47 25.68
N ALA B 380 11.47 -23.30 24.63
CA ALA B 380 10.75 -24.44 24.05
C ALA B 380 11.71 -25.46 23.43
N SER B 381 12.91 -25.03 23.03
CA SER B 381 13.87 -25.92 22.42
C SER B 381 14.41 -26.92 23.41
N ALA B 382 14.06 -26.76 24.68
CA ALA B 382 14.46 -27.75 25.66
C ALA B 382 13.58 -28.96 25.53
N PHE B 383 12.64 -28.93 24.58
CA PHE B 383 11.59 -29.95 24.53
C PHE B 383 11.40 -30.64 23.21
N GLY B 384 12.24 -30.30 22.22
CA GLY B 384 12.14 -30.92 20.92
C GLY B 384 13.03 -30.17 20.01
N LYS B 385 13.42 -30.76 18.87
CA LYS B 385 14.32 -30.06 17.94
C LYS B 385 13.64 -28.84 17.31
N LEU B 386 14.08 -27.66 17.68
CA LEU B 386 13.60 -26.43 17.07
C LEU B 386 14.75 -25.71 16.41
N ARG B 387 14.45 -25.01 15.32
CA ARG B 387 15.35 -24.02 14.75
C ARG B 387 14.68 -22.65 14.82
N ILE B 388 15.49 -21.58 14.82
CA ILE B 388 15.00 -20.20 14.77
C ILE B 388 15.30 -19.64 13.40
N MET B 389 14.32 -18.95 12.83
CA MET B 389 14.55 -18.35 11.55
C MET B 389 13.89 -17.02 11.60
N PHE B 390 14.47 -16.06 10.91
CA PHE B 390 14.01 -14.67 10.85
C PHE B 390 13.45 -14.30 9.50
N PRO B 391 12.31 -13.61 9.49
CA PRO B 391 11.64 -13.10 8.29
C PRO B 391 12.14 -11.74 7.84
N MET B 392 11.94 -11.38 6.56
CA MET B 392 12.20 -10.02 6.06
C MET B 392 13.59 -9.46 6.24
N ILE B 393 14.57 -10.33 6.36
CA ILE B 393 15.96 -9.93 6.42
C ILE B 393 16.43 -9.24 5.14
N ILE B 394 17.16 -8.14 5.33
CA ILE B 394 17.55 -7.29 4.23
C ILE B 394 19.03 -6.96 4.17
N SER B 395 19.72 -7.16 5.30
CA SER B 395 21.10 -6.75 5.42
C SER B 395 21.88 -7.67 6.35
N VAL B 396 23.20 -7.69 6.24
CA VAL B 396 23.99 -8.35 7.24
C VAL B 396 23.84 -7.61 8.56
N GLU B 397 23.74 -6.28 8.51
CA GLU B 397 23.48 -5.52 9.74
C GLU B 397 22.37 -6.15 10.61
N GLU B 398 21.19 -6.33 9.99
CA GLU B 398 20.04 -6.91 10.71
C GLU B 398 20.38 -8.24 11.39
N VAL B 399 20.94 -9.17 10.64
CA VAL B 399 21.29 -10.49 11.23
C VAL B 399 22.23 -10.42 12.45
N ARG B 400 23.29 -9.63 12.35
CA ARG B 400 24.18 -9.51 13.47
C ARG B 400 23.47 -8.90 14.67
N ALA B 401 22.54 -7.98 14.45
CA ALA B 401 21.93 -7.31 15.58
C ALA B 401 21.02 -8.29 16.31
N LEU B 402 20.46 -9.23 15.56
CA LEU B 402 19.51 -10.19 16.08
C LEU B 402 20.20 -11.39 16.76
N ARG B 403 21.32 -11.84 16.20
CA ARG B 403 22.16 -12.87 16.83
C ARG B 403 22.69 -12.40 18.16
N LYS B 404 23.10 -11.14 18.18
CA LYS B 404 23.55 -10.50 19.38
C LYS B 404 22.43 -10.52 20.39
N GLU B 405 21.24 -10.17 19.91
CA GLU B 405 20.06 -10.31 20.72
C GLU B 405 19.89 -11.75 21.24
N ILE B 406 19.87 -12.74 20.36
CA ILE B 406 19.79 -14.12 20.82
C ILE B 406 20.79 -14.36 21.97
N GLU B 407 22.07 -14.08 21.73
CA GLU B 407 23.08 -14.30 22.72
C GLU B 407 22.77 -13.68 24.08
N ILE B 408 22.14 -12.51 24.09
CA ILE B 408 21.74 -11.88 25.34
C ILE B 408 20.61 -12.67 26.01
N TYR B 409 19.58 -12.98 25.25
CA TYR B 409 18.50 -13.78 25.73
C TYR B 409 18.97 -15.15 26.15
N LYS B 410 20.01 -15.69 25.53
CA LYS B 410 20.50 -17.01 25.90
C LYS B 410 21.06 -16.94 27.30
N GLN B 411 21.83 -15.91 27.60
CA GLN B 411 22.47 -15.78 28.90
C GLN B 411 21.46 -15.63 29.99
N GLU B 412 20.49 -14.75 29.76
CA GLU B 412 19.45 -14.55 30.73
C GLU B 412 18.84 -15.90 31.09
N LEU B 413 18.43 -16.68 30.10
CA LEU B 413 17.94 -18.02 30.40
C LEU B 413 18.91 -18.84 31.26
N ARG B 414 20.17 -18.98 30.81
CA ARG B 414 21.25 -19.57 31.64
C ARG B 414 21.24 -19.08 33.09
N ASP B 415 21.02 -17.79 33.29
CA ASP B 415 21.04 -17.18 34.60
C ASP B 415 19.80 -17.42 35.43
N GLU B 416 18.71 -17.75 34.76
CA GLU B 416 17.45 -18.00 35.45
C GLU B 416 17.22 -19.50 35.65
N GLY B 417 18.22 -20.33 35.31
CA GLY B 417 18.17 -21.79 35.50
C GLY B 417 17.10 -22.43 34.61
N LYS B 418 17.14 -21.99 33.35
CA LYS B 418 16.19 -22.37 32.31
C LYS B 418 16.92 -22.98 31.08
N ALA B 419 16.73 -24.29 30.90
CA ALA B 419 17.32 -25.05 29.81
C ALA B 419 16.87 -24.49 28.47
N PHE B 420 17.79 -24.56 27.51
CA PHE B 420 17.51 -24.36 26.13
C PHE B 420 18.58 -25.15 25.40
N ASP B 421 18.24 -25.57 24.18
CA ASP B 421 19.11 -26.39 23.37
C ASP B 421 20.26 -25.47 23.03
N GLU B 422 21.45 -25.75 23.55
CA GLU B 422 22.63 -24.93 23.22
C GLU B 422 23.05 -25.11 21.77
N SER B 423 22.55 -26.14 21.09
CA SER B 423 22.87 -26.46 19.71
C SER B 423 22.02 -25.71 18.72
N ILE B 424 21.17 -24.81 19.21
CA ILE B 424 20.02 -24.38 18.42
C ILE B 424 20.50 -23.62 17.22
N GLU B 425 19.97 -24.02 16.06
CA GLU B 425 20.44 -23.43 14.84
C GLU B 425 19.57 -22.27 14.45
N ILE B 426 20.24 -21.30 13.84
CA ILE B 426 19.67 -20.05 13.49
C ILE B 426 19.84 -19.82 11.99
N GLY B 427 18.78 -19.40 11.32
CA GLY B 427 18.86 -19.12 9.89
C GLY B 427 18.02 -17.91 9.51
N VAL B 428 17.85 -17.67 8.23
CA VAL B 428 17.14 -16.49 7.83
C VAL B 428 16.30 -16.80 6.64
N MET B 429 15.18 -16.10 6.53
CA MET B 429 14.35 -16.17 5.35
C MET B 429 15.16 -15.43 4.32
N VAL B 430 15.34 -15.98 3.13
CA VAL B 430 15.81 -15.15 2.03
C VAL B 430 14.57 -14.87 1.18
N GLU B 431 13.93 -13.72 1.36
CA GLU B 431 12.69 -13.47 0.67
C GLU B 431 12.64 -12.04 0.20
N THR B 432 13.77 -11.41 0.33
CA THR B 432 14.05 -10.09 -0.14
C THR B 432 15.17 -10.23 -1.24
N PRO B 433 15.11 -9.39 -2.31
CA PRO B 433 16.14 -9.36 -3.32
C PRO B 433 17.43 -8.87 -2.71
N ALA B 434 17.37 -8.03 -1.70
CA ALA B 434 18.55 -7.69 -0.93
C ALA B 434 19.21 -8.93 -0.41
N ALA B 435 18.47 -9.68 0.40
CA ALA B 435 19.04 -10.90 0.99
C ALA B 435 19.62 -11.77 -0.10
N ALA B 436 18.87 -11.90 -1.19
CA ALA B 436 19.30 -12.80 -2.24
C ALA B 436 20.64 -12.33 -2.76
N THR B 437 20.77 -11.01 -2.92
CA THR B 437 21.99 -10.38 -3.46
C THR B 437 23.26 -10.53 -2.60
N ILE B 438 23.05 -10.55 -1.29
CA ILE B 438 24.14 -10.61 -0.35
C ILE B 438 24.10 -11.98 0.31
N ALA B 439 23.42 -12.89 -0.35
CA ALA B 439 23.39 -14.26 0.14
C ALA B 439 24.78 -14.73 0.57
N ARG B 440 25.85 -14.40 -0.16
CA ARG B 440 27.16 -14.97 0.21
C ARG B 440 27.47 -14.47 1.57
N HIS B 441 27.46 -13.15 1.74
CA HIS B 441 27.68 -12.54 3.05
C HIS B 441 26.82 -13.08 4.16
N LEU B 442 25.54 -13.33 3.88
CA LEU B 442 24.61 -13.77 4.94
C LEU B 442 24.90 -15.21 5.34
N ALA B 443 25.29 -16.03 4.36
CA ALA B 443 25.59 -17.45 4.57
C ALA B 443 26.69 -17.75 5.62
N LYS B 444 27.64 -16.83 5.78
CA LYS B 444 28.66 -16.92 6.85
C LYS B 444 28.03 -16.70 8.17
N GLU B 445 26.89 -16.04 8.19
CA GLU B 445 26.37 -15.50 9.45
C GLU B 445 25.22 -16.33 10.00
N VAL B 446 24.71 -17.28 9.22
CA VAL B 446 23.59 -18.09 9.65
C VAL B 446 23.87 -19.53 9.37
N ASP B 447 23.05 -20.42 9.94
CA ASP B 447 23.18 -21.87 9.70
C ASP B 447 22.43 -22.35 8.51
N PHE B 448 21.48 -21.55 8.04
CA PHE B 448 20.67 -22.01 6.94
C PHE B 448 19.83 -20.91 6.35
N PHE B 449 19.14 -21.22 5.26
CA PHE B 449 18.29 -20.27 4.55
C PHE B 449 17.08 -21.01 4.21
N SER B 450 15.95 -20.31 4.22
CA SER B 450 14.77 -20.76 3.56
C SER B 450 14.31 -19.64 2.65
N ILE B 451 14.14 -19.93 1.36
CA ILE B 451 13.76 -18.88 0.41
C ILE B 451 12.25 -18.67 0.41
N GLY B 452 11.84 -17.44 0.73
CA GLY B 452 10.43 -17.13 0.66
C GLY B 452 10.14 -16.56 -0.71
N THR B 453 9.67 -17.40 -1.62
CA THR B 453 9.43 -16.95 -2.97
C THR B 453 8.17 -16.09 -3.12
N ASN B 454 7.26 -16.18 -2.17
CA ASN B 454 6.07 -15.33 -2.25
C ASN B 454 6.51 -13.89 -2.17
N ASP B 455 7.28 -13.60 -1.13
CA ASP B 455 7.84 -12.30 -1.01
C ASP B 455 8.89 -11.97 -2.07
N LEU B 456 9.92 -12.80 -2.22
CA LEU B 456 10.94 -12.60 -3.22
C LEU B 456 10.33 -12.30 -4.62
N THR B 457 9.33 -13.04 -5.00
CA THR B 457 8.71 -12.78 -6.25
C THR B 457 8.20 -11.35 -6.19
N GLN B 458 7.45 -11.07 -5.14
CA GLN B 458 6.78 -9.80 -4.94
C GLN B 458 7.74 -8.67 -5.14
N TYR B 459 8.90 -8.69 -4.47
CA TYR B 459 9.82 -7.54 -4.55
C TYR B 459 10.68 -7.54 -5.77
N THR B 460 10.95 -8.71 -6.29
CA THR B 460 11.82 -8.76 -7.42
C THR B 460 11.01 -8.23 -8.60
N LEU B 461 9.75 -8.64 -8.69
CA LEU B 461 8.89 -8.18 -9.77
C LEU B 461 8.09 -6.95 -9.38
N ALA B 462 8.21 -6.47 -8.15
CA ALA B 462 7.31 -5.38 -7.71
C ALA B 462 5.87 -5.63 -8.07
N VAL B 463 5.40 -6.83 -7.79
CA VAL B 463 4.00 -7.11 -7.91
C VAL B 463 3.43 -7.64 -6.61
N ASP B 464 2.38 -6.93 -6.17
CA ASP B 464 1.75 -7.16 -4.91
C ASP B 464 1.07 -8.52 -5.00
N ARG B 465 1.41 -9.37 -4.04
CA ARG B 465 0.84 -10.70 -3.92
C ARG B 465 -0.66 -10.67 -3.81
N GLY B 466 -1.19 -9.53 -3.37
CA GLY B 466 -2.62 -9.34 -3.14
C GLY B 466 -3.36 -8.82 -4.35
N ASN B 467 -2.65 -8.29 -5.35
CA ASN B 467 -3.27 -7.47 -6.40
C ASN B 467 -3.67 -8.29 -7.64
N ASP B 468 -4.95 -8.63 -7.75
CA ASP B 468 -5.43 -9.47 -8.85
C ASP B 468 -5.31 -8.79 -10.21
N MET B 469 -5.49 -7.47 -10.22
CA MET B 469 -5.34 -6.73 -11.45
C MET B 469 -4.02 -6.97 -12.18
N ILE B 470 -2.92 -7.13 -11.45
CA ILE B 470 -1.66 -7.49 -12.09
C ILE B 470 -1.20 -8.90 -11.80
N SER B 471 -2.09 -9.76 -11.34
CA SER B 471 -1.61 -11.08 -10.97
C SER B 471 -0.81 -11.74 -12.10
N HIS B 472 -1.15 -11.43 -13.35
CA HIS B 472 -0.54 -12.11 -14.49
C HIS B 472 0.97 -11.87 -14.55
N LEU B 473 1.42 -10.82 -13.85
CA LEU B 473 2.84 -10.47 -13.73
C LEU B 473 3.49 -11.09 -12.52
N TYR B 474 2.73 -11.79 -11.69
CA TYR B 474 3.34 -12.34 -10.52
C TYR B 474 3.86 -13.68 -10.93
N GLN B 475 5.16 -13.75 -11.21
CA GLN B 475 5.72 -15.00 -11.74
C GLN B 475 6.89 -15.41 -10.99
N PRO B 476 6.73 -16.35 -10.06
CA PRO B 476 7.94 -16.80 -9.37
C PRO B 476 8.74 -17.65 -10.35
N MET B 477 8.16 -17.97 -11.50
CA MET B 477 8.87 -18.73 -12.47
C MET B 477 9.34 -17.85 -13.57
N SER B 478 10.08 -16.84 -13.15
CA SER B 478 10.72 -15.93 -14.04
C SER B 478 12.16 -16.27 -14.05
N PRO B 479 12.81 -16.01 -15.18
CA PRO B 479 14.26 -16.09 -15.21
C PRO B 479 14.87 -15.21 -14.11
N SER B 480 14.16 -14.16 -13.71
CA SER B 480 14.68 -13.31 -12.63
C SER B 480 14.58 -13.92 -11.21
N VAL B 481 13.50 -14.59 -10.91
CA VAL B 481 13.39 -15.13 -9.58
C VAL B 481 14.24 -16.41 -9.49
N LEU B 482 14.24 -17.19 -10.56
CA LEU B 482 14.99 -18.46 -10.56
C LEU B 482 16.46 -18.19 -10.37
N ASN B 483 16.99 -17.28 -11.16
CA ASN B 483 18.37 -16.90 -10.97
C ASN B 483 18.74 -16.51 -9.53
N LEU B 484 17.93 -15.67 -8.92
CA LEU B 484 18.09 -15.30 -7.53
C LEU B 484 17.96 -16.47 -6.60
N ILE B 485 17.05 -17.40 -6.87
CA ILE B 485 17.00 -18.69 -6.13
C ILE B 485 18.33 -19.48 -6.21
N LYS B 486 18.84 -19.64 -7.42
CA LYS B 486 20.07 -20.36 -7.63
C LYS B 486 21.19 -19.73 -6.85
N GLN B 487 21.14 -18.42 -6.80
CA GLN B 487 22.27 -17.68 -6.35
C GLN B 487 22.32 -17.92 -4.83
N VAL B 488 21.12 -18.04 -4.23
CA VAL B 488 20.98 -18.25 -2.80
C VAL B 488 21.40 -19.66 -2.40
N ILE B 489 20.88 -20.64 -3.14
CA ILE B 489 21.20 -22.03 -2.90
C ILE B 489 22.73 -22.16 -2.91
N ASP B 490 23.34 -21.66 -3.98
CA ASP B 490 24.77 -21.71 -4.15
C ASP B 490 25.48 -21.07 -2.98
N ALA B 491 25.05 -19.87 -2.59
CA ALA B 491 25.61 -19.25 -1.38
C ALA B 491 25.65 -20.26 -0.25
N SER B 492 24.49 -20.84 0.12
CA SER B 492 24.41 -21.90 1.14
C SER B 492 25.52 -22.88 1.01
N HIS B 493 25.60 -23.46 -0.19
CA HIS B 493 26.42 -24.62 -0.38
C HIS B 493 27.86 -24.21 -0.30
N ALA B 494 28.14 -22.98 -0.74
CA ALA B 494 29.51 -22.55 -0.71
C ALA B 494 30.00 -22.48 0.74
N GLU B 495 29.11 -22.15 1.70
CA GLU B 495 29.52 -22.16 3.12
C GLU B 495 29.33 -23.49 3.77
N GLY B 496 28.85 -24.48 3.02
CA GLY B 496 28.54 -25.79 3.60
C GLY B 496 27.27 -25.79 4.43
N LYS B 497 26.40 -24.82 4.22
CA LYS B 497 25.04 -24.81 4.76
C LYS B 497 24.08 -25.22 3.69
N TRP B 498 22.81 -25.12 3.99
CA TRP B 498 21.77 -25.59 3.12
C TRP B 498 20.64 -24.57 2.98
N THR B 499 19.91 -24.67 1.90
CA THR B 499 18.83 -23.79 1.69
C THR B 499 17.62 -24.65 1.59
N GLY B 500 16.58 -24.23 2.30
CA GLY B 500 15.25 -24.77 2.09
C GLY B 500 14.40 -23.74 1.42
N MET B 501 13.15 -24.07 1.18
CA MET B 501 12.18 -23.19 0.55
C MET B 501 10.79 -23.38 1.14
N CYS B 502 10.23 -22.33 1.73
CA CYS B 502 8.87 -22.41 2.24
C CYS B 502 7.88 -21.60 1.44
N GLY B 503 8.37 -20.79 0.53
CA GLY B 503 7.49 -20.16 -0.45
C GLY B 503 6.72 -21.21 -1.21
N GLU B 504 5.62 -20.75 -1.83
CA GLU B 504 4.71 -21.66 -2.51
C GLU B 504 5.30 -22.38 -3.73
N LEU B 505 6.40 -21.85 -4.26
CA LEU B 505 7.10 -22.57 -5.31
C LEU B 505 7.51 -23.98 -4.94
N ALA B 506 7.96 -24.17 -3.71
CA ALA B 506 8.34 -25.49 -3.19
C ALA B 506 7.24 -26.46 -3.46
N GLY B 507 6.00 -26.03 -3.21
CA GLY B 507 4.84 -26.89 -3.40
C GLY B 507 4.26 -26.89 -4.79
N ASP B 508 4.87 -26.15 -5.72
CA ASP B 508 4.33 -25.98 -7.08
C ASP B 508 4.89 -27.09 -8.01
N GLU B 509 4.01 -27.98 -8.51
CA GLU B 509 4.39 -29.10 -9.40
C GLU B 509 5.31 -28.71 -10.55
N ARG B 510 5.34 -27.43 -10.88
CA ARG B 510 6.00 -26.99 -12.10
C ARG B 510 7.42 -26.55 -11.85
N ALA B 511 7.73 -26.35 -10.57
CA ALA B 511 9.05 -25.94 -10.23
C ALA B 511 9.87 -27.11 -9.67
N THR B 512 9.18 -28.17 -9.28
CA THR B 512 9.82 -29.24 -8.55
C THR B 512 11.11 -29.73 -9.20
N LEU B 513 11.09 -30.06 -10.51
CA LEU B 513 12.34 -30.45 -11.20
C LEU B 513 13.43 -29.38 -11.21
N LEU B 514 13.04 -28.12 -11.32
CA LEU B 514 14.01 -27.02 -11.28
C LEU B 514 14.57 -26.81 -9.90
N LEU B 515 13.69 -26.69 -8.93
CA LEU B 515 14.12 -26.57 -7.56
C LEU B 515 15.08 -27.69 -7.25
N LEU B 516 14.69 -28.91 -7.61
CA LEU B 516 15.57 -30.06 -7.40
C LEU B 516 16.92 -29.92 -8.13
N GLY B 517 16.87 -29.60 -9.43
CA GLY B 517 18.06 -29.54 -10.26
C GLY B 517 19.00 -28.46 -9.78
N MET B 518 18.41 -27.41 -9.21
CA MET B 518 19.17 -26.28 -8.74
C MET B 518 19.78 -26.56 -7.40
N GLY B 519 19.49 -27.74 -6.83
CA GLY B 519 20.12 -28.21 -5.61
C GLY B 519 19.47 -27.83 -4.29
N LEU B 520 18.24 -27.32 -4.35
CA LEU B 520 17.51 -26.99 -3.15
C LEU B 520 17.50 -28.19 -2.23
N ASP B 521 17.77 -27.95 -0.94
CA ASP B 521 17.99 -29.03 0.04
C ASP B 521 16.72 -29.43 0.68
N GLU B 522 15.82 -28.46 0.78
CA GLU B 522 14.65 -28.64 1.59
C GLU B 522 13.44 -27.97 1.00
N PHE B 523 12.31 -28.68 0.98
CA PHE B 523 11.08 -28.08 0.48
C PHE B 523 10.09 -28.01 1.59
N SER B 524 9.40 -26.89 1.73
CA SER B 524 8.39 -26.88 2.78
C SER B 524 7.13 -26.25 2.27
N MET B 525 5.99 -26.89 2.52
CA MET B 525 4.80 -26.46 1.85
C MET B 525 3.60 -26.72 2.69
N SER B 526 2.44 -26.28 2.18
CA SER B 526 1.21 -26.80 2.68
C SER B 526 1.38 -28.30 2.69
N ALA B 527 0.95 -28.91 3.79
CA ALA B 527 1.00 -30.36 3.92
C ALA B 527 0.35 -31.05 2.70
N ILE B 528 -0.81 -30.56 2.27
CA ILE B 528 -1.50 -31.17 1.13
C ILE B 528 -0.65 -31.31 -0.12
N SER B 529 0.43 -30.57 -0.24
CA SER B 529 1.23 -30.65 -1.45
C SER B 529 2.34 -31.63 -1.33
N ILE B 530 2.53 -32.14 -0.13
CA ILE B 530 3.67 -32.99 0.11
C ILE B 530 3.69 -34.22 -0.81
N PRO B 531 2.57 -34.97 -0.88
CA PRO B 531 2.61 -36.14 -1.79
C PRO B 531 2.83 -35.82 -3.28
N ARG B 532 2.24 -34.74 -3.84
CA ARG B 532 2.43 -34.47 -5.28
C ARG B 532 3.89 -34.27 -5.57
N ILE B 533 4.52 -33.50 -4.71
CA ILE B 533 5.88 -33.15 -4.90
C ILE B 533 6.79 -34.35 -4.61
N LYS B 534 6.51 -35.06 -3.54
CA LYS B 534 7.24 -36.27 -3.23
C LYS B 534 7.21 -37.14 -4.51
N LYS B 535 6.01 -37.34 -5.08
CA LYS B 535 5.84 -38.19 -6.25
C LYS B 535 6.73 -37.79 -7.39
N ILE B 536 6.78 -36.48 -7.66
CA ILE B 536 7.60 -35.95 -8.72
C ILE B 536 9.06 -36.23 -8.42
N ILE B 537 9.41 -36.16 -7.14
CA ILE B 537 10.81 -36.27 -6.75
C ILE B 537 11.23 -37.69 -6.89
N ARG B 538 10.36 -38.58 -6.42
CA ARG B 538 10.67 -39.98 -6.43
C ARG B 538 10.82 -40.58 -7.84
N ASN B 539 10.33 -39.85 -8.86
CA ASN B 539 10.24 -40.34 -10.24
C ASN B 539 11.13 -39.55 -11.21
N THR B 540 11.98 -38.70 -10.65
CA THR B 540 12.92 -37.95 -11.46
C THR B 540 14.22 -38.63 -11.35
N ASN B 541 15.06 -38.35 -12.33
CA ASN B 541 16.44 -38.58 -12.17
C ASN B 541 17.11 -37.22 -11.84
N PHE B 542 17.89 -37.21 -10.77
CA PHE B 542 18.48 -35.95 -10.32
C PHE B 542 19.44 -35.33 -11.32
N GLU B 543 20.25 -36.16 -11.95
CA GLU B 543 21.20 -35.62 -12.91
C GLU B 543 20.52 -34.90 -14.06
N ASP B 544 19.40 -35.47 -14.49
CA ASP B 544 18.64 -34.92 -15.59
C ASP B 544 18.08 -33.55 -15.25
N ALA B 545 17.48 -33.44 -14.06
CA ALA B 545 17.04 -32.21 -13.46
C ALA B 545 18.10 -31.14 -13.41
N LYS B 546 19.33 -31.48 -12.97
CA LYS B 546 20.42 -30.49 -13.00
C LYS B 546 20.47 -29.90 -14.40
N VAL B 547 20.69 -30.75 -15.39
CA VAL B 547 20.73 -30.31 -16.78
C VAL B 547 19.51 -29.43 -17.11
N LEU B 548 18.33 -29.85 -16.62
CA LEU B 548 17.14 -29.10 -16.89
C LEU B 548 17.32 -27.72 -16.29
N ALA B 549 17.72 -27.69 -15.01
CA ALA B 549 17.81 -26.46 -14.25
C ALA B 549 18.74 -25.52 -14.94
N GLU B 550 19.89 -26.06 -15.26
CA GLU B 550 20.83 -25.23 -15.89
C GLU B 550 20.21 -24.56 -17.15
N GLN B 551 19.65 -25.38 -18.05
CA GLN B 551 19.05 -24.81 -19.23
C GLN B 551 18.10 -23.67 -18.83
N ALA B 552 17.20 -23.97 -17.89
CA ALA B 552 16.13 -23.04 -17.57
C ALA B 552 16.69 -21.70 -17.14
N LEU B 553 17.80 -21.77 -16.40
CA LEU B 553 18.44 -20.56 -15.88
C LEU B 553 19.05 -19.66 -16.94
N ALA B 554 19.16 -20.15 -18.17
CA ALA B 554 19.71 -19.35 -19.24
C ALA B 554 18.64 -18.70 -20.11
N GLN B 555 17.39 -19.16 -19.99
CA GLN B 555 16.28 -18.63 -20.76
C GLN B 555 15.97 -17.17 -20.40
N PRO B 556 15.81 -16.28 -21.38
CA PRO B 556 15.43 -14.91 -21.03
C PRO B 556 13.90 -14.76 -20.89
N THR B 557 13.18 -15.85 -20.98
CA THR B 557 11.73 -15.77 -21.08
C THR B 557 11.11 -16.95 -20.31
N THR B 558 10.04 -16.69 -19.59
CA THR B 558 9.31 -17.72 -18.85
C THR B 558 8.83 -18.79 -19.83
N ASP B 559 8.15 -18.37 -20.87
CA ASP B 559 7.65 -19.34 -21.81
C ASP B 559 8.70 -20.33 -22.21
N GLU B 560 9.89 -19.81 -22.52
CA GLU B 560 11.00 -20.63 -23.00
C GLU B 560 11.46 -21.62 -21.94
N LEU B 561 11.38 -21.20 -20.69
CA LEU B 561 11.73 -22.01 -19.55
C LEU B 561 10.58 -23.05 -19.25
N MET B 562 9.33 -22.65 -19.47
CA MET B 562 8.23 -23.62 -19.38
C MET B 562 8.40 -24.71 -20.40
N THR B 563 8.88 -24.37 -21.59
CA THR B 563 9.05 -25.35 -22.64
C THR B 563 10.00 -26.47 -22.21
N LEU B 564 11.15 -26.12 -21.66
CA LEU B 564 12.13 -27.08 -21.16
C LEU B 564 11.51 -28.04 -20.21
N VAL B 565 10.92 -27.50 -19.14
CA VAL B 565 10.14 -28.28 -18.17
C VAL B 565 9.17 -29.26 -18.84
N ASN B 566 8.36 -28.77 -19.77
CA ASN B 566 7.43 -29.65 -20.48
C ASN B 566 8.09 -30.76 -21.31
N LYS B 567 9.09 -30.44 -22.13
CA LYS B 567 9.72 -31.48 -22.93
C LYS B 567 10.34 -32.53 -22.02
N PHE B 568 10.75 -32.09 -20.84
CA PHE B 568 11.29 -32.99 -19.85
C PHE B 568 10.20 -33.99 -19.44
N ILE B 569 9.09 -33.47 -18.93
CA ILE B 569 7.99 -34.29 -18.46
C ILE B 569 7.51 -35.28 -19.50
N GLU B 570 7.52 -34.85 -20.76
CA GLU B 570 7.22 -35.70 -21.90
C GLU B 570 8.20 -36.87 -22.02
N GLU B 571 9.47 -36.53 -22.10
CA GLU B 571 10.48 -37.48 -22.43
C GLU B 571 10.92 -38.33 -21.25
N LYS B 572 10.69 -37.84 -20.02
CA LYS B 572 11.37 -38.39 -18.84
C LYS B 572 10.51 -39.16 -17.81
N THR B 573 9.17 -39.09 -17.89
CA THR B 573 8.30 -40.06 -17.17
C THR B 573 6.84 -40.01 -17.65
N MET A 1 14.66 26.31 21.93
CA MET A 1 15.26 25.15 21.22
C MET A 1 14.20 24.45 20.37
N ILE A 2 13.83 25.05 19.27
CA ILE A 2 12.80 24.44 18.36
C ILE A 2 13.49 23.95 17.09
N SER A 3 13.24 22.72 16.69
CA SER A 3 13.89 22.17 15.45
C SER A 3 12.85 21.54 14.54
N GLY A 4 13.00 21.71 13.24
CA GLY A 4 12.05 21.12 12.25
C GLY A 4 12.84 20.23 11.28
N ILE A 5 12.31 19.94 10.13
CA ILE A 5 13.05 19.06 9.16
C ILE A 5 13.85 19.90 8.16
N LEU A 6 13.61 21.18 8.08
CA LEU A 6 14.37 22.03 7.11
C LEU A 6 14.23 21.42 5.70
N ALA A 7 13.41 22.02 4.88
CA ALA A 7 13.23 21.50 3.49
C ALA A 7 14.15 22.26 2.52
N SER A 8 14.51 23.47 2.86
CA SER A 8 15.41 24.27 1.96
C SER A 8 16.40 25.07 2.83
N PRO A 9 17.69 24.96 2.59
CA PRO A 9 18.70 25.71 3.38
C PRO A 9 18.85 27.16 2.90
N GLY A 10 19.04 28.07 3.80
CA GLY A 10 19.18 29.50 3.40
C GLY A 10 18.99 30.38 4.64
N ILE A 11 18.69 31.64 4.46
CA ILE A 11 18.46 32.54 5.64
C ILE A 11 17.46 33.62 5.22
N ALA A 12 16.67 34.13 6.15
CA ALA A 12 15.68 35.18 5.76
C ALA A 12 15.29 36.04 6.96
N PHE A 13 14.87 37.26 6.70
CA PHE A 13 14.43 38.17 7.80
C PHE A 13 13.11 38.83 7.39
N GLY A 14 12.08 38.76 8.20
CA GLY A 14 10.79 39.41 7.77
C GLY A 14 9.71 39.23 8.84
N LYS A 15 8.55 39.78 8.59
CA LYS A 15 7.43 39.67 9.58
C LYS A 15 6.77 38.31 9.43
N ALA A 16 6.05 37.87 10.44
CA ALA A 16 5.40 36.51 10.38
C ALA A 16 3.89 36.63 10.13
N LEU A 17 3.40 35.91 9.16
CA LEU A 17 1.94 35.94 8.85
C LEU A 17 1.31 34.67 9.46
N LEU A 18 0.19 34.79 10.13
CA LEU A 18 -0.46 33.60 10.77
C LEU A 18 -1.83 33.34 10.14
N LEU A 19 -2.02 32.16 9.60
CA LEU A 19 -3.33 31.83 8.96
C LEU A 19 -4.31 31.26 10.02
N LYS A 20 -5.11 32.06 10.64
CA LYS A 20 -5.88 31.49 11.78
C LYS A 20 -6.91 30.49 11.28
N GLU A 21 -6.62 29.23 11.52
CA GLU A 21 -7.52 28.14 11.10
C GLU A 21 -8.93 28.40 11.63
N ASP A 22 -9.05 29.44 12.52
CA ASP A 22 -10.32 29.88 13.24
C ASP A 22 -11.66 29.74 12.46
N GLU A 23 -12.80 29.83 13.23
CA GLU A 23 -14.16 29.71 12.67
C GLU A 23 -15.18 30.72 13.33
N ILE A 24 -16.21 31.14 12.55
CA ILE A 24 -17.27 32.13 12.98
C ILE A 24 -18.28 31.50 13.98
N VAL A 25 -18.56 32.15 15.10
CA VAL A 25 -19.54 31.68 16.06
C VAL A 25 -20.63 32.72 16.07
N ILE A 26 -21.84 32.27 15.86
CA ILE A 26 -22.99 33.16 15.76
C ILE A 26 -23.55 33.37 17.16
N ASP A 27 -23.89 34.60 17.52
CA ASP A 27 -24.56 34.85 18.80
C ASP A 27 -26.07 34.84 18.63
N ARG A 28 -26.66 33.69 18.93
CA ARG A 28 -28.09 33.44 18.68
C ARG A 28 -28.98 34.05 19.74
N LYS A 29 -28.44 34.20 20.96
CA LYS A 29 -29.16 34.79 22.10
C LYS A 29 -29.69 36.18 21.76
N LYS A 30 -30.97 36.39 22.02
CA LYS A 30 -31.60 37.69 21.80
C LYS A 30 -30.79 38.76 22.51
N ILE A 31 -30.64 39.89 21.84
CA ILE A 31 -29.93 41.04 22.37
C ILE A 31 -30.89 41.87 23.23
N SER A 32 -30.32 42.75 24.03
CA SER A 32 -31.12 43.67 24.84
C SER A 32 -31.50 44.89 24.00
N ALA A 33 -32.49 45.62 24.44
CA ALA A 33 -32.97 46.81 23.67
C ALA A 33 -31.85 47.83 23.55
N ASP A 34 -31.20 48.13 24.64
CA ASP A 34 -30.10 49.12 24.57
C ASP A 34 -29.12 48.62 23.51
N GLN A 35 -28.93 47.34 23.46
CA GLN A 35 -27.99 46.77 22.46
C GLN A 35 -28.55 46.93 21.04
N VAL A 36 -29.86 46.79 20.85
CA VAL A 36 -30.32 46.86 19.44
C VAL A 36 -29.52 47.97 18.73
N ASP A 37 -29.51 49.14 19.29
CA ASP A 37 -28.76 50.26 18.65
C ASP A 37 -27.29 49.91 18.53
N GLN A 38 -26.72 49.28 19.53
CA GLN A 38 -25.27 48.93 19.46
C GLN A 38 -25.01 47.87 18.41
N GLU A 39 -25.86 46.89 18.30
CA GLU A 39 -25.61 45.83 17.28
C GLU A 39 -25.69 46.41 15.87
N VAL A 40 -26.63 47.30 15.63
CA VAL A 40 -26.71 47.90 14.27
C VAL A 40 -25.40 48.64 13.99
N GLU A 41 -24.92 49.41 14.92
CA GLU A 41 -23.65 50.14 14.71
C GLU A 41 -22.52 49.14 14.46
N ARG A 42 -22.49 48.06 15.19
CA ARG A 42 -21.42 47.05 14.95
C ARG A 42 -21.53 46.56 13.52
N PHE A 43 -22.73 46.28 13.08
CA PHE A 43 -22.92 45.81 11.68
C PHE A 43 -22.44 46.91 10.73
N LEU A 44 -22.88 48.12 10.94
CA LEU A 44 -22.43 49.24 10.07
C LEU A 44 -20.90 49.39 10.19
N SER A 45 -20.38 49.33 11.38
CA SER A 45 -18.90 49.48 11.54
C SER A 45 -18.21 48.29 10.87
N GLY A 46 -18.72 47.09 11.06
CA GLY A 46 -18.11 45.90 10.42
C GLY A 46 -18.34 45.98 8.91
N ARG A 47 -19.52 46.40 8.53
CA ARG A 47 -19.84 46.53 7.08
C ARG A 47 -18.95 47.63 6.50
N ALA A 48 -18.63 48.61 7.30
CA ALA A 48 -17.76 49.72 6.82
C ALA A 48 -16.42 49.13 6.37
N LYS A 49 -15.88 48.20 7.10
CA LYS A 49 -14.59 47.61 6.67
C LYS A 49 -14.80 46.90 5.34
N ALA A 50 -15.47 45.77 5.33
CA ALA A 50 -15.69 45.02 4.06
C ALA A 50 -15.98 45.97 2.89
N SER A 51 -16.63 47.07 3.13
CA SER A 51 -16.90 47.99 2.00
C SER A 51 -15.56 48.40 1.40
N ALA A 52 -14.69 48.94 2.19
CA ALA A 52 -13.36 49.39 1.68
C ALA A 52 -12.48 48.18 1.29
N GLN A 53 -12.49 47.12 2.06
CA GLN A 53 -11.62 45.96 1.69
C GLN A 53 -12.12 45.31 0.40
N LEU A 54 -13.41 45.19 0.23
CA LEU A 54 -13.93 44.58 -1.01
C LEU A 54 -13.51 45.43 -2.20
N GLU A 55 -13.56 46.73 -2.04
CA GLU A 55 -13.15 47.65 -3.15
C GLU A 55 -11.68 47.40 -3.49
N THR A 56 -10.86 47.16 -2.50
CA THR A 56 -9.41 46.94 -2.78
C THR A 56 -9.26 45.68 -3.64
N ILE A 57 -10.00 44.65 -3.34
CA ILE A 57 -9.90 43.39 -4.14
C ILE A 57 -10.31 43.67 -5.59
N LYS A 58 -11.31 44.48 -5.78
CA LYS A 58 -11.79 44.80 -7.15
C LYS A 58 -10.64 45.38 -7.98
N THR A 59 -9.97 46.37 -7.46
CA THR A 59 -8.85 47.00 -8.23
C THR A 59 -7.78 45.96 -8.58
N LYS A 60 -7.56 45.00 -7.74
CA LYS A 60 -6.52 43.97 -8.05
C LYS A 60 -7.00 43.10 -9.20
N ALA A 61 -8.28 42.81 -9.23
CA ALA A 61 -8.81 41.96 -10.32
C ALA A 61 -8.69 42.71 -11.66
N GLY A 62 -9.01 43.97 -11.68
CA GLY A 62 -8.92 44.75 -12.94
C GLY A 62 -7.48 44.75 -13.47
N GLU A 63 -6.54 45.09 -12.65
CA GLU A 63 -5.13 45.11 -13.13
C GLU A 63 -4.65 43.69 -13.36
N THR A 64 -4.91 42.80 -12.45
CA THR A 64 -4.44 41.39 -12.57
C THR A 64 -5.09 40.67 -13.76
N PHE A 65 -6.39 40.50 -13.73
CA PHE A 65 -7.08 39.75 -14.85
C PHE A 65 -7.65 40.70 -15.89
N GLY A 66 -8.38 41.72 -15.49
CA GLY A 66 -8.94 42.67 -16.52
C GLY A 66 -10.36 43.13 -16.13
N GLU A 67 -11.03 43.77 -17.04
CA GLU A 67 -12.42 44.28 -16.79
C GLU A 67 -13.39 43.10 -16.68
N GLU A 68 -13.05 42.00 -17.29
CA GLU A 68 -13.94 40.80 -17.25
C GLU A 68 -14.12 40.35 -15.79
N LYS A 69 -13.08 40.46 -15.00
CA LYS A 69 -13.17 40.04 -13.56
C LYS A 69 -13.43 41.24 -12.66
N GLU A 70 -13.14 42.42 -13.12
CA GLU A 70 -13.35 43.62 -12.25
C GLU A 70 -14.85 43.85 -12.02
N ALA A 71 -15.65 43.73 -13.04
CA ALA A 71 -17.10 44.00 -12.87
C ALA A 71 -17.76 42.94 -12.00
N ILE A 72 -17.26 41.73 -11.96
CA ILE A 72 -17.93 40.71 -11.08
C ILE A 72 -17.92 41.24 -9.64
N PHE A 73 -16.84 41.85 -9.22
CA PHE A 73 -16.80 42.37 -7.83
C PHE A 73 -17.81 43.50 -7.67
N GLU A 74 -17.98 44.33 -8.66
CA GLU A 74 -18.96 45.43 -8.53
C GLU A 74 -20.36 44.83 -8.29
N GLY A 75 -20.68 43.77 -8.97
CA GLY A 75 -22.01 43.15 -8.75
C GLY A 75 -22.10 42.66 -7.30
N HIS A 76 -21.10 41.97 -6.84
CA HIS A 76 -21.11 41.48 -5.44
C HIS A 76 -21.19 42.67 -4.50
N ILE A 77 -20.40 43.68 -4.74
CA ILE A 77 -20.44 44.87 -3.84
C ILE A 77 -21.79 45.57 -4.00
N MET A 78 -22.23 45.77 -5.21
CA MET A 78 -23.53 46.46 -5.43
C MET A 78 -24.66 45.65 -4.78
N LEU A 79 -24.60 44.36 -4.87
CA LEU A 79 -25.66 43.53 -4.24
C LEU A 79 -25.59 43.67 -2.73
N LEU A 80 -24.41 43.72 -2.19
CA LEU A 80 -24.27 43.84 -0.72
C LEU A 80 -24.85 45.17 -0.26
N GLU A 81 -24.66 46.22 -1.00
CA GLU A 81 -25.19 47.55 -0.59
C GLU A 81 -26.67 47.67 -0.99
N ASP A 82 -27.25 46.63 -1.51
CA ASP A 82 -28.69 46.70 -1.93
C ASP A 82 -29.52 47.29 -0.78
N GLU A 83 -30.33 48.27 -1.06
CA GLU A 83 -31.16 48.90 0.01
C GLU A 83 -32.10 47.88 0.63
N GLU A 84 -32.36 46.78 -0.03
CA GLU A 84 -33.26 45.75 0.56
C GLU A 84 -32.54 45.05 1.73
N LEU A 85 -31.26 44.87 1.60
CA LEU A 85 -30.48 44.20 2.69
C LEU A 85 -30.39 45.13 3.90
N GLU A 86 -30.19 46.39 3.67
CA GLU A 86 -30.07 47.34 4.80
C GLU A 86 -31.36 47.32 5.63
N GLN A 87 -32.48 47.42 4.98
CA GLN A 87 -33.77 47.43 5.73
C GLN A 87 -34.06 46.03 6.32
N GLU A 88 -33.79 44.98 5.59
CA GLU A 88 -34.07 43.60 6.11
C GLU A 88 -33.12 43.22 7.24
N ILE A 89 -31.86 43.55 7.13
CA ILE A 89 -30.91 43.20 8.22
C ILE A 89 -31.26 43.99 9.48
N ILE A 90 -31.50 45.26 9.33
CA ILE A 90 -31.85 46.13 10.49
C ILE A 90 -33.22 45.75 11.05
N ALA A 91 -34.16 45.45 10.21
CA ALA A 91 -35.52 45.10 10.71
C ALA A 91 -35.48 43.87 11.64
N LEU A 92 -34.82 42.83 11.24
CA LEU A 92 -34.77 41.61 12.11
C LEU A 92 -34.10 41.96 13.45
N ILE A 93 -33.00 42.66 13.42
CA ILE A 93 -32.33 43.04 14.70
C ILE A 93 -33.29 43.90 15.51
N LYS A 94 -33.87 44.89 14.89
CA LYS A 94 -34.82 45.78 15.62
C LYS A 94 -36.11 45.03 15.95
N ASP A 95 -36.63 44.24 15.04
CA ASP A 95 -37.90 43.52 15.31
C ASP A 95 -37.69 42.24 16.13
N LYS A 96 -36.78 41.40 15.70
CA LYS A 96 -36.57 40.10 16.45
C LYS A 96 -35.49 40.23 17.53
N HIS A 97 -34.86 41.37 17.67
CA HIS A 97 -33.81 41.52 18.72
C HIS A 97 -32.74 40.43 18.55
N MET A 98 -32.41 40.13 17.33
CA MET A 98 -31.40 39.08 17.04
C MET A 98 -30.01 39.73 16.88
N THR A 99 -28.97 38.94 16.82
CA THR A 99 -27.60 39.51 16.69
C THR A 99 -27.33 39.87 15.21
N ALA A 100 -26.38 40.74 14.96
CA ALA A 100 -26.08 41.12 13.55
C ALA A 100 -25.48 39.96 12.78
N ASP A 101 -24.61 39.19 13.39
CA ASP A 101 -24.02 38.04 12.66
C ASP A 101 -25.08 36.96 12.45
N ALA A 102 -25.99 36.80 13.38
CA ALA A 102 -27.05 35.76 13.20
C ALA A 102 -28.15 36.31 12.28
N ALA A 103 -28.50 37.56 12.47
CA ALA A 103 -29.58 38.16 11.62
C ALA A 103 -29.08 38.34 10.19
N ALA A 104 -27.89 38.87 10.03
CA ALA A 104 -27.35 39.08 8.65
C ALA A 104 -27.22 37.73 7.93
N HIS A 105 -26.81 36.72 8.64
CA HIS A 105 -26.63 35.38 8.00
C HIS A 105 -27.97 34.91 7.42
N GLU A 106 -29.04 35.13 8.11
CA GLU A 106 -30.37 34.68 7.61
C GLU A 106 -30.73 35.42 6.32
N VAL A 107 -30.43 36.68 6.24
CA VAL A 107 -30.78 37.45 5.02
C VAL A 107 -30.04 36.92 3.78
N ILE A 108 -28.73 36.83 3.84
CA ILE A 108 -27.97 36.32 2.67
C ILE A 108 -28.26 34.83 2.49
N GLU A 109 -28.33 34.10 3.56
CA GLU A 109 -28.64 32.65 3.46
C GLU A 109 -30.05 32.48 2.92
N GLY A 110 -30.95 33.33 3.35
CA GLY A 110 -32.36 33.24 2.89
C GLY A 110 -32.42 33.36 1.37
N GLN A 111 -31.78 34.34 0.79
CA GLN A 111 -31.83 34.47 -0.69
C GLN A 111 -31.08 33.29 -1.32
N ALA A 112 -29.86 33.05 -0.93
CA ALA A 112 -29.10 31.91 -1.51
C ALA A 112 -29.92 30.64 -1.33
N SER A 113 -30.54 30.47 -0.21
CA SER A 113 -31.35 29.24 0.03
C SER A 113 -32.44 29.16 -1.03
N ALA A 114 -33.05 30.27 -1.36
CA ALA A 114 -34.11 30.25 -2.41
C ALA A 114 -33.50 29.83 -3.74
N LEU A 115 -32.32 30.31 -4.03
CA LEU A 115 -31.67 29.95 -5.33
C LEU A 115 -31.41 28.43 -5.37
N GLU A 116 -30.98 27.84 -4.29
CA GLU A 116 -30.71 26.37 -4.31
C GLU A 116 -31.99 25.62 -4.67
N GLU A 117 -33.11 26.10 -4.23
CA GLU A 117 -34.38 25.39 -4.56
C GLU A 117 -34.49 25.25 -6.08
N LEU A 118 -33.76 26.06 -6.81
CA LEU A 118 -33.82 25.99 -8.30
C LEU A 118 -33.31 24.62 -8.76
N ASP A 119 -33.85 24.11 -9.83
CA ASP A 119 -33.41 22.78 -10.35
C ASP A 119 -32.41 22.97 -11.49
N ASP A 120 -31.50 23.91 -11.37
CA ASP A 120 -30.49 24.16 -12.45
C ASP A 120 -29.08 24.25 -11.85
N GLU A 121 -28.14 23.57 -12.47
CA GLU A 121 -26.72 23.60 -11.97
C GLU A 121 -26.09 24.97 -12.22
N TYR A 122 -26.53 25.64 -13.25
CA TYR A 122 -25.97 26.99 -13.58
C TYR A 122 -26.46 28.04 -12.57
N LEU A 123 -27.70 27.96 -12.17
CA LEU A 123 -28.22 28.94 -11.18
C LEU A 123 -27.64 28.61 -9.81
N LYS A 124 -27.47 27.34 -9.54
CA LYS A 124 -26.91 26.93 -8.22
C LYS A 124 -25.49 27.49 -8.03
N GLU A 125 -24.66 27.46 -9.05
CA GLU A 125 -23.27 28.01 -8.88
C GLU A 125 -23.34 29.49 -8.51
N ARG A 126 -24.17 30.25 -9.17
CA ARG A 126 -24.27 31.70 -8.82
C ARG A 126 -24.69 31.81 -7.36
N ALA A 127 -25.54 30.93 -6.91
CA ALA A 127 -25.96 30.98 -5.48
C ALA A 127 -24.71 30.77 -4.62
N ALA A 128 -23.72 30.11 -5.15
CA ALA A 128 -22.46 29.89 -4.38
C ALA A 128 -21.73 31.23 -4.25
N ASP A 129 -21.72 32.00 -5.30
CA ASP A 129 -21.03 33.33 -5.23
C ASP A 129 -21.76 34.24 -4.25
N VAL A 130 -23.07 34.20 -4.25
CA VAL A 130 -23.83 35.06 -3.30
C VAL A 130 -23.59 34.56 -1.87
N ARG A 131 -23.56 33.27 -1.69
CA ARG A 131 -23.31 32.70 -0.32
C ARG A 131 -21.94 33.17 0.18
N ASP A 132 -20.97 33.20 -0.70
CA ASP A 132 -19.60 33.62 -0.30
C ASP A 132 -19.61 35.05 0.24
N ILE A 133 -20.38 35.91 -0.36
CA ILE A 133 -20.42 37.32 0.13
C ILE A 133 -20.87 37.36 1.59
N GLY A 134 -21.90 36.64 1.93
CA GLY A 134 -22.39 36.65 3.33
C GLY A 134 -21.41 35.92 4.24
N LYS A 135 -20.78 34.89 3.74
CA LYS A 135 -19.82 34.10 4.57
C LYS A 135 -18.69 35.02 5.06
N ARG A 136 -18.13 35.80 4.17
CA ARG A 136 -17.01 36.71 4.55
C ARG A 136 -17.56 37.85 5.42
N LEU A 137 -18.77 38.24 5.20
CA LEU A 137 -19.36 39.34 6.00
C LEU A 137 -19.29 38.97 7.48
N LEU A 138 -19.61 37.74 7.80
CA LEU A 138 -19.54 37.31 9.22
C LEU A 138 -18.11 37.46 9.73
N ARG A 139 -17.15 37.12 8.92
CA ARG A 139 -15.74 37.26 9.38
C ARG A 139 -15.43 38.76 9.54
N ASN A 140 -15.91 39.56 8.63
CA ASN A 140 -15.65 41.03 8.69
C ASN A 140 -16.26 41.65 9.95
N ILE A 141 -17.40 41.22 10.39
CA ILE A 141 -17.98 41.81 11.62
C ILE A 141 -17.15 41.33 12.81
N LEU A 142 -16.81 40.07 12.83
CA LEU A 142 -15.99 39.54 13.95
C LEU A 142 -14.57 40.09 13.83
N GLY A 143 -14.09 40.29 12.63
CA GLY A 143 -12.73 40.76 12.46
C GLY A 143 -11.79 39.58 12.23
N LEU A 144 -12.37 38.38 11.97
CA LEU A 144 -11.55 37.21 11.72
C LEU A 144 -10.70 37.47 10.50
N LYS A 145 -9.55 36.85 10.47
CA LYS A 145 -8.61 37.15 9.41
C LYS A 145 -9.04 36.41 8.13
N ILE A 146 -9.13 37.14 7.02
CA ILE A 146 -9.52 36.56 5.73
C ILE A 146 -8.33 36.57 4.78
N ILE A 147 -7.30 35.81 5.12
CA ILE A 147 -6.10 35.99 4.40
C ILE A 147 -6.30 35.35 3.06
N ASP A 148 -7.01 35.96 2.14
CA ASP A 148 -6.96 35.32 0.80
C ASP A 148 -5.48 35.44 0.71
N LEU A 149 -4.70 34.52 0.31
CA LEU A 149 -3.26 34.86 0.45
C LEU A 149 -2.83 35.84 -0.64
N SER A 150 -3.72 36.22 -1.52
CA SER A 150 -3.33 37.16 -2.60
C SER A 150 -3.45 38.62 -2.10
N ALA A 151 -4.12 38.83 -0.99
CA ALA A 151 -4.32 40.22 -0.48
C ALA A 151 -3.09 40.70 0.32
N ILE A 152 -1.93 40.21 0.01
CA ILE A 152 -0.72 40.65 0.78
C ILE A 152 -0.11 41.89 0.11
N GLN A 153 -0.03 43.00 0.82
CA GLN A 153 0.56 44.25 0.24
C GLN A 153 2.01 44.43 0.76
N ASP A 154 2.42 43.70 1.76
CA ASP A 154 3.81 43.88 2.31
C ASP A 154 4.55 42.53 2.37
N GLU A 155 5.85 42.57 2.25
CA GLU A 155 6.64 41.31 2.31
C GLU A 155 6.48 40.69 3.71
N VAL A 156 6.22 39.41 3.76
CA VAL A 156 6.06 38.75 5.08
C VAL A 156 6.48 37.27 4.98
N ILE A 157 6.66 36.62 6.10
CA ILE A 157 7.01 35.17 6.06
C ILE A 157 5.67 34.44 6.21
N LEU A 158 5.53 33.29 5.60
CA LEU A 158 4.23 32.57 5.67
C LEU A 158 4.30 31.45 6.73
N VAL A 159 3.48 31.55 7.76
CA VAL A 159 3.47 30.52 8.84
C VAL A 159 2.06 29.90 8.92
N ALA A 160 1.96 28.59 8.91
CA ALA A 160 0.61 27.95 8.98
C ALA A 160 0.76 26.53 9.51
N ALA A 161 -0.29 25.95 10.00
CA ALA A 161 -0.16 24.54 10.49
C ALA A 161 0.09 23.64 9.27
N ASP A 162 -0.55 23.96 8.18
CA ASP A 162 -0.36 23.16 6.92
C ASP A 162 -1.05 23.89 5.76
N LEU A 163 -0.49 23.80 4.57
CA LEU A 163 -1.09 24.50 3.39
C LEU A 163 -1.64 23.48 2.39
N THR A 164 -2.81 23.73 1.83
CA THR A 164 -3.38 22.78 0.84
C THR A 164 -2.99 23.25 -0.58
N PRO A 165 -2.77 22.34 -1.51
CA PRO A 165 -2.39 22.70 -2.91
C PRO A 165 -3.15 23.94 -3.42
N SER A 166 -4.39 24.08 -3.05
CA SER A 166 -5.18 25.25 -3.54
C SER A 166 -4.53 26.56 -3.09
N GLU A 167 -4.03 26.61 -1.89
CA GLU A 167 -3.41 27.87 -1.42
C GLU A 167 -2.11 28.13 -2.18
N THR A 168 -1.32 27.11 -2.41
CA THR A 168 -0.01 27.31 -3.11
C THR A 168 -0.20 28.01 -4.47
N ALA A 169 -1.30 27.80 -5.13
CA ALA A 169 -1.49 28.47 -6.45
C ALA A 169 -1.77 29.96 -6.27
N GLN A 170 -2.73 30.28 -5.46
CA GLN A 170 -3.08 31.72 -5.23
C GLN A 170 -2.16 32.28 -4.16
N LEU A 171 -0.93 31.87 -4.15
CA LEU A 171 0.05 32.36 -3.15
C LEU A 171 1.02 33.36 -3.81
N ASN A 172 1.34 34.44 -3.13
CA ASN A 172 2.29 35.44 -3.72
C ASN A 172 3.73 35.01 -3.44
N LEU A 173 4.40 34.45 -4.42
CA LEU A 173 5.81 34.01 -4.20
C LEU A 173 6.71 35.20 -3.92
N LYS A 174 6.54 36.29 -4.62
CA LYS A 174 7.44 37.48 -4.41
C LYS A 174 7.21 38.14 -3.05
N LYS A 175 6.03 38.08 -2.51
CA LYS A 175 5.80 38.77 -1.20
C LYS A 175 6.01 37.79 -0.05
N VAL A 176 6.20 36.53 -0.34
CA VAL A 176 6.48 35.54 0.75
C VAL A 176 7.99 35.26 0.75
N LEU A 177 8.68 35.65 1.78
CA LEU A 177 10.16 35.44 1.81
C LEU A 177 10.50 34.03 2.29
N GLY A 178 9.52 33.19 2.48
CA GLY A 178 9.83 31.81 2.93
C GLY A 178 8.54 31.12 3.34
N PHE A 179 8.61 29.86 3.67
CA PHE A 179 7.39 29.11 4.07
C PHE A 179 7.72 28.29 5.32
N ILE A 180 6.90 28.40 6.34
CA ILE A 180 7.16 27.62 7.58
C ILE A 180 5.85 26.95 8.01
N THR A 181 5.88 25.66 8.20
CA THR A 181 4.63 24.94 8.62
C THR A 181 4.96 23.73 9.48
N ASP A 182 3.97 23.24 10.19
CA ASP A 182 4.18 22.05 11.07
C ASP A 182 3.55 20.81 10.41
N ALA A 183 3.41 20.80 9.10
CA ALA A 183 2.78 19.62 8.42
C ALA A 183 3.51 18.31 8.78
N GLY A 184 3.27 17.28 8.02
CA GLY A 184 3.91 15.96 8.28
C GLY A 184 5.39 15.98 7.88
N GLY A 185 5.70 16.36 6.67
CA GLY A 185 7.14 16.39 6.26
C GLY A 185 7.27 16.66 4.75
N ARG A 186 8.23 16.05 4.13
CA ARG A 186 8.44 16.26 2.67
C ARG A 186 7.24 15.70 1.90
N THR A 187 6.57 14.74 2.46
CA THR A 187 5.41 14.15 1.74
C THR A 187 4.32 15.21 1.58
N SER A 188 4.58 16.41 2.01
CA SER A 188 3.57 17.51 1.89
C SER A 188 3.78 18.28 0.57
N HIS A 189 2.73 18.50 -0.18
CA HIS A 189 2.84 19.21 -1.49
C HIS A 189 3.65 20.50 -1.35
N THR A 190 3.28 21.35 -0.44
CA THR A 190 4.02 22.64 -0.27
C THR A 190 5.51 22.38 -0.01
N SER A 191 5.85 21.33 0.68
CA SER A 191 7.29 21.06 0.97
C SER A 191 8.07 20.87 -0.34
N ILE A 192 7.51 20.20 -1.30
CA ILE A 192 8.21 19.99 -2.59
C ILE A 192 8.46 21.34 -3.25
N MET A 193 7.52 22.24 -3.15
CA MET A 193 7.70 23.59 -3.79
C MET A 193 8.92 24.30 -3.22
N ALA A 194 9.15 24.22 -1.94
CA ALA A 194 10.35 24.90 -1.36
C ALA A 194 11.59 24.35 -2.04
N ARG A 195 11.64 23.07 -2.24
CA ARG A 195 12.84 22.46 -2.89
C ARG A 195 12.99 23.05 -4.30
N SER A 196 11.99 22.90 -5.12
CA SER A 196 12.06 23.41 -6.52
C SER A 196 12.19 24.93 -6.55
N LEU A 197 11.49 25.64 -5.70
CA LEU A 197 11.60 27.13 -5.72
C LEU A 197 12.97 27.55 -5.20
N GLU A 198 13.60 26.71 -4.43
CA GLU A 198 14.94 27.04 -3.86
C GLU A 198 14.83 28.22 -2.90
N LEU A 199 13.88 28.15 -1.99
CA LEU A 199 13.72 29.25 -0.97
C LEU A 199 13.75 28.61 0.42
N PRO A 200 14.32 29.25 1.43
CA PRO A 200 14.39 28.68 2.81
C PRO A 200 12.99 28.37 3.38
N ALA A 201 12.82 27.24 4.03
CA ALA A 201 11.48 26.91 4.60
C ALA A 201 11.53 25.66 5.50
N ILE A 202 10.65 25.61 6.48
CA ILE A 202 10.57 24.42 7.40
C ILE A 202 9.15 23.86 7.31
N VAL A 203 8.97 22.57 7.49
CA VAL A 203 7.60 21.97 7.41
C VAL A 203 7.32 21.10 8.65
N GLY A 204 8.34 20.84 9.44
CA GLY A 204 8.16 19.97 10.65
C GLY A 204 8.31 20.78 11.94
N THR A 205 8.11 22.07 11.88
CA THR A 205 8.27 22.92 13.11
C THR A 205 7.61 22.23 14.30
N GLY A 206 6.43 21.69 14.12
CA GLY A 206 5.73 20.99 15.23
C GLY A 206 4.76 21.93 15.96
N SER A 207 5.21 23.09 16.37
CA SER A 207 4.28 24.01 17.11
C SER A 207 4.80 25.45 17.08
N VAL A 208 5.32 25.90 15.98
CA VAL A 208 5.81 27.30 15.92
C VAL A 208 4.63 28.26 15.78
N THR A 209 3.66 27.92 14.97
CA THR A 209 2.49 28.82 14.77
C THR A 209 1.81 29.14 16.10
N SER A 210 1.84 28.24 17.05
CA SER A 210 1.19 28.51 18.35
C SER A 210 2.07 29.43 19.18
N GLN A 211 3.29 29.61 18.77
CA GLN A 211 4.23 30.51 19.52
C GLN A 211 4.35 31.84 18.78
N VAL A 212 3.88 31.92 17.56
CA VAL A 212 4.00 33.19 16.77
C VAL A 212 2.65 33.86 16.59
N LYS A 213 2.64 35.18 16.66
CA LYS A 213 1.39 35.97 16.43
C LYS A 213 1.61 36.70 15.11
N ASN A 214 0.58 37.08 14.41
CA ASN A 214 0.83 37.82 13.15
C ASN A 214 1.60 39.09 13.45
N ASP A 215 2.36 39.56 12.49
CA ASP A 215 3.17 40.82 12.66
C ASP A 215 4.38 40.59 13.56
N ASP A 216 4.69 39.37 13.89
CA ASP A 216 5.88 39.11 14.73
C ASP A 216 7.12 39.16 13.82
N TYR A 217 8.22 39.67 14.32
CA TYR A 217 9.45 39.73 13.49
C TYR A 217 10.25 38.45 13.77
N LEU A 218 10.54 37.68 12.75
CA LEU A 218 11.29 36.40 12.96
C LEU A 218 12.47 36.30 12.00
N ILE A 219 13.53 35.67 12.41
CA ILE A 219 14.71 35.49 11.50
C ILE A 219 14.85 33.97 11.31
N LEU A 220 14.88 33.51 10.09
CA LEU A 220 14.99 32.05 9.83
C LEU A 220 16.44 31.69 9.51
N ASP A 221 17.04 30.87 10.32
CA ASP A 221 18.45 30.47 10.07
C ASP A 221 18.48 29.45 8.93
N ALA A 222 17.60 28.50 8.96
CA ALA A 222 17.56 27.47 7.88
C ALA A 222 18.99 26.93 7.68
N VAL A 223 19.86 27.21 8.62
CA VAL A 223 21.27 26.71 8.55
C VAL A 223 21.59 26.05 9.89
N ASN A 224 21.25 26.71 10.97
CA ASN A 224 21.45 26.12 12.32
C ASN A 224 20.10 25.52 12.74
N ASN A 225 19.14 25.63 11.86
CA ASN A 225 17.79 25.08 12.15
C ASN A 225 17.21 25.75 13.40
N GLN A 226 17.31 27.06 13.48
CA GLN A 226 16.78 27.79 14.68
C GLN A 226 15.99 29.02 14.22
N VAL A 227 15.07 29.47 15.04
CA VAL A 227 14.27 30.70 14.71
C VAL A 227 14.43 31.71 15.84
N TYR A 228 14.74 32.93 15.53
CA TYR A 228 14.91 33.97 16.58
C TYR A 228 13.67 34.87 16.62
N VAL A 229 13.03 34.96 17.75
CA VAL A 229 11.79 35.79 17.89
C VAL A 229 12.11 37.13 18.56
N ASN A 230 11.97 38.22 17.85
CA ASN A 230 12.26 39.56 18.45
C ASN A 230 13.65 39.59 19.06
N PRO A 231 14.61 38.98 18.42
CA PRO A 231 16.02 38.86 18.94
C PRO A 231 16.80 40.14 19.20
N THR A 232 17.96 39.93 19.76
CA THR A 232 18.91 41.04 20.02
C THR A 232 19.53 41.40 18.67
N ASN A 233 19.76 42.64 18.40
CA ASN A 233 20.33 43.03 17.08
C ASN A 233 21.56 42.17 16.74
N GLU A 234 22.25 41.65 17.73
CA GLU A 234 23.47 40.82 17.42
C GLU A 234 23.07 39.54 16.67
N VAL A 235 21.99 38.92 17.04
CA VAL A 235 21.57 37.68 16.31
C VAL A 235 21.17 38.08 14.88
N ILE A 236 20.48 39.16 14.75
CA ILE A 236 20.11 39.66 13.43
C ILE A 236 21.38 39.85 12.65
N ASP A 237 22.48 39.96 13.37
CA ASP A 237 23.77 40.12 12.73
C ASP A 237 24.43 38.81 12.31
N LYS A 238 24.63 37.89 13.27
CA LYS A 238 25.14 36.52 13.02
C LYS A 238 24.48 35.90 11.80
N MET A 239 23.14 35.93 11.82
CA MET A 239 22.31 35.44 10.73
C MET A 239 22.65 36.13 9.42
N ARG A 240 22.74 37.46 9.46
CA ARG A 240 23.03 38.20 8.26
C ARG A 240 24.36 37.70 7.66
N ALA A 241 25.29 37.31 8.52
CA ALA A 241 26.59 36.78 8.07
C ALA A 241 26.43 35.35 7.59
N VAL A 242 25.47 34.63 8.17
CA VAL A 242 25.21 33.25 7.80
C VAL A 242 24.66 33.23 6.37
N GLN A 243 23.83 34.23 6.12
CA GLN A 243 23.25 34.52 4.81
C GLN A 243 24.30 34.90 3.78
N GLU A 244 25.34 35.62 4.21
CA GLU A 244 26.48 35.86 3.35
C GLU A 244 27.15 34.57 2.88
N GLN A 245 27.35 33.63 3.80
CA GLN A 245 28.03 32.37 3.47
C GLN A 245 27.20 31.63 2.44
N VAL A 246 25.91 31.57 2.74
CA VAL A 246 24.92 30.98 1.86
C VAL A 246 25.04 31.51 0.44
N ALA A 247 25.11 32.84 0.32
CA ALA A 247 25.27 33.51 -0.98
C ALA A 247 26.61 33.19 -1.68
N SER A 248 27.70 33.08 -0.91
CA SER A 248 28.98 32.69 -1.45
C SER A 248 28.96 31.26 -1.92
N GLU A 249 28.28 30.40 -1.16
CA GLU A 249 28.13 29.01 -1.56
C GLU A 249 27.54 28.95 -2.95
N LYS A 250 26.52 29.79 -3.22
CA LYS A 250 25.90 29.78 -4.54
C LYS A 250 26.95 30.16 -5.54
N ALA A 251 27.56 31.32 -5.29
CA ALA A 251 28.58 31.87 -6.18
C ALA A 251 29.64 30.85 -6.56
N GLU A 252 30.07 30.03 -5.61
CA GLU A 252 31.10 29.01 -5.89
C GLU A 252 30.53 27.84 -6.71
N LEU A 253 29.43 27.26 -6.23
CA LEU A 253 28.73 26.20 -6.95
C LEU A 253 28.36 26.62 -8.36
N ALA A 254 27.99 27.87 -8.53
CA ALA A 254 27.68 28.46 -9.82
C ALA A 254 28.66 28.11 -10.94
N LYS A 255 29.92 27.95 -10.58
CA LYS A 255 30.75 27.61 -11.77
C LYS A 255 32.04 26.85 -11.57
N LEU A 256 32.26 25.94 -12.54
CA LEU A 256 33.45 25.13 -12.61
C LEU A 256 34.13 25.17 -14.00
N LYS A 257 33.66 24.34 -14.96
CA LYS A 257 34.30 24.31 -16.29
C LYS A 257 33.34 23.85 -17.41
N ASP A 258 33.57 24.41 -18.60
CA ASP A 258 32.77 24.10 -19.79
C ASP A 258 32.82 22.62 -20.24
N LEU A 259 33.98 21.98 -20.20
CA LEU A 259 34.08 20.60 -20.68
C LEU A 259 33.28 19.60 -19.80
N PRO A 260 32.82 18.49 -20.39
CA PRO A 260 32.05 17.43 -19.65
C PRO A 260 32.86 16.86 -18.50
N ALA A 261 32.19 16.39 -17.44
CA ALA A 261 32.95 15.91 -16.29
C ALA A 261 33.91 14.78 -16.67
N ILE A 262 35.17 15.14 -16.49
CA ILE A 262 36.36 14.30 -16.73
C ILE A 262 37.21 14.25 -15.46
N THR A 263 37.48 13.04 -15.00
CA THR A 263 38.42 12.84 -13.93
C THR A 263 39.80 13.38 -14.33
N LEU A 264 40.62 13.67 -13.30
CA LEU A 264 42.02 14.03 -13.47
C LEU A 264 42.74 13.18 -14.51
N ASP A 265 42.52 11.87 -14.47
CA ASP A 265 43.19 10.95 -15.37
C ASP A 265 42.43 10.65 -16.66
N GLY A 266 41.51 11.51 -17.06
CA GLY A 266 40.93 11.41 -18.42
C GLY A 266 39.65 10.60 -18.68
N HIS A 267 38.93 10.23 -17.63
CA HIS A 267 37.76 9.39 -17.79
C HIS A 267 36.56 10.31 -17.82
N GLN A 268 35.77 10.22 -18.90
CA GLN A 268 34.60 11.05 -19.06
C GLN A 268 33.28 10.34 -18.82
N VAL A 269 32.36 11.06 -18.19
CA VAL A 269 30.96 10.57 -18.05
C VAL A 269 30.00 11.67 -18.46
N GLU A 270 28.77 11.33 -18.80
CA GLU A 270 27.80 12.36 -18.99
C GLU A 270 27.18 12.70 -17.64
N VAL A 271 26.70 13.92 -17.54
CA VAL A 271 26.11 14.41 -16.33
C VAL A 271 24.96 15.30 -16.80
N CYS A 272 23.74 14.90 -16.47
CA CYS A 272 22.58 15.50 -17.09
C CYS A 272 21.57 15.78 -16.05
N ALA A 273 20.52 16.49 -16.48
CA ALA A 273 19.44 16.81 -15.59
C ALA A 273 18.28 15.85 -15.79
N ASN A 274 17.66 15.47 -14.68
CA ASN A 274 16.35 14.90 -14.75
C ASN A 274 15.43 16.06 -14.83
N ILE A 275 14.41 16.01 -15.69
CA ILE A 275 13.42 17.11 -15.75
C ILE A 275 11.99 16.62 -15.72
N GLY A 276 11.09 17.58 -15.51
CA GLY A 276 9.67 17.31 -15.49
C GLY A 276 8.88 18.06 -16.54
N THR A 277 9.47 19.12 -17.12
CA THR A 277 8.71 20.20 -17.79
C THR A 277 9.73 21.08 -18.49
N VAL A 278 9.51 21.50 -19.76
CA VAL A 278 10.39 22.54 -20.38
C VAL A 278 10.99 23.52 -19.38
N ARG A 279 10.17 23.91 -18.39
CA ARG A 279 10.59 24.90 -17.40
C ARG A 279 11.83 24.46 -16.62
N ASP A 280 12.15 23.17 -16.65
CA ASP A 280 13.25 22.64 -15.90
C ASP A 280 14.52 22.74 -16.74
N VAL A 281 14.38 22.99 -18.04
CA VAL A 281 15.50 23.08 -18.95
C VAL A 281 16.36 24.28 -18.54
N GLU A 282 15.68 25.27 -18.00
CA GLU A 282 16.35 26.47 -17.60
C GLU A 282 17.36 26.12 -16.51
N GLY A 283 16.89 25.56 -15.38
CA GLY A 283 17.79 25.04 -14.33
C GLY A 283 18.88 24.13 -14.86
N ALA A 284 18.56 23.31 -15.85
CA ALA A 284 19.56 22.38 -16.38
C ALA A 284 20.70 23.11 -17.08
N GLU A 285 20.34 24.14 -17.86
CA GLU A 285 21.33 24.89 -18.60
C GLU A 285 22.11 25.70 -17.59
N ARG A 286 21.39 26.20 -16.60
CA ARG A 286 21.98 27.02 -15.55
C ARG A 286 23.10 26.28 -14.78
N ASN A 287 22.90 24.98 -14.60
CA ASN A 287 23.74 24.16 -13.76
C ASN A 287 24.69 23.27 -14.54
N GLY A 288 24.75 23.52 -15.84
CA GLY A 288 25.82 22.95 -16.64
C GLY A 288 25.57 21.56 -17.14
N ALA A 289 24.29 21.17 -17.15
CA ALA A 289 23.81 19.88 -17.66
C ALA A 289 24.30 19.68 -19.08
N GLU A 290 24.76 18.49 -19.42
CA GLU A 290 25.17 18.21 -20.81
C GLU A 290 24.04 17.60 -21.65
N GLY A 291 22.86 17.46 -21.07
CA GLY A 291 21.68 16.93 -21.77
C GLY A 291 20.70 16.54 -20.68
N VAL A 292 19.60 15.90 -21.07
CA VAL A 292 18.59 15.46 -20.14
C VAL A 292 18.60 13.94 -20.07
N GLY A 293 18.72 13.41 -18.85
CA GLY A 293 18.93 12.00 -18.67
C GLY A 293 17.62 11.32 -18.35
N LEU A 294 16.60 12.09 -18.00
CA LEU A 294 15.31 11.51 -17.70
C LEU A 294 14.28 12.61 -17.73
N TYR A 295 13.31 12.44 -18.61
CA TYR A 295 12.24 13.36 -18.77
C TYR A 295 11.07 12.55 -18.28
N ARG A 296 10.77 12.76 -17.00
CA ARG A 296 9.64 12.13 -16.32
C ARG A 296 8.40 12.68 -16.96
N THR A 297 7.81 11.97 -17.90
CA THR A 297 6.66 12.52 -18.62
C THR A 297 5.39 12.62 -17.75
N GLU A 298 5.31 11.85 -16.66
CA GLU A 298 4.19 11.96 -15.70
C GLU A 298 3.99 13.38 -15.32
N PHE A 299 5.09 14.07 -15.11
CA PHE A 299 5.10 15.38 -14.50
C PHE A 299 4.39 16.33 -15.46
N LEU A 300 4.57 16.09 -16.76
CA LEU A 300 3.86 16.86 -17.73
C LEU A 300 2.38 16.56 -17.61
N PHE A 301 2.04 15.35 -17.22
CA PHE A 301 0.65 14.91 -17.11
C PHE A 301 0.00 15.51 -15.88
N MET A 302 0.82 15.82 -14.88
CA MET A 302 0.30 16.45 -13.66
C MET A 302 0.43 17.97 -13.78
N ASP A 303 0.86 18.42 -14.95
CA ASP A 303 0.92 19.83 -15.23
C ASP A 303 -0.37 20.33 -15.87
N ARG A 304 -1.38 19.43 -15.97
CA ARG A 304 -2.65 19.60 -16.71
C ARG A 304 -3.83 19.02 -15.93
N ASP A 305 -5.08 19.42 -16.22
CA ASP A 305 -6.23 18.74 -15.58
C ASP A 305 -6.99 17.77 -16.50
N ALA A 306 -6.31 17.31 -17.54
CA ALA A 306 -6.86 16.30 -18.45
C ALA A 306 -5.71 15.51 -18.98
N LEU A 307 -5.98 14.28 -19.47
CA LEU A 307 -4.95 13.47 -20.10
C LEU A 307 -4.52 14.12 -21.40
N PRO A 308 -3.19 14.36 -21.58
CA PRO A 308 -2.74 15.05 -22.79
C PRO A 308 -2.74 14.14 -24.00
N THR A 309 -3.37 14.60 -25.06
CA THR A 309 -3.58 13.82 -26.26
C THR A 309 -2.28 13.62 -26.98
N GLU A 310 -2.32 12.87 -28.05
CA GLU A 310 -1.13 12.74 -28.84
C GLU A 310 -0.58 14.13 -29.17
N GLU A 311 -1.45 15.01 -29.64
CA GLU A 311 -1.04 16.32 -30.13
C GLU A 311 -0.45 17.19 -28.99
N GLU A 312 -1.08 17.16 -27.82
CA GLU A 312 -0.59 17.98 -26.72
C GLU A 312 0.76 17.47 -26.27
N GLN A 313 0.93 16.14 -26.35
CA GLN A 313 2.17 15.54 -25.91
C GLN A 313 3.27 15.89 -26.87
N PHE A 314 2.93 15.72 -28.13
CA PHE A 314 3.84 16.03 -29.19
C PHE A 314 4.40 17.44 -28.98
N ALA A 315 3.50 18.39 -28.69
CA ALA A 315 3.87 19.80 -28.64
C ALA A 315 4.81 20.01 -27.49
N ALA A 316 4.45 19.39 -26.37
CA ALA A 316 5.18 19.47 -25.13
C ALA A 316 6.55 18.89 -25.34
N TYR A 317 6.62 17.72 -25.99
CA TYR A 317 7.90 17.07 -26.30
C TYR A 317 8.75 17.88 -27.23
N LYS A 318 8.10 18.46 -28.25
CA LYS A 318 8.75 19.30 -29.29
C LYS A 318 9.39 20.45 -28.59
N ALA A 319 8.60 21.13 -27.76
CA ALA A 319 9.17 22.27 -27.02
C ALA A 319 10.43 21.85 -26.29
N VAL A 320 10.38 20.72 -25.57
CA VAL A 320 11.50 20.33 -24.74
C VAL A 320 12.67 20.09 -25.69
N ALA A 321 12.43 19.29 -26.71
CA ALA A 321 13.48 18.93 -27.65
C ALA A 321 14.17 20.16 -28.18
N GLU A 322 13.39 21.22 -28.30
CA GLU A 322 13.89 22.43 -28.87
C GLU A 322 14.51 23.31 -27.81
N ALA A 323 13.94 23.32 -26.62
CA ALA A 323 14.54 24.08 -25.54
C ALA A 323 15.83 23.44 -25.12
N CYS A 324 16.09 22.25 -25.62
CA CYS A 324 17.36 21.63 -25.31
C CYS A 324 18.42 21.79 -26.37
N GLY A 325 18.08 22.46 -27.48
CA GLY A 325 19.06 22.76 -28.51
C GLY A 325 19.67 21.49 -29.08
N SER A 326 20.98 21.43 -29.01
CA SER A 326 21.71 20.32 -29.61
C SER A 326 21.56 19.10 -28.74
N GLN A 327 21.18 19.30 -27.47
CA GLN A 327 21.26 18.25 -26.46
C GLN A 327 20.20 17.15 -26.57
N ALA A 328 20.57 15.96 -26.12
CA ALA A 328 19.72 14.77 -26.16
C ALA A 328 18.79 14.73 -24.95
N VAL A 329 17.53 14.42 -25.17
CA VAL A 329 16.63 14.21 -24.05
C VAL A 329 16.20 12.74 -23.97
N ILE A 330 16.28 12.14 -22.79
CA ILE A 330 15.81 10.77 -22.62
C ILE A 330 14.38 10.87 -22.07
N VAL A 331 13.43 10.69 -22.98
CA VAL A 331 12.03 10.85 -22.68
C VAL A 331 11.57 9.52 -22.14
N ARG A 332 11.17 9.49 -20.87
CA ARG A 332 10.66 8.22 -20.33
C ARG A 332 9.18 8.22 -20.55
N THR A 333 8.69 7.10 -21.03
CA THR A 333 7.25 6.95 -21.11
C THR A 333 6.74 6.92 -19.69
N MET A 334 5.44 7.15 -19.60
CA MET A 334 4.76 7.60 -18.41
C MET A 334 4.79 6.63 -17.24
N ASP A 335 5.02 7.17 -16.05
CA ASP A 335 5.10 6.36 -14.85
C ASP A 335 4.15 6.91 -13.78
N ILE A 336 2.90 6.54 -13.92
CA ILE A 336 1.90 6.83 -12.95
C ILE A 336 1.67 5.58 -12.08
N GLY A 337 1.40 5.79 -10.80
CA GLY A 337 0.81 4.74 -10.01
C GLY A 337 1.50 4.18 -8.77
N GLY A 338 2.54 4.84 -8.30
CA GLY A 338 3.03 4.43 -7.00
C GLY A 338 2.58 5.59 -6.15
N ASP A 339 3.53 6.35 -5.65
CA ASP A 339 3.16 7.59 -5.02
C ASP A 339 2.80 8.67 -6.05
N LYS A 340 2.81 8.36 -7.35
CA LYS A 340 2.36 9.37 -8.32
C LYS A 340 1.09 9.03 -9.11
N GLU A 341 -0.02 9.31 -8.45
CA GLU A 341 -1.24 9.18 -9.11
C GLU A 341 -1.49 10.48 -9.87
N LEU A 342 -2.23 10.40 -10.97
CA LEU A 342 -2.93 11.58 -11.42
C LEU A 342 -4.43 11.44 -11.19
N PRO A 343 -4.92 12.20 -10.20
CA PRO A 343 -6.31 12.25 -9.75
C PRO A 343 -7.29 12.25 -10.93
N TYR A 344 -7.02 13.05 -11.95
CA TYR A 344 -7.95 13.05 -13.10
C TYR A 344 -8.21 11.68 -13.76
N MET A 345 -7.37 10.68 -13.45
CA MET A 345 -7.55 9.36 -14.04
C MET A 345 -8.54 8.54 -13.24
N ASN A 346 -8.78 8.95 -11.99
CA ASN A 346 -9.70 8.25 -11.12
C ASN A 346 -9.45 6.75 -11.02
N PHE A 347 -8.21 6.34 -11.19
CA PHE A 347 -7.90 4.94 -11.05
C PHE A 347 -8.37 4.47 -9.68
N PRO A 348 -8.67 3.17 -9.56
CA PRO A 348 -9.06 2.66 -8.24
C PRO A 348 -7.88 2.53 -7.29
N LYS A 349 -8.17 2.51 -5.98
CA LYS A 349 -7.14 2.35 -4.97
C LYS A 349 -6.53 0.97 -4.99
N GLU A 350 -5.28 0.92 -4.54
CA GLU A 350 -4.54 -0.34 -4.37
C GLU A 350 -3.95 -0.47 -2.98
N GLU A 351 -3.85 -1.71 -2.55
CA GLU A 351 -3.30 -1.99 -1.27
C GLU A 351 -1.81 -1.61 -1.20
N ASN A 352 -1.08 -1.80 -2.29
CA ASN A 352 0.33 -1.36 -2.33
C ASN A 352 0.60 -0.69 -3.66
N PRO A 353 0.35 0.62 -3.74
CA PRO A 353 0.50 1.23 -5.04
C PRO A 353 1.87 0.94 -5.61
N PHE A 354 2.89 0.97 -4.78
CA PHE A 354 4.26 0.80 -5.29
C PHE A 354 4.60 -0.58 -5.81
N LEU A 355 3.79 -1.57 -5.44
CA LEU A 355 3.82 -2.89 -6.03
C LEU A 355 2.59 -3.15 -6.88
N GLY A 356 2.02 -2.10 -7.45
CA GLY A 356 0.74 -2.24 -8.13
C GLY A 356 0.81 -1.94 -9.61
N TRP A 357 -0.28 -1.34 -10.09
CA TRP A 357 -0.58 -1.21 -11.49
C TRP A 357 0.00 0.11 -11.95
N ARG A 358 1.29 0.05 -12.17
CA ARG A 358 2.12 1.22 -12.28
C ARG A 358 2.80 1.33 -13.67
N ALA A 359 2.82 2.55 -14.20
CA ALA A 359 3.67 2.90 -15.35
C ALA A 359 3.27 2.05 -16.52
N ILE A 360 4.16 1.19 -16.93
CA ILE A 360 4.02 0.40 -18.15
C ILE A 360 2.87 -0.64 -18.08
N ARG A 361 2.52 -0.95 -16.85
CA ARG A 361 1.49 -1.89 -16.63
C ARG A 361 0.17 -1.31 -17.02
N ILE A 362 0.09 0.02 -16.99
CA ILE A 362 -1.12 0.74 -17.42
C ILE A 362 -1.11 0.91 -18.94
N ALA A 363 -0.02 1.42 -19.45
CA ALA A 363 0.01 1.73 -20.84
C ALA A 363 -0.20 0.44 -21.67
N MET A 364 0.18 -0.70 -21.10
CA MET A 364 -0.09 -2.00 -21.75
C MET A 364 -1.50 -2.51 -21.52
N ASP A 365 -2.18 -1.99 -20.53
CA ASP A 365 -3.57 -2.41 -20.38
C ASP A 365 -4.49 -1.42 -21.02
N ARG A 366 -3.93 -0.32 -21.52
CA ARG A 366 -4.74 0.67 -22.18
C ARG A 366 -3.93 1.25 -23.26
N ARG A 367 -3.87 0.54 -24.40
CA ARG A 367 -3.02 0.94 -25.50
C ARG A 367 -3.16 2.38 -25.97
N GLU A 368 -4.38 2.92 -26.01
CA GLU A 368 -4.52 4.32 -26.41
C GLU A 368 -3.43 5.21 -25.71
N ILE A 369 -3.05 4.86 -24.47
CA ILE A 369 -2.14 5.69 -23.66
C ILE A 369 -0.70 5.52 -24.15
N LEU A 370 -0.27 4.27 -24.18
CA LEU A 370 0.97 3.91 -24.75
C LEU A 370 1.08 4.45 -26.20
N ARG A 371 0.03 4.29 -27.00
CA ARG A 371 0.11 4.65 -28.41
C ARG A 371 0.24 6.16 -28.67
N ASP A 372 -0.67 6.94 -28.05
CA ASP A 372 -0.65 8.37 -28.16
C ASP A 372 0.72 8.79 -27.81
N GLN A 373 1.21 8.31 -26.66
CA GLN A 373 2.49 8.80 -26.16
C GLN A 373 3.63 8.43 -27.08
N LEU A 374 3.80 7.16 -27.40
CA LEU A 374 4.92 6.78 -28.24
C LEU A 374 4.87 7.46 -29.59
N ARG A 375 3.70 7.45 -30.21
CA ARG A 375 3.41 8.31 -31.37
C ARG A 375 3.97 9.75 -31.19
N ALA A 376 3.51 10.44 -30.15
CA ALA A 376 3.98 11.77 -29.85
C ALA A 376 5.50 11.86 -29.71
N ILE A 377 6.13 10.95 -28.98
CA ILE A 377 7.57 11.01 -28.80
C ILE A 377 8.22 10.90 -30.18
N LEU A 378 7.90 9.83 -30.89
CA LEU A 378 8.50 9.62 -32.19
C LEU A 378 8.38 10.88 -33.02
N ARG A 379 7.17 11.43 -33.09
CA ARG A 379 6.98 12.54 -33.96
C ARG A 379 7.83 13.70 -33.49
N ALA A 380 7.93 13.88 -32.16
CA ALA A 380 8.77 14.96 -31.62
C ALA A 380 10.25 14.77 -31.95
N SER A 381 10.67 13.53 -32.19
CA SER A 381 12.06 13.24 -32.49
C SER A 381 12.45 13.78 -33.85
N ALA A 382 11.49 14.28 -34.59
CA ALA A 382 11.81 14.91 -35.86
C ALA A 382 12.37 16.28 -35.60
N PHE A 383 12.48 16.66 -34.32
CA PHE A 383 12.78 18.05 -33.99
C PHE A 383 13.93 18.25 -33.03
N GLY A 384 14.60 17.17 -32.63
CA GLY A 384 15.71 17.28 -31.73
C GLY A 384 16.07 15.90 -31.31
N LYS A 385 17.30 15.69 -30.79
CA LYS A 385 17.69 14.34 -30.38
C LYS A 385 16.88 13.87 -29.16
N LEU A 386 16.03 12.89 -29.38
CA LEU A 386 15.27 12.27 -28.29
C LEU A 386 15.63 10.80 -28.22
N ARG A 387 15.60 10.26 -27.00
CA ARG A 387 15.59 8.82 -26.80
C ARG A 387 14.29 8.43 -26.09
N ILE A 388 13.88 7.18 -26.25
CA ILE A 388 12.72 6.61 -25.54
C ILE A 388 13.20 5.65 -24.48
N MET A 389 12.61 5.75 -23.31
CA MET A 389 12.99 4.84 -22.26
C MET A 389 11.73 4.47 -21.57
N PHE A 390 11.68 3.24 -21.09
CA PHE A 390 10.52 2.66 -20.41
C PHE A 390 10.77 2.44 -18.94
N PRO A 391 9.79 2.80 -18.10
CA PRO A 391 9.81 2.61 -16.65
C PRO A 391 9.30 1.25 -16.20
N MET A 392 9.67 0.81 -14.99
CA MET A 392 9.08 -0.39 -14.36
C MET A 392 9.18 -1.69 -15.13
N ILE A 393 10.16 -1.80 -16.00
CA ILE A 393 10.44 -3.03 -16.72
C ILE A 393 10.86 -4.17 -15.79
N ILE A 394 10.28 -5.33 -16.04
CA ILE A 394 10.45 -6.47 -15.16
C ILE A 394 10.87 -7.75 -15.85
N SER A 395 10.68 -7.80 -17.18
CA SER A 395 10.92 -9.02 -17.93
C SER A 395 11.39 -8.71 -19.34
N VAL A 396 12.03 -9.67 -20.00
CA VAL A 396 12.29 -9.52 -21.41
C VAL A 396 10.96 -9.53 -22.15
N GLU A 397 10.01 -10.32 -21.69
CA GLU A 397 8.66 -10.29 -22.30
C GLU A 397 8.15 -8.85 -22.53
N GLU A 398 8.11 -8.07 -21.44
CA GLU A 398 7.63 -6.68 -21.52
C GLU A 398 8.36 -5.87 -22.61
N VAL A 399 9.67 -5.87 -22.59
CA VAL A 399 10.45 -5.12 -23.61
C VAL A 399 10.11 -5.49 -25.07
N ARG A 400 10.06 -6.78 -25.37
CA ARG A 400 9.73 -7.17 -26.71
C ARG A 400 8.32 -6.72 -27.09
N ALA A 401 7.39 -6.72 -26.14
CA ALA A 401 6.03 -6.41 -26.49
C ALA A 401 5.93 -4.91 -26.83
N LEU A 402 6.78 -4.12 -26.20
CA LEU A 402 6.77 -2.68 -26.33
C LEU A 402 7.54 -2.20 -27.59
N ARG A 403 8.65 -2.88 -27.89
CA ARG A 403 9.40 -2.64 -29.14
C ARG A 403 8.55 -2.94 -30.35
N LYS A 404 7.81 -4.03 -30.23
CA LYS A 404 6.88 -4.44 -31.25
C LYS A 404 5.85 -3.34 -31.41
N GLU A 405 5.37 -2.85 -30.30
CA GLU A 405 4.52 -1.70 -30.31
C GLU A 405 5.18 -0.49 -31.01
N ILE A 406 6.37 -0.09 -30.58
CA ILE A 406 7.05 0.99 -31.29
C ILE A 406 7.02 0.75 -32.82
N GLU A 407 7.50 -0.41 -33.27
CA GLU A 407 7.54 -0.71 -34.66
C GLU A 407 6.21 -0.51 -35.38
N ILE A 408 5.10 -0.82 -34.71
CA ILE A 408 3.78 -0.58 -35.28
C ILE A 408 3.49 0.92 -35.41
N TYR A 409 3.69 1.63 -34.32
CA TYR A 409 3.53 3.05 -34.31
C TYR A 409 4.48 3.73 -35.28
N LYS A 410 5.65 3.16 -35.53
CA LYS A 410 6.60 3.75 -36.45
C LYS A 410 6.02 3.72 -37.84
N GLN A 411 5.43 2.58 -38.22
CA GLN A 411 4.90 2.41 -39.57
C GLN A 411 3.75 3.34 -39.80
N GLU A 412 2.83 3.40 -38.85
CA GLU A 412 1.72 4.28 -38.97
C GLU A 412 2.21 5.68 -39.29
N LEU A 413 3.14 6.20 -38.50
CA LEU A 413 3.73 7.50 -38.82
C LEU A 413 4.24 7.58 -40.27
N ARG A 414 5.13 6.65 -40.66
CA ARG A 414 5.56 6.48 -42.08
C ARG A 414 4.39 6.58 -43.07
N ASP A 415 3.28 5.97 -42.74
CA ASP A 415 2.12 5.93 -43.62
C ASP A 415 1.30 7.19 -43.64
N GLU A 416 1.44 8.00 -42.60
CA GLU A 416 0.69 9.24 -42.50
C GLU A 416 1.55 10.44 -42.94
N GLY A 417 2.76 10.16 -43.46
CA GLY A 417 3.67 11.19 -43.98
C GLY A 417 4.17 12.10 -42.87
N LYS A 418 4.58 11.45 -41.78
CA LYS A 418 5.02 12.08 -40.56
C LYS A 418 6.45 11.62 -40.16
N ALA A 419 7.40 12.54 -40.26
CA ALA A 419 8.81 12.29 -39.96
C ALA A 419 8.96 11.88 -38.50
N PHE A 420 9.93 10.99 -38.28
CA PHE A 420 10.44 10.69 -36.99
C PHE A 420 11.86 10.24 -37.23
N ASP A 421 12.70 10.40 -36.21
CA ASP A 421 14.11 10.08 -36.29
C ASP A 421 14.13 8.58 -36.41
N GLU A 422 14.55 8.06 -37.56
CA GLU A 422 14.65 6.60 -37.73
C GLU A 422 15.76 6.00 -36.86
N SER A 423 16.66 6.84 -36.36
CA SER A 423 17.80 6.43 -35.54
C SER A 423 17.44 6.27 -34.08
N ILE A 424 16.16 6.43 -33.74
CA ILE A 424 15.81 6.75 -32.37
C ILE A 424 16.14 5.59 -31.48
N GLU A 425 16.84 5.90 -30.39
CA GLU A 425 17.29 4.84 -29.53
C GLU A 425 16.33 4.60 -28.42
N ILE A 426 16.26 3.33 -28.06
CA ILE A 426 15.31 2.83 -27.11
C ILE A 426 16.05 2.14 -25.97
N GLY A 427 15.67 2.44 -24.74
CA GLY A 427 16.30 1.80 -23.59
C GLY A 427 15.29 1.51 -22.49
N VAL A 428 15.76 1.12 -21.33
CA VAL A 428 14.83 0.75 -20.29
C VAL A 428 15.36 1.21 -18.97
N MET A 429 14.45 1.54 -18.07
CA MET A 429 14.80 1.84 -16.71
C MET A 429 15.19 0.50 -16.15
N VAL A 430 16.31 0.40 -15.47
CA VAL A 430 16.54 -0.79 -14.65
C VAL A 430 16.28 -0.33 -13.20
N GLU A 431 15.09 -0.56 -12.67
CA GLU A 431 14.76 -0.03 -11.37
C GLU A 431 13.98 -1.05 -10.57
N THR A 432 13.94 -2.21 -11.14
CA THR A 432 13.38 -3.41 -10.57
C THR A 432 14.57 -4.42 -10.37
N PRO A 433 14.54 -5.21 -9.27
CA PRO A 433 15.53 -6.24 -9.04
C PRO A 433 15.39 -7.32 -10.10
N ALA A 434 14.20 -7.53 -10.63
CA ALA A 434 14.03 -8.38 -11.80
C ALA A 434 14.91 -7.89 -12.91
N ALA A 435 14.68 -6.66 -13.34
CA ALA A 435 15.46 -6.12 -14.46
C ALA A 435 16.94 -6.27 -14.17
N ALA A 436 17.31 -5.97 -12.94
CA ALA A 436 18.73 -5.98 -12.60
C ALA A 436 19.25 -7.39 -12.80
N THR A 437 18.46 -8.38 -12.39
CA THR A 437 18.83 -9.79 -12.48
C THR A 437 19.00 -10.36 -13.89
N ILE A 438 18.18 -9.85 -14.81
CA ILE A 438 18.17 -10.31 -16.17
C ILE A 438 18.76 -9.21 -17.05
N ALA A 439 19.50 -8.32 -16.40
CA ALA A 439 20.19 -7.29 -17.14
C ALA A 439 20.88 -7.85 -18.38
N ARG A 440 21.50 -9.03 -18.32
CA ARG A 440 22.26 -9.49 -19.50
C ARG A 440 21.29 -9.64 -20.60
N HIS A 441 20.24 -10.45 -20.36
CA HIS A 441 19.17 -10.62 -21.34
C HIS A 441 18.58 -9.36 -21.88
N LEU A 442 18.36 -8.37 -21.02
CA LEU A 442 17.70 -7.13 -21.45
C LEU A 442 18.63 -6.30 -22.32
N ALA A 443 19.91 -6.32 -21.99
CA ALA A 443 20.95 -5.55 -22.72
C ALA A 443 21.05 -5.84 -24.24
N LYS A 444 20.71 -7.08 -24.64
CA LYS A 444 20.61 -7.44 -26.08
C LYS A 444 19.45 -6.75 -26.69
N GLU A 445 18.47 -6.37 -25.90
CA GLU A 445 17.18 -6.01 -26.44
C GLU A 445 16.96 -4.49 -26.46
N VAL A 446 17.85 -3.74 -25.82
CA VAL A 446 17.72 -2.30 -25.75
C VAL A 446 19.02 -1.64 -26.09
N ASP A 447 18.99 -0.32 -26.32
CA ASP A 447 20.21 0.45 -26.61
C ASP A 447 20.89 0.96 -25.39
N PHE A 448 20.18 0.98 -24.28
CA PHE A 448 20.77 1.55 -23.09
C PHE A 448 19.96 1.27 -21.85
N PHE A 449 20.49 1.66 -20.70
CA PHE A 449 19.84 1.44 -19.41
C PHE A 449 20.04 2.70 -18.67
N SER A 450 19.06 3.05 -17.85
CA SER A 450 19.25 3.99 -16.81
C SER A 450 18.76 3.35 -15.53
N ILE A 451 19.61 3.29 -14.51
CA ILE A 451 19.22 2.63 -13.26
C ILE A 451 18.42 3.56 -12.36
N GLY A 452 17.19 3.15 -12.03
CA GLY A 452 16.41 3.94 -11.11
C GLY A 452 16.65 3.40 -9.73
N THR A 453 17.54 4.01 -8.97
CA THR A 453 17.88 3.51 -7.66
C THR A 453 16.81 3.81 -6.60
N ASN A 454 15.95 4.78 -6.87
CA ASN A 454 14.89 5.06 -5.90
C ASN A 454 14.00 3.84 -5.82
N ASP A 455 13.55 3.39 -6.98
CA ASP A 455 12.79 2.19 -7.03
C ASP A 455 13.59 0.94 -6.70
N LEU A 456 14.71 0.70 -7.38
CA LEU A 456 15.57 -0.43 -7.10
C LEU A 456 15.86 -0.59 -5.60
N THR A 457 16.17 0.50 -4.95
CA THR A 457 16.42 0.41 -3.55
C THR A 457 15.14 -0.13 -2.91
N GLN A 458 14.03 0.53 -3.24
CA GLN A 458 12.74 0.24 -2.67
C GLN A 458 12.45 -1.23 -2.73
N TYR A 459 12.60 -1.85 -3.91
CA TYR A 459 12.21 -3.27 -4.04
C TYR A 459 13.25 -4.22 -3.58
N THR A 460 14.50 -3.80 -3.64
CA THR A 460 15.53 -4.71 -3.26
C THR A 460 15.46 -4.81 -1.72
N LEU A 461 15.26 -3.67 -1.07
CA LEU A 461 15.16 -3.65 0.38
C LEU A 461 13.72 -3.77 0.86
N ALA A 462 12.76 -3.82 -0.04
CA ALA A 462 11.35 -3.76 0.43
C ALA A 462 11.11 -2.68 1.44
N VAL A 463 11.62 -1.49 1.14
CA VAL A 463 11.28 -0.34 1.95
C VAL A 463 10.69 0.77 1.10
N ASP A 464 9.50 1.17 1.53
CA ASP A 464 8.68 2.13 0.83
C ASP A 464 9.42 3.46 0.91
N ARG A 465 9.64 4.04 -0.26
CA ARG A 465 10.28 5.33 -0.40
C ARG A 465 9.55 6.41 0.36
N GLY A 466 8.27 6.17 0.62
CA GLY A 466 7.40 7.14 1.30
C GLY A 466 7.39 6.99 2.80
N ASN A 467 7.86 5.86 3.33
CA ASN A 467 7.59 5.48 4.73
C ASN A 467 8.70 5.94 5.69
N ASP A 468 8.45 7.05 6.39
CA ASP A 468 9.46 7.62 7.30
C ASP A 468 9.77 6.72 8.48
N MET A 469 8.77 5.99 8.95
CA MET A 469 8.99 5.06 10.04
C MET A 469 10.14 4.08 9.81
N ILE A 470 10.31 3.59 8.57
CA ILE A 470 11.45 2.75 8.27
C ILE A 470 12.50 3.41 7.40
N SER A 471 12.48 4.73 7.30
CA SER A 471 13.42 5.34 6.37
C SER A 471 14.86 4.89 6.64
N HIS A 472 15.20 4.57 7.90
CA HIS A 472 16.57 4.25 8.25
C HIS A 472 17.07 3.02 7.51
N LEU A 473 16.13 2.22 7.01
CA LEU A 473 16.41 1.01 6.23
C LEU A 473 16.46 1.28 4.73
N TYR A 474 16.18 2.51 4.32
CA TYR A 474 16.18 2.77 2.92
C TYR A 474 17.59 3.13 2.58
N GLN A 475 18.36 2.18 2.05
CA GLN A 475 19.77 2.44 1.80
C GLN A 475 20.15 2.07 0.46
N PRO A 476 20.23 3.06 -0.44
CA PRO A 476 20.69 2.68 -1.78
C PRO A 476 22.18 2.38 -1.70
N MET A 477 22.79 2.69 -0.57
CA MET A 477 24.19 2.40 -0.41
C MET A 477 24.37 1.19 0.44
N SER A 478 23.73 0.13 -0.04
CA SER A 478 23.85 -1.16 0.55
C SER A 478 24.72 -1.97 -0.33
N PRO A 479 25.43 -2.92 0.27
CA PRO A 479 26.12 -3.91 -0.54
C PRO A 479 25.16 -4.60 -1.50
N SER A 480 23.87 -4.67 -1.13
CA SER A 480 22.89 -5.28 -2.03
C SER A 480 22.49 -4.42 -3.25
N VAL A 481 22.34 -3.13 -3.07
CA VAL A 481 21.94 -2.33 -4.20
C VAL A 481 23.16 -2.08 -5.09
N LEU A 482 24.32 -1.87 -4.47
CA LEU A 482 25.55 -1.60 -5.24
C LEU A 482 25.87 -2.76 -6.13
N ASN A 483 25.90 -3.95 -5.56
CA ASN A 483 26.10 -5.13 -6.38
C ASN A 483 25.19 -5.23 -7.60
N LEU A 484 23.89 -5.02 -7.40
CA LEU A 484 22.93 -4.99 -8.47
C LEU A 484 23.20 -3.89 -9.45
N ILE A 485 23.62 -2.70 -8.98
CA ILE A 485 24.11 -1.63 -9.89
C ILE A 485 25.28 -2.10 -10.79
N LYS A 486 26.28 -2.70 -10.17
CA LYS A 486 27.45 -3.17 -10.88
C LYS A 486 27.04 -4.15 -11.95
N GLN A 487 26.05 -4.94 -11.60
CA GLN A 487 25.76 -6.10 -12.38
C GLN A 487 25.10 -5.56 -13.67
N VAL A 488 24.35 -4.46 -13.50
CA VAL A 488 23.63 -3.82 -14.60
C VAL A 488 24.60 -3.11 -15.53
N ILE A 489 25.50 -2.30 -14.93
CA ILE A 489 26.49 -1.57 -15.69
C ILE A 489 27.24 -2.58 -16.57
N ASP A 490 27.73 -3.64 -15.93
CA ASP A 490 28.48 -4.66 -16.62
C ASP A 490 27.66 -5.26 -17.75
N ALA A 491 26.42 -5.62 -17.48
CA ALA A 491 25.55 -6.07 -18.57
C ALA A 491 25.65 -5.14 -19.75
N SER A 492 25.36 -3.84 -19.56
CA SER A 492 25.52 -2.80 -20.60
C SER A 492 26.77 -3.00 -21.39
N HIS A 493 27.89 -3.02 -20.66
CA HIS A 493 29.16 -2.91 -21.29
C HIS A 493 29.44 -4.18 -22.04
N ALA A 494 28.92 -5.28 -21.51
CA ALA A 494 29.18 -6.54 -22.18
C ALA A 494 28.54 -6.52 -23.56
N GLU A 495 27.40 -5.84 -23.73
CA GLU A 495 26.79 -5.72 -25.07
C GLU A 495 27.29 -4.54 -25.85
N GLY A 496 28.21 -3.77 -25.27
CA GLY A 496 28.68 -2.55 -25.91
C GLY A 496 27.69 -1.41 -25.85
N LYS A 497 26.73 -1.48 -24.92
CA LYS A 497 25.85 -0.36 -24.60
C LYS A 497 26.33 0.28 -23.32
N TRP A 498 25.54 1.20 -22.82
CA TRP A 498 25.93 2.01 -21.70
C TRP A 498 24.79 2.11 -20.68
N THR A 499 25.16 2.39 -19.44
CA THR A 499 24.17 2.54 -18.44
C THR A 499 24.33 3.92 -17.92
N GLY A 500 23.20 4.59 -17.79
CA GLY A 500 23.13 5.82 -17.02
C GLY A 500 22.39 5.57 -15.74
N MET A 501 22.24 6.62 -14.95
CA MET A 501 21.54 6.56 -13.67
C MET A 501 20.76 7.84 -13.41
N CYS A 502 19.44 7.73 -13.27
CA CYS A 502 18.64 8.89 -12.93
C CYS A 502 18.08 8.85 -11.54
N GLY A 503 18.22 7.71 -10.88
CA GLY A 503 17.93 7.65 -9.44
C GLY A 503 18.77 8.68 -8.71
N GLU A 504 18.33 8.99 -7.48
CA GLU A 504 18.97 10.04 -6.69
C GLU A 504 20.41 9.74 -6.26
N LEU A 505 20.80 8.47 -6.32
CA LEU A 505 22.19 8.13 -6.08
C LEU A 505 23.18 8.85 -6.99
N ALA A 506 22.80 9.01 -8.27
CA ALA A 506 23.63 9.72 -9.24
C ALA A 506 24.00 11.06 -8.68
N GLY A 507 23.02 11.73 -8.06
CA GLY A 507 23.24 13.07 -7.51
C GLY A 507 23.77 13.09 -6.09
N ASP A 508 24.02 11.92 -5.50
CA ASP A 508 24.42 11.81 -4.10
C ASP A 508 25.98 11.85 -3.97
N GLU A 509 26.50 12.92 -3.35
CA GLU A 509 27.96 13.12 -3.17
C GLU A 509 28.71 11.89 -2.69
N ARG A 510 28.00 10.96 -2.08
CA ARG A 510 28.64 9.87 -1.38
C ARG A 510 28.79 8.64 -2.24
N ALA A 511 28.08 8.65 -3.37
CA ALA A 511 28.17 7.54 -4.26
C ALA A 511 29.04 7.86 -5.46
N THR A 512 29.28 9.15 -5.68
CA THR A 512 29.91 9.59 -6.90
C THR A 512 31.17 8.81 -7.25
N LEU A 513 32.12 8.67 -6.31
CA LEU A 513 33.32 7.83 -6.56
C LEU A 513 33.03 6.37 -6.88
N LEU A 514 32.02 5.80 -6.23
CA LEU A 514 31.64 4.41 -6.49
C LEU A 514 30.96 4.27 -7.83
N LEU A 515 29.95 5.09 -8.07
CA LEU A 515 29.28 5.08 -9.34
C LEU A 515 30.33 5.21 -10.42
N LEU A 516 31.22 6.17 -10.26
CA LEU A 516 32.31 6.34 -11.24
C LEU A 516 33.19 5.10 -11.38
N GLY A 517 33.66 4.56 -10.25
CA GLY A 517 34.59 3.44 -10.25
C GLY A 517 33.96 2.21 -10.85
N MET A 518 32.64 2.11 -10.68
CA MET A 518 31.90 0.98 -11.16
C MET A 518 31.61 1.09 -12.62
N GLY A 519 32.02 2.22 -13.22
CA GLY A 519 31.94 2.42 -14.67
C GLY A 519 30.66 3.00 -15.23
N LEU A 520 29.80 3.54 -14.36
CA LEU A 520 28.58 4.18 -14.79
C LEU A 520 28.93 5.22 -15.84
N ASP A 521 28.15 5.24 -16.94
CA ASP A 521 28.47 6.04 -18.13
C ASP A 521 27.86 7.38 -18.02
N GLU A 522 26.73 7.44 -17.35
CA GLU A 522 25.92 8.61 -17.37
C GLU A 522 25.24 8.87 -16.05
N PHE A 523 25.27 10.11 -15.60
CA PHE A 523 24.60 10.47 -14.37
C PHE A 523 23.50 11.45 -14.65
N SER A 524 22.34 11.25 -14.07
CA SER A 524 21.31 12.26 -14.32
C SER A 524 20.62 12.61 -13.05
N MET A 525 20.45 13.89 -12.78
CA MET A 525 20.00 14.29 -11.48
C MET A 525 19.20 15.55 -11.53
N SER A 526 18.68 15.94 -10.37
CA SER A 526 18.25 17.29 -10.22
C SER A 526 19.38 18.15 -10.74
N ALA A 527 19.03 19.14 -11.53
CA ALA A 527 20.02 20.09 -12.06
C ALA A 527 20.91 20.64 -10.93
N ILE A 528 20.30 21.03 -9.81
CA ILE A 528 21.08 21.60 -8.70
C ILE A 528 22.22 20.74 -8.23
N SER A 529 22.23 19.45 -8.53
CA SER A 529 23.30 18.61 -8.06
C SER A 529 24.40 18.47 -9.04
N ILE A 530 24.18 19.00 -10.24
CA ILE A 530 25.15 18.81 -11.29
C ILE A 530 26.54 19.33 -10.92
N PRO A 531 26.65 20.59 -10.45
CA PRO A 531 27.98 21.06 -10.07
C PRO A 531 28.69 20.27 -8.94
N ARG A 532 27.98 19.84 -7.89
CA ARG A 532 28.67 19.14 -6.78
C ARG A 532 29.30 17.89 -7.32
N ILE A 533 28.55 17.19 -8.14
CA ILE A 533 28.99 15.94 -8.64
C ILE A 533 30.08 16.14 -9.71
N LYS A 534 29.86 17.10 -10.59
CA LYS A 534 30.86 17.44 -11.57
C LYS A 534 32.19 17.67 -10.79
N LYS A 535 32.12 18.49 -9.72
CA LYS A 535 33.31 18.84 -8.96
C LYS A 535 34.04 17.62 -8.46
N ILE A 536 33.28 16.67 -7.90
CA ILE A 536 33.84 15.44 -7.39
C ILE A 536 34.51 14.67 -8.51
N ILE A 537 33.89 14.73 -9.68
CA ILE A 537 34.34 13.92 -10.80
C ILE A 537 35.61 14.50 -11.32
N ARG A 538 35.61 15.82 -11.45
CA ARG A 538 36.76 16.49 -12.00
C ARG A 538 38.04 16.38 -11.15
N ASN A 539 37.86 15.98 -9.87
CA ASN A 539 38.94 15.97 -8.88
C ASN A 539 39.31 14.56 -8.40
N THR A 540 38.75 13.56 -9.07
CA THR A 540 39.06 12.17 -8.76
C THR A 540 40.03 11.72 -9.76
N ASN A 541 40.74 10.68 -9.38
CA ASN A 541 41.42 9.88 -10.34
C ASN A 541 40.54 8.62 -10.60
N PHE A 542 40.27 8.35 -11.87
CA PHE A 542 39.37 7.26 -12.21
C PHE A 542 39.90 5.89 -11.78
N GLU A 543 41.19 5.67 -11.97
CA GLU A 543 41.75 4.38 -11.60
C GLU A 543 41.58 4.08 -10.12
N ASP A 544 41.74 5.13 -9.32
CA ASP A 544 41.64 5.00 -7.88
C ASP A 544 40.23 4.62 -7.46
N ALA A 545 39.24 5.30 -8.02
CA ALA A 545 37.84 4.99 -7.91
C ALA A 545 37.50 3.55 -8.25
N LYS A 546 38.02 3.03 -9.37
CA LYS A 546 37.79 1.61 -9.68
C LYS A 546 38.19 0.79 -8.45
N VAL A 547 39.42 0.92 -8.03
CA VAL A 547 39.91 0.21 -6.84
C VAL A 547 38.94 0.43 -5.66
N LEU A 548 38.46 1.67 -5.50
CA LEU A 548 37.57 1.96 -4.42
C LEU A 548 36.33 1.12 -4.61
N ALA A 549 35.77 1.16 -5.83
CA ALA A 549 34.50 0.52 -6.13
C ALA A 549 34.61 -0.95 -5.85
N GLU A 550 35.67 -1.51 -6.39
CA GLU A 550 35.83 -2.89 -6.19
C GLU A 550 35.79 -3.22 -4.67
N GLN A 551 36.63 -2.55 -3.88
CA GLN A 551 36.63 -2.82 -2.48
C GLN A 551 35.18 -2.77 -1.94
N ALA A 552 34.48 -1.67 -2.25
CA ALA A 552 33.19 -1.42 -1.65
C ALA A 552 32.25 -2.56 -1.93
N LEU A 553 32.35 -3.10 -3.15
CA LEU A 553 31.47 -4.19 -3.59
C LEU A 553 31.68 -5.50 -2.85
N ALA A 554 32.77 -5.60 -2.08
CA ALA A 554 33.02 -6.82 -1.33
C ALA A 554 32.58 -6.71 0.13
N GLN A 555 32.30 -5.50 0.61
CA GLN A 555 31.89 -5.27 1.98
C GLN A 555 30.51 -5.88 2.27
N PRO A 556 30.36 -6.62 3.37
CA PRO A 556 29.02 -7.12 3.69
C PRO A 556 28.18 -6.10 4.48
N THR A 557 28.70 -4.90 4.65
CA THR A 557 28.07 -3.96 5.55
C THR A 557 28.24 -2.54 4.97
N THR A 558 27.19 -1.75 5.08
CA THR A 558 27.19 -0.36 4.63
C THR A 558 28.29 0.41 5.36
N ASP A 559 28.29 0.33 6.68
CA ASP A 559 29.29 1.03 7.42
C ASP A 559 30.66 0.81 6.87
N GLU A 560 30.99 -0.44 6.60
CA GLU A 560 32.30 -0.84 6.12
C GLU A 560 32.61 -0.23 4.76
N LEU A 561 31.58 -0.11 3.95
CA LEU A 561 31.68 0.50 2.64
C LEU A 561 31.77 2.06 2.75
N MET A 562 31.07 2.64 3.74
CA MET A 562 31.24 4.06 4.00
C MET A 562 32.65 4.36 4.41
N THR A 563 33.28 3.46 5.17
CA THR A 563 34.65 3.69 5.61
C THR A 563 35.60 3.86 4.46
N LEU A 564 35.54 2.96 3.47
CA LEU A 564 36.36 3.03 2.28
C LEU A 564 36.26 4.35 1.61
N VAL A 565 35.02 4.71 1.26
CA VAL A 565 34.71 6.04 0.71
C VAL A 565 35.37 7.18 1.50
N ASN A 566 35.19 7.19 2.83
CA ASN A 566 35.82 8.21 3.65
C ASN A 566 37.35 8.23 3.62
N LYS A 567 38.00 7.09 3.80
CA LYS A 567 39.46 7.08 3.79
C LYS A 567 39.96 7.56 2.44
N PHE A 568 39.16 7.32 1.41
CA PHE A 568 39.48 7.80 0.09
C PHE A 568 39.50 9.33 0.11
N ILE A 569 38.38 9.92 0.46
CA ILE A 569 38.23 11.37 0.48
C ILE A 569 39.32 12.05 1.29
N GLU A 570 39.71 11.42 2.39
CA GLU A 570 40.83 11.86 3.22
C GLU A 570 42.14 11.89 2.45
N GLU A 571 42.48 10.74 1.88
CA GLU A 571 43.78 10.54 1.32
C GLU A 571 43.92 11.10 -0.09
N LYS A 572 42.80 11.29 -0.79
CA LYS A 572 42.81 11.50 -2.24
C LYS A 572 42.42 12.90 -2.78
N THR A 573 41.84 13.78 -1.95
CA THR A 573 41.76 15.23 -2.29
C THR A 573 41.38 16.10 -1.08
N MET B 1 -24.09 -21.15 -18.23
CA MET B 1 -22.59 -21.10 -18.34
C MET B 1 -22.04 -20.15 -17.28
N ILE B 2 -22.04 -20.57 -16.04
CA ILE B 2 -21.50 -19.72 -14.92
C ILE B 2 -20.17 -20.31 -14.45
N SER B 3 -19.14 -19.49 -14.34
CA SER B 3 -17.80 -20.00 -13.89
C SER B 3 -17.25 -19.12 -12.77
N GLY B 4 -16.61 -19.73 -11.79
CA GLY B 4 -16.01 -18.97 -10.65
C GLY B 4 -14.52 -19.29 -10.58
N ILE B 5 -13.89 -19.07 -9.45
CA ILE B 5 -12.41 -19.36 -9.36
C ILE B 5 -12.17 -20.76 -8.78
N LEU B 6 -13.17 -21.40 -8.24
CA LEU B 6 -12.97 -22.76 -7.66
C LEU B 6 -11.81 -22.72 -6.65
N ALA B 7 -12.13 -22.74 -5.38
CA ALA B 7 -11.06 -22.70 -4.34
C ALA B 7 -10.73 -24.12 -3.88
N SER B 8 -11.66 -25.04 -4.00
CA SER B 8 -11.41 -26.44 -3.58
C SER B 8 -12.08 -27.40 -4.58
N PRO B 9 -11.35 -28.34 -5.15
CA PRO B 9 -11.94 -29.31 -6.13
C PRO B 9 -12.70 -30.45 -5.42
N GLY B 10 -13.78 -30.89 -5.99
CA GLY B 10 -14.56 -31.98 -5.35
C GLY B 10 -15.96 -32.00 -5.97
N ILE B 11 -16.92 -32.62 -5.32
CA ILE B 11 -18.31 -32.65 -5.86
C ILE B 11 -19.28 -32.70 -4.67
N ALA B 12 -20.47 -32.16 -4.82
CA ALA B 12 -21.43 -32.20 -3.67
C ALA B 12 -22.87 -32.08 -4.16
N PHE B 13 -23.80 -32.59 -3.38
CA PHE B 13 -25.25 -32.51 -3.74
C PHE B 13 -26.03 -32.07 -2.50
N GLY B 14 -26.83 -31.04 -2.57
CA GLY B 14 -27.59 -30.63 -1.35
C GLY B 14 -28.47 -29.40 -1.64
N LYS B 15 -29.20 -28.97 -0.64
CA LYS B 15 -30.10 -27.78 -0.81
C LYS B 15 -29.27 -26.50 -0.72
N ALA B 16 -29.78 -25.41 -1.23
CA ALA B 16 -29.00 -24.12 -1.21
C ALA B 16 -29.55 -23.17 -0.14
N LEU B 17 -28.68 -22.66 0.70
CA LEU B 17 -29.12 -21.69 1.75
C LEU B 17 -28.76 -20.28 1.28
N LEU B 18 -29.67 -19.34 1.41
CA LEU B 18 -29.39 -17.93 0.95
C LEU B 18 -29.41 -16.96 2.13
N LEU B 19 -28.32 -16.26 2.33
CA LEU B 19 -28.25 -15.28 3.46
C LEU B 19 -28.79 -13.91 3.02
N LYS B 20 -30.02 -13.76 3.10
CA LYS B 20 -30.64 -12.57 2.51
C LYS B 20 -31.45 -12.13 3.61
N GLU B 21 -30.82 -12.15 4.76
CA GLU B 21 -31.49 -11.78 5.99
C GLU B 21 -32.47 -10.68 5.56
N ASP B 22 -33.66 -10.99 5.17
CA ASP B 22 -34.54 -9.89 4.75
C ASP B 22 -34.73 -8.83 5.83
N GLU B 23 -34.78 -7.59 5.33
CA GLU B 23 -34.93 -6.37 6.13
C GLU B 23 -36.25 -6.29 6.88
N ILE B 24 -36.34 -5.34 7.82
CA ILE B 24 -37.58 -5.13 8.57
C ILE B 24 -38.29 -3.87 8.08
N VAL B 25 -39.33 -4.10 7.29
CA VAL B 25 -40.08 -3.00 6.70
C VAL B 25 -41.35 -2.86 7.52
N ILE B 26 -41.42 -1.77 8.29
CA ILE B 26 -42.59 -1.47 9.12
C ILE B 26 -43.74 -0.85 8.30
N ASP B 27 -44.88 -1.55 8.23
CA ASP B 27 -46.12 -0.98 7.68
C ASP B 27 -46.60 0.21 8.52
N ARG B 28 -46.63 1.38 7.91
CA ARG B 28 -46.99 2.61 8.63
C ARG B 28 -48.38 3.20 8.41
N LYS B 29 -49.18 2.58 7.55
CA LYS B 29 -50.61 2.95 7.40
C LYS B 29 -51.31 2.61 8.73
N LYS B 30 -51.96 3.61 9.33
CA LYS B 30 -52.84 3.41 10.49
C LYS B 30 -53.93 2.37 10.17
N ILE B 31 -54.43 1.67 11.19
CA ILE B 31 -55.46 0.66 10.94
C ILE B 31 -56.90 1.07 11.36
N SER B 32 -57.86 0.21 11.02
CA SER B 32 -59.27 0.47 11.24
C SER B 32 -59.76 -0.32 12.46
N ALA B 33 -60.83 0.10 13.07
CA ALA B 33 -61.35 -0.67 14.24
C ALA B 33 -61.56 -2.12 13.81
N ASP B 34 -62.08 -2.34 12.62
CA ASP B 34 -62.28 -3.74 12.16
C ASP B 34 -60.92 -4.42 12.01
N GLN B 35 -59.96 -3.76 11.41
CA GLN B 35 -58.59 -4.37 11.27
C GLN B 35 -58.02 -4.52 12.68
N VAL B 36 -57.89 -3.41 13.37
CA VAL B 36 -57.35 -3.52 14.76
C VAL B 36 -57.39 -4.99 15.18
N ASP B 37 -58.53 -5.61 15.08
CA ASP B 37 -58.64 -7.03 15.49
C ASP B 37 -57.69 -7.89 14.65
N GLN B 38 -57.59 -7.62 13.38
CA GLN B 38 -56.69 -8.46 12.53
C GLN B 38 -55.23 -8.24 12.89
N GLU B 39 -54.83 -7.03 13.17
CA GLU B 39 -53.40 -6.80 13.51
C GLU B 39 -53.05 -7.50 14.82
N VAL B 40 -53.92 -7.47 15.79
CA VAL B 40 -53.63 -8.16 17.06
C VAL B 40 -53.42 -9.65 16.78
N GLU B 41 -54.30 -10.23 16.00
CA GLU B 41 -54.16 -11.68 15.68
C GLU B 41 -52.83 -11.91 14.95
N ARG B 42 -52.47 -11.03 14.04
CA ARG B 42 -51.17 -11.22 13.33
C ARG B 42 -50.06 -11.20 14.37
N PHE B 43 -50.11 -10.28 15.30
CA PHE B 43 -49.08 -10.23 16.36
C PHE B 43 -49.11 -11.54 17.15
N LEU B 44 -50.27 -11.95 17.58
CA LEU B 44 -50.38 -13.22 18.34
C LEU B 44 -49.91 -14.38 17.44
N SER B 45 -50.32 -14.40 16.21
CA SER B 45 -49.89 -15.49 15.29
C SER B 45 -48.38 -15.41 15.09
N GLY B 46 -47.85 -14.22 14.88
CA GLY B 46 -46.38 -14.07 14.69
C GLY B 46 -45.69 -14.35 16.02
N ARG B 47 -46.27 -13.89 17.10
CA ARG B 47 -45.68 -14.15 18.44
C ARG B 47 -45.75 -15.65 18.71
N ALA B 48 -46.76 -16.29 18.20
CA ALA B 48 -46.90 -17.75 18.41
C ALA B 48 -45.66 -18.46 17.84
N LYS B 49 -45.19 -18.04 16.70
CA LYS B 49 -43.99 -18.70 16.15
C LYS B 49 -42.82 -18.45 17.10
N ALA B 50 -42.30 -17.25 17.14
CA ALA B 50 -41.13 -16.96 18.04
C ALA B 50 -41.27 -17.68 19.38
N SER B 51 -42.46 -17.85 19.87
CA SER B 51 -42.58 -18.56 21.17
C SER B 51 -41.96 -19.95 21.02
N ALA B 52 -42.42 -20.70 20.06
CA ALA B 52 -41.89 -22.08 19.86
C ALA B 52 -40.45 -22.05 19.32
N GLN B 53 -40.14 -21.15 18.42
CA GLN B 53 -38.74 -21.11 17.88
C GLN B 53 -37.75 -20.68 18.97
N LEU B 54 -38.13 -19.72 19.78
CA LEU B 54 -37.20 -19.30 20.88
C LEU B 54 -36.96 -20.48 21.81
N GLU B 55 -38.00 -21.23 22.09
CA GLU B 55 -37.84 -22.41 22.99
C GLU B 55 -36.85 -23.41 22.36
N THR B 56 -36.89 -23.57 21.07
CA THR B 56 -35.95 -24.53 20.42
C THR B 56 -34.52 -24.06 20.63
N ILE B 57 -34.27 -22.78 20.52
CA ILE B 57 -32.89 -22.26 20.72
C ILE B 57 -32.44 -22.54 22.16
N LYS B 58 -33.34 -22.40 23.09
CA LYS B 58 -32.99 -22.64 24.53
C LYS B 58 -32.43 -24.06 24.69
N THR B 59 -33.14 -25.03 24.20
CA THR B 59 -32.69 -26.45 24.36
C THR B 59 -31.30 -26.64 23.74
N LYS B 60 -31.00 -25.95 22.68
CA LYS B 60 -29.66 -26.11 22.05
C LYS B 60 -28.59 -25.51 22.96
N ALA B 61 -28.90 -24.43 23.61
CA ALA B 61 -27.92 -23.79 24.51
C ALA B 61 -27.63 -24.73 25.69
N GLY B 62 -28.65 -25.31 26.25
CA GLY B 62 -28.44 -26.22 27.41
C GLY B 62 -27.54 -27.39 27.02
N GLU B 63 -27.85 -28.06 25.95
CA GLU B 63 -27.00 -29.22 25.55
C GLU B 63 -25.65 -28.71 25.06
N THR B 64 -25.66 -27.70 24.23
CA THR B 64 -24.39 -27.16 23.66
C THR B 64 -23.49 -26.55 24.73
N PHE B 65 -23.92 -25.50 25.38
CA PHE B 65 -23.06 -24.84 26.41
C PHE B 65 -23.38 -25.32 27.83
N GLY B 66 -24.63 -25.36 28.22
CA GLY B 66 -24.97 -25.83 29.60
C GLY B 66 -26.11 -25.01 30.22
N GLU B 67 -26.32 -25.21 31.51
CA GLU B 67 -27.41 -24.48 32.21
C GLU B 67 -27.05 -22.99 32.34
N GLU B 68 -25.79 -22.68 32.30
CA GLU B 68 -25.35 -21.26 32.41
C GLU B 68 -25.93 -20.44 31.25
N LYS B 69 -26.01 -21.04 30.09
CA LYS B 69 -26.56 -20.32 28.89
C LYS B 69 -28.03 -20.67 28.68
N GLU B 70 -28.49 -21.76 29.22
CA GLU B 70 -29.91 -22.14 29.03
C GLU B 70 -30.85 -21.16 29.74
N ALA B 71 -30.52 -20.79 30.94
CA ALA B 71 -31.42 -19.87 31.70
C ALA B 71 -31.44 -18.47 31.08
N ILE B 72 -30.40 -18.05 30.42
CA ILE B 72 -30.46 -16.68 29.82
C ILE B 72 -31.63 -16.64 28.84
N PHE B 73 -31.85 -17.69 28.09
CA PHE B 73 -32.99 -17.68 27.13
C PHE B 73 -34.31 -17.62 27.90
N GLU B 74 -34.40 -18.32 29.00
CA GLU B 74 -35.68 -18.29 29.77
C GLU B 74 -35.98 -16.84 30.19
N GLY B 75 -34.97 -16.11 30.59
CA GLY B 75 -35.22 -14.70 30.98
C GLY B 75 -35.75 -13.93 29.76
N HIS B 76 -35.09 -14.08 28.65
CA HIS B 76 -35.54 -13.37 27.42
C HIS B 76 -36.95 -13.82 27.07
N ILE B 77 -37.19 -15.11 27.11
CA ILE B 77 -38.56 -15.60 26.78
C ILE B 77 -39.54 -15.13 27.87
N MET B 78 -39.19 -15.28 29.11
CA MET B 78 -40.09 -14.85 30.21
C MET B 78 -40.37 -13.35 30.09
N LEU B 79 -39.38 -12.58 29.76
CA LEU B 79 -39.60 -11.11 29.61
C LEU B 79 -40.53 -10.84 28.44
N LEU B 80 -40.36 -11.58 27.38
CA LEU B 80 -41.22 -11.36 26.20
C LEU B 80 -42.68 -11.67 26.54
N GLU B 81 -42.91 -12.69 27.32
CA GLU B 81 -44.31 -13.06 27.68
C GLU B 81 -44.79 -12.18 28.86
N ASP B 82 -44.01 -11.23 29.27
CA ASP B 82 -44.44 -10.37 30.42
C ASP B 82 -45.85 -9.84 30.16
N GLU B 83 -46.73 -9.98 31.11
CA GLU B 83 -48.13 -9.49 30.93
C GLU B 83 -48.16 -7.99 30.67
N GLU B 84 -47.13 -7.29 31.01
CA GLU B 84 -47.10 -5.82 30.76
C GLU B 84 -46.97 -5.56 29.25
N LEU B 85 -46.22 -6.39 28.58
CA LEU B 85 -46.04 -6.23 27.11
C LEU B 85 -47.34 -6.56 26.38
N GLU B 86 -48.01 -7.58 26.82
CA GLU B 86 -49.28 -7.98 26.14
C GLU B 86 -50.27 -6.82 26.21
N GLN B 87 -50.46 -6.25 27.37
CA GLN B 87 -51.42 -5.13 27.51
C GLN B 87 -50.90 -3.86 26.80
N GLU B 88 -49.63 -3.58 26.92
CA GLU B 88 -49.07 -2.36 26.27
C GLU B 88 -49.03 -2.48 24.74
N ILE B 89 -48.69 -3.62 24.23
CA ILE B 89 -48.64 -3.77 22.74
C ILE B 89 -50.07 -3.69 22.19
N ILE B 90 -50.98 -4.38 22.81
CA ILE B 90 -52.39 -4.38 22.35
C ILE B 90 -53.03 -3.01 22.56
N ALA B 91 -52.74 -2.36 23.65
CA ALA B 91 -53.35 -1.03 23.93
C ALA B 91 -53.00 -0.02 22.82
N LEU B 92 -51.74 0.08 22.46
CA LEU B 92 -51.36 1.06 21.40
C LEU B 92 -52.08 0.73 20.09
N ILE B 93 -52.10 -0.52 19.70
CA ILE B 93 -52.80 -0.90 18.44
C ILE B 93 -54.28 -0.54 18.60
N LYS B 94 -54.87 -0.94 19.69
CA LYS B 94 -56.32 -0.64 19.92
C LYS B 94 -56.52 0.86 20.16
N ASP B 95 -55.66 1.48 20.92
CA ASP B 95 -55.85 2.94 21.22
C ASP B 95 -55.31 3.83 20.09
N LYS B 96 -54.10 3.62 19.67
CA LYS B 96 -53.51 4.50 18.60
C LYS B 96 -53.75 3.94 17.19
N HIS B 97 -54.37 2.80 17.06
CA HIS B 97 -54.63 2.23 15.70
C HIS B 97 -53.32 2.12 14.92
N MET B 98 -52.28 1.75 15.61
CA MET B 98 -50.93 1.61 14.97
C MET B 98 -50.72 0.17 14.50
N THR B 99 -49.69 -0.08 13.74
CA THR B 99 -49.44 -1.47 13.25
C THR B 99 -48.74 -2.29 14.35
N ALA B 100 -48.80 -3.60 14.26
CA ALA B 100 -48.16 -4.45 15.30
C ALA B 100 -46.64 -4.33 15.23
N ASP B 101 -46.08 -4.29 14.05
CA ASP B 101 -44.60 -4.17 13.95
C ASP B 101 -44.17 -2.77 14.40
N ALA B 102 -44.95 -1.76 14.12
CA ALA B 102 -44.57 -0.39 14.56
C ALA B 102 -44.91 -0.20 16.04
N ALA B 103 -46.05 -0.70 16.46
CA ALA B 103 -46.44 -0.55 17.90
C ALA B 103 -45.54 -1.41 18.78
N ALA B 104 -45.33 -2.65 18.40
CA ALA B 104 -44.47 -3.54 19.23
C ALA B 104 -43.05 -2.96 19.33
N HIS B 105 -42.56 -2.40 18.25
CA HIS B 105 -41.18 -1.84 18.27
C HIS B 105 -41.08 -0.74 19.33
N GLU B 106 -42.09 0.07 19.44
CA GLU B 106 -42.05 1.17 20.44
C GLU B 106 -41.98 0.60 21.87
N VAL B 107 -42.71 -0.45 22.13
CA VAL B 107 -42.71 -1.03 23.50
C VAL B 107 -41.32 -1.55 23.88
N ILE B 108 -40.74 -2.41 23.10
CA ILE B 108 -39.39 -2.94 23.43
C ILE B 108 -38.36 -1.82 23.30
N GLU B 109 -38.48 -1.02 22.30
CA GLU B 109 -37.52 0.12 22.12
C GLU B 109 -37.70 1.08 23.28
N GLY B 110 -38.92 1.30 23.69
CA GLY B 110 -39.19 2.25 24.81
C GLY B 110 -38.43 1.80 26.07
N GLN B 111 -38.54 0.54 26.44
CA GLN B 111 -37.81 0.09 27.65
C GLN B 111 -36.30 0.15 27.40
N ALA B 112 -35.85 -0.46 26.33
CA ALA B 112 -34.38 -0.43 26.04
C ALA B 112 -33.92 1.03 25.98
N SER B 113 -34.72 1.89 25.40
CA SER B 113 -34.32 3.32 25.31
C SER B 113 -34.13 3.86 26.73
N ALA B 114 -34.98 3.50 27.64
CA ALA B 114 -34.82 3.98 29.04
C ALA B 114 -33.51 3.45 29.61
N LEU B 115 -33.18 2.23 29.32
CA LEU B 115 -31.92 1.65 29.86
C LEU B 115 -30.72 2.42 29.31
N GLU B 116 -30.73 2.79 28.06
CA GLU B 116 -29.56 3.54 27.49
C GLU B 116 -29.37 4.83 28.27
N GLU B 117 -30.43 5.45 28.70
CA GLU B 117 -30.27 6.72 29.46
C GLU B 117 -29.35 6.48 30.65
N LEU B 118 -29.21 5.24 31.06
CA LEU B 118 -28.34 4.93 32.23
C LEU B 118 -26.90 5.32 31.90
N ASP B 119 -26.17 5.74 32.89
CA ASP B 119 -24.74 6.15 32.67
C ASP B 119 -23.80 5.00 33.05
N ASP B 120 -24.16 3.77 32.72
CA ASP B 120 -23.28 2.60 33.07
C ASP B 120 -23.09 1.70 31.84
N GLU B 121 -21.87 1.30 31.60
CA GLU B 121 -21.57 0.40 30.43
C GLU B 121 -22.14 -1.01 30.68
N TYR B 122 -22.21 -1.41 31.92
CA TYR B 122 -22.74 -2.77 32.25
C TYR B 122 -24.27 -2.82 32.04
N LEU B 123 -24.96 -1.77 32.39
CA LEU B 123 -26.43 -1.76 32.20
C LEU B 123 -26.73 -1.59 30.73
N LYS B 124 -25.92 -0.82 30.04
CA LYS B 124 -26.13 -0.60 28.58
C LYS B 124 -26.04 -1.92 27.82
N GLU B 125 -25.09 -2.78 28.14
CA GLU B 125 -24.99 -4.07 27.39
C GLU B 125 -26.27 -4.88 27.57
N ARG B 126 -26.79 -4.95 28.76
CA ARG B 126 -28.05 -5.72 28.97
C ARG B 126 -29.13 -5.10 28.10
N ALA B 127 -29.13 -3.80 27.96
CA ALA B 127 -30.15 -3.14 27.10
C ALA B 127 -29.96 -3.67 25.68
N ALA B 128 -28.77 -4.10 25.35
CA ALA B 128 -28.51 -4.64 23.98
C ALA B 128 -29.23 -6.00 23.85
N ASP B 129 -29.19 -6.79 24.90
CA ASP B 129 -29.87 -8.12 24.85
C ASP B 129 -31.37 -7.92 24.75
N VAL B 130 -31.90 -6.96 25.47
CA VAL B 130 -33.37 -6.71 25.40
C VAL B 130 -33.73 -6.17 24.02
N ARG B 131 -32.91 -5.31 23.47
CA ARG B 131 -33.17 -4.75 22.12
C ARG B 131 -33.21 -5.89 21.10
N ASP B 132 -32.32 -6.84 21.24
CA ASP B 132 -32.25 -7.99 20.29
C ASP B 132 -33.58 -8.75 20.29
N ILE B 133 -34.18 -8.92 21.44
CA ILE B 133 -35.46 -9.68 21.50
C ILE B 133 -36.52 -8.99 20.63
N GLY B 134 -36.63 -7.69 20.72
CA GLY B 134 -37.64 -6.97 19.90
C GLY B 134 -37.22 -6.95 18.43
N LYS B 135 -35.94 -6.86 18.17
CA LYS B 135 -35.46 -6.82 16.76
C LYS B 135 -35.91 -8.09 16.03
N ARG B 136 -35.70 -9.24 16.63
CA ARG B 136 -36.11 -10.51 15.97
C ARG B 136 -37.63 -10.62 15.93
N LEU B 137 -38.29 -10.06 16.90
CA LEU B 137 -39.78 -10.14 16.92
C LEU B 137 -40.32 -9.54 15.62
N LEU B 138 -39.77 -8.44 15.20
CA LEU B 138 -40.24 -7.83 13.93
C LEU B 138 -40.02 -8.80 12.78
N ARG B 139 -38.91 -9.50 12.76
CA ARG B 139 -38.69 -10.47 11.67
C ARG B 139 -39.70 -11.61 11.81
N ASN B 140 -39.96 -12.04 13.02
CA ASN B 140 -40.92 -13.15 13.26
C ASN B 140 -42.33 -12.78 12.78
N ILE B 141 -42.75 -11.56 12.96
CA ILE B 141 -44.13 -11.19 12.49
C ILE B 141 -44.10 -11.16 10.96
N LEU B 142 -43.08 -10.59 10.40
CA LEU B 142 -43.00 -10.52 8.92
C LEU B 142 -42.71 -11.93 8.37
N GLY B 143 -41.98 -12.72 9.10
CA GLY B 143 -41.76 -14.11 8.67
C GLY B 143 -40.51 -14.36 7.89
N LEU B 144 -39.65 -13.40 7.88
CA LEU B 144 -38.44 -13.56 7.16
C LEU B 144 -37.64 -14.65 7.86
N LYS B 145 -36.97 -15.50 7.08
CA LYS B 145 -36.22 -16.59 7.66
C LYS B 145 -35.26 -16.09 8.71
N ILE B 146 -34.95 -16.96 9.65
CA ILE B 146 -34.02 -16.62 10.72
C ILE B 146 -32.74 -17.35 10.41
N ILE B 147 -31.65 -16.61 10.20
CA ILE B 147 -30.40 -17.29 9.81
C ILE B 147 -29.19 -17.03 10.70
N ASP B 148 -29.26 -17.20 12.00
CA ASP B 148 -27.95 -17.15 12.72
C ASP B 148 -27.33 -18.36 12.04
N LEU B 149 -26.06 -18.54 11.75
CA LEU B 149 -25.83 -19.76 10.93
C LEU B 149 -25.78 -21.00 11.81
N SER B 150 -25.93 -20.84 13.10
CA SER B 150 -25.88 -22.04 14.00
C SER B 150 -27.28 -22.69 14.08
N ALA B 151 -28.30 -22.00 13.65
CA ALA B 151 -29.70 -22.56 13.74
C ALA B 151 -29.99 -23.51 12.57
N ILE B 152 -28.99 -24.15 12.02
CA ILE B 152 -29.27 -25.07 10.87
C ILE B 152 -29.58 -26.48 11.40
N GLN B 153 -30.75 -27.00 11.11
CA GLN B 153 -31.13 -28.38 11.58
C GLN B 153 -30.97 -29.39 10.43
N ASP B 154 -30.81 -28.94 9.21
CA ASP B 154 -30.68 -29.89 8.06
C ASP B 154 -29.43 -29.59 7.23
N GLU B 155 -28.88 -30.60 6.61
CA GLU B 155 -27.67 -30.39 5.77
C GLU B 155 -28.03 -29.48 4.60
N VAL B 156 -27.22 -28.49 4.33
CA VAL B 156 -27.51 -27.56 3.21
C VAL B 156 -26.21 -26.99 2.64
N ILE B 157 -26.26 -26.39 1.49
CA ILE B 157 -25.02 -25.76 0.91
C ILE B 157 -25.10 -24.30 1.33
N LEU B 158 -23.97 -23.67 1.58
CA LEU B 158 -23.99 -22.26 2.04
C LEU B 158 -23.72 -21.31 0.86
N VAL B 159 -24.68 -20.46 0.54
CA VAL B 159 -24.50 -19.49 -0.59
C VAL B 159 -24.65 -18.06 -0.04
N ALA B 160 -23.73 -17.19 -0.35
CA ALA B 160 -23.83 -15.79 0.18
C ALA B 160 -23.00 -14.87 -0.72
N ALA B 161 -23.25 -13.60 -0.68
CA ALA B 161 -22.43 -12.68 -1.52
C ALA B 161 -21.00 -12.68 -0.96
N ASP B 162 -20.89 -12.73 0.34
CA ASP B 162 -19.54 -12.76 0.99
C ASP B 162 -19.72 -13.06 2.48
N LEU B 163 -18.79 -13.76 3.08
CA LEU B 163 -18.91 -14.10 4.54
C LEU B 163 -17.83 -13.38 5.34
N THR B 164 -18.17 -12.86 6.49
CA THR B 164 -17.15 -12.15 7.34
C THR B 164 -16.56 -13.14 8.35
N PRO B 165 -15.30 -13.02 8.71
CA PRO B 165 -14.66 -13.95 9.69
C PRO B 165 -15.59 -14.31 10.85
N SER B 166 -16.39 -13.38 11.30
CA SER B 166 -17.30 -13.66 12.45
C SER B 166 -18.25 -14.81 12.10
N GLU B 167 -18.75 -14.84 10.89
CA GLU B 167 -19.70 -15.93 10.53
C GLU B 167 -18.95 -17.27 10.48
N THR B 168 -17.76 -17.28 9.93
CA THR B 168 -17.01 -18.57 9.81
C THR B 168 -16.86 -19.27 11.17
N ALA B 169 -16.79 -18.54 12.25
CA ALA B 169 -16.64 -19.20 13.58
C ALA B 169 -17.95 -19.86 14.00
N GLN B 170 -19.01 -19.11 13.99
CA GLN B 170 -20.34 -19.67 14.41
C GLN B 170 -20.96 -20.37 13.21
N LEU B 171 -20.17 -21.01 12.40
CA LEU B 171 -20.70 -21.73 11.20
C LEU B 171 -20.70 -23.24 11.47
N ASN B 172 -21.72 -23.94 11.06
CA ASN B 172 -21.77 -25.42 11.29
C ASN B 172 -21.04 -26.13 10.14
N LEU B 173 -19.83 -26.57 10.37
CA LEU B 173 -19.05 -27.26 9.29
C LEU B 173 -19.73 -28.57 8.90
N LYS B 174 -20.24 -29.32 9.85
CA LYS B 174 -20.86 -30.64 9.52
C LYS B 174 -22.18 -30.48 8.77
N LYS B 175 -22.90 -29.41 8.98
CA LYS B 175 -24.21 -29.27 8.27
C LYS B 175 -24.04 -28.48 6.98
N VAL B 176 -22.87 -27.94 6.75
CA VAL B 176 -22.61 -27.21 5.47
C VAL B 176 -21.81 -28.13 4.56
N LEU B 177 -22.38 -28.56 3.47
CA LEU B 177 -21.66 -29.51 2.57
C LEU B 177 -20.75 -28.75 1.61
N GLY B 178 -20.62 -27.48 1.77
CA GLY B 178 -19.72 -26.71 0.86
C GLY B 178 -19.94 -25.21 1.07
N PHE B 179 -19.16 -24.40 0.42
CA PHE B 179 -19.31 -22.93 0.57
C PHE B 179 -19.26 -22.29 -0.81
N ILE B 180 -20.22 -21.45 -1.13
CA ILE B 180 -20.22 -20.79 -2.46
C ILE B 180 -20.47 -19.30 -2.27
N THR B 181 -19.61 -18.46 -2.79
CA THR B 181 -19.81 -16.99 -2.62
C THR B 181 -19.24 -16.22 -3.81
N ASP B 182 -19.66 -14.99 -3.96
CA ASP B 182 -19.18 -14.14 -5.09
C ASP B 182 -18.15 -13.12 -4.56
N ALA B 183 -17.48 -13.41 -3.47
CA ALA B 183 -16.50 -12.43 -2.92
C ALA B 183 -15.44 -12.05 -3.96
N GLY B 184 -14.34 -11.48 -3.52
CA GLY B 184 -13.26 -11.05 -4.45
C GLY B 184 -12.47 -12.27 -4.96
N GLY B 185 -11.98 -13.09 -4.07
CA GLY B 185 -11.20 -14.28 -4.54
C GLY B 185 -10.53 -14.99 -3.37
N ARG B 186 -9.36 -15.51 -3.58
CA ARG B 186 -8.64 -16.23 -2.49
C ARG B 186 -8.28 -15.25 -1.37
N THR B 187 -8.15 -14.00 -1.70
CA THR B 187 -7.77 -13.00 -0.66
C THR B 187 -8.90 -12.90 0.36
N SER B 188 -9.92 -13.71 0.21
CA SER B 188 -11.07 -13.67 1.18
C SER B 188 -10.83 -14.69 2.31
N HIS B 189 -11.00 -14.29 3.54
CA HIS B 189 -10.77 -15.20 4.71
C HIS B 189 -11.48 -16.54 4.50
N THR B 190 -12.75 -16.52 4.23
CA THR B 190 -13.50 -17.80 4.05
C THR B 190 -12.86 -18.65 2.94
N SER B 191 -12.34 -18.04 1.91
CA SER B 191 -11.71 -18.84 0.82
C SER B 191 -10.56 -19.69 1.35
N ILE B 192 -9.76 -19.15 2.23
CA ILE B 192 -8.62 -19.93 2.79
C ILE B 192 -9.17 -21.14 3.55
N MET B 193 -10.26 -20.98 4.25
CA MET B 193 -10.83 -22.13 5.02
C MET B 193 -11.18 -23.29 4.09
N ALA B 194 -11.73 -23.02 2.94
CA ALA B 194 -12.08 -24.14 2.01
C ALA B 194 -10.81 -24.91 1.70
N ARG B 195 -9.73 -24.22 1.46
CA ARG B 195 -8.45 -24.92 1.15
C ARG B 195 -8.06 -25.81 2.33
N SER B 196 -7.89 -25.24 3.49
CA SER B 196 -7.48 -26.02 4.69
C SER B 196 -8.55 -27.06 5.07
N LEU B 197 -9.80 -26.72 4.97
CA LEU B 197 -10.86 -27.72 5.35
C LEU B 197 -10.90 -28.83 4.31
N GLU B 198 -10.44 -28.55 3.11
CA GLU B 198 -10.48 -29.55 2.01
C GLU B 198 -11.91 -29.91 1.64
N LEU B 199 -12.73 -28.91 1.44
CA LEU B 199 -14.16 -29.15 1.04
C LEU B 199 -14.44 -28.35 -0.25
N PRO B 200 -15.23 -28.87 -1.16
CA PRO B 200 -15.53 -28.15 -2.45
C PRO B 200 -16.17 -26.77 -2.21
N ALA B 201 -15.75 -25.76 -2.93
CA ALA B 201 -16.36 -24.40 -2.73
C ALA B 201 -15.90 -23.41 -3.80
N ILE B 202 -16.74 -22.44 -4.10
CA ILE B 202 -16.41 -21.38 -5.11
C ILE B 202 -16.51 -20.02 -4.41
N VAL B 203 -15.71 -19.04 -4.81
CA VAL B 203 -15.77 -17.70 -4.14
C VAL B 203 -15.91 -16.59 -5.21
N GLY B 204 -15.75 -16.93 -6.47
CA GLY B 204 -15.84 -15.90 -7.55
C GLY B 204 -17.08 -16.14 -8.42
N THR B 205 -18.09 -16.79 -7.91
CA THR B 205 -19.31 -17.05 -8.71
C THR B 205 -19.71 -15.78 -9.48
N GLY B 206 -19.68 -14.65 -8.83
CA GLY B 206 -20.04 -13.37 -9.51
C GLY B 206 -21.52 -13.03 -9.28
N SER B 207 -22.43 -13.94 -9.52
CA SER B 207 -23.88 -13.61 -9.32
C SER B 207 -24.72 -14.88 -9.20
N VAL B 208 -24.25 -15.87 -8.50
CA VAL B 208 -25.05 -17.10 -8.34
C VAL B 208 -26.16 -16.87 -7.30
N THR B 209 -25.85 -16.19 -6.22
CA THR B 209 -26.87 -15.95 -5.16
C THR B 209 -28.10 -15.25 -5.74
N SER B 210 -27.94 -14.44 -6.75
CA SER B 210 -29.10 -13.73 -7.33
C SER B 210 -29.89 -14.70 -8.22
N GLN B 211 -29.32 -15.83 -8.52
CA GLN B 211 -30.00 -16.83 -9.38
C GLN B 211 -30.55 -17.96 -8.50
N VAL B 212 -30.13 -18.03 -7.26
CA VAL B 212 -30.58 -19.14 -6.35
C VAL B 212 -31.53 -18.62 -5.27
N LYS B 213 -32.54 -19.40 -4.95
CA LYS B 213 -33.49 -19.04 -3.87
C LYS B 213 -33.23 -20.04 -2.75
N ASN B 214 -33.55 -19.74 -1.53
CA ASN B 214 -33.29 -20.74 -0.46
C ASN B 214 -34.09 -22.00 -0.77
N ASP B 215 -33.62 -23.14 -0.32
CA ASP B 215 -34.32 -24.44 -0.54
C ASP B 215 -34.15 -24.93 -1.99
N ASP B 216 -33.31 -24.29 -2.75
CA ASP B 216 -33.11 -24.75 -4.15
C ASP B 216 -32.16 -25.97 -4.12
N TYR B 217 -32.37 -26.92 -4.97
CA TYR B 217 -31.47 -28.12 -5.00
C TYR B 217 -30.36 -27.84 -6.00
N LEU B 218 -29.12 -27.87 -5.59
CA LEU B 218 -27.99 -27.57 -6.53
C LEU B 218 -26.93 -28.67 -6.45
N ILE B 219 -26.26 -28.93 -7.55
CA ILE B 219 -25.17 -29.95 -7.53
C ILE B 219 -23.89 -29.19 -7.89
N LEU B 220 -22.88 -29.29 -7.08
CA LEU B 220 -21.60 -28.55 -7.34
C LEU B 220 -20.59 -29.48 -8.00
N ASP B 221 -20.19 -29.17 -9.21
CA ASP B 221 -19.19 -30.04 -9.90
C ASP B 221 -17.82 -29.77 -9.29
N ALA B 222 -17.48 -28.54 -9.10
CA ALA B 222 -16.14 -28.20 -8.53
C ALA B 222 -15.07 -28.98 -9.31
N VAL B 223 -15.43 -29.50 -10.45
CA VAL B 223 -14.47 -30.25 -11.32
C VAL B 223 -14.59 -29.66 -12.73
N ASN B 224 -15.80 -29.51 -13.20
CA ASN B 224 -16.01 -28.88 -14.54
C ASN B 224 -16.33 -27.41 -14.28
N ASN B 225 -16.32 -27.03 -13.03
CA ASN B 225 -16.61 -25.63 -12.64
C ASN B 225 -18.01 -25.24 -13.13
N GLN B 226 -18.98 -26.09 -12.88
CA GLN B 226 -20.39 -25.79 -13.32
C GLN B 226 -21.37 -26.10 -12.19
N VAL B 227 -22.51 -25.46 -12.19
CA VAL B 227 -23.55 -25.72 -11.14
C VAL B 227 -24.85 -26.12 -11.84
N TYR B 228 -25.45 -27.21 -11.42
CA TYR B 228 -26.73 -27.65 -12.05
C TYR B 228 -27.91 -27.28 -11.14
N VAL B 229 -28.85 -26.52 -11.66
CA VAL B 229 -30.02 -26.08 -10.83
C VAL B 229 -31.26 -26.94 -11.17
N ASN B 230 -31.73 -27.72 -10.23
CA ASN B 230 -32.93 -28.57 -10.49
C ASN B 230 -32.74 -29.43 -11.73
N PRO B 231 -31.58 -30.00 -11.91
CA PRO B 231 -31.27 -30.83 -13.12
C PRO B 231 -31.99 -32.17 -13.20
N THR B 232 -31.78 -32.83 -14.31
CA THR B 232 -32.36 -34.17 -14.52
C THR B 232 -31.51 -35.15 -13.72
N ASN B 233 -31.98 -36.34 -13.49
CA ASN B 233 -31.16 -37.30 -12.70
C ASN B 233 -29.90 -37.66 -13.50
N GLU B 234 -29.93 -37.47 -14.78
CA GLU B 234 -28.75 -37.78 -15.64
C GLU B 234 -27.54 -36.95 -15.17
N VAL B 235 -27.73 -35.66 -15.03
CA VAL B 235 -26.61 -34.77 -14.58
C VAL B 235 -26.16 -35.19 -13.18
N ILE B 236 -27.08 -35.40 -12.29
CA ILE B 236 -26.70 -35.83 -10.96
C ILE B 236 -25.79 -37.05 -11.00
N ASP B 237 -26.18 -38.05 -11.80
CA ASP B 237 -25.45 -39.29 -11.93
C ASP B 237 -24.06 -39.06 -12.48
N LYS B 238 -23.95 -38.28 -13.55
CA LYS B 238 -22.65 -37.89 -14.06
C LYS B 238 -21.87 -37.28 -12.95
N MET B 239 -22.50 -36.40 -12.17
CA MET B 239 -21.85 -35.69 -11.07
C MET B 239 -21.54 -36.62 -9.90
N ARG B 240 -22.29 -37.71 -9.81
CA ARG B 240 -21.96 -38.69 -8.82
C ARG B 240 -20.74 -39.51 -9.28
N ALA B 241 -20.61 -39.71 -10.58
CA ALA B 241 -19.41 -40.39 -11.05
C ALA B 241 -18.19 -39.47 -10.83
N VAL B 242 -18.41 -38.18 -10.95
CA VAL B 242 -17.32 -37.27 -10.75
C VAL B 242 -16.94 -37.28 -9.27
N GLN B 243 -17.95 -37.32 -8.43
CA GLN B 243 -17.70 -37.35 -6.99
C GLN B 243 -16.86 -38.56 -6.55
N GLU B 244 -17.13 -39.67 -7.20
CA GLU B 244 -16.51 -40.95 -6.94
C GLU B 244 -15.08 -40.98 -7.45
N GLN B 245 -14.86 -40.29 -8.56
CA GLN B 245 -13.57 -40.25 -9.20
C GLN B 245 -12.64 -39.45 -8.31
N VAL B 246 -13.21 -38.45 -7.66
CA VAL B 246 -12.47 -37.66 -6.71
C VAL B 246 -11.99 -38.55 -5.59
N ALA B 247 -12.88 -39.40 -5.06
CA ALA B 247 -12.50 -40.35 -4.01
C ALA B 247 -11.40 -41.33 -4.41
N SER B 248 -11.46 -41.85 -5.63
CA SER B 248 -10.39 -42.73 -6.12
C SER B 248 -9.00 -42.10 -6.05
N GLU B 249 -8.93 -40.83 -6.44
CA GLU B 249 -7.70 -40.08 -6.37
C GLU B 249 -7.19 -39.98 -4.94
N LYS B 250 -8.07 -39.59 -4.02
CA LYS B 250 -7.70 -39.53 -2.64
C LYS B 250 -7.03 -40.83 -2.27
N ALA B 251 -7.65 -41.94 -2.69
CA ALA B 251 -7.13 -43.25 -2.35
C ALA B 251 -5.74 -43.47 -2.94
N GLU B 252 -5.57 -43.28 -4.24
CA GLU B 252 -4.24 -43.41 -4.84
C GLU B 252 -3.21 -42.49 -4.20
N LEU B 253 -3.60 -41.24 -3.85
CA LEU B 253 -2.72 -40.20 -3.30
C LEU B 253 -2.40 -40.45 -1.84
N ALA B 254 -3.29 -41.16 -1.15
CA ALA B 254 -3.06 -41.52 0.26
C ALA B 254 -1.93 -42.47 0.41
N LYS B 255 -1.48 -43.06 -0.70
CA LYS B 255 -0.32 -44.01 -0.61
C LYS B 255 0.99 -43.33 -0.08
N LEU B 256 1.69 -43.99 0.90
CA LEU B 256 2.95 -43.46 1.49
C LEU B 256 4.09 -44.52 1.58
N LYS B 257 5.32 -44.14 1.16
CA LYS B 257 6.49 -45.07 1.21
C LYS B 257 7.69 -44.48 2.00
N ASP B 258 8.33 -45.35 2.82
CA ASP B 258 9.51 -44.98 3.62
C ASP B 258 10.67 -44.48 2.73
N LEU B 259 11.73 -43.94 3.37
CA LEU B 259 12.85 -43.35 2.60
C LEU B 259 12.29 -42.36 1.59
N PRO B 260 11.56 -41.40 2.08
CA PRO B 260 10.88 -40.35 1.25
C PRO B 260 11.82 -39.32 0.63
N ALA B 261 11.34 -38.73 -0.46
CA ALA B 261 12.03 -37.66 -1.16
C ALA B 261 13.38 -38.04 -1.78
N ILE B 262 13.47 -39.22 -2.41
CA ILE B 262 14.71 -39.58 -3.13
C ILE B 262 14.40 -39.81 -4.60
N THR B 263 15.11 -39.09 -5.46
CA THR B 263 15.07 -39.34 -6.87
C THR B 263 15.50 -40.79 -7.18
N LEU B 264 15.06 -41.27 -8.34
CA LEU B 264 15.50 -42.55 -8.90
C LEU B 264 16.99 -42.80 -8.72
N ASP B 265 17.80 -41.80 -9.00
CA ASP B 265 19.25 -41.92 -8.93
C ASP B 265 19.86 -41.54 -7.58
N GLY B 266 19.08 -41.55 -6.51
CA GLY B 266 19.66 -41.44 -5.15
C GLY B 266 19.83 -40.09 -4.46
N HIS B 267 19.21 -39.05 -4.99
CA HIS B 267 19.39 -37.70 -4.44
C HIS B 267 18.24 -37.46 -3.50
N GLN B 268 18.57 -37.14 -2.25
CA GLN B 268 17.56 -36.89 -1.24
C GLN B 268 17.37 -35.42 -0.89
N VAL B 269 16.11 -35.04 -0.67
CA VAL B 269 15.80 -33.70 -0.14
C VAL B 269 14.82 -33.83 1.03
N GLU B 270 14.73 -32.83 1.88
CA GLU B 270 13.70 -32.86 2.86
C GLU B 270 12.43 -32.26 2.24
N VAL B 271 11.30 -32.68 2.78
CA VAL B 271 10.03 -32.23 2.29
C VAL B 271 9.17 -32.12 3.54
N CYS B 272 8.74 -30.90 3.85
CA CYS B 272 8.16 -30.64 5.15
C CYS B 272 6.96 -29.80 4.99
N ALA B 273 6.24 -29.64 6.10
CA ALA B 273 5.05 -28.83 6.09
C ALA B 273 5.36 -27.44 6.62
N ASN B 274 4.74 -26.44 6.00
CA ASN B 274 4.63 -25.15 6.61
C ASN B 274 3.46 -25.27 7.52
N ILE B 275 3.54 -24.75 8.74
CA ILE B 275 2.36 -24.77 9.65
C ILE B 275 2.09 -23.41 10.28
N GLY B 276 0.90 -23.33 10.89
CA GLY B 276 0.47 -22.15 11.58
C GLY B 276 0.19 -22.36 13.05
N THR B 277 0.01 -23.61 13.48
CA THR B 277 -0.70 -23.96 14.72
C THR B 277 -0.50 -25.44 14.95
N VAL B 278 -0.20 -25.91 16.18
CA VAL B 278 -0.22 -27.38 16.47
C VAL B 278 -1.22 -28.16 15.63
N ARG B 279 -2.40 -27.56 15.42
CA ARG B 279 -3.46 -28.22 14.69
C ARG B 279 -3.06 -28.60 13.26
N ASP B 280 -1.99 -28.01 12.76
CA ASP B 280 -1.56 -28.25 11.41
C ASP B 280 -0.62 -29.46 11.38
N VAL B 281 -0.14 -29.86 12.56
CA VAL B 281 0.78 -30.97 12.67
C VAL B 281 0.07 -32.25 12.21
N GLU B 282 -1.22 -32.26 12.44
CA GLU B 282 -2.01 -33.39 12.09
C GLU B 282 -1.94 -33.59 10.57
N GLY B 283 -2.38 -32.59 9.80
CA GLY B 283 -2.21 -32.60 8.33
C GLY B 283 -0.80 -32.93 7.88
N ALA B 284 0.20 -32.46 8.60
CA ALA B 284 1.58 -32.71 8.21
C ALA B 284 1.94 -34.19 8.32
N GLU B 285 1.49 -34.81 9.42
CA GLU B 285 1.80 -36.20 9.66
C GLU B 285 0.99 -37.00 8.66
N ARG B 286 -0.23 -36.53 8.42
CA ARG B 286 -1.15 -37.19 7.50
C ARG B 286 -0.57 -37.30 6.08
N ASN B 287 0.17 -36.28 5.67
CA ASN B 287 0.65 -36.12 4.33
C ASN B 287 2.11 -36.44 4.17
N GLY B 288 2.69 -37.00 5.22
CA GLY B 288 4.00 -37.62 5.08
C GLY B 288 5.16 -36.67 5.23
N ALA B 289 4.90 -35.52 5.84
CA ALA B 289 5.90 -34.50 6.13
C ALA B 289 7.03 -35.10 6.92
N GLU B 290 8.27 -34.75 6.61
CA GLU B 290 9.42 -35.25 7.38
C GLU B 290 9.84 -34.28 8.49
N GLY B 291 9.11 -33.19 8.66
CA GLY B 291 9.37 -32.20 9.71
C GLY B 291 8.63 -30.95 9.30
N VAL B 292 8.83 -29.86 10.03
CA VAL B 292 8.19 -28.60 9.73
C VAL B 292 9.24 -27.61 9.25
N GLY B 293 8.99 -27.02 8.09
CA GLY B 293 9.99 -26.20 7.43
C GLY B 293 9.73 -24.74 7.73
N LEU B 294 8.55 -24.43 8.23
CA LEU B 294 8.24 -23.05 8.55
C LEU B 294 7.04 -23.02 9.45
N TYR B 295 7.23 -22.46 10.64
CA TYR B 295 6.21 -22.34 11.62
C TYR B 295 6.02 -20.86 11.65
N ARG B 296 5.03 -20.42 10.88
CA ARG B 296 4.62 -19.02 10.80
C ARG B 296 4.04 -18.66 12.15
N THR B 297 4.83 -18.05 13.01
CA THR B 297 4.34 -17.78 14.36
C THR B 297 3.25 -16.70 14.41
N GLU B 298 3.15 -15.84 13.38
CA GLU B 298 2.07 -14.85 13.29
C GLU B 298 0.75 -15.52 13.51
N PHE B 299 0.61 -16.69 12.91
CA PHE B 299 -0.66 -17.37 12.82
C PHE B 299 -1.10 -17.74 14.22
N LEU B 300 -0.13 -18.08 15.06
CA LEU B 300 -0.44 -18.33 16.43
C LEU B 300 -0.92 -17.04 17.08
N PHE B 301 -0.42 -15.91 16.63
CA PHE B 301 -0.77 -14.62 17.20
C PHE B 301 -2.16 -14.21 16.75
N MET B 302 -2.58 -14.71 15.60
CA MET B 302 -3.94 -14.41 15.12
C MET B 302 -4.89 -15.51 15.56
N ASP B 303 -4.38 -16.42 16.36
CA ASP B 303 -5.20 -17.46 16.94
C ASP B 303 -5.75 -17.03 18.31
N ARG B 304 -5.48 -15.77 18.68
CA ARG B 304 -5.74 -15.18 20.02
C ARG B 304 -6.25 -13.74 19.90
N ASP B 305 -6.92 -13.18 20.95
CA ASP B 305 -7.28 -11.75 20.89
C ASP B 305 -6.41 -10.84 21.76
N ALA B 306 -5.21 -11.31 22.07
CA ALA B 306 -4.21 -10.52 22.80
C ALA B 306 -2.86 -10.98 22.35
N LEU B 307 -1.85 -10.13 22.55
CA LEU B 307 -0.46 -10.51 22.24
C LEU B 307 -0.01 -11.61 23.20
N PRO B 308 0.47 -12.75 22.66
CA PRO B 308 0.85 -13.85 23.56
C PRO B 308 2.17 -13.61 24.26
N THR B 309 2.17 -13.74 25.57
CA THR B 309 3.31 -13.42 26.39
C THR B 309 4.41 -14.42 26.18
N GLU B 310 5.53 -14.20 26.84
CA GLU B 310 6.56 -15.19 26.76
C GLU B 310 5.99 -16.57 27.09
N GLU B 311 5.26 -16.63 28.19
CA GLU B 311 4.77 -17.91 28.72
C GLU B 311 3.77 -18.58 27.74
N GLU B 312 2.87 -17.78 27.16
CA GLU B 312 1.88 -18.36 26.26
C GLU B 312 2.58 -18.87 25.02
N GLN B 313 3.62 -18.16 24.61
CA GLN B 313 4.33 -18.52 23.40
C GLN B 313 5.10 -19.80 23.65
N PHE B 314 5.79 -19.81 24.78
CA PHE B 314 6.54 -20.95 25.17
C PHE B 314 5.66 -22.19 25.11
N ALA B 315 4.43 -22.09 25.65
CA ALA B 315 3.56 -23.24 25.79
C ALA B 315 3.17 -23.73 24.42
N ALA B 316 2.83 -22.77 23.58
CA ALA B 316 2.40 -22.99 22.23
C ALA B 316 3.52 -23.66 21.46
N TYR B 317 4.74 -23.14 21.61
CA TYR B 317 5.92 -23.71 20.95
C TYR B 317 6.22 -25.10 21.44
N LYS B 318 6.10 -25.29 22.76
CA LYS B 318 6.37 -26.57 23.45
C LYS B 318 5.42 -27.58 22.87
N ALA B 319 4.13 -27.24 22.84
CA ALA B 319 3.16 -28.16 22.28
C ALA B 319 3.59 -28.59 20.88
N VAL B 320 3.97 -27.63 20.03
CA VAL B 320 4.27 -27.94 18.65
C VAL B 320 5.46 -28.89 18.67
N ALA B 321 6.51 -28.49 19.38
CA ALA B 321 7.74 -29.26 19.44
C ALA B 321 7.45 -30.69 19.82
N GLU B 322 6.43 -30.85 20.63
CA GLU B 322 6.10 -32.15 21.14
C GLU B 322 5.14 -32.86 20.21
N ALA B 323 4.22 -32.14 19.61
CA ALA B 323 3.34 -32.75 18.63
C ALA B 323 4.11 -33.15 17.41
N CYS B 324 5.36 -32.71 17.32
CA CYS B 324 6.17 -33.13 16.21
C CYS B 324 7.09 -34.28 16.50
N GLY B 325 7.09 -34.77 17.73
CA GLY B 325 7.87 -35.94 18.08
C GLY B 325 9.34 -35.73 17.83
N SER B 326 9.92 -36.60 17.03
CA SER B 326 11.34 -36.57 16.78
C SER B 326 11.67 -35.44 15.84
N GLN B 327 10.65 -34.95 15.12
CA GLN B 327 10.88 -34.04 13.99
C GLN B 327 11.26 -32.60 14.36
N ALA B 328 12.01 -31.99 13.47
CA ALA B 328 12.53 -30.63 13.63
C ALA B 328 11.49 -29.61 13.19
N VAL B 329 11.28 -28.56 13.97
CA VAL B 329 10.42 -27.47 13.54
C VAL B 329 11.25 -26.20 13.30
N ILE B 330 11.05 -25.55 12.17
CA ILE B 330 11.72 -24.28 11.92
C ILE B 330 10.74 -23.18 12.31
N VAL B 331 10.96 -22.63 13.50
CA VAL B 331 10.09 -21.66 14.09
C VAL B 331 10.54 -20.32 13.55
N ARG B 332 9.69 -19.66 12.77
CA ARG B 332 10.07 -18.34 12.27
C ARG B 332 9.56 -17.34 13.26
N THR B 333 10.41 -16.40 13.60
CA THR B 333 9.95 -15.29 14.43
C THR B 333 8.95 -14.52 13.59
N MET B 334 8.20 -13.71 14.30
CA MET B 334 6.91 -13.20 13.87
C MET B 334 6.97 -12.27 12.67
N ASP B 335 6.01 -12.45 11.75
CA ASP B 335 5.95 -11.66 10.56
C ASP B 335 4.57 -11.05 10.40
N ILE B 336 4.38 -9.94 11.09
CA ILE B 336 3.21 -9.15 10.97
C ILE B 336 3.50 -7.95 10.08
N GLY B 337 2.52 -7.53 9.27
CA GLY B 337 2.58 -6.21 8.69
C GLY B 337 2.58 -6.00 7.18
N GLY B 338 2.28 -7.04 6.42
CA GLY B 338 2.06 -6.77 5.02
C GLY B 338 0.58 -6.96 4.92
N ASP B 339 0.16 -7.99 4.22
CA ASP B 339 -1.24 -8.35 4.29
C ASP B 339 -1.57 -9.07 5.59
N LYS B 340 -0.63 -9.24 6.51
CA LYS B 340 -1.00 -9.83 7.80
C LYS B 340 -0.86 -8.92 9.03
N GLU B 341 -1.90 -8.14 9.21
CA GLU B 341 -1.97 -7.37 10.38
C GLU B 341 -2.57 -8.23 11.47
N LEU B 342 -2.22 -7.96 12.72
CA LEU B 342 -3.10 -8.34 13.80
C LEU B 342 -3.77 -7.12 14.41
N PRO B 343 -5.07 -6.99 14.13
CA PRO B 343 -5.95 -5.91 14.55
C PRO B 343 -5.71 -5.54 16.01
N TYR B 344 -5.59 -6.52 16.90
CA TYR B 344 -5.34 -6.17 18.31
C TYR B 344 -4.11 -5.30 18.59
N MET B 345 -3.24 -5.16 17.59
CA MET B 345 -2.04 -4.33 17.79
C MET B 345 -2.32 -2.89 17.49
N ASN B 346 -3.40 -2.65 16.76
CA ASN B 346 -3.79 -1.28 16.39
C ASN B 346 -2.67 -0.47 15.76
N PHE B 347 -1.75 -1.14 15.08
CA PHE B 347 -0.70 -0.41 14.40
C PHE B 347 -1.33 0.59 13.47
N PRO B 348 -0.61 1.68 13.17
CA PRO B 348 -1.14 2.65 12.21
C PRO B 348 -1.08 2.15 10.77
N LYS B 349 -1.91 2.74 9.91
CA LYS B 349 -1.93 2.38 8.50
C LYS B 349 -0.68 2.83 7.80
N GLU B 350 -0.36 2.11 6.72
CA GLU B 350 0.76 2.42 5.84
C GLU B 350 0.34 2.48 4.38
N GLU B 351 1.02 3.32 3.64
CA GLU B 351 0.74 3.47 2.25
C GLU B 351 1.06 2.18 1.47
N ASN B 352 2.11 1.47 1.87
CA ASN B 352 2.43 0.17 1.24
C ASN B 352 2.81 -0.82 2.32
N PRO B 353 1.81 -1.50 2.89
CA PRO B 353 2.17 -2.36 3.99
C PRO B 353 3.28 -3.31 3.59
N PHE B 354 3.24 -3.83 2.38
CA PHE B 354 4.22 -4.83 1.98
C PHE B 354 5.64 -4.33 1.81
N LEU B 355 5.78 -3.02 1.69
CA LEU B 355 7.07 -2.35 1.77
C LEU B 355 7.20 -1.53 3.05
N GLY B 356 6.53 -1.97 4.10
CA GLY B 356 6.46 -1.15 5.31
C GLY B 356 7.11 -1.79 6.51
N TRP B 357 6.49 -1.54 7.65
CA TRP B 357 7.04 -1.80 8.95
C TRP B 357 6.61 -3.19 9.36
N ARG B 358 7.33 -4.13 8.80
CA ARG B 358 6.91 -5.52 8.75
C ARG B 358 7.90 -6.44 9.50
N ALA B 359 7.33 -7.41 10.25
CA ALA B 359 8.10 -8.54 10.77
C ALA B 359 9.16 -8.04 11.68
N ILE B 360 10.39 -8.24 11.25
CA ILE B 360 11.58 -7.95 12.07
C ILE B 360 11.79 -6.45 12.35
N ARG B 361 11.17 -5.66 11.51
CA ARG B 361 11.28 -4.26 11.63
C ARG B 361 10.53 -3.79 12.85
N ILE B 362 9.53 -4.58 13.24
CA ILE B 362 8.73 -4.30 14.45
C ILE B 362 9.46 -4.84 15.69
N ALA B 363 9.86 -6.10 15.62
CA ALA B 363 10.43 -6.70 16.78
C ALA B 363 11.71 -5.94 17.18
N MET B 364 12.37 -5.33 16.20
CA MET B 364 13.53 -4.48 16.50
C MET B 364 13.17 -3.08 16.96
N ASP B 365 11.95 -2.65 16.71
CA ASP B 365 11.58 -1.35 17.24
C ASP B 365 10.83 -1.51 18.53
N ARG B 366 10.58 -2.74 18.92
CA ARG B 366 9.90 -2.98 20.16
C ARG B 366 10.44 -4.24 20.72
N ARG B 367 11.58 -4.15 21.39
CA ARG B 367 12.29 -5.31 21.88
C ARG B 367 11.46 -6.27 22.73
N GLU B 368 10.58 -5.76 23.59
CA GLU B 368 9.75 -6.67 24.38
C GLU B 368 9.18 -7.82 23.47
N ILE B 369 8.91 -7.53 22.20
CA ILE B 369 8.25 -8.49 21.28
C ILE B 369 9.27 -9.54 20.82
N LEU B 370 10.36 -9.05 20.25
CA LEU B 370 11.45 -9.86 19.91
C LEU B 370 11.93 -10.69 21.13
N ARG B 371 12.05 -10.06 22.30
CA ARG B 371 12.61 -10.73 23.46
C ARG B 371 11.73 -11.87 24.01
N ASP B 372 10.45 -11.56 24.25
CA ASP B 372 9.50 -12.52 24.73
C ASP B 372 9.59 -13.67 23.80
N GLN B 373 9.50 -13.39 22.51
CA GLN B 373 9.42 -14.48 21.54
C GLN B 373 10.68 -15.32 21.52
N LEU B 374 11.83 -14.71 21.32
CA LEU B 374 13.05 -15.50 21.25
C LEU B 374 13.30 -16.27 22.53
N ARG B 375 13.15 -15.60 23.67
CA ARG B 375 13.06 -16.26 24.96
C ARG B 375 12.18 -17.54 24.92
N ALA B 376 10.90 -17.37 24.56
CA ALA B 376 9.99 -18.49 24.43
C ALA B 376 10.50 -19.58 23.50
N ILE B 377 11.01 -19.24 22.32
CA ILE B 377 11.49 -20.27 21.40
C ILE B 377 12.61 -21.03 22.08
N LEU B 378 13.63 -20.31 22.53
CA LEU B 378 14.76 -20.97 23.15
C LEU B 378 14.27 -21.93 24.22
N ARG B 379 13.41 -21.44 25.09
CA ARG B 379 13.02 -22.25 26.20
C ARG B 379 12.30 -23.47 25.68
N ALA B 380 11.47 -23.30 24.63
CA ALA B 380 10.75 -24.44 24.05
C ALA B 380 11.71 -25.46 23.43
N SER B 381 12.91 -25.03 23.03
CA SER B 381 13.87 -25.92 22.42
C SER B 381 14.41 -26.92 23.41
N ALA B 382 14.06 -26.76 24.68
CA ALA B 382 14.46 -27.75 25.66
C ALA B 382 13.58 -28.96 25.53
N PHE B 383 12.64 -28.93 24.58
CA PHE B 383 11.59 -29.95 24.53
C PHE B 383 11.40 -30.64 23.21
N GLY B 384 12.24 -30.30 22.22
CA GLY B 384 12.14 -30.92 20.92
C GLY B 384 13.03 -30.17 20.01
N LYS B 385 13.42 -30.76 18.87
CA LYS B 385 14.32 -30.06 17.94
C LYS B 385 13.64 -28.84 17.31
N LEU B 386 14.08 -27.66 17.68
CA LEU B 386 13.60 -26.43 17.07
C LEU B 386 14.75 -25.71 16.41
N ARG B 387 14.45 -25.01 15.32
CA ARG B 387 15.35 -24.02 14.75
C ARG B 387 14.68 -22.65 14.82
N ILE B 388 15.49 -21.58 14.82
CA ILE B 388 15.00 -20.20 14.77
C ILE B 388 15.30 -19.64 13.40
N MET B 389 14.32 -18.95 12.83
CA MET B 389 14.55 -18.35 11.55
C MET B 389 13.89 -17.02 11.60
N PHE B 390 14.47 -16.06 10.91
CA PHE B 390 14.01 -14.67 10.85
C PHE B 390 13.45 -14.30 9.50
N PRO B 391 12.31 -13.61 9.49
CA PRO B 391 11.64 -13.10 8.29
C PRO B 391 12.14 -11.74 7.84
N MET B 392 11.94 -11.38 6.56
CA MET B 392 12.20 -10.02 6.06
C MET B 392 13.59 -9.46 6.24
N ILE B 393 14.57 -10.33 6.36
CA ILE B 393 15.96 -9.93 6.42
C ILE B 393 16.43 -9.24 5.14
N ILE B 394 17.16 -8.14 5.33
CA ILE B 394 17.55 -7.29 4.23
C ILE B 394 19.03 -6.96 4.17
N SER B 395 19.72 -7.16 5.30
CA SER B 395 21.10 -6.75 5.42
C SER B 395 21.88 -7.67 6.35
N VAL B 396 23.20 -7.69 6.24
CA VAL B 396 23.99 -8.35 7.24
C VAL B 396 23.84 -7.61 8.56
N GLU B 397 23.74 -6.28 8.51
CA GLU B 397 23.48 -5.52 9.74
C GLU B 397 22.37 -6.15 10.61
N GLU B 398 21.19 -6.33 9.99
CA GLU B 398 20.04 -6.91 10.71
C GLU B 398 20.38 -8.24 11.39
N VAL B 399 20.94 -9.17 10.64
CA VAL B 399 21.29 -10.49 11.23
C VAL B 399 22.23 -10.42 12.45
N ARG B 400 23.29 -9.63 12.35
CA ARG B 400 24.18 -9.51 13.47
C ARG B 400 23.47 -8.90 14.67
N ALA B 401 22.54 -7.98 14.45
CA ALA B 401 21.93 -7.31 15.58
C ALA B 401 21.02 -8.29 16.31
N LEU B 402 20.46 -9.23 15.56
CA LEU B 402 19.51 -10.19 16.08
C LEU B 402 20.20 -11.39 16.76
N ARG B 403 21.32 -11.84 16.20
CA ARG B 403 22.16 -12.87 16.83
C ARG B 403 22.69 -12.40 18.16
N LYS B 404 23.10 -11.14 18.18
CA LYS B 404 23.55 -10.50 19.38
C LYS B 404 22.43 -10.52 20.39
N GLU B 405 21.24 -10.17 19.91
CA GLU B 405 20.06 -10.31 20.72
C GLU B 405 19.89 -11.75 21.24
N ILE B 406 19.87 -12.74 20.36
CA ILE B 406 19.79 -14.12 20.82
C ILE B 406 20.79 -14.36 21.97
N GLU B 407 22.07 -14.08 21.73
CA GLU B 407 23.08 -14.30 22.72
C GLU B 407 22.77 -13.68 24.08
N ILE B 408 22.14 -12.51 24.09
CA ILE B 408 21.74 -11.88 25.34
C ILE B 408 20.61 -12.67 26.01
N TYR B 409 19.58 -12.98 25.25
CA TYR B 409 18.50 -13.78 25.73
C TYR B 409 18.97 -15.15 26.15
N LYS B 410 20.01 -15.69 25.53
CA LYS B 410 20.50 -17.01 25.90
C LYS B 410 21.06 -16.94 27.30
N GLN B 411 21.83 -15.91 27.60
CA GLN B 411 22.47 -15.78 28.90
C GLN B 411 21.46 -15.63 29.99
N GLU B 412 20.49 -14.75 29.76
CA GLU B 412 19.45 -14.55 30.73
C GLU B 412 18.84 -15.90 31.09
N LEU B 413 18.43 -16.68 30.10
CA LEU B 413 17.94 -18.02 30.40
C LEU B 413 18.91 -18.84 31.26
N ARG B 414 20.17 -18.98 30.81
CA ARG B 414 21.25 -19.57 31.64
C ARG B 414 21.24 -19.08 33.09
N ASP B 415 21.02 -17.79 33.29
CA ASP B 415 21.04 -17.18 34.60
C ASP B 415 19.80 -17.42 35.43
N GLU B 416 18.71 -17.75 34.76
CA GLU B 416 17.45 -18.00 35.45
C GLU B 416 17.22 -19.50 35.65
N GLY B 417 18.22 -20.33 35.31
CA GLY B 417 18.17 -21.79 35.50
C GLY B 417 17.10 -22.43 34.61
N LYS B 418 17.14 -21.99 33.35
CA LYS B 418 16.19 -22.37 32.31
C LYS B 418 16.92 -22.98 31.08
N ALA B 419 16.73 -24.29 30.90
CA ALA B 419 17.32 -25.05 29.81
C ALA B 419 16.87 -24.49 28.47
N PHE B 420 17.79 -24.56 27.51
CA PHE B 420 17.51 -24.36 26.13
C PHE B 420 18.58 -25.15 25.40
N ASP B 421 18.24 -25.57 24.18
CA ASP B 421 19.11 -26.39 23.37
C ASP B 421 20.26 -25.47 23.03
N GLU B 422 21.45 -25.75 23.55
CA GLU B 422 22.63 -24.93 23.22
C GLU B 422 23.05 -25.11 21.77
N SER B 423 22.55 -26.14 21.09
CA SER B 423 22.87 -26.46 19.71
C SER B 423 22.02 -25.71 18.72
N ILE B 424 21.17 -24.81 19.21
CA ILE B 424 20.02 -24.38 18.42
C ILE B 424 20.50 -23.62 17.22
N GLU B 425 19.97 -24.02 16.06
CA GLU B 425 20.44 -23.43 14.84
C GLU B 425 19.57 -22.27 14.45
N ILE B 426 20.24 -21.30 13.84
CA ILE B 426 19.67 -20.05 13.49
C ILE B 426 19.84 -19.82 11.99
N GLY B 427 18.78 -19.40 11.32
CA GLY B 427 18.86 -19.12 9.89
C GLY B 427 18.02 -17.91 9.51
N VAL B 428 17.85 -17.67 8.23
CA VAL B 428 17.14 -16.49 7.83
C VAL B 428 16.30 -16.80 6.64
N MET B 429 15.18 -16.10 6.53
CA MET B 429 14.35 -16.17 5.35
C MET B 429 15.16 -15.43 4.32
N VAL B 430 15.34 -15.98 3.13
CA VAL B 430 15.81 -15.15 2.03
C VAL B 430 14.57 -14.87 1.18
N GLU B 431 13.93 -13.72 1.36
CA GLU B 431 12.69 -13.47 0.67
C GLU B 431 12.64 -12.04 0.20
N THR B 432 13.77 -11.41 0.33
CA THR B 432 14.05 -10.09 -0.14
C THR B 432 15.17 -10.23 -1.24
N PRO B 433 15.11 -9.39 -2.31
CA PRO B 433 16.14 -9.36 -3.32
C PRO B 433 17.43 -8.87 -2.71
N ALA B 434 17.37 -8.03 -1.70
CA ALA B 434 18.55 -7.69 -0.93
C ALA B 434 19.21 -8.93 -0.41
N ALA B 435 18.47 -9.68 0.40
CA ALA B 435 19.04 -10.90 0.99
C ALA B 435 19.62 -11.77 -0.10
N ALA B 436 18.87 -11.90 -1.19
CA ALA B 436 19.30 -12.80 -2.24
C ALA B 436 20.64 -12.33 -2.76
N THR B 437 20.77 -11.01 -2.92
CA THR B 437 21.99 -10.38 -3.46
C THR B 437 23.26 -10.53 -2.60
N ILE B 438 23.05 -10.55 -1.29
CA ILE B 438 24.14 -10.61 -0.35
C ILE B 438 24.10 -11.98 0.31
N ALA B 439 23.42 -12.89 -0.35
CA ALA B 439 23.39 -14.26 0.14
C ALA B 439 24.78 -14.73 0.57
N ARG B 440 25.85 -14.40 -0.16
CA ARG B 440 27.16 -14.97 0.21
C ARG B 440 27.47 -14.47 1.57
N HIS B 441 27.46 -13.15 1.74
CA HIS B 441 27.68 -12.54 3.05
C HIS B 441 26.82 -13.08 4.16
N LEU B 442 25.54 -13.33 3.88
CA LEU B 442 24.61 -13.77 4.94
C LEU B 442 24.90 -15.21 5.34
N ALA B 443 25.29 -16.03 4.36
CA ALA B 443 25.59 -17.45 4.57
C ALA B 443 26.69 -17.75 5.62
N LYS B 444 27.64 -16.83 5.78
CA LYS B 444 28.66 -16.92 6.85
C LYS B 444 28.03 -16.70 8.17
N GLU B 445 26.89 -16.04 8.19
CA GLU B 445 26.37 -15.50 9.45
C GLU B 445 25.22 -16.33 10.00
N VAL B 446 24.71 -17.28 9.22
CA VAL B 446 23.59 -18.09 9.65
C VAL B 446 23.87 -19.53 9.37
N ASP B 447 23.05 -20.42 9.94
CA ASP B 447 23.18 -21.87 9.70
C ASP B 447 22.43 -22.35 8.51
N PHE B 448 21.48 -21.55 8.04
CA PHE B 448 20.67 -22.01 6.94
C PHE B 448 19.83 -20.91 6.35
N PHE B 449 19.14 -21.22 5.26
CA PHE B 449 18.29 -20.27 4.55
C PHE B 449 17.08 -21.01 4.21
N SER B 450 15.95 -20.31 4.22
CA SER B 450 14.77 -20.76 3.56
C SER B 450 14.31 -19.64 2.65
N ILE B 451 14.14 -19.93 1.36
CA ILE B 451 13.76 -18.88 0.41
C ILE B 451 12.25 -18.67 0.41
N GLY B 452 11.84 -17.44 0.73
CA GLY B 452 10.43 -17.13 0.66
C GLY B 452 10.14 -16.56 -0.71
N THR B 453 9.67 -17.40 -1.62
CA THR B 453 9.43 -16.95 -2.97
C THR B 453 8.17 -16.09 -3.12
N ASN B 454 7.26 -16.18 -2.17
CA ASN B 454 6.07 -15.33 -2.25
C ASN B 454 6.51 -13.89 -2.17
N ASP B 455 7.28 -13.60 -1.13
CA ASP B 455 7.84 -12.30 -1.01
C ASP B 455 8.89 -11.97 -2.07
N LEU B 456 9.92 -12.80 -2.22
CA LEU B 456 10.94 -12.60 -3.22
C LEU B 456 10.33 -12.30 -4.62
N THR B 457 9.33 -13.04 -5.00
CA THR B 457 8.71 -12.78 -6.25
C THR B 457 8.20 -11.35 -6.19
N GLN B 458 7.45 -11.07 -5.14
CA GLN B 458 6.78 -9.80 -4.94
C GLN B 458 7.74 -8.67 -5.14
N TYR B 459 8.90 -8.69 -4.47
CA TYR B 459 9.82 -7.54 -4.55
C TYR B 459 10.68 -7.54 -5.77
N THR B 460 10.95 -8.71 -6.29
CA THR B 460 11.82 -8.76 -7.42
C THR B 460 11.01 -8.23 -8.60
N LEU B 461 9.75 -8.64 -8.69
CA LEU B 461 8.89 -8.18 -9.77
C LEU B 461 8.09 -6.95 -9.38
N ALA B 462 8.21 -6.47 -8.15
CA ALA B 462 7.31 -5.38 -7.71
C ALA B 462 5.87 -5.63 -8.07
N VAL B 463 5.40 -6.83 -7.79
CA VAL B 463 4.00 -7.11 -7.91
C VAL B 463 3.43 -7.64 -6.61
N ASP B 464 2.38 -6.93 -6.17
CA ASP B 464 1.75 -7.16 -4.91
C ASP B 464 1.07 -8.52 -5.00
N ARG B 465 1.41 -9.37 -4.04
CA ARG B 465 0.84 -10.70 -3.92
C ARG B 465 -0.66 -10.67 -3.81
N GLY B 466 -1.19 -9.53 -3.37
CA GLY B 466 -2.62 -9.34 -3.14
C GLY B 466 -3.36 -8.82 -4.35
N ASN B 467 -2.65 -8.29 -5.35
CA ASN B 467 -3.27 -7.47 -6.40
C ASN B 467 -3.67 -8.29 -7.64
N ASP B 468 -4.95 -8.63 -7.75
CA ASP B 468 -5.43 -9.47 -8.85
C ASP B 468 -5.31 -8.79 -10.21
N MET B 469 -5.49 -7.47 -10.22
CA MET B 469 -5.34 -6.73 -11.45
C MET B 469 -4.02 -6.97 -12.18
N ILE B 470 -2.92 -7.13 -11.45
CA ILE B 470 -1.66 -7.49 -12.09
C ILE B 470 -1.20 -8.90 -11.80
N SER B 471 -2.09 -9.76 -11.34
CA SER B 471 -1.61 -11.08 -10.97
C SER B 471 -0.81 -11.74 -12.10
N HIS B 472 -1.15 -11.43 -13.35
CA HIS B 472 -0.54 -12.11 -14.49
C HIS B 472 0.97 -11.87 -14.55
N LEU B 473 1.42 -10.82 -13.85
CA LEU B 473 2.84 -10.47 -13.73
C LEU B 473 3.49 -11.09 -12.52
N TYR B 474 2.73 -11.79 -11.69
CA TYR B 474 3.34 -12.34 -10.52
C TYR B 474 3.86 -13.68 -10.93
N GLN B 475 5.16 -13.75 -11.21
CA GLN B 475 5.72 -15.00 -11.74
C GLN B 475 6.89 -15.41 -10.99
N PRO B 476 6.73 -16.35 -10.06
CA PRO B 476 7.94 -16.80 -9.37
C PRO B 476 8.74 -17.65 -10.35
N MET B 477 8.16 -17.97 -11.50
CA MET B 477 8.87 -18.73 -12.47
C MET B 477 9.34 -17.85 -13.57
N SER B 478 10.08 -16.84 -13.15
CA SER B 478 10.72 -15.93 -14.04
C SER B 478 12.16 -16.27 -14.05
N PRO B 479 12.81 -16.01 -15.18
CA PRO B 479 14.26 -16.09 -15.21
C PRO B 479 14.87 -15.21 -14.11
N SER B 480 14.16 -14.16 -13.71
CA SER B 480 14.68 -13.31 -12.63
C SER B 480 14.58 -13.92 -11.21
N VAL B 481 13.50 -14.59 -10.91
CA VAL B 481 13.39 -15.13 -9.58
C VAL B 481 14.24 -16.41 -9.49
N LEU B 482 14.24 -17.19 -10.56
CA LEU B 482 14.99 -18.46 -10.56
C LEU B 482 16.46 -18.19 -10.37
N ASN B 483 16.99 -17.28 -11.16
CA ASN B 483 18.37 -16.90 -10.97
C ASN B 483 18.74 -16.51 -9.53
N LEU B 484 17.93 -15.67 -8.92
CA LEU B 484 18.09 -15.30 -7.53
C LEU B 484 17.96 -16.47 -6.60
N ILE B 485 17.05 -17.40 -6.87
CA ILE B 485 17.00 -18.69 -6.13
C ILE B 485 18.33 -19.48 -6.21
N LYS B 486 18.84 -19.64 -7.42
CA LYS B 486 20.07 -20.36 -7.63
C LYS B 486 21.19 -19.73 -6.85
N GLN B 487 21.14 -18.42 -6.80
CA GLN B 487 22.27 -17.68 -6.35
C GLN B 487 22.32 -17.92 -4.83
N VAL B 488 21.12 -18.04 -4.23
CA VAL B 488 20.98 -18.25 -2.80
C VAL B 488 21.40 -19.66 -2.40
N ILE B 489 20.88 -20.64 -3.14
CA ILE B 489 21.20 -22.03 -2.90
C ILE B 489 22.73 -22.16 -2.91
N ASP B 490 23.34 -21.66 -3.98
CA ASP B 490 24.77 -21.71 -4.15
C ASP B 490 25.48 -21.07 -2.98
N ALA B 491 25.05 -19.87 -2.59
CA ALA B 491 25.61 -19.25 -1.38
C ALA B 491 25.65 -20.26 -0.25
N SER B 492 24.49 -20.84 0.12
CA SER B 492 24.41 -21.90 1.14
C SER B 492 25.52 -22.88 1.01
N HIS B 493 25.60 -23.46 -0.19
CA HIS B 493 26.42 -24.62 -0.38
C HIS B 493 27.86 -24.21 -0.30
N ALA B 494 28.14 -22.98 -0.74
CA ALA B 494 29.51 -22.55 -0.71
C ALA B 494 30.00 -22.48 0.74
N GLU B 495 29.11 -22.15 1.70
CA GLU B 495 29.52 -22.16 3.12
C GLU B 495 29.33 -23.49 3.77
N GLY B 496 28.85 -24.48 3.02
CA GLY B 496 28.54 -25.79 3.60
C GLY B 496 27.27 -25.79 4.43
N LYS B 497 26.40 -24.82 4.22
CA LYS B 497 25.04 -24.81 4.76
C LYS B 497 24.08 -25.22 3.69
N TRP B 498 22.81 -25.12 3.99
CA TRP B 498 21.77 -25.59 3.12
C TRP B 498 20.64 -24.57 2.98
N THR B 499 19.91 -24.67 1.90
CA THR B 499 18.83 -23.79 1.69
C THR B 499 17.62 -24.65 1.59
N GLY B 500 16.58 -24.23 2.30
CA GLY B 500 15.25 -24.77 2.09
C GLY B 500 14.40 -23.74 1.42
N MET B 501 13.15 -24.07 1.18
CA MET B 501 12.18 -23.19 0.55
C MET B 501 10.79 -23.38 1.14
N CYS B 502 10.23 -22.33 1.73
CA CYS B 502 8.87 -22.41 2.24
C CYS B 502 7.88 -21.60 1.44
N GLY B 503 8.37 -20.79 0.53
CA GLY B 503 7.49 -20.16 -0.45
C GLY B 503 6.72 -21.21 -1.21
N GLU B 504 5.62 -20.75 -1.83
CA GLU B 504 4.71 -21.66 -2.51
C GLU B 504 5.30 -22.38 -3.73
N LEU B 505 6.40 -21.85 -4.26
CA LEU B 505 7.10 -22.57 -5.31
C LEU B 505 7.51 -23.98 -4.94
N ALA B 506 7.96 -24.17 -3.71
CA ALA B 506 8.34 -25.49 -3.19
C ALA B 506 7.24 -26.46 -3.46
N GLY B 507 6.00 -26.03 -3.21
CA GLY B 507 4.84 -26.89 -3.40
C GLY B 507 4.26 -26.89 -4.79
N ASP B 508 4.87 -26.15 -5.72
CA ASP B 508 4.33 -25.98 -7.08
C ASP B 508 4.89 -27.09 -8.01
N GLU B 509 4.01 -27.98 -8.51
CA GLU B 509 4.39 -29.10 -9.40
C GLU B 509 5.31 -28.71 -10.55
N ARG B 510 5.34 -27.43 -10.88
CA ARG B 510 6.00 -26.99 -12.10
C ARG B 510 7.42 -26.55 -11.85
N ALA B 511 7.73 -26.35 -10.57
CA ALA B 511 9.05 -25.94 -10.23
C ALA B 511 9.87 -27.11 -9.67
N THR B 512 9.18 -28.17 -9.28
CA THR B 512 9.82 -29.24 -8.55
C THR B 512 11.11 -29.73 -9.20
N LEU B 513 11.09 -30.06 -10.51
CA LEU B 513 12.34 -30.45 -11.20
C LEU B 513 13.43 -29.38 -11.21
N LEU B 514 13.04 -28.12 -11.32
CA LEU B 514 14.01 -27.02 -11.28
C LEU B 514 14.57 -26.81 -9.90
N LEU B 515 13.69 -26.69 -8.93
CA LEU B 515 14.12 -26.57 -7.56
C LEU B 515 15.08 -27.69 -7.25
N LEU B 516 14.69 -28.91 -7.61
CA LEU B 516 15.57 -30.06 -7.40
C LEU B 516 16.92 -29.92 -8.13
N GLY B 517 16.87 -29.60 -9.43
CA GLY B 517 18.06 -29.54 -10.26
C GLY B 517 19.00 -28.46 -9.78
N MET B 518 18.41 -27.41 -9.21
CA MET B 518 19.17 -26.28 -8.74
C MET B 518 19.78 -26.56 -7.40
N GLY B 519 19.49 -27.74 -6.83
CA GLY B 519 20.12 -28.21 -5.61
C GLY B 519 19.47 -27.83 -4.29
N LEU B 520 18.24 -27.32 -4.35
CA LEU B 520 17.51 -26.99 -3.15
C LEU B 520 17.50 -28.19 -2.23
N ASP B 521 17.77 -27.95 -0.94
CA ASP B 521 17.99 -29.03 0.04
C ASP B 521 16.72 -29.43 0.68
N GLU B 522 15.82 -28.46 0.78
CA GLU B 522 14.65 -28.64 1.59
C GLU B 522 13.44 -27.97 1.00
N PHE B 523 12.31 -28.68 0.98
CA PHE B 523 11.08 -28.08 0.48
C PHE B 523 10.09 -28.01 1.59
N SER B 524 9.40 -26.89 1.73
CA SER B 524 8.39 -26.88 2.78
C SER B 524 7.13 -26.25 2.27
N MET B 525 5.99 -26.89 2.52
CA MET B 525 4.80 -26.46 1.85
C MET B 525 3.60 -26.72 2.69
N SER B 526 2.44 -26.28 2.18
CA SER B 526 1.21 -26.80 2.68
C SER B 526 1.38 -28.30 2.69
N ALA B 527 0.95 -28.91 3.79
CA ALA B 527 1.00 -30.36 3.92
C ALA B 527 0.35 -31.05 2.70
N ILE B 528 -0.81 -30.56 2.27
CA ILE B 528 -1.50 -31.17 1.13
C ILE B 528 -0.65 -31.31 -0.12
N SER B 529 0.43 -30.57 -0.24
CA SER B 529 1.23 -30.65 -1.45
C SER B 529 2.34 -31.63 -1.33
N ILE B 530 2.53 -32.14 -0.13
CA ILE B 530 3.67 -32.99 0.11
C ILE B 530 3.69 -34.22 -0.81
N PRO B 531 2.57 -34.97 -0.88
CA PRO B 531 2.61 -36.14 -1.79
C PRO B 531 2.83 -35.82 -3.28
N ARG B 532 2.24 -34.74 -3.84
CA ARG B 532 2.43 -34.47 -5.28
C ARG B 532 3.89 -34.27 -5.57
N ILE B 533 4.52 -33.50 -4.71
CA ILE B 533 5.88 -33.15 -4.90
C ILE B 533 6.79 -34.35 -4.61
N LYS B 534 6.51 -35.06 -3.54
CA LYS B 534 7.24 -36.27 -3.23
C LYS B 534 7.21 -37.14 -4.51
N LYS B 535 6.01 -37.34 -5.08
CA LYS B 535 5.84 -38.19 -6.25
C LYS B 535 6.73 -37.79 -7.39
N ILE B 536 6.78 -36.48 -7.66
CA ILE B 536 7.60 -35.95 -8.72
C ILE B 536 9.06 -36.23 -8.42
N ILE B 537 9.41 -36.16 -7.14
CA ILE B 537 10.81 -36.27 -6.75
C ILE B 537 11.23 -37.69 -6.89
N ARG B 538 10.36 -38.58 -6.42
CA ARG B 538 10.67 -39.98 -6.43
C ARG B 538 10.82 -40.58 -7.84
N ASN B 539 10.33 -39.85 -8.86
CA ASN B 539 10.24 -40.34 -10.24
C ASN B 539 11.13 -39.55 -11.21
N THR B 540 11.98 -38.70 -10.65
CA THR B 540 12.92 -37.95 -11.46
C THR B 540 14.22 -38.63 -11.35
N ASN B 541 15.06 -38.35 -12.33
CA ASN B 541 16.44 -38.58 -12.17
C ASN B 541 17.11 -37.22 -11.84
N PHE B 542 17.89 -37.21 -10.77
CA PHE B 542 18.48 -35.95 -10.32
C PHE B 542 19.44 -35.33 -11.32
N GLU B 543 20.25 -36.16 -11.95
CA GLU B 543 21.20 -35.62 -12.91
C GLU B 543 20.52 -34.90 -14.06
N ASP B 544 19.40 -35.47 -14.49
CA ASP B 544 18.64 -34.92 -15.59
C ASP B 544 18.08 -33.55 -15.25
N ALA B 545 17.48 -33.44 -14.06
CA ALA B 545 17.04 -32.21 -13.46
C ALA B 545 18.10 -31.14 -13.41
N LYS B 546 19.33 -31.48 -12.97
CA LYS B 546 20.42 -30.49 -13.00
C LYS B 546 20.47 -29.90 -14.40
N VAL B 547 20.69 -30.75 -15.39
CA VAL B 547 20.73 -30.31 -16.78
C VAL B 547 19.51 -29.43 -17.11
N LEU B 548 18.33 -29.85 -16.62
CA LEU B 548 17.14 -29.10 -16.89
C LEU B 548 17.32 -27.72 -16.29
N ALA B 549 17.72 -27.69 -15.01
CA ALA B 549 17.81 -26.46 -14.25
C ALA B 549 18.74 -25.52 -14.94
N GLU B 550 19.89 -26.06 -15.26
CA GLU B 550 20.83 -25.23 -15.89
C GLU B 550 20.21 -24.56 -17.15
N GLN B 551 19.65 -25.38 -18.05
CA GLN B 551 19.05 -24.81 -19.23
C GLN B 551 18.10 -23.67 -18.83
N ALA B 552 17.20 -23.97 -17.89
CA ALA B 552 16.13 -23.04 -17.57
C ALA B 552 16.69 -21.70 -17.14
N LEU B 553 17.80 -21.77 -16.40
CA LEU B 553 18.44 -20.56 -15.88
C LEU B 553 19.05 -19.66 -16.94
N ALA B 554 19.16 -20.15 -18.17
CA ALA B 554 19.71 -19.35 -19.24
C ALA B 554 18.64 -18.70 -20.11
N GLN B 555 17.39 -19.16 -19.99
CA GLN B 555 16.28 -18.63 -20.76
C GLN B 555 15.97 -17.17 -20.40
N PRO B 556 15.81 -16.28 -21.38
CA PRO B 556 15.43 -14.91 -21.03
C PRO B 556 13.90 -14.76 -20.89
N THR B 557 13.18 -15.85 -20.98
CA THR B 557 11.73 -15.77 -21.08
C THR B 557 11.11 -16.95 -20.31
N THR B 558 10.04 -16.69 -19.59
CA THR B 558 9.31 -17.72 -18.85
C THR B 558 8.83 -18.79 -19.83
N ASP B 559 8.15 -18.37 -20.87
CA ASP B 559 7.65 -19.34 -21.81
C ASP B 559 8.70 -20.33 -22.21
N GLU B 560 9.89 -19.81 -22.52
CA GLU B 560 11.00 -20.63 -23.00
C GLU B 560 11.46 -21.62 -21.94
N LEU B 561 11.38 -21.20 -20.69
CA LEU B 561 11.73 -22.01 -19.55
C LEU B 561 10.58 -23.05 -19.25
N MET B 562 9.33 -22.65 -19.47
CA MET B 562 8.23 -23.62 -19.38
C MET B 562 8.40 -24.71 -20.40
N THR B 563 8.88 -24.37 -21.59
CA THR B 563 9.05 -25.35 -22.64
C THR B 563 10.00 -26.47 -22.21
N LEU B 564 11.15 -26.12 -21.66
CA LEU B 564 12.13 -27.08 -21.16
C LEU B 564 11.51 -28.04 -20.21
N VAL B 565 10.92 -27.50 -19.14
CA VAL B 565 10.14 -28.28 -18.17
C VAL B 565 9.17 -29.26 -18.84
N ASN B 566 8.36 -28.77 -19.77
CA ASN B 566 7.43 -29.65 -20.48
C ASN B 566 8.09 -30.76 -21.31
N LYS B 567 9.09 -30.44 -22.13
CA LYS B 567 9.72 -31.48 -22.93
C LYS B 567 10.34 -32.53 -22.02
N PHE B 568 10.75 -32.09 -20.84
CA PHE B 568 11.29 -32.99 -19.85
C PHE B 568 10.20 -33.99 -19.44
N ILE B 569 9.09 -33.47 -18.93
CA ILE B 569 7.99 -34.29 -18.46
C ILE B 569 7.51 -35.28 -19.50
N GLU B 570 7.52 -34.85 -20.76
CA GLU B 570 7.22 -35.70 -21.90
C GLU B 570 8.20 -36.87 -22.02
N GLU B 571 9.47 -36.53 -22.10
CA GLU B 571 10.48 -37.48 -22.43
C GLU B 571 10.92 -38.33 -21.25
N LYS B 572 10.69 -37.84 -20.02
CA LYS B 572 11.37 -38.39 -18.84
C LYS B 572 10.51 -39.16 -17.81
N THR B 573 9.17 -39.09 -17.89
CA THR B 573 8.30 -40.06 -17.17
C THR B 573 6.84 -40.01 -17.65
N MET A 1 14.35 20.67 19.22
CA MET A 1 15.30 19.73 18.53
C MET A 1 14.52 18.84 17.54
N ILE A 2 14.10 19.41 16.44
CA ILE A 2 13.34 18.62 15.42
C ILE A 2 14.24 18.39 14.20
N SER A 3 14.34 17.17 13.73
CA SER A 3 15.21 16.87 12.54
C SER A 3 14.45 16.05 11.50
N GLY A 4 14.66 16.34 10.23
CA GLY A 4 13.98 15.59 9.14
C GLY A 4 15.05 15.00 8.22
N ILE A 5 14.71 14.66 7.00
CA ILE A 5 15.72 14.05 6.08
C ILE A 5 16.36 15.11 5.19
N LEU A 6 15.82 16.30 5.15
CA LEU A 6 16.42 17.37 4.29
C LEU A 6 16.56 16.85 2.85
N ALA A 7 15.69 17.27 1.97
CA ALA A 7 15.76 16.81 0.55
C ALA A 7 16.53 17.83 -0.29
N SER A 8 16.55 19.06 0.12
CA SER A 8 17.28 20.11 -0.65
C SER A 8 17.96 21.08 0.34
N PRO A 9 19.25 21.31 0.22
CA PRO A 9 19.98 22.23 1.14
C PRO A 9 19.78 23.70 0.73
N GLY A 10 19.67 24.58 1.68
CA GLY A 10 19.48 26.02 1.35
C GLY A 10 18.96 26.74 2.60
N ILE A 11 18.37 27.91 2.44
CA ILE A 11 17.82 28.64 3.62
C ILE A 11 16.62 29.46 3.15
N ALA A 12 15.65 29.69 4.01
CA ALA A 12 14.46 30.49 3.56
C ALA A 12 13.76 31.15 4.77
N PHE A 13 13.07 32.24 4.52
CA PHE A 13 12.33 32.95 5.60
C PHE A 13 10.92 33.27 5.08
N GLY A 14 9.87 32.91 5.78
CA GLY A 14 8.52 33.24 5.26
C GLY A 14 7.41 32.73 6.21
N LYS A 15 6.19 32.99 5.88
CA LYS A 15 5.04 32.54 6.73
C LYS A 15 4.77 31.07 6.47
N ALA A 16 4.10 30.40 7.39
CA ALA A 16 3.83 28.94 7.23
C ALA A 16 2.37 28.69 6.83
N LEU A 17 2.16 27.92 5.78
CA LEU A 17 0.77 27.61 5.34
C LEU A 17 0.43 26.19 5.83
N LEU A 18 -0.74 25.99 6.39
CA LEU A 18 -1.11 24.64 6.92
C LEU A 18 -2.32 24.08 6.15
N LEU A 19 -2.16 22.92 5.55
CA LEU A 19 -3.29 22.31 4.78
C LEU A 19 -4.17 21.47 5.71
N LYS A 20 -5.19 22.00 6.28
CA LYS A 20 -5.89 21.18 7.31
C LYS A 20 -6.59 19.99 6.68
N GLU A 21 -6.01 18.83 6.90
CA GLU A 21 -6.57 17.57 6.34
C GLU A 21 -8.04 17.45 6.75
N ASP A 22 -8.50 18.36 7.58
CA ASP A 22 -9.93 18.31 8.06
C ASP A 22 -10.78 17.52 7.07
N GLU A 23 -11.20 16.35 7.45
CA GLU A 23 -12.01 15.52 6.54
C GLU A 23 -13.49 15.80 6.75
N ILE A 24 -14.19 16.09 5.69
CA ILE A 24 -15.61 16.37 5.74
C ILE A 24 -16.35 15.40 6.65
N VAL A 25 -17.04 15.96 7.64
CA VAL A 25 -17.94 15.22 8.48
C VAL A 25 -19.32 15.78 8.21
N ILE A 26 -20.24 14.88 7.88
CA ILE A 26 -21.58 15.27 7.51
C ILE A 26 -22.42 15.34 8.77
N ASP A 27 -23.24 16.38 8.91
CA ASP A 27 -24.17 16.43 10.04
C ASP A 27 -25.53 15.84 9.65
N ARG A 28 -25.70 14.58 9.99
CA ARG A 28 -26.88 13.81 9.57
C ARG A 28 -28.11 14.09 10.41
N LYS A 29 -27.90 14.51 11.67
CA LYS A 29 -28.97 14.86 12.61
C LYS A 29 -29.88 15.92 12.02
N LYS A 30 -31.19 15.65 12.07
CA LYS A 30 -32.19 16.61 11.59
C LYS A 30 -31.96 17.95 12.28
N ILE A 31 -32.11 19.01 11.50
CA ILE A 31 -31.97 20.37 11.99
C ILE A 31 -33.29 20.82 12.57
N SER A 32 -33.24 21.90 13.35
CA SER A 32 -34.44 22.51 13.91
C SER A 32 -35.08 23.44 12.89
N ALA A 33 -36.34 23.77 13.08
CA ALA A 33 -37.05 24.64 12.10
C ALA A 33 -36.38 26.00 12.03
N ASP A 34 -36.09 26.60 13.16
CA ASP A 34 -35.42 27.92 13.12
C ASP A 34 -34.15 27.76 12.29
N GLN A 35 -33.51 26.64 12.43
CA GLN A 35 -32.26 26.39 11.65
C GLN A 35 -32.57 26.25 10.17
N VAL A 36 -33.68 25.62 9.80
CA VAL A 36 -33.87 25.44 8.33
C VAL A 36 -33.42 26.71 7.63
N ASP A 37 -33.91 27.84 8.03
CA ASP A 37 -33.52 29.12 7.38
C ASP A 37 -32.02 29.33 7.53
N GLN A 38 -31.46 29.02 8.67
CA GLN A 38 -29.99 29.25 8.86
C GLN A 38 -29.18 28.29 7.98
N GLU A 39 -29.59 27.06 7.88
CA GLU A 39 -28.79 26.11 7.05
C GLU A 39 -28.83 26.53 5.58
N VAL A 40 -29.95 26.98 5.09
CA VAL A 40 -30.00 27.44 3.67
C VAL A 40 -29.00 28.59 3.50
N GLU A 41 -29.01 29.54 4.39
CA GLU A 41 -28.07 30.69 4.28
C GLU A 41 -26.63 30.16 4.33
N ARG A 42 -26.35 29.21 5.19
CA ARG A 42 -24.96 28.67 5.24
C ARG A 42 -24.62 28.09 3.87
N PHE A 43 -25.55 27.35 3.30
CA PHE A 43 -25.30 26.77 1.96
C PHE A 43 -25.08 27.91 0.96
N LEU A 44 -25.95 28.89 0.95
CA LEU A 44 -25.79 30.03 0.02
C LEU A 44 -24.46 30.74 0.35
N SER A 45 -24.18 30.96 1.60
CA SER A 45 -22.90 31.65 1.96
C SER A 45 -21.72 30.77 1.55
N GLY A 46 -21.80 29.49 1.82
CA GLY A 46 -20.69 28.58 1.42
C GLY A 46 -20.66 28.47 -0.10
N ARG A 47 -21.82 28.40 -0.71
CA ARG A 47 -21.89 28.32 -2.19
C ARG A 47 -21.37 29.63 -2.76
N ALA A 48 -21.57 30.71 -2.05
CA ALA A 48 -21.08 32.02 -2.53
C ALA A 48 -19.57 31.96 -2.71
N LYS A 49 -18.87 31.34 -1.79
CA LYS A 49 -17.40 31.26 -1.95
C LYS A 49 -17.10 30.44 -3.20
N ALA A 50 -17.30 29.15 -3.17
CA ALA A 50 -17.00 28.29 -4.36
C ALA A 50 -17.38 28.99 -5.66
N SER A 51 -18.42 29.78 -5.66
CA SER A 51 -18.79 30.46 -6.92
C SER A 51 -17.60 31.31 -7.36
N ALA A 52 -17.14 32.18 -6.52
CA ALA A 52 -16.00 33.06 -6.88
C ALA A 52 -14.68 32.26 -6.98
N GLN A 53 -14.45 31.32 -6.10
CA GLN A 53 -13.17 30.55 -6.19
C GLN A 53 -13.16 29.67 -7.45
N LEU A 54 -14.27 29.07 -7.79
CA LEU A 54 -14.30 28.24 -9.02
C LEU A 54 -14.00 29.12 -10.22
N GLU A 55 -14.54 30.31 -10.23
CA GLU A 55 -14.30 31.24 -11.37
C GLU A 55 -12.80 31.55 -11.46
N THR A 56 -12.14 31.70 -10.34
CA THR A 56 -10.68 32.01 -10.37
C THR A 56 -9.94 30.85 -11.04
N ILE A 57 -10.29 29.63 -10.73
CA ILE A 57 -9.62 28.46 -11.34
C ILE A 57 -9.82 28.48 -12.86
N LYS A 58 -11.00 28.85 -13.29
CA LYS A 58 -11.30 28.88 -14.76
C LYS A 58 -10.29 29.80 -15.46
N THR A 59 -10.13 30.99 -14.98
CA THR A 59 -9.20 31.95 -15.64
C THR A 59 -7.78 31.38 -15.70
N LYS A 60 -7.38 30.61 -14.72
CA LYS A 60 -6.00 30.03 -14.75
C LYS A 60 -5.93 28.98 -15.84
N ALA A 61 -6.98 28.23 -16.03
CA ALA A 61 -6.98 27.18 -17.07
C ALA A 61 -6.88 27.84 -18.45
N GLY A 62 -7.62 28.88 -18.67
CA GLY A 62 -7.58 29.56 -20.00
C GLY A 62 -6.17 30.07 -20.29
N GLU A 63 -5.58 30.79 -19.39
CA GLU A 63 -4.21 31.31 -19.66
C GLU A 63 -3.21 30.16 -19.64
N THR A 64 -3.31 29.29 -18.67
CA THR A 64 -2.34 28.15 -18.56
C THR A 64 -2.47 27.17 -19.73
N PHE A 65 -3.60 26.52 -19.88
CA PHE A 65 -3.75 25.51 -20.98
C PHE A 65 -4.44 26.12 -22.21
N GLY A 66 -5.54 26.82 -22.05
CA GLY A 66 -6.21 27.42 -23.25
C GLY A 66 -7.74 27.34 -23.14
N GLU A 67 -8.41 27.63 -24.22
CA GLU A 67 -9.91 27.60 -24.24
C GLU A 67 -10.39 26.15 -24.13
N GLU A 68 -9.59 25.22 -24.54
CA GLU A 68 -9.98 23.78 -24.48
C GLU A 68 -10.25 23.38 -23.03
N LYS A 69 -9.48 23.91 -22.10
CA LYS A 69 -9.67 23.58 -20.66
C LYS A 69 -10.50 24.64 -19.96
N GLU A 70 -10.57 25.82 -20.50
CA GLU A 70 -11.36 26.90 -19.85
C GLU A 70 -12.87 26.58 -19.86
N ALA A 71 -13.36 26.10 -20.97
CA ALA A 71 -14.82 25.81 -21.06
C ALA A 71 -15.21 24.63 -20.16
N ILE A 72 -14.33 23.71 -19.90
CA ILE A 72 -14.74 22.58 -19.02
C ILE A 72 -15.17 23.14 -17.67
N PHE A 73 -14.48 24.13 -17.17
CA PHE A 73 -14.88 24.73 -15.86
C PHE A 73 -16.24 25.39 -15.99
N GLU A 74 -16.51 26.04 -17.08
CA GLU A 74 -17.83 26.70 -17.24
C GLU A 74 -18.93 25.64 -17.14
N GLY A 75 -18.73 24.49 -17.72
CA GLY A 75 -19.76 23.43 -17.63
C GLY A 75 -19.94 23.04 -16.16
N HIS A 76 -18.85 22.80 -15.48
CA HIS A 76 -18.95 22.42 -14.05
C HIS A 76 -19.62 23.55 -13.28
N ILE A 77 -19.21 24.77 -13.51
CA ILE A 77 -19.84 25.91 -12.79
C ILE A 77 -21.31 26.04 -13.24
N MET A 78 -21.56 25.99 -14.52
CA MET A 78 -22.95 26.12 -15.01
C MET A 78 -23.81 24.99 -14.43
N LEU A 79 -23.29 23.81 -14.36
CA LEU A 79 -24.07 22.69 -13.79
C LEU A 79 -24.34 22.95 -12.32
N LEU A 80 -23.37 23.45 -11.63
CA LEU A 80 -23.55 23.71 -10.18
C LEU A 80 -24.65 24.74 -9.97
N GLU A 81 -24.71 25.75 -10.80
CA GLU A 81 -25.75 26.81 -10.64
C GLU A 81 -27.06 26.34 -11.27
N ASP A 82 -27.13 25.12 -11.74
CA ASP A 82 -28.40 24.64 -12.36
C ASP A 82 -29.58 24.92 -11.44
N GLU A 83 -30.62 25.52 -11.95
CA GLU A 83 -31.81 25.86 -11.10
C GLU A 83 -32.42 24.59 -10.50
N GLU A 84 -32.14 23.46 -11.06
CA GLU A 84 -32.71 22.20 -10.49
C GLU A 84 -32.01 21.88 -9.16
N LEU A 85 -30.74 22.18 -9.06
CA LEU A 85 -30.00 21.92 -7.80
C LEU A 85 -30.46 22.88 -6.71
N GLU A 86 -30.69 24.11 -7.07
CA GLU A 86 -31.12 25.11 -6.05
C GLU A 86 -32.45 24.66 -5.43
N GLN A 87 -33.40 24.28 -6.24
CA GLN A 87 -34.71 23.85 -5.69
C GLN A 87 -34.59 22.50 -4.98
N GLU A 88 -33.83 21.58 -5.54
CA GLU A 88 -33.70 20.24 -4.90
C GLU A 88 -32.89 20.30 -3.60
N ILE A 89 -31.85 21.07 -3.56
CA ILE A 89 -31.04 21.16 -2.31
C ILE A 89 -31.88 21.83 -1.22
N ILE A 90 -32.52 22.91 -1.57
CA ILE A 90 -33.36 23.65 -0.58
C ILE A 90 -34.59 22.83 -0.18
N ALA A 91 -35.18 22.14 -1.12
CA ALA A 91 -36.41 21.35 -0.78
C ALA A 91 -36.09 20.28 0.29
N LEU A 92 -35.04 19.54 0.13
CA LEU A 92 -34.72 18.48 1.14
C LEU A 92 -34.48 19.12 2.51
N ILE A 93 -33.71 20.19 2.55
CA ILE A 93 -33.47 20.87 3.86
C ILE A 93 -34.82 21.35 4.41
N LYS A 94 -35.58 22.02 3.60
CA LYS A 94 -36.90 22.53 4.05
C LYS A 94 -37.87 21.36 4.28
N ASP A 95 -37.90 20.40 3.41
CA ASP A 95 -38.86 19.26 3.57
C ASP A 95 -38.35 18.21 4.56
N LYS A 96 -37.14 17.74 4.39
CA LYS A 96 -36.63 16.67 5.30
C LYS A 96 -35.88 17.24 6.52
N HIS A 97 -35.73 18.54 6.60
CA HIS A 97 -35.02 19.15 7.77
C HIS A 97 -33.62 18.53 7.90
N MET A 98 -32.99 18.30 6.79
CA MET A 98 -31.63 17.69 6.77
C MET A 98 -30.56 18.80 6.76
N THR A 99 -29.32 18.45 6.94
CA THR A 99 -28.25 19.50 6.94
C THR A 99 -27.86 19.84 5.49
N ALA A 100 -27.25 20.97 5.28
CA ALA A 100 -26.85 21.37 3.90
C ALA A 100 -25.74 20.46 3.37
N ASP A 101 -24.79 20.11 4.19
CA ASP A 101 -23.70 19.23 3.70
C ASP A 101 -24.24 17.81 3.48
N ALA A 102 -25.18 17.38 4.27
CA ALA A 102 -25.75 16.01 4.06
C ALA A 102 -26.79 16.05 2.94
N ALA A 103 -27.60 17.09 2.91
CA ALA A 103 -28.64 17.19 1.85
C ALA A 103 -27.98 17.46 0.49
N ALA A 104 -27.06 18.39 0.45
CA ALA A 104 -26.38 18.71 -0.85
C ALA A 104 -25.65 17.46 -1.37
N HIS A 105 -25.04 16.71 -0.49
CA HIS A 105 -24.29 15.51 -0.93
C HIS A 105 -25.23 14.54 -1.64
N GLU A 106 -26.42 14.38 -1.14
CA GLU A 106 -27.39 13.44 -1.77
C GLU A 106 -27.73 13.91 -3.19
N VAL A 107 -27.90 15.19 -3.38
CA VAL A 107 -28.28 15.70 -4.73
C VAL A 107 -27.18 15.41 -5.76
N ILE A 108 -25.97 15.82 -5.50
CA ILE A 108 -24.86 15.57 -6.48
C ILE A 108 -24.56 14.07 -6.51
N GLU A 109 -24.56 13.43 -5.38
CA GLU A 109 -24.31 11.96 -5.34
C GLU A 109 -25.45 11.25 -6.07
N GLY A 110 -26.65 11.72 -5.87
CA GLY A 110 -27.83 11.07 -6.53
C GLY A 110 -27.64 11.08 -8.05
N GLN A 111 -27.30 12.20 -8.63
CA GLN A 111 -27.11 12.21 -10.12
C GLN A 111 -25.90 11.35 -10.48
N ALA A 112 -24.77 11.61 -9.88
CA ALA A 112 -23.56 10.81 -10.20
C ALA A 112 -23.88 9.33 -9.99
N SER A 113 -24.60 9.01 -8.95
CA SER A 113 -24.95 7.59 -8.70
C SER A 113 -25.72 7.04 -9.89
N ALA A 114 -26.62 7.83 -10.44
CA ALA A 114 -27.38 7.35 -11.62
C ALA A 114 -26.43 7.11 -12.78
N LEU A 115 -25.46 7.97 -12.95
CA LEU A 115 -24.51 7.80 -14.08
C LEU A 115 -23.72 6.50 -13.90
N GLU A 116 -23.31 6.18 -12.70
CA GLU A 116 -22.53 4.92 -12.50
C GLU A 116 -23.37 3.72 -12.96
N GLU A 117 -24.65 3.76 -12.75
CA GLU A 117 -25.50 2.62 -13.18
C GLU A 117 -25.26 2.36 -14.67
N LEU A 118 -24.76 3.35 -15.37
CA LEU A 118 -24.52 3.16 -16.84
C LEU A 118 -23.48 2.06 -17.04
N ASP A 119 -23.59 1.32 -18.12
CA ASP A 119 -22.62 0.22 -18.40
C ASP A 119 -21.55 0.70 -19.39
N ASP A 120 -21.08 1.93 -19.24
CA ASP A 120 -20.04 2.46 -20.19
C ASP A 120 -18.89 3.11 -19.41
N GLU A 121 -17.67 2.80 -19.78
CA GLU A 121 -16.48 3.39 -19.09
C GLU A 121 -16.35 4.87 -19.41
N TYR A 122 -16.79 5.28 -20.57
CA TYR A 122 -16.71 6.71 -20.98
C TYR A 122 -17.72 7.56 -20.18
N LEU A 123 -18.90 7.05 -19.97
CA LEU A 123 -19.91 7.82 -19.20
C LEU A 123 -19.52 7.80 -17.72
N LYS A 124 -18.95 6.72 -17.27
CA LYS A 124 -18.53 6.62 -15.84
C LYS A 124 -17.48 7.68 -15.52
N GLU A 125 -16.51 7.91 -16.39
CA GLU A 125 -15.48 8.94 -16.09
C GLU A 125 -16.14 10.31 -15.91
N ARG A 126 -17.05 10.67 -16.78
CA ARG A 126 -17.71 11.99 -16.63
C ARG A 126 -18.41 12.02 -15.27
N ALA A 127 -18.95 10.92 -14.85
CA ALA A 127 -19.62 10.89 -13.52
C ALA A 127 -18.56 11.22 -12.46
N ALA A 128 -17.31 10.94 -12.75
CA ALA A 128 -16.23 11.25 -11.78
C ALA A 128 -16.06 12.77 -11.71
N ASP A 129 -16.15 13.44 -12.83
CA ASP A 129 -15.99 14.92 -12.83
C ASP A 129 -17.17 15.55 -12.09
N VAL A 130 -18.35 15.03 -12.27
CA VAL A 130 -19.54 15.59 -11.56
C VAL A 130 -19.40 15.30 -10.07
N ARG A 131 -18.94 14.13 -9.72
CA ARG A 131 -18.76 13.78 -8.28
C ARG A 131 -17.77 14.76 -7.64
N ASP A 132 -16.73 15.09 -8.35
CA ASP A 132 -15.69 16.02 -7.81
C ASP A 132 -16.32 17.37 -7.46
N ILE A 133 -17.22 17.84 -8.26
CA ILE A 133 -17.85 19.17 -7.97
C ILE A 133 -18.55 19.12 -6.61
N GLY A 134 -19.29 18.08 -6.34
CA GLY A 134 -20.00 18.00 -5.03
C GLY A 134 -19.00 17.73 -3.90
N LYS A 135 -17.97 16.99 -4.18
CA LYS A 135 -16.96 16.67 -3.11
C LYS A 135 -16.35 17.98 -2.59
N ARG A 136 -15.94 18.85 -3.48
CA ARG A 136 -15.33 20.13 -3.04
C ARG A 136 -16.39 21.03 -2.42
N LEU A 137 -17.60 20.92 -2.86
CA LEU A 137 -18.68 21.78 -2.29
C LEU A 137 -18.75 21.54 -0.79
N LEU A 138 -18.67 20.31 -0.37
CA LEU A 138 -18.71 20.02 1.09
C LEU A 138 -17.55 20.71 1.78
N ARG A 139 -16.39 20.72 1.17
CA ARG A 139 -15.24 21.41 1.81
C ARG A 139 -15.51 22.92 1.83
N ASN A 140 -16.08 23.43 0.76
CA ASN A 140 -16.38 24.89 0.68
C ASN A 140 -17.38 25.30 1.76
N ILE A 141 -18.36 24.50 2.07
CA ILE A 141 -19.33 24.91 3.12
C ILE A 141 -18.62 24.85 4.47
N LEU A 142 -17.86 23.81 4.69
CA LEU A 142 -17.13 23.69 5.97
C LEU A 142 -15.99 24.73 6.01
N GLY A 143 -15.41 25.02 4.88
CA GLY A 143 -14.29 26.01 4.84
C GLY A 143 -12.99 25.28 5.17
N LEU A 144 -12.96 24.03 4.82
CA LEU A 144 -11.80 23.24 5.23
C LEU A 144 -10.80 23.97 4.47
N LYS A 145 -10.10 24.86 5.13
CA LYS A 145 -9.21 25.78 4.42
C LYS A 145 -9.08 25.20 3.03
N ILE A 146 -9.97 25.65 2.18
CA ILE A 146 -10.07 25.07 0.85
C ILE A 146 -8.91 25.64 0.14
N ILE A 147 -7.80 25.42 0.72
CA ILE A 147 -6.61 25.93 0.12
C ILE A 147 -6.53 25.35 -1.24
N ASP A 148 -7.28 25.82 -2.22
CA ASP A 148 -6.97 25.30 -3.56
C ASP A 148 -5.57 25.78 -3.50
N LEU A 149 -4.55 25.11 -3.86
CA LEU A 149 -3.26 25.79 -3.56
C LEU A 149 -3.01 26.92 -4.58
N SER A 150 -3.89 27.11 -5.52
CA SER A 150 -3.66 28.19 -6.52
C SER A 150 -4.19 29.53 -5.98
N ALA A 151 -4.98 29.50 -4.93
CA ALA A 151 -5.56 30.77 -4.39
C ALA A 151 -4.56 31.48 -3.46
N ILE A 152 -3.29 31.32 -3.67
CA ILE A 152 -2.31 32.00 -2.78
C ILE A 152 -1.98 33.39 -3.33
N GLN A 153 -2.24 34.44 -2.57
CA GLN A 153 -1.94 35.83 -3.03
C GLN A 153 -0.64 36.34 -2.39
N ASP A 154 -0.14 35.66 -1.37
CA ASP A 154 1.10 36.16 -0.69
C ASP A 154 2.15 35.03 -0.61
N GLU A 155 3.40 35.39 -0.59
CA GLU A 155 4.49 34.37 -0.51
C GLU A 155 4.37 33.66 0.83
N VAL A 156 4.44 32.35 0.82
CA VAL A 156 4.34 31.58 2.10
C VAL A 156 5.12 30.27 1.98
N ILE A 157 5.38 29.62 3.08
CA ILE A 157 6.08 28.30 3.02
C ILE A 157 4.97 27.25 3.02
N LEU A 158 5.17 26.15 2.35
CA LEU A 158 4.09 25.12 2.27
C LEU A 158 4.35 23.99 3.28
N VAL A 159 3.46 23.82 4.23
CA VAL A 159 3.61 22.75 5.26
C VAL A 159 2.41 21.80 5.19
N ALA A 160 2.64 20.52 5.12
CA ALA A 160 1.50 19.55 5.03
C ALA A 160 1.96 18.18 5.52
N ALA A 161 1.06 17.32 5.88
CA ALA A 161 1.50 15.98 6.32
C ALA A 161 2.06 15.24 5.10
N ASP A 162 1.46 15.45 3.96
CA ASP A 162 1.96 14.80 2.71
C ASP A 162 1.21 15.41 1.51
N LEU A 163 1.86 15.54 0.38
CA LEU A 163 1.20 16.14 -0.83
C LEU A 163 1.02 15.07 -1.91
N THR A 164 -0.11 15.07 -2.57
CA THR A 164 -0.36 14.06 -3.66
C THR A 164 0.03 14.70 -5.01
N PRO A 165 0.55 13.93 -5.95
CA PRO A 165 0.94 14.47 -7.29
C PRO A 165 -0.05 15.50 -7.82
N SER A 166 -1.32 15.31 -7.58
CA SER A 166 -2.33 16.27 -8.09
C SER A 166 -2.08 17.67 -7.54
N GLU A 167 -1.71 17.77 -6.29
CA GLU A 167 -1.47 19.13 -5.71
C GLU A 167 -0.22 19.74 -6.32
N THR A 168 0.82 18.97 -6.52
CA THR A 168 2.08 19.52 -7.08
C THR A 168 1.84 20.23 -8.42
N ALA A 169 0.89 19.81 -9.19
CA ALA A 169 0.65 20.48 -10.51
C ALA A 169 -0.01 21.84 -10.29
N GLN A 170 -1.10 21.86 -9.57
CA GLN A 170 -1.81 23.15 -9.32
C GLN A 170 -1.16 23.86 -8.14
N LEU A 171 0.15 23.77 -8.03
CA LEU A 171 0.86 24.43 -6.91
C LEU A 171 1.60 25.67 -7.44
N ASN A 172 1.59 26.75 -6.70
CA ASN A 172 2.29 27.99 -7.16
C ASN A 172 3.77 27.92 -6.75
N LEU A 173 4.64 27.60 -7.68
CA LEU A 173 6.09 27.51 -7.34
C LEU A 173 6.63 28.88 -6.93
N LYS A 174 6.25 29.94 -7.60
CA LYS A 174 6.79 31.29 -7.26
C LYS A 174 6.30 31.78 -5.91
N LYS A 175 5.12 31.40 -5.48
CA LYS A 175 4.61 31.93 -4.18
C LYS A 175 4.97 30.96 -3.04
N VAL A 176 5.50 29.81 -3.35
CA VAL A 176 5.93 28.86 -2.29
C VAL A 176 7.45 28.96 -2.17
N LEU A 177 7.93 29.43 -1.05
CA LEU A 177 9.41 29.61 -0.88
C LEU A 177 10.06 28.31 -0.43
N GLY A 178 9.31 27.25 -0.37
CA GLY A 178 9.92 25.95 0.06
C GLY A 178 8.81 24.93 0.31
N PHE A 179 9.17 23.72 0.59
CA PHE A 179 8.15 22.67 0.85
C PHE A 179 8.56 21.88 2.09
N ILE A 180 7.68 21.72 3.04
CA ILE A 180 8.01 20.95 4.26
C ILE A 180 6.89 19.95 4.54
N THR A 181 7.22 18.69 4.69
CA THR A 181 6.17 17.67 4.95
C THR A 181 6.72 16.53 5.79
N ASP A 182 5.83 15.76 6.38
CA ASP A 182 6.26 14.60 7.22
C ASP A 182 6.02 13.29 6.46
N ALA A 183 6.00 13.33 5.15
CA ALA A 183 5.75 12.08 4.37
C ALA A 183 6.76 10.97 4.75
N GLY A 184 6.85 9.96 3.92
CA GLY A 184 7.78 8.83 4.19
C GLY A 184 9.23 9.24 3.94
N GLY A 185 9.54 9.76 2.78
CA GLY A 185 10.95 10.17 2.52
C GLY A 185 11.14 10.55 1.05
N ARG A 186 12.28 10.25 0.49
CA ARG A 186 12.55 10.60 -0.93
C ARG A 186 11.60 9.80 -1.83
N THR A 187 11.13 8.68 -1.38
CA THR A 187 10.24 7.86 -2.24
C THR A 187 8.93 8.61 -2.47
N SER A 188 8.84 9.83 -1.96
CA SER A 188 7.61 10.63 -2.14
C SER A 188 7.72 11.52 -3.40
N HIS A 189 6.71 11.50 -4.24
CA HIS A 189 6.74 12.30 -5.51
C HIS A 189 7.19 13.75 -5.23
N THR A 190 6.54 14.43 -4.33
CA THR A 190 6.91 15.84 -4.04
C THR A 190 8.40 15.94 -3.66
N SER A 191 8.93 14.97 -2.96
CA SER A 191 10.37 15.05 -2.55
C SER A 191 11.27 15.14 -3.79
N ILE A 192 10.98 14.41 -4.82
CA ILE A 192 11.82 14.46 -6.03
C ILE A 192 11.77 15.88 -6.62
N MET A 193 10.63 16.51 -6.59
CA MET A 193 10.52 17.89 -7.15
C MET A 193 11.48 18.85 -6.43
N ALA A 194 11.60 18.75 -5.14
CA ALA A 194 12.53 19.67 -4.42
C ALA A 194 13.93 19.50 -5.00
N ARG A 195 14.32 18.28 -5.23
CA ARG A 195 15.68 18.02 -5.80
C ARG A 195 15.79 18.72 -7.16
N SER A 196 14.94 18.37 -8.08
CA SER A 196 14.99 18.97 -9.45
C SER A 196 14.74 20.48 -9.41
N LEU A 197 13.82 20.94 -8.59
CA LEU A 197 13.54 22.40 -8.55
C LEU A 197 14.70 23.13 -7.89
N GLU A 198 15.47 22.42 -7.10
CA GLU A 198 16.63 23.04 -6.38
C GLU A 198 16.14 24.09 -5.38
N LEU A 199 15.18 23.74 -4.58
CA LEU A 199 14.64 24.69 -3.54
C LEU A 199 14.72 23.98 -2.18
N PRO A 200 15.01 24.69 -1.10
CA PRO A 200 15.11 24.07 0.26
C PRO A 200 13.80 23.39 0.68
N ALA A 201 13.87 22.22 1.27
CA ALA A 201 12.60 21.52 1.68
C ALA A 201 12.90 20.27 2.54
N ILE A 202 11.98 19.95 3.43
CA ILE A 202 12.13 18.71 4.29
C ILE A 202 10.91 17.83 4.05
N VAL A 203 11.05 16.53 4.15
CA VAL A 203 9.89 15.61 3.92
C VAL A 203 9.74 14.62 5.09
N GLY A 204 10.71 14.57 5.97
CA GLY A 204 10.65 13.62 7.12
C GLY A 204 10.49 14.36 8.45
N THR A 205 9.98 15.56 8.42
CA THR A 205 9.81 16.34 9.68
C THR A 205 9.24 15.43 10.79
N GLY A 206 8.26 14.63 10.46
CA GLY A 206 7.67 13.71 11.48
C GLY A 206 6.44 14.34 12.15
N SER A 207 6.54 15.55 12.64
CA SER A 207 5.34 16.15 13.32
C SER A 207 5.49 17.68 13.40
N VAL A 208 5.97 18.31 12.38
CA VAL A 208 6.09 19.79 12.42
C VAL A 208 4.71 20.44 12.20
N THR A 209 3.93 19.90 11.28
CA THR A 209 2.60 20.51 11.00
C THR A 209 1.75 20.56 12.27
N SER A 210 1.94 19.64 13.18
CA SER A 210 1.12 19.65 14.43
C SER A 210 1.66 20.72 15.37
N GLN A 211 2.83 21.22 15.10
CA GLN A 211 3.45 22.27 15.95
C GLN A 211 3.29 23.65 15.29
N VAL A 212 2.92 23.67 14.03
CA VAL A 212 2.78 24.98 13.30
C VAL A 212 1.32 25.30 13.02
N LYS A 213 0.97 26.57 13.14
CA LYS A 213 -0.41 27.03 12.82
C LYS A 213 -0.28 27.88 11.56
N ASN A 214 -1.31 28.04 10.78
CA ASN A 214 -1.14 28.87 9.57
C ASN A 214 -0.75 30.29 9.99
N ASP A 215 -0.05 31.00 9.14
CA ASP A 215 0.39 32.41 9.42
C ASP A 215 1.55 32.43 10.43
N ASP A 216 2.12 31.30 10.74
CA ASP A 216 3.26 31.30 11.69
C ASP A 216 4.52 31.70 10.91
N TYR A 217 5.39 32.45 11.53
CA TYR A 217 6.65 32.86 10.82
C TYR A 217 7.72 31.81 11.13
N LEU A 218 8.28 31.19 10.12
CA LEU A 218 9.31 30.13 10.36
C LEU A 218 10.55 30.39 9.49
N ILE A 219 11.71 30.03 9.99
CA ILE A 219 12.96 30.18 9.19
C ILE A 219 13.50 28.77 8.96
N LEU A 220 13.75 28.41 7.73
CA LEU A 220 14.24 27.04 7.43
C LEU A 220 15.75 27.08 7.24
N ASP A 221 16.48 26.38 8.08
CA ASP A 221 17.96 26.36 7.94
C ASP A 221 18.34 25.46 6.78
N ALA A 222 17.73 24.31 6.69
CA ALA A 222 18.05 23.38 5.57
C ALA A 222 19.58 23.22 5.49
N VAL A 223 20.27 23.65 6.52
CA VAL A 223 21.76 23.52 6.57
C VAL A 223 22.12 22.88 7.90
N ASN A 224 21.53 23.38 8.97
CA ASN A 224 21.76 22.76 10.31
C ASN A 224 20.58 21.83 10.56
N ASN A 225 19.70 21.74 9.61
CA ASN A 225 18.51 20.87 9.74
C ASN A 225 17.68 21.29 10.96
N GLN A 226 17.44 22.57 11.10
CA GLN A 226 16.63 23.07 12.27
C GLN A 226 15.60 24.10 11.79
N VAL A 227 14.53 24.25 12.53
CA VAL A 227 13.47 25.25 12.16
C VAL A 227 13.28 26.20 13.35
N TYR A 228 13.30 27.49 13.11
CA TYR A 228 13.11 28.46 14.21
C TYR A 228 11.68 29.03 14.16
N VAL A 229 10.94 28.87 15.24
CA VAL A 229 9.53 29.35 15.28
C VAL A 229 9.43 30.70 16.03
N ASN A 230 9.10 31.75 15.35
CA ASN A 230 8.97 33.08 16.02
C ASN A 230 10.26 33.44 16.78
N PRO A 231 11.39 33.12 16.20
CA PRO A 231 12.74 33.32 16.85
C PRO A 231 13.14 34.73 17.23
N THR A 232 14.26 34.80 17.90
CA THR A 232 14.88 36.08 18.29
C THR A 232 15.50 36.66 17.02
N ASN A 233 15.42 37.94 16.83
CA ASN A 233 15.98 38.54 15.59
C ASN A 233 17.42 38.03 15.33
N GLU A 234 18.14 37.64 16.35
CA GLU A 234 19.54 37.17 16.15
C GLU A 234 19.55 35.87 15.32
N VAL A 235 18.64 34.98 15.54
CA VAL A 235 18.60 33.73 14.73
C VAL A 235 18.25 34.09 13.29
N ILE A 236 17.31 34.98 13.14
CA ILE A 236 16.94 35.45 11.81
C ILE A 236 18.19 36.00 11.16
N ASP A 237 19.15 36.33 11.99
CA ASP A 237 20.41 36.85 11.49
C ASP A 237 21.41 35.78 11.08
N LYS A 238 21.76 34.88 12.02
CA LYS A 238 22.62 33.70 11.77
C LYS A 238 22.24 33.02 10.47
N MET A 239 20.94 32.70 10.35
CA MET A 239 20.36 32.10 9.17
C MET A 239 20.62 32.92 7.93
N ARG A 240 20.38 34.22 8.02
CA ARG A 240 20.57 35.09 6.89
C ARG A 240 22.03 34.98 6.41
N ALA A 241 22.94 34.78 7.34
CA ALA A 241 24.37 34.62 6.99
C ALA A 241 24.63 33.22 6.44
N VAL A 242 23.83 32.25 6.90
CA VAL A 242 23.95 30.87 6.45
C VAL A 242 23.56 30.80 4.98
N GLN A 243 22.52 31.57 4.68
CA GLN A 243 22.00 31.80 3.35
C GLN A 243 23.01 32.49 2.43
N GLU A 244 23.78 33.41 2.99
CA GLU A 244 24.90 33.99 2.25
C GLU A 244 25.91 32.93 1.81
N GLN A 245 26.26 32.02 2.70
CA GLN A 245 27.27 30.99 2.40
C GLN A 245 26.75 30.13 1.26
N VAL A 246 25.48 29.73 1.42
CA VAL A 246 24.76 28.98 0.43
C VAL A 246 24.85 29.61 -0.95
N ALA A 247 24.61 30.91 -1.01
CA ALA A 247 24.70 31.67 -2.26
C ALA A 247 26.13 31.76 -2.84
N SER A 248 27.13 31.87 -1.98
CA SER A 248 28.52 31.85 -2.40
C SER A 248 28.89 30.48 -2.92
N GLU A 249 28.40 29.44 -2.25
CA GLU A 249 28.64 28.09 -2.73
C GLU A 249 28.21 27.96 -4.18
N LYS A 250 27.03 28.53 -4.51
CA LYS A 250 26.55 28.46 -5.89
C LYS A 250 27.55 29.15 -6.76
N ALA A 251 27.82 30.40 -6.42
CA ALA A 251 28.73 31.24 -7.18
C ALA A 251 30.06 30.54 -7.48
N GLU A 252 30.60 29.80 -6.53
CA GLU A 252 31.86 29.09 -6.76
C GLU A 252 31.69 27.86 -7.67
N LEU A 253 30.73 26.99 -7.31
CA LEU A 253 30.38 25.84 -8.14
C LEU A 253 30.05 26.24 -9.56
N ALA A 254 29.38 27.38 -9.72
CA ALA A 254 29.04 27.95 -11.02
C ALA A 254 30.17 27.92 -12.04
N LYS A 255 31.39 28.06 -11.57
CA LYS A 255 32.51 28.21 -12.46
C LYS A 255 32.75 26.96 -13.32
N LEU A 256 32.11 25.86 -12.95
CA LEU A 256 32.24 24.58 -13.65
C LEU A 256 31.18 24.40 -14.73
N LYS A 257 30.16 25.27 -14.69
CA LYS A 257 29.04 25.26 -15.64
C LYS A 257 29.39 24.64 -16.99
N ASP A 258 30.53 25.05 -17.56
CA ASP A 258 30.92 24.63 -18.89
C ASP A 258 31.90 23.51 -18.89
N LEU A 259 32.69 23.36 -17.85
CA LEU A 259 33.71 22.27 -17.83
C LEU A 259 33.04 20.89 -17.99
N PRO A 260 33.61 19.98 -18.78
CA PRO A 260 33.02 18.62 -18.96
C PRO A 260 33.30 17.72 -17.74
N ALA A 261 32.59 16.61 -17.62
CA ALA A 261 32.81 15.70 -16.45
C ALA A 261 33.96 14.72 -16.71
N ILE A 262 35.17 15.14 -16.49
CA ILE A 262 36.36 14.30 -16.73
C ILE A 262 37.21 14.25 -15.46
N THR A 263 37.48 13.04 -15.00
CA THR A 263 38.42 12.84 -13.93
C THR A 263 39.80 13.38 -14.33
N LEU A 264 40.62 13.67 -13.30
CA LEU A 264 42.02 14.03 -13.47
C LEU A 264 42.74 13.18 -14.51
N ASP A 265 42.52 11.87 -14.47
CA ASP A 265 43.19 10.95 -15.37
C ASP A 265 42.43 10.65 -16.66
N GLY A 266 41.51 11.51 -17.06
CA GLY A 266 40.93 11.41 -18.42
C GLY A 266 39.65 10.60 -18.68
N HIS A 267 38.93 10.23 -17.63
CA HIS A 267 37.76 9.39 -17.79
C HIS A 267 36.56 10.31 -17.82
N GLN A 268 35.77 10.22 -18.90
CA GLN A 268 34.60 11.05 -19.06
C GLN A 268 33.28 10.34 -18.82
N VAL A 269 32.36 11.06 -18.19
CA VAL A 269 30.96 10.57 -18.05
C VAL A 269 30.00 11.67 -18.46
N GLU A 270 28.77 11.33 -18.80
CA GLU A 270 27.80 12.36 -18.99
C GLU A 270 27.18 12.70 -17.64
N VAL A 271 26.70 13.92 -17.54
CA VAL A 271 26.11 14.41 -16.33
C VAL A 271 24.96 15.30 -16.80
N CYS A 272 23.74 14.90 -16.47
CA CYS A 272 22.58 15.50 -17.09
C CYS A 272 21.57 15.78 -16.05
N ALA A 273 20.52 16.49 -16.48
CA ALA A 273 19.44 16.81 -15.59
C ALA A 273 18.28 15.85 -15.79
N ASN A 274 17.66 15.47 -14.68
CA ASN A 274 16.35 14.90 -14.75
C ASN A 274 15.43 16.06 -14.83
N ILE A 275 14.41 16.01 -15.69
CA ILE A 275 13.42 17.11 -15.75
C ILE A 275 11.99 16.62 -15.72
N GLY A 276 11.09 17.58 -15.51
CA GLY A 276 9.67 17.31 -15.49
C GLY A 276 8.88 18.06 -16.54
N THR A 277 9.47 19.12 -17.12
CA THR A 277 8.71 20.20 -17.79
C THR A 277 9.73 21.08 -18.49
N VAL A 278 9.51 21.50 -19.76
CA VAL A 278 10.39 22.54 -20.38
C VAL A 278 10.99 23.52 -19.38
N ARG A 279 10.17 23.91 -18.39
CA ARG A 279 10.59 24.90 -17.40
C ARG A 279 11.83 24.46 -16.62
N ASP A 280 12.15 23.17 -16.65
CA ASP A 280 13.25 22.64 -15.90
C ASP A 280 14.52 22.74 -16.74
N VAL A 281 14.38 22.99 -18.04
CA VAL A 281 15.50 23.08 -18.95
C VAL A 281 16.36 24.28 -18.54
N GLU A 282 15.68 25.27 -18.00
CA GLU A 282 16.35 26.47 -17.60
C GLU A 282 17.36 26.12 -16.51
N GLY A 283 16.89 25.56 -15.38
CA GLY A 283 17.79 25.04 -14.33
C GLY A 283 18.88 24.13 -14.86
N ALA A 284 18.56 23.31 -15.85
CA ALA A 284 19.56 22.38 -16.38
C ALA A 284 20.70 23.11 -17.08
N GLU A 285 20.34 24.14 -17.86
CA GLU A 285 21.33 24.89 -18.60
C GLU A 285 22.11 25.70 -17.59
N ARG A 286 21.39 26.20 -16.60
CA ARG A 286 21.98 27.02 -15.55
C ARG A 286 23.10 26.28 -14.78
N ASN A 287 22.90 24.98 -14.60
CA ASN A 287 23.74 24.16 -13.76
C ASN A 287 24.69 23.27 -14.54
N GLY A 288 24.75 23.52 -15.84
CA GLY A 288 25.82 22.95 -16.64
C GLY A 288 25.57 21.56 -17.14
N ALA A 289 24.29 21.17 -17.15
CA ALA A 289 23.81 19.88 -17.66
C ALA A 289 24.30 19.68 -19.08
N GLU A 290 24.76 18.49 -19.42
CA GLU A 290 25.17 18.21 -20.81
C GLU A 290 24.04 17.60 -21.65
N GLY A 291 22.86 17.46 -21.07
CA GLY A 291 21.68 16.93 -21.77
C GLY A 291 20.70 16.54 -20.68
N VAL A 292 19.60 15.90 -21.07
CA VAL A 292 18.59 15.46 -20.14
C VAL A 292 18.60 13.94 -20.07
N GLY A 293 18.72 13.41 -18.85
CA GLY A 293 18.93 12.00 -18.67
C GLY A 293 17.62 11.32 -18.35
N LEU A 294 16.60 12.09 -18.00
CA LEU A 294 15.31 11.51 -17.70
C LEU A 294 14.28 12.61 -17.73
N TYR A 295 13.31 12.44 -18.61
CA TYR A 295 12.24 13.36 -18.77
C TYR A 295 11.07 12.55 -18.28
N ARG A 296 10.77 12.76 -17.00
CA ARG A 296 9.64 12.13 -16.32
C ARG A 296 8.40 12.68 -16.96
N THR A 297 7.81 11.97 -17.90
CA THR A 297 6.66 12.52 -18.62
C THR A 297 5.39 12.62 -17.75
N GLU A 298 5.31 11.85 -16.66
CA GLU A 298 4.19 11.96 -15.70
C GLU A 298 3.99 13.38 -15.32
N PHE A 299 5.09 14.07 -15.11
CA PHE A 299 5.10 15.38 -14.50
C PHE A 299 4.39 16.33 -15.46
N LEU A 300 4.57 16.09 -16.76
CA LEU A 300 3.86 16.86 -17.73
C LEU A 300 2.38 16.56 -17.61
N PHE A 301 2.04 15.35 -17.22
CA PHE A 301 0.65 14.91 -17.11
C PHE A 301 0.00 15.51 -15.88
N MET A 302 0.82 15.82 -14.88
CA MET A 302 0.30 16.45 -13.66
C MET A 302 0.43 17.97 -13.78
N ASP A 303 0.86 18.42 -14.95
CA ASP A 303 0.92 19.83 -15.23
C ASP A 303 -0.37 20.33 -15.87
N ARG A 304 -1.38 19.43 -15.97
CA ARG A 304 -2.65 19.60 -16.71
C ARG A 304 -3.83 19.02 -15.93
N ASP A 305 -5.08 19.42 -16.22
CA ASP A 305 -6.23 18.74 -15.58
C ASP A 305 -6.99 17.77 -16.50
N ALA A 306 -6.31 17.31 -17.54
CA ALA A 306 -6.86 16.30 -18.45
C ALA A 306 -5.71 15.51 -18.98
N LEU A 307 -5.98 14.28 -19.47
CA LEU A 307 -4.95 13.47 -20.10
C LEU A 307 -4.52 14.12 -21.40
N PRO A 308 -3.19 14.36 -21.58
CA PRO A 308 -2.74 15.05 -22.79
C PRO A 308 -2.74 14.14 -24.00
N THR A 309 -3.37 14.60 -25.06
CA THR A 309 -3.58 13.82 -26.26
C THR A 309 -2.28 13.62 -26.98
N GLU A 310 -2.32 12.87 -28.05
CA GLU A 310 -1.13 12.74 -28.84
C GLU A 310 -0.58 14.13 -29.17
N GLU A 311 -1.45 15.01 -29.64
CA GLU A 311 -1.04 16.32 -30.13
C GLU A 311 -0.45 17.19 -28.99
N GLU A 312 -1.08 17.16 -27.82
CA GLU A 312 -0.59 17.98 -26.72
C GLU A 312 0.76 17.47 -26.27
N GLN A 313 0.93 16.14 -26.35
CA GLN A 313 2.17 15.54 -25.91
C GLN A 313 3.27 15.89 -26.87
N PHE A 314 2.93 15.72 -28.13
CA PHE A 314 3.84 16.03 -29.19
C PHE A 314 4.40 17.44 -28.98
N ALA A 315 3.50 18.39 -28.69
CA ALA A 315 3.87 19.80 -28.64
C ALA A 315 4.81 20.01 -27.49
N ALA A 316 4.45 19.39 -26.37
CA ALA A 316 5.18 19.47 -25.13
C ALA A 316 6.55 18.89 -25.34
N TYR A 317 6.62 17.72 -25.99
CA TYR A 317 7.90 17.07 -26.30
C TYR A 317 8.75 17.88 -27.23
N LYS A 318 8.10 18.46 -28.25
CA LYS A 318 8.75 19.30 -29.29
C LYS A 318 9.39 20.45 -28.59
N ALA A 319 8.60 21.13 -27.76
CA ALA A 319 9.17 22.27 -27.02
C ALA A 319 10.43 21.85 -26.29
N VAL A 320 10.38 20.72 -25.57
CA VAL A 320 11.50 20.33 -24.74
C VAL A 320 12.67 20.09 -25.69
N ALA A 321 12.43 19.29 -26.71
CA ALA A 321 13.48 18.93 -27.65
C ALA A 321 14.17 20.16 -28.18
N GLU A 322 13.39 21.22 -28.30
CA GLU A 322 13.89 22.43 -28.87
C GLU A 322 14.51 23.31 -27.81
N ALA A 323 13.94 23.32 -26.62
CA ALA A 323 14.54 24.08 -25.54
C ALA A 323 15.83 23.44 -25.12
N CYS A 324 16.09 22.25 -25.62
CA CYS A 324 17.36 21.63 -25.31
C CYS A 324 18.42 21.79 -26.37
N GLY A 325 18.08 22.46 -27.48
CA GLY A 325 19.06 22.76 -28.51
C GLY A 325 19.67 21.49 -29.08
N SER A 326 20.98 21.43 -29.01
CA SER A 326 21.71 20.32 -29.61
C SER A 326 21.56 19.10 -28.74
N GLN A 327 21.18 19.30 -27.47
CA GLN A 327 21.26 18.25 -26.46
C GLN A 327 20.20 17.15 -26.57
N ALA A 328 20.57 15.96 -26.12
CA ALA A 328 19.72 14.77 -26.16
C ALA A 328 18.79 14.73 -24.95
N VAL A 329 17.53 14.42 -25.17
CA VAL A 329 16.63 14.21 -24.05
C VAL A 329 16.20 12.74 -23.97
N ILE A 330 16.28 12.14 -22.79
CA ILE A 330 15.81 10.77 -22.62
C ILE A 330 14.38 10.87 -22.07
N VAL A 331 13.43 10.69 -22.98
CA VAL A 331 12.03 10.85 -22.68
C VAL A 331 11.57 9.52 -22.14
N ARG A 332 11.17 9.49 -20.87
CA ARG A 332 10.66 8.22 -20.33
C ARG A 332 9.18 8.22 -20.55
N THR A 333 8.69 7.10 -21.03
CA THR A 333 7.25 6.95 -21.11
C THR A 333 6.74 6.92 -19.69
N MET A 334 5.44 7.15 -19.60
CA MET A 334 4.76 7.60 -18.41
C MET A 334 4.79 6.63 -17.24
N ASP A 335 5.02 7.17 -16.05
CA ASP A 335 5.10 6.36 -14.85
C ASP A 335 4.15 6.91 -13.78
N ILE A 336 2.90 6.54 -13.92
CA ILE A 336 1.90 6.83 -12.95
C ILE A 336 1.67 5.58 -12.08
N GLY A 337 1.40 5.79 -10.80
CA GLY A 337 0.81 4.74 -10.01
C GLY A 337 1.50 4.18 -8.77
N GLY A 338 2.54 4.84 -8.30
CA GLY A 338 3.03 4.43 -7.00
C GLY A 338 2.58 5.59 -6.15
N ASP A 339 3.53 6.35 -5.65
CA ASP A 339 3.16 7.59 -5.02
C ASP A 339 2.80 8.67 -6.05
N LYS A 340 2.81 8.36 -7.35
CA LYS A 340 2.36 9.37 -8.32
C LYS A 340 1.09 9.03 -9.11
N GLU A 341 -0.02 9.31 -8.45
CA GLU A 341 -1.24 9.18 -9.11
C GLU A 341 -1.49 10.48 -9.87
N LEU A 342 -2.23 10.40 -10.97
CA LEU A 342 -2.93 11.58 -11.42
C LEU A 342 -4.43 11.44 -11.19
N PRO A 343 -4.92 12.20 -10.20
CA PRO A 343 -6.31 12.25 -9.75
C PRO A 343 -7.29 12.25 -10.93
N TYR A 344 -7.02 13.05 -11.95
CA TYR A 344 -7.95 13.05 -13.10
C TYR A 344 -8.21 11.68 -13.76
N MET A 345 -7.37 10.68 -13.45
CA MET A 345 -7.55 9.36 -14.04
C MET A 345 -8.54 8.54 -13.24
N ASN A 346 -8.78 8.95 -11.99
CA ASN A 346 -9.70 8.25 -11.12
C ASN A 346 -9.45 6.75 -11.02
N PHE A 347 -8.21 6.34 -11.19
CA PHE A 347 -7.90 4.94 -11.05
C PHE A 347 -8.37 4.47 -9.68
N PRO A 348 -8.67 3.17 -9.56
CA PRO A 348 -9.06 2.66 -8.24
C PRO A 348 -7.88 2.53 -7.29
N LYS A 349 -8.17 2.51 -5.98
CA LYS A 349 -7.14 2.35 -4.97
C LYS A 349 -6.53 0.97 -4.99
N GLU A 350 -5.28 0.92 -4.54
CA GLU A 350 -4.54 -0.34 -4.37
C GLU A 350 -3.95 -0.47 -2.98
N GLU A 351 -3.85 -1.71 -2.55
CA GLU A 351 -3.30 -1.99 -1.27
C GLU A 351 -1.81 -1.61 -1.20
N ASN A 352 -1.08 -1.80 -2.29
CA ASN A 352 0.33 -1.36 -2.33
C ASN A 352 0.60 -0.69 -3.66
N PRO A 353 0.35 0.62 -3.74
CA PRO A 353 0.50 1.23 -5.04
C PRO A 353 1.87 0.94 -5.61
N PHE A 354 2.89 0.97 -4.78
CA PHE A 354 4.26 0.80 -5.29
C PHE A 354 4.60 -0.58 -5.81
N LEU A 355 3.79 -1.57 -5.44
CA LEU A 355 3.82 -2.89 -6.03
C LEU A 355 2.59 -3.15 -6.88
N GLY A 356 2.02 -2.10 -7.45
CA GLY A 356 0.74 -2.24 -8.13
C GLY A 356 0.81 -1.94 -9.61
N TRP A 357 -0.28 -1.34 -10.09
CA TRP A 357 -0.58 -1.21 -11.49
C TRP A 357 0.00 0.11 -11.95
N ARG A 358 1.29 0.05 -12.17
CA ARG A 358 2.12 1.22 -12.28
C ARG A 358 2.80 1.33 -13.67
N ALA A 359 2.82 2.55 -14.20
CA ALA A 359 3.67 2.90 -15.35
C ALA A 359 3.27 2.05 -16.52
N ILE A 360 4.16 1.19 -16.93
CA ILE A 360 4.02 0.40 -18.15
C ILE A 360 2.87 -0.64 -18.08
N ARG A 361 2.52 -0.95 -16.85
CA ARG A 361 1.49 -1.89 -16.63
C ARG A 361 0.17 -1.31 -17.02
N ILE A 362 0.09 0.02 -16.99
CA ILE A 362 -1.12 0.74 -17.42
C ILE A 362 -1.11 0.91 -18.94
N ALA A 363 -0.02 1.42 -19.45
CA ALA A 363 0.01 1.73 -20.84
C ALA A 363 -0.20 0.44 -21.67
N MET A 364 0.18 -0.70 -21.10
CA MET A 364 -0.09 -2.00 -21.75
C MET A 364 -1.50 -2.51 -21.52
N ASP A 365 -2.18 -1.99 -20.53
CA ASP A 365 -3.57 -2.41 -20.38
C ASP A 365 -4.49 -1.42 -21.02
N ARG A 366 -3.93 -0.32 -21.52
CA ARG A 366 -4.74 0.67 -22.18
C ARG A 366 -3.93 1.25 -23.26
N ARG A 367 -3.87 0.54 -24.40
CA ARG A 367 -3.02 0.94 -25.50
C ARG A 367 -3.16 2.38 -25.97
N GLU A 368 -4.38 2.92 -26.01
CA GLU A 368 -4.52 4.32 -26.41
C GLU A 368 -3.43 5.21 -25.71
N ILE A 369 -3.05 4.86 -24.47
CA ILE A 369 -2.14 5.69 -23.66
C ILE A 369 -0.70 5.52 -24.15
N LEU A 370 -0.27 4.27 -24.18
CA LEU A 370 0.97 3.91 -24.75
C LEU A 370 1.08 4.45 -26.20
N ARG A 371 0.03 4.29 -27.00
CA ARG A 371 0.11 4.65 -28.41
C ARG A 371 0.24 6.16 -28.67
N ASP A 372 -0.67 6.94 -28.05
CA ASP A 372 -0.65 8.37 -28.16
C ASP A 372 0.72 8.79 -27.81
N GLN A 373 1.21 8.31 -26.66
CA GLN A 373 2.49 8.80 -26.16
C GLN A 373 3.63 8.43 -27.08
N LEU A 374 3.80 7.16 -27.40
CA LEU A 374 4.92 6.78 -28.24
C LEU A 374 4.87 7.46 -29.59
N ARG A 375 3.70 7.45 -30.21
CA ARG A 375 3.41 8.31 -31.37
C ARG A 375 3.97 9.75 -31.19
N ALA A 376 3.51 10.44 -30.15
CA ALA A 376 3.98 11.77 -29.85
C ALA A 376 5.50 11.86 -29.71
N ILE A 377 6.13 10.95 -28.98
CA ILE A 377 7.57 11.01 -28.80
C ILE A 377 8.22 10.90 -30.18
N LEU A 378 7.90 9.83 -30.89
CA LEU A 378 8.50 9.62 -32.19
C LEU A 378 8.38 10.88 -33.02
N ARG A 379 7.17 11.43 -33.09
CA ARG A 379 6.98 12.54 -33.96
C ARG A 379 7.83 13.70 -33.49
N ALA A 380 7.93 13.88 -32.16
CA ALA A 380 8.77 14.96 -31.62
C ALA A 380 10.25 14.77 -31.95
N SER A 381 10.67 13.53 -32.19
CA SER A 381 12.06 13.24 -32.49
C SER A 381 12.45 13.78 -33.85
N ALA A 382 11.49 14.28 -34.59
CA ALA A 382 11.81 14.91 -35.86
C ALA A 382 12.37 16.28 -35.60
N PHE A 383 12.48 16.66 -34.32
CA PHE A 383 12.78 18.05 -33.99
C PHE A 383 13.93 18.25 -33.03
N GLY A 384 14.60 17.17 -32.63
CA GLY A 384 15.71 17.28 -31.73
C GLY A 384 16.07 15.90 -31.31
N LYS A 385 17.30 15.69 -30.79
CA LYS A 385 17.69 14.34 -30.38
C LYS A 385 16.88 13.87 -29.16
N LEU A 386 16.03 12.89 -29.38
CA LEU A 386 15.27 12.27 -28.29
C LEU A 386 15.63 10.80 -28.22
N ARG A 387 15.60 10.26 -27.00
CA ARG A 387 15.59 8.82 -26.80
C ARG A 387 14.29 8.43 -26.09
N ILE A 388 13.88 7.18 -26.25
CA ILE A 388 12.72 6.61 -25.54
C ILE A 388 13.20 5.65 -24.48
N MET A 389 12.61 5.75 -23.31
CA MET A 389 12.99 4.84 -22.26
C MET A 389 11.73 4.47 -21.57
N PHE A 390 11.68 3.24 -21.09
CA PHE A 390 10.52 2.66 -20.41
C PHE A 390 10.77 2.44 -18.94
N PRO A 391 9.79 2.80 -18.10
CA PRO A 391 9.81 2.61 -16.65
C PRO A 391 9.30 1.25 -16.20
N MET A 392 9.67 0.81 -14.99
CA MET A 392 9.08 -0.39 -14.36
C MET A 392 9.18 -1.69 -15.13
N ILE A 393 10.16 -1.80 -16.00
CA ILE A 393 10.44 -3.03 -16.72
C ILE A 393 10.86 -4.17 -15.79
N ILE A 394 10.28 -5.33 -16.04
CA ILE A 394 10.45 -6.47 -15.16
C ILE A 394 10.87 -7.75 -15.85
N SER A 395 10.68 -7.80 -17.18
CA SER A 395 10.92 -9.02 -17.93
C SER A 395 11.39 -8.71 -19.34
N VAL A 396 12.03 -9.67 -20.00
CA VAL A 396 12.29 -9.52 -21.41
C VAL A 396 10.96 -9.53 -22.15
N GLU A 397 10.01 -10.32 -21.69
CA GLU A 397 8.66 -10.29 -22.30
C GLU A 397 8.15 -8.85 -22.53
N GLU A 398 8.11 -8.07 -21.44
CA GLU A 398 7.63 -6.68 -21.52
C GLU A 398 8.36 -5.87 -22.61
N VAL A 399 9.67 -5.87 -22.59
CA VAL A 399 10.45 -5.12 -23.61
C VAL A 399 10.11 -5.49 -25.07
N ARG A 400 10.06 -6.78 -25.37
CA ARG A 400 9.73 -7.17 -26.71
C ARG A 400 8.32 -6.72 -27.09
N ALA A 401 7.39 -6.72 -26.14
CA ALA A 401 6.03 -6.41 -26.49
C ALA A 401 5.93 -4.91 -26.83
N LEU A 402 6.78 -4.12 -26.20
CA LEU A 402 6.77 -2.68 -26.33
C LEU A 402 7.54 -2.20 -27.59
N ARG A 403 8.65 -2.88 -27.89
CA ARG A 403 9.40 -2.64 -29.14
C ARG A 403 8.55 -2.94 -30.35
N LYS A 404 7.81 -4.03 -30.23
CA LYS A 404 6.88 -4.44 -31.25
C LYS A 404 5.85 -3.34 -31.41
N GLU A 405 5.37 -2.85 -30.30
CA GLU A 405 4.52 -1.70 -30.31
C GLU A 405 5.18 -0.49 -31.01
N ILE A 406 6.37 -0.09 -30.58
CA ILE A 406 7.05 0.99 -31.29
C ILE A 406 7.02 0.75 -32.82
N GLU A 407 7.50 -0.41 -33.27
CA GLU A 407 7.54 -0.71 -34.66
C GLU A 407 6.21 -0.51 -35.38
N ILE A 408 5.10 -0.82 -34.71
CA ILE A 408 3.78 -0.58 -35.28
C ILE A 408 3.49 0.92 -35.41
N TYR A 409 3.69 1.63 -34.32
CA TYR A 409 3.53 3.05 -34.31
C TYR A 409 4.48 3.73 -35.28
N LYS A 410 5.65 3.16 -35.53
CA LYS A 410 6.60 3.75 -36.45
C LYS A 410 6.02 3.72 -37.84
N GLN A 411 5.43 2.58 -38.22
CA GLN A 411 4.90 2.41 -39.57
C GLN A 411 3.75 3.34 -39.80
N GLU A 412 2.83 3.40 -38.85
CA GLU A 412 1.72 4.28 -38.97
C GLU A 412 2.21 5.68 -39.29
N LEU A 413 3.14 6.20 -38.50
CA LEU A 413 3.73 7.50 -38.82
C LEU A 413 4.24 7.58 -40.27
N ARG A 414 5.13 6.65 -40.66
CA ARG A 414 5.56 6.48 -42.08
C ARG A 414 4.39 6.58 -43.07
N ASP A 415 3.28 5.97 -42.74
CA ASP A 415 2.12 5.93 -43.62
C ASP A 415 1.30 7.19 -43.64
N GLU A 416 1.44 8.00 -42.60
CA GLU A 416 0.69 9.24 -42.50
C GLU A 416 1.55 10.44 -42.94
N GLY A 417 2.76 10.16 -43.46
CA GLY A 417 3.67 11.19 -43.98
C GLY A 417 4.17 12.10 -42.87
N LYS A 418 4.58 11.45 -41.78
CA LYS A 418 5.02 12.08 -40.56
C LYS A 418 6.45 11.62 -40.16
N ALA A 419 7.40 12.54 -40.26
CA ALA A 419 8.81 12.29 -39.96
C ALA A 419 8.96 11.88 -38.50
N PHE A 420 9.93 10.99 -38.28
CA PHE A 420 10.44 10.69 -36.99
C PHE A 420 11.86 10.24 -37.23
N ASP A 421 12.70 10.40 -36.21
CA ASP A 421 14.11 10.08 -36.29
C ASP A 421 14.13 8.58 -36.41
N GLU A 422 14.55 8.06 -37.56
CA GLU A 422 14.65 6.60 -37.73
C GLU A 422 15.76 6.00 -36.86
N SER A 423 16.66 6.84 -36.36
CA SER A 423 17.80 6.43 -35.54
C SER A 423 17.44 6.27 -34.08
N ILE A 424 16.16 6.43 -33.74
CA ILE A 424 15.81 6.75 -32.37
C ILE A 424 16.14 5.59 -31.48
N GLU A 425 16.84 5.90 -30.39
CA GLU A 425 17.29 4.84 -29.53
C GLU A 425 16.33 4.60 -28.42
N ILE A 426 16.26 3.33 -28.06
CA ILE A 426 15.31 2.83 -27.11
C ILE A 426 16.05 2.14 -25.97
N GLY A 427 15.67 2.44 -24.74
CA GLY A 427 16.30 1.80 -23.59
C GLY A 427 15.29 1.51 -22.49
N VAL A 428 15.76 1.12 -21.33
CA VAL A 428 14.83 0.75 -20.29
C VAL A 428 15.36 1.21 -18.97
N MET A 429 14.45 1.54 -18.07
CA MET A 429 14.80 1.84 -16.71
C MET A 429 15.19 0.50 -16.15
N VAL A 430 16.31 0.40 -15.47
CA VAL A 430 16.54 -0.79 -14.65
C VAL A 430 16.28 -0.33 -13.20
N GLU A 431 15.09 -0.56 -12.67
CA GLU A 431 14.76 -0.03 -11.37
C GLU A 431 13.98 -1.05 -10.57
N THR A 432 13.94 -2.21 -11.14
CA THR A 432 13.38 -3.41 -10.57
C THR A 432 14.57 -4.42 -10.37
N PRO A 433 14.54 -5.21 -9.27
CA PRO A 433 15.53 -6.24 -9.04
C PRO A 433 15.39 -7.32 -10.10
N ALA A 434 14.20 -7.53 -10.63
CA ALA A 434 14.03 -8.38 -11.80
C ALA A 434 14.91 -7.89 -12.91
N ALA A 435 14.68 -6.66 -13.34
CA ALA A 435 15.46 -6.12 -14.46
C ALA A 435 16.94 -6.27 -14.17
N ALA A 436 17.31 -5.97 -12.94
CA ALA A 436 18.73 -5.98 -12.60
C ALA A 436 19.25 -7.39 -12.80
N THR A 437 18.46 -8.38 -12.39
CA THR A 437 18.83 -9.79 -12.48
C THR A 437 19.00 -10.36 -13.89
N ILE A 438 18.18 -9.85 -14.81
CA ILE A 438 18.17 -10.31 -16.17
C ILE A 438 18.76 -9.21 -17.05
N ALA A 439 19.50 -8.32 -16.40
CA ALA A 439 20.19 -7.29 -17.14
C ALA A 439 20.88 -7.85 -18.38
N ARG A 440 21.50 -9.03 -18.32
CA ARG A 440 22.26 -9.49 -19.50
C ARG A 440 21.29 -9.64 -20.60
N HIS A 441 20.24 -10.45 -20.36
CA HIS A 441 19.17 -10.62 -21.34
C HIS A 441 18.58 -9.36 -21.88
N LEU A 442 18.36 -8.37 -21.02
CA LEU A 442 17.70 -7.13 -21.45
C LEU A 442 18.63 -6.30 -22.32
N ALA A 443 19.91 -6.32 -21.99
CA ALA A 443 20.95 -5.55 -22.72
C ALA A 443 21.05 -5.84 -24.24
N LYS A 444 20.71 -7.08 -24.64
CA LYS A 444 20.61 -7.44 -26.08
C LYS A 444 19.45 -6.75 -26.69
N GLU A 445 18.47 -6.37 -25.90
CA GLU A 445 17.18 -6.01 -26.44
C GLU A 445 16.96 -4.49 -26.46
N VAL A 446 17.85 -3.74 -25.82
CA VAL A 446 17.72 -2.30 -25.75
C VAL A 446 19.02 -1.64 -26.09
N ASP A 447 18.99 -0.32 -26.32
CA ASP A 447 20.21 0.45 -26.61
C ASP A 447 20.89 0.96 -25.39
N PHE A 448 20.18 0.98 -24.28
CA PHE A 448 20.77 1.55 -23.09
C PHE A 448 19.96 1.27 -21.85
N PHE A 449 20.49 1.66 -20.70
CA PHE A 449 19.84 1.44 -19.41
C PHE A 449 20.04 2.70 -18.67
N SER A 450 19.06 3.05 -17.85
CA SER A 450 19.25 3.99 -16.81
C SER A 450 18.76 3.35 -15.53
N ILE A 451 19.61 3.29 -14.51
CA ILE A 451 19.22 2.63 -13.26
C ILE A 451 18.42 3.56 -12.36
N GLY A 452 17.19 3.15 -12.03
CA GLY A 452 16.41 3.94 -11.11
C GLY A 452 16.65 3.40 -9.73
N THR A 453 17.54 4.01 -8.97
CA THR A 453 17.88 3.51 -7.66
C THR A 453 16.81 3.81 -6.60
N ASN A 454 15.95 4.78 -6.87
CA ASN A 454 14.89 5.06 -5.90
C ASN A 454 14.00 3.84 -5.82
N ASP A 455 13.55 3.39 -6.98
CA ASP A 455 12.79 2.19 -7.03
C ASP A 455 13.59 0.94 -6.70
N LEU A 456 14.71 0.70 -7.38
CA LEU A 456 15.57 -0.43 -7.10
C LEU A 456 15.86 -0.59 -5.60
N THR A 457 16.17 0.50 -4.95
CA THR A 457 16.42 0.41 -3.55
C THR A 457 15.14 -0.13 -2.91
N GLN A 458 14.03 0.53 -3.24
CA GLN A 458 12.74 0.24 -2.67
C GLN A 458 12.45 -1.23 -2.73
N TYR A 459 12.60 -1.85 -3.91
CA TYR A 459 12.21 -3.27 -4.04
C TYR A 459 13.25 -4.22 -3.58
N THR A 460 14.50 -3.80 -3.64
CA THR A 460 15.53 -4.71 -3.26
C THR A 460 15.46 -4.81 -1.72
N LEU A 461 15.26 -3.67 -1.07
CA LEU A 461 15.16 -3.65 0.38
C LEU A 461 13.72 -3.77 0.86
N ALA A 462 12.76 -3.82 -0.04
CA ALA A 462 11.35 -3.76 0.43
C ALA A 462 11.11 -2.68 1.44
N VAL A 463 11.62 -1.49 1.14
CA VAL A 463 11.28 -0.34 1.95
C VAL A 463 10.69 0.77 1.10
N ASP A 464 9.50 1.17 1.53
CA ASP A 464 8.68 2.13 0.83
C ASP A 464 9.42 3.46 0.91
N ARG A 465 9.64 4.04 -0.26
CA ARG A 465 10.28 5.33 -0.40
C ARG A 465 9.55 6.41 0.36
N GLY A 466 8.27 6.17 0.62
CA GLY A 466 7.40 7.14 1.30
C GLY A 466 7.39 6.99 2.80
N ASN A 467 7.86 5.86 3.33
CA ASN A 467 7.59 5.48 4.73
C ASN A 467 8.70 5.94 5.69
N ASP A 468 8.45 7.05 6.39
CA ASP A 468 9.46 7.62 7.30
C ASP A 468 9.77 6.72 8.48
N MET A 469 8.77 5.99 8.95
CA MET A 469 8.99 5.06 10.04
C MET A 469 10.14 4.08 9.81
N ILE A 470 10.31 3.59 8.57
CA ILE A 470 11.45 2.75 8.27
C ILE A 470 12.50 3.41 7.40
N SER A 471 12.48 4.73 7.30
CA SER A 471 13.42 5.34 6.37
C SER A 471 14.86 4.89 6.64
N HIS A 472 15.20 4.57 7.90
CA HIS A 472 16.57 4.25 8.25
C HIS A 472 17.07 3.02 7.51
N LEU A 473 16.13 2.22 7.01
CA LEU A 473 16.41 1.01 6.23
C LEU A 473 16.46 1.28 4.73
N TYR A 474 16.18 2.51 4.32
CA TYR A 474 16.18 2.77 2.92
C TYR A 474 17.59 3.13 2.58
N GLN A 475 18.36 2.18 2.05
CA GLN A 475 19.77 2.44 1.80
C GLN A 475 20.15 2.07 0.46
N PRO A 476 20.23 3.06 -0.44
CA PRO A 476 20.69 2.68 -1.78
C PRO A 476 22.18 2.38 -1.70
N MET A 477 22.79 2.69 -0.57
CA MET A 477 24.19 2.40 -0.41
C MET A 477 24.37 1.19 0.44
N SER A 478 23.73 0.13 -0.04
CA SER A 478 23.85 -1.16 0.55
C SER A 478 24.72 -1.97 -0.33
N PRO A 479 25.43 -2.92 0.27
CA PRO A 479 26.12 -3.91 -0.54
C PRO A 479 25.16 -4.60 -1.50
N SER A 480 23.87 -4.67 -1.13
CA SER A 480 22.89 -5.28 -2.03
C SER A 480 22.49 -4.42 -3.25
N VAL A 481 22.34 -3.13 -3.07
CA VAL A 481 21.94 -2.33 -4.20
C VAL A 481 23.16 -2.08 -5.09
N LEU A 482 24.32 -1.87 -4.47
CA LEU A 482 25.55 -1.60 -5.24
C LEU A 482 25.87 -2.76 -6.13
N ASN A 483 25.90 -3.95 -5.56
CA ASN A 483 26.10 -5.13 -6.38
C ASN A 483 25.19 -5.23 -7.60
N LEU A 484 23.89 -5.02 -7.40
CA LEU A 484 22.93 -4.99 -8.47
C LEU A 484 23.20 -3.89 -9.45
N ILE A 485 23.62 -2.70 -8.98
CA ILE A 485 24.11 -1.63 -9.89
C ILE A 485 25.28 -2.10 -10.79
N LYS A 486 26.28 -2.70 -10.17
CA LYS A 486 27.45 -3.17 -10.88
C LYS A 486 27.04 -4.15 -11.95
N GLN A 487 26.05 -4.94 -11.60
CA GLN A 487 25.76 -6.10 -12.38
C GLN A 487 25.10 -5.56 -13.67
N VAL A 488 24.35 -4.46 -13.50
CA VAL A 488 23.63 -3.82 -14.60
C VAL A 488 24.60 -3.11 -15.53
N ILE A 489 25.50 -2.30 -14.93
CA ILE A 489 26.49 -1.57 -15.69
C ILE A 489 27.24 -2.58 -16.57
N ASP A 490 27.73 -3.64 -15.93
CA ASP A 490 28.48 -4.66 -16.62
C ASP A 490 27.66 -5.26 -17.75
N ALA A 491 26.42 -5.62 -17.48
CA ALA A 491 25.55 -6.07 -18.57
C ALA A 491 25.65 -5.14 -19.75
N SER A 492 25.36 -3.84 -19.56
CA SER A 492 25.52 -2.80 -20.60
C SER A 492 26.77 -3.00 -21.39
N HIS A 493 27.89 -3.02 -20.66
CA HIS A 493 29.16 -2.91 -21.29
C HIS A 493 29.44 -4.18 -22.04
N ALA A 494 28.92 -5.28 -21.51
CA ALA A 494 29.18 -6.54 -22.18
C ALA A 494 28.54 -6.52 -23.56
N GLU A 495 27.40 -5.84 -23.73
CA GLU A 495 26.79 -5.72 -25.07
C GLU A 495 27.29 -4.54 -25.85
N GLY A 496 28.21 -3.77 -25.27
CA GLY A 496 28.68 -2.55 -25.91
C GLY A 496 27.69 -1.41 -25.85
N LYS A 497 26.73 -1.48 -24.92
CA LYS A 497 25.85 -0.36 -24.60
C LYS A 497 26.33 0.28 -23.32
N TRP A 498 25.54 1.20 -22.82
CA TRP A 498 25.93 2.01 -21.70
C TRP A 498 24.79 2.11 -20.68
N THR A 499 25.16 2.39 -19.44
CA THR A 499 24.17 2.54 -18.44
C THR A 499 24.33 3.92 -17.92
N GLY A 500 23.20 4.59 -17.79
CA GLY A 500 23.13 5.82 -17.02
C GLY A 500 22.39 5.57 -15.74
N MET A 501 22.24 6.62 -14.95
CA MET A 501 21.54 6.56 -13.67
C MET A 501 20.76 7.84 -13.41
N CYS A 502 19.44 7.73 -13.27
CA CYS A 502 18.64 8.89 -12.93
C CYS A 502 18.08 8.85 -11.54
N GLY A 503 18.22 7.71 -10.88
CA GLY A 503 17.93 7.65 -9.44
C GLY A 503 18.77 8.68 -8.71
N GLU A 504 18.33 8.99 -7.48
CA GLU A 504 18.97 10.04 -6.69
C GLU A 504 20.41 9.74 -6.26
N LEU A 505 20.80 8.47 -6.32
CA LEU A 505 22.19 8.13 -6.08
C LEU A 505 23.18 8.85 -6.99
N ALA A 506 22.80 9.01 -8.27
CA ALA A 506 23.63 9.72 -9.24
C ALA A 506 24.00 11.06 -8.68
N GLY A 507 23.02 11.73 -8.06
CA GLY A 507 23.24 13.07 -7.51
C GLY A 507 23.77 13.09 -6.09
N ASP A 508 24.02 11.92 -5.50
CA ASP A 508 24.42 11.81 -4.10
C ASP A 508 25.98 11.85 -3.97
N GLU A 509 26.50 12.92 -3.35
CA GLU A 509 27.96 13.12 -3.17
C GLU A 509 28.71 11.89 -2.69
N ARG A 510 28.00 10.96 -2.08
CA ARG A 510 28.64 9.87 -1.38
C ARG A 510 28.79 8.64 -2.24
N ALA A 511 28.08 8.65 -3.37
CA ALA A 511 28.17 7.54 -4.26
C ALA A 511 29.04 7.86 -5.46
N THR A 512 29.28 9.15 -5.68
CA THR A 512 29.91 9.59 -6.90
C THR A 512 31.17 8.81 -7.25
N LEU A 513 32.12 8.67 -6.31
CA LEU A 513 33.32 7.83 -6.56
C LEU A 513 33.03 6.37 -6.88
N LEU A 514 32.02 5.80 -6.23
CA LEU A 514 31.64 4.41 -6.49
C LEU A 514 30.96 4.27 -7.83
N LEU A 515 29.95 5.09 -8.07
CA LEU A 515 29.28 5.08 -9.34
C LEU A 515 30.33 5.21 -10.42
N LEU A 516 31.22 6.17 -10.26
CA LEU A 516 32.31 6.34 -11.24
C LEU A 516 33.19 5.10 -11.38
N GLY A 517 33.66 4.56 -10.25
CA GLY A 517 34.59 3.44 -10.25
C GLY A 517 33.96 2.21 -10.85
N MET A 518 32.64 2.11 -10.68
CA MET A 518 31.90 0.98 -11.16
C MET A 518 31.61 1.09 -12.62
N GLY A 519 32.02 2.22 -13.22
CA GLY A 519 31.94 2.42 -14.67
C GLY A 519 30.66 3.00 -15.23
N LEU A 520 29.80 3.54 -14.36
CA LEU A 520 28.58 4.18 -14.79
C LEU A 520 28.93 5.22 -15.84
N ASP A 521 28.15 5.24 -16.94
CA ASP A 521 28.47 6.04 -18.13
C ASP A 521 27.86 7.38 -18.02
N GLU A 522 26.73 7.44 -17.35
CA GLU A 522 25.92 8.61 -17.37
C GLU A 522 25.24 8.87 -16.05
N PHE A 523 25.27 10.11 -15.60
CA PHE A 523 24.60 10.47 -14.37
C PHE A 523 23.50 11.45 -14.65
N SER A 524 22.34 11.25 -14.07
CA SER A 524 21.31 12.26 -14.32
C SER A 524 20.62 12.61 -13.05
N MET A 525 20.45 13.89 -12.78
CA MET A 525 20.00 14.29 -11.48
C MET A 525 19.20 15.55 -11.53
N SER A 526 18.68 15.94 -10.37
CA SER A 526 18.25 17.29 -10.22
C SER A 526 19.38 18.15 -10.74
N ALA A 527 19.03 19.14 -11.53
CA ALA A 527 20.02 20.09 -12.06
C ALA A 527 20.91 20.64 -10.93
N ILE A 528 20.30 21.03 -9.81
CA ILE A 528 21.08 21.60 -8.70
C ILE A 528 22.22 20.74 -8.23
N SER A 529 22.23 19.45 -8.53
CA SER A 529 23.30 18.61 -8.06
C SER A 529 24.40 18.47 -9.04
N ILE A 530 24.18 19.00 -10.24
CA ILE A 530 25.15 18.81 -11.29
C ILE A 530 26.54 19.33 -10.92
N PRO A 531 26.65 20.59 -10.45
CA PRO A 531 27.98 21.06 -10.07
C PRO A 531 28.69 20.27 -8.94
N ARG A 532 27.98 19.84 -7.89
CA ARG A 532 28.67 19.14 -6.78
C ARG A 532 29.30 17.89 -7.32
N ILE A 533 28.55 17.19 -8.14
CA ILE A 533 28.99 15.94 -8.64
C ILE A 533 30.08 16.14 -9.71
N LYS A 534 29.86 17.10 -10.59
CA LYS A 534 30.86 17.44 -11.57
C LYS A 534 32.19 17.67 -10.79
N LYS A 535 32.12 18.49 -9.72
CA LYS A 535 33.31 18.84 -8.96
C LYS A 535 34.04 17.62 -8.46
N ILE A 536 33.28 16.67 -7.90
CA ILE A 536 33.84 15.44 -7.39
C ILE A 536 34.51 14.67 -8.51
N ILE A 537 33.89 14.73 -9.68
CA ILE A 537 34.34 13.92 -10.80
C ILE A 537 35.61 14.50 -11.32
N ARG A 538 35.61 15.82 -11.45
CA ARG A 538 36.76 16.49 -12.00
C ARG A 538 38.04 16.38 -11.15
N ASN A 539 37.86 15.98 -9.87
CA ASN A 539 38.94 15.97 -8.88
C ASN A 539 39.31 14.56 -8.40
N THR A 540 38.75 13.56 -9.07
CA THR A 540 39.06 12.17 -8.76
C THR A 540 40.03 11.72 -9.76
N ASN A 541 40.74 10.68 -9.38
CA ASN A 541 41.42 9.88 -10.34
C ASN A 541 40.54 8.62 -10.60
N PHE A 542 40.27 8.35 -11.87
CA PHE A 542 39.37 7.26 -12.21
C PHE A 542 39.90 5.89 -11.78
N GLU A 543 41.19 5.67 -11.97
CA GLU A 543 41.75 4.38 -11.60
C GLU A 543 41.58 4.08 -10.12
N ASP A 544 41.74 5.13 -9.32
CA ASP A 544 41.64 5.00 -7.88
C ASP A 544 40.23 4.62 -7.46
N ALA A 545 39.24 5.30 -8.02
CA ALA A 545 37.84 4.99 -7.91
C ALA A 545 37.50 3.55 -8.25
N LYS A 546 38.02 3.03 -9.37
CA LYS A 546 37.79 1.61 -9.68
C LYS A 546 38.19 0.79 -8.45
N VAL A 547 39.42 0.92 -8.03
CA VAL A 547 39.91 0.21 -6.84
C VAL A 547 38.94 0.43 -5.66
N LEU A 548 38.46 1.67 -5.50
CA LEU A 548 37.57 1.96 -4.42
C LEU A 548 36.33 1.12 -4.61
N ALA A 549 35.77 1.16 -5.83
CA ALA A 549 34.50 0.52 -6.13
C ALA A 549 34.61 -0.95 -5.85
N GLU A 550 35.67 -1.51 -6.39
CA GLU A 550 35.83 -2.89 -6.19
C GLU A 550 35.79 -3.22 -4.67
N GLN A 551 36.63 -2.55 -3.88
CA GLN A 551 36.63 -2.82 -2.48
C GLN A 551 35.18 -2.77 -1.94
N ALA A 552 34.48 -1.67 -2.25
CA ALA A 552 33.19 -1.42 -1.65
C ALA A 552 32.25 -2.56 -1.93
N LEU A 553 32.35 -3.10 -3.15
CA LEU A 553 31.47 -4.19 -3.59
C LEU A 553 31.68 -5.50 -2.85
N ALA A 554 32.77 -5.60 -2.08
CA ALA A 554 33.02 -6.82 -1.33
C ALA A 554 32.58 -6.71 0.13
N GLN A 555 32.30 -5.50 0.61
CA GLN A 555 31.89 -5.27 1.98
C GLN A 555 30.51 -5.88 2.27
N PRO A 556 30.36 -6.62 3.37
CA PRO A 556 29.02 -7.12 3.69
C PRO A 556 28.18 -6.10 4.48
N THR A 557 28.70 -4.90 4.65
CA THR A 557 28.07 -3.96 5.55
C THR A 557 28.24 -2.54 4.97
N THR A 558 27.19 -1.75 5.08
CA THR A 558 27.19 -0.36 4.63
C THR A 558 28.29 0.41 5.36
N ASP A 559 28.29 0.33 6.68
CA ASP A 559 29.29 1.03 7.42
C ASP A 559 30.66 0.81 6.87
N GLU A 560 30.99 -0.44 6.60
CA GLU A 560 32.30 -0.84 6.12
C GLU A 560 32.61 -0.23 4.76
N LEU A 561 31.58 -0.11 3.95
CA LEU A 561 31.68 0.50 2.64
C LEU A 561 31.77 2.06 2.75
N MET A 562 31.07 2.64 3.74
CA MET A 562 31.24 4.06 4.00
C MET A 562 32.65 4.36 4.41
N THR A 563 33.28 3.46 5.17
CA THR A 563 34.65 3.69 5.61
C THR A 563 35.60 3.86 4.46
N LEU A 564 35.54 2.96 3.47
CA LEU A 564 36.36 3.03 2.28
C LEU A 564 36.26 4.35 1.61
N VAL A 565 35.02 4.71 1.26
CA VAL A 565 34.71 6.04 0.71
C VAL A 565 35.37 7.18 1.50
N ASN A 566 35.19 7.19 2.83
CA ASN A 566 35.82 8.21 3.65
C ASN A 566 37.35 8.23 3.62
N LYS A 567 38.00 7.09 3.80
CA LYS A 567 39.46 7.08 3.79
C LYS A 567 39.96 7.56 2.44
N PHE A 568 39.16 7.32 1.41
CA PHE A 568 39.48 7.80 0.09
C PHE A 568 39.50 9.33 0.11
N ILE A 569 38.38 9.92 0.46
CA ILE A 569 38.23 11.37 0.48
C ILE A 569 39.32 12.05 1.29
N GLU A 570 39.71 11.42 2.39
CA GLU A 570 40.83 11.86 3.22
C GLU A 570 42.14 11.89 2.45
N GLU A 571 42.48 10.74 1.88
CA GLU A 571 43.78 10.54 1.32
C GLU A 571 43.92 11.10 -0.09
N LYS A 572 42.80 11.29 -0.79
CA LYS A 572 42.81 11.50 -2.24
C LYS A 572 42.42 12.90 -2.78
N THR A 573 41.84 13.78 -1.95
CA THR A 573 41.76 15.23 -2.29
C THR A 573 41.38 16.10 -1.08
N MET B 1 -19.26 -18.05 -17.24
CA MET B 1 -17.81 -18.32 -17.48
C MET B 1 -16.97 -17.47 -16.52
N ILE B 2 -16.94 -17.85 -15.26
CA ILE B 2 -16.13 -17.09 -14.24
C ILE B 2 -14.91 -17.93 -13.86
N SER B 3 -13.73 -17.34 -13.88
CA SER B 3 -12.49 -18.11 -13.52
C SER B 3 -11.66 -17.33 -12.49
N GLY B 4 -11.07 -18.03 -11.55
CA GLY B 4 -10.22 -17.37 -10.50
C GLY B 4 -8.83 -18.00 -10.54
N ILE B 5 -8.06 -17.89 -9.49
CA ILE B 5 -6.67 -18.46 -9.51
C ILE B 5 -6.67 -19.86 -8.89
N LEU B 6 -7.72 -20.27 -8.24
CA LEU B 6 -7.74 -21.63 -7.61
C LEU B 6 -6.52 -21.79 -6.71
N ALA B 7 -6.70 -21.71 -5.41
CA ALA B 7 -5.55 -21.86 -4.46
C ALA B 7 -5.48 -23.31 -3.98
N SER B 8 -6.59 -24.01 -3.97
CA SER B 8 -6.58 -25.42 -3.50
C SER B 8 -7.53 -26.25 -4.40
N PRO B 9 -7.06 -27.34 -4.98
CA PRO B 9 -7.92 -28.19 -5.85
C PRO B 9 -8.83 -29.13 -5.03
N GLY B 10 -10.03 -29.35 -5.48
CA GLY B 10 -10.95 -30.24 -4.72
C GLY B 10 -12.38 -29.99 -5.21
N ILE B 11 -13.37 -30.38 -4.45
CA ILE B 11 -14.79 -30.13 -4.87
C ILE B 11 -15.63 -29.94 -3.60
N ALA B 12 -16.69 -29.17 -3.66
CA ALA B 12 -17.52 -28.98 -2.44
C ALA B 12 -18.96 -28.58 -2.80
N PHE B 13 -19.89 -28.87 -1.93
CA PHE B 13 -21.32 -28.50 -2.17
C PHE B 13 -21.88 -27.87 -0.88
N GLY B 14 -22.45 -26.69 -0.94
CA GLY B 14 -22.99 -26.10 0.33
C GLY B 14 -23.63 -24.73 0.06
N LYS B 15 -24.16 -24.12 1.09
CA LYS B 15 -24.80 -22.78 0.94
C LYS B 15 -23.74 -21.70 0.90
N ALA B 16 -24.06 -20.54 0.38
CA ALA B 16 -23.04 -19.44 0.28
C ALA B 16 -23.27 -18.36 1.34
N LEU B 17 -22.24 -18.02 2.07
CA LEU B 17 -22.37 -16.97 3.12
C LEU B 17 -21.79 -15.67 2.54
N LEU B 18 -22.46 -14.55 2.71
CA LEU B 18 -21.94 -13.25 2.15
C LEU B 18 -21.65 -12.26 3.28
N LEU B 19 -20.42 -11.79 3.35
CA LEU B 19 -20.05 -10.82 4.43
C LEU B 19 -20.34 -9.38 3.97
N LYS B 20 -21.51 -8.97 4.15
CA LYS B 20 -21.92 -7.71 3.56
C LYS B 20 -22.52 -7.07 4.70
N GLU B 21 -21.80 -7.19 5.79
CA GLU B 21 -22.26 -6.64 7.06
C GLU B 21 -23.03 -5.38 6.66
N ASP B 22 -24.22 -5.66 6.19
CA ASP B 22 -25.11 -4.65 5.60
C ASP B 22 -24.92 -3.34 6.30
N GLU B 23 -24.96 -2.32 5.53
CA GLU B 23 -24.76 -1.00 6.10
C GLU B 23 -25.88 -0.68 7.06
N ILE B 24 -25.48 -0.20 8.17
CA ILE B 24 -26.36 0.30 9.21
C ILE B 24 -26.98 1.63 8.76
N VAL B 25 -28.22 1.56 8.27
CA VAL B 25 -28.88 2.74 7.76
C VAL B 25 -29.84 3.21 8.83
N ILE B 26 -29.51 4.34 9.44
CA ILE B 26 -30.34 4.94 10.47
C ILE B 26 -31.53 5.73 9.88
N ASP B 27 -32.76 5.29 10.18
CA ASP B 27 -33.97 6.06 9.86
C ASP B 27 -33.99 7.38 10.65
N ARG B 28 -33.96 8.48 9.92
CA ARG B 28 -33.89 9.80 10.54
C ARG B 28 -35.16 10.67 10.58
N LYS B 29 -36.26 10.16 10.02
CA LYS B 29 -37.57 10.81 10.18
C LYS B 29 -37.96 10.73 11.66
N LYS B 30 -38.24 11.88 12.27
CA LYS B 30 -38.80 11.97 13.63
C LYS B 30 -40.10 11.16 13.71
N ILE B 31 -40.44 10.66 14.90
CA ILE B 31 -41.68 9.88 15.04
C ILE B 31 -42.85 10.61 15.74
N SER B 32 -44.01 9.95 15.74
CA SER B 32 -45.24 10.52 16.26
C SER B 32 -45.53 9.94 17.65
N ALA B 33 -46.31 10.63 18.45
CA ALA B 33 -46.65 10.08 19.79
C ALA B 33 -47.23 8.67 19.61
N ASP B 34 -48.07 8.48 18.62
CA ASP B 34 -48.64 7.12 18.40
C ASP B 34 -47.50 6.16 18.01
N GLN B 35 -46.63 6.56 17.13
CA GLN B 35 -45.49 5.66 16.75
C GLN B 35 -44.62 5.50 17.98
N VAL B 36 -44.11 6.61 18.48
CA VAL B 36 -43.24 6.50 19.69
C VAL B 36 -43.45 5.11 20.30
N ASP B 37 -44.66 4.73 20.55
CA ASP B 37 -44.93 3.40 21.15
C ASP B 37 -44.41 2.30 20.23
N GLN B 38 -44.58 2.44 18.94
CA GLN B 38 -44.11 1.37 18.02
C GLN B 38 -42.58 1.30 17.99
N GLU B 39 -41.92 2.42 18.01
CA GLU B 39 -40.42 2.37 17.96
C GLU B 39 -39.89 1.72 19.23
N VAL B 40 -40.46 2.01 20.38
CA VAL B 40 -39.97 1.36 21.61
C VAL B 40 -40.13 -0.15 21.48
N GLU B 41 -41.27 -0.60 21.03
CA GLU B 41 -41.49 -2.06 20.86
C GLU B 41 -40.46 -2.61 19.87
N ARG B 42 -40.19 -1.91 18.79
CA ARG B 42 -39.17 -2.42 17.83
C ARG B 42 -37.85 -2.56 18.57
N PHE B 43 -37.49 -1.58 19.35
CA PHE B 43 -36.22 -1.66 20.12
C PHE B 43 -36.30 -2.87 21.05
N LEU B 44 -37.36 -3.00 21.80
CA LEU B 44 -37.50 -4.15 22.72
C LEU B 44 -37.50 -5.45 21.89
N SER B 45 -38.22 -5.47 20.80
CA SER B 45 -38.24 -6.71 19.96
C SER B 45 -36.84 -6.96 19.39
N GLY B 46 -36.19 -5.93 18.91
CA GLY B 46 -34.82 -6.10 18.36
C GLY B 46 -33.86 -6.43 19.51
N ARG B 47 -34.04 -5.77 20.62
CA ARG B 47 -33.19 -6.04 21.80
C ARG B 47 -33.46 -7.45 22.27
N ALA B 48 -34.67 -7.92 22.10
CA ALA B 48 -35.02 -9.29 22.53
C ALA B 48 -34.13 -10.28 21.78
N LYS B 49 -33.89 -10.07 20.52
CA LYS B 49 -33.02 -11.01 19.77
C LYS B 49 -31.62 -10.94 20.39
N ALA B 50 -30.89 -9.87 20.15
CA ALA B 50 -29.51 -9.76 20.69
C ALA B 50 -29.42 -10.34 22.11
N SER B 51 -30.44 -10.22 22.89
CA SER B 51 -30.35 -10.78 24.26
C SER B 51 -30.06 -12.28 24.14
N ALA B 52 -30.88 -12.98 23.44
CA ALA B 52 -30.68 -14.45 23.28
C ALA B 52 -29.45 -14.76 22.42
N GLN B 53 -29.23 -14.03 21.36
CA GLN B 53 -28.04 -14.33 20.50
C GLN B 53 -26.75 -14.03 21.26
N LEU B 54 -26.70 -12.97 22.02
CA LEU B 54 -25.47 -12.66 22.79
C LEU B 54 -25.22 -13.79 23.79
N GLU B 55 -26.26 -14.28 24.39
CA GLU B 55 -26.10 -15.39 25.36
C GLU B 55 -25.51 -16.62 24.66
N THR B 56 -25.91 -16.87 23.45
CA THR B 56 -25.38 -18.05 22.71
C THR B 56 -23.87 -17.88 22.52
N ILE B 57 -23.43 -16.70 22.19
CA ILE B 57 -21.97 -16.46 21.99
C ILE B 57 -21.22 -16.72 23.30
N LYS B 58 -21.80 -16.32 24.40
CA LYS B 58 -21.13 -16.52 25.72
C LYS B 58 -20.84 -18.01 25.93
N THR B 59 -21.81 -18.85 25.75
CA THR B 59 -21.60 -20.31 25.98
C THR B 59 -20.49 -20.83 25.07
N LYS B 60 -20.35 -20.30 23.89
CA LYS B 60 -19.27 -20.80 22.99
C LYS B 60 -17.92 -20.37 23.54
N ALA B 61 -17.85 -19.20 24.09
CA ALA B 61 -16.56 -18.71 24.64
C ALA B 61 -16.15 -19.59 25.83
N GLY B 62 -17.08 -19.91 26.69
CA GLY B 62 -16.74 -20.75 27.87
C GLY B 62 -16.21 -22.10 27.43
N GLU B 63 -16.90 -22.78 26.56
CA GLU B 63 -16.42 -24.12 26.12
C GLU B 63 -15.17 -23.93 25.24
N THR B 64 -15.20 -23.01 24.32
CA THR B 64 -14.05 -22.81 23.41
C THR B 64 -12.80 -22.32 24.15
N PHE B 65 -12.86 -21.15 24.74
CA PHE B 65 -11.64 -20.61 25.45
C PHE B 65 -11.67 -20.91 26.94
N GLY B 66 -12.76 -20.65 27.63
CA GLY B 66 -12.81 -20.94 29.10
C GLY B 66 -13.58 -19.85 29.87
N GLU B 67 -13.49 -19.89 31.17
CA GLU B 67 -14.20 -18.88 32.03
C GLU B 67 -13.55 -17.50 31.87
N GLU B 68 -12.31 -17.48 31.49
CA GLU B 68 -11.60 -16.17 31.31
C GLU B 68 -12.30 -15.35 30.22
N LYS B 69 -12.80 -16.00 29.20
CA LYS B 69 -13.49 -15.28 28.09
C LYS B 69 -15.00 -15.31 28.29
N GLU B 70 -15.50 -16.24 29.06
CA GLU B 70 -16.97 -16.34 29.25
C GLU B 70 -17.49 -15.12 30.04
N ALA B 71 -16.80 -14.73 31.07
CA ALA B 71 -17.28 -13.60 31.90
C ALA B 71 -17.21 -12.28 31.13
N ILE B 72 -16.32 -12.13 30.19
CA ILE B 72 -16.27 -10.83 29.45
C ILE B 72 -17.63 -10.62 28.78
N PHE B 73 -18.22 -11.65 28.25
CA PHE B 73 -19.56 -11.48 27.60
C PHE B 73 -20.59 -11.10 28.65
N GLU B 74 -20.52 -11.66 29.82
CA GLU B 74 -21.53 -11.31 30.86
C GLU B 74 -21.43 -9.81 31.14
N GLY B 75 -20.25 -9.27 31.20
CA GLY B 75 -20.13 -7.81 31.45
C GLY B 75 -20.79 -7.05 30.31
N HIS B 76 -20.49 -7.42 29.09
CA HIS B 76 -21.11 -6.72 27.93
C HIS B 76 -22.61 -6.90 27.99
N ILE B 77 -23.07 -8.09 28.24
CA ILE B 77 -24.55 -8.32 28.33
C ILE B 77 -25.10 -7.56 29.54
N MET B 78 -24.46 -7.69 30.68
CA MET B 78 -24.96 -6.99 31.89
C MET B 78 -24.98 -5.48 31.65
N LEU B 79 -23.99 -4.96 31.00
CA LEU B 79 -23.96 -3.51 30.72
C LEU B 79 -25.09 -3.14 29.78
N LEU B 80 -25.35 -3.96 28.82
CA LEU B 80 -26.43 -3.66 27.85
C LEU B 80 -27.78 -3.63 28.58
N GLU B 81 -27.98 -4.51 29.51
CA GLU B 81 -29.29 -4.54 30.23
C GLU B 81 -29.28 -3.51 31.37
N ASP B 82 -28.24 -2.71 31.47
CA ASP B 82 -28.20 -1.70 32.56
C ASP B 82 -29.51 -0.90 32.58
N GLU B 83 -30.12 -0.77 33.72
CA GLU B 83 -31.40 -0.02 33.82
C GLU B 83 -31.23 1.43 33.39
N GLU B 84 -30.02 1.92 33.38
CA GLU B 84 -29.80 3.33 32.95
C GLU B 84 -30.02 3.44 31.43
N LEU B 85 -29.63 2.41 30.71
CA LEU B 85 -29.82 2.43 29.22
C LEU B 85 -31.30 2.32 28.87
N GLU B 86 -32.02 1.50 29.59
CA GLU B 86 -33.46 1.33 29.29
C GLU B 86 -34.18 2.67 29.45
N GLN B 87 -33.94 3.36 30.54
CA GLN B 87 -34.62 4.67 30.76
C GLN B 87 -34.08 5.73 29.79
N GLU B 88 -32.78 5.74 29.56
CA GLU B 88 -32.19 6.77 28.65
C GLU B 88 -32.58 6.53 27.19
N ILE B 89 -32.59 5.30 26.75
CA ILE B 89 -32.96 5.02 25.34
C ILE B 89 -34.45 5.37 25.13
N ILE B 90 -35.28 4.93 26.04
CA ILE B 90 -36.73 5.20 25.93
C ILE B 90 -37.03 6.69 26.11
N ALA B 91 -36.35 7.34 27.01
CA ALA B 91 -36.61 8.79 27.25
C ALA B 91 -36.37 9.61 25.97
N LEU B 92 -35.27 9.42 25.31
CA LEU B 92 -35.00 10.21 24.07
C LEU B 92 -36.09 9.93 23.03
N ILE B 93 -36.43 8.69 22.82
CA ILE B 93 -37.50 8.38 21.83
C ILE B 93 -38.79 9.05 22.28
N LYS B 94 -39.14 8.87 23.52
CA LYS B 94 -40.39 9.48 24.05
C LYS B 94 -40.25 11.01 24.14
N ASP B 95 -39.12 11.49 24.59
CA ASP B 95 -38.96 12.97 24.73
C ASP B 95 -38.57 13.64 23.41
N LYS B 96 -37.57 13.14 22.73
CA LYS B 96 -37.13 13.80 21.46
C LYS B 96 -37.83 13.20 20.22
N HIS B 97 -38.66 12.20 20.39
CA HIS B 97 -39.37 11.60 19.22
C HIS B 97 -38.34 11.15 18.16
N MET B 98 -37.25 10.63 18.63
CA MET B 98 -36.16 10.16 17.70
C MET B 98 -36.35 8.68 17.39
N THR B 99 -35.62 8.15 16.44
CA THR B 99 -35.76 6.71 16.09
C THR B 99 -34.97 5.85 17.08
N ALA B 100 -35.29 4.58 17.19
CA ALA B 100 -34.57 3.70 18.15
C ALA B 100 -33.12 3.49 17.69
N ASP B 101 -32.89 3.32 16.42
CA ASP B 101 -31.49 3.12 15.96
C ASP B 101 -30.70 4.42 16.10
N ALA B 102 -31.34 5.55 15.90
CA ALA B 102 -30.61 6.83 16.05
C ALA B 102 -30.52 7.20 17.54
N ALA B 103 -31.57 6.98 18.27
CA ALA B 103 -31.55 7.33 19.73
C ALA B 103 -30.63 6.37 20.48
N ALA B 104 -30.75 5.09 20.23
CA ALA B 104 -29.88 4.10 20.93
C ALA B 104 -28.40 4.38 20.60
N HIS B 105 -28.12 4.73 19.38
CA HIS B 105 -26.70 4.99 18.99
C HIS B 105 -26.13 6.13 19.85
N GLU B 106 -26.90 7.14 20.10
CA GLU B 106 -26.40 8.28 20.92
C GLU B 106 -26.08 7.82 22.34
N VAL B 107 -26.89 6.97 22.90
CA VAL B 107 -26.64 6.52 24.29
C VAL B 107 -25.32 5.74 24.39
N ILE B 108 -25.13 4.72 23.61
CA ILE B 108 -23.87 3.94 23.68
C ILE B 108 -22.71 4.80 23.16
N GLU B 109 -22.94 5.54 22.11
CA GLU B 109 -21.87 6.43 21.58
C GLU B 109 -21.56 7.49 22.62
N GLY B 110 -22.57 8.00 23.28
CA GLY B 110 -22.36 9.06 24.30
C GLY B 110 -21.40 8.56 25.38
N GLN B 111 -21.63 7.39 25.92
CA GLN B 111 -20.71 6.89 26.97
C GLN B 111 -19.33 6.61 26.36
N ALA B 112 -19.28 5.84 25.31
CA ALA B 112 -17.98 5.54 24.66
C ALA B 112 -17.29 6.87 24.32
N SER B 113 -18.03 7.82 23.84
CA SER B 113 -17.41 9.12 23.48
C SER B 113 -16.76 9.72 24.73
N ALA B 114 -17.40 9.61 25.85
CA ALA B 114 -16.80 10.16 27.10
C ALA B 114 -15.50 9.41 27.40
N LEU B 115 -15.50 8.12 27.21
CA LEU B 115 -14.27 7.33 27.50
C LEU B 115 -13.13 7.79 26.58
N GLU B 116 -13.39 8.06 25.33
CA GLU B 116 -12.30 8.50 24.41
C GLU B 116 -11.67 9.79 24.94
N GLU B 117 -12.45 10.64 25.53
CA GLU B 117 -11.87 11.91 26.06
C GLU B 117 -10.74 11.56 27.03
N LEU B 118 -10.73 10.35 27.54
CA LEU B 118 -9.66 9.96 28.50
C LEU B 118 -8.30 10.01 27.80
N ASP B 119 -7.26 10.34 28.52
CA ASP B 119 -5.90 10.42 27.90
C ASP B 119 -5.12 9.13 28.19
N ASP B 120 -5.78 7.99 28.12
CA ASP B 120 -5.07 6.69 28.39
C ASP B 120 -5.37 5.67 27.28
N GLU B 121 -4.35 5.00 26.81
CA GLU B 121 -4.53 3.98 25.73
C GLU B 121 -5.26 2.75 26.28
N TYR B 122 -5.09 2.45 27.54
CA TYR B 122 -5.75 1.28 28.17
C TYR B 122 -7.26 1.54 28.34
N LEU B 123 -7.64 2.73 28.70
CA LEU B 123 -9.07 3.04 28.88
C LEU B 123 -9.72 3.16 27.49
N LYS B 124 -8.98 3.67 26.55
CA LYS B 124 -9.52 3.82 25.17
C LYS B 124 -9.88 2.45 24.57
N GLU B 125 -9.06 1.45 24.76
CA GLU B 125 -9.39 0.11 24.19
C GLU B 125 -10.71 -0.39 24.77
N ARG B 126 -10.90 -0.26 26.06
CA ARG B 126 -12.19 -0.73 26.64
C ARG B 126 -13.33 0.04 25.99
N ALA B 127 -13.12 1.29 25.70
CA ALA B 127 -14.18 2.08 25.03
C ALA B 127 -14.48 1.42 23.67
N ALA B 128 -13.50 0.73 23.13
CA ALA B 128 -13.73 0.03 21.83
C ALA B 128 -14.68 -1.14 22.05
N ASP B 129 -14.52 -1.84 23.15
CA ASP B 129 -15.42 -3.00 23.43
C ASP B 129 -16.83 -2.49 23.67
N VAL B 130 -16.98 -1.40 24.36
CA VAL B 130 -18.34 -0.85 24.62
C VAL B 130 -18.93 -0.35 23.29
N ARG B 131 -18.14 0.27 22.47
CA ARG B 131 -18.64 0.77 21.16
C ARG B 131 -19.15 -0.42 20.33
N ASP B 132 -18.44 -1.52 20.39
CA ASP B 132 -18.85 -2.73 19.60
C ASP B 132 -20.25 -3.18 20.02
N ILE B 133 -20.54 -3.13 21.28
CA ILE B 133 -21.88 -3.60 21.74
C ILE B 133 -22.98 -2.77 21.07
N GLY B 134 -22.83 -1.47 21.02
CA GLY B 134 -23.87 -0.62 20.38
C GLY B 134 -23.84 -0.80 18.85
N LYS B 135 -22.68 -1.01 18.29
CA LYS B 135 -22.58 -1.19 16.82
C LYS B 135 -23.43 -2.38 16.38
N ARG B 136 -23.30 -3.49 17.05
CA ARG B 136 -24.08 -4.70 16.68
C ARG B 136 -25.56 -4.49 17.02
N LEU B 137 -25.84 -3.73 18.04
CA LEU B 137 -27.25 -3.50 18.42
C LEU B 137 -27.98 -2.90 17.22
N LEU B 138 -27.38 -1.98 16.54
CA LEU B 138 -28.03 -1.37 15.35
C LEU B 138 -28.31 -2.46 14.32
N ARG B 139 -27.39 -3.37 14.14
CA ARG B 139 -27.65 -4.45 13.15
C ARG B 139 -28.78 -5.34 13.67
N ASN B 140 -28.79 -5.60 14.96
CA ASN B 140 -29.85 -6.47 15.56
C ASN B 140 -31.23 -5.85 15.39
N ILE B 141 -31.37 -4.56 15.50
CA ILE B 141 -32.71 -3.95 15.33
C ILE B 141 -33.08 -4.03 13.86
N LEU B 142 -32.16 -3.73 12.99
CA LEU B 142 -32.45 -3.81 11.54
C LEU B 142 -32.58 -5.27 11.13
N GLY B 143 -31.84 -6.15 11.76
CA GLY B 143 -31.91 -7.59 11.39
C GLY B 143 -30.98 -7.85 10.20
N LEU B 144 -29.84 -7.26 10.25
CA LEU B 144 -28.88 -7.45 9.19
C LEU B 144 -28.16 -8.71 9.56
N LYS B 145 -28.18 -9.72 8.73
CA LYS B 145 -27.50 -11.00 9.12
C LYS B 145 -26.32 -10.65 10.04
N ILE B 146 -26.36 -11.08 11.26
CA ILE B 146 -25.26 -10.74 12.18
C ILE B 146 -24.16 -11.71 11.83
N ILE B 147 -22.99 -11.21 11.49
CA ILE B 147 -21.96 -12.15 11.03
C ILE B 147 -20.64 -12.12 11.79
N ASP B 148 -20.61 -12.24 13.10
CA ASP B 148 -19.26 -12.43 13.71
C ASP B 148 -18.97 -13.76 13.03
N LEU B 149 -17.79 -14.22 12.65
CA LEU B 149 -17.89 -15.48 11.87
C LEU B 149 -18.02 -16.68 12.80
N SER B 150 -18.00 -16.45 14.09
CA SER B 150 -18.12 -17.60 15.04
C SER B 150 -19.61 -17.95 15.27
N ALA B 151 -20.50 -17.08 14.90
CA ALA B 151 -21.96 -17.33 15.14
C ALA B 151 -22.56 -18.23 14.03
N ILE B 152 -21.77 -19.08 13.44
CA ILE B 152 -22.33 -19.97 12.37
C ILE B 152 -22.87 -21.26 12.99
N GLN B 153 -24.15 -21.53 12.82
CA GLN B 153 -24.75 -22.78 13.39
C GLN B 153 -24.91 -23.84 12.29
N ASP B 154 -24.78 -23.48 11.03
CA ASP B 154 -24.96 -24.47 9.92
C ASP B 154 -23.76 -24.46 8.97
N GLU B 155 -23.49 -25.57 8.35
CA GLU B 155 -22.34 -25.64 7.40
C GLU B 155 -22.62 -24.71 6.23
N VAL B 156 -21.66 -23.93 5.85
CA VAL B 156 -21.86 -22.98 4.70
C VAL B 156 -20.52 -22.72 4.01
N ILE B 157 -20.56 -22.15 2.82
CA ILE B 157 -19.29 -21.81 2.12
C ILE B 157 -19.02 -20.35 2.47
N LEU B 158 -17.78 -19.97 2.60
CA LEU B 158 -17.47 -18.56 2.98
C LEU B 158 -17.12 -17.72 1.74
N VAL B 159 -17.90 -16.71 1.46
CA VAL B 159 -17.64 -15.83 0.27
C VAL B 159 -17.45 -14.39 0.76
N ALA B 160 -16.39 -13.73 0.34
CA ALA B 160 -16.15 -12.33 0.80
C ALA B 160 -15.25 -11.62 -0.21
N ALA B 161 -15.23 -10.33 -0.22
CA ALA B 161 -14.33 -9.63 -1.17
C ALA B 161 -12.88 -9.90 -0.73
N ASP B 162 -12.66 -9.93 0.55
CA ASP B 162 -11.29 -10.23 1.09
C ASP B 162 -11.39 -10.43 2.60
N LEU B 163 -10.57 -11.30 3.15
CA LEU B 163 -10.61 -11.57 4.63
C LEU B 163 -9.33 -11.06 5.30
N THR B 164 -9.45 -10.45 6.45
CA THR B 164 -8.24 -9.93 7.16
C THR B 164 -7.77 -11.00 8.18
N PRO B 165 -6.48 -11.13 8.41
CA PRO B 165 -5.95 -12.14 9.38
C PRO B 165 -6.82 -12.27 10.63
N SER B 166 -7.36 -11.18 11.11
CA SER B 166 -8.20 -11.23 12.33
C SER B 166 -9.40 -12.17 12.14
N GLU B 167 -10.00 -12.14 10.98
CA GLU B 167 -11.18 -13.02 10.75
C GLU B 167 -10.74 -14.47 10.69
N THR B 168 -9.63 -14.75 10.06
CA THR B 168 -9.16 -16.17 9.93
C THR B 168 -9.03 -16.85 11.30
N ALA B 169 -8.71 -16.12 12.33
CA ALA B 169 -8.57 -16.76 13.67
C ALA B 169 -9.94 -17.12 14.24
N GLN B 170 -10.83 -16.17 14.29
CA GLN B 170 -12.19 -16.43 14.83
C GLN B 170 -13.07 -17.01 13.74
N LEU B 171 -12.49 -17.84 12.90
CA LEU B 171 -13.28 -18.45 11.79
C LEU B 171 -13.55 -19.93 12.12
N ASN B 172 -14.73 -20.41 11.85
CA ASN B 172 -15.06 -21.85 12.13
C ASN B 172 -14.59 -22.72 10.97
N LEU B 173 -13.48 -23.40 11.12
CA LEU B 173 -12.97 -24.26 10.00
C LEU B 173 -13.94 -25.42 9.74
N LYS B 174 -14.50 -26.02 10.77
CA LYS B 174 -15.39 -27.19 10.56
C LYS B 174 -16.72 -26.79 9.91
N LYS B 175 -17.18 -25.58 10.14
CA LYS B 175 -18.51 -25.19 9.55
C LYS B 175 -18.30 -24.49 8.20
N VAL B 176 -17.07 -24.20 7.84
CA VAL B 176 -16.80 -23.59 6.51
C VAL B 176 -16.29 -24.68 5.59
N LEU B 177 -17.04 -25.02 4.57
CA LEU B 177 -16.61 -26.13 3.66
C LEU B 177 -15.66 -25.59 2.58
N GLY B 178 -15.26 -24.37 2.67
CA GLY B 178 -14.32 -23.83 1.65
C GLY B 178 -14.22 -22.32 1.81
N PHE B 179 -13.34 -21.70 1.06
CA PHE B 179 -13.18 -20.23 1.14
C PHE B 179 -13.13 -19.66 -0.27
N ILE B 180 -13.92 -18.66 -0.54
CA ILE B 180 -13.91 -18.04 -1.90
C ILE B 180 -13.83 -16.52 -1.76
N THR B 181 -12.88 -15.89 -2.39
CA THR B 181 -12.76 -14.42 -2.28
C THR B 181 -12.17 -13.82 -3.54
N ASP B 182 -12.33 -12.53 -3.71
CA ASP B 182 -11.81 -11.84 -4.92
C ASP B 182 -10.55 -11.03 -4.54
N ALA B 183 -9.85 -11.42 -3.49
CA ALA B 183 -8.63 -10.66 -3.08
C ALA B 183 -7.63 -10.53 -4.23
N GLY B 184 -6.40 -10.18 -3.91
CA GLY B 184 -5.35 -10.02 -4.96
C GLY B 184 -4.88 -11.38 -5.46
N GLY B 185 -4.47 -12.27 -4.59
CA GLY B 185 -4.00 -13.60 -5.07
C GLY B 185 -3.38 -14.40 -3.92
N ARG B 186 -2.36 -15.16 -4.21
CA ARG B 186 -1.71 -15.98 -3.16
C ARG B 186 -1.05 -15.07 -2.13
N THR B 187 -0.70 -13.87 -2.53
CA THR B 187 -0.04 -12.95 -1.57
C THR B 187 -1.01 -12.59 -0.45
N SER B 188 -2.18 -13.17 -0.48
CA SER B 188 -3.20 -12.87 0.58
C SER B 188 -3.07 -13.89 1.73
N HIS B 189 -3.04 -13.41 2.95
CA HIS B 189 -2.89 -14.31 4.14
C HIS B 189 -3.87 -15.49 4.06
N THR B 190 -5.13 -15.21 3.90
CA THR B 190 -6.14 -16.32 3.85
C THR B 190 -5.80 -17.32 2.74
N SER B 191 -5.25 -16.86 1.64
CA SER B 191 -4.92 -17.80 0.53
C SER B 191 -3.92 -18.86 1.00
N ILE B 192 -2.94 -18.47 1.78
CA ILE B 192 -1.94 -19.44 2.28
C ILE B 192 -2.65 -20.50 3.14
N MET B 193 -3.61 -20.10 3.92
CA MET B 193 -4.32 -21.07 4.79
C MET B 193 -4.99 -22.16 3.95
N ALA B 194 -5.58 -21.81 2.84
CA ALA B 194 -6.24 -22.86 2.01
C ALA B 194 -5.18 -23.90 1.62
N ARG B 195 -4.01 -23.45 1.26
CA ARG B 195 -2.94 -24.41 0.87
C ARG B 195 -2.62 -25.33 2.06
N SER B 196 -2.24 -24.76 3.16
CA SER B 196 -1.89 -25.58 4.36
C SER B 196 -3.09 -26.37 4.88
N LEU B 197 -4.26 -25.79 4.88
CA LEU B 197 -5.46 -26.53 5.39
C LEU B 197 -5.83 -27.63 4.41
N GLU B 198 -5.44 -27.48 3.18
CA GLU B 198 -5.77 -28.50 2.13
C GLU B 198 -7.28 -28.55 1.91
N LEU B 199 -7.90 -27.42 1.72
CA LEU B 199 -9.38 -27.36 1.47
C LEU B 199 -9.60 -26.57 0.17
N PRO B 200 -10.57 -26.94 -0.65
CA PRO B 200 -10.84 -26.21 -1.93
C PRO B 200 -11.16 -24.73 -1.71
N ALA B 201 -10.62 -23.84 -2.52
CA ALA B 201 -10.90 -22.39 -2.32
C ALA B 201 -10.36 -21.54 -3.49
N ILE B 202 -11.02 -20.42 -3.76
CA ILE B 202 -10.56 -19.49 -4.84
C ILE B 202 -10.32 -18.11 -4.19
N VAL B 203 -9.38 -17.34 -4.71
CA VAL B 203 -9.11 -15.99 -4.12
C VAL B 203 -9.12 -14.91 -5.21
N GLY B 204 -9.15 -15.31 -6.46
CA GLY B 204 -9.13 -14.32 -7.58
C GLY B 204 -10.47 -14.32 -8.33
N THR B 205 -11.54 -14.73 -7.69
CA THR B 205 -12.86 -14.76 -8.38
C THR B 205 -13.07 -13.47 -9.17
N GLY B 206 -12.75 -12.34 -8.57
CA GLY B 206 -12.91 -11.03 -9.28
C GLY B 206 -14.25 -10.38 -8.94
N SER B 207 -15.35 -11.10 -9.06
CA SER B 207 -16.67 -10.46 -8.75
C SER B 207 -17.74 -11.52 -8.49
N VAL B 208 -17.41 -12.57 -7.80
CA VAL B 208 -18.44 -13.61 -7.50
C VAL B 208 -19.36 -13.12 -6.38
N THR B 209 -18.83 -12.49 -5.37
CA THR B 209 -19.68 -12.02 -4.24
C THR B 209 -20.79 -11.08 -4.75
N SER B 210 -20.55 -10.36 -5.80
CA SER B 210 -21.60 -9.45 -6.32
C SER B 210 -22.65 -10.25 -7.07
N GLN B 211 -22.35 -11.48 -7.37
CA GLN B 211 -23.31 -12.35 -8.12
C GLN B 211 -23.98 -13.32 -7.14
N VAL B 212 -23.46 -13.43 -5.94
CA VAL B 212 -24.05 -14.41 -4.95
C VAL B 212 -24.76 -13.66 -3.81
N LYS B 213 -25.87 -14.21 -3.37
CA LYS B 213 -26.62 -13.62 -2.23
C LYS B 213 -26.47 -14.62 -1.08
N ASN B 214 -26.60 -14.23 0.15
CA ASN B 214 -26.44 -15.24 1.23
C ASN B 214 -27.52 -16.30 1.06
N ASP B 215 -27.25 -17.50 1.51
CA ASP B 215 -28.22 -18.64 1.42
C ASP B 215 -28.30 -19.19 -0.01
N ASP B 216 -27.41 -18.77 -0.88
CA ASP B 216 -27.43 -19.30 -2.27
C ASP B 216 -26.76 -20.68 -2.25
N TYR B 217 -27.25 -21.60 -3.03
CA TYR B 217 -26.61 -22.95 -3.08
C TYR B 217 -25.57 -22.93 -4.20
N LEU B 218 -24.33 -23.21 -3.89
CA LEU B 218 -23.26 -23.19 -4.93
C LEU B 218 -22.44 -24.47 -4.90
N ILE B 219 -21.95 -24.91 -6.03
CA ILE B 219 -21.08 -26.12 -6.07
C ILE B 219 -19.72 -25.65 -6.57
N LEU B 220 -18.67 -25.94 -5.85
CA LEU B 220 -17.31 -25.48 -6.26
C LEU B 220 -16.58 -26.63 -6.96
N ASP B 221 -16.23 -26.45 -8.20
CA ASP B 221 -15.50 -27.53 -8.94
C ASP B 221 -14.05 -27.53 -8.47
N ALA B 222 -13.45 -26.37 -8.37
CA ALA B 222 -12.03 -26.32 -7.93
C ALA B 222 -11.21 -27.32 -8.76
N VAL B 223 -11.79 -27.79 -9.84
CA VAL B 223 -11.08 -28.74 -10.75
C VAL B 223 -11.21 -28.19 -12.18
N ASN B 224 -12.40 -27.79 -12.54
CA ASN B 224 -12.61 -27.18 -13.89
C ASN B 224 -12.59 -25.67 -13.67
N ASN B 225 -12.39 -25.27 -12.45
CA ASN B 225 -12.35 -23.82 -12.11
C ASN B 225 -13.68 -23.17 -12.48
N GLN B 226 -14.78 -23.79 -12.12
CA GLN B 226 -16.14 -23.21 -12.45
C GLN B 226 -17.04 -23.29 -11.22
N VAL B 227 -18.03 -22.43 -11.15
CA VAL B 227 -18.99 -22.44 -10.00
C VAL B 227 -20.41 -22.57 -10.57
N TYR B 228 -21.17 -23.49 -10.04
CA TYR B 228 -22.57 -23.68 -10.54
C TYR B 228 -23.55 -23.05 -9.55
N VAL B 229 -24.36 -22.13 -10.01
CA VAL B 229 -25.34 -21.43 -9.12
C VAL B 229 -26.74 -22.03 -9.29
N ASN B 230 -27.27 -22.67 -8.28
CA ASN B 230 -28.65 -23.25 -8.39
C ASN B 230 -28.75 -24.18 -9.62
N PRO B 231 -27.76 -24.98 -9.86
CA PRO B 231 -27.74 -25.89 -11.05
C PRO B 231 -28.72 -27.05 -11.01
N THR B 232 -28.76 -27.77 -12.10
CA THR B 232 -29.62 -28.97 -12.20
C THR B 232 -28.90 -30.08 -11.41
N ASN B 233 -29.59 -31.14 -11.09
CA ASN B 233 -28.91 -32.23 -10.33
C ASN B 233 -27.83 -32.86 -11.22
N GLU B 234 -27.95 -32.70 -12.50
CA GLU B 234 -26.94 -33.27 -13.44
C GLU B 234 -25.55 -32.69 -13.12
N VAL B 235 -25.45 -31.40 -13.02
CA VAL B 235 -24.14 -30.75 -12.72
C VAL B 235 -23.65 -31.21 -11.36
N ILE B 236 -24.50 -31.20 -10.37
CA ILE B 236 -24.10 -31.66 -9.06
C ILE B 236 -23.47 -33.05 -9.12
N ASP B 237 -24.12 -33.95 -9.84
CA ASP B 237 -23.69 -35.33 -9.97
C ASP B 237 -22.33 -35.41 -10.65
N LYS B 238 -22.17 -34.71 -11.76
CA LYS B 238 -20.86 -34.60 -12.40
C LYS B 238 -19.87 -34.14 -11.38
N MET B 239 -20.24 -33.11 -10.60
CA MET B 239 -19.35 -32.53 -9.60
C MET B 239 -19.13 -33.46 -8.42
N ARG B 240 -20.07 -34.37 -8.21
CA ARG B 240 -19.86 -35.37 -7.20
C ARG B 240 -18.89 -36.45 -7.73
N ALA B 241 -18.91 -36.70 -9.02
CA ALA B 241 -17.92 -37.63 -9.57
C ALA B 241 -16.54 -36.98 -9.50
N VAL B 242 -16.49 -35.68 -9.65
CA VAL B 242 -15.23 -35.00 -9.60
C VAL B 242 -14.71 -35.05 -8.16
N GLN B 243 -15.64 -34.86 -7.23
CA GLN B 243 -15.26 -34.90 -5.82
C GLN B 243 -14.64 -36.24 -5.40
N GLU B 244 -15.20 -37.28 -5.96
CA GLU B 244 -14.83 -38.65 -5.70
C GLU B 244 -13.49 -39.00 -6.34
N GLN B 245 -13.24 -38.40 -7.49
CA GLN B 245 -12.03 -38.65 -8.24
C GLN B 245 -10.88 -38.03 -7.48
N VAL B 246 -11.17 -36.91 -6.83
CA VAL B 246 -10.20 -36.27 -6.00
C VAL B 246 -9.80 -37.21 -4.86
N ALA B 247 -10.79 -37.83 -4.22
CA ALA B 247 -10.52 -38.82 -3.16
C ALA B 247 -9.68 -40.01 -3.62
N SER B 248 -9.97 -40.55 -4.79
CA SER B 248 -9.15 -41.64 -5.33
C SER B 248 -7.66 -41.30 -5.42
N GLU B 249 -7.37 -40.09 -5.87
CA GLU B 249 -6.01 -39.61 -5.95
C GLU B 249 -5.36 -39.59 -4.57
N LYS B 250 -6.04 -38.99 -3.60
CA LYS B 250 -5.54 -38.96 -2.25
C LYS B 250 -5.12 -40.36 -1.88
N ALA B 251 -5.98 -41.32 -2.20
CA ALA B 251 -5.73 -42.71 -1.84
C ALA B 251 -4.46 -43.24 -2.53
N GLU B 252 -4.38 -43.12 -3.85
CA GLU B 252 -3.17 -43.53 -4.56
C GLU B 252 -1.91 -42.83 -4.05
N LEU B 253 -2.01 -41.52 -3.74
CA LEU B 253 -0.89 -40.67 -3.32
C LEU B 253 -0.49 -40.93 -1.88
N ALA B 254 -1.42 -41.43 -1.08
CA ALA B 254 -1.16 -41.78 0.31
C ALA B 254 -0.23 -42.95 0.42
N LYS B 255 -0.01 -43.64 -0.70
CA LYS B 255 0.95 -44.75 -0.72
C LYS B 255 2.40 -44.25 -0.55
N LEU B 256 2.63 -42.95 -0.78
CA LEU B 256 3.95 -42.34 -0.67
C LEU B 256 4.29 -41.90 0.75
N LYS B 257 3.30 -41.97 1.62
CA LYS B 257 3.35 -41.39 2.96
C LYS B 257 4.65 -41.71 3.70
N ASP B 258 4.93 -43.00 3.83
CA ASP B 258 6.15 -43.38 4.51
C ASP B 258 7.40 -43.38 3.62
N LEU B 259 7.26 -43.15 2.34
CA LEU B 259 8.46 -43.17 1.45
C LEU B 259 9.24 -41.84 1.56
N PRO B 260 10.56 -41.89 1.49
CA PRO B 260 11.43 -40.67 1.56
C PRO B 260 11.49 -39.90 0.23
N ALA B 261 11.95 -38.67 0.26
CA ALA B 261 12.05 -37.87 -0.99
C ALA B 261 13.39 -38.14 -1.69
N ILE B 262 13.47 -39.22 -2.41
CA ILE B 262 14.71 -39.58 -3.13
C ILE B 262 14.40 -39.81 -4.60
N THR B 263 15.11 -39.09 -5.46
CA THR B 263 15.07 -39.34 -6.87
C THR B 263 15.50 -40.79 -7.18
N LEU B 264 15.06 -41.27 -8.34
CA LEU B 264 15.50 -42.55 -8.90
C LEU B 264 16.99 -42.80 -8.72
N ASP B 265 17.80 -41.80 -9.00
CA ASP B 265 19.25 -41.92 -8.93
C ASP B 265 19.86 -41.54 -7.58
N GLY B 266 19.08 -41.55 -6.51
CA GLY B 266 19.66 -41.44 -5.15
C GLY B 266 19.83 -40.09 -4.46
N HIS B 267 19.21 -39.05 -4.99
CA HIS B 267 19.39 -37.70 -4.44
C HIS B 267 18.24 -37.46 -3.50
N GLN B 268 18.57 -37.14 -2.25
CA GLN B 268 17.56 -36.89 -1.24
C GLN B 268 17.37 -35.42 -0.89
N VAL B 269 16.11 -35.04 -0.67
CA VAL B 269 15.80 -33.70 -0.14
C VAL B 269 14.82 -33.83 1.03
N GLU B 270 14.73 -32.83 1.88
CA GLU B 270 13.70 -32.86 2.86
C GLU B 270 12.43 -32.26 2.24
N VAL B 271 11.30 -32.68 2.78
CA VAL B 271 10.03 -32.23 2.29
C VAL B 271 9.17 -32.12 3.54
N CYS B 272 8.74 -30.90 3.85
CA CYS B 272 8.16 -30.64 5.15
C CYS B 272 6.96 -29.80 4.99
N ALA B 273 6.24 -29.64 6.10
CA ALA B 273 5.05 -28.83 6.09
C ALA B 273 5.36 -27.44 6.62
N ASN B 274 4.74 -26.44 6.00
CA ASN B 274 4.63 -25.15 6.61
C ASN B 274 3.46 -25.27 7.52
N ILE B 275 3.54 -24.75 8.74
CA ILE B 275 2.36 -24.77 9.65
C ILE B 275 2.09 -23.41 10.28
N GLY B 276 0.90 -23.33 10.89
CA GLY B 276 0.47 -22.15 11.58
C GLY B 276 0.19 -22.36 13.05
N THR B 277 0.01 -23.61 13.48
CA THR B 277 -0.70 -23.96 14.72
C THR B 277 -0.50 -25.44 14.95
N VAL B 278 -0.20 -25.91 16.18
CA VAL B 278 -0.22 -27.38 16.47
C VAL B 278 -1.22 -28.16 15.63
N ARG B 279 -2.40 -27.56 15.42
CA ARG B 279 -3.46 -28.22 14.69
C ARG B 279 -3.06 -28.60 13.26
N ASP B 280 -1.99 -28.01 12.76
CA ASP B 280 -1.56 -28.25 11.41
C ASP B 280 -0.62 -29.46 11.38
N VAL B 281 -0.14 -29.86 12.56
CA VAL B 281 0.78 -30.97 12.67
C VAL B 281 0.07 -32.25 12.21
N GLU B 282 -1.22 -32.26 12.44
CA GLU B 282 -2.01 -33.39 12.09
C GLU B 282 -1.94 -33.59 10.57
N GLY B 283 -2.38 -32.59 9.80
CA GLY B 283 -2.21 -32.60 8.33
C GLY B 283 -0.80 -32.93 7.88
N ALA B 284 0.20 -32.46 8.60
CA ALA B 284 1.58 -32.71 8.21
C ALA B 284 1.94 -34.19 8.32
N GLU B 285 1.49 -34.81 9.42
CA GLU B 285 1.80 -36.20 9.66
C GLU B 285 0.99 -37.00 8.66
N ARG B 286 -0.23 -36.53 8.42
CA ARG B 286 -1.15 -37.19 7.50
C ARG B 286 -0.57 -37.30 6.08
N ASN B 287 0.17 -36.28 5.67
CA ASN B 287 0.65 -36.12 4.33
C ASN B 287 2.11 -36.44 4.17
N GLY B 288 2.69 -37.00 5.22
CA GLY B 288 4.00 -37.62 5.08
C GLY B 288 5.16 -36.67 5.23
N ALA B 289 4.90 -35.52 5.84
CA ALA B 289 5.90 -34.50 6.13
C ALA B 289 7.03 -35.10 6.92
N GLU B 290 8.27 -34.75 6.61
CA GLU B 290 9.42 -35.25 7.38
C GLU B 290 9.84 -34.28 8.49
N GLY B 291 9.11 -33.19 8.66
CA GLY B 291 9.37 -32.20 9.71
C GLY B 291 8.63 -30.95 9.30
N VAL B 292 8.83 -29.86 10.03
CA VAL B 292 8.19 -28.60 9.73
C VAL B 292 9.24 -27.61 9.25
N GLY B 293 8.99 -27.02 8.09
CA GLY B 293 9.99 -26.20 7.43
C GLY B 293 9.73 -24.74 7.73
N LEU B 294 8.55 -24.43 8.23
CA LEU B 294 8.24 -23.05 8.55
C LEU B 294 7.04 -23.02 9.45
N TYR B 295 7.23 -22.46 10.64
CA TYR B 295 6.21 -22.34 11.62
C TYR B 295 6.02 -20.86 11.65
N ARG B 296 5.03 -20.42 10.88
CA ARG B 296 4.62 -19.02 10.80
C ARG B 296 4.04 -18.66 12.15
N THR B 297 4.83 -18.05 13.01
CA THR B 297 4.34 -17.78 14.36
C THR B 297 3.25 -16.70 14.41
N GLU B 298 3.15 -15.84 13.38
CA GLU B 298 2.07 -14.85 13.29
C GLU B 298 0.75 -15.52 13.51
N PHE B 299 0.61 -16.69 12.91
CA PHE B 299 -0.66 -17.37 12.82
C PHE B 299 -1.10 -17.74 14.22
N LEU B 300 -0.13 -18.08 15.06
CA LEU B 300 -0.44 -18.33 16.43
C LEU B 300 -0.92 -17.04 17.08
N PHE B 301 -0.42 -15.91 16.63
CA PHE B 301 -0.77 -14.62 17.20
C PHE B 301 -2.16 -14.21 16.75
N MET B 302 -2.58 -14.71 15.60
CA MET B 302 -3.94 -14.41 15.12
C MET B 302 -4.89 -15.51 15.56
N ASP B 303 -4.38 -16.42 16.36
CA ASP B 303 -5.20 -17.46 16.94
C ASP B 303 -5.75 -17.03 18.31
N ARG B 304 -5.48 -15.77 18.68
CA ARG B 304 -5.74 -15.18 20.02
C ARG B 304 -6.25 -13.74 19.90
N ASP B 305 -6.92 -13.18 20.95
CA ASP B 305 -7.28 -11.75 20.89
C ASP B 305 -6.41 -10.84 21.76
N ALA B 306 -5.21 -11.31 22.07
CA ALA B 306 -4.21 -10.52 22.80
C ALA B 306 -2.86 -10.98 22.35
N LEU B 307 -1.85 -10.13 22.55
CA LEU B 307 -0.46 -10.51 22.24
C LEU B 307 -0.01 -11.61 23.20
N PRO B 308 0.47 -12.75 22.66
CA PRO B 308 0.85 -13.85 23.56
C PRO B 308 2.17 -13.61 24.26
N THR B 309 2.17 -13.74 25.57
CA THR B 309 3.31 -13.42 26.39
C THR B 309 4.41 -14.42 26.18
N GLU B 310 5.53 -14.20 26.84
CA GLU B 310 6.56 -15.19 26.76
C GLU B 310 5.99 -16.57 27.09
N GLU B 311 5.26 -16.63 28.19
CA GLU B 311 4.77 -17.91 28.72
C GLU B 311 3.77 -18.58 27.74
N GLU B 312 2.87 -17.78 27.16
CA GLU B 312 1.88 -18.36 26.26
C GLU B 312 2.58 -18.87 25.02
N GLN B 313 3.62 -18.16 24.61
CA GLN B 313 4.33 -18.52 23.40
C GLN B 313 5.10 -19.80 23.65
N PHE B 314 5.79 -19.81 24.78
CA PHE B 314 6.54 -20.95 25.17
C PHE B 314 5.66 -22.19 25.11
N ALA B 315 4.43 -22.09 25.65
CA ALA B 315 3.56 -23.24 25.79
C ALA B 315 3.17 -23.73 24.42
N ALA B 316 2.83 -22.77 23.58
CA ALA B 316 2.40 -22.99 22.23
C ALA B 316 3.52 -23.66 21.46
N TYR B 317 4.74 -23.14 21.61
CA TYR B 317 5.92 -23.71 20.95
C TYR B 317 6.22 -25.10 21.44
N LYS B 318 6.10 -25.29 22.76
CA LYS B 318 6.37 -26.57 23.45
C LYS B 318 5.42 -27.58 22.87
N ALA B 319 4.13 -27.24 22.84
CA ALA B 319 3.16 -28.16 22.28
C ALA B 319 3.59 -28.59 20.88
N VAL B 320 3.97 -27.63 20.03
CA VAL B 320 4.27 -27.94 18.65
C VAL B 320 5.46 -28.89 18.67
N ALA B 321 6.51 -28.49 19.38
CA ALA B 321 7.74 -29.26 19.44
C ALA B 321 7.45 -30.69 19.82
N GLU B 322 6.43 -30.85 20.63
CA GLU B 322 6.10 -32.15 21.14
C GLU B 322 5.14 -32.86 20.21
N ALA B 323 4.22 -32.14 19.61
CA ALA B 323 3.34 -32.75 18.63
C ALA B 323 4.11 -33.15 17.41
N CYS B 324 5.36 -32.71 17.32
CA CYS B 324 6.17 -33.13 16.21
C CYS B 324 7.09 -34.28 16.50
N GLY B 325 7.09 -34.77 17.73
CA GLY B 325 7.87 -35.94 18.08
C GLY B 325 9.34 -35.73 17.83
N SER B 326 9.92 -36.60 17.03
CA SER B 326 11.34 -36.57 16.78
C SER B 326 11.67 -35.44 15.84
N GLN B 327 10.65 -34.95 15.12
CA GLN B 327 10.88 -34.04 13.99
C GLN B 327 11.26 -32.60 14.36
N ALA B 328 12.01 -31.99 13.47
CA ALA B 328 12.53 -30.63 13.63
C ALA B 328 11.49 -29.61 13.19
N VAL B 329 11.28 -28.56 13.97
CA VAL B 329 10.42 -27.47 13.54
C VAL B 329 11.25 -26.20 13.30
N ILE B 330 11.05 -25.55 12.17
CA ILE B 330 11.72 -24.28 11.92
C ILE B 330 10.74 -23.18 12.31
N VAL B 331 10.96 -22.63 13.50
CA VAL B 331 10.09 -21.66 14.09
C VAL B 331 10.54 -20.32 13.55
N ARG B 332 9.69 -19.66 12.77
CA ARG B 332 10.07 -18.34 12.27
C ARG B 332 9.56 -17.34 13.26
N THR B 333 10.41 -16.40 13.60
CA THR B 333 9.95 -15.29 14.43
C THR B 333 8.95 -14.52 13.59
N MET B 334 8.20 -13.71 14.30
CA MET B 334 6.91 -13.20 13.87
C MET B 334 6.97 -12.27 12.67
N ASP B 335 6.01 -12.45 11.75
CA ASP B 335 5.95 -11.66 10.56
C ASP B 335 4.57 -11.05 10.40
N ILE B 336 4.38 -9.94 11.09
CA ILE B 336 3.21 -9.15 10.97
C ILE B 336 3.50 -7.95 10.08
N GLY B 337 2.52 -7.53 9.27
CA GLY B 337 2.58 -6.21 8.69
C GLY B 337 2.58 -6.00 7.18
N GLY B 338 2.28 -7.04 6.42
CA GLY B 338 2.06 -6.77 5.02
C GLY B 338 0.58 -6.96 4.92
N ASP B 339 0.16 -7.99 4.22
CA ASP B 339 -1.24 -8.35 4.29
C ASP B 339 -1.57 -9.07 5.59
N LYS B 340 -0.63 -9.24 6.51
CA LYS B 340 -1.00 -9.83 7.80
C LYS B 340 -0.86 -8.92 9.03
N GLU B 341 -1.90 -8.14 9.21
CA GLU B 341 -1.97 -7.37 10.38
C GLU B 341 -2.57 -8.23 11.47
N LEU B 342 -2.22 -7.96 12.72
CA LEU B 342 -3.10 -8.34 13.80
C LEU B 342 -3.77 -7.12 14.41
N PRO B 343 -5.07 -6.99 14.13
CA PRO B 343 -5.95 -5.91 14.55
C PRO B 343 -5.71 -5.54 16.01
N TYR B 344 -5.59 -6.52 16.90
CA TYR B 344 -5.34 -6.17 18.31
C TYR B 344 -4.11 -5.30 18.59
N MET B 345 -3.24 -5.16 17.59
CA MET B 345 -2.04 -4.33 17.79
C MET B 345 -2.32 -2.89 17.49
N ASN B 346 -3.40 -2.65 16.76
CA ASN B 346 -3.79 -1.28 16.39
C ASN B 346 -2.67 -0.47 15.76
N PHE B 347 -1.75 -1.14 15.08
CA PHE B 347 -0.70 -0.41 14.40
C PHE B 347 -1.33 0.59 13.47
N PRO B 348 -0.61 1.68 13.17
CA PRO B 348 -1.14 2.65 12.21
C PRO B 348 -1.08 2.15 10.77
N LYS B 349 -1.91 2.74 9.91
CA LYS B 349 -1.93 2.38 8.50
C LYS B 349 -0.68 2.83 7.80
N GLU B 350 -0.36 2.11 6.72
CA GLU B 350 0.76 2.42 5.84
C GLU B 350 0.34 2.48 4.38
N GLU B 351 1.02 3.32 3.64
CA GLU B 351 0.74 3.47 2.25
C GLU B 351 1.06 2.18 1.47
N ASN B 352 2.11 1.47 1.87
CA ASN B 352 2.43 0.17 1.24
C ASN B 352 2.81 -0.82 2.32
N PRO B 353 1.81 -1.50 2.89
CA PRO B 353 2.17 -2.36 3.99
C PRO B 353 3.28 -3.31 3.59
N PHE B 354 3.24 -3.83 2.38
CA PHE B 354 4.22 -4.83 1.98
C PHE B 354 5.64 -4.33 1.81
N LEU B 355 5.78 -3.02 1.69
CA LEU B 355 7.07 -2.35 1.77
C LEU B 355 7.20 -1.53 3.05
N GLY B 356 6.53 -1.97 4.10
CA GLY B 356 6.46 -1.15 5.31
C GLY B 356 7.11 -1.79 6.51
N TRP B 357 6.49 -1.54 7.65
CA TRP B 357 7.04 -1.80 8.95
C TRP B 357 6.61 -3.19 9.36
N ARG B 358 7.33 -4.13 8.80
CA ARG B 358 6.91 -5.52 8.75
C ARG B 358 7.90 -6.44 9.50
N ALA B 359 7.33 -7.41 10.25
CA ALA B 359 8.10 -8.54 10.77
C ALA B 359 9.16 -8.04 11.68
N ILE B 360 10.39 -8.24 11.25
CA ILE B 360 11.58 -7.95 12.07
C ILE B 360 11.79 -6.45 12.35
N ARG B 361 11.17 -5.66 11.51
CA ARG B 361 11.28 -4.26 11.63
C ARG B 361 10.53 -3.79 12.85
N ILE B 362 9.53 -4.58 13.24
CA ILE B 362 8.73 -4.30 14.45
C ILE B 362 9.46 -4.84 15.69
N ALA B 363 9.86 -6.10 15.62
CA ALA B 363 10.43 -6.70 16.78
C ALA B 363 11.71 -5.94 17.18
N MET B 364 12.37 -5.33 16.20
CA MET B 364 13.53 -4.48 16.50
C MET B 364 13.17 -3.08 16.96
N ASP B 365 11.95 -2.65 16.71
CA ASP B 365 11.58 -1.35 17.24
C ASP B 365 10.83 -1.51 18.53
N ARG B 366 10.58 -2.74 18.92
CA ARG B 366 9.90 -2.98 20.16
C ARG B 366 10.44 -4.24 20.72
N ARG B 367 11.58 -4.15 21.39
CA ARG B 367 12.29 -5.31 21.88
C ARG B 367 11.46 -6.27 22.73
N GLU B 368 10.58 -5.76 23.59
CA GLU B 368 9.75 -6.67 24.38
C GLU B 368 9.18 -7.82 23.47
N ILE B 369 8.91 -7.53 22.20
CA ILE B 369 8.25 -8.49 21.28
C ILE B 369 9.27 -9.54 20.82
N LEU B 370 10.36 -9.05 20.25
CA LEU B 370 11.45 -9.86 19.91
C LEU B 370 11.93 -10.69 21.13
N ARG B 371 12.05 -10.06 22.30
CA ARG B 371 12.61 -10.73 23.46
C ARG B 371 11.73 -11.87 24.01
N ASP B 372 10.45 -11.56 24.25
CA ASP B 372 9.50 -12.52 24.73
C ASP B 372 9.59 -13.67 23.80
N GLN B 373 9.50 -13.39 22.51
CA GLN B 373 9.42 -14.48 21.54
C GLN B 373 10.68 -15.32 21.52
N LEU B 374 11.83 -14.71 21.32
CA LEU B 374 13.05 -15.50 21.25
C LEU B 374 13.30 -16.27 22.53
N ARG B 375 13.15 -15.60 23.67
CA ARG B 375 13.06 -16.26 24.96
C ARG B 375 12.18 -17.54 24.92
N ALA B 376 10.90 -17.37 24.56
CA ALA B 376 9.99 -18.49 24.43
C ALA B 376 10.50 -19.58 23.50
N ILE B 377 11.01 -19.24 22.32
CA ILE B 377 11.49 -20.27 21.40
C ILE B 377 12.61 -21.03 22.08
N LEU B 378 13.63 -20.31 22.53
CA LEU B 378 14.76 -20.97 23.15
C LEU B 378 14.27 -21.93 24.22
N ARG B 379 13.41 -21.44 25.09
CA ARG B 379 13.02 -22.25 26.20
C ARG B 379 12.30 -23.47 25.68
N ALA B 380 11.47 -23.30 24.63
CA ALA B 380 10.75 -24.44 24.05
C ALA B 380 11.71 -25.46 23.43
N SER B 381 12.91 -25.03 23.03
CA SER B 381 13.87 -25.92 22.42
C SER B 381 14.41 -26.92 23.41
N ALA B 382 14.06 -26.76 24.68
CA ALA B 382 14.46 -27.75 25.66
C ALA B 382 13.58 -28.96 25.53
N PHE B 383 12.64 -28.93 24.58
CA PHE B 383 11.59 -29.95 24.53
C PHE B 383 11.40 -30.64 23.21
N GLY B 384 12.24 -30.30 22.22
CA GLY B 384 12.14 -30.92 20.92
C GLY B 384 13.03 -30.17 20.01
N LYS B 385 13.42 -30.76 18.87
CA LYS B 385 14.32 -30.06 17.94
C LYS B 385 13.64 -28.84 17.31
N LEU B 386 14.08 -27.66 17.68
CA LEU B 386 13.60 -26.43 17.07
C LEU B 386 14.75 -25.71 16.41
N ARG B 387 14.45 -25.01 15.32
CA ARG B 387 15.35 -24.02 14.75
C ARG B 387 14.68 -22.65 14.82
N ILE B 388 15.49 -21.58 14.82
CA ILE B 388 15.00 -20.20 14.77
C ILE B 388 15.30 -19.64 13.40
N MET B 389 14.32 -18.95 12.83
CA MET B 389 14.55 -18.35 11.55
C MET B 389 13.89 -17.02 11.60
N PHE B 390 14.47 -16.06 10.91
CA PHE B 390 14.01 -14.67 10.85
C PHE B 390 13.45 -14.30 9.50
N PRO B 391 12.31 -13.61 9.49
CA PRO B 391 11.64 -13.10 8.29
C PRO B 391 12.14 -11.74 7.84
N MET B 392 11.94 -11.38 6.56
CA MET B 392 12.20 -10.02 6.06
C MET B 392 13.59 -9.46 6.24
N ILE B 393 14.57 -10.33 6.36
CA ILE B 393 15.96 -9.93 6.42
C ILE B 393 16.43 -9.24 5.14
N ILE B 394 17.16 -8.14 5.33
CA ILE B 394 17.55 -7.29 4.23
C ILE B 394 19.03 -6.96 4.17
N SER B 395 19.72 -7.16 5.30
CA SER B 395 21.10 -6.75 5.42
C SER B 395 21.88 -7.67 6.35
N VAL B 396 23.20 -7.69 6.24
CA VAL B 396 23.99 -8.35 7.24
C VAL B 396 23.84 -7.61 8.56
N GLU B 397 23.74 -6.28 8.51
CA GLU B 397 23.48 -5.52 9.74
C GLU B 397 22.37 -6.15 10.61
N GLU B 398 21.19 -6.33 9.99
CA GLU B 398 20.04 -6.91 10.71
C GLU B 398 20.38 -8.24 11.39
N VAL B 399 20.94 -9.17 10.64
CA VAL B 399 21.29 -10.49 11.23
C VAL B 399 22.23 -10.42 12.45
N ARG B 400 23.29 -9.63 12.35
CA ARG B 400 24.18 -9.51 13.47
C ARG B 400 23.47 -8.90 14.67
N ALA B 401 22.54 -7.98 14.45
CA ALA B 401 21.93 -7.31 15.58
C ALA B 401 21.02 -8.29 16.31
N LEU B 402 20.46 -9.23 15.56
CA LEU B 402 19.51 -10.19 16.08
C LEU B 402 20.20 -11.39 16.76
N ARG B 403 21.32 -11.84 16.20
CA ARG B 403 22.16 -12.87 16.83
C ARG B 403 22.69 -12.40 18.16
N LYS B 404 23.10 -11.14 18.18
CA LYS B 404 23.55 -10.50 19.38
C LYS B 404 22.43 -10.52 20.39
N GLU B 405 21.24 -10.17 19.91
CA GLU B 405 20.06 -10.31 20.72
C GLU B 405 19.89 -11.75 21.24
N ILE B 406 19.87 -12.74 20.36
CA ILE B 406 19.79 -14.12 20.82
C ILE B 406 20.79 -14.36 21.97
N GLU B 407 22.07 -14.08 21.73
CA GLU B 407 23.08 -14.30 22.72
C GLU B 407 22.77 -13.68 24.08
N ILE B 408 22.14 -12.51 24.09
CA ILE B 408 21.74 -11.88 25.34
C ILE B 408 20.61 -12.67 26.01
N TYR B 409 19.58 -12.98 25.25
CA TYR B 409 18.50 -13.78 25.73
C TYR B 409 18.97 -15.15 26.15
N LYS B 410 20.01 -15.69 25.53
CA LYS B 410 20.50 -17.01 25.90
C LYS B 410 21.06 -16.94 27.30
N GLN B 411 21.83 -15.91 27.60
CA GLN B 411 22.47 -15.78 28.90
C GLN B 411 21.46 -15.63 29.99
N GLU B 412 20.49 -14.75 29.76
CA GLU B 412 19.45 -14.55 30.73
C GLU B 412 18.84 -15.90 31.09
N LEU B 413 18.43 -16.68 30.10
CA LEU B 413 17.94 -18.02 30.40
C LEU B 413 18.91 -18.84 31.26
N ARG B 414 20.17 -18.98 30.81
CA ARG B 414 21.25 -19.57 31.64
C ARG B 414 21.24 -19.08 33.09
N ASP B 415 21.02 -17.79 33.29
CA ASP B 415 21.04 -17.18 34.60
C ASP B 415 19.80 -17.42 35.43
N GLU B 416 18.71 -17.75 34.76
CA GLU B 416 17.45 -18.00 35.45
C GLU B 416 17.22 -19.50 35.65
N GLY B 417 18.22 -20.33 35.31
CA GLY B 417 18.17 -21.79 35.50
C GLY B 417 17.10 -22.43 34.61
N LYS B 418 17.14 -21.99 33.35
CA LYS B 418 16.19 -22.37 32.31
C LYS B 418 16.92 -22.98 31.08
N ALA B 419 16.73 -24.29 30.90
CA ALA B 419 17.32 -25.05 29.81
C ALA B 419 16.87 -24.49 28.47
N PHE B 420 17.79 -24.56 27.51
CA PHE B 420 17.51 -24.36 26.13
C PHE B 420 18.58 -25.15 25.40
N ASP B 421 18.24 -25.57 24.18
CA ASP B 421 19.11 -26.39 23.37
C ASP B 421 20.26 -25.47 23.03
N GLU B 422 21.45 -25.75 23.55
CA GLU B 422 22.63 -24.93 23.22
C GLU B 422 23.05 -25.11 21.77
N SER B 423 22.55 -26.14 21.09
CA SER B 423 22.87 -26.46 19.71
C SER B 423 22.02 -25.71 18.72
N ILE B 424 21.17 -24.81 19.21
CA ILE B 424 20.02 -24.38 18.42
C ILE B 424 20.50 -23.62 17.22
N GLU B 425 19.97 -24.02 16.06
CA GLU B 425 20.44 -23.43 14.84
C GLU B 425 19.57 -22.27 14.45
N ILE B 426 20.24 -21.30 13.84
CA ILE B 426 19.67 -20.05 13.49
C ILE B 426 19.84 -19.82 11.99
N GLY B 427 18.78 -19.40 11.32
CA GLY B 427 18.86 -19.12 9.89
C GLY B 427 18.02 -17.91 9.51
N VAL B 428 17.85 -17.67 8.23
CA VAL B 428 17.14 -16.49 7.83
C VAL B 428 16.30 -16.80 6.64
N MET B 429 15.18 -16.10 6.53
CA MET B 429 14.35 -16.17 5.35
C MET B 429 15.16 -15.43 4.32
N VAL B 430 15.34 -15.98 3.13
CA VAL B 430 15.81 -15.15 2.03
C VAL B 430 14.57 -14.87 1.18
N GLU B 431 13.93 -13.72 1.36
CA GLU B 431 12.69 -13.47 0.67
C GLU B 431 12.64 -12.04 0.20
N THR B 432 13.77 -11.41 0.33
CA THR B 432 14.05 -10.09 -0.14
C THR B 432 15.17 -10.23 -1.24
N PRO B 433 15.11 -9.39 -2.31
CA PRO B 433 16.14 -9.36 -3.32
C PRO B 433 17.43 -8.87 -2.71
N ALA B 434 17.37 -8.03 -1.70
CA ALA B 434 18.55 -7.69 -0.93
C ALA B 434 19.21 -8.93 -0.41
N ALA B 435 18.47 -9.68 0.40
CA ALA B 435 19.04 -10.90 0.99
C ALA B 435 19.62 -11.77 -0.10
N ALA B 436 18.87 -11.90 -1.19
CA ALA B 436 19.30 -12.80 -2.24
C ALA B 436 20.64 -12.33 -2.76
N THR B 437 20.77 -11.01 -2.92
CA THR B 437 21.99 -10.38 -3.46
C THR B 437 23.26 -10.53 -2.60
N ILE B 438 23.05 -10.55 -1.29
CA ILE B 438 24.14 -10.61 -0.35
C ILE B 438 24.10 -11.98 0.31
N ALA B 439 23.42 -12.89 -0.35
CA ALA B 439 23.39 -14.26 0.14
C ALA B 439 24.78 -14.73 0.57
N ARG B 440 25.85 -14.40 -0.16
CA ARG B 440 27.16 -14.97 0.21
C ARG B 440 27.47 -14.47 1.57
N HIS B 441 27.46 -13.15 1.74
CA HIS B 441 27.68 -12.54 3.05
C HIS B 441 26.82 -13.08 4.16
N LEU B 442 25.54 -13.33 3.88
CA LEU B 442 24.61 -13.77 4.94
C LEU B 442 24.90 -15.21 5.34
N ALA B 443 25.29 -16.03 4.36
CA ALA B 443 25.59 -17.45 4.57
C ALA B 443 26.69 -17.75 5.62
N LYS B 444 27.64 -16.83 5.78
CA LYS B 444 28.66 -16.92 6.85
C LYS B 444 28.03 -16.70 8.17
N GLU B 445 26.89 -16.04 8.19
CA GLU B 445 26.37 -15.50 9.45
C GLU B 445 25.22 -16.33 10.00
N VAL B 446 24.71 -17.28 9.22
CA VAL B 446 23.59 -18.09 9.65
C VAL B 446 23.87 -19.53 9.37
N ASP B 447 23.05 -20.42 9.94
CA ASP B 447 23.18 -21.87 9.70
C ASP B 447 22.43 -22.35 8.51
N PHE B 448 21.48 -21.55 8.04
CA PHE B 448 20.67 -22.01 6.94
C PHE B 448 19.83 -20.91 6.35
N PHE B 449 19.14 -21.22 5.26
CA PHE B 449 18.29 -20.27 4.55
C PHE B 449 17.08 -21.01 4.21
N SER B 450 15.95 -20.31 4.22
CA SER B 450 14.77 -20.76 3.56
C SER B 450 14.31 -19.64 2.65
N ILE B 451 14.14 -19.93 1.36
CA ILE B 451 13.76 -18.88 0.41
C ILE B 451 12.25 -18.67 0.41
N GLY B 452 11.84 -17.44 0.73
CA GLY B 452 10.43 -17.13 0.66
C GLY B 452 10.14 -16.56 -0.71
N THR B 453 9.67 -17.40 -1.62
CA THR B 453 9.43 -16.95 -2.97
C THR B 453 8.17 -16.09 -3.12
N ASN B 454 7.26 -16.18 -2.17
CA ASN B 454 6.07 -15.33 -2.25
C ASN B 454 6.51 -13.89 -2.17
N ASP B 455 7.28 -13.60 -1.13
CA ASP B 455 7.84 -12.30 -1.01
C ASP B 455 8.89 -11.97 -2.07
N LEU B 456 9.92 -12.80 -2.22
CA LEU B 456 10.94 -12.60 -3.22
C LEU B 456 10.33 -12.30 -4.62
N THR B 457 9.33 -13.04 -5.00
CA THR B 457 8.71 -12.78 -6.25
C THR B 457 8.20 -11.35 -6.19
N GLN B 458 7.45 -11.07 -5.14
CA GLN B 458 6.78 -9.80 -4.94
C GLN B 458 7.74 -8.67 -5.14
N TYR B 459 8.90 -8.69 -4.47
CA TYR B 459 9.82 -7.54 -4.55
C TYR B 459 10.68 -7.54 -5.77
N THR B 460 10.95 -8.71 -6.29
CA THR B 460 11.82 -8.76 -7.42
C THR B 460 11.01 -8.23 -8.60
N LEU B 461 9.75 -8.64 -8.69
CA LEU B 461 8.89 -8.18 -9.77
C LEU B 461 8.09 -6.95 -9.38
N ALA B 462 8.21 -6.47 -8.15
CA ALA B 462 7.31 -5.38 -7.71
C ALA B 462 5.87 -5.63 -8.07
N VAL B 463 5.40 -6.83 -7.79
CA VAL B 463 4.00 -7.11 -7.91
C VAL B 463 3.43 -7.64 -6.61
N ASP B 464 2.38 -6.93 -6.17
CA ASP B 464 1.75 -7.16 -4.91
C ASP B 464 1.07 -8.52 -5.00
N ARG B 465 1.41 -9.37 -4.04
CA ARG B 465 0.84 -10.70 -3.92
C ARG B 465 -0.66 -10.67 -3.81
N GLY B 466 -1.19 -9.53 -3.37
CA GLY B 466 -2.62 -9.34 -3.14
C GLY B 466 -3.36 -8.82 -4.35
N ASN B 467 -2.65 -8.29 -5.35
CA ASN B 467 -3.27 -7.47 -6.40
C ASN B 467 -3.67 -8.29 -7.64
N ASP B 468 -4.95 -8.63 -7.75
CA ASP B 468 -5.43 -9.47 -8.85
C ASP B 468 -5.31 -8.79 -10.21
N MET B 469 -5.49 -7.47 -10.22
CA MET B 469 -5.34 -6.73 -11.45
C MET B 469 -4.02 -6.97 -12.18
N ILE B 470 -2.92 -7.13 -11.45
CA ILE B 470 -1.66 -7.49 -12.09
C ILE B 470 -1.20 -8.90 -11.80
N SER B 471 -2.09 -9.76 -11.34
CA SER B 471 -1.61 -11.08 -10.97
C SER B 471 -0.81 -11.74 -12.10
N HIS B 472 -1.15 -11.43 -13.35
CA HIS B 472 -0.54 -12.11 -14.49
C HIS B 472 0.97 -11.87 -14.55
N LEU B 473 1.42 -10.82 -13.85
CA LEU B 473 2.84 -10.47 -13.73
C LEU B 473 3.49 -11.09 -12.52
N TYR B 474 2.73 -11.79 -11.69
CA TYR B 474 3.34 -12.34 -10.52
C TYR B 474 3.86 -13.68 -10.93
N GLN B 475 5.16 -13.75 -11.21
CA GLN B 475 5.72 -15.00 -11.74
C GLN B 475 6.89 -15.41 -10.99
N PRO B 476 6.73 -16.35 -10.06
CA PRO B 476 7.94 -16.80 -9.37
C PRO B 476 8.74 -17.65 -10.35
N MET B 477 8.16 -17.97 -11.50
CA MET B 477 8.87 -18.73 -12.47
C MET B 477 9.34 -17.85 -13.57
N SER B 478 10.08 -16.84 -13.15
CA SER B 478 10.72 -15.93 -14.04
C SER B 478 12.16 -16.27 -14.05
N PRO B 479 12.81 -16.01 -15.18
CA PRO B 479 14.26 -16.09 -15.21
C PRO B 479 14.87 -15.21 -14.11
N SER B 480 14.16 -14.16 -13.71
CA SER B 480 14.68 -13.31 -12.63
C SER B 480 14.58 -13.92 -11.21
N VAL B 481 13.50 -14.59 -10.91
CA VAL B 481 13.39 -15.13 -9.58
C VAL B 481 14.24 -16.41 -9.49
N LEU B 482 14.24 -17.19 -10.56
CA LEU B 482 14.99 -18.46 -10.56
C LEU B 482 16.46 -18.19 -10.37
N ASN B 483 16.99 -17.28 -11.16
CA ASN B 483 18.37 -16.90 -10.97
C ASN B 483 18.74 -16.51 -9.53
N LEU B 484 17.93 -15.67 -8.92
CA LEU B 484 18.09 -15.30 -7.53
C LEU B 484 17.96 -16.47 -6.60
N ILE B 485 17.05 -17.40 -6.87
CA ILE B 485 17.00 -18.69 -6.13
C ILE B 485 18.33 -19.48 -6.21
N LYS B 486 18.84 -19.64 -7.42
CA LYS B 486 20.07 -20.36 -7.63
C LYS B 486 21.19 -19.73 -6.85
N GLN B 487 21.14 -18.42 -6.80
CA GLN B 487 22.27 -17.68 -6.35
C GLN B 487 22.32 -17.92 -4.83
N VAL B 488 21.12 -18.04 -4.23
CA VAL B 488 20.98 -18.25 -2.80
C VAL B 488 21.40 -19.66 -2.40
N ILE B 489 20.88 -20.64 -3.14
CA ILE B 489 21.20 -22.03 -2.90
C ILE B 489 22.73 -22.16 -2.91
N ASP B 490 23.34 -21.66 -3.98
CA ASP B 490 24.77 -21.71 -4.15
C ASP B 490 25.48 -21.07 -2.98
N ALA B 491 25.05 -19.87 -2.59
CA ALA B 491 25.61 -19.25 -1.38
C ALA B 491 25.65 -20.26 -0.25
N SER B 492 24.49 -20.84 0.12
CA SER B 492 24.41 -21.90 1.14
C SER B 492 25.52 -22.88 1.01
N HIS B 493 25.60 -23.46 -0.19
CA HIS B 493 26.42 -24.62 -0.38
C HIS B 493 27.86 -24.21 -0.30
N ALA B 494 28.14 -22.98 -0.74
CA ALA B 494 29.51 -22.55 -0.71
C ALA B 494 30.00 -22.48 0.74
N GLU B 495 29.11 -22.15 1.70
CA GLU B 495 29.52 -22.16 3.12
C GLU B 495 29.33 -23.49 3.77
N GLY B 496 28.85 -24.48 3.02
CA GLY B 496 28.54 -25.79 3.60
C GLY B 496 27.27 -25.79 4.43
N LYS B 497 26.40 -24.82 4.22
CA LYS B 497 25.04 -24.81 4.76
C LYS B 497 24.08 -25.22 3.69
N TRP B 498 22.81 -25.12 3.99
CA TRP B 498 21.77 -25.59 3.12
C TRP B 498 20.64 -24.57 2.98
N THR B 499 19.91 -24.67 1.90
CA THR B 499 18.83 -23.79 1.69
C THR B 499 17.62 -24.65 1.59
N GLY B 500 16.58 -24.23 2.30
CA GLY B 500 15.25 -24.77 2.09
C GLY B 500 14.40 -23.74 1.42
N MET B 501 13.15 -24.07 1.18
CA MET B 501 12.18 -23.19 0.55
C MET B 501 10.79 -23.38 1.14
N CYS B 502 10.23 -22.33 1.73
CA CYS B 502 8.87 -22.41 2.24
C CYS B 502 7.88 -21.60 1.44
N GLY B 503 8.37 -20.79 0.53
CA GLY B 503 7.49 -20.16 -0.45
C GLY B 503 6.72 -21.21 -1.21
N GLU B 504 5.62 -20.75 -1.83
CA GLU B 504 4.71 -21.66 -2.51
C GLU B 504 5.30 -22.38 -3.73
N LEU B 505 6.40 -21.85 -4.26
CA LEU B 505 7.10 -22.57 -5.31
C LEU B 505 7.51 -23.98 -4.94
N ALA B 506 7.96 -24.17 -3.71
CA ALA B 506 8.34 -25.49 -3.19
C ALA B 506 7.24 -26.46 -3.46
N GLY B 507 6.00 -26.03 -3.21
CA GLY B 507 4.84 -26.89 -3.40
C GLY B 507 4.26 -26.89 -4.79
N ASP B 508 4.87 -26.15 -5.72
CA ASP B 508 4.33 -25.98 -7.08
C ASP B 508 4.89 -27.09 -8.01
N GLU B 509 4.01 -27.98 -8.51
CA GLU B 509 4.39 -29.10 -9.40
C GLU B 509 5.31 -28.71 -10.55
N ARG B 510 5.34 -27.43 -10.88
CA ARG B 510 6.00 -26.99 -12.10
C ARG B 510 7.42 -26.55 -11.85
N ALA B 511 7.73 -26.35 -10.57
CA ALA B 511 9.05 -25.94 -10.23
C ALA B 511 9.87 -27.11 -9.67
N THR B 512 9.18 -28.17 -9.28
CA THR B 512 9.82 -29.24 -8.55
C THR B 512 11.11 -29.73 -9.20
N LEU B 513 11.09 -30.06 -10.51
CA LEU B 513 12.34 -30.45 -11.20
C LEU B 513 13.43 -29.38 -11.21
N LEU B 514 13.04 -28.12 -11.32
CA LEU B 514 14.01 -27.02 -11.28
C LEU B 514 14.57 -26.81 -9.90
N LEU B 515 13.69 -26.69 -8.93
CA LEU B 515 14.12 -26.57 -7.56
C LEU B 515 15.08 -27.69 -7.25
N LEU B 516 14.69 -28.91 -7.61
CA LEU B 516 15.57 -30.06 -7.40
C LEU B 516 16.92 -29.92 -8.13
N GLY B 517 16.87 -29.60 -9.43
CA GLY B 517 18.06 -29.54 -10.26
C GLY B 517 19.00 -28.46 -9.78
N MET B 518 18.41 -27.41 -9.21
CA MET B 518 19.17 -26.28 -8.74
C MET B 518 19.78 -26.56 -7.40
N GLY B 519 19.49 -27.74 -6.83
CA GLY B 519 20.12 -28.21 -5.61
C GLY B 519 19.47 -27.83 -4.29
N LEU B 520 18.24 -27.32 -4.35
CA LEU B 520 17.51 -26.99 -3.15
C LEU B 520 17.50 -28.19 -2.23
N ASP B 521 17.77 -27.95 -0.94
CA ASP B 521 17.99 -29.03 0.04
C ASP B 521 16.72 -29.43 0.68
N GLU B 522 15.82 -28.46 0.78
CA GLU B 522 14.65 -28.64 1.59
C GLU B 522 13.44 -27.97 1.00
N PHE B 523 12.31 -28.68 0.98
CA PHE B 523 11.08 -28.08 0.48
C PHE B 523 10.09 -28.01 1.59
N SER B 524 9.40 -26.89 1.73
CA SER B 524 8.39 -26.88 2.78
C SER B 524 7.13 -26.25 2.27
N MET B 525 5.99 -26.89 2.52
CA MET B 525 4.80 -26.46 1.85
C MET B 525 3.60 -26.72 2.69
N SER B 526 2.44 -26.28 2.18
CA SER B 526 1.21 -26.80 2.68
C SER B 526 1.38 -28.30 2.69
N ALA B 527 0.95 -28.91 3.79
CA ALA B 527 1.00 -30.36 3.92
C ALA B 527 0.35 -31.05 2.70
N ILE B 528 -0.81 -30.56 2.27
CA ILE B 528 -1.50 -31.17 1.13
C ILE B 528 -0.65 -31.31 -0.12
N SER B 529 0.43 -30.57 -0.24
CA SER B 529 1.23 -30.65 -1.45
C SER B 529 2.34 -31.63 -1.33
N ILE B 530 2.53 -32.14 -0.13
CA ILE B 530 3.67 -32.99 0.11
C ILE B 530 3.69 -34.22 -0.81
N PRO B 531 2.57 -34.97 -0.88
CA PRO B 531 2.61 -36.14 -1.79
C PRO B 531 2.83 -35.82 -3.28
N ARG B 532 2.24 -34.74 -3.84
CA ARG B 532 2.43 -34.47 -5.28
C ARG B 532 3.89 -34.27 -5.57
N ILE B 533 4.52 -33.50 -4.71
CA ILE B 533 5.88 -33.15 -4.90
C ILE B 533 6.79 -34.35 -4.61
N LYS B 534 6.51 -35.06 -3.54
CA LYS B 534 7.24 -36.27 -3.23
C LYS B 534 7.21 -37.14 -4.51
N LYS B 535 6.01 -37.34 -5.08
CA LYS B 535 5.84 -38.19 -6.25
C LYS B 535 6.73 -37.79 -7.39
N ILE B 536 6.78 -36.48 -7.66
CA ILE B 536 7.60 -35.95 -8.72
C ILE B 536 9.06 -36.23 -8.42
N ILE B 537 9.41 -36.16 -7.14
CA ILE B 537 10.81 -36.27 -6.75
C ILE B 537 11.23 -37.69 -6.89
N ARG B 538 10.36 -38.58 -6.42
CA ARG B 538 10.67 -39.98 -6.43
C ARG B 538 10.82 -40.58 -7.84
N ASN B 539 10.33 -39.85 -8.86
CA ASN B 539 10.24 -40.34 -10.24
C ASN B 539 11.13 -39.55 -11.21
N THR B 540 11.98 -38.70 -10.65
CA THR B 540 12.92 -37.95 -11.46
C THR B 540 14.22 -38.63 -11.35
N ASN B 541 15.06 -38.35 -12.33
CA ASN B 541 16.44 -38.58 -12.17
C ASN B 541 17.11 -37.22 -11.84
N PHE B 542 17.89 -37.21 -10.77
CA PHE B 542 18.48 -35.95 -10.32
C PHE B 542 19.44 -35.33 -11.32
N GLU B 543 20.25 -36.16 -11.95
CA GLU B 543 21.20 -35.62 -12.91
C GLU B 543 20.52 -34.90 -14.06
N ASP B 544 19.40 -35.47 -14.49
CA ASP B 544 18.64 -34.92 -15.59
C ASP B 544 18.08 -33.55 -15.25
N ALA B 545 17.48 -33.44 -14.06
CA ALA B 545 17.04 -32.21 -13.46
C ALA B 545 18.10 -31.14 -13.41
N LYS B 546 19.33 -31.48 -12.97
CA LYS B 546 20.42 -30.49 -13.00
C LYS B 546 20.47 -29.90 -14.40
N VAL B 547 20.69 -30.75 -15.39
CA VAL B 547 20.73 -30.31 -16.78
C VAL B 547 19.51 -29.43 -17.11
N LEU B 548 18.33 -29.85 -16.62
CA LEU B 548 17.14 -29.10 -16.89
C LEU B 548 17.32 -27.72 -16.29
N ALA B 549 17.72 -27.69 -15.01
CA ALA B 549 17.81 -26.46 -14.25
C ALA B 549 18.74 -25.52 -14.94
N GLU B 550 19.89 -26.06 -15.26
CA GLU B 550 20.83 -25.23 -15.89
C GLU B 550 20.21 -24.56 -17.15
N GLN B 551 19.65 -25.38 -18.05
CA GLN B 551 19.05 -24.81 -19.23
C GLN B 551 18.10 -23.67 -18.83
N ALA B 552 17.20 -23.97 -17.89
CA ALA B 552 16.13 -23.04 -17.57
C ALA B 552 16.69 -21.70 -17.14
N LEU B 553 17.80 -21.77 -16.40
CA LEU B 553 18.44 -20.56 -15.88
C LEU B 553 19.05 -19.66 -16.94
N ALA B 554 19.16 -20.15 -18.17
CA ALA B 554 19.71 -19.35 -19.24
C ALA B 554 18.64 -18.70 -20.11
N GLN B 555 17.39 -19.16 -19.99
CA GLN B 555 16.28 -18.63 -20.76
C GLN B 555 15.97 -17.17 -20.40
N PRO B 556 15.81 -16.28 -21.38
CA PRO B 556 15.43 -14.91 -21.03
C PRO B 556 13.90 -14.76 -20.89
N THR B 557 13.18 -15.85 -20.98
CA THR B 557 11.73 -15.77 -21.08
C THR B 557 11.11 -16.95 -20.31
N THR B 558 10.04 -16.69 -19.59
CA THR B 558 9.31 -17.72 -18.85
C THR B 558 8.83 -18.79 -19.83
N ASP B 559 8.15 -18.37 -20.87
CA ASP B 559 7.65 -19.34 -21.81
C ASP B 559 8.70 -20.33 -22.21
N GLU B 560 9.89 -19.81 -22.52
CA GLU B 560 11.00 -20.63 -23.00
C GLU B 560 11.46 -21.62 -21.94
N LEU B 561 11.38 -21.20 -20.69
CA LEU B 561 11.73 -22.01 -19.55
C LEU B 561 10.58 -23.05 -19.25
N MET B 562 9.33 -22.65 -19.47
CA MET B 562 8.23 -23.62 -19.38
C MET B 562 8.40 -24.71 -20.40
N THR B 563 8.88 -24.37 -21.59
CA THR B 563 9.05 -25.35 -22.64
C THR B 563 10.00 -26.47 -22.21
N LEU B 564 11.15 -26.12 -21.66
CA LEU B 564 12.13 -27.08 -21.16
C LEU B 564 11.51 -28.04 -20.21
N VAL B 565 10.92 -27.50 -19.14
CA VAL B 565 10.14 -28.28 -18.17
C VAL B 565 9.17 -29.26 -18.84
N ASN B 566 8.36 -28.77 -19.77
CA ASN B 566 7.43 -29.65 -20.48
C ASN B 566 8.09 -30.76 -21.31
N LYS B 567 9.09 -30.44 -22.13
CA LYS B 567 9.72 -31.48 -22.93
C LYS B 567 10.34 -32.53 -22.02
N PHE B 568 10.75 -32.09 -20.84
CA PHE B 568 11.29 -32.99 -19.85
C PHE B 568 10.20 -33.99 -19.44
N ILE B 569 9.09 -33.47 -18.93
CA ILE B 569 7.99 -34.29 -18.46
C ILE B 569 7.51 -35.28 -19.50
N GLU B 570 7.52 -34.85 -20.76
CA GLU B 570 7.22 -35.70 -21.90
C GLU B 570 8.20 -36.87 -22.02
N GLU B 571 9.47 -36.53 -22.10
CA GLU B 571 10.48 -37.48 -22.43
C GLU B 571 10.92 -38.33 -21.25
N LYS B 572 10.69 -37.84 -20.02
CA LYS B 572 11.37 -38.39 -18.84
C LYS B 572 10.51 -39.16 -17.81
N THR B 573 9.17 -39.09 -17.89
CA THR B 573 8.30 -40.06 -17.17
C THR B 573 6.84 -40.01 -17.65
#